data_7TDG
#
_entry.id   7TDG
#
_cell.length_a   1.00
_cell.length_b   1.00
_cell.length_c   1.00
_cell.angle_alpha   90.00
_cell.angle_beta   90.00
_cell.angle_gamma   90.00
#
_symmetry.space_group_name_H-M   'P 1'
#
loop_
_entity.id
_entity.type
_entity.pdbx_description
1 polymer 'Ryanodine receptor 1,RyR1'
2 non-polymer 'ZINC ION'
3 non-polymer 'CALCIUM ION'
4 non-polymer 'PHOSPHOMETHYLPHOSPHONIC ACID ADENYLATE ESTER'
5 non-polymer '(2S)-3-(hexadecanoyloxy)-2-[(9Z)-octadec-9-enoyloxy]propyl 2-(trimethylammonio)ethyl phosphate'
#
_entity_poly.entity_id   1
_entity_poly.type   'polypeptide(L)'
_entity_poly.pdbx_seq_one_letter_code
;MGDGGEGEDEVQFLRTDDEVVLQCSATVLKEQLKLCLAAEGFGNRLCFLEPTSNAQNVPPDLAICCFTLEQSLSVRALQE
MLANTVEAGVESSQGGGHRTLLYGHAILLRHAHSRMYLSCLTTSRSMTDKLAFDVGLQEDATGEACWWTMHPASKQRSEG
EKVRVGDDLILVSVSSERYLHLSTASGELQVDASFMQTLWNMNPICSCCEEGYVTGGHVLRLFHGHMDECLTISAADSDD
QRRLVYYEGGAVCTHARSLWRLEPLRISWSGSHLRWGQPLRIRHVTTGRYLALTEDQGLVVVDACKAHTKATSFCFRVSK
EKLDTAPKRDVEGMGPPEIKYGESLCFVQHVASGLWLTYAAPDPKALRLGVLKKKAILHQEGHMDDALFLTRCQQEESQA
ARMIHSTAGLYNQFIKGLDSFSGKPRGSGPPAGPALPIEAVILSLQDLIGYFEPPSEELQHEEKQSKLRSLRNRQSLFQE
EGMLSLVLNCIDRLNVYTTAAHFAEYAGEEAAESWKEIVNLLYELLASLIRGNRANCALFSTNLDWVVSKLDRLEASSGI
LEVLYCVLIESPEVLNIIQENHIKSIISLLDKHGRNHKVLDVLCSLCVCNGVAVRSNQDLITENLLPGRELLLQTNLINY
VTSIRPNIFVGRAEGSTQYGKWYFEVMVDEVVPFLTAQATHLRVGWALTEGYSPYPGGGEGWGGNGVGDDLYSYGFDGLH
LWTGHVARPVTSPGQHLLAPEDVVSCCLDLSVPSISFRINGCPVQGVFEAFNLDGLFFPVVSFSAGVKVRFLLGGRHGEF
KFLPPPGYAPCHEAVLPRERLRLEPIKEYRREGPRGPHLVGPSRCLSHTDFVPCPVDTVQIVLPPHLERIREKLAENIHE
LWALTRIEQGWTYGPVRDDNKRLHPCLVNFHSLPEPERNYNLQMSGETLKTLLALGCHVGMADEKAEDNLKKTKLPKTYM
MSNGYKPAPLDLSHVRLTPAQTTLVDRLAENGHNVWARDRVAQGWSYSAVQDIPARRNPRLVPYRLLDEATKRSNRDSLC
QAVRTLLGYGYNIEPPDQEPSQVENQSRWDRVRIFRAEKSYTVQSGRWYFEFEAVTTGEMRVGWARPELRPDVELGADEL
AYVFNGHRGQRWHLGSEPFGRPWQSGDVVGCMIDLTENTIIFTLNGEVLMSDSGSETAFREIEIGDGFLPVCSLGPGQVG
HLNLGQDVSSLRFFAICGLQEGFEPFAINMQRPVTTWFSKSLPQFEPVPPEHPHYEVARMDGTVDTPPCLRLAHR(UNK)
(UNK)(UNK)(UNK)(UNK)(UNK)(UNK)(UNK)(UNK)(UNK)(UNK)(UNK)(UNK)(UNK)(UNK)(UNK)(UNK)
(UNK)(UNK)(UNK)(UNK)(UNK)(UNK)(UNK)(UNK)(UNK)(UNK)(UNK)(UNK)(UNK)(UNK)(UNK)(UNK)
(UNK)(UNK)(UNK)(UNK)(UNK)(UNK)(UNK)(UNK)(UNK)(UNK)(UNK)(UNK)(UNK)(UNK)(UNK)(UNK)
(UNK)(UNK)(UNK)(UNK)(UNK)(UNK)(UNK)(UNK)(UNK)(UNK)(UNK)(UNK)(UNK)(UNK)(UNK)(UNK)
(UNK)(UNK)(UNK)(UNK)(UNK)(UNK)(UNK)(UNK)(UNK)(UNK)(UNK)(UNK)(UNK)(UNK)(UNK)(UNK)
(UNK)(UNK)(UNK)(UNK)(UNK)(UNK)(UNK)(UNK)(UNK)(UNK)(UNK)(UNK)(UNK)(UNK)(UNK)(UNK)
(UNK)(UNK)(UNK)(UNK)(UNK)(UNK)(UNK)(UNK)(UNK)(UNK)(UNK)(UNK)(UNK)(UNK)(UNK)(UNK)
(UNK)(UNK)(UNK)(UNK)(UNK)(UNK)(UNK)(UNK)(UNK)(UNK)(UNK)(UNK)(UNK)(UNK)(UNK)(UNK)
(UNK)(UNK)(UNK)(UNK)(UNK)(UNK)(UNK)(UNK)(UNK)(UNK)(UNK)(UNK)(UNK)(UNK)(UNK)(UNK)
(UNK)(UNK)(UNK)(UNK)(UNK)(UNK)(UNK)(UNK)(UNK)(UNK)(UNK)(UNK)(UNK)(UNK)(UNK)(UNK)
(UNK)(UNK)(UNK)(UNK)(UNK)(UNK)(UNK)(UNK)(UNK)(UNK)(UNK)(UNK)(UNK)(UNK)(UNK)(UNK)
(UNK)(UNK)(UNK)(UNK)(UNK)(UNK)(UNK)(UNK)(UNK)(UNK)(UNK)(UNK)(UNK)(UNK)(UNK)(UNK)
(UNK)(UNK)(UNK)(UNK)(UNK)(UNK)(UNK)(UNK)(UNK)(UNK)(UNK)(UNK)(UNK)(UNK)(UNK)(UNK)
(UNK)(UNK)(UNK)(UNK)(UNK)(UNK)(UNK)(UNK)(UNK)(UNK)(UNK)(UNK)(UNK)(UNK)(UNK)(UNK)
(UNK)(UNK)(UNK)(UNK)(UNK)(UNK)(UNK)(UNK)(UNK)(UNK)(UNK)(UNK)(UNK)(UNK)(UNK)(UNK)
(UNK)(UNK)(UNK)(UNK)(UNK)(UNK)(UNK)(UNK)(UNK)(UNK)(UNK)(UNK)(UNK)(UNK)(UNK)(UNK)
(UNK)(UNK)(UNK)(UNK)(UNK)(UNK)(UNK)(UNK)(UNK)(UNK)(UNK)(UNK)(UNK)(UNK)(UNK)(UNK)
(UNK)(UNK)(UNK)(UNK)(UNK)(UNK)(UNK)(UNK)(UNK)(UNK)(UNK)(UNK)(UNK)(UNK)(UNK)(UNK)
ELGKQKNIMPLSAAMFLSERKNPAPQCPPRLEVQMLMPVSWSRMPNHFLQVETRRAGERLGWAVQCQDPLTMMALHIPEE
NRCMDILELSERLDLQRFHSHTLRLYRAVCALGNNRVAHALCSHVDQAQLLHALEDAHLPGPLRAGYYDLLISIHLESAC
RSRRSMLSEYIVPLTPETRAITLFPPGRKGGNARRHGLPGVGVTTSLRPPHHFSPPCFVAALPAAGVAEAPARLSPAIPL
EALRDKALRMLGEAVRDGGQHARDPVGGSVEFQFVPVLKLVSTLLVMGIFGDEDVKQILKMIEPEVFTEEEEEEEEEEEE
EEEEEEDEEEKEEDEEEEEKEDAEKEEEEAPEGEKEDLEEGLLQMKLPESVKLQMCNLLEYFCDQELQHRVESLAAFAER
YVDKLQANQRSRYALLMRAFTMSAAETARRTREFRSPPQEQINMLLHFKDEADEEDCPLPEDIRQDLQDFHQDLLAHCGI
QLEGEEEEPEEETSLSSRLRSLLETVRLVKKKEEKPEEELPAEEKKPQSLQELVSHMVVRWAQEDYVQSPELVRAMFSLL
HRQYDGLGELLRALPRAYTISPSSVEDTMSLLECLGQIRSLLIVQMGPQEENLMIQSIGNIMNNKVFYQHPNLMRALGMH
ETVMEVMVNVLGGGETKEIRFPKMVTSCCRFLCYFCRISRQNQRSMFDHLSYLLENSGIGLGMQGSTPLDVAAASVIDNN
ELALALQEQDLEKVVSYLAGCGLQSCPMLLAKGYPDIGWNPCGGERYLDFLRFAVFVNGESVEENANVVVRLLIRKPECF
GPALRGEGGSGLLAAIEEAIRISEDPARDGPGVRRDRRREHFGEEPPEENRVHLGHAIMSFYAALIDLLGRCAPEMHLIQ
AGKGEALRIRAILRSLVPLDDLVGIISLPLQIPTLGKDGALV(UNK)(UNK)(UNK)(UNK)(UNK)(UNK)(UNK)
(UNK)(UNK)(UNK)(UNK)(UNK)(UNK)(UNK)(UNK)(UNK)(UNK)(UNK)(UNK)(UNK)(UNK)(UNK)(UNK)
(UNK)(UNK)(UNK)(UNK)(UNK)(UNK)(UNK)(UNK)(UNK)(UNK)(UNK)(UNK)(UNK)(UNK)(UNK)(UNK)
(UNK)(UNK)(UNK)(UNK)(UNK)(UNK)(UNK)(UNK)(UNK)(UNK)(UNK)(UNK)(UNK)(UNK)(UNK)(UNK)
(UNK)(UNK)(UNK)(UNK)(UNK)(UNK)(UNK)(UNK)(UNK)(UNK)(UNK)(UNK)(UNK)(UNK)(UNK)(UNK)
(UNK)(UNK)(UNK)(UNK)(UNK)(UNK)(UNK)(UNK)(UNK)(UNK)(UNK)(UNK)(UNK)(UNK)(UNK)(UNK)
(UNK)(UNK)(UNK)(UNK)(UNK)(UNK)(UNK)(UNK)(UNK)(UNK)(UNK)(UNK)(UNK)(UNK)(UNK)(UNK)
(UNK)(UNK)(UNK)(UNK)(UNK)(UNK)(UNK)(UNK)(UNK)(UNK)(UNK)(UNK)(UNK)(UNK)(UNK)(UNK)
(UNK)(UNK)(UNK)(UNK)(UNK)(UNK)(UNK)(UNK)(UNK)(UNK)(UNK)(UNK)(UNK)(UNK)(UNK)(UNK)
(UNK)(UNK)(UNK)(UNK)(UNK)(UNK)(UNK)(UNK)(UNK)(UNK)(UNK)(UNK)(UNK)(UNK)(UNK)(UNK)
(UNK)(UNK)(UNK)(UNK)(UNK)(UNK)(UNK)(UNK)(UNK)(UNK)(UNK)(UNK)(UNK)(UNK)(UNK)(UNK)
(UNK)(UNK)(UNK)(UNK)(UNK)(UNK)(UNK)(UNK)(UNK)(UNK)(UNK)(UNK)(UNK)(UNK)(UNK)(UNK)
(UNK)(UNK)(UNK)(UNK)(UNK)(UNK)(UNK)(UNK)(UNK)(UNK)(UNK)(UNK)(UNK)(UNK)(UNK)(UNK)
(UNK)(UNK)(UNK)(UNK)(UNK)(UNK)(UNK)(UNK)(UNK)(UNK)(UNK)(UNK)(UNK)(UNK)(UNK)(UNK)
(UNK)(UNK)CAIAGALPPDYVDASYSSKAEKKATVDAEGNFDPRPVETLNVIIPEKLDSFINKFAEYTHEKWAFDKIQN
NWSYGENVDEELKTHPMLRPYKTFSEKDKEIYRWPIKESLKAMIAWEWTIEKAREGEEERTEKKKTRKISQTAQTYDPRE
GYNPQPPDLSGVTLSRELQAMAEQLAENYHNTWGRKKKQELEAKGGGTHPLLVPYDTLTAKEKARDREKAQELLKFLQMN
GYAVTRGL(UNK)(UNK)(UNK)(UNK)(UNK)(UNK)(UNK)(UNK)(UNK)(UNK)(UNK)(UNK)(UNK)(UNK)
(UNK)(UNK)(UNK)(UNK)(UNK)(UNK)(UNK)(UNK)(UNK)(UNK)(UNK)(UNK)(UNK)(UNK)(UNK)(UNK)
(UNK)(UNK)(UNK)(UNK)(UNK)(UNK)(UNK)(UNK)(UNK)(UNK)(UNK)(UNK)(UNK)(UNK)(UNK)(UNK)
(UNK)(UNK)(UNK)(UNK)(UNK)(UNK)(UNK)(UNK)(UNK)(UNK)(UNK)(UNK)(UNK)(UNK)(UNK)(UNK)
(UNK)(UNK)(UNK)(UNK)(UNK)(UNK)(UNK)(UNK)(UNK)(UNK)(UNK)(UNK)(UNK)(UNK)(UNK)(UNK)
(UNK)(UNK)(UNK)(UNK)(UNK)(UNK)(UNK)(UNK)(UNK)(UNK)(UNK)(UNK)(UNK)(UNK)(UNK)(UNK)
(UNK)(UNK)(UNK)(UNK)(UNK)(UNK)(UNK)(UNK)(UNK)(UNK)(UNK)(UNK)(UNK)(UNK)(UNK)(UNK)
(UNK)(UNK)(UNK)(UNK)(UNK)(UNK)(UNK)(UNK)(UNK)(UNK)(UNK)(UNK)(UNK)(UNK)(UNK)(UNK)
(UNK)(UNK)(UNK)(UNK)(UNK)(UNK)(UNK)(UNK)(UNK)(UNK)(UNK)(UNK)(UNK)(UNK)(UNK)(UNK)
(UNK)(UNK)(UNK)(UNK)(UNK)(UNK)(UNK)(UNK)(UNK)(UNK)(UNK)(UNK)(UNK)(UNK)(UNK)(UNK)
(UNK)(UNK)(UNK)(UNK)(UNK)(UNK)(UNK)(UNK)(UNK)(UNK)(UNK)(UNK)(UNK)(UNK)(UNK)(UNK)
(UNK)(UNK)(UNK)(UNK)(UNK)(UNK)(UNK)(UNK)(UNK)(UNK)(UNK)(UNK)(UNK)(UNK)(UNK)(UNK)
(UNK)(UNK)(UNK)(UNK)(UNK)(UNK)(UNK)(UNK)(UNK)(UNK)(UNK)(UNK)(UNK)(UNK)(UNK)(UNK)
(UNK)(UNK)(UNK)(UNK)(UNK)(UNK)(UNK)(UNK)(UNK)(UNK)(UNK)(UNK)(UNK)(UNK)(UNK)(UNK)
(UNK)(UNK)(UNK)(UNK)(UNK)(UNK)(UNK)(UNK)(UNK)(UNK)(UNK)(UNK)(UNK)(UNK)(UNK)(UNK)
(UNK)(UNK)(UNK)(UNK)(UNK)(UNK)(UNK)(UNK)(UNK)(UNK)(UNK)(UNK)(UNK)(UNK)(UNK)(UNK)
(UNK)(UNK)(UNK)(UNK)(UNK)(UNK)(UNK)(UNK)(UNK)(UNK)(UNK)(UNK)(UNK)(UNK)(UNK)(UNK)
(UNK)(UNK)(UNK)(UNK)(UNK)(UNK)(UNK)(UNK)(UNK)(UNK)(UNK)(UNK)(UNK)(UNK)(UNK)(UNK)
(UNK)(UNK)(UNK)(UNK)(UNK)(UNK)(UNK)(UNK)(UNK)(UNK)(UNK)(UNK)(UNK)(UNK)(UNK)(UNK)
(UNK)(UNK)(UNK)(UNK)(UNK)(UNK)(UNK)(UNK)(UNK)(UNK)(UNK)(UNK)(UNK)(UNK)(UNK)(UNK)
(UNK)(UNK)(UNK)(UNK)(UNK)(UNK)(UNK)(UNK)(UNK)(UNK)(UNK)(UNK)(UNK)(UNK)(UNK)(UNK)
(UNK)(UNK)(UNK)(UNK)(UNK)(UNK)(UNK)(UNK)(UNK)(UNK)(UNK)(UNK)(UNK)(UNK)(UNK)(UNK)
(UNK)(UNK)(UNK)(UNK)(UNK)(UNK)(UNK)(UNK)(UNK)(UNK)(UNK)(UNK)(UNK)(UNK)(UNK)(UNK)
(UNK)(UNK)(UNK)(UNK)(UNK)(UNK)(UNK)(UNK)(UNK)(UNK)(UNK)(UNK)(UNK)(UNK)(UNK)(UNK)
(UNK)(UNK)(UNK)(UNK)(UNK)(UNK)(UNK)(UNK)(UNK)(UNK)(UNK)(UNK)(UNK)(UNK)(UNK)(UNK)
(UNK)(UNK)(UNK)(UNK)(UNK)(UNK)(UNK)(UNK)(UNK)(UNK)(UNK)(UNK)(UNK)(UNK)(UNK)(UNK)
(UNK)(UNK)(UNK)(UNK)(UNK)(UNK)(UNK)(UNK)(UNK)(UNK)(UNK)(UNK)(UNK)(UNK)(UNK)(UNK)
(UNK)(UNK)(UNK)(UNK)(UNK)(UNK)(UNK)(UNK)(UNK)(UNK)(UNK)(UNK)(UNK)(UNK)(UNK)(UNK)
(UNK)(UNK)(UNK)(UNK)(UNK)(UNK)(UNK)(UNK)(UNK)(UNK)(UNK)(UNK)(UNK)(UNK)(UNK)(UNK)
(UNK)(UNK)(UNK)(UNK)(UNK)(UNK)(UNK)(UNK)(UNK)(UNK)(UNK)(UNK)(UNK)(UNK)(UNK)(UNK)
(UNK)(UNK)(UNK)(UNK)(UNK)(UNK)(UNK)(UNK)(UNK)(UNK)(UNK)(UNK)(UNK)(UNK)(UNK)(UNK)
(UNK)(UNK)(UNK)(UNK)(UNK)(UNK)(UNK)(UNK)(UNK)(UNK)(UNK)(UNK)(UNK)(UNK)(UNK)(UNK)
(UNK)(UNK)(UNK)(UNK)(UNK)(UNK)(UNK)(UNK)(UNK)(UNK)(UNK)(UNK)(UNK)(UNK)(UNK)(UNK)
(UNK)(UNK)(UNK)(UNK)(UNK)(UNK)(UNK)(UNK)(UNK)(UNK)(UNK)(UNK)(UNK)(UNK)(UNK)(UNK)
(UNK)(UNK)(UNK)(UNK)(UNK)(UNK)(UNK)(UNK)(UNK)(UNK)(UNK)(UNK)(UNK)(UNK)(UNK)(UNK)
(UNK)(UNK)(UNK)(UNK)(UNK)(UNK)(UNK)(UNK)(UNK)(UNK)(UNK)(UNK)(UNK)(UNK)(UNK)(UNK)
(UNK)(UNK)(UNK)(UNK)(UNK)(UNK)(UNK)(UNK)(UNK)(UNK)(UNK)(UNK)(UNK)(UNK)(UNK)(UNK)
(UNK)(UNK)(UNK)(UNK)(UNK)(UNK)(UNK)(UNK)(UNK)(UNK)(UNK)(UNK)(UNK)(UNK)(UNK)(UNK)
(UNK)(UNK)(UNK)(UNK)(UNK)(UNK)(UNK)(UNK)(UNK)(UNK)(UNK)(UNK)(UNK)(UNK)(UNK)(UNK)
(UNK)(UNK)(UNK)(UNK)(UNK)(UNK)(UNK)(UNK)(UNK)(UNK)(UNK)(UNK)(UNK)(UNK)(UNK)(UNK)
(UNK)(UNK)(UNK)(UNK)(UNK)(UNK)(UNK)(UNK)(UNK)(UNK)(UNK)(UNK)(UNK)(UNK)(UNK)(UNK)
(UNK)(UNK)(UNK)(UNK)(UNK)(UNK)(UNK)(UNK)(UNK)(UNK)(UNK)(UNK)(UNK)(UNK)(UNK)(UNK)
(UNK)(UNK)KSKKAVWHKLLSKQRRRAVVACFRMTPLYNLPTHRACNMFLESYKAAWILTEDHSFEDRMIDDLSKAGEQ
EEEEEEVEEKKPDPLHQLVLHFSRTALTEKSKLDEDYLYMAYADIMAKSCHLEEGGENGEAEEEEVEVSFEEKEMEKQRL
LYQQSRLHTRGAAEMVLQMISACKGETGAMVSSTLKLGISILNGGNAEVQQKMLDYLKDKKEVGFFQSIQALMQTCSVLD
LNAFERQNKAEGLGMVNEDGTVINRQNGEKVMADDEFTQDLFRFLQLLCEGHNNDFQNYLRTQTGNTTTINIIICTVDYL
LRLQESISDFYWYYSGKDVIEEQGKRNFSKAMSVAKQVFNSLTEYIQGPCTGNQQSLAHSRLWDAVVGFLHVFAHMMMKL
AQDSSQIELLKELLDLQKDMVVMLLSLLEGNVVNGMIARQMVDMLVESSSNVEMILKFFDMFLKLKDIVGSEAFQDYVTD
PRGLISKKDFQKAMDSQKQFTGPEIQFLLSCSEADENEMINFEEFANRFQEPARDIGFNVAVLLTNLSEHVPHDPRLRNF
LELAESILEYFRPYLGRIEIMGASRRIERIYFEISETNRAQWEMPQVKESKRQFIFDVVNEGGEAEKMELFVSFCEDTIF
EMQIAAQISEPEGEPEADEDEGMGEAAAEGAEEGAAGAEGAAGTVAAGATARLAAAAARALRGLSYRSLRRRVRRLRRLT
AREAATALAALLWAVVARAGAAGAGAAAGALRLLWGSLFGGGLVEGAKKVTVTELLAGMPDPTSDEVHGEQPAGPGGDAD
GAGEGEGEGDAAEGDGDEEVAGHEAGPGGAEGVVAVADGGPFRPEGAGGLGDMGDTTPAEPPTPEGSPILKRKLGVDGEE
EELVPEPEPEPEPEPEKADEENGEKEEVPEAPPEPPKKAPPSPPAKKEEAGGAGMEFWGELEVQRVKFLNYLSRNFYTLR
FLALFLAFAINFILLFYKVSDSPPGEDDMEGSAAGDLAGAGSGGGSGWGSGAGEEAEGDEDENMVYYFLEESTGYMEPAL
WCLSLLHTLVAFLCIIGYNCLKVPLVIFKREKELARKLEFDGLYITEQPGDDDVKGQWDRLVLNTPSFPSNYWDKFVKRK
VLDKHGDIFGRERIAELLGMDLASLEITAHNERKPDPPPGLLTWLMSIDVKYQIWKFGVIFTDNSFLYLGWYMVMSLLGH
YNNFFFAAHLLDIAMGVKTLRTILSSVTHNGKQLVMTVGLLAVVVYLYTVVAFNFFRKFYNKSEDEDEPDMKCDDMMTCY
LFHMYVGVRAGGGIGDEIEDPAGDEYELYRVVFDITFFFFVIVILLAIIQGLIIDAFGELRDQQEQVKEDMETKCFICGI
GSDYFDTTPHGFETHTLEEHNLANYMFFLMYLINKDETEHTGQESYVWKMYQERCWDFFPAGDCFRKQYEDQLS
;
_entity_poly.pdbx_strand_id   A,C,D,B
#
# COMPACT_ATOMS: atom_id res chain seq x y z
N GLN A 12 -21.85 -25.83 -19.27
CA GLN A 12 -20.88 -26.89 -19.05
C GLN A 12 -20.99 -27.97 -20.13
N PHE A 13 -19.87 -28.29 -20.75
CA PHE A 13 -19.82 -29.27 -21.82
C PHE A 13 -19.52 -30.66 -21.25
N LEU A 14 -20.21 -31.66 -21.78
CA LEU A 14 -19.99 -33.04 -21.35
C LEU A 14 -18.66 -33.57 -21.86
N ARG A 15 -18.01 -34.36 -21.01
CA ARG A 15 -16.73 -34.98 -21.31
C ARG A 15 -16.87 -36.50 -21.21
N THR A 16 -15.75 -37.19 -21.28
CA THR A 16 -15.73 -38.62 -21.09
C THR A 16 -15.19 -38.97 -19.70
N ASP A 17 -15.27 -40.25 -19.36
CA ASP A 17 -14.79 -40.79 -18.09
C ASP A 17 -15.51 -40.20 -16.87
N ASP A 18 -16.71 -39.65 -17.07
CA ASP A 18 -17.50 -39.09 -15.99
C ASP A 18 -18.83 -39.83 -15.92
N GLU A 19 -19.18 -40.30 -14.72
CA GLU A 19 -20.40 -41.08 -14.53
C GLU A 19 -21.62 -40.23 -14.80
N VAL A 20 -22.60 -40.78 -15.51
CA VAL A 20 -23.80 -40.07 -15.90
C VAL A 20 -25.01 -40.97 -15.62
N VAL A 21 -26.17 -40.34 -15.44
CA VAL A 21 -27.42 -41.05 -15.21
C VAL A 21 -28.47 -40.52 -16.17
N LEU A 22 -29.30 -41.44 -16.66
CA LEU A 22 -30.40 -41.11 -17.56
C LEU A 22 -31.66 -40.82 -16.77
N GLN A 23 -32.41 -39.82 -17.23
CA GLN A 23 -33.65 -39.41 -16.58
C GLN A 23 -34.73 -39.24 -17.64
N CYS A 24 -35.94 -39.70 -17.32
CA CYS A 24 -37.10 -39.54 -18.20
C CYS A 24 -38.27 -39.03 -17.38
N SER A 25 -39.04 -38.12 -17.96
CA SER A 25 -40.18 -37.51 -17.28
C SER A 25 -41.46 -38.04 -17.89
N ALA A 26 -42.31 -38.61 -17.04
CA ALA A 26 -43.62 -39.11 -17.47
C ALA A 26 -44.53 -39.16 -16.25
N THR A 27 -45.75 -38.65 -16.41
CA THR A 27 -46.71 -38.57 -15.32
C THR A 27 -47.92 -39.44 -15.62
N VAL A 28 -48.46 -40.07 -14.57
CA VAL A 28 -49.70 -40.81 -14.71
C VAL A 28 -50.88 -40.01 -14.17
N LEU A 29 -50.64 -39.08 -13.26
CA LEU A 29 -51.64 -38.17 -12.72
C LEU A 29 -51.18 -36.74 -12.98
N LYS A 30 -51.90 -35.78 -12.39
CA LYS A 30 -51.51 -34.38 -12.53
C LYS A 30 -50.13 -34.12 -11.93
N GLU A 31 -49.76 -34.86 -10.90
CA GLU A 31 -48.42 -34.72 -10.31
C GLU A 31 -47.37 -35.31 -11.23
N GLN A 32 -46.26 -34.59 -11.40
CA GLN A 32 -45.18 -35.04 -12.26
C GLN A 32 -44.33 -36.08 -11.55
N LEU A 33 -43.87 -37.07 -12.32
CA LEU A 33 -43.03 -38.15 -11.81
C LEU A 33 -41.71 -38.19 -12.55
N LYS A 34 -40.63 -38.44 -11.81
CA LYS A 34 -39.29 -38.55 -12.38
C LYS A 34 -38.81 -39.99 -12.24
N LEU A 35 -38.36 -40.56 -13.35
CA LEU A 35 -37.92 -41.95 -13.41
C LEU A 35 -36.49 -42.02 -13.92
N CYS A 36 -35.71 -42.94 -13.36
CA CYS A 36 -34.34 -43.17 -13.78
C CYS A 36 -34.16 -44.63 -14.15
N LEU A 37 -33.54 -44.88 -15.31
CA LEU A 37 -33.30 -46.25 -15.75
C LEU A 37 -32.13 -46.84 -14.98
N ALA A 38 -32.31 -48.06 -14.48
CA ALA A 38 -31.27 -48.77 -13.73
C ALA A 38 -31.29 -50.24 -14.12
N ALA A 39 -30.17 -50.92 -13.85
CA ALA A 39 -30.03 -52.33 -14.15
C ALA A 39 -29.58 -53.06 -12.90
N GLU A 40 -30.25 -54.17 -12.57
CA GLU A 40 -29.89 -54.94 -11.39
C GLU A 40 -28.55 -55.64 -11.56
N GLY A 41 -28.21 -56.03 -12.78
CA GLY A 41 -26.91 -56.64 -13.05
C GLY A 41 -26.97 -58.16 -12.96
N PHE A 42 -26.18 -58.73 -12.05
CA PHE A 42 -26.13 -60.17 -11.89
C PHE A 42 -27.47 -60.71 -11.41
N GLY A 43 -27.87 -61.85 -11.97
CA GLY A 43 -29.13 -62.46 -11.59
C GLY A 43 -30.20 -62.32 -12.65
N ASN A 44 -30.27 -61.14 -13.27
CA ASN A 44 -31.21 -60.91 -14.36
C ASN A 44 -30.70 -59.75 -15.19
N ARG A 45 -30.68 -59.94 -16.52
CA ARG A 45 -30.08 -58.98 -17.42
C ARG A 45 -31.00 -57.82 -17.78
N LEU A 46 -32.29 -57.91 -17.46
CA LEU A 46 -33.22 -56.85 -17.82
C LEU A 46 -33.01 -55.63 -16.92
N CYS A 47 -33.43 -54.48 -17.43
CA CYS A 47 -33.33 -53.21 -16.71
C CYS A 47 -34.73 -52.69 -16.40
N PHE A 48 -34.84 -51.92 -15.31
CA PHE A 48 -36.12 -51.41 -14.84
C PHE A 48 -35.99 -49.95 -14.43
N LEU A 49 -37.13 -49.30 -14.26
CA LEU A 49 -37.15 -47.91 -13.87
C LEU A 49 -37.26 -47.77 -12.36
N GLU A 50 -36.71 -46.67 -11.84
CA GLU A 50 -36.80 -46.37 -10.42
C GLU A 50 -37.34 -44.95 -10.26
N PRO A 51 -38.40 -44.75 -9.49
CA PRO A 51 -38.94 -43.39 -9.29
C PRO A 51 -38.14 -42.63 -8.25
N THR A 52 -37.78 -41.39 -8.57
CA THR A 52 -37.00 -40.54 -7.69
C THR A 52 -37.69 -39.20 -7.41
N SER A 53 -38.97 -39.09 -7.74
CA SER A 53 -39.68 -37.82 -7.51
C SER A 53 -39.81 -37.53 -6.02
N ASN A 54 -40.27 -38.52 -5.24
CA ASN A 54 -40.44 -38.36 -3.80
C ASN A 54 -39.19 -38.86 -3.06
N ALA A 55 -38.07 -38.17 -3.33
CA ALA A 55 -36.81 -38.55 -2.71
C ALA A 55 -36.84 -38.38 -1.20
N GLN A 56 -37.46 -37.31 -0.71
CA GLN A 56 -37.55 -37.09 0.73
C GLN A 56 -38.47 -38.11 1.39
N ASN A 57 -39.50 -38.59 0.69
CA ASN A 57 -40.38 -39.59 1.27
C ASN A 57 -39.71 -40.96 1.32
N VAL A 58 -39.19 -41.42 0.19
CA VAL A 58 -38.49 -42.70 0.13
C VAL A 58 -37.13 -42.49 -0.55
N PRO A 59 -36.06 -43.07 -0.04
CA PRO A 59 -34.74 -42.89 -0.65
C PRO A 59 -34.49 -43.95 -1.71
N PRO A 60 -34.12 -43.54 -2.91
CA PRO A 60 -33.75 -44.52 -3.94
C PRO A 60 -32.30 -44.97 -3.78
N ASP A 61 -31.93 -45.95 -4.59
CA ASP A 61 -30.58 -46.50 -4.60
C ASP A 61 -29.91 -46.15 -5.92
N LEU A 62 -28.76 -45.48 -5.83
CA LEU A 62 -28.01 -45.06 -7.02
C LEU A 62 -26.86 -46.00 -7.35
N ALA A 63 -26.66 -47.06 -6.59
CA ALA A 63 -25.58 -47.99 -6.89
C ALA A 63 -25.85 -48.76 -8.18
N ILE A 64 -27.11 -49.08 -8.46
CA ILE A 64 -27.48 -49.82 -9.65
C ILE A 64 -27.94 -48.89 -10.77
N CYS A 65 -27.97 -47.59 -10.53
CA CYS A 65 -28.36 -46.62 -11.54
C CYS A 65 -27.19 -45.85 -12.12
N CYS A 66 -25.97 -46.13 -11.68
CA CYS A 66 -24.80 -45.36 -12.10
C CYS A 66 -24.18 -45.97 -13.35
N PHE A 67 -24.11 -45.18 -14.42
CA PHE A 67 -23.48 -45.57 -15.67
C PHE A 67 -22.33 -44.62 -15.98
N THR A 68 -21.36 -45.12 -16.75
CA THR A 68 -20.27 -44.30 -17.24
C THR A 68 -20.19 -44.45 -18.76
N LEU A 69 -19.60 -43.47 -19.42
CA LEU A 69 -19.40 -43.54 -20.87
C LEU A 69 -17.91 -43.68 -21.15
N GLU A 70 -17.56 -44.68 -21.95
CA GLU A 70 -16.16 -45.03 -22.19
C GLU A 70 -15.51 -44.12 -23.22
N GLN A 71 -16.01 -44.14 -24.45
CA GLN A 71 -15.46 -43.30 -25.50
C GLN A 71 -16.55 -42.99 -26.53
N SER A 72 -16.31 -41.91 -27.28
CA SER A 72 -17.21 -41.48 -28.34
C SER A 72 -16.43 -41.40 -29.64
N LEU A 73 -16.95 -42.07 -30.68
CA LEU A 73 -16.32 -42.09 -31.99
C LEU A 73 -17.34 -41.71 -33.05
N SER A 74 -16.82 -41.18 -34.16
CA SER A 74 -17.69 -40.82 -35.28
C SER A 74 -18.32 -42.07 -35.88
N VAL A 75 -19.50 -41.89 -36.47
CA VAL A 75 -20.23 -43.03 -37.03
C VAL A 75 -19.45 -43.66 -38.18
N ARG A 76 -18.77 -42.85 -38.99
CA ARG A 76 -18.00 -43.41 -40.11
C ARG A 76 -16.77 -44.17 -39.62
N ALA A 77 -16.11 -43.68 -38.58
CA ALA A 77 -14.97 -44.39 -38.02
C ALA A 77 -15.38 -45.64 -37.26
N LEU A 78 -16.61 -45.67 -36.74
CA LEU A 78 -17.09 -46.85 -36.03
C LEU A 78 -17.15 -48.06 -36.96
N GLN A 79 -17.64 -47.87 -38.18
CA GLN A 79 -17.68 -48.98 -39.13
C GLN A 79 -16.29 -49.51 -39.42
N GLU A 80 -15.30 -48.62 -39.60
CA GLU A 80 -13.95 -49.07 -39.87
C GLU A 80 -13.36 -49.82 -38.68
N MET A 81 -13.51 -49.29 -37.47
CA MET A 81 -12.95 -49.96 -36.31
C MET A 81 -13.72 -51.22 -35.94
N LEU A 82 -14.92 -51.40 -36.47
CA LEU A 82 -15.64 -52.66 -36.29
C LEU A 82 -15.21 -53.69 -37.34
N ALA A 83 -14.99 -53.25 -38.58
CA ALA A 83 -14.64 -54.17 -39.65
C ALA A 83 -13.19 -54.61 -39.58
N ASN A 84 -12.29 -53.78 -39.06
CA ASN A 84 -10.86 -54.11 -39.05
C ASN A 84 -10.56 -55.35 -38.21
N GLY A 97 -7.01 -38.78 -24.09
CA GLY A 97 -7.84 -38.51 -25.25
C GLY A 97 -9.32 -38.38 -24.92
N HIS A 98 -9.64 -37.49 -23.98
CA HIS A 98 -11.01 -37.28 -23.54
C HIS A 98 -11.71 -36.35 -24.54
N ARG A 99 -12.12 -36.93 -25.66
CA ARG A 99 -12.79 -36.16 -26.70
C ARG A 99 -14.13 -35.66 -26.21
N THR A 100 -14.44 -34.41 -26.52
CA THR A 100 -15.72 -33.82 -26.14
C THR A 100 -16.86 -34.45 -26.92
N LEU A 101 -18.03 -34.47 -26.31
CA LEU A 101 -19.20 -35.10 -26.92
C LEU A 101 -19.82 -34.19 -27.97
N LEU A 102 -20.17 -34.78 -29.11
CA LEU A 102 -20.80 -34.06 -30.21
C LEU A 102 -22.08 -34.77 -30.63
N TYR A 103 -23.01 -34.00 -31.19
CA TYR A 103 -24.23 -34.59 -31.72
C TYR A 103 -23.93 -35.48 -32.92
N GLY A 104 -24.65 -36.59 -33.02
CA GLY A 104 -24.48 -37.52 -34.10
C GLY A 104 -23.40 -38.57 -33.87
N HIS A 105 -22.66 -38.49 -32.76
CA HIS A 105 -21.62 -39.46 -32.46
C HIS A 105 -22.22 -40.71 -31.84
N ALA A 106 -21.38 -41.72 -31.68
CA ALA A 106 -21.76 -42.99 -31.07
C ALA A 106 -21.03 -43.15 -29.74
N ILE A 107 -21.74 -43.60 -28.71
CA ILE A 107 -21.21 -43.68 -27.36
C ILE A 107 -21.33 -45.11 -26.85
N LEU A 108 -20.49 -45.43 -25.87
CA LEU A 108 -20.45 -46.75 -25.25
C LEU A 108 -20.70 -46.59 -23.76
N LEU A 109 -21.70 -47.30 -23.23
CA LEU A 109 -22.12 -47.19 -21.85
C LEU A 109 -21.70 -48.43 -21.07
N ARG A 110 -21.10 -48.22 -19.90
CA ARG A 110 -20.63 -49.29 -19.03
C ARG A 110 -21.26 -49.12 -17.66
N HIS A 111 -21.72 -50.23 -17.08
CA HIS A 111 -22.27 -50.21 -15.74
C HIS A 111 -21.14 -50.25 -14.72
N ALA A 112 -21.17 -49.30 -13.77
CA ALA A 112 -20.11 -49.22 -12.78
C ALA A 112 -20.07 -50.46 -11.90
N HIS A 113 -21.24 -50.95 -11.48
CA HIS A 113 -21.29 -52.10 -10.59
C HIS A 113 -21.31 -53.41 -11.36
N SER A 114 -22.16 -53.51 -12.38
CA SER A 114 -22.34 -54.76 -13.09
C SER A 114 -21.15 -55.10 -13.98
N ARG A 115 -20.36 -54.11 -14.39
CA ARG A 115 -19.25 -54.29 -15.31
C ARG A 115 -19.71 -54.93 -16.62
N MET A 116 -20.91 -54.57 -17.07
CA MET A 116 -21.48 -55.07 -18.30
C MET A 116 -21.95 -53.89 -19.15
N TYR A 117 -21.96 -54.10 -20.46
CA TYR A 117 -22.35 -53.02 -21.38
C TYR A 117 -23.84 -53.09 -21.66
N LEU A 118 -24.49 -51.93 -21.60
CA LEU A 118 -25.91 -51.82 -21.91
C LEU A 118 -26.11 -51.92 -23.42
N SER A 119 -27.05 -52.76 -23.84
CA SER A 119 -27.29 -52.96 -25.26
C SER A 119 -28.69 -53.51 -25.49
N CYS A 120 -29.17 -53.34 -26.71
CA CYS A 120 -30.45 -53.92 -27.10
C CYS A 120 -30.33 -55.44 -27.20
N LEU A 121 -31.38 -56.13 -26.76
CA LEU A 121 -31.41 -57.59 -26.78
C LEU A 121 -32.28 -58.07 -27.93
N THR A 122 -31.90 -59.22 -28.49
CA THR A 122 -32.64 -59.79 -29.62
C THR A 122 -33.97 -60.40 -29.21
N THR A 123 -34.16 -60.71 -27.93
CA THR A 123 -35.42 -61.30 -27.48
C THR A 123 -36.52 -60.25 -27.49
N SER A 124 -37.74 -60.69 -27.79
CA SER A 124 -38.91 -59.81 -27.85
C SER A 124 -39.98 -60.40 -26.94
N ARG A 125 -40.25 -59.72 -25.83
CA ARG A 125 -41.24 -60.15 -24.85
C ARG A 125 -42.14 -58.96 -24.51
N SER A 126 -43.27 -58.87 -25.20
CA SER A 126 -44.22 -57.79 -24.98
C SER A 126 -45.64 -58.32 -25.12
N MET A 127 -46.55 -57.71 -24.37
CA MET A 127 -47.97 -58.06 -24.43
C MET A 127 -48.82 -56.97 -25.06
N THR A 128 -48.21 -55.96 -25.68
CA THR A 128 -48.93 -54.85 -26.28
C THR A 128 -49.12 -55.03 -27.79
N ASP A 129 -48.98 -56.26 -28.30
CA ASP A 129 -49.15 -56.56 -29.72
C ASP A 129 -48.21 -55.71 -30.57
N LYS A 130 -46.98 -55.55 -30.12
CA LYS A 130 -46.01 -54.75 -30.83
C LYS A 130 -44.61 -55.27 -30.51
N LEU A 131 -43.67 -54.95 -31.40
CA LEU A 131 -42.27 -55.30 -31.18
C LEU A 131 -41.68 -54.50 -30.04
N ALA A 132 -40.87 -55.16 -29.20
CA ALA A 132 -40.30 -54.54 -28.02
C ALA A 132 -38.78 -54.41 -28.09
N PHE A 133 -38.08 -55.53 -28.30
CA PHE A 133 -36.62 -55.56 -28.27
C PHE A 133 -36.09 -54.91 -27.00
N ASP A 134 -36.41 -55.54 -25.86
CA ASP A 134 -36.10 -54.98 -24.57
C ASP A 134 -34.61 -54.80 -24.37
N VAL A 135 -34.24 -53.71 -23.68
CA VAL A 135 -32.83 -53.37 -23.48
C VAL A 135 -32.30 -54.13 -22.28
N GLY A 136 -31.13 -54.75 -22.43
CA GLY A 136 -30.50 -55.46 -21.34
C GLY A 136 -29.02 -55.20 -21.23
N LEU A 137 -28.30 -56.08 -20.54
CA LEU A 137 -26.87 -55.95 -20.32
C LEU A 137 -26.16 -57.18 -20.86
N GLN A 138 -24.98 -56.98 -21.44
CA GLN A 138 -24.19 -58.07 -21.98
C GLN A 138 -22.74 -57.96 -21.50
N GLU A 139 -22.09 -59.12 -21.39
CA GLU A 139 -20.72 -59.15 -20.89
C GLU A 139 -19.68 -59.04 -21.98
N ASP A 140 -20.01 -59.40 -23.22
CA ASP A 140 -19.07 -59.30 -24.32
C ASP A 140 -18.84 -57.84 -24.70
N ALA A 141 -17.61 -57.56 -25.13
CA ALA A 141 -17.22 -56.21 -25.51
C ALA A 141 -17.48 -55.92 -26.99
N THR A 142 -17.98 -56.89 -27.74
CA THR A 142 -18.26 -56.68 -29.16
C THR A 142 -19.37 -55.64 -29.32
N GLY A 143 -19.21 -54.79 -30.33
CA GLY A 143 -20.08 -53.63 -30.47
C GLY A 143 -20.94 -53.61 -31.73
N GLU A 144 -21.52 -54.75 -32.08
CA GLU A 144 -22.45 -54.77 -33.21
C GLU A 144 -23.76 -54.09 -32.86
N ALA A 145 -24.25 -54.30 -31.63
CA ALA A 145 -25.51 -53.73 -31.17
C ALA A 145 -25.34 -53.03 -29.82
N CYS A 146 -24.20 -52.39 -29.61
CA CYS A 146 -23.87 -51.81 -28.32
C CYS A 146 -23.68 -50.30 -28.35
N TRP A 147 -23.78 -49.66 -29.50
CA TRP A 147 -23.52 -48.23 -29.64
C TRP A 147 -24.80 -47.48 -29.95
N TRP A 148 -24.94 -46.29 -29.36
CA TRP A 148 -26.11 -45.44 -29.52
C TRP A 148 -25.69 -44.11 -30.11
N THR A 149 -26.53 -43.56 -30.97
CA THR A 149 -26.25 -42.28 -31.65
C THR A 149 -27.21 -41.23 -31.14
N MET A 150 -26.67 -40.09 -30.71
CA MET A 150 -27.48 -38.98 -30.24
C MET A 150 -28.03 -38.18 -31.42
N HIS A 151 -29.16 -37.53 -31.19
CA HIS A 151 -29.79 -36.66 -32.18
C HIS A 151 -30.39 -35.45 -31.46
N PRO A 152 -30.48 -34.31 -32.14
CA PRO A 152 -31.07 -33.13 -31.51
C PRO A 152 -32.54 -33.36 -31.16
N ALA A 153 -32.96 -32.76 -30.05
CA ALA A 153 -34.35 -32.89 -29.61
C ALA A 153 -35.22 -31.74 -30.07
N SER A 154 -34.66 -30.54 -30.18
CA SER A 154 -35.40 -29.37 -30.62
C SER A 154 -34.73 -28.77 -31.85
N LYS A 155 -35.50 -27.94 -32.57
CA LYS A 155 -35.01 -27.30 -33.78
C LYS A 155 -33.88 -26.30 -33.51
N GLN A 156 -33.74 -25.83 -32.27
CA GLN A 156 -32.65 -24.91 -31.95
C GLN A 156 -31.29 -25.59 -32.02
N ARG A 157 -31.25 -26.90 -31.93
CA ARG A 157 -30.00 -27.65 -32.00
C ARG A 157 -29.77 -28.20 -33.40
N SER A 158 -28.51 -28.26 -33.79
CA SER A 158 -28.11 -28.74 -35.10
C SER A 158 -26.92 -29.69 -34.93
N GLU A 159 -26.70 -30.52 -35.95
CA GLU A 159 -25.60 -31.48 -35.91
C GLU A 159 -24.27 -30.74 -35.92
N GLY A 160 -23.31 -31.24 -35.14
CA GLY A 160 -21.97 -30.72 -35.12
C GLY A 160 -21.64 -29.78 -33.98
N GLU A 161 -22.60 -29.46 -33.13
CA GLU A 161 -22.32 -28.58 -32.01
C GLU A 161 -22.31 -29.36 -30.69
N LYS A 162 -21.47 -28.91 -29.77
CA LYS A 162 -21.23 -29.63 -28.53
C LYS A 162 -22.46 -29.61 -27.64
N VAL A 163 -22.63 -30.67 -26.86
CA VAL A 163 -23.79 -30.79 -25.97
C VAL A 163 -23.49 -30.12 -24.64
N ARG A 164 -24.54 -29.81 -23.90
CA ARG A 164 -24.44 -29.17 -22.59
C ARG A 164 -25.16 -30.01 -21.55
N VAL A 165 -24.89 -29.69 -20.28
CA VAL A 165 -25.57 -30.37 -19.19
C VAL A 165 -27.03 -29.94 -19.15
N GLY A 166 -27.92 -30.93 -18.96
CA GLY A 166 -29.33 -30.64 -18.97
C GLY A 166 -29.91 -30.40 -20.34
N ASP A 167 -29.24 -30.89 -21.38
CA ASP A 167 -29.71 -30.73 -22.76
C ASP A 167 -30.46 -31.99 -23.18
N ASP A 168 -31.65 -31.80 -23.74
CA ASP A 168 -32.46 -32.91 -24.19
C ASP A 168 -31.87 -33.52 -25.45
N LEU A 169 -31.91 -34.85 -25.52
CA LEU A 169 -31.37 -35.58 -26.66
C LEU A 169 -32.12 -36.88 -26.84
N ILE A 170 -32.01 -37.45 -28.03
CA ILE A 170 -32.73 -38.66 -28.40
C ILE A 170 -31.71 -39.72 -28.80
N LEU A 171 -31.85 -40.92 -28.26
CA LEU A 171 -30.93 -42.01 -28.48
C LEU A 171 -31.53 -43.02 -29.47
N VAL A 172 -30.69 -43.49 -30.40
CA VAL A 172 -31.11 -44.47 -31.41
C VAL A 172 -30.10 -45.61 -31.40
N SER A 173 -30.61 -46.83 -31.43
CA SER A 173 -29.75 -48.00 -31.53
C SER A 173 -29.33 -48.23 -32.98
N VAL A 174 -28.03 -48.47 -33.17
CA VAL A 174 -27.53 -48.63 -34.54
C VAL A 174 -28.00 -49.95 -35.16
N SER A 175 -27.94 -51.05 -34.42
CA SER A 175 -28.32 -52.35 -35.00
C SER A 175 -29.83 -52.51 -35.07
N SER A 176 -30.56 -52.02 -34.06
CA SER A 176 -32.00 -52.23 -34.03
C SER A 176 -32.76 -51.17 -34.81
N GLU A 177 -32.19 -49.96 -34.96
CA GLU A 177 -32.88 -48.83 -35.58
C GLU A 177 -34.14 -48.45 -34.83
N ARG A 178 -34.10 -48.60 -33.51
CA ARG A 178 -35.21 -48.25 -32.63
C ARG A 178 -34.73 -47.30 -31.54
N TYR A 179 -35.63 -46.45 -31.07
CA TYR A 179 -35.32 -45.53 -30.01
C TYR A 179 -35.29 -46.25 -28.66
N LEU A 180 -34.72 -45.57 -27.67
CA LEU A 180 -34.87 -45.97 -26.27
C LEU A 180 -36.15 -45.33 -25.74
N HIS A 181 -37.23 -46.11 -25.72
CA HIS A 181 -38.57 -45.57 -25.54
C HIS A 181 -39.16 -46.02 -24.22
N LEU A 182 -39.90 -45.13 -23.57
CA LEU A 182 -40.66 -45.47 -22.38
C LEU A 182 -42.06 -45.92 -22.78
N SER A 183 -42.36 -47.20 -22.55
CA SER A 183 -43.64 -47.79 -22.92
C SER A 183 -44.58 -47.73 -21.72
N THR A 184 -45.76 -47.15 -21.93
CA THR A 184 -46.78 -47.05 -20.89
C THR A 184 -47.69 -48.28 -20.94
N ALA A 185 -47.08 -49.42 -20.62
CA ALA A 185 -47.80 -50.68 -20.63
C ALA A 185 -48.87 -50.70 -19.54
N SER A 186 -49.87 -51.56 -19.74
CA SER A 186 -51.00 -51.61 -18.81
C SER A 186 -50.56 -52.01 -17.41
N GLY A 187 -49.67 -53.01 -17.30
CA GLY A 187 -49.21 -53.43 -16.00
C GLY A 187 -48.41 -52.35 -15.29
N GLU A 188 -47.42 -51.78 -15.98
CA GLU A 188 -46.57 -50.75 -15.40
C GLU A 188 -45.75 -50.12 -16.52
N LEU A 189 -45.04 -49.06 -16.18
CA LEU A 189 -44.16 -48.40 -17.13
C LEU A 189 -42.89 -49.22 -17.34
N GLN A 190 -42.45 -49.33 -18.59
CA GLN A 190 -41.27 -50.10 -18.93
C GLN A 190 -40.43 -49.33 -19.93
N VAL A 191 -39.28 -49.90 -20.29
CA VAL A 191 -38.41 -49.34 -21.32
C VAL A 191 -38.24 -50.40 -22.40
N ASP A 192 -38.60 -50.05 -23.63
CA ASP A 192 -38.49 -50.93 -24.79
C ASP A 192 -37.90 -50.15 -25.96
N ALA A 193 -37.41 -50.90 -26.95
CA ALA A 193 -36.88 -50.32 -28.17
C ALA A 193 -37.98 -50.34 -29.23
N SER A 194 -38.74 -49.25 -29.33
CA SER A 194 -39.84 -49.15 -30.26
C SER A 194 -39.57 -48.03 -31.26
N PHE A 195 -40.47 -47.87 -32.22
CA PHE A 195 -40.31 -46.86 -33.25
C PHE A 195 -40.59 -45.45 -32.76
N MET A 196 -41.38 -45.30 -31.70
CA MET A 196 -41.64 -43.98 -31.14
C MET A 196 -40.45 -43.53 -30.29
N GLN A 197 -40.22 -42.22 -30.27
CA GLN A 197 -39.10 -41.63 -29.55
C GLN A 197 -39.59 -41.04 -28.23
N THR A 198 -38.73 -41.12 -27.21
CA THR A 198 -39.04 -40.60 -25.89
C THR A 198 -37.94 -39.63 -25.47
N LEU A 199 -38.35 -38.48 -24.93
CA LEU A 199 -37.39 -37.46 -24.50
C LEU A 199 -36.58 -37.98 -23.32
N TRP A 200 -35.26 -37.81 -23.37
CA TRP A 200 -34.35 -38.28 -22.34
C TRP A 200 -33.41 -37.16 -21.94
N ASN A 201 -32.90 -37.23 -20.71
CA ASN A 201 -31.93 -36.27 -20.20
C ASN A 201 -30.77 -37.01 -19.55
N MET A 202 -29.59 -36.43 -19.62
CA MET A 202 -28.40 -36.98 -18.99
C MET A 202 -27.90 -36.02 -17.91
N ASN A 203 -27.64 -36.53 -16.72
CA ASN A 203 -27.13 -35.72 -15.63
C ASN A 203 -25.84 -36.33 -15.10
N PRO A 204 -24.76 -35.57 -15.01
CA PRO A 204 -23.49 -36.14 -14.54
C PRO A 204 -23.46 -36.29 -13.04
N ILE A 205 -23.04 -37.47 -12.59
CA ILE A 205 -22.92 -37.73 -11.16
C ILE A 205 -21.61 -37.17 -10.62
N CYS A 206 -20.49 -37.56 -11.25
CA CYS A 206 -19.19 -37.09 -10.82
C CYS A 206 -18.25 -37.05 -12.02
N SER A 207 -17.18 -36.28 -11.88
CA SER A 207 -16.15 -36.15 -12.89
C SER A 207 -14.82 -36.64 -12.33
N CYS A 208 -13.75 -36.40 -13.07
CA CYS A 208 -12.41 -36.80 -12.62
C CYS A 208 -12.09 -36.12 -11.30
N CYS A 209 -11.58 -36.90 -10.35
CA CYS A 209 -11.32 -36.42 -9.00
C CYS A 209 -9.84 -36.57 -8.65
N GLU A 210 -9.33 -35.60 -7.90
CA GLU A 210 -7.98 -35.71 -7.38
C GLU A 210 -7.93 -36.75 -6.26
N GLU A 211 -6.78 -37.41 -6.15
CA GLU A 211 -6.63 -38.49 -5.18
C GLU A 211 -6.54 -37.95 -3.76
N GLY A 212 -7.05 -38.73 -2.81
CA GLY A 212 -6.94 -38.42 -1.40
C GLY A 212 -8.06 -37.59 -0.83
N TYR A 213 -9.00 -37.12 -1.64
CA TYR A 213 -10.09 -36.28 -1.17
C TYR A 213 -11.41 -37.05 -1.22
N VAL A 214 -12.21 -36.88 -0.17
CA VAL A 214 -13.44 -37.65 -0.02
C VAL A 214 -14.54 -37.05 -0.89
N THR A 215 -15.33 -37.91 -1.50
CA THR A 215 -16.48 -37.49 -2.28
C THR A 215 -17.63 -38.46 -2.03
N GLY A 216 -18.85 -37.98 -2.29
CA GLY A 216 -20.02 -38.78 -2.01
C GLY A 216 -20.19 -39.96 -2.96
N GLY A 217 -21.00 -40.92 -2.53
CA GLY A 217 -21.28 -42.09 -3.32
C GLY A 217 -20.28 -43.22 -3.22
N HIS A 218 -19.26 -43.08 -2.37
CA HIS A 218 -18.25 -44.11 -2.20
C HIS A 218 -18.43 -44.84 -0.88
N VAL A 219 -18.43 -46.17 -0.94
CA VAL A 219 -18.45 -46.96 0.28
C VAL A 219 -17.12 -46.80 0.99
N LEU A 220 -17.16 -46.90 2.32
CA LEU A 220 -15.95 -46.69 3.11
C LEU A 220 -16.07 -47.40 4.45
N ARG A 221 -14.95 -47.45 5.16
CA ARG A 221 -14.87 -48.03 6.49
C ARG A 221 -14.32 -46.96 7.43
N LEU A 222 -15.13 -46.57 8.40
CA LEU A 222 -14.72 -45.59 9.40
C LEU A 222 -14.57 -46.29 10.74
N PHE A 223 -13.44 -46.07 11.41
CA PHE A 223 -13.16 -46.75 12.66
C PHE A 223 -12.73 -45.74 13.73
N HIS A 224 -13.38 -45.82 14.88
CA HIS A 224 -13.04 -45.00 16.03
C HIS A 224 -11.74 -45.49 16.65
N GLY A 225 -10.99 -44.59 17.28
CA GLY A 225 -9.76 -44.96 17.94
C GLY A 225 -8.62 -45.12 16.95
N HIS A 226 -7.48 -45.56 17.47
CA HIS A 226 -6.26 -45.67 16.68
C HIS A 226 -5.80 -47.09 16.42
N MET A 227 -5.73 -47.94 17.45
CA MET A 227 -5.15 -49.27 17.29
C MET A 227 -5.96 -50.13 16.32
N ASP A 228 -7.18 -50.51 16.72
CA ASP A 228 -8.06 -51.29 15.85
C ASP A 228 -9.49 -51.31 16.38
N GLU A 229 -10.42 -50.71 15.64
CA GLU A 229 -11.84 -50.79 15.96
C GLU A 229 -12.64 -50.76 14.66
N CYS A 230 -13.96 -50.75 14.80
CA CYS A 230 -14.91 -50.59 13.71
C CYS A 230 -16.30 -50.60 14.35
N LEU A 231 -17.30 -50.16 13.58
CA LEU A 231 -18.70 -50.20 14.04
C LEU A 231 -19.50 -50.98 13.01
N THR A 232 -20.27 -51.98 13.49
CA THR A 232 -21.05 -52.82 12.59
C THR A 232 -22.39 -53.13 13.24
N ILE A 233 -23.05 -54.14 12.69
CA ILE A 233 -24.23 -54.74 13.30
C ILE A 233 -23.86 -56.18 13.64
N SER A 234 -24.57 -56.75 14.61
CA SER A 234 -24.26 -58.08 15.11
C SER A 234 -24.38 -59.11 13.98
N ALA A 235 -23.83 -60.30 14.24
CA ALA A 235 -23.77 -61.35 13.25
C ALA A 235 -25.16 -61.92 12.97
N ALA A 236 -25.23 -62.80 11.97
CA ALA A 236 -26.51 -63.40 11.59
C ALA A 236 -27.00 -64.35 12.66
N ASP A 237 -28.33 -64.43 12.82
CA ASP A 237 -28.97 -65.30 13.80
C ASP A 237 -28.46 -65.02 15.21
N SER A 238 -28.29 -63.74 15.54
CA SER A 238 -27.83 -63.33 16.86
C SER A 238 -28.98 -63.11 17.84
N ASP A 239 -30.22 -63.35 17.42
CA ASP A 239 -31.44 -63.24 18.21
C ASP A 239 -31.81 -61.81 18.56
N ASP A 240 -30.99 -60.82 18.19
CA ASP A 240 -31.33 -59.42 18.36
C ASP A 240 -31.99 -58.83 17.12
N GLN A 241 -32.13 -59.63 16.06
CA GLN A 241 -32.81 -59.30 14.81
C GLN A 241 -32.08 -58.19 14.06
N ARG A 242 -30.87 -57.81 14.49
CA ARG A 242 -29.92 -57.03 13.69
C ARG A 242 -30.48 -55.66 13.30
N ARG A 243 -30.70 -54.81 14.30
CA ARG A 243 -31.16 -53.44 14.06
C ARG A 243 -30.43 -52.41 14.92
N LEU A 244 -29.38 -52.78 15.63
CA LEU A 244 -28.69 -51.87 16.54
C LEU A 244 -27.19 -51.98 16.35
N VAL A 245 -26.50 -50.85 16.48
CA VAL A 245 -25.09 -50.74 16.13
C VAL A 245 -24.22 -51.18 17.30
N TYR A 246 -23.11 -51.84 16.99
CA TYR A 246 -22.12 -52.28 17.97
C TYR A 246 -20.73 -51.78 17.56
N TYR A 247 -19.87 -51.66 18.57
CA TYR A 247 -18.45 -51.37 18.37
C TYR A 247 -17.66 -52.66 18.54
N GLU A 248 -16.68 -52.88 17.68
CA GLU A 248 -15.94 -54.14 17.66
C GLU A 248 -14.46 -53.89 17.96
N GLY A 249 -13.67 -54.95 17.85
CA GLY A 249 -12.26 -54.90 18.20
C GLY A 249 -11.30 -54.92 17.03
N GLY A 250 -10.32 -55.81 17.08
CA GLY A 250 -9.25 -55.82 16.10
C GLY A 250 -9.50 -56.62 14.85
N ALA A 251 -9.81 -57.91 14.99
CA ALA A 251 -9.92 -58.80 13.84
C ALA A 251 -11.17 -58.57 13.00
N VAL A 252 -12.15 -57.83 13.53
CA VAL A 252 -13.42 -57.63 12.81
C VAL A 252 -13.32 -56.55 11.75
N CYS A 253 -12.20 -55.80 11.71
CA CYS A 253 -12.09 -54.69 10.78
C CYS A 253 -12.11 -55.17 9.33
N THR A 254 -11.43 -56.28 9.03
CA THR A 254 -11.27 -56.72 7.65
C THR A 254 -12.54 -57.33 7.07
N HIS A 255 -13.54 -57.63 7.89
CA HIS A 255 -14.72 -58.32 7.40
C HIS A 255 -15.65 -57.37 6.64
N ALA A 256 -16.66 -57.96 6.00
CA ALA A 256 -17.54 -57.21 5.12
C ALA A 256 -18.63 -56.41 5.83
N ARG A 257 -18.82 -56.64 7.13
CA ARG A 257 -19.88 -55.93 7.85
C ARG A 257 -19.54 -54.47 8.13
N SER A 258 -18.27 -54.11 8.12
CA SER A 258 -17.84 -52.74 8.42
C SER A 258 -17.72 -51.90 7.15
N LEU A 259 -18.80 -51.86 6.35
CA LEU A 259 -18.86 -51.06 5.13
C LEU A 259 -20.09 -50.18 5.19
N TRP A 260 -19.90 -48.88 4.96
CA TRP A 260 -20.99 -47.93 4.98
C TRP A 260 -20.92 -47.04 3.74
N ARG A 261 -22.08 -46.76 3.14
CA ARG A 261 -22.16 -45.91 1.97
C ARG A 261 -22.91 -44.64 2.32
N LEU A 262 -22.30 -43.49 2.03
CA LEU A 262 -22.88 -42.20 2.34
C LEU A 262 -23.42 -41.57 1.07
N GLU A 263 -24.65 -41.04 1.12
CA GLU A 263 -25.23 -40.40 -0.04
C GLU A 263 -25.94 -39.10 0.36
N PRO A 264 -25.69 -38.01 -0.34
CA PRO A 264 -26.38 -36.75 -0.04
C PRO A 264 -27.80 -36.76 -0.56
N LEU A 265 -28.54 -35.71 -0.19
CA LEU A 265 -29.95 -35.61 -0.58
C LEU A 265 -30.10 -35.37 -2.08
N ARG A 266 -29.21 -34.58 -2.67
CA ARG A 266 -29.34 -34.23 -4.08
C ARG A 266 -28.99 -35.42 -4.96
N ILE A 267 -29.93 -35.83 -5.82
CA ILE A 267 -29.66 -36.92 -6.74
C ILE A 267 -28.68 -36.47 -7.82
N SER A 268 -28.85 -35.26 -8.34
CA SER A 268 -27.96 -34.74 -9.37
C SER A 268 -26.68 -34.22 -8.75
N TRP A 269 -25.56 -34.46 -9.44
CA TRP A 269 -24.24 -34.02 -9.01
C TRP A 269 -23.92 -34.54 -7.61
N SER A 270 -24.34 -35.77 -7.33
CA SER A 270 -24.14 -36.35 -6.00
C SER A 270 -22.67 -36.71 -5.76
N GLY A 271 -21.87 -36.79 -6.81
CA GLY A 271 -20.48 -37.16 -6.69
C GLY A 271 -19.52 -36.03 -6.40
N SER A 272 -20.02 -34.83 -6.14
CA SER A 272 -19.15 -33.70 -5.86
C SER A 272 -18.39 -33.91 -4.56
N HIS A 273 -17.32 -33.14 -4.39
CA HIS A 273 -16.48 -33.27 -3.21
C HIS A 273 -17.26 -32.93 -1.95
N LEU A 274 -17.03 -33.73 -0.91
CA LEU A 274 -17.76 -33.55 0.35
C LEU A 274 -17.24 -32.33 1.09
N ARG A 275 -18.15 -31.49 1.57
CA ARG A 275 -17.83 -30.33 2.37
C ARG A 275 -18.31 -30.53 3.81
N TRP A 276 -18.04 -29.53 4.64
CA TRP A 276 -18.38 -29.61 6.06
C TRP A 276 -19.82 -29.18 6.28
N GLY A 277 -20.66 -30.10 6.74
CA GLY A 277 -22.00 -29.79 7.17
C GLY A 277 -23.13 -30.03 6.18
N GLN A 278 -23.05 -31.07 5.35
CA GLN A 278 -24.23 -31.22 4.52
C GLN A 278 -25.09 -32.39 4.98
N PRO A 279 -26.39 -32.32 4.75
CA PRO A 279 -27.28 -33.45 5.09
C PRO A 279 -27.03 -34.62 4.16
N LEU A 280 -26.60 -35.75 4.72
CA LEU A 280 -26.35 -36.95 3.96
C LEU A 280 -26.69 -38.15 4.81
N ARG A 281 -27.20 -39.20 4.19
CA ARG A 281 -27.61 -40.39 4.94
C ARG A 281 -26.64 -41.53 4.72
N ILE A 282 -26.48 -42.34 5.77
CA ILE A 282 -25.56 -43.49 5.76
C ILE A 282 -26.38 -44.76 5.64
N ARG A 283 -25.93 -45.68 4.79
CA ARG A 283 -26.58 -46.97 4.63
C ARG A 283 -25.57 -48.09 4.78
N HIS A 284 -26.05 -49.23 5.26
CA HIS A 284 -25.25 -50.44 5.41
C HIS A 284 -25.46 -51.30 4.17
N VAL A 285 -24.40 -51.50 3.39
CA VAL A 285 -24.54 -52.03 2.04
C VAL A 285 -25.08 -53.45 2.04
N THR A 286 -24.57 -54.31 2.92
CA THR A 286 -24.96 -55.71 2.89
C THR A 286 -26.35 -55.93 3.47
N THR A 287 -26.87 -54.96 4.22
CA THR A 287 -28.21 -55.10 4.80
C THR A 287 -29.21 -54.11 4.21
N GLY A 288 -28.75 -53.00 3.65
CA GLY A 288 -29.64 -52.02 3.05
C GLY A 288 -30.51 -51.27 4.04
N ARG A 289 -29.97 -50.89 5.19
CA ARG A 289 -30.71 -50.14 6.19
C ARG A 289 -29.98 -48.85 6.53
N TYR A 290 -30.73 -47.77 6.67
CA TYR A 290 -30.18 -46.46 7.00
C TYR A 290 -30.19 -46.25 8.51
N LEU A 291 -29.39 -45.28 8.96
CA LEU A 291 -29.27 -44.98 10.38
C LEU A 291 -30.20 -43.83 10.74
N ALA A 292 -31.11 -44.06 11.69
CA ALA A 292 -32.05 -43.05 12.14
C ALA A 292 -32.65 -43.50 13.47
N LEU A 293 -33.36 -42.57 14.12
CA LEU A 293 -34.06 -42.84 15.37
C LEU A 293 -35.55 -42.66 15.16
N THR A 294 -36.35 -43.66 15.56
CA THR A 294 -37.78 -43.58 15.31
C THR A 294 -38.51 -42.75 16.37
N GLU A 295 -38.57 -43.22 17.63
CA GLU A 295 -39.12 -42.40 18.69
C GLU A 295 -38.15 -42.18 19.85
N ASP A 296 -37.79 -43.24 20.59
CA ASP A 296 -36.95 -43.08 21.78
C ASP A 296 -36.02 -44.27 21.96
N GLN A 297 -35.45 -44.76 20.86
CA GLN A 297 -34.67 -46.00 20.88
C GLN A 297 -33.19 -45.74 20.69
N GLY A 298 -32.69 -44.63 21.24
CA GLY A 298 -31.26 -44.37 21.21
C GLY A 298 -30.76 -44.16 19.79
N LEU A 299 -29.81 -44.99 19.38
CA LEU A 299 -29.28 -44.96 18.02
C LEU A 299 -29.40 -46.36 17.42
N VAL A 300 -30.27 -46.48 16.40
CA VAL A 300 -30.48 -47.75 15.72
C VAL A 300 -30.48 -47.50 14.21
N VAL A 301 -30.69 -48.57 13.43
CA VAL A 301 -30.84 -48.44 11.99
C VAL A 301 -32.32 -48.53 11.67
N VAL A 302 -32.71 -47.91 10.55
CA VAL A 302 -34.11 -47.79 10.18
C VAL A 302 -34.32 -48.51 8.85
N ASP A 303 -35.55 -48.95 8.62
CA ASP A 303 -35.91 -49.58 7.37
C ASP A 303 -35.79 -48.58 6.22
N ALA A 304 -35.64 -49.12 5.00
CA ALA A 304 -35.44 -48.27 3.84
C ALA A 304 -36.62 -47.34 3.61
N CYS A 305 -37.85 -47.87 3.71
CA CYS A 305 -39.04 -47.07 3.43
C CYS A 305 -39.32 -46.05 4.53
N LYS A 306 -38.88 -46.31 5.76
CA LYS A 306 -39.16 -45.41 6.88
C LYS A 306 -38.08 -44.32 6.94
N ALA A 307 -38.16 -43.42 5.96
CA ALA A 307 -37.22 -42.31 5.84
C ALA A 307 -38.00 -41.01 6.05
N HIS A 308 -37.80 -40.37 7.20
CA HIS A 308 -38.48 -39.13 7.52
C HIS A 308 -37.75 -37.90 7.01
N THR A 309 -36.57 -38.07 6.41
CA THR A 309 -35.75 -36.99 5.85
C THR A 309 -35.18 -36.12 6.95
N LYS A 310 -35.60 -36.37 8.20
CA LYS A 310 -35.13 -35.62 9.36
C LYS A 310 -34.41 -36.51 10.36
N ALA A 311 -34.96 -37.67 10.68
CA ALA A 311 -34.27 -38.60 11.57
C ALA A 311 -33.09 -39.27 10.88
N THR A 312 -33.15 -39.40 9.55
CA THR A 312 -32.07 -40.04 8.79
C THR A 312 -30.92 -39.10 8.50
N SER A 313 -31.09 -37.80 8.70
CA SER A 313 -30.09 -36.82 8.30
C SER A 313 -28.95 -36.76 9.31
N PHE A 314 -27.72 -36.66 8.78
CA PHE A 314 -26.52 -36.50 9.60
C PHE A 314 -25.61 -35.51 8.89
N CYS A 315 -24.66 -34.93 9.64
CA CYS A 315 -23.71 -34.00 9.04
C CYS A 315 -22.32 -34.22 9.60
N PHE A 316 -21.36 -33.53 9.00
CA PHE A 316 -19.94 -33.66 9.31
C PHE A 316 -19.41 -32.29 9.71
N ARG A 317 -18.66 -32.25 10.82
CA ARG A 317 -18.15 -30.99 11.36
C ARG A 317 -16.69 -31.17 11.77
N VAL A 318 -15.94 -30.07 11.80
CA VAL A 318 -14.52 -30.16 12.12
C VAL A 318 -14.26 -29.83 13.59
N SER A 319 -15.05 -28.93 14.17
CA SER A 319 -14.79 -28.42 15.52
C SER A 319 -15.90 -28.85 16.46
N LYS A 320 -15.53 -29.15 17.72
CA LYS A 320 -16.52 -29.48 18.73
C LYS A 320 -17.45 -28.31 19.01
N GLU A 321 -16.89 -27.11 19.11
CA GLU A 321 -17.69 -25.93 19.45
C GLU A 321 -18.60 -25.53 18.30
N LYS A 322 -19.66 -24.82 18.63
CA LYS A 322 -20.61 -24.37 17.63
C LYS A 322 -20.02 -23.20 16.85
N LEU A 323 -19.87 -23.38 15.54
CA LEU A 323 -19.29 -22.37 14.66
C LEU A 323 -20.26 -22.08 13.52
N ASP A 324 -20.10 -20.90 12.92
CA ASP A 324 -20.94 -20.50 11.81
C ASP A 324 -20.65 -21.36 10.59
N THR A 325 -21.73 -21.75 9.89
CA THR A 325 -21.63 -22.58 8.70
C THR A 325 -22.52 -22.00 7.61
N ALA A 326 -22.15 -22.27 6.36
CA ALA A 326 -22.90 -21.80 5.20
C ALA A 326 -23.15 -22.98 4.26
N PRO A 327 -24.08 -23.87 4.62
CA PRO A 327 -24.42 -25.00 3.75
C PRO A 327 -25.55 -24.73 2.76
N LYS A 328 -26.13 -23.52 2.76
CA LYS A 328 -27.24 -23.22 1.87
C LYS A 328 -26.81 -23.03 0.42
N ARG A 329 -25.57 -22.62 0.18
CA ARG A 329 -25.12 -22.42 -1.19
C ARG A 329 -25.04 -23.75 -1.93
N ASP A 330 -25.47 -23.75 -3.19
CA ASP A 330 -25.45 -24.94 -4.03
C ASP A 330 -24.45 -24.70 -5.16
N VAL A 331 -23.49 -25.62 -5.29
CA VAL A 331 -22.44 -25.52 -6.30
C VAL A 331 -22.81 -26.46 -7.45
N GLU A 332 -22.85 -25.92 -8.66
CA GLU A 332 -23.12 -26.74 -9.83
C GLU A 332 -21.86 -27.43 -10.34
N GLY A 333 -20.69 -26.89 -10.01
CA GLY A 333 -19.44 -27.46 -10.43
C GLY A 333 -18.92 -28.51 -9.46
N MET A 334 -17.64 -28.84 -9.63
CA MET A 334 -17.01 -29.83 -8.76
C MET A 334 -16.94 -29.34 -7.32
N GLY A 335 -16.62 -28.07 -7.12
CA GLY A 335 -16.48 -27.51 -5.79
C GLY A 335 -15.07 -27.66 -5.26
N PRO A 336 -14.72 -26.85 -4.26
CA PRO A 336 -13.37 -26.93 -3.70
C PRO A 336 -13.20 -28.20 -2.88
N PRO A 337 -12.03 -28.83 -2.95
CA PRO A 337 -11.78 -30.02 -2.13
C PRO A 337 -11.51 -29.65 -0.68
N GLU A 338 -12.29 -30.22 0.23
CA GLU A 338 -12.20 -29.89 1.65
C GLU A 338 -11.83 -31.06 2.53
N ILE A 339 -12.52 -32.19 2.39
CA ILE A 339 -12.38 -33.33 3.29
C ILE A 339 -11.36 -34.30 2.70
N LYS A 340 -10.36 -34.66 3.49
CA LYS A 340 -9.26 -35.51 3.06
C LYS A 340 -9.21 -36.78 3.89
N TYR A 341 -8.96 -37.91 3.23
CA TYR A 341 -8.87 -39.19 3.93
C TYR A 341 -7.69 -39.21 4.89
N GLY A 342 -7.86 -39.91 6.02
CA GLY A 342 -6.82 -40.16 6.97
C GLY A 342 -6.70 -39.13 8.07
N GLU A 343 -6.69 -37.84 7.72
CA GLU A 343 -6.44 -36.78 8.68
C GLU A 343 -7.64 -35.86 8.89
N SER A 344 -8.83 -36.26 8.44
CA SER A 344 -10.01 -35.41 8.61
C SER A 344 -10.36 -35.26 10.08
N LEU A 345 -10.39 -36.36 10.82
CA LEU A 345 -10.69 -36.37 12.26
C LEU A 345 -12.03 -35.69 12.53
N CYS A 346 -12.99 -35.97 11.64
CA CYS A 346 -14.26 -35.26 11.66
C CYS A 346 -15.18 -35.78 12.75
N PHE A 347 -16.22 -35.00 13.05
CA PHE A 347 -17.22 -35.33 14.06
C PHE A 347 -18.58 -35.41 13.38
N VAL A 348 -19.39 -36.38 13.78
CA VAL A 348 -20.71 -36.61 13.19
C VAL A 348 -21.77 -36.14 14.17
N GLN A 349 -22.74 -35.38 13.67
CA GLN A 349 -23.84 -34.89 14.47
C GLN A 349 -25.17 -35.06 13.73
N HIS A 350 -26.18 -35.49 14.47
CA HIS A 350 -27.55 -35.49 13.96
C HIS A 350 -28.11 -34.08 14.05
N VAL A 351 -28.87 -33.68 13.02
CA VAL A 351 -29.32 -32.29 12.95
C VAL A 351 -30.66 -32.10 13.64
N ALA A 352 -31.61 -33.00 13.41
CA ALA A 352 -32.95 -32.81 13.95
C ALA A 352 -32.94 -32.83 15.48
N SER A 353 -32.35 -33.87 16.08
CA SER A 353 -32.28 -33.92 17.53
C SER A 353 -31.13 -33.05 18.05
N GLY A 354 -30.05 -32.94 17.29
CA GLY A 354 -28.97 -32.05 17.66
C GLY A 354 -28.04 -32.54 18.73
N LEU A 355 -27.88 -33.86 18.89
CA LEU A 355 -26.98 -34.40 19.91
C LEU A 355 -25.99 -35.33 19.23
N TRP A 356 -24.79 -35.42 19.80
CA TRP A 356 -23.74 -36.21 19.21
C TRP A 356 -23.91 -37.69 19.54
N LEU A 357 -23.03 -38.51 18.97
CA LEU A 357 -23.04 -39.96 19.19
C LEU A 357 -21.63 -40.41 19.56
N THR A 358 -21.54 -41.20 20.64
CA THR A 358 -20.30 -41.83 21.06
C THR A 358 -20.64 -43.20 21.66
N TYR A 359 -19.61 -43.85 22.18
CA TYR A 359 -19.84 -45.09 22.92
C TYR A 359 -20.50 -44.76 24.26
N ALA A 360 -21.62 -45.43 24.54
CA ALA A 360 -22.32 -45.19 25.80
C ALA A 360 -21.52 -45.66 26.99
N ALA A 361 -20.64 -46.65 26.79
CA ALA A 361 -19.82 -47.25 27.84
C ALA A 361 -20.66 -47.69 29.03
N PRO A 362 -21.55 -48.66 28.86
CA PRO A 362 -22.33 -49.16 30.00
C PRO A 362 -21.43 -49.85 31.01
N ASP A 363 -21.85 -49.83 32.28
CA ASP A 363 -21.05 -50.43 33.33
C ASP A 363 -21.78 -51.61 33.95
N PRO A 364 -22.22 -52.57 33.14
CA PRO A 364 -22.83 -53.78 33.70
C PRO A 364 -21.82 -54.89 33.89
N LYS A 365 -22.05 -55.77 34.88
CA LYS A 365 -21.15 -56.90 35.09
C LYS A 365 -21.14 -57.84 33.90
N ALA A 366 -22.31 -58.12 33.32
CA ALA A 366 -22.36 -58.96 32.13
C ALA A 366 -21.78 -58.26 30.91
N LEU A 367 -22.02 -56.94 30.77
CA LEU A 367 -21.48 -56.21 29.64
C LEU A 367 -19.97 -56.08 29.67
N ARG A 368 -19.37 -56.07 30.87
CA ARG A 368 -17.92 -56.01 30.96
C ARG A 368 -17.28 -57.27 30.39
N LEU A 369 -17.95 -58.42 30.50
CA LEU A 369 -17.40 -59.66 29.97
C LEU A 369 -17.35 -59.67 28.45
N GLY A 370 -18.05 -58.75 27.80
CA GLY A 370 -18.02 -58.69 26.34
C GLY A 370 -16.64 -58.31 25.84
N VAL A 371 -16.31 -58.77 24.64
CA VAL A 371 -14.99 -58.57 24.04
C VAL A 371 -14.98 -57.18 23.40
N LEU A 372 -14.62 -56.17 24.19
CA LEU A 372 -14.57 -54.77 23.76
C LEU A 372 -15.88 -54.37 23.09
N LYS A 373 -16.95 -54.39 23.89
CA LYS A 373 -18.30 -54.14 23.41
C LYS A 373 -18.81 -52.85 24.03
N LYS A 374 -19.13 -51.88 23.18
CA LYS A 374 -19.70 -50.60 23.62
C LYS A 374 -20.78 -50.19 22.63
N LYS A 375 -22.04 -50.29 23.05
CA LYS A 375 -23.16 -49.91 22.21
C LYS A 375 -23.13 -48.41 21.92
N ALA A 376 -23.40 -48.06 20.68
CA ALA A 376 -23.44 -46.66 20.27
C ALA A 376 -24.82 -46.08 20.54
N ILE A 377 -24.88 -45.06 21.39
CA ILE A 377 -26.12 -44.42 21.77
C ILE A 377 -25.95 -42.91 21.63
N LEU A 378 -26.97 -42.25 21.06
CA LEU A 378 -26.96 -40.81 20.97
C LEU A 378 -26.86 -40.19 22.35
N HIS A 379 -25.97 -39.21 22.50
CA HIS A 379 -25.65 -38.63 23.80
C HIS A 379 -25.60 -37.11 23.68
N GLN A 380 -25.82 -36.44 24.81
CA GLN A 380 -25.80 -34.99 24.86
C GLN A 380 -24.58 -34.43 25.58
N GLU A 381 -23.99 -35.21 26.49
CA GLU A 381 -22.90 -34.71 27.33
C GLU A 381 -21.69 -34.31 26.50
N GLY A 382 -21.30 -35.13 25.54
CA GLY A 382 -20.16 -34.83 24.69
C GLY A 382 -18.92 -35.59 25.16
N HIS A 383 -18.14 -36.07 24.18
CA HIS A 383 -16.88 -36.74 24.46
C HIS A 383 -15.81 -36.19 23.54
N MET A 384 -14.57 -36.16 24.04
CA MET A 384 -13.46 -35.53 23.34
C MET A 384 -12.66 -36.49 22.47
N ASP A 385 -13.01 -37.78 22.46
CA ASP A 385 -12.22 -38.78 21.78
C ASP A 385 -12.92 -39.36 20.54
N ASP A 386 -13.62 -38.53 19.77
CA ASP A 386 -14.27 -39.03 18.55
C ASP A 386 -13.23 -39.54 17.57
N ALA A 387 -12.38 -38.66 17.06
CA ALA A 387 -11.26 -39.00 16.18
C ALA A 387 -11.65 -40.01 15.11
N LEU A 388 -12.68 -39.65 14.34
CA LEU A 388 -13.18 -40.54 13.30
C LEU A 388 -12.15 -40.68 12.20
N PHE A 389 -11.71 -41.92 11.96
CA PHE A 389 -10.73 -42.23 10.93
C PHE A 389 -11.44 -42.89 9.76
N LEU A 390 -11.26 -42.32 8.57
CA LEU A 390 -11.90 -42.78 7.34
C LEU A 390 -10.90 -43.58 6.52
N THR A 391 -11.37 -44.69 5.92
CA THR A 391 -10.59 -45.45 4.95
C THR A 391 -11.48 -45.82 3.78
N ARG A 392 -10.92 -45.75 2.58
CA ARG A 392 -11.62 -46.12 1.36
C ARG A 392 -10.87 -47.27 0.70
N CYS A 393 -11.57 -48.37 0.44
CA CYS A 393 -10.99 -49.56 -0.16
C CYS A 393 -12.01 -50.18 -1.10
N GLN A 394 -11.75 -50.12 -2.41
CA GLN A 394 -12.67 -50.70 -3.37
C GLN A 394 -12.44 -52.19 -3.51
N GLN A 395 -11.28 -52.59 -4.05
CA GLN A 395 -10.83 -53.97 -4.13
C GLN A 395 -11.94 -54.96 -4.43
N GLU A 396 -12.85 -54.59 -5.34
CA GLU A 396 -14.05 -55.34 -5.71
C GLU A 396 -14.86 -55.75 -4.49
N GLU A 397 -14.55 -55.16 -3.33
CA GLU A 397 -15.28 -55.52 -2.11
C GLU A 397 -16.66 -54.89 -2.09
N SER A 398 -16.80 -53.69 -2.63
CA SER A 398 -18.12 -53.10 -2.78
C SER A 398 -19.00 -53.95 -3.69
N GLN A 399 -18.43 -54.43 -4.80
CA GLN A 399 -19.17 -55.32 -5.69
C GLN A 399 -19.54 -56.63 -4.99
N ALA A 400 -18.61 -57.20 -4.23
CA ALA A 400 -18.91 -58.42 -3.48
C ALA A 400 -20.04 -58.19 -2.48
N ALA A 401 -20.00 -57.06 -1.77
CA ALA A 401 -21.05 -56.76 -0.80
C ALA A 401 -22.40 -56.56 -1.47
N ARG A 402 -22.43 -55.85 -2.61
CA ARG A 402 -23.69 -55.69 -3.33
C ARG A 402 -24.22 -57.02 -3.84
N MET A 403 -23.34 -57.90 -4.33
CA MET A 403 -23.74 -59.26 -4.66
C MET A 403 -24.36 -59.96 -3.47
N ILE A 404 -23.73 -59.85 -2.30
CA ILE A 404 -24.25 -60.50 -1.09
C ILE A 404 -25.65 -59.98 -0.78
N HIS A 405 -25.82 -58.66 -0.79
CA HIS A 405 -27.12 -58.08 -0.44
C HIS A 405 -28.21 -58.51 -1.42
N SER A 406 -27.89 -58.53 -2.72
CA SER A 406 -28.91 -58.92 -3.70
C SER A 406 -29.25 -60.39 -3.59
N THR A 407 -28.23 -61.26 -3.51
CA THR A 407 -28.50 -62.69 -3.53
C THR A 407 -29.10 -63.19 -2.22
N ALA A 408 -28.80 -62.54 -1.08
CA ALA A 408 -29.48 -62.91 0.16
C ALA A 408 -30.98 -62.64 0.05
N GLY A 409 -31.36 -61.49 -0.49
CA GLY A 409 -32.76 -61.21 -0.72
C GLY A 409 -33.40 -62.17 -1.68
N LEU A 410 -32.70 -62.51 -2.76
CA LEU A 410 -33.26 -63.45 -3.73
C LEU A 410 -33.50 -64.82 -3.09
N TYR A 411 -32.51 -65.36 -2.38
CA TYR A 411 -32.69 -66.65 -1.74
C TYR A 411 -33.76 -66.61 -0.66
N ASN A 412 -33.82 -65.52 0.12
CA ASN A 412 -34.85 -65.43 1.14
C ASN A 412 -36.25 -65.39 0.53
N GLN A 413 -36.42 -64.63 -0.55
CA GLN A 413 -37.70 -64.62 -1.24
C GLN A 413 -38.07 -65.99 -1.77
N PHE A 414 -37.12 -66.70 -2.39
CA PHE A 414 -37.42 -68.02 -2.93
C PHE A 414 -37.77 -69.02 -1.82
N ILE A 415 -36.99 -69.00 -0.72
CA ILE A 415 -37.20 -69.97 0.35
C ILE A 415 -38.52 -69.70 1.07
N LYS A 416 -38.90 -68.43 1.23
CA LYS A 416 -40.23 -68.15 1.75
C LYS A 416 -41.32 -68.53 0.75
N GLY A 417 -41.02 -68.42 -0.54
CA GLY A 417 -42.03 -68.71 -1.55
C GLY A 417 -42.40 -70.18 -1.62
N LEU A 418 -41.41 -71.08 -1.64
CA LEU A 418 -41.80 -72.46 -1.91
C LEU A 418 -42.38 -73.16 -0.70
N ASP A 419 -42.32 -72.54 0.48
CA ASP A 419 -42.80 -73.17 1.70
C ASP A 419 -44.29 -72.98 1.92
N SER A 420 -44.98 -72.22 1.07
CA SER A 420 -46.39 -71.95 1.26
C SER A 420 -47.26 -73.19 1.04
N PHE A 421 -46.91 -74.02 0.07
CA PHE A 421 -47.73 -75.17 -0.31
C PHE A 421 -47.21 -76.48 0.27
N SER A 422 -46.31 -76.41 1.26
CA SER A 422 -45.78 -77.63 1.86
C SER A 422 -46.83 -78.36 2.68
N GLY A 423 -47.84 -77.65 3.18
CA GLY A 423 -48.81 -78.26 4.07
C GLY A 423 -50.04 -78.83 3.40
N LYS A 424 -50.35 -78.39 2.19
CA LYS A 424 -51.56 -78.84 1.52
C LYS A 424 -51.25 -79.27 0.10
N PRO A 425 -52.00 -80.23 -0.44
CA PRO A 425 -51.83 -80.64 -1.83
C PRO A 425 -52.47 -79.63 -2.77
N ARG A 426 -52.19 -79.80 -4.06
CA ARG A 426 -52.74 -78.90 -5.07
C ARG A 426 -54.24 -79.11 -5.22
N GLY A 427 -54.96 -78.01 -5.36
CA GLY A 427 -56.40 -78.04 -5.58
C GLY A 427 -56.75 -77.91 -7.04
N SER A 428 -58.00 -77.54 -7.28
CA SER A 428 -58.46 -77.32 -8.65
C SER A 428 -57.80 -76.08 -9.23
N GLY A 429 -57.40 -76.20 -10.51
CA GLY A 429 -56.72 -75.11 -11.19
C GLY A 429 -55.32 -74.88 -10.66
N PRO A 430 -54.99 -73.63 -10.36
CA PRO A 430 -53.64 -73.30 -9.88
C PRO A 430 -53.38 -73.94 -8.53
N PRO A 431 -52.12 -74.33 -8.27
CA PRO A 431 -51.81 -74.93 -6.96
C PRO A 431 -51.69 -73.91 -5.85
N ALA A 432 -51.22 -72.71 -6.16
CA ALA A 432 -51.04 -71.68 -5.14
C ALA A 432 -51.18 -70.30 -5.80
N GLY A 433 -51.37 -69.30 -4.96
CA GLY A 433 -51.55 -67.93 -5.42
C GLY A 433 -50.29 -67.35 -6.04
N PRO A 434 -49.27 -67.10 -5.22
CA PRO A 434 -48.04 -66.50 -5.76
C PRO A 434 -47.31 -67.46 -6.69
N ALA A 435 -46.61 -66.90 -7.67
CA ALA A 435 -45.84 -67.70 -8.61
C ALA A 435 -44.40 -67.85 -8.14
N LEU A 436 -43.86 -69.04 -8.34
CA LEU A 436 -42.49 -69.31 -7.92
C LEU A 436 -41.51 -68.65 -8.87
N PRO A 437 -40.59 -67.81 -8.38
CA PRO A 437 -39.55 -67.23 -9.25
C PRO A 437 -38.47 -68.26 -9.56
N ILE A 438 -38.79 -69.17 -10.48
CA ILE A 438 -37.90 -70.29 -10.76
C ILE A 438 -36.92 -69.96 -11.88
N GLU A 439 -37.19 -68.91 -12.67
CA GLU A 439 -36.34 -68.63 -13.82
C GLU A 439 -35.09 -67.84 -13.41
N ALA A 440 -35.27 -66.74 -12.69
CA ALA A 440 -34.13 -65.88 -12.34
C ALA A 440 -33.15 -66.58 -11.40
N VAL A 441 -33.62 -67.50 -10.56
CA VAL A 441 -32.73 -68.18 -9.64
C VAL A 441 -31.72 -69.05 -10.39
N ILE A 442 -32.14 -69.66 -11.51
CA ILE A 442 -31.20 -70.48 -12.29
C ILE A 442 -30.07 -69.62 -12.84
N LEU A 443 -30.41 -68.46 -13.41
CA LEU A 443 -29.37 -67.59 -13.95
C LEU A 443 -28.46 -67.06 -12.85
N SER A 444 -29.03 -66.66 -11.70
CA SER A 444 -28.19 -66.20 -10.61
C SER A 444 -27.25 -67.30 -10.12
N LEU A 445 -27.77 -68.51 -9.99
CA LEU A 445 -26.95 -69.64 -9.54
C LEU A 445 -25.83 -69.94 -10.54
N GLN A 446 -26.14 -69.89 -11.84
CA GLN A 446 -25.13 -70.14 -12.85
C GLN A 446 -24.05 -69.06 -12.82
N ASP A 447 -24.43 -67.80 -12.64
CA ASP A 447 -23.44 -66.74 -12.51
C ASP A 447 -22.57 -66.95 -11.27
N LEU A 448 -23.18 -67.34 -10.15
CA LEU A 448 -22.42 -67.59 -8.94
C LEU A 448 -21.44 -68.74 -9.08
N ILE A 449 -21.81 -69.81 -9.80
CA ILE A 449 -20.88 -70.92 -10.00
C ILE A 449 -19.65 -70.44 -10.77
N GLY A 450 -19.86 -69.71 -11.86
CA GLY A 450 -18.74 -69.16 -12.60
C GLY A 450 -17.95 -68.11 -11.86
N TYR A 451 -18.55 -67.49 -10.85
CA TYR A 451 -17.84 -66.52 -10.03
C TYR A 451 -16.65 -67.16 -9.33
N PHE A 452 -16.82 -68.39 -8.81
CA PHE A 452 -15.79 -69.06 -8.03
C PHE A 452 -15.04 -70.12 -8.83
N GLU A 453 -14.83 -69.90 -10.13
CA GLU A 453 -14.12 -70.88 -10.93
C GLU A 453 -12.64 -70.87 -10.57
N PRO A 454 -12.03 -72.05 -10.38
CA PRO A 454 -10.60 -72.09 -10.06
C PRO A 454 -9.77 -71.60 -11.22
N PRO A 455 -8.61 -71.00 -10.95
CA PRO A 455 -7.76 -70.51 -12.05
C PRO A 455 -7.16 -71.66 -12.85
N SER A 456 -6.85 -71.37 -14.11
CA SER A 456 -6.24 -72.36 -14.98
C SER A 456 -4.80 -72.63 -14.56
N GLU A 457 -4.36 -73.88 -14.78
CA GLU A 457 -3.00 -74.26 -14.41
C GLU A 457 -1.96 -73.77 -15.41
N GLU A 458 -2.39 -73.35 -16.60
CA GLU A 458 -1.47 -72.89 -17.63
C GLU A 458 -0.89 -71.51 -17.35
N LEU A 459 -1.38 -70.80 -16.34
CA LEU A 459 -0.91 -69.46 -16.06
C LEU A 459 0.49 -69.50 -15.45
N GLN A 460 1.14 -68.34 -15.44
CA GLN A 460 2.47 -68.22 -14.85
C GLN A 460 2.40 -68.40 -13.33
N HIS A 461 3.51 -68.87 -12.77
CA HIS A 461 3.55 -69.17 -11.34
C HIS A 461 3.37 -67.91 -10.50
N GLU A 462 4.01 -66.80 -10.90
CA GLU A 462 3.94 -65.59 -10.10
C GLU A 462 2.54 -64.99 -10.09
N GLU A 463 1.72 -65.29 -11.11
CA GLU A 463 0.37 -64.76 -11.15
C GLU A 463 -0.64 -65.74 -10.54
N LYS A 464 -0.37 -67.04 -10.65
CA LYS A 464 -1.29 -68.04 -10.12
C LYS A 464 -1.40 -67.94 -8.60
N GLN A 465 -0.29 -67.68 -7.91
CA GLN A 465 -0.35 -67.54 -6.46
C GLN A 465 -1.22 -66.35 -6.05
N SER A 466 -1.05 -65.21 -6.71
CA SER A 466 -1.89 -64.05 -6.41
C SER A 466 -3.35 -64.32 -6.71
N LYS A 467 -3.64 -64.99 -7.83
CA LYS A 467 -5.01 -65.32 -8.15
C LYS A 467 -5.63 -66.26 -7.13
N LEU A 468 -4.87 -67.27 -6.68
CA LEU A 468 -5.36 -68.18 -5.66
C LEU A 468 -5.61 -67.45 -4.35
N ARG A 469 -4.72 -66.54 -3.97
CA ARG A 469 -4.93 -65.77 -2.75
C ARG A 469 -6.18 -64.92 -2.84
N SER A 470 -6.38 -64.24 -3.97
CA SER A 470 -7.59 -63.43 -4.14
C SER A 470 -8.84 -64.30 -4.10
N LEU A 471 -8.82 -65.46 -4.75
CA LEU A 471 -9.98 -66.34 -4.73
C LEU A 471 -10.26 -66.83 -3.31
N ARG A 472 -9.21 -67.19 -2.56
CA ARG A 472 -9.40 -67.66 -1.20
C ARG A 472 -10.02 -66.57 -0.32
N ASN A 473 -9.50 -65.34 -0.41
CA ASN A 473 -10.08 -64.25 0.37
C ASN A 473 -11.53 -63.99 -0.04
N ARG A 474 -11.81 -63.99 -1.34
CA ARG A 474 -13.17 -63.70 -1.81
C ARG A 474 -14.16 -64.77 -1.36
N GLN A 475 -13.76 -66.05 -1.40
CA GLN A 475 -14.66 -67.11 -0.96
C GLN A 475 -14.79 -67.16 0.56
N SER A 476 -13.75 -66.79 1.30
CA SER A 476 -13.88 -66.74 2.75
C SER A 476 -14.73 -65.56 3.21
N LEU A 477 -14.76 -64.48 2.42
CA LEU A 477 -15.60 -63.33 2.77
C LEU A 477 -17.08 -63.69 2.69
N PHE A 478 -17.49 -64.48 1.69
CA PHE A 478 -18.90 -64.82 1.53
C PHE A 478 -19.40 -65.73 2.64
N GLN A 479 -18.56 -66.66 3.12
CA GLN A 479 -19.03 -67.70 4.03
C GLN A 479 -19.49 -67.15 5.37
N GLU A 480 -18.88 -66.07 5.86
CA GLU A 480 -19.19 -65.61 7.21
C GLU A 480 -20.61 -65.06 7.32
N GLU A 481 -21.00 -64.20 6.38
CA GLU A 481 -22.33 -63.58 6.42
C GLU A 481 -23.35 -64.53 5.76
N GLY A 482 -23.51 -65.69 6.40
CA GLY A 482 -24.38 -66.71 5.84
C GLY A 482 -23.82 -67.26 4.55
N MET A 483 -24.71 -67.44 3.56
CA MET A 483 -24.36 -67.87 2.21
C MET A 483 -23.84 -69.31 2.18
N LEU A 484 -23.68 -69.92 3.35
CA LEU A 484 -23.40 -71.34 3.45
C LEU A 484 -24.52 -72.12 4.09
N SER A 485 -24.93 -71.76 5.31
CA SER A 485 -26.13 -72.35 5.88
C SER A 485 -27.37 -71.92 5.11
N LEU A 486 -27.37 -70.70 4.58
CA LEU A 486 -28.50 -70.19 3.81
C LEU A 486 -28.74 -71.00 2.54
N VAL A 487 -27.68 -71.57 1.96
CA VAL A 487 -27.87 -72.46 0.81
C VAL A 487 -27.98 -73.91 1.27
N LEU A 488 -27.44 -74.26 2.44
CA LEU A 488 -27.54 -75.63 2.93
C LEU A 488 -28.97 -75.98 3.29
N ASN A 489 -29.68 -75.09 3.99
CA ASN A 489 -31.06 -75.37 4.36
C ASN A 489 -32.00 -75.33 3.17
N CYS A 490 -31.62 -74.64 2.09
CA CYS A 490 -32.45 -74.66 0.88
C CYS A 490 -32.52 -76.06 0.28
N ILE A 491 -31.40 -76.80 0.31
CA ILE A 491 -31.42 -78.18 -0.15
C ILE A 491 -32.27 -79.05 0.75
N ASP A 492 -32.24 -78.79 2.06
CA ASP A 492 -33.10 -79.53 2.98
C ASP A 492 -34.57 -79.28 2.70
N ARG A 493 -34.93 -78.03 2.40
CA ARG A 493 -36.33 -77.71 2.12
C ARG A 493 -36.82 -78.36 0.83
N LEU A 494 -35.90 -78.78 -0.04
CA LEU A 494 -36.28 -79.35 -1.32
C LEU A 494 -36.15 -80.86 -1.37
N ASN A 495 -35.29 -81.45 -0.54
CA ASN A 495 -35.06 -82.88 -0.55
C ASN A 495 -36.25 -83.68 -0.01
N VAL A 496 -37.24 -83.02 0.59
CA VAL A 496 -38.38 -83.73 1.16
C VAL A 496 -39.13 -84.54 0.12
N TYR A 497 -39.13 -84.12 -1.13
CA TYR A 497 -39.77 -84.86 -2.20
C TYR A 497 -38.80 -85.87 -2.78
N THR A 498 -39.29 -87.08 -3.04
CA THR A 498 -38.42 -88.15 -3.50
C THR A 498 -38.02 -87.97 -4.97
N THR A 499 -39.01 -88.01 -5.87
CA THR A 499 -38.75 -87.88 -7.29
C THR A 499 -39.42 -86.69 -7.94
N ALA A 500 -40.46 -86.13 -7.33
CA ALA A 500 -41.14 -84.93 -7.82
C ALA A 500 -41.71 -85.12 -9.22
N ALA A 501 -42.05 -86.36 -9.58
CA ALA A 501 -42.60 -86.60 -10.91
C ALA A 501 -44.09 -86.29 -10.96
N HIS A 502 -44.89 -87.04 -10.21
CA HIS A 502 -46.33 -86.80 -10.13
C HIS A 502 -46.80 -86.55 -8.71
N PHE A 503 -46.49 -87.44 -7.77
CA PHE A 503 -47.03 -87.38 -6.42
C PHE A 503 -46.13 -86.62 -5.45
N ALA A 504 -44.81 -86.70 -5.64
CA ALA A 504 -43.91 -86.01 -4.73
C ALA A 504 -43.85 -84.51 -5.00
N GLU A 505 -44.36 -84.07 -6.15
CA GLU A 505 -44.38 -82.64 -6.48
C GLU A 505 -45.84 -82.16 -6.48
N TYR A 506 -46.21 -81.44 -5.43
CA TYR A 506 -47.53 -80.87 -5.32
C TYR A 506 -47.70 -79.57 -6.09
N ALA A 507 -46.60 -78.94 -6.51
CA ALA A 507 -46.68 -77.68 -7.24
C ALA A 507 -47.20 -77.86 -8.66
N GLY A 508 -47.33 -79.10 -9.13
CA GLY A 508 -47.86 -79.35 -10.45
C GLY A 508 -46.86 -79.01 -11.55
N GLU A 509 -47.40 -78.86 -12.75
CA GLU A 509 -46.58 -78.55 -13.91
C GLU A 509 -46.10 -77.10 -13.86
N GLU A 510 -45.29 -76.74 -14.86
CA GLU A 510 -44.67 -75.42 -15.02
C GLU A 510 -43.64 -75.13 -13.94
N ALA A 511 -43.44 -76.04 -12.98
CA ALA A 511 -42.43 -75.87 -11.95
C ALA A 511 -41.59 -77.11 -11.70
N ALA A 512 -42.05 -78.31 -12.04
CA ALA A 512 -41.28 -79.52 -11.79
C ALA A 512 -40.23 -79.78 -12.87
N GLU A 513 -40.30 -79.08 -14.01
CA GLU A 513 -39.33 -79.30 -15.06
C GLU A 513 -37.93 -78.87 -14.61
N SER A 514 -37.82 -77.77 -13.89
CA SER A 514 -36.55 -77.26 -13.41
C SER A 514 -36.14 -77.84 -12.05
N TRP A 515 -36.99 -78.69 -11.46
CA TRP A 515 -36.67 -79.25 -10.16
C TRP A 515 -35.43 -80.12 -10.23
N LYS A 516 -35.30 -80.94 -11.28
CA LYS A 516 -34.11 -81.75 -11.46
C LYS A 516 -32.87 -80.91 -11.66
N GLU A 517 -32.97 -79.83 -12.43
CA GLU A 517 -31.81 -79.00 -12.72
C GLU A 517 -31.33 -78.25 -11.48
N ILE A 518 -32.26 -77.69 -10.71
CA ILE A 518 -31.86 -76.81 -9.61
C ILE A 518 -31.16 -77.60 -8.51
N VAL A 519 -31.67 -78.79 -8.18
CA VAL A 519 -31.05 -79.57 -7.11
C VAL A 519 -29.67 -80.06 -7.54
N ASN A 520 -29.52 -80.43 -8.82
CA ASN A 520 -28.22 -80.85 -9.32
C ASN A 520 -27.21 -79.71 -9.30
N LEU A 521 -27.64 -78.50 -9.66
CA LEU A 521 -26.74 -77.36 -9.73
C LEU A 521 -26.39 -76.81 -8.34
N LEU A 522 -27.30 -76.91 -7.37
CA LEU A 522 -27.01 -76.43 -6.03
C LEU A 522 -25.85 -77.18 -5.41
N TYR A 523 -25.77 -78.50 -5.63
CA TYR A 523 -24.64 -79.27 -5.11
C TYR A 523 -23.33 -78.82 -5.73
N GLU A 524 -23.32 -78.53 -7.03
CA GLU A 524 -22.11 -78.02 -7.67
C GLU A 524 -21.68 -76.69 -7.07
N LEU A 525 -22.62 -75.77 -6.87
CA LEU A 525 -22.27 -74.49 -6.24
C LEU A 525 -21.74 -74.70 -4.82
N LEU A 526 -22.40 -75.57 -4.06
CA LEU A 526 -21.94 -75.83 -2.71
C LEU A 526 -20.51 -76.36 -2.71
N ALA A 527 -20.24 -77.39 -3.53
CA ALA A 527 -18.89 -77.92 -3.63
C ALA A 527 -17.87 -76.87 -4.06
N SER A 528 -18.27 -75.97 -4.96
CA SER A 528 -17.38 -74.88 -5.35
C SER A 528 -17.03 -73.99 -4.17
N LEU A 529 -17.98 -73.74 -3.27
CA LEU A 529 -17.67 -72.93 -2.09
C LEU A 529 -16.62 -73.62 -1.20
N ILE A 530 -16.83 -74.88 -0.84
CA ILE A 530 -15.91 -75.52 0.10
C ILE A 530 -14.54 -75.77 -0.54
N ARG A 531 -14.51 -76.20 -1.80
CA ARG A 531 -13.25 -76.68 -2.38
C ARG A 531 -12.18 -75.59 -2.35
N GLY A 532 -10.97 -76.02 -2.01
CA GLY A 532 -9.81 -75.14 -2.02
C GLY A 532 -9.58 -74.33 -0.76
N ASN A 533 -10.47 -74.41 0.23
CA ASN A 533 -10.35 -73.60 1.45
C ASN A 533 -10.26 -74.53 2.66
N ARG A 534 -9.17 -74.41 3.42
CA ARG A 534 -9.02 -75.20 4.62
C ARG A 534 -9.88 -74.71 5.76
N ALA A 535 -9.99 -73.39 5.94
CA ALA A 535 -10.77 -72.84 7.04
C ALA A 535 -12.26 -73.05 6.82
N ASN A 536 -12.72 -72.99 5.58
CA ASN A 536 -14.15 -73.11 5.30
C ASN A 536 -14.66 -74.52 5.56
N CYS A 537 -13.87 -75.54 5.22
CA CYS A 537 -14.32 -76.91 5.39
C CYS A 537 -14.27 -77.39 6.83
N ALA A 538 -13.59 -76.65 7.72
CA ALA A 538 -13.53 -77.04 9.13
C ALA A 538 -14.89 -76.96 9.81
N LEU A 539 -15.85 -76.22 9.25
CA LEU A 539 -17.18 -76.15 9.83
C LEU A 539 -17.91 -77.48 9.75
N PHE A 540 -17.56 -78.33 8.80
CA PHE A 540 -18.22 -79.62 8.61
C PHE A 540 -17.76 -80.61 9.69
N SER A 541 -18.21 -80.33 10.91
CA SER A 541 -17.93 -81.20 12.05
C SER A 541 -19.10 -82.12 12.38
N THR A 542 -20.27 -81.53 12.64
CA THR A 542 -21.48 -82.30 12.91
C THR A 542 -22.31 -82.56 11.65
N ASN A 543 -21.88 -82.06 10.50
CA ASN A 543 -22.62 -82.22 9.25
C ASN A 543 -22.18 -83.44 8.46
N LEU A 544 -21.20 -84.21 8.94
CA LEU A 544 -20.76 -85.39 8.20
C LEU A 544 -21.88 -86.41 8.08
N ASP A 545 -22.62 -86.65 9.17
CA ASP A 545 -23.72 -87.59 9.12
C ASP A 545 -24.82 -87.14 8.17
N TRP A 546 -25.08 -85.82 8.15
CA TRP A 546 -26.07 -85.29 7.20
C TRP A 546 -25.59 -85.45 5.76
N VAL A 547 -24.31 -85.24 5.50
CA VAL A 547 -23.79 -85.35 4.14
C VAL A 547 -23.80 -86.80 3.67
N VAL A 548 -23.37 -87.73 4.52
CA VAL A 548 -23.23 -89.12 4.10
C VAL A 548 -24.57 -89.73 3.71
N SER A 549 -25.63 -89.40 4.44
CA SER A 549 -26.94 -90.01 4.22
C SER A 549 -27.72 -89.36 3.08
N LYS A 550 -27.06 -88.64 2.19
CA LYS A 550 -27.73 -87.95 1.09
C LYS A 550 -27.55 -88.67 -0.25
N LEU A 551 -27.09 -89.92 -0.25
CA LEU A 551 -26.89 -90.69 -1.48
C LEU A 551 -28.25 -91.20 -1.96
N ASP A 552 -29.06 -90.26 -2.45
CA ASP A 552 -30.46 -90.55 -2.79
C ASP A 552 -30.62 -91.25 -4.13
N ARG A 553 -29.61 -91.17 -5.02
CA ARG A 553 -29.62 -91.86 -6.31
C ARG A 553 -30.61 -91.25 -7.29
N LEU A 554 -31.44 -90.32 -6.84
CA LEU A 554 -32.49 -89.75 -7.68
C LEU A 554 -32.11 -88.39 -8.26
N GLU A 555 -31.72 -87.44 -7.40
CA GLU A 555 -31.41 -86.11 -7.88
C GLU A 555 -30.00 -86.03 -8.45
N ALA A 556 -28.99 -86.31 -7.63
CA ALA A 556 -27.61 -86.18 -8.07
C ALA A 556 -26.79 -87.27 -7.39
N SER A 557 -26.50 -88.35 -8.13
CA SER A 557 -25.65 -89.41 -7.60
C SER A 557 -24.20 -88.96 -7.50
N SER A 558 -23.71 -88.24 -8.52
CA SER A 558 -22.33 -87.78 -8.53
C SER A 558 -22.14 -86.47 -7.79
N GLY A 559 -23.20 -85.65 -7.67
CA GLY A 559 -23.07 -84.39 -6.96
C GLY A 559 -22.71 -84.56 -5.50
N ILE A 560 -23.38 -85.49 -4.81
CA ILE A 560 -23.05 -85.75 -3.41
C ILE A 560 -21.66 -86.34 -3.29
N LEU A 561 -21.29 -87.23 -4.22
CA LEU A 561 -19.97 -87.85 -4.17
C LEU A 561 -18.86 -86.81 -4.31
N GLU A 562 -19.02 -85.84 -5.22
CA GLU A 562 -18.02 -84.79 -5.37
C GLU A 562 -17.91 -83.93 -4.12
N VAL A 563 -19.05 -83.55 -3.53
CA VAL A 563 -19.03 -82.74 -2.32
C VAL A 563 -18.33 -83.49 -1.19
N LEU A 564 -18.65 -84.77 -1.02
CA LEU A 564 -18.00 -85.58 0.01
C LEU A 564 -16.50 -85.71 -0.25
N TYR A 565 -16.11 -85.90 -1.52
CA TYR A 565 -14.70 -86.05 -1.85
C TYR A 565 -13.92 -84.77 -1.57
N CYS A 566 -14.55 -83.61 -1.78
CA CYS A 566 -13.84 -82.34 -1.64
C CYS A 566 -13.34 -82.09 -0.23
N VAL A 567 -14.13 -82.41 0.79
CA VAL A 567 -13.79 -82.02 2.16
C VAL A 567 -12.78 -82.98 2.80
N LEU A 568 -12.77 -84.25 2.40
CA LEU A 568 -11.94 -85.24 3.08
C LEU A 568 -10.46 -84.92 2.95
N ILE A 569 -10.01 -84.55 1.74
CA ILE A 569 -8.59 -84.25 1.55
C ILE A 569 -8.23 -82.94 2.25
N GLU A 570 -9.08 -81.92 2.13
CA GLU A 570 -8.73 -80.62 2.65
C GLU A 570 -8.69 -80.60 4.17
N SER A 571 -9.69 -81.20 4.82
CA SER A 571 -9.79 -81.14 6.27
C SER A 571 -9.36 -82.47 6.89
N PRO A 572 -8.24 -82.51 7.62
CA PRO A 572 -7.81 -83.78 8.24
C PRO A 572 -8.56 -84.10 9.53
N GLU A 573 -9.06 -83.11 10.27
CA GLU A 573 -9.75 -83.39 11.52
C GLU A 573 -11.09 -84.09 11.28
N VAL A 574 -11.63 -84.00 10.06
CA VAL A 574 -12.90 -84.64 9.75
C VAL A 574 -12.77 -86.16 9.82
N LEU A 575 -11.61 -86.70 9.44
CA LEU A 575 -11.43 -88.15 9.39
C LEU A 575 -11.55 -88.79 10.77
N ASN A 576 -11.44 -87.99 11.84
CA ASN A 576 -11.56 -88.54 13.19
C ASN A 576 -13.00 -88.74 13.62
N ILE A 577 -13.97 -88.31 12.81
CA ILE A 577 -15.37 -88.41 13.20
C ILE A 577 -16.09 -89.58 12.54
N ILE A 578 -15.53 -90.12 11.45
CA ILE A 578 -16.20 -91.18 10.72
C ILE A 578 -16.32 -92.43 11.59
N GLN A 579 -17.29 -93.28 11.25
CA GLN A 579 -17.58 -94.48 12.02
C GLN A 579 -17.88 -95.66 11.09
N GLU A 580 -18.11 -96.83 11.70
CA GLU A 580 -18.31 -98.05 10.94
C GLU A 580 -19.56 -97.98 10.07
N ASN A 581 -20.63 -97.36 10.58
CA ASN A 581 -21.83 -97.21 9.78
C ASN A 581 -21.58 -96.34 8.54
N HIS A 582 -20.82 -95.25 8.69
CA HIS A 582 -20.48 -94.42 7.55
C HIS A 582 -19.64 -95.20 6.54
N ILE A 583 -18.65 -95.96 7.03
CA ILE A 583 -17.81 -96.74 6.13
C ILE A 583 -18.64 -97.77 5.38
N LYS A 584 -19.56 -98.44 6.07
CA LYS A 584 -20.42 -99.43 5.44
C LYS A 584 -21.33 -98.79 4.40
N SER A 585 -21.89 -97.61 4.69
CA SER A 585 -22.71 -96.93 3.69
C SER A 585 -21.90 -96.56 2.46
N ILE A 586 -20.68 -96.05 2.66
CA ILE A 586 -19.83 -95.69 1.53
C ILE A 586 -19.51 -96.92 0.69
N ILE A 587 -19.16 -98.03 1.33
CA ILE A 587 -18.79 -99.22 0.57
C ILE A 587 -20.01 -99.84 -0.11
N SER A 588 -21.19 -99.72 0.49
CA SER A 588 -22.40 -100.22 -0.16
C SER A 588 -22.83 -99.34 -1.33
N LEU A 589 -22.44 -98.06 -1.32
CA LEU A 589 -22.66 -97.24 -2.50
C LEU A 589 -22.02 -97.84 -3.74
N LEU A 590 -20.83 -98.41 -3.60
CA LEU A 590 -20.17 -99.07 -4.73
C LEU A 590 -21.00 -100.22 -5.28
N ASP A 591 -21.52 -101.09 -4.41
CA ASP A 591 -22.33 -102.20 -4.86
C ASP A 591 -23.63 -101.71 -5.50
N LYS A 592 -24.23 -100.65 -4.95
CA LYS A 592 -25.50 -100.17 -5.48
C LYS A 592 -25.35 -99.45 -6.81
N HIS A 593 -24.20 -98.80 -7.05
CA HIS A 593 -24.01 -98.00 -8.25
C HIS A 593 -22.96 -98.58 -9.20
N GLY A 594 -22.58 -99.84 -9.01
CA GLY A 594 -21.67 -100.50 -9.93
C GLY A 594 -20.22 -100.09 -9.71
N ARG A 595 -19.37 -100.59 -10.60
CA ARG A 595 -17.93 -100.38 -10.50
C ARG A 595 -17.61 -98.96 -10.95
N ASN A 596 -17.31 -98.08 -9.99
CA ASN A 596 -16.93 -96.70 -10.24
C ASN A 596 -15.53 -96.46 -9.72
N HIS A 597 -14.68 -95.83 -10.55
CA HIS A 597 -13.31 -95.57 -10.14
C HIS A 597 -13.18 -94.37 -9.22
N LYS A 598 -14.23 -93.54 -9.10
CA LYS A 598 -14.17 -92.39 -8.22
C LYS A 598 -14.29 -92.78 -6.76
N VAL A 599 -15.05 -93.84 -6.46
CA VAL A 599 -15.21 -94.29 -5.08
C VAL A 599 -13.89 -94.81 -4.53
N LEU A 600 -13.06 -95.41 -5.38
CA LEU A 600 -11.76 -95.90 -4.93
C LEU A 600 -10.87 -94.77 -4.42
N ASP A 601 -10.90 -93.61 -5.10
CA ASP A 601 -10.14 -92.47 -4.60
C ASP A 601 -10.64 -91.99 -3.25
N VAL A 602 -11.97 -91.95 -3.05
CA VAL A 602 -12.51 -91.55 -1.77
C VAL A 602 -12.08 -92.51 -0.67
N LEU A 603 -12.13 -93.82 -0.95
CA LEU A 603 -11.70 -94.81 0.02
C LEU A 603 -10.20 -94.71 0.30
N CYS A 604 -9.38 -94.45 -0.71
CA CYS A 604 -7.95 -94.28 -0.48
C CYS A 604 -7.65 -93.04 0.35
N SER A 605 -8.45 -91.99 0.20
CA SER A 605 -8.25 -90.77 0.99
C SER A 605 -8.47 -91.00 2.49
N LEU A 606 -9.17 -92.08 2.86
CA LEU A 606 -9.45 -92.34 4.27
C LEU A 606 -8.23 -92.81 5.04
N CYS A 607 -7.29 -93.50 4.37
CA CYS A 607 -6.19 -94.14 5.10
C CYS A 607 -5.21 -93.11 5.64
N VAL A 608 -4.82 -92.14 4.83
CA VAL A 608 -3.81 -91.15 5.21
C VAL A 608 -4.39 -89.76 4.97
N CYS A 609 -4.43 -88.94 6.01
CA CYS A 609 -4.87 -87.55 5.85
C CYS A 609 -3.73 -86.67 5.34
N ASN A 610 -2.66 -86.57 6.13
CA ASN A 610 -1.47 -85.83 5.70
C ASN A 610 -0.28 -86.32 6.53
N GLY A 611 0.54 -87.18 5.92
CA GLY A 611 1.71 -87.70 6.60
C GLY A 611 1.37 -88.73 7.65
N VAL A 612 0.61 -88.32 8.67
CA VAL A 612 0.16 -89.23 9.71
C VAL A 612 -0.97 -90.10 9.17
N ALA A 613 -0.93 -91.38 9.52
CA ALA A 613 -1.92 -92.35 9.04
C ALA A 613 -2.76 -92.85 10.20
N VAL A 614 -4.08 -92.84 10.02
CA VAL A 614 -4.98 -93.38 11.02
C VAL A 614 -4.96 -94.90 10.97
N ARG A 615 -5.01 -95.54 12.14
CA ARG A 615 -4.91 -96.99 12.19
C ARG A 615 -6.27 -97.66 12.32
N SER A 616 -7.28 -96.96 12.83
CA SER A 616 -8.60 -97.57 12.96
C SER A 616 -9.26 -97.75 11.59
N ASN A 617 -9.17 -96.75 10.73
CA ASN A 617 -9.82 -96.81 9.42
C ASN A 617 -9.20 -97.88 8.53
N GLN A 618 -7.87 -98.05 8.58
CA GLN A 618 -7.25 -99.09 7.78
C GLN A 618 -7.76 -100.47 8.17
N ASP A 619 -7.89 -100.74 9.47
CA ASP A 619 -8.41 -102.02 9.91
C ASP A 619 -9.89 -102.18 9.62
N LEU A 620 -10.68 -101.10 9.70
CA LEU A 620 -12.09 -101.20 9.39
C LEU A 620 -12.32 -101.45 7.90
N ILE A 621 -11.48 -100.88 7.04
CA ILE A 621 -11.68 -101.02 5.59
C ILE A 621 -11.55 -102.49 5.17
N THR A 622 -10.52 -103.18 5.68
CA THR A 622 -10.34 -104.58 5.33
C THR A 622 -11.49 -105.46 5.79
N GLU A 623 -12.00 -105.23 7.00
CA GLU A 623 -13.11 -106.04 7.50
C GLU A 623 -14.39 -105.75 6.72
N ASN A 624 -14.68 -104.46 6.47
CA ASN A 624 -15.90 -104.11 5.77
C ASN A 624 -15.86 -104.58 4.31
N LEU A 625 -14.69 -104.53 3.69
CA LEU A 625 -14.54 -105.09 2.36
C LEU A 625 -14.86 -106.58 2.39
N LEU A 626 -15.69 -107.02 1.46
CA LEU A 626 -16.23 -108.38 1.53
C LEU A 626 -15.11 -109.39 1.31
N PRO A 627 -14.82 -110.26 2.28
CA PRO A 627 -13.69 -111.19 2.13
C PRO A 627 -13.93 -112.29 1.11
N GLY A 628 -15.17 -112.53 0.71
CA GLY A 628 -15.44 -113.50 -0.34
C GLY A 628 -15.07 -113.04 -1.72
N ARG A 629 -14.56 -111.81 -1.85
CA ARG A 629 -14.02 -111.28 -3.11
C ARG A 629 -15.09 -111.15 -4.19
N GLU A 630 -16.34 -110.89 -3.79
CA GLU A 630 -17.41 -110.74 -4.78
C GLU A 630 -17.32 -109.41 -5.52
N LEU A 631 -17.04 -108.32 -4.81
CA LEU A 631 -17.08 -107.00 -5.42
C LEU A 631 -15.82 -106.69 -6.24
N LEU A 632 -14.67 -107.20 -5.82
CA LEU A 632 -13.40 -106.86 -6.43
C LEU A 632 -12.96 -107.93 -7.42
N LEU A 633 -11.96 -107.59 -8.23
CA LEU A 633 -11.43 -108.49 -9.24
C LEU A 633 -10.33 -109.37 -8.66
N GLN A 634 -10.12 -110.53 -9.27
CA GLN A 634 -9.16 -111.51 -8.78
C GLN A 634 -8.21 -111.94 -9.88
N THR A 635 -7.00 -112.32 -9.47
CA THR A 635 -5.98 -112.81 -10.38
C THR A 635 -5.33 -114.06 -9.79
N ASN A 636 -4.81 -114.91 -10.68
CA ASN A 636 -4.16 -116.14 -10.27
C ASN A 636 -3.28 -116.62 -11.42
N LEU A 637 -2.57 -117.72 -11.16
CA LEU A 637 -1.72 -118.37 -12.15
C LEU A 637 -2.27 -119.75 -12.46
N ILE A 638 -2.39 -120.07 -13.75
CA ILE A 638 -2.99 -121.31 -14.20
C ILE A 638 -2.12 -121.93 -15.30
N ASN A 639 -2.36 -123.21 -15.55
CA ASN A 639 -1.64 -123.95 -16.58
C ASN A 639 -2.45 -124.01 -17.87
N TYR A 640 -1.75 -124.34 -18.95
CA TYR A 640 -2.40 -124.52 -20.25
C TYR A 640 -2.88 -125.95 -20.41
N VAL A 641 -3.84 -126.13 -21.31
CA VAL A 641 -4.39 -127.45 -21.61
C VAL A 641 -4.78 -127.49 -23.08
N THR A 642 -4.61 -128.67 -23.70
CA THR A 642 -4.93 -128.84 -25.11
C THR A 642 -5.56 -130.21 -25.30
N SER A 643 -6.49 -130.30 -26.24
CA SER A 643 -7.23 -131.53 -26.50
C SER A 643 -6.90 -132.08 -27.87
N ILE A 644 -6.82 -133.41 -27.96
CA ILE A 644 -6.52 -134.12 -29.20
C ILE A 644 -7.69 -135.04 -29.50
N ARG A 645 -7.87 -135.35 -30.79
CA ARG A 645 -9.05 -136.05 -31.26
C ARG A 645 -8.78 -136.89 -32.49
N PRO A 646 -9.23 -138.15 -32.51
CA PRO A 646 -9.18 -138.94 -33.75
C PRO A 646 -10.46 -138.80 -34.55
N ASN A 647 -10.34 -138.66 -35.88
CA ASN A 647 -11.47 -138.29 -36.74
C ASN A 647 -12.42 -139.47 -36.94
N ILE A 648 -13.31 -139.63 -35.97
CA ILE A 648 -14.41 -140.59 -36.05
C ILE A 648 -15.70 -139.87 -35.65
N PHE A 649 -16.76 -140.07 -36.44
CA PHE A 649 -18.03 -139.40 -36.21
C PHE A 649 -19.15 -140.42 -36.13
N VAL A 650 -19.97 -140.32 -35.09
CA VAL A 650 -21.07 -141.25 -34.84
C VAL A 650 -22.30 -140.44 -34.46
N GLY A 651 -23.45 -140.78 -35.07
CA GLY A 651 -24.70 -140.15 -34.73
C GLY A 651 -25.87 -141.08 -35.01
N ARG A 652 -27.05 -140.67 -34.54
CA ARG A 652 -28.28 -141.43 -34.76
C ARG A 652 -29.37 -140.49 -35.26
N ALA A 653 -30.14 -140.97 -36.24
CA ALA A 653 -31.30 -140.26 -36.75
C ALA A 653 -32.27 -141.30 -37.30
N GLU A 654 -33.31 -140.82 -37.99
CA GLU A 654 -34.28 -141.71 -38.63
C GLU A 654 -33.65 -142.26 -39.91
N GLY A 655 -32.75 -143.22 -39.73
CA GLY A 655 -32.00 -143.77 -40.84
C GLY A 655 -31.07 -144.89 -40.45
N SER A 656 -29.83 -144.84 -40.94
CA SER A 656 -28.88 -145.92 -40.71
C SER A 656 -28.55 -146.05 -39.23
N THR A 657 -28.49 -147.30 -38.74
CA THR A 657 -28.11 -147.55 -37.36
C THR A 657 -26.68 -147.16 -37.07
N GLN A 658 -25.77 -147.39 -38.02
CA GLN A 658 -24.37 -146.97 -37.96
C GLN A 658 -23.61 -147.64 -36.81
N TYR A 659 -24.10 -148.77 -36.31
CA TYR A 659 -23.46 -149.49 -35.20
C TYR A 659 -23.20 -148.54 -34.03
N GLY A 660 -24.28 -148.05 -33.44
CA GLY A 660 -24.20 -146.96 -32.48
C GLY A 660 -23.38 -147.25 -31.24
N LYS A 661 -23.12 -148.52 -30.93
CA LYS A 661 -22.30 -148.88 -29.78
C LYS A 661 -20.84 -148.99 -30.20
N TRP A 662 -19.96 -148.37 -29.42
CA TRP A 662 -18.54 -148.33 -29.75
C TRP A 662 -17.73 -148.51 -28.47
N TYR A 663 -16.46 -148.89 -28.65
CA TYR A 663 -15.62 -149.26 -27.52
C TYR A 663 -14.16 -149.08 -27.91
N PHE A 664 -13.38 -148.44 -27.05
CA PHE A 664 -11.97 -148.17 -27.34
C PHE A 664 -11.21 -148.07 -26.03
N GLU A 665 -9.87 -148.14 -26.14
CA GLU A 665 -9.00 -148.16 -24.98
C GLU A 665 -7.84 -147.19 -25.16
N VAL A 666 -7.27 -146.75 -24.04
CA VAL A 666 -6.09 -145.88 -24.04
C VAL A 666 -5.11 -146.39 -22.99
N MET A 667 -3.83 -146.30 -23.31
CA MET A 667 -2.74 -146.62 -22.41
C MET A 667 -2.04 -145.33 -22.01
N VAL A 668 -1.87 -145.13 -20.71
CA VAL A 668 -1.22 -143.94 -20.17
C VAL A 668 -0.21 -144.35 -19.12
N ASP A 669 1.00 -143.80 -19.22
CA ASP A 669 2.04 -143.92 -18.19
C ASP A 669 2.59 -142.53 -17.92
N GLU A 670 1.91 -141.79 -17.04
CA GLU A 670 2.27 -140.40 -16.78
C GLU A 670 3.55 -140.34 -15.96
N VAL A 671 4.39 -139.35 -16.25
CA VAL A 671 5.71 -139.26 -15.66
C VAL A 671 5.80 -138.22 -14.54
N VAL A 672 5.18 -137.06 -14.70
CA VAL A 672 5.36 -135.97 -13.75
C VAL A 672 4.08 -135.78 -12.93
N PRO A 673 4.02 -136.28 -11.70
CA PRO A 673 2.78 -136.17 -10.93
C PRO A 673 2.45 -134.75 -10.52
N PHE A 674 3.44 -133.90 -10.28
CA PHE A 674 3.21 -132.54 -9.83
C PHE A 674 4.07 -131.58 -10.63
N LEU A 675 3.49 -130.44 -10.96
CA LEU A 675 4.15 -129.41 -11.76
C LEU A 675 4.43 -128.20 -10.88
N THR A 676 4.98 -127.15 -11.46
CA THR A 676 5.38 -125.97 -10.68
C THR A 676 4.18 -125.32 -10.00
N ALA A 677 3.06 -125.20 -10.70
CA ALA A 677 1.93 -124.44 -10.19
C ALA A 677 0.70 -125.30 -9.89
N GLN A 678 0.25 -126.11 -10.84
CA GLN A 678 -0.99 -126.86 -10.68
C GLN A 678 -0.75 -128.32 -11.01
N ALA A 679 -1.63 -129.18 -10.50
CA ALA A 679 -1.56 -130.60 -10.78
C ALA A 679 -1.87 -130.87 -12.25
N THR A 680 -1.30 -131.96 -12.75
CA THR A 680 -1.51 -132.34 -14.15
C THR A 680 -2.97 -132.68 -14.38
N HIS A 681 -3.53 -132.21 -15.50
CA HIS A 681 -4.93 -132.40 -15.84
C HIS A 681 -5.01 -133.29 -17.08
N LEU A 682 -5.56 -134.49 -16.90
CA LEU A 682 -5.74 -135.46 -17.98
C LEU A 682 -7.17 -135.98 -17.94
N ARG A 683 -7.84 -135.96 -19.09
CA ARG A 683 -9.24 -136.33 -19.17
C ARG A 683 -9.50 -137.04 -20.49
N VAL A 684 -10.41 -138.01 -20.47
CA VAL A 684 -10.84 -138.73 -21.67
C VAL A 684 -12.37 -138.71 -21.69
N GLY A 685 -12.94 -138.53 -22.88
CA GLY A 685 -14.39 -138.48 -22.96
C GLY A 685 -14.86 -138.32 -24.39
N TRP A 686 -16.10 -137.86 -24.50
CA TRP A 686 -16.76 -137.63 -25.78
C TRP A 686 -17.29 -136.19 -25.84
N ALA A 687 -17.87 -135.85 -26.99
CA ALA A 687 -18.43 -134.52 -27.18
C ALA A 687 -19.55 -134.61 -28.22
N LEU A 688 -20.34 -133.53 -28.31
CA LEU A 688 -21.51 -133.49 -29.17
C LEU A 688 -21.27 -132.71 -30.47
N THR A 689 -20.06 -132.17 -30.66
CA THR A 689 -19.62 -131.49 -31.88
C THR A 689 -20.24 -130.11 -31.98
N GLU A 690 -21.23 -129.82 -31.12
CA GLU A 690 -21.81 -128.47 -31.13
C GLU A 690 -20.88 -127.45 -30.50
N GLY A 691 -20.24 -127.81 -29.39
CA GLY A 691 -19.31 -126.90 -28.72
C GLY A 691 -17.88 -127.38 -28.80
N TYR A 692 -17.06 -126.65 -29.55
CA TYR A 692 -15.66 -127.05 -29.73
C TYR A 692 -14.81 -126.61 -28.54
N SER A 693 -14.76 -125.30 -28.30
CA SER A 693 -13.95 -124.71 -27.25
C SER A 693 -12.51 -125.23 -27.18
N PRO A 694 -11.72 -125.08 -28.24
CA PRO A 694 -10.27 -125.37 -28.15
C PRO A 694 -9.45 -124.22 -27.59
N TYR A 695 -10.07 -123.10 -27.25
CA TYR A 695 -9.37 -121.86 -26.98
C TYR A 695 -8.47 -122.03 -25.75
N PRO A 696 -7.18 -121.72 -25.86
CA PRO A 696 -6.27 -121.87 -24.71
C PRO A 696 -6.49 -120.84 -23.61
N GLY A 697 -7.39 -119.89 -23.79
CA GLY A 697 -7.70 -118.90 -22.77
C GLY A 697 -8.70 -119.44 -21.76
N GLY A 698 -9.40 -118.50 -21.10
CA GLY A 698 -10.38 -118.86 -20.09
C GLY A 698 -11.79 -118.63 -20.59
N GLY A 699 -12.61 -119.67 -20.47
CA GLY A 699 -14.01 -119.59 -20.86
C GLY A 699 -14.97 -119.86 -19.72
N GLU A 700 -14.55 -120.71 -18.78
CA GLU A 700 -15.37 -121.07 -17.63
C GLU A 700 -15.04 -120.12 -16.47
N GLY A 701 -15.49 -120.46 -15.26
CA GLY A 701 -15.27 -119.58 -14.13
C GLY A 701 -13.80 -119.35 -13.81
N TRP A 702 -13.00 -120.41 -13.87
CA TRP A 702 -11.58 -120.33 -13.56
C TRP A 702 -10.79 -121.09 -14.62
N GLY A 703 -9.97 -120.37 -15.38
CA GLY A 703 -9.07 -121.00 -16.32
C GLY A 703 -9.80 -121.64 -17.49
N GLY A 704 -9.12 -122.57 -18.14
CA GLY A 704 -9.70 -123.29 -19.26
C GLY A 704 -9.41 -124.77 -19.11
N ASN A 705 -10.42 -125.59 -19.41
CA ASN A 705 -10.30 -127.03 -19.33
C ASN A 705 -10.90 -127.67 -20.58
N GLY A 706 -10.44 -128.87 -20.88
CA GLY A 706 -10.86 -129.55 -22.08
C GLY A 706 -12.23 -130.18 -22.03
N VAL A 707 -12.42 -131.14 -21.12
CA VAL A 707 -13.63 -131.94 -21.06
C VAL A 707 -14.29 -131.73 -19.70
N GLY A 708 -15.60 -131.49 -19.71
CA GLY A 708 -16.38 -131.35 -18.51
C GLY A 708 -16.93 -129.96 -18.27
N ASP A 709 -16.33 -128.93 -18.86
CA ASP A 709 -16.81 -127.58 -18.66
C ASP A 709 -18.19 -127.37 -19.29
N ASP A 710 -18.34 -127.78 -20.55
CA ASP A 710 -19.58 -127.57 -21.26
C ASP A 710 -20.50 -128.77 -21.10
N LEU A 711 -21.80 -128.53 -21.29
CA LEU A 711 -22.77 -129.61 -21.24
C LEU A 711 -22.60 -130.59 -22.39
N TYR A 712 -21.95 -130.17 -23.47
CA TYR A 712 -21.77 -131.07 -24.61
C TYR A 712 -20.68 -132.10 -24.35
N SER A 713 -19.80 -131.85 -23.38
CA SER A 713 -18.71 -132.76 -23.09
C SER A 713 -18.96 -133.52 -21.80
N TYR A 714 -18.47 -134.76 -21.75
CA TYR A 714 -18.61 -135.63 -20.59
C TYR A 714 -17.26 -136.27 -20.29
N GLY A 715 -16.81 -136.17 -19.04
CA GLY A 715 -15.48 -136.61 -18.70
C GLY A 715 -15.47 -137.52 -17.49
N PHE A 716 -14.29 -138.09 -17.22
CA PHE A 716 -14.07 -139.01 -16.12
C PHE A 716 -12.61 -138.91 -15.70
N ASP A 717 -12.36 -138.40 -14.50
CA ASP A 717 -11.00 -138.14 -14.04
C ASP A 717 -10.41 -139.28 -13.22
N GLY A 718 -11.11 -140.40 -13.10
CA GLY A 718 -10.70 -141.49 -12.24
C GLY A 718 -11.22 -141.37 -10.82
N LEU A 719 -11.58 -140.16 -10.40
CA LEU A 719 -12.23 -139.92 -9.13
C LEU A 719 -13.58 -139.24 -9.26
N HIS A 720 -13.76 -138.41 -10.28
CA HIS A 720 -14.96 -137.61 -10.44
C HIS A 720 -15.43 -137.67 -11.90
N LEU A 721 -16.75 -137.75 -12.06
CA LEU A 721 -17.37 -137.49 -13.36
C LEU A 721 -17.53 -135.99 -13.53
N TRP A 722 -17.23 -135.50 -14.73
CA TRP A 722 -17.30 -134.08 -15.04
C TRP A 722 -18.33 -133.83 -16.12
N THR A 723 -19.31 -132.98 -15.82
CA THR A 723 -20.28 -132.52 -16.78
C THR A 723 -20.91 -131.24 -16.25
N GLY A 724 -21.05 -130.23 -17.11
CA GLY A 724 -21.55 -128.94 -16.67
C GLY A 724 -20.67 -128.28 -15.64
N HIS A 725 -19.35 -128.49 -15.73
CA HIS A 725 -18.38 -127.88 -14.84
C HIS A 725 -18.66 -128.21 -13.38
N VAL A 726 -18.61 -129.50 -13.05
CA VAL A 726 -18.75 -129.98 -11.68
C VAL A 726 -18.03 -131.32 -11.57
N ALA A 727 -17.58 -131.64 -10.35
CA ALA A 727 -16.85 -132.86 -10.07
C ALA A 727 -17.70 -133.73 -9.15
N ARG A 728 -18.34 -134.76 -9.72
CA ARG A 728 -19.12 -135.63 -8.85
C ARG A 728 -18.33 -136.90 -8.54
N PRO A 729 -18.01 -137.16 -7.28
CA PRO A 729 -17.11 -138.28 -6.95
C PRO A 729 -17.76 -139.63 -7.16
N VAL A 730 -16.92 -140.63 -7.37
CA VAL A 730 -17.35 -142.01 -7.58
C VAL A 730 -16.63 -142.91 -6.58
N THR A 731 -17.20 -144.10 -6.39
CA THR A 731 -16.63 -145.11 -5.49
C THR A 731 -16.25 -146.33 -6.31
N SER A 732 -15.00 -146.75 -6.18
CA SER A 732 -14.48 -147.91 -6.90
C SER A 732 -13.30 -148.45 -6.12
N PRO A 733 -13.06 -149.77 -6.16
CA PRO A 733 -11.87 -150.32 -5.51
C PRO A 733 -10.60 -149.75 -6.11
N GLY A 734 -9.62 -149.51 -5.24
CA GLY A 734 -8.37 -148.89 -5.67
C GLY A 734 -8.56 -147.44 -6.11
N GLN A 735 -8.92 -146.58 -5.16
CA GLN A 735 -9.15 -145.18 -5.46
C GLN A 735 -7.83 -144.44 -5.60
N HIS A 736 -7.52 -144.01 -6.81
CA HIS A 736 -6.30 -143.24 -7.07
C HIS A 736 -6.48 -142.50 -8.39
N LEU A 737 -5.64 -141.50 -8.59
CA LEU A 737 -5.66 -140.73 -9.82
C LEU A 737 -5.09 -141.56 -10.97
N LEU A 738 -5.00 -140.95 -12.14
CA LEU A 738 -4.44 -141.62 -13.31
C LEU A 738 -2.99 -141.98 -13.05
N ALA A 739 -2.71 -143.27 -12.90
CA ALA A 739 -1.38 -143.78 -12.60
C ALA A 739 -0.81 -144.50 -13.81
N PRO A 740 0.51 -144.65 -13.90
CA PRO A 740 1.10 -145.35 -15.05
C PRO A 740 0.58 -146.77 -15.17
N GLU A 741 0.45 -147.23 -16.42
CA GLU A 741 0.02 -148.57 -16.75
C GLU A 741 -1.40 -148.86 -16.23
N ASP A 742 -2.34 -148.04 -16.69
CA ASP A 742 -3.75 -148.20 -16.39
C ASP A 742 -4.54 -148.20 -17.70
N VAL A 743 -5.65 -148.93 -17.72
CA VAL A 743 -6.53 -148.98 -18.89
C VAL A 743 -7.89 -148.42 -18.50
N VAL A 744 -8.44 -147.58 -19.35
CA VAL A 744 -9.81 -147.09 -19.21
C VAL A 744 -10.49 -147.19 -20.58
N SER A 745 -11.72 -147.67 -20.58
CA SER A 745 -12.46 -147.89 -21.81
C SER A 745 -13.82 -147.22 -21.72
N CYS A 746 -14.28 -146.66 -22.83
CA CYS A 746 -15.56 -145.96 -22.90
C CYS A 746 -16.55 -146.75 -23.74
N CYS A 747 -17.76 -146.92 -23.21
CA CYS A 747 -18.84 -147.56 -23.96
C CYS A 747 -20.02 -146.62 -24.05
N LEU A 748 -20.60 -146.52 -25.24
CA LEU A 748 -21.68 -145.58 -25.53
C LEU A 748 -22.83 -146.34 -26.18
N ASP A 749 -23.94 -146.46 -25.45
CA ASP A 749 -25.12 -147.16 -25.93
C ASP A 749 -26.25 -146.17 -26.19
N LEU A 750 -26.99 -146.42 -27.28
CA LEU A 750 -28.10 -145.57 -27.67
C LEU A 750 -29.46 -146.24 -27.59
N SER A 751 -29.52 -147.56 -27.39
CA SER A 751 -30.82 -148.20 -27.14
C SER A 751 -31.45 -147.61 -25.88
N VAL A 752 -30.65 -147.44 -24.84
CA VAL A 752 -30.93 -146.50 -23.76
C VAL A 752 -29.76 -145.51 -23.79
N PRO A 753 -30.01 -144.21 -23.66
CA PRO A 753 -28.91 -143.24 -23.83
C PRO A 753 -27.93 -143.27 -22.68
N SER A 754 -26.96 -144.19 -22.73
CA SER A 754 -26.03 -144.39 -21.64
C SER A 754 -24.59 -144.27 -22.12
N ILE A 755 -23.73 -143.75 -21.24
CA ILE A 755 -22.29 -143.70 -21.46
C ILE A 755 -21.62 -144.16 -20.18
N SER A 756 -20.78 -145.18 -20.27
CA SER A 756 -20.12 -145.74 -19.11
C SER A 756 -18.62 -145.88 -19.34
N PHE A 757 -17.88 -145.87 -18.23
CA PHE A 757 -16.43 -145.98 -18.23
C PHE A 757 -16.03 -147.24 -17.48
N ARG A 758 -14.93 -147.85 -17.90
CA ARG A 758 -14.52 -149.12 -17.32
C ARG A 758 -13.02 -149.12 -17.08
N ILE A 759 -12.63 -149.39 -15.83
CA ILE A 759 -11.22 -149.55 -15.45
C ILE A 759 -11.09 -150.88 -14.71
N ASN A 760 -10.84 -151.95 -15.47
CA ASN A 760 -10.26 -153.21 -15.00
C ASN A 760 -11.13 -154.10 -14.10
N GLY A 761 -12.27 -153.61 -13.63
CA GLY A 761 -12.99 -154.41 -12.66
C GLY A 761 -14.46 -154.69 -12.88
N CYS A 762 -15.14 -153.80 -13.58
CA CYS A 762 -16.59 -153.71 -13.71
C CYS A 762 -17.36 -153.57 -12.38
N PRO A 763 -16.89 -152.77 -11.38
CA PRO A 763 -17.79 -152.43 -10.27
C PRO A 763 -18.40 -151.03 -10.37
N VAL A 764 -17.98 -150.25 -11.37
CA VAL A 764 -18.31 -148.83 -11.39
C VAL A 764 -19.81 -148.64 -11.64
N GLN A 765 -20.42 -147.79 -10.82
CA GLN A 765 -21.85 -147.52 -10.89
C GLN A 765 -22.18 -146.16 -11.51
N GLY A 766 -21.17 -145.37 -11.87
CA GLY A 766 -21.39 -144.06 -12.45
C GLY A 766 -21.61 -144.16 -13.94
N VAL A 767 -22.78 -143.73 -14.39
CA VAL A 767 -23.15 -143.79 -15.80
C VAL A 767 -23.87 -142.51 -16.18
N PHE A 768 -23.59 -142.00 -17.38
CA PHE A 768 -24.26 -140.82 -17.90
C PHE A 768 -25.54 -141.22 -18.61
N GLU A 769 -26.61 -140.47 -18.38
CA GLU A 769 -27.91 -140.79 -18.94
C GLU A 769 -28.60 -139.53 -19.47
N ALA A 770 -29.53 -139.76 -20.40
CA ALA A 770 -30.42 -138.71 -20.92
C ALA A 770 -29.65 -137.55 -21.55
N PHE A 771 -28.59 -137.86 -22.29
CA PHE A 771 -27.87 -136.82 -23.02
C PHE A 771 -28.46 -136.63 -24.40
N ASN A 772 -28.42 -135.39 -24.87
CA ASN A 772 -28.96 -135.08 -26.19
C ASN A 772 -28.11 -135.72 -27.29
N LEU A 773 -28.76 -136.11 -28.38
CA LEU A 773 -28.13 -136.89 -29.43
C LEU A 773 -28.10 -136.18 -30.78
N ASP A 774 -28.53 -134.93 -30.85
CA ASP A 774 -28.59 -134.20 -32.12
C ASP A 774 -27.22 -133.68 -32.55
N GLY A 775 -26.25 -134.59 -32.66
CA GLY A 775 -24.90 -134.20 -33.04
C GLY A 775 -24.03 -135.41 -33.27
N LEU A 776 -22.77 -135.15 -33.58
CA LEU A 776 -21.80 -136.20 -33.85
C LEU A 776 -20.96 -136.45 -32.61
N PHE A 777 -20.82 -137.73 -32.25
CA PHE A 777 -20.09 -138.13 -31.06
C PHE A 777 -18.71 -138.66 -31.45
N PHE A 778 -17.67 -138.17 -30.79
CA PHE A 778 -16.31 -138.58 -31.08
C PHE A 778 -15.54 -138.72 -29.77
N PRO A 779 -14.55 -139.60 -29.72
CA PRO A 779 -13.64 -139.61 -28.57
C PRO A 779 -12.69 -138.43 -28.60
N VAL A 780 -12.25 -138.03 -27.41
CA VAL A 780 -11.37 -136.88 -27.27
C VAL A 780 -10.58 -137.04 -25.98
N VAL A 781 -9.33 -136.59 -25.99
CA VAL A 781 -8.44 -136.65 -24.83
C VAL A 781 -7.83 -135.28 -24.60
N SER A 782 -8.10 -134.69 -23.44
CA SER A 782 -7.60 -133.38 -23.08
C SER A 782 -6.49 -133.51 -22.06
N PHE A 783 -5.31 -132.98 -22.37
CA PHE A 783 -4.15 -133.15 -21.53
C PHE A 783 -3.46 -131.81 -21.32
N SER A 784 -2.83 -131.67 -20.15
CA SER A 784 -2.00 -130.53 -19.83
C SER A 784 -0.55 -130.83 -20.24
N ALA A 785 0.38 -129.99 -19.78
CA ALA A 785 1.78 -130.19 -20.13
C ALA A 785 2.33 -131.46 -19.47
N GLY A 786 3.33 -132.05 -20.12
CA GLY A 786 3.98 -133.24 -19.60
C GLY A 786 3.12 -134.48 -19.55
N VAL A 787 2.34 -134.75 -20.59
CA VAL A 787 1.48 -135.92 -20.66
C VAL A 787 1.81 -136.70 -21.91
N LYS A 788 2.01 -138.00 -21.76
CA LYS A 788 2.20 -138.92 -22.88
C LYS A 788 1.08 -139.95 -22.84
N VAL A 789 0.28 -140.02 -23.90
CA VAL A 789 -0.88 -140.89 -23.94
C VAL A 789 -0.78 -141.77 -25.18
N ARG A 790 -1.36 -142.97 -25.09
CA ARG A 790 -1.38 -143.92 -26.19
C ARG A 790 -2.84 -144.29 -26.44
N PHE A 791 -3.22 -144.38 -27.71
CA PHE A 791 -4.63 -144.53 -28.10
C PHE A 791 -4.77 -145.77 -28.97
N LEU A 792 -5.77 -146.60 -28.68
CA LEU A 792 -5.98 -147.86 -29.39
C LEU A 792 -7.38 -147.89 -29.98
N LEU A 793 -7.50 -148.37 -31.22
CA LEU A 793 -8.77 -148.45 -31.91
C LEU A 793 -9.20 -149.87 -32.26
N GLY A 794 -8.26 -150.73 -32.62
CA GLY A 794 -8.60 -152.08 -32.99
C GLY A 794 -7.66 -152.59 -34.08
N GLY A 795 -8.25 -153.04 -35.18
CA GLY A 795 -7.50 -153.66 -36.26
C GLY A 795 -6.46 -152.75 -36.89
N ARG A 796 -6.68 -151.44 -36.87
CA ARG A 796 -5.72 -150.51 -37.45
C ARG A 796 -4.38 -150.57 -36.72
N HIS A 797 -4.37 -150.14 -35.46
CA HIS A 797 -3.15 -150.22 -34.65
C HIS A 797 -3.43 -150.54 -33.18
N GLY A 798 -4.66 -150.85 -32.82
CA GLY A 798 -5.01 -150.99 -31.42
C GLY A 798 -5.12 -152.42 -30.93
N GLU A 799 -4.13 -152.87 -30.16
CA GLU A 799 -4.16 -154.20 -29.55
C GLU A 799 -4.98 -154.12 -28.28
N PHE A 800 -6.20 -154.63 -28.32
CA PHE A 800 -7.12 -154.54 -27.18
C PHE A 800 -6.67 -155.52 -26.10
N LYS A 801 -6.19 -154.98 -24.98
CA LYS A 801 -5.72 -155.83 -23.90
C LYS A 801 -6.88 -156.50 -23.15
N PHE A 802 -8.08 -155.92 -23.24
CA PHE A 802 -9.24 -156.45 -22.56
C PHE A 802 -10.37 -156.68 -23.56
N LEU A 803 -11.06 -157.81 -23.41
CA LEU A 803 -12.15 -158.14 -24.31
C LEU A 803 -13.33 -157.20 -24.10
N PRO A 804 -13.86 -156.64 -25.17
CA PRO A 804 -15.03 -155.77 -25.06
C PRO A 804 -16.27 -156.57 -24.70
N PRO A 805 -17.31 -155.92 -24.19
CA PRO A 805 -18.57 -156.62 -23.95
C PRO A 805 -19.15 -157.15 -25.24
N PRO A 806 -20.02 -158.17 -25.18
CA PRO A 806 -20.38 -158.91 -26.40
C PRO A 806 -20.95 -158.02 -27.50
N GLY A 807 -20.45 -158.24 -28.71
CA GLY A 807 -20.99 -157.60 -29.90
C GLY A 807 -20.88 -156.08 -29.92
N TYR A 808 -19.75 -155.54 -29.47
CA TYR A 808 -19.56 -154.10 -29.42
C TYR A 808 -18.36 -153.69 -30.26
N ALA A 809 -18.28 -152.38 -30.51
CA ALA A 809 -17.22 -151.78 -31.30
C ALA A 809 -17.02 -152.39 -32.69
N PRO A 810 -18.07 -152.46 -33.53
CA PRO A 810 -17.87 -152.84 -34.93
C PRO A 810 -17.55 -151.63 -35.80
N CYS A 811 -16.36 -151.60 -36.40
CA CYS A 811 -15.91 -150.44 -37.15
C CYS A 811 -15.72 -150.72 -38.64
N HIS A 812 -16.33 -151.79 -39.16
CA HIS A 812 -16.17 -152.09 -40.58
C HIS A 812 -17.04 -151.19 -41.46
N GLU A 813 -18.20 -150.79 -40.96
CA GLU A 813 -19.20 -150.18 -41.83
C GLU A 813 -18.94 -148.69 -42.05
N ALA A 814 -18.98 -147.89 -40.99
CA ALA A 814 -19.11 -146.44 -41.15
C ALA A 814 -18.07 -145.67 -40.34
N VAL A 815 -16.81 -146.08 -40.42
CA VAL A 815 -15.70 -145.24 -39.96
C VAL A 815 -14.63 -145.23 -41.03
N LEU A 816 -14.13 -144.02 -41.32
CA LEU A 816 -13.11 -143.76 -42.33
C LEU A 816 -13.43 -144.46 -43.67
N PRO A 817 -14.59 -144.16 -44.27
CA PRO A 817 -14.88 -144.74 -45.59
C PRO A 817 -13.98 -144.16 -46.67
N ARG A 818 -13.53 -142.92 -46.43
CA ARG A 818 -12.57 -142.26 -47.29
C ARG A 818 -11.44 -141.60 -46.52
N GLU A 819 -11.64 -141.28 -45.25
CA GLU A 819 -10.61 -140.61 -44.46
C GLU A 819 -9.47 -141.56 -44.13
N ARG A 820 -8.34 -140.98 -43.72
CA ARG A 820 -7.12 -141.72 -43.45
C ARG A 820 -6.91 -142.03 -41.97
N LEU A 821 -7.86 -141.67 -41.11
CA LEU A 821 -7.80 -141.97 -39.67
C LEU A 821 -6.53 -141.38 -39.04
N ARG A 822 -6.45 -140.06 -39.05
CA ARG A 822 -5.31 -139.34 -38.52
C ARG A 822 -5.75 -138.48 -37.32
N LEU A 823 -4.78 -138.18 -36.45
CA LEU A 823 -5.05 -137.35 -35.28
C LEU A 823 -4.91 -135.87 -35.65
N GLU A 824 -5.95 -135.10 -35.35
CA GLU A 824 -5.99 -133.69 -35.72
C GLU A 824 -6.55 -132.84 -34.58
N PRO A 825 -5.90 -131.73 -34.26
CA PRO A 825 -6.42 -130.83 -33.23
C PRO A 825 -7.71 -130.17 -33.69
N ILE A 826 -8.62 -129.97 -32.73
CA ILE A 826 -9.99 -129.55 -33.04
C ILE A 826 -10.03 -128.03 -33.16
N LYS A 827 -10.55 -127.54 -34.30
CA LYS A 827 -10.87 -126.14 -34.50
C LYS A 827 -9.69 -125.22 -34.18
N GLU A 828 -8.50 -125.63 -34.58
CA GLU A 828 -7.31 -124.81 -34.37
C GLU A 828 -7.26 -123.70 -35.39
N TYR A 829 -7.23 -122.44 -34.93
CA TYR A 829 -7.21 -121.31 -35.85
C TYR A 829 -5.85 -121.11 -36.49
N ARG A 830 -4.79 -121.63 -35.89
CA ARG A 830 -3.45 -121.50 -36.44
C ARG A 830 -2.73 -122.84 -36.39
N ARG A 831 -1.72 -122.99 -37.25
CA ARG A 831 -0.91 -124.18 -37.29
C ARG A 831 0.53 -123.80 -37.57
N GLU A 832 1.44 -124.70 -37.20
CA GLU A 832 2.85 -124.48 -37.46
C GLU A 832 3.19 -124.87 -38.90
N GLY A 833 3.90 -123.98 -39.60
CA GLY A 833 4.24 -124.21 -40.98
C GLY A 833 5.74 -124.36 -41.17
N PRO A 834 6.15 -124.63 -42.42
CA PRO A 834 7.59 -124.75 -42.68
C PRO A 834 8.35 -123.47 -42.38
N ARG A 835 7.72 -122.31 -42.58
CA ARG A 835 8.32 -121.02 -42.27
C ARG A 835 7.24 -120.09 -41.73
N GLY A 836 7.28 -119.85 -40.43
CA GLY A 836 6.28 -119.02 -39.78
C GLY A 836 4.98 -119.77 -39.56
N PRO A 837 3.98 -119.07 -39.00
CA PRO A 837 2.68 -119.71 -38.75
C PRO A 837 1.76 -119.63 -39.96
N HIS A 838 0.77 -120.51 -39.97
CA HIS A 838 -0.25 -120.54 -41.03
C HIS A 838 -1.61 -120.39 -40.36
N LEU A 839 -2.32 -119.32 -40.68
CA LEU A 839 -3.64 -119.07 -40.13
C LEU A 839 -4.69 -119.72 -41.03
N VAL A 840 -5.55 -120.55 -40.44
CA VAL A 840 -6.56 -121.27 -41.20
C VAL A 840 -7.93 -120.76 -40.80
N GLY A 841 -8.86 -120.85 -41.75
CA GLY A 841 -10.22 -120.44 -41.52
C GLY A 841 -11.01 -121.49 -40.77
N PRO A 842 -12.30 -121.24 -40.57
CA PRO A 842 -13.13 -122.22 -39.86
C PRO A 842 -13.22 -123.53 -40.62
N SER A 843 -13.29 -124.63 -39.87
CA SER A 843 -13.37 -125.95 -40.47
C SER A 843 -14.70 -126.12 -41.20
N ARG A 844 -14.69 -126.99 -42.21
CA ARG A 844 -15.89 -127.23 -42.99
C ARG A 844 -16.95 -127.93 -42.14
N CYS A 845 -18.18 -127.43 -42.22
CA CYS A 845 -19.29 -127.97 -41.45
C CYS A 845 -20.12 -128.90 -42.34
N LEU A 846 -20.23 -130.16 -41.94
CA LEU A 846 -20.98 -131.15 -42.70
C LEU A 846 -21.29 -132.33 -41.80
N SER A 847 -21.89 -133.36 -42.39
CA SER A 847 -22.22 -134.61 -41.70
C SER A 847 -23.17 -134.40 -40.53
N HIS A 848 -23.96 -133.33 -40.56
CA HIS A 848 -24.97 -133.11 -39.53
C HIS A 848 -26.11 -134.11 -39.66
N THR A 849 -26.64 -134.27 -40.87
CA THR A 849 -27.69 -135.24 -41.14
C THR A 849 -27.48 -135.92 -42.49
N ASP A 850 -26.26 -135.85 -43.02
CA ASP A 850 -26.01 -136.37 -44.36
C ASP A 850 -26.06 -137.90 -44.41
N PHE A 851 -25.97 -138.57 -43.26
CA PHE A 851 -25.95 -140.02 -43.24
C PHE A 851 -27.32 -140.62 -43.59
N VAL A 852 -28.40 -139.87 -43.43
CA VAL A 852 -29.73 -140.38 -43.74
C VAL A 852 -30.01 -140.18 -45.22
N PRO A 853 -30.25 -141.25 -45.98
CA PRO A 853 -30.52 -141.08 -47.42
C PRO A 853 -32.00 -140.90 -47.73
N CYS A 854 -32.31 -139.97 -48.62
CA CYS A 854 -33.69 -139.68 -49.01
C CYS A 854 -33.80 -139.68 -50.53
N PRO A 855 -34.04 -140.83 -51.16
CA PRO A 855 -34.15 -140.87 -52.62
C PRO A 855 -35.47 -140.31 -53.09
N VAL A 856 -35.53 -140.06 -54.40
CA VAL A 856 -36.77 -139.60 -55.02
C VAL A 856 -37.76 -140.75 -55.05
N ASP A 857 -39.00 -140.46 -54.65
CA ASP A 857 -40.05 -141.47 -54.54
C ASP A 857 -41.07 -141.26 -55.64
N THR A 858 -41.19 -142.25 -56.53
CA THR A 858 -42.14 -142.22 -57.64
C THR A 858 -42.77 -143.58 -57.89
N VAL A 859 -43.00 -144.36 -56.83
CA VAL A 859 -43.44 -145.75 -56.99
C VAL A 859 -44.79 -145.86 -57.69
N GLN A 860 -45.72 -144.97 -57.38
CA GLN A 860 -47.06 -145.05 -57.96
C GLN A 860 -47.63 -143.70 -58.39
N ILE A 861 -46.87 -142.61 -58.25
CA ILE A 861 -47.40 -141.31 -58.62
C ILE A 861 -47.58 -141.20 -60.13
N VAL A 862 -46.65 -141.77 -60.91
CA VAL A 862 -46.70 -141.68 -62.38
C VAL A 862 -46.54 -143.06 -62.96
N LEU A 863 -47.04 -143.24 -64.18
CA LEU A 863 -46.87 -144.45 -64.97
C LEU A 863 -46.39 -144.06 -66.36
N PRO A 864 -45.61 -144.91 -67.02
CA PRO A 864 -45.03 -144.53 -68.32
C PRO A 864 -46.09 -144.41 -69.39
N PRO A 865 -46.34 -143.20 -69.90
CA PRO A 865 -47.32 -143.03 -70.97
C PRO A 865 -46.69 -143.18 -72.35
N HIS A 866 -47.21 -144.12 -73.14
CA HIS A 866 -46.77 -144.36 -74.52
C HIS A 866 -45.25 -144.53 -74.66
N LEU A 867 -44.59 -144.99 -73.59
CA LEU A 867 -43.23 -145.50 -73.69
C LEU A 867 -43.17 -147.02 -73.62
N GLU A 868 -44.32 -147.69 -73.65
CA GLU A 868 -44.30 -149.15 -73.63
C GLU A 868 -43.73 -149.75 -74.91
N ARG A 869 -43.72 -148.99 -76.02
CA ARG A 869 -43.13 -149.48 -77.25
C ARG A 869 -41.60 -149.48 -77.20
N ILE A 870 -41.00 -148.41 -76.68
CA ILE A 870 -39.54 -148.33 -76.61
C ILE A 870 -38.97 -149.27 -75.56
N ARG A 871 -39.78 -149.67 -74.57
CA ARG A 871 -39.29 -150.57 -73.54
C ARG A 871 -38.88 -151.93 -74.10
N GLU A 872 -39.42 -152.34 -75.26
CA GLU A 872 -39.03 -153.61 -75.86
C GLU A 872 -37.57 -153.57 -76.32
N LYS A 873 -37.20 -152.54 -77.07
CA LYS A 873 -35.81 -152.40 -77.49
C LYS A 873 -34.90 -152.08 -76.31
N LEU A 874 -35.40 -151.36 -75.30
CA LEU A 874 -34.61 -151.15 -74.09
C LEU A 874 -34.30 -152.47 -73.39
N ALA A 875 -35.30 -153.34 -73.28
CA ALA A 875 -35.10 -154.66 -72.70
C ALA A 875 -34.14 -155.50 -73.52
N GLU A 876 -34.27 -155.46 -74.85
CA GLU A 876 -33.34 -156.20 -75.70
C GLU A 876 -31.90 -155.73 -75.48
N ASN A 877 -31.69 -154.42 -75.45
CA ASN A 877 -30.34 -153.88 -75.27
C ASN A 877 -29.79 -154.17 -73.89
N ILE A 878 -30.59 -154.03 -72.82
CA ILE A 878 -30.08 -154.35 -71.49
C ILE A 878 -29.87 -155.85 -71.31
N HIS A 879 -30.59 -156.68 -72.07
CA HIS A 879 -30.31 -158.11 -72.06
C HIS A 879 -28.99 -158.42 -72.74
N GLU A 880 -28.71 -157.78 -73.88
CA GLU A 880 -27.45 -158.06 -74.56
C GLU A 880 -26.27 -157.43 -73.85
N LEU A 881 -26.48 -156.37 -73.06
CA LEU A 881 -25.40 -155.75 -72.31
C LEU A 881 -24.80 -156.68 -71.26
N TRP A 882 -25.59 -157.59 -70.69
CA TRP A 882 -25.05 -158.53 -69.73
C TRP A 882 -24.00 -159.42 -70.37
N ALA A 883 -24.26 -159.89 -71.60
CA ALA A 883 -23.26 -160.67 -72.32
C ALA A 883 -22.13 -159.78 -72.86
N LEU A 884 -22.44 -158.52 -73.15
CA LEU A 884 -21.39 -157.59 -73.58
C LEU A 884 -20.39 -157.34 -72.46
N THR A 885 -20.85 -157.34 -71.21
CA THR A 885 -19.99 -157.18 -70.05
C THR A 885 -19.29 -158.47 -69.64
N ARG A 886 -19.55 -159.58 -70.34
CA ARG A 886 -18.93 -160.86 -70.05
C ARG A 886 -18.04 -161.38 -71.17
N ILE A 887 -18.24 -160.91 -72.41
CA ILE A 887 -17.48 -161.42 -73.55
C ILE A 887 -15.99 -161.15 -73.37
N GLU A 888 -15.63 -159.93 -72.95
CA GLU A 888 -14.21 -159.58 -72.84
C GLU A 888 -13.50 -160.42 -71.79
N GLN A 889 -14.20 -160.89 -70.76
CA GLN A 889 -13.59 -161.79 -69.78
C GLN A 889 -13.57 -163.22 -70.28
N GLY A 890 -14.32 -163.53 -71.34
CA GLY A 890 -14.31 -164.87 -71.90
C GLY A 890 -15.11 -165.89 -71.14
N TRP A 891 -16.19 -165.49 -70.48
CA TRP A 891 -17.00 -166.44 -69.73
C TRP A 891 -17.87 -167.26 -70.67
N THR A 892 -18.17 -168.49 -70.26
CA THR A 892 -18.86 -169.47 -71.09
C THR A 892 -20.12 -169.93 -70.38
N TYR A 893 -21.03 -170.52 -71.14
CA TYR A 893 -22.25 -171.09 -70.58
C TYR A 893 -21.97 -172.50 -70.05
N GLY A 894 -22.47 -172.79 -68.85
CA GLY A 894 -22.25 -174.09 -68.24
C GLY A 894 -23.36 -174.46 -67.27
N PRO A 895 -23.49 -175.76 -66.99
CA PRO A 895 -24.57 -176.20 -66.08
C PRO A 895 -24.51 -175.54 -64.72
N VAL A 896 -23.33 -175.32 -64.15
CA VAL A 896 -23.17 -174.85 -62.79
C VAL A 896 -22.58 -173.45 -62.81
N ARG A 897 -22.99 -172.62 -61.84
CA ARG A 897 -22.54 -171.23 -61.76
C ARG A 897 -21.28 -171.15 -60.90
N ASP A 898 -20.19 -170.70 -61.51
CA ASP A 898 -18.94 -170.47 -60.79
C ASP A 898 -18.15 -169.37 -61.49
N ASP A 899 -17.57 -168.49 -60.69
CA ASP A 899 -16.77 -167.40 -61.25
C ASP A 899 -15.45 -167.90 -61.82
N ASN A 900 -14.76 -168.77 -61.07
CA ASN A 900 -13.47 -169.27 -61.53
C ASN A 900 -13.61 -170.28 -62.66
N LYS A 901 -14.67 -171.10 -62.63
CA LYS A 901 -14.86 -172.12 -63.65
C LYS A 901 -15.28 -171.54 -64.99
N ARG A 902 -15.67 -170.26 -65.03
CA ARG A 902 -16.06 -169.55 -66.25
C ARG A 902 -17.25 -170.19 -66.94
N LEU A 903 -18.10 -170.91 -66.20
CA LEU A 903 -19.33 -171.48 -66.73
C LEU A 903 -20.52 -170.77 -66.11
N HIS A 904 -21.49 -170.40 -66.95
CA HIS A 904 -22.57 -169.53 -66.51
C HIS A 904 -23.83 -169.78 -67.30
N PRO A 905 -24.83 -170.47 -66.72
CA PRO A 905 -26.03 -170.82 -67.49
C PRO A 905 -26.97 -169.66 -67.76
N CYS A 906 -26.89 -168.58 -66.99
CA CYS A 906 -27.82 -167.47 -67.18
C CYS A 906 -27.65 -166.77 -68.52
N LEU A 907 -26.49 -166.93 -69.17
CA LEU A 907 -26.33 -166.40 -70.52
C LEU A 907 -27.11 -167.27 -71.50
N VAL A 908 -28.23 -166.74 -71.97
CA VAL A 908 -29.16 -167.49 -72.81
C VAL A 908 -29.52 -166.64 -74.02
N ASN A 909 -30.06 -167.30 -75.05
CA ASN A 909 -30.49 -166.59 -76.24
C ASN A 909 -31.68 -165.70 -75.94
N PHE A 910 -31.66 -164.49 -76.52
CA PHE A 910 -32.76 -163.55 -76.30
C PHE A 910 -34.05 -164.01 -76.97
N HIS A 911 -33.96 -164.83 -78.02
CA HIS A 911 -35.17 -165.29 -78.69
C HIS A 911 -35.98 -166.25 -77.83
N SER A 912 -35.31 -167.02 -76.98
CA SER A 912 -35.98 -167.94 -76.05
C SER A 912 -35.41 -167.69 -74.66
N LEU A 913 -36.13 -166.92 -73.85
CA LEU A 913 -35.65 -166.52 -72.54
C LEU A 913 -36.40 -167.24 -71.43
N PRO A 914 -35.70 -167.85 -70.49
CA PRO A 914 -36.37 -168.44 -69.32
C PRO A 914 -37.01 -167.37 -68.45
N GLU A 915 -38.08 -167.76 -67.77
CA GLU A 915 -38.91 -166.86 -66.98
C GLU A 915 -38.13 -166.09 -65.90
N PRO A 916 -37.28 -166.75 -65.07
CA PRO A 916 -36.67 -166.02 -63.95
C PRO A 916 -35.80 -164.85 -64.38
N GLU A 917 -34.81 -165.11 -65.23
CA GLU A 917 -33.88 -164.05 -65.62
C GLU A 917 -34.58 -162.99 -66.47
N ARG A 918 -35.49 -163.41 -67.35
CA ARG A 918 -36.21 -162.45 -68.18
C ARG A 918 -37.06 -161.52 -67.32
N ASN A 919 -37.77 -162.07 -66.33
CA ASN A 919 -38.54 -161.23 -65.43
C ASN A 919 -37.65 -160.34 -64.59
N TYR A 920 -36.51 -160.86 -64.14
CA TYR A 920 -35.58 -160.05 -63.33
C TYR A 920 -35.05 -158.86 -64.12
N ASN A 921 -34.75 -159.05 -65.41
CA ASN A 921 -34.33 -157.94 -66.24
C ASN A 921 -35.47 -157.00 -66.61
N LEU A 922 -36.66 -157.54 -66.88
CA LEU A 922 -37.80 -156.68 -67.20
C LEU A 922 -38.19 -155.79 -66.03
N GLN A 923 -38.15 -156.31 -64.81
CA GLN A 923 -38.48 -155.50 -63.65
C GLN A 923 -37.49 -154.38 -63.42
N MET A 924 -36.18 -154.62 -63.61
CA MET A 924 -35.22 -153.53 -63.46
C MET A 924 -35.36 -152.52 -64.59
N SER A 925 -35.68 -152.97 -65.80
CA SER A 925 -35.96 -152.02 -66.88
C SER A 925 -37.16 -151.14 -66.54
N GLY A 926 -38.24 -151.75 -66.04
CA GLY A 926 -39.41 -150.96 -65.67
C GLY A 926 -39.13 -150.00 -64.53
N GLU A 927 -38.35 -150.44 -63.55
CA GLU A 927 -37.98 -149.56 -62.45
C GLU A 927 -37.11 -148.40 -62.91
N THR A 928 -36.19 -148.65 -63.86
CA THR A 928 -35.40 -147.57 -64.42
C THR A 928 -36.23 -146.59 -65.23
N LEU A 929 -37.29 -147.08 -65.90
CA LEU A 929 -38.17 -146.16 -66.62
C LEU A 929 -38.77 -145.13 -65.68
N LYS A 930 -39.24 -145.55 -64.52
CA LYS A 930 -39.86 -144.62 -63.58
C LYS A 930 -38.87 -143.57 -63.09
N THR A 931 -37.63 -143.97 -62.79
CA THR A 931 -36.67 -143.01 -62.28
C THR A 931 -36.10 -142.13 -63.39
N LEU A 932 -36.17 -142.55 -64.65
CA LEU A 932 -35.72 -141.67 -65.72
C LEU A 932 -36.82 -140.73 -66.20
N LEU A 933 -38.09 -141.08 -66.00
CA LEU A 933 -39.18 -140.12 -66.21
C LEU A 933 -39.25 -139.06 -65.12
N ALA A 934 -38.54 -139.23 -64.01
CA ALA A 934 -38.61 -138.30 -62.89
C ALA A 934 -37.78 -137.06 -63.18
N LEU A 935 -37.64 -136.20 -62.16
CA LEU A 935 -36.84 -134.98 -62.25
C LEU A 935 -37.38 -134.02 -63.32
N GLY A 936 -38.68 -134.05 -63.56
CA GLY A 936 -39.30 -133.19 -64.55
C GLY A 936 -38.77 -133.42 -65.94
N CYS A 937 -38.64 -134.69 -66.32
CA CYS A 937 -38.06 -135.04 -67.62
C CYS A 937 -38.96 -134.57 -68.76
N HIS A 938 -38.33 -134.05 -69.81
CA HIS A 938 -39.03 -133.64 -71.03
C HIS A 938 -38.85 -134.73 -72.07
N VAL A 939 -39.96 -135.31 -72.53
CA VAL A 939 -39.95 -136.38 -73.51
C VAL A 939 -40.47 -135.84 -74.83
N GLY A 940 -39.74 -136.11 -75.91
CA GLY A 940 -40.10 -135.63 -77.22
C GLY A 940 -39.40 -136.38 -78.34
N MET A 941 -40.03 -136.43 -79.50
CA MET A 941 -39.54 -137.24 -80.62
C MET A 941 -39.51 -136.39 -81.88
N ALA A 942 -38.31 -136.22 -82.45
CA ALA A 942 -38.13 -135.49 -83.70
C ALA A 942 -37.18 -136.23 -84.64
N ASP A 943 -37.18 -137.56 -84.60
CA ASP A 943 -36.22 -138.37 -85.34
C ASP A 943 -36.86 -139.70 -85.72
N GLU A 944 -36.03 -140.72 -85.96
CA GLU A 944 -36.40 -142.10 -86.28
C GLU A 944 -36.75 -142.21 -87.77
N LYS A 945 -36.75 -141.10 -88.51
CA LYS A 945 -36.79 -141.18 -89.97
C LYS A 945 -35.53 -141.83 -90.51
N ALA A 946 -34.44 -141.78 -89.75
CA ALA A 946 -33.18 -142.41 -90.12
C ALA A 946 -32.62 -143.32 -89.03
N GLU A 947 -33.36 -143.56 -87.95
CA GLU A 947 -32.90 -144.42 -86.87
C GLU A 947 -33.51 -145.81 -86.91
N ASP A 948 -34.28 -146.14 -87.95
CA ASP A 948 -34.83 -147.49 -88.05
C ASP A 948 -33.75 -148.53 -88.25
N ASN A 949 -32.72 -148.21 -89.03
CA ASN A 949 -31.64 -149.15 -89.29
C ASN A 949 -30.80 -149.37 -88.03
N LEU A 950 -30.52 -150.64 -87.73
CA LEU A 950 -29.69 -151.02 -86.60
C LEU A 950 -28.35 -151.51 -87.15
N LYS A 951 -27.32 -150.67 -87.03
CA LYS A 951 -26.00 -150.95 -87.57
C LYS A 951 -25.23 -151.79 -86.55
N LYS A 952 -24.97 -153.04 -86.89
CA LYS A 952 -24.26 -153.97 -86.03
C LYS A 952 -22.86 -154.22 -86.60
N THR A 953 -21.84 -153.85 -85.84
CA THR A 953 -20.46 -154.06 -86.27
C THR A 953 -20.13 -155.55 -86.30
N LYS A 954 -19.46 -155.98 -87.36
CA LYS A 954 -19.13 -157.38 -87.53
C LYS A 954 -18.16 -157.82 -86.44
N LEU A 955 -18.43 -158.99 -85.83
CA LEU A 955 -17.64 -159.52 -84.74
C LEU A 955 -16.91 -160.77 -85.19
N PRO A 956 -15.57 -160.79 -85.15
CA PRO A 956 -14.84 -161.98 -85.59
C PRO A 956 -15.14 -163.19 -84.72
N LYS A 957 -15.01 -164.38 -85.33
CA LYS A 957 -15.33 -165.63 -84.65
C LYS A 957 -14.38 -165.94 -83.50
N THR A 958 -13.23 -165.26 -83.43
CA THR A 958 -12.28 -165.50 -82.35
C THR A 958 -12.87 -165.16 -80.98
N TYR A 959 -13.87 -164.27 -80.93
CA TYR A 959 -14.61 -164.03 -79.71
C TYR A 959 -15.97 -164.71 -79.71
N MET A 960 -16.51 -165.03 -80.89
CA MET A 960 -17.73 -165.82 -81.01
C MET A 960 -17.55 -167.25 -80.50
N MET A 961 -16.31 -167.73 -80.42
CA MET A 961 -16.08 -169.07 -79.89
C MET A 961 -16.54 -169.15 -78.44
N SER A 962 -17.19 -170.26 -78.10
CA SER A 962 -17.68 -170.55 -76.75
C SER A 962 -18.57 -169.45 -76.19
N ASN A 963 -19.21 -168.64 -77.04
CA ASN A 963 -20.04 -167.55 -76.54
C ASN A 963 -21.51 -167.93 -76.54
N GLY A 964 -22.02 -168.43 -77.66
CA GLY A 964 -23.43 -168.76 -77.78
C GLY A 964 -24.31 -167.60 -78.18
N TYR A 965 -23.76 -166.40 -78.33
CA TYR A 965 -24.51 -165.24 -78.78
C TYR A 965 -23.54 -164.28 -79.44
N LYS A 966 -24.07 -163.43 -80.34
CA LYS A 966 -23.27 -162.52 -81.14
C LYS A 966 -23.82 -161.10 -80.98
N PRO A 967 -23.59 -160.47 -79.82
CA PRO A 967 -24.02 -159.09 -79.65
C PRO A 967 -22.91 -158.10 -79.95
N ALA A 968 -23.29 -156.99 -80.58
CA ALA A 968 -22.35 -155.92 -80.87
C ALA A 968 -22.95 -154.58 -80.50
N PRO A 969 -22.15 -153.65 -79.97
CA PRO A 969 -22.68 -152.34 -79.61
C PRO A 969 -23.11 -151.55 -80.83
N LEU A 970 -24.12 -150.71 -80.66
CA LEU A 970 -24.62 -149.87 -81.73
C LEU A 970 -23.67 -148.69 -81.95
N ASP A 971 -23.58 -148.24 -83.20
CA ASP A 971 -22.73 -147.11 -83.56
C ASP A 971 -23.49 -145.80 -83.36
N LEU A 972 -23.73 -145.49 -82.09
CA LEU A 972 -24.45 -144.28 -81.69
C LEU A 972 -23.69 -143.48 -80.65
N SER A 973 -22.36 -143.51 -80.71
CA SER A 973 -21.55 -142.79 -79.74
C SER A 973 -21.43 -141.30 -80.06
N HIS A 974 -21.86 -140.89 -81.26
CA HIS A 974 -21.72 -139.49 -81.65
C HIS A 974 -22.73 -138.58 -80.94
N VAL A 975 -23.87 -139.11 -80.55
CA VAL A 975 -24.90 -138.32 -79.89
C VAL A 975 -24.51 -138.12 -78.42
N ARG A 976 -24.65 -136.89 -77.93
CA ARG A 976 -24.25 -136.53 -76.58
C ARG A 976 -25.30 -135.62 -75.95
N LEU A 977 -25.53 -135.78 -74.65
CA LEU A 977 -26.40 -134.92 -73.87
C LEU A 977 -25.65 -134.38 -72.66
N THR A 978 -26.40 -133.75 -71.76
CA THR A 978 -25.80 -133.20 -70.55
C THR A 978 -25.33 -134.33 -69.63
N PRO A 979 -24.12 -134.25 -69.07
CA PRO A 979 -23.62 -135.34 -68.24
C PRO A 979 -24.22 -135.36 -66.84
N ALA A 980 -24.54 -134.17 -66.31
CA ALA A 980 -25.05 -134.09 -64.93
C ALA A 980 -26.41 -134.75 -64.78
N GLN A 981 -27.28 -134.62 -65.78
CA GLN A 981 -28.60 -135.25 -65.71
C GLN A 981 -28.47 -136.77 -65.62
N THR A 982 -27.57 -137.37 -66.39
CA THR A 982 -27.33 -138.80 -66.26
C THR A 982 -26.63 -139.13 -64.93
N THR A 983 -25.71 -138.29 -64.49
CA THR A 983 -24.97 -138.53 -63.25
C THR A 983 -25.90 -138.56 -62.03
N LEU A 984 -26.89 -137.68 -61.98
CA LEU A 984 -27.85 -137.70 -60.88
C LEU A 984 -28.65 -139.00 -60.80
N VAL A 985 -28.77 -139.73 -61.90
CA VAL A 985 -29.52 -140.98 -61.90
C VAL A 985 -28.85 -142.01 -61.01
N ASP A 986 -27.51 -142.10 -61.07
CA ASP A 986 -26.80 -143.04 -60.22
C ASP A 986 -26.95 -142.68 -58.74
N ARG A 987 -26.86 -141.40 -58.41
CA ARG A 987 -27.05 -140.97 -57.03
C ARG A 987 -28.46 -141.29 -56.54
N LEU A 988 -29.48 -141.07 -57.37
CA LEU A 988 -30.84 -141.44 -56.99
C LEU A 988 -31.00 -142.94 -56.82
N ALA A 989 -30.42 -143.73 -57.73
CA ALA A 989 -30.56 -145.18 -57.69
C ALA A 989 -29.87 -145.78 -56.47
N GLU A 990 -28.68 -145.28 -56.12
CA GLU A 990 -27.99 -145.79 -54.94
C GLU A 990 -28.79 -145.52 -53.67
N ASN A 991 -29.34 -144.31 -53.54
CA ASN A 991 -30.17 -144.00 -52.39
C ASN A 991 -31.44 -144.83 -52.35
N GLY A 992 -32.08 -145.05 -53.52
CA GLY A 992 -33.25 -145.89 -53.55
C GLY A 992 -32.96 -147.32 -53.16
N HIS A 993 -31.83 -147.85 -53.62
CA HIS A 993 -31.42 -149.20 -53.22
C HIS A 993 -31.14 -149.27 -51.72
N ASN A 994 -30.45 -148.25 -51.18
CA ASN A 994 -30.15 -148.24 -49.75
C ASN A 994 -31.42 -148.10 -48.91
N VAL A 995 -32.45 -147.44 -49.44
CA VAL A 995 -33.69 -147.31 -48.70
C VAL A 995 -34.29 -148.68 -48.41
N TRP A 996 -34.30 -149.56 -49.41
CA TRP A 996 -34.79 -150.93 -49.19
C TRP A 996 -33.77 -151.77 -48.42
N ALA A 997 -32.47 -151.51 -48.65
CA ALA A 997 -31.42 -152.26 -47.97
C ALA A 997 -31.38 -152.00 -46.47
N ARG A 998 -31.87 -150.85 -46.02
CA ARG A 998 -31.88 -150.56 -44.59
C ARG A 998 -32.70 -151.58 -43.80
N ASP A 999 -33.76 -152.14 -44.43
CA ASP A 999 -34.58 -153.10 -43.72
C ASP A 999 -33.89 -154.46 -43.58
N ARG A 1000 -33.23 -154.93 -44.64
CA ARG A 1000 -32.65 -156.27 -44.66
C ARG A 1000 -31.12 -156.24 -44.75
N VAL A 1001 -30.58 -155.58 -45.77
CA VAL A 1001 -29.14 -155.59 -45.98
C VAL A 1001 -28.41 -154.88 -44.85
N ALA A 1002 -28.90 -153.72 -44.42
CA ALA A 1002 -28.29 -153.05 -43.26
C ALA A 1002 -28.57 -153.80 -41.98
N GLN A 1003 -29.69 -154.53 -41.91
CA GLN A 1003 -29.94 -155.39 -40.75
C GLN A 1003 -28.89 -156.48 -40.65
N GLY A 1004 -28.49 -157.07 -41.77
CA GLY A 1004 -27.39 -158.02 -41.78
C GLY A 1004 -26.07 -157.36 -41.45
N TRP A 1005 -25.62 -156.46 -42.32
CA TRP A 1005 -24.44 -155.63 -42.18
C TRP A 1005 -23.14 -156.42 -42.06
N SER A 1006 -23.17 -157.73 -42.26
CA SER A 1006 -21.98 -158.57 -42.16
C SER A 1006 -22.28 -159.88 -42.91
N TYR A 1007 -21.32 -160.81 -42.86
CA TYR A 1007 -21.54 -162.10 -43.49
C TYR A 1007 -22.68 -162.86 -42.82
N SER A 1008 -22.75 -162.82 -41.49
CA SER A 1008 -23.81 -163.47 -40.74
C SER A 1008 -24.34 -162.49 -39.70
N VAL A 1022 -21.73 -147.02 -48.18
CA VAL A 1022 -22.08 -145.75 -47.52
C VAL A 1022 -23.56 -145.47 -47.75
N PRO A 1023 -24.29 -144.98 -46.75
CA PRO A 1023 -25.73 -144.77 -46.94
C PRO A 1023 -26.04 -143.60 -47.87
N TYR A 1024 -25.31 -142.49 -47.71
CA TYR A 1024 -25.54 -141.33 -48.55
C TYR A 1024 -25.01 -141.51 -49.97
N ARG A 1025 -24.07 -142.44 -50.16
CA ARG A 1025 -23.46 -142.75 -51.46
C ARG A 1025 -22.72 -141.55 -52.06
N LEU A 1026 -22.37 -140.55 -51.25
CA LEU A 1026 -21.65 -139.39 -51.76
C LEU A 1026 -20.15 -139.46 -51.48
N LEU A 1027 -19.73 -140.16 -50.42
CA LEU A 1027 -18.32 -140.27 -50.10
C LEU A 1027 -17.59 -141.23 -51.04
N ASP A 1028 -18.27 -142.25 -51.53
CA ASP A 1028 -17.65 -143.23 -52.40
C ASP A 1028 -17.27 -142.62 -53.74
N GLU A 1029 -16.11 -143.01 -54.28
CA GLU A 1029 -15.57 -142.44 -55.50
C GLU A 1029 -15.22 -143.49 -56.54
N ALA A 1030 -14.74 -144.67 -56.11
CA ALA A 1030 -14.35 -145.71 -57.05
C ALA A 1030 -15.51 -146.63 -57.42
N THR A 1031 -16.23 -147.13 -56.41
CA THR A 1031 -17.43 -147.92 -56.69
C THR A 1031 -18.49 -147.10 -57.40
N LYS A 1032 -18.58 -145.82 -57.08
CA LYS A 1032 -19.49 -144.94 -57.82
C LYS A 1032 -19.09 -144.84 -59.29
N ARG A 1033 -17.79 -144.71 -59.55
CA ARG A 1033 -17.31 -144.68 -60.93
C ARG A 1033 -17.61 -145.99 -61.66
N SER A 1034 -17.42 -147.12 -60.97
CA SER A 1034 -17.72 -148.41 -61.59
C SER A 1034 -19.21 -148.56 -61.88
N ASN A 1035 -20.06 -148.11 -60.97
CA ASN A 1035 -21.51 -148.26 -61.15
C ASN A 1035 -22.05 -147.28 -62.18
N ARG A 1036 -21.41 -146.12 -62.34
CA ARG A 1036 -21.91 -145.09 -63.26
C ARG A 1036 -21.91 -145.57 -64.70
N ASP A 1037 -20.85 -146.28 -65.12
CA ASP A 1037 -20.70 -146.68 -66.51
C ASP A 1037 -21.84 -147.60 -66.97
N SER A 1038 -22.36 -148.43 -66.06
CA SER A 1038 -23.40 -149.39 -66.44
C SER A 1038 -24.63 -148.68 -66.99
N LEU A 1039 -25.06 -147.60 -66.32
CA LEU A 1039 -26.22 -146.85 -66.81
C LEU A 1039 -25.81 -145.80 -67.83
N CYS A 1040 -24.56 -145.33 -67.80
CA CYS A 1040 -24.09 -144.39 -68.81
C CYS A 1040 -24.07 -145.01 -70.20
N GLN A 1041 -23.70 -146.29 -70.31
CA GLN A 1041 -23.77 -146.98 -71.59
C GLN A 1041 -25.21 -147.36 -71.95
N ALA A 1042 -26.04 -147.61 -70.94
CA ALA A 1042 -27.45 -147.92 -71.19
C ALA A 1042 -28.21 -146.73 -71.77
N VAL A 1043 -27.94 -145.51 -71.27
CA VAL A 1043 -28.59 -144.33 -71.81
C VAL A 1043 -28.02 -143.94 -73.17
N ARG A 1044 -26.91 -144.54 -73.58
CA ARG A 1044 -26.27 -144.24 -74.85
C ARG A 1044 -27.06 -144.75 -76.05
N THR A 1045 -28.14 -145.52 -75.82
CA THR A 1045 -29.04 -145.89 -76.90
C THR A 1045 -30.35 -145.13 -76.85
N LEU A 1046 -30.72 -144.57 -75.70
CA LEU A 1046 -31.96 -143.82 -75.58
C LEU A 1046 -31.78 -142.32 -75.78
N LEU A 1047 -30.56 -141.78 -75.60
CA LEU A 1047 -30.39 -140.34 -75.70
C LEU A 1047 -30.62 -139.82 -77.11
N GLY A 1048 -30.39 -140.66 -78.13
CA GLY A 1048 -30.54 -140.25 -79.51
C GLY A 1048 -31.96 -140.00 -79.96
N TYR A 1049 -32.95 -140.54 -79.24
CA TYR A 1049 -34.36 -140.37 -79.60
C TYR A 1049 -34.88 -138.96 -79.33
N GLY A 1050 -34.02 -138.02 -78.98
CA GLY A 1050 -34.44 -136.66 -78.72
C GLY A 1050 -34.99 -136.42 -77.32
N TYR A 1051 -34.94 -137.42 -76.46
CA TYR A 1051 -35.44 -137.27 -75.10
C TYR A 1051 -34.44 -136.44 -74.28
N ASN A 1052 -34.79 -135.19 -74.02
CA ASN A 1052 -33.91 -134.27 -73.30
C ASN A 1052 -34.47 -134.07 -71.90
N ILE A 1053 -33.77 -134.62 -70.90
CA ILE A 1053 -34.18 -134.52 -69.51
C ILE A 1053 -33.48 -133.33 -68.86
N GLU A 1054 -34.24 -132.57 -68.08
CA GLU A 1054 -33.69 -131.39 -67.41
C GLU A 1054 -33.26 -131.71 -65.98
N ASP A 1070 -19.96 -121.63 -41.97
CA ASP A 1070 -19.99 -120.79 -40.78
C ASP A 1070 -19.48 -119.39 -41.10
N ARG A 1071 -19.30 -118.57 -40.06
CA ARG A 1071 -18.84 -117.22 -40.24
C ARG A 1071 -17.36 -117.20 -40.64
N VAL A 1072 -16.94 -116.08 -41.22
CA VAL A 1072 -15.57 -115.89 -41.67
C VAL A 1072 -14.74 -115.29 -40.53
N ARG A 1073 -13.50 -115.75 -40.41
CA ARG A 1073 -12.62 -115.25 -39.36
C ARG A 1073 -11.90 -113.98 -39.82
N ILE A 1074 -11.64 -113.09 -38.88
CA ILE A 1074 -10.99 -111.80 -39.15
C ILE A 1074 -9.78 -111.67 -38.25
N PHE A 1075 -8.65 -111.30 -38.84
CA PHE A 1075 -7.42 -111.04 -38.10
C PHE A 1075 -6.99 -109.60 -38.37
N ARG A 1076 -6.45 -108.94 -37.36
CA ARG A 1076 -6.02 -107.56 -37.52
C ARG A 1076 -4.91 -107.24 -36.54
N ALA A 1077 -4.21 -106.15 -36.81
CA ALA A 1077 -3.14 -105.70 -35.93
C ALA A 1077 -3.73 -105.09 -34.66
N GLU A 1078 -2.86 -104.60 -33.78
CA GLU A 1078 -3.29 -103.94 -32.55
C GLU A 1078 -3.78 -102.53 -32.83
N LYS A 1079 -4.50 -101.97 -31.86
CA LYS A 1079 -4.85 -100.56 -31.88
C LYS A 1079 -3.73 -99.68 -31.35
N SER A 1080 -2.70 -100.27 -30.73
CA SER A 1080 -1.57 -99.50 -30.25
C SER A 1080 -0.48 -99.33 -31.31
N TYR A 1081 -0.60 -100.01 -32.44
CA TYR A 1081 0.35 -99.88 -33.54
C TYR A 1081 -0.22 -99.09 -34.72
N THR A 1082 -1.27 -98.31 -34.48
CA THR A 1082 -1.85 -97.50 -35.54
C THR A 1082 -0.86 -96.44 -36.01
N VAL A 1083 -0.85 -96.19 -37.32
CA VAL A 1083 0.09 -95.26 -37.94
C VAL A 1083 -0.69 -94.06 -38.45
N GLN A 1084 -0.15 -92.86 -38.23
CA GLN A 1084 -0.74 -91.63 -38.71
C GLN A 1084 0.18 -90.87 -39.66
N SER A 1085 1.36 -91.40 -39.95
CA SER A 1085 2.27 -90.78 -40.90
C SER A 1085 3.26 -91.84 -41.38
N GLY A 1086 3.90 -91.54 -42.50
CA GLY A 1086 4.91 -92.44 -43.07
C GLY A 1086 4.31 -93.41 -44.06
N ARG A 1087 5.20 -94.24 -44.61
CA ARG A 1087 4.85 -95.22 -45.63
C ARG A 1087 5.15 -96.61 -45.10
N TRP A 1088 4.22 -97.55 -45.32
CA TRP A 1088 4.34 -98.88 -44.77
C TRP A 1088 3.84 -99.91 -45.78
N TYR A 1089 4.53 -101.05 -45.82
CA TYR A 1089 4.21 -102.13 -46.74
C TYR A 1089 4.34 -103.47 -46.03
N PHE A 1090 3.44 -104.39 -46.37
CA PHE A 1090 3.44 -105.74 -45.80
C PHE A 1090 3.01 -106.72 -46.87
N GLU A 1091 3.26 -108.01 -46.61
CA GLU A 1091 2.99 -109.04 -47.63
C GLU A 1091 2.13 -110.15 -47.06
N PHE A 1092 1.48 -110.89 -47.95
CA PHE A 1092 0.58 -111.98 -47.59
C PHE A 1092 0.71 -113.07 -48.65
N GLU A 1093 0.49 -114.31 -48.22
CA GLU A 1093 0.56 -115.47 -49.11
C GLU A 1093 -0.63 -116.36 -48.86
N ALA A 1094 -1.23 -116.88 -49.92
CA ALA A 1094 -2.41 -117.73 -49.83
C ALA A 1094 -2.06 -119.13 -50.30
N VAL A 1095 -2.05 -120.09 -49.38
CA VAL A 1095 -1.81 -121.48 -49.78
C VAL A 1095 -2.99 -122.01 -50.57
N THR A 1096 -4.21 -121.67 -50.15
CA THR A 1096 -5.42 -122.02 -50.86
C THR A 1096 -6.03 -120.76 -51.45
N THR A 1097 -6.60 -120.89 -52.65
CA THR A 1097 -7.15 -119.75 -53.39
C THR A 1097 -8.67 -119.70 -53.32
N GLY A 1098 -9.26 -120.25 -52.26
CA GLY A 1098 -10.70 -120.33 -52.16
C GLY A 1098 -11.41 -118.99 -51.99
N GLU A 1099 -11.27 -118.37 -50.82
CA GLU A 1099 -11.96 -117.10 -50.55
C GLU A 1099 -11.28 -116.42 -49.37
N MET A 1100 -10.71 -115.24 -49.62
CA MET A 1100 -10.08 -114.46 -48.55
C MET A 1100 -9.87 -113.04 -49.04
N ARG A 1101 -9.70 -112.12 -48.09
CA ARG A 1101 -9.59 -110.70 -48.36
C ARG A 1101 -8.43 -110.11 -47.58
N VAL A 1102 -7.77 -109.10 -48.16
CA VAL A 1102 -6.58 -108.50 -47.54
C VAL A 1102 -6.68 -106.98 -47.67
N GLY A 1103 -6.30 -106.26 -46.63
CA GLY A 1103 -6.28 -104.81 -46.75
C GLY A 1103 -5.97 -104.10 -45.44
N TRP A 1104 -6.41 -102.86 -45.37
CA TRP A 1104 -6.25 -102.01 -44.21
C TRP A 1104 -7.62 -101.63 -43.67
N ALA A 1105 -7.66 -101.14 -42.43
CA ALA A 1105 -8.91 -100.78 -41.79
C ALA A 1105 -8.67 -99.66 -40.79
N ARG A 1106 -9.77 -99.00 -40.40
CA ARG A 1106 -9.72 -98.02 -39.34
C ARG A 1106 -9.55 -98.72 -37.99
N PRO A 1107 -9.03 -98.02 -36.98
CA PRO A 1107 -8.94 -98.64 -35.65
C PRO A 1107 -10.28 -99.09 -35.10
N GLU A 1108 -11.34 -98.35 -35.39
CA GLU A 1108 -12.68 -98.69 -34.91
C GLU A 1108 -13.34 -99.63 -35.92
N LEU A 1109 -12.95 -100.91 -35.85
CA LEU A 1109 -13.49 -101.95 -36.72
C LEU A 1109 -14.26 -102.94 -35.85
N ARG A 1110 -15.45 -103.31 -36.31
CA ARG A 1110 -16.28 -104.20 -35.52
C ARG A 1110 -16.41 -105.58 -36.17
N PRO A 1111 -16.58 -106.63 -35.38
CA PRO A 1111 -16.79 -107.96 -35.95
C PRO A 1111 -18.18 -108.14 -36.52
N ASP A 1112 -18.53 -109.37 -36.88
CA ASP A 1112 -19.83 -109.82 -37.38
C ASP A 1112 -20.31 -109.06 -38.60
N VAL A 1113 -19.44 -108.30 -39.26
CA VAL A 1113 -19.77 -107.60 -40.49
C VAL A 1113 -18.74 -107.96 -41.55
N GLU A 1114 -19.20 -108.18 -42.77
CA GLU A 1114 -18.31 -108.51 -43.86
C GLU A 1114 -17.36 -107.34 -44.14
N LEU A 1115 -16.11 -107.67 -44.41
CA LEU A 1115 -15.09 -106.65 -44.66
C LEU A 1115 -15.44 -105.89 -45.93
N GLY A 1116 -15.54 -104.56 -45.81
CA GLY A 1116 -15.86 -103.71 -46.93
C GLY A 1116 -17.32 -103.34 -47.04
N ALA A 1117 -18.21 -104.01 -46.31
CA ALA A 1117 -19.62 -103.63 -46.34
C ALA A 1117 -19.84 -102.23 -45.82
N ASP A 1118 -19.14 -101.85 -44.75
CA ASP A 1118 -19.18 -100.49 -44.23
C ASP A 1118 -18.04 -99.68 -44.83
N GLU A 1119 -17.86 -98.47 -44.31
CA GLU A 1119 -16.81 -97.57 -44.79
C GLU A 1119 -15.55 -97.63 -43.94
N LEU A 1120 -15.49 -98.54 -42.97
CA LEU A 1120 -14.39 -98.53 -42.01
C LEU A 1120 -13.14 -99.22 -42.51
N ALA A 1121 -13.22 -99.95 -43.62
CA ALA A 1121 -12.08 -100.73 -44.11
C ALA A 1121 -11.93 -100.59 -45.62
N TYR A 1122 -10.68 -100.65 -46.07
CA TYR A 1122 -10.34 -100.75 -47.48
C TYR A 1122 -9.67 -102.10 -47.71
N VAL A 1123 -10.39 -103.01 -48.37
CA VAL A 1123 -9.95 -104.39 -48.52
C VAL A 1123 -10.11 -104.79 -49.98
N PHE A 1124 -9.39 -105.85 -50.37
CA PHE A 1124 -9.41 -106.36 -51.74
C PHE A 1124 -9.56 -107.87 -51.70
N ASN A 1125 -10.30 -108.39 -52.69
CA ASN A 1125 -10.54 -109.81 -52.84
C ASN A 1125 -10.04 -110.25 -54.21
N GLY A 1126 -9.30 -111.36 -54.25
CA GLY A 1126 -8.71 -111.84 -55.47
C GLY A 1126 -9.55 -112.86 -56.21
N HIS A 1127 -10.42 -113.57 -55.48
CA HIS A 1127 -11.24 -114.60 -56.11
C HIS A 1127 -12.06 -114.01 -57.26
N ARG A 1128 -12.70 -112.87 -57.04
CA ARG A 1128 -13.38 -112.15 -58.10
C ARG A 1128 -12.66 -110.89 -58.52
N GLY A 1129 -11.56 -110.53 -57.84
CA GLY A 1129 -10.73 -109.42 -58.27
C GLY A 1129 -11.38 -108.06 -58.15
N GLN A 1130 -11.58 -107.58 -56.92
CA GLN A 1130 -12.19 -106.26 -56.76
C GLN A 1130 -11.81 -105.68 -55.40
N ARG A 1131 -11.82 -104.35 -55.36
CA ARG A 1131 -11.75 -103.60 -54.11
C ARG A 1131 -13.15 -103.50 -53.49
N TRP A 1132 -13.19 -103.21 -52.19
CA TRP A 1132 -14.43 -103.32 -51.44
C TRP A 1132 -14.67 -102.08 -50.58
N HIS A 1133 -14.56 -100.89 -51.16
CA HIS A 1133 -14.93 -99.66 -50.46
C HIS A 1133 -16.38 -99.32 -50.79
N LEU A 1134 -17.29 -99.71 -49.90
CA LEU A 1134 -18.71 -99.39 -50.00
C LEU A 1134 -19.30 -99.81 -51.34
N GLY A 1135 -18.90 -100.98 -51.83
CA GLY A 1135 -19.41 -101.47 -53.10
C GLY A 1135 -18.42 -102.44 -53.73
N SER A 1136 -18.55 -102.60 -55.04
CA SER A 1136 -17.72 -103.51 -55.81
C SER A 1136 -17.15 -102.79 -57.03
N GLU A 1137 -15.83 -102.70 -57.10
CA GLU A 1137 -15.14 -102.15 -58.26
C GLU A 1137 -14.16 -103.19 -58.77
N PRO A 1138 -14.43 -103.84 -59.90
CA PRO A 1138 -13.58 -104.97 -60.32
C PRO A 1138 -12.32 -104.54 -61.03
N PHE A 1139 -11.20 -105.20 -60.72
CA PHE A 1139 -9.93 -104.98 -61.39
C PHE A 1139 -9.00 -106.14 -61.08
N GLY A 1140 -7.97 -106.27 -61.89
CA GLY A 1140 -6.95 -107.28 -61.63
C GLY A 1140 -7.39 -108.68 -62.03
N ARG A 1141 -6.59 -109.65 -61.61
CA ARG A 1141 -6.79 -111.04 -61.97
C ARG A 1141 -6.76 -111.92 -60.73
N PRO A 1142 -7.48 -113.04 -60.74
CA PRO A 1142 -7.45 -113.95 -59.59
C PRO A 1142 -6.07 -114.57 -59.40
N TRP A 1143 -5.75 -114.88 -58.15
CA TRP A 1143 -4.49 -115.50 -57.82
C TRP A 1143 -4.65 -117.03 -57.76
N GLN A 1144 -3.55 -117.70 -57.45
CA GLN A 1144 -3.51 -119.16 -57.38
C GLN A 1144 -2.63 -119.54 -56.20
N SER A 1145 -2.21 -120.80 -56.16
CA SER A 1145 -1.28 -121.24 -55.13
C SER A 1145 0.01 -120.42 -55.19
N GLY A 1146 0.58 -120.14 -54.03
CA GLY A 1146 1.65 -119.16 -53.98
C GLY A 1146 1.05 -117.79 -54.24
N ASP A 1147 1.65 -117.06 -55.19
CA ASP A 1147 1.11 -115.79 -55.68
C ASP A 1147 0.95 -114.79 -54.52
N VAL A 1148 2.09 -114.41 -53.95
CA VAL A 1148 2.09 -113.47 -52.83
C VAL A 1148 1.55 -112.12 -53.28
N VAL A 1149 0.87 -111.45 -52.35
CA VAL A 1149 0.27 -110.14 -52.60
C VAL A 1149 0.77 -109.17 -51.55
N GLY A 1150 1.22 -108.01 -52.00
CA GLY A 1150 1.76 -106.98 -51.11
C GLY A 1150 0.86 -105.75 -51.11
N CYS A 1151 0.69 -105.18 -49.91
CA CYS A 1151 -0.11 -103.98 -49.73
C CYS A 1151 0.78 -102.88 -49.16
N MET A 1152 0.68 -101.69 -49.74
CA MET A 1152 1.55 -100.57 -49.40
C MET A 1152 0.77 -99.27 -49.40
N ILE A 1153 0.94 -98.48 -48.34
CA ILE A 1153 0.21 -97.23 -48.19
C ILE A 1153 1.14 -96.16 -47.67
N ASP A 1154 0.93 -94.94 -48.15
CA ASP A 1154 1.60 -93.75 -47.62
C ASP A 1154 0.58 -92.63 -47.45
N LEU A 1155 0.77 -91.84 -46.41
CA LEU A 1155 -0.20 -90.82 -46.03
C LEU A 1155 0.17 -89.42 -46.51
N THR A 1156 1.18 -89.27 -47.35
CA THR A 1156 1.52 -87.95 -47.89
C THR A 1156 0.71 -87.65 -49.14
N GLU A 1157 0.77 -88.52 -50.15
CA GLU A 1157 -0.01 -88.35 -51.36
C GLU A 1157 -1.39 -89.01 -51.26
N ASN A 1158 -1.67 -89.70 -50.16
CA ASN A 1158 -2.99 -90.29 -49.91
C ASN A 1158 -3.37 -91.31 -50.98
N THR A 1159 -2.52 -92.31 -51.16
CA THR A 1159 -2.75 -93.38 -52.14
C THR A 1159 -2.49 -94.73 -51.50
N ILE A 1160 -3.15 -95.76 -52.03
CA ILE A 1160 -3.04 -97.13 -51.54
C ILE A 1160 -2.77 -98.03 -52.74
N ILE A 1161 -1.74 -98.86 -52.66
CA ILE A 1161 -1.29 -99.65 -53.79
C ILE A 1161 -1.19 -101.12 -53.40
N PHE A 1162 -1.79 -101.98 -54.23
CA PHE A 1162 -1.70 -103.43 -54.10
C PHE A 1162 -0.94 -103.99 -55.27
N THR A 1163 -0.09 -104.99 -55.01
CA THR A 1163 0.74 -105.61 -56.03
C THR A 1163 0.72 -107.12 -55.85
N LEU A 1164 0.97 -107.86 -56.93
CA LEU A 1164 1.13 -109.30 -56.83
C LEU A 1164 2.25 -109.74 -57.76
N ASN A 1165 3.00 -110.75 -57.31
CA ASN A 1165 4.06 -111.36 -58.12
C ASN A 1165 5.02 -110.32 -58.67
N GLY A 1166 5.24 -109.24 -57.92
CA GLY A 1166 6.07 -108.17 -58.39
C GLY A 1166 5.45 -107.29 -59.45
N GLU A 1167 4.15 -107.42 -59.70
CA GLU A 1167 3.46 -106.64 -60.71
C GLU A 1167 2.40 -105.77 -60.05
N VAL A 1168 2.39 -104.49 -60.39
CA VAL A 1168 1.42 -103.56 -59.83
C VAL A 1168 0.06 -103.79 -60.48
N LEU A 1169 -0.97 -103.88 -59.66
CA LEU A 1169 -2.33 -104.01 -60.19
C LEU A 1169 -2.70 -102.77 -61.00
N MET A 1170 -3.38 -103.00 -62.12
CA MET A 1170 -3.85 -101.91 -62.98
C MET A 1170 -5.37 -101.95 -63.03
N SER A 1171 -6.00 -100.80 -62.75
CA SER A 1171 -7.44 -100.73 -62.79
C SER A 1171 -7.92 -100.70 -64.25
N ASP A 1172 -9.22 -100.94 -64.42
CA ASP A 1172 -9.79 -100.97 -65.76
C ASP A 1172 -9.77 -99.62 -66.45
N SER A 1173 -9.69 -98.53 -65.69
CA SER A 1173 -9.67 -97.19 -66.25
C SER A 1173 -8.27 -96.64 -66.47
N GLY A 1174 -7.23 -97.45 -66.23
CA GLY A 1174 -5.86 -97.03 -66.43
C GLY A 1174 -5.16 -96.52 -65.19
N SER A 1175 -5.89 -96.28 -64.10
CA SER A 1175 -5.26 -95.86 -62.86
C SER A 1175 -4.59 -97.05 -62.18
N GLU A 1176 -3.64 -96.74 -61.29
CA GLU A 1176 -2.91 -97.77 -60.57
C GLU A 1176 -3.65 -98.22 -59.32
N THR A 1177 -4.94 -98.53 -59.48
CA THR A 1177 -5.84 -98.99 -58.42
C THR A 1177 -5.56 -98.29 -57.08
N ALA A 1178 -5.40 -96.98 -57.14
CA ALA A 1178 -5.02 -96.18 -55.99
C ALA A 1178 -6.24 -95.39 -55.52
N PHE A 1179 -6.66 -95.64 -54.29
CA PHE A 1179 -7.69 -94.81 -53.66
C PHE A 1179 -7.14 -93.39 -53.48
N ARG A 1180 -7.94 -92.40 -53.85
CA ARG A 1180 -7.49 -91.02 -53.87
C ARG A 1180 -8.28 -90.21 -52.84
N GLU A 1181 -7.65 -89.13 -52.38
CA GLU A 1181 -8.24 -88.23 -51.38
C GLU A 1181 -8.65 -88.99 -50.13
N ILE A 1182 -7.76 -89.86 -49.67
CA ILE A 1182 -8.03 -90.65 -48.47
C ILE A 1182 -7.91 -89.75 -47.24
N GLU A 1183 -8.57 -90.16 -46.16
CA GLU A 1183 -8.59 -89.40 -44.93
C GLU A 1183 -7.71 -90.08 -43.88
N ILE A 1184 -6.83 -89.28 -43.26
CA ILE A 1184 -5.94 -89.82 -42.23
C ILE A 1184 -6.75 -90.34 -41.05
N GLY A 1185 -7.66 -89.52 -40.53
CA GLY A 1185 -8.54 -89.96 -39.46
C GLY A 1185 -7.74 -90.41 -38.24
N ASP A 1186 -8.17 -91.52 -37.65
CA ASP A 1186 -7.47 -92.08 -36.50
C ASP A 1186 -6.18 -92.77 -36.91
N GLY A 1187 -6.19 -93.50 -38.01
CA GLY A 1187 -5.03 -94.23 -38.47
C GLY A 1187 -5.45 -95.46 -39.26
N PHE A 1188 -4.46 -96.30 -39.56
CA PHE A 1188 -4.69 -97.51 -40.33
C PHE A 1188 -3.85 -98.63 -39.75
N LEU A 1189 -4.36 -99.85 -39.88
CA LEU A 1189 -3.68 -101.05 -39.39
C LEU A 1189 -4.01 -102.21 -40.31
N PRO A 1190 -3.09 -103.16 -40.48
CA PRO A 1190 -3.35 -104.29 -41.38
C PRO A 1190 -4.47 -105.20 -40.88
N VAL A 1191 -5.20 -105.77 -41.84
CA VAL A 1191 -6.34 -106.64 -41.56
C VAL A 1191 -6.48 -107.64 -42.70
N CYS A 1192 -6.86 -108.88 -42.35
CA CYS A 1192 -7.15 -109.91 -43.32
C CYS A 1192 -8.38 -110.69 -42.87
N SER A 1193 -9.05 -111.30 -43.84
CA SER A 1193 -10.25 -112.09 -43.59
C SER A 1193 -10.15 -113.41 -44.31
N LEU A 1194 -10.46 -114.49 -43.59
CA LEU A 1194 -10.37 -115.85 -44.11
C LEU A 1194 -11.73 -116.52 -44.05
N GLY A 1195 -12.07 -117.23 -45.12
CA GLY A 1195 -13.30 -117.99 -45.18
C GLY A 1195 -13.09 -119.42 -44.73
N PRO A 1196 -14.06 -120.28 -44.98
CA PRO A 1196 -13.94 -121.69 -44.56
C PRO A 1196 -12.88 -122.42 -45.37
N GLY A 1197 -12.02 -123.16 -44.68
CA GLY A 1197 -11.02 -123.98 -45.31
C GLY A 1197 -9.99 -123.23 -46.15
N GLN A 1198 -9.47 -122.13 -45.62
CA GLN A 1198 -8.46 -121.35 -46.33
C GLN A 1198 -7.23 -121.16 -45.44
N VAL A 1199 -6.06 -121.19 -46.06
CA VAL A 1199 -4.79 -121.12 -45.35
C VAL A 1199 -4.02 -119.90 -45.83
N GLY A 1200 -3.60 -119.07 -44.90
CA GLY A 1200 -2.87 -117.86 -45.23
C GLY A 1200 -1.65 -117.67 -44.35
N HIS A 1201 -0.71 -116.87 -44.84
CA HIS A 1201 0.51 -116.53 -44.12
C HIS A 1201 0.76 -115.04 -44.30
N LEU A 1202 0.68 -114.29 -43.20
CA LEU A 1202 0.80 -112.84 -43.22
C LEU A 1202 2.16 -112.45 -42.66
N ASN A 1203 2.92 -111.67 -43.42
CA ASN A 1203 4.25 -111.24 -43.01
C ASN A 1203 4.28 -109.72 -42.91
N LEU A 1204 4.62 -109.22 -41.72
CA LEU A 1204 4.74 -107.81 -41.45
C LEU A 1204 6.16 -107.30 -41.64
N GLY A 1205 7.05 -108.12 -42.20
CA GLY A 1205 8.43 -107.75 -42.39
C GLY A 1205 9.19 -107.56 -41.10
N GLN A 1206 9.03 -108.50 -40.17
CA GLN A 1206 9.79 -108.45 -38.92
C GLN A 1206 11.29 -108.51 -39.19
N ASP A 1207 11.71 -109.38 -40.10
CA ASP A 1207 13.07 -109.43 -40.58
C ASP A 1207 13.09 -109.14 -42.07
N VAL A 1208 14.04 -108.31 -42.50
CA VAL A 1208 14.08 -107.88 -43.89
C VAL A 1208 14.37 -109.04 -44.83
N SER A 1209 15.25 -109.96 -44.42
CA SER A 1209 15.64 -111.07 -45.30
C SER A 1209 14.47 -112.00 -45.61
N SER A 1210 13.48 -112.09 -44.73
CA SER A 1210 12.35 -112.98 -44.99
C SER A 1210 11.41 -112.46 -46.07
N LEU A 1211 11.50 -111.17 -46.41
CA LEU A 1211 10.69 -110.62 -47.49
C LEU A 1211 11.04 -111.30 -48.80
N ARG A 1212 10.03 -111.75 -49.54
CA ARG A 1212 10.29 -112.58 -50.71
C ARG A 1212 10.80 -111.75 -51.88
N PHE A 1213 10.01 -110.79 -52.34
CA PHE A 1213 10.40 -110.02 -53.53
C PHE A 1213 11.12 -108.75 -53.16
N PHE A 1214 10.43 -107.82 -52.49
CA PHE A 1214 10.98 -106.59 -51.95
C PHE A 1214 11.64 -105.70 -53.02
N ALA A 1215 11.53 -106.07 -54.29
CA ALA A 1215 12.18 -105.34 -55.38
C ALA A 1215 11.30 -104.28 -56.01
N ILE A 1216 10.00 -104.30 -55.73
CA ILE A 1216 9.09 -103.37 -56.40
C ILE A 1216 8.91 -102.09 -55.58
N CYS A 1217 9.07 -102.17 -54.26
CA CYS A 1217 8.83 -101.01 -53.41
C CYS A 1217 9.91 -100.78 -52.36
N GLY A 1218 10.92 -101.64 -52.26
CA GLY A 1218 11.92 -101.49 -51.23
C GLY A 1218 13.24 -100.92 -51.71
N LEU A 1219 13.43 -100.86 -53.03
CA LEU A 1219 14.72 -100.41 -53.55
C LEU A 1219 14.82 -98.89 -53.62
N GLN A 1220 13.93 -98.26 -54.39
CA GLN A 1220 14.01 -96.83 -54.64
C GLN A 1220 12.77 -96.07 -54.19
N GLU A 1221 11.76 -96.77 -53.66
CA GLU A 1221 10.52 -96.13 -53.26
C GLU A 1221 10.51 -95.63 -51.83
N GLY A 1222 11.41 -96.14 -50.98
CA GLY A 1222 11.50 -95.71 -49.60
C GLY A 1222 10.52 -96.36 -48.66
N PHE A 1223 9.63 -97.22 -49.17
CA PHE A 1223 8.69 -97.92 -48.31
C PHE A 1223 9.39 -98.96 -47.46
N GLU A 1224 8.94 -99.09 -46.22
CA GLU A 1224 9.56 -99.95 -45.22
C GLU A 1224 8.52 -100.89 -44.64
N PRO A 1225 8.96 -102.05 -44.15
CA PRO A 1225 8.01 -102.99 -43.54
C PRO A 1225 7.35 -102.41 -42.31
N PHE A 1226 6.15 -102.91 -42.03
CA PHE A 1226 5.36 -102.40 -40.93
C PHE A 1226 6.07 -102.58 -39.59
N ALA A 1227 6.62 -103.76 -39.35
CA ALA A 1227 7.30 -104.07 -38.10
C ALA A 1227 8.79 -104.19 -38.39
N ILE A 1228 9.48 -103.06 -38.35
CA ILE A 1228 10.89 -103.01 -38.69
C ILE A 1228 11.80 -102.93 -37.46
N ASN A 1229 11.35 -102.31 -36.38
CA ASN A 1229 12.16 -102.13 -35.17
C ASN A 1229 11.42 -102.65 -33.95
N MET A 1230 10.85 -103.84 -34.06
CA MET A 1230 10.13 -104.49 -32.97
C MET A 1230 10.98 -105.60 -32.38
N GLN A 1231 11.08 -105.60 -31.04
CA GLN A 1231 11.78 -106.68 -30.35
C GLN A 1231 10.94 -107.95 -30.29
N ARG A 1232 9.61 -107.81 -30.28
CA ARG A 1232 8.70 -108.93 -30.20
C ARG A 1232 7.62 -108.79 -31.27
N PRO A 1233 7.05 -109.91 -31.72
CA PRO A 1233 6.06 -109.84 -32.81
C PRO A 1233 4.77 -109.18 -32.37
N VAL A 1234 3.89 -108.97 -33.35
CA VAL A 1234 2.61 -108.32 -33.12
C VAL A 1234 1.59 -109.36 -32.65
N THR A 1235 0.70 -108.94 -31.75
CA THR A 1235 -0.23 -109.87 -31.11
C THR A 1235 -1.26 -110.44 -32.08
N THR A 1236 -1.64 -109.68 -33.12
CA THR A 1236 -2.53 -110.15 -34.19
C THR A 1236 -3.87 -110.62 -33.62
N TRP A 1237 -4.66 -109.65 -33.17
CA TRP A 1237 -5.96 -109.93 -32.60
C TRP A 1237 -6.88 -110.58 -33.62
N PHE A 1238 -7.79 -111.43 -33.15
CA PHE A 1238 -8.66 -112.17 -34.05
C PHE A 1238 -10.09 -112.24 -33.52
N SER A 1239 -11.03 -112.46 -34.42
CA SER A 1239 -12.44 -112.50 -34.07
C SER A 1239 -12.87 -113.91 -33.68
N LYS A 1240 -13.72 -114.00 -32.67
CA LYS A 1240 -14.29 -115.25 -32.20
C LYS A 1240 -15.81 -115.22 -32.34
N SER A 1241 -16.38 -116.38 -32.62
CA SER A 1241 -17.82 -116.53 -32.81
C SER A 1241 -18.53 -117.02 -31.55
N LEU A 1242 -17.87 -117.05 -30.41
CA LEU A 1242 -18.51 -117.49 -29.18
C LEU A 1242 -19.51 -116.44 -28.71
N PRO A 1243 -20.78 -116.79 -28.53
CA PRO A 1243 -21.78 -115.79 -28.13
C PRO A 1243 -21.60 -115.37 -26.68
N GLN A 1244 -21.81 -114.08 -26.42
CA GLN A 1244 -21.65 -113.52 -25.08
C GLN A 1244 -22.74 -112.49 -24.80
N PHE A 1245 -23.09 -112.36 -23.52
CA PHE A 1245 -24.03 -111.32 -23.13
C PHE A 1245 -23.32 -109.98 -23.00
N GLU A 1246 -23.96 -108.93 -23.53
CA GLU A 1246 -23.41 -107.58 -23.45
C GLU A 1246 -24.55 -106.61 -23.25
N PRO A 1247 -24.32 -105.48 -22.57
CA PRO A 1247 -25.39 -104.51 -22.39
C PRO A 1247 -25.85 -103.91 -23.71
N VAL A 1248 -27.14 -103.60 -23.77
CA VAL A 1248 -27.71 -103.03 -25.00
C VAL A 1248 -27.15 -101.62 -25.20
N PRO A 1249 -26.62 -101.30 -26.38
CA PRO A 1249 -26.08 -99.96 -26.61
C PRO A 1249 -27.17 -98.91 -26.51
N PRO A 1250 -26.88 -97.76 -25.90
CA PRO A 1250 -27.87 -96.68 -25.87
C PRO A 1250 -28.26 -96.18 -27.25
N GLU A 1251 -27.32 -96.16 -28.20
CA GLU A 1251 -27.60 -95.69 -29.56
C GLU A 1251 -27.78 -96.91 -30.47
N HIS A 1252 -28.99 -97.44 -30.46
CA HIS A 1252 -29.36 -98.56 -31.32
C HIS A 1252 -30.67 -98.24 -32.03
N PRO A 1253 -30.68 -98.17 -33.36
CA PRO A 1253 -31.91 -97.75 -34.06
C PRO A 1253 -33.08 -98.70 -33.88
N HIS A 1254 -32.84 -99.97 -33.57
CA HIS A 1254 -33.92 -100.96 -33.54
C HIS A 1254 -34.55 -101.08 -32.16
N TYR A 1255 -33.75 -101.43 -31.15
CA TYR A 1255 -34.25 -101.70 -29.81
C TYR A 1255 -33.89 -100.54 -28.89
N GLU A 1256 -34.89 -100.03 -28.17
CA GLU A 1256 -34.70 -98.96 -27.21
C GLU A 1256 -35.27 -99.38 -25.86
N VAL A 1257 -34.51 -99.17 -24.80
CA VAL A 1257 -34.91 -99.54 -23.44
C VAL A 1257 -35.18 -98.25 -22.67
N ALA A 1258 -36.38 -98.16 -22.09
CA ALA A 1258 -36.80 -96.99 -21.33
C ALA A 1258 -37.10 -97.40 -19.91
N ARG A 1259 -36.54 -96.67 -18.94
CA ARG A 1259 -36.80 -96.93 -17.54
C ARG A 1259 -38.06 -96.20 -17.09
N MET A 1260 -38.90 -96.89 -16.33
CA MET A 1260 -40.13 -96.33 -15.79
C MET A 1260 -40.03 -96.27 -14.27
N ASP A 1261 -40.32 -95.10 -13.71
CA ASP A 1261 -40.34 -94.94 -12.27
C ASP A 1261 -41.58 -95.60 -11.68
N GLY A 1262 -41.46 -96.02 -10.43
CA GLY A 1262 -42.58 -96.66 -9.74
C GLY A 1262 -43.65 -95.65 -9.39
N THR A 1263 -44.87 -95.92 -9.81
CA THR A 1263 -46.01 -95.06 -9.51
C THR A 1263 -46.58 -95.42 -8.15
N VAL A 1264 -47.68 -94.77 -7.77
CA VAL A 1264 -48.32 -95.07 -6.49
C VAL A 1264 -48.85 -96.50 -6.48
N ASP A 1265 -49.52 -96.91 -7.55
CA ASP A 1265 -50.08 -98.25 -7.66
C ASP A 1265 -49.29 -99.15 -8.60
N THR A 1266 -48.22 -98.65 -9.20
CA THR A 1266 -47.44 -99.42 -10.15
C THR A 1266 -45.99 -99.49 -9.70
N PRO A 1267 -45.42 -100.69 -9.56
CA PRO A 1267 -44.00 -100.80 -9.18
C PRO A 1267 -43.10 -100.42 -10.34
N PRO A 1268 -41.85 -100.10 -10.08
CA PRO A 1268 -40.92 -99.77 -11.16
C PRO A 1268 -40.76 -100.96 -12.12
N CYS A 1269 -40.67 -100.65 -13.41
CA CYS A 1269 -40.63 -101.67 -14.44
C CYS A 1269 -39.74 -101.21 -15.58
N LEU A 1270 -39.29 -102.18 -16.37
CA LEU A 1270 -38.43 -101.95 -17.53
C LEU A 1270 -39.19 -102.35 -18.78
N ARG A 1271 -39.27 -101.45 -19.75
CA ARG A 1271 -40.04 -101.66 -20.97
C ARG A 1271 -39.13 -101.64 -22.18
N LEU A 1272 -39.30 -102.62 -23.07
CA LEU A 1272 -38.58 -102.70 -24.32
C LEU A 1272 -39.54 -102.39 -25.47
N ALA A 1273 -39.14 -101.46 -26.34
CA ALA A 1273 -39.96 -101.03 -27.47
C ALA A 1273 -39.17 -101.17 -28.75
N HIS A 1274 -39.78 -101.78 -29.76
CA HIS A 1274 -39.18 -101.94 -31.08
C HIS A 1274 -39.83 -100.96 -32.04
N ARG A 1275 -39.02 -100.14 -32.70
CA ARG A 1275 -39.53 -99.13 -33.61
C ARG A 1275 -38.97 -99.32 -35.01
N UNK A 1276 -39.79 -99.88 -35.90
CA UNK A 1276 -39.38 -100.12 -37.28
C UNK A 1276 -40.58 -100.29 -38.20
N UNK A 1277 -40.57 -99.56 -39.31
CA UNK A 1277 -41.62 -99.67 -40.32
C UNK A 1277 -41.50 -101.00 -41.05
N UNK A 1278 -40.26 -101.35 -41.41
CA UNK A 1278 -39.97 -102.62 -42.05
C UNK A 1278 -38.75 -103.24 -41.37
N UNK A 1279 -37.57 -102.88 -41.85
CA UNK A 1279 -36.29 -103.31 -41.26
C UNK A 1279 -36.21 -104.83 -41.14
N UNK A 1280 -35.81 -105.29 -39.95
CA UNK A 1280 -35.64 -106.72 -39.72
C UNK A 1280 -36.47 -107.18 -38.52
N UNK A 1281 -36.84 -108.45 -38.52
CA UNK A 1281 -37.60 -109.03 -37.42
C UNK A 1281 -36.88 -110.23 -36.84
N UNK A 1282 -35.58 -110.09 -36.63
CA UNK A 1282 -34.77 -111.16 -36.07
C UNK A 1282 -35.14 -111.43 -34.61
N UNK A 1283 -35.04 -112.69 -34.20
CA UNK A 1283 -35.39 -113.08 -32.85
C UNK A 1283 -34.37 -112.58 -31.85
N UNK A 1284 -34.74 -111.56 -31.07
CA UNK A 1284 -33.88 -111.01 -30.04
C UNK A 1284 -33.65 -112.05 -28.95
N UNK A 1285 -32.68 -112.93 -29.17
CA UNK A 1285 -32.40 -114.04 -28.26
C UNK A 1285 -32.03 -113.55 -26.86
N UNK A 1286 -32.84 -113.95 -25.89
CA UNK A 1286 -32.62 -113.65 -24.47
C UNK A 1286 -32.67 -112.16 -24.16
N UNK A 1287 -32.71 -111.86 -22.86
CA UNK A 1287 -32.72 -110.50 -22.36
C UNK A 1287 -32.43 -110.52 -20.87
N UNK A 1288 -31.37 -111.24 -20.50
CA UNK A 1288 -31.00 -111.43 -19.10
C UNK A 1288 -30.71 -110.12 -18.40
N UNK A 1289 -31.01 -110.06 -17.11
CA UNK A 1289 -30.72 -108.89 -16.31
C UNK A 1289 -29.24 -108.85 -15.95
N UNK A 1290 -28.79 -107.73 -15.42
CA UNK A 1290 -27.37 -107.54 -15.11
C UNK A 1290 -26.90 -108.44 -13.98
N UNK A 1291 -27.43 -108.23 -12.78
CA UNK A 1291 -27.01 -108.97 -11.60
C UNK A 1291 -27.49 -110.41 -11.64
N UNK A 1292 -27.00 -111.22 -10.71
CA UNK A 1292 -27.36 -112.64 -10.65
C UNK A 1292 -27.80 -113.03 -9.24
N UNK A 1293 -28.59 -114.09 -9.14
CA UNK A 1293 -29.08 -114.58 -7.85
C UNK A 1293 -28.48 -115.94 -7.53
N UNK A 1294 -28.17 -116.16 -6.25
CA UNK A 1294 -27.55 -117.41 -5.82
C UNK A 1294 -28.30 -118.03 -4.65
N UNK A 1295 -28.36 -119.35 -4.62
CA UNK A 1295 -29.04 -120.08 -3.55
C UNK A 1295 -28.12 -120.27 -2.35
N UNK A 1296 -28.71 -120.50 -1.19
CA UNK A 1296 -27.95 -120.69 0.04
C UNK A 1296 -27.17 -121.99 0.01
N UNK A 1297 -26.17 -122.11 0.89
CA UNK A 1297 -25.35 -123.32 0.94
C UNK A 1297 -26.11 -124.46 1.61
N UNK A 1298 -32.24 -128.16 4.11
CA UNK A 1298 -31.41 -127.04 4.56
C UNK A 1298 -31.23 -126.01 3.46
N UNK A 1299 -31.30 -126.47 2.21
CA UNK A 1299 -31.16 -125.58 1.06
C UNK A 1299 -32.46 -124.82 0.81
N UNK A 1300 -33.58 -125.52 0.95
CA UNK A 1300 -34.91 -124.95 0.74
C UNK A 1300 -35.04 -124.38 -0.68
N UNK A 1301 -34.38 -125.02 -1.63
CA UNK A 1301 -34.38 -124.57 -3.01
C UNK A 1301 -35.46 -125.28 -3.82
N UNK A 1302 -36.32 -124.50 -4.47
CA UNK A 1302 -37.40 -125.04 -5.29
C UNK A 1302 -38.00 -123.96 -6.16
N UNK A 1303 -37.86 -124.09 -7.48
CA UNK A 1303 -38.43 -123.14 -8.41
C UNK A 1303 -39.91 -123.47 -8.63
N UNK A 1304 -40.69 -122.46 -8.97
CA UNK A 1304 -42.12 -122.63 -9.20
C UNK A 1304 -42.69 -121.50 -10.04
N UNK A 1305 -43.16 -121.84 -11.24
CA UNK A 1305 -43.77 -120.86 -12.12
C UNK A 1305 -45.23 -120.66 -11.76
N UNK A 1306 -45.67 -119.40 -11.72
CA UNK A 1306 -47.06 -119.08 -11.40
C UNK A 1306 -47.58 -117.99 -12.32
N UNK A 1307 -48.81 -118.15 -12.79
CA UNK A 1307 -49.44 -117.18 -13.67
C UNK A 1307 -50.93 -117.09 -13.41
N UNK A 1308 -51.43 -115.87 -13.26
CA UNK A 1308 -52.85 -115.61 -12.98
C UNK A 1308 -53.31 -116.33 -11.72
N UNK A 1309 -53.58 -117.62 -11.85
CA UNK A 1309 -54.02 -118.43 -10.73
C UNK A 1309 -52.88 -119.31 -10.21
N UNK A 1310 -52.65 -120.43 -10.88
CA UNK A 1310 -51.58 -121.35 -10.53
C UNK A 1310 -51.15 -122.17 -11.74
N UNK A 1311 -49.96 -122.74 -11.69
CA UNK A 1311 -49.44 -123.52 -12.81
C UNK A 1311 -48.74 -124.78 -12.31
N UNK A 1312 -48.58 -125.75 -13.19
CA UNK A 1312 -47.93 -127.01 -12.85
C UNK A 1312 -46.80 -127.32 -13.82
N UNK A 1313 -45.68 -126.62 -13.65
CA UNK A 1313 -44.52 -126.83 -14.52
C UNK A 1313 -43.39 -127.51 -13.76
N UNK A 1314 -43.74 -128.12 -12.62
CA UNK A 1314 -42.79 -128.85 -11.79
C UNK A 1314 -41.63 -127.97 -11.32
N UNK A 1315 -40.69 -127.72 -12.22
CA UNK A 1315 -39.49 -126.93 -11.91
C UNK A 1315 -38.72 -127.55 -10.76
N UNK A 1316 -37.85 -128.51 -11.09
CA UNK A 1316 -37.12 -129.27 -10.08
C UNK A 1316 -36.18 -128.38 -9.27
N UNK A 1317 -35.70 -128.91 -8.14
CA UNK A 1317 -34.79 -128.20 -7.27
C UNK A 1317 -33.39 -128.15 -7.87
N UNK A 1318 -32.68 -127.04 -7.63
CA UNK A 1318 -31.31 -126.90 -8.11
C UNK A 1318 -30.33 -127.49 -7.10
N UNK A 1319 -29.05 -127.21 -7.29
CA UNK A 1319 -28.02 -127.73 -6.39
C UNK A 1319 -27.93 -126.86 -5.14
N UNK A 1320 -26.72 -126.72 -4.61
CA UNK A 1320 -26.50 -125.94 -3.40
C UNK A 1320 -26.11 -124.50 -3.73
N UNK A 1321 -24.90 -124.32 -4.26
CA UNK A 1321 -24.40 -122.99 -4.58
C UNK A 1321 -24.70 -122.61 -6.03
N UNK A 1322 -25.83 -123.09 -6.54
CA UNK A 1322 -26.23 -122.81 -7.92
C UNK A 1322 -26.62 -121.35 -8.09
N UNK A 1323 -26.12 -120.73 -9.15
CA UNK A 1323 -26.42 -119.33 -9.44
C UNK A 1323 -27.30 -119.20 -10.67
N UNK A 1324 -28.36 -118.39 -10.58
CA UNK A 1324 -29.27 -118.19 -11.68
C UNK A 1324 -29.61 -116.71 -11.85
N UNK A 1325 -29.84 -116.30 -13.09
CA UNK A 1325 -30.16 -114.91 -13.38
C UNK A 1325 -31.48 -114.79 -14.12
N UNK A 1326 -32.22 -113.71 -13.85
CA UNK A 1326 -33.50 -113.48 -14.50
C UNK A 1326 -33.33 -113.25 -15.99
N UNK A 1327 -34.19 -113.84 -16.79
CA UNK A 1327 -34.09 -113.73 -18.24
C UNK A 1327 -35.44 -113.89 -18.93
N UNK A 1328 -35.47 -113.65 -20.24
CA UNK A 1328 -36.69 -113.78 -21.04
C UNK A 1328 -36.36 -113.76 -22.53
N UNK A 1329 -36.42 -114.93 -23.17
CA UNK A 1329 -36.12 -115.03 -24.59
C UNK A 1329 -37.39 -114.96 -25.43
N UNK A 1330 -37.63 -113.81 -26.05
CA UNK A 1330 -38.86 -113.60 -26.82
C UNK A 1330 -38.58 -113.12 -28.24
N UNK A 1331 -39.63 -113.03 -29.04
CA UNK A 1331 -39.52 -112.55 -30.41
C UNK A 1331 -40.44 -111.35 -30.64
N UNK A 1332 -40.02 -110.44 -31.52
CA UNK A 1332 -40.77 -109.22 -31.77
C UNK A 1332 -42.03 -109.48 -32.58
N UNK A 1333 -43.05 -108.64 -32.35
CA UNK A 1333 -44.31 -108.75 -33.08
C UNK A 1333 -44.58 -107.47 -33.86
N UNK A 1334 -43.50 -106.77 -34.23
CA UNK A 1334 -43.58 -105.52 -34.99
C UNK A 1334 -44.45 -104.48 -34.31
N UNK A 1335 -44.46 -104.50 -32.97
CA UNK A 1335 -45.26 -103.56 -32.20
C UNK A 1335 -44.52 -103.15 -30.94
N UNK A 1336 -44.95 -103.70 -29.80
CA UNK A 1336 -44.31 -103.42 -28.52
C UNK A 1336 -43.92 -104.72 -27.83
N UNK A 1337 -42.68 -104.82 -27.39
CA UNK A 1337 -42.17 -106.04 -26.78
C UNK A 1337 -42.65 -106.18 -25.33
N UNK A 1338 -42.10 -107.19 -24.64
CA UNK A 1338 -42.45 -107.46 -23.26
C UNK A 1338 -41.91 -106.39 -22.32
N UNK A 1339 -42.54 -106.25 -21.16
CA UNK A 1339 -42.12 -105.26 -20.17
C UNK A 1339 -41.90 -105.92 -18.81
N UNK A 1340 -40.65 -106.12 -18.44
CA UNK A 1340 -40.32 -106.74 -17.17
C UNK A 1340 -40.66 -105.80 -16.01
N UNK A 1341 -41.29 -106.35 -14.99
CA UNK A 1341 -41.69 -105.55 -13.84
C UNK A 1341 -41.28 -106.22 -12.52
N UNK A 1342 -40.69 -105.45 -11.63
CA UNK A 1342 -40.24 -105.97 -10.34
C UNK A 1342 -41.21 -105.56 -9.24
N UNK A 1343 -41.83 -106.56 -8.60
CA UNK A 1343 -42.80 -106.30 -7.54
C UNK A 1343 -42.76 -107.39 -6.47
N UNK A 1344 -43.77 -107.39 -5.61
CA UNK A 1344 -43.86 -108.37 -4.53
C UNK A 1344 -45.30 -108.81 -4.31
N UNK A 1345 -45.47 -110.00 -3.76
CA UNK A 1345 -46.81 -110.53 -3.48
C UNK A 1345 -47.19 -110.26 -2.03
N UNK A 1346 -47.96 -111.17 -1.44
CA UNK A 1346 -48.39 -111.03 -0.06
C UNK A 1346 -47.21 -111.17 0.89
N UNK A 1347 -46.34 -112.13 0.60
CA UNK A 1347 -45.14 -112.34 1.40
C UNK A 1347 -44.11 -113.15 0.62
N UNK A 1348 -43.96 -112.82 -0.67
CA UNK A 1348 -43.03 -113.53 -1.54
C UNK A 1348 -42.44 -112.61 -2.61
N UNK A 1349 -41.43 -113.10 -3.32
CA UNK A 1349 -40.77 -112.32 -4.36
C UNK A 1349 -40.98 -112.96 -5.73
N UNK A 1350 -41.24 -112.12 -6.73
CA UNK A 1350 -41.46 -112.59 -8.09
C UNK A 1350 -41.21 -111.48 -9.12
N UNK A 1351 -40.94 -111.88 -10.35
CA UNK A 1351 -40.74 -110.94 -11.44
C UNK A 1351 -41.88 -111.05 -12.45
N UNK A 1352 -42.59 -109.94 -12.66
CA UNK A 1352 -43.74 -109.94 -13.56
C UNK A 1352 -43.36 -109.50 -14.97
N UNK A 1353 -44.24 -109.78 -15.92
CA UNK A 1353 -44.02 -109.39 -17.31
C UNK A 1353 -45.36 -109.33 -18.05
N UNK A 1354 -45.39 -108.62 -19.17
CA UNK A 1354 -46.62 -108.47 -19.94
C UNK A 1354 -46.34 -108.66 -21.44
N UNK A 1355 -46.83 -109.78 -21.99
CA UNK A 1355 -46.60 -110.09 -23.39
C UNK A 1355 -47.74 -109.60 -24.26
N UNK A 1356 -47.65 -109.88 -25.56
CA UNK A 1356 -48.68 -109.46 -26.51
C UNK A 1356 -48.67 -110.36 -27.75
N UNK A 1357 -48.22 -111.60 -27.58
CA UNK A 1357 -48.18 -112.57 -28.67
C UNK A 1357 -48.51 -113.97 -28.15
N UNK A 1358 -48.03 -114.98 -28.86
CA UNK A 1358 -48.30 -116.37 -28.49
C UNK A 1358 -47.04 -117.08 -28.04
N UNK A 1359 -46.05 -117.15 -28.92
CA UNK A 1359 -44.79 -117.84 -28.62
C UNK A 1359 -43.73 -116.87 -28.11
N UNK A 1360 -43.50 -116.89 -26.80
CA UNK A 1360 -42.52 -116.02 -26.17
C UNK A 1360 -42.16 -116.53 -24.78
N UNK A 1361 -41.28 -117.53 -24.72
CA UNK A 1361 -40.87 -118.12 -23.45
C UNK A 1361 -40.17 -117.10 -22.56
N UNK A 1362 -40.29 -117.26 -21.24
CA UNK A 1362 -39.70 -116.32 -20.30
C UNK A 1362 -39.54 -116.90 -18.91
N UNK A 1363 -38.29 -117.12 -18.50
CA UNK A 1363 -37.97 -117.59 -17.15
C UNK A 1363 -36.49 -117.40 -16.84
N UNK A 1364 -36.09 -117.81 -15.64
CA UNK A 1364 -34.70 -117.66 -15.20
C UNK A 1364 -33.75 -118.57 -15.95
N UNK A 1365 -32.51 -118.13 -16.14
CA UNK A 1365 -31.51 -118.89 -16.86
C UNK A 1365 -30.21 -118.99 -16.06
N UNK A 1366 -29.41 -120.01 -16.35
CA UNK A 1366 -28.14 -120.21 -15.65
C UNK A 1366 -27.10 -119.18 -16.08
N UNK A 1367 -25.89 -119.33 -15.57
CA UNK A 1367 -24.81 -118.39 -15.86
C UNK A 1367 -23.92 -118.91 -16.98
N UNK A 1368 -24.11 -120.17 -17.36
CA UNK A 1368 -23.31 -120.77 -18.42
C UNK A 1368 -24.15 -121.02 -19.66
N UNK A 1369 -25.20 -120.23 -19.83
CA UNK A 1369 -26.09 -120.39 -20.98
C UNK A 1369 -25.53 -119.69 -22.21
N UNK A 1370 -25.47 -120.42 -23.32
CA UNK A 1370 -24.97 -119.88 -24.57
C UNK A 1370 -25.75 -120.45 -25.75
N UNK A 1371 -25.10 -120.52 -26.91
CA UNK A 1371 -25.69 -121.07 -28.13
C UNK A 1371 -26.96 -120.34 -28.55
N UNK A 1372 -26.80 -119.34 -29.40
CA UNK A 1372 -27.93 -118.59 -29.93
C UNK A 1372 -28.67 -119.42 -30.98
N UNK A 1373 -29.73 -120.11 -30.55
CA UNK A 1373 -30.50 -120.96 -31.45
C UNK A 1373 -31.26 -120.12 -32.47
N UNK A 1374 -31.76 -120.79 -33.51
CA UNK A 1374 -32.52 -120.10 -34.55
C UNK A 1374 -34.00 -120.05 -34.19
N UNK A 1375 -34.56 -121.19 -33.80
CA UNK A 1375 -35.97 -121.28 -33.44
C UNK A 1375 -36.23 -122.46 -32.50
N UNK A 1376 -37.50 -122.65 -32.17
CA UNK A 1376 -37.96 -123.75 -31.33
C UNK A 1376 -37.30 -123.75 -29.96
N UNK A 1377 -37.35 -124.90 -29.28
CA UNK A 1377 -36.78 -125.04 -27.95
C UNK A 1377 -35.62 -126.03 -27.97
N UNK A 1378 -35.86 -127.23 -27.44
CA UNK A 1378 -34.85 -128.28 -27.36
C UNK A 1378 -33.61 -127.82 -26.60
N UNK A 1379 -33.80 -127.49 -25.32
CA UNK A 1379 -32.69 -127.06 -24.47
C UNK A 1379 -31.84 -128.26 -24.06
N UNK A 1380 -30.55 -128.03 -23.87
CA UNK A 1380 -29.63 -129.10 -23.50
C UNK A 1380 -29.91 -129.63 -22.10
N UNK A 1381 -29.76 -130.94 -21.92
CA UNK A 1381 -30.02 -131.57 -20.64
C UNK A 1381 -29.27 -132.90 -20.52
N UNK A 1382 -29.10 -133.37 -19.29
CA UNK A 1382 -28.42 -134.63 -19.03
C UNK A 1382 -28.78 -135.16 -17.64
N UNK A 1383 -28.19 -136.28 -17.26
CA UNK A 1383 -28.44 -136.88 -15.95
C UNK A 1383 -27.34 -137.87 -15.57
N UNK A 1384 -26.66 -137.59 -14.47
CA UNK A 1384 -25.59 -138.48 -13.99
C UNK A 1384 -26.15 -139.49 -12.99
N UNK A 1385 -26.38 -140.71 -13.46
CA UNK A 1385 -26.97 -141.75 -12.61
C UNK A 1385 -25.91 -142.45 -11.77
N UNK A 1386 -26.03 -142.34 -10.45
CA UNK A 1386 -25.12 -143.00 -9.53
C UNK A 1386 -25.83 -144.12 -8.78
N UNK A 1387 -25.08 -145.13 -8.38
CA UNK A 1387 -25.67 -146.27 -7.68
C UNK A 1387 -24.72 -146.79 -6.59
N UNK A 1388 -24.70 -148.11 -6.42
CA UNK A 1388 -23.83 -148.73 -5.42
C UNK A 1388 -23.13 -149.95 -6.03
N UNK A 1389 -22.92 -150.98 -5.20
CA UNK A 1389 -22.28 -152.21 -5.65
C UNK A 1389 -23.20 -152.97 -6.60
N UNK A 1390 -24.50 -152.81 -6.40
CA UNK A 1390 -25.49 -153.46 -7.25
C UNK A 1390 -26.48 -152.43 -7.78
N UNK A 1391 -27.65 -152.91 -8.20
CA UNK A 1391 -28.68 -152.03 -8.73
C UNK A 1391 -29.74 -151.74 -7.68
N UNK A 1392 -29.45 -152.10 -6.44
CA UNK A 1392 -30.38 -151.88 -5.33
C UNK A 1392 -30.48 -150.40 -4.99
N UNK A 1393 -29.36 -149.82 -4.60
CA UNK A 1393 -29.31 -148.39 -4.27
C UNK A 1393 -29.02 -147.56 -5.51
N UNK A 1394 -29.70 -146.43 -5.62
CA UNK A 1394 -29.52 -145.54 -6.76
C UNK A 1394 -29.51 -144.08 -6.33
N UNK A 1395 -28.51 -143.34 -6.80
CA UNK A 1395 -28.39 -141.92 -6.48
C UNK A 1395 -28.31 -141.10 -7.76
N UNK A 1396 -29.33 -141.22 -8.61
CA UNK A 1396 -29.36 -140.50 -9.87
C UNK A 1396 -29.81 -139.05 -9.66
N UNK A 1397 -29.13 -138.12 -10.33
CA UNK A 1397 -29.46 -136.72 -10.22
C UNK A 1397 -29.48 -136.06 -11.60
N UNK A 1398 -30.55 -135.35 -11.91
CA UNK A 1398 -30.68 -134.67 -13.19
C UNK A 1398 -29.68 -133.54 -13.29
N UNK A 1399 -28.94 -133.49 -14.40
CA UNK A 1399 -27.92 -132.47 -14.60
C UNK A 1399 -28.55 -131.09 -14.72
N UNK A 1400 -27.80 -130.07 -14.31
CA UNK A 1400 -28.29 -128.70 -14.36
C UNK A 1400 -28.45 -128.22 -15.79
N UNK A 1401 -29.69 -127.95 -16.19
CA UNK A 1401 -29.97 -127.42 -17.51
C UNK A 1401 -29.41 -126.01 -17.64
N UNK A 1402 -28.82 -125.71 -18.79
CA UNK A 1402 -28.24 -124.39 -19.02
C UNK A 1402 -29.32 -123.32 -19.08
N UNK A 1403 -30.54 -123.73 -19.44
CA UNK A 1403 -31.67 -122.81 -19.53
C UNK A 1403 -32.95 -123.47 -19.03
N UNK A 1404 -33.57 -122.86 -18.03
CA UNK A 1404 -34.81 -123.37 -17.47
C UNK A 1404 -35.96 -122.40 -17.75
N UNK A 1405 -36.64 -122.59 -18.88
CA UNK A 1405 -37.70 -121.69 -19.29
C UNK A 1405 -39.06 -122.38 -19.35
N UNK A 1406 -40.12 -121.57 -19.42
CA UNK A 1406 -41.48 -122.09 -19.48
C UNK A 1406 -41.95 -122.20 -20.92
N UNK A 1407 -43.13 -122.78 -21.12
CA UNK A 1407 -43.67 -122.98 -22.46
C UNK A 1407 -44.33 -121.71 -23.00
N UNK A 1408 -44.84 -120.89 -22.10
CA UNK A 1408 -45.47 -119.60 -22.44
C UNK A 1408 -46.68 -119.74 -23.37
N UNK A 1409 -46.47 -120.34 -24.54
CA UNK A 1409 -47.54 -120.52 -25.51
C UNK A 1409 -48.58 -121.53 -25.06
N UNK A 1410 -48.25 -122.30 -24.02
CA UNK A 1410 -49.16 -123.31 -23.49
C UNK A 1410 -50.31 -122.68 -22.71
N UNK A 1411 -50.08 -121.48 -22.19
CA UNK A 1411 -51.10 -120.78 -21.43
C UNK A 1411 -51.89 -119.82 -22.31
N UNK A 1412 -52.30 -120.29 -23.49
CA UNK A 1412 -53.06 -119.46 -24.42
C UNK A 1412 -54.09 -120.31 -25.17
N UNK A 1413 -55.33 -119.84 -25.19
CA UNK A 1413 -56.41 -120.57 -25.86
C UNK A 1413 -57.38 -119.62 -26.55
N UNK A 1414 -57.03 -118.33 -26.57
CA UNK A 1414 -57.88 -117.33 -27.19
C UNK A 1414 -57.13 -116.57 -28.29
N UNK A 1415 -57.70 -115.46 -28.73
CA UNK A 1415 -57.09 -114.64 -29.78
C UNK A 1415 -56.30 -113.48 -29.18
N UNK A 1416 -56.04 -113.55 -27.88
CA UNK A 1416 -55.27 -112.54 -27.15
C UNK A 1416 -55.87 -111.15 -27.26
N UNK A 1417 -56.80 -110.84 -26.35
CA UNK A 1417 -57.43 -109.53 -26.32
C UNK A 1417 -56.79 -108.67 -25.22
N UNK A 1418 -56.29 -109.33 -24.19
CA UNK A 1418 -55.64 -108.65 -23.08
C UNK A 1418 -54.18 -109.08 -22.95
N UNK A 1419 -53.49 -108.58 -21.93
CA UNK A 1419 -52.08 -108.88 -21.73
C UNK A 1419 -51.90 -109.90 -20.61
N UNK A 1420 -51.13 -110.96 -20.90
CA UNK A 1420 -50.87 -112.00 -19.92
C UNK A 1420 -49.89 -111.52 -18.86
N UNK A 1421 -49.68 -112.33 -17.83
CA UNK A 1421 -48.78 -111.98 -16.75
C UNK A 1421 -48.19 -113.23 -16.09
N UNK A 1422 -46.89 -113.21 -15.86
CA UNK A 1422 -46.20 -114.35 -15.24
C UNK A 1422 -45.45 -113.92 -13.99
N UNK A 1423 -44.83 -114.87 -13.31
CA UNK A 1423 -44.08 -114.59 -12.09
C UNK A 1423 -43.01 -115.63 -11.84
N UNK A 1424 -42.29 -115.48 -10.73
CA UNK A 1424 -41.22 -116.41 -10.36
C UNK A 1424 -41.49 -117.02 -8.99
N UNK A 1425 -40.43 -117.49 -8.34
CA UNK A 1425 -40.56 -118.14 -7.04
C UNK A 1425 -39.42 -117.78 -6.09
N UNK A 1426 -39.79 -117.37 -4.88
CA UNK A 1426 -38.81 -117.03 -3.84
C UNK A 1426 -39.43 -117.16 -2.46
N UNK A 1427 -38.59 -117.44 -1.47
CA UNK A 1427 -39.06 -117.64 -0.10
C UNK A 1427 -38.42 -116.65 0.87
N UNK A 1428 -39.26 -116.03 1.71
CA UNK A 1428 -38.79 -115.07 2.69
C UNK A 1428 -39.02 -115.59 4.11
N UNK A 1429 -37.97 -115.52 4.92
CA UNK A 1429 -38.04 -115.99 6.31
C UNK A 1429 -38.35 -114.85 7.26
N UNK A 1430 -39.03 -113.83 6.77
CA UNK A 1430 -39.40 -112.67 7.58
C UNK A 1430 -40.90 -112.40 7.49
N UNK A 1431 -41.63 -112.79 8.52
CA UNK A 1431 -43.07 -112.59 8.55
C UNK A 1431 -43.49 -111.78 9.78
N UNK A 1432 -44.22 -110.69 9.54
CA UNK A 1432 -44.69 -109.83 10.62
C UNK A 1432 -45.90 -109.02 10.18
N MET A 1573 -38.27 -109.96 1.08
CA MET A 1573 -39.63 -110.11 0.56
C MET A 1573 -39.75 -109.76 -0.94
N PRO A 1574 -39.14 -108.66 -1.41
CA PRO A 1574 -39.13 -108.40 -2.85
C PRO A 1574 -37.93 -109.04 -3.54
N LEU A 1575 -37.91 -108.90 -4.86
CA LEU A 1575 -36.85 -109.52 -5.65
C LEU A 1575 -35.50 -108.85 -5.41
N SER A 1576 -35.48 -107.52 -5.37
CA SER A 1576 -34.22 -106.79 -5.30
C SER A 1576 -33.58 -106.88 -3.92
N ALA A 1577 -34.35 -107.20 -2.88
CA ALA A 1577 -33.80 -107.22 -1.53
C ALA A 1577 -32.78 -108.34 -1.34
N ALA A 1578 -33.08 -109.53 -1.87
CA ALA A 1578 -32.19 -110.67 -1.65
C ALA A 1578 -30.92 -110.60 -2.47
N MET A 1579 -30.93 -109.89 -3.60
CA MET A 1579 -29.78 -109.91 -4.50
C MET A 1579 -28.63 -109.04 -3.99
N PHE A 1580 -28.93 -107.92 -3.35
CA PHE A 1580 -27.91 -106.92 -3.08
C PHE A 1580 -27.38 -106.93 -1.66
N LEU A 1581 -28.09 -107.57 -0.72
CA LEU A 1581 -27.62 -107.75 0.66
C LEU A 1581 -27.57 -106.42 1.41
N SER A 1582 -27.86 -105.32 0.72
CA SER A 1582 -27.86 -104.01 1.36
C SER A 1582 -29.27 -103.59 1.77
N GLU A 1583 -30.28 -103.93 0.96
CA GLU A 1583 -31.67 -103.63 1.26
C GLU A 1583 -32.49 -104.88 1.52
N ARG A 1584 -31.84 -105.94 2.03
CA ARG A 1584 -32.56 -107.17 2.32
C ARG A 1584 -33.61 -106.98 3.40
N LYS A 1585 -33.30 -106.23 4.45
CA LYS A 1585 -34.27 -105.98 5.52
C LYS A 1585 -35.47 -105.18 5.01
N ASN A 1586 -35.22 -104.16 4.19
CA ASN A 1586 -36.32 -103.33 3.70
C ASN A 1586 -37.12 -104.08 2.66
N PRO A 1587 -38.44 -104.22 2.85
CA PRO A 1587 -39.26 -104.95 1.87
C PRO A 1587 -39.70 -104.12 0.67
N ALA A 1588 -39.31 -102.85 0.60
CA ALA A 1588 -39.71 -102.02 -0.52
C ALA A 1588 -38.81 -102.30 -1.73
N PRO A 1589 -39.39 -102.67 -2.88
CA PRO A 1589 -38.59 -102.92 -4.08
C PRO A 1589 -38.12 -101.63 -4.74
N GLN A 1590 -36.92 -101.70 -5.31
CA GLN A 1590 -36.33 -100.55 -5.99
C GLN A 1590 -35.27 -101.03 -6.98
N CYS A 1591 -35.01 -100.21 -7.98
CA CYS A 1591 -34.07 -100.57 -9.04
C CYS A 1591 -32.87 -99.63 -9.02
N PRO A 1592 -31.73 -100.05 -8.50
CA PRO A 1592 -30.52 -99.22 -8.54
C PRO A 1592 -29.94 -99.17 -9.95
N PRO A 1593 -28.99 -98.27 -10.21
CA PRO A 1593 -28.45 -98.14 -11.58
C PRO A 1593 -27.77 -99.39 -12.11
N ARG A 1594 -27.34 -100.31 -11.25
CA ARG A 1594 -26.56 -101.45 -11.72
C ARG A 1594 -27.41 -102.40 -12.56
N LEU A 1595 -28.69 -102.53 -12.26
CA LEU A 1595 -29.56 -103.41 -13.03
C LEU A 1595 -29.81 -102.82 -14.41
N GLU A 1596 -29.63 -103.65 -15.45
CA GLU A 1596 -29.83 -103.22 -16.82
C GLU A 1596 -30.15 -104.43 -17.68
N VAL A 1597 -30.69 -104.16 -18.86
CA VAL A 1597 -31.06 -105.22 -19.80
C VAL A 1597 -29.86 -105.54 -20.68
N GLN A 1598 -29.61 -106.83 -20.88
CA GLN A 1598 -28.50 -107.30 -21.69
C GLN A 1598 -29.02 -108.13 -22.86
N MET A 1599 -28.21 -108.22 -23.91
CA MET A 1599 -28.57 -108.96 -25.11
C MET A 1599 -27.40 -109.83 -25.54
N LEU A 1600 -27.72 -110.86 -26.32
CA LEU A 1600 -26.70 -111.79 -26.80
C LEU A 1600 -26.06 -111.27 -28.08
N MET A 1601 -24.72 -111.29 -28.11
CA MET A 1601 -23.94 -110.92 -29.27
C MET A 1601 -23.16 -112.12 -29.76
N PRO A 1602 -23.23 -112.43 -31.05
CA PRO A 1602 -22.62 -113.69 -31.51
C PRO A 1602 -21.11 -113.65 -31.62
N VAL A 1603 -20.54 -112.52 -32.01
CA VAL A 1603 -19.10 -112.43 -32.29
C VAL A 1603 -18.47 -111.36 -31.42
N SER A 1604 -17.17 -111.53 -31.16
CA SER A 1604 -16.43 -110.57 -30.34
C SER A 1604 -14.94 -110.72 -30.62
N TRP A 1605 -14.20 -109.64 -30.35
CA TRP A 1605 -12.75 -109.67 -30.53
C TRP A 1605 -12.09 -110.49 -29.43
N SER A 1606 -10.86 -110.94 -29.71
CA SER A 1606 -10.10 -111.71 -28.74
C SER A 1606 -8.62 -111.64 -29.11
N ARG A 1607 -7.79 -111.98 -28.14
CA ARG A 1607 -6.34 -111.90 -28.28
C ARG A 1607 -5.74 -113.27 -28.58
N MET A 1608 -4.71 -113.26 -29.42
CA MET A 1608 -3.95 -114.45 -29.78
C MET A 1608 -2.83 -114.67 -28.78
N PRO A 1609 -2.77 -115.84 -28.13
CA PRO A 1609 -1.70 -116.10 -27.18
C PRO A 1609 -0.33 -116.03 -27.84
N ASN A 1610 0.65 -115.56 -27.06
CA ASN A 1610 2.00 -115.40 -27.57
C ASN A 1610 2.65 -116.76 -27.86
N HIS A 1611 2.40 -117.75 -27.01
CA HIS A 1611 3.03 -119.07 -27.16
C HIS A 1611 1.98 -120.15 -26.96
N PHE A 1612 2.25 -121.32 -27.55
CA PHE A 1612 1.33 -122.44 -27.52
C PHE A 1612 2.08 -123.72 -27.20
N LEU A 1613 1.34 -124.72 -26.75
CA LEU A 1613 1.92 -126.02 -26.38
C LEU A 1613 2.26 -126.79 -27.65
N GLN A 1614 3.53 -127.15 -27.80
CA GLN A 1614 3.95 -127.94 -28.95
C GLN A 1614 3.71 -129.42 -28.67
N VAL A 1615 2.83 -130.03 -29.47
CA VAL A 1615 2.42 -131.46 -29.31
C VAL A 1615 2.93 -132.28 -30.50
N GLU A 1616 3.47 -133.47 -30.21
CA GLU A 1616 4.01 -134.37 -31.27
C GLU A 1616 2.99 -135.46 -31.63
N THR A 1617 2.72 -135.59 -32.93
CA THR A 1617 1.78 -136.56 -33.48
C THR A 1617 2.48 -137.89 -33.78
N ARG A 1618 2.15 -138.91 -32.98
CA ARG A 1618 2.78 -140.22 -33.14
C ARG A 1618 1.74 -141.34 -33.16
N ARG A 1619 1.53 -141.98 -34.31
CA ARG A 1619 0.56 -143.06 -34.41
C ARG A 1619 1.05 -144.31 -33.69
N GLY A 1625 0.89 -146.65 -31.82
CA GLY A 1625 0.00 -146.44 -30.69
C GLY A 1625 -0.74 -145.12 -30.74
N TRP A 1626 -0.56 -144.39 -31.83
CA TRP A 1626 -1.12 -143.04 -31.98
C TRP A 1626 -0.77 -142.17 -30.78
N ALA A 1627 0.49 -142.26 -30.36
CA ALA A 1627 0.94 -141.61 -29.14
C ALA A 1627 1.21 -140.12 -29.36
N VAL A 1628 0.81 -139.31 -28.39
CA VAL A 1628 1.05 -137.87 -28.40
C VAL A 1628 1.77 -137.51 -27.10
N GLN A 1629 2.90 -136.82 -27.22
CA GLN A 1629 3.73 -136.47 -26.06
C GLN A 1629 4.15 -135.01 -26.14
N CYS A 1630 4.16 -134.35 -24.98
CA CYS A 1630 4.61 -132.97 -24.86
C CYS A 1630 5.42 -132.82 -23.58
N GLN A 1631 6.40 -131.92 -23.62
CA GLN A 1631 7.30 -131.72 -22.48
C GLN A 1631 7.62 -130.25 -22.26
N ASP A 1632 6.69 -129.35 -22.57
CA ASP A 1632 6.90 -127.91 -22.41
C ASP A 1632 5.83 -127.33 -21.51
N PRO A 1633 6.17 -126.77 -20.36
CA PRO A 1633 5.17 -126.14 -19.49
C PRO A 1633 4.99 -124.66 -19.79
N LEU A 1634 3.75 -124.20 -19.69
CA LEU A 1634 3.42 -122.80 -19.94
C LEU A 1634 2.38 -122.33 -18.92
N THR A 1635 2.56 -121.11 -18.44
CA THR A 1635 1.66 -120.52 -17.46
C THR A 1635 1.30 -119.10 -17.87
N MET A 1636 0.14 -118.64 -17.40
CA MET A 1636 -0.33 -117.29 -17.69
C MET A 1636 -1.20 -116.82 -16.55
N MET A 1637 -1.32 -115.50 -16.41
CA MET A 1637 -2.14 -114.87 -15.38
C MET A 1637 -3.50 -114.55 -15.94
N ALA A 1638 -4.56 -114.94 -15.22
CA ALA A 1638 -5.92 -114.80 -15.70
C ALA A 1638 -6.73 -113.98 -14.71
N LEU A 1639 -7.36 -112.91 -15.20
CA LEU A 1639 -8.31 -112.16 -14.41
C LEU A 1639 -9.63 -112.90 -14.33
N HIS A 1640 -10.26 -112.84 -13.16
CA HIS A 1640 -11.55 -113.50 -12.93
C HIS A 1640 -12.57 -112.49 -12.48
N ILE A 1641 -13.72 -112.47 -13.16
CA ILE A 1641 -14.83 -111.60 -12.79
C ILE A 1641 -15.78 -112.40 -11.91
N PRO A 1642 -16.05 -111.98 -10.67
CA PRO A 1642 -16.89 -112.82 -9.79
C PRO A 1642 -18.35 -112.81 -10.18
N GLU A 1643 -18.91 -111.65 -10.53
CA GLU A 1643 -20.34 -111.58 -10.83
C GLU A 1643 -20.70 -112.38 -12.07
N GLU A 1644 -19.92 -112.22 -13.15
CA GLU A 1644 -20.21 -112.94 -14.38
C GLU A 1644 -19.71 -114.37 -14.36
N ASN A 1645 -18.88 -114.73 -13.37
CA ASN A 1645 -18.32 -116.07 -13.26
C ASN A 1645 -17.58 -116.47 -14.54
N ARG A 1646 -16.83 -115.53 -15.09
CA ARG A 1646 -16.03 -115.76 -16.29
C ARG A 1646 -14.61 -115.25 -16.03
N CYS A 1647 -13.63 -116.00 -16.52
CA CYS A 1647 -12.23 -115.66 -16.34
C CYS A 1647 -11.62 -115.25 -17.67
N MET A 1648 -10.71 -114.28 -17.60
CA MET A 1648 -10.19 -113.61 -18.78
C MET A 1648 -8.71 -113.30 -18.57
N ASP A 1649 -7.98 -113.17 -19.68
CA ASP A 1649 -6.54 -112.94 -19.59
C ASP A 1649 -6.25 -111.54 -19.07
N ILE A 1650 -5.16 -111.44 -18.28
CA ILE A 1650 -4.73 -110.15 -17.77
C ILE A 1650 -3.98 -109.34 -18.81
N LEU A 1651 -3.34 -109.99 -19.79
CA LEU A 1651 -2.63 -109.28 -20.84
C LEU A 1651 -3.57 -108.68 -21.87
N GLU A 1652 -4.80 -109.16 -21.95
CA GLU A 1652 -5.79 -108.67 -22.90
C GLU A 1652 -6.37 -107.33 -22.47
N LEU A 1653 -6.08 -106.88 -21.25
CA LEU A 1653 -6.68 -105.68 -20.68
C LEU A 1653 -6.19 -104.40 -21.34
N SER A 1654 -5.35 -104.50 -22.37
CA SER A 1654 -4.80 -103.29 -22.99
C SER A 1654 -5.89 -102.46 -23.67
N GLU A 1655 -6.84 -103.09 -24.35
CA GLU A 1655 -7.85 -102.38 -25.12
C GLU A 1655 -9.14 -102.14 -24.35
N ARG A 1656 -9.24 -102.57 -23.10
CA ARG A 1656 -10.47 -102.37 -22.34
C ARG A 1656 -10.67 -100.90 -21.99
N LEU A 1657 -9.62 -100.24 -21.52
CA LEU A 1657 -9.58 -98.80 -21.25
C LEU A 1657 -10.48 -98.38 -20.09
N ASP A 1658 -11.26 -99.29 -19.55
CA ASP A 1658 -12.02 -99.01 -18.33
C ASP A 1658 -11.71 -100.00 -17.23
N LEU A 1659 -11.63 -101.29 -17.55
CA LEU A 1659 -11.22 -102.28 -16.55
C LEU A 1659 -9.78 -102.05 -16.13
N GLN A 1660 -8.93 -101.59 -17.06
CA GLN A 1660 -7.55 -101.26 -16.69
C GLN A 1660 -7.51 -100.16 -15.64
N ARG A 1661 -8.28 -99.09 -15.84
CA ARG A 1661 -8.31 -98.00 -14.87
C ARG A 1661 -8.89 -98.45 -13.53
N PHE A 1662 -9.99 -99.23 -13.57
CA PHE A 1662 -10.57 -99.70 -12.31
C PHE A 1662 -9.61 -100.59 -11.56
N HIS A 1663 -8.92 -101.49 -12.27
CA HIS A 1663 -7.96 -102.37 -11.61
C HIS A 1663 -6.76 -101.60 -11.08
N SER A 1664 -6.30 -100.58 -11.80
CA SER A 1664 -5.22 -99.76 -11.29
C SER A 1664 -5.61 -99.05 -10.00
N HIS A 1665 -6.83 -98.49 -9.94
CA HIS A 1665 -7.27 -97.86 -8.71
C HIS A 1665 -7.42 -98.88 -7.58
N THR A 1666 -7.96 -100.06 -7.88
CA THR A 1666 -8.05 -101.10 -6.85
C THR A 1666 -6.67 -101.48 -6.34
N LEU A 1667 -5.69 -101.60 -7.23
CA LEU A 1667 -4.32 -101.90 -6.82
C LEU A 1667 -3.73 -100.80 -5.96
N ARG A 1668 -3.98 -99.53 -6.31
CA ARG A 1668 -3.53 -98.44 -5.47
C ARG A 1668 -4.14 -98.50 -4.08
N LEU A 1669 -5.40 -98.94 -3.98
CA LEU A 1669 -6.03 -99.11 -2.68
C LEU A 1669 -5.26 -100.11 -1.82
N TYR A 1670 -4.73 -101.17 -2.41
CA TYR A 1670 -3.97 -102.15 -1.64
C TYR A 1670 -2.74 -101.54 -1.00
N ARG A 1671 -2.01 -100.70 -1.73
CA ARG A 1671 -0.86 -100.02 -1.14
C ARG A 1671 -1.29 -98.99 -0.10
N ALA A 1672 -2.39 -98.27 -0.37
CA ALA A 1672 -2.84 -97.25 0.57
C ALA A 1672 -3.28 -97.83 1.90
N VAL A 1673 -3.94 -99.00 1.88
CA VAL A 1673 -4.44 -99.58 3.12
C VAL A 1673 -3.29 -100.00 4.03
N CYS A 1674 -2.27 -100.63 3.47
CA CYS A 1674 -1.17 -101.18 4.27
C CYS A 1674 0.06 -100.28 4.32
N ALA A 1675 -0.05 -99.05 3.81
CA ALA A 1675 1.10 -98.15 3.82
C ALA A 1675 1.39 -97.65 5.24
N LEU A 1676 2.62 -97.15 5.42
CA LEU A 1676 3.05 -96.49 6.65
C LEU A 1676 3.01 -97.43 7.85
N GLY A 1677 3.76 -98.53 7.75
CA GLY A 1677 4.10 -99.33 8.90
C GLY A 1677 3.04 -100.30 9.37
N ASN A 1678 1.88 -100.36 8.72
CA ASN A 1678 0.86 -101.33 9.11
C ASN A 1678 1.34 -102.73 8.78
N ASN A 1679 1.21 -103.64 9.73
CA ASN A 1679 1.73 -105.00 9.60
C ASN A 1679 0.67 -106.08 9.66
N ARG A 1680 -0.40 -105.87 10.44
CA ARG A 1680 -1.45 -106.87 10.52
C ARG A 1680 -2.17 -107.05 9.19
N VAL A 1681 -2.28 -105.97 8.40
CA VAL A 1681 -2.95 -106.06 7.11
C VAL A 1681 -2.03 -106.64 6.04
N ALA A 1682 -0.72 -106.72 6.31
CA ALA A 1682 0.21 -107.21 5.31
C ALA A 1682 -0.07 -108.65 4.93
N HIS A 1683 -0.27 -109.53 5.92
CA HIS A 1683 -0.56 -110.92 5.59
C HIS A 1683 -1.98 -111.08 5.04
N ALA A 1684 -2.91 -110.24 5.49
CA ALA A 1684 -4.26 -110.28 4.91
C ALA A 1684 -4.22 -109.97 3.42
N LEU A 1685 -3.43 -108.98 3.01
CA LEU A 1685 -3.26 -108.70 1.59
C LEU A 1685 -2.43 -109.74 0.87
N CYS A 1686 -1.44 -110.34 1.54
CA CYS A 1686 -0.68 -111.43 0.95
C CYS A 1686 -1.54 -112.65 0.69
N SER A 1687 -2.60 -112.84 1.47
CA SER A 1687 -3.56 -113.90 1.17
C SER A 1687 -4.28 -113.63 -0.14
N HIS A 1688 -4.66 -112.38 -0.39
CA HIS A 1688 -5.33 -112.04 -1.64
C HIS A 1688 -4.38 -112.14 -2.82
N VAL A 1689 -3.16 -111.62 -2.67
CA VAL A 1689 -2.18 -111.57 -3.75
C VAL A 1689 -1.04 -112.51 -3.39
N ASP A 1690 -0.90 -113.60 -4.14
CA ASP A 1690 0.09 -114.61 -3.83
C ASP A 1690 1.50 -114.07 -4.07
N GLN A 1691 2.46 -114.68 -3.36
CA GLN A 1691 3.86 -114.27 -3.50
C GLN A 1691 4.41 -114.68 -4.86
N ALA A 1692 4.00 -115.83 -5.39
CA ALA A 1692 4.54 -116.32 -6.64
C ALA A 1692 4.11 -115.48 -7.84
N GLN A 1693 2.85 -115.04 -7.89
CA GLN A 1693 2.39 -114.27 -9.04
C GLN A 1693 3.04 -112.90 -9.08
N LEU A 1694 3.34 -112.32 -7.92
CA LEU A 1694 4.06 -111.05 -7.90
C LEU A 1694 5.44 -111.19 -8.53
N LEU A 1695 6.16 -112.27 -8.21
CA LEU A 1695 7.45 -112.51 -8.84
C LEU A 1695 7.29 -112.79 -10.34
N HIS A 1696 6.26 -113.55 -10.72
CA HIS A 1696 6.06 -113.88 -12.12
C HIS A 1696 5.73 -112.65 -12.95
N ALA A 1697 5.01 -111.69 -12.39
CA ALA A 1697 4.59 -110.49 -13.12
C ALA A 1697 5.75 -109.52 -13.37
N LEU A 1698 6.93 -109.79 -12.81
CA LEU A 1698 8.07 -108.91 -13.09
C LEU A 1698 8.63 -109.16 -14.48
N GLU A 1699 8.73 -110.43 -14.89
CA GLU A 1699 9.50 -110.78 -16.08
C GLU A 1699 8.77 -110.48 -17.39
N ASP A 1700 7.45 -110.47 -17.40
CA ASP A 1700 6.72 -110.31 -18.65
C ASP A 1700 7.00 -108.93 -19.26
N ALA A 1701 7.17 -108.90 -20.57
CA ALA A 1701 7.52 -107.66 -21.24
C ALA A 1701 6.29 -106.79 -21.50
N HIS A 1702 5.35 -107.28 -22.29
CA HIS A 1702 4.18 -106.52 -22.67
C HIS A 1702 3.16 -106.51 -21.54
N LEU A 1703 2.74 -105.31 -21.16
CA LEU A 1703 1.76 -105.07 -20.11
C LEU A 1703 1.05 -103.76 -20.41
N PRO A 1704 -0.10 -103.48 -19.78
CA PRO A 1704 -0.78 -102.20 -20.06
C PRO A 1704 0.10 -100.97 -19.85
N GLY A 1705 0.98 -101.00 -18.85
CA GLY A 1705 1.93 -99.93 -18.63
C GLY A 1705 1.78 -99.25 -17.28
N PRO A 1706 0.56 -98.92 -16.88
CA PRO A 1706 0.35 -98.53 -15.47
C PRO A 1706 0.38 -99.72 -14.53
N LEU A 1707 -0.11 -100.88 -14.97
CA LEU A 1707 -0.12 -102.06 -14.12
C LEU A 1707 1.28 -102.55 -13.78
N ARG A 1708 2.25 -102.38 -14.68
CA ARG A 1708 3.62 -102.76 -14.37
C ARG A 1708 4.17 -101.96 -13.20
N ALA A 1709 4.02 -100.63 -13.26
CA ALA A 1709 4.46 -99.78 -12.15
C ALA A 1709 3.68 -100.09 -10.88
N GLY A 1710 2.37 -100.33 -11.01
CA GLY A 1710 1.59 -100.67 -9.83
C GLY A 1710 2.04 -101.95 -9.17
N TYR A 1711 2.35 -102.97 -9.97
CA TYR A 1711 2.81 -104.24 -9.41
C TYR A 1711 4.20 -104.12 -8.80
N TYR A 1712 5.08 -103.31 -9.39
CA TYR A 1712 6.37 -103.05 -8.76
C TYR A 1712 6.19 -102.35 -7.42
N ASP A 1713 5.33 -101.33 -7.38
CA ASP A 1713 5.12 -100.57 -6.15
C ASP A 1713 4.45 -101.40 -5.06
N LEU A 1714 3.52 -102.28 -5.41
CA LEU A 1714 2.92 -103.15 -4.41
C LEU A 1714 3.94 -104.10 -3.80
N LEU A 1715 4.80 -104.69 -4.64
CA LEU A 1715 5.85 -105.55 -4.13
C LEU A 1715 6.79 -104.79 -3.20
N ILE A 1716 7.13 -103.56 -3.57
CA ILE A 1716 7.98 -102.75 -2.70
C ILE A 1716 7.27 -102.43 -1.38
N SER A 1717 5.98 -102.14 -1.45
CA SER A 1717 5.28 -101.57 -0.29
C SER A 1717 4.83 -102.62 0.70
N ILE A 1718 4.61 -103.86 0.27
CA ILE A 1718 4.10 -104.87 1.20
C ILE A 1718 5.20 -105.72 1.84
N HIS A 1719 6.45 -105.60 1.40
CA HIS A 1719 7.48 -106.50 1.90
C HIS A 1719 8.62 -105.80 2.63
N LEU A 1720 9.24 -104.79 2.03
CA LEU A 1720 10.53 -104.32 2.52
C LEU A 1720 10.56 -102.82 2.83
N GLU A 1721 9.47 -102.10 2.61
CA GLU A 1721 9.49 -100.67 2.89
C GLU A 1721 9.61 -100.40 4.39
N SER A 1722 9.02 -101.26 5.21
CA SER A 1722 9.09 -101.07 6.66
C SER A 1722 10.52 -101.17 7.17
N ALA A 1723 11.28 -102.13 6.69
CA ALA A 1723 12.69 -102.23 7.08
C ALA A 1723 13.52 -101.14 6.43
N CYS A 1724 13.21 -100.76 5.18
CA CYS A 1724 13.97 -99.73 4.51
C CYS A 1724 13.87 -98.39 5.23
N ARG A 1725 12.66 -98.04 5.67
CA ARG A 1725 12.48 -96.77 6.38
C ARG A 1725 13.25 -96.75 7.69
N SER A 1726 13.18 -97.85 8.45
CA SER A 1726 13.92 -97.92 9.71
C SER A 1726 15.42 -97.84 9.49
N ARG A 1727 15.95 -98.51 8.47
CA ARG A 1727 17.38 -98.42 8.20
C ARG A 1727 17.77 -97.02 7.73
N ARG A 1728 16.92 -96.38 6.93
CA ARG A 1728 17.19 -95.02 6.50
C ARG A 1728 17.22 -94.05 7.67
N SER A 1729 16.33 -94.24 8.65
CA SER A 1729 16.30 -93.35 9.80
C SER A 1729 17.59 -93.38 10.60
N MET A 1730 18.31 -94.50 10.62
CA MET A 1730 19.55 -94.63 11.36
C MET A 1730 20.79 -94.58 10.48
N LEU A 1731 20.63 -94.47 9.16
CA LEU A 1731 21.78 -94.34 8.27
C LEU A 1731 22.60 -93.09 8.57
N SER A 1732 22.01 -92.11 9.25
CA SER A 1732 22.69 -90.83 9.52
C SER A 1732 23.32 -90.78 10.89
N GLU A 1733 23.80 -91.92 11.40
CA GLU A 1733 24.48 -91.99 12.69
C GLU A 1733 25.82 -92.68 12.52
N TYR A 1734 26.82 -92.23 13.29
CA TYR A 1734 28.18 -92.74 13.19
C TYR A 1734 28.63 -93.18 14.58
N ILE A 1735 28.48 -94.47 14.87
CA ILE A 1735 28.96 -95.07 16.10
C ILE A 1735 29.83 -96.26 15.70
N VAL A 1736 31.14 -96.10 15.80
CA VAL A 1736 32.09 -97.13 15.38
C VAL A 1736 32.76 -97.70 16.63
N PRO A 1737 32.85 -99.01 16.78
CA PRO A 1737 33.48 -99.58 17.97
C PRO A 1737 34.96 -99.86 17.74
N LEU A 1738 35.63 -100.25 18.82
CA LEU A 1738 37.01 -100.70 18.71
C LEU A 1738 37.04 -102.22 18.61
N THR A 1739 37.61 -102.73 17.53
CA THR A 1739 37.70 -104.15 17.26
C THR A 1739 38.83 -104.37 16.27
N PRO A 1740 39.39 -105.57 16.18
CA PRO A 1740 40.43 -105.83 15.18
C PRO A 1740 40.00 -105.53 13.76
N GLU A 1741 38.72 -105.74 13.42
CA GLU A 1741 38.24 -105.37 12.09
C GLU A 1741 38.32 -103.86 11.86
N THR A 1742 37.94 -103.07 12.87
CA THR A 1742 38.01 -101.63 12.75
C THR A 1742 39.46 -101.13 12.73
N ARG A 1743 40.34 -101.82 13.45
CA ARG A 1743 41.73 -101.36 13.52
C ARG A 1743 42.41 -101.36 12.16
N ALA A 1744 42.12 -102.35 11.33
CA ALA A 1744 42.73 -102.47 10.01
C ALA A 1744 41.85 -101.87 8.92
N ILE A 1745 41.51 -100.59 9.08
CA ILE A 1745 40.82 -99.83 8.05
C ILE A 1745 41.45 -98.44 7.96
N THR A 1746 41.57 -97.94 6.73
CA THR A 1746 42.14 -96.62 6.47
C THR A 1746 41.82 -96.23 5.04
N LEU A 1747 42.45 -95.16 4.54
CA LEU A 1747 42.24 -94.77 3.16
C LEU A 1747 42.63 -95.90 2.20
N PHE A 1748 43.74 -96.57 2.48
CA PHE A 1748 44.17 -97.76 1.76
C PHE A 1748 44.20 -97.58 0.24
N PRO A 1749 45.11 -96.76 -0.27
CA PRO A 1749 45.41 -96.78 -1.71
C PRO A 1749 46.63 -97.63 -2.01
N PRO A 1750 46.52 -98.97 -1.95
CA PRO A 1750 47.71 -99.79 -2.18
C PRO A 1750 47.96 -99.96 -3.67
N GLY A 1751 49.01 -99.31 -4.18
CA GLY A 1751 49.31 -99.35 -5.59
C GLY A 1751 50.80 -99.37 -5.84
N ARG A 1752 51.16 -99.68 -7.08
CA ARG A 1752 52.55 -99.74 -7.52
C ARG A 1752 53.00 -98.34 -7.92
N LYS A 1753 53.35 -97.54 -6.90
CA LYS A 1753 53.87 -96.18 -7.01
C LYS A 1753 52.86 -95.21 -7.63
N GLY A 1754 51.62 -95.63 -7.88
CA GLY A 1754 50.62 -94.73 -8.44
C GLY A 1754 49.28 -94.84 -7.76
N GLY A 1755 49.14 -95.80 -6.84
CA GLY A 1755 47.86 -96.00 -6.18
C GLY A 1755 47.46 -94.84 -5.29
N ASN A 1756 48.41 -94.28 -4.53
CA ASN A 1756 48.11 -93.14 -3.67
C ASN A 1756 47.70 -91.93 -4.49
N ALA A 1757 48.39 -91.68 -5.61
CA ALA A 1757 48.02 -90.57 -6.47
C ALA A 1757 46.67 -90.78 -7.12
N ARG A 1758 46.39 -92.00 -7.57
CA ARG A 1758 45.12 -92.30 -8.23
C ARG A 1758 44.03 -92.50 -7.17
N ARG A 1759 42.84 -92.92 -7.62
CA ARG A 1759 41.75 -93.14 -6.69
C ARG A 1759 42.10 -94.22 -5.69
N HIS A 1760 41.82 -93.95 -4.42
CA HIS A 1760 42.15 -94.89 -3.35
C HIS A 1760 41.37 -96.19 -3.51
N GLY A 1761 40.10 -96.11 -3.88
CA GLY A 1761 39.29 -97.29 -4.09
C GLY A 1761 37.94 -96.92 -4.65
N LEU A 1762 37.29 -97.92 -5.23
CA LEU A 1762 35.95 -97.70 -5.78
C LEU A 1762 34.96 -97.47 -4.65
N PRO A 1763 33.95 -96.63 -4.86
CA PRO A 1763 32.93 -96.42 -3.82
C PRO A 1763 32.17 -97.71 -3.53
N GLY A 1764 32.08 -98.06 -2.26
CA GLY A 1764 31.44 -99.31 -1.87
C GLY A 1764 32.45 -100.37 -1.49
N VAL A 1765 32.64 -100.57 -0.18
CA VAL A 1765 33.61 -101.52 0.34
C VAL A 1765 32.86 -102.51 1.22
N GLY A 1766 33.28 -103.78 1.17
CA GLY A 1766 32.60 -104.81 1.93
C GLY A 1766 32.60 -104.57 3.43
N VAL A 1767 33.68 -104.01 3.95
CA VAL A 1767 33.81 -103.75 5.39
C VAL A 1767 33.17 -102.40 5.68
N THR A 1768 32.26 -102.38 6.65
CA THR A 1768 31.58 -101.14 7.04
C THR A 1768 31.78 -100.80 8.52
N THR A 1769 32.00 -101.80 9.36
CA THR A 1769 32.28 -101.66 10.80
C THR A 1769 31.47 -100.53 11.45
N SER A 1770 30.14 -100.67 11.37
CA SER A 1770 29.22 -99.78 12.05
C SER A 1770 28.12 -100.58 12.69
N LEU A 1771 27.50 -99.98 13.72
CA LEU A 1771 26.42 -100.62 14.47
C LEU A 1771 25.09 -100.33 13.77
N ARG A 1772 24.49 -101.37 13.19
CA ARG A 1772 23.19 -101.27 12.58
C ARG A 1772 22.30 -102.38 13.10
N PRO A 1773 21.02 -102.10 13.36
CA PRO A 1773 20.13 -103.12 13.91
C PRO A 1773 19.74 -104.14 12.86
N PRO A 1774 19.30 -105.34 13.27
CA PRO A 1774 18.88 -106.35 12.29
C PRO A 1774 17.57 -105.99 11.61
N HIS A 1775 17.06 -106.89 10.76
CA HIS A 1775 15.84 -106.61 10.00
C HIS A 1775 14.61 -107.28 10.58
N HIS A 1776 14.76 -108.47 11.17
CA HIS A 1776 13.67 -109.16 11.87
C HIS A 1776 12.50 -109.48 10.93
N PHE A 1777 12.79 -110.29 9.93
CA PHE A 1777 11.76 -110.76 9.00
C PHE A 1777 11.08 -112.00 9.56
N SER A 1778 9.81 -112.18 9.17
CA SER A 1778 9.00 -113.29 9.64
C SER A 1778 8.29 -113.96 8.46
N PRO A 1779 8.27 -115.28 8.41
CA PRO A 1779 7.59 -115.98 7.32
C PRO A 1779 6.09 -115.75 7.37
N PRO A 1780 5.39 -115.77 6.22
CA PRO A 1780 3.95 -115.51 6.15
C PRO A 1780 3.12 -116.31 7.17
N CYS A 1781 1.89 -115.86 7.41
CA CYS A 1781 0.95 -116.52 8.36
C CYS A 1781 -0.40 -115.81 8.29
N PHE A 1782 -1.21 -116.18 7.28
CA PHE A 1782 -2.55 -115.58 7.11
C PHE A 1782 -3.58 -116.53 7.73
N VAL A 1783 -3.10 -117.52 8.49
CA VAL A 1783 -3.99 -118.54 9.13
C VAL A 1783 -4.94 -117.81 10.09
N ALA A 1784 -4.47 -116.82 10.84
CA ALA A 1784 -5.39 -116.11 11.74
C ALA A 1784 -6.46 -115.43 10.86
N ALA A 1785 -7.73 -115.67 11.17
CA ALA A 1785 -8.85 -115.08 10.41
C ALA A 1785 -8.84 -113.56 10.62
N LEU A 1786 -8.60 -113.15 11.86
CA LEU A 1786 -8.58 -111.71 12.23
C LEU A 1786 -7.82 -111.55 13.55
N GLU A 1793 -3.39 -106.33 22.42
CA GLU A 1793 -2.45 -105.20 22.65
C GLU A 1793 -1.05 -105.58 22.14
N ALA A 1794 -0.87 -106.85 21.75
CA ALA A 1794 0.44 -107.33 21.24
C ALA A 1794 0.65 -106.83 19.80
N PRO A 1795 1.88 -106.87 19.26
CA PRO A 1795 2.16 -106.40 17.91
C PRO A 1795 1.40 -107.25 16.88
N ALA A 1796 0.86 -106.62 15.84
CA ALA A 1796 0.09 -107.35 14.80
C ALA A 1796 1.03 -108.28 14.03
N ARG A 1797 2.33 -108.25 14.37
CA ARG A 1797 3.30 -109.09 13.69
C ARG A 1797 4.54 -108.24 13.40
N LEU A 1798 5.53 -108.84 12.75
CA LEU A 1798 6.75 -108.13 12.42
C LEU A 1798 6.77 -107.66 10.96
N SER A 1799 6.73 -108.61 10.01
CA SER A 1799 6.70 -108.33 8.59
C SER A 1799 6.62 -109.63 7.80
N PRO A 1800 6.07 -109.61 6.59
CA PRO A 1800 6.19 -110.79 5.71
C PRO A 1800 7.62 -110.94 5.23
N ALA A 1801 7.99 -112.17 4.87
CA ALA A 1801 9.33 -112.49 4.40
C ALA A 1801 9.26 -113.18 3.06
N ILE A 1802 10.16 -112.83 2.16
CA ILE A 1802 10.28 -113.48 0.85
C ILE A 1802 11.73 -113.87 0.67
N PRO A 1803 12.00 -114.89 -0.16
CA PRO A 1803 13.40 -115.31 -0.36
C PRO A 1803 14.18 -114.25 -1.12
N LEU A 1804 15.08 -113.56 -0.42
CA LEU A 1804 15.82 -112.46 -1.02
C LEU A 1804 16.96 -112.95 -1.91
N GLU A 1805 17.40 -114.20 -1.76
CA GLU A 1805 18.53 -114.70 -2.53
C GLU A 1805 18.23 -114.69 -4.03
N ALA A 1806 17.03 -115.13 -4.42
CA ALA A 1806 16.67 -115.12 -5.82
C ALA A 1806 16.35 -113.72 -6.31
N LEU A 1807 15.68 -112.91 -5.49
CA LEU A 1807 15.29 -111.56 -5.88
C LEU A 1807 16.51 -110.68 -6.14
N ARG A 1808 17.54 -110.81 -5.30
CA ARG A 1808 18.75 -110.01 -5.47
C ARG A 1808 19.43 -110.25 -6.81
N ASP A 1809 19.49 -111.50 -7.27
CA ASP A 1809 20.08 -111.77 -8.57
C ASP A 1809 19.12 -111.40 -9.70
N LYS A 1810 17.82 -111.62 -9.51
CA LYS A 1810 16.85 -111.34 -10.56
C LYS A 1810 16.78 -109.84 -10.88
N ALA A 1811 16.75 -108.99 -9.85
CA ALA A 1811 16.70 -107.56 -10.08
C ALA A 1811 17.96 -107.08 -10.81
N LEU A 1812 19.12 -107.59 -10.42
CA LEU A 1812 20.36 -107.23 -11.09
C LEU A 1812 20.34 -107.67 -12.55
N ARG A 1813 19.83 -108.88 -12.83
CA ARG A 1813 19.74 -109.33 -14.21
C ARG A 1813 18.78 -108.46 -15.03
N MET A 1814 17.64 -108.09 -14.45
CA MET A 1814 16.71 -107.20 -15.15
C MET A 1814 17.34 -105.85 -15.45
N LEU A 1815 18.06 -105.28 -14.48
CA LEU A 1815 18.75 -104.02 -14.75
C LEU A 1815 19.84 -104.17 -15.80
N GLY A 1816 20.56 -105.30 -15.79
CA GLY A 1816 21.61 -105.50 -16.78
C GLY A 1816 21.05 -105.63 -18.19
N GLU A 1817 19.95 -106.36 -18.35
CA GLU A 1817 19.37 -106.53 -19.68
C GLU A 1817 18.62 -105.30 -20.16
N ALA A 1818 18.12 -104.47 -19.24
CA ALA A 1818 17.31 -103.32 -19.64
C ALA A 1818 18.12 -102.31 -20.43
N VAL A 1819 19.35 -102.03 -20.01
CA VAL A 1819 20.18 -101.07 -20.73
C VAL A 1819 20.54 -101.60 -22.12
N ARG A 1820 20.87 -102.88 -22.23
CA ARG A 1820 21.17 -103.47 -23.54
C ARG A 1820 19.95 -103.42 -24.45
N ASP A 1821 18.77 -103.69 -23.91
CA ASP A 1821 17.55 -103.61 -24.70
C ASP A 1821 17.26 -102.19 -25.15
N GLY A 1822 17.46 -101.22 -24.26
CA GLY A 1822 17.19 -99.83 -24.61
C GLY A 1822 18.23 -99.20 -25.51
N GLY A 1823 19.44 -99.76 -25.56
CA GLY A 1823 20.47 -99.22 -26.43
C GLY A 1823 20.20 -99.37 -27.91
N GLN A 1824 19.28 -100.24 -28.30
CA GLN A 1824 18.95 -100.44 -29.70
C GLN A 1824 17.89 -99.45 -30.19
N HIS A 1825 17.40 -98.57 -29.32
CA HIS A 1825 16.37 -97.57 -29.64
C HIS A 1825 15.25 -98.17 -30.49
N ALA A 1826 14.74 -99.31 -30.03
CA ALA A 1826 13.65 -99.98 -30.74
C ALA A 1826 12.38 -99.13 -30.68
N ARG A 1827 11.56 -99.26 -31.73
CA ARG A 1827 10.33 -98.48 -31.80
C ARG A 1827 9.26 -98.99 -30.86
N ASP A 1828 9.45 -100.17 -30.26
CA ASP A 1828 8.49 -100.72 -29.30
C ASP A 1828 9.17 -100.89 -27.95
N PRO A 1829 9.09 -99.91 -27.05
CA PRO A 1829 9.70 -100.06 -25.73
C PRO A 1829 8.83 -100.85 -24.77
N VAL A 1830 9.50 -101.55 -23.86
CA VAL A 1830 8.79 -102.39 -22.89
C VAL A 1830 7.99 -101.50 -21.96
N GLY A 1831 6.75 -101.91 -21.69
CA GLY A 1831 5.87 -101.15 -20.83
C GLY A 1831 5.09 -100.05 -21.52
N GLY A 1832 5.34 -99.80 -22.80
CA GLY A 1832 4.64 -98.79 -23.55
C GLY A 1832 5.31 -97.43 -23.60
N SER A 1833 6.34 -97.20 -22.79
CA SER A 1833 7.05 -95.93 -22.79
C SER A 1833 8.41 -96.11 -22.16
N VAL A 1834 9.33 -95.21 -22.53
CA VAL A 1834 10.69 -95.28 -22.00
C VAL A 1834 10.69 -94.99 -20.50
N GLU A 1835 9.81 -94.09 -20.04
CA GLU A 1835 9.73 -93.82 -18.61
C GLU A 1835 9.27 -95.04 -17.83
N PHE A 1836 8.24 -95.72 -18.32
CA PHE A 1836 7.78 -96.96 -17.67
C PHE A 1836 8.79 -98.09 -17.82
N GLN A 1837 9.68 -98.02 -18.81
CA GLN A 1837 10.72 -99.03 -18.94
C GLN A 1837 11.72 -98.94 -17.79
N PHE A 1838 12.08 -97.72 -17.39
CA PHE A 1838 13.20 -97.51 -16.47
C PHE A 1838 12.80 -97.20 -15.04
N VAL A 1839 11.70 -96.48 -14.81
CA VAL A 1839 11.40 -96.00 -13.46
C VAL A 1839 11.22 -97.14 -12.45
N PRO A 1840 10.39 -98.15 -12.70
CA PRO A 1840 10.18 -99.17 -11.66
C PRO A 1840 11.41 -99.98 -11.32
N VAL A 1841 12.18 -100.41 -12.32
CA VAL A 1841 13.36 -101.22 -12.04
C VAL A 1841 14.40 -100.42 -11.26
N LEU A 1842 14.61 -99.15 -11.62
CA LEU A 1842 15.56 -98.33 -10.86
C LEU A 1842 15.06 -98.05 -9.45
N LYS A 1843 13.76 -97.83 -9.28
CA LYS A 1843 13.22 -97.66 -7.93
C LYS A 1843 13.46 -98.89 -7.08
N LEU A 1844 13.19 -100.09 -7.62
CA LEU A 1844 13.42 -101.31 -6.88
C LEU A 1844 14.91 -101.50 -6.56
N VAL A 1845 15.79 -101.21 -7.52
CA VAL A 1845 17.22 -101.36 -7.29
C VAL A 1845 17.70 -100.41 -6.20
N SER A 1846 17.23 -99.16 -6.23
CA SER A 1846 17.60 -98.21 -5.17
C SER A 1846 17.11 -98.65 -3.81
N THR A 1847 15.86 -99.15 -3.72
CA THR A 1847 15.35 -99.62 -2.45
C THR A 1847 16.15 -100.81 -1.93
N LEU A 1848 16.52 -101.73 -2.82
CA LEU A 1848 17.35 -102.86 -2.42
C LEU A 1848 18.74 -102.40 -1.96
N LEU A 1849 19.33 -101.44 -2.67
CA LEU A 1849 20.68 -100.99 -2.34
C LEU A 1849 20.75 -100.22 -1.03
N VAL A 1850 19.70 -99.45 -0.71
CA VAL A 1850 19.70 -98.71 0.55
C VAL A 1850 19.76 -99.65 1.74
N MET A 1851 18.99 -100.75 1.71
CA MET A 1851 18.98 -101.70 2.81
C MET A 1851 20.29 -102.45 2.97
N GLY A 1852 21.20 -102.37 1.99
CA GLY A 1852 22.47 -103.06 2.11
C GLY A 1852 22.41 -104.55 1.88
N ILE A 1853 21.52 -105.03 1.02
CA ILE A 1853 21.42 -106.46 0.78
C ILE A 1853 22.42 -106.94 -0.28
N PHE A 1854 22.96 -106.03 -1.08
CA PHE A 1854 23.90 -106.40 -2.13
C PHE A 1854 25.27 -106.74 -1.55
N GLY A 1855 25.94 -107.70 -2.17
CA GLY A 1855 27.30 -108.03 -1.78
C GLY A 1855 28.32 -107.14 -2.46
N ASP A 1856 29.59 -107.38 -2.14
CA ASP A 1856 30.66 -106.55 -2.68
C ASP A 1856 30.78 -106.68 -4.19
N GLU A 1857 30.69 -107.91 -4.73
CA GLU A 1857 30.75 -108.08 -6.17
C GLU A 1857 29.50 -107.52 -6.85
N ASP A 1858 28.34 -107.65 -6.21
CA ASP A 1858 27.13 -107.06 -6.75
C ASP A 1858 27.22 -105.54 -6.82
N VAL A 1859 27.90 -104.93 -5.84
CA VAL A 1859 28.11 -103.49 -5.89
C VAL A 1859 28.95 -103.10 -7.10
N LYS A 1860 30.01 -103.86 -7.39
CA LYS A 1860 30.81 -103.59 -8.58
C LYS A 1860 29.98 -103.79 -9.85
N GLN A 1861 29.16 -104.82 -9.90
CA GLN A 1861 28.32 -105.05 -11.07
C GLN A 1861 27.34 -103.90 -11.28
N ILE A 1862 26.75 -103.39 -10.19
CA ILE A 1862 25.86 -102.24 -10.29
C ILE A 1862 26.61 -101.01 -10.77
N LEU A 1863 27.80 -100.76 -10.19
CA LEU A 1863 28.62 -99.62 -10.57
C LEU A 1863 29.11 -99.70 -12.01
N LYS A 1864 29.15 -100.89 -12.60
CA LYS A 1864 29.63 -101.06 -13.96
C LYS A 1864 28.71 -100.45 -15.01
N MET A 1865 27.65 -99.75 -14.61
CA MET A 1865 26.78 -99.08 -15.59
C MET A 1865 27.53 -98.00 -16.34
N ILE A 1866 28.59 -97.45 -15.75
CA ILE A 1866 29.47 -96.51 -16.44
C ILE A 1866 30.81 -97.21 -16.58
N GLU A 1867 30.98 -97.95 -17.67
CA GLU A 1867 32.16 -98.79 -17.89
C GLU A 1867 33.46 -97.98 -18.01
N PRO A 1868 33.53 -96.94 -18.86
CA PRO A 1868 34.83 -96.26 -19.03
C PRO A 1868 35.34 -95.62 -17.75
N GLU A 1869 34.45 -95.10 -16.90
CA GLU A 1869 34.89 -94.37 -15.72
C GLU A 1869 35.35 -95.29 -14.59
N VAL A 1870 34.68 -96.43 -14.39
CA VAL A 1870 34.99 -97.27 -13.24
C VAL A 1870 36.40 -97.85 -13.37
N PHE A 1871 36.72 -98.44 -14.52
CA PHE A 1871 38.02 -99.06 -14.77
C PHE A 1871 38.41 -100.01 -13.65
N THR A 1872 37.59 -101.06 -13.51
CA THR A 1872 37.76 -102.00 -12.41
C THR A 1872 39.13 -102.68 -12.46
N GLU A 1873 39.56 -103.09 -13.64
CA GLU A 1873 40.87 -103.70 -13.79
C GLU A 1873 41.97 -102.66 -13.61
N GLU A 1874 43.11 -103.12 -13.12
CA GLU A 1874 44.26 -102.25 -12.90
C GLU A 1874 45.55 -102.91 -13.38
N LEU A 1922 29.82 -102.05 -29.15
CA LEU A 1922 29.41 -100.68 -28.88
C LEU A 1922 28.75 -100.55 -27.52
N GLU A 1923 29.56 -100.73 -26.46
CA GLU A 1923 29.04 -100.64 -25.11
C GLU A 1923 28.78 -99.19 -24.74
N GLU A 1924 27.57 -98.92 -24.25
CA GLU A 1924 27.16 -97.57 -23.87
C GLU A 1924 26.65 -97.58 -22.44
N GLY A 1925 27.05 -96.58 -21.67
CA GLY A 1925 26.63 -96.47 -20.29
C GLY A 1925 25.22 -95.93 -20.15
N LEU A 1926 24.71 -96.02 -18.92
CA LEU A 1926 23.35 -95.56 -18.64
C LEU A 1926 23.23 -94.05 -18.71
N LEU A 1927 24.25 -93.31 -18.29
CA LEU A 1927 24.15 -91.86 -18.23
C LEU A 1927 24.24 -91.21 -19.61
N GLN A 1928 24.86 -91.89 -20.58
CA GLN A 1928 25.08 -91.26 -21.89
C GLN A 1928 23.78 -91.15 -22.69
N MET A 1929 22.90 -92.13 -22.60
CA MET A 1929 21.68 -92.09 -23.39
C MET A 1929 20.76 -90.97 -22.91
N LYS A 1930 19.98 -90.44 -23.85
CA LYS A 1930 19.01 -89.40 -23.54
C LYS A 1930 17.92 -89.94 -22.63
N LEU A 1931 17.42 -89.07 -21.75
CA LEU A 1931 16.45 -89.47 -20.74
C LEU A 1931 15.26 -88.52 -20.75
N PRO A 1932 14.08 -89.00 -20.36
CA PRO A 1932 12.87 -88.17 -20.44
C PRO A 1932 12.70 -87.21 -19.28
N GLU A 1933 13.77 -86.97 -18.53
CA GLU A 1933 13.82 -86.05 -17.39
C GLU A 1933 12.96 -86.50 -16.22
N SER A 1934 12.40 -87.71 -16.27
CA SER A 1934 11.72 -88.31 -15.13
C SER A 1934 12.54 -89.42 -14.49
N VAL A 1935 13.33 -90.13 -15.28
CA VAL A 1935 14.27 -91.10 -14.72
C VAL A 1935 15.54 -90.42 -14.22
N LYS A 1936 15.78 -89.18 -14.65
CA LYS A 1936 16.92 -88.43 -14.13
C LYS A 1936 16.81 -88.20 -12.63
N LEU A 1937 15.58 -87.98 -12.14
CA LEU A 1937 15.38 -87.83 -10.70
C LEU A 1937 15.74 -89.11 -9.96
N GLN A 1938 15.33 -90.26 -10.49
CA GLN A 1938 15.67 -91.54 -9.86
C GLN A 1938 17.16 -91.84 -9.92
N MET A 1939 17.85 -91.35 -10.96
CA MET A 1939 19.29 -91.54 -11.03
C MET A 1939 20.01 -90.83 -9.90
N CYS A 1940 19.56 -89.62 -9.54
CA CYS A 1940 20.20 -88.87 -8.47
C CYS A 1940 20.09 -89.57 -7.13
N ASN A 1941 18.94 -90.20 -6.85
CA ASN A 1941 18.79 -90.94 -5.60
C ASN A 1941 19.78 -92.09 -5.51
N LEU A 1942 19.96 -92.81 -6.62
CA LEU A 1942 20.93 -93.90 -6.64
C LEU A 1942 22.35 -93.39 -6.46
N LEU A 1943 22.68 -92.26 -7.09
CA LEU A 1943 24.03 -91.72 -6.99
C LEU A 1943 24.32 -91.13 -5.61
N GLU A 1944 23.28 -90.68 -4.91
CA GLU A 1944 23.47 -90.07 -3.59
C GLU A 1944 24.02 -91.07 -2.57
N TYR A 1945 23.56 -92.32 -2.61
CA TYR A 1945 24.08 -93.32 -1.70
C TYR A 1945 25.56 -93.58 -1.95
N PHE A 1946 25.97 -93.65 -3.21
CA PHE A 1946 27.37 -93.83 -3.54
C PHE A 1946 28.21 -92.65 -3.07
N CYS A 1947 27.67 -91.43 -3.19
CA CYS A 1947 28.36 -90.28 -2.62
C CYS A 1947 28.47 -90.35 -1.10
N ASP A 1948 27.43 -90.82 -0.42
CA ASP A 1948 27.42 -90.85 1.04
C ASP A 1948 28.38 -91.91 1.58
N GLN A 1949 28.57 -92.99 0.83
CA GLN A 1949 29.49 -94.04 1.27
C GLN A 1949 30.91 -93.51 1.46
N GLU A 1950 31.34 -92.55 0.62
CA GLU A 1950 32.65 -91.96 0.78
C GLU A 1950 32.79 -91.23 2.11
N LEU A 1951 31.77 -90.45 2.49
CA LEU A 1951 31.80 -89.78 3.78
C LEU A 1951 31.84 -90.80 4.93
N GLN A 1952 31.03 -91.85 4.82
CA GLN A 1952 31.05 -92.90 5.84
C GLN A 1952 32.47 -93.47 6.01
N HIS A 1953 33.09 -93.85 4.89
CA HIS A 1953 34.42 -94.45 4.92
C HIS A 1953 35.45 -93.48 5.49
N ARG A 1954 35.38 -92.20 5.08
CA ARG A 1954 36.34 -91.21 5.58
C ARG A 1954 36.22 -91.03 7.09
N VAL A 1955 34.99 -90.88 7.60
CA VAL A 1955 34.81 -90.70 9.04
C VAL A 1955 35.31 -91.92 9.80
N GLU A 1956 34.99 -93.12 9.32
CA GLU A 1956 35.43 -94.30 10.04
C GLU A 1956 36.94 -94.51 9.98
N SER A 1957 37.59 -94.15 8.86
CA SER A 1957 39.04 -94.20 8.82
C SER A 1957 39.66 -93.21 9.80
N LEU A 1958 39.10 -92.00 9.90
CA LEU A 1958 39.61 -91.04 10.88
C LEU A 1958 39.46 -91.58 12.29
N ALA A 1959 38.31 -92.18 12.60
CA ALA A 1959 38.10 -92.76 13.92
C ALA A 1959 39.08 -93.88 14.21
N ALA A 1960 39.36 -94.72 13.21
CA ALA A 1960 40.35 -95.78 13.38
C ALA A 1960 41.75 -95.24 13.64
N PHE A 1961 42.15 -94.17 12.94
CA PHE A 1961 43.47 -93.60 13.15
C PHE A 1961 43.59 -92.94 14.51
N ALA A 1962 42.49 -92.37 15.02
CA ALA A 1962 42.53 -91.63 16.27
C ALA A 1962 42.98 -92.51 17.44
N GLU A 1963 42.46 -93.73 17.54
CA GLU A 1963 42.83 -94.59 18.65
C GLU A 1963 44.31 -94.97 18.61
N ARG A 1964 44.86 -95.25 17.44
CA ARG A 1964 46.28 -95.56 17.35
C ARG A 1964 47.14 -94.36 17.74
N TYR A 1965 46.76 -93.17 17.27
CA TYR A 1965 47.56 -92.00 17.63
C TYR A 1965 47.50 -91.71 19.12
N VAL A 1966 46.32 -91.81 19.73
CA VAL A 1966 46.23 -91.57 21.17
C VAL A 1966 46.92 -92.66 21.97
N ASP A 1967 46.93 -93.89 21.48
CA ASP A 1967 47.70 -94.95 22.16
C ASP A 1967 49.19 -94.66 22.13
N LYS A 1968 49.70 -94.16 21.00
CA LYS A 1968 51.11 -93.77 20.96
C LYS A 1968 51.38 -92.59 21.88
N LEU A 1969 50.49 -91.59 21.90
CA LEU A 1969 50.70 -90.41 22.73
C LEU A 1969 50.69 -90.73 24.22
N GLN A 1970 49.75 -91.56 24.67
CA GLN A 1970 49.72 -91.91 26.09
C GLN A 1970 50.93 -92.72 26.50
N ALA A 1971 51.51 -93.50 25.58
CA ALA A 1971 52.74 -94.21 25.87
C ALA A 1971 53.94 -93.27 25.95
N ASN A 1972 54.00 -92.27 25.06
CA ASN A 1972 55.08 -91.30 25.15
C ASN A 1972 55.00 -90.46 26.43
N GLN A 1973 53.77 -90.12 26.85
CA GLN A 1973 53.60 -89.32 28.06
C GLN A 1973 54.15 -90.03 29.29
N ARG A 1974 54.01 -91.36 29.35
CA ARG A 1974 54.55 -92.09 30.50
C ARG A 1974 56.05 -91.94 30.61
N SER A 1975 56.79 -92.09 29.50
CA SER A 1975 58.23 -91.88 29.54
C SER A 1975 58.58 -90.43 29.86
N ARG A 1976 57.83 -89.47 29.30
CA ARG A 1976 58.12 -88.07 29.57
C ARG A 1976 57.94 -87.74 31.05
N TYR A 1977 56.91 -88.29 31.70
CA TYR A 1977 56.72 -88.09 33.12
C TYR A 1977 57.72 -88.88 33.96
N ALA A 1978 58.12 -90.06 33.51
CA ALA A 1978 59.12 -90.84 34.24
C ALA A 1978 60.47 -90.12 34.27
N LEU A 1979 60.84 -89.45 33.17
CA LEU A 1979 62.08 -88.68 33.17
C LEU A 1979 62.04 -87.58 34.23
N LEU A 1980 60.94 -86.83 34.32
CA LEU A 1980 60.81 -85.80 35.34
C LEU A 1980 60.83 -86.39 36.74
N MET A 1981 60.13 -87.51 36.93
CA MET A 1981 60.12 -88.14 38.25
C MET A 1981 61.50 -88.60 38.67
N ARG A 1982 62.28 -89.17 37.74
CA ARG A 1982 63.65 -89.57 38.05
C ARG A 1982 64.57 -88.36 38.23
N ALA A 1983 64.23 -87.22 37.64
CA ALA A 1983 65.04 -86.01 37.81
C ALA A 1983 64.97 -85.56 39.27
N PHE A 1984 66.15 -85.46 39.90
CA PHE A 1984 66.23 -85.09 41.31
C PHE A 1984 66.48 -83.60 41.52
N THR A 1985 66.68 -82.83 40.46
CA THR A 1985 66.93 -81.41 40.60
C THR A 1985 65.65 -80.66 40.95
N MET A 1986 65.76 -79.65 41.80
CA MET A 1986 64.64 -78.80 42.19
C MET A 1986 64.97 -77.36 41.85
N SER A 1987 64.09 -76.72 41.07
CA SER A 1987 64.30 -75.34 40.65
C SER A 1987 62.96 -74.76 40.22
N ALA A 1988 62.96 -73.43 40.01
CA ALA A 1988 61.76 -72.76 39.56
C ALA A 1988 61.34 -73.25 38.17
N ALA A 1989 62.30 -73.44 37.27
CA ALA A 1989 61.99 -73.95 35.94
C ALA A 1989 61.44 -75.38 36.02
N GLU A 1990 62.03 -76.22 36.87
CA GLU A 1990 61.51 -77.58 37.04
C GLU A 1990 60.09 -77.57 37.59
N THR A 1991 59.82 -76.69 38.56
CA THR A 1991 58.46 -76.59 39.09
C THR A 1991 57.49 -76.10 38.03
N ALA A 1992 57.89 -75.13 37.21
CA ALA A 1992 57.03 -74.66 36.13
C ALA A 1992 56.75 -75.75 35.12
N ARG A 1993 57.76 -76.56 34.79
CA ARG A 1993 57.53 -77.70 33.89
C ARG A 1993 56.60 -78.74 34.51
N ARG A 1994 56.75 -79.00 35.82
CA ARG A 1994 55.95 -80.01 36.49
C ARG A 1994 54.52 -79.58 36.76
N THR A 1995 54.24 -78.28 36.81
CA THR A 1995 52.88 -77.82 37.06
C THR A 1995 51.91 -78.25 35.96
N ARG A 1996 52.40 -78.49 34.74
CA ARG A 1996 51.52 -78.80 33.63
C ARG A 1996 50.73 -80.08 33.86
N GLU A 1997 51.39 -81.14 34.35
CA GLU A 1997 50.69 -82.40 34.57
C GLU A 1997 49.85 -82.37 35.84
N PHE A 1998 50.32 -81.73 36.91
CA PHE A 1998 49.54 -81.67 38.14
C PHE A 1998 48.27 -80.86 37.96
N ARG A 1999 48.39 -79.65 37.42
CA ARG A 1999 47.24 -78.83 37.07
C ARG A 1999 46.78 -79.23 35.67
N SER A 2000 45.94 -78.40 35.03
CA SER A 2000 45.53 -78.63 33.65
C SER A 2000 44.81 -79.97 33.51
N PRO A 2001 43.55 -80.06 33.94
CA PRO A 2001 42.77 -81.29 33.74
C PRO A 2001 42.85 -81.79 32.31
N PRO A 2002 42.57 -83.08 32.06
CA PRO A 2002 42.98 -83.69 30.78
C PRO A 2002 42.53 -82.94 29.54
N GLN A 2003 41.51 -82.08 29.63
CA GLN A 2003 41.16 -81.25 28.49
C GLN A 2003 42.31 -80.35 28.08
N GLU A 2004 42.88 -79.60 29.03
CA GLU A 2004 44.02 -78.74 28.72
C GLU A 2004 45.22 -79.56 28.25
N GLN A 2005 45.46 -80.71 28.87
CA GLN A 2005 46.58 -81.55 28.46
C GLN A 2005 46.45 -81.97 27.00
N ILE A 2006 45.29 -82.53 26.62
CA ILE A 2006 45.13 -83.02 25.26
C ILE A 2006 45.05 -81.86 24.27
N ASN A 2007 44.62 -80.68 24.72
CA ASN A 2007 44.58 -79.54 23.81
C ASN A 2007 45.95 -78.94 23.57
N MET A 2008 46.84 -78.99 24.57
CA MET A 2008 48.10 -78.26 24.49
C MET A 2008 49.02 -78.85 23.42
N LEU A 2009 49.25 -80.17 23.46
CA LEU A 2009 50.28 -80.74 22.61
C LEU A 2009 49.86 -80.88 21.15
N LEU A 2010 48.55 -80.95 20.88
CA LEU A 2010 48.10 -81.04 19.49
C LEU A 2010 48.37 -79.75 18.73
N HIS A 2011 48.23 -78.60 19.41
CA HIS A 2011 48.53 -77.32 18.76
C HIS A 2011 50.00 -77.23 18.37
N PHE A 2012 50.88 -77.88 19.13
CA PHE A 2012 52.30 -77.86 18.81
C PHE A 2012 52.58 -78.50 17.46
N LYS A 2013 51.99 -79.66 17.20
CA LYS A 2013 52.23 -80.34 15.93
C LYS A 2013 51.62 -79.58 14.76
N ASP A 2014 50.47 -78.96 14.96
CA ASP A 2014 49.77 -78.20 13.92
C ASP A 2014 50.10 -76.73 14.13
N GLU A 2015 51.22 -76.29 13.57
CA GLU A 2015 51.65 -74.91 13.66
C GLU A 2015 51.99 -74.40 12.27
N ALA A 2016 51.90 -73.08 12.10
CA ALA A 2016 52.16 -72.47 10.80
C ALA A 2016 53.63 -72.58 10.42
N ASP A 2017 54.50 -71.96 11.21
CA ASP A 2017 55.94 -72.03 10.94
C ASP A 2017 56.80 -72.33 12.15
N GLU A 2018 56.33 -72.06 13.37
CA GLU A 2018 57.11 -72.32 14.58
C GLU A 2018 56.16 -72.64 15.71
N GLU A 2019 56.52 -73.64 16.51
CA GLU A 2019 55.69 -74.06 17.64
C GLU A 2019 56.35 -73.86 19.00
N ASP A 2020 57.68 -73.75 19.04
CA ASP A 2020 58.42 -73.63 20.30
C ASP A 2020 58.04 -74.76 21.26
N CYS A 2021 58.05 -75.97 20.74
CA CYS A 2021 57.55 -77.14 21.47
C CYS A 2021 58.70 -78.05 21.87
N PRO A 2022 59.07 -78.09 23.16
CA PRO A 2022 60.07 -79.08 23.62
C PRO A 2022 59.46 -80.40 24.05
N LEU A 2023 58.14 -80.47 24.24
CA LEU A 2023 57.53 -81.72 24.71
C LEU A 2023 57.42 -82.76 23.59
N PRO A 2024 56.81 -82.48 22.43
CA PRO A 2024 56.69 -83.51 21.41
C PRO A 2024 58.04 -83.96 20.87
N GLU A 2025 58.10 -85.24 20.51
CA GLU A 2025 59.32 -85.82 19.97
C GLU A 2025 59.35 -85.61 18.45
N ASP A 2026 60.28 -86.29 17.78
CA ASP A 2026 60.41 -86.20 16.33
C ASP A 2026 59.33 -86.97 15.59
N ILE A 2027 58.51 -87.75 16.29
CA ILE A 2027 57.46 -88.54 15.64
C ILE A 2027 56.21 -87.74 15.35
N ARG A 2028 56.22 -86.43 15.57
CA ARG A 2028 55.03 -85.62 15.32
C ARG A 2028 54.77 -85.42 13.84
N GLN A 2029 55.72 -85.79 12.97
CA GLN A 2029 55.50 -85.65 11.53
C GLN A 2029 54.47 -86.64 11.00
N ASP A 2030 54.16 -87.70 11.75
CA ASP A 2030 53.14 -88.64 11.32
C ASP A 2030 51.77 -87.99 11.21
N LEU A 2031 51.43 -87.11 12.18
CA LEU A 2031 50.18 -86.40 12.09
C LEU A 2031 50.12 -85.50 10.86
N GLN A 2032 51.21 -84.80 10.56
CA GLN A 2032 51.24 -83.98 9.35
C GLN A 2032 51.08 -84.81 8.09
N ASP A 2033 51.75 -85.97 8.05
CA ASP A 2033 51.62 -86.84 6.88
C ASP A 2033 50.19 -87.33 6.72
N PHE A 2034 49.55 -87.73 7.82
CA PHE A 2034 48.17 -88.21 7.74
C PHE A 2034 47.23 -87.08 7.33
N HIS A 2035 47.45 -85.87 7.84
CA HIS A 2035 46.62 -84.73 7.45
C HIS A 2035 46.77 -84.42 5.97
N GLN A 2036 48.01 -84.46 5.46
CA GLN A 2036 48.22 -84.26 4.03
C GLN A 2036 47.54 -85.35 3.20
N ASP A 2037 47.61 -86.60 3.65
CA ASP A 2037 46.93 -87.68 2.95
C ASP A 2037 45.41 -87.48 2.94
N LEU A 2038 44.85 -87.03 4.06
CA LEU A 2038 43.42 -86.76 4.12
C LEU A 2038 43.03 -85.61 3.19
N LEU A 2039 43.84 -84.55 3.15
CA LEU A 2039 43.56 -83.46 2.22
C LEU A 2039 43.62 -83.93 0.78
N ALA A 2040 44.60 -84.77 0.45
CA ALA A 2040 44.67 -85.33 -0.91
C ALA A 2040 43.47 -86.20 -1.22
N HIS A 2041 43.01 -87.00 -0.26
CA HIS A 2041 41.83 -87.85 -0.48
C HIS A 2041 40.58 -87.01 -0.68
N CYS A 2042 40.45 -85.91 0.06
CA CYS A 2042 39.28 -85.04 -0.06
C CYS A 2042 39.35 -84.25 -1.37
N GLY A 2043 38.42 -83.32 -1.56
CA GLY A 2043 38.39 -82.56 -2.79
C GLY A 2043 39.49 -81.54 -2.94
N ILE A 2044 40.19 -81.23 -1.85
CA ILE A 2044 41.27 -80.25 -1.92
C ILE A 2044 42.43 -80.81 -2.72
N GLN A 2045 42.90 -80.04 -3.70
CA GLN A 2045 44.01 -80.48 -4.53
C GLN A 2045 45.29 -80.58 -3.72
N LEU A 2046 45.60 -79.54 -2.95
CA LEU A 2046 46.76 -79.44 -2.05
C LEU A 2046 48.09 -79.52 -2.78
N GLU A 2047 48.10 -79.57 -4.12
CA GLU A 2047 49.34 -79.64 -4.87
C GLU A 2047 49.78 -78.27 -5.38
N GLY A 2048 48.86 -77.50 -5.94
CA GLY A 2048 49.18 -76.17 -6.45
C GLY A 2048 49.33 -75.15 -5.35
N LYS A 2089 38.49 -83.46 -21.49
CA LYS A 2089 39.38 -84.49 -20.97
C LYS A 2089 38.60 -85.67 -20.41
N LYS A 2090 39.17 -86.31 -19.39
CA LYS A 2090 38.52 -87.44 -18.74
C LYS A 2090 38.39 -87.18 -17.23
N PRO A 2091 37.23 -87.46 -16.65
CA PRO A 2091 37.07 -87.24 -15.20
C PRO A 2091 37.98 -88.13 -14.37
N GLN A 2092 38.00 -89.42 -14.69
CA GLN A 2092 38.81 -90.43 -14.02
C GLN A 2092 38.48 -90.58 -12.53
N SER A 2093 37.41 -89.95 -12.06
CA SER A 2093 37.01 -90.04 -10.67
C SER A 2093 35.54 -89.72 -10.54
N LEU A 2094 34.92 -90.28 -9.51
CA LEU A 2094 33.50 -90.02 -9.24
C LEU A 2094 33.26 -88.54 -9.01
N GLN A 2095 34.19 -87.87 -8.32
CA GLN A 2095 34.01 -86.45 -8.01
C GLN A 2095 33.90 -85.61 -9.27
N GLU A 2096 34.89 -85.72 -10.16
CA GLU A 2096 34.87 -84.97 -11.41
C GLU A 2096 33.73 -85.41 -12.31
N LEU A 2097 33.41 -86.70 -12.33
CA LEU A 2097 32.30 -87.17 -13.14
C LEU A 2097 30.99 -86.51 -12.73
N VAL A 2098 30.70 -86.49 -11.43
CA VAL A 2098 29.47 -85.88 -10.95
C VAL A 2098 29.47 -84.38 -11.22
N SER A 2099 30.61 -83.72 -10.96
CA SER A 2099 30.67 -82.27 -11.17
C SER A 2099 30.43 -81.92 -12.64
N HIS A 2100 30.98 -82.70 -13.56
CA HIS A 2100 30.81 -82.41 -14.97
C HIS A 2100 29.43 -82.82 -15.48
N MET A 2101 28.84 -83.86 -14.89
CA MET A 2101 27.53 -84.35 -15.35
C MET A 2101 26.40 -83.43 -14.90
N VAL A 2102 26.47 -82.94 -13.66
CA VAL A 2102 25.38 -82.10 -13.14
C VAL A 2102 25.26 -80.82 -13.96
N VAL A 2103 26.39 -80.18 -14.27
CA VAL A 2103 26.33 -78.95 -15.05
C VAL A 2103 25.85 -79.24 -16.47
N ARG A 2104 26.25 -80.37 -17.05
CA ARG A 2104 25.82 -80.71 -18.40
C ARG A 2104 24.31 -80.92 -18.47
N TRP A 2105 23.73 -81.56 -17.46
CA TRP A 2105 22.28 -81.77 -17.50
C TRP A 2105 21.53 -80.45 -17.55
N ALA A 2106 21.95 -79.46 -16.76
CA ALA A 2106 21.29 -78.16 -16.78
C ALA A 2106 21.62 -77.36 -18.03
N GLN A 2107 22.82 -77.54 -18.59
CA GLN A 2107 23.21 -76.79 -19.77
C GLN A 2107 22.51 -77.31 -21.02
N GLU A 2108 22.17 -78.61 -21.05
CA GLU A 2108 21.59 -79.18 -22.27
C GLU A 2108 20.26 -78.52 -22.62
N ASP A 2109 19.38 -78.33 -21.66
CA ASP A 2109 18.07 -77.75 -21.93
C ASP A 2109 17.45 -77.25 -20.63
N TYR A 2110 16.29 -76.60 -20.77
CA TYR A 2110 15.54 -76.15 -19.61
C TYR A 2110 15.05 -77.36 -18.80
N VAL A 2111 14.98 -77.16 -17.48
CA VAL A 2111 14.60 -78.22 -16.55
C VAL A 2111 13.30 -77.82 -15.86
N GLN A 2112 12.30 -78.68 -15.96
CA GLN A 2112 11.04 -78.53 -15.24
C GLN A 2112 11.10 -79.37 -13.97
N SER A 2113 9.96 -79.48 -13.28
CA SER A 2113 9.83 -80.29 -12.07
C SER A 2113 10.83 -79.81 -11.02
N PRO A 2114 10.54 -78.71 -10.33
CA PRO A 2114 11.54 -78.09 -9.44
C PRO A 2114 12.13 -79.03 -8.40
N GLU A 2115 11.46 -80.15 -8.07
CA GLU A 2115 12.06 -81.11 -7.17
C GLU A 2115 13.33 -81.69 -7.77
N LEU A 2116 13.33 -81.94 -9.08
CA LEU A 2116 14.52 -82.47 -9.74
C LEU A 2116 15.70 -81.52 -9.62
N VAL A 2117 15.49 -80.23 -9.89
CA VAL A 2117 16.60 -79.27 -9.79
C VAL A 2117 17.01 -79.07 -8.34
N ARG A 2118 16.07 -79.13 -7.39
CA ARG A 2118 16.44 -79.06 -5.98
C ARG A 2118 17.39 -80.19 -5.61
N ALA A 2119 17.02 -81.43 -5.96
CA ALA A 2119 17.90 -82.56 -5.68
C ALA A 2119 19.23 -82.44 -6.42
N MET A 2120 19.19 -81.97 -7.67
CA MET A 2120 20.42 -81.82 -8.45
C MET A 2120 21.39 -80.89 -7.77
N PHE A 2121 20.93 -79.69 -7.38
CA PHE A 2121 21.83 -78.72 -6.76
C PHE A 2121 22.23 -79.14 -5.35
N SER A 2122 21.34 -79.79 -4.61
CA SER A 2122 21.73 -80.31 -3.30
C SER A 2122 22.84 -81.34 -3.41
N LEU A 2123 22.77 -82.22 -4.42
CA LEU A 2123 23.83 -83.18 -4.64
C LEU A 2123 25.10 -82.54 -5.17
N LEU A 2124 24.99 -81.47 -5.95
CA LEU A 2124 26.17 -80.84 -6.52
C LEU A 2124 26.94 -80.02 -5.48
N HIS A 2125 26.22 -79.35 -4.57
CA HIS A 2125 26.90 -78.59 -3.53
C HIS A 2125 27.72 -79.48 -2.61
N ARG A 2126 27.16 -80.61 -2.18
CA ARG A 2126 27.93 -81.56 -1.39
C ARG A 2126 29.15 -82.04 -2.16
N GLN A 2127 29.03 -82.16 -3.48
CA GLN A 2127 30.12 -82.70 -4.27
C GLN A 2127 31.27 -81.69 -4.35
N TYR A 2128 30.95 -80.41 -4.57
CA TYR A 2128 31.99 -79.38 -4.54
C TYR A 2128 32.60 -79.24 -3.15
N ASP A 2129 31.77 -79.13 -2.11
CA ASP A 2129 32.26 -78.85 -0.76
C ASP A 2129 32.27 -80.14 0.04
N GLY A 2130 33.37 -80.89 -0.05
CA GLY A 2130 33.50 -82.12 0.69
C GLY A 2130 33.94 -81.92 2.12
N LEU A 2131 34.80 -80.93 2.37
CA LEU A 2131 35.26 -80.67 3.73
C LEU A 2131 34.15 -80.12 4.60
N GLY A 2132 33.28 -79.28 4.03
CA GLY A 2132 32.20 -78.69 4.82
C GLY A 2132 31.23 -79.73 5.35
N GLU A 2133 30.82 -80.68 4.50
CA GLU A 2133 29.92 -81.73 4.94
C GLU A 2133 30.57 -82.62 6.00
N LEU A 2134 31.85 -82.96 5.81
CA LEU A 2134 32.54 -83.76 6.81
C LEU A 2134 32.63 -83.04 8.15
N LEU A 2135 32.94 -81.74 8.12
CA LEU A 2135 33.00 -80.97 9.36
C LEU A 2135 31.63 -80.87 10.02
N ARG A 2136 30.57 -80.72 9.23
CA ARG A 2136 29.23 -80.64 9.80
C ARG A 2136 28.79 -81.98 10.40
N ALA A 2137 29.18 -83.09 9.79
CA ALA A 2137 28.78 -84.41 10.26
C ALA A 2137 29.72 -85.00 11.30
N LEU A 2138 30.86 -84.38 11.54
CA LEU A 2138 31.82 -84.86 12.54
C LEU A 2138 31.23 -84.99 13.94
N PRO A 2139 30.43 -84.04 14.44
CA PRO A 2139 29.90 -84.19 15.81
C PRO A 2139 29.09 -85.45 16.03
N ARG A 2140 28.51 -86.04 14.98
CA ARG A 2140 27.76 -87.27 15.16
C ARG A 2140 28.66 -88.48 15.39
N ALA A 2141 29.96 -88.36 15.11
CA ALA A 2141 30.87 -89.49 15.24
C ALA A 2141 31.10 -89.83 16.71
N TYR A 2142 31.16 -91.13 17.00
CA TYR A 2142 31.42 -91.60 18.34
C TYR A 2142 32.14 -92.95 18.26
N THR A 2143 32.99 -93.20 19.26
CA THR A 2143 33.72 -94.46 19.37
C THR A 2143 33.45 -95.08 20.73
N ILE A 2144 33.37 -96.41 20.76
CA ILE A 2144 33.11 -97.14 21.99
C ILE A 2144 34.09 -98.29 22.11
N SER A 2145 34.25 -98.76 23.35
CA SER A 2145 35.12 -99.89 23.65
C SER A 2145 34.42 -101.20 23.32
N PRO A 2146 35.18 -102.23 22.95
CA PRO A 2146 34.57 -103.54 22.67
C PRO A 2146 33.94 -104.14 23.93
N SER A 2147 33.24 -105.24 23.72
CA SER A 2147 32.48 -105.97 24.74
C SER A 2147 31.32 -105.16 25.30
N SER A 2148 31.05 -103.98 24.77
CA SER A 2148 29.90 -103.17 25.18
C SER A 2148 28.93 -102.90 24.05
N VAL A 2149 29.13 -103.55 22.89
CA VAL A 2149 28.23 -103.32 21.76
C VAL A 2149 26.93 -104.08 21.94
N GLU A 2150 26.94 -105.20 22.66
CA GLU A 2150 25.72 -105.97 22.87
C GLU A 2150 24.69 -105.19 23.67
N ASP A 2151 25.13 -104.43 24.67
CA ASP A 2151 24.19 -103.66 25.47
C ASP A 2151 23.53 -102.54 24.66
N THR A 2152 24.30 -101.86 23.81
CA THR A 2152 23.76 -100.77 23.02
C THR A 2152 23.03 -101.24 21.77
N MET A 2153 23.22 -102.49 21.35
CA MET A 2153 22.38 -103.03 20.28
C MET A 2153 20.91 -103.04 20.68
N SER A 2154 20.62 -103.47 21.91
CA SER A 2154 19.26 -103.40 22.41
C SER A 2154 18.76 -101.96 22.52
N LEU A 2155 19.64 -101.02 22.90
CA LEU A 2155 19.25 -99.62 22.94
C LEU A 2155 18.82 -99.12 21.56
N LEU A 2156 19.63 -99.43 20.54
CA LEU A 2156 19.27 -99.02 19.18
C LEU A 2156 18.00 -99.69 18.71
N GLU A 2157 17.83 -100.98 19.01
CA GLU A 2157 16.61 -101.67 18.60
C GLU A 2157 15.38 -101.08 19.25
N CYS A 2158 15.46 -100.75 20.54
CA CYS A 2158 14.35 -100.12 21.23
C CYS A 2158 14.08 -98.72 20.71
N LEU A 2159 15.12 -97.93 20.46
CA LEU A 2159 14.92 -96.58 19.93
C LEU A 2159 14.33 -96.62 18.53
N GLY A 2160 14.56 -97.71 17.80
CA GLY A 2160 13.90 -97.88 16.51
C GLY A 2160 12.39 -97.85 16.59
N GLN A 2161 11.81 -98.53 17.58
CA GLN A 2161 10.36 -98.48 17.76
C GLN A 2161 9.89 -97.07 18.09
N ILE A 2162 10.61 -96.36 18.95
CA ILE A 2162 10.25 -94.99 19.29
C ILE A 2162 10.26 -94.10 18.05
N ARG A 2163 11.31 -94.21 17.22
CA ARG A 2163 11.38 -93.40 16.02
C ARG A 2163 10.29 -93.78 15.01
N SER A 2164 10.00 -95.07 14.88
CA SER A 2164 9.04 -95.50 13.87
C SER A 2164 7.60 -95.16 14.26
N LEU A 2165 7.25 -95.26 15.54
CA LEU A 2165 5.88 -95.04 15.98
C LEU A 2165 5.50 -93.55 15.99
N LEU A 2166 6.49 -92.65 15.89
CA LEU A 2166 6.19 -91.22 15.96
C LEU A 2166 5.34 -90.76 14.79
N ILE A 2167 5.43 -91.43 13.63
CA ILE A 2167 4.72 -90.95 12.45
C ILE A 2167 3.24 -91.30 12.47
N VAL A 2168 2.84 -92.37 13.17
CA VAL A 2168 1.44 -92.77 13.17
C VAL A 2168 0.68 -92.01 14.24
N GLN A 2169 -0.65 -92.02 14.13
CA GLN A 2169 -1.49 -91.36 15.10
C GLN A 2169 -1.54 -92.14 16.40
N MET A 2170 -1.61 -91.41 17.52
CA MET A 2170 -1.61 -92.04 18.82
C MET A 2170 -2.94 -92.73 19.09
N GLY A 2171 -2.87 -93.97 19.57
CA GLY A 2171 -4.03 -94.74 19.92
C GLY A 2171 -3.84 -95.52 21.20
N PRO A 2172 -4.91 -96.13 21.70
CA PRO A 2172 -4.78 -96.92 22.94
C PRO A 2172 -3.81 -98.08 22.82
N GLN A 2173 -3.71 -98.70 21.64
CA GLN A 2173 -2.78 -99.81 21.47
C GLN A 2173 -1.34 -99.30 21.38
N GLU A 2174 -1.13 -98.18 20.67
CA GLU A 2174 0.22 -97.65 20.53
C GLU A 2174 0.72 -97.06 21.84
N GLU A 2175 -0.18 -96.58 22.70
CA GLU A 2175 0.23 -96.02 23.98
C GLU A 2175 0.93 -97.05 24.86
N ASN A 2176 0.40 -98.27 24.91
CA ASN A 2176 1.03 -99.31 25.72
C ASN A 2176 2.42 -99.65 25.21
N LEU A 2177 2.59 -99.76 23.88
CA LEU A 2177 3.91 -100.03 23.33
C LEU A 2177 4.87 -98.88 23.61
N MET A 2178 4.41 -97.64 23.50
CA MET A 2178 5.25 -96.49 23.82
C MET A 2178 5.71 -96.53 25.27
N ILE A 2179 4.78 -96.80 26.20
CA ILE A 2179 5.13 -96.88 27.60
C ILE A 2179 6.12 -98.01 27.85
N GLN A 2180 5.89 -99.16 27.23
CA GLN A 2180 6.80 -100.29 27.40
C GLN A 2180 8.21 -99.95 26.91
N SER A 2181 8.31 -99.31 25.74
CA SER A 2181 9.62 -98.93 25.21
C SER A 2181 10.32 -97.92 26.12
N ILE A 2182 9.58 -96.91 26.59
CA ILE A 2182 10.19 -95.91 27.46
C ILE A 2182 10.64 -96.52 28.78
N GLY A 2183 9.84 -97.42 29.36
CA GLY A 2183 10.24 -98.07 30.58
C GLY A 2183 11.43 -99.00 30.39
N ASN A 2184 11.49 -99.68 29.25
CA ASN A 2184 12.59 -100.61 28.99
C ASN A 2184 13.89 -99.88 28.70
N ILE A 2185 13.83 -98.70 28.10
CA ILE A 2185 15.06 -97.98 27.75
C ILE A 2185 15.72 -97.35 28.97
N MET A 2186 15.05 -97.30 30.11
CA MET A 2186 15.62 -96.66 31.29
C MET A 2186 16.78 -97.47 31.86
N ASN A 2187 16.49 -98.69 32.33
CA ASN A 2187 17.50 -99.53 32.97
C ASN A 2187 18.26 -100.33 31.91
N ASN A 2188 19.17 -99.65 31.23
CA ASN A 2188 19.88 -100.23 30.11
C ASN A 2188 21.37 -100.38 30.37
N LYS A 2189 21.88 -99.78 31.44
CA LYS A 2189 23.26 -99.92 31.89
C LYS A 2189 24.23 -99.19 30.96
N VAL A 2190 23.72 -98.67 29.84
CA VAL A 2190 24.51 -97.79 28.98
C VAL A 2190 24.01 -96.36 29.00
N PHE A 2191 22.84 -96.10 29.60
CA PHE A 2191 22.35 -94.75 29.76
C PHE A 2191 23.24 -93.94 30.71
N TYR A 2192 23.93 -94.61 31.62
CA TYR A 2192 24.76 -93.92 32.61
C TYR A 2192 26.20 -93.77 32.14
N GLN A 2193 26.73 -94.79 31.46
CA GLN A 2193 28.15 -94.80 31.11
C GLN A 2193 28.52 -93.68 30.14
N HIS A 2194 27.67 -93.41 29.16
CA HIS A 2194 27.97 -92.45 28.10
C HIS A 2194 26.85 -91.42 28.00
N PRO A 2195 26.80 -90.46 28.93
CA PRO A 2195 25.75 -89.44 28.86
C PRO A 2195 25.87 -88.49 27.67
N ASN A 2196 27.08 -88.34 27.11
CA ASN A 2196 27.25 -87.45 25.97
C ASN A 2196 26.67 -88.05 24.69
N LEU A 2197 26.64 -89.38 24.59
CA LEU A 2197 26.16 -90.02 23.37
C LEU A 2197 24.66 -89.82 23.20
N MET A 2198 23.91 -89.71 24.30
CA MET A 2198 22.49 -89.43 24.21
C MET A 2198 22.19 -88.08 23.56
N ARG A 2199 22.97 -87.04 23.89
CA ARG A 2199 22.78 -85.75 23.24
C ARG A 2199 23.09 -85.82 21.75
N ALA A 2200 24.13 -86.57 21.37
CA ALA A 2200 24.42 -86.75 19.95
C ALA A 2200 23.28 -87.47 19.24
N LEU A 2201 22.73 -88.52 19.85
CA LEU A 2201 21.58 -89.20 19.28
C LEU A 2201 20.29 -88.39 19.38
N GLY A 2202 20.28 -87.31 20.17
CA GLY A 2202 19.12 -86.46 20.28
C GLY A 2202 17.89 -87.15 20.84
N MET A 2203 18.07 -87.97 21.89
CA MET A 2203 16.94 -88.68 22.47
C MET A 2203 15.93 -87.72 23.10
N HIS A 2204 16.42 -86.70 23.81
CA HIS A 2204 15.52 -85.78 24.50
C HIS A 2204 14.64 -85.02 23.52
N GLU A 2205 15.17 -84.66 22.35
CA GLU A 2205 14.36 -83.98 21.35
C GLU A 2205 13.22 -84.86 20.87
N THR A 2206 13.49 -86.14 20.59
CA THR A 2206 12.44 -87.06 20.16
C THR A 2206 11.40 -87.28 21.26
N VAL A 2207 11.87 -87.41 22.51
CA VAL A 2207 10.95 -87.62 23.62
C VAL A 2207 10.08 -86.39 23.85
N MET A 2208 10.61 -85.20 23.61
CA MET A 2208 9.79 -83.99 23.73
C MET A 2208 8.83 -83.86 22.55
N GLU A 2209 9.26 -84.26 21.36
CA GLU A 2209 8.40 -84.20 20.19
C GLU A 2209 7.21 -85.15 20.31
N VAL A 2210 7.44 -86.36 20.84
CA VAL A 2210 6.31 -87.26 21.05
C VAL A 2210 5.42 -86.78 22.18
N MET A 2211 5.97 -86.03 23.14
CA MET A 2211 5.19 -85.53 24.26
C MET A 2211 4.30 -84.36 23.88
N VAL A 2212 4.80 -83.46 23.03
CA VAL A 2212 4.03 -82.25 22.72
C VAL A 2212 2.72 -82.59 22.02
N ASN A 2213 2.72 -83.63 21.19
CA ASN A 2213 1.50 -84.02 20.49
C ASN A 2213 0.41 -84.50 21.45
N VAL A 2214 0.81 -85.09 22.58
CA VAL A 2214 -0.18 -85.64 23.50
C VAL A 2214 -1.05 -84.55 24.09
N LEU A 2215 -0.43 -83.46 24.55
CA LEU A 2215 -1.19 -82.36 25.13
C LEU A 2215 -1.57 -81.31 24.11
N GLY A 2216 -1.10 -81.44 22.86
CA GLY A 2216 -1.48 -80.48 21.84
C GLY A 2216 -2.95 -80.55 21.48
N GLY A 2217 -3.44 -79.46 20.91
CA GLY A 2217 -4.83 -79.35 20.50
C GLY A 2217 -5.72 -78.65 21.52
N GLY A 2218 -5.28 -78.52 22.77
CA GLY A 2218 -6.06 -77.86 23.78
C GLY A 2218 -5.28 -77.60 25.05
N GLU A 2219 -5.36 -76.36 25.56
CA GLU A 2219 -4.66 -76.03 26.79
C GLU A 2219 -5.35 -76.65 28.00
N THR A 2220 -6.60 -76.27 28.24
CA THR A 2220 -7.37 -76.84 29.35
C THR A 2220 -8.77 -77.30 28.97
N LYS A 2221 -9.37 -76.79 27.90
CA LYS A 2221 -10.72 -77.22 27.53
C LYS A 2221 -10.74 -78.69 27.12
N GLU A 2222 -9.76 -79.12 26.32
CA GLU A 2222 -9.68 -80.49 25.83
C GLU A 2222 -8.39 -81.11 26.36
N ILE A 2223 -8.51 -82.22 27.08
CA ILE A 2223 -7.38 -82.97 27.59
C ILE A 2223 -7.78 -84.43 27.70
N ARG A 2224 -6.88 -85.32 27.29
CA ARG A 2224 -7.13 -86.76 27.31
C ARG A 2224 -5.78 -87.47 27.34
N PHE A 2225 -5.81 -88.79 27.09
CA PHE A 2225 -4.64 -89.64 27.09
C PHE A 2225 -3.85 -89.53 28.38
N PRO A 2226 -4.36 -90.04 29.49
CA PRO A 2226 -3.58 -90.08 30.73
C PRO A 2226 -2.51 -91.15 30.66
N LYS A 2227 -1.67 -91.18 31.69
CA LYS A 2227 -0.53 -92.09 31.84
C LYS A 2227 0.50 -91.92 30.73
N MET A 2228 0.40 -90.88 29.91
CA MET A 2228 1.37 -90.59 28.86
C MET A 2228 2.32 -89.48 29.25
N VAL A 2229 1.77 -88.32 29.60
CA VAL A 2229 2.59 -87.17 30.00
C VAL A 2229 3.36 -87.48 31.27
N THR A 2230 2.73 -88.15 32.23
CA THR A 2230 3.42 -88.50 33.47
C THR A 2230 4.62 -89.40 33.20
N SER A 2231 4.43 -90.45 32.39
CA SER A 2231 5.52 -91.36 32.07
C SER A 2231 6.63 -90.68 31.29
N CYS A 2232 6.28 -89.79 30.35
CA CYS A 2232 7.32 -89.09 29.60
C CYS A 2232 8.08 -88.10 30.48
N CYS A 2233 7.37 -87.37 31.33
CA CYS A 2233 8.02 -86.38 32.19
C CYS A 2233 8.88 -87.04 33.26
N ARG A 2234 8.51 -88.23 33.74
CA ARG A 2234 9.40 -88.93 34.65
C ARG A 2234 10.72 -89.27 33.98
N PHE A 2235 10.68 -89.73 32.73
CA PHE A 2235 11.93 -89.99 32.00
C PHE A 2235 12.71 -88.70 31.79
N LEU A 2236 12.03 -87.60 31.47
CA LEU A 2236 12.73 -86.33 31.30
C LEU A 2236 13.42 -85.89 32.59
N CYS A 2237 12.73 -86.01 33.73
CA CYS A 2237 13.34 -85.65 35.00
C CYS A 2237 14.53 -86.55 35.31
N TYR A 2238 14.40 -87.85 35.06
CA TYR A 2238 15.53 -88.75 35.31
C TYR A 2238 16.71 -88.43 34.42
N PHE A 2239 16.46 -88.10 33.15
CA PHE A 2239 17.55 -87.74 32.24
C PHE A 2239 18.19 -86.42 32.62
N CYS A 2240 17.41 -85.50 33.21
CA CYS A 2240 17.98 -84.22 33.61
C CYS A 2240 19.00 -84.36 34.73
N ARG A 2241 18.75 -85.24 35.70
CA ARG A 2241 19.58 -85.30 36.90
C ARG A 2241 20.80 -86.20 36.75
N ILE A 2242 20.91 -86.95 35.64
CA ILE A 2242 22.04 -87.86 35.51
C ILE A 2242 23.35 -87.11 35.35
N SER A 2243 23.33 -85.96 34.67
CA SER A 2243 24.54 -85.18 34.47
C SER A 2243 24.17 -83.71 34.38
N ARG A 2244 25.14 -82.85 34.69
CA ARG A 2244 24.94 -81.41 34.60
C ARG A 2244 24.96 -80.90 33.17
N GLN A 2245 25.69 -81.57 32.27
CA GLN A 2245 25.77 -81.13 30.88
C GLN A 2245 24.41 -81.16 30.19
N ASN A 2246 23.64 -82.22 30.39
CA ASN A 2246 22.31 -82.32 29.79
C ASN A 2246 21.36 -81.28 30.37
N GLN A 2247 21.62 -80.80 31.58
CA GLN A 2247 20.73 -79.82 32.21
C GLN A 2247 20.68 -78.52 31.42
N ARG A 2248 21.84 -78.05 30.95
CA ARG A 2248 21.85 -76.82 30.16
C ARG A 2248 21.08 -76.98 28.86
N SER A 2249 21.25 -78.12 28.19
CA SER A 2249 20.50 -78.35 26.96
C SER A 2249 19.01 -78.43 27.21
N MET A 2250 18.59 -79.10 28.29
CA MET A 2250 17.17 -79.18 28.61
C MET A 2250 16.61 -77.84 29.09
N PHE A 2251 17.46 -76.94 29.58
CA PHE A 2251 17.00 -75.65 30.05
C PHE A 2251 16.41 -74.79 28.92
N ASP A 2252 16.77 -75.06 27.67
CA ASP A 2252 16.32 -74.22 26.56
C ASP A 2252 14.81 -74.27 26.36
N HIS A 2253 14.16 -75.35 26.79
CA HIS A 2253 12.70 -75.48 26.65
C HIS A 2253 11.96 -75.00 27.88
N LEU A 2254 12.60 -74.20 28.74
CA LEU A 2254 11.97 -73.78 29.98
C LEU A 2254 10.75 -72.90 29.72
N SER A 2255 10.85 -71.99 28.74
CA SER A 2255 9.75 -71.06 28.49
C SER A 2255 8.48 -71.80 28.05
N TYR A 2256 8.61 -72.80 27.18
CA TYR A 2256 7.43 -73.52 26.72
C TYR A 2256 6.83 -74.38 27.81
N LEU A 2257 7.68 -75.00 28.64
CA LEU A 2257 7.18 -75.94 29.65
C LEU A 2257 6.28 -75.26 30.66
N LEU A 2258 6.64 -74.08 31.14
CA LEU A 2258 5.81 -73.41 32.13
C LEU A 2258 4.54 -72.83 31.52
N GLU A 2259 4.43 -72.79 30.20
CA GLU A 2259 3.17 -72.41 29.57
C GLU A 2259 2.10 -73.48 29.79
N ASN A 2260 2.47 -74.75 29.69
CA ASN A 2260 1.55 -75.86 29.92
C ASN A 2260 1.66 -76.45 31.32
N SER A 2261 2.56 -75.90 32.16
CA SER A 2261 2.65 -76.37 33.54
C SER A 2261 1.31 -76.22 34.26
N GLY A 2262 0.62 -75.10 34.05
CA GLY A 2262 -0.69 -74.92 34.65
C GLY A 2262 -1.80 -75.72 34.03
N ILE A 2263 -1.56 -76.30 32.84
CA ILE A 2263 -2.59 -77.10 32.18
C ILE A 2263 -2.81 -78.42 32.91
N GLY A 2264 -1.79 -78.94 33.58
CA GLY A 2264 -1.89 -80.21 34.25
C GLY A 2264 -2.29 -80.11 35.71
N LEU A 2265 -1.34 -80.37 36.61
CA LEU A 2265 -1.58 -80.33 38.06
C LEU A 2265 -2.70 -81.28 38.46
N GLY A 2266 -2.73 -82.46 37.85
CA GLY A 2266 -3.76 -83.43 38.13
C GLY A 2266 -3.41 -84.39 39.25
N MET A 2267 -3.59 -85.69 39.00
CA MET A 2267 -3.31 -86.70 40.00
C MET A 2267 -1.81 -86.84 40.21
N GLN A 2268 -1.44 -87.45 41.34
CA GLN A 2268 -0.05 -87.47 41.78
C GLN A 2268 0.84 -88.20 40.78
N GLY A 2269 2.05 -87.66 40.58
CA GLY A 2269 3.01 -88.17 39.65
C GLY A 2269 3.75 -87.04 38.96
N SER A 2270 4.48 -87.39 37.91
CA SER A 2270 5.23 -86.39 37.16
C SER A 2270 4.28 -85.46 36.42
N THR A 2271 4.61 -84.18 36.43
CA THR A 2271 3.87 -83.14 35.75
C THR A 2271 4.85 -82.27 34.98
N PRO A 2272 4.43 -81.63 33.88
CA PRO A 2272 5.35 -80.81 33.10
C PRO A 2272 6.03 -79.71 33.89
N LEU A 2273 5.48 -79.30 35.04
CA LEU A 2273 6.17 -78.33 35.88
C LEU A 2273 7.33 -78.97 36.62
N ASP A 2274 7.26 -80.29 36.88
CA ASP A 2274 8.30 -80.96 37.65
C ASP A 2274 9.64 -80.96 36.90
N VAL A 2275 9.63 -81.15 35.58
CA VAL A 2275 10.89 -81.14 34.85
C VAL A 2275 11.50 -79.74 34.85
N ALA A 2276 10.69 -78.69 34.73
CA ALA A 2276 11.20 -77.33 34.83
C ALA A 2276 11.79 -77.07 36.21
N ALA A 2277 11.11 -77.54 37.26
CA ALA A 2277 11.64 -77.36 38.60
C ALA A 2277 12.95 -78.10 38.81
N ALA A 2278 13.06 -79.33 38.29
CA ALA A 2278 14.27 -80.11 38.43
C ALA A 2278 15.39 -79.65 37.51
N SER A 2279 15.08 -78.82 36.51
CA SER A 2279 16.13 -78.32 35.62
C SER A 2279 17.05 -77.32 36.33
N VAL A 2280 16.67 -76.85 37.51
CA VAL A 2280 17.44 -75.82 38.20
C VAL A 2280 17.85 -76.26 39.61
N ILE A 2281 17.94 -77.58 39.85
CA ILE A 2281 18.40 -78.05 41.15
C ILE A 2281 19.87 -77.71 41.35
N ASP A 2282 20.70 -78.01 40.35
CA ASP A 2282 22.13 -77.68 40.38
C ASP A 2282 22.27 -76.32 39.71
N ASN A 2283 21.94 -75.28 40.45
CA ASN A 2283 21.94 -73.91 39.95
C ASN A 2283 23.29 -73.25 40.27
N ASN A 2284 23.34 -71.92 40.20
CA ASN A 2284 24.49 -71.03 40.42
C ASN A 2284 25.37 -70.89 39.18
N GLU A 2285 25.06 -71.57 38.08
CA GLU A 2285 25.67 -71.26 36.79
C GLU A 2285 24.65 -70.90 35.72
N LEU A 2286 23.37 -71.23 35.95
CA LEU A 2286 22.32 -70.91 35.00
C LEU A 2286 21.09 -70.32 35.66
N ALA A 2287 21.03 -70.26 37.00
CA ALA A 2287 19.91 -69.62 37.67
C ALA A 2287 19.95 -68.10 37.55
N LEU A 2288 21.11 -67.53 37.26
CA LEU A 2288 21.19 -66.08 37.08
C LEU A 2288 20.46 -65.65 35.81
N ALA A 2289 20.41 -66.50 34.80
CA ALA A 2289 19.70 -66.21 33.56
C ALA A 2289 18.24 -66.64 33.60
N LEU A 2290 17.79 -67.22 34.72
CA LEU A 2290 16.40 -67.69 34.81
C LEU A 2290 15.42 -66.53 34.77
N GLN A 2291 15.89 -65.34 35.11
CA GLN A 2291 15.04 -64.15 35.05
C GLN A 2291 14.61 -63.87 33.61
N GLU A 2292 13.65 -62.97 33.45
CA GLU A 2292 13.10 -62.42 32.21
C GLU A 2292 12.56 -63.51 31.29
N GLN A 2293 12.45 -64.75 31.74
CA GLN A 2293 11.89 -65.82 30.92
C GLN A 2293 10.49 -66.21 31.34
N ASP A 2294 10.29 -66.59 32.61
CA ASP A 2294 8.95 -67.03 33.02
C ASP A 2294 8.58 -66.69 34.46
N LEU A 2295 9.38 -65.92 35.19
CA LEU A 2295 9.01 -65.60 36.57
C LEU A 2295 7.78 -64.71 36.64
N GLU A 2296 7.63 -63.80 35.66
CA GLU A 2296 6.43 -62.97 35.61
C GLU A 2296 5.20 -63.77 35.24
N LYS A 2297 5.39 -64.95 34.65
CA LYS A 2297 4.26 -65.76 34.21
C LYS A 2297 3.86 -66.78 35.27
N VAL A 2298 4.83 -67.38 35.96
CA VAL A 2298 4.52 -68.43 36.93
C VAL A 2298 3.74 -67.87 38.12
N VAL A 2299 3.95 -66.60 38.47
CA VAL A 2299 3.23 -66.02 39.59
C VAL A 2299 1.79 -65.70 39.22
N SER A 2300 1.51 -65.45 37.94
CA SER A 2300 0.15 -65.16 37.52
C SER A 2300 -0.76 -66.35 37.73
N TYR A 2301 -0.25 -67.56 37.54
CA TYR A 2301 -1.05 -68.75 37.79
C TYR A 2301 -1.48 -68.83 39.25
N LEU A 2302 -0.55 -68.58 40.18
CA LEU A 2302 -0.90 -68.58 41.59
C LEU A 2302 -1.83 -67.42 41.94
N ALA A 2303 -1.65 -66.27 41.30
CA ALA A 2303 -2.57 -65.16 41.52
C ALA A 2303 -3.99 -65.53 41.11
N GLY A 2304 -4.14 -66.20 39.98
CA GLY A 2304 -5.46 -66.68 39.58
C GLY A 2304 -6.00 -67.75 40.50
N CYS A 2305 -5.14 -68.67 40.95
CA CYS A 2305 -5.57 -69.72 41.88
C CYS A 2305 -6.01 -69.14 43.22
N GLY A 2306 -5.44 -68.00 43.61
CA GLY A 2306 -5.85 -67.37 44.85
C GLY A 2306 -7.30 -66.92 44.85
N LEU A 2307 -7.81 -66.50 43.70
CA LEU A 2307 -9.21 -66.08 43.61
C LEU A 2307 -10.12 -67.24 43.22
N GLN A 2308 -9.63 -68.14 42.36
CA GLN A 2308 -10.44 -69.27 41.92
C GLN A 2308 -10.61 -70.28 43.05
N SER A 2309 -11.68 -71.08 42.96
CA SER A 2309 -12.01 -72.07 43.96
C SER A 2309 -11.66 -73.49 43.53
N CYS A 2310 -10.95 -73.64 42.39
CA CYS A 2310 -10.57 -74.95 41.85
C CYS A 2310 -11.80 -75.83 41.67
N PRO A 2311 -12.66 -75.53 40.69
CA PRO A 2311 -13.91 -76.31 40.55
C PRO A 2311 -13.70 -77.78 40.23
N MET A 2312 -12.57 -78.15 39.65
CA MET A 2312 -12.35 -79.54 39.26
C MET A 2312 -12.31 -80.47 40.46
N LEU A 2313 -11.64 -80.07 41.54
CA LEU A 2313 -11.50 -80.96 42.69
C LEU A 2313 -12.74 -80.99 43.57
N LEU A 2314 -13.54 -79.93 43.56
CA LEU A 2314 -14.72 -79.87 44.43
C LEU A 2314 -15.94 -80.54 43.80
N ALA A 2315 -15.81 -81.11 42.60
CA ALA A 2315 -16.92 -81.81 41.99
C ALA A 2315 -17.38 -83.01 42.82
N LYS A 2316 -16.50 -83.56 43.67
CA LYS A 2316 -16.90 -84.65 44.54
C LYS A 2316 -17.87 -84.19 45.61
N GLY A 2317 -17.90 -82.89 45.92
CA GLY A 2317 -18.79 -82.37 46.93
C GLY A 2317 -18.05 -81.77 48.11
N TYR A 2318 -16.85 -81.26 47.86
CA TYR A 2318 -16.04 -80.67 48.91
C TYR A 2318 -16.62 -79.31 49.33
N PRO A 2319 -16.26 -78.81 50.52
CA PRO A 2319 -16.83 -77.53 51.01
C PRO A 2319 -16.62 -76.36 50.06
N ASP A 2320 -15.67 -76.47 49.14
CA ASP A 2320 -15.47 -75.48 48.08
C ASP A 2320 -15.15 -74.10 48.65
N ILE A 2321 -13.98 -74.03 49.31
CA ILE A 2321 -13.48 -72.75 49.82
C ILE A 2321 -13.24 -71.81 48.65
N GLY A 2322 -13.35 -70.50 48.91
CA GLY A 2322 -13.19 -69.52 47.85
C GLY A 2322 -11.83 -69.57 47.17
N TRP A 2323 -10.77 -69.76 47.94
CA TRP A 2323 -9.43 -69.88 47.38
C TRP A 2323 -9.03 -71.34 47.29
N ASN A 2324 -7.91 -71.58 46.60
CA ASN A 2324 -7.46 -72.95 46.33
C ASN A 2324 -6.14 -73.23 47.03
N PRO A 2325 -6.14 -73.86 48.21
CA PRO A 2325 -4.88 -74.15 48.90
C PRO A 2325 -4.11 -75.30 48.30
N CYS A 2326 -4.82 -76.34 47.86
CA CYS A 2326 -4.15 -77.53 47.33
C CYS A 2326 -3.37 -77.21 46.06
N GLY A 2327 -3.94 -76.41 45.16
CA GLY A 2327 -3.23 -76.04 43.96
C GLY A 2327 -2.02 -75.17 44.24
N GLY A 2328 -2.14 -74.23 45.18
CA GLY A 2328 -1.00 -73.39 45.52
C GLY A 2328 0.09 -74.12 46.26
N GLU A 2329 -0.27 -75.22 46.94
CA GLU A 2329 0.74 -76.03 47.61
C GLU A 2329 1.74 -76.62 46.62
N ARG A 2330 1.25 -77.10 45.46
CA ARG A 2330 2.15 -77.56 44.42
C ARG A 2330 3.03 -76.42 43.90
N TYR A 2331 2.54 -75.20 43.96
CA TYR A 2331 3.32 -74.05 43.54
C TYR A 2331 4.31 -73.64 44.63
N LEU A 2332 5.17 -72.69 44.28
CA LEU A 2332 6.23 -72.14 45.13
C LEU A 2332 7.36 -73.16 45.32
N ASP A 2333 7.12 -74.40 44.92
CA ASP A 2333 8.20 -75.38 44.95
C ASP A 2333 9.23 -75.07 43.88
N PHE A 2334 8.78 -74.63 42.71
CA PHE A 2334 9.71 -74.22 41.67
C PHE A 2334 10.43 -72.93 42.05
N LEU A 2335 9.72 -72.02 42.74
CA LEU A 2335 10.35 -70.77 43.17
C LEU A 2335 11.38 -70.99 44.26
N ARG A 2336 11.18 -71.96 45.14
CA ARG A 2336 12.16 -72.24 46.18
C ARG A 2336 13.50 -72.64 45.58
N PHE A 2337 13.49 -73.51 44.56
CA PHE A 2337 14.73 -73.89 43.90
C PHE A 2337 15.36 -72.74 43.13
N ALA A 2338 14.54 -71.85 42.57
CA ALA A 2338 15.08 -70.67 41.88
C ALA A 2338 15.76 -69.71 42.85
N VAL A 2339 15.20 -69.57 44.05
CA VAL A 2339 15.73 -68.58 44.98
C VAL A 2339 16.89 -69.12 45.80
N PHE A 2340 16.75 -70.30 46.41
CA PHE A 2340 17.73 -70.84 47.35
C PHE A 2340 18.64 -71.79 46.58
N VAL A 2341 19.68 -71.23 45.94
CA VAL A 2341 20.60 -72.03 45.16
C VAL A 2341 21.41 -72.97 46.06
N ASN A 2342 21.94 -72.43 47.16
CA ASN A 2342 22.75 -73.18 48.11
C ASN A 2342 22.59 -72.52 49.47
N GLY A 2343 23.51 -72.80 50.39
CA GLY A 2343 23.49 -72.15 51.69
C GLY A 2343 23.41 -70.64 51.63
N GLU A 2344 23.76 -70.03 50.50
CA GLU A 2344 23.61 -68.60 50.29
C GLU A 2344 22.57 -68.34 49.21
N SER A 2345 21.61 -67.46 49.52
CA SER A 2345 20.58 -67.11 48.57
C SER A 2345 21.10 -66.12 47.53
N VAL A 2346 20.39 -66.00 46.42
CA VAL A 2346 20.77 -65.08 45.35
C VAL A 2346 19.93 -63.82 45.46
N GLU A 2347 20.59 -62.69 45.73
CA GLU A 2347 19.87 -61.44 45.97
C GLU A 2347 19.30 -60.86 44.69
N GLU A 2348 19.99 -61.01 43.56
CA GLU A 2348 19.48 -60.45 42.31
C GLU A 2348 18.13 -61.06 41.92
N ASN A 2349 17.94 -62.35 42.22
CA ASN A 2349 16.65 -62.99 41.97
C ASN A 2349 15.67 -62.79 43.11
N ALA A 2350 16.14 -62.81 44.36
CA ALA A 2350 15.24 -62.61 45.49
C ALA A 2350 14.58 -61.24 45.46
N ASN A 2351 15.35 -60.19 45.15
CA ASN A 2351 14.78 -58.84 45.13
C ASN A 2351 13.66 -58.73 44.10
N VAL A 2352 13.90 -59.20 42.88
CA VAL A 2352 12.87 -59.10 41.85
C VAL A 2352 11.69 -60.01 42.15
N VAL A 2353 11.93 -61.20 42.70
CA VAL A 2353 10.81 -62.08 43.02
C VAL A 2353 9.91 -61.45 44.07
N VAL A 2354 10.50 -60.93 45.15
CA VAL A 2354 9.70 -60.32 46.21
C VAL A 2354 9.00 -59.06 45.69
N ARG A 2355 9.72 -58.24 44.92
CA ARG A 2355 9.14 -57.00 44.41
C ARG A 2355 7.96 -57.27 43.49
N LEU A 2356 8.07 -58.27 42.62
CA LEU A 2356 6.97 -58.57 41.71
C LEU A 2356 5.86 -59.34 42.40
N LEU A 2357 6.19 -60.08 43.47
CA LEU A 2357 5.17 -60.81 44.22
C LEU A 2357 4.29 -59.86 45.02
N ILE A 2358 4.88 -58.81 45.62
CA ILE A 2358 4.07 -57.88 46.40
C ILE A 2358 3.18 -57.01 45.54
N ARG A 2359 3.26 -57.13 44.21
CA ARG A 2359 2.39 -56.35 43.33
C ARG A 2359 0.93 -56.73 43.53
N LYS A 2360 0.65 -58.03 43.62
CA LYS A 2360 -0.72 -58.52 43.75
C LYS A 2360 -0.93 -59.06 45.15
N PRO A 2361 -1.69 -58.38 46.01
CA PRO A 2361 -1.93 -58.90 47.37
C PRO A 2361 -2.69 -60.22 47.39
N GLU A 2362 -3.40 -60.57 46.32
CA GLU A 2362 -4.16 -61.82 46.28
C GLU A 2362 -3.27 -63.05 46.27
N CYS A 2363 -1.97 -62.91 45.98
CA CYS A 2363 -1.08 -64.06 45.96
C CYS A 2363 -0.97 -64.69 47.34
N PHE A 2364 -0.89 -63.87 48.38
CA PHE A 2364 -0.83 -64.39 49.74
C PHE A 2364 -2.18 -64.96 50.16
N GLY A 2365 -2.18 -65.65 51.29
CA GLY A 2365 -3.40 -66.20 51.84
C GLY A 2365 -4.38 -65.12 52.24
N PRO A 2366 -5.67 -65.43 52.19
CA PRO A 2366 -6.68 -64.42 52.58
C PRO A 2366 -6.57 -63.97 54.02
N ALA A 2367 -6.09 -64.83 54.92
CA ALA A 2367 -5.94 -64.43 56.32
C ALA A 2367 -4.82 -63.42 56.49
N LEU A 2368 -3.76 -63.53 55.69
CA LEU A 2368 -2.60 -62.65 55.85
C LEU A 2368 -2.81 -61.32 55.13
N ARG A 2369 -3.02 -61.36 53.82
CA ARG A 2369 -3.08 -60.15 53.01
C ARG A 2369 -4.50 -59.61 52.86
N GLY A 2370 -5.50 -60.29 53.41
CA GLY A 2370 -6.87 -59.82 53.28
C GLY A 2370 -7.10 -58.53 54.05
N GLU A 2371 -7.95 -57.67 53.50
CA GLU A 2371 -8.29 -56.43 54.19
C GLU A 2371 -9.12 -56.69 55.44
N GLY A 2372 -9.86 -57.79 55.46
CA GLY A 2372 -10.63 -58.12 56.64
C GLY A 2372 -9.75 -58.52 57.81
N GLY A 2373 -10.34 -58.42 59.01
CA GLY A 2373 -9.60 -58.73 60.22
C GLY A 2373 -9.29 -60.22 60.29
N SER A 2374 -8.01 -60.58 60.16
CA SER A 2374 -7.60 -61.97 60.24
C SER A 2374 -6.11 -62.02 60.56
N GLY A 2375 -5.74 -63.02 61.36
CA GLY A 2375 -4.36 -63.23 61.74
C GLY A 2375 -3.95 -64.67 61.48
N LEU A 2376 -2.64 -64.88 61.35
CA LEU A 2376 -2.14 -66.23 61.08
C LEU A 2376 -2.40 -67.18 62.24
N LEU A 2377 -2.23 -66.70 63.48
CA LEU A 2377 -2.51 -67.55 64.63
C LEU A 2377 -3.98 -67.95 64.68
N ALA A 2378 -4.89 -66.99 64.42
CA ALA A 2378 -6.31 -67.32 64.37
C ALA A 2378 -6.60 -68.29 63.23
N ALA A 2379 -5.97 -68.10 62.09
CA ALA A 2379 -6.20 -68.99 60.95
C ALA A 2379 -5.76 -70.42 61.26
N ILE A 2380 -4.58 -70.58 61.87
CA ILE A 2380 -4.12 -71.93 62.20
C ILE A 2380 -4.96 -72.54 63.32
N GLU A 2381 -5.41 -71.73 64.28
CA GLU A 2381 -6.30 -72.24 65.31
C GLU A 2381 -7.62 -72.72 64.73
N GLU A 2382 -8.19 -71.97 63.79
CA GLU A 2382 -9.41 -72.41 63.11
C GLU A 2382 -9.15 -73.65 62.24
N ALA A 2383 -7.98 -73.75 61.62
CA ALA A 2383 -7.65 -74.95 60.86
C ALA A 2383 -7.56 -76.18 61.76
N ILE A 2384 -7.04 -76.02 62.98
CA ILE A 2384 -7.02 -77.12 63.92
C ILE A 2384 -8.44 -77.59 64.23
N ARG A 2385 -9.36 -76.64 64.46
CA ARG A 2385 -10.76 -77.00 64.71
C ARG A 2385 -11.39 -77.67 63.50
N ILE A 2386 -11.08 -77.19 62.30
CA ILE A 2386 -11.60 -77.81 61.08
C ILE A 2386 -11.11 -79.24 60.96
N SER A 2387 -9.82 -79.47 61.23
CA SER A 2387 -9.27 -80.82 61.19
C SER A 2387 -9.93 -81.71 62.23
N GLU A 2388 -10.16 -81.19 63.43
CA GLU A 2388 -10.85 -81.96 64.46
C GLU A 2388 -12.28 -82.32 64.05
N ASP A 2389 -12.99 -81.38 63.44
CA ASP A 2389 -14.37 -81.62 63.00
C ASP A 2389 -14.38 -82.55 61.79
N PRO A 2390 -15.34 -83.47 61.72
CA PRO A 2390 -15.43 -84.37 60.57
C PRO A 2390 -15.84 -83.70 59.27
N ALA A 2391 -16.31 -82.46 59.31
CA ALA A 2391 -16.76 -81.76 58.12
C ALA A 2391 -15.62 -81.39 57.16
N ARG A 2415 -8.81 -88.50 50.47
CA ARG A 2415 -7.96 -88.19 49.34
C ARG A 2415 -7.11 -86.97 49.60
N VAL A 2416 -7.71 -85.92 50.17
CA VAL A 2416 -7.01 -84.68 50.49
C VAL A 2416 -7.69 -84.04 51.69
N HIS A 2417 -6.90 -83.72 52.72
CA HIS A 2417 -7.44 -83.06 53.90
C HIS A 2417 -7.33 -81.55 53.74
N LEU A 2418 -8.46 -80.85 53.87
CA LEU A 2418 -8.46 -79.41 53.69
C LEU A 2418 -7.62 -78.70 54.74
N GLY A 2419 -7.71 -79.13 56.00
CA GLY A 2419 -6.90 -78.55 57.05
C GLY A 2419 -5.41 -78.75 56.83
N HIS A 2420 -5.03 -79.94 56.38
CA HIS A 2420 -3.63 -80.18 56.02
C HIS A 2420 -3.21 -79.31 54.85
N ALA A 2421 -4.07 -79.16 53.84
CA ALA A 2421 -3.73 -78.36 52.67
C ALA A 2421 -3.52 -76.89 53.01
N ILE A 2422 -4.37 -76.31 53.85
CA ILE A 2422 -4.21 -74.90 54.20
C ILE A 2422 -2.91 -74.68 54.97
N MET A 2423 -2.65 -75.53 55.97
CA MET A 2423 -1.45 -75.38 56.78
C MET A 2423 -0.17 -75.62 55.97
N SER A 2424 -0.19 -76.60 55.05
CA SER A 2424 0.97 -76.81 54.20
C SER A 2424 1.23 -75.63 53.29
N PHE A 2425 0.19 -75.04 52.72
CA PHE A 2425 0.36 -73.85 51.89
C PHE A 2425 0.94 -72.70 52.68
N TYR A 2426 0.42 -72.46 53.89
CA TYR A 2426 0.93 -71.38 54.71
C TYR A 2426 2.40 -71.62 55.10
N ALA A 2427 2.73 -72.85 55.49
CA ALA A 2427 4.11 -73.16 55.82
C ALA A 2427 5.04 -72.98 54.63
N ALA A 2428 4.61 -73.41 53.44
CA ALA A 2428 5.41 -73.20 52.24
C ALA A 2428 5.60 -71.73 51.92
N LEU A 2429 4.55 -70.92 52.05
CA LEU A 2429 4.70 -69.49 51.80
C LEU A 2429 5.68 -68.86 52.78
N ILE A 2430 5.57 -69.22 54.06
CA ILE A 2430 6.51 -68.70 55.06
C ILE A 2430 7.94 -69.12 54.78
N ASP A 2431 8.16 -70.40 54.43
CA ASP A 2431 9.52 -70.84 54.11
C ASP A 2431 10.06 -70.15 52.86
N LEU A 2432 9.23 -69.94 51.85
CA LEU A 2432 9.69 -69.23 50.66
C LEU A 2432 10.09 -67.80 51.00
N LEU A 2433 9.28 -67.10 51.81
CA LEU A 2433 9.65 -65.75 52.21
C LEU A 2433 10.94 -65.74 53.02
N GLY A 2434 11.11 -66.71 53.93
CA GLY A 2434 12.34 -66.77 54.70
C GLY A 2434 13.56 -67.01 53.83
N ARG A 2435 13.43 -67.87 52.84
CA ARG A 2435 14.54 -68.12 51.92
C ARG A 2435 14.83 -66.90 51.04
N CYS A 2436 13.79 -66.21 50.59
CA CYS A 2436 13.99 -64.99 49.80
C CYS A 2436 14.57 -63.86 50.62
N ALA A 2437 14.45 -63.93 51.95
CA ALA A 2437 15.08 -62.94 52.82
C ALA A 2437 16.59 -62.92 52.59
N PRO A 2438 17.23 -61.76 52.72
CA PRO A 2438 18.68 -61.68 52.44
C PRO A 2438 19.50 -62.64 53.28
N GLU A 2439 19.34 -62.60 54.61
CA GLU A 2439 20.01 -63.51 55.54
C GLU A 2439 21.53 -63.40 55.46
N MET A 2440 22.04 -62.44 54.70
CA MET A 2440 23.47 -62.26 54.51
C MET A 2440 23.95 -61.13 55.41
N HIS A 2441 24.67 -61.48 56.48
CA HIS A 2441 25.18 -60.46 57.38
C HIS A 2441 26.17 -59.54 56.67
N LEU A 2442 27.01 -60.10 55.80
CA LEU A 2442 27.98 -59.29 55.08
C LEU A 2442 27.31 -58.27 54.18
N ILE A 2443 26.21 -58.64 53.51
CA ILE A 2443 25.48 -57.69 52.70
C ILE A 2443 24.75 -56.67 53.58
N GLN A 2444 24.12 -57.13 54.66
CA GLN A 2444 23.31 -56.24 55.49
C GLN A 2444 24.16 -55.19 56.19
N ALA A 2445 25.37 -55.55 56.61
CA ALA A 2445 26.19 -54.62 57.38
C ALA A 2445 26.78 -53.51 56.52
N GLY A 2446 26.98 -53.76 55.22
CA GLY A 2446 27.65 -52.79 54.39
C GLY A 2446 26.86 -52.27 53.21
N LYS A 2447 25.61 -52.70 53.07
CA LYS A 2447 24.76 -52.28 51.96
C LYS A 2447 23.50 -51.63 52.50
N GLY A 2448 23.12 -50.50 51.90
CA GLY A 2448 21.90 -49.82 52.30
C GLY A 2448 20.67 -50.22 51.52
N GLU A 2449 20.85 -50.93 50.40
CA GLU A 2449 19.71 -51.37 49.60
C GLU A 2449 19.01 -52.58 50.22
N ALA A 2450 19.78 -53.53 50.76
CA ALA A 2450 19.20 -54.76 51.30
C ALA A 2450 18.37 -54.52 52.56
N LEU A 2451 18.71 -53.51 53.36
CA LEU A 2451 17.92 -53.22 54.55
C LEU A 2451 16.51 -52.78 54.20
N ARG A 2452 16.30 -52.19 53.02
CA ARG A 2452 14.94 -51.86 52.60
C ARG A 2452 14.10 -53.13 52.42
N ILE A 2453 14.66 -54.13 51.74
CA ILE A 2453 13.95 -55.39 51.56
C ILE A 2453 13.75 -56.07 52.91
N ARG A 2454 14.76 -56.00 53.79
CA ARG A 2454 14.62 -56.57 55.12
C ARG A 2454 13.48 -55.91 55.89
N ALA A 2455 13.37 -54.58 55.81
CA ALA A 2455 12.28 -53.88 56.47
C ALA A 2455 10.92 -54.26 55.87
N ILE A 2456 10.85 -54.39 54.55
CA ILE A 2456 9.59 -54.80 53.92
C ILE A 2456 9.16 -56.18 54.40
N LEU A 2457 10.10 -57.11 54.45
CA LEU A 2457 9.79 -58.46 54.91
C LEU A 2457 9.42 -58.47 56.38
N ARG A 2458 10.06 -57.63 57.19
CA ARG A 2458 9.70 -57.53 58.60
C ARG A 2458 8.31 -56.92 58.77
N SER A 2459 7.92 -56.01 57.88
CA SER A 2459 6.61 -55.38 57.97
C SER A 2459 5.49 -56.33 57.55
N LEU A 2460 5.67 -57.05 56.44
CA LEU A 2460 4.62 -57.96 55.98
C LEU A 2460 4.39 -59.10 56.97
N VAL A 2461 5.45 -59.69 57.49
CA VAL A 2461 5.30 -60.75 58.48
C VAL A 2461 5.04 -60.11 59.84
N PRO A 2462 3.92 -60.41 60.50
CA PRO A 2462 3.62 -59.77 61.78
C PRO A 2462 4.67 -60.09 62.84
N LEU A 2463 4.98 -59.09 63.65
CA LEU A 2463 5.94 -59.28 64.73
C LEU A 2463 5.29 -60.06 65.86
N ASP A 2464 6.07 -60.94 66.50
CA ASP A 2464 5.66 -61.79 67.61
C ASP A 2464 4.60 -62.81 67.22
N ASP A 2465 4.22 -62.87 65.95
CA ASP A 2465 3.28 -63.90 65.50
C ASP A 2465 3.95 -65.26 65.39
N LEU A 2466 5.26 -65.29 65.11
CA LEU A 2466 5.96 -66.56 64.96
C LEU A 2466 6.12 -67.29 66.28
N VAL A 2467 6.37 -66.56 67.37
CA VAL A 2467 6.57 -67.20 68.66
C VAL A 2467 5.30 -67.89 69.14
N GLY A 2468 4.13 -67.42 68.71
CA GLY A 2468 2.90 -68.11 69.04
C GLY A 2468 2.69 -69.39 68.26
N ILE A 2469 3.21 -69.46 67.04
CA ILE A 2469 3.02 -70.66 66.22
C ILE A 2469 3.74 -71.85 66.85
N ILE A 2470 4.98 -71.65 67.32
CA ILE A 2470 5.71 -72.74 67.95
C ILE A 2470 5.10 -73.13 69.29
N SER A 2471 4.30 -72.25 69.90
CA SER A 2471 3.69 -72.56 71.18
C SER A 2471 2.57 -73.58 71.06
N LEU A 2472 2.02 -73.78 69.86
CA LEU A 2472 0.94 -74.75 69.69
C LEU A 2472 1.47 -76.16 69.86
N PRO A 2473 0.88 -76.96 70.74
CA PRO A 2473 1.35 -78.33 70.93
C PRO A 2473 0.83 -79.26 69.84
N LEU A 2474 1.35 -80.49 69.86
CA LEU A 2474 0.99 -81.50 68.88
C LEU A 2474 0.70 -82.82 69.60
N GLN A 2475 -0.05 -83.69 68.93
CA GLN A 2475 -0.38 -84.99 69.48
C GLN A 2475 0.86 -85.87 69.58
N ILE A 2476 0.90 -86.68 70.62
CA ILE A 2476 2.00 -87.60 70.88
C ILE A 2476 1.54 -89.02 70.60
N PRO A 2477 2.28 -89.81 69.82
CA PRO A 2477 1.85 -91.19 69.53
C PRO A 2477 1.97 -92.09 70.74
N THR A 2478 1.04 -91.96 71.69
CA THR A 2478 1.03 -92.76 72.90
C THR A 2478 -0.32 -93.42 73.07
N LEU A 2479 -0.31 -94.59 73.71
CA LEU A 2479 -1.54 -95.34 73.96
C LEU A 2479 -2.13 -95.00 75.31
N UNK A 2487 -1.19 -98.70 69.96
CA UNK A 2487 -1.21 -97.26 70.14
C UNK A 2487 -2.00 -96.59 69.02
N UNK A 2488 -2.46 -95.36 69.28
CA UNK A 2488 -3.23 -94.61 68.30
C UNK A 2488 -2.34 -93.60 67.58
N UNK A 2489 -1.52 -94.09 66.66
CA UNK A 2489 -0.61 -93.25 65.90
C UNK A 2489 -0.95 -93.25 64.42
N UNK A 2490 -1.40 -92.10 63.92
CA UNK A 2490 -1.75 -91.97 62.50
C UNK A 2490 -1.46 -90.56 62.01
N UNK A 2491 -1.52 -90.37 60.70
CA UNK A 2491 -1.24 -89.07 60.10
C UNK A 2491 -2.39 -88.09 60.33
N UNK A 2492 -2.05 -86.93 60.90
CA UNK A 2492 -3.05 -85.90 61.17
C UNK A 2492 -2.90 -84.75 60.18
N UNK A 2493 -3.46 -83.60 60.54
CA UNK A 2493 -3.37 -82.41 59.69
C UNK A 2493 -2.28 -81.48 60.19
N UNK A 2494 -1.88 -81.64 61.45
CA UNK A 2494 -0.82 -80.84 62.03
C UNK A 2494 0.50 -81.61 62.01
N UNK A 2495 1.34 -81.31 61.03
CA UNK A 2495 2.62 -81.99 60.89
C UNK A 2495 3.69 -81.36 61.77
N UNK A 2496 4.67 -82.17 62.15
CA UNK A 2496 5.75 -81.70 63.01
C UNK A 2496 6.81 -80.97 62.20
N UNK A 2497 6.79 -81.17 60.89
CA UNK A 2497 7.76 -80.54 59.99
C UNK A 2497 7.31 -79.14 59.60
N UNK A 2498 6.13 -78.75 60.05
CA UNK A 2498 5.58 -77.43 59.74
C UNK A 2498 6.11 -76.39 60.72
N UNK A 2499 6.30 -76.80 61.97
CA UNK A 2499 6.83 -75.92 62.99
C UNK A 2499 8.29 -75.59 62.70
N UNK A 2500 8.98 -76.51 62.04
CA UNK A 2500 10.37 -76.31 61.68
C UNK A 2500 10.51 -75.32 60.53
N UNK A 2501 9.45 -75.21 59.73
CA UNK A 2501 9.44 -74.29 58.61
C UNK A 2501 9.17 -72.86 59.07
N UNK A 2502 8.72 -72.73 60.32
CA UNK A 2502 8.42 -71.43 60.89
C UNK A 2502 9.60 -70.92 61.71
N UNK A 2503 10.44 -71.85 62.16
CA UNK A 2503 11.62 -71.49 62.94
C UNK A 2503 12.69 -70.87 62.06
N UNK A 2504 12.72 -71.29 60.79
CA UNK A 2504 13.72 -70.81 59.85
C UNK A 2504 13.48 -69.37 59.45
N UNK A 2505 12.21 -68.97 59.36
CA UNK A 2505 11.85 -67.63 58.94
C UNK A 2505 12.18 -66.60 60.01
N UNK A 2506 12.38 -67.07 61.24
CA UNK A 2506 12.69 -66.17 62.35
C UNK A 2506 14.19 -66.02 62.53
N UNK A 2507 14.94 -67.07 62.18
CA UNK A 2507 16.38 -67.07 62.38
C UNK A 2507 17.11 -66.19 61.37
N UNK A 2508 16.48 -65.95 60.22
CA UNK A 2508 17.12 -65.19 59.15
C UNK A 2508 16.57 -63.77 59.06
N UNK A 2509 15.34 -63.57 59.49
CA UNK A 2509 14.70 -62.26 59.39
C UNK A 2509 14.59 -61.57 60.75
N UNK A 2510 14.07 -62.31 61.73
CA UNK A 2510 13.86 -61.74 63.07
C UNK A 2510 15.10 -61.92 63.95
N UNK A 2511 15.79 -63.04 63.78
CA UNK A 2511 16.97 -63.38 64.56
C UNK A 2511 16.67 -63.41 66.06
N UNK A 2512 17.72 -63.38 66.88
CA UNK A 2512 17.56 -63.40 68.33
C UNK A 2512 18.75 -62.72 68.98
N UNK A 2513 18.82 -61.40 68.85
CA UNK A 2513 19.94 -60.62 69.39
C UNK A 2513 19.76 -60.36 70.88
N UNK A 2514 18.57 -59.92 71.28
CA UNK A 2514 18.30 -59.60 72.67
C UNK A 2514 18.39 -60.85 73.54
N UNK A 2515 19.07 -60.72 74.67
CA UNK A 2515 19.27 -61.84 75.59
C UNK A 2515 17.98 -62.19 76.33
N UNK A 2516 17.27 -61.17 76.78
CA UNK A 2516 16.04 -61.37 77.52
C UNK A 2516 14.93 -61.92 76.63
N UNK A 2517 14.91 -61.47 75.39
CA UNK A 2517 13.89 -61.92 74.44
C UNK A 2517 14.15 -63.36 74.01
N UNK A 2518 15.39 -63.79 74.12
CA UNK A 2518 15.75 -65.16 73.77
C UNK A 2518 15.32 -66.13 74.86
N UNK A 2519 15.02 -65.59 76.04
CA UNK A 2519 14.58 -66.40 77.16
C UNK A 2519 13.07 -66.65 77.08
N UNK A 2520 12.31 -65.60 76.80
CA UNK A 2520 10.86 -65.69 76.72
C UNK A 2520 10.42 -66.43 75.46
N UNK A 2521 11.26 -66.38 74.44
CA UNK A 2521 10.94 -67.05 73.18
C UNK A 2521 11.55 -68.44 73.12
N UNK A 2522 12.01 -68.92 74.28
CA UNK A 2522 12.62 -70.24 74.36
C UNK A 2522 11.56 -71.30 74.66
N UNK A 2523 10.49 -71.31 73.87
CA UNK A 2523 9.42 -72.28 74.05
C UNK A 2523 9.55 -73.42 73.04
N UNK A 2524 10.62 -73.38 72.26
CA UNK A 2524 10.86 -74.40 71.24
C UNK A 2524 11.17 -75.76 71.88
N UNK A 2525 11.81 -75.72 73.04
CA UNK A 2525 12.15 -76.94 73.75
C UNK A 2525 10.93 -77.53 74.46
N UNK A 2526 9.97 -76.67 74.77
CA UNK A 2526 8.77 -77.09 75.48
C UNK A 2526 7.83 -77.87 74.58
N UNK A 2527 7.95 -77.67 73.27
CA UNK A 2527 7.06 -78.29 72.31
C UNK A 2527 7.63 -79.59 71.75
N UNK A 2528 8.95 -79.67 71.61
CA UNK A 2528 9.58 -80.82 71.00
C UNK A 2528 10.55 -81.52 71.95
N UNK A 2529 11.51 -80.77 72.47
CA UNK A 2529 12.54 -81.33 73.33
C UNK A 2529 11.94 -81.88 74.63
N UNK A 2530 10.79 -81.32 75.02
CA UNK A 2530 10.11 -81.76 76.24
C UNK A 2530 9.12 -82.87 75.92
N UNK A 2531 8.61 -82.89 74.70
CA UNK A 2531 7.63 -83.89 74.29
C UNK A 2531 8.31 -85.20 73.92
N UNK A 2532 9.61 -85.15 73.67
CA UNK A 2532 10.36 -86.34 73.30
C UNK A 2532 10.52 -87.26 74.51
N UNK A 2533 9.65 -88.26 74.60
CA UNK A 2533 9.68 -89.21 75.71
C UNK A 2533 9.52 -90.63 75.20
N UNK A 2534 9.77 -90.84 73.91
CA UNK A 2534 9.66 -92.16 73.32
C UNK A 2534 10.77 -93.07 73.84
N UNK A 2535 10.40 -94.31 74.19
CA UNK A 2535 11.36 -95.27 74.73
C UNK A 2535 11.43 -96.52 73.86
N UNK A 2536 11.19 -97.68 74.48
CA UNK A 2536 11.23 -98.95 73.78
C UNK A 2536 10.04 -99.06 72.83
N UNK A 2537 8.93 -98.43 73.21
CA UNK A 2537 7.73 -98.43 72.37
C UNK A 2537 7.75 -97.25 71.40
N UNK A 2538 8.67 -97.30 70.44
CA UNK A 2538 8.82 -96.22 69.47
C UNK A 2538 9.09 -96.78 68.08
N UNK A 2539 9.89 -96.03 67.30
CA UNK A 2539 10.23 -96.40 65.93
C UNK A 2539 8.98 -96.59 65.08
N UNK A 2540 7.95 -95.78 65.35
CA UNK A 2540 6.70 -95.84 64.61
C UNK A 2540 6.06 -94.46 64.55
N UNK A 2541 6.23 -93.78 63.42
CA UNK A 2541 5.71 -92.43 63.22
C UNK A 2541 6.22 -91.47 64.29
N UNK A 2542 7.39 -91.78 64.85
CA UNK A 2542 7.99 -90.97 65.90
C UNK A 2542 9.22 -90.26 65.38
N UNK A 2543 9.30 -90.12 64.05
CA UNK A 2543 10.43 -89.46 63.42
C UNK A 2543 10.20 -87.95 63.36
N UNK A 2544 9.45 -87.43 64.33
CA UNK A 2544 9.17 -86.01 64.42
C UNK A 2544 10.36 -85.28 65.03
N UNK A 2545 11.27 -86.05 65.63
CA UNK A 2545 12.46 -85.48 66.27
C UNK A 2545 13.51 -85.15 65.22
N UNK A 2546 13.31 -85.61 64.00
CA UNK A 2546 14.21 -85.32 62.89
C UNK A 2546 14.15 -83.83 62.55
N UNK A 2547 12.97 -83.25 62.72
CA UNK A 2547 12.77 -81.83 62.46
C UNK A 2547 13.46 -80.98 63.51
N UNK A 2548 13.47 -81.46 64.75
CA UNK A 2548 14.10 -80.75 65.84
C UNK A 2548 15.61 -80.94 65.84
N UNK A 2549 16.08 -81.88 65.02
CA UNK A 2549 17.50 -82.18 64.94
C UNK A 2549 18.16 -81.47 63.76
N UNK A 2550 17.41 -80.62 63.09
CA UNK A 2550 17.94 -79.89 61.94
C UNK A 2550 17.24 -78.55 61.76
N UNK A 2551 16.65 -78.03 62.83
CA UNK A 2551 15.96 -76.76 62.80
C UNK A 2551 15.70 -76.21 64.19
N UNK A 2552 16.07 -76.98 65.21
CA UNK A 2552 15.84 -76.56 66.59
C UNK A 2552 17.09 -76.76 67.44
N UNK A 2553 17.44 -78.01 67.72
CA UNK A 2553 18.59 -78.33 68.56
C UNK A 2553 19.88 -77.88 67.91
N UNK A 2554 19.85 -77.73 66.58
CA UNK A 2554 21.02 -77.26 65.84
C UNK A 2554 21.07 -75.73 65.86
N UNK A 2555 20.04 -75.12 66.43
CA UNK A 2555 19.96 -73.66 66.49
C UNK A 2555 20.11 -73.17 67.92
N UNK A 2556 20.70 -71.98 68.06
CA UNK A 2556 20.89 -71.36 69.37
C UNK A 2556 21.08 -69.86 69.22
N UNK A 2557 20.88 -69.12 70.30
CA UNK A 2557 21.01 -67.67 70.28
C UNK A 2557 22.08 -67.19 71.25
N UNK A 2558 22.26 -65.88 71.34
CA UNK A 2558 23.22 -65.29 72.26
C UNK A 2558 22.91 -65.67 73.70
N UNK A 2559 23.60 -66.70 74.19
CA UNK A 2559 23.35 -67.23 75.53
C UNK A 2559 23.68 -66.21 76.62
N UNK A 2560 22.67 -65.85 77.40
CA UNK A 2560 22.84 -64.92 78.50
C UNK A 2560 21.65 -64.98 79.45
N UNK A 2561 21.80 -65.75 80.51
CA UNK A 2561 20.73 -65.92 81.50
C UNK A 2561 20.65 -64.71 82.43
N UNK A 2562 19.70 -64.76 83.35
CA UNK A 2562 19.51 -63.67 84.31
C UNK A 2562 19.82 -64.15 85.72
N UNK A 2563 18.96 -63.76 86.67
CA UNK A 2563 19.12 -64.15 88.06
C UNK A 2563 18.81 -65.63 88.26
N UNK A 2564 19.83 -66.39 88.66
CA UNK A 2564 19.70 -67.83 88.91
C UNK A 2564 19.16 -68.56 87.68
N UNK A 2565 18.19 -69.44 87.92
CA UNK A 2565 17.57 -70.19 86.83
C UNK A 2565 16.77 -69.27 85.92
N UNK A 2566 15.62 -68.81 86.42
CA UNK A 2566 14.76 -67.89 85.70
C UNK A 2566 14.37 -68.44 84.32
N UNK A 2567 13.65 -69.55 84.31
CA UNK A 2567 13.22 -70.17 83.06
C UNK A 2567 11.87 -70.87 83.23
N UNK A 2568 11.01 -70.69 82.22
CA UNK A 2568 9.70 -71.31 82.24
C UNK A 2568 9.14 -71.45 80.82
N UNK A 2569 9.83 -70.83 79.86
CA UNK A 2569 9.41 -70.88 78.46
C UNK A 2569 9.54 -72.30 77.91
N UNK A 2570 10.63 -72.97 78.28
CA UNK A 2570 10.87 -74.35 77.84
C UNK A 2570 10.16 -75.33 78.76
N UNK A 2571 9.27 -74.82 79.60
CA UNK A 2571 8.44 -75.63 80.51
C UNK A 2571 9.30 -76.50 81.42
N UNK A 2572 8.67 -77.54 81.98
CA UNK A 2572 9.34 -78.47 82.88
C UNK A 2572 9.05 -79.91 82.47
N UNK A 2573 8.59 -80.08 81.23
CA UNK A 2573 8.28 -81.40 80.71
C UNK A 2573 9.54 -82.07 80.14
N UNK A 2574 10.66 -81.36 80.23
CA UNK A 2574 11.94 -81.89 79.78
C UNK A 2574 12.82 -82.22 80.96
N UNK A 2575 12.35 -83.12 81.82
CA UNK A 2575 13.10 -83.52 83.02
C UNK A 2575 13.51 -84.98 82.96
N UNK A 2576 12.54 -85.86 82.69
CA UNK A 2576 12.81 -87.29 82.62
C UNK A 2576 13.60 -87.63 81.36
N UNK A 2577 13.30 -86.92 80.27
CA UNK A 2577 13.99 -87.12 79.01
C UNK A 2577 14.53 -85.79 78.50
N UNK A 2578 15.68 -85.82 77.84
CA UNK A 2578 16.30 -84.59 77.38
C UNK A 2578 17.26 -84.79 76.21
N UNK A 2579 17.95 -85.92 76.17
CA UNK A 2579 18.90 -86.19 75.11
C UNK A 2579 18.54 -87.46 74.34
N UNK A 2580 19.02 -87.55 73.10
CA UNK A 2580 18.70 -88.67 72.22
C UNK A 2580 19.18 -90.00 72.78
N UNK A 2581 18.32 -91.01 72.71
CA UNK A 2581 18.63 -92.35 73.20
C UNK A 2581 17.85 -93.41 72.43
N UNK A 2582 16.53 -93.38 72.55
CA UNK A 2582 15.67 -94.39 71.94
C UNK A 2582 15.47 -94.13 70.45
N UNK A 2583 14.27 -94.47 69.96
CA UNK A 2583 14.00 -94.44 68.52
C UNK A 2583 13.28 -93.17 68.05
N UNK A 2584 14.05 -92.24 67.50
CA UNK A 2584 13.50 -91.04 66.87
C UNK A 2584 14.60 -90.30 66.11
N UNK A 2585 14.29 -89.10 65.63
CA UNK A 2585 15.24 -88.25 64.93
C UNK A 2585 15.90 -88.95 63.74
N UNK A 2586 17.15 -89.35 63.92
CA UNK A 2586 17.91 -90.01 62.86
C UNK A 2586 18.72 -91.18 63.40
N UNK A 2587 19.11 -92.09 62.52
CA UNK A 2587 19.75 -93.34 62.91
C UNK A 2587 21.12 -93.14 63.55
N UNK A 2588 22.16 -93.00 62.73
CA UNK A 2588 23.52 -92.87 63.22
C UNK A 2588 24.29 -91.79 62.46
N UNK A 2589 23.86 -91.50 61.24
CA UNK A 2589 24.49 -90.50 60.41
C UNK A 2589 24.30 -89.10 61.01
N UNK A 2590 25.32 -88.25 60.88
CA UNK A 2590 25.26 -86.91 61.41
C UNK A 2590 24.35 -86.01 60.56
N UNK A 2591 24.08 -84.81 61.07
CA UNK A 2591 23.25 -83.85 60.35
C UNK A 2591 24.12 -82.77 59.70
N UNK A 2592 23.63 -82.22 58.59
CA UNK A 2592 24.39 -81.22 57.85
C UNK A 2592 23.73 -79.85 57.89
N UNK A 2593 22.71 -79.72 58.74
CA UNK A 2593 22.01 -78.45 58.91
C UNK A 2593 22.89 -77.45 59.64
N UNK A 2594 23.44 -77.87 60.78
CA UNK A 2594 24.35 -77.04 61.55
C UNK A 2594 25.30 -77.92 62.34
N UNK A 2595 26.57 -77.51 62.38
CA UNK A 2595 27.61 -78.28 63.07
C UNK A 2595 27.43 -78.22 64.58
N UNK A 2596 27.00 -77.07 65.08
CA UNK A 2596 26.84 -76.87 66.52
C UNK A 2596 25.80 -75.81 66.82
N UNK A 2597 25.62 -75.52 68.10
CA UNK A 2597 24.65 -74.53 68.55
C UNK A 2597 25.31 -73.17 68.75
N UNK A 2598 24.93 -72.20 67.93
CA UNK A 2598 25.51 -70.86 68.00
C UNK A 2598 25.06 -70.11 69.24
N UNK A 2599 25.79 -70.28 70.34
CA UNK A 2599 25.43 -69.64 71.59
C UNK A 2599 26.65 -69.16 72.38
N UNK A 2600 26.60 -67.93 72.85
CA UNK A 2600 27.66 -67.38 73.70
C UNK A 2600 27.48 -67.90 75.12
N UNK A 2601 27.80 -69.17 75.32
CA UNK A 2601 27.52 -69.88 76.57
C UNK A 2601 28.14 -69.22 77.81
N UNK A 2602 29.19 -68.43 77.60
CA UNK A 2602 29.95 -67.84 78.72
C UNK A 2602 29.11 -66.97 79.66
N UNK A 2603 27.90 -66.61 79.24
CA UNK A 2603 27.05 -65.75 80.06
C UNK A 2603 25.85 -66.48 80.64
N UNK A 2604 25.51 -67.63 80.06
CA UNK A 2604 24.34 -68.39 80.49
C UNK A 2604 24.74 -69.69 81.19
N UNK A 2605 24.41 -69.81 82.47
CA UNK A 2605 24.73 -71.00 83.25
C UNK A 2605 23.95 -71.05 84.56
N UNK A 2606 23.62 -72.26 85.00
CA UNK A 2606 22.99 -72.49 86.29
C UNK A 2606 23.71 -73.60 87.01
N UNK A 2607 23.45 -74.84 86.60
CA UNK A 2607 24.25 -76.01 86.97
C UNK A 2607 24.42 -76.21 88.48
N UNK A 2608 23.47 -76.90 89.10
CA UNK A 2608 23.53 -77.17 90.53
C UNK A 2608 22.62 -78.34 90.93
N UNK A 2609 23.07 -79.13 91.91
CA UNK A 2609 22.29 -80.25 92.42
C UNK A 2609 22.77 -80.68 93.80
N UNK A 2610 22.01 -81.58 94.42
CA UNK A 2610 22.36 -82.09 95.75
C UNK A 2610 21.55 -83.36 96.05
N UNK A 2611 21.94 -84.06 97.12
CA UNK A 2611 21.25 -85.26 97.58
C UNK A 2611 21.15 -86.33 96.49
N UNK A 2612 20.02 -87.02 96.45
CA UNK A 2612 19.79 -88.07 95.45
C UNK A 2612 18.32 -88.11 95.04
N UNK A 2613 18.09 -88.29 93.75
CA UNK A 2613 16.72 -88.35 93.23
C UNK A 2613 16.58 -89.45 92.17
N UNK A 2614 15.59 -90.31 92.37
CA UNK A 2614 15.31 -91.42 91.45
C UNK A 2614 16.53 -92.31 91.25
N UNK A 2615 16.85 -92.58 89.98
CA UNK A 2615 17.98 -93.43 89.65
C UNK A 2615 19.14 -92.61 89.08
N UNK A 2616 20.20 -93.29 88.68
CA UNK A 2616 21.37 -92.62 88.12
C UNK A 2616 21.10 -92.12 86.71
N UNK A 2617 21.55 -90.90 86.42
CA UNK A 2617 21.36 -90.31 85.10
C UNK A 2617 22.31 -90.94 84.09
N UNK A 2618 23.55 -91.13 84.50
CA UNK A 2618 24.57 -91.73 83.63
C UNK A 2618 24.31 -93.22 83.48
N UNK A 2619 25.06 -93.85 82.58
CA UNK A 2619 24.90 -95.28 82.31
C UNK A 2619 25.34 -96.10 83.52
N UNK A 2620 24.67 -97.24 83.71
CA UNK A 2620 24.98 -98.13 84.83
C UNK A 2620 26.32 -98.82 84.60
N UNK A 2621 26.66 -99.04 83.34
CA UNK A 2621 27.93 -99.68 83.00
C UNK A 2621 29.10 -98.74 83.25
N UNK A 2622 30.22 -99.31 83.69
CA UNK A 2622 31.42 -98.53 83.95
C UNK A 2622 32.33 -98.55 82.74
N UNK A 2623 31.91 -99.29 81.70
CA UNK A 2623 32.70 -99.41 80.48
C UNK A 2623 32.70 -98.10 79.70
N UNK A 2624 33.76 -97.89 78.91
CA UNK A 2624 33.89 -96.69 78.10
C UNK A 2624 34.77 -96.93 76.89
N UNK A 2625 34.24 -96.61 75.71
CA UNK A 2625 34.98 -96.82 74.46
C UNK A 2625 35.36 -95.48 73.83
N UNK A 2626 34.49 -94.97 72.97
CA UNK A 2626 34.76 -93.73 72.25
C UNK A 2626 33.49 -92.96 71.92
N UNK A 2627 33.52 -91.65 72.13
CA UNK A 2627 32.37 -90.78 71.88
C UNK A 2627 32.79 -89.32 71.82
N UNK A 2628 32.37 -88.62 70.78
CA UNK A 2628 32.74 -87.21 70.59
C UNK A 2628 31.68 -86.27 71.13
N UNK A 2629 31.63 -85.07 70.57
CA UNK A 2629 30.66 -84.06 70.96
C UNK A 2629 30.42 -83.06 69.84
N UNK A 2630 29.25 -82.44 69.84
CA UNK A 2630 28.91 -81.43 68.83
C UNK A 2630 27.87 -80.45 69.39
N UNK A 2631 26.95 -80.97 70.20
CA UNK A 2631 25.94 -80.14 70.84
C UNK A 2631 26.35 -79.80 72.26
N UNK A 2632 27.39 -80.49 72.74
CA UNK A 2632 27.91 -80.26 74.08
C UNK A 2632 29.08 -79.29 74.05
N UNK A 2633 29.34 -78.73 72.88
CA UNK A 2633 30.41 -77.74 72.72
C UNK A 2633 29.98 -76.41 73.33
N UNK A 2634 28.67 -76.21 73.40
CA UNK A 2634 28.12 -74.98 73.99
C UNK A 2634 27.79 -75.19 75.45
N UNK A 2635 28.41 -76.19 76.06
CA UNK A 2635 28.21 -76.48 77.48
C UNK A 2635 29.29 -75.83 78.33
N UNK A 2636 30.33 -75.33 77.66
CA UNK A 2636 31.41 -74.61 78.35
C UNK A 2636 30.85 -73.30 78.90
N UNK A 2637 30.25 -73.38 80.08
CA UNK A 2637 29.55 -72.24 80.65
C UNK A 2637 29.57 -72.25 82.18
N UNK A 2638 29.61 -73.45 82.75
CA UNK A 2638 29.56 -73.62 84.21
C UNK A 2638 30.85 -73.14 84.87
N UNK A 2639 30.78 -72.92 86.18
CA UNK A 2639 31.92 -72.45 86.96
C UNK A 2639 32.88 -73.59 87.31
N UNK A 2640 33.67 -73.39 88.35
CA UNK A 2640 34.71 -74.35 88.72
C UNK A 2640 34.79 -74.63 90.21
N UNK A 2641 35.91 -75.19 90.66
CA UNK A 2641 36.07 -75.59 92.05
C UNK A 2641 37.52 -75.60 92.54
N UNK A 2642 38.41 -74.92 91.82
CA UNK A 2642 39.78 -74.73 92.28
C UNK A 2642 40.36 -73.38 91.84
N UNK A 2643 41.38 -72.94 92.57
CA UNK A 2643 41.92 -71.57 92.53
C UNK A 2643 41.87 -70.79 91.20
N UNK A 2644 40.93 -69.85 91.11
CA UNK A 2644 40.86 -68.86 90.03
C UNK A 2644 39.69 -67.89 90.25
N UNK A 2645 39.77 -66.69 89.68
CA UNK A 2645 38.83 -65.61 90.02
C UNK A 2645 37.96 -65.10 88.86
N UNK A 2646 36.64 -65.26 88.98
CA UNK A 2646 35.70 -64.73 88.01
C UNK A 2646 34.30 -64.56 88.61
N UNK A 2647 33.30 -64.43 87.75
CA UNK A 2647 31.93 -64.15 88.18
C UNK A 2647 31.12 -65.43 88.40
N UNK A 2648 29.84 -65.25 88.72
CA UNK A 2648 28.95 -66.36 89.04
C UNK A 2648 28.51 -67.14 87.81
N UNK A 2649 28.34 -68.45 87.99
CA UNK A 2649 27.90 -69.33 86.91
C UNK A 2649 27.25 -70.58 87.48
N UNK A 2650 28.06 -71.55 87.87
CA UNK A 2650 27.54 -72.81 88.43
C UNK A 2650 27.60 -72.80 89.96
N UNK A 2651 27.10 -73.87 90.55
CA UNK A 2651 27.08 -74.01 92.01
C UNK A 2651 26.95 -75.47 92.42
N UNK A 2652 27.77 -76.33 91.81
CA UNK A 2652 27.79 -77.75 92.16
C UNK A 2652 28.31 -77.93 93.59
N UNK A 2653 29.40 -77.22 93.89
CA UNK A 2653 29.98 -77.15 95.24
C UNK A 2653 30.52 -78.48 95.74
N UNK A 2654 31.42 -78.39 96.73
CA UNK A 2654 31.97 -79.57 97.37
C UNK A 2654 31.30 -79.76 98.72
N UNK A 2655 30.26 -78.97 98.96
CA UNK A 2655 29.51 -79.04 100.21
C UNK A 2655 28.61 -80.27 100.24
N UNK A 2656 28.32 -80.81 99.06
CA UNK A 2656 27.46 -81.99 98.95
C UNK A 2656 28.11 -83.21 99.61
N UNK A 2657 27.62 -83.56 100.79
CA UNK A 2657 28.12 -84.71 101.52
C UNK A 2657 27.24 -85.93 101.29
N UNK A 2658 27.88 -87.10 101.20
CA UNK A 2658 27.18 -88.35 100.93
C UNK A 2658 26.36 -88.28 99.65
N UNK A 2659 27.00 -87.89 98.56
CA UNK A 2659 26.34 -87.75 97.27
C UNK A 2659 26.45 -89.02 96.45
N UNK A 2660 26.80 -90.12 97.11
CA UNK A 2660 26.94 -91.43 96.47
C UNK A 2660 27.93 -91.40 95.30
N UNK A 2661 27.65 -92.20 94.28
CA UNK A 2661 28.52 -92.27 93.11
C UNK A 2661 27.74 -92.01 91.82
N UNK A 2662 26.99 -93.02 91.38
CA UNK A 2662 26.20 -92.94 90.17
C UNK A 2662 27.05 -92.58 88.95
N UNK A 2663 28.28 -93.10 88.93
CA UNK A 2663 29.21 -92.79 87.86
C UNK A 2663 30.21 -93.93 87.67
N UNK A 2664 30.66 -94.49 88.78
CA UNK A 2664 31.64 -95.57 88.79
C UNK A 2664 32.91 -95.18 88.04
N UNK A 2665 33.33 -93.93 88.23
CA UNK A 2665 34.51 -93.41 87.55
C UNK A 2665 35.52 -92.84 88.55
N UNK A 2666 35.73 -93.56 89.65
CA UNK A 2666 36.64 -93.09 90.70
C UNK A 2666 38.08 -93.06 90.20
N UNK A 2667 38.81 -94.15 90.45
CA UNK A 2667 40.17 -94.29 89.93
C UNK A 2667 40.37 -95.71 89.44
N UNK A 2668 40.86 -95.84 88.21
CA UNK A 2668 40.98 -97.13 87.56
C UNK A 2668 42.11 -97.97 88.15
N UNK A 2669 41.82 -99.25 88.35
CA UNK A 2669 42.81 -100.20 88.83
C UNK A 2669 42.65 -101.53 88.12
N UNK A 2670 42.24 -101.46 86.85
CA UNK A 2670 42.02 -102.67 86.06
C UNK A 2670 42.33 -102.44 84.58
N UNK A 2671 42.43 -103.55 83.85
CA UNK A 2671 42.68 -103.50 82.41
C UNK A 2671 42.29 -104.82 81.77
N UNK A 2672 41.36 -104.77 80.83
CA UNK A 2672 40.94 -105.96 80.10
C UNK A 2672 41.95 -106.31 79.03
N UNK A 2673 41.49 -106.61 77.82
CA UNK A 2673 42.37 -106.88 76.71
C UNK A 2673 43.05 -105.58 76.27
N UNK A 2674 44.22 -105.71 75.66
CA UNK A 2674 44.97 -104.54 75.20
C UNK A 2674 44.19 -103.78 74.14
N UNK A 2675 43.49 -102.74 74.56
CA UNK A 2675 42.69 -101.93 73.64
C UNK A 2675 43.57 -101.11 72.70
N UNK A 2676 44.20 -101.79 71.76
CA UNK A 2676 45.09 -101.14 70.81
C UNK A 2676 44.29 -100.55 69.65
N UNK A 2677 43.01 -100.89 69.59
CA UNK A 2677 42.13 -100.37 68.55
C UNK A 2677 41.87 -98.88 68.79
N UNK A 2678 41.76 -98.51 70.05
CA UNK A 2678 41.54 -97.11 70.42
C UNK A 2678 42.88 -96.43 70.70
N UNK A 2679 43.52 -95.95 69.64
CA UNK A 2679 44.82 -95.29 69.76
C UNK A 2679 44.88 -94.04 68.90
N UNK A 2680 44.12 -93.01 69.28
CA UNK A 2680 44.09 -91.75 68.55
C UNK A 2680 44.10 -90.58 69.52
N UNK A 2681 44.68 -89.47 69.09
CA UNK A 2681 44.84 -88.28 69.95
C UNK A 2681 43.52 -87.79 70.53
N UNK A 2682 43.59 -87.19 71.72
CA UNK A 2682 42.40 -86.73 72.42
C UNK A 2682 42.46 -85.23 72.69
N UNK A 2683 41.45 -84.74 73.41
CA UNK A 2683 41.40 -83.33 73.78
C UNK A 2683 42.13 -83.10 75.11
N UNK A 2684 42.67 -81.90 75.26
CA UNK A 2684 43.42 -81.56 76.47
C UNK A 2684 42.72 -80.45 77.24
N UNK A 2685 42.98 -80.39 78.55
CA UNK A 2685 42.38 -79.38 79.41
C UNK A 2685 43.20 -79.20 80.68
N UNK A 2686 42.53 -78.85 81.77
CA UNK A 2686 43.19 -78.70 83.06
C UNK A 2686 42.79 -79.85 83.99
N UNK A 2687 42.90 -79.63 85.28
CA UNK A 2687 42.53 -80.64 86.27
C UNK A 2687 42.24 -80.02 87.63
N UNK A 2688 41.60 -80.78 88.50
CA UNK A 2688 41.22 -80.28 89.82
C UNK A 2688 42.43 -80.25 90.76
N UNK A 2689 42.46 -79.26 91.64
CA UNK A 2689 43.58 -79.07 92.55
C UNK A 2689 43.30 -79.67 93.92
N UNK A 2690 44.24 -80.45 94.43
CA UNK A 2690 44.11 -81.06 95.75
C UNK A 2690 45.30 -80.71 96.63
N UNK A 2691 45.26 -81.17 97.88
CA UNK A 2691 46.35 -80.91 98.83
C UNK A 2691 46.30 -81.93 99.96
N UNK A 2692 45.48 -81.64 100.97
CA UNK A 2692 45.33 -82.53 102.12
C UNK A 2692 44.02 -82.25 102.85
N UNK A 2693 42.92 -82.69 102.26
CA UNK A 2693 41.60 -82.51 102.87
C UNK A 2693 40.91 -83.84 103.09
N UNK A 2694 40.47 -84.09 104.32
CA UNK A 2694 39.83 -85.34 104.68
C UNK A 2694 38.94 -85.19 105.91
N UNK A 2695 37.97 -86.08 106.06
CA UNK A 2695 37.04 -86.03 107.19
C UNK A 2695 36.47 -87.41 107.49
N UNK A 2696 35.44 -87.44 108.34
CA UNK A 2696 34.78 -88.69 108.74
C UNK A 2696 35.76 -89.73 109.25
N UNK A 2697 36.37 -89.45 110.40
CA UNK A 2697 37.35 -90.36 110.98
C UNK A 2697 36.86 -90.96 112.29
N UNK A 2698 35.62 -90.65 112.66
CA UNK A 2698 35.05 -91.13 113.90
C UNK A 2698 34.33 -92.46 113.70
N UNK A 2699 34.10 -93.18 114.80
CA UNK A 2699 33.39 -94.45 114.76
C UNK A 2699 31.88 -94.23 114.87
N UNK A 2700 31.48 -93.45 115.87
CA UNK A 2700 30.08 -93.14 116.08
C UNK A 2700 29.90 -91.67 116.43
N UNK A 2701 28.83 -91.07 115.94
CA UNK A 2701 28.56 -89.65 116.18
C UNK A 2701 28.17 -89.40 117.64
N UNK A 2702 27.03 -89.95 118.05
CA UNK A 2702 26.55 -89.77 119.40
C UNK A 2702 26.50 -91.10 120.16
N UNK A 2703 27.65 -91.53 120.67
CA UNK A 2703 27.74 -92.78 121.41
C UNK A 2703 28.94 -92.76 122.35
N ASN A 2734 22.30 -86.62 66.38
CA ASN A 2734 22.77 -87.85 65.75
C ASN A 2734 24.21 -87.71 65.30
N PHE A 2735 24.99 -86.96 66.06
CA PHE A 2735 26.37 -86.67 65.71
C PHE A 2735 27.25 -87.91 65.94
N ASP A 2736 28.34 -87.97 65.17
CA ASP A 2736 29.29 -89.07 65.09
C ASP A 2736 30.34 -88.97 66.20
N PRO A 2737 30.87 -90.11 66.65
CA PRO A 2737 31.88 -90.09 67.73
C PRO A 2737 33.28 -89.90 67.17
N ARG A 2738 34.24 -89.87 68.11
CA ARG A 2738 35.66 -89.73 67.79
C ARG A 2738 36.46 -90.76 68.58
N PRO A 2739 37.63 -91.15 68.07
CA PRO A 2739 38.46 -92.12 68.80
C PRO A 2739 39.46 -91.45 69.74
N VAL A 2740 39.70 -92.12 70.87
CA VAL A 2740 40.62 -91.63 71.89
C VAL A 2740 41.65 -92.72 72.18
N GLU A 2741 42.90 -92.29 72.35
CA GLU A 2741 44.00 -93.21 72.63
C GLU A 2741 43.84 -93.82 74.02
N THR A 2742 44.28 -95.07 74.15
CA THR A 2742 44.14 -95.84 75.38
C THR A 2742 45.44 -96.38 75.92
N LEU A 2743 46.34 -96.85 75.06
CA LEU A 2743 47.51 -97.62 75.48
C LEU A 2743 48.79 -96.79 75.50
N ASN A 2744 48.71 -95.50 75.81
CA ASN A 2744 49.94 -94.73 76.04
C ASN A 2744 50.67 -95.23 77.28
N VAL A 2745 49.91 -95.47 78.36
CA VAL A 2745 50.47 -95.98 79.60
C VAL A 2745 49.72 -97.25 79.98
N ILE A 2746 50.47 -98.32 80.25
CA ILE A 2746 49.89 -99.55 80.75
C ILE A 2746 49.90 -99.52 82.27
N ILE A 2747 48.77 -99.88 82.86
CA ILE A 2747 48.55 -99.71 84.30
C ILE A 2747 49.30 -100.82 85.04
N PRO A 2748 50.23 -100.50 85.92
CA PRO A 2748 50.85 -101.53 86.78
C PRO A 2748 50.03 -101.73 88.05
N GLU A 2749 50.56 -102.59 88.92
CA GLU A 2749 49.94 -102.81 90.22
C GLU A 2749 50.48 -101.80 91.23
N LYS A 2750 50.23 -100.53 90.96
CA LYS A 2750 50.68 -99.44 91.82
C LYS A 2750 49.53 -98.74 92.54
N LEU A 2751 48.34 -98.71 91.95
CA LEU A 2751 47.18 -98.08 92.58
C LEU A 2751 46.50 -99.07 93.53
N ASP A 2752 47.10 -99.27 94.70
CA ASP A 2752 46.54 -100.13 95.71
C ASP A 2752 46.04 -99.35 96.92
N SER A 2753 46.66 -98.19 97.18
CA SER A 2753 46.20 -97.35 98.28
C SER A 2753 44.77 -96.87 98.06
N PHE A 2754 44.44 -96.45 96.84
CA PHE A 2754 43.06 -96.04 96.56
C PHE A 2754 42.08 -97.21 96.62
N ILE A 2755 42.53 -98.41 96.25
CA ILE A 2755 41.67 -99.58 96.35
C ILE A 2755 41.37 -99.89 97.82
N ASN A 2756 42.39 -99.86 98.67
CA ASN A 2756 42.17 -100.05 100.10
C ASN A 2756 41.43 -98.87 100.73
N LYS A 2757 41.40 -97.71 100.04
CA LYS A 2757 40.69 -96.56 100.57
C LYS A 2757 39.20 -96.82 100.73
N PHE A 2758 38.57 -97.47 99.75
CA PHE A 2758 37.15 -97.78 99.87
C PHE A 2758 36.85 -98.65 101.08
N ALA A 2759 37.74 -99.60 101.39
CA ALA A 2759 37.50 -100.49 102.53
C ALA A 2759 37.79 -99.80 103.85
N GLU A 2760 38.80 -98.91 103.87
CA GLU A 2760 39.22 -98.33 105.15
C GLU A 2760 38.54 -97.00 105.43
N TYR A 2761 38.73 -96.01 104.57
CA TYR A 2761 38.29 -94.64 104.80
C TYR A 2761 36.86 -94.37 104.39
N THR A 2762 36.33 -95.12 103.42
CA THR A 2762 35.00 -94.88 102.89
C THR A 2762 33.91 -95.66 103.62
N HIS A 2763 34.28 -96.70 104.38
CA HIS A 2763 33.28 -97.58 104.98
C HIS A 2763 32.40 -96.84 105.99
N GLU A 2764 32.93 -95.79 106.61
CA GLU A 2764 32.17 -95.01 107.59
C GLU A 2764 31.36 -93.88 106.98
N LYS A 2765 31.45 -93.68 105.66
CA LYS A 2765 30.75 -92.57 105.03
C LYS A 2765 29.24 -92.79 105.00
N TRP A 2766 28.81 -94.02 104.67
CA TRP A 2766 27.38 -94.32 104.55
C TRP A 2766 26.73 -94.71 105.87
N ALA A 2767 27.51 -94.95 106.92
CA ALA A 2767 26.96 -95.40 108.19
C ALA A 2767 26.53 -94.27 109.10
N PHE A 2768 26.78 -93.01 108.72
CA PHE A 2768 26.43 -91.86 109.54
C PHE A 2768 25.19 -91.12 109.03
N ASP A 2769 24.59 -91.58 107.93
CA ASP A 2769 23.46 -90.85 107.35
C ASP A 2769 22.25 -90.82 108.27
N LYS A 2770 21.98 -91.93 108.97
CA LYS A 2770 20.79 -92.00 109.80
C LYS A 2770 20.91 -91.11 111.04
N ILE A 2771 22.14 -90.84 111.48
CA ILE A 2771 22.33 -90.10 112.73
C ILE A 2771 21.84 -88.66 112.62
N GLN A 2772 22.14 -87.98 111.52
CA GLN A 2772 21.69 -86.59 111.38
C GLN A 2772 20.18 -86.47 111.33
N ASN A 2773 19.48 -87.40 110.69
CA ASN A 2773 18.03 -87.42 110.69
C ASN A 2773 17.44 -88.02 111.95
N ASN A 2774 18.29 -88.58 112.83
CA ASN A 2774 17.86 -89.10 114.13
C ASN A 2774 16.86 -90.24 113.97
N TRP A 2775 17.25 -91.25 113.19
CA TRP A 2775 16.47 -92.46 113.01
C TRP A 2775 17.19 -93.64 113.63
N SER A 2776 16.44 -94.46 114.36
CA SER A 2776 17.02 -95.57 115.12
C SER A 2776 17.60 -96.63 114.19
N TYR A 2777 18.50 -97.44 114.74
CA TYR A 2777 19.12 -98.50 113.97
C TYR A 2777 18.08 -99.53 113.54
N GLY A 2778 18.17 -99.98 112.29
CA GLY A 2778 17.27 -100.98 111.78
C GLY A 2778 17.87 -102.36 111.74
N GLU A 2779 17.51 -103.21 112.70
CA GLU A 2779 17.98 -104.59 112.69
C GLU A 2779 17.38 -105.38 111.54
N ASN A 2780 16.09 -105.17 111.26
CA ASN A 2780 15.42 -105.88 110.18
C ASN A 2780 15.93 -105.37 108.83
N VAL A 2781 15.96 -106.28 107.86
CA VAL A 2781 16.43 -105.95 106.50
C VAL A 2781 15.21 -105.56 105.68
N ASP A 2782 14.94 -104.25 105.64
CA ASP A 2782 13.84 -103.68 104.86
C ASP A 2782 14.41 -102.47 104.11
N GLU A 2783 14.95 -102.72 102.92
CA GLU A 2783 15.58 -101.65 102.15
C GLU A 2783 14.55 -100.60 101.73
N GLU A 2784 13.37 -101.04 101.29
CA GLU A 2784 12.39 -100.13 100.74
C GLU A 2784 11.60 -99.37 101.80
N LEU A 2785 11.61 -99.84 103.05
CA LEU A 2785 10.84 -99.21 104.12
C LEU A 2785 11.67 -98.16 104.86
N LYS A 2786 12.29 -97.25 104.10
CA LYS A 2786 13.00 -96.09 104.64
C LYS A 2786 14.12 -96.49 105.60
N THR A 2787 14.69 -97.68 105.42
CA THR A 2787 15.83 -98.14 106.20
C THR A 2787 16.94 -98.56 105.26
N HIS A 2788 18.19 -98.23 105.64
CA HIS A 2788 19.31 -98.51 104.78
C HIS A 2788 19.55 -100.02 104.66
N PRO A 2789 19.93 -100.49 103.48
CA PRO A 2789 20.15 -101.93 103.27
C PRO A 2789 21.54 -102.39 103.68
N MET A 2790 22.23 -101.63 104.53
CA MET A 2790 23.63 -101.91 104.83
C MET A 2790 23.83 -103.30 105.39
N LEU A 2791 22.81 -103.89 106.01
CA LEU A 2791 22.90 -105.26 106.50
C LEU A 2791 22.67 -106.22 105.33
N ARG A 2792 23.74 -106.88 104.88
CA ARG A 2792 23.70 -107.74 103.71
C ARG A 2792 24.36 -109.08 104.02
N PRO A 2793 24.09 -110.12 103.22
CA PRO A 2793 24.83 -111.38 103.40
C PRO A 2793 26.33 -111.16 103.24
N TYR A 2794 27.10 -111.90 104.04
CA TYR A 2794 28.54 -111.66 104.14
C TYR A 2794 29.31 -112.05 102.88
N LYS A 2795 28.66 -112.71 101.92
CA LYS A 2795 29.33 -113.14 100.70
C LYS A 2795 29.20 -112.12 99.57
N THR A 2796 29.05 -110.83 99.90
CA THR A 2796 28.93 -109.78 98.88
C THR A 2796 30.30 -109.20 98.53
N PHE A 2797 31.23 -110.09 98.22
CA PHE A 2797 32.60 -109.72 97.89
C PHE A 2797 32.91 -110.19 96.47
N SER A 2798 33.51 -109.31 95.68
CA SER A 2798 33.87 -109.62 94.30
C SER A 2798 35.24 -109.04 93.98
N GLU A 2799 36.06 -109.82 93.29
CA GLU A 2799 37.38 -109.38 92.86
C GLU A 2799 37.50 -109.19 91.35
N LYS A 2800 36.80 -110.01 90.55
CA LYS A 2800 36.81 -109.83 89.11
C LYS A 2800 36.25 -108.48 88.70
N ASP A 2801 35.34 -107.91 89.50
CA ASP A 2801 34.80 -106.59 89.20
C ASP A 2801 35.90 -105.54 89.23
N LYS A 2802 36.78 -105.61 90.22
CA LYS A 2802 37.90 -104.68 90.30
C LYS A 2802 39.07 -105.08 89.42
N GLU A 2803 39.12 -106.34 88.96
CA GLU A 2803 40.24 -106.78 88.13
C GLU A 2803 40.02 -106.52 86.64
N ILE A 2804 38.78 -106.54 86.16
CA ILE A 2804 38.52 -106.32 84.74
C ILE A 2804 37.45 -105.27 84.48
N TYR A 2805 36.60 -104.93 85.44
CA TYR A 2805 35.57 -103.91 85.26
C TYR A 2805 35.87 -102.61 85.98
N ARG A 2806 37.14 -102.34 86.26
CA ARG A 2806 37.57 -101.16 87.02
C ARG A 2806 38.50 -100.29 86.19
N TRP A 2807 38.09 -99.98 84.97
CA TRP A 2807 38.90 -99.15 84.07
C TRP A 2807 38.08 -97.98 83.53
N PRO A 2808 37.59 -97.07 84.39
CA PRO A 2808 36.81 -95.94 83.88
C PRO A 2808 37.63 -94.74 83.44
N ILE A 2809 38.82 -94.55 84.00
CA ILE A 2809 39.67 -93.40 83.68
C ILE A 2809 41.07 -93.81 83.26
N LYS A 2810 41.40 -95.10 83.26
CA LYS A 2810 42.69 -95.54 82.75
C LYS A 2810 42.83 -95.29 81.26
N GLU A 2811 41.70 -95.14 80.56
CA GLU A 2811 41.75 -95.02 79.11
C GLU A 2811 42.47 -93.74 78.69
N SER A 2812 42.21 -92.65 79.41
CA SER A 2812 42.89 -91.37 79.13
C SER A 2812 42.82 -90.50 80.38
N LEU A 2813 43.98 -90.27 81.00
CA LEU A 2813 44.11 -89.33 82.10
C LEU A 2813 45.15 -88.24 81.84
N LYS A 2814 45.78 -88.25 80.67
CA LYS A 2814 46.91 -87.37 80.40
C LYS A 2814 46.40 -86.00 79.96
N ALA A 2815 46.04 -85.20 80.96
CA ALA A 2815 45.62 -83.83 80.73
C ALA A 2815 46.26 -82.83 81.69
N LEU A 2867 33.29 -73.13 95.75
CA LEU A 2867 34.14 -72.48 96.74
C LEU A 2867 34.16 -70.97 96.52
N SER A 2868 33.60 -70.21 97.41
CA SER A 2868 33.52 -68.76 97.28
C SER A 2868 33.17 -68.39 95.84
N ARG A 2869 33.13 -67.09 95.57
CA ARG A 2869 32.81 -66.63 94.21
C ARG A 2869 34.08 -66.45 93.37
N GLU A 2870 35.01 -65.64 93.84
CA GLU A 2870 36.21 -65.30 93.10
C GLU A 2870 37.42 -66.14 93.50
N LEU A 2871 37.22 -67.25 94.19
CA LEU A 2871 38.36 -68.03 94.66
C LEU A 2871 38.72 -69.16 93.69
N GLN A 2872 37.70 -69.79 93.08
CA GLN A 2872 37.91 -71.05 92.37
C GLN A 2872 37.21 -71.11 91.01
N ALA A 2873 37.39 -70.13 90.13
CA ALA A 2873 36.47 -69.96 89.02
C ALA A 2873 36.91 -70.61 87.70
N MET A 2874 38.21 -70.76 87.42
CA MET A 2874 38.63 -71.31 86.13
C MET A 2874 39.41 -72.62 86.18
N ALA A 2875 39.97 -73.01 87.33
CA ALA A 2875 40.79 -74.22 87.37
C ALA A 2875 40.02 -75.48 87.00
N GLU A 2876 38.68 -75.44 87.07
CA GLU A 2876 37.85 -76.44 86.43
C GLU A 2876 37.01 -75.89 85.28
N GLN A 2877 36.89 -74.57 85.14
CA GLN A 2877 36.21 -74.03 83.97
C GLN A 2877 36.97 -74.39 82.69
N LEU A 2878 38.30 -74.28 82.72
CA LEU A 2878 39.13 -74.70 81.59
C LEU A 2878 39.25 -76.21 81.50
N ALA A 2879 39.10 -76.93 82.60
CA ALA A 2879 39.12 -78.39 82.59
C ALA A 2879 37.78 -78.99 82.22
N GLU A 2880 36.72 -78.17 82.13
CA GLU A 2880 35.39 -78.66 81.83
C GLU A 2880 35.32 -79.45 80.54
N ASN A 2881 36.06 -79.03 79.51
CA ASN A 2881 36.08 -79.77 78.25
C ASN A 2881 36.40 -81.25 78.49
N TYR A 2882 37.40 -81.53 79.32
CA TYR A 2882 37.80 -82.91 79.58
C TYR A 2882 36.64 -83.71 80.19
N HIS A 2883 36.23 -83.37 81.40
CA HIS A 2883 35.22 -84.20 82.05
C HIS A 2883 33.84 -84.05 81.41
N ASN A 2884 33.57 -82.99 80.66
CA ASN A 2884 32.35 -82.94 79.88
C ASN A 2884 32.35 -83.91 78.71
N THR A 2885 33.44 -83.96 77.93
CA THR A 2885 33.49 -84.92 76.83
C THR A 2885 33.63 -86.35 77.33
N TRP A 2886 34.04 -86.56 78.59
CA TRP A 2886 34.04 -87.89 79.16
C TRP A 2886 32.75 -88.22 79.90
N GLY A 2887 31.93 -87.23 80.21
CA GLY A 2887 30.59 -87.50 80.70
C GLY A 2887 29.65 -87.79 79.55
N ARG A 2888 29.92 -87.17 78.40
CA ARG A 2888 29.25 -87.56 77.17
C ARG A 2888 29.78 -88.90 76.64
N LYS A 2889 30.94 -89.35 77.13
CA LYS A 2889 31.53 -90.59 76.65
C LYS A 2889 30.67 -91.80 77.00
N LYS A 2890 30.03 -91.78 78.17
CA LYS A 2890 29.41 -92.96 78.77
C LYS A 2890 28.07 -93.37 78.12
N LYS A 2891 27.65 -92.87 76.95
CA LYS A 2891 26.32 -93.19 76.43
C LYS A 2891 26.33 -93.88 75.07
N GLN A 2892 27.42 -93.79 74.31
CA GLN A 2892 27.40 -94.28 72.94
C GLN A 2892 27.10 -95.77 72.86
N GLU A 2893 27.27 -96.51 73.97
CA GLU A 2893 26.91 -97.92 73.96
C GLU A 2893 25.39 -98.14 73.98
N LEU A 2894 24.63 -97.21 74.56
CA LEU A 2894 23.18 -97.42 74.62
C LEU A 2894 22.38 -96.50 73.72
N GLU A 2895 23.01 -95.49 73.09
CA GLU A 2895 22.40 -94.88 71.89
C GLU A 2895 22.77 -95.71 70.67
N ALA A 2896 21.76 -96.33 70.06
CA ALA A 2896 21.86 -96.96 68.74
C ALA A 2896 20.74 -96.56 67.80
N LYS A 2897 19.70 -95.89 68.29
CA LYS A 2897 18.57 -95.45 67.47
C LYS A 2897 18.50 -93.93 67.34
N GLY A 2898 18.55 -93.21 68.45
CA GLY A 2898 18.67 -91.77 68.43
C GLY A 2898 17.44 -90.93 68.78
N GLY A 2899 16.65 -91.35 69.77
CA GLY A 2899 15.48 -90.60 70.16
C GLY A 2899 15.58 -90.09 71.59
N GLY A 2900 15.10 -88.87 71.79
CA GLY A 2900 15.29 -88.19 73.05
C GLY A 2900 14.63 -88.92 74.21
N THR A 2901 15.44 -89.59 75.04
CA THR A 2901 14.92 -90.30 76.20
C THR A 2901 15.73 -90.10 77.47
N HIS A 2902 17.02 -89.77 77.40
CA HIS A 2902 17.82 -89.71 78.62
C HIS A 2902 18.20 -88.28 78.96
N PRO A 2903 18.13 -87.90 80.25
CA PRO A 2903 18.29 -86.50 80.68
C PRO A 2903 19.71 -86.01 80.97
N LEU A 2904 20.44 -85.65 79.92
CA LEU A 2904 21.70 -84.92 80.12
C LEU A 2904 21.90 -83.81 79.10
N LEU A 2905 20.88 -83.43 78.33
CA LEU A 2905 20.96 -82.32 77.39
C LEU A 2905 20.00 -81.23 77.87
N VAL A 2906 20.53 -80.02 78.05
CA VAL A 2906 19.74 -78.94 78.63
C VAL A 2906 19.85 -77.71 77.74
N PRO A 2907 18.83 -76.84 77.70
CA PRO A 2907 18.92 -75.61 76.89
C PRO A 2907 19.99 -74.66 77.40
N TYR A 2908 20.99 -74.37 76.56
CA TYR A 2908 22.10 -73.52 76.96
C TYR A 2908 21.79 -72.04 76.88
N ASP A 2909 20.69 -71.65 76.21
CA ASP A 2909 20.33 -70.24 76.13
C ASP A 2909 19.81 -69.74 77.47
N THR A 2910 18.71 -70.32 77.95
CA THR A 2910 18.17 -70.01 79.26
C THR A 2910 17.82 -71.33 79.93
N LEU A 2911 18.32 -71.53 81.15
CA LEU A 2911 18.27 -72.84 81.78
C LEU A 2911 17.60 -72.76 83.14
N THR A 2912 16.86 -73.82 83.48
CA THR A 2912 16.32 -73.98 84.82
C THR A 2912 17.41 -74.46 85.78
N ALA A 2913 16.99 -74.81 87.00
CA ALA A 2913 17.90 -75.36 88.00
C ALA A 2913 18.05 -76.86 87.77
N LYS A 2914 18.71 -77.19 86.67
CA LYS A 2914 18.89 -78.58 86.26
C LYS A 2914 19.94 -79.26 87.13
N GLU A 2915 19.77 -80.57 87.31
CA GLU A 2915 20.61 -81.32 88.24
C GLU A 2915 22.01 -81.58 87.69
N LYS A 2916 22.12 -81.84 86.38
CA LYS A 2916 23.37 -82.23 85.71
C LYS A 2916 24.18 -83.25 86.52
N ALA A 2917 23.49 -84.19 87.17
CA ALA A 2917 24.08 -85.04 88.20
C ALA A 2917 24.63 -86.35 87.64
N ARG A 2918 25.16 -86.33 86.42
CA ARG A 2918 25.64 -87.56 85.80
C ARG A 2918 26.86 -88.14 86.52
N ASP A 2919 27.98 -87.40 86.52
CA ASP A 2919 29.25 -87.98 86.94
C ASP A 2919 30.15 -87.07 87.78
N ARG A 2920 29.68 -85.92 88.26
CA ARG A 2920 30.55 -84.99 88.95
C ARG A 2920 30.29 -84.84 90.45
N GLU A 2921 29.11 -85.24 90.93
CA GLU A 2921 28.87 -85.23 92.38
C GLU A 2921 29.74 -86.23 93.11
N LYS A 2922 30.17 -87.30 92.45
CA LYS A 2922 31.18 -88.18 93.01
C LYS A 2922 32.55 -87.51 92.99
N ALA A 2923 32.92 -86.87 91.87
CA ALA A 2923 34.27 -86.35 91.71
C ALA A 2923 34.54 -85.18 92.65
N GLN A 2924 33.51 -84.37 92.96
CA GLN A 2924 33.73 -83.27 93.90
C GLN A 2924 34.13 -83.77 95.28
N GLU A 2925 33.59 -84.92 95.70
CA GLU A 2925 34.08 -85.56 96.91
C GLU A 2925 35.41 -86.28 96.70
N LEU A 2926 35.60 -86.86 95.51
CA LEU A 2926 36.80 -87.64 95.24
C LEU A 2926 38.06 -86.77 95.24
N LEU A 2927 37.93 -85.50 94.88
CA LEU A 2927 39.09 -84.63 94.76
C LEU A 2927 39.83 -84.48 96.09
N LYS A 2928 39.08 -84.35 97.19
CA LYS A 2928 39.71 -84.08 98.49
C LYS A 2928 40.61 -85.23 98.93
N PHE A 2929 40.19 -86.47 98.68
CA PHE A 2929 40.80 -87.64 99.28
C PHE A 2929 42.02 -88.14 98.50
N LEU A 2930 42.66 -87.30 97.70
CA LEU A 2930 43.83 -87.69 96.91
C LEU A 2930 45.11 -87.27 97.64
N GLN A 2931 45.52 -88.12 98.58
CA GLN A 2931 46.77 -87.92 99.31
C GLN A 2931 47.72 -89.09 99.21
N MET A 2932 47.24 -90.27 98.82
CA MET A 2932 48.03 -91.49 98.84
C MET A 2932 48.67 -91.74 97.47
N ASN A 2933 49.28 -92.91 97.32
CA ASN A 2933 49.91 -93.38 96.09
C ASN A 2933 51.20 -92.64 95.79
N GLY A 2934 51.53 -91.63 96.59
CA GLY A 2934 52.74 -90.87 96.42
C GLY A 2934 52.68 -89.78 95.37
N TYR A 2935 51.62 -89.76 94.55
CA TYR A 2935 51.45 -88.77 93.50
C TYR A 2935 50.01 -88.27 93.52
N ALA A 2936 49.84 -86.95 93.49
CA ALA A 2936 48.52 -86.33 93.53
C ALA A 2936 48.45 -85.23 92.47
N VAL A 2937 47.24 -84.94 92.04
CA VAL A 2937 46.99 -83.93 91.01
C VAL A 2937 46.98 -82.57 91.70
N THR A 2938 48.11 -81.87 91.67
CA THR A 2938 48.23 -80.52 92.21
C THR A 2938 48.38 -79.57 91.02
N ARG A 2939 47.47 -78.61 90.91
CA ARG A 2939 47.45 -77.69 89.78
C ARG A 2939 48.64 -76.74 89.81
N UNK A 3088 36.83 -95.38 114.48
CA UNK A 3088 37.52 -95.94 115.63
C UNK A 3088 39.03 -95.78 115.48
N UNK A 3089 39.51 -94.56 115.73
CA UNK A 3089 40.93 -94.22 115.61
C UNK A 3089 41.46 -94.58 114.22
N UNK A 3090 40.66 -94.27 113.20
CA UNK A 3090 41.02 -94.59 111.82
C UNK A 3090 40.83 -93.38 110.91
N UNK A 3091 41.94 -92.92 110.31
CA UNK A 3091 41.91 -91.77 109.43
C UNK A 3091 42.95 -91.91 108.33
N UNK A 3092 43.16 -90.83 107.58
CA UNK A 3092 44.13 -90.84 106.48
C UNK A 3092 45.04 -89.62 106.55
N UNK A 3093 44.60 -88.60 107.29
CA UNK A 3093 45.37 -87.37 107.41
C UNK A 3093 46.50 -87.52 108.43
N UNK A 3094 46.52 -86.64 109.42
CA UNK A 3094 47.55 -86.66 110.46
C UNK A 3094 47.02 -87.33 111.72
N UNK A 3095 45.77 -87.76 111.68
CA UNK A 3095 45.15 -88.44 112.81
C UNK A 3095 45.57 -89.91 112.86
N UNK A 3096 45.83 -90.48 111.69
CA UNK A 3096 46.28 -91.87 111.60
C UNK A 3096 47.33 -92.03 110.50
N UNK A 3097 47.97 -93.19 110.48
CA UNK A 3097 49.01 -93.47 109.49
C UNK A 3097 48.42 -94.06 108.21
N UNK A 3098 48.05 -93.19 107.28
CA UNK A 3098 47.50 -93.61 105.99
C UNK A 3098 47.70 -92.52 104.95
N UNK A 3099 48.85 -91.86 105.00
CA UNK A 3099 49.18 -90.80 104.06
C UNK A 3099 49.55 -91.37 102.70
N UNK A 3100 49.95 -92.63 102.68
CA UNK A 3100 50.33 -93.31 101.44
C UNK A 3100 50.24 -94.82 101.61
N UNK A 3101 51.38 -95.47 101.65
CA UNK A 3101 51.45 -96.91 101.82
C UNK A 3101 52.82 -97.34 102.34
N UNK A 3102 52.86 -98.44 103.07
CA UNK A 3102 54.11 -98.94 103.64
C UNK A 3102 55.06 -99.43 102.55
N UNK A 3103 54.49 -99.95 101.47
CA UNK A 3103 55.28 -100.45 100.36
C UNK A 3103 54.85 -99.81 99.04
N UNK A 3104 54.94 -98.49 98.98
CA UNK A 3104 54.56 -97.75 97.78
C UNK A 3104 55.78 -97.37 96.96
N UNK A 3105 55.74 -96.20 96.35
CA UNK A 3105 56.84 -95.67 95.54
C UNK A 3105 57.20 -96.60 94.38
N UNK A 3106 57.96 -97.64 94.68
CA UNK A 3106 58.42 -98.58 93.65
C UNK A 3106 58.18 -100.03 94.05
N UNK A 3107 57.87 -100.25 95.32
CA UNK A 3107 57.66 -101.61 95.82
C UNK A 3107 56.40 -102.24 95.25
N UNK A 3108 55.31 -101.47 95.23
CA UNK A 3108 54.04 -101.95 94.71
C UNK A 3108 54.11 -102.17 93.21
N UNK A 3109 54.71 -101.22 92.51
CA UNK A 3109 54.81 -101.26 91.05
C UNK A 3109 55.68 -102.42 90.57
N UNK A 3110 56.46 -103.01 91.47
CA UNK A 3110 57.34 -104.12 91.13
C UNK A 3110 56.55 -105.40 90.91
N UNK A 3111 55.27 -105.39 91.27
CA UNK A 3111 54.41 -106.56 91.10
C UNK A 3111 53.97 -106.72 89.65
N UNK A 3112 54.12 -105.65 88.88
CA UNK A 3112 53.77 -105.69 87.46
C UNK A 3112 54.99 -105.37 86.60
N UNK A 3113 56.07 -104.95 87.24
CA UNK A 3113 57.31 -104.63 86.54
C UNK A 3113 58.29 -105.79 86.62
N UNK A 3114 58.72 -106.12 87.83
CA UNK A 3114 59.67 -107.21 88.04
C UNK A 3114 59.06 -108.55 87.66
N UNK A 3115 57.75 -108.68 87.84
CA UNK A 3115 57.04 -109.92 87.52
C UNK A 3115 57.00 -110.12 86.01
N UNK A 3116 56.71 -109.06 85.27
CA UNK A 3116 56.63 -109.12 83.83
C UNK A 3116 58.03 -109.14 83.21
N UNK A 3117 59.03 -108.72 83.98
CA UNK A 3117 60.40 -108.69 83.50
C UNK A 3117 60.99 -110.09 83.46
N UNK A 3118 60.67 -110.91 84.46
CA UNK A 3118 61.25 -112.25 84.61
C UNK A 3118 61.07 -113.12 83.36
N UNK A 3119 60.10 -112.78 82.53
CA UNK A 3119 59.86 -113.52 81.30
C UNK A 3119 60.17 -112.65 80.08
N UNK A 3120 60.76 -111.47 80.32
CA UNK A 3120 61.04 -110.54 79.22
C UNK A 3120 62.24 -109.65 79.51
N UNK A 3121 63.05 -110.01 80.51
CA UNK A 3121 64.26 -109.25 80.81
C UNK A 3121 65.45 -109.77 80.01
N UNK A 3122 65.32 -111.00 79.52
CA UNK A 3122 66.39 -111.61 78.74
C UNK A 3122 65.82 -112.60 77.73
N UNK A 3123 52.34 -117.33 78.74
CA UNK A 3123 52.91 -116.03 79.07
C UNK A 3123 51.87 -114.93 78.89
N UNK A 3124 52.09 -113.80 79.56
CA UNK A 3124 51.17 -112.67 79.48
C UNK A 3124 51.84 -111.48 78.81
N UNK A 3125 51.25 -111.03 77.70
CA UNK A 3125 51.79 -109.91 76.95
C UNK A 3125 50.73 -108.83 76.73
N UNK A 3126 49.50 -109.13 77.12
CA UNK A 3126 48.40 -108.18 76.97
C UNK A 3126 48.37 -107.20 78.14
N UNK A 3127 48.37 -107.73 79.35
CA UNK A 3127 48.36 -106.90 80.55
C UNK A 3127 49.77 -106.70 81.09
N UNK A 3128 50.77 -106.88 80.22
CA UNK A 3128 52.17 -106.73 80.60
C UNK A 3128 52.50 -105.25 80.80
N UNK A 3129 53.23 -104.95 81.87
CA UNK A 3129 53.61 -103.59 82.17
C UNK A 3129 55.09 -103.33 81.89
N UNK A 3130 55.36 -102.51 80.88
CA UNK A 3130 56.72 -102.17 80.51
C UNK A 3130 56.76 -100.79 79.88
N UNK A 3131 55.83 -100.54 78.96
CA UNK A 3131 55.72 -99.24 78.31
C UNK A 3131 54.80 -98.33 79.11
N UNK A 3132 55.30 -97.80 80.21
CA UNK A 3132 54.50 -96.94 81.08
C UNK A 3132 55.37 -95.91 81.80
N UNK A 3133 54.99 -94.65 81.69
CA UNK A 3133 55.72 -93.57 82.34
C UNK A 3133 54.84 -92.34 82.48
N UNK A 3134 53.58 -92.47 82.07
CA UNK A 3134 52.64 -91.36 82.11
C UNK A 3134 51.90 -91.31 83.45
N UNK A 3135 52.43 -92.04 84.44
CA UNK A 3135 51.84 -92.05 85.77
C UNK A 3135 52.05 -90.70 86.45
N UNK A 3136 53.19 -90.08 86.17
CA UNK A 3136 53.50 -88.76 86.72
C UNK A 3136 53.53 -87.71 85.62
N UNK A 3137 52.96 -86.55 85.89
CA UNK A 3137 52.96 -85.46 84.92
C UNK A 3137 54.34 -84.83 84.81
N UNK A 3138 54.61 -83.84 85.66
CA UNK A 3138 55.89 -83.16 85.68
C UNK A 3138 56.69 -83.52 86.92
N UNK A 3139 56.22 -83.04 88.07
CA UNK A 3139 56.87 -83.25 89.37
C UNK A 3139 58.26 -82.61 89.42
N UNK A 3140 58.81 -82.53 90.63
CA UNK A 3140 60.12 -81.89 90.82
C UNK A 3140 60.82 -82.38 92.08
N UNK A 3141 61.77 -81.58 92.56
CA UNK A 3141 62.56 -81.95 93.73
C UNK A 3141 61.98 -81.36 95.01
N UNK A 3142 60.65 -81.30 95.08
CA UNK A 3142 59.93 -80.76 96.22
C UNK A 3142 60.35 -79.31 96.52
N UNK A 3143 60.00 -78.84 97.72
CA UNK A 3143 60.33 -77.48 98.12
C UNK A 3143 60.33 -77.36 99.65
N UNK A 3144 61.49 -77.10 100.21
CA UNK A 3144 61.63 -76.97 101.66
C UNK A 3144 62.09 -75.57 102.05
N UNK A 3145 61.90 -74.61 101.15
CA UNK A 3145 62.31 -73.23 101.40
C UNK A 3145 61.12 -72.29 101.35
N UNK A 3146 60.26 -72.36 102.36
CA UNK A 3146 59.10 -71.49 102.46
C UNK A 3146 58.66 -71.36 103.92
N UNK A 3147 59.23 -70.37 104.60
CA UNK A 3147 58.95 -70.14 106.02
C UNK A 3147 59.22 -71.40 106.85
N UNK A 3148 58.24 -71.79 107.65
CA UNK A 3148 58.36 -73.00 108.46
C UNK A 3148 57.56 -74.14 107.84
N UNK A 3149 56.76 -73.81 106.83
CA UNK A 3149 55.91 -74.79 106.17
C UNK A 3149 56.65 -75.49 105.04
N UNK A 3150 55.88 -75.94 104.05
CA UNK A 3150 56.40 -76.60 102.84
C UNK A 3150 57.14 -77.91 103.14
N UNK A 3151 57.19 -78.31 104.40
CA UNK A 3151 57.86 -79.55 104.79
C UNK A 3151 56.85 -80.65 105.06
N UNK A 3152 56.80 -81.63 104.18
CA UNK A 3152 55.88 -82.76 104.31
C UNK A 3152 56.60 -83.99 104.84
N UNK A 3153 56.57 -84.18 106.16
CA UNK A 3153 57.21 -85.33 106.78
C UNK A 3153 56.23 -86.47 106.96
N UNK A 3154 54.96 -86.13 107.12
CA UNK A 3154 53.92 -87.12 107.30
C UNK A 3154 53.42 -87.64 105.95
N UNK A 3155 53.20 -86.72 105.02
CA UNK A 3155 52.71 -87.09 103.69
C UNK A 3155 53.79 -87.78 102.87
N UNK A 3156 54.91 -87.07 102.66
CA UNK A 3156 56.01 -87.60 101.87
C UNK A 3156 56.94 -88.46 102.72
N UNK A 3157 56.43 -89.61 103.16
CA UNK A 3157 57.24 -90.53 103.95
C UNK A 3157 58.32 -91.16 103.08
N UNK A 3158 58.00 -91.37 101.81
CA UNK A 3158 58.94 -91.96 100.86
C UNK A 3158 58.58 -91.56 99.44
N UNK A 3159 58.36 -90.27 99.24
CA UNK A 3159 57.98 -89.74 97.92
C UNK A 3159 59.12 -89.90 96.93
N UNK A 3160 60.34 -89.66 97.38
CA UNK A 3160 61.51 -89.79 96.53
C UNK A 3160 62.59 -90.62 97.21
N UNK A 3161 62.28 -91.11 98.41
CA UNK A 3161 63.22 -91.93 99.16
C UNK A 3161 63.42 -93.28 98.48
N UNK A 3162 62.33 -93.85 97.95
CA UNK A 3162 62.40 -95.11 97.25
C UNK A 3162 62.18 -94.91 95.76
N UNK A 3163 63.28 -94.78 95.01
CA UNK A 3163 63.20 -94.58 93.58
C UNK A 3163 62.89 -95.89 92.86
N UNK A 3164 62.61 -95.79 91.56
CA UNK A 3164 62.31 -96.96 90.75
C UNK A 3164 63.57 -97.46 90.05
N UNK A 3165 64.69 -97.43 90.76
CA UNK A 3165 65.97 -97.83 90.19
C UNK A 3165 66.09 -99.35 90.10
N UNK A 3166 65.10 -100.06 90.65
CA UNK A 3166 65.08 -101.51 90.61
C UNK A 3166 64.78 -102.01 89.20
N UNK A 3167 64.19 -101.14 88.38
CA UNK A 3167 63.85 -101.50 87.01
C UNK A 3167 64.36 -100.44 86.04
N UNK A 3168 65.08 -99.45 86.56
CA UNK A 3168 65.62 -98.39 85.73
C UNK A 3168 67.15 -98.44 85.71
N UNK A 3169 67.76 -98.41 86.89
CA UNK A 3169 69.21 -98.45 86.99
C UNK A 3169 69.76 -99.80 86.56
N UNK A 3170 68.98 -100.85 86.82
CA UNK A 3170 69.38 -102.21 86.44
C UNK A 3170 69.19 -102.42 84.95
N UNK A 3171 67.98 -102.18 84.46
CA UNK A 3171 67.67 -102.33 83.04
C UNK A 3171 68.39 -101.27 82.23
N UNK A 3172 69.41 -101.70 81.47
CA UNK A 3172 70.20 -100.79 80.65
C UNK A 3172 69.35 -100.19 79.52
N UNK A 3173 68.68 -101.05 78.77
CA UNK A 3173 67.85 -100.61 77.67
C UNK A 3173 66.71 -101.61 77.41
N UNK A 3174 66.00 -101.97 78.47
CA UNK A 3174 64.88 -102.91 78.37
C UNK A 3174 63.56 -102.22 78.66
N UNK A 3175 63.42 -100.97 78.22
CA UNK A 3175 62.20 -100.21 78.44
C UNK A 3175 61.88 -99.34 77.24
N UNK A 3176 60.89 -98.46 77.40
CA UNK A 3176 60.48 -97.56 76.33
C UNK A 3176 61.56 -96.51 76.07
N UNK A 3177 61.98 -96.38 74.82
CA UNK A 3177 63.04 -95.45 74.46
C UNK A 3177 62.48 -94.09 74.06
N UNK A 3178 61.22 -93.85 74.39
CA UNK A 3178 60.57 -92.57 74.09
C UNK A 3178 61.17 -91.46 74.95
N UNK A 3179 61.37 -91.77 76.23
CA UNK A 3179 61.96 -90.81 77.16
C UNK A 3179 62.48 -91.53 78.40
N UNK A 3180 62.92 -90.76 79.38
CA UNK A 3180 63.43 -91.32 80.62
C UNK A 3180 62.30 -91.98 81.40
N UNK A 3181 62.56 -93.19 81.90
CA UNK A 3181 61.56 -93.94 82.65
C UNK A 3181 61.37 -93.32 84.03
N UNK A 3182 62.35 -92.53 84.46
CA UNK A 3182 62.28 -91.85 85.75
C UNK A 3182 61.57 -90.51 85.62
N UNK A 3183 61.00 -90.26 84.45
CA UNK A 3183 60.31 -89.01 84.15
C UNK A 3183 61.23 -87.81 84.39
N UNK A 3184 60.82 -86.93 85.29
CA UNK A 3184 61.62 -85.76 85.63
C UNK A 3184 62.58 -86.09 86.77
N UNK A 3185 63.60 -85.26 86.93
CA UNK A 3185 64.60 -85.47 87.98
C UNK A 3185 64.04 -85.08 89.35
N UNK A 3186 64.56 -85.72 90.38
CA UNK A 3186 64.17 -85.42 91.76
C UNK A 3186 65.41 -85.17 92.61
N UNK A 3187 65.52 -85.89 93.72
CA UNK A 3187 66.65 -85.79 94.64
C UNK A 3187 66.85 -84.35 95.12
N UNK A 3188 68.03 -84.08 95.67
CA UNK A 3188 68.39 -82.74 96.17
C UNK A 3188 67.35 -82.21 97.16
N UNK A 3189 67.53 -82.54 98.43
CA UNK A 3189 66.58 -82.14 99.47
C UNK A 3189 66.51 -80.63 99.63
N UNK A 3190 67.32 -80.10 100.54
CA UNK A 3190 67.39 -78.65 100.75
C UNK A 3190 68.43 -78.06 99.81
N UNK A 3191 68.16 -78.14 98.52
CA UNK A 3191 69.10 -77.69 97.50
C UNK A 3191 68.39 -77.33 96.21
N UNK A 3192 68.58 -81.32 103.43
CA UNK A 3192 67.90 -81.94 104.56
C UNK A 3192 66.50 -82.40 104.16
N UNK A 3193 66.31 -83.72 104.13
CA UNK A 3193 65.01 -84.29 103.77
C UNK A 3193 63.96 -84.01 104.83
N UNK A 3194 64.36 -84.18 106.09
CA UNK A 3194 63.46 -83.92 107.21
C UNK A 3194 64.26 -83.67 108.49
N UNK A 3195 64.08 -84.53 109.48
CA UNK A 3195 64.79 -84.43 110.75
C UNK A 3195 64.83 -85.79 111.42
N UNK A 3196 63.91 -86.66 111.04
CA UNK A 3196 63.84 -88.01 111.58
C UNK A 3196 63.03 -88.90 110.64
N UNK A 3197 63.67 -89.96 110.13
CA UNK A 3197 63.00 -90.87 109.21
C UNK A 3197 63.42 -92.32 109.45
N UNK A 3198 62.56 -93.25 109.04
CA UNK A 3198 62.84 -94.67 109.19
C UNK A 3198 63.34 -95.26 107.88
N UNK A 3199 64.51 -95.90 107.93
CA UNK A 3199 65.14 -96.50 106.75
C UNK A 3199 65.36 -95.46 105.65
N UNK A 3200 65.90 -94.31 106.02
CA UNK A 3200 66.15 -93.24 105.08
C UNK A 3200 67.51 -93.41 104.40
N UNK A 3201 68.29 -94.37 104.88
CA UNK A 3201 69.61 -94.64 104.32
C UNK A 3201 69.55 -95.76 103.28
N UNK A 3202 68.38 -95.94 102.69
CA UNK A 3202 68.16 -96.99 101.71
C UNK A 3202 68.95 -96.70 100.43
N UNK A 3203 69.17 -95.43 100.15
CA UNK A 3203 69.93 -95.03 98.97
C UNK A 3203 71.24 -94.36 99.38
N UNK A 3204 71.64 -94.58 100.62
CA UNK A 3204 72.88 -94.00 101.13
C UNK A 3204 74.09 -94.70 100.54
N UNK A 3205 73.97 -96.01 100.35
CA UNK A 3205 75.07 -96.81 99.80
C UNK A 3205 74.64 -97.50 98.51
N UNK A 3206 73.34 -97.78 98.39
CA UNK A 3206 72.82 -98.46 97.20
C UNK A 3206 72.89 -97.54 95.98
N UNK A 3207 72.55 -96.27 96.18
CA UNK A 3207 72.60 -95.30 95.09
C UNK A 3207 74.03 -94.80 94.89
N UNK A 3208 74.85 -94.93 95.94
CA UNK A 3208 76.24 -94.51 95.88
C UNK A 3208 77.08 -95.53 95.10
N UNK A 3209 76.85 -96.80 95.38
CA UNK A 3209 77.59 -97.87 94.72
C UNK A 3209 77.13 -98.04 93.28
N UNK A 3210 75.91 -97.60 92.99
CA UNK A 3210 75.38 -97.67 91.64
C UNK A 3210 76.08 -96.64 90.74
N UNK A 3211 76.60 -95.60 91.36
CA UNK A 3211 77.30 -94.55 90.64
C UNK A 3211 78.73 -94.96 90.31
N UNK A 3212 79.30 -95.82 91.16
CA UNK A 3212 80.67 -96.28 90.98
C UNK A 3212 80.74 -97.45 90.01
N UNK A 3213 79.58 -97.93 89.58
CA UNK A 3213 79.50 -99.05 88.65
C UNK A 3213 80.07 -98.68 87.29
N UNK A 3214 79.51 -97.65 86.67
CA UNK A 3214 79.98 -97.17 85.38
C UNK A 3214 81.23 -96.31 85.54
N UNK A 3215 81.45 -95.83 86.75
CA UNK A 3215 82.61 -95.00 87.05
C UNK A 3215 83.89 -95.83 87.07
N UNK A 3216 83.75 -97.12 87.34
CA UNK A 3216 84.88 -98.04 87.37
C UNK A 3216 85.38 -98.33 85.95
N UNK A 3217 84.45 -98.40 85.02
CA UNK A 3217 84.79 -98.69 83.63
C UNK A 3217 84.36 -97.55 82.71
N UNK A 3218 85.31 -96.70 82.35
CA UNK A 3218 85.04 -95.57 81.47
C UNK A 3218 86.29 -95.19 80.68
N UNK A 3219 87.46 -95.45 81.27
CA UNK A 3219 88.73 -95.14 80.63
C UNK A 3219 88.96 -96.06 79.43
N UNK A 3220 89.56 -97.21 79.68
CA UNK A 3220 89.82 -98.19 78.63
C UNK A 3220 88.53 -98.87 78.21
N UNK A 3221 87.55 -98.88 79.12
CA UNK A 3221 86.25 -99.48 78.85
C UNK A 3221 85.12 -98.63 79.41
N UNK A 3222 73.02 -104.92 78.20
CA UNK A 3222 74.47 -104.81 78.07
C UNK A 3222 74.99 -103.56 78.78
N UNK A 3223 75.55 -102.64 78.00
CA UNK A 3223 76.09 -101.40 78.57
C UNK A 3223 75.66 -100.20 77.73
N UNK A 3224 74.57 -99.57 78.14
CA UNK A 3224 74.05 -98.41 77.43
C UNK A 3224 73.36 -97.45 78.40
N UNK A 3225 73.29 -97.85 79.66
CA UNK A 3225 72.63 -97.05 80.70
C UNK A 3225 73.53 -95.92 81.18
N UNK A 3226 74.79 -95.93 80.72
CA UNK A 3226 75.74 -94.92 81.10
C UNK A 3226 75.85 -93.83 80.04
N UNK A 3227 75.08 -93.98 78.96
CA UNK A 3227 75.14 -93.03 77.86
C UNK A 3227 73.84 -92.25 77.73
N UNK A 3228 72.84 -92.61 78.54
CA UNK A 3228 71.55 -91.94 78.49
C UNK A 3228 70.95 -91.76 79.88
N UNK A 3229 71.01 -92.81 80.68
CA UNK A 3229 70.43 -92.78 82.03
C UNK A 3229 71.43 -92.24 83.04
N UNK A 3230 72.67 -92.00 82.61
CA UNK A 3230 73.71 -91.51 83.48
C UNK A 3230 73.54 -90.01 83.74
N UNK A 3231 72.76 -89.35 82.90
CA UNK A 3231 72.54 -87.91 83.02
C UNK A 3231 71.44 -87.63 84.05
N UNK A 3232 70.81 -88.68 84.56
CA UNK A 3232 69.76 -88.54 85.55
C UNK A 3232 70.33 -88.01 86.87
N UNK A 3233 71.51 -88.51 87.23
CA UNK A 3233 72.19 -88.06 88.44
C UNK A 3233 72.77 -86.67 88.20
N UNK A 3234 73.08 -86.37 86.95
CA UNK A 3234 73.61 -85.06 86.59
C UNK A 3234 72.56 -83.99 86.80
N UNK A 3235 71.30 -84.35 86.54
CA UNK A 3235 70.18 -83.43 86.75
C UNK A 3235 69.90 -83.30 88.25
N UNK A 3236 70.26 -84.33 89.01
CA UNK A 3236 70.12 -84.28 90.46
C UNK A 3236 71.22 -83.43 91.05
N UNK A 3237 72.36 -83.38 90.35
CA UNK A 3237 73.50 -82.57 90.77
C UNK A 3237 73.29 -81.12 90.34
N UNK A 3238 72.55 -80.93 89.25
CA UNK A 3238 72.23 -79.59 88.77
C UNK A 3238 71.14 -78.96 89.63
N UNK A 3239 70.38 -79.83 90.32
CA UNK A 3239 69.33 -79.37 91.20
C UNK A 3239 69.87 -79.15 92.61
N UNK A 3240 71.18 -79.32 92.77
CA UNK A 3240 71.82 -79.18 94.06
C UNK A 3240 72.45 -77.80 94.21
N UNK A 3241 72.28 -77.22 95.40
CA UNK A 3241 72.84 -75.91 95.70
C UNK A 3241 72.87 -75.68 97.22
N UNK A 3242 72.62 -74.44 97.63
CA UNK A 3242 72.50 -74.05 99.04
C UNK A 3242 73.78 -74.23 99.87
N UNK A 3243 74.72 -75.06 99.39
CA UNK A 3243 75.99 -75.31 100.07
C UNK A 3243 75.77 -75.78 101.51
N UNK A 3244 74.91 -76.78 101.68
CA UNK A 3244 74.62 -77.32 103.00
C UNK A 3244 74.62 -78.85 102.97
N UNK A 3245 75.05 -79.45 104.08
CA UNK A 3245 75.10 -80.90 104.18
C UNK A 3245 73.71 -81.50 104.27
N UNK A 3246 73.49 -82.60 103.54
CA UNK A 3246 72.20 -83.26 103.54
C UNK A 3246 71.96 -84.00 104.85
N UNK A 3247 70.69 -84.21 105.20
CA UNK A 3247 70.34 -84.92 106.42
C UNK A 3247 70.65 -86.41 106.28
N UNK A 3248 70.37 -86.95 105.09
CA UNK A 3248 70.61 -88.37 104.83
C UNK A 3248 72.09 -88.62 104.59
N UNK A 3249 72.75 -89.19 105.60
CA UNK A 3249 74.19 -89.49 105.55
C UNK A 3249 75.03 -88.25 105.23
N UNK A 3250 75.15 -87.36 106.21
CA UNK A 3250 75.93 -86.14 106.04
C UNK A 3250 77.42 -86.46 105.95
N UNK A 3251 77.97 -86.97 107.04
CA UNK A 3251 79.37 -87.37 107.07
C UNK A 3251 79.49 -88.88 107.13
N UNK A 3252 78.66 -89.57 106.35
CA UNK A 3252 78.63 -91.03 106.35
C UNK A 3252 79.06 -91.59 105.00
N UNK A 3253 78.29 -92.54 104.49
CA UNK A 3253 78.61 -93.22 103.24
C UNK A 3253 78.53 -92.27 102.05
N UNK A 3254 77.62 -91.30 102.12
CA UNK A 3254 77.46 -90.33 101.05
C UNK A 3254 78.68 -89.43 100.96
N UNK A 3255 79.38 -89.25 102.07
CA UNK A 3255 80.59 -88.45 102.10
C UNK A 3255 81.73 -89.20 101.42
N UNK A 3256 81.63 -90.53 101.40
CA UNK A 3256 82.64 -91.38 100.79
C UNK A 3256 82.24 -91.80 99.38
N UNK A 3257 81.27 -91.10 98.82
CA UNK A 3257 80.79 -91.40 97.47
C UNK A 3257 81.66 -90.71 96.42
N UNK A 3258 82.64 -89.95 96.88
CA UNK A 3258 83.53 -89.23 96.00
C UNK A 3258 84.78 -90.05 95.67
N UNK A 3259 84.71 -91.35 95.93
CA UNK A 3259 85.84 -92.25 95.68
C UNK A 3259 85.99 -92.53 94.20
N UNK A 3260 84.87 -92.52 93.47
CA UNK A 3260 84.90 -92.76 92.03
C UNK A 3260 84.18 -91.64 91.29
N UNK A 3261 83.26 -90.97 91.99
CA UNK A 3261 82.52 -89.86 91.39
C UNK A 3261 83.42 -88.66 91.17
N UNK A 3262 83.84 -88.02 92.26
CA UNK A 3262 84.73 -86.86 92.17
C UNK A 3262 86.07 -87.28 91.59
N UNK A 3263 86.53 -88.47 91.95
CA UNK A 3263 87.75 -89.03 91.39
C UNK A 3263 87.44 -89.63 90.02
N UNK A 3264 87.24 -88.76 89.04
CA UNK A 3264 86.88 -89.20 87.69
C UNK A 3264 88.01 -89.97 87.03
N UNK A 3265 87.67 -90.77 86.02
CA UNK A 3265 88.66 -91.56 85.29
C UNK A 3265 89.61 -90.65 84.52
N UNK A 3266 89.07 -89.59 83.94
CA UNK A 3266 89.87 -88.63 83.19
C UNK A 3266 90.26 -87.46 84.08
N UNK A 3267 91.52 -87.44 84.49
CA UNK A 3267 92.02 -86.38 85.37
C UNK A 3267 92.58 -85.21 84.56
N UNK A 3268 92.12 -85.08 83.32
CA UNK A 3268 92.58 -84.00 82.45
C UNK A 3268 91.70 -82.77 82.63
N UNK A 3269 90.73 -82.88 83.54
CA UNK A 3269 89.79 -81.80 83.84
C UNK A 3269 89.05 -81.32 82.59
N UNK A 3270 88.77 -82.26 81.68
CA UNK A 3270 88.09 -81.93 80.44
C UNK A 3270 87.46 -83.18 79.84
N UNK A 3271 86.17 -83.12 79.54
CA UNK A 3271 85.44 -84.25 78.98
C UNK A 3271 84.20 -83.78 78.23
N UNK A 3272 83.75 -84.58 77.27
CA UNK A 3272 82.55 -84.26 76.50
C UNK A 3272 81.31 -84.45 77.35
N UNK A 3273 80.52 -83.38 77.47
CA UNK A 3273 79.28 -83.38 78.26
C UNK A 3273 79.56 -83.83 79.70
N UNK A 3274 80.64 -83.31 80.27
CA UNK A 3274 81.03 -83.67 81.63
C UNK A 3274 80.03 -83.14 82.66
N UNK A 3275 79.64 -84.00 83.59
CA UNK A 3275 78.72 -83.61 84.64
C UNK A 3275 79.49 -83.24 85.91
N UNK A 3276 80.80 -83.11 85.78
CA UNK A 3276 81.65 -82.75 86.90
C UNK A 3276 81.39 -81.32 87.35
N UNK A 3277 80.95 -80.48 86.41
CA UNK A 3277 80.61 -79.09 86.70
C UNK A 3277 79.39 -79.04 87.61
N UNK A 3278 78.37 -79.82 87.28
CA UNK A 3278 77.15 -79.87 88.08
C UNK A 3278 77.40 -80.62 89.39
N UNK A 3279 78.38 -81.52 89.38
CA UNK A 3279 78.71 -82.30 90.56
C UNK A 3279 79.34 -81.41 91.63
N UNK A 3280 80.07 -80.39 91.20
CA UNK A 3280 80.74 -79.47 92.12
C UNK A 3280 79.77 -78.38 92.58
N UNK A 3281 78.67 -78.80 93.20
CA UNK A 3281 77.66 -77.87 93.68
C UNK A 3281 77.83 -77.58 95.17
N UNK A 3282 79.07 -77.30 95.58
CA UNK A 3282 79.42 -77.01 96.96
C UNK A 3282 78.93 -78.11 97.90
N UNK A 3283 79.59 -79.26 97.84
CA UNK A 3283 79.21 -80.40 98.67
C UNK A 3283 80.03 -80.47 99.94
N UNK A 3284 79.37 -80.28 101.08
CA UNK A 3284 80.04 -80.36 102.38
C UNK A 3284 80.05 -81.80 102.87
N UNK A 3285 81.24 -82.41 102.89
CA UNK A 3285 81.37 -83.80 103.31
C UNK A 3285 82.73 -84.04 103.97
N UNK A 3286 83.14 -85.31 104.00
CA UNK A 3286 84.41 -85.69 104.59
C UNK A 3286 85.51 -85.72 103.53
N UNK A 3287 85.11 -85.93 102.28
CA UNK A 3287 86.05 -85.98 101.16
C UNK A 3287 86.60 -84.60 100.85
N UNK A 3288 85.71 -83.65 100.61
CA UNK A 3288 86.11 -82.28 100.31
C UNK A 3288 85.41 -81.29 101.24
N UNK A 3289 92.83 -89.15 93.52
CA UNK A 3289 93.82 -88.87 94.56
C UNK A 3289 93.20 -89.00 95.95
N UNK A 3290 94.01 -89.39 96.93
CA UNK A 3290 93.55 -89.54 98.30
C UNK A 3290 94.56 -88.93 99.26
N UNK A 3291 94.38 -87.64 99.58
CA UNK A 3291 95.29 -86.93 100.46
C UNK A 3291 94.62 -86.60 101.79
N UNK A 3292 93.45 -85.98 101.71
CA UNK A 3292 92.73 -85.57 102.91
C UNK A 3292 92.16 -86.78 103.65
N UNK A 3293 91.52 -87.68 102.90
CA UNK A 3293 90.92 -88.87 103.48
C UNK A 3293 91.90 -90.05 103.44
N UNK A 3294 92.26 -90.55 104.62
CA UNK A 3294 93.17 -91.66 104.73
C UNK A 3294 92.63 -92.70 105.72
N UNK A 3295 91.45 -92.43 106.25
CA UNK A 3295 90.81 -93.34 107.20
C UNK A 3295 89.44 -93.78 106.71
N UNK A 3296 89.25 -95.08 106.58
CA UNK A 3296 87.98 -95.63 106.12
C UNK A 3296 87.12 -96.07 107.30
N UNK A 3297 87.23 -97.36 107.65
CA UNK A 3297 86.46 -97.90 108.77
C UNK A 3297 87.30 -97.89 110.05
N UNK A 3298 88.37 -97.11 110.05
CA UNK A 3298 89.26 -97.02 111.20
C UNK A 3298 88.89 -95.82 112.08
N UNK A 3299 88.55 -94.71 111.43
CA UNK A 3299 88.19 -93.50 112.14
C UNK A 3299 86.90 -93.69 112.95
N UNK A 3300 86.99 -93.46 114.25
CA UNK A 3300 85.85 -93.63 115.16
C UNK A 3300 85.26 -95.03 115.05
N UNK A 3301 84.11 -95.12 114.38
CA UNK A 3301 83.45 -96.41 114.18
C UNK A 3301 83.64 -96.88 112.74
N UNK A 3302 83.38 -95.99 111.79
CA UNK A 3302 83.53 -96.31 110.38
C UNK A 3302 83.70 -95.04 109.55
N UNK A 3303 87.33 -87.77 109.04
CA UNK A 3303 86.66 -87.85 110.34
C UNK A 3303 85.43 -86.94 110.37
N UNK A 3304 85.05 -86.52 111.57
CA UNK A 3304 83.89 -85.66 111.74
C UNK A 3304 84.30 -84.24 112.10
N UNK A 3305 84.46 -83.39 111.09
CA UNK A 3305 84.86 -82.01 111.30
C UNK A 3305 84.34 -81.11 110.19
N UNK A 3306 84.27 -79.81 110.47
CA UNK A 3306 83.80 -78.84 109.48
C UNK A 3306 84.97 -78.09 108.86
N UNK A 3307 86.14 -78.75 108.84
CA UNK A 3307 87.36 -78.19 108.28
C UNK A 3307 87.73 -76.87 108.94
N UNK A 3308 87.61 -76.82 110.27
CA UNK A 3308 87.96 -75.63 111.03
C UNK A 3308 89.47 -75.48 111.14
N UNK A 3309 90.14 -76.56 111.51
CA UNK A 3309 91.59 -76.57 111.62
C UNK A 3309 92.20 -77.36 110.46
N UNK A 3310 91.33 -77.98 109.67
CA UNK A 3310 91.77 -78.75 108.52
C UNK A 3310 91.36 -78.06 107.22
N UNK A 3311 91.50 -76.74 107.20
CA UNK A 3311 91.13 -75.95 106.03
C UNK A 3311 92.07 -76.23 104.86
N UNK A 3312 93.29 -76.66 105.17
CA UNK A 3312 94.27 -77.00 104.15
C UNK A 3312 93.91 -78.32 103.48
N UNK A 3313 93.18 -79.17 104.21
CA UNK A 3313 92.78 -80.48 103.69
C UNK A 3313 91.61 -80.34 102.72
N UNK A 3314 90.73 -79.38 102.99
CA UNK A 3314 89.58 -79.14 102.12
C UNK A 3314 89.97 -78.33 100.89
N UNK A 3315 91.01 -77.51 101.04
CA UNK A 3315 91.50 -76.68 99.95
C UNK A 3315 92.79 -77.25 99.38
N UNK A 3316 92.95 -78.56 99.48
CA UNK A 3316 94.13 -79.24 98.96
C UNK A 3316 94.00 -79.53 97.48
N UNK A 3317 92.75 -79.53 96.99
CA UNK A 3317 92.47 -79.82 95.59
C UNK A 3317 92.17 -78.53 94.83
N UNK A 3318 92.14 -77.41 95.54
CA UNK A 3318 91.88 -76.11 94.92
C UNK A 3318 93.17 -75.37 94.65
N UNK A 3319 94.21 -75.70 95.42
CA UNK A 3319 95.50 -75.05 95.29
C UNK A 3319 96.33 -75.71 94.20
N UNK A 3320 95.80 -76.77 93.60
CA UNK A 3320 96.50 -77.51 92.56
C UNK A 3320 96.55 -76.71 91.26
N UNK A 3321 95.43 -76.08 90.91
CA UNK A 3321 95.34 -75.30 89.68
C UNK A 3321 95.39 -73.81 89.97
N UNK A 3322 96.40 -73.39 90.72
CA UNK A 3322 96.56 -71.97 91.07
C UNK A 3322 97.00 -71.17 89.85
N UNK A 3323 97.76 -71.81 88.96
CA UNK A 3323 98.25 -71.15 87.75
C UNK A 3323 97.91 -71.98 86.52
N UNK A 3324 97.25 -71.34 85.55
CA UNK A 3324 96.85 -72.03 84.32
C UNK A 3324 97.69 -71.55 83.14
N UNK A 3325 97.76 -72.39 82.10
CA UNK A 3325 98.54 -72.08 80.91
C UNK A 3325 97.82 -71.03 80.06
N UNK A 3326 98.61 -70.25 79.32
CA UNK A 3326 98.07 -69.22 78.45
C UNK A 3326 98.48 -69.45 77.01
N UNK A 3327 98.50 -70.72 76.60
CA UNK A 3327 98.89 -71.09 75.24
C UNK A 3327 97.85 -70.64 74.23
N UNK A 3328 98.29 -70.46 72.99
CA UNK A 3328 97.40 -70.00 71.92
C UNK A 3328 96.70 -71.18 71.24
N UNK A 3329 97.13 -72.39 71.59
CA UNK A 3329 96.56 -73.59 71.00
C UNK A 3329 95.18 -73.89 71.58
N UNK A 3330 94.20 -74.07 70.70
CA UNK A 3330 92.84 -74.39 71.11
C UNK A 3330 92.58 -75.88 70.97
N UNK A 3331 93.58 -76.60 70.44
CA UNK A 3331 93.46 -78.04 70.24
C UNK A 3331 93.88 -78.80 71.49
N UNK A 3332 94.17 -78.07 72.56
CA UNK A 3332 94.55 -78.67 73.83
C UNK A 3332 93.36 -79.42 74.42
N UNK A 3333 93.62 -80.58 75.01
CA UNK A 3333 92.57 -81.40 75.61
C UNK A 3333 91.87 -80.63 76.73
N UNK A 3334 92.65 -80.00 77.59
CA UNK A 3334 92.10 -79.22 78.69
C UNK A 3334 91.71 -77.82 78.23
N UNK A 3335 90.67 -77.75 77.41
CA UNK A 3335 90.15 -76.46 76.95
C UNK A 3335 89.45 -75.74 78.09
N UNK A 3336 88.82 -76.52 78.97
CA UNK A 3336 88.13 -75.99 80.13
C UNK A 3336 88.55 -76.74 81.39
N UNK A 3337 89.76 -76.46 81.87
CA UNK A 3337 90.30 -77.13 83.04
C UNK A 3337 89.50 -76.80 84.30
N UNK A 3338 88.81 -75.67 84.28
CA UNK A 3338 88.01 -75.25 85.41
C UNK A 3338 86.53 -75.57 85.18
N UNK A 3339 86.00 -75.14 84.05
CA UNK A 3339 84.59 -75.29 83.73
C UNK A 3339 84.16 -76.75 83.63
N UNK A 3340 84.99 -77.58 83.00
CA UNK A 3340 84.67 -78.99 82.81
C UNK A 3340 85.03 -79.81 84.04
N UNK A 3341 85.51 -79.14 85.08
CA UNK A 3341 85.84 -79.80 86.33
C UNK A 3341 84.98 -79.25 87.47
N UNK A 3342 84.94 -77.93 87.59
CA UNK A 3342 84.15 -77.27 88.62
C UNK A 3342 83.48 -76.02 88.07
N UNK A 3343 82.16 -76.06 87.98
CA UNK A 3343 81.39 -74.94 87.43
C UNK A 3343 81.60 -73.67 88.25
N UNK A 3344 81.81 -73.84 89.55
CA UNK A 3344 82.01 -72.70 90.44
C UNK A 3344 83.18 -72.94 91.38
N UNK A 3345 84.35 -72.44 91.00
CA UNK A 3345 85.55 -72.58 91.82
C UNK A 3345 85.66 -71.40 92.78
N UNK A 3346 84.93 -70.33 92.49
CA UNK A 3346 84.93 -69.13 93.32
C UNK A 3346 83.76 -69.16 94.30
N UNK A 3347 82.68 -69.81 93.91
CA UNK A 3347 81.50 -69.92 94.76
C UNK A 3347 81.63 -71.10 95.72
N UNK A 3348 82.77 -71.79 95.65
CA UNK A 3348 83.05 -72.89 96.56
C UNK A 3348 83.35 -72.34 97.96
N UNK A 3349 83.73 -71.07 98.01
CA UNK A 3349 83.99 -70.38 99.27
C UNK A 3349 83.16 -69.11 99.35
N UNK A 3350 82.17 -69.11 100.24
CA UNK A 3350 81.28 -67.97 100.38
C UNK A 3350 81.38 -67.36 101.78
N UNK A 3351 81.73 -66.08 101.84
CA UNK A 3351 81.84 -65.36 103.10
C UNK A 3351 81.75 -63.86 102.87
N UNK A 3352 81.49 -63.12 103.94
CA UNK A 3352 81.39 -61.67 103.85
C UNK A 3352 82.73 -61.04 103.48
N UNK A 3353 83.64 -61.01 104.46
CA UNK A 3353 84.97 -60.44 104.24
C UNK A 3353 85.93 -61.52 103.76
N UNK A 3354 87.23 -61.28 103.95
CA UNK A 3354 88.25 -62.24 103.56
C UNK A 3354 88.49 -63.25 104.68
N UNK A 3355 87.46 -64.01 105.02
CA UNK A 3355 87.56 -65.01 106.08
C UNK A 3355 88.32 -66.24 105.60
N UNK A 3356 87.88 -66.80 104.49
CA UNK A 3356 88.56 -67.95 103.91
C UNK A 3356 89.01 -67.63 102.49
N UNK A 3357 88.15 -66.96 101.73
CA UNK A 3357 88.47 -66.57 100.36
C UNK A 3357 87.55 -65.44 99.91
N UNK A 3358 88.15 -64.36 99.42
CA UNK A 3358 87.38 -63.21 98.95
C UNK A 3358 88.19 -62.38 97.96
N UNK A 3359 88.43 -61.11 98.31
CA UNK A 3359 89.17 -60.20 97.44
C UNK A 3359 90.64 -60.59 97.39
N UNK A 3360 91.19 -61.01 98.53
CA UNK A 3360 92.59 -61.41 98.60
C UNK A 3360 92.81 -62.73 97.87
N UNK A 3361 91.77 -63.56 97.83
CA UNK A 3361 91.83 -64.85 97.14
C UNK A 3361 91.06 -64.80 95.84
N UNK A 3362 90.89 -63.59 95.30
CA UNK A 3362 90.18 -63.40 94.04
C UNK A 3362 91.08 -63.70 92.85
N UNK A 3363 91.52 -64.95 92.75
CA UNK A 3363 92.37 -65.37 91.65
C UNK A 3363 91.54 -65.64 90.40
N UNK A 3364 90.22 -65.54 90.56
CA UNK A 3364 89.30 -65.75 89.44
C UNK A 3364 89.33 -64.56 88.49
N UNK A 3365 89.91 -63.45 88.96
CA UNK A 3365 90.05 -62.25 88.13
C UNK A 3365 90.94 -62.55 86.93
N UNK A 3366 92.01 -63.29 87.17
CA UNK A 3366 92.91 -63.70 86.10
C UNK A 3366 92.24 -64.77 85.25
N UNK A 3367 91.37 -65.55 85.88
CA UNK A 3367 90.63 -66.60 85.19
C UNK A 3367 89.60 -65.97 84.25
N UNK A 3368 89.17 -64.77 84.58
CA UNK A 3368 88.24 -64.03 83.74
C UNK A 3368 88.96 -63.57 82.46
N UNK A 3369 90.25 -63.28 82.60
CA UNK A 3369 91.05 -62.85 81.47
C UNK A 3369 91.62 -64.06 80.74
N UNK A 3370 91.41 -65.24 81.30
CA UNK A 3370 91.90 -66.48 80.70
C UNK A 3370 91.14 -66.79 79.40
N UNK A 3371 89.86 -66.45 79.38
CA UNK A 3371 89.05 -66.61 78.18
C UNK A 3371 89.41 -65.53 77.18
N UNK A 3372 89.79 -64.36 77.69
CA UNK A 3372 90.21 -63.25 76.85
C UNK A 3372 91.54 -63.57 76.18
N UNK A 3373 92.38 -64.33 76.88
CA UNK A 3373 93.66 -64.74 76.35
C UNK A 3373 93.48 -65.93 75.41
N UNK A 3374 92.28 -66.50 75.39
CA UNK A 3374 91.96 -67.63 74.54
C UNK A 3374 91.24 -67.16 73.27
N UNK A 3375 91.37 -65.88 72.96
CA UNK A 3375 90.75 -65.32 71.78
C UNK A 3375 91.37 -65.87 70.51
N UNK A 3376 90.67 -66.78 69.85
CA UNK A 3376 91.16 -67.40 68.63
C UNK A 3376 90.14 -67.30 67.50
N UNK A 3377 90.60 -67.51 66.27
CA UNK A 3377 89.72 -67.46 65.11
C UNK A 3377 89.44 -68.86 64.59
N UNK A 3378 90.05 -69.85 65.23
CA UNK A 3378 89.86 -71.25 64.84
C UNK A 3378 88.48 -71.75 65.28
N UNK A 3379 87.88 -72.59 64.45
CA UNK A 3379 86.55 -73.13 64.76
C UNK A 3379 86.65 -74.42 65.56
N UNK A 3380 87.81 -74.65 66.17
CA UNK A 3380 88.04 -75.85 66.96
C UNK A 3380 87.24 -75.83 68.25
N UNK A 3381 87.28 -74.70 68.95
CA UNK A 3381 86.55 -74.55 70.20
C UNK A 3381 85.13 -74.04 69.95
N UNK A 3382 84.37 -74.80 69.16
CA UNK A 3382 83.00 -74.42 68.84
C UNK A 3382 82.10 -74.55 70.06
N UNK A 3383 82.43 -75.49 70.94
CA UNK A 3383 81.65 -75.72 72.14
C UNK A 3383 82.23 -74.93 73.31
N UNK A 3384 82.61 -73.68 73.05
CA UNK A 3384 83.15 -72.81 74.09
C UNK A 3384 82.02 -72.06 74.78
N UNK A 3385 80.82 -72.15 74.22
CA UNK A 3385 79.66 -71.47 74.78
C UNK A 3385 79.29 -72.05 76.14
N UNK A 3386 79.60 -73.33 76.33
CA UNK A 3386 79.33 -73.99 77.60
C UNK A 3386 80.32 -73.53 78.67
N UNK A 3387 81.45 -72.98 78.21
CA UNK A 3387 82.49 -72.51 79.12
C UNK A 3387 82.21 -71.07 79.56
N UNK A 3388 81.25 -70.44 78.90
CA UNK A 3388 80.91 -69.05 79.21
C UNK A 3388 79.66 -68.98 80.09
N UNK A 3389 78.65 -69.76 79.75
CA UNK A 3389 77.39 -69.75 80.47
C UNK A 3389 77.51 -70.34 81.87
N UNK A 3390 78.58 -71.10 82.10
CA UNK A 3390 78.78 -71.75 83.38
C UNK A 3390 79.82 -71.02 84.23
N UNK A 3391 80.51 -70.06 83.62
CA UNK A 3391 81.57 -69.34 84.32
C UNK A 3391 81.20 -67.88 84.53
N UNK A 3392 80.42 -67.31 83.62
CA UNK A 3392 80.02 -65.91 83.71
C UNK A 3392 78.73 -65.76 84.52
N UNK A 3393 78.48 -66.69 85.43
CA UNK A 3393 77.29 -66.65 86.27
C UNK A 3393 77.50 -65.65 87.42
N UNK A 3394 78.75 -65.48 87.82
CA UNK A 3394 79.09 -64.55 88.89
C UNK A 3394 80.12 -63.54 88.41
N UNK A 3395 79.63 -62.43 87.86
CA UNK A 3395 80.51 -61.39 87.34
C UNK A 3395 80.29 -60.07 88.07
N UNK A 3396 79.61 -60.13 89.21
CA UNK A 3396 79.31 -58.93 89.99
C UNK A 3396 79.86 -59.05 91.40
N UNK A 3397 79.66 -60.22 92.01
CA UNK A 3397 80.13 -60.47 93.37
C UNK A 3397 81.66 -60.48 93.41
N UNK A 3398 82.25 -59.33 93.74
CA UNK A 3398 83.70 -59.16 93.81
C UNK A 3398 84.38 -59.54 92.51
N UNK A 3399 83.74 -59.22 91.39
CA UNK A 3399 84.28 -59.54 90.08
C UNK A 3399 84.30 -58.29 89.19
N UNK A 3400 84.98 -57.25 89.67
CA UNK A 3400 85.06 -55.99 88.94
C UNK A 3400 85.96 -56.12 87.71
N UNK A 3401 85.40 -56.66 86.63
CA UNK A 3401 86.14 -56.81 85.38
C UNK A 3401 86.36 -55.46 84.71
N UNK A 3402 85.52 -54.49 85.06
CA UNK A 3402 85.63 -53.13 84.54
C UNK A 3402 86.76 -52.39 85.23
N UNK A 3403 87.23 -52.94 86.36
CA UNK A 3403 88.32 -52.34 87.12
C UNK A 3403 89.66 -52.87 86.63
N UNK A 3404 89.82 -52.95 85.32
CA UNK A 3404 91.07 -53.42 84.72
C UNK A 3404 91.17 -52.98 83.26
N UNK A 3405 92.06 -53.61 82.51
CA UNK A 3405 92.23 -53.31 81.10
C UNK A 3405 91.12 -53.96 80.28
N UNK A 3406 89.90 -53.46 80.44
CA UNK A 3406 88.74 -54.03 79.76
C UNK A 3406 88.81 -53.79 78.25
N UNK A 3407 89.48 -52.72 77.84
CA UNK A 3407 89.63 -52.41 76.43
C UNK A 3407 90.85 -53.11 75.84
N UNK A 3408 91.82 -53.41 76.69
CA UNK A 3408 93.04 -54.06 76.23
C UNK A 3408 92.93 -55.58 76.30
N UNK A 3409 91.73 -56.06 76.61
CA UNK A 3409 91.50 -57.50 76.73
C UNK A 3409 90.24 -57.92 75.98
N UNK A 3410 89.43 -56.95 75.56
CA UNK A 3410 88.18 -57.25 74.87
C UNK A 3410 88.04 -56.44 73.59
N UNK A 3411 88.30 -55.14 73.68
CA UNK A 3411 88.17 -54.26 72.52
C UNK A 3411 89.20 -54.60 71.46
N UNK A 3412 90.30 -55.23 71.86
CA UNK A 3412 91.31 -55.68 70.93
C UNK A 3412 90.75 -56.80 70.06
N UNK A 3413 89.83 -57.57 70.63
CA UNK A 3413 89.17 -58.65 69.90
C UNK A 3413 87.83 -58.19 69.36
N UNK A 3414 87.42 -56.99 69.77
CA UNK A 3414 86.16 -56.42 69.30
C UNK A 3414 86.42 -55.53 68.08
N UNK A 3415 87.55 -54.82 68.10
CA UNK A 3415 87.93 -53.98 66.97
C UNK A 3415 88.53 -54.83 65.85
N UNK A 3416 88.74 -56.12 66.15
CA UNK A 3416 89.24 -57.06 65.16
C UNK A 3416 88.10 -57.55 64.28
N UNK A 3417 86.90 -57.01 64.52
CA UNK A 3417 85.74 -57.31 63.71
C UNK A 3417 85.00 -56.01 63.39
N UNK A 3418 85.40 -54.95 64.08
CA UNK A 3418 84.81 -53.63 63.86
C UNK A 3418 85.63 -52.84 62.84
N UNK A 3419 86.90 -52.61 63.17
CA UNK A 3419 87.82 -51.93 62.26
C UNK A 3419 88.30 -52.90 61.20
N UNK A 3420 88.29 -54.18 61.53
CA UNK A 3420 88.70 -55.22 60.59
C UNK A 3420 87.48 -55.83 59.89
N UNK A 3421 86.38 -55.09 59.88
CA UNK A 3421 85.17 -55.52 59.19
C UNK A 3421 85.39 -55.43 57.68
N UNK A 3422 86.32 -54.58 57.28
CA UNK A 3422 86.68 -54.44 55.87
C UNK A 3422 87.33 -55.72 55.38
N UNK A 3423 88.18 -56.31 56.22
CA UNK A 3423 88.83 -57.57 55.90
C UNK A 3423 87.85 -58.72 56.03
N UNK A 3424 86.80 -58.51 56.82
CA UNK A 3424 85.77 -59.51 57.00
C UNK A 3424 84.82 -59.54 55.80
N UNK A 3425 84.13 -58.43 55.57
CA UNK A 3425 83.20 -58.34 54.46
C UNK A 3425 82.99 -56.88 54.04
N UNK A 3426 83.65 -56.49 52.95
CA UNK A 3426 83.49 -55.14 52.40
C UNK A 3426 83.90 -55.13 50.92
N UNK A 3427 84.62 -56.16 50.50
CA UNK A 3427 85.04 -56.29 49.12
C UNK A 3427 83.86 -56.62 48.22
N UNK A 3428 82.85 -57.26 48.80
CA UNK A 3428 81.64 -57.61 48.07
C UNK A 3428 80.79 -56.38 47.81
N UNK A 3429 81.03 -55.32 48.59
CA UNK A 3429 80.32 -54.06 48.42
C UNK A 3429 81.06 -53.16 47.44
N UNK A 3430 82.38 -53.17 47.52
CA UNK A 3430 83.21 -52.37 46.62
C UNK A 3430 83.20 -52.95 45.21
N UNK A 3431 83.29 -54.27 45.11
CA UNK A 3431 83.26 -54.96 43.84
C UNK A 3431 82.17 -56.02 43.83
N UNK A 3432 81.55 -56.22 42.67
CA UNK A 3432 80.46 -57.19 42.54
C UNK A 3432 80.95 -58.62 42.74
N UNK A 3433 80.64 -59.19 43.90
CA UNK A 3433 81.05 -60.56 44.21
C UNK A 3433 79.83 -61.42 44.50
N UNK A 3434 79.46 -62.28 43.54
CA UNK A 3434 78.29 -63.14 43.67
C UNK A 3434 78.68 -64.58 43.98
N UNK A 3435 79.91 -64.77 44.46
CA UNK A 3435 80.40 -66.09 44.80
C UNK A 3435 79.89 -66.52 46.18
N UNK A 3436 80.13 -67.78 46.54
CA UNK A 3436 79.71 -68.30 47.83
C UNK A 3436 80.69 -67.89 48.92
N UNK A 3437 81.82 -67.31 48.51
CA UNK A 3437 82.83 -66.86 49.45
C UNK A 3437 82.42 -65.53 50.08
N UNK A 3438 81.73 -64.70 49.31
CA UNK A 3438 81.28 -63.40 49.79
C UNK A 3438 79.97 -63.52 50.55
N UNK A 3439 79.25 -64.62 50.33
CA UNK A 3439 77.97 -64.84 51.00
C UNK A 3439 78.17 -65.46 52.38
N UNK A 3440 79.40 -65.90 52.66
CA UNK A 3440 79.71 -66.51 53.94
C UNK A 3440 81.06 -65.98 54.45
N UNK A 3441 81.41 -64.78 54.03
CA UNK A 3441 82.67 -64.17 54.42
C UNK A 3441 82.61 -63.71 55.88
N UNK A 3442 81.44 -63.22 56.30
CA UNK A 3442 81.28 -62.72 57.66
C UNK A 3442 80.15 -63.46 58.39
N UNK A 3443 79.03 -63.65 57.70
CA UNK A 3443 77.85 -64.29 58.30
C UNK A 3443 78.15 -65.70 58.79
N UNK A 3444 79.15 -66.34 58.20
CA UNK A 3444 79.54 -67.68 58.61
C UNK A 3444 80.58 -67.63 59.73
N UNK A 3445 81.25 -66.49 59.85
CA UNK A 3445 82.30 -66.33 60.84
C UNK A 3445 81.85 -65.45 62.00
N UNK A 3446 81.35 -64.26 61.67
CA UNK A 3446 80.94 -63.30 62.69
C UNK A 3446 79.75 -63.79 63.50
N UNK A 3447 78.73 -64.31 62.80
CA UNK A 3447 77.52 -64.77 63.45
C UNK A 3447 77.71 -66.14 64.11
N UNK A 3448 78.94 -66.64 64.08
CA UNK A 3448 79.26 -67.93 64.68
C UNK A 3448 80.35 -67.79 65.72
N UNK A 3449 81.30 -66.89 65.48
CA UNK A 3449 82.41 -66.67 66.40
C UNK A 3449 82.33 -65.31 67.07
N UNK A 3450 82.22 -64.25 66.27
CA UNK A 3450 82.15 -62.90 66.81
C UNK A 3450 80.84 -62.70 67.58
N UNK A 3451 79.77 -63.35 67.12
CA UNK A 3451 78.51 -63.33 67.83
C UNK A 3451 78.66 -64.07 69.14
N UNK A 3452 79.42 -65.17 69.11
CA UNK A 3452 79.76 -65.90 70.31
C UNK A 3452 80.68 -65.05 71.17
N UNK A 3453 81.51 -64.25 70.50
CA UNK A 3453 82.36 -63.29 71.19
C UNK A 3453 81.49 -62.14 71.68
N UNK A 3454 80.43 -61.84 70.94
CA UNK A 3454 79.45 -60.84 71.36
C UNK A 3454 78.60 -61.44 72.48
N UNK A 3455 78.45 -62.76 72.44
CA UNK A 3455 77.78 -63.49 73.52
C UNK A 3455 78.66 -63.44 74.76
N UNK A 3456 79.97 -63.44 74.54
CA UNK A 3456 80.93 -63.26 75.62
C UNK A 3456 80.88 -61.82 76.09
N UNK A 3457 80.60 -60.91 75.16
CA UNK A 3457 80.41 -59.50 75.50
C UNK A 3457 79.04 -59.33 76.15
N UNK A 3458 78.11 -60.21 75.78
CA UNK A 3458 76.80 -60.25 76.42
C UNK A 3458 76.96 -60.69 77.86
N UNK A 3459 77.94 -61.57 78.09
CA UNK A 3459 78.29 -62.00 79.43
C UNK A 3459 78.95 -60.85 80.17
N UNK A 3460 79.55 -59.94 79.40
CA UNK A 3460 80.16 -58.74 79.97
C UNK A 3460 79.13 -57.63 80.06
N UNK A 3461 78.03 -57.79 79.33
CA UNK A 3461 76.93 -56.83 79.38
C UNK A 3461 76.23 -56.90 80.73
N UNK A 3462 76.22 -58.10 81.32
CA UNK A 3462 75.64 -58.30 82.65
C UNK A 3462 76.56 -57.69 83.70
N UNK A 3463 77.84 -57.55 83.35
CA UNK A 3463 78.81 -56.96 84.26
C UNK A 3463 78.88 -55.45 84.06
N UNK A 3464 78.53 -55.00 82.85
CA UNK A 3464 78.53 -53.58 82.54
C UNK A 3464 77.31 -52.90 83.14
N UNK A 3465 76.23 -53.66 83.28
CA UNK A 3465 74.98 -53.13 83.83
C UNK A 3465 75.09 -52.96 85.34
N UNK A 3466 75.88 -53.82 85.98
CA UNK A 3466 76.07 -53.75 87.42
C UNK A 3466 76.95 -52.56 87.80
N UNK A 3467 77.90 -52.23 86.93
CA UNK A 3467 78.79 -51.11 87.16
C UNK A 3467 78.58 -50.03 86.10
N UNK A 3468 77.43 -49.37 86.15
CA UNK A 3468 77.10 -48.32 85.19
C UNK A 3468 76.85 -47.00 85.91
N UNK A 3469 77.56 -46.79 87.02
CA UNK A 3469 77.40 -45.57 87.81
C UNK A 3469 78.76 -44.95 88.13
N UNK A 3470 79.68 -45.78 88.62
CA UNK A 3470 81.00 -45.33 88.99
C UNK A 3470 81.98 -45.47 87.82
N UNK A 3471 81.43 -45.55 86.61
CA UNK A 3471 82.26 -45.69 85.41
C UNK A 3471 81.58 -45.05 84.20
N UNK A 3472 80.41 -45.57 83.84
CA UNK A 3472 79.66 -45.07 82.70
C UNK A 3472 78.93 -43.77 83.05
N UNK A 3473 78.42 -43.70 84.28
CA UNK A 3473 77.70 -42.52 84.74
C UNK A 3473 78.56 -41.69 85.69
N UNK A 3474 79.87 -41.91 85.62
CA UNK A 3474 80.81 -41.17 86.45
C UNK A 3474 81.36 -39.97 85.70
N UNK A 3475 82.01 -39.06 86.43
CA UNK A 3475 82.58 -37.86 85.83
C UNK A 3475 83.76 -38.21 84.94
N UNK A 3476 84.50 -39.25 85.32
CA UNK A 3476 85.65 -39.71 84.55
C UNK A 3476 85.47 -41.15 84.11
N UNK A 3477 85.32 -41.36 82.81
CA UNK A 3477 85.13 -42.70 82.26
C UNK A 3477 86.43 -43.24 81.65
N UNK A 3478 86.95 -44.30 82.25
CA UNK A 3478 88.15 -44.94 81.74
C UNK A 3478 87.83 -45.73 80.47
N UNK A 3479 86.56 -46.11 80.33
CA UNK A 3479 86.11 -46.85 79.16
C UNK A 3479 85.33 -45.94 78.22
N UNK A 3480 85.92 -44.79 77.88
CA UNK A 3480 85.30 -43.85 76.96
C UNK A 3480 85.34 -44.40 75.54
N UNK A 3481 86.36 -45.21 75.26
CA UNK A 3481 86.51 -45.84 73.95
C UNK A 3481 85.53 -47.00 73.80
N UNK A 3482 85.19 -47.62 74.93
CA UNK A 3482 84.25 -48.73 74.94
C UNK A 3482 82.85 -48.24 74.56
N UNK A 3483 82.52 -47.04 75.03
CA UNK A 3483 81.24 -46.42 74.71
C UNK A 3483 81.26 -45.85 73.30
N UNK A 3484 82.47 -45.64 72.78
CA UNK A 3484 82.63 -45.11 71.43
C UNK A 3484 82.57 -46.22 70.40
N UNK A 3485 83.01 -47.41 70.80
CA UNK A 3485 83.00 -48.57 69.91
C UNK A 3485 81.59 -49.15 69.78
N UNK A 3486 81.01 -49.00 68.60
CA UNK A 3486 79.68 -49.49 68.34
C UNK A 3486 79.60 -50.15 66.95
N UNK A 3487 80.08 -51.38 66.87
CA UNK A 3487 80.04 -52.12 65.61
C UNK A 3487 78.66 -52.72 65.37
N UNK A 3488 78.13 -53.38 66.38
CA UNK A 3488 76.81 -54.02 66.28
C UNK A 3488 75.70 -52.99 66.12
N UNK A 3489 75.99 -51.73 66.43
CA UNK A 3489 75.00 -50.67 66.34
C UNK A 3489 74.99 -50.06 64.94
N UNK A 3490 74.40 -50.78 63.99
CA UNK A 3490 74.18 -50.29 62.62
C UNK A 3490 75.45 -49.98 61.83
N UNK A 3491 76.50 -49.52 62.51
CA UNK A 3491 77.75 -49.16 61.86
C UNK A 3491 78.35 -50.35 61.10
N UNK A 3492 78.36 -51.50 61.75
CA UNK A 3492 78.82 -52.73 61.10
C UNK A 3492 77.67 -53.73 61.04
N UNK A 3493 76.44 -53.20 61.05
CA UNK A 3493 75.25 -54.03 60.97
C UNK A 3493 74.36 -53.58 59.82
N UNK A 3494 74.98 -52.95 58.82
CA UNK A 3494 74.26 -52.46 57.65
C UNK A 3494 74.86 -53.00 56.36
N UNK A 3495 74.77 -54.31 56.17
CA UNK A 3495 75.29 -54.96 54.98
C UNK A 3495 74.28 -55.95 54.42
N UNK A 3496 73.17 -55.43 53.89
CA UNK A 3496 72.10 -56.23 53.33
C UNK A 3496 71.59 -57.27 54.32
N UNK A 3497 71.06 -58.38 53.81
CA UNK A 3497 70.54 -59.44 54.65
C UNK A 3497 71.68 -60.38 55.07
N UNK A 3498 72.83 -60.21 54.46
CA UNK A 3498 74.00 -61.02 54.76
C UNK A 3498 74.43 -60.85 56.21
N UNK A 3499 74.66 -59.60 56.61
CA UNK A 3499 75.04 -59.29 57.98
C UNK A 3499 73.80 -59.18 58.87
N UNK A 3500 72.64 -59.42 58.28
CA UNK A 3500 71.38 -59.33 59.01
C UNK A 3500 70.65 -60.66 59.04
N UNK A 3501 69.75 -60.86 58.08
CA UNK A 3501 68.91 -62.05 58.02
C UNK A 3501 69.73 -63.34 57.92
N UNK A 3502 70.72 -63.32 57.02
CA UNK A 3502 71.60 -64.47 56.86
C UNK A 3502 72.45 -64.66 58.11
N UNK A 3503 72.69 -63.57 58.82
CA UNK A 3503 73.44 -63.61 60.08
C UNK A 3503 72.52 -64.00 61.23
N UNK A 3504 71.25 -63.61 61.11
CA UNK A 3504 70.25 -63.94 62.13
C UNK A 3504 69.88 -65.42 62.04
N UNK A 3505 70.04 -65.99 60.86
CA UNK A 3505 69.77 -67.41 60.65
C UNK A 3505 70.73 -68.24 61.47
N UNK A 3506 71.99 -67.81 61.51
CA UNK A 3506 73.01 -68.47 62.31
C UNK A 3506 72.71 -68.27 63.79
N UNK A 3507 72.13 -67.13 64.12
CA UNK A 3507 71.72 -66.84 65.48
C UNK A 3507 70.45 -67.63 65.82
N UNK A 3508 69.75 -68.06 64.78
CA UNK A 3508 68.55 -68.88 64.94
C UNK A 3508 68.92 -70.36 64.79
N UNK A 3509 70.13 -70.71 65.21
CA UNK A 3509 70.61 -72.08 65.14
C UNK A 3509 71.08 -72.55 66.51
N UNK A 3510 70.13 -72.91 67.37
CA UNK A 3510 70.41 -73.38 68.71
C UNK A 3510 71.26 -72.40 69.50
N UNK A 3511 61.87 -63.00 71.95
CA UNK A 3511 62.93 -62.05 71.62
C UNK A 3511 63.18 -62.02 70.13
N UNK A 3512 62.13 -61.81 69.34
CA UNK A 3512 62.24 -61.77 67.90
C UNK A 3512 62.61 -60.37 67.42
N UNK A 3513 63.67 -59.81 68.00
CA UNK A 3513 64.15 -58.49 67.61
C UNK A 3513 65.41 -58.62 66.77
N UNK A 3514 65.45 -59.66 65.93
CA UNK A 3514 66.58 -59.95 65.06
C UNK A 3514 67.88 -60.10 65.86
N UNK A 3515 68.90 -59.33 65.48
CA UNK A 3515 70.19 -59.39 66.15
C UNK A 3515 70.13 -58.80 67.56
N UNK A 3516 70.51 -59.60 68.55
CA UNK A 3516 70.50 -59.15 69.93
C UNK A 3516 71.64 -58.17 70.20
N UNK A 3517 71.35 -56.88 70.07
CA UNK A 3517 72.34 -55.84 70.30
C UNK A 3517 72.10 -55.15 71.63
N UNK A 3518 73.14 -55.09 72.46
CA UNK A 3518 73.05 -54.45 73.77
C UNK A 3518 73.47 -52.99 73.69
N UNK A 3519 73.31 -52.39 72.51
CA UNK A 3519 73.67 -50.99 72.30
C UNK A 3519 72.67 -50.08 73.00
N UNK A 3520 71.45 -50.56 73.16
CA UNK A 3520 70.39 -49.78 73.78
C UNK A 3520 70.67 -49.56 75.26
N UNK A 3521 71.30 -50.56 75.89
CA UNK A 3521 71.64 -50.47 77.31
C UNK A 3521 72.84 -49.55 77.52
N UNK A 3522 73.56 -49.29 76.43
CA UNK A 3522 74.76 -48.44 76.48
C UNK A 3522 74.51 -47.11 75.80
N UNK A 3523 73.25 -46.81 75.49
CA UNK A 3523 72.89 -45.56 74.84
C UNK A 3523 72.94 -44.40 75.82
N UNK A 3524 72.85 -44.72 77.11
CA UNK A 3524 72.89 -43.71 78.16
C UNK A 3524 74.31 -43.46 78.63
N UNK A 3525 75.24 -44.28 78.14
CA UNK A 3525 76.64 -44.15 78.53
C UNK A 3525 77.45 -43.45 77.44
N UNK A 3526 76.96 -43.53 76.21
CA UNK A 3526 77.64 -42.90 75.08
C UNK A 3526 77.59 -41.38 75.21
N UNK A 3527 76.46 -40.86 75.68
CA UNK A 3527 76.30 -39.44 75.91
C UNK A 3527 76.20 -39.15 77.40
N UNK A 3528 76.10 -37.87 77.75
CA UNK A 3528 76.01 -37.42 79.14
C UNK A 3528 77.20 -37.93 79.95
N UNK A 3529 78.34 -38.09 79.30
CA UNK A 3529 79.56 -38.55 79.95
C UNK A 3529 80.77 -37.96 79.23
N UNK A 3530 80.54 -37.48 78.02
CA UNK A 3530 81.57 -36.81 77.24
C UNK A 3530 81.13 -35.39 76.92
N UNK A 3531 80.00 -35.00 77.48
CA UNK A 3531 79.45 -33.66 77.28
C UNK A 3531 78.61 -33.23 78.48
N UNK A 3532 78.23 -31.96 78.50
CA UNK A 3532 77.40 -31.43 79.57
C UNK A 3532 76.10 -30.87 79.03
N UNK A 3533 75.48 -31.61 78.11
CA UNK A 3533 74.22 -31.23 77.47
C UNK A 3533 74.33 -29.88 76.77
N UNK A 3534 73.17 -29.28 76.49
CA UNK A 3534 73.09 -27.98 75.81
C UNK A 3534 73.83 -28.01 74.48
N UNK A 3535 73.80 -29.15 73.80
CA UNK A 3535 74.51 -29.32 72.53
C UNK A 3535 73.53 -29.38 71.37
N UNK A 3536 72.27 -29.70 71.66
CA UNK A 3536 71.21 -29.80 70.65
C UNK A 3536 71.59 -30.78 69.54
N UNK A 3537 72.44 -30.34 68.63
CA UNK A 3537 72.89 -31.16 67.49
C UNK A 3537 71.71 -31.67 66.69
N UNK A 3538 70.77 -30.77 66.38
CA UNK A 3538 69.59 -31.12 65.60
C UNK A 3538 69.85 -30.89 64.12
N UNK A 3539 70.89 -30.12 63.83
CA UNK A 3539 71.25 -29.80 62.45
C UNK A 3539 71.92 -30.98 61.77
N UNK A 3540 72.95 -31.53 62.42
CA UNK A 3540 73.70 -32.64 61.87
C UNK A 3540 72.88 -33.94 61.92
N UNK A 3541 71.99 -34.03 62.89
CA UNK A 3541 71.15 -35.21 63.07
C UNK A 3541 70.10 -35.30 61.96
N UNK A 3542 69.68 -34.16 61.46
CA UNK A 3542 68.66 -34.10 60.42
C UNK A 3542 69.29 -34.13 59.02
N UNK A 3543 70.45 -33.51 58.88
CA UNK A 3543 71.13 -33.43 57.60
C UNK A 3543 71.72 -34.78 57.19
N UNK A 3544 72.13 -35.57 58.17
CA UNK A 3544 72.72 -36.88 57.90
C UNK A 3544 71.65 -37.89 57.52
N UNK A 3545 70.40 -37.54 57.78
CA UNK A 3545 69.27 -38.42 57.48
C UNK A 3545 68.54 -37.97 56.22
N UNK A 3546 68.56 -36.66 55.98
CA UNK A 3546 67.88 -36.10 54.80
C UNK A 3546 68.85 -35.95 53.64
N UNK A 3547 69.85 -35.08 53.81
CA UNK A 3547 70.84 -34.84 52.76
C UNK A 3547 71.70 -36.08 52.54
N UNK A 3548 72.38 -36.52 53.60
CA UNK A 3548 73.23 -37.71 53.55
C UNK A 3548 74.29 -37.59 52.45
N UNK A 3549 75.08 -36.52 52.49
CA UNK A 3549 76.10 -36.28 51.48
C UNK A 3549 77.21 -37.32 51.56
N UNK A 3550 77.81 -37.45 52.74
CA UNK A 3550 78.88 -38.41 52.95
C UNK A 3550 79.05 -38.72 54.43
N UNK A 3551 80.04 -39.56 54.75
CA UNK A 3551 80.32 -39.92 56.13
C UNK A 3551 81.20 -38.87 56.79
N UNK A 3552 82.02 -38.21 55.99
CA UNK A 3552 82.90 -37.16 56.49
C UNK A 3552 82.35 -35.79 56.12
N UNK A 3553 81.16 -35.78 55.53
CA UNK A 3553 80.50 -34.53 55.14
C UNK A 3553 80.02 -33.77 56.37
N UNK A 3554 79.87 -34.48 57.48
CA UNK A 3554 79.47 -33.86 58.74
C UNK A 3554 80.56 -32.89 59.21
N UNK A 3555 81.81 -33.29 59.01
CA UNK A 3555 82.95 -32.44 59.35
C UNK A 3555 83.06 -31.32 58.34
N UNK A 3556 82.50 -31.54 57.14
CA UNK A 3556 82.48 -30.52 56.10
C UNK A 3556 81.30 -29.57 56.32
N UNK A 3557 80.23 -30.10 56.90
CA UNK A 3557 79.06 -29.29 57.20
C UNK A 3557 79.20 -28.64 58.58
N UNK A 3558 80.30 -28.96 59.26
CA UNK A 3558 80.59 -28.39 60.57
C UNK A 3558 81.00 -26.92 60.43
N UNK A 3559 81.45 -26.56 59.23
CA UNK A 3559 81.85 -25.18 58.95
C UNK A 3559 80.64 -24.26 58.99
N UNK A 3560 79.48 -24.79 58.60
CA UNK A 3560 78.25 -24.03 58.63
C UNK A 3560 77.44 -24.37 59.88
N UNK A 3561 78.14 -24.51 61.00
CA UNK A 3561 77.49 -24.84 62.26
C UNK A 3561 77.98 -23.92 63.38
N UNK A 3562 78.18 -24.49 64.56
CA UNK A 3562 78.64 -23.75 65.73
C UNK A 3562 77.72 -22.58 66.09
N UNK A 3563 77.73 -21.55 65.26
CA UNK A 3563 76.93 -20.35 65.51
C UNK A 3563 75.44 -20.62 65.37
N UNK A 3564 75.10 -21.74 64.76
CA UNK A 3564 73.70 -22.12 64.57
C UNK A 3564 73.07 -22.56 65.89
N UNK A 3565 73.91 -22.97 66.84
CA UNK A 3565 73.44 -23.39 68.15
C UNK A 3565 73.91 -22.43 69.23
N UNK A 3566 72.96 -21.78 69.89
CA UNK A 3566 73.28 -20.81 70.94
C UNK A 3566 72.38 -21.00 72.15
N UNK A 3567 72.86 -20.59 73.31
CA UNK A 3567 72.09 -20.71 74.55
C UNK A 3567 70.95 -19.71 74.58
N UNK A 3568 69.74 -20.20 74.86
CA UNK A 3568 68.56 -19.35 74.90
C UNK A 3568 67.89 -19.41 76.28
N UNK A 3569 66.77 -18.72 76.41
CA UNK A 3569 66.03 -18.71 77.66
C UNK A 3569 64.72 -19.49 77.53
N UNK A 3570 64.68 -20.68 78.13
CA UNK A 3570 63.50 -21.52 78.07
C UNK A 3570 63.53 -22.56 79.20
N UNK A 3571 64.42 -23.55 79.07
CA UNK A 3571 64.54 -24.60 80.07
C UNK A 3571 65.90 -24.54 80.76
N UNK A 3572 65.89 -24.15 82.03
CA UNK A 3572 67.12 -24.10 82.82
C UNK A 3572 67.16 -25.27 83.79
N UNK A 3573 66.18 -26.16 83.66
CA UNK A 3573 66.09 -27.33 84.52
C UNK A 3573 67.10 -28.40 84.10
N UNK A 3574 67.65 -28.24 82.90
CA UNK A 3574 68.63 -29.19 82.38
C UNK A 3574 69.81 -28.45 81.77
N UNK A 3575 69.51 -27.45 80.94
CA UNK A 3575 70.55 -26.70 80.25
C UNK A 3575 71.43 -25.92 81.22
N UNK A 3576 70.88 -25.57 82.37
CA UNK A 3576 71.62 -24.82 83.38
C UNK A 3576 72.04 -25.75 84.53
N UNK A 3577 71.54 -26.97 84.50
CA UNK A 3577 71.85 -27.94 85.55
C UNK A 3577 72.91 -28.93 85.10
N UNK A 3578 72.72 -29.51 83.92
CA UNK A 3578 73.67 -30.48 83.38
C UNK A 3578 74.98 -29.78 83.00
N UNK A 3579 74.89 -28.51 82.65
CA UNK A 3579 76.07 -27.72 82.33
C UNK A 3579 76.91 -27.51 83.58
N UNK A 3580 76.25 -27.40 84.73
CA UNK A 3580 76.93 -27.29 86.00
C UNK A 3580 77.65 -28.60 86.32
N UNK A 3581 77.00 -29.70 85.95
CA UNK A 3581 77.60 -31.03 86.13
C UNK A 3581 78.78 -31.20 85.20
N UNK A 3582 79.94 -30.70 85.63
CA UNK A 3582 81.14 -30.74 84.80
C UNK A 3582 82.04 -31.91 85.20
N UNK A 3583 82.71 -32.50 84.21
CA UNK A 3583 83.62 -33.60 84.44
C UNK A 3583 84.92 -33.07 85.05
N UNK A 3584 85.19 -31.78 84.84
CA UNK A 3584 86.39 -31.15 85.34
C UNK A 3584 86.17 -29.65 85.51
N UNK A 3585 87.14 -28.98 86.15
CA UNK A 3585 87.06 -27.54 86.36
C UNK A 3585 87.23 -26.79 85.04
N UNK A 3586 88.19 -27.23 84.24
CA UNK A 3586 88.46 -26.60 82.95
C UNK A 3586 87.45 -27.05 81.90
N UNK A 3587 87.33 -26.27 80.83
CA UNK A 3587 86.41 -26.59 79.75
C UNK A 3587 87.14 -26.60 78.41
N UNK A 3588 86.77 -27.55 77.55
CA UNK A 3588 87.39 -27.66 76.23
C UNK A 3588 86.34 -27.51 75.13
N UNK A 3589 86.58 -26.58 74.21
CA UNK A 3589 85.66 -26.34 73.10
C UNK A 3589 86.26 -26.76 71.77
N UNK A 3590 87.31 -27.56 71.84
CA UNK A 3590 88.00 -28.04 70.64
C UNK A 3590 87.66 -29.50 70.36
N UNK A 3591 86.86 -30.09 71.24
CA UNK A 3591 86.47 -31.49 71.10
C UNK A 3591 84.96 -31.62 70.91
N UNK A 3592 84.30 -30.52 70.59
CA UNK A 3592 82.87 -30.51 70.37
C UNK A 3592 82.54 -30.82 68.91
N UNK A 3593 83.54 -30.70 68.05
CA UNK A 3593 83.36 -30.96 66.62
C UNK A 3593 83.32 -32.46 66.34
N UNK A 3594 83.96 -33.25 67.21
CA UNK A 3594 84.01 -34.69 67.04
C UNK A 3594 83.10 -35.39 68.04
N UNK A 3595 81.81 -35.10 67.97
CA UNK A 3595 80.83 -35.70 68.87
C UNK A 3595 79.45 -35.71 68.23
N UNK A 3596 79.15 -34.65 67.47
CA UNK A 3596 77.86 -34.53 66.81
C UNK A 3596 77.71 -35.57 65.70
N UNK A 3597 78.84 -36.00 65.15
CA UNK A 3597 78.83 -37.00 64.08
C UNK A 3597 78.68 -38.40 64.65
N UNK A 3598 78.68 -38.50 65.98
CA UNK A 3598 78.49 -39.78 66.66
C UNK A 3598 77.01 -40.02 66.93
N UNK A 3599 76.17 -39.12 66.43
CA UNK A 3599 74.73 -39.24 66.58
C UNK A 3599 74.11 -39.95 65.39
N UNK A 3600 74.96 -40.60 64.60
CA UNK A 3600 74.50 -41.31 63.41
C UNK A 3600 73.78 -42.60 63.78
N UNK A 3601 73.97 -43.05 65.02
CA UNK A 3601 73.30 -44.26 65.50
C UNK A 3601 71.79 -44.04 65.54
N UNK A 3602 71.38 -42.81 65.79
CA UNK A 3602 69.97 -42.45 65.82
C UNK A 3602 69.46 -42.11 64.42
N UNK A 3603 70.37 -42.16 63.44
CA UNK A 3603 70.02 -41.84 62.07
C UNK A 3603 70.24 -43.05 61.16
N UNK A 3604 70.76 -44.14 61.74
CA UNK A 3604 71.01 -45.35 60.98
C UNK A 3604 70.25 -46.53 61.58
N UNK A 3605 70.23 -46.61 62.90
CA UNK A 3605 69.53 -47.68 63.60
C UNK A 3605 68.11 -47.25 63.99
N UNK A 3606 67.99 -46.04 64.48
CA UNK A 3606 66.69 -45.49 64.87
C UNK A 3606 65.88 -45.12 63.63
N UNK A 3607 66.57 -44.99 62.50
CA UNK A 3607 65.91 -44.71 61.23
C UNK A 3607 65.10 -45.92 60.79
N UNK A 3608 65.53 -47.10 61.23
CA UNK A 3608 64.82 -48.34 60.92
C UNK A 3608 64.15 -48.88 62.17
N UNK A 3609 63.67 -47.98 63.02
CA UNK A 3609 63.00 -48.37 64.26
C UNK A 3609 61.68 -49.07 63.96
N UNK A 3610 60.94 -48.54 62.99
CA UNK A 3610 59.67 -49.14 62.58
C UNK A 3610 59.92 -50.33 61.67
N UNK A 3611 61.14 -50.43 61.15
CA UNK A 3611 61.52 -51.54 60.29
C UNK A 3611 62.22 -52.63 61.09
N UNK A 3612 62.54 -52.33 62.34
CA UNK A 3612 63.19 -53.28 63.22
C UNK A 3612 62.22 -54.38 63.64
N UNK A 3613 60.96 -54.02 63.81
CA UNK A 3613 59.93 -54.97 64.21
C UNK A 3613 58.56 -54.51 63.72
N THR A 3639 45.05 -84.32 36.77
CA THR A 3639 44.71 -85.71 36.46
C THR A 3639 45.55 -86.22 35.29
N PRO A 3640 46.30 -87.29 35.52
CA PRO A 3640 47.14 -87.85 34.46
C PRO A 3640 46.31 -88.41 33.32
N LEU A 3641 46.91 -88.41 32.12
CA LEU A 3641 46.22 -88.87 30.93
C LEU A 3641 46.51 -90.34 30.61
N TYR A 3642 47.64 -90.88 31.07
CA TYR A 3642 47.96 -92.27 30.74
C TYR A 3642 47.01 -93.26 31.43
N ASN A 3643 46.50 -92.91 32.61
CA ASN A 3643 45.55 -93.76 33.30
C ASN A 3643 44.12 -93.33 32.96
N LEU A 3644 43.81 -93.43 31.68
CA LEU A 3644 42.53 -93.03 31.14
C LEU A 3644 42.02 -94.12 30.20
N PRO A 3645 40.71 -94.36 30.17
CA PRO A 3645 40.18 -95.37 29.24
C PRO A 3645 40.47 -95.02 27.79
N THR A 3646 40.80 -96.05 27.02
CA THR A 3646 41.15 -95.85 25.61
C THR A 3646 39.97 -95.33 24.81
N HIS A 3647 38.77 -95.85 25.06
CA HIS A 3647 37.61 -95.37 24.32
C HIS A 3647 37.31 -93.91 24.64
N ARG A 3648 37.41 -93.51 25.91
CA ARG A 3648 37.24 -92.11 26.26
C ARG A 3648 38.30 -91.23 25.63
N ALA A 3649 39.56 -91.68 25.65
CA ALA A 3649 40.62 -90.88 25.03
C ALA A 3649 40.42 -90.71 23.54
N CYS A 3650 40.02 -91.77 22.83
CA CYS A 3650 39.83 -91.65 21.39
C CYS A 3650 38.58 -90.85 21.05
N ASN A 3651 37.54 -90.93 21.89
CA ASN A 3651 36.39 -90.05 21.70
C ASN A 3651 36.78 -88.59 21.88
N MET A 3652 37.59 -88.30 22.90
CA MET A 3652 37.85 -86.91 23.25
C MET A 3652 38.90 -86.29 22.33
N PHE A 3653 39.76 -87.12 21.72
CA PHE A 3653 40.70 -86.61 20.73
C PHE A 3653 39.99 -86.10 19.49
N LEU A 3654 38.79 -86.60 19.21
CA LEU A 3654 38.11 -86.29 17.96
C LEU A 3654 37.62 -84.85 17.89
N GLU A 3655 37.32 -84.23 19.04
CA GLU A 3655 36.79 -82.87 19.02
C GLU A 3655 37.77 -81.88 18.43
N SER A 3656 39.06 -82.04 18.72
CA SER A 3656 40.09 -81.13 18.25
C SER A 3656 40.42 -81.47 16.80
N TYR A 3657 39.71 -80.82 15.87
CA TYR A 3657 40.02 -81.00 14.46
C TYR A 3657 41.34 -80.33 14.11
N LYS A 3658 41.40 -79.01 14.21
CA LYS A 3658 42.66 -78.28 14.29
C LYS A 3658 42.80 -77.59 15.64
N ALA A 3659 41.89 -76.69 15.97
CA ALA A 3659 41.56 -76.41 17.37
C ALA A 3659 40.09 -76.72 17.59
N ALA A 3660 39.22 -76.01 16.85
CA ALA A 3660 37.80 -76.34 16.76
C ALA A 3660 37.24 -76.19 15.36
N TRP A 3661 37.86 -75.43 14.47
CA TRP A 3661 37.34 -75.08 13.16
C TRP A 3661 38.30 -75.62 12.10
N ILE A 3662 37.91 -75.45 10.82
CA ILE A 3662 38.65 -76.10 9.75
C ILE A 3662 40.09 -75.60 9.70
N LEU A 3663 40.29 -74.29 9.83
CA LEU A 3663 41.62 -73.67 9.82
C LEU A 3663 42.43 -74.01 8.58
N THR A 3664 41.76 -74.34 7.47
CA THR A 3664 42.43 -74.67 6.23
C THR A 3664 41.97 -73.71 5.14
N GLU A 3665 42.93 -73.18 4.39
CA GLU A 3665 42.61 -72.21 3.33
C GLU A 3665 41.81 -72.91 2.25
N ASP A 3666 40.75 -72.25 1.78
CA ASP A 3666 39.93 -72.74 0.68
C ASP A 3666 39.49 -71.61 -0.23
N HIS A 3667 40.32 -70.58 -0.38
CA HIS A 3667 39.96 -69.39 -1.13
C HIS A 3667 39.91 -69.71 -2.62
N SER A 3668 39.23 -68.83 -3.36
CA SER A 3668 38.99 -68.91 -4.80
C SER A 3668 38.10 -70.10 -5.18
N PHE A 3669 37.69 -70.92 -4.21
CA PHE A 3669 36.82 -72.05 -4.51
C PHE A 3669 35.47 -71.56 -5.04
N GLU A 3670 34.83 -70.63 -4.32
CA GLU A 3670 33.58 -70.08 -4.80
C GLU A 3670 33.75 -69.23 -6.06
N ASP A 3671 34.91 -68.60 -6.23
CA ASP A 3671 35.14 -67.83 -7.46
C ASP A 3671 35.24 -68.76 -8.67
N ARG A 3672 35.86 -69.93 -8.50
CA ARG A 3672 35.86 -70.91 -9.58
C ARG A 3672 34.49 -71.54 -9.75
N MET A 3673 33.73 -71.67 -8.66
CA MET A 3673 32.38 -72.24 -8.73
C MET A 3673 31.47 -71.43 -9.64
N ILE A 3674 31.37 -70.12 -9.41
CA ILE A 3674 30.45 -69.30 -10.19
C ILE A 3674 30.89 -69.23 -11.65
N ASP A 3675 32.19 -69.22 -11.90
CA ASP A 3675 32.70 -69.08 -13.27
C ASP A 3675 32.19 -70.20 -14.16
N ASP A 3676 32.34 -71.45 -13.71
CA ASP A 3676 31.86 -72.55 -14.53
C ASP A 3676 30.42 -72.92 -14.26
N LEU A 3677 29.78 -72.32 -13.25
CA LEU A 3677 28.33 -72.45 -13.13
C LEU A 3677 27.61 -71.57 -14.13
N SER A 3678 28.20 -70.41 -14.46
CA SER A 3678 27.65 -69.52 -15.48
C SER A 3678 28.40 -69.65 -16.80
N LYS A 3679 28.99 -70.81 -17.07
CA LYS A 3679 29.77 -71.02 -18.28
C LYS A 3679 28.90 -71.32 -19.50
N ALA A 3680 27.59 -71.53 -19.30
CA ALA A 3680 26.72 -71.87 -20.42
C ALA A 3680 26.68 -70.76 -21.46
N GLY A 3681 26.60 -69.51 -21.03
CA GLY A 3681 26.61 -68.39 -21.96
C GLY A 3681 27.97 -68.11 -22.56
N GLU A 3682 29.03 -68.33 -21.76
CA GLU A 3682 30.38 -68.06 -22.24
C GLU A 3682 30.81 -69.06 -23.30
N GLN A 3683 30.59 -70.36 -23.06
CA GLN A 3683 30.97 -71.42 -23.99
C GLN A 3683 29.72 -72.03 -24.58
N GLU A 3684 29.62 -72.03 -25.90
CA GLU A 3684 28.46 -72.54 -26.62
C GLU A 3684 28.79 -73.82 -27.40
N GLU A 3685 29.77 -74.59 -26.93
CA GLU A 3685 30.13 -75.83 -27.61
C GLU A 3685 29.01 -76.86 -27.49
N GLU A 3686 28.43 -77.00 -26.30
CA GLU A 3686 27.37 -77.98 -26.12
C GLU A 3686 26.06 -77.52 -26.74
N GLU A 3687 25.70 -76.25 -26.57
CA GLU A 3687 24.47 -75.69 -27.10
C GLU A 3687 24.81 -74.56 -28.06
N GLU A 3688 24.32 -74.67 -29.30
CA GLU A 3688 24.55 -73.65 -30.31
C GLU A 3688 23.35 -73.59 -31.24
N GLU A 3689 23.18 -72.43 -31.87
CA GLU A 3689 22.07 -72.19 -32.80
C GLU A 3689 20.72 -72.45 -32.12
N VAL A 3690 20.61 -72.03 -30.86
CA VAL A 3690 19.38 -72.24 -30.11
C VAL A 3690 18.25 -71.40 -30.68
N GLU A 3691 18.54 -70.14 -31.05
CA GLU A 3691 17.55 -69.21 -31.58
C GLU A 3691 16.38 -69.02 -30.61
N GLU A 3692 16.66 -69.07 -29.31
CA GLU A 3692 15.64 -68.90 -28.29
C GLU A 3692 16.32 -68.50 -26.98
N LYS A 3693 15.52 -67.96 -26.06
CA LYS A 3693 16.03 -67.55 -24.76
C LYS A 3693 16.05 -68.76 -23.83
N LYS A 3694 17.25 -69.22 -23.49
CA LYS A 3694 17.43 -70.37 -22.61
C LYS A 3694 18.27 -69.94 -21.41
N PRO A 3695 17.74 -70.01 -20.19
CA PRO A 3695 18.49 -69.55 -19.02
C PRO A 3695 19.72 -70.42 -18.74
N ASP A 3696 20.71 -69.78 -18.13
CA ASP A 3696 21.91 -70.46 -17.66
C ASP A 3696 21.58 -71.25 -16.40
N PRO A 3697 22.46 -72.17 -15.99
CA PRO A 3697 22.21 -72.88 -14.72
C PRO A 3697 22.07 -71.95 -13.53
N LEU A 3698 22.90 -70.90 -13.46
CA LEU A 3698 22.78 -69.94 -12.38
C LEU A 3698 21.45 -69.21 -12.42
N HIS A 3699 20.99 -68.82 -13.62
CA HIS A 3699 19.70 -68.17 -13.74
C HIS A 3699 18.58 -69.10 -13.32
N GLN A 3700 18.68 -70.38 -13.66
CA GLN A 3700 17.69 -71.36 -13.23
C GLN A 3700 17.67 -71.51 -11.71
N LEU A 3701 18.85 -71.53 -11.08
CA LEU A 3701 18.91 -71.61 -9.62
C LEU A 3701 18.28 -70.38 -8.97
N VAL A 3702 18.57 -69.20 -9.51
CA VAL A 3702 17.98 -67.97 -8.96
C VAL A 3702 16.48 -67.99 -9.13
N LEU A 3703 15.98 -68.44 -10.28
CA LEU A 3703 14.55 -68.55 -10.49
C LEU A 3703 13.91 -69.54 -9.52
N HIS A 3704 14.57 -70.66 -9.26
CA HIS A 3704 14.03 -71.63 -8.32
C HIS A 3704 13.93 -71.05 -6.91
N PHE A 3705 14.96 -70.34 -6.48
CA PHE A 3705 14.89 -69.70 -5.17
C PHE A 3705 13.81 -68.63 -5.11
N SER A 3706 13.65 -67.86 -6.19
CA SER A 3706 12.59 -66.87 -6.24
C SER A 3706 11.21 -67.51 -6.18
N ARG A 3707 11.02 -68.64 -6.87
CA ARG A 3707 9.76 -69.35 -6.81
C ARG A 3707 9.48 -69.87 -5.40
N THR A 3708 10.50 -70.42 -4.75
CA THR A 3708 10.33 -70.87 -3.36
C THR A 3708 9.94 -69.72 -2.45
N ALA A 3709 10.57 -68.56 -2.64
CA ALA A 3709 10.18 -67.37 -1.88
C ALA A 3709 8.74 -66.94 -2.17
N LEU A 3710 8.34 -66.95 -3.44
CA LEU A 3710 7.01 -66.49 -3.83
C LEU A 3710 5.90 -67.43 -3.34
N THR A 3711 6.18 -68.73 -3.22
CA THR A 3711 5.17 -69.63 -2.66
C THR A 3711 4.78 -69.20 -1.27
N GLU A 3712 3.47 -69.11 -1.04
CA GLU A 3712 2.94 -68.57 0.20
C GLU A 3712 2.95 -69.63 1.31
N LYS A 3713 3.22 -69.19 2.53
CA LYS A 3713 3.24 -70.07 3.68
C LYS A 3713 2.84 -69.27 4.92
N SER A 3714 2.43 -70.00 5.96
CA SER A 3714 2.14 -69.36 7.23
C SER A 3714 3.40 -68.80 7.88
N LYS A 3715 4.52 -69.51 7.72
CA LYS A 3715 5.80 -69.05 8.26
C LYS A 3715 6.92 -69.57 7.37
N LEU A 3716 8.05 -68.88 7.42
CA LEU A 3716 9.19 -69.23 6.59
C LEU A 3716 9.96 -70.40 7.20
N ASP A 3717 10.40 -71.32 6.35
CA ASP A 3717 11.08 -72.53 6.79
C ASP A 3717 12.58 -72.29 6.91
N GLU A 3718 13.32 -73.39 7.09
CA GLU A 3718 14.77 -73.30 7.26
C GLU A 3718 15.48 -73.20 5.91
N ASP A 3719 15.37 -74.25 5.10
CA ASP A 3719 15.98 -74.30 3.76
C ASP A 3719 17.49 -74.09 3.83
N TYR A 3720 18.15 -75.08 4.44
CA TYR A 3720 19.59 -74.98 4.68
C TYR A 3720 20.41 -74.84 3.40
N LEU A 3721 19.88 -75.33 2.28
CA LEU A 3721 20.62 -75.21 1.02
C LEU A 3721 20.80 -73.75 0.61
N TYR A 3722 19.74 -72.95 0.76
CA TYR A 3722 19.84 -71.53 0.44
C TYR A 3722 20.85 -70.84 1.34
N MET A 3723 20.97 -71.30 2.58
CA MET A 3723 21.94 -70.70 3.50
C MET A 3723 23.35 -70.81 2.97
N ALA A 3724 23.72 -71.96 2.40
CA ALA A 3724 25.05 -72.10 1.82
C ALA A 3724 25.16 -71.35 0.49
N TYR A 3725 24.14 -71.45 -0.35
CA TYR A 3725 24.24 -70.85 -1.69
C TYR A 3725 24.26 -69.32 -1.64
N ALA A 3726 23.50 -68.69 -0.75
CA ALA A 3726 23.56 -67.24 -0.63
C ALA A 3726 24.93 -66.77 -0.19
N ASP A 3727 25.55 -67.46 0.77
CA ASP A 3727 26.91 -67.11 1.19
C ASP A 3727 27.90 -67.31 0.04
N ILE A 3728 27.78 -68.41 -0.70
CA ILE A 3728 28.68 -68.66 -1.81
C ILE A 3728 28.57 -67.56 -2.86
N MET A 3729 27.34 -67.16 -3.19
CA MET A 3729 27.15 -66.07 -4.15
C MET A 3729 27.69 -64.75 -3.61
N ALA A 3730 27.43 -64.45 -2.34
CA ALA A 3730 27.75 -63.12 -1.82
C ALA A 3730 29.25 -62.91 -1.63
N LYS A 3731 29.92 -63.81 -0.91
CA LYS A 3731 31.33 -63.55 -0.61
C LYS A 3731 32.20 -63.70 -1.85
N SER A 3732 31.69 -64.30 -2.91
CA SER A 3732 32.44 -64.36 -4.16
C SER A 3732 32.70 -62.96 -4.71
N CYS A 3733 31.64 -62.14 -4.83
CA CYS A 3733 31.83 -60.76 -5.25
C CYS A 3733 32.40 -59.90 -4.12
N HIS A 3734 32.12 -60.25 -2.86
CA HIS A 3734 32.71 -59.53 -1.75
C HIS A 3734 34.21 -59.72 -1.66
N LEU A 3735 34.76 -60.75 -2.32
CA LEU A 3735 36.21 -60.91 -2.36
C LEU A 3735 36.89 -59.74 -3.06
N GLU A 3736 36.28 -59.23 -4.13
CA GLU A 3736 36.80 -58.04 -4.79
C GLU A 3736 36.55 -56.76 -3.99
N GLU A 3737 35.53 -56.76 -3.13
CA GLU A 3737 35.26 -55.58 -2.32
C GLU A 3737 36.38 -55.32 -1.31
N GLY A 3738 36.91 -56.37 -0.70
CA GLY A 3738 37.98 -56.23 0.26
C GLY A 3738 39.15 -57.14 -0.01
N GLY A 3739 40.36 -56.58 0.02
CA GLY A 3739 41.56 -57.33 -0.27
C GLY A 3739 42.00 -57.33 -1.72
N GLU A 3740 41.21 -56.75 -2.62
CA GLU A 3740 41.63 -56.64 -4.01
C GLU A 3740 42.82 -55.71 -4.17
N GLU A 3747 50.90 -50.06 4.30
CA GLU A 3747 50.92 -48.91 5.20
C GLU A 3747 49.97 -47.81 4.72
N GLU A 3748 50.51 -46.85 3.99
CA GLU A 3748 49.71 -45.75 3.47
C GLU A 3748 48.95 -46.20 2.23
N VAL A 3749 48.34 -45.24 1.53
CA VAL A 3749 47.58 -45.56 0.32
C VAL A 3749 48.53 -46.09 -0.76
N GLU A 3750 49.48 -45.25 -1.18
CA GLU A 3750 50.56 -45.58 -2.12
C GLU A 3750 50.05 -46.28 -3.38
N VAL A 3751 48.78 -46.06 -3.73
CA VAL A 3751 48.18 -46.60 -4.94
C VAL A 3751 47.93 -45.47 -5.91
N SER A 3752 48.44 -45.60 -7.13
CA SER A 3752 48.30 -44.56 -8.15
C SER A 3752 46.91 -44.63 -8.77
N PHE A 3753 46.68 -43.79 -9.77
CA PHE A 3753 45.33 -43.65 -10.33
C PHE A 3753 44.91 -44.89 -11.10
N GLU A 3754 45.81 -45.44 -11.93
CA GLU A 3754 45.41 -46.46 -12.88
C GLU A 3754 44.91 -47.73 -12.20
N GLU A 3755 45.71 -48.30 -11.29
CA GLU A 3755 45.30 -49.54 -10.65
C GLU A 3755 44.23 -49.33 -9.59
N LYS A 3756 44.18 -48.16 -8.96
CA LYS A 3756 43.06 -47.86 -8.08
C LYS A 3756 41.74 -47.87 -8.85
N GLU A 3757 41.72 -47.23 -10.03
CA GLU A 3757 40.52 -47.26 -10.84
C GLU A 3757 40.23 -48.67 -11.35
N MET A 3758 41.27 -49.42 -11.72
CA MET A 3758 41.07 -50.79 -12.18
C MET A 3758 40.48 -51.68 -11.09
N GLU A 3759 40.86 -51.50 -9.84
CA GLU A 3759 40.26 -52.26 -8.76
C GLU A 3759 38.87 -51.76 -8.39
N LYS A 3760 38.63 -50.44 -8.46
CA LYS A 3760 37.33 -49.89 -8.13
C LYS A 3760 36.27 -50.30 -9.15
N GLN A 3761 36.59 -50.22 -10.44
CA GLN A 3761 35.67 -50.58 -11.50
C GLN A 3761 36.44 -51.40 -12.52
N ARG A 3762 35.70 -52.18 -13.32
CA ARG A 3762 36.19 -53.19 -14.25
C ARG A 3762 36.65 -54.45 -13.53
N LEU A 3763 36.70 -54.46 -12.20
CA LEU A 3763 36.83 -55.68 -11.42
C LEU A 3763 35.63 -55.92 -10.52
N LEU A 3764 34.77 -54.92 -10.30
CA LEU A 3764 33.50 -55.10 -9.64
C LEU A 3764 32.36 -55.33 -10.64
N TYR A 3765 32.66 -55.87 -11.82
CA TYR A 3765 31.63 -56.32 -12.74
C TYR A 3765 30.96 -57.59 -12.26
N GLN A 3766 31.52 -58.26 -11.25
CA GLN A 3766 30.95 -59.49 -10.73
C GLN A 3766 29.53 -59.29 -10.21
N GLN A 3767 29.21 -58.09 -9.71
CA GLN A 3767 27.84 -57.79 -9.36
C GLN A 3767 26.92 -57.83 -10.57
N SER A 3768 27.46 -57.70 -11.78
CA SER A 3768 26.66 -57.86 -12.98
C SER A 3768 26.63 -59.30 -13.46
N ARG A 3769 27.74 -60.03 -13.32
CA ARG A 3769 27.75 -61.43 -13.73
C ARG A 3769 26.95 -62.32 -12.80
N LEU A 3770 26.68 -61.87 -11.57
CA LEU A 3770 25.81 -62.61 -10.66
C LEU A 3770 24.35 -62.23 -10.85
N HIS A 3771 23.99 -61.81 -12.07
CA HIS A 3771 22.60 -61.54 -12.45
C HIS A 3771 22.02 -60.41 -11.59
N THR A 3772 22.58 -59.23 -11.82
CA THR A 3772 22.03 -58.01 -11.23
C THR A 3772 20.53 -57.92 -11.48
N ARG A 3773 20.09 -58.28 -12.69
CA ARG A 3773 18.66 -58.36 -12.98
C ARG A 3773 18.00 -59.54 -12.28
N GLY A 3774 18.77 -60.55 -11.88
CA GLY A 3774 18.20 -61.74 -11.29
C GLY A 3774 18.11 -61.72 -9.77
N ALA A 3775 19.23 -61.47 -9.10
CA ALA A 3775 19.30 -61.57 -7.65
C ALA A 3775 18.69 -60.37 -6.93
N ALA A 3776 18.55 -59.24 -7.63
CA ALA A 3776 18.01 -58.05 -6.98
C ALA A 3776 16.59 -58.26 -6.47
N GLU A 3777 15.74 -58.90 -7.29
CA GLU A 3777 14.40 -59.22 -6.83
C GLU A 3777 14.37 -60.42 -5.90
N MET A 3778 15.31 -61.36 -6.08
CA MET A 3778 15.35 -62.53 -5.21
C MET A 3778 15.65 -62.13 -3.77
N VAL A 3779 16.50 -61.13 -3.58
CA VAL A 3779 16.74 -60.63 -2.22
C VAL A 3779 15.47 -60.01 -1.65
N LEU A 3780 14.81 -59.16 -2.44
CA LEU A 3780 13.60 -58.41 -2.01
C LEU A 3780 12.48 -59.39 -1.63
N GLN A 3781 12.27 -60.42 -2.44
CA GLN A 3781 11.22 -61.45 -2.21
C GLN A 3781 11.54 -62.23 -0.93
N MET A 3782 12.82 -62.61 -0.75
CA MET A 3782 13.29 -63.38 0.43
C MET A 3782 13.11 -62.57 1.71
N ILE A 3783 13.48 -61.29 1.70
CA ILE A 3783 13.35 -60.40 2.86
C ILE A 3783 11.88 -60.25 3.23
N SER A 3784 11.01 -60.05 2.24
CA SER A 3784 9.60 -59.81 2.53
C SER A 3784 8.87 -61.05 3.01
N ALA A 3785 9.38 -62.25 2.70
CA ALA A 3785 8.70 -63.47 3.11
C ALA A 3785 8.64 -63.60 4.64
N CYS A 3786 9.73 -63.31 5.32
CA CYS A 3786 9.76 -63.33 6.77
C CYS A 3786 9.15 -62.02 7.29
N LYS A 3787 8.15 -62.13 8.15
CA LYS A 3787 7.42 -60.94 8.57
C LYS A 3787 8.22 -60.15 9.60
N GLY A 3788 8.50 -60.76 10.75
CA GLY A 3788 9.22 -60.06 11.79
C GLY A 3788 10.28 -60.90 12.47
N GLU A 3789 10.27 -62.20 12.21
CA GLU A 3789 11.20 -63.11 12.86
C GLU A 3789 12.61 -62.87 12.35
N THR A 3790 13.56 -62.74 13.27
CA THR A 3790 14.96 -62.52 12.94
C THR A 3790 15.73 -63.82 13.12
N GLY A 3791 16.64 -64.08 12.18
CA GLY A 3791 17.41 -65.31 12.26
C GLY A 3791 18.55 -65.41 11.26
N ALA A 3792 19.17 -66.60 11.21
CA ALA A 3792 20.30 -66.83 10.33
C ALA A 3792 19.93 -66.67 8.86
N MET A 3793 18.73 -67.08 8.47
CA MET A 3793 18.32 -66.91 7.07
C MET A 3793 18.22 -65.44 6.70
N VAL A 3794 17.64 -64.62 7.58
CA VAL A 3794 17.57 -63.18 7.34
C VAL A 3794 18.96 -62.58 7.28
N SER A 3795 19.85 -63.00 8.19
CA SER A 3795 21.22 -62.50 8.16
C SER A 3795 21.92 -62.85 6.85
N SER A 3796 21.75 -64.09 6.39
CA SER A 3796 22.35 -64.50 5.13
C SER A 3796 21.80 -63.72 3.95
N THR A 3797 20.49 -63.46 3.92
CA THR A 3797 19.93 -62.64 2.84
C THR A 3797 20.47 -61.22 2.89
N LEU A 3798 20.61 -60.65 4.09
CA LEU A 3798 21.13 -59.29 4.20
C LEU A 3798 22.59 -59.22 3.75
N LYS A 3799 23.37 -60.28 4.01
CA LYS A 3799 24.74 -60.30 3.50
C LYS A 3799 24.78 -60.17 1.98
N LEU A 3800 23.95 -60.95 1.28
CA LEU A 3800 23.90 -60.86 -0.17
C LEU A 3800 23.41 -59.49 -0.62
N GLY A 3801 22.40 -58.96 0.07
CA GLY A 3801 21.89 -57.64 -0.28
C GLY A 3801 22.94 -56.55 -0.17
N ILE A 3802 23.77 -56.62 0.87
CA ILE A 3802 24.85 -55.64 1.01
C ILE A 3802 25.92 -55.88 -0.06
N SER A 3803 26.29 -57.14 -0.30
CA SER A 3803 27.39 -57.42 -1.21
C SER A 3803 27.05 -57.13 -2.66
N ILE A 3804 25.78 -57.17 -3.04
CA ILE A 3804 25.40 -56.89 -4.43
C ILE A 3804 25.72 -55.45 -4.80
N LEU A 3805 25.38 -54.51 -3.93
CA LEU A 3805 25.44 -53.09 -4.27
C LEU A 3805 26.40 -52.33 -3.37
N ASN A 3806 27.58 -52.91 -3.16
CA ASN A 3806 28.56 -52.31 -2.26
C ASN A 3806 29.01 -50.94 -2.71
N GLY A 3807 29.32 -50.77 -4.00
CA GLY A 3807 29.82 -49.52 -4.52
C GLY A 3807 28.77 -48.48 -4.82
N GLY A 3808 27.49 -48.82 -4.70
CA GLY A 3808 26.40 -47.92 -4.98
C GLY A 3808 25.52 -48.42 -6.11
N ASN A 3809 26.14 -48.87 -7.20
CA ASN A 3809 25.49 -49.65 -8.25
C ASN A 3809 24.12 -49.07 -8.63
N ALA A 3810 24.18 -47.91 -9.28
CA ALA A 3810 22.96 -47.22 -9.70
C ALA A 3810 22.04 -48.13 -10.52
N GLU A 3811 22.59 -49.04 -11.31
CA GLU A 3811 21.75 -49.99 -12.04
C GLU A 3811 20.97 -50.88 -11.08
N VAL A 3812 21.63 -51.38 -10.03
CA VAL A 3812 20.93 -52.23 -9.06
C VAL A 3812 19.88 -51.41 -8.32
N GLN A 3813 20.20 -50.17 -7.96
CA GLN A 3813 19.21 -49.34 -7.29
C GLN A 3813 17.99 -49.10 -8.16
N GLN A 3814 18.20 -48.84 -9.46
CA GLN A 3814 17.08 -48.66 -10.37
C GLN A 3814 16.26 -49.94 -10.51
N LYS A 3815 16.95 -51.09 -10.63
CA LYS A 3815 16.25 -52.36 -10.76
C LYS A 3815 15.46 -52.73 -9.52
N MET A 3816 15.88 -52.28 -8.34
CA MET A 3816 15.05 -52.50 -7.16
C MET A 3816 13.90 -51.51 -7.08
N LEU A 3817 14.15 -50.22 -7.36
CA LEU A 3817 13.10 -49.22 -7.22
C LEU A 3817 11.96 -49.42 -8.22
N ASP A 3818 12.29 -49.64 -9.49
CA ASP A 3818 11.23 -49.84 -10.48
C ASP A 3818 10.44 -51.11 -10.20
N TYR A 3819 11.11 -52.17 -9.76
CA TYR A 3819 10.40 -53.40 -9.41
C TYR A 3819 9.46 -53.16 -8.23
N LEU A 3820 9.92 -52.45 -7.20
CA LEU A 3820 9.06 -52.17 -6.07
C LEU A 3820 7.85 -51.34 -6.47
N LYS A 3821 8.04 -50.31 -7.29
CA LYS A 3821 6.91 -49.51 -7.75
C LYS A 3821 5.96 -50.32 -8.62
N ASP A 3822 6.49 -51.20 -9.47
CA ASP A 3822 5.63 -52.01 -10.33
C ASP A 3822 4.80 -52.99 -9.51
N LYS A 3823 5.43 -53.70 -8.57
CA LYS A 3823 4.70 -54.66 -7.76
C LYS A 3823 3.66 -53.95 -6.88
N LYS A 3824 4.04 -52.83 -6.28
CA LYS A 3824 3.14 -52.03 -5.45
C LYS A 3824 2.51 -52.90 -4.35
N GLU A 3825 3.29 -53.80 -3.78
CA GLU A 3825 2.83 -54.72 -2.76
C GLU A 3825 3.35 -54.25 -1.40
N VAL A 3826 2.44 -53.94 -0.49
CA VAL A 3826 2.83 -53.53 0.85
C VAL A 3826 3.29 -54.75 1.63
N GLY A 3827 4.19 -54.54 2.58
CA GLY A 3827 4.66 -55.61 3.44
C GLY A 3827 6.16 -55.59 3.66
N PHE A 3828 6.93 -55.19 2.64
CA PHE A 3828 8.38 -55.13 2.79
C PHE A 3828 8.79 -54.08 3.82
N PHE A 3829 8.21 -52.89 3.73
CA PHE A 3829 8.56 -51.82 4.66
C PHE A 3829 8.09 -52.12 6.08
N GLN A 3830 6.91 -52.70 6.24
CA GLN A 3830 6.47 -53.08 7.57
C GLN A 3830 7.29 -54.23 8.14
N SER A 3831 7.76 -55.16 7.29
CA SER A 3831 8.68 -56.18 7.76
C SER A 3831 9.98 -55.55 8.24
N ILE A 3832 10.51 -54.57 7.50
CA ILE A 3832 11.72 -53.88 7.94
C ILE A 3832 11.49 -53.18 9.27
N GLN A 3833 10.35 -52.50 9.42
CA GLN A 3833 10.06 -51.80 10.66
C GLN A 3833 9.96 -52.77 11.83
N ALA A 3834 9.25 -53.88 11.65
CA ALA A 3834 9.12 -54.87 12.71
C ALA A 3834 10.46 -55.50 13.06
N LEU A 3835 11.30 -55.76 12.05
CA LEU A 3835 12.62 -56.31 12.30
C LEU A 3835 13.50 -55.33 13.07
N MET A 3836 13.41 -54.03 12.75
CA MET A 3836 14.19 -53.03 13.46
C MET A 3836 13.65 -52.74 14.86
N GLN A 3837 12.37 -53.03 15.10
CA GLN A 3837 11.82 -52.89 16.46
C GLN A 3837 12.52 -53.83 17.43
N THR A 3838 12.79 -55.06 17.01
CA THR A 3838 13.39 -56.07 17.89
C THR A 3838 14.92 -56.06 17.78
N CYS A 3839 15.48 -54.88 18.02
CA CYS A 3839 16.92 -54.68 17.99
C CYS A 3839 17.44 -54.54 19.41
N SER A 3840 18.46 -55.31 19.76
CA SER A 3840 18.99 -55.32 21.11
C SER A 3840 19.72 -54.02 21.42
N VAL A 3841 19.62 -53.59 22.68
CA VAL A 3841 20.29 -52.38 23.16
C VAL A 3841 21.07 -52.76 24.41
N LEU A 3842 22.11 -51.99 24.70
CA LEU A 3842 22.99 -52.26 25.83
C LEU A 3842 22.20 -52.36 27.12
N ASP A 3843 22.45 -53.41 27.90
CA ASP A 3843 21.66 -53.73 29.07
C ASP A 3843 22.56 -53.80 30.31
N LEU A 3844 22.44 -52.80 31.18
CA LEU A 3844 23.25 -52.73 32.38
C LEU A 3844 22.90 -53.85 33.37
N ASN A 3845 21.62 -54.21 33.48
CA ASN A 3845 21.24 -55.31 34.37
C ASN A 3845 21.87 -56.62 33.92
N ALA A 3846 21.82 -56.91 32.63
CA ALA A 3846 22.46 -58.12 32.11
C ALA A 3846 23.97 -58.06 32.28
N PHE A 3847 24.58 -56.89 32.10
CA PHE A 3847 26.01 -56.76 32.33
C PHE A 3847 26.37 -57.03 33.79
N GLU A 3848 25.57 -56.51 34.73
CA GLU A 3848 25.80 -56.78 36.14
C GLU A 3848 25.64 -58.26 36.47
N ARG A 3849 24.63 -58.91 35.90
CA ARG A 3849 24.47 -60.35 36.10
C ARG A 3849 25.66 -61.12 35.57
N GLN A 3850 26.14 -60.76 34.38
CA GLN A 3850 27.30 -61.44 33.79
C GLN A 3850 28.54 -61.24 34.64
N ASN A 3851 28.72 -60.05 35.21
CA ASN A 3851 29.89 -59.81 36.06
C ASN A 3851 29.91 -60.75 37.26
N LYS A 3852 28.76 -60.96 37.89
CA LYS A 3852 28.70 -61.85 39.04
C LYS A 3852 28.81 -63.31 38.61
N ALA A 3853 28.24 -63.66 37.45
CA ALA A 3853 28.35 -65.03 36.95
C ALA A 3853 29.77 -65.39 36.56
N GLU A 3854 30.58 -64.41 36.17
CA GLU A 3854 31.98 -64.66 35.86
C GLU A 3854 32.84 -64.87 37.10
N GLY A 3855 32.30 -64.63 38.30
CA GLY A 3855 33.09 -64.77 39.51
C GLY A 3855 33.50 -66.20 39.80
N LEU A 3856 32.61 -67.17 39.54
CA LEU A 3856 32.87 -68.57 39.80
C LEU A 3856 33.33 -69.33 38.55
N GLY A 3857 34.03 -68.64 37.64
CA GLY A 3857 34.51 -69.29 36.43
C GLY A 3857 35.45 -70.44 36.71
N MET A 3858 36.32 -70.30 37.72
CA MET A 3858 37.23 -71.36 38.12
C MET A 3858 36.52 -72.28 39.13
N VAL A 3859 35.57 -73.05 38.59
CA VAL A 3859 34.75 -73.95 39.41
C VAL A 3859 35.59 -75.14 39.85
N ASN A 3860 35.08 -75.91 40.79
CA ASN A 3860 35.79 -77.04 41.35
C ASN A 3860 35.82 -78.20 40.33
N GLU A 3861 36.30 -79.36 40.78
CA GLU A 3861 36.42 -80.52 39.91
C GLU A 3861 35.03 -80.94 39.41
N ASP A 3862 34.94 -81.28 38.13
CA ASP A 3862 33.72 -81.71 37.45
C ASP A 3862 32.64 -80.64 37.44
N GLY A 3863 32.95 -79.41 37.84
CA GLY A 3863 31.98 -78.33 37.83
C GLY A 3863 32.32 -77.23 36.85
N THR A 3864 33.49 -77.33 36.22
CA THR A 3864 33.96 -76.33 35.27
C THR A 3864 34.06 -76.90 33.85
N VAL A 3865 33.24 -77.89 33.52
CA VAL A 3865 33.30 -78.51 32.19
C VAL A 3865 32.89 -77.50 31.12
N ILE A 3866 31.75 -76.83 31.34
CA ILE A 3866 31.24 -75.85 30.39
C ILE A 3866 30.83 -74.55 31.06
N ASN A 3867 30.91 -74.46 32.39
CA ASN A 3867 30.49 -73.24 33.09
C ASN A 3867 31.31 -72.02 32.70
N ARG A 3868 32.50 -72.22 32.13
CA ARG A 3868 33.31 -71.10 31.68
C ARG A 3868 32.75 -70.48 30.40
N GLN A 3869 31.79 -71.13 29.74
CA GLN A 3869 31.22 -70.64 28.48
C GLN A 3869 30.25 -69.50 28.79
N ASN A 3870 30.82 -68.32 29.05
CA ASN A 3870 30.04 -67.12 29.34
C ASN A 3870 30.62 -65.93 28.60
N GLY A 3871 30.89 -66.12 27.30
CA GLY A 3871 31.56 -65.12 26.49
C GLY A 3871 30.91 -63.75 26.45
N GLU A 3872 29.74 -63.64 25.84
CA GLU A 3872 29.09 -62.33 25.67
C GLU A 3872 27.60 -62.55 25.53
N LYS A 3873 26.83 -62.08 26.52
CA LYS A 3873 25.38 -62.16 26.50
C LYS A 3873 24.70 -60.80 26.55
N VAL A 3874 25.44 -59.72 26.75
CA VAL A 3874 24.82 -58.39 26.86
C VAL A 3874 24.29 -57.93 25.51
N MET A 3875 25.05 -58.16 24.44
CA MET A 3875 24.67 -57.74 23.10
C MET A 3875 25.01 -58.86 22.12
N ALA A 3876 23.98 -59.43 21.50
CA ALA A 3876 24.16 -60.51 20.54
C ALA A 3876 23.85 -60.11 19.11
N ASP A 3877 23.23 -58.94 18.89
CA ASP A 3877 22.89 -58.47 17.57
C ASP A 3877 23.82 -57.35 17.10
N ASP A 3878 25.04 -57.32 17.61
CA ASP A 3878 25.99 -56.29 17.18
C ASP A 3878 26.31 -56.43 15.70
N GLU A 3879 26.54 -57.65 15.22
CA GLU A 3879 26.87 -57.85 13.83
C GLU A 3879 25.63 -57.87 12.94
N PHE A 3880 24.43 -57.83 13.53
CA PHE A 3880 23.21 -57.83 12.74
C PHE A 3880 22.64 -56.43 12.57
N THR A 3881 22.58 -55.66 13.66
CA THR A 3881 22.11 -54.29 13.55
C THR A 3881 23.02 -53.45 12.66
N GLN A 3882 24.33 -53.64 12.78
CA GLN A 3882 25.27 -52.94 11.91
C GLN A 3882 25.00 -53.26 10.46
N ASP A 3883 24.79 -54.53 10.13
CA ASP A 3883 24.51 -54.92 8.75
C ASP A 3883 23.18 -54.36 8.26
N LEU A 3884 22.14 -54.40 9.09
CA LEU A 3884 20.85 -53.86 8.66
C LEU A 3884 20.95 -52.36 8.36
N PHE A 3885 21.59 -51.60 9.25
CA PHE A 3885 21.71 -50.17 9.01
C PHE A 3885 22.68 -49.85 7.88
N ARG A 3886 23.71 -50.66 7.68
CA ARG A 3886 24.58 -50.48 6.51
C ARG A 3886 23.80 -50.70 5.22
N PHE A 3887 22.96 -51.73 5.17
CA PHE A 3887 22.13 -51.95 4.00
C PHE A 3887 21.16 -50.79 3.77
N LEU A 3888 20.53 -50.29 4.84
CA LEU A 3888 19.62 -49.17 4.68
C LEU A 3888 20.34 -47.92 4.17
N GLN A 3889 21.53 -47.65 4.69
CA GLN A 3889 22.33 -46.52 4.19
C GLN A 3889 22.70 -46.73 2.73
N LEU A 3890 23.15 -47.94 2.38
CA LEU A 3890 23.76 -48.16 1.08
C LEU A 3890 22.72 -48.33 -0.02
N LEU A 3891 21.44 -48.52 0.35
CA LEU A 3891 20.39 -48.50 -0.66
C LEU A 3891 20.30 -47.16 -1.38
N CYS A 3892 20.74 -46.08 -0.76
CA CYS A 3892 20.75 -44.75 -1.38
C CYS A 3892 22.12 -44.09 -1.20
N GLU A 3893 23.18 -44.85 -1.49
CA GLU A 3893 24.53 -44.32 -1.37
C GLU A 3893 24.74 -43.16 -2.32
N GLY A 3894 24.46 -43.36 -3.61
CA GLY A 3894 24.57 -42.28 -4.57
C GLY A 3894 23.40 -41.33 -4.44
N HIS A 3895 23.67 -40.06 -4.69
CA HIS A 3895 22.62 -39.04 -4.62
C HIS A 3895 21.68 -39.19 -5.80
N ASN A 3896 20.54 -39.83 -5.57
CA ASN A 3896 19.58 -40.11 -6.62
C ASN A 3896 18.24 -39.40 -6.44
N ASN A 3897 17.88 -39.01 -5.22
CA ASN A 3897 16.72 -38.17 -4.95
C ASN A 3897 15.40 -38.85 -5.27
N ASP A 3898 15.45 -40.09 -5.77
CA ASP A 3898 14.22 -40.84 -5.98
C ASP A 3898 13.93 -41.77 -4.82
N PHE A 3899 14.88 -42.65 -4.49
CA PHE A 3899 14.66 -43.59 -3.40
C PHE A 3899 14.64 -42.89 -2.05
N GLN A 3900 15.38 -41.79 -1.93
CA GLN A 3900 15.33 -41.00 -0.69
C GLN A 3900 13.94 -40.47 -0.42
N ASN A 3901 13.27 -39.92 -1.44
CA ASN A 3901 11.91 -39.47 -1.29
C ASN A 3901 10.92 -40.63 -1.16
N TYR A 3902 11.20 -41.76 -1.80
CA TYR A 3902 10.34 -42.93 -1.65
C TYR A 3902 10.35 -43.47 -0.23
N LEU A 3903 11.50 -43.40 0.45
CA LEU A 3903 11.57 -43.90 1.82
C LEU A 3903 10.66 -43.13 2.76
N ARG A 3904 10.60 -41.81 2.62
CA ARG A 3904 9.81 -40.99 3.53
C ARG A 3904 8.33 -41.31 3.42
N THR A 3905 7.82 -41.44 2.20
CA THR A 3905 6.42 -41.75 1.99
C THR A 3905 6.25 -42.50 0.67
N GLN A 3906 5.23 -43.35 0.62
CA GLN A 3906 4.94 -44.18 -0.54
C GLN A 3906 3.55 -43.85 -1.05
N THR A 3907 3.48 -43.26 -2.25
CA THR A 3907 2.20 -42.87 -2.80
C THR A 3907 1.39 -44.07 -3.30
N GLY A 3908 2.07 -45.01 -3.97
CA GLY A 3908 1.35 -46.15 -4.53
C GLY A 3908 0.74 -47.05 -3.47
N ASN A 3909 1.48 -47.32 -2.40
CA ASN A 3909 0.99 -48.21 -1.37
C ASN A 3909 -0.13 -47.56 -0.57
N THR A 3910 -0.95 -48.41 0.06
CA THR A 3910 -2.07 -47.91 0.84
C THR A 3910 -1.61 -47.23 2.13
N THR A 3911 -0.52 -47.73 2.73
CA THR A 3911 -0.02 -47.21 3.99
C THR A 3911 1.45 -46.85 3.86
N THR A 3912 1.88 -45.89 4.67
CA THR A 3912 3.26 -45.40 4.66
C THR A 3912 3.92 -45.78 5.98
N ILE A 3913 5.25 -45.91 5.95
CA ILE A 3913 5.99 -46.38 7.12
C ILE A 3913 6.85 -45.29 7.73
N ASN A 3914 7.49 -44.46 6.89
CA ASN A 3914 8.33 -43.35 7.34
C ASN A 3914 9.50 -43.86 8.19
N ILE A 3915 10.38 -44.59 7.51
CA ILE A 3915 11.52 -45.23 8.16
C ILE A 3915 12.45 -44.21 8.83
N ILE A 3916 12.44 -42.98 8.33
CA ILE A 3916 13.33 -41.95 8.89
C ILE A 3916 12.98 -41.70 10.36
N ILE A 3917 11.70 -41.63 10.69
CA ILE A 3917 11.30 -41.43 12.08
C ILE A 3917 11.69 -42.63 12.94
N CYS A 3918 11.53 -43.84 12.42
CA CYS A 3918 11.91 -45.03 13.18
C CYS A 3918 13.42 -45.06 13.46
N THR A 3919 14.23 -44.56 12.52
CA THR A 3919 15.68 -44.53 12.75
C THR A 3919 16.04 -43.66 13.95
N VAL A 3920 15.50 -42.43 14.00
CA VAL A 3920 15.79 -41.56 15.13
C VAL A 3920 15.15 -42.11 16.41
N ASP A 3921 14.03 -42.82 16.28
CA ASP A 3921 13.44 -43.46 17.45
C ASP A 3921 14.38 -44.50 18.05
N TYR A 3922 15.02 -45.30 17.21
CA TYR A 3922 16.01 -46.26 17.72
C TYR A 3922 17.24 -45.55 18.27
N LEU A 3923 17.66 -44.46 17.62
CA LEU A 3923 18.82 -43.72 18.10
C LEU A 3923 18.58 -43.16 19.50
N LEU A 3924 17.37 -42.67 19.77
CA LEU A 3924 17.05 -42.17 21.10
C LEU A 3924 17.14 -43.27 22.15
N ARG A 3925 16.64 -44.47 21.83
CA ARG A 3925 16.75 -45.59 22.76
C ARG A 3925 18.20 -45.94 23.03
N LEU A 3926 19.05 -45.93 22.00
CA LEU A 3926 20.47 -46.17 22.23
C LEU A 3926 21.10 -45.09 23.10
N GLN A 3927 20.73 -43.83 22.87
CA GLN A 3927 21.29 -42.72 23.66
C GLN A 3927 20.92 -42.87 25.14
N GLU A 3928 19.67 -43.22 25.43
CA GLU A 3928 19.26 -43.38 26.82
C GLU A 3928 20.07 -44.48 27.50
N SER A 3929 20.29 -45.61 26.81
CA SER A 3929 21.07 -46.69 27.39
C SER A 3929 22.52 -46.28 27.64
N ILE A 3930 23.13 -45.56 26.69
CA ILE A 3930 24.51 -45.13 26.90
C ILE A 3930 24.60 -44.16 28.07
N SER A 3931 23.65 -43.23 28.16
CA SER A 3931 23.66 -42.28 29.27
C SER A 3931 23.49 -43.00 30.60
N ASP A 3932 22.59 -43.99 30.67
CA ASP A 3932 22.43 -44.75 31.90
C ASP A 3932 23.69 -45.54 32.24
N PHE A 3933 24.36 -46.11 31.23
CA PHE A 3933 25.57 -46.87 31.49
C PHE A 3933 26.70 -45.98 32.00
N TYR A 3934 26.74 -44.72 31.56
CA TYR A 3934 27.81 -43.84 32.01
C TYR A 3934 27.76 -43.61 33.52
N TRP A 3935 26.57 -43.40 34.07
CA TRP A 3935 26.45 -43.11 35.49
C TRP A 3935 26.94 -44.27 36.36
N TYR A 3936 26.85 -45.51 35.87
CA TYR A 3936 27.31 -46.64 36.65
C TYR A 3936 28.80 -46.59 36.91
N TYR A 3937 29.59 -46.19 35.92
CA TYR A 3937 31.04 -46.06 36.07
C TYR A 3937 31.47 -44.65 36.42
N SER A 3938 30.51 -43.73 36.57
CA SER A 3938 30.85 -42.37 36.98
C SER A 3938 31.63 -42.34 38.28
N GLY A 3939 31.23 -43.16 39.26
CA GLY A 3939 31.89 -43.16 40.54
C GLY A 3939 33.25 -43.83 40.55
N LYS A 3940 33.42 -44.86 39.72
CA LYS A 3940 34.67 -45.62 39.73
C LYS A 3940 35.82 -44.79 39.16
N ASP A 3941 37.00 -44.93 39.76
CA ASP A 3941 38.16 -44.18 39.31
C ASP A 3941 38.68 -44.70 37.97
N VAL A 3942 38.81 -46.02 37.84
CA VAL A 3942 39.39 -46.65 36.66
C VAL A 3942 38.44 -47.70 36.14
N ILE A 3943 38.21 -47.69 34.83
CA ILE A 3943 37.32 -48.65 34.17
C ILE A 3943 38.10 -49.91 33.86
N GLU A 3944 37.52 -51.06 34.19
CA GLU A 3944 38.18 -52.34 33.96
C GLU A 3944 38.20 -52.68 32.48
N GLU A 3945 39.02 -53.68 32.13
CA GLU A 3945 39.13 -54.12 30.75
C GLU A 3945 37.81 -54.69 30.23
N GLN A 3946 37.11 -55.47 31.06
CA GLN A 3946 35.81 -56.00 30.65
C GLN A 3946 34.81 -54.89 30.40
N GLY A 3947 34.82 -53.85 31.23
CA GLY A 3947 33.96 -52.71 30.98
C GLY A 3947 34.32 -51.96 29.71
N LYS A 3948 35.62 -51.78 29.47
CA LYS A 3948 36.07 -51.03 28.29
C LYS A 3948 35.70 -51.77 27.01
N ARG A 3949 35.95 -53.07 26.96
CA ARG A 3949 35.63 -53.84 25.75
C ARG A 3949 34.14 -53.85 25.47
N ASN A 3950 33.32 -53.97 26.51
CA ASN A 3950 31.88 -53.87 26.36
C ASN A 3950 31.46 -52.48 25.88
N PHE A 3951 32.06 -51.43 26.43
CA PHE A 3951 31.66 -50.07 26.10
C PHE A 3951 32.07 -49.69 24.69
N SER A 3952 33.14 -50.28 24.18
CA SER A 3952 33.57 -49.98 22.82
C SER A 3952 32.64 -50.55 21.76
N LYS A 3953 31.78 -51.49 22.13
CA LYS A 3953 30.89 -52.11 21.14
C LYS A 3953 29.78 -51.16 20.71
N ALA A 3954 29.26 -50.35 21.64
CA ALA A 3954 28.17 -49.43 21.32
C ALA A 3954 28.61 -48.29 20.41
N MET A 3955 29.88 -47.89 20.46
CA MET A 3955 30.36 -46.82 19.61
C MET A 3955 30.25 -47.19 18.13
N SER A 3956 30.53 -48.44 17.78
CA SER A 3956 30.42 -48.84 16.38
C SER A 3956 28.99 -48.72 15.88
N VAL A 3957 28.02 -49.17 16.68
CA VAL A 3957 26.62 -49.07 16.28
C VAL A 3957 26.19 -47.61 16.18
N ALA A 3958 26.59 -46.79 17.16
CA ALA A 3958 26.23 -45.38 17.12
C ALA A 3958 26.83 -44.67 15.91
N LYS A 3959 28.09 -44.97 15.59
CA LYS A 3959 28.73 -44.39 14.41
C LYS A 3959 28.03 -44.83 13.14
N GLN A 3960 27.62 -46.10 13.07
CA GLN A 3960 26.89 -46.56 11.90
C GLN A 3960 25.54 -45.86 11.75
N VAL A 3961 24.83 -45.65 12.86
CA VAL A 3961 23.54 -44.95 12.79
C VAL A 3961 23.75 -43.51 12.34
N PHE A 3962 24.74 -42.81 12.90
CA PHE A 3962 25.04 -41.46 12.43
C PHE A 3962 25.39 -41.44 10.95
N ASN A 3963 26.26 -42.35 10.52
CA ASN A 3963 26.70 -42.35 9.13
C ASN A 3963 25.55 -42.68 8.18
N SER A 3964 24.58 -43.48 8.64
CA SER A 3964 23.40 -43.74 7.83
C SER A 3964 22.47 -42.53 7.79
N LEU A 3965 22.36 -41.79 8.89
CA LEU A 3965 21.46 -40.64 8.91
C LEU A 3965 21.91 -39.51 7.98
N THR A 3966 23.21 -39.40 7.70
CA THR A 3966 23.67 -38.33 6.83
C THR A 3966 23.29 -38.58 5.38
N GLU A 3967 23.11 -39.84 4.99
CA GLU A 3967 22.82 -40.15 3.59
C GLU A 3967 21.39 -39.83 3.20
N TYR A 3968 20.48 -39.71 4.17
CA TYR A 3968 19.14 -39.24 3.85
C TYR A 3968 19.12 -37.74 3.60
N ILE A 3969 20.06 -37.01 4.19
CA ILE A 3969 20.05 -35.56 4.09
C ILE A 3969 20.90 -35.08 2.93
N GLN A 3970 22.09 -35.68 2.75
CA GLN A 3970 22.98 -35.25 1.69
C GLN A 3970 22.34 -35.46 0.32
N GLY A 3971 22.79 -34.66 -0.64
CA GLY A 3971 22.07 -34.55 -1.90
C GLY A 3971 20.78 -33.81 -1.65
N PRO A 3972 20.89 -32.50 -1.37
CA PRO A 3972 19.82 -31.77 -0.68
C PRO A 3972 18.41 -32.05 -1.18
N CYS A 3973 17.58 -32.63 -0.32
CA CYS A 3973 16.17 -32.84 -0.57
C CYS A 3973 15.39 -32.21 0.57
N THR A 3974 14.44 -31.34 0.24
CA THR A 3974 13.76 -30.55 1.27
C THR A 3974 12.85 -31.41 2.12
N GLY A 3975 12.21 -32.43 1.54
CA GLY A 3975 11.27 -33.22 2.30
C GLY A 3975 11.89 -33.93 3.49
N ASN A 3976 13.01 -34.62 3.26
CA ASN A 3976 13.67 -35.32 4.37
C ASN A 3976 14.23 -34.35 5.40
N GLN A 3977 14.79 -33.22 4.95
CA GLN A 3977 15.29 -32.24 5.89
C GLN A 3977 14.19 -31.71 6.80
N GLN A 3978 13.03 -31.37 6.23
CA GLN A 3978 11.93 -30.88 7.04
C GLN A 3978 11.36 -31.96 7.94
N SER A 3979 11.23 -33.19 7.43
CA SER A 3979 10.69 -34.27 8.25
C SER A 3979 11.61 -34.57 9.43
N LEU A 3980 12.92 -34.53 9.22
CA LEU A 3980 13.85 -34.77 10.31
C LEU A 3980 13.95 -33.58 11.26
N ALA A 3981 13.76 -32.35 10.76
CA ALA A 3981 13.75 -31.19 11.64
C ALA A 3981 12.51 -31.14 12.52
N HIS A 3982 11.37 -31.61 12.01
CA HIS A 3982 10.17 -31.69 12.84
C HIS A 3982 10.22 -32.82 13.86
N SER A 3983 11.20 -33.71 13.77
CA SER A 3983 11.33 -34.81 14.71
C SER A 3983 12.12 -34.37 15.95
N ARG A 3984 12.20 -35.27 16.91
CA ARG A 3984 12.90 -35.00 18.18
C ARG A 3984 14.35 -35.47 18.15
N LEU A 3985 15.10 -35.03 17.14
CA LEU A 3985 16.51 -35.39 17.07
C LEU A 3985 17.33 -34.60 18.08
N TRP A 3986 17.00 -33.32 18.30
CA TRP A 3986 17.80 -32.49 19.18
C TRP A 3986 17.76 -32.98 20.62
N ASP A 3987 16.69 -33.67 21.01
CA ASP A 3987 16.66 -34.30 22.33
C ASP A 3987 17.76 -35.35 22.46
N ALA A 3988 17.98 -36.15 21.41
CA ALA A 3988 19.07 -37.12 21.44
C ALA A 3988 20.43 -36.44 21.33
N VAL A 3989 20.51 -35.34 20.57
CA VAL A 3989 21.76 -34.62 20.42
C VAL A 3989 22.20 -34.03 21.76
N VAL A 3990 21.27 -33.49 22.54
CA VAL A 3990 21.62 -32.96 23.85
C VAL A 3990 22.16 -34.06 24.75
N GLY A 3991 21.52 -35.23 24.74
CA GLY A 3991 22.00 -36.34 25.53
C GLY A 3991 23.37 -36.81 25.11
N PHE A 3992 23.63 -36.86 23.80
CA PHE A 3992 24.97 -37.21 23.34
C PHE A 3992 26.00 -36.17 23.77
N LEU A 3993 25.66 -34.88 23.70
CA LEU A 3993 26.59 -33.85 24.14
C LEU A 3993 26.90 -33.98 25.63
N HIS A 3994 25.89 -34.29 26.44
CA HIS A 3994 26.10 -34.41 27.87
C HIS A 3994 27.09 -35.52 28.21
N VAL A 3995 26.97 -36.68 27.56
CA VAL A 3995 27.93 -37.74 27.83
C VAL A 3995 29.28 -37.44 27.18
N PHE A 3996 29.30 -36.76 26.04
CA PHE A 3996 30.58 -36.45 25.39
C PHE A 3996 31.41 -35.49 26.24
N ALA A 3997 30.76 -34.51 26.87
CA ALA A 3997 31.50 -33.56 27.67
C ALA A 3997 32.15 -34.21 28.90
N HIS A 3998 31.47 -35.18 29.51
CA HIS A 3998 31.94 -35.74 30.76
C HIS A 3998 32.84 -36.96 30.55
N MET A 3999 32.44 -37.88 29.67
CA MET A 3999 33.21 -39.10 29.48
C MET A 3999 34.60 -38.80 28.91
N MET A 4000 34.67 -37.88 27.93
CA MET A 4000 35.96 -37.46 27.41
C MET A 4000 36.81 -36.80 28.49
N MET A 4001 36.19 -35.95 29.31
CA MET A 4001 36.91 -35.27 30.37
C MET A 4001 37.49 -36.28 31.36
N LYS A 4002 36.71 -37.33 31.67
CA LYS A 4002 37.14 -38.36 32.61
C LYS A 4002 38.20 -39.29 32.04
N LEU A 4003 38.14 -39.58 30.73
CA LEU A 4003 39.06 -40.54 30.15
C LEU A 4003 40.49 -40.02 30.06
N ALA A 4004 40.67 -38.70 29.94
CA ALA A 4004 41.99 -38.15 29.71
C ALA A 4004 42.92 -38.26 30.90
N GLN A 4005 42.38 -38.49 32.11
CA GLN A 4005 43.22 -38.50 33.30
C GLN A 4005 44.17 -39.69 33.32
N ASP A 4006 43.70 -40.85 32.85
CA ASP A 4006 44.52 -42.06 32.86
C ASP A 4006 45.11 -42.31 31.49
N SER A 4007 46.35 -42.79 31.46
CA SER A 4007 47.05 -43.03 30.21
C SER A 4007 46.80 -44.42 29.63
N SER A 4008 46.20 -45.33 30.40
CA SER A 4008 45.97 -46.68 29.91
C SER A 4008 44.78 -46.75 28.95
N GLN A 4009 43.80 -45.86 29.11
CA GLN A 4009 42.57 -45.89 28.32
C GLN A 4009 42.58 -44.88 27.18
N ILE A 4010 43.73 -44.66 26.54
CA ILE A 4010 43.82 -43.69 25.47
C ILE A 4010 43.01 -44.12 24.25
N GLU A 4011 42.94 -45.43 23.98
CA GLU A 4011 42.23 -45.92 22.79
C GLU A 4011 40.73 -45.59 22.85
N LEU A 4012 40.12 -45.74 24.02
CA LEU A 4012 38.70 -45.40 24.14
C LEU A 4012 38.45 -43.93 23.86
N LEU A 4013 39.31 -43.04 24.36
CA LEU A 4013 39.17 -41.62 24.06
C LEU A 4013 39.36 -41.36 22.57
N LYS A 4014 40.32 -42.04 21.95
CA LYS A 4014 40.56 -41.85 20.51
C LYS A 4014 39.34 -42.26 19.70
N GLU A 4015 38.70 -43.37 20.06
CA GLU A 4015 37.48 -43.78 19.37
C GLU A 4015 36.31 -42.85 19.65
N LEU A 4016 36.21 -42.34 20.88
CA LEU A 4016 35.14 -41.42 21.23
C LEU A 4016 35.24 -40.13 20.42
N LEU A 4017 36.46 -39.62 20.23
CA LEU A 4017 36.63 -38.45 19.38
C LEU A 4017 36.24 -38.73 17.94
N ASP A 4018 36.55 -39.91 17.42
CA ASP A 4018 36.13 -40.26 16.07
C ASP A 4018 34.62 -40.29 15.94
N LEU A 4019 33.93 -40.83 16.96
CA LEU A 4019 32.47 -40.80 16.95
C LEU A 4019 31.94 -39.38 16.98
N GLN A 4020 32.54 -38.52 17.81
CA GLN A 4020 32.10 -37.13 17.88
C GLN A 4020 32.30 -36.41 16.56
N LYS A 4021 33.35 -36.76 15.82
CA LYS A 4021 33.57 -36.16 14.51
C LYS A 4021 32.40 -36.48 13.57
N ASP A 4022 31.96 -37.74 13.55
CA ASP A 4022 30.82 -38.13 12.74
C ASP A 4022 29.54 -37.43 13.18
N MET A 4023 29.35 -37.28 14.50
CA MET A 4023 28.19 -36.53 14.97
C MET A 4023 28.21 -35.10 14.49
N VAL A 4024 29.37 -34.44 14.54
CA VAL A 4024 29.45 -33.05 14.08
C VAL A 4024 29.23 -32.96 12.58
N VAL A 4025 29.73 -33.94 11.82
CA VAL A 4025 29.49 -33.96 10.38
C VAL A 4025 28.01 -34.10 10.08
N MET A 4026 27.31 -34.98 10.81
CA MET A 4026 25.88 -35.14 10.62
C MET A 4026 25.15 -33.85 10.95
N LEU A 4027 25.56 -33.15 12.01
CA LEU A 4027 24.96 -31.85 12.32
C LEU A 4027 25.20 -30.85 11.20
N LEU A 4028 26.42 -30.80 10.65
CA LEU A 4028 26.74 -29.89 9.56
C LEU A 4028 25.92 -30.17 8.31
N SER A 4029 25.61 -31.44 8.05
CA SER A 4029 24.86 -31.79 6.84
C SER A 4029 23.44 -31.27 6.85
N LEU A 4030 22.94 -30.77 7.98
CA LEU A 4030 21.56 -30.30 8.04
C LEU A 4030 21.38 -28.95 7.35
N LEU A 4031 22.40 -28.09 7.37
CA LEU A 4031 22.24 -26.74 6.84
C LEU A 4031 22.04 -26.74 5.32
N GLU A 4032 23.04 -27.20 4.58
CA GLU A 4032 22.99 -27.31 3.12
C GLU A 4032 22.53 -26.00 2.47
N GLY A 4033 23.25 -24.93 2.80
CA GLY A 4033 23.03 -23.66 2.12
C GLY A 4033 21.66 -23.06 2.32
N ASN A 4034 21.19 -23.02 3.56
CA ASN A 4034 19.92 -22.35 3.84
C ASN A 4034 20.08 -20.83 3.73
N VAL A 4035 18.95 -20.14 3.68
CA VAL A 4035 18.93 -18.68 3.62
C VAL A 4035 19.39 -18.14 4.97
N VAL A 4036 19.62 -16.82 5.04
CA VAL A 4036 20.18 -16.22 6.24
C VAL A 4036 19.34 -16.51 7.47
N ASN A 4037 18.02 -16.61 7.31
CA ASN A 4037 17.12 -16.99 8.40
C ASN A 4037 16.22 -18.11 7.87
N GLY A 4038 16.71 -19.34 7.94
CA GLY A 4038 16.02 -20.46 7.33
C GLY A 4038 15.37 -21.42 8.31
N MET A 4039 15.09 -20.94 9.52
CA MET A 4039 14.37 -21.65 10.59
C MET A 4039 15.02 -23.00 10.93
N ILE A 4040 16.21 -23.25 10.39
CA ILE A 4040 17.02 -24.39 10.82
C ILE A 4040 18.21 -23.93 11.65
N ALA A 4041 18.89 -22.87 11.19
CA ALA A 4041 19.97 -22.28 11.98
C ALA A 4041 19.46 -21.74 13.31
N ARG A 4042 18.27 -21.14 13.33
CA ARG A 4042 17.73 -20.66 14.60
C ARG A 4042 17.43 -21.81 15.56
N GLN A 4043 16.89 -22.92 15.05
CA GLN A 4043 16.67 -24.08 15.92
C GLN A 4043 17.99 -24.66 16.43
N MET A 4044 19.01 -24.69 15.57
CA MET A 4044 20.33 -25.16 16.02
C MET A 4044 20.91 -24.25 17.10
N VAL A 4045 20.76 -22.93 16.93
CA VAL A 4045 21.22 -21.99 17.95
C VAL A 4045 20.45 -22.18 19.25
N ASP A 4046 19.14 -22.44 19.16
CA ASP A 4046 18.35 -22.72 20.34
C ASP A 4046 18.85 -23.97 21.05
N MET A 4047 19.15 -25.03 20.31
CA MET A 4047 19.69 -26.25 20.93
C MET A 4047 21.04 -25.97 21.59
N LEU A 4048 21.90 -25.20 20.91
CA LEU A 4048 23.20 -24.89 21.49
C LEU A 4048 23.08 -24.09 22.77
N VAL A 4049 22.22 -23.06 22.80
CA VAL A 4049 22.04 -22.29 24.03
C VAL A 4049 21.35 -23.11 25.11
N GLU A 4050 20.52 -24.09 24.73
CA GLU A 4050 19.93 -24.99 25.72
C GLU A 4050 20.99 -25.86 26.37
N SER A 4051 21.92 -26.39 25.58
CA SER A 4051 22.99 -27.24 26.09
C SER A 4051 24.30 -26.48 26.20
N SER A 4052 24.23 -25.19 26.51
CA SER A 4052 25.42 -24.36 26.58
C SER A 4052 26.36 -24.79 27.70
N SER A 4053 25.86 -25.52 28.70
CA SER A 4053 26.73 -25.93 29.81
C SER A 4053 27.83 -26.88 29.34
N ASN A 4054 27.49 -27.83 28.48
CA ASN A 4054 28.46 -28.84 28.06
C ASN A 4054 29.39 -28.30 26.96
N VAL A 4055 28.88 -27.41 26.11
CA VAL A 4055 29.69 -26.87 25.03
C VAL A 4055 30.87 -26.08 25.58
N GLU A 4056 30.67 -25.36 26.69
CA GLU A 4056 31.77 -24.64 27.29
C GLU A 4056 32.90 -25.58 27.72
N MET A 4057 32.57 -26.70 28.36
CA MET A 4057 33.58 -27.67 28.74
C MET A 4057 34.25 -28.28 27.51
N ILE A 4058 33.48 -28.58 26.47
CA ILE A 4058 34.05 -29.17 25.26
C ILE A 4058 35.07 -28.22 24.64
N LEU A 4059 34.72 -26.94 24.52
CA LEU A 4059 35.66 -25.97 23.96
C LEU A 4059 36.87 -25.76 24.86
N LYS A 4060 36.65 -25.74 26.18
CA LYS A 4060 37.76 -25.56 27.11
C LYS A 4060 38.76 -26.70 27.03
N PHE A 4061 38.28 -27.93 26.81
CA PHE A 4061 39.20 -29.06 26.74
C PHE A 4061 40.19 -28.89 25.59
N PHE A 4062 39.71 -28.45 24.42
CA PHE A 4062 40.62 -28.20 23.30
C PHE A 4062 41.50 -26.98 23.56
N ASP A 4063 40.93 -25.92 24.13
CA ASP A 4063 41.70 -24.70 24.37
C ASP A 4063 42.88 -24.95 25.30
N MET A 4064 42.66 -25.73 26.38
CA MET A 4064 43.72 -26.01 27.33
C MET A 4064 44.93 -26.65 26.64
N PHE A 4065 44.69 -27.72 25.88
CA PHE A 4065 45.78 -28.48 25.31
C PHE A 4065 46.36 -27.84 24.06
N LEU A 4066 45.64 -26.93 23.40
CA LEU A 4066 46.26 -26.14 22.35
C LEU A 4066 47.13 -25.03 22.93
N LYS A 4067 46.72 -24.46 24.06
CA LYS A 4067 47.49 -23.40 24.69
C LYS A 4067 48.71 -23.96 25.42
N LEU A 4068 48.68 -25.23 25.82
CA LEU A 4068 49.84 -25.82 26.48
C LEU A 4068 50.97 -26.10 25.49
N LYS A 4069 50.64 -26.42 24.25
CA LYS A 4069 51.67 -26.90 23.31
C LYS A 4069 52.74 -25.84 23.04
N ASP A 4070 52.33 -24.58 22.85
CA ASP A 4070 53.32 -23.55 22.61
C ASP A 4070 54.00 -23.06 23.89
N ILE A 4071 53.29 -23.07 25.02
CA ILE A 4071 53.89 -22.61 26.26
C ILE A 4071 54.99 -23.57 26.71
N VAL A 4072 54.81 -24.87 26.50
CA VAL A 4072 55.84 -25.82 26.92
C VAL A 4072 57.14 -25.63 26.15
N GLY A 4073 57.09 -25.11 24.92
CA GLY A 4073 58.30 -24.87 24.16
C GLY A 4073 58.87 -23.49 24.30
N SER A 4074 58.27 -22.64 25.12
CA SER A 4074 58.71 -21.27 25.26
C SER A 4074 60.05 -21.20 25.99
N GLU A 4075 60.93 -20.30 25.51
CA GLU A 4075 62.22 -20.12 26.15
C GLU A 4075 62.05 -19.61 27.58
N ALA A 4076 61.07 -18.73 27.81
CA ALA A 4076 60.79 -18.28 29.17
C ALA A 4076 60.39 -19.42 30.09
N PHE A 4077 59.74 -20.47 29.57
CA PHE A 4077 59.48 -21.65 30.35
C PHE A 4077 60.73 -22.53 30.49
N GLN A 4078 61.61 -22.49 29.51
CA GLN A 4078 62.81 -23.32 29.50
C GLN A 4078 63.81 -22.96 30.60
N ASP A 4079 63.63 -21.83 31.28
CA ASP A 4079 64.58 -21.45 32.32
C ASP A 4079 64.46 -22.34 33.55
N TYR A 4080 63.25 -22.81 33.87
CA TYR A 4080 63.03 -23.55 35.10
C TYR A 4080 63.66 -24.93 35.07
N VAL A 4081 63.71 -25.59 33.91
CA VAL A 4081 64.30 -26.92 33.84
C VAL A 4081 65.81 -26.82 34.02
N THR A 4082 66.36 -27.69 34.87
CA THR A 4082 67.78 -27.69 35.13
C THR A 4082 68.42 -29.06 35.11
N ASP A 4083 67.65 -30.14 35.05
CA ASP A 4083 68.24 -31.47 35.01
C ASP A 4083 68.96 -31.68 33.69
N PRO A 4084 70.08 -32.41 33.68
CA PRO A 4084 70.77 -32.69 32.42
C PRO A 4084 69.94 -33.48 31.43
N ARG A 4085 68.98 -34.29 31.90
CA ARG A 4085 68.14 -35.06 31.00
C ARG A 4085 66.99 -34.25 30.45
N GLY A 4086 66.73 -33.06 30.99
CA GLY A 4086 65.66 -32.22 30.49
C GLY A 4086 64.30 -32.60 31.03
N LEU A 4087 64.14 -32.54 32.35
CA LEU A 4087 62.90 -32.91 33.03
C LEU A 4087 62.53 -31.81 34.02
N ILE A 4088 61.26 -31.37 33.96
CA ILE A 4088 60.75 -30.32 34.84
C ILE A 4088 59.84 -30.94 35.88
N SER A 4089 60.24 -30.84 37.16
CA SER A 4089 59.60 -31.58 38.23
C SER A 4089 58.20 -31.04 38.51
N LYS A 4090 57.42 -31.85 39.23
CA LYS A 4090 56.05 -31.48 39.55
C LYS A 4090 55.99 -30.27 40.50
N LYS A 4091 56.97 -30.15 41.40
CA LYS A 4091 56.94 -29.07 42.37
C LYS A 4091 57.07 -27.71 41.69
N ASP A 4092 58.05 -27.57 40.81
CA ASP A 4092 58.25 -26.29 40.14
C ASP A 4092 57.46 -26.17 38.84
N PHE A 4093 56.79 -27.24 38.40
CA PHE A 4093 55.87 -27.13 37.28
C PHE A 4093 54.73 -26.16 37.58
N GLN A 4094 54.20 -26.20 38.80
CA GLN A 4094 53.12 -25.29 39.17
C GLN A 4094 53.57 -23.85 39.14
N LYS A 4095 54.77 -23.56 39.64
CA LYS A 4095 55.30 -22.20 39.55
C LYS A 4095 55.60 -21.78 38.12
N ALA A 4096 56.08 -22.71 37.28
CA ALA A 4096 56.31 -22.39 35.87
C ALA A 4096 55.01 -22.00 35.19
N MET A 4097 53.92 -22.73 35.45
CA MET A 4097 52.63 -22.36 34.87
C MET A 4097 52.02 -21.13 35.51
N ASP A 4098 52.33 -20.85 36.78
CA ASP A 4098 51.87 -19.62 37.40
C ASP A 4098 52.59 -18.39 36.87
N SER A 4099 53.85 -18.54 36.44
CA SER A 4099 54.57 -17.41 35.86
C SER A 4099 53.88 -16.88 34.62
N GLN A 4100 53.42 -17.76 33.73
CA GLN A 4100 52.63 -17.36 32.57
C GLN A 4100 51.18 -17.31 33.01
N LYS A 4101 50.69 -16.10 33.24
CA LYS A 4101 49.39 -15.89 33.88
C LYS A 4101 48.26 -15.93 32.85
N GLN A 4102 47.95 -17.15 32.40
CA GLN A 4102 46.75 -17.39 31.60
C GLN A 4102 45.98 -18.63 32.02
N PHE A 4103 46.46 -19.38 33.00
CA PHE A 4103 45.74 -20.53 33.54
C PHE A 4103 45.23 -20.19 34.93
N THR A 4104 43.97 -20.52 35.20
CA THR A 4104 43.40 -20.28 36.51
C THR A 4104 43.83 -21.36 37.50
N GLY A 4105 43.32 -21.26 38.71
CA GLY A 4105 43.71 -22.13 39.80
C GLY A 4105 43.44 -23.61 39.55
N PRO A 4106 42.16 -23.99 39.44
CA PRO A 4106 41.83 -25.41 39.30
C PRO A 4106 42.45 -26.09 38.10
N GLU A 4107 42.69 -25.36 37.00
CA GLU A 4107 43.21 -25.97 35.79
C GLU A 4107 44.61 -26.53 35.97
N ILE A 4108 45.42 -25.95 36.86
CA ILE A 4108 46.74 -26.50 37.12
C ILE A 4108 46.62 -27.88 37.75
N GLN A 4109 45.63 -28.08 38.62
CA GLN A 4109 45.42 -29.41 39.19
C GLN A 4109 45.06 -30.43 38.12
N PHE A 4110 44.22 -30.05 37.15
CA PHE A 4110 43.88 -30.97 36.07
C PHE A 4110 45.09 -31.28 35.20
N LEU A 4111 45.91 -30.25 34.92
CA LEU A 4111 47.15 -30.50 34.19
C LEU A 4111 48.07 -31.46 34.94
N LEU A 4112 48.20 -31.29 36.25
CA LEU A 4112 49.01 -32.22 37.03
C LEU A 4112 48.41 -33.63 37.03
N SER A 4113 47.09 -33.73 37.08
CA SER A 4113 46.43 -35.03 37.04
C SER A 4113 46.68 -35.75 35.72
N CYS A 4114 46.63 -35.02 34.61
CA CYS A 4114 46.88 -35.64 33.30
C CYS A 4114 48.31 -36.17 33.18
N SER A 4115 49.24 -35.64 33.96
CA SER A 4115 50.62 -36.08 33.89
C SER A 4115 50.78 -37.44 34.58
N GLU A 4116 52.04 -37.84 34.77
CA GLU A 4116 52.36 -39.10 35.42
C GLU A 4116 53.26 -38.85 36.62
N ALA A 4117 53.13 -39.73 37.62
CA ALA A 4117 53.93 -39.58 38.84
C ALA A 4117 55.38 -39.98 38.59
N ASP A 4118 55.62 -41.24 38.22
CA ASP A 4118 56.96 -41.74 37.92
C ASP A 4118 57.91 -41.54 39.08
N GLU A 4119 57.50 -41.99 40.27
CA GLU A 4119 58.28 -41.85 41.50
C GLU A 4119 58.61 -40.39 41.79
N ASN A 4120 57.63 -39.52 41.55
CA ASN A 4120 57.71 -38.06 41.73
C ASN A 4120 58.65 -37.43 40.71
N GLU A 4121 59.33 -38.24 39.90
CA GLU A 4121 60.22 -37.69 38.89
C GLU A 4121 59.39 -37.01 37.80
N MET A 4122 60.04 -36.08 37.10
CA MET A 4122 59.36 -35.23 36.15
C MET A 4122 58.86 -36.02 34.95
N ILE A 4123 57.81 -35.51 34.33
CA ILE A 4123 57.28 -36.08 33.09
C ILE A 4123 58.09 -35.55 31.93
N ASN A 4124 58.20 -36.35 30.87
CA ASN A 4124 58.79 -35.86 29.63
C ASN A 4124 57.84 -34.84 29.00
N PHE A 4125 58.16 -33.55 29.14
CA PHE A 4125 57.23 -32.51 28.70
C PHE A 4125 57.00 -32.56 27.20
N GLU A 4126 58.02 -32.92 26.41
CA GLU A 4126 57.84 -32.99 24.96
C GLU A 4126 56.81 -34.04 24.59
N GLU A 4127 56.94 -35.26 25.15
CA GLU A 4127 55.97 -36.32 24.88
C GLU A 4127 54.59 -35.96 25.44
N PHE A 4128 54.55 -35.35 26.62
CA PHE A 4128 53.27 -35.01 27.22
C PHE A 4128 52.52 -33.99 26.38
N ALA A 4129 53.24 -33.01 25.82
CA ALA A 4129 52.60 -32.05 24.93
C ALA A 4129 52.24 -32.66 23.58
N ASN A 4130 53.07 -33.57 23.08
CA ASN A 4130 52.78 -34.22 21.80
C ASN A 4130 51.54 -35.10 21.91
N ARG A 4131 51.30 -35.70 23.07
CA ARG A 4131 50.10 -36.48 23.27
C ARG A 4131 48.86 -35.60 23.22
N PHE A 4132 47.72 -36.20 22.86
CA PHE A 4132 46.42 -35.56 22.71
C PHE A 4132 46.40 -34.51 21.61
N GLN A 4133 47.43 -34.43 20.77
CA GLN A 4133 47.48 -33.45 19.70
C GLN A 4133 47.00 -34.04 18.37
N GLU A 4134 47.57 -35.19 17.97
CA GLU A 4134 47.16 -35.81 16.71
C GLU A 4134 45.70 -36.24 16.72
N PRO A 4135 45.19 -36.97 17.72
CA PRO A 4135 43.80 -37.42 17.64
C PRO A 4135 42.78 -36.28 17.72
N ALA A 4136 43.13 -35.15 18.31
CA ALA A 4136 42.19 -34.07 18.55
C ALA A 4136 42.17 -33.04 17.43
N ARG A 4137 42.93 -33.24 16.35
CA ARG A 4137 42.99 -32.24 15.29
C ARG A 4137 41.73 -32.24 14.45
N ASP A 4138 41.19 -33.42 14.12
CA ASP A 4138 40.06 -33.50 13.19
C ASP A 4138 38.80 -32.86 13.78
N ILE A 4139 38.51 -33.13 15.04
CA ILE A 4139 37.28 -32.62 15.65
C ILE A 4139 37.32 -31.11 15.81
N GLY A 4140 38.48 -30.54 16.12
CA GLY A 4140 38.58 -29.10 16.26
C GLY A 4140 38.29 -28.36 14.97
N PHE A 4141 38.79 -28.87 13.85
CA PHE A 4141 38.49 -28.24 12.56
C PHE A 4141 37.00 -28.26 12.27
N ASN A 4142 36.34 -29.39 12.54
CA ASN A 4142 34.91 -29.49 12.26
C ASN A 4142 34.10 -28.56 13.17
N VAL A 4143 34.45 -28.48 14.45
CA VAL A 4143 33.68 -27.59 15.33
C VAL A 4143 33.92 -26.13 14.96
N ALA A 4144 35.15 -25.77 14.57
CA ALA A 4144 35.40 -24.42 14.10
C ALA A 4144 34.61 -24.11 12.83
N VAL A 4145 34.53 -25.07 11.91
CA VAL A 4145 33.75 -24.85 10.70
C VAL A 4145 32.28 -24.66 11.03
N LEU A 4146 31.74 -25.46 11.95
CA LEU A 4146 30.35 -25.30 12.34
C LEU A 4146 30.09 -23.94 12.97
N LEU A 4147 30.98 -23.50 13.88
CA LEU A 4147 30.79 -22.20 14.51
C LEU A 4147 30.86 -21.07 13.49
N THR A 4148 31.82 -21.13 12.56
CA THR A 4148 31.92 -20.10 11.53
C THR A 4148 30.69 -20.09 10.64
N ASN A 4149 30.21 -21.27 10.24
CA ASN A 4149 29.01 -21.35 9.41
C ASN A 4149 27.81 -20.71 10.09
N LEU A 4150 27.58 -21.06 11.35
CA LEU A 4150 26.45 -20.47 12.07
C LEU A 4150 26.62 -18.96 12.23
N SER A 4151 27.81 -18.49 12.60
CA SER A 4151 28.02 -17.07 12.80
C SER A 4151 27.79 -16.29 11.51
N GLU A 4152 28.20 -16.86 10.37
CA GLU A 4152 28.05 -16.14 9.11
C GLU A 4152 26.62 -16.18 8.60
N HIS A 4153 25.89 -17.27 8.85
CA HIS A 4153 24.56 -17.39 8.24
C HIS A 4153 23.48 -16.74 9.10
N VAL A 4154 23.51 -16.93 10.42
CA VAL A 4154 22.49 -16.37 11.30
C VAL A 4154 23.11 -15.24 12.11
N PRO A 4155 22.82 -13.98 11.77
CA PRO A 4155 23.25 -12.86 12.62
C PRO A 4155 22.18 -12.49 13.65
N HIS A 4156 22.43 -11.40 14.39
CA HIS A 4156 21.50 -10.89 15.40
C HIS A 4156 21.19 -11.88 16.51
N ASP A 4157 22.19 -12.64 16.96
CA ASP A 4157 22.03 -13.50 18.12
C ASP A 4157 23.10 -13.20 19.14
N PRO A 4158 22.84 -12.34 20.13
CA PRO A 4158 23.84 -12.12 21.19
C PRO A 4158 24.17 -13.39 21.95
N ARG A 4159 23.22 -14.32 22.08
CA ARG A 4159 23.52 -15.61 22.70
C ARG A 4159 24.54 -16.39 21.87
N LEU A 4160 24.42 -16.35 20.55
CA LEU A 4160 25.43 -16.99 19.70
C LEU A 4160 26.76 -16.26 19.81
N ARG A 4161 26.75 -14.93 19.90
CA ARG A 4161 27.98 -14.17 20.03
C ARG A 4161 28.78 -14.51 21.28
N ASN A 4162 28.16 -15.14 22.29
CA ASN A 4162 28.89 -15.48 23.50
C ASN A 4162 29.87 -16.62 23.29
N PHE A 4163 29.63 -17.49 22.30
CA PHE A 4163 30.53 -18.60 22.05
C PHE A 4163 31.78 -18.21 21.30
N LEU A 4164 31.75 -17.11 20.55
CA LEU A 4164 32.87 -16.77 19.69
C LEU A 4164 34.12 -16.42 20.50
N GLU A 4165 34.00 -15.52 21.47
CA GLU A 4165 35.16 -15.20 22.30
C GLU A 4165 35.48 -16.31 23.28
N LEU A 4166 34.54 -17.20 23.56
CA LEU A 4166 34.83 -18.36 24.40
C LEU A 4166 35.71 -19.37 23.66
N ALA A 4167 35.47 -19.55 22.36
CA ALA A 4167 36.23 -20.48 21.53
C ALA A 4167 37.08 -19.71 20.53
N GLU A 4168 37.55 -18.54 20.93
CA GLU A 4168 38.39 -17.71 20.05
C GLU A 4168 39.70 -18.39 19.71
N SER A 4169 40.31 -19.10 20.66
CA SER A 4169 41.65 -19.66 20.42
C SER A 4169 41.64 -20.69 19.29
N ILE A 4170 40.62 -21.56 19.26
CA ILE A 4170 40.57 -22.56 18.21
C ILE A 4170 40.37 -21.92 16.84
N LEU A 4171 39.54 -20.88 16.74
CA LEU A 4171 39.36 -20.19 15.47
C LEU A 4171 40.64 -19.53 15.01
N GLU A 4172 41.40 -18.90 15.92
CA GLU A 4172 42.66 -18.30 15.54
C GLU A 4172 43.69 -19.36 15.12
N TYR A 4173 43.73 -20.49 15.80
CA TYR A 4173 44.68 -21.54 15.41
C TYR A 4173 44.33 -22.13 14.06
N PHE A 4174 43.04 -22.32 13.76
CA PHE A 4174 42.61 -22.91 12.51
C PHE A 4174 42.25 -21.85 11.47
N ARG A 4175 42.93 -20.71 11.48
CA ARG A 4175 42.64 -19.68 10.47
C ARG A 4175 43.26 -20.02 9.12
N PRO A 4176 44.56 -20.28 9.00
CA PRO A 4176 45.12 -20.55 7.66
C PRO A 4176 44.59 -21.83 7.03
N TYR A 4177 44.15 -22.80 7.84
CA TYR A 4177 43.79 -24.10 7.29
C TYR A 4177 42.36 -24.16 6.77
N LEU A 4178 41.53 -23.17 7.09
CA LEU A 4178 40.15 -23.15 6.63
C LEU A 4178 40.02 -22.28 5.39
N GLY A 4179 39.42 -22.83 4.33
CA GLY A 4179 39.21 -22.08 3.11
C GLY A 4179 37.76 -22.09 2.72
N ARG A 4180 37.29 -20.98 2.17
CA ARG A 4180 35.91 -20.87 1.76
C ARG A 4180 35.81 -20.25 0.38
N ILE A 4181 34.80 -20.69 -0.36
CA ILE A 4181 34.50 -20.18 -1.70
C ILE A 4181 32.99 -20.04 -1.82
N GLU A 4182 32.56 -19.42 -2.92
CA GLU A 4182 31.13 -19.26 -3.19
C GLU A 4182 30.84 -19.64 -4.64
N ILE A 4183 29.77 -20.41 -4.84
CA ILE A 4183 29.36 -20.89 -6.15
C ILE A 4183 27.85 -20.85 -6.26
N MET A 4184 27.36 -20.90 -7.49
CA MET A 4184 25.93 -21.00 -7.77
C MET A 4184 25.63 -22.36 -8.38
N GLY A 4185 24.49 -22.94 -8.02
CA GLY A 4185 24.11 -24.23 -8.57
C GLY A 4185 23.01 -24.93 -7.81
N ALA A 4186 22.17 -25.65 -8.54
CA ALA A 4186 21.10 -26.52 -8.04
C ALA A 4186 19.95 -25.76 -7.40
N SER A 4187 20.06 -24.44 -7.25
CA SER A 4187 18.96 -23.63 -6.74
C SER A 4187 18.90 -22.26 -7.38
N ARG A 4188 19.76 -21.97 -8.36
CA ARG A 4188 19.87 -20.66 -8.97
C ARG A 4188 20.18 -19.58 -7.93
N ARG A 4189 20.86 -19.97 -6.86
CA ARG A 4189 21.22 -19.06 -5.78
C ARG A 4189 22.67 -19.31 -5.37
N ILE A 4190 23.28 -18.28 -4.78
CA ILE A 4190 24.67 -18.37 -4.38
C ILE A 4190 24.78 -19.04 -3.02
N GLU A 4191 25.68 -20.01 -2.92
CA GLU A 4191 25.96 -20.70 -1.68
C GLU A 4191 27.47 -20.66 -1.40
N ARG A 4192 27.82 -20.88 -0.14
CA ARG A 4192 29.20 -20.83 0.31
C ARG A 4192 29.64 -22.21 0.78
N ILE A 4193 30.88 -22.57 0.44
CA ILE A 4193 31.45 -23.88 0.75
C ILE A 4193 32.73 -23.68 1.56
N TYR A 4194 32.91 -24.54 2.56
CA TYR A 4194 34.09 -24.53 3.42
C TYR A 4194 34.83 -25.85 3.29
N PHE A 4195 36.16 -25.79 3.42
CA PHE A 4195 36.96 -27.00 3.29
C PHE A 4195 38.33 -26.76 3.94
N GLU A 4196 39.16 -27.81 3.92
CA GLU A 4196 40.46 -27.83 4.57
C GLU A 4196 41.56 -27.61 3.53
N ILE A 4197 42.64 -26.97 3.95
CA ILE A 4197 43.68 -26.54 3.02
C ILE A 4197 44.83 -27.54 2.95
N SER A 4198 45.07 -28.30 4.01
CA SER A 4198 46.17 -29.28 4.02
C SER A 4198 47.51 -28.60 3.81
N GLU A 4199 47.98 -27.88 4.84
CA GLU A 4199 49.08 -26.92 4.80
C GLU A 4199 50.30 -27.35 3.99
N THR A 4200 50.55 -28.64 3.84
CA THR A 4200 51.62 -29.08 2.96
C THR A 4200 51.43 -28.57 1.53
N ASN A 4201 50.19 -28.30 1.13
CA ASN A 4201 49.94 -27.68 -0.17
C ASN A 4201 50.28 -26.20 -0.14
N ARG A 4202 49.91 -25.50 0.93
CA ARG A 4202 50.21 -24.07 1.03
C ARG A 4202 51.71 -23.83 1.04
N ALA A 4203 52.46 -24.74 1.67
CA ALA A 4203 53.92 -24.60 1.72
C ALA A 4203 54.54 -24.64 0.32
N GLN A 4204 54.06 -25.54 -0.54
CA GLN A 4204 54.55 -25.58 -1.91
C GLN A 4204 54.00 -24.44 -2.76
N TRP A 4205 52.78 -23.98 -2.47
CA TRP A 4205 52.22 -22.84 -3.21
C TRP A 4205 53.03 -21.57 -2.95
N GLU A 4206 53.45 -21.34 -1.70
CA GLU A 4206 54.23 -20.14 -1.37
C GLU A 4206 55.69 -20.35 -1.77
N MET A 4207 55.91 -20.38 -3.09
CA MET A 4207 57.23 -20.59 -3.66
C MET A 4207 57.51 -19.52 -4.72
N PRO A 4208 58.78 -19.21 -4.98
CA PRO A 4208 59.07 -18.17 -5.98
C PRO A 4208 58.69 -18.55 -7.39
N GLN A 4209 58.97 -19.78 -7.82
CA GLN A 4209 58.69 -20.18 -9.19
C GLN A 4209 57.19 -20.16 -9.49
N VAL A 4210 56.38 -20.71 -8.58
CA VAL A 4210 54.94 -20.73 -8.79
C VAL A 4210 54.38 -19.32 -8.78
N LYS A 4211 54.89 -18.46 -7.89
CA LYS A 4211 54.43 -17.07 -7.86
C LYS A 4211 54.78 -16.34 -9.15
N GLU A 4212 55.98 -16.56 -9.69
CA GLU A 4212 56.35 -15.92 -10.95
C GLU A 4212 55.48 -16.43 -12.09
N SER A 4213 55.22 -17.74 -12.12
CA SER A 4213 54.34 -18.28 -13.16
C SER A 4213 52.94 -17.69 -13.08
N LYS A 4214 52.39 -17.55 -11.86
CA LYS A 4214 51.09 -16.92 -11.69
C LYS A 4214 51.10 -15.48 -12.17
N ARG A 4215 52.17 -14.74 -11.84
CA ARG A 4215 52.27 -13.36 -12.27
C ARG A 4215 52.30 -13.25 -13.79
N GLN A 4216 53.04 -14.14 -14.46
CA GLN A 4216 53.06 -14.13 -15.92
C GLN A 4216 51.70 -14.50 -16.50
N PHE A 4217 51.02 -15.47 -15.89
CA PHE A 4217 49.71 -15.89 -16.39
C PHE A 4217 48.69 -14.77 -16.28
N ILE A 4218 48.71 -14.04 -15.17
CA ILE A 4218 47.78 -12.92 -15.01
C ILE A 4218 48.05 -11.85 -16.07
N PHE A 4219 49.32 -11.54 -16.33
CA PHE A 4219 49.65 -10.56 -17.36
C PHE A 4219 49.20 -11.04 -18.73
N ASP A 4220 49.32 -12.34 -19.01
CA ASP A 4220 48.89 -12.87 -20.29
C ASP A 4220 47.38 -12.80 -20.49
N VAL A 4221 46.60 -13.17 -19.47
CA VAL A 4221 45.15 -13.26 -19.63
C VAL A 4221 44.52 -11.90 -19.85
N VAL A 4222 44.92 -10.90 -19.06
CA VAL A 4222 44.31 -9.58 -19.21
C VAL A 4222 44.63 -8.97 -20.57
N ASN A 4223 45.72 -9.40 -21.19
CA ASN A 4223 46.06 -8.88 -22.52
C ASN A 4223 45.31 -9.62 -23.62
N GLU A 4224 45.49 -10.94 -23.71
CA GLU A 4224 44.90 -11.70 -24.81
C GLU A 4224 44.04 -12.84 -24.29
N GLY A 4225 43.16 -12.54 -23.34
CA GLY A 4225 42.21 -13.52 -22.85
C GLY A 4225 40.78 -13.06 -22.97
N GLY A 4226 39.99 -13.75 -23.78
CA GLY A 4226 38.61 -13.37 -23.96
C GLY A 4226 37.77 -13.69 -22.74
N GLU A 4227 36.65 -12.96 -22.61
CA GLU A 4227 35.77 -13.15 -21.46
C GLU A 4227 35.11 -14.52 -21.47
N ALA A 4228 34.83 -15.08 -22.64
CA ALA A 4228 34.17 -16.39 -22.69
C ALA A 4228 35.13 -17.51 -22.33
N GLU A 4229 36.41 -17.37 -22.65
CA GLU A 4229 37.40 -18.41 -22.43
C GLU A 4229 38.30 -18.13 -21.23
N LYS A 4230 38.03 -17.07 -20.47
CA LYS A 4230 38.86 -16.74 -19.32
C LYS A 4230 38.82 -17.85 -18.27
N MET A 4231 37.64 -18.39 -17.98
CA MET A 4231 37.53 -19.46 -16.99
C MET A 4231 38.21 -20.74 -17.48
N GLU A 4232 38.07 -21.07 -18.77
CA GLU A 4232 38.76 -22.23 -19.31
C GLU A 4232 40.27 -22.07 -19.19
N LEU A 4233 40.78 -20.89 -19.51
CA LEU A 4233 42.21 -20.64 -19.35
C LEU A 4233 42.63 -20.75 -17.89
N PHE A 4234 41.80 -20.25 -16.97
CA PHE A 4234 42.12 -20.37 -15.55
C PHE A 4234 42.19 -21.83 -15.11
N VAL A 4235 41.25 -22.66 -15.56
CA VAL A 4235 41.29 -24.07 -15.18
C VAL A 4235 42.50 -24.76 -15.79
N SER A 4236 42.83 -24.43 -17.04
CA SER A 4236 44.02 -25.00 -17.66
C SER A 4236 45.29 -24.60 -16.92
N PHE A 4237 45.37 -23.35 -16.47
CA PHE A 4237 46.52 -22.92 -15.66
C PHE A 4237 46.53 -23.62 -14.31
N CYS A 4238 45.36 -23.92 -13.75
CA CYS A 4238 45.32 -24.67 -12.50
C CYS A 4238 45.88 -26.07 -12.66
N GLU A 4239 45.50 -26.77 -13.73
CA GLU A 4239 45.85 -28.19 -13.85
C GLU A 4239 47.36 -28.41 -14.03
N ASP A 4240 47.99 -27.69 -14.95
CA ASP A 4240 49.43 -27.86 -15.12
C ASP A 4240 50.21 -27.33 -13.92
N THR A 4241 49.67 -26.34 -13.19
CA THR A 4241 50.28 -25.95 -11.93
C THR A 4241 50.21 -27.10 -10.92
N ILE A 4242 49.09 -27.84 -10.91
CA ILE A 4242 48.98 -28.99 -10.03
C ILE A 4242 50.06 -30.01 -10.35
N PHE A 4243 50.23 -30.28 -11.65
CA PHE A 4243 51.27 -31.22 -12.06
C PHE A 4243 52.67 -30.71 -11.70
N GLU A 4244 52.91 -29.41 -11.85
CA GLU A 4244 54.20 -28.85 -11.48
C GLU A 4244 54.48 -29.01 -9.99
N MET A 4245 53.48 -28.76 -9.15
CA MET A 4245 53.67 -28.97 -7.72
C MET A 4245 53.91 -30.44 -7.39
N GLN A 4246 53.21 -31.34 -8.10
CA GLN A 4246 53.44 -32.76 -7.89
C GLN A 4246 54.88 -33.16 -8.23
N ILE A 4247 55.39 -32.67 -9.37
CA ILE A 4247 56.76 -33.04 -9.75
C ILE A 4247 57.77 -32.39 -8.81
N ALA A 4248 57.48 -31.18 -8.32
CA ALA A 4248 58.37 -30.55 -7.35
C ALA A 4248 58.41 -31.34 -6.05
N ALA A 4249 57.26 -31.84 -5.60
CA ALA A 4249 57.25 -32.72 -4.42
C ALA A 4249 57.99 -34.02 -4.69
N GLN A 4250 57.89 -34.57 -5.90
CA GLN A 4250 58.64 -35.78 -6.23
C GLN A 4250 60.14 -35.54 -6.14
N ILE A 4251 60.61 -34.41 -6.67
CA ILE A 4251 62.04 -34.09 -6.61
C ILE A 4251 62.27 -33.34 -5.30
N SER A 4252 62.48 -34.10 -4.24
CA SER A 4252 62.69 -33.55 -2.90
C SER A 4252 63.87 -34.24 -2.24
N GLU A 4253 64.48 -33.53 -1.30
CA GLU A 4253 65.62 -34.06 -0.55
C GLU A 4253 65.17 -35.11 0.46
N PHE A 4540 75.06 -56.10 -7.53
CA PHE A 4540 76.44 -55.67 -7.53
C PHE A 4540 76.65 -54.48 -8.46
N TRP A 4541 76.79 -54.78 -9.76
CA TRP A 4541 76.96 -53.72 -10.75
C TRP A 4541 75.71 -52.85 -10.86
N GLY A 4542 74.53 -53.46 -10.78
CA GLY A 4542 73.28 -52.74 -10.85
C GLY A 4542 72.85 -52.07 -9.58
N GLU A 4543 73.60 -52.25 -8.48
CA GLU A 4543 73.23 -51.63 -7.22
C GLU A 4543 73.45 -50.12 -7.24
N LEU A 4544 74.22 -49.63 -8.21
CA LEU A 4544 74.50 -48.20 -8.31
C LEU A 4544 73.36 -47.41 -8.92
N GLU A 4545 72.26 -48.07 -9.31
CA GLU A 4545 71.12 -47.36 -9.87
C GLU A 4545 70.51 -46.38 -8.89
N VAL A 4546 70.39 -46.77 -7.61
CA VAL A 4546 69.84 -45.88 -6.60
C VAL A 4546 70.74 -44.67 -6.42
N GLN A 4547 72.06 -44.89 -6.39
CA GLN A 4547 72.99 -43.77 -6.29
C GLN A 4547 72.90 -42.84 -7.49
N ARG A 4548 72.73 -43.41 -8.69
CA ARG A 4548 72.56 -42.59 -9.88
C ARG A 4548 71.28 -41.77 -9.82
N VAL A 4549 70.19 -42.37 -9.33
CA VAL A 4549 68.92 -41.64 -9.19
C VAL A 4549 69.08 -40.50 -8.20
N LYS A 4550 69.75 -40.75 -7.07
CA LYS A 4550 69.99 -39.69 -6.10
C LYS A 4550 70.86 -38.59 -6.69
N PHE A 4551 71.88 -38.95 -7.47
CA PHE A 4551 72.74 -37.95 -8.10
C PHE A 4551 71.95 -37.08 -9.08
N LEU A 4552 71.09 -37.70 -9.89
CA LEU A 4552 70.24 -36.92 -10.79
C LEU A 4552 69.27 -36.03 -10.04
N ASN A 4553 68.66 -36.52 -8.97
CA ASN A 4553 67.74 -35.72 -8.17
C ASN A 4553 68.43 -34.55 -7.48
N TYR A 4554 69.69 -34.70 -7.09
CA TYR A 4554 70.43 -33.64 -6.43
C TYR A 4554 70.70 -32.45 -7.34
N LEU A 4555 71.18 -32.69 -8.56
CA LEU A 4555 71.60 -31.59 -9.42
C LEU A 4555 70.42 -30.77 -9.93
N SER A 4556 69.28 -31.43 -10.17
CA SER A 4556 68.11 -30.73 -10.68
C SER A 4556 67.57 -29.69 -9.71
N ARG A 4557 67.78 -29.88 -8.40
CA ARG A 4557 67.34 -28.90 -7.43
C ARG A 4557 68.19 -27.64 -7.46
N ASN A 4558 69.34 -27.68 -8.13
CA ASN A 4558 70.26 -26.56 -8.22
C ASN A 4558 70.49 -26.14 -9.68
N PHE A 4559 69.40 -26.05 -10.44
CA PHE A 4559 69.53 -25.74 -11.86
C PHE A 4559 69.95 -24.30 -12.09
N TYR A 4560 69.35 -23.35 -11.38
CA TYR A 4560 69.58 -21.94 -11.65
C TYR A 4560 70.96 -21.49 -11.16
N THR A 4561 71.36 -21.93 -9.97
CA THR A 4561 72.66 -21.52 -9.44
C THR A 4561 73.82 -22.06 -10.25
N LEU A 4562 73.69 -23.26 -10.83
CA LEU A 4562 74.73 -23.75 -11.72
C LEU A 4562 74.78 -22.92 -13.01
N ARG A 4563 73.63 -22.48 -13.50
CA ARG A 4563 73.60 -21.56 -14.63
C ARG A 4563 74.31 -20.25 -14.30
N PHE A 4564 74.11 -19.71 -13.11
CA PHE A 4564 74.83 -18.52 -12.68
C PHE A 4564 76.33 -18.78 -12.52
N LEU A 4565 76.71 -19.98 -12.07
CA LEU A 4565 78.12 -20.34 -12.03
C LEU A 4565 78.73 -20.31 -13.42
N ALA A 4566 78.01 -20.82 -14.41
CA ALA A 4566 78.46 -20.70 -15.80
C ALA A 4566 78.59 -19.24 -16.22
N LEU A 4567 77.64 -18.38 -15.83
CA LEU A 4567 77.75 -16.95 -16.11
C LEU A 4567 79.04 -16.38 -15.54
N PHE A 4568 79.32 -16.67 -14.26
CA PHE A 4568 80.50 -16.13 -13.63
C PHE A 4568 81.77 -16.65 -14.28
N LEU A 4569 81.80 -17.92 -14.65
CA LEU A 4569 83.00 -18.50 -15.27
C LEU A 4569 83.22 -17.95 -16.67
N ALA A 4570 82.15 -17.58 -17.37
CA ALA A 4570 82.27 -17.02 -18.71
C ALA A 4570 83.04 -15.70 -18.73
N PHE A 4571 82.78 -14.81 -17.77
CA PHE A 4571 83.58 -13.58 -17.69
C PHE A 4571 85.03 -13.88 -17.37
N ALA A 4572 85.28 -14.82 -16.46
CA ALA A 4572 86.64 -15.11 -16.04
C ALA A 4572 87.48 -15.68 -17.18
N ILE A 4573 86.92 -16.62 -17.95
CA ILE A 4573 87.69 -17.20 -19.05
C ILE A 4573 88.03 -16.15 -20.09
N ASN A 4574 87.08 -15.26 -20.40
CA ASN A 4574 87.33 -14.20 -21.36
C ASN A 4574 88.36 -13.19 -20.84
N PHE A 4575 88.30 -12.86 -19.55
CA PHE A 4575 89.29 -11.96 -18.98
C PHE A 4575 90.69 -12.57 -19.02
N ILE A 4576 90.79 -13.87 -18.76
CA ILE A 4576 92.09 -14.54 -18.86
C ILE A 4576 92.59 -14.51 -20.30
N LEU A 4577 91.70 -14.77 -21.26
CA LEU A 4577 92.08 -14.73 -22.67
C LEU A 4577 92.37 -13.31 -23.16
N LEU A 4578 91.92 -12.28 -22.42
CA LEU A 4578 92.00 -10.92 -22.92
C LEU A 4578 93.44 -10.48 -23.21
N PHE A 4579 94.36 -10.60 -22.25
CA PHE A 4579 95.76 -10.23 -22.46
C PHE A 4579 96.37 -11.23 -23.43
N TYR A 4580 96.80 -10.74 -24.59
CA TYR A 4580 97.20 -11.61 -25.68
C TYR A 4580 98.06 -10.81 -26.64
N LYS A 4581 98.83 -11.52 -27.49
CA LYS A 4581 99.72 -10.86 -28.43
C LYS A 4581 100.05 -11.80 -29.58
N VAL A 4582 100.62 -11.24 -30.65
CA VAL A 4582 101.09 -12.00 -31.80
C VAL A 4582 102.48 -11.51 -32.16
N SER A 4583 103.41 -12.45 -32.36
CA SER A 4583 104.79 -12.11 -32.69
C SER A 4583 105.08 -12.37 -34.16
N ASP A 4584 105.94 -11.52 -34.73
CA ASP A 4584 106.35 -11.71 -36.12
C ASP A 4584 107.14 -13.00 -36.31
N SER A 4585 108.03 -13.32 -35.38
CA SER A 4585 108.85 -14.53 -35.46
C SER A 4585 108.71 -15.29 -34.15
N PRO A 4586 108.35 -16.58 -34.20
CA PRO A 4586 108.25 -17.37 -32.96
C PRO A 4586 109.60 -17.54 -32.31
N PRO A 4587 109.70 -17.31 -31.00
CA PRO A 4587 110.96 -17.48 -30.26
C PRO A 4587 111.21 -18.93 -29.85
N ASN A 4626 103.54 -19.57 -39.78
CA ASN A 4626 104.59 -18.52 -39.63
C ASN A 4626 104.20 -17.58 -38.49
N MET A 4627 102.99 -17.03 -38.54
CA MET A 4627 102.51 -16.10 -37.48
C MET A 4627 102.35 -16.86 -36.16
N VAL A 4628 102.60 -16.20 -35.03
CA VAL A 4628 102.56 -16.90 -33.71
C VAL A 4628 101.38 -16.39 -32.89
N TYR A 4629 100.55 -17.30 -32.38
CA TYR A 4629 99.33 -16.92 -31.61
C TYR A 4629 99.62 -17.10 -30.11
N TYR A 4630 100.88 -17.29 -29.74
CA TYR A 4630 101.26 -17.55 -28.33
C TYR A 4630 100.91 -16.36 -27.44
N PHE A 4631 100.54 -16.63 -26.20
CA PHE A 4631 100.12 -15.55 -25.27
C PHE A 4631 101.17 -15.32 -24.20
N LEU A 4632 101.58 -14.07 -23.99
CA LEU A 4632 102.66 -13.75 -23.03
C LEU A 4632 102.06 -13.41 -21.65
N GLU A 4633 102.71 -13.86 -20.57
CA GLU A 4633 102.23 -13.48 -19.25
C GLU A 4633 102.96 -12.24 -18.77
N GLU A 4634 102.21 -11.25 -18.31
CA GLU A 4634 102.81 -10.03 -17.79
C GLU A 4634 103.41 -10.28 -16.40
N SER A 4635 104.02 -9.23 -15.86
CA SER A 4635 104.63 -9.32 -14.53
C SER A 4635 103.60 -9.42 -13.42
N THR A 4636 102.32 -9.17 -13.71
CA THR A 4636 101.30 -9.22 -12.68
C THR A 4636 101.04 -10.66 -12.24
N GLY A 4637 100.52 -10.79 -11.02
CA GLY A 4637 100.34 -12.11 -10.43
C GLY A 4637 99.29 -12.96 -11.13
N TYR A 4638 98.16 -12.36 -11.48
CA TYR A 4638 97.04 -13.13 -12.01
C TYR A 4638 97.30 -13.53 -13.47
N MET A 4639 96.33 -14.26 -14.02
CA MET A 4639 96.43 -14.84 -15.38
C MET A 4639 97.65 -15.76 -15.50
N GLU A 4640 97.61 -16.85 -14.75
CA GLU A 4640 98.57 -17.91 -15.01
C GLU A 4640 98.21 -18.60 -16.33
N PRO A 4641 99.22 -19.09 -17.05
CA PRO A 4641 98.93 -19.74 -18.35
C PRO A 4641 98.12 -21.02 -18.24
N ALA A 4642 97.69 -21.40 -17.04
CA ALA A 4642 96.89 -22.61 -16.85
C ALA A 4642 95.40 -22.28 -16.84
N LEU A 4643 94.91 -21.85 -18.00
CA LEU A 4643 93.48 -21.69 -18.22
C LEU A 4643 92.82 -22.97 -18.72
N TRP A 4644 93.62 -24.02 -18.96
CA TRP A 4644 93.09 -25.29 -19.44
C TRP A 4644 92.12 -25.91 -18.45
N CYS A 4645 92.35 -25.74 -17.15
CA CYS A 4645 91.40 -26.24 -16.16
C CYS A 4645 90.05 -25.55 -16.29
N LEU A 4646 90.03 -24.23 -16.44
CA LEU A 4646 88.77 -23.53 -16.64
C LEU A 4646 88.10 -23.93 -17.95
N SER A 4647 88.89 -24.09 -19.01
CA SER A 4647 88.30 -24.51 -20.29
C SER A 4647 87.67 -25.89 -20.17
N LEU A 4648 88.30 -26.81 -19.45
CA LEU A 4648 87.72 -28.13 -19.26
C LEU A 4648 86.49 -28.07 -18.37
N LEU A 4649 86.51 -27.25 -17.32
CA LEU A 4649 85.37 -27.17 -16.40
C LEU A 4649 84.15 -26.54 -17.07
N HIS A 4650 84.35 -25.57 -17.96
CA HIS A 4650 83.24 -24.90 -18.60
C HIS A 4650 82.43 -25.87 -19.45
N THR A 4651 83.11 -26.74 -20.20
CA THR A 4651 82.40 -27.72 -21.03
C THR A 4651 81.60 -28.69 -20.17
N LEU A 4652 82.17 -29.14 -19.05
CA LEU A 4652 81.43 -30.04 -18.16
C LEU A 4652 80.21 -29.35 -17.59
N VAL A 4653 80.34 -28.09 -17.18
CA VAL A 4653 79.19 -27.36 -16.65
C VAL A 4653 78.11 -27.20 -17.71
N ALA A 4654 78.51 -26.84 -18.94
CA ALA A 4654 77.54 -26.69 -20.02
C ALA A 4654 76.83 -27.99 -20.33
N PHE A 4655 77.56 -29.11 -20.35
CA PHE A 4655 76.92 -30.40 -20.58
C PHE A 4655 75.99 -30.78 -19.44
N LEU A 4656 76.35 -30.44 -18.20
CA LEU A 4656 75.50 -30.76 -17.06
C LEU A 4656 74.23 -29.93 -17.07
N CYS A 4657 74.28 -28.72 -17.65
CA CYS A 4657 73.07 -27.91 -17.76
C CYS A 4657 71.97 -28.62 -18.54
N ILE A 4658 72.32 -29.28 -19.64
CA ILE A 4658 71.33 -29.97 -20.45
C ILE A 4658 70.68 -31.10 -19.66
N ILE A 4659 71.49 -31.88 -18.92
CA ILE A 4659 70.95 -32.96 -18.11
C ILE A 4659 70.04 -32.41 -17.03
N GLY A 4660 70.42 -31.29 -16.42
CA GLY A 4660 69.57 -30.68 -15.40
C GLY A 4660 68.25 -30.21 -15.96
N TYR A 4661 68.26 -29.59 -17.15
CA TYR A 4661 67.03 -29.13 -17.77
C TYR A 4661 66.12 -30.27 -18.21
N ASN A 4662 66.71 -31.37 -18.70
CA ASN A 4662 65.92 -32.45 -19.28
C ASN A 4662 64.98 -33.09 -18.26
N CYS A 4663 65.48 -33.38 -17.07
CA CYS A 4663 64.65 -34.01 -16.05
C CYS A 4663 63.82 -33.01 -15.26
N LEU A 4664 63.97 -31.72 -15.54
CA LEU A 4664 63.27 -30.71 -14.75
C LEU A 4664 62.08 -30.12 -15.52
N LYS A 4665 62.29 -29.70 -16.76
CA LYS A 4665 61.27 -28.92 -17.46
C LYS A 4665 60.63 -29.62 -18.65
N VAL A 4666 61.25 -30.67 -19.19
CA VAL A 4666 60.69 -31.41 -20.32
C VAL A 4666 59.34 -32.05 -19.99
N PRO A 4667 59.18 -32.73 -18.84
CA PRO A 4667 57.90 -33.40 -18.58
C PRO A 4667 56.70 -32.48 -18.61
N LEU A 4668 56.82 -31.23 -18.14
CA LEU A 4668 55.69 -30.31 -18.21
C LEU A 4668 55.31 -30.00 -19.66
N VAL A 4669 56.30 -29.80 -20.53
CA VAL A 4669 56.03 -29.54 -21.93
C VAL A 4669 55.36 -30.74 -22.58
N ILE A 4670 55.83 -31.95 -22.25
CA ILE A 4670 55.19 -33.14 -22.80
C ILE A 4670 53.76 -33.26 -22.32
N PHE A 4671 53.54 -33.02 -21.03
CA PHE A 4671 52.21 -33.17 -20.44
C PHE A 4671 51.22 -32.19 -21.02
N LYS A 4672 51.64 -30.95 -21.26
CA LYS A 4672 50.73 -29.97 -21.85
C LYS A 4672 50.21 -30.43 -23.21
N ARG A 4673 51.12 -30.84 -24.11
CA ARG A 4673 50.71 -31.29 -25.43
C ARG A 4673 49.86 -32.56 -25.35
N GLU A 4674 50.25 -33.51 -24.49
CA GLU A 4674 49.46 -34.73 -24.38
C GLU A 4674 48.04 -34.44 -23.90
N LYS A 4675 47.89 -33.58 -22.89
CA LYS A 4675 46.55 -33.24 -22.41
C LYS A 4675 45.74 -32.53 -23.48
N GLU A 4676 46.36 -31.58 -24.18
CA GLU A 4676 45.63 -30.85 -25.22
C GLU A 4676 45.16 -31.80 -26.32
N LEU A 4677 46.04 -32.68 -26.78
CA LEU A 4677 45.65 -33.62 -27.84
C LEU A 4677 44.58 -34.58 -27.36
N ALA A 4678 44.72 -35.09 -26.13
CA ALA A 4678 43.75 -36.06 -25.63
C ALA A 4678 42.36 -35.44 -25.50
N ARG A 4679 42.27 -34.20 -25.03
CA ARG A 4679 40.97 -33.57 -24.92
C ARG A 4679 40.40 -33.16 -26.27
N LYS A 4680 41.26 -32.69 -27.18
CA LYS A 4680 40.78 -32.27 -28.50
C LYS A 4680 40.27 -33.45 -29.31
N LEU A 4681 40.95 -34.61 -29.20
CA LEU A 4681 40.48 -35.79 -29.90
C LEU A 4681 39.13 -36.26 -29.38
N GLU A 4682 38.92 -36.17 -28.06
CA GLU A 4682 37.71 -36.75 -27.47
C GLU A 4682 36.51 -35.83 -27.64
N PHE A 4683 36.61 -34.58 -27.17
CA PHE A 4683 35.41 -33.76 -27.05
C PHE A 4683 34.88 -33.31 -28.41
N ASP A 4684 35.76 -33.06 -29.37
CA ASP A 4684 35.37 -32.72 -30.73
C ASP A 4684 36.33 -33.42 -31.68
N GLY A 4685 35.90 -34.57 -32.23
CA GLY A 4685 36.77 -35.43 -33.01
C GLY A 4685 37.56 -34.73 -34.08
N LEU A 4686 38.89 -34.68 -33.89
CA LEU A 4686 39.77 -33.99 -34.82
C LEU A 4686 40.29 -34.90 -35.92
N TYR A 4687 40.40 -36.21 -35.64
CA TYR A 4687 40.95 -37.15 -36.61
C TYR A 4687 39.94 -38.15 -37.12
N ILE A 4688 38.80 -38.30 -36.45
CA ILE A 4688 37.79 -39.25 -36.88
C ILE A 4688 36.69 -38.57 -37.70
N THR A 4689 36.26 -37.38 -37.29
CA THR A 4689 35.19 -36.68 -38.01
C THR A 4689 35.75 -35.78 -39.10
N GLU A 4690 36.71 -34.91 -38.76
CA GLU A 4690 37.37 -34.10 -39.78
C GLU A 4690 38.85 -34.44 -39.87
N GLN A 4691 39.60 -33.67 -40.63
CA GLN A 4691 41.04 -33.86 -40.78
C GLN A 4691 41.74 -32.52 -40.73
N PRO A 4692 42.97 -32.48 -40.25
CA PRO A 4692 43.75 -31.24 -40.29
C PRO A 4692 44.12 -30.85 -41.71
N GLY A 4693 44.30 -29.55 -41.90
CA GLY A 4693 44.64 -29.00 -43.20
C GLY A 4693 46.12 -29.06 -43.48
N ASP A 4694 46.52 -28.35 -44.55
CA ASP A 4694 47.94 -28.28 -44.90
C ASP A 4694 48.74 -27.57 -43.81
N ASP A 4695 48.17 -26.53 -43.20
CA ASP A 4695 48.84 -25.81 -42.12
C ASP A 4695 48.75 -26.65 -40.84
N ASP A 4696 49.14 -26.04 -39.72
CA ASP A 4696 49.16 -26.70 -38.42
C ASP A 4696 49.99 -27.99 -38.48
N VAL A 4697 51.29 -27.77 -38.73
CA VAL A 4697 52.22 -28.88 -38.85
C VAL A 4697 52.30 -29.70 -37.56
N LYS A 4698 52.03 -29.08 -36.42
CA LYS A 4698 51.99 -29.83 -35.16
C LYS A 4698 50.90 -30.89 -35.19
N GLY A 4699 49.71 -30.54 -35.71
CA GLY A 4699 48.66 -31.53 -35.83
C GLY A 4699 49.02 -32.68 -36.74
N GLN A 4700 49.69 -32.38 -37.86
CA GLN A 4700 50.13 -33.44 -38.75
C GLN A 4700 51.17 -34.34 -38.08
N TRP A 4701 52.09 -33.74 -37.33
CA TRP A 4701 53.11 -34.53 -36.64
C TRP A 4701 52.51 -35.37 -35.53
N ASP A 4702 51.44 -34.89 -34.90
CA ASP A 4702 50.78 -35.63 -33.83
C ASP A 4702 50.13 -36.92 -34.32
N ARG A 4703 49.91 -37.08 -35.62
CA ARG A 4703 49.30 -38.30 -36.15
C ARG A 4703 50.19 -39.51 -35.90
N LEU A 4704 51.50 -39.29 -35.75
CA LEU A 4704 52.44 -40.40 -35.64
C LEU A 4704 52.28 -41.15 -34.31
N VAL A 4705 51.78 -40.48 -33.26
CA VAL A 4705 51.75 -41.08 -31.94
C VAL A 4705 50.40 -41.70 -31.59
N LEU A 4706 49.40 -41.59 -32.48
CA LEU A 4706 48.05 -42.02 -32.13
C LEU A 4706 47.96 -43.51 -31.85
N ASN A 4707 48.64 -44.34 -32.65
CA ASN A 4707 48.53 -45.79 -32.53
C ASN A 4707 49.51 -46.39 -31.53
N THR A 4708 50.30 -45.56 -30.85
CA THR A 4708 51.24 -46.09 -29.87
C THR A 4708 50.50 -46.72 -28.71
N PRO A 4709 50.88 -47.94 -28.29
CA PRO A 4709 50.20 -48.58 -27.15
C PRO A 4709 50.25 -47.75 -25.88
N SER A 4710 51.38 -47.12 -25.58
CA SER A 4710 51.49 -46.25 -24.41
C SER A 4710 51.42 -44.79 -24.86
N PHE A 4711 50.20 -44.37 -25.21
CA PHE A 4711 50.01 -42.99 -25.66
C PHE A 4711 49.98 -42.02 -24.47
N PRO A 4712 49.10 -42.20 -23.47
CA PRO A 4712 49.14 -41.27 -22.33
C PRO A 4712 50.15 -41.69 -21.28
N SER A 4713 51.16 -40.87 -21.06
CA SER A 4713 52.22 -41.17 -20.11
C SER A 4713 52.23 -40.20 -18.94
N ASN A 4714 52.24 -38.89 -19.22
CA ASN A 4714 52.22 -37.89 -18.16
C ASN A 4714 50.81 -37.46 -17.77
N TYR A 4715 49.87 -37.52 -18.71
CA TYR A 4715 48.49 -37.18 -18.41
C TYR A 4715 47.90 -38.19 -17.42
N TRP A 4716 47.06 -37.68 -16.51
CA TRP A 4716 46.49 -38.54 -15.48
C TRP A 4716 45.56 -39.59 -16.09
N ASP A 4717 44.74 -39.19 -17.05
CA ASP A 4717 43.75 -40.10 -17.62
C ASP A 4717 44.44 -41.16 -18.47
N LYS A 4718 44.05 -42.42 -18.24
CA LYS A 4718 44.61 -43.55 -18.98
C LYS A 4718 43.56 -44.32 -19.76
N PHE A 4719 42.30 -43.88 -19.75
CA PHE A 4719 41.22 -44.56 -20.43
C PHE A 4719 40.57 -43.67 -21.50
N VAL A 4720 41.31 -42.71 -22.03
CA VAL A 4720 40.76 -41.84 -23.08
C VAL A 4720 40.52 -42.63 -24.36
N LYS A 4721 41.38 -43.60 -24.68
CA LYS A 4721 41.18 -44.41 -25.86
C LYS A 4721 39.89 -45.21 -25.78
N ARG A 4722 39.58 -45.77 -24.61
CA ARG A 4722 38.31 -46.48 -24.44
C ARG A 4722 37.13 -45.52 -24.41
N LYS A 4723 37.33 -44.33 -23.80
CA LYS A 4723 36.24 -43.38 -23.68
C LYS A 4723 35.80 -42.85 -25.05
N VAL A 4724 36.74 -42.57 -25.95
CA VAL A 4724 36.37 -42.06 -27.26
C VAL A 4724 35.66 -43.13 -28.10
N LEU A 4725 35.97 -44.41 -27.88
CA LEU A 4725 35.32 -45.49 -28.62
C LEU A 4725 33.84 -45.56 -28.32
N ASP A 4726 33.45 -45.40 -27.05
CA ASP A 4726 32.03 -45.41 -26.72
C ASP A 4726 31.30 -44.23 -27.35
N LYS A 4727 31.95 -43.07 -27.44
CA LYS A 4727 31.29 -41.90 -28.01
C LYS A 4727 31.13 -41.99 -29.51
N HIS A 4728 32.18 -42.46 -30.21
CA HIS A 4728 32.18 -42.43 -31.66
C HIS A 4728 32.28 -43.80 -32.31
N GLY A 4729 31.77 -44.84 -31.65
CA GLY A 4729 31.81 -46.17 -32.22
C GLY A 4729 30.53 -46.64 -32.88
N ASP A 4730 29.45 -45.88 -32.74
CA ASP A 4730 28.18 -46.23 -33.37
C ASP A 4730 28.07 -45.66 -34.77
N ILE A 4731 28.29 -44.35 -34.91
CA ILE A 4731 28.22 -43.71 -36.22
C ILE A 4731 29.30 -44.24 -37.15
N PHE A 4732 30.51 -44.40 -36.63
CA PHE A 4732 31.63 -44.89 -37.42
C PHE A 4732 31.99 -46.32 -37.02
N GLY A 4733 32.71 -46.99 -37.92
CA GLY A 4733 33.02 -48.38 -37.70
C GLY A 4733 33.95 -48.59 -36.50
N ARG A 4734 33.57 -49.53 -35.64
CA ARG A 4734 34.44 -49.88 -34.52
C ARG A 4734 35.76 -50.44 -35.00
N GLU A 4735 35.76 -51.18 -36.11
CA GLU A 4735 37.02 -51.62 -36.71
C GLU A 4735 37.82 -50.44 -37.24
N ARG A 4736 37.16 -49.44 -37.81
CA ARG A 4736 37.88 -48.25 -38.26
C ARG A 4736 38.49 -47.49 -37.10
N ILE A 4737 37.86 -47.52 -35.92
CA ILE A 4737 38.45 -46.87 -34.75
C ILE A 4737 39.59 -47.71 -34.18
N ALA A 4738 39.42 -49.04 -34.16
CA ALA A 4738 40.43 -49.93 -33.61
C ALA A 4738 41.64 -50.09 -34.51
N GLU A 4739 41.53 -49.73 -35.79
CA GLU A 4739 42.72 -49.66 -36.64
C GLU A 4739 43.45 -48.34 -36.48
N LEU A 4740 42.74 -47.28 -36.12
CA LEU A 4740 43.39 -46.01 -35.83
C LEU A 4740 44.11 -46.05 -34.50
N LEU A 4741 43.48 -46.63 -33.48
CA LEU A 4741 44.05 -46.76 -32.16
C LEU A 4741 44.27 -48.22 -31.81
N GLY A 4742 45.47 -48.52 -31.33
CA GLY A 4742 45.85 -49.90 -31.06
C GLY A 4742 45.14 -50.51 -29.88
N MET A 4743 43.81 -50.52 -29.93
CA MET A 4743 43.02 -51.08 -28.83
C MET A 4743 43.06 -52.60 -28.81
N ASP A 4744 43.22 -53.21 -29.99
CA ASP A 4744 43.42 -54.65 -30.15
C ASP A 4744 42.14 -55.44 -29.85
N LEU A 4745 41.10 -54.75 -29.39
CA LEU A 4745 39.80 -55.35 -29.09
C LEU A 4745 39.95 -56.54 -28.13
N ALA A 4746 40.81 -56.37 -27.13
CA ALA A 4746 41.03 -57.37 -26.10
C ALA A 4746 40.17 -57.14 -24.87
N SER A 4747 39.33 -56.11 -24.86
CA SER A 4747 38.49 -55.78 -23.73
C SER A 4747 37.09 -56.37 -23.84
N LEU A 4748 36.85 -57.23 -24.84
CA LEU A 4748 35.53 -57.84 -24.98
C LEU A 4748 35.19 -58.71 -23.78
N GLU A 4749 36.15 -59.49 -23.30
CA GLU A 4749 35.99 -60.30 -22.09
C GLU A 4749 36.92 -59.76 -21.01
N ILE A 4750 36.33 -59.17 -19.97
CA ILE A 4750 37.14 -58.56 -18.92
C ILE A 4750 37.90 -59.63 -18.14
N THR A 4751 37.23 -60.73 -17.82
CA THR A 4751 37.90 -61.80 -17.07
C THR A 4751 39.02 -62.45 -17.88
N ALA A 4752 38.88 -62.50 -19.20
CA ALA A 4752 39.95 -63.03 -20.04
C ALA A 4752 41.09 -62.03 -20.20
N HIS A 4753 40.77 -60.74 -20.28
CA HIS A 4753 41.81 -59.73 -20.41
C HIS A 4753 42.63 -59.62 -19.13
N ASN A 4754 41.97 -59.58 -17.98
CA ASN A 4754 42.66 -59.47 -16.69
C ASN A 4754 41.81 -60.18 -15.64
N GLU A 4755 42.13 -61.46 -15.40
CA GLU A 4755 41.45 -62.18 -14.32
C GLU A 4755 41.97 -61.73 -12.95
N ARG A 4756 43.26 -61.47 -12.84
CA ARG A 4756 43.87 -61.00 -11.60
C ARG A 4756 44.82 -59.85 -11.92
N LYS A 4757 45.40 -59.28 -10.87
CA LYS A 4757 46.35 -58.18 -11.06
C LYS A 4757 47.60 -58.68 -11.77
N PRO A 4758 48.10 -57.92 -12.75
CA PRO A 4758 49.31 -58.36 -13.47
C PRO A 4758 50.53 -58.33 -12.56
N ASP A 4759 51.46 -59.26 -12.82
CA ASP A 4759 52.72 -59.38 -12.09
C ASP A 4759 53.82 -58.58 -12.81
N PRO A 4760 54.46 -57.66 -12.11
CA PRO A 4760 55.50 -56.84 -12.74
C PRO A 4760 56.75 -57.67 -13.02
N PRO A 4761 57.11 -57.82 -14.29
CA PRO A 4761 58.29 -58.61 -14.63
C PRO A 4761 59.56 -57.81 -14.46
N PRO A 4762 60.72 -58.46 -14.27
CA PRO A 4762 61.98 -57.72 -14.21
C PRO A 4762 62.40 -57.20 -15.57
N GLY A 4763 62.24 -55.88 -15.78
CA GLY A 4763 62.54 -55.26 -17.05
C GLY A 4763 63.98 -54.89 -17.29
N LEU A 4764 64.84 -55.01 -16.29
CA LEU A 4764 66.23 -54.63 -16.44
C LEU A 4764 66.95 -55.56 -17.42
N LEU A 4765 67.99 -55.02 -18.05
CA LEU A 4765 68.89 -55.68 -19.01
C LEU A 4765 68.18 -56.27 -20.21
N THR A 4766 66.89 -55.99 -20.41
CA THR A 4766 66.13 -56.51 -21.53
C THR A 4766 65.25 -55.43 -22.14
N TRP A 4767 65.78 -54.21 -22.25
CA TRP A 4767 65.04 -53.07 -22.78
C TRP A 4767 64.87 -53.12 -24.30
N LEU A 4768 65.29 -54.20 -24.96
CA LEU A 4768 65.19 -54.26 -26.41
C LEU A 4768 63.73 -54.27 -26.87
N MET A 4769 62.87 -55.03 -26.18
CA MET A 4769 61.49 -55.14 -26.61
C MET A 4769 60.57 -54.16 -25.88
N SER A 4770 60.93 -53.77 -24.65
CA SER A 4770 60.04 -52.92 -23.86
C SER A 4770 59.97 -51.50 -24.41
N ILE A 4771 61.02 -51.03 -25.05
CA ILE A 4771 61.05 -49.65 -25.55
C ILE A 4771 60.11 -49.52 -26.75
N ASP A 4772 59.57 -48.31 -26.93
CA ASP A 4772 58.68 -48.00 -28.04
C ASP A 4772 59.37 -46.98 -28.95
N VAL A 4773 59.85 -47.44 -30.10
CA VAL A 4773 60.67 -46.58 -30.96
C VAL A 4773 59.83 -45.43 -31.53
N LYS A 4774 58.58 -45.71 -31.90
CA LYS A 4774 57.74 -44.67 -32.47
C LYS A 4774 57.43 -43.58 -31.45
N TYR A 4775 57.09 -43.97 -30.23
CA TYR A 4775 56.84 -43.01 -29.16
C TYR A 4775 58.10 -42.21 -28.85
N GLN A 4776 59.26 -42.88 -28.83
CA GLN A 4776 60.50 -42.17 -28.59
C GLN A 4776 60.80 -41.15 -29.68
N ILE A 4777 60.55 -41.50 -30.95
CA ILE A 4777 60.76 -40.56 -32.04
C ILE A 4777 59.84 -39.35 -31.89
N TRP A 4778 58.56 -39.60 -31.56
CA TRP A 4778 57.63 -38.48 -31.35
C TRP A 4778 58.10 -37.58 -30.22
N LYS A 4779 58.52 -38.17 -29.11
CA LYS A 4779 58.99 -37.39 -27.97
C LYS A 4779 60.23 -36.59 -28.32
N PHE A 4780 61.16 -37.20 -29.06
CA PHE A 4780 62.36 -36.48 -29.47
C PHE A 4780 62.03 -35.31 -30.38
N GLY A 4781 61.10 -35.50 -31.32
CA GLY A 4781 60.71 -34.41 -32.20
C GLY A 4781 60.07 -33.25 -31.44
N VAL A 4782 59.14 -33.57 -30.54
CA VAL A 4782 58.49 -32.51 -29.78
C VAL A 4782 59.44 -31.85 -28.78
N ILE A 4783 60.49 -32.57 -28.33
CA ILE A 4783 61.51 -31.94 -27.51
C ILE A 4783 62.35 -30.98 -28.35
N PHE A 4784 62.76 -31.43 -29.55
CA PHE A 4784 63.63 -30.62 -30.40
C PHE A 4784 62.95 -29.38 -30.93
N THR A 4785 61.64 -29.44 -31.16
CA THR A 4785 60.96 -28.26 -31.68
C THR A 4785 60.88 -27.13 -30.67
N ASP A 4786 61.21 -27.38 -29.40
CA ASP A 4786 61.23 -26.32 -28.39
C ASP A 4786 62.40 -25.39 -28.65
N ASN A 4787 62.17 -24.08 -28.49
CA ASN A 4787 63.23 -23.11 -28.74
C ASN A 4787 64.25 -23.07 -27.62
N SER A 4788 63.82 -23.19 -26.37
CA SER A 4788 64.76 -23.12 -25.25
C SER A 4788 65.74 -24.30 -25.26
N PHE A 4789 65.25 -25.50 -25.56
CA PHE A 4789 66.14 -26.65 -25.65
C PHE A 4789 67.15 -26.48 -26.76
N LEU A 4790 66.74 -25.94 -27.90
CA LEU A 4790 67.68 -25.68 -28.99
C LEU A 4790 68.71 -24.63 -28.58
N TYR A 4791 68.29 -23.60 -27.87
CA TYR A 4791 69.24 -22.59 -27.40
C TYR A 4791 70.27 -23.19 -26.45
N LEU A 4792 69.82 -24.04 -25.51
CA LEU A 4792 70.76 -24.69 -24.61
C LEU A 4792 71.67 -25.64 -25.36
N GLY A 4793 71.15 -26.36 -26.36
CA GLY A 4793 71.99 -27.24 -27.15
C GLY A 4793 73.06 -26.49 -27.93
N TRP A 4794 72.69 -25.34 -28.48
CA TRP A 4794 73.68 -24.50 -29.16
C TRP A 4794 74.74 -24.00 -28.19
N TYR A 4795 74.33 -23.55 -27.00
CA TYR A 4795 75.28 -23.12 -25.99
C TYR A 4795 76.24 -24.25 -25.60
N MET A 4796 75.73 -25.48 -25.53
CA MET A 4796 76.58 -26.61 -25.18
C MET A 4796 77.52 -26.98 -26.33
N VAL A 4797 77.00 -27.01 -27.57
CA VAL A 4797 77.79 -27.50 -28.69
C VAL A 4797 78.92 -26.51 -29.01
N MET A 4798 78.67 -25.20 -28.86
CA MET A 4798 79.78 -24.27 -29.07
C MET A 4798 80.89 -24.48 -28.05
N SER A 4799 80.54 -24.69 -26.77
CA SER A 4799 81.56 -24.98 -25.78
C SER A 4799 82.30 -26.27 -26.09
N LEU A 4800 81.58 -27.30 -26.53
CA LEU A 4800 82.23 -28.57 -26.87
C LEU A 4800 83.18 -28.41 -28.05
N LEU A 4801 82.75 -27.68 -29.08
CA LEU A 4801 83.62 -27.39 -30.23
C LEU A 4801 84.78 -26.49 -29.85
N GLY A 4802 84.65 -25.73 -28.76
CA GLY A 4802 85.76 -24.93 -28.28
C GLY A 4802 86.80 -25.70 -27.49
N HIS A 4803 87.23 -26.85 -28.01
CA HIS A 4803 88.44 -27.48 -27.48
C HIS A 4803 89.68 -26.81 -28.05
N TYR A 4804 89.72 -26.64 -29.36
CA TYR A 4804 90.61 -25.65 -29.96
C TYR A 4804 89.96 -24.27 -29.85
N ASN A 4805 90.13 -23.68 -28.67
CA ASN A 4805 89.28 -22.59 -28.22
C ASN A 4805 89.91 -21.24 -28.51
N ASN A 4806 90.59 -21.12 -29.66
CA ASN A 4806 91.35 -19.92 -30.02
C ASN A 4806 90.60 -18.65 -29.64
N PHE A 4807 89.42 -18.44 -30.24
CA PHE A 4807 88.56 -17.33 -29.86
C PHE A 4807 87.08 -17.68 -29.95
N PHE A 4808 86.74 -18.98 -29.90
CA PHE A 4808 85.34 -19.38 -29.94
C PHE A 4808 84.64 -19.22 -28.60
N PHE A 4809 85.40 -19.06 -27.52
CA PHE A 4809 84.77 -18.85 -26.22
C PHE A 4809 84.18 -17.46 -26.08
N ALA A 4810 84.52 -16.53 -26.98
CA ALA A 4810 83.96 -15.19 -26.92
C ALA A 4810 82.50 -15.15 -27.33
N ALA A 4811 82.04 -16.09 -28.15
CA ALA A 4811 80.65 -16.09 -28.59
C ALA A 4811 79.67 -16.36 -27.47
N HIS A 4812 80.15 -16.87 -26.33
CA HIS A 4812 79.28 -17.14 -25.20
C HIS A 4812 78.87 -15.88 -24.44
N LEU A 4813 79.56 -14.76 -24.67
CA LEU A 4813 79.22 -13.52 -23.96
C LEU A 4813 77.83 -13.03 -24.34
N LEU A 4814 77.49 -13.03 -25.63
CA LEU A 4814 76.15 -12.63 -26.04
C LEU A 4814 75.09 -13.59 -25.52
N ASP A 4815 75.40 -14.88 -25.50
CA ASP A 4815 74.48 -15.86 -24.93
C ASP A 4815 74.24 -15.59 -23.45
N ILE A 4816 75.27 -15.23 -22.71
CA ILE A 4816 75.18 -15.15 -21.26
C ILE A 4816 74.72 -13.79 -20.75
N ALA A 4817 74.90 -12.72 -21.53
CA ALA A 4817 74.43 -11.42 -21.09
C ALA A 4817 72.92 -11.33 -21.05
N MET A 4818 72.22 -12.21 -21.75
CA MET A 4818 70.76 -12.22 -21.77
C MET A 4818 70.17 -12.60 -20.41
N GLY A 4819 70.92 -13.33 -19.57
CA GLY A 4819 70.40 -13.79 -18.31
C GLY A 4819 69.99 -12.69 -17.34
N VAL A 4820 70.50 -11.48 -17.54
CA VAL A 4820 70.14 -10.37 -16.67
C VAL A 4820 68.70 -9.97 -16.92
N LYS A 4821 67.93 -9.80 -15.84
CA LYS A 4821 66.50 -9.52 -15.99
C LYS A 4821 66.25 -8.18 -16.67
N THR A 4822 66.98 -7.14 -16.28
CA THR A 4822 66.71 -5.81 -16.82
C THR A 4822 67.18 -5.65 -18.26
N LEU A 4823 68.10 -6.51 -18.72
CA LEU A 4823 68.57 -6.38 -20.09
C LEU A 4823 67.57 -6.93 -21.09
N ARG A 4824 66.80 -7.95 -20.70
CA ARG A 4824 65.79 -8.49 -21.61
C ARG A 4824 64.70 -7.46 -21.92
N THR A 4825 64.32 -6.64 -20.93
CA THR A 4825 63.32 -5.61 -21.18
C THR A 4825 63.82 -4.61 -22.22
N ILE A 4826 65.08 -4.20 -22.11
CA ILE A 4826 65.66 -3.28 -23.09
C ILE A 4826 65.73 -3.95 -24.46
N LEU A 4827 66.17 -5.20 -24.51
CA LEU A 4827 66.33 -5.89 -25.79
C LEU A 4827 65.01 -6.21 -26.46
N SER A 4828 63.91 -6.32 -25.70
CA SER A 4828 62.62 -6.64 -26.28
C SER A 4828 62.09 -5.53 -27.18
N SER A 4829 62.44 -4.27 -26.90
CA SER A 4829 61.95 -3.17 -27.72
C SER A 4829 62.44 -3.29 -29.17
N VAL A 4830 63.69 -3.67 -29.37
CA VAL A 4830 64.21 -3.85 -30.72
C VAL A 4830 63.48 -4.99 -31.42
N THR A 4831 63.27 -6.11 -30.73
CA THR A 4831 62.61 -7.26 -31.32
C THR A 4831 61.11 -7.04 -31.52
N HIS A 4832 60.54 -5.99 -30.94
CA HIS A 4832 59.10 -5.79 -31.05
C HIS A 4832 58.69 -5.42 -32.46
N ASN A 4833 59.53 -4.69 -33.19
CA ASN A 4833 59.19 -4.18 -34.51
C ASN A 4833 60.19 -4.62 -35.60
N GLY A 4834 60.78 -5.80 -35.44
CA GLY A 4834 61.74 -6.27 -36.43
C GLY A 4834 61.14 -6.48 -37.79
N LYS A 4835 59.88 -6.90 -37.86
CA LYS A 4835 59.23 -7.11 -39.14
C LYS A 4835 59.15 -5.82 -39.94
N GLN A 4836 58.88 -4.70 -39.27
CA GLN A 4836 58.86 -3.41 -39.95
C GLN A 4836 60.28 -2.89 -40.21
N LEU A 4837 61.23 -3.15 -39.31
CA LEU A 4837 62.61 -2.72 -39.56
C LEU A 4837 63.19 -3.36 -40.81
N VAL A 4838 62.96 -4.66 -40.99
CA VAL A 4838 63.47 -5.33 -42.19
C VAL A 4838 62.84 -4.74 -43.45
N MET A 4839 61.53 -4.48 -43.42
CA MET A 4839 60.85 -3.95 -44.60
C MET A 4839 61.34 -2.55 -44.94
N THR A 4840 61.56 -1.69 -43.94
CA THR A 4840 62.04 -0.36 -44.26
C THR A 4840 63.50 -0.38 -44.73
N VAL A 4841 64.32 -1.30 -44.21
CA VAL A 4841 65.66 -1.46 -44.77
C VAL A 4841 65.58 -1.88 -46.24
N GLY A 4842 64.69 -2.81 -46.56
CA GLY A 4842 64.47 -3.18 -47.94
C GLY A 4842 64.03 -2.03 -48.82
N LEU A 4843 63.14 -1.18 -48.32
CA LEU A 4843 62.75 0.01 -49.07
C LEU A 4843 63.92 0.96 -49.31
N LEU A 4844 64.75 1.15 -48.29
CA LEU A 4844 65.95 1.98 -48.46
C LEU A 4844 66.86 1.41 -49.55
N ALA A 4845 66.99 0.09 -49.60
CA ALA A 4845 67.81 -0.53 -50.64
C ALA A 4845 67.28 -0.20 -52.04
N VAL A 4846 65.96 -0.26 -52.23
CA VAL A 4846 65.38 0.03 -53.53
C VAL A 4846 65.58 1.50 -53.89
N VAL A 4847 65.44 2.40 -52.92
CA VAL A 4847 65.65 3.81 -53.20
C VAL A 4847 67.09 4.07 -53.63
N VAL A 4848 68.06 3.45 -52.97
CA VAL A 4848 69.48 3.76 -53.32
C VAL A 4848 69.74 3.20 -54.72
N TYR A 4849 69.06 2.10 -55.09
CA TYR A 4849 69.23 1.52 -56.44
C TYR A 4849 68.76 2.51 -57.50
N LEU A 4850 67.65 3.19 -57.25
CA LEU A 4850 67.10 4.11 -58.29
C LEU A 4850 68.13 5.20 -58.55
N TYR A 4851 68.77 5.69 -57.50
CA TYR A 4851 69.75 6.79 -57.68
C TYR A 4851 70.88 6.24 -58.57
N THR A 4852 71.29 4.99 -58.36
CA THR A 4852 72.40 4.41 -59.17
C THR A 4852 72.01 4.34 -60.65
N VAL A 4853 70.77 3.94 -60.97
CA VAL A 4853 70.32 3.90 -62.40
C VAL A 4853 70.35 5.30 -62.98
N VAL A 4854 69.93 6.30 -62.21
CA VAL A 4854 69.98 7.71 -62.69
C VAL A 4854 71.43 8.18 -62.65
N ALA A 4855 72.16 7.88 -61.57
CA ALA A 4855 73.52 8.42 -61.58
C ALA A 4855 74.40 7.74 -62.63
N PHE A 4856 74.28 6.42 -62.79
CA PHE A 4856 75.10 5.73 -63.77
C PHE A 4856 74.83 6.24 -65.18
N ASN A 4857 73.57 6.52 -65.51
CA ASN A 4857 73.26 7.03 -66.84
C ASN A 4857 73.71 8.46 -67.02
N PHE A 4858 73.45 9.32 -66.03
CA PHE A 4858 73.62 10.74 -66.30
C PHE A 4858 74.92 11.31 -65.76
N PHE A 4859 75.27 11.02 -64.52
CA PHE A 4859 76.42 11.61 -63.84
C PHE A 4859 77.49 10.52 -63.69
N ARG A 4860 78.32 10.36 -64.71
CA ARG A 4860 79.35 9.34 -64.71
C ARG A 4860 80.77 9.89 -64.64
N LYS A 4861 81.01 11.05 -65.23
CA LYS A 4861 82.36 11.61 -65.31
C LYS A 4861 82.75 12.44 -64.09
N PHE A 4862 81.87 12.57 -63.09
CA PHE A 4862 82.17 13.35 -61.91
C PHE A 4862 82.75 12.52 -60.77
N TYR A 4863 82.62 11.20 -60.80
CA TYR A 4863 82.87 10.36 -59.65
C TYR A 4863 84.34 10.22 -59.27
N ASN A 4864 85.27 10.62 -60.14
CA ASN A 4864 86.69 10.42 -59.89
C ASN A 4864 87.15 11.27 -58.70
N LYS A 4865 87.61 10.62 -57.64
CA LYS A 4865 88.06 11.32 -56.44
C LYS A 4865 89.51 11.76 -56.59
N SER A 4866 90.16 12.03 -55.46
CA SER A 4866 91.49 12.64 -55.35
C SER A 4866 92.61 11.84 -56.04
N GLU A 4867 92.42 10.68 -56.68
CA GLU A 4867 93.50 10.06 -57.43
C GLU A 4867 93.89 10.96 -58.59
N ASP A 4868 95.15 11.38 -58.62
CA ASP A 4868 95.65 12.31 -59.63
C ASP A 4868 96.79 11.67 -60.41
N GLU A 4869 96.75 11.84 -61.73
CA GLU A 4869 97.74 11.35 -62.69
C GLU A 4869 97.77 9.84 -62.80
N ASP A 4870 96.98 9.11 -62.01
CA ASP A 4870 96.89 7.66 -62.08
C ASP A 4870 95.47 7.28 -62.47
N GLU A 4871 95.33 6.55 -63.56
CA GLU A 4871 94.00 6.14 -64.00
C GLU A 4871 93.90 4.64 -64.29
N PRO A 4872 94.27 3.75 -63.35
CA PRO A 4872 93.95 2.33 -63.54
C PRO A 4872 92.55 2.00 -63.04
N ASP A 4873 92.03 2.84 -62.15
CA ASP A 4873 90.74 2.60 -61.54
C ASP A 4873 89.68 3.56 -62.07
N MET A 4874 88.47 3.01 -62.23
CA MET A 4874 87.31 3.80 -62.59
C MET A 4874 86.20 3.47 -61.61
N LYS A 4875 85.44 4.49 -61.23
CA LYS A 4875 84.53 4.36 -60.09
C LYS A 4875 83.33 3.49 -60.42
N CYS A 4876 82.69 3.71 -61.57
CA CYS A 4876 81.74 2.71 -62.06
C CYS A 4876 81.59 2.83 -63.58
N ASP A 4877 82.28 1.94 -64.30
CA ASP A 4877 81.87 1.55 -65.64
C ASP A 4877 80.98 0.31 -65.61
N ASP A 4878 80.85 -0.32 -64.45
CA ASP A 4878 79.94 -1.43 -64.22
C ASP A 4878 79.13 -1.16 -62.97
N MET A 4879 77.81 -1.36 -63.06
CA MET A 4879 76.97 -0.90 -61.96
C MET A 4879 76.94 -1.89 -60.81
N MET A 4880 77.53 -3.09 -60.98
CA MET A 4880 77.93 -3.86 -59.82
C MET A 4880 78.78 -3.02 -58.87
N THR A 4881 79.94 -2.58 -59.36
CA THR A 4881 80.82 -1.74 -58.56
C THR A 4881 80.13 -0.44 -58.19
N CYS A 4882 79.30 0.10 -59.07
CA CYS A 4882 78.74 1.42 -58.80
C CYS A 4882 77.69 1.38 -57.69
N TYR A 4883 76.79 0.39 -57.73
CA TYR A 4883 75.78 0.20 -56.71
C TYR A 4883 76.37 -0.33 -55.42
N LEU A 4884 77.52 -1.02 -55.49
CA LEU A 4884 78.23 -1.32 -54.25
C LEU A 4884 78.82 -0.05 -53.63
N PHE A 4885 79.46 0.79 -54.44
CA PHE A 4885 80.06 2.03 -53.95
C PHE A 4885 79.02 2.95 -53.35
N HIS A 4886 77.84 3.05 -53.97
CA HIS A 4886 76.77 3.87 -53.39
C HIS A 4886 76.48 3.46 -51.95
N MET A 4887 76.05 2.21 -51.74
CA MET A 4887 75.70 1.80 -50.37
C MET A 4887 76.91 1.85 -49.45
N TYR A 4888 78.13 1.65 -49.97
CA TYR A 4888 79.27 1.57 -49.08
C TYR A 4888 79.71 2.95 -48.61
N VAL A 4889 79.61 3.97 -49.45
CA VAL A 4889 80.16 5.28 -49.15
C VAL A 4889 79.09 6.35 -49.03
N GLY A 4890 78.21 6.47 -50.03
CA GLY A 4890 77.25 7.57 -50.04
C GLY A 4890 76.24 7.48 -48.91
N VAL A 4891 75.79 6.26 -48.59
CA VAL A 4891 74.81 6.05 -47.48
C VAL A 4891 75.38 6.37 -46.10
N ARG A 4892 76.64 6.04 -45.82
CA ARG A 4892 77.18 6.28 -44.46
C ARG A 4892 77.92 7.60 -44.41
N ALA A 4893 78.16 8.22 -45.56
CA ALA A 4893 79.06 9.38 -45.55
C ALA A 4893 78.72 10.34 -44.42
N GLY A 4894 77.48 10.36 -43.96
CA GLY A 4894 77.09 11.29 -42.92
C GLY A 4894 77.12 12.72 -43.39
N GLY A 4895 76.20 13.08 -44.28
CA GLY A 4895 76.19 14.41 -44.85
C GLY A 4895 75.95 14.42 -46.34
N GLY A 4896 75.56 13.27 -46.88
CA GLY A 4896 75.24 13.17 -48.29
C GLY A 4896 76.39 12.62 -49.12
N ILE A 4897 76.07 12.33 -50.38
CA ILE A 4897 77.07 11.77 -51.32
C ILE A 4897 78.01 12.82 -51.87
N GLY A 4898 77.70 14.11 -51.70
CA GLY A 4898 78.49 15.15 -52.33
C GLY A 4898 79.85 15.38 -51.70
N ASP A 4899 80.12 14.79 -50.54
CA ASP A 4899 81.38 15.04 -49.85
C ASP A 4899 82.55 14.35 -50.54
N GLU A 4900 82.35 13.14 -51.06
CA GLU A 4900 83.42 12.33 -51.60
C GLU A 4900 83.48 12.35 -53.13
N ILE A 4901 82.76 13.27 -53.78
CA ILE A 4901 82.75 13.36 -55.24
C ILE A 4901 83.21 14.75 -55.64
N GLU A 4902 83.66 14.87 -56.88
CA GLU A 4902 84.19 16.15 -57.38
C GLU A 4902 83.13 17.25 -57.27
N ASP A 4903 83.59 18.42 -56.87
CA ASP A 4903 82.70 19.58 -56.79
C ASP A 4903 82.27 19.99 -58.19
N PRO A 4904 80.97 20.10 -58.46
CA PRO A 4904 80.50 20.45 -59.82
C PRO A 4904 80.69 21.93 -60.12
N ALA A 4905 81.95 22.36 -60.18
CA ALA A 4905 82.26 23.75 -60.52
C ALA A 4905 82.03 24.04 -61.99
N GLY A 4906 82.02 23.02 -62.84
CA GLY A 4906 81.75 23.24 -64.26
C GLY A 4906 80.32 23.68 -64.47
N ASP A 4907 80.13 24.52 -65.50
CA ASP A 4907 78.81 25.06 -65.78
C ASP A 4907 77.87 24.02 -66.38
N GLU A 4908 78.41 22.87 -66.80
CA GLU A 4908 77.58 21.85 -67.40
C GLU A 4908 76.92 20.99 -66.32
N TYR A 4909 75.61 20.79 -66.46
CA TYR A 4909 74.79 19.92 -65.62
C TYR A 4909 74.72 20.38 -64.16
N GLU A 4910 75.18 21.60 -63.88
CA GLU A 4910 74.88 22.24 -62.61
C GLU A 4910 73.41 22.64 -62.59
N LEU A 4911 72.88 22.82 -61.37
CA LEU A 4911 71.45 23.02 -61.12
C LEU A 4911 70.69 21.73 -61.39
N TYR A 4912 71.40 20.71 -61.86
CA TYR A 4912 70.92 19.33 -61.89
C TYR A 4912 71.65 18.45 -60.89
N ARG A 4913 72.97 18.56 -60.84
CA ARG A 4913 73.74 17.87 -59.81
C ARG A 4913 73.33 18.31 -58.41
N VAL A 4914 73.10 19.62 -58.24
CA VAL A 4914 72.69 20.14 -56.94
C VAL A 4914 71.35 19.55 -56.52
N VAL A 4915 70.38 19.52 -57.44
CA VAL A 4915 69.09 18.92 -57.12
C VAL A 4915 69.26 17.46 -56.77
N PHE A 4916 70.06 16.73 -57.56
CA PHE A 4916 70.27 15.31 -57.32
C PHE A 4916 70.80 15.04 -55.91
N ASP A 4917 71.89 15.70 -55.52
CA ASP A 4917 72.45 15.33 -54.22
C ASP A 4917 71.66 15.94 -53.06
N ILE A 4918 71.01 17.09 -53.25
CA ILE A 4918 70.22 17.64 -52.15
C ILE A 4918 68.99 16.77 -51.89
N THR A 4919 68.35 16.25 -52.94
CA THR A 4919 67.25 15.33 -52.72
C THR A 4919 67.72 13.98 -52.21
N PHE A 4920 68.92 13.54 -52.59
CA PHE A 4920 69.50 12.35 -51.96
C PHE A 4920 69.60 12.55 -50.47
N PHE A 4921 70.11 13.69 -50.02
CA PHE A 4921 70.33 13.89 -48.60
C PHE A 4921 69.03 14.15 -47.85
N PHE A 4922 68.03 14.73 -48.51
CA PHE A 4922 66.71 14.82 -47.87
C PHE A 4922 66.05 13.46 -47.71
N PHE A 4923 66.14 12.59 -48.71
CA PHE A 4923 65.35 11.36 -48.65
C PHE A 4923 66.08 10.26 -47.89
N VAL A 4924 67.31 9.94 -48.28
CA VAL A 4924 67.99 8.77 -47.73
C VAL A 4924 68.32 8.94 -46.24
N ILE A 4925 68.76 10.11 -45.81
CA ILE A 4925 69.34 10.29 -44.48
C ILE A 4925 68.33 10.75 -43.46
N VAL A 4926 67.80 11.98 -43.62
CA VAL A 4926 67.03 12.61 -42.55
C VAL A 4926 65.58 12.13 -42.48
N ILE A 4927 65.20 11.14 -43.26
CA ILE A 4927 63.85 10.59 -43.22
C ILE A 4927 63.85 9.08 -42.98
N LEU A 4928 64.61 8.33 -43.79
CA LEU A 4928 64.64 6.89 -43.62
C LEU A 4928 65.26 6.49 -42.28
N LEU A 4929 66.33 7.17 -41.87
CA LEU A 4929 66.90 6.90 -40.55
C LEU A 4929 66.00 7.40 -39.43
N ALA A 4930 65.21 8.44 -39.70
CA ALA A 4930 64.24 8.90 -38.71
C ALA A 4930 63.22 7.83 -38.39
N ILE A 4931 62.79 7.07 -39.39
CA ILE A 4931 61.85 5.97 -39.16
C ILE A 4931 62.52 4.88 -38.31
N ILE A 4932 63.78 4.57 -38.59
CA ILE A 4932 64.51 3.58 -37.83
C ILE A 4932 64.57 3.98 -36.35
N GLN A 4933 64.87 5.25 -36.09
CA GLN A 4933 64.89 5.72 -34.71
C GLN A 4933 63.49 5.77 -34.09
N GLY A 4934 62.48 6.17 -34.87
CA GLY A 4934 61.15 6.33 -34.35
C GLY A 4934 60.50 5.02 -33.93
N LEU A 4935 60.73 3.96 -34.69
CA LEU A 4935 60.19 2.66 -34.29
C LEU A 4935 60.74 2.22 -32.94
N ILE A 4936 62.05 2.36 -32.75
CA ILE A 4936 62.67 1.98 -31.48
C ILE A 4936 62.16 2.86 -30.35
N ILE A 4937 61.98 4.16 -30.61
CA ILE A 4937 61.46 5.05 -29.58
C ILE A 4937 60.04 4.68 -29.20
N ASP A 4938 59.20 4.36 -30.19
CA ASP A 4938 57.80 4.07 -29.91
C ASP A 4938 57.62 2.72 -29.22
N ALA A 4939 58.53 1.77 -29.46
CA ALA A 4939 58.40 0.47 -28.81
C ALA A 4939 58.40 0.58 -27.30
N PHE A 4940 59.26 1.43 -26.73
CA PHE A 4940 59.32 1.59 -25.29
C PHE A 4940 58.00 2.11 -24.72
N GLY A 4941 57.43 3.14 -25.33
CA GLY A 4941 56.16 3.66 -24.85
C GLY A 4941 55.04 2.65 -24.98
N GLU A 4942 55.00 1.91 -26.09
CA GLU A 4942 53.95 0.91 -26.26
C GLU A 4942 54.06 -0.18 -25.18
N LEU A 4943 55.27 -0.67 -24.93
CA LEU A 4943 55.46 -1.67 -23.90
C LEU A 4943 55.10 -1.15 -22.52
N ARG A 4944 55.47 0.09 -22.20
CA ARG A 4944 55.16 0.64 -20.89
C ARG A 4944 53.66 0.78 -20.69
N ASP A 4945 52.95 1.28 -21.71
CA ASP A 4945 51.50 1.39 -21.60
C ASP A 4945 50.84 0.02 -21.47
N GLN A 4946 51.30 -0.96 -22.24
CA GLN A 4946 50.76 -2.32 -22.14
C GLN A 4946 50.96 -2.89 -20.74
N GLN A 4947 52.14 -2.66 -20.16
CA GLN A 4947 52.43 -3.19 -18.83
C GLN A 4947 51.63 -2.46 -17.75
N GLU A 4948 51.37 -1.17 -17.93
CA GLU A 4948 50.61 -0.43 -16.92
C GLU A 4948 49.12 -0.75 -16.97
N GLN A 4949 48.59 -1.05 -18.16
CA GLN A 4949 47.16 -1.31 -18.27
C GLN A 4949 46.73 -2.52 -17.44
N VAL A 4950 47.51 -3.61 -17.50
CA VAL A 4950 47.16 -4.80 -16.73
C VAL A 4950 47.28 -4.54 -15.23
N LYS A 4951 48.27 -3.75 -14.81
CA LYS A 4951 48.39 -3.41 -13.39
C LYS A 4951 47.19 -2.62 -12.92
N GLU A 4952 46.72 -1.67 -13.72
CA GLU A 4952 45.54 -0.91 -13.34
C GLU A 4952 44.28 -1.77 -13.31
N ASP A 4953 44.12 -2.66 -14.31
CA ASP A 4953 42.88 -3.43 -14.42
C ASP A 4953 42.69 -4.38 -13.24
N MET A 4954 43.76 -5.00 -12.75
CA MET A 4954 43.62 -5.91 -11.61
C MET A 4954 43.08 -5.19 -10.38
N GLU A 4955 43.60 -4.00 -10.07
CA GLU A 4955 43.08 -3.24 -8.94
C GLU A 4955 41.68 -2.71 -9.23
N THR A 4956 41.36 -2.47 -10.49
CA THR A 4956 40.02 -1.95 -10.81
C THR A 4956 38.94 -3.01 -10.65
N LYS A 4957 39.17 -4.23 -11.14
CA LYS A 4957 38.14 -5.25 -11.22
C LYS A 4957 38.36 -6.34 -10.17
N CYS A 4958 37.44 -7.32 -10.17
CA CYS A 4958 37.48 -8.40 -9.20
C CYS A 4958 38.25 -9.61 -9.72
N PHE A 4959 38.25 -9.83 -11.04
CA PHE A 4959 38.86 -10.91 -11.80
C PHE A 4959 38.03 -12.21 -11.75
N ILE A 4960 37.03 -12.31 -10.88
CA ILE A 4960 36.06 -13.41 -10.92
C ILE A 4960 34.63 -12.89 -10.96
N CYS A 4961 34.28 -12.03 -10.02
CA CYS A 4961 32.98 -11.37 -10.02
C CYS A 4961 32.99 -10.22 -11.03
N GLY A 4962 31.87 -10.06 -11.73
CA GLY A 4962 31.74 -8.98 -12.68
C GLY A 4962 31.25 -7.70 -12.04
N ILE A 4963 31.81 -7.35 -10.89
CA ILE A 4963 31.36 -6.21 -10.11
C ILE A 4963 32.55 -5.27 -9.89
N GLY A 4964 32.34 -3.99 -10.15
CA GLY A 4964 33.39 -3.03 -9.94
C GLY A 4964 33.69 -2.78 -8.48
N SER A 4965 34.85 -2.16 -8.22
CA SER A 4965 35.28 -1.93 -6.85
C SER A 4965 34.44 -0.85 -6.16
N ASP A 4966 33.82 0.03 -6.94
CA ASP A 4966 33.04 1.11 -6.33
C ASP A 4966 31.84 0.57 -5.55
N TYR A 4967 31.17 -0.46 -6.08
CA TYR A 4967 30.05 -1.04 -5.35
C TYR A 4967 30.49 -1.67 -4.04
N PHE A 4968 31.63 -2.35 -4.04
CA PHE A 4968 32.13 -3.01 -2.84
C PHE A 4968 32.71 -2.02 -1.83
N ASP A 4969 33.19 -0.86 -2.29
CA ASP A 4969 33.80 0.10 -1.38
C ASP A 4969 32.80 0.82 -0.48
N THR A 4970 31.50 0.59 -0.66
CA THR A 4970 30.51 1.21 0.22
C THR A 4970 30.77 0.85 1.67
N THR A 4971 30.92 -0.45 1.96
CA THR A 4971 31.37 -0.86 3.28
C THR A 4971 32.86 -0.58 3.41
N PRO A 4972 33.31 -0.05 4.55
CA PRO A 4972 34.74 0.23 4.73
C PRO A 4972 35.57 -1.03 4.53
N HIS A 4973 36.69 -0.88 3.81
CA HIS A 4973 37.56 -2.00 3.43
C HIS A 4973 36.79 -3.08 2.69
N GLY A 4974 35.73 -2.69 1.97
CA GLY A 4974 34.87 -3.67 1.34
C GLY A 4974 35.58 -4.50 0.29
N PHE A 4975 36.28 -3.84 -0.63
CA PHE A 4975 36.99 -4.57 -1.67
C PHE A 4975 38.14 -5.39 -1.08
N GLU A 4976 38.85 -4.82 -0.10
CA GLU A 4976 39.98 -5.54 0.49
C GLU A 4976 39.53 -6.82 1.18
N THR A 4977 38.42 -6.77 1.92
CA THR A 4977 37.92 -7.98 2.55
C THR A 4977 37.18 -8.89 1.56
N HIS A 4978 36.73 -8.34 0.43
CA HIS A 4978 36.05 -9.17 -0.56
C HIS A 4978 37.03 -10.00 -1.36
N THR A 4979 38.23 -9.46 -1.61
CA THR A 4979 39.25 -10.19 -2.37
C THR A 4979 40.18 -10.99 -1.48
N LEU A 4980 39.95 -11.03 -0.17
CA LEU A 4980 40.78 -11.83 0.73
C LEU A 4980 40.05 -13.02 1.32
N GLU A 4981 38.71 -13.01 1.34
CA GLU A 4981 37.94 -14.07 1.96
C GLU A 4981 37.07 -14.84 0.98
N GLU A 4982 36.37 -14.15 0.09
CA GLU A 4982 35.54 -14.78 -0.92
C GLU A 4982 36.25 -14.79 -2.26
N HIS A 4983 36.37 -15.97 -2.86
CA HIS A 4983 37.00 -16.19 -4.16
C HIS A 4983 38.32 -15.42 -4.28
N ASN A 4984 39.28 -15.89 -3.47
CA ASN A 4984 40.63 -15.35 -3.48
C ASN A 4984 41.45 -15.93 -4.63
N LEU A 4985 40.80 -16.62 -5.57
CA LEU A 4985 41.39 -17.19 -6.79
C LEU A 4985 42.53 -18.16 -6.50
N ALA A 4986 42.82 -18.40 -5.23
CA ALA A 4986 43.70 -19.49 -4.83
C ALA A 4986 42.96 -20.57 -4.08
N ASN A 4987 41.93 -20.18 -3.32
CA ASN A 4987 41.04 -21.15 -2.71
C ASN A 4987 40.39 -22.03 -3.77
N TYR A 4988 40.18 -21.50 -4.98
CA TYR A 4988 39.61 -22.32 -6.04
C TYR A 4988 40.55 -23.45 -6.45
N MET A 4989 41.84 -23.15 -6.62
CA MET A 4989 42.79 -24.20 -6.97
C MET A 4989 42.96 -25.18 -5.82
N PHE A 4990 42.96 -24.68 -4.58
CA PHE A 4990 43.04 -25.58 -3.44
C PHE A 4990 41.82 -26.50 -3.37
N PHE A 4991 40.63 -25.97 -3.67
CA PHE A 4991 39.43 -26.79 -3.73
C PHE A 4991 39.51 -27.83 -4.83
N LEU A 4992 40.06 -27.45 -5.99
CA LEU A 4992 40.23 -28.42 -7.07
C LEU A 4992 41.17 -29.54 -6.66
N MET A 4993 42.26 -29.23 -5.96
CA MET A 4993 43.10 -30.31 -5.43
C MET A 4993 42.37 -31.15 -4.40
N TYR A 4994 41.58 -30.50 -3.53
CA TYR A 4994 40.88 -31.22 -2.48
C TYR A 4994 39.89 -32.23 -3.05
N LEU A 4995 39.18 -31.85 -4.12
CA LEU A 4995 38.26 -32.78 -4.76
C LEU A 4995 38.99 -34.00 -5.31
N ILE A 4996 40.16 -33.80 -5.93
CA ILE A 4996 40.90 -34.91 -6.51
C ILE A 4996 41.32 -35.90 -5.43
N ASN A 4997 41.85 -35.39 -4.31
CA ASN A 4997 42.34 -36.28 -3.26
C ASN A 4997 41.21 -36.93 -2.48
N LYS A 4998 40.06 -36.26 -2.37
CA LYS A 4998 38.96 -36.83 -1.61
C LYS A 4998 38.40 -38.08 -2.29
N ASP A 4999 37.93 -39.01 -1.48
CA ASP A 4999 37.37 -40.25 -2.00
C ASP A 4999 36.05 -39.98 -2.72
N GLU A 5000 35.68 -40.91 -3.62
CA GLU A 5000 34.48 -40.72 -4.43
C GLU A 5000 33.22 -40.73 -3.59
N THR A 5001 33.13 -41.62 -2.61
CA THR A 5001 31.89 -41.80 -1.87
C THR A 5001 31.71 -40.81 -0.73
N GLU A 5002 32.73 -40.00 -0.43
CA GLU A 5002 32.64 -39.04 0.67
C GLU A 5002 32.19 -37.66 0.22
N HIS A 5003 31.86 -37.48 -1.06
CA HIS A 5003 31.50 -36.16 -1.55
C HIS A 5003 30.17 -35.70 -0.96
N THR A 5004 30.13 -34.44 -0.54
CA THR A 5004 28.90 -33.80 -0.10
C THR A 5004 28.04 -33.48 -1.32
N GLY A 5005 26.80 -33.06 -1.08
CA GLY A 5005 25.90 -32.75 -2.18
C GLY A 5005 26.45 -31.68 -3.12
N GLN A 5006 27.06 -30.64 -2.56
CA GLN A 5006 27.61 -29.58 -3.40
C GLN A 5006 28.91 -30.00 -4.08
N GLU A 5007 29.78 -30.71 -3.36
CA GLU A 5007 31.04 -31.15 -3.94
C GLU A 5007 30.80 -32.13 -5.09
N SER A 5008 29.85 -33.05 -4.94
CA SER A 5008 29.54 -33.97 -6.02
C SER A 5008 28.99 -33.25 -7.23
N TYR A 5009 28.14 -32.25 -7.03
CA TYR A 5009 27.62 -31.46 -8.15
C TYR A 5009 28.74 -30.73 -8.88
N VAL A 5010 29.67 -30.11 -8.12
CA VAL A 5010 30.80 -29.45 -8.74
C VAL A 5010 31.65 -30.45 -9.52
N TRP A 5011 31.90 -31.63 -8.96
CA TRP A 5011 32.69 -32.64 -9.65
C TRP A 5011 31.99 -33.11 -10.92
N LYS A 5012 30.67 -33.29 -10.87
CA LYS A 5012 29.92 -33.71 -12.05
C LYS A 5012 30.00 -32.66 -13.15
N MET A 5013 29.90 -31.38 -12.80
CA MET A 5013 30.03 -30.35 -13.83
C MET A 5013 31.47 -30.23 -14.32
N TYR A 5014 32.45 -30.49 -13.46
CA TYR A 5014 33.84 -30.40 -13.88
C TYR A 5014 34.22 -31.53 -14.84
N GLN A 5015 33.68 -32.72 -14.63
CA GLN A 5015 34.04 -33.85 -15.49
C GLN A 5015 33.58 -33.66 -16.92
N GLU A 5016 32.50 -32.92 -17.14
CA GLU A 5016 31.96 -32.69 -18.48
C GLU A 5016 32.35 -31.35 -19.06
N ARG A 5017 33.26 -30.62 -18.40
CA ARG A 5017 33.79 -29.35 -18.90
C ARG A 5017 32.67 -28.32 -19.10
N CYS A 5018 31.99 -28.00 -18.00
CA CYS A 5018 31.01 -26.92 -17.96
C CYS A 5018 31.37 -26.01 -16.81
N TRP A 5019 31.40 -24.70 -17.07
CA TRP A 5019 31.84 -23.71 -16.10
C TRP A 5019 30.70 -22.80 -15.65
N ASP A 5020 29.52 -23.38 -15.42
CA ASP A 5020 28.40 -22.58 -14.95
C ASP A 5020 28.43 -22.34 -13.45
N PHE A 5021 29.26 -23.09 -12.71
CA PHE A 5021 29.24 -22.95 -11.26
C PHE A 5021 30.00 -21.74 -10.76
N PHE A 5022 30.83 -21.11 -11.60
CA PHE A 5022 31.45 -19.86 -11.22
C PHE A 5022 30.38 -18.77 -11.10
N PRO A 5023 30.55 -17.80 -10.19
CA PRO A 5023 29.50 -16.79 -9.98
C PRO A 5023 29.22 -15.96 -11.21
N ALA A 5024 30.23 -15.23 -11.69
CA ALA A 5024 30.14 -14.42 -12.90
C ALA A 5024 28.95 -13.46 -12.86
N GLY A 5025 29.00 -12.54 -11.90
CA GLY A 5025 27.98 -11.50 -11.79
C GLY A 5025 27.26 -11.45 -10.46
N ASP A 5026 27.63 -12.25 -9.47
CA ASP A 5026 26.99 -12.23 -8.16
C ASP A 5026 28.04 -12.27 -7.07
N CYS A 5027 27.65 -11.86 -5.86
CA CYS A 5027 28.57 -11.74 -4.75
C CYS A 5027 28.08 -12.39 -3.45
N PHE A 5028 26.80 -12.77 -3.36
CA PHE A 5028 26.15 -13.27 -2.17
C PHE A 5028 25.92 -12.13 -1.17
N ARG A 5029 26.49 -10.96 -1.47
CA ARG A 5029 26.17 -9.75 -0.73
C ARG A 5029 25.16 -8.90 -1.47
N LYS A 5030 25.15 -8.97 -2.80
CA LYS A 5030 24.10 -8.34 -3.58
C LYS A 5030 22.80 -9.12 -3.55
N GLN A 5031 22.88 -10.45 -3.48
CA GLN A 5031 21.67 -11.26 -3.50
C GLN A 5031 20.82 -11.05 -2.27
N TYR A 5032 21.42 -11.14 -1.08
CA TYR A 5032 20.70 -10.94 0.17
C TYR A 5032 20.83 -9.52 0.71
N GLU A 5033 20.96 -8.53 -0.18
CA GLU A 5033 21.16 -7.15 0.25
C GLU A 5033 19.98 -6.61 1.06
N ASP A 5034 18.79 -7.19 0.89
CA ASP A 5034 17.67 -6.80 1.73
C ASP A 5034 17.95 -7.10 3.19
N GLN A 5035 18.55 -8.25 3.48
CA GLN A 5035 19.05 -8.56 4.82
C GLN A 5035 20.46 -8.02 4.94
N LEU A 5036 21.20 -8.43 5.98
CA LEU A 5036 22.58 -7.97 6.13
C LEU A 5036 23.46 -8.46 4.99
N SER A 5037 23.32 -9.72 4.61
CA SER A 5037 24.17 -10.37 3.61
C SER A 5037 25.65 -10.21 3.96
N GLN B 12 -4.88 21.16 32.36
CA GLN B 12 -4.76 22.40 31.59
C GLN B 12 -4.28 23.55 32.48
N PHE B 13 -3.26 24.26 32.00
CA PHE B 13 -2.67 25.35 32.76
C PHE B 13 -3.29 26.68 32.37
N LEU B 14 -3.59 27.50 33.37
CA LEU B 14 -4.17 28.81 33.14
C LEU B 14 -3.14 29.76 32.54
N ARG B 15 -3.60 30.59 31.62
CA ARG B 15 -2.78 31.59 30.95
C ARG B 15 -3.40 32.97 31.17
N THR B 16 -2.87 33.96 30.47
CA THR B 16 -3.43 35.31 30.50
C THR B 16 -4.29 35.55 29.26
N ASP B 17 -4.96 36.70 29.25
CA ASP B 17 -5.81 37.15 28.15
C ASP B 17 -6.99 36.22 27.87
N ASP B 18 -7.38 35.42 28.85
CA ASP B 18 -8.52 34.53 28.73
C ASP B 18 -9.54 34.86 29.80
N GLU B 19 -10.79 35.04 29.39
CA GLU B 19 -11.85 35.43 30.32
C GLU B 19 -12.12 34.31 31.31
N VAL B 20 -12.28 34.66 32.58
CA VAL B 20 -12.49 33.71 33.65
C VAL B 20 -13.64 34.19 34.53
N VAL B 21 -14.27 33.25 35.23
CA VAL B 21 -15.35 33.56 36.15
C VAL B 21 -15.07 32.89 37.49
N LEU B 22 -15.43 33.61 38.56
CA LEU B 22 -15.28 33.11 39.92
C LEU B 22 -16.53 32.38 40.36
N GLN B 23 -16.33 31.27 41.08
CA GLN B 23 -17.43 30.46 41.59
C GLN B 23 -17.19 30.14 43.06
N CYS B 24 -18.25 30.19 43.84
CA CYS B 24 -18.20 29.84 45.26
C CYS B 24 -19.36 28.92 45.58
N SER B 25 -19.10 27.92 46.43
CA SER B 25 -20.11 26.93 46.80
C SER B 25 -20.53 27.17 48.23
N ALA B 26 -21.83 27.35 48.45
CA ALA B 26 -22.39 27.54 49.78
C ALA B 26 -23.87 27.17 49.73
N THR B 27 -24.30 26.36 50.69
CA THR B 27 -25.67 25.88 50.75
C THR B 27 -26.38 26.41 51.98
N VAL B 28 -27.66 26.72 51.84
CA VAL B 28 -28.48 27.11 52.97
C VAL B 28 -29.35 25.94 53.44
N LEU B 29 -29.66 24.99 52.56
CA LEU B 29 -30.39 23.79 52.87
C LEU B 29 -29.54 22.58 52.49
N LYS B 30 -30.14 21.39 52.55
CA LYS B 30 -29.43 20.18 52.14
C LYS B 30 -29.02 20.24 50.68
N GLU B 31 -29.81 20.91 49.84
CA GLU B 31 -29.45 21.06 48.44
C GLU B 31 -28.31 22.04 48.27
N GLN B 32 -27.34 21.68 47.42
CA GLN B 32 -26.18 22.52 47.18
C GLN B 32 -26.52 23.66 46.23
N LEU B 33 -25.94 24.82 46.49
CA LEU B 33 -26.15 26.01 45.66
C LEU B 33 -24.83 26.52 45.12
N LYS B 34 -24.84 26.96 43.87
CA LYS B 34 -23.68 27.51 43.20
C LYS B 34 -23.90 28.99 42.94
N LEU B 35 -22.94 29.81 43.36
CA LEU B 35 -23.04 31.26 43.25
C LEU B 35 -21.84 31.79 42.47
N CYS B 36 -22.07 32.82 41.66
CA CYS B 36 -21.02 33.46 40.88
C CYS B 36 -21.04 34.96 41.17
N LEU B 37 -19.87 35.51 41.46
CA LEU B 37 -19.75 36.94 41.73
C LEU B 37 -19.85 37.72 40.42
N ALA B 38 -20.67 38.78 40.42
CA ALA B 38 -20.85 39.62 39.25
C ALA B 38 -20.96 41.07 39.69
N ALA B 39 -20.72 41.99 38.77
CA ALA B 39 -20.79 43.42 39.04
C ALA B 39 -21.69 44.07 37.99
N GLU B 40 -22.64 44.89 38.47
CA GLU B 40 -23.56 45.56 37.55
C GLU B 40 -22.85 46.64 36.72
N GLY B 41 -21.83 47.27 37.27
CA GLY B 41 -21.05 48.24 36.52
C GLY B 41 -21.57 49.66 36.71
N PHE B 42 -21.98 50.28 35.61
CA PHE B 42 -22.48 51.65 35.66
C PHE B 42 -23.76 51.72 36.47
N GLY B 43 -23.87 52.77 37.29
CA GLY B 43 -25.05 52.97 38.12
C GLY B 43 -24.80 52.67 39.58
N ASN B 44 -24.04 51.62 39.85
CA ASN B 44 -23.67 51.28 41.22
C ASN B 44 -22.41 50.44 41.19
N ARG B 45 -21.45 50.79 42.03
CA ARG B 45 -20.13 50.17 42.00
C ARG B 45 -20.07 48.87 42.77
N LEU B 46 -21.07 48.55 43.58
CA LEU B 46 -21.04 47.33 44.38
C LEU B 46 -21.28 46.11 43.50
N CYS B 47 -20.81 44.96 43.98
CA CYS B 47 -20.96 43.69 43.29
C CYS B 47 -21.85 42.77 44.10
N PHE B 48 -22.54 41.86 43.41
CA PHE B 48 -23.50 40.96 44.03
C PHE B 48 -23.33 39.55 43.48
N LEU B 49 -23.96 38.59 44.16
CA LEU B 49 -23.87 37.20 43.73
C LEU B 49 -25.07 36.82 42.88
N GLU B 50 -24.85 35.88 41.97
CA GLU B 50 -25.91 35.36 41.10
C GLU B 50 -25.95 33.85 41.24
N PRO B 51 -27.10 33.26 41.55
CA PRO B 51 -27.19 31.79 41.66
C PRO B 51 -27.32 31.15 40.29
N THR B 52 -26.52 30.10 40.05
CA THR B 52 -26.52 29.40 38.78
C THR B 52 -26.75 27.90 38.96
N SER B 53 -27.21 27.47 40.13
CA SER B 53 -27.45 26.05 40.36
C SER B 53 -28.59 25.54 39.50
N ASN B 54 -29.73 26.25 39.50
CA ASN B 54 -30.89 25.85 38.71
C ASN B 54 -30.88 26.57 37.36
N ALA B 55 -29.84 26.26 36.57
CA ALA B 55 -29.69 26.88 35.26
C ALA B 55 -30.83 26.51 34.33
N GLN B 56 -31.28 25.26 34.35
CA GLN B 56 -32.37 24.83 33.50
C GLN B 56 -33.70 25.45 33.93
N ASN B 57 -33.87 25.73 35.22
CA ASN B 57 -35.10 26.36 35.68
C ASN B 57 -35.14 27.83 35.32
N VAL B 58 -34.09 28.57 35.67
CA VAL B 58 -33.99 29.99 35.35
C VAL B 58 -32.64 30.26 34.70
N PRO B 59 -32.58 31.04 33.63
CA PRO B 59 -31.31 31.31 32.97
C PRO B 59 -30.63 32.53 33.58
N PRO B 60 -29.37 32.41 33.99
CA PRO B 60 -28.64 33.58 34.48
C PRO B 60 -28.06 34.38 33.32
N ASP B 61 -27.49 35.53 33.68
CA ASP B 61 -26.86 36.43 32.71
C ASP B 61 -25.36 36.46 32.97
N LEU B 62 -24.58 36.14 31.94
CA LEU B 62 -23.12 36.10 32.05
C LEU B 62 -22.46 37.35 31.49
N ALA B 63 -23.23 38.31 31.00
CA ALA B 63 -22.63 39.54 30.49
C ALA B 63 -22.01 40.37 31.60
N ILE B 64 -22.62 40.37 32.79
CA ILE B 64 -22.11 41.13 33.92
C ILE B 64 -21.25 40.27 34.85
N CYS B 65 -21.10 38.99 34.54
CA CYS B 65 -20.29 38.08 35.35
C CYS B 65 -18.95 37.75 34.71
N CYS B 66 -18.65 38.30 33.54
CA CYS B 66 -17.45 37.95 32.79
C CYS B 66 -16.30 38.88 33.18
N PHE B 67 -15.22 38.29 33.66
CA PHE B 67 -14.00 39.00 34.00
C PHE B 67 -12.84 38.47 33.18
N THR B 68 -11.82 39.30 32.98
CA THR B 68 -10.58 38.89 32.35
C THR B 68 -9.41 39.27 33.25
N LEU B 69 -8.29 38.58 33.07
CA LEU B 69 -7.08 38.90 33.82
C LEU B 69 -6.04 39.48 32.87
N GLU B 70 -5.49 40.64 33.24
CA GLU B 70 -4.62 41.39 32.34
C GLU B 70 -3.20 40.86 32.37
N GLN B 71 -2.55 40.89 33.53
CA GLN B 71 -1.19 40.39 33.64
C GLN B 71 -0.93 39.94 35.06
N SER B 72 0.08 39.08 35.20
CA SER B 72 0.50 38.55 36.50
C SER B 72 1.97 38.87 36.71
N LEU B 73 2.29 39.49 37.84
CA LEU B 73 3.65 39.88 38.17
C LEU B 73 3.99 39.36 39.57
N SER B 74 5.29 39.17 39.80
CA SER B 74 5.75 38.73 41.11
C SER B 74 5.51 39.83 42.13
N VAL B 75 5.35 39.42 43.39
CA VAL B 75 5.04 40.38 44.45
C VAL B 75 6.19 41.35 44.66
N ARG B 76 7.45 40.87 44.54
CA ARG B 76 8.59 41.77 44.71
C ARG B 76 8.70 42.76 43.56
N ALA B 77 8.41 42.32 42.34
CA ALA B 77 8.44 43.23 41.19
C ALA B 77 7.28 44.21 41.22
N LEU B 78 6.16 43.83 41.85
CA LEU B 78 5.02 44.75 41.94
C LEU B 78 5.37 46.00 42.72
N GLN B 79 6.09 45.84 43.84
CA GLN B 79 6.49 47.01 44.61
C GLN B 79 7.37 47.94 43.79
N GLU B 80 8.31 47.39 43.03
CA GLU B 80 9.18 48.23 42.20
C GLU B 80 8.39 48.95 41.12
N MET B 81 7.52 48.24 40.41
CA MET B 81 6.76 48.87 39.34
C MET B 81 5.68 49.81 39.87
N LEU B 82 5.36 49.73 41.17
CA LEU B 82 4.46 50.71 41.76
C LEU B 82 5.22 51.94 42.24
N ALA B 83 6.42 51.74 42.78
CA ALA B 83 7.20 52.86 43.30
C ALA B 83 7.86 53.68 42.20
N ASN B 84 8.21 53.06 41.06
CA ASN B 84 8.91 53.77 40.00
C ASN B 84 8.10 54.92 39.42
N GLY B 97 3.61 38.11 25.57
CA GLY B 97 4.08 37.82 26.92
C GLY B 97 3.02 37.19 27.80
N HIS B 98 2.43 36.10 27.33
CA HIS B 98 1.37 35.41 28.05
C HIS B 98 2.02 34.51 29.11
N ARG B 99 2.47 35.14 30.19
CA ARG B 99 3.13 34.41 31.26
C ARG B 99 2.14 33.49 31.97
N THR B 100 2.58 32.27 32.26
CA THR B 100 1.75 31.31 32.95
C THR B 100 1.52 31.75 34.40
N LEU B 101 0.38 31.34 34.95
CA LEU B 101 0.00 31.72 36.30
C LEU B 101 0.70 30.84 37.33
N LEU B 102 1.21 31.46 38.38
CA LEU B 102 1.90 30.76 39.47
C LEU B 102 1.29 31.17 40.80
N TYR B 103 1.40 30.26 41.77
CA TYR B 103 0.93 30.56 43.12
C TYR B 103 1.76 31.67 43.75
N GLY B 104 1.11 32.55 44.49
CA GLY B 104 1.76 33.65 45.15
C GLY B 104 1.93 34.89 44.30
N HIS B 105 1.54 34.86 43.03
CA HIS B 105 1.66 36.01 42.16
C HIS B 105 0.48 36.97 42.38
N ALA B 106 0.59 38.16 41.81
CA ALA B 106 -0.44 39.17 41.89
C ALA B 106 -1.09 39.34 40.53
N ILE B 107 -2.42 39.38 40.50
CA ILE B 107 -3.18 39.42 39.26
C ILE B 107 -4.04 40.68 39.23
N LEU B 108 -4.41 41.07 38.02
CA LEU B 108 -5.22 42.26 37.78
C LEU B 108 -6.48 41.84 37.03
N LEU B 109 -7.64 42.15 37.58
CA LEU B 109 -8.93 41.73 37.03
C LEU B 109 -9.63 42.93 36.39
N ARG B 110 -10.10 42.75 35.16
CA ARG B 110 -10.80 43.78 34.40
C ARG B 110 -12.16 43.26 34.00
N HIS B 111 -13.18 44.11 34.15
CA HIS B 111 -14.53 43.76 33.74
C HIS B 111 -14.68 43.97 32.24
N ALA B 112 -15.17 42.93 31.55
CA ALA B 112 -15.30 43.01 30.10
C ALA B 112 -16.30 44.09 29.69
N HIS B 113 -17.42 44.18 30.40
CA HIS B 113 -18.46 45.14 30.04
C HIS B 113 -18.24 46.49 30.72
N SER B 114 -17.95 46.47 32.02
CA SER B 114 -17.85 47.71 32.77
C SER B 114 -16.59 48.49 32.45
N ARG B 115 -15.54 47.81 31.97
CA ARG B 115 -14.24 48.43 31.70
C ARG B 115 -13.68 49.07 32.96
N MET B 116 -13.92 48.46 34.11
CA MET B 116 -13.44 48.95 35.39
C MET B 116 -12.72 47.81 36.12
N TYR B 117 -11.78 48.18 36.98
CA TYR B 117 -11.00 47.17 37.70
C TYR B 117 -11.66 46.86 39.03
N LEU B 118 -11.76 45.57 39.34
CA LEU B 118 -12.31 45.12 40.62
C LEU B 118 -11.29 45.36 41.72
N SER B 119 -11.73 45.96 42.82
CA SER B 119 -10.83 46.27 43.91
C SER B 119 -11.61 46.44 45.21
N CYS B 120 -10.90 46.32 46.32
CA CYS B 120 -11.50 46.57 47.63
C CYS B 120 -11.78 48.06 47.80
N LEU B 121 -12.90 48.36 48.44
CA LEU B 121 -13.31 49.74 48.68
C LEU B 121 -13.05 50.13 50.13
N THR B 122 -12.72 51.41 50.33
CA THR B 122 -12.43 51.89 51.68
C THR B 122 -13.68 52.05 52.54
N THR B 123 -14.86 52.12 51.93
CA THR B 123 -16.09 52.27 52.69
C THR B 123 -16.42 50.96 53.41
N SER B 124 -17.02 51.09 54.59
CA SER B 124 -17.40 49.94 55.41
C SER B 124 -18.88 50.08 55.74
N ARG B 125 -19.70 49.20 55.18
CA ARG B 125 -21.15 49.21 55.38
C ARG B 125 -21.59 47.79 55.71
N SER B 126 -21.68 47.48 57.00
CA SER B 126 -22.10 46.15 57.45
C SER B 126 -22.96 46.29 58.70
N MET B 127 -23.89 45.36 58.86
CA MET B 127 -24.76 45.30 60.03
C MET B 127 -24.46 44.12 60.93
N THR B 128 -23.35 43.41 60.70
CA THR B 128 -23.00 42.24 61.49
C THR B 128 -21.99 42.56 62.60
N ASP B 129 -21.86 43.83 62.98
CA ASP B 129 -20.95 44.26 64.04
C ASP B 129 -19.51 43.84 63.73
N LYS B 130 -19.11 43.95 62.47
CA LYS B 130 -17.77 43.57 62.05
C LYS B 130 -17.37 44.40 60.85
N LEU B 131 -16.06 44.47 60.63
CA LEU B 131 -15.52 45.17 59.47
C LEU B 131 -15.84 44.41 58.19
N ALA B 132 -16.19 45.15 57.14
CA ALA B 132 -16.61 44.56 55.87
C ALA B 132 -15.65 44.86 54.74
N PHE B 133 -15.40 46.15 54.47
CA PHE B 133 -14.59 46.58 53.33
C PHE B 133 -15.09 45.94 52.04
N ASP B 134 -16.32 46.29 51.68
CA ASP B 134 -16.98 45.67 50.55
C ASP B 134 -16.23 45.89 49.25
N VAL B 135 -16.24 44.87 48.39
CA VAL B 135 -15.50 44.90 47.13
C VAL B 135 -16.33 45.61 46.08
N GLY B 136 -15.71 46.53 45.35
CA GLY B 136 -16.39 47.24 44.29
C GLY B 136 -15.55 47.38 43.04
N LEU B 137 -15.91 48.33 42.18
CA LEU B 137 -15.21 48.57 40.93
C LEU B 137 -14.74 50.01 40.88
N GLN B 138 -13.56 50.22 40.30
CA GLN B 138 -12.98 51.55 40.18
C GLN B 138 -12.49 51.78 38.75
N GLU B 139 -12.53 53.05 38.33
CA GLU B 139 -12.14 53.39 36.97
C GLU B 139 -10.66 53.72 36.83
N ASP B 140 -10.01 54.14 37.91
CA ASP B 140 -8.59 54.45 37.85
C ASP B 140 -7.76 53.18 37.71
N ALA B 141 -6.64 53.31 37.00
CA ALA B 141 -5.75 52.18 36.75
C ALA B 141 -4.68 52.04 37.83
N THR B 142 -4.66 52.92 38.82
CA THR B 142 -3.67 52.83 39.89
C THR B 142 -3.88 51.56 40.70
N GLY B 143 -2.79 50.93 41.09
CA GLY B 143 -2.86 49.61 41.70
C GLY B 143 -2.38 49.52 43.14
N GLU B 144 -2.75 50.51 43.96
CA GLU B 144 -2.42 50.42 45.39
C GLU B 144 -3.26 49.35 46.08
N ALA B 145 -4.55 49.25 45.72
CA ALA B 145 -5.47 48.30 46.33
C ALA B 145 -6.22 47.51 45.27
N CYS B 146 -5.55 47.17 44.17
CA CYS B 146 -6.20 46.54 43.03
C CYS B 146 -5.64 45.16 42.70
N TRP B 147 -4.63 44.68 43.41
CA TRP B 147 -3.97 43.41 43.10
C TRP B 147 -4.27 42.38 44.18
N TRP B 148 -4.48 41.14 43.74
CA TRP B 148 -4.78 40.03 44.63
C TRP B 148 -3.72 38.95 44.49
N THR B 149 -3.38 38.31 45.60
CA THR B 149 -2.34 37.28 45.63
C THR B 149 -3.00 35.94 45.93
N MET B 150 -2.71 34.95 45.08
CA MET B 150 -3.24 33.61 45.27
C MET B 150 -2.43 32.86 46.33
N HIS B 151 -3.08 31.88 46.95
CA HIS B 151 -2.45 31.02 47.93
C HIS B 151 -3.01 29.60 47.79
N PRO B 152 -2.22 28.59 48.14
CA PRO B 152 -2.71 27.20 48.04
C PRO B 152 -3.89 26.97 48.98
N ALA B 153 -4.83 26.14 48.53
CA ALA B 153 -6.00 25.81 49.34
C ALA B 153 -5.82 24.52 50.12
N SER B 154 -5.08 23.55 49.58
CA SER B 154 -4.85 22.27 50.23
C SER B 154 -3.35 22.07 50.46
N LYS B 155 -3.04 21.17 51.40
CA LYS B 155 -1.66 20.85 51.69
C LYS B 155 -0.94 20.16 50.54
N GLN B 156 -1.68 19.60 49.59
CA GLN B 156 -1.05 18.96 48.44
C GLN B 156 -0.38 19.98 47.53
N ARG B 157 -0.77 21.24 47.62
CA ARG B 157 -0.19 22.29 46.80
C ARG B 157 0.91 23.02 47.56
N SER B 158 1.94 23.42 46.82
CA SER B 158 3.10 24.12 47.38
C SER B 158 3.37 25.37 46.56
N GLU B 159 4.18 26.27 47.12
CA GLU B 159 4.50 27.51 46.45
C GLU B 159 5.37 27.25 45.23
N GLY B 160 5.10 28.00 44.15
CA GLY B 160 5.93 27.96 42.97
C GLY B 160 5.50 27.00 41.88
N GLU B 161 4.42 26.26 42.08
CA GLU B 161 3.97 25.35 41.04
C GLU B 161 2.74 25.92 40.33
N LYS B 162 2.63 25.59 39.04
CA LYS B 162 1.62 26.18 38.18
C LYS B 162 0.23 25.70 38.57
N VAL B 163 -0.76 26.56 38.35
CA VAL B 163 -2.14 26.24 38.69
C VAL B 163 -2.80 25.51 37.53
N ARG B 164 -3.89 24.82 37.84
CA ARG B 164 -4.67 24.07 36.85
C ARG B 164 -6.12 24.53 36.87
N VAL B 165 -6.86 24.13 35.83
CA VAL B 165 -8.28 24.44 35.75
C VAL B 165 -9.03 23.63 36.80
N GLY B 166 -9.95 24.29 37.50
CA GLY B 166 -10.69 23.63 38.55
C GLY B 166 -9.89 23.43 39.82
N ASP B 167 -8.84 24.21 40.03
CA ASP B 167 -8.01 24.12 41.23
C ASP B 167 -8.47 25.15 42.22
N ASP B 168 -8.67 24.72 43.47
CA ASP B 168 -9.09 25.63 44.53
C ASP B 168 -7.95 26.54 44.93
N LEU B 169 -8.29 27.80 45.20
CA LEU B 169 -7.29 28.80 45.58
C LEU B 169 -7.96 29.85 46.46
N ILE B 170 -7.14 30.58 47.19
CA ILE B 170 -7.59 31.59 48.14
C ILE B 170 -6.98 32.93 47.75
N LEU B 171 -7.82 33.97 47.67
CA LEU B 171 -7.40 35.29 47.25
C LEU B 171 -7.26 36.21 48.46
N VAL B 172 -6.21 37.02 48.46
CA VAL B 172 -5.93 37.97 49.53
C VAL B 172 -5.69 39.34 48.92
N SER B 173 -6.29 40.37 49.49
CA SER B 173 -6.05 41.73 49.05
C SER B 173 -4.76 42.25 49.65
N VAL B 174 -3.92 42.87 48.81
CA VAL B 174 -2.63 43.35 49.29
C VAL B 174 -2.78 44.55 50.22
N SER B 175 -3.62 45.53 49.87
CA SER B 175 -3.74 46.72 50.69
C SER B 175 -4.61 46.48 51.92
N SER B 176 -5.66 45.68 51.79
CA SER B 176 -6.57 45.46 52.91
C SER B 176 -6.12 44.35 53.84
N GLU B 177 -5.35 43.38 53.33
CA GLU B 177 -4.94 42.21 54.10
C GLU B 177 -6.15 41.39 54.55
N ARG B 178 -7.18 41.36 53.72
CA ARG B 178 -8.40 40.60 53.98
C ARG B 178 -8.69 39.69 52.80
N TYR B 179 -9.35 38.56 53.09
CA TYR B 179 -9.73 37.62 52.05
C TYR B 179 -10.95 38.14 51.29
N LEU B 180 -11.21 37.52 50.15
CA LEU B 180 -12.47 37.67 49.44
C LEU B 180 -13.45 36.64 50.01
N HIS B 181 -14.30 37.07 50.94
CA HIS B 181 -15.05 36.15 51.78
C HIS B 181 -16.54 36.25 51.48
N LEU B 182 -17.22 35.10 51.52
CA LEU B 182 -18.67 35.06 51.40
C LEU B 182 -19.28 35.16 52.80
N SER B 183 -19.98 36.27 53.06
CA SER B 183 -20.59 36.52 54.35
C SER B 183 -22.04 36.05 54.32
N THR B 184 -22.39 35.20 55.29
CA THR B 184 -23.75 34.68 55.42
C THR B 184 -24.58 35.60 56.31
N ALA B 185 -24.80 36.82 55.80
CA ALA B 185 -25.55 37.81 56.54
C ALA B 185 -27.01 37.39 56.68
N SER B 186 -27.67 37.96 57.69
CA SER B 186 -29.04 37.58 57.99
C SER B 186 -29.98 37.90 56.83
N GLY B 187 -29.82 39.07 56.22
CA GLY B 187 -30.68 39.43 55.10
C GLY B 187 -30.48 38.52 53.90
N GLU B 188 -29.23 38.34 53.49
CA GLU B 188 -28.90 37.50 52.34
C GLU B 188 -27.39 37.27 52.34
N LEU B 189 -26.95 36.43 51.41
CA LEU B 189 -25.52 36.18 51.24
C LEU B 189 -24.87 37.34 50.50
N GLN B 190 -23.69 37.74 50.97
CA GLN B 190 -22.96 38.85 50.37
C GLN B 190 -21.49 38.48 50.25
N VAL B 191 -20.72 39.39 49.66
CA VAL B 191 -19.27 39.24 49.53
C VAL B 191 -18.61 40.43 50.21
N ASP B 192 -17.78 40.16 51.21
CA ASP B 192 -17.07 41.18 51.97
C ASP B 192 -15.61 40.76 52.14
N ALA B 193 -14.77 41.73 52.48
CA ALA B 193 -13.37 41.50 52.76
C ALA B 193 -13.19 41.36 54.27
N SER B 194 -13.25 40.13 54.77
CA SER B 194 -13.14 39.85 56.19
C SER B 194 -11.90 39.00 56.45
N PHE B 195 -11.64 38.73 57.72
CA PHE B 195 -10.47 37.95 58.10
C PHE B 195 -10.62 36.47 57.82
N MET B 196 -11.85 35.95 57.75
CA MET B 196 -12.06 34.56 57.42
C MET B 196 -11.91 34.35 55.92
N GLN B 197 -11.42 33.17 55.54
CA GLN B 197 -11.18 32.82 54.15
C GLN B 197 -12.30 31.94 53.63
N THR B 198 -12.63 32.12 52.35
CA THR B 198 -13.68 31.35 51.68
C THR B 198 -13.11 30.67 50.45
N LEU B 199 -13.44 29.40 50.27
CA LEU B 199 -12.94 28.64 49.13
C LEU B 199 -13.53 29.19 47.84
N TRP B 200 -12.68 29.40 46.85
CA TRP B 200 -13.08 29.96 45.56
C TRP B 200 -12.54 29.10 44.43
N ASN B 201 -13.22 29.15 43.28
CA ASN B 201 -12.78 28.43 42.10
C ASN B 201 -12.82 29.37 40.90
N MET B 202 -11.93 29.15 39.94
CA MET B 202 -11.89 29.92 38.71
C MET B 202 -12.16 29.00 37.53
N ASN B 203 -13.08 29.40 36.65
CA ASN B 203 -13.40 28.62 35.47
C ASN B 203 -13.24 29.49 34.23
N PRO B 204 -12.48 29.04 33.24
CA PRO B 204 -12.26 29.87 32.05
C PRO B 204 -13.45 29.83 31.10
N ILE B 205 -13.88 31.00 30.66
CA ILE B 205 -14.98 31.08 29.71
C ILE B 205 -14.48 30.84 28.29
N CYS B 206 -13.46 31.59 27.87
CA CYS B 206 -12.91 31.44 26.53
C CYS B 206 -11.45 31.82 26.56
N SER B 207 -10.72 31.37 25.55
CA SER B 207 -9.31 31.67 25.36
C SER B 207 -9.12 32.43 24.04
N CYS B 208 -7.87 32.60 23.65
CA CYS B 208 -7.56 33.27 22.39
C CYS B 208 -8.20 32.52 21.23
N CYS B 209 -8.88 33.25 20.34
CA CYS B 209 -9.62 32.66 19.25
C CYS B 209 -9.15 33.23 17.92
N GLU B 210 -9.10 32.35 16.91
CA GLU B 210 -8.76 32.77 15.57
C GLU B 210 -9.88 33.62 14.97
N GLU B 211 -9.49 34.56 14.12
CA GLU B 211 -10.44 35.50 13.53
C GLU B 211 -11.34 34.82 12.51
N GLY B 212 -12.57 35.30 12.42
CA GLY B 212 -13.51 34.84 11.42
C GLY B 212 -14.37 33.66 11.81
N TYR B 213 -14.15 33.07 12.98
CA TYR B 213 -14.92 31.90 13.41
C TYR B 213 -15.84 32.27 14.56
N VAL B 214 -17.06 31.76 14.50
CA VAL B 214 -18.10 32.12 15.46
C VAL B 214 -17.89 31.36 16.76
N THR B 215 -18.11 32.04 17.88
CA THR B 215 -18.07 31.43 19.20
C THR B 215 -19.18 32.00 20.05
N GLY B 216 -19.56 31.25 21.09
CA GLY B 216 -20.66 31.65 21.92
C GLY B 216 -20.35 32.85 22.81
N GLY B 217 -21.41 33.49 23.29
CA GLY B 217 -21.29 34.63 24.15
C GLY B 217 -21.09 35.96 23.46
N HIS B 218 -21.14 36.00 22.14
CA HIS B 218 -20.97 37.23 21.39
C HIS B 218 -22.29 37.70 20.81
N VAL B 219 -22.62 38.97 21.03
CA VAL B 219 -23.78 39.56 20.40
C VAL B 219 -23.53 39.68 18.91
N LEU B 220 -24.60 39.58 18.12
CA LEU B 220 -24.45 39.61 16.67
C LEU B 220 -25.75 40.07 16.03
N ARG B 221 -25.67 40.34 14.73
CA ARG B 221 -26.81 40.75 13.93
C ARG B 221 -26.92 39.76 12.77
N LEU B 222 -28.03 39.03 12.71
CA LEU B 222 -28.29 38.07 11.64
C LEU B 222 -29.46 38.58 10.80
N PHE B 223 -29.30 38.55 9.49
CA PHE B 223 -30.31 39.07 8.58
C PHE B 223 -30.60 38.08 7.47
N HIS B 224 -31.90 37.83 7.24
CA HIS B 224 -32.34 37.00 6.13
C HIS B 224 -32.20 37.77 4.82
N GLY B 225 -32.00 37.04 3.74
CA GLY B 225 -31.89 37.67 2.43
C GLY B 225 -30.50 38.26 2.20
N HIS B 226 -30.37 38.93 1.06
CA HIS B 226 -29.08 39.47 0.64
C HIS B 226 -29.00 40.99 0.62
N MET B 227 -29.99 41.67 0.04
CA MET B 227 -29.89 43.12 -0.13
C MET B 227 -29.84 43.85 1.21
N ASP B 228 -30.95 43.83 1.94
CA ASP B 228 -30.99 44.44 3.28
C ASP B 228 -32.22 44.00 4.05
N GLU B 229 -32.03 43.27 5.15
CA GLU B 229 -33.12 42.91 6.05
C GLU B 229 -32.57 42.84 7.47
N CYS B 230 -33.43 42.45 8.40
CA CYS B 230 -33.11 42.17 9.79
C CYS B 230 -34.39 41.70 10.46
N LEU B 231 -34.27 41.12 11.66
CA LEU B 231 -35.42 40.70 12.45
C LEU B 231 -35.31 41.36 13.82
N THR B 232 -36.39 42.03 14.24
CA THR B 232 -36.39 42.75 15.51
C THR B 232 -37.74 42.59 16.19
N ILE B 233 -37.97 43.44 17.16
CA ILE B 233 -39.28 43.60 17.78
C ILE B 233 -39.73 45.02 17.48
N SER B 234 -41.05 45.24 17.49
CA SER B 234 -41.62 46.53 17.14
C SER B 234 -41.09 47.63 18.06
N ALA B 235 -41.31 48.87 17.64
CA ALA B 235 -40.80 50.04 18.36
C ALA B 235 -41.54 50.22 19.68
N ALA B 236 -41.05 51.17 20.48
CA ALA B 236 -41.66 51.44 21.77
C ALA B 236 -43.03 52.08 21.62
N ASP B 237 -43.94 51.76 22.55
CA ASP B 237 -45.30 52.28 22.55
C ASP B 237 -46.02 51.96 21.24
N SER B 238 -45.82 50.74 20.74
CA SER B 238 -46.46 50.31 19.51
C SER B 238 -47.82 49.65 19.75
N ASP B 239 -48.27 49.59 21.00
CA ASP B 239 -49.56 49.04 21.43
C ASP B 239 -49.63 47.52 21.31
N ASP B 240 -48.61 46.86 20.77
CA ASP B 240 -48.55 45.41 20.74
C ASP B 240 -47.80 44.84 21.94
N GLN B 241 -47.29 45.70 22.81
CA GLN B 241 -46.63 45.38 24.07
C GLN B 241 -45.32 44.61 23.83
N ARG B 242 -44.86 44.52 22.58
CA ARG B 242 -43.48 44.16 22.24
C ARG B 242 -43.12 42.75 22.74
N ARG B 243 -43.78 41.75 22.17
CA ARG B 243 -43.50 40.35 22.48
C ARG B 243 -43.43 39.45 21.25
N LEU B 244 -43.49 40.01 20.04
CA LEU B 244 -43.54 39.20 18.82
C LEU B 244 -42.56 39.75 17.80
N VAL B 245 -41.97 38.84 17.03
CA VAL B 245 -40.85 39.18 16.14
C VAL B 245 -41.37 39.66 14.80
N TYR B 246 -40.68 40.66 14.23
CA TYR B 246 -40.99 41.20 12.92
C TYR B 246 -39.75 41.17 12.04
N TYR B 247 -39.98 41.16 10.72
CA TYR B 247 -38.94 41.31 9.71
C TYR B 247 -38.98 42.73 9.17
N GLU B 248 -37.80 43.33 9.00
CA GLU B 248 -37.71 44.73 8.61
C GLU B 248 -37.02 44.86 7.25
N GLY B 249 -36.76 46.11 6.86
CA GLY B 249 -36.21 46.39 5.55
C GLY B 249 -34.76 46.84 5.55
N GLY B 250 -34.49 47.96 4.87
CA GLY B 250 -33.13 48.41 4.65
C GLY B 250 -32.52 49.27 5.73
N ALA B 251 -33.17 50.39 6.05
CA ALA B 251 -32.60 51.37 6.97
C ALA B 251 -32.62 50.92 8.42
N VAL B 252 -33.36 49.85 8.75
CA VAL B 252 -33.49 49.41 10.13
C VAL B 252 -32.31 48.55 10.57
N CYS B 253 -31.45 48.14 9.64
CA CYS B 253 -30.34 47.25 9.99
C CYS B 253 -29.38 47.90 10.97
N THR B 254 -29.05 49.18 10.78
CA THR B 254 -28.03 49.84 11.58
C THR B 254 -28.49 50.14 13.00
N HIS B 255 -29.78 50.03 13.30
CA HIS B 255 -30.27 50.43 14.61
C HIS B 255 -29.97 49.37 15.66
N ALA B 256 -30.20 49.72 16.92
CA ALA B 256 -29.81 48.90 18.05
C ALA B 256 -30.76 47.75 18.34
N ARG B 257 -31.94 47.72 17.71
CA ARG B 257 -32.91 46.67 18.00
C ARG B 257 -32.54 45.33 17.37
N SER B 258 -31.69 45.34 16.34
CA SER B 258 -31.29 44.11 15.65
C SER B 258 -30.02 43.51 16.24
N LEU B 259 -30.02 43.30 17.55
CA LEU B 259 -28.89 42.69 18.25
C LEU B 259 -29.40 41.50 19.05
N TRP B 260 -28.77 40.35 18.86
CA TRP B 260 -29.15 39.13 19.56
C TRP B 260 -27.90 38.48 20.15
N ARG B 261 -28.02 37.98 21.38
CA ARG B 261 -26.93 37.30 22.06
C ARG B 261 -27.28 35.84 22.24
N LEU B 262 -26.39 34.96 21.81
CA LEU B 262 -26.61 33.52 21.88
C LEU B 262 -25.76 32.94 23.00
N GLU B 263 -26.36 32.09 23.83
CA GLU B 263 -25.62 31.47 24.93
C GLU B 263 -25.98 30.00 25.04
N PRO B 264 -24.99 29.12 25.15
CA PRO B 264 -25.27 27.69 25.32
C PRO B 264 -25.71 27.37 26.75
N LEU B 265 -26.10 26.11 26.94
CA LEU B 265 -26.58 25.69 28.25
C LEU B 265 -25.46 25.62 29.28
N ARG B 266 -24.27 25.20 28.85
CA ARG B 266 -23.17 25.01 29.78
C ARG B 266 -22.62 26.37 30.23
N ILE B 267 -22.61 26.62 31.53
CA ILE B 267 -22.05 27.85 32.05
C ILE B 267 -20.54 27.85 31.91
N SER B 268 -19.89 26.72 32.20
CA SER B 268 -18.45 26.62 32.10
C SER B 268 -18.04 26.38 30.65
N TRP B 269 -16.94 27.03 30.24
CA TRP B 269 -16.39 26.91 28.89
C TRP B 269 -17.43 27.30 27.85
N SER B 270 -18.23 28.32 28.17
CA SER B 270 -19.29 28.75 27.26
C SER B 270 -18.74 29.45 26.03
N GLY B 271 -17.48 29.89 26.07
CA GLY B 271 -16.88 30.62 24.98
C GLY B 271 -16.22 29.76 23.91
N SER B 272 -16.39 28.44 23.96
CA SER B 272 -15.79 27.58 22.97
C SER B 272 -16.41 27.81 21.60
N HIS B 273 -15.71 27.35 20.57
CA HIS B 273 -16.18 27.54 19.20
C HIS B 273 -17.51 26.83 18.97
N LEU B 274 -18.39 27.51 18.26
CA LEU B 274 -19.73 26.97 18.01
C LEU B 274 -19.67 25.86 16.97
N ARG B 275 -20.33 24.74 17.27
CA ARG B 275 -20.43 23.62 16.35
C ARG B 275 -21.87 23.49 15.86
N TRP B 276 -22.09 22.49 15.00
CA TRP B 276 -23.39 22.29 14.39
C TRP B 276 -24.27 21.44 15.31
N GLY B 277 -25.37 22.03 15.79
CA GLY B 277 -26.39 21.29 16.51
C GLY B 277 -26.33 21.35 18.03
N GLN B 278 -25.94 22.48 18.63
CA GLN B 278 -26.01 22.41 20.08
C GLN B 278 -27.19 23.22 20.61
N PRO B 279 -27.74 22.83 21.75
CA PRO B 279 -28.83 23.61 22.37
C PRO B 279 -28.29 24.92 22.91
N LEU B 280 -28.79 26.02 22.37
CA LEU B 280 -28.39 27.35 22.83
C LEU B 280 -29.58 28.28 22.71
N ARG B 281 -29.68 29.23 23.64
CA ARG B 281 -30.83 30.14 23.66
C ARG B 281 -30.42 31.53 23.20
N ILE B 282 -31.35 32.21 22.54
CA ILE B 282 -31.14 33.54 21.99
C ILE B 282 -31.86 34.55 22.87
N ARG B 283 -31.20 35.67 23.17
CA ARG B 283 -31.81 36.73 23.94
C ARG B 283 -31.66 38.06 23.22
N HIS B 284 -32.62 38.95 23.45
CA HIS B 284 -32.61 40.30 22.91
C HIS B 284 -32.02 41.22 23.96
N VAL B 285 -30.85 41.82 23.65
CA VAL B 285 -30.03 42.45 24.68
C VAL B 285 -30.74 43.66 25.28
N THR B 286 -31.36 44.51 24.45
CA THR B 286 -31.95 45.73 24.98
C THR B 286 -33.25 45.48 25.71
N THR B 287 -33.87 44.31 25.52
CA THR B 287 -35.11 43.99 26.20
C THR B 287 -34.96 42.85 27.21
N GLY B 288 -33.96 42.00 27.04
CA GLY B 288 -33.75 40.91 27.97
C GLY B 288 -34.79 39.82 27.93
N ARG B 289 -35.27 39.45 26.75
CA ARG B 289 -36.26 38.39 26.59
C ARG B 289 -35.74 37.34 25.63
N TYR B 290 -35.98 36.07 25.98
CA TYR B 290 -35.56 34.94 25.18
C TYR B 290 -36.67 34.53 24.22
N LEU B 291 -36.29 33.77 23.19
CA LEU B 291 -37.23 33.32 22.17
C LEU B 291 -37.73 31.92 22.50
N ALA B 292 -39.05 31.77 22.65
CA ALA B 292 -39.65 30.48 22.95
C ALA B 292 -41.14 30.56 22.65
N LEU B 293 -41.80 29.40 22.67
CA LEU B 293 -43.23 29.29 22.47
C LEU B 293 -43.88 28.73 23.72
N THR B 294 -44.92 29.41 24.22
CA THR B 294 -45.53 28.97 25.47
C THR B 294 -46.54 27.84 25.26
N GLU B 295 -47.66 28.10 24.59
CA GLU B 295 -48.58 27.02 24.24
C GLU B 295 -48.86 26.93 22.75
N ASP B 296 -49.51 27.93 22.14
CA ASP B 296 -49.90 27.84 20.74
C ASP B 296 -49.82 29.21 20.07
N GLN B 297 -48.80 29.99 20.37
CA GLN B 297 -48.71 31.38 19.93
C GLN B 297 -47.64 31.57 18.87
N GLY B 298 -47.47 30.58 17.99
CA GLY B 298 -46.55 30.72 16.87
C GLY B 298 -45.11 30.85 17.35
N LEU B 299 -44.48 31.96 16.98
CA LEU B 299 -43.12 32.27 17.41
C LEU B 299 -43.12 33.64 18.09
N VAL B 300 -42.86 33.66 19.39
CA VAL B 300 -42.79 34.90 20.15
C VAL B 300 -41.57 34.87 21.06
N VAL B 301 -41.39 35.93 21.84
CA VAL B 301 -40.33 35.96 22.84
C VAL B 301 -40.96 35.68 24.20
N VAL B 302 -40.15 35.13 25.11
CA VAL B 302 -40.63 34.70 26.40
C VAL B 302 -39.92 35.49 27.49
N ASP B 303 -40.57 35.60 28.64
CA ASP B 303 -39.99 36.27 29.79
C ASP B 303 -38.77 35.51 30.27
N ALA B 304 -37.89 36.21 30.99
CA ALA B 304 -36.64 35.62 31.44
C ALA B 304 -36.90 34.44 32.38
N CYS B 305 -37.81 34.61 33.33
CA CYS B 305 -38.06 33.55 34.31
C CYS B 305 -38.79 32.36 33.71
N LYS B 306 -39.56 32.56 32.65
CA LYS B 306 -40.32 31.47 32.02
C LYS B 306 -39.46 30.74 31.02
N ALA B 307 -38.50 29.99 31.56
CA ALA B 307 -37.56 29.20 30.76
C ALA B 307 -37.81 27.72 31.06
N HIS B 308 -38.41 27.02 30.10
CA HIS B 308 -38.70 25.60 30.26
C HIS B 308 -37.55 24.70 29.85
N THR B 309 -36.46 25.27 29.34
CA THR B 309 -35.26 24.55 28.91
C THR B 309 -35.55 23.71 27.67
N LYS B 310 -36.81 23.67 27.25
CA LYS B 310 -37.23 22.93 26.06
C LYS B 310 -37.83 23.83 24.99
N ALA B 311 -38.71 24.75 25.38
CA ALA B 311 -39.26 25.70 24.42
C ALA B 311 -38.23 26.76 24.04
N THR B 312 -37.28 27.05 24.92
CA THR B 312 -36.26 28.06 24.65
C THR B 312 -35.10 27.52 23.82
N SER B 313 -35.00 26.21 23.65
CA SER B 313 -33.84 25.62 22.99
C SER B 313 -33.95 25.73 21.48
N PHE B 314 -32.82 26.04 20.85
CA PHE B 314 -32.71 26.11 19.39
C PHE B 314 -31.37 25.52 18.99
N CYS B 315 -31.24 25.13 17.72
CA CYS B 315 -29.99 24.58 17.24
C CYS B 315 -29.67 25.11 15.84
N PHE B 316 -28.46 24.79 15.39
CA PHE B 316 -27.91 25.27 14.12
C PHE B 316 -27.55 24.06 13.27
N ARG B 317 -27.95 24.07 12.00
CA ARG B 317 -27.73 22.96 11.09
C ARG B 317 -27.26 23.48 9.74
N VAL B 318 -26.54 22.63 9.00
CA VAL B 318 -26.01 23.05 7.71
C VAL B 318 -26.90 22.62 6.55
N SER B 319 -27.56 21.46 6.67
CA SER B 319 -28.31 20.87 5.57
C SER B 319 -29.79 20.84 5.89
N LYS B 320 -30.62 21.06 4.87
CA LYS B 320 -32.06 20.97 5.05
C LYS B 320 -32.48 19.56 5.43
N GLU B 321 -31.92 18.55 4.78
CA GLU B 321 -32.32 17.17 5.01
C GLU B 321 -31.83 16.69 6.38
N LYS B 322 -32.51 15.67 6.90
CA LYS B 322 -32.15 15.12 8.20
C LYS B 322 -30.90 14.28 8.07
N LEU B 323 -29.85 14.67 8.79
CA LEU B 323 -28.56 13.99 8.76
C LEU B 323 -28.16 13.60 10.18
N ASP B 324 -27.28 12.61 10.26
CA ASP B 324 -26.79 12.13 11.55
C ASP B 324 -25.92 13.20 12.21
N THR B 325 -26.11 13.37 13.52
CA THR B 325 -25.36 14.34 14.30
C THR B 325 -24.87 13.69 15.58
N ALA B 326 -23.77 14.22 16.11
CA ALA B 326 -23.18 13.73 17.36
C ALA B 326 -22.93 14.90 18.29
N PRO B 327 -23.98 15.44 18.91
CA PRO B 327 -23.81 16.54 19.87
C PRO B 327 -23.63 16.10 21.32
N LYS B 328 -23.63 14.80 21.59
CA LYS B 328 -23.49 14.32 22.96
C LYS B 328 -22.08 14.46 23.52
N ARG B 329 -21.07 14.44 22.66
CA ARG B 329 -19.69 14.56 23.12
C ARG B 329 -19.45 15.95 23.69
N ASP B 330 -18.72 16.01 24.81
CA ASP B 330 -18.39 17.26 25.48
C ASP B 330 -16.88 17.47 25.37
N VAL B 331 -16.48 18.62 24.84
CA VAL B 331 -15.08 18.95 24.65
C VAL B 331 -14.66 19.90 25.78
N GLU B 332 -13.59 19.54 26.48
CA GLU B 332 -13.08 20.40 27.53
C GLU B 332 -12.16 21.48 26.98
N GLY B 333 -11.59 21.26 25.80
CA GLY B 333 -10.71 22.23 25.17
C GLY B 333 -11.47 23.23 24.33
N MET B 334 -10.70 23.94 23.50
CA MET B 334 -11.29 24.93 22.60
C MET B 334 -12.22 24.27 21.59
N GLY B 335 -11.82 23.13 21.04
CA GLY B 335 -12.61 22.45 20.03
C GLY B 335 -12.26 22.91 18.63
N PRO B 336 -12.58 22.08 17.64
CA PRO B 336 -12.26 22.45 16.26
C PRO B 336 -13.13 23.60 15.79
N PRO B 337 -12.59 24.52 14.99
CA PRO B 337 -13.41 25.61 14.46
C PRO B 337 -14.27 25.13 13.30
N GLU B 338 -15.58 25.33 13.41
CA GLU B 338 -16.51 24.85 12.41
C GLU B 338 -17.32 25.95 11.74
N ILE B 339 -17.92 26.85 12.51
CA ILE B 339 -18.85 27.86 12.00
C ILE B 339 -18.08 29.14 11.72
N LYS B 340 -18.21 29.65 10.49
CA LYS B 340 -17.47 30.82 10.04
C LYS B 340 -18.45 31.92 9.63
N TYR B 341 -18.11 33.16 10.01
CA TYR B 341 -18.95 34.31 9.67
C TYR B 341 -19.02 34.52 8.17
N GLY B 342 -20.18 34.98 7.70
CA GLY B 342 -20.38 35.37 6.32
C GLY B 342 -20.87 34.27 5.40
N GLU B 343 -20.25 33.09 5.46
CA GLU B 343 -20.55 32.03 4.52
C GLU B 343 -21.16 30.79 5.20
N SER B 344 -21.58 30.90 6.46
CA SER B 344 -22.15 29.75 7.14
C SER B 344 -23.46 29.31 6.48
N LEU B 345 -24.33 30.26 6.17
CA LEU B 345 -25.61 29.99 5.52
C LEU B 345 -26.42 28.94 6.29
N CYS B 346 -26.36 29.06 7.61
CA CYS B 346 -26.90 28.05 8.50
C CYS B 346 -28.43 28.14 8.59
N PHE B 347 -29.03 27.07 9.11
CA PHE B 347 -30.48 26.96 9.29
C PHE B 347 -30.76 26.76 10.78
N VAL B 348 -31.80 27.41 11.28
CA VAL B 348 -32.17 27.34 12.69
C VAL B 348 -33.40 26.47 12.83
N GLN B 349 -33.36 25.54 13.79
CA GLN B 349 -34.48 24.66 14.07
C GLN B 349 -34.72 24.56 15.58
N HIS B 350 -35.99 24.59 15.96
CA HIS B 350 -36.38 24.28 17.33
C HIS B 350 -36.38 22.77 17.52
N VAL B 351 -35.92 22.31 18.69
CA VAL B 351 -35.73 20.88 18.89
C VAL B 351 -36.98 20.23 19.46
N ALA B 352 -37.61 20.87 20.46
CA ALA B 352 -38.74 20.25 21.13
C ALA B 352 -39.91 20.06 20.18
N SER B 353 -40.33 21.13 19.51
CA SER B 353 -41.41 21.01 18.54
C SER B 353 -40.92 20.41 17.21
N GLY B 354 -39.68 20.71 16.84
CA GLY B 354 -39.10 20.11 15.66
C GLY B 354 -39.53 20.69 14.33
N LEU B 355 -39.92 21.97 14.30
CA LEU B 355 -40.33 22.60 13.05
C LEU B 355 -39.51 23.84 12.83
N TRP B 356 -39.28 24.19 11.56
CA TRP B 356 -38.43 25.32 11.23
C TRP B 356 -39.20 26.62 11.35
N LEU B 357 -38.49 27.72 11.15
CA LEU B 357 -39.06 29.06 11.20
C LEU B 357 -38.67 29.84 9.95
N THR B 358 -39.66 30.46 9.31
CA THR B 358 -39.46 31.35 8.19
C THR B 358 -40.49 32.47 8.25
N TYR B 359 -40.47 33.32 7.24
CA TYR B 359 -41.51 34.33 7.11
C TYR B 359 -42.83 33.66 6.75
N ALA B 360 -43.88 33.95 7.52
CA ALA B 360 -45.19 33.36 7.24
C ALA B 360 -45.77 33.86 5.94
N ALA B 361 -45.39 35.07 5.51
CA ALA B 361 -45.88 35.72 4.31
C ALA B 361 -47.40 35.75 4.28
N PRO B 362 -48.05 36.46 5.21
CA PRO B 362 -49.51 36.55 5.17
C PRO B 362 -49.97 37.33 3.94
N ASP B 363 -51.18 37.03 3.48
CA ASP B 363 -51.69 37.67 2.28
C ASP B 363 -52.92 38.51 2.62
N PRO B 364 -52.82 39.42 3.59
CA PRO B 364 -53.94 40.32 3.87
C PRO B 364 -53.80 41.64 3.13
N LYS B 365 -54.94 42.27 2.81
CA LYS B 365 -54.90 43.56 2.13
C LYS B 365 -54.23 44.62 2.99
N ALA B 366 -54.53 44.64 4.30
CA ALA B 366 -53.88 45.59 5.20
C ALA B 366 -52.42 45.24 5.41
N LEU B 367 -52.08 43.96 5.50
CA LEU B 367 -50.69 43.55 5.70
C LEU B 367 -49.83 43.84 4.49
N ARG B 368 -50.39 43.83 3.28
CA ARG B 368 -49.62 44.16 2.09
C ARG B 368 -49.16 45.62 2.12
N LEU B 369 -49.94 46.51 2.73
CA LEU B 369 -49.55 47.92 2.81
C LEU B 369 -48.36 48.14 3.73
N GLY B 370 -48.01 47.17 4.55
CA GLY B 370 -46.86 47.32 5.42
C GLY B 370 -45.57 47.40 4.62
N VAL B 371 -44.60 48.12 5.17
CA VAL B 371 -43.33 48.36 4.49
C VAL B 371 -42.44 47.13 4.69
N LEU B 372 -42.56 46.16 3.79
CA LEU B 372 -41.81 44.92 3.83
C LEU B 372 -41.94 44.27 5.21
N LYS B 373 -43.16 43.87 5.54
CA LYS B 373 -43.50 43.31 6.84
C LYS B 373 -43.91 41.86 6.67
N LYS B 374 -43.18 40.96 7.32
CA LYS B 374 -43.50 39.54 7.30
C LYS B 374 -43.24 38.97 8.69
N LYS B 375 -44.31 38.65 9.41
CA LYS B 375 -44.20 38.10 10.75
C LYS B 375 -43.55 36.72 10.71
N ALA B 376 -42.64 36.48 11.65
CA ALA B 376 -41.96 35.20 11.74
C ALA B 376 -42.81 34.22 12.56
N ILE B 377 -43.22 33.13 11.94
CA ILE B 377 -44.05 32.11 12.57
C ILE B 377 -43.43 30.75 12.33
N LEU B 378 -43.40 29.92 13.38
CA LEU B 378 -42.91 28.55 13.24
C LEU B 378 -43.75 27.81 12.21
N HIS B 379 -43.09 27.10 11.30
CA HIS B 379 -43.74 26.46 10.17
C HIS B 379 -43.21 25.05 10.00
N GLN B 380 -44.02 24.19 9.36
CA GLN B 380 -43.63 22.81 9.12
C GLN B 380 -43.36 22.52 7.65
N GLU B 381 -43.93 23.31 6.74
CA GLU B 381 -43.81 23.01 5.31
C GLU B 381 -42.35 23.08 4.83
N GLY B 382 -41.63 24.10 5.25
CA GLY B 382 -40.24 24.24 4.85
C GLY B 382 -40.08 25.24 3.72
N HIS B 383 -39.02 26.04 3.79
CA HIS B 383 -38.69 27.00 2.75
C HIS B 383 -37.21 26.89 2.42
N MET B 384 -36.88 27.13 1.15
CA MET B 384 -35.53 26.92 0.64
C MET B 384 -34.66 28.18 0.69
N ASP B 385 -35.19 29.30 1.16
CA ASP B 385 -34.49 30.57 1.10
C ASP B 385 -34.09 31.10 2.48
N ASP B 386 -33.69 30.23 3.41
CA ASP B 386 -33.26 30.70 4.72
C ASP B 386 -32.04 31.61 4.61
N ALA B 387 -30.93 31.06 4.15
CA ALA B 387 -29.70 31.81 3.86
C ALA B 387 -29.37 32.81 4.96
N LEU B 388 -29.26 32.30 6.18
CA LEU B 388 -28.99 33.17 7.33
C LEU B 388 -27.59 33.76 7.23
N PHE B 389 -27.52 35.09 7.23
CA PHE B 389 -26.26 35.80 7.17
C PHE B 389 -25.95 36.39 8.54
N LEU B 390 -24.77 36.05 9.06
CA LEU B 390 -24.33 36.48 10.38
C LEU B 390 -23.35 37.64 10.24
N THR B 391 -23.41 38.60 11.17
CA THR B 391 -22.44 39.68 11.25
C THR B 391 -22.14 39.95 12.72
N ARG B 392 -20.87 40.16 13.03
CA ARG B 392 -20.43 40.49 14.38
C ARG B 392 -19.81 41.87 14.37
N CYS B 393 -20.34 42.77 15.19
CA CYS B 393 -19.86 44.14 15.28
C CYS B 393 -19.90 44.59 16.73
N GLN B 394 -18.73 44.78 17.34
CA GLN B 394 -18.67 45.20 18.73
C GLN B 394 -18.85 46.72 18.84
N GLN B 395 -17.88 47.48 18.33
CA GLN B 395 -17.93 48.93 18.20
C GLN B 395 -18.61 49.61 19.39
N GLU B 396 -18.34 49.13 20.61
CA GLU B 396 -18.95 49.56 21.86
C GLU B 396 -20.47 49.57 21.78
N GLU B 397 -21.02 48.93 20.75
CA GLU B 397 -22.48 48.90 20.59
C GLU B 397 -23.12 47.92 21.55
N SER B 398 -22.44 46.80 21.85
CA SER B 398 -22.93 45.90 22.87
C SER B 398 -22.96 46.59 24.23
N GLN B 399 -21.91 47.36 24.55
CA GLN B 399 -21.90 48.12 25.79
C GLN B 399 -23.01 49.17 25.82
N ALA B 400 -23.23 49.86 24.70
CA ALA B 400 -24.31 50.84 24.64
C ALA B 400 -25.67 50.17 24.85
N ALA B 401 -25.88 49.02 24.23
CA ALA B 401 -27.14 48.31 24.39
C ALA B 401 -27.35 47.84 25.83
N ARG B 402 -26.29 47.32 26.46
CA ARG B 402 -26.42 46.91 27.85
C ARG B 402 -26.70 48.10 28.76
N MET B 403 -26.06 49.23 28.50
CA MET B 403 -26.41 50.47 29.20
C MET B 403 -27.88 50.81 29.03
N ILE B 404 -28.39 50.71 27.81
CA ILE B 404 -29.79 51.02 27.55
C ILE B 404 -30.70 50.10 28.36
N HIS B 405 -30.42 48.79 28.33
CA HIS B 405 -31.28 47.84 29.03
C HIS B 405 -31.26 48.08 30.54
N SER B 406 -30.09 48.36 31.10
CA SER B 406 -30.01 48.59 32.53
C SER B 406 -30.71 49.89 32.94
N THR B 407 -30.43 50.98 32.22
CA THR B 407 -30.97 52.27 32.62
C THR B 407 -32.46 52.40 32.35
N ALA B 408 -32.98 51.71 31.32
CA ALA B 408 -34.43 51.69 31.12
C ALA B 408 -35.13 51.05 32.31
N GLY B 409 -34.61 49.92 32.78
CA GLY B 409 -35.16 49.30 33.96
C GLY B 409 -35.05 50.16 35.19
N LEU B 410 -33.91 50.82 35.37
CA LEU B 410 -33.75 51.71 36.53
C LEU B 410 -34.75 52.85 36.51
N TYR B 411 -34.88 53.54 35.37
CA TYR B 411 -35.84 54.64 35.28
C TYR B 411 -37.27 54.16 35.43
N ASN B 412 -37.61 52.99 34.85
CA ASN B 412 -38.96 52.48 34.98
C ASN B 412 -39.29 52.16 36.44
N GLN B 413 -38.34 51.52 37.14
CA GLN B 413 -38.54 51.25 38.56
C GLN B 413 -38.72 52.53 39.36
N PHE B 414 -37.90 53.54 39.11
CA PHE B 414 -38.02 54.79 39.85
C PHE B 414 -39.35 55.50 39.56
N ILE B 415 -39.74 55.54 38.29
CA ILE B 415 -40.96 56.26 37.91
C ILE B 415 -42.20 55.56 38.44
N LYS B 416 -42.19 54.21 38.46
CA LYS B 416 -43.27 53.50 39.12
C LYS B 416 -43.23 53.70 40.63
N GLY B 417 -42.03 53.85 41.20
CA GLY B 417 -41.92 54.00 42.64
C GLY B 417 -42.48 55.30 43.17
N LEU B 418 -42.14 56.43 42.55
CA LEU B 418 -42.54 57.68 43.20
C LEU B 418 -44.00 58.02 42.98
N ASP B 419 -44.71 57.28 42.12
CA ASP B 419 -46.09 57.58 41.81
C ASP B 419 -47.07 56.96 42.80
N SER B 420 -46.60 56.16 43.75
CA SER B 420 -47.49 55.49 44.69
C SER B 420 -48.15 56.46 45.66
N PHE B 421 -47.43 57.49 46.12
CA PHE B 421 -47.93 58.40 47.13
C PHE B 421 -48.44 59.70 46.55
N SER B 422 -48.66 59.76 45.24
CA SER B 422 -49.16 60.98 44.62
C SER B 422 -50.59 61.29 45.02
N GLY B 423 -51.36 60.25 45.39
CA GLY B 423 -52.77 60.44 45.66
C GLY B 423 -53.13 60.74 47.09
N LYS B 424 -52.24 60.40 48.04
CA LYS B 424 -52.55 60.59 49.44
C LYS B 424 -51.39 61.28 50.15
N PRO B 425 -51.69 62.05 51.20
CA PRO B 425 -50.63 62.68 51.99
C PRO B 425 -49.98 61.66 52.93
N ARG B 426 -48.88 62.07 53.53
CA ARG B 426 -48.17 61.21 54.46
C ARG B 426 -48.98 61.01 55.74
N GLY B 427 -48.98 59.78 56.24
CA GLY B 427 -49.64 59.45 57.48
C GLY B 427 -48.68 59.42 58.65
N SER B 428 -49.11 58.75 59.72
CA SER B 428 -48.26 58.60 60.89
C SER B 428 -47.08 57.69 60.58
N GLY B 429 -45.91 58.07 61.06
CA GLY B 429 -44.70 57.33 60.83
C GLY B 429 -44.23 57.42 59.40
N PRO B 430 -43.93 56.29 58.78
CA PRO B 430 -43.43 56.28 57.40
C PRO B 430 -44.50 56.78 56.44
N PRO B 431 -44.09 57.46 55.36
CA PRO B 431 -45.08 57.94 54.40
C PRO B 431 -45.59 56.85 53.47
N ALA B 432 -44.75 55.88 53.13
CA ALA B 432 -45.15 54.81 52.22
C ALA B 432 -44.34 53.55 52.55
N GLY B 433 -44.82 52.43 52.04
CA GLY B 433 -44.19 51.14 52.28
C GLY B 433 -42.83 51.02 51.63
N PRO B 434 -42.80 50.95 50.30
CA PRO B 434 -41.51 50.79 49.60
C PRO B 434 -40.64 52.03 49.75
N ALA B 435 -39.33 51.83 49.73
CA ALA B 435 -38.38 52.92 49.85
C ALA B 435 -37.96 53.41 48.46
N LEU B 436 -37.83 54.73 48.33
CA LEU B 436 -37.44 55.31 47.05
C LEU B 436 -35.96 55.07 46.79
N PRO B 437 -35.59 54.45 45.66
CA PRO B 437 -34.16 54.31 45.32
C PRO B 437 -33.57 55.62 44.82
N ILE B 438 -33.31 56.53 45.76
CA ILE B 438 -32.89 57.87 45.41
C ILE B 438 -31.36 57.96 45.33
N GLU B 439 -30.65 56.98 45.87
CA GLU B 439 -29.19 57.07 45.90
C GLU B 439 -28.56 56.63 44.60
N ALA B 440 -28.92 55.44 44.10
CA ALA B 440 -28.29 54.93 42.89
C ALA B 440 -28.63 55.74 41.65
N VAL B 441 -29.80 56.37 41.63
CA VAL B 441 -30.20 57.15 40.45
C VAL B 441 -29.28 58.36 40.27
N ILE B 442 -28.82 58.99 41.37
CA ILE B 442 -27.92 60.13 41.24
C ILE B 442 -26.61 59.71 40.59
N LEU B 443 -26.03 58.59 41.05
CA LEU B 443 -24.78 58.12 40.46
C LEU B 443 -24.95 57.72 39.00
N SER B 444 -26.05 57.03 38.68
CA SER B 444 -26.28 56.66 37.28
C SER B 444 -26.44 57.90 36.41
N LEU B 445 -27.19 58.90 36.89
CA LEU B 445 -27.38 60.13 36.14
C LEU B 445 -26.05 60.85 35.92
N GLN B 446 -25.22 60.91 36.95
CA GLN B 446 -23.92 61.54 36.82
C GLN B 446 -23.04 60.80 35.82
N ASP B 447 -23.06 59.47 35.83
CA ASP B 447 -22.29 58.73 34.85
C ASP B 447 -22.78 58.98 33.43
N LEU B 448 -24.10 59.02 33.21
CA LEU B 448 -24.62 59.32 31.88
C LEU B 448 -24.29 60.73 31.43
N ILE B 449 -24.25 61.70 32.34
CA ILE B 449 -23.85 63.06 31.95
C ILE B 449 -22.43 63.06 31.41
N GLY B 450 -21.51 62.44 32.13
CA GLY B 450 -20.14 62.33 31.65
C GLY B 450 -19.97 61.47 30.44
N TYR B 451 -20.93 60.58 30.17
CA TYR B 451 -20.87 59.74 28.97
C TYR B 451 -20.91 60.59 27.70
N PHE B 452 -21.74 61.63 27.68
CA PHE B 452 -21.95 62.44 26.50
C PHE B 452 -21.19 63.77 26.56
N GLU B 453 -20.01 63.80 27.18
CA GLU B 453 -19.25 65.03 27.27
C GLU B 453 -18.67 65.39 25.90
N PRO B 454 -18.80 66.64 25.46
CA PRO B 454 -18.24 67.03 24.17
C PRO B 454 -16.72 66.95 24.19
N PRO B 455 -16.11 66.68 23.05
CA PRO B 455 -14.64 66.58 23.02
C PRO B 455 -13.99 67.95 23.20
N SER B 456 -12.77 67.94 23.72
CA SER B 456 -12.01 69.16 23.92
C SER B 456 -11.59 69.76 22.58
N GLU B 457 -11.52 71.10 22.54
CA GLU B 457 -11.12 71.79 21.32
C GLU B 457 -9.62 71.74 21.08
N GLU B 458 -8.84 71.38 22.09
CA GLU B 458 -7.38 71.34 21.96
C GLU B 458 -6.88 70.15 21.15
N LEU B 459 -7.75 69.21 20.81
CA LEU B 459 -7.32 68.02 20.08
C LEU B 459 -6.99 68.37 18.63
N GLN B 460 -6.31 67.43 17.97
CA GLN B 460 -5.97 67.60 16.57
C GLN B 460 -7.23 67.56 15.70
N HIS B 461 -7.15 68.24 14.55
CA HIS B 461 -8.32 68.33 13.67
C HIS B 461 -8.72 66.97 13.12
N GLU B 462 -7.74 66.15 12.74
CA GLU B 462 -8.07 64.86 12.12
C GLU B 462 -8.71 63.91 13.12
N GLU B 463 -8.47 64.10 14.41
CA GLU B 463 -9.07 63.23 15.42
C GLU B 463 -10.38 63.81 15.95
N LYS B 464 -10.50 65.13 15.99
CA LYS B 464 -11.71 65.75 16.49
C LYS B 464 -12.93 65.43 15.62
N GLN B 465 -12.75 65.40 14.30
CA GLN B 465 -13.87 65.05 13.43
C GLN B 465 -14.35 63.62 13.68
N SER B 466 -13.43 62.67 13.82
CA SER B 466 -13.82 61.30 14.10
C SER B 466 -14.49 61.18 15.47
N LYS B 467 -13.98 61.89 16.47
CA LYS B 467 -14.61 61.87 17.78
C LYS B 467 -16.01 62.46 17.75
N LEU B 468 -16.20 63.56 17.02
CA LEU B 468 -17.53 64.16 16.90
C LEU B 468 -18.48 63.22 16.18
N ARG B 469 -18.01 62.56 15.11
CA ARG B 469 -18.86 61.60 14.42
C ARG B 469 -19.27 60.44 15.32
N SER B 470 -18.32 59.90 16.09
CA SER B 470 -18.66 58.81 17.01
C SER B 470 -19.65 59.27 18.07
N LEU B 471 -19.44 60.47 18.64
CA LEU B 471 -20.37 60.97 19.65
C LEU B 471 -21.76 61.19 19.05
N ARG B 472 -21.83 61.72 17.83
CA ARG B 472 -23.12 61.95 17.19
C ARG B 472 -23.86 60.64 16.96
N ASN B 473 -23.16 59.63 16.43
CA ASN B 473 -23.81 58.33 16.23
C ASN B 473 -24.25 57.73 17.55
N ARG B 474 -23.41 57.82 18.59
CA ARG B 474 -23.75 57.23 19.87
C ARG B 474 -24.95 57.92 20.51
N GLN B 475 -25.04 59.25 20.41
CA GLN B 475 -26.19 59.93 20.99
C GLN B 475 -27.45 59.76 20.14
N SER B 476 -27.32 59.60 18.83
CA SER B 476 -28.50 59.32 18.02
C SER B 476 -29.02 57.91 18.23
N LEU B 477 -28.14 56.97 18.58
CA LEU B 477 -28.58 55.61 18.86
C LEU B 477 -29.48 55.54 20.09
N PHE B 478 -29.16 56.30 21.13
CA PHE B 478 -29.93 56.27 22.37
C PHE B 478 -31.34 56.84 22.19
N GLN B 479 -31.47 57.89 21.38
CA GLN B 479 -32.73 58.63 21.32
C GLN B 479 -33.87 57.80 20.76
N GLU B 480 -33.61 56.87 19.84
CA GLU B 480 -34.69 56.17 19.17
C GLU B 480 -35.44 55.25 20.13
N GLU B 481 -34.71 54.44 20.89
CA GLU B 481 -35.33 53.48 21.80
C GLU B 481 -35.68 54.18 23.12
N GLY B 482 -36.58 55.15 23.02
CA GLY B 482 -36.93 55.95 24.18
C GLY B 482 -35.75 56.81 24.62
N MET B 483 -35.57 56.87 25.94
CA MET B 483 -34.44 57.56 26.58
C MET B 483 -34.51 59.07 26.39
N LEU B 484 -35.50 59.54 25.62
CA LEU B 484 -35.79 60.96 25.52
C LEU B 484 -37.15 61.31 26.10
N SER B 485 -38.22 60.69 25.61
CA SER B 485 -39.52 60.84 26.25
C SER B 485 -39.52 60.19 27.64
N LEU B 486 -38.77 59.09 27.80
CA LEU B 486 -38.69 58.41 29.09
C LEU B 486 -38.06 59.29 30.16
N VAL B 487 -37.17 60.20 29.79
CA VAL B 487 -36.64 61.16 30.76
C VAL B 487 -37.46 62.44 30.77
N LEU B 488 -38.15 62.76 29.68
CA LEU B 488 -38.96 63.96 29.63
C LEU B 488 -40.17 63.86 30.55
N ASN B 489 -40.85 62.72 30.54
CA ASN B 489 -42.01 62.55 31.40
C ASN B 489 -41.63 62.41 32.87
N CYS B 490 -40.38 62.02 33.16
CA CYS B 490 -39.93 61.97 34.55
C CYS B 490 -39.89 63.36 35.16
N ILE B 491 -39.48 64.37 34.39
CA ILE B 491 -39.51 65.74 34.88
C ILE B 491 -40.95 66.21 35.09
N ASP B 492 -41.87 65.79 34.21
CA ASP B 492 -43.27 66.14 34.40
C ASP B 492 -43.82 65.53 35.67
N ARG B 493 -43.46 64.29 35.97
CA ARG B 493 -43.96 63.63 37.17
C ARG B 493 -43.42 64.28 38.45
N LEU B 494 -42.33 65.05 38.34
CA LEU B 494 -41.72 65.67 39.51
C LEU B 494 -42.03 67.15 39.64
N ASN B 495 -42.34 67.83 38.53
CA ASN B 495 -42.61 69.26 38.57
C ASN B 495 -43.92 69.62 39.24
N VAL B 496 -44.76 68.63 39.56
CA VAL B 496 -46.06 68.91 40.16
C VAL B 496 -45.91 69.62 41.50
N TYR B 497 -44.83 69.38 42.22
CA TYR B 497 -44.58 70.06 43.48
C TYR B 497 -43.85 71.37 43.23
N THR B 498 -44.27 72.41 43.95
CA THR B 498 -43.71 73.75 43.71
C THR B 498 -42.30 73.87 44.29
N THR B 499 -42.17 73.76 45.61
CA THR B 499 -40.89 73.91 46.27
C THR B 499 -40.45 72.67 47.06
N ALA B 500 -41.37 71.78 47.39
CA ALA B 500 -41.05 70.51 48.06
C ALA B 500 -40.35 70.73 49.40
N ALA B 501 -40.61 71.86 50.05
CA ALA B 501 -39.96 72.12 51.33
C ALA B 501 -40.70 71.42 52.47
N HIS B 502 -41.95 71.81 52.71
CA HIS B 502 -42.76 71.17 53.75
C HIS B 502 -44.06 70.61 53.19
N PHE B 503 -44.86 71.42 52.48
CA PHE B 503 -46.19 71.03 52.06
C PHE B 503 -46.21 70.43 50.66
N ALA B 504 -45.34 70.89 49.76
CA ALA B 504 -45.32 70.37 48.41
C ALA B 504 -44.67 68.98 48.33
N GLU B 505 -43.95 68.58 49.37
CA GLU B 505 -43.31 67.26 49.41
C GLU B 505 -44.02 66.42 50.46
N TYR B 506 -44.84 65.47 49.99
CA TYR B 506 -45.54 64.55 50.88
C TYR B 506 -44.68 63.37 51.30
N ALA B 507 -43.54 63.13 50.64
CA ALA B 507 -42.68 62.01 50.98
C ALA B 507 -41.94 62.23 52.29
N GLY B 508 -41.98 63.43 52.85
CA GLY B 508 -41.34 63.70 54.12
C GLY B 508 -39.83 63.80 53.99
N GLU B 509 -39.17 63.68 55.13
CA GLU B 509 -37.72 63.77 55.18
C GLU B 509 -37.08 62.52 54.58
N GLU B 510 -35.74 62.53 54.53
CA GLU B 510 -34.91 61.47 53.98
C GLU B 510 -35.07 61.32 52.47
N ALA B 511 -35.93 62.12 51.84
CA ALA B 511 -36.10 62.10 50.40
C ALA B 511 -36.17 63.47 49.75
N ALA B 512 -36.50 64.54 50.49
CA ALA B 512 -36.58 65.86 49.90
C ALA B 512 -35.22 66.55 49.80
N GLU B 513 -34.20 66.02 50.47
CA GLU B 513 -32.87 66.64 50.40
C GLU B 513 -32.30 66.56 48.99
N SER B 514 -32.50 65.43 48.30
CA SER B 514 -31.99 65.24 46.95
C SER B 514 -32.96 65.71 45.88
N TRP B 515 -34.14 66.21 46.27
CA TRP B 515 -35.12 66.67 45.30
C TRP B 515 -34.59 67.85 44.50
N LYS B 516 -33.93 68.80 45.18
CA LYS B 516 -33.34 69.94 44.48
C LYS B 516 -32.23 69.50 43.53
N GLU B 517 -31.40 68.56 43.94
CA GLU B 517 -30.28 68.12 43.11
C GLU B 517 -30.77 67.38 41.87
N ILE B 518 -31.73 66.47 42.02
CA ILE B 518 -32.09 65.60 40.92
C ILE B 518 -32.78 66.38 39.80
N VAL B 519 -33.65 67.33 40.14
CA VAL B 519 -34.35 68.09 39.11
C VAL B 519 -33.36 68.98 38.36
N ASN B 520 -32.41 69.59 39.08
CA ASN B 520 -31.41 70.42 38.41
C ASN B 520 -30.52 69.60 37.49
N LEU B 521 -30.14 68.39 37.92
CA LEU B 521 -29.24 67.57 37.12
C LEU B 521 -29.94 66.94 35.91
N LEU B 522 -31.24 66.65 36.02
CA LEU B 522 -31.98 66.09 34.90
C LEU B 522 -31.99 67.04 33.71
N TYR B 523 -32.14 68.33 33.97
CA TYR B 523 -32.10 69.32 32.89
C TYR B 523 -30.75 69.34 32.20
N GLU B 524 -29.66 69.23 32.96
CA GLU B 524 -28.33 69.17 32.37
C GLU B 524 -28.18 67.96 31.47
N LEU B 525 -28.62 66.79 31.95
CA LEU B 525 -28.54 65.59 31.12
C LEU B 525 -29.39 65.73 29.86
N LEU B 526 -30.60 66.27 30.00
CA LEU B 526 -31.45 66.47 28.83
C LEU B 526 -30.77 67.37 27.81
N ALA B 527 -30.27 68.53 28.25
CA ALA B 527 -29.57 69.42 27.34
C ALA B 527 -28.36 68.76 26.69
N SER B 528 -27.64 67.92 27.43
CA SER B 528 -26.53 67.18 26.84
C SER B 528 -26.99 66.26 25.72
N LEU B 529 -28.17 65.65 25.86
CA LEU B 529 -28.67 64.82 24.78
C LEU B 529 -28.94 65.62 23.51
N ILE B 530 -29.68 66.73 23.61
CA ILE B 530 -30.05 67.47 22.39
C ILE B 530 -28.83 68.16 21.78
N ARG B 531 -27.98 68.76 22.60
CA ARG B 531 -26.93 69.63 22.05
C ARG B 531 -26.04 68.87 21.07
N GLY B 532 -25.71 69.56 19.97
CA GLY B 532 -24.79 69.04 18.98
C GLY B 532 -25.39 68.16 17.92
N ASN B 533 -26.70 67.89 17.97
CA ASN B 533 -27.36 67.00 17.02
C ASN B 533 -28.49 67.74 16.32
N ARG B 534 -28.42 67.80 14.99
CA ARG B 534 -29.49 68.44 14.22
C ARG B 534 -30.73 67.57 14.13
N ALA B 535 -30.55 66.26 13.92
CA ALA B 535 -31.70 65.37 13.77
C ALA B 535 -32.46 65.19 15.08
N ASN B 536 -31.75 65.18 16.21
CA ASN B 536 -32.38 64.95 17.50
C ASN B 536 -33.28 66.11 17.91
N CYS B 537 -32.85 67.34 17.65
CA CYS B 537 -33.61 68.51 18.08
C CYS B 537 -34.83 68.77 17.19
N ALA B 538 -34.92 68.14 16.03
CA ALA B 538 -36.07 68.32 15.16
C ALA B 538 -37.36 67.79 15.76
N LEU B 539 -37.28 66.90 16.75
CA LEU B 539 -38.47 66.38 17.41
C LEU B 539 -39.20 67.46 18.20
N PHE B 540 -38.49 68.50 18.64
CA PHE B 540 -39.08 69.57 19.45
C PHE B 540 -39.92 70.48 18.54
N SER B 541 -41.06 69.94 18.10
CA SER B 541 -42.01 70.69 17.28
C SER B 541 -43.19 71.19 18.10
N THR B 542 -43.90 70.28 18.78
CA THR B 542 -45.01 70.64 19.64
C THR B 542 -44.59 70.81 21.09
N ASN B 543 -43.31 70.63 21.41
CA ASN B 543 -42.82 70.74 22.77
C ASN B 543 -42.30 72.13 23.10
N LEU B 544 -42.32 73.06 22.15
CA LEU B 544 -41.82 74.41 22.42
C LEU B 544 -42.65 75.09 23.50
N ASP B 545 -43.99 74.96 23.42
CA ASP B 545 -44.84 75.57 24.43
C ASP B 545 -44.62 74.95 25.80
N TRP B 546 -44.38 73.64 25.85
CA TRP B 546 -44.08 72.99 27.12
C TRP B 546 -42.75 73.46 27.68
N VAL B 547 -41.74 73.66 26.82
CA VAL B 547 -40.43 74.08 27.29
C VAL B 547 -40.46 75.52 27.78
N VAL B 548 -41.14 76.40 27.05
CA VAL B 548 -41.12 77.83 27.38
C VAL B 548 -41.75 78.09 28.74
N SER B 549 -42.84 77.38 29.06
CA SER B 549 -43.59 77.62 30.28
C SER B 549 -43.00 76.94 31.50
N LYS B 550 -41.71 76.56 31.45
CA LYS B 550 -41.06 75.86 32.56
C LYS B 550 -40.14 76.78 33.36
N LEU B 551 -40.23 78.10 33.18
CA LEU B 551 -39.39 79.03 33.91
C LEU B 551 -39.94 79.21 35.34
N ASP B 552 -39.82 78.13 36.12
CA ASP B 552 -40.39 78.09 37.46
C ASP B 552 -39.60 78.89 38.48
N ARG B 553 -38.31 79.13 38.23
CA ARG B 553 -37.45 79.96 39.07
C ARG B 553 -37.12 79.28 40.39
N LEU B 554 -37.73 78.13 40.67
CA LEU B 554 -37.54 77.45 41.94
C LEU B 554 -36.48 76.33 41.85
N GLU B 555 -36.63 75.44 40.87
CA GLU B 555 -35.71 74.31 40.77
C GLU B 555 -34.41 74.72 40.06
N ALA B 556 -34.52 75.15 38.80
CA ALA B 556 -33.33 75.50 38.03
C ALA B 556 -33.70 76.62 37.07
N SER B 557 -33.32 77.85 37.44
CA SER B 557 -33.57 78.99 36.55
C SER B 557 -32.69 78.93 35.32
N SER B 558 -31.41 78.57 35.49
CA SER B 558 -30.48 78.51 34.38
C SER B 558 -30.58 77.21 33.59
N GLY B 559 -31.05 76.13 34.23
CA GLY B 559 -31.18 74.87 33.51
C GLY B 559 -32.15 74.94 32.35
N ILE B 560 -33.32 75.54 32.56
CA ILE B 560 -34.29 75.69 31.48
C ILE B 560 -33.74 76.62 30.42
N LEU B 561 -33.06 77.69 30.82
CA LEU B 561 -32.51 78.64 29.86
C LEU B 561 -31.49 77.98 28.95
N GLU B 562 -30.61 77.15 29.51
CA GLU B 562 -29.62 76.45 28.69
C GLU B 562 -30.29 75.49 27.70
N VAL B 563 -31.29 74.73 28.16
CA VAL B 563 -31.99 73.80 27.29
C VAL B 563 -32.66 74.56 26.15
N LEU B 564 -33.33 75.66 26.47
CA LEU B 564 -33.97 76.47 25.43
C LEU B 564 -32.95 77.04 24.46
N TYR B 565 -31.81 77.49 24.97
CA TYR B 565 -30.79 78.08 24.11
C TYR B 565 -30.19 77.05 23.15
N CYS B 566 -30.07 75.80 23.62
CA CYS B 566 -29.42 74.77 22.81
C CYS B 566 -30.16 74.49 21.51
N VAL B 567 -31.50 74.42 21.53
CA VAL B 567 -32.24 73.97 20.36
C VAL B 567 -32.41 75.06 19.31
N LEU B 568 -32.45 76.34 19.73
CA LEU B 568 -32.77 77.42 18.80
C LEU B 568 -31.73 77.54 17.70
N ILE B 569 -30.44 77.47 18.06
CA ILE B 569 -29.40 77.59 17.05
C ILE B 569 -29.36 76.36 16.15
N GLU B 570 -29.48 75.18 16.75
CA GLU B 570 -29.32 73.94 15.97
C GLU B 570 -30.47 73.74 15.00
N SER B 571 -31.70 73.95 15.44
CA SER B 571 -32.87 73.67 14.60
C SER B 571 -33.46 74.96 14.06
N PRO B 572 -33.37 75.23 12.76
CA PRO B 572 -33.96 76.47 12.21
C PRO B 572 -35.46 76.41 12.03
N GLU B 573 -36.04 75.23 11.82
CA GLU B 573 -37.48 75.15 11.62
C GLU B 573 -38.26 75.48 12.89
N VAL B 574 -37.60 75.40 14.04
CA VAL B 574 -38.26 75.70 15.31
C VAL B 574 -38.65 77.17 15.37
N LEU B 575 -37.84 78.05 14.78
CA LEU B 575 -38.10 79.49 14.86
C LEU B 575 -39.43 79.87 14.21
N ASN B 576 -39.97 79.02 13.33
CA ASN B 576 -41.23 79.32 12.66
C ASN B 576 -42.45 79.04 13.55
N ILE B 577 -42.25 78.47 14.74
CA ILE B 577 -43.37 78.09 15.58
C ILE B 577 -43.62 79.07 16.71
N ILE B 578 -42.65 79.94 17.02
CA ILE B 578 -42.80 80.85 18.16
C ILE B 578 -43.89 81.87 17.86
N GLN B 579 -44.44 82.45 18.93
CA GLN B 579 -45.50 83.44 18.83
C GLN B 579 -45.25 84.60 19.79
N GLU B 580 -46.16 85.58 19.76
CA GLU B 580 -46.01 86.79 20.56
C GLU B 580 -46.05 86.48 22.04
N ASN B 581 -46.89 85.53 22.46
CA ASN B 581 -46.91 85.15 23.87
C ASN B 581 -45.57 84.57 24.32
N HIS B 582 -44.96 83.72 23.49
CA HIS B 582 -43.64 83.19 23.83
C HIS B 582 -42.60 84.30 23.91
N ILE B 583 -42.63 85.23 22.95
CA ILE B 583 -41.66 86.32 22.97
C ILE B 583 -41.85 87.17 24.23
N LYS B 584 -43.10 87.45 24.60
CA LYS B 584 -43.37 88.24 25.79
C LYS B 584 -42.91 87.52 27.05
N SER B 585 -43.14 86.20 27.14
CA SER B 585 -42.65 85.47 28.30
C SER B 585 -41.13 85.51 28.38
N ILE B 586 -40.45 85.34 27.25
CA ILE B 586 -38.99 85.38 27.25
C ILE B 586 -38.49 86.75 27.69
N ILE B 587 -39.10 87.82 27.18
CA ILE B 587 -38.63 89.15 27.53
C ILE B 587 -38.97 89.50 28.98
N SER B 588 -40.07 88.97 29.51
CA SER B 588 -40.41 89.20 30.90
C SER B 588 -39.52 88.41 31.84
N LEU B 589 -38.95 87.30 31.37
CA LEU B 589 -37.94 86.60 32.15
C LEU B 589 -36.78 87.53 32.52
N LEU B 590 -36.36 88.39 31.58
CA LEU B 590 -35.29 89.34 31.87
C LEU B 590 -35.67 90.28 33.01
N ASP B 591 -36.88 90.85 32.98
CA ASP B 591 -37.30 91.73 34.05
C ASP B 591 -37.42 91.00 35.38
N LYS B 592 -37.89 89.75 35.35
CA LYS B 592 -38.07 89.02 36.60
C LYS B 592 -36.75 88.55 37.20
N HIS B 593 -35.74 88.29 36.39
CA HIS B 593 -34.48 87.74 36.88
C HIS B 593 -33.31 88.71 36.74
N GLY B 594 -33.59 89.99 36.49
CA GLY B 594 -32.54 90.99 36.46
C GLY B 594 -31.76 90.98 35.15
N ARG B 595 -30.73 91.81 35.12
CA ARG B 595 -29.91 91.99 33.92
C ARG B 595 -28.99 90.78 33.75
N ASN B 596 -29.33 89.91 32.82
CA ASN B 596 -28.53 88.73 32.50
C ASN B 596 -28.06 88.82 31.06
N HIS B 597 -26.77 88.56 30.84
CA HIS B 597 -26.23 88.64 29.49
C HIS B 597 -26.53 87.40 28.65
N LYS B 598 -26.99 86.32 29.28
CA LYS B 598 -27.31 85.11 28.53
C LYS B 598 -28.62 85.27 27.75
N VAL B 599 -29.58 86.01 28.30
CA VAL B 599 -30.85 86.21 27.62
C VAL B 599 -30.67 86.99 26.33
N LEU B 600 -29.70 87.91 26.30
CA LEU B 600 -29.44 88.68 25.08
C LEU B 600 -29.00 87.77 23.94
N ASP B 601 -28.18 86.76 24.21
CA ASP B 601 -27.80 85.82 23.18
C ASP B 601 -29.00 85.04 22.65
N VAL B 602 -29.90 84.62 23.54
CA VAL B 602 -31.09 83.89 23.11
C VAL B 602 -31.95 84.79 22.22
N LEU B 603 -32.14 86.04 22.62
CA LEU B 603 -32.91 86.98 21.81
C LEU B 603 -32.25 87.26 20.46
N CYS B 604 -30.92 87.37 20.42
CA CYS B 604 -30.24 87.60 19.16
C CYS B 604 -30.36 86.39 18.24
N SER B 605 -30.37 85.18 18.80
CA SER B 605 -30.50 83.97 17.99
C SER B 605 -31.82 83.91 17.22
N LEU B 606 -32.85 84.62 17.69
CA LEU B 606 -34.15 84.55 17.04
C LEU B 606 -34.21 85.33 15.74
N CYS B 607 -33.37 86.36 15.58
CA CYS B 607 -33.46 87.20 14.39
C CYS B 607 -33.03 86.46 13.13
N VAL B 608 -31.92 85.74 13.19
CA VAL B 608 -31.39 85.02 12.04
C VAL B 608 -31.12 83.58 12.45
N CYS B 609 -31.74 82.63 11.73
CA CYS B 609 -31.49 81.22 12.00
C CYS B 609 -30.22 80.75 11.33
N ASN B 610 -30.19 80.81 9.99
CA ASN B 610 -28.98 80.45 9.24
C ASN B 610 -29.05 81.12 7.87
N GLY B 611 -28.35 82.24 7.73
CA GLY B 611 -28.35 82.96 6.48
C GLY B 611 -29.63 83.73 6.22
N VAL B 612 -30.74 83.00 6.13
CA VAL B 612 -32.04 83.63 5.93
C VAL B 612 -32.51 84.25 7.24
N ALA B 613 -33.12 85.43 7.15
CA ALA B 613 -33.58 86.16 8.32
C ALA B 613 -35.09 86.24 8.32
N VAL B 614 -35.70 85.89 9.45
CA VAL B 614 -37.14 86.00 9.61
C VAL B 614 -37.50 87.46 9.83
N ARG B 615 -38.62 87.89 9.25
CA ARG B 615 -39.03 89.28 9.33
C ARG B 615 -40.08 89.52 10.41
N SER B 616 -40.86 88.50 10.76
CA SER B 616 -41.88 88.69 11.79
C SER B 616 -41.24 88.89 13.16
N ASN B 617 -40.24 88.06 13.50
CA ASN B 617 -39.61 88.13 14.81
C ASN B 617 -38.87 89.44 15.03
N GLN B 618 -38.20 89.95 13.99
CA GLN B 618 -37.50 91.23 14.14
C GLN B 618 -38.46 92.35 14.51
N ASP B 619 -39.62 92.41 13.84
CA ASP B 619 -40.59 93.46 14.15
C ASP B 619 -41.30 93.22 15.47
N LEU B 620 -41.49 91.95 15.86
CA LEU B 620 -42.10 91.69 17.17
C LEU B 620 -41.17 92.05 18.31
N ILE B 621 -39.85 91.86 18.12
CA ILE B 621 -38.90 92.14 19.19
C ILE B 621 -38.91 93.63 19.54
N THR B 622 -38.91 94.50 18.53
CA THR B 622 -38.91 95.93 18.79
C THR B 622 -40.18 96.39 19.49
N GLU B 623 -41.35 95.86 19.11
CA GLU B 623 -42.58 96.26 19.77
C GLU B 623 -42.63 95.75 21.20
N ASN B 624 -42.28 94.47 21.40
CA ASN B 624 -42.33 93.90 22.74
C ASN B 624 -41.32 94.54 23.68
N LEU B 625 -40.16 94.91 23.15
CA LEU B 625 -39.19 95.66 23.95
C LEU B 625 -39.82 97.00 24.37
N LEU B 626 -39.70 97.31 25.64
CA LEU B 626 -40.43 98.44 26.20
C LEU B 626 -39.89 99.74 25.62
N PRO B 627 -40.71 100.52 24.90
CA PRO B 627 -40.20 101.74 24.26
C PRO B 627 -39.87 102.86 25.21
N GLY B 628 -40.33 102.79 26.47
CA GLY B 628 -39.95 103.78 27.46
C GLY B 628 -38.54 103.64 27.97
N ARG B 629 -37.81 102.62 27.49
CA ARG B 629 -36.39 102.43 27.78
C ARG B 629 -36.14 102.16 29.26
N GLU B 630 -37.09 101.51 29.94
CA GLU B 630 -36.90 101.21 31.35
C GLU B 630 -35.92 100.06 31.57
N LEU B 631 -36.01 99.01 30.77
CA LEU B 631 -35.18 97.83 30.98
C LEU B 631 -33.75 97.99 30.48
N LEU B 632 -33.56 98.74 29.40
CA LEU B 632 -32.26 98.86 28.75
C LEU B 632 -31.56 100.14 29.17
N LEU B 633 -30.26 100.20 28.89
CA LEU B 633 -29.43 101.34 29.25
C LEU B 633 -29.46 102.39 28.14
N GLN B 634 -29.20 103.63 28.52
CA GLN B 634 -29.28 104.76 27.60
C GLN B 634 -27.99 105.57 27.60
N THR B 635 -27.72 106.22 26.47
CA THR B 635 -26.57 107.09 26.32
C THR B 635 -26.99 108.38 25.63
N ASN B 636 -26.25 109.44 25.89
CA ASN B 636 -26.53 110.74 25.30
C ASN B 636 -25.28 111.61 25.40
N LEU B 637 -25.37 112.81 24.84
CA LEU B 637 -24.30 113.80 24.90
C LEU B 637 -24.76 115.00 25.70
N ILE B 638 -23.92 115.46 26.62
CA ILE B 638 -24.25 116.54 27.54
C ILE B 638 -23.08 117.51 27.63
N ASN B 639 -23.36 118.69 28.17
CA ASN B 639 -22.37 119.73 28.35
C ASN B 639 -21.84 119.74 29.79
N TYR B 640 -20.72 120.43 29.98
CA TYR B 640 -20.14 120.60 31.30
C TYR B 640 -20.66 121.86 31.95
N VAL B 641 -20.66 121.86 33.29
CA VAL B 641 -21.09 123.01 34.08
C VAL B 641 -20.20 123.11 35.31
N THR B 642 -19.92 124.35 35.72
CA THR B 642 -19.08 124.58 36.89
C THR B 642 -19.65 125.75 37.67
N SER B 643 -19.44 125.71 38.99
CA SER B 643 -20.00 126.73 39.89
C SER B 643 -18.88 127.52 40.53
N ILE B 644 -19.12 128.82 40.71
CA ILE B 644 -18.19 129.73 41.36
C ILE B 644 -18.88 130.35 42.56
N ARG B 645 -18.08 130.78 43.54
CA ARG B 645 -18.60 131.17 44.84
C ARG B 645 -17.74 132.22 45.52
N PRO B 646 -18.34 133.31 46.02
CA PRO B 646 -17.59 134.24 46.87
C PRO B 646 -17.68 133.86 48.35
N ASN B 647 -16.56 133.95 49.06
CA ASN B 647 -16.44 133.40 50.41
C ASN B 647 -17.17 134.28 51.43
N ILE B 648 -18.48 134.07 51.53
CA ILE B 648 -19.31 134.68 52.56
C ILE B 648 -20.15 133.58 53.21
N PHE B 649 -20.22 133.60 54.54
CA PHE B 649 -20.93 132.56 55.29
C PHE B 649 -21.93 133.22 56.23
N VAL B 650 -23.18 132.75 56.20
CA VAL B 650 -24.25 133.30 57.03
C VAL B 650 -25.03 132.14 57.62
N GLY B 651 -25.31 132.23 58.93
CA GLY B 651 -26.11 131.24 59.61
C GLY B 651 -26.83 131.83 60.81
N ARG B 652 -27.76 131.05 61.37
CA ARG B 652 -28.50 131.46 62.55
C ARG B 652 -28.49 130.34 63.58
N ALA B 653 -28.31 130.72 64.84
CA ALA B 653 -28.39 129.80 65.96
C ALA B 653 -28.80 130.58 67.20
N GLU B 654 -28.74 129.94 68.36
CA GLU B 654 -29.04 130.60 69.63
C GLU B 654 -27.84 131.47 70.02
N GLY B 655 -27.74 132.61 69.34
CA GLY B 655 -26.59 133.49 69.53
C GLY B 655 -26.67 134.77 68.71
N SER B 656 -25.58 135.12 68.06
CA SER B 656 -25.50 136.38 67.33
C SER B 656 -26.49 136.40 66.16
N THR B 657 -27.17 137.53 65.99
CA THR B 657 -28.09 137.69 64.88
C THR B 657 -27.38 137.68 63.54
N GLN B 658 -26.20 138.28 63.46
CA GLN B 658 -25.32 138.25 62.29
C GLN B 658 -25.95 138.94 61.08
N TYR B 659 -26.93 139.82 61.29
CA TYR B 659 -27.62 140.53 60.20
C TYR B 659 -28.10 139.55 59.14
N GLY B 660 -29.05 138.69 59.55
CA GLY B 660 -29.44 137.55 58.73
C GLY B 660 -30.01 137.89 57.37
N LYS B 661 -30.44 139.13 57.15
CA LYS B 661 -30.95 139.53 55.85
C LYS B 661 -29.82 140.10 55.01
N TRP B 662 -29.75 139.66 53.75
CA TRP B 662 -28.67 140.05 52.85
C TRP B 662 -29.23 140.28 51.46
N TYR B 663 -28.47 141.00 50.64
CA TYR B 663 -28.96 141.43 49.33
C TYR B 663 -27.76 141.71 48.44
N PHE B 664 -27.81 141.21 47.21
CA PHE B 664 -26.71 141.37 46.27
C PHE B 664 -27.25 141.33 44.85
N GLU B 665 -26.43 141.77 43.91
CA GLU B 665 -26.83 141.88 42.51
C GLU B 665 -25.76 141.30 41.59
N VAL B 666 -26.19 140.90 40.39
CA VAL B 666 -25.29 140.37 39.37
C VAL B 666 -25.64 141.02 38.04
N MET B 667 -24.61 141.32 37.26
CA MET B 667 -24.74 141.82 35.90
C MET B 667 -24.30 140.73 34.93
N VAL B 668 -25.14 140.44 33.94
CA VAL B 668 -24.85 139.42 32.94
C VAL B 668 -25.21 139.94 31.56
N ASP B 669 -24.29 139.76 30.62
CA ASP B 669 -24.53 140.02 29.20
C ASP B 669 -24.04 138.79 28.41
N GLU B 670 -24.91 137.79 28.29
CA GLU B 670 -24.52 136.53 27.68
C GLU B 670 -24.41 136.71 26.17
N VAL B 671 -23.42 136.03 25.58
CA VAL B 671 -23.10 136.23 24.18
C VAL B 671 -23.62 135.10 23.28
N VAL B 672 -23.53 133.85 23.70
CA VAL B 672 -23.88 132.73 22.83
C VAL B 672 -25.19 132.09 23.28
N PRO B 673 -26.31 132.38 22.61
CA PRO B 673 -27.59 131.82 23.07
C PRO B 673 -27.71 130.33 22.89
N PHE B 674 -27.09 129.76 21.85
CA PHE B 674 -27.20 128.34 21.56
C PHE B 674 -25.81 127.78 21.29
N LEU B 675 -25.56 126.59 21.82
CA LEU B 675 -24.28 125.91 21.67
C LEU B 675 -24.49 124.71 20.73
N THR B 676 -23.42 123.94 20.52
CA THR B 676 -23.49 122.83 19.57
C THR B 676 -24.52 121.79 19.99
N ALA B 677 -24.59 121.47 21.28
CA ALA B 677 -25.43 120.38 21.74
C ALA B 677 -26.59 120.82 22.61
N GLN B 678 -26.34 121.59 23.66
CA GLN B 678 -27.38 121.93 24.63
C GLN B 678 -27.37 123.43 24.88
N ALA B 679 -28.49 123.92 25.42
CA ALA B 679 -28.62 125.33 25.73
C ALA B 679 -27.71 125.70 26.90
N THR B 680 -27.32 126.97 26.94
CA THR B 680 -26.45 127.47 28.00
C THR B 680 -27.18 127.42 29.34
N HIS B 681 -26.47 127.02 30.38
CA HIS B 681 -27.02 126.89 31.74
C HIS B 681 -26.37 127.97 32.61
N LEU B 682 -27.21 128.83 33.18
CA LEU B 682 -26.76 129.95 34.00
C LEU B 682 -27.72 130.14 35.16
N ARG B 683 -27.25 129.89 36.38
CA ARG B 683 -28.10 129.99 37.56
C ARG B 683 -27.38 130.75 38.66
N VAL B 684 -28.14 131.49 39.45
CA VAL B 684 -27.66 132.16 40.66
C VAL B 684 -28.54 131.72 41.82
N GLY B 685 -27.92 131.46 42.97
CA GLY B 685 -28.70 130.99 44.10
C GLY B 685 -27.86 130.86 45.34
N TRP B 686 -28.39 130.10 46.29
CA TRP B 686 -27.75 129.86 47.58
C TRP B 686 -27.62 128.36 47.82
N ALA B 687 -26.99 128.01 48.94
CA ALA B 687 -26.82 126.62 49.33
C ALA B 687 -26.76 126.53 50.85
N LEU B 688 -26.66 125.29 51.35
CA LEU B 688 -26.68 125.03 52.78
C LEU B 688 -25.34 124.52 53.30
N THR B 689 -24.34 124.36 52.42
CA THR B 689 -22.97 123.99 52.76
C THR B 689 -22.87 122.51 53.13
N GLU B 690 -24.02 121.85 53.30
CA GLU B 690 -24.01 120.42 53.57
C GLU B 690 -23.67 119.63 52.31
N GLY B 691 -24.26 119.99 51.17
CA GLY B 691 -23.99 119.30 49.92
C GLY B 691 -23.24 120.15 48.93
N TYR B 692 -21.99 119.81 48.68
CA TYR B 692 -21.16 120.59 47.77
C TYR B 692 -21.48 120.25 46.31
N SER B 693 -21.26 118.99 45.94
CA SER B 693 -21.45 118.51 44.58
C SER B 693 -20.82 119.39 43.49
N PRO B 694 -19.51 119.61 43.53
CA PRO B 694 -18.83 120.26 42.40
C PRO B 694 -18.47 119.32 41.26
N TYR B 695 -18.78 118.04 41.38
CA TYR B 695 -18.24 117.02 40.48
C TYR B 695 -18.72 117.26 39.06
N PRO B 696 -17.81 117.33 38.08
CA PRO B 696 -18.23 117.58 36.70
C PRO B 696 -18.92 116.39 36.04
N GLY B 697 -19.02 115.25 36.72
CA GLY B 697 -19.71 114.09 36.20
C GLY B 697 -21.20 114.18 36.40
N GLY B 698 -21.85 113.01 36.41
CA GLY B 698 -23.29 112.93 36.57
C GLY B 698 -23.66 112.40 37.94
N GLY B 699 -24.51 113.16 38.64
CA GLY B 699 -24.99 112.75 39.94
C GLY B 699 -26.49 112.60 40.01
N GLU B 700 -27.21 113.40 39.22
CA GLU B 700 -28.66 113.34 39.18
C GLU B 700 -29.11 112.39 38.08
N GLY B 701 -30.39 112.42 37.73
CA GLY B 701 -30.91 111.48 36.73
C GLY B 701 -30.23 111.64 35.38
N TRP B 702 -30.02 112.88 34.93
CA TRP B 702 -29.42 113.14 33.63
C TRP B 702 -28.37 114.22 33.78
N GLY B 703 -27.11 113.86 33.53
CA GLY B 703 -26.04 114.84 33.51
C GLY B 703 -25.73 115.40 34.89
N GLY B 704 -25.09 116.55 34.89
CA GLY B 704 -24.76 117.25 36.13
C GLY B 704 -25.12 118.71 36.02
N ASN B 705 -25.69 119.25 37.09
CA ASN B 705 -26.08 120.64 37.13
C ASN B 705 -25.64 121.25 38.44
N GLY B 706 -25.48 122.58 38.44
CA GLY B 706 -24.96 123.27 39.60
C GLY B 706 -25.97 123.49 40.71
N VAL B 707 -27.04 124.21 40.42
CA VAL B 707 -28.01 124.62 41.43
C VAL B 707 -29.38 124.06 41.07
N GLY B 708 -30.05 123.49 42.06
CA GLY B 708 -31.39 122.97 41.90
C GLY B 708 -31.52 121.47 41.98
N ASP B 709 -30.43 120.73 41.75
CA ASP B 709 -30.50 119.27 41.81
C ASP B 709 -30.75 118.80 43.23
N ASP B 710 -29.97 119.30 44.18
CA ASP B 710 -30.09 118.85 45.56
C ASP B 710 -31.07 119.72 46.33
N LEU B 711 -31.61 119.15 47.41
CA LEU B 711 -32.51 119.91 48.27
C LEU B 711 -31.80 121.06 48.97
N TYR B 712 -30.48 121.00 49.09
CA TYR B 712 -29.73 122.06 49.76
C TYR B 712 -29.59 123.31 48.90
N SER B 713 -29.78 123.19 47.58
CA SER B 713 -29.62 124.31 46.68
C SER B 713 -30.97 124.77 46.14
N TYR B 714 -31.07 126.07 45.85
CA TYR B 714 -32.30 126.67 45.36
C TYR B 714 -31.95 127.60 44.19
N GLY B 715 -32.62 127.42 43.06
CA GLY B 715 -32.24 128.12 41.85
C GLY B 715 -33.41 128.92 41.28
N PHE B 716 -33.07 129.72 40.26
CA PHE B 716 -34.04 130.58 39.58
C PHE B 716 -33.53 130.85 38.17
N ASP B 717 -34.24 130.36 37.17
CA ASP B 717 -33.81 130.47 35.77
C ASP B 717 -34.44 131.65 35.04
N GLY B 718 -35.23 132.47 35.74
CA GLY B 718 -36.03 133.49 35.10
C GLY B 718 -37.36 133.00 34.60
N LEU B 719 -37.47 131.69 34.35
CA LEU B 719 -38.73 131.05 33.99
C LEU B 719 -39.17 130.01 35.00
N HIS B 720 -38.23 129.29 35.62
CA HIS B 720 -38.56 128.20 36.52
C HIS B 720 -37.71 128.27 37.77
N LEU B 721 -38.32 127.92 38.90
CA LEU B 721 -37.58 127.67 40.14
C LEU B 721 -37.20 126.20 40.20
N TRP B 722 -35.95 125.92 40.58
CA TRP B 722 -35.48 124.56 40.76
C TRP B 722 -35.12 124.30 42.21
N THR B 723 -35.72 123.27 42.78
CA THR B 723 -35.33 122.74 44.08
C THR B 723 -35.73 121.27 44.11
N GLY B 724 -34.81 120.42 44.55
CA GLY B 724 -35.05 118.98 44.50
C GLY B 724 -35.19 118.45 43.09
N HIS B 725 -34.50 119.08 42.13
CA HIS B 725 -34.48 118.63 40.74
C HIS B 725 -35.89 118.60 40.14
N VAL B 726 -36.53 119.77 40.08
CA VAL B 726 -37.83 119.93 39.44
C VAL B 726 -37.96 121.36 38.94
N ALA B 727 -38.72 121.54 37.88
CA ALA B 727 -38.89 122.84 37.24
C ALA B 727 -40.29 123.35 37.53
N ARG B 728 -40.39 124.38 38.39
CA ARG B 728 -41.71 124.96 38.61
C ARG B 728 -41.80 126.33 37.98
N PRO B 729 -42.66 126.52 36.98
CA PRO B 729 -42.68 127.78 36.24
C PRO B 729 -43.27 128.93 37.07
N VAL B 730 -42.90 130.14 36.66
CA VAL B 730 -43.37 131.36 37.31
C VAL B 730 -43.96 132.29 36.26
N THR B 731 -44.76 133.24 36.71
CA THR B 731 -45.39 134.23 35.85
C THR B 731 -44.88 135.61 36.22
N SER B 732 -44.36 136.34 35.24
CA SER B 732 -43.83 137.67 35.44
C SER B 732 -43.90 138.42 34.12
N PRO B 733 -44.10 139.73 34.15
CA PRO B 733 -44.08 140.51 32.90
C PRO B 733 -42.73 140.40 32.20
N GLY B 734 -42.77 140.32 30.88
CA GLY B 734 -41.56 140.14 30.10
C GLY B 734 -40.93 138.79 30.32
N GLN B 735 -41.61 137.72 29.89
CA GLN B 735 -41.10 136.37 30.08
C GLN B 735 -40.04 136.06 29.04
N HIS B 736 -38.80 135.91 29.49
CA HIS B 736 -37.69 135.55 28.61
C HIS B 736 -36.57 134.99 29.46
N LEU B 737 -35.67 134.27 28.81
CA LEU B 737 -34.52 133.69 29.49
C LEU B 737 -33.54 134.79 29.87
N LEU B 738 -32.41 134.38 30.45
CA LEU B 738 -31.37 135.34 30.84
C LEU B 738 -30.84 136.05 29.60
N ALA B 739 -31.15 137.34 29.50
CA ALA B 739 -30.76 138.14 28.34
C ALA B 739 -29.70 139.15 28.74
N PRO B 740 -28.91 139.68 27.81
CA PRO B 740 -27.89 140.66 28.15
C PRO B 740 -28.50 141.90 28.83
N GLU B 741 -27.73 142.45 29.77
CA GLU B 741 -28.09 143.67 30.50
C GLU B 741 -29.39 143.46 31.29
N ASP B 742 -29.35 142.49 32.19
CA ASP B 742 -30.43 142.21 33.12
C ASP B 742 -29.87 142.16 34.54
N VAL B 743 -30.70 142.56 35.51
CA VAL B 743 -30.32 142.51 36.92
C VAL B 743 -31.27 141.56 37.64
N VAL B 744 -30.71 140.70 38.49
CA VAL B 744 -31.48 139.87 39.40
C VAL B 744 -30.82 139.94 40.77
N SER B 745 -31.65 140.06 41.80
CA SER B 745 -31.17 140.23 43.17
C SER B 745 -31.84 139.19 44.06
N CYS B 746 -31.11 138.72 45.06
CA CYS B 746 -31.60 137.70 45.98
C CYS B 746 -31.74 138.29 47.38
N CYS B 747 -32.88 138.04 48.01
CA CYS B 747 -33.10 138.46 49.39
C CYS B 747 -33.46 137.24 50.23
N LEU B 748 -32.84 137.15 51.41
CA LEU B 748 -32.97 135.99 52.28
C LEU B 748 -33.34 136.48 53.68
N ASP B 749 -34.57 136.19 54.10
CA ASP B 749 -35.08 136.60 55.40
C ASP B 749 -35.24 135.38 56.30
N LEU B 750 -34.89 135.56 57.59
CA LEU B 750 -35.01 134.50 58.57
C LEU B 750 -36.04 134.75 59.66
N SER B 751 -36.59 135.98 59.76
CA SER B 751 -37.70 136.18 60.68
C SER B 751 -38.87 135.27 60.31
N VAL B 752 -39.17 135.19 59.02
CA VAL B 752 -39.90 134.08 58.44
C VAL B 752 -38.93 133.46 57.42
N PRO B 753 -38.81 132.13 57.36
CA PRO B 753 -37.78 131.54 56.49
C PRO B 753 -38.12 131.68 55.02
N SER B 754 -37.77 132.83 54.43
CA SER B 754 -38.14 133.14 53.06
C SER B 754 -36.91 133.48 52.24
N ILE B 755 -36.95 133.10 50.96
CA ILE B 755 -35.95 133.49 49.97
C ILE B 755 -36.67 133.94 48.72
N SER B 756 -36.38 135.15 48.26
CA SER B 756 -37.07 135.70 47.10
C SER B 756 -36.06 136.28 46.11
N PHE B 757 -36.49 136.33 44.85
CA PHE B 757 -35.69 136.83 43.75
C PHE B 757 -36.39 138.04 43.14
N ARG B 758 -35.60 139.00 42.64
CA ARG B 758 -36.16 140.24 42.14
C ARG B 758 -35.50 140.62 40.83
N ILE B 759 -36.30 140.82 39.78
CA ILE B 759 -35.84 141.30 38.49
C ILE B 759 -36.69 142.51 38.10
N ASN B 760 -36.26 143.70 38.52
CA ASN B 760 -36.64 144.99 37.95
C ASN B 760 -38.07 145.47 38.18
N GLY B 761 -38.95 144.64 38.70
CA GLY B 761 -40.34 145.06 38.76
C GLY B 761 -41.10 144.96 40.08
N CYS B 762 -40.69 144.01 40.92
CA CYS B 762 -41.40 143.54 42.10
C CYS B 762 -42.83 143.02 41.84
N PRO B 763 -43.11 142.24 40.76
CA PRO B 763 -44.38 141.53 40.71
C PRO B 763 -44.27 140.05 41.05
N VAL B 764 -43.05 139.54 41.25
CA VAL B 764 -42.83 138.10 41.32
C VAL B 764 -43.45 137.54 42.59
N GLN B 765 -44.20 136.45 42.45
CA GLN B 765 -44.90 135.81 43.55
C GLN B 765 -44.23 134.52 44.02
N GLY B 766 -43.16 134.09 43.35
CA GLY B 766 -42.47 132.87 43.72
C GLY B 766 -41.47 133.11 44.83
N VAL B 767 -41.69 132.42 45.95
CA VAL B 767 -40.83 132.58 47.12
C VAL B 767 -40.59 131.21 47.74
N PHE B 768 -39.37 130.97 48.20
CA PHE B 768 -39.04 129.73 48.88
C PHE B 768 -39.32 129.85 50.37
N GLU B 769 -39.90 128.81 50.95
CA GLU B 769 -40.32 128.83 52.34
C GLU B 769 -39.94 127.51 53.02
N ALA B 770 -39.83 127.58 54.35
CA ALA B 770 -39.64 126.41 55.21
C ALA B 770 -38.40 125.62 54.86
N PHE B 771 -37.30 126.30 54.54
CA PHE B 771 -36.05 125.61 54.30
C PHE B 771 -35.26 125.45 55.60
N ASN B 772 -34.53 124.35 55.69
CA ASN B 772 -33.74 124.07 56.89
C ASN B 772 -32.59 125.07 56.99
N LEU B 773 -32.22 125.41 58.24
CA LEU B 773 -31.27 126.47 58.50
C LEU B 773 -30.01 125.99 59.22
N ASP B 774 -29.87 124.68 59.43
CA ASP B 774 -28.72 124.16 60.17
C ASP B 774 -27.46 124.09 59.31
N GLY B 775 -27.07 125.24 58.75
CA GLY B 775 -25.90 125.29 57.89
C GLY B 775 -25.56 126.72 57.54
N LEU B 776 -24.51 126.86 56.73
CA LEU B 776 -24.03 128.16 56.28
C LEU B 776 -24.58 128.47 54.89
N PHE B 777 -25.13 129.66 54.72
CA PHE B 777 -25.74 130.09 53.47
C PHE B 777 -24.78 131.02 52.74
N PHE B 778 -24.56 130.76 51.45
CA PHE B 778 -23.66 131.56 50.65
C PHE B 778 -24.24 131.73 49.25
N PRO B 779 -23.95 132.84 48.58
CA PRO B 779 -24.30 132.96 47.16
C PRO B 779 -23.39 132.11 46.29
N VAL B 780 -23.93 131.68 45.16
CA VAL B 780 -23.21 130.80 44.24
C VAL B 780 -23.79 131.00 42.84
N VAL B 781 -22.92 130.90 41.84
CA VAL B 781 -23.32 131.07 40.44
C VAL B 781 -22.80 129.87 39.64
N SER B 782 -23.72 129.12 39.05
CA SER B 782 -23.38 127.95 38.25
C SER B 782 -23.54 128.28 36.77
N PHE B 783 -22.47 128.11 36.00
CA PHE B 783 -22.46 128.50 34.60
C PHE B 783 -21.86 127.39 33.76
N SER B 784 -22.35 127.28 32.52
CA SER B 784 -21.80 126.38 31.53
C SER B 784 -20.73 127.12 30.70
N ALA B 785 -20.32 126.51 29.59
CA ALA B 785 -19.30 127.14 28.74
C ALA B 785 -19.86 128.38 28.05
N GLY B 786 -18.94 129.29 27.71
CA GLY B 786 -19.32 130.52 27.02
C GLY B 786 -20.15 131.47 27.84
N VAL B 787 -19.81 131.68 29.11
CA VAL B 787 -20.55 132.55 30.01
C VAL B 787 -19.61 133.58 30.62
N LYS B 788 -20.03 134.84 30.60
CA LYS B 788 -19.34 135.91 31.31
C LYS B 788 -20.34 136.56 32.26
N VAL B 789 -20.01 136.56 33.54
CA VAL B 789 -20.91 137.06 34.59
C VAL B 789 -20.16 138.08 35.42
N ARG B 790 -20.91 139.02 36.00
CA ARG B 790 -20.34 140.07 36.85
C ARG B 790 -21.08 140.06 38.17
N PHE B 791 -20.35 140.23 39.26
CA PHE B 791 -20.86 140.07 40.61
C PHE B 791 -20.68 141.38 41.37
N LEU B 792 -21.72 141.82 42.10
CA LEU B 792 -21.66 143.05 42.87
C LEU B 792 -22.00 142.74 44.32
N LEU B 793 -21.23 143.33 45.24
CA LEU B 793 -21.44 143.11 46.67
C LEU B 793 -21.79 144.38 47.43
N GLY B 794 -21.22 145.51 47.06
CA GLY B 794 -21.50 146.76 47.74
C GLY B 794 -20.27 147.64 47.76
N GLY B 795 -19.90 148.08 48.96
CA GLY B 795 -18.81 149.03 49.12
C GLY B 795 -17.47 148.55 48.59
N ARG B 796 -17.24 147.23 48.58
CA ARG B 796 -15.98 146.70 48.07
C ARG B 796 -15.80 147.02 46.60
N HIS B 797 -16.65 146.45 45.74
CA HIS B 797 -16.59 146.74 44.31
C HIS B 797 -17.96 146.78 43.66
N GLY B 798 -19.05 146.68 44.42
CA GLY B 798 -20.36 146.54 43.83
C GLY B 798 -21.19 147.81 43.81
N GLU B 799 -21.34 148.40 42.63
CA GLU B 799 -22.19 149.58 42.45
C GLU B 799 -23.62 149.10 42.27
N PHE B 800 -24.43 149.24 43.33
CA PHE B 800 -25.80 148.76 43.31
C PHE B 800 -26.64 149.66 42.41
N LYS B 801 -27.09 149.13 41.28
CA LYS B 801 -27.89 149.93 40.36
C LYS B 801 -29.31 150.15 40.88
N PHE B 802 -29.78 149.29 41.78
CA PHE B 802 -31.12 149.38 42.32
C PHE B 802 -31.06 149.43 43.84
N LEU B 803 -31.89 150.28 44.44
CA LEU B 803 -31.91 150.43 45.88
C LEU B 803 -32.49 149.17 46.53
N PRO B 804 -31.80 148.63 47.53
CA PRO B 804 -32.34 147.46 48.24
C PRO B 804 -33.55 147.83 49.08
N PRO B 805 -34.35 146.85 49.47
CA PRO B 805 -35.46 147.13 50.40
C PRO B 805 -34.92 147.65 51.73
N PRO B 806 -35.74 148.38 52.49
CA PRO B 806 -35.20 149.16 53.61
C PRO B 806 -34.44 148.30 54.62
N GLY B 807 -33.30 148.81 55.05
CA GLY B 807 -32.52 148.21 56.12
C GLY B 807 -32.03 146.80 55.84
N TYR B 808 -31.58 146.54 54.62
CA TYR B 808 -31.11 145.21 54.23
C TYR B 808 -29.66 145.27 53.77
N ALA B 809 -29.05 144.09 53.69
CA ALA B 809 -27.67 143.91 53.28
C ALA B 809 -26.66 144.74 54.07
N PRO B 810 -26.64 144.62 55.41
CA PRO B 810 -25.54 145.23 56.18
C PRO B 810 -24.36 144.28 56.31
N CYS B 811 -23.20 144.66 55.77
CA CYS B 811 -22.04 143.78 55.73
C CYS B 811 -20.86 144.30 56.55
N HIS B 812 -21.10 145.22 57.49
CA HIS B 812 -20.00 145.75 58.29
C HIS B 812 -19.58 144.76 59.39
N GLU B 813 -20.52 144.00 59.92
CA GLU B 813 -20.25 143.24 61.15
C GLU B 813 -19.52 141.94 60.88
N ALA B 814 -20.14 141.01 60.14
CA ALA B 814 -19.69 139.63 60.15
C ALA B 814 -19.50 139.07 58.74
N VAL B 815 -18.84 139.83 57.87
CA VAL B 815 -18.32 139.27 56.62
C VAL B 815 -16.87 139.70 56.45
N LEU B 816 -16.03 138.73 56.09
CA LEU B 816 -14.59 138.90 55.90
C LEU B 816 -13.95 139.65 57.06
N PRO B 817 -14.05 139.13 58.30
CA PRO B 817 -13.37 139.79 59.42
C PRO B 817 -11.87 139.62 59.32
N ARG B 818 -11.45 138.54 58.67
CA ARG B 818 -10.05 138.29 58.37
C ARG B 818 -9.81 137.87 56.92
N GLU B 819 -10.81 137.34 56.24
CA GLU B 819 -10.66 136.87 54.87
C GLU B 819 -10.51 138.05 53.92
N ARG B 820 -10.02 137.76 52.70
CA ARG B 820 -9.74 138.76 51.70
C ARG B 820 -10.85 138.92 50.66
N LEU B 821 -11.96 138.19 50.81
CA LEU B 821 -13.11 138.30 49.91
C LEU B 821 -12.70 138.02 48.46
N ARG B 822 -12.28 136.77 48.23
CA ARG B 822 -11.84 136.33 46.92
C ARG B 822 -12.78 135.24 46.38
N LEU B 823 -12.81 135.09 45.07
CA LEU B 823 -13.63 134.07 44.43
C LEU B 823 -12.86 132.76 44.36
N GLU B 824 -13.48 131.68 44.84
CA GLU B 824 -12.83 130.39 44.92
C GLU B 824 -13.80 129.27 44.55
N PRO B 825 -13.36 128.35 43.69
CA PRO B 825 -14.21 127.21 43.33
C PRO B 825 -14.42 126.28 44.53
N ILE B 826 -15.61 125.70 44.60
CA ILE B 826 -16.03 124.97 45.79
C ILE B 826 -15.56 123.53 45.69
N LYS B 827 -14.84 123.08 46.73
CA LYS B 827 -14.48 121.67 46.91
C LYS B 827 -13.80 121.08 45.67
N GLU B 828 -12.91 121.85 45.05
CA GLU B 828 -12.18 121.38 43.89
C GLU B 828 -11.04 120.48 44.34
N TYR B 829 -11.05 119.23 43.86
CA TYR B 829 -10.01 118.28 44.27
C TYR B 829 -8.68 118.54 43.59
N ARG B 830 -8.68 119.25 42.47
CA ARG B 830 -7.44 119.58 41.78
C ARG B 830 -7.44 121.05 41.38
N ARG B 831 -6.23 121.58 41.15
CA ARG B 831 -6.07 122.96 40.72
C ARG B 831 -4.92 123.03 39.72
N GLU B 832 -4.94 124.07 38.91
CA GLU B 832 -3.86 124.30 37.96
C GLU B 832 -2.67 124.95 38.66
N GLY B 833 -1.48 124.40 38.40
CA GLY B 833 -0.28 124.90 39.03
C GLY B 833 0.69 125.49 38.02
N PRO B 834 1.81 126.03 38.52
CA PRO B 834 2.82 126.57 37.60
C PRO B 834 3.37 125.52 36.65
N ARG B 835 3.48 124.28 37.09
CA ARG B 835 3.94 123.17 36.26
C ARG B 835 3.16 121.92 36.64
N GLY B 836 2.24 121.52 35.76
CA GLY B 836 1.41 120.37 36.03
C GLY B 836 0.28 120.68 36.99
N PRO B 837 -0.53 119.68 37.31
CA PRO B 837 -1.65 119.88 38.24
C PRO B 837 -1.22 119.71 39.69
N HIS B 838 -2.02 120.27 40.59
CA HIS B 838 -1.81 120.17 42.03
C HIS B 838 -3.07 119.57 42.64
N LEU B 839 -2.92 118.39 43.25
CA LEU B 839 -4.05 117.72 43.89
C LEU B 839 -4.13 118.17 45.35
N VAL B 840 -5.30 118.64 45.75
CA VAL B 840 -5.50 119.16 47.10
C VAL B 840 -6.46 118.24 47.85
N GLY B 841 -6.29 118.19 49.16
CA GLY B 841 -7.13 117.40 50.01
C GLY B 841 -8.45 118.07 50.29
N PRO B 842 -9.28 117.46 51.12
CA PRO B 842 -10.57 118.06 51.45
C PRO B 842 -10.40 119.40 52.18
N SER B 843 -11.32 120.31 51.91
CA SER B 843 -11.27 121.63 52.53
C SER B 843 -11.52 121.52 54.03
N ARG B 844 -10.97 122.49 54.78
CA ARG B 844 -11.13 122.49 56.22
C ARG B 844 -12.58 122.74 56.60
N CYS B 845 -13.09 121.94 57.52
CA CYS B 845 -14.47 122.05 57.97
C CYS B 845 -14.52 122.83 59.29
N LEU B 846 -15.24 123.94 59.30
CA LEU B 846 -15.35 124.78 60.48
C LEU B 846 -16.56 125.69 60.32
N SER B 847 -16.73 126.58 61.29
CA SER B 847 -17.79 127.60 61.28
C SER B 847 -19.18 126.98 61.26
N HIS B 848 -19.31 125.74 61.75
CA HIS B 848 -20.63 125.12 61.85
C HIS B 848 -21.45 125.78 62.94
N THR B 849 -20.87 125.94 64.12
CA THR B 849 -21.53 126.61 65.24
C THR B 849 -20.56 127.49 66.01
N ASP B 850 -19.43 127.85 65.40
CA ASP B 850 -18.39 128.59 66.09
C ASP B 850 -18.82 130.02 66.38
N PHE B 851 -19.84 130.53 65.68
CA PHE B 851 -20.24 131.92 65.86
C PHE B 851 -20.93 132.17 67.20
N VAL B 852 -21.46 131.12 67.84
CA VAL B 852 -22.13 131.29 69.13
C VAL B 852 -21.09 131.22 70.24
N PRO B 853 -20.92 132.26 71.04
CA PRO B 853 -19.93 132.23 72.11
C PRO B 853 -20.50 131.69 73.43
N CYS B 854 -19.73 130.84 74.10
CA CYS B 854 -20.14 130.24 75.36
C CYS B 854 -19.03 130.41 76.39
N PRO B 855 -19.01 131.52 77.13
CA PRO B 855 -17.96 131.73 78.12
C PRO B 855 -18.19 130.89 79.36
N VAL B 856 -17.15 130.82 80.20
CA VAL B 856 -17.26 130.12 81.47
C VAL B 856 -18.12 130.94 82.42
N ASP B 857 -19.07 130.28 83.08
CA ASP B 857 -20.03 130.93 83.95
C ASP B 857 -19.70 130.60 85.40
N THR B 858 -19.36 131.62 86.18
CA THR B 858 -19.04 131.48 87.60
C THR B 858 -19.59 132.64 88.42
N VAL B 859 -20.75 133.18 88.04
CA VAL B 859 -21.27 134.40 88.67
C VAL B 859 -21.54 134.23 90.16
N GLN B 860 -22.07 133.08 90.57
CA GLN B 860 -22.41 132.86 91.97
C GLN B 860 -22.02 131.49 92.49
N ILE B 861 -21.40 130.63 91.67
CA ILE B 861 -21.06 129.30 92.13
C ILE B 861 -19.97 129.35 93.20
N VAL B 862 -18.99 130.24 93.05
CA VAL B 862 -17.87 130.34 93.97
C VAL B 862 -17.71 131.80 94.41
N LEU B 863 -17.09 131.99 95.58
CA LEU B 863 -16.73 133.29 96.11
C LEU B 863 -15.27 133.24 96.55
N PRO B 864 -14.55 134.35 96.48
CA PRO B 864 -13.11 134.33 96.78
C PRO B 864 -12.87 134.07 98.26
N PRO B 865 -12.29 132.92 98.59
CA PRO B 865 -11.97 132.63 100.00
C PRO B 865 -10.59 133.12 100.40
N HIS B 866 -10.54 133.99 101.42
CA HIS B 866 -9.28 134.53 101.97
C HIS B 866 -8.36 135.12 100.91
N LEU B 867 -8.92 135.59 99.79
CA LEU B 867 -8.21 136.47 98.87
C LEU B 867 -8.65 137.92 98.99
N GLU B 868 -9.46 138.26 99.98
CA GLU B 868 -9.88 139.64 100.16
C GLU B 868 -8.73 140.54 100.60
N ARG B 869 -7.66 139.98 101.17
CA ARG B 869 -6.50 140.77 101.55
C ARG B 869 -5.67 141.19 100.34
N ILE B 870 -5.43 140.26 99.41
CA ILE B 870 -4.62 140.58 98.23
C ILE B 870 -5.37 141.48 97.26
N ARG B 871 -6.69 141.52 97.33
CA ARG B 871 -7.46 142.37 96.43
C ARG B 871 -7.16 143.85 96.65
N GLU B 872 -6.70 144.24 97.84
CA GLU B 872 -6.36 145.63 98.08
C GLU B 872 -5.16 146.07 97.24
N LYS B 873 -4.07 145.28 97.29
CA LYS B 873 -2.93 145.60 96.45
C LYS B 873 -3.23 145.40 94.98
N LEU B 874 -4.08 144.42 94.64
CA LEU B 874 -4.50 144.29 93.24
C LEU B 874 -5.23 145.53 92.76
N ALA B 875 -6.12 146.07 93.58
CA ALA B 875 -6.83 147.30 93.23
C ALA B 875 -5.87 148.48 93.11
N GLU B 876 -4.91 148.58 94.04
CA GLU B 876 -3.93 149.67 93.95
C GLU B 876 -3.14 149.59 92.64
N ASN B 877 -2.68 148.39 92.28
CA ASN B 877 -1.91 148.22 91.06
C ASN B 877 -2.73 148.46 89.80
N ILE B 878 -3.96 147.97 89.74
CA ILE B 878 -4.79 148.23 88.57
C ILE B 878 -5.23 149.69 88.50
N HIS B 879 -5.28 150.39 89.64
CA HIS B 879 -5.52 151.82 89.61
C HIS B 879 -4.32 152.58 89.05
N GLU B 880 -3.12 152.20 89.46
CA GLU B 880 -1.94 152.90 88.96
C GLU B 880 -1.63 152.54 87.51
N LEU B 881 -2.08 151.36 87.05
CA LEU B 881 -1.86 150.96 85.66
C LEU B 881 -2.59 151.87 84.67
N TRP B 882 -3.73 152.44 85.05
CA TRP B 882 -4.42 153.37 84.15
C TRP B 882 -3.57 154.59 83.87
N ALA B 883 -2.89 155.13 84.90
CA ALA B 883 -1.97 156.23 84.68
C ALA B 883 -0.68 155.78 84.03
N LEU B 884 -0.27 154.53 84.27
CA LEU B 884 0.91 153.99 83.61
C LEU B 884 0.70 153.88 82.11
N THR B 885 -0.53 153.59 81.68
CA THR B 885 -0.88 153.52 80.27
C THR B 885 -1.15 154.89 79.66
N ARG B 886 -1.07 155.96 80.44
CA ARG B 886 -1.29 157.31 79.95
C ARG B 886 -0.06 158.20 80.04
N ILE B 887 0.91 157.86 80.90
CA ILE B 887 2.08 158.72 81.09
C ILE B 887 2.88 158.85 79.80
N GLU B 888 3.09 157.73 79.09
CA GLU B 888 3.91 157.77 77.89
C GLU B 888 3.29 158.64 76.80
N GLN B 889 1.95 158.73 76.76
CA GLN B 889 1.31 159.62 75.80
C GLN B 889 1.30 161.06 76.29
N GLY B 890 1.60 161.29 77.56
CA GLY B 890 1.67 162.64 78.09
C GLY B 890 0.34 163.29 78.37
N TRP B 891 -0.67 162.52 78.74
CA TRP B 891 -1.98 163.11 79.03
C TRP B 891 -1.98 163.77 80.40
N THR B 892 -2.80 164.81 80.54
CA THR B 892 -2.83 165.66 81.71
C THR B 892 -4.23 165.66 82.31
N TYR B 893 -4.33 166.07 83.57
CA TYR B 893 -5.62 166.20 84.23
C TYR B 893 -6.25 167.54 83.87
N GLY B 894 -7.54 167.52 83.56
CA GLY B 894 -8.25 168.73 83.19
C GLY B 894 -9.73 168.65 83.48
N PRO B 895 -10.39 169.82 83.59
CA PRO B 895 -11.83 169.81 83.90
C PRO B 895 -12.67 169.01 82.92
N VAL B 896 -12.35 169.06 81.63
CA VAL B 896 -13.19 168.46 80.60
C VAL B 896 -12.45 167.30 79.96
N ARG B 897 -13.20 166.27 79.57
CA ARG B 897 -12.62 165.06 78.98
C ARG B 897 -12.54 165.22 77.46
N ASP B 898 -11.32 165.17 76.94
CA ASP B 898 -11.09 165.20 75.50
C ASP B 898 -9.80 164.47 75.18
N ASP B 899 -9.84 163.68 74.10
CA ASP B 899 -8.65 162.94 73.70
C ASP B 899 -7.59 163.85 73.10
N ASN B 900 -8.01 164.78 72.23
CA ASN B 900 -7.05 165.67 71.58
C ASN B 900 -6.54 166.75 72.52
N LYS B 901 -7.40 167.22 73.43
CA LYS B 901 -7.01 168.28 74.36
C LYS B 901 -6.05 167.79 75.44
N ARG B 902 -5.90 166.48 75.59
CA ARG B 902 -4.98 165.86 76.55
C ARG B 902 -5.31 166.23 78.00
N LEU B 903 -6.56 166.58 78.28
CA LEU B 903 -7.02 166.86 79.63
C LEU B 903 -7.99 165.77 80.07
N HIS B 904 -7.79 165.26 81.29
CA HIS B 904 -8.51 164.07 81.73
C HIS B 904 -8.70 164.07 83.24
N PRO B 905 -9.91 164.38 83.73
CA PRO B 905 -10.11 164.48 85.18
C PRO B 905 -10.11 163.16 85.91
N CYS B 906 -10.36 162.04 85.24
CA CYS B 906 -10.45 160.76 85.92
C CYS B 906 -9.11 160.32 86.52
N LEU B 907 -8.00 160.88 86.06
CA LEU B 907 -6.71 160.60 86.70
C LEU B 907 -6.65 161.34 88.03
N VAL B 908 -6.79 160.59 89.12
CA VAL B 908 -6.87 161.17 90.46
C VAL B 908 -5.92 160.41 91.38
N ASN B 909 -5.62 161.03 92.51
CA ASN B 909 -4.74 160.41 93.49
C ASN B 909 -5.42 159.19 94.11
N PHE B 910 -4.63 158.13 94.29
CA PHE B 910 -5.16 156.90 94.87
C PHE B 910 -5.52 157.07 96.34
N HIS B 911 -4.89 158.02 97.04
CA HIS B 911 -5.18 158.21 98.45
C HIS B 911 -6.58 158.78 98.67
N SER B 912 -7.07 159.58 97.73
CA SER B 912 -8.42 160.15 97.79
C SER B 912 -9.09 159.88 96.45
N LEU B 913 -9.92 158.83 96.40
CA LEU B 913 -10.54 158.42 95.15
C LEU B 913 -12.03 158.75 95.15
N PRO B 914 -12.52 159.39 94.10
CA PRO B 914 -13.97 159.61 93.97
C PRO B 914 -14.71 158.30 93.77
N GLU B 915 -15.96 158.28 94.23
CA GLU B 915 -16.80 157.09 94.25
C GLU B 915 -16.97 156.43 92.88
N PRO B 916 -17.31 157.17 91.80
CA PRO B 916 -17.62 156.50 90.53
C PRO B 916 -16.46 155.68 89.97
N GLU B 917 -15.30 156.32 89.76
CA GLU B 917 -14.18 155.62 89.15
C GLU B 917 -13.64 154.53 90.08
N ARG B 918 -13.59 154.80 91.38
CA ARG B 918 -13.11 153.80 92.33
C ARG B 918 -13.99 152.56 92.32
N ASN B 919 -15.32 152.76 92.32
CA ASN B 919 -16.23 151.62 92.25
C ASN B 919 -16.11 150.91 90.91
N TYR B 920 -15.94 151.66 89.82
CA TYR B 920 -15.82 151.04 88.50
C TYR B 920 -14.57 150.16 88.42
N ASN B 921 -13.47 150.59 89.02
CA ASN B 921 -12.27 149.76 89.06
C ASN B 921 -12.38 148.60 90.04
N LEU B 922 -13.00 148.82 91.20
CA LEU B 922 -13.18 147.74 92.16
C LEU B 922 -14.05 146.62 91.61
N GLN B 923 -15.13 146.97 90.89
CA GLN B 923 -15.99 145.95 90.31
C GLN B 923 -15.27 145.12 89.25
N MET B 924 -14.44 145.74 88.40
CA MET B 924 -13.70 144.95 87.41
C MET B 924 -12.64 144.09 88.08
N SER B 925 -12.02 144.60 89.16
CA SER B 925 -11.09 143.77 89.92
C SER B 925 -11.79 142.55 90.51
N GLY B 926 -12.96 142.76 91.11
CA GLY B 926 -13.71 141.64 91.68
C GLY B 926 -14.16 140.65 90.62
N GLU B 927 -14.58 141.16 89.46
CA GLU B 927 -14.98 140.27 88.38
C GLU B 927 -13.80 139.46 87.85
N THR B 928 -12.61 140.09 87.76
CA THR B 928 -11.42 139.35 87.35
C THR B 928 -11.01 138.31 88.37
N LEU B 929 -11.23 138.56 89.66
CA LEU B 929 -10.94 137.55 90.67
C LEU B 929 -11.71 136.27 90.40
N LYS B 930 -13.00 136.39 90.10
CA LYS B 930 -13.83 135.19 89.86
C LYS B 930 -13.35 134.41 88.65
N THR B 931 -12.97 135.09 87.56
CA THR B 931 -12.54 134.38 86.37
C THR B 931 -11.12 133.84 86.51
N LEU B 932 -10.31 134.39 87.41
CA LEU B 932 -8.99 133.82 87.61
C LEU B 932 -8.99 132.69 88.63
N LEU B 933 -9.97 132.65 89.53
CA LEU B 933 -10.16 131.46 90.36
C LEU B 933 -10.75 130.29 89.60
N ALA B 934 -11.24 130.50 88.38
CA ALA B 934 -11.90 129.45 87.61
C ALA B 934 -10.85 128.53 86.99
N LEU B 935 -11.31 127.61 86.13
CA LEU B 935 -10.45 126.67 85.40
C LEU B 935 -9.67 125.77 86.35
N GLY B 936 -10.25 125.47 87.52
CA GLY B 936 -9.59 124.61 88.48
C GLY B 936 -8.27 125.17 88.98
N CYS B 937 -8.26 126.47 89.29
CA CYS B 937 -7.02 127.12 89.70
C CYS B 937 -6.54 126.59 91.03
N HIS B 938 -5.23 126.41 91.14
CA HIS B 938 -4.58 125.99 92.38
C HIS B 938 -3.97 127.22 93.03
N VAL B 939 -4.41 127.51 94.26
CA VAL B 939 -3.95 128.68 94.99
C VAL B 939 -3.07 128.20 96.15
N GLY B 940 -1.90 128.80 96.30
CA GLY B 940 -0.97 128.42 97.33
C GLY B 940 0.09 129.48 97.59
N MET B 941 0.62 129.52 98.80
CA MET B 941 1.53 130.56 99.23
C MET B 941 2.76 129.93 99.87
N ALA B 942 3.93 130.18 99.29
CA ALA B 942 5.20 129.71 99.83
C ALA B 942 6.27 130.80 99.78
N ASP B 943 5.87 132.06 99.93
CA ASP B 943 6.76 133.20 99.77
C ASP B 943 6.31 134.34 100.68
N GLU B 944 6.69 135.57 100.33
CA GLU B 944 6.36 136.83 101.00
C GLU B 944 7.28 137.03 102.20
N LYS B 945 8.16 136.07 102.51
CA LYS B 945 9.22 136.34 103.47
C LYS B 945 10.19 137.38 102.92
N ALA B 946 10.24 137.54 101.60
CA ALA B 946 11.08 138.54 100.95
C ALA B 946 10.32 139.40 99.96
N GLU B 947 8.99 139.28 99.89
CA GLU B 947 8.18 140.07 98.98
C GLU B 947 7.47 141.25 99.66
N ASP B 948 7.74 141.48 100.95
CA ASP B 948 7.13 142.62 101.62
C ASP B 948 7.63 143.95 101.05
N ASN B 949 8.90 144.03 100.68
CA ASN B 949 9.46 145.26 100.14
C ASN B 949 8.92 145.53 98.74
N LEU B 950 8.50 146.77 98.52
CA LEU B 950 7.99 147.21 97.23
C LEU B 950 9.05 148.11 96.60
N LYS B 951 9.78 147.58 95.62
CA LYS B 951 10.88 148.30 94.97
C LYS B 951 10.31 149.17 93.86
N LYS B 952 10.38 150.48 94.04
CA LYS B 952 9.87 151.44 93.08
C LYS B 952 11.03 152.13 92.39
N THR B 953 11.13 151.97 91.08
CA THR B 953 12.20 152.61 90.32
C THR B 953 12.00 154.12 90.29
N LYS B 954 13.09 154.85 90.48
CA LYS B 954 13.02 156.31 90.51
C LYS B 954 12.61 156.86 89.15
N LEU B 955 11.66 157.80 89.16
CA LEU B 955 11.13 158.37 87.93
C LEU B 955 11.56 159.83 87.82
N PRO B 956 12.28 160.21 86.77
CA PRO B 956 12.72 161.61 86.63
C PRO B 956 11.54 162.56 86.48
N LYS B 957 11.77 163.80 86.93
CA LYS B 957 10.71 164.80 86.92
C LYS B 957 10.28 165.21 85.52
N THR B 958 11.08 164.89 84.50
CA THR B 958 10.71 165.22 83.12
C THR B 958 9.42 164.56 82.68
N TYR B 959 9.06 163.43 83.29
CA TYR B 959 7.75 162.83 83.08
C TYR B 959 6.78 163.10 84.22
N MET B 960 7.30 163.42 85.40
CA MET B 960 6.47 163.84 86.53
C MET B 960 5.79 165.18 86.27
N MET B 961 6.29 165.97 85.32
CA MET B 961 5.66 167.24 85.00
C MET B 961 4.25 166.99 84.46
N SER B 962 3.31 167.81 84.90
CA SER B 962 1.91 167.79 84.48
C SER B 962 1.26 166.41 84.66
N ASN B 963 1.77 165.59 85.57
CA ASN B 963 1.22 164.25 85.76
C ASN B 963 0.26 164.20 86.94
N GLY B 964 0.70 164.69 88.10
CA GLY B 964 -0.10 164.63 89.30
C GLY B 964 0.01 163.34 90.08
N TYR B 965 0.77 162.37 89.58
CA TYR B 965 1.01 161.12 90.29
C TYR B 965 2.35 160.56 89.82
N LYS B 966 2.96 159.73 90.67
CA LYS B 966 4.30 159.19 90.43
C LYS B 966 4.25 157.67 90.56
N PRO B 967 3.66 156.98 89.59
CA PRO B 967 3.66 155.52 89.62
C PRO B 967 4.80 154.92 88.82
N ALA B 968 5.38 153.85 89.36
CA ALA B 968 6.43 153.13 88.65
C ALA B 968 6.17 151.63 88.71
N PRO B 969 6.48 150.91 87.64
CA PRO B 969 6.26 149.45 87.65
C PRO B 969 7.19 148.75 88.63
N LEU B 970 6.69 147.66 89.19
CA LEU B 970 7.48 146.86 90.12
C LEU B 970 8.51 146.02 89.38
N ASP B 971 9.64 145.80 90.03
CA ASP B 971 10.73 145.01 89.44
C ASP B 971 10.50 143.52 89.73
N LEU B 972 9.47 142.98 89.07
CA LEU B 972 9.08 141.58 89.22
C LEU B 972 8.93 140.89 87.87
N SER B 973 9.74 141.30 86.89
CA SER B 973 9.65 140.70 85.57
C SER B 973 10.39 139.37 85.47
N HIS B 974 11.18 139.01 86.49
CA HIS B 974 11.94 137.77 86.44
C HIS B 974 11.07 136.53 86.66
N VAL B 975 9.95 136.67 87.37
CA VAL B 975 9.07 135.54 87.63
C VAL B 975 8.23 135.26 86.40
N ARG B 976 8.11 133.98 86.03
CA ARG B 976 7.39 133.57 84.84
C ARG B 976 6.56 132.33 85.14
N LEU B 977 5.39 132.24 84.51
CA LEU B 977 4.51 131.08 84.59
C LEU B 977 4.16 130.61 83.17
N THR B 978 3.21 129.68 83.10
CA THR B 978 2.77 129.16 81.81
C THR B 978 2.03 130.24 81.04
N PRO B 979 2.32 130.42 79.75
CA PRO B 979 1.65 131.49 78.99
C PRO B 979 0.23 131.15 78.58
N ALA B 980 -0.05 129.86 78.34
CA ALA B 980 -1.36 129.46 77.86
C ALA B 980 -2.45 129.69 78.91
N GLN B 981 -2.14 129.46 80.19
CA GLN B 981 -3.12 129.68 81.23
C GLN B 981 -3.54 131.14 81.30
N THR B 982 -2.60 132.07 81.16
CA THR B 982 -2.95 133.49 81.07
C THR B 982 -3.67 133.82 79.77
N THR B 983 -3.24 133.21 78.67
CA THR B 983 -3.85 133.47 77.36
C THR B 983 -5.32 133.08 77.31
N LEU B 984 -5.69 131.96 77.94
CA LEU B 984 -7.10 131.57 77.99
C LEU B 984 -7.98 132.57 78.72
N VAL B 985 -7.39 133.39 79.61
CA VAL B 985 -8.18 134.37 80.35
C VAL B 985 -8.77 135.41 79.42
N ASP B 986 -7.97 135.87 78.44
CA ASP B 986 -8.49 136.86 77.49
C ASP B 986 -9.60 136.27 76.64
N ARG B 987 -9.45 135.02 76.19
CA ARG B 987 -10.51 134.38 75.42
C ARG B 987 -11.78 134.23 76.23
N LEU B 988 -11.67 133.85 77.51
CA LEU B 988 -12.83 133.77 78.37
C LEU B 988 -13.47 135.14 78.60
N ALA B 989 -12.66 136.17 78.82
CA ALA B 989 -13.18 137.51 79.09
C ALA B 989 -13.89 138.10 77.88
N GLU B 990 -13.33 137.90 76.69
CA GLU B 990 -13.98 138.42 75.48
C GLU B 990 -15.35 137.78 75.28
N ASN B 991 -15.43 136.46 75.47
CA ASN B 991 -16.71 135.76 75.34
C ASN B 991 -17.70 136.21 76.42
N GLY B 992 -17.22 136.39 77.65
CA GLY B 992 -18.10 136.88 78.70
C GLY B 992 -18.64 138.27 78.41
N HIS B 993 -17.78 139.15 77.89
CA HIS B 993 -18.23 140.49 77.51
C HIS B 993 -19.24 140.42 76.37
N ASN B 994 -18.98 139.58 75.38
CA ASN B 994 -19.90 139.46 74.25
C ASN B 994 -21.25 138.87 74.68
N VAL B 995 -21.25 138.03 75.72
CA VAL B 995 -22.50 137.46 76.21
C VAL B 995 -23.44 138.55 76.68
N TRP B 996 -22.91 139.52 77.43
CA TRP B 996 -23.73 140.66 77.84
C TRP B 996 -23.97 141.64 76.69
N ALA B 997 -22.99 141.78 75.80
CA ALA B 997 -23.11 142.70 74.66
C ALA B 997 -24.17 142.26 73.67
N ARG B 998 -24.49 140.96 73.61
CA ARG B 998 -25.52 140.49 72.69
C ARG B 998 -26.87 141.12 72.97
N ASP B 999 -27.15 141.46 74.23
CA ASP B 999 -28.44 142.04 74.58
C ASP B 999 -28.52 143.51 74.14
N ARG B 1000 -27.46 144.28 74.36
CA ARG B 1000 -27.48 145.72 74.09
C ARG B 1000 -26.52 146.13 72.98
N VAL B 1001 -25.24 145.78 73.10
CA VAL B 1001 -24.26 146.23 72.11
C VAL B 1001 -24.52 145.60 70.75
N ALA B 1002 -24.81 144.30 70.70
CA ALA B 1002 -25.16 143.68 69.43
C ALA B 1002 -26.52 144.14 68.94
N GLN B 1003 -27.42 144.51 69.87
CA GLN B 1003 -28.68 145.10 69.46
C GLN B 1003 -28.48 146.42 68.72
N GLY B 1004 -27.54 147.25 69.20
CA GLY B 1004 -27.16 148.45 68.49
C GLY B 1004 -26.48 148.14 67.18
N TRP B 1005 -25.30 147.53 67.25
CA TRP B 1005 -24.50 147.04 66.13
C TRP B 1005 -24.07 148.14 65.16
N SER B 1006 -24.29 149.40 65.50
CA SER B 1006 -23.92 150.52 64.63
C SER B 1006 -23.86 151.77 65.50
N TYR B 1007 -23.62 152.93 64.86
CA TYR B 1007 -23.61 154.18 65.59
C TYR B 1007 -24.99 154.50 66.16
N SER B 1008 -26.04 154.26 65.38
CA SER B 1008 -27.41 154.49 65.82
C SER B 1008 -28.24 153.27 65.45
N VAL B 1022 -15.94 140.41 66.61
CA VAL B 1022 -16.30 139.02 66.31
C VAL B 1022 -16.89 138.37 67.56
N PRO B 1023 -17.94 137.57 67.43
CA PRO B 1023 -18.57 137.00 68.63
C PRO B 1023 -17.71 135.92 69.29
N TYR B 1024 -17.11 135.06 68.49
CA TYR B 1024 -16.27 133.99 69.03
C TYR B 1024 -14.93 134.51 69.52
N ARG B 1025 -14.49 135.67 69.04
CA ARG B 1025 -13.22 136.31 69.41
C ARG B 1025 -12.01 135.45 69.06
N LEU B 1026 -12.15 134.49 68.16
CA LEU B 1026 -11.03 133.65 67.75
C LEU B 1026 -10.40 134.09 66.44
N LEU B 1027 -11.17 134.73 65.56
CA LEU B 1027 -10.63 135.19 64.28
C LEU B 1027 -9.76 136.43 64.42
N ASP B 1028 -10.05 137.28 65.41
CA ASP B 1028 -9.30 138.51 65.60
C ASP B 1028 -7.88 138.20 66.06
N GLU B 1029 -6.92 138.98 65.54
CA GLU B 1029 -5.50 138.74 65.82
C GLU B 1029 -4.79 139.99 66.33
N ALA B 1030 -5.16 141.17 65.86
CA ALA B 1030 -4.49 142.41 66.28
C ALA B 1030 -5.14 143.01 67.53
N THR B 1031 -6.47 143.14 67.53
CA THR B 1031 -7.16 143.61 68.72
C THR B 1031 -6.99 142.63 69.87
N LYS B 1032 -6.94 141.34 69.58
CA LYS B 1032 -6.65 140.35 70.63
C LYS B 1032 -5.26 140.57 71.21
N ARG B 1033 -4.27 140.84 70.35
CA ARG B 1033 -2.93 141.13 70.84
C ARG B 1033 -2.90 142.38 71.70
N SER B 1034 -3.63 143.43 71.28
CA SER B 1034 -3.69 144.65 72.08
C SER B 1034 -4.36 144.42 73.43
N ASN B 1035 -5.43 143.62 73.45
CA ASN B 1035 -6.15 143.40 74.70
C ASN B 1035 -5.41 142.46 75.63
N ARG B 1036 -4.60 141.55 75.07
CA ARG B 1036 -3.90 140.56 75.89
C ARG B 1036 -2.91 141.22 76.86
N ASP B 1037 -2.18 142.23 76.39
CA ASP B 1037 -1.13 142.85 77.21
C ASP B 1037 -1.69 143.48 78.48
N SER B 1038 -2.91 143.99 78.44
CA SER B 1038 -3.48 144.67 79.60
C SER B 1038 -3.57 143.72 80.80
N LEU B 1039 -4.03 142.49 80.57
CA LEU B 1039 -4.11 141.53 81.66
C LEU B 1039 -2.80 140.77 81.84
N CYS B 1040 -1.98 140.67 80.80
CA CYS B 1040 -0.67 140.05 80.93
C CYS B 1040 0.24 140.83 81.87
N GLN B 1041 0.19 142.17 81.82
CA GLN B 1041 0.94 142.97 82.78
C GLN B 1041 0.28 142.98 84.15
N ALA B 1042 -1.04 142.86 84.20
CA ALA B 1042 -1.74 142.80 85.48
C ALA B 1042 -1.40 141.52 86.27
N VAL B 1043 -1.29 140.39 85.58
CA VAL B 1043 -0.93 139.15 86.26
C VAL B 1043 0.55 139.12 86.61
N ARG B 1044 1.34 140.06 86.09
CA ARG B 1044 2.78 140.11 86.36
C ARG B 1044 3.10 140.55 87.78
N THR B 1045 2.09 140.95 88.57
CA THR B 1045 2.31 141.20 89.98
C THR B 1045 1.72 140.10 90.87
N LEU B 1046 0.78 139.32 90.36
CA LEU B 1046 0.19 138.24 91.14
C LEU B 1046 0.86 136.89 90.92
N LEU B 1047 1.56 136.69 89.80
CA LEU B 1047 2.13 135.38 89.54
C LEU B 1047 3.24 135.02 90.53
N GLY B 1048 3.92 136.01 91.09
CA GLY B 1048 5.02 135.76 92.01
C GLY B 1048 4.61 135.20 93.36
N TYR B 1049 3.34 135.35 93.74
CA TYR B 1049 2.86 134.84 95.02
C TYR B 1049 2.74 133.32 95.07
N GLY B 1050 3.23 132.61 94.05
CA GLY B 1050 3.15 131.17 94.04
C GLY B 1050 1.83 130.60 93.56
N TYR B 1051 0.91 131.45 93.11
CA TYR B 1051 -0.38 130.98 92.63
C TYR B 1051 -0.21 130.36 91.25
N ASN B 1052 -0.26 129.03 91.17
CA ASN B 1052 -0.06 128.30 89.93
C ASN B 1052 -1.41 127.78 89.45
N ILE B 1053 -1.92 128.36 88.37
CA ILE B 1053 -3.21 127.97 87.80
C ILE B 1053 -2.97 126.95 86.70
N GLU B 1054 -3.79 125.89 86.70
CA GLU B 1054 -3.66 124.83 85.71
C GLU B 1054 -4.60 125.07 84.54
N ASP B 1070 -12.70 115.90 57.96
CA ASP B 1070 -13.40 114.94 57.12
C ASP B 1070 -12.48 113.79 56.74
N ARG B 1071 -12.95 112.91 55.86
CA ARG B 1071 -12.17 111.77 55.42
C ARG B 1071 -11.00 112.21 54.53
N VAL B 1072 -10.01 111.35 54.41
CA VAL B 1072 -8.83 111.62 53.61
C VAL B 1072 -9.07 111.12 52.18
N ARG B 1073 -8.57 111.88 51.21
CA ARG B 1073 -8.73 111.50 49.82
C ARG B 1073 -7.62 110.56 49.37
N ILE B 1074 -7.95 109.65 48.47
CA ILE B 1074 -7.01 108.65 47.96
C ILE B 1074 -6.98 108.73 46.45
N PHE B 1075 -5.77 108.77 45.89
CA PHE B 1075 -5.56 108.76 44.45
C PHE B 1075 -4.71 107.55 44.09
N ARG B 1076 -4.99 106.93 42.95
CA ARG B 1076 -4.25 105.76 42.54
C ARG B 1076 -4.27 105.63 41.03
N ALA B 1077 -3.36 104.82 40.52
CA ALA B 1077 -3.30 104.58 39.08
C ALA B 1077 -4.45 103.66 38.65
N GLU B 1078 -4.50 103.31 37.37
CA GLU B 1078 -5.51 102.40 36.85
C GLU B 1078 -5.18 100.96 37.22
N LYS B 1079 -6.19 100.10 37.09
CA LYS B 1079 -5.98 98.66 37.18
C LYS B 1079 -5.51 98.06 35.87
N SER B 1080 -5.56 98.82 34.77
CA SER B 1080 -5.06 98.34 33.49
C SER B 1080 -3.58 98.61 33.29
N TYR B 1081 -2.96 99.38 34.18
CA TYR B 1081 -1.53 99.68 34.12
C TYR B 1081 -0.73 98.92 35.18
N THR B 1082 -1.30 97.86 35.73
CA THR B 1082 -0.59 97.07 36.74
C THR B 1082 0.64 96.41 36.11
N VAL B 1083 1.71 96.34 36.89
CA VAL B 1083 2.99 95.80 36.44
C VAL B 1083 3.27 94.51 37.19
N GLN B 1084 3.74 93.49 36.47
CA GLN B 1084 4.10 92.22 37.06
C GLN B 1084 5.58 91.88 36.85
N SER B 1085 6.33 92.75 36.18
CA SER B 1085 7.76 92.54 35.98
C SER B 1085 8.40 93.89 35.67
N GLY B 1086 9.71 93.94 35.83
CA GLY B 1086 10.48 95.13 35.53
C GLY B 1086 10.64 96.04 36.75
N ARG B 1087 11.35 97.14 36.52
CA ARG B 1087 11.66 98.11 37.54
C ARG B 1087 11.04 99.46 37.18
N TRP B 1088 10.41 100.11 38.15
CA TRP B 1088 9.68 101.35 37.91
C TRP B 1088 9.90 102.32 39.06
N TYR B 1089 10.01 103.61 38.71
CA TYR B 1089 10.24 104.67 39.67
C TYR B 1089 9.39 105.87 39.32
N PHE B 1090 8.87 106.55 40.34
CA PHE B 1090 8.08 107.76 40.16
C PHE B 1090 8.37 108.73 41.29
N GLU B 1091 7.98 109.99 41.11
CA GLU B 1091 8.32 111.02 42.08
C GLU B 1091 7.08 111.76 42.55
N PHE B 1092 7.19 112.41 43.70
CA PHE B 1092 6.10 113.15 44.32
C PHE B 1092 6.68 114.36 45.03
N GLU B 1093 5.89 115.43 45.11
CA GLU B 1093 6.30 116.67 45.76
C GLU B 1093 5.16 117.16 46.64
N ALA B 1094 5.49 117.64 47.84
CA ALA B 1094 4.51 118.09 48.81
C ALA B 1094 4.69 119.59 49.02
N VAL B 1095 3.72 120.38 48.56
CA VAL B 1095 3.79 121.82 48.81
C VAL B 1095 3.57 122.11 50.29
N THR B 1096 2.64 121.39 50.92
CA THR B 1096 2.38 121.49 52.35
C THR B 1096 2.84 120.20 53.01
N THR B 1097 3.41 120.33 54.21
CA THR B 1097 3.98 119.19 54.94
C THR B 1097 3.06 118.71 56.06
N GLY B 1098 1.76 118.92 55.93
CA GLY B 1098 0.83 118.60 56.99
C GLY B 1098 0.66 117.11 57.25
N GLU B 1099 0.01 116.39 56.33
CA GLU B 1099 -0.23 114.96 56.52
C GLU B 1099 -0.57 114.34 55.17
N MET B 1100 0.26 113.41 54.73
CA MET B 1100 0.03 112.70 53.48
C MET B 1100 0.91 111.46 53.42
N ARG B 1101 0.53 110.52 52.57
CA ARG B 1101 1.20 109.23 52.47
C ARG B 1101 1.42 108.88 51.01
N VAL B 1102 2.53 108.18 50.72
CA VAL B 1102 2.90 107.85 49.34
C VAL B 1102 3.36 106.40 49.29
N GLY B 1103 2.97 105.67 48.25
CA GLY B 1103 3.48 104.32 48.10
C GLY B 1103 2.85 103.56 46.96
N TRP B 1104 2.89 102.24 47.09
CA TRP B 1104 2.31 101.31 46.13
C TRP B 1104 1.22 100.50 46.80
N ALA B 1105 0.37 99.87 45.99
CA ALA B 1105 -0.74 99.10 46.51
C ALA B 1105 -1.06 97.95 45.55
N ARG B 1106 -1.81 96.98 46.07
CA ARG B 1106 -2.34 95.91 45.24
C ARG B 1106 -3.47 96.45 44.36
N PRO B 1107 -3.75 95.77 43.25
CA PRO B 1107 -4.90 96.22 42.42
C PRO B 1107 -6.21 96.19 43.18
N GLU B 1108 -6.40 95.24 44.09
CA GLU B 1108 -7.62 95.13 44.86
C GLU B 1108 -7.48 95.98 46.12
N LEU B 1109 -7.67 97.29 45.95
CA LEU B 1109 -7.60 98.24 47.03
C LEU B 1109 -8.98 98.87 47.24
N ARG B 1110 -9.42 98.95 48.48
CA ARG B 1110 -10.75 99.46 48.75
C ARG B 1110 -10.70 100.82 49.44
N PRO B 1111 -11.70 101.67 49.23
CA PRO B 1111 -11.74 102.96 49.92
C PRO B 1111 -12.15 102.82 51.38
N ASP B 1112 -12.42 103.95 52.03
CA ASP B 1112 -12.91 104.08 53.40
C ASP B 1112 -12.03 103.37 54.44
N VAL B 1113 -10.80 103.00 54.06
CA VAL B 1113 -9.86 102.41 54.99
C VAL B 1113 -8.54 103.17 54.90
N GLU B 1114 -7.94 103.40 56.06
CA GLU B 1114 -6.67 104.11 56.09
C GLU B 1114 -5.59 103.31 55.38
N LEU B 1115 -4.75 104.01 54.61
CA LEU B 1115 -3.70 103.35 53.86
C LEU B 1115 -2.71 102.69 54.80
N GLY B 1116 -2.49 101.39 54.62
CA GLY B 1116 -1.58 100.65 55.46
C GLY B 1116 -2.22 99.91 56.60
N ALA B 1117 -3.49 100.20 56.92
CA ALA B 1117 -4.16 99.46 57.98
C ALA B 1117 -4.31 97.99 57.64
N ASP B 1118 -4.63 97.68 56.39
CA ASP B 1118 -4.69 96.31 55.91
C ASP B 1118 -3.34 95.93 55.29
N GLU B 1119 -3.30 94.75 54.67
CA GLU B 1119 -2.09 94.25 54.04
C GLU B 1119 -2.04 94.54 52.55
N LEU B 1120 -2.99 95.30 52.01
CA LEU B 1120 -3.10 95.46 50.57
C LEU B 1120 -2.18 96.55 50.01
N ALA B 1121 -1.56 97.36 50.86
CA ALA B 1121 -0.76 98.47 50.39
C ALA B 1121 0.54 98.58 51.19
N TYR B 1122 1.58 99.05 50.52
CA TYR B 1122 2.84 99.42 51.14
C TYR B 1122 3.03 100.92 50.96
N VAL B 1123 2.88 101.68 52.05
CA VAL B 1123 2.87 103.14 51.99
C VAL B 1123 3.79 103.67 53.07
N PHE B 1124 4.20 104.93 52.90
CA PHE B 1124 5.12 105.59 53.83
C PHE B 1124 4.58 106.98 54.13
N ASN B 1125 4.78 107.40 55.38
CA ASN B 1125 4.37 108.72 55.86
C ASN B 1125 5.59 109.46 56.39
N GLY B 1126 5.72 110.72 55.99
CA GLY B 1126 6.87 111.52 56.37
C GLY B 1126 6.66 112.35 57.61
N HIS B 1127 5.41 112.70 57.92
CA HIS B 1127 5.14 113.53 59.09
C HIS B 1127 5.71 112.90 60.36
N ARG B 1128 5.50 111.61 60.55
CA ARG B 1128 6.13 110.88 61.64
C ARG B 1128 7.22 109.94 61.18
N GLY B 1129 7.42 109.80 59.87
CA GLY B 1129 8.53 109.04 59.34
C GLY B 1129 8.45 107.55 59.58
N GLN B 1130 7.52 106.87 58.91
CA GLN B 1130 7.41 105.43 59.10
C GLN B 1130 6.76 104.78 57.88
N ARG B 1131 7.06 103.51 57.68
CA ARG B 1131 6.34 102.65 56.75
C ARG B 1131 5.10 102.09 57.42
N TRP B 1132 4.16 101.63 56.62
CA TRP B 1132 2.83 101.29 57.13
C TRP B 1132 2.36 99.93 56.60
N HIS B 1133 3.20 98.91 56.73
CA HIS B 1133 2.78 97.54 56.40
C HIS B 1133 2.31 96.85 57.67
N LEU B 1134 0.99 96.85 57.87
CA LEU B 1134 0.35 96.16 58.99
C LEU B 1134 0.92 96.59 60.34
N GLY B 1135 1.21 97.87 60.50
CA GLY B 1135 1.75 98.37 61.74
C GLY B 1135 2.52 99.66 61.51
N SER B 1136 3.44 99.93 62.43
CA SER B 1136 4.25 101.14 62.40
C SER B 1136 5.71 100.77 62.62
N GLU B 1137 6.56 101.06 61.64
CA GLU B 1137 8.01 100.89 61.75
C GLU B 1137 8.68 102.22 61.46
N PRO B 1138 9.21 102.92 62.46
CA PRO B 1138 9.71 104.28 62.23
C PRO B 1138 11.11 104.32 61.63
N PHE B 1139 11.31 105.21 60.66
CA PHE B 1139 12.62 105.44 60.08
C PHE B 1139 12.59 106.76 59.32
N GLY B 1140 13.77 107.30 59.06
CA GLY B 1140 13.87 108.50 58.25
C GLY B 1140 13.55 109.76 59.03
N ARG B 1141 13.41 110.85 58.28
CA ARG B 1141 13.19 112.17 58.84
C ARG B 1141 12.02 112.85 58.16
N PRO B 1142 11.31 113.72 58.88
CA PRO B 1142 10.19 114.44 58.26
C PRO B 1142 10.65 115.37 57.17
N TRP B 1143 9.79 115.59 56.17
CA TRP B 1143 10.09 116.48 55.08
C TRP B 1143 9.53 117.89 55.37
N GLN B 1144 9.73 118.78 54.42
CA GLN B 1144 9.31 120.18 54.55
C GLN B 1144 8.79 120.62 53.18
N SER B 1145 8.66 121.93 52.99
CA SER B 1145 8.28 122.47 51.69
C SER B 1145 9.29 122.05 50.64
N GLY B 1146 8.81 121.78 49.43
CA GLY B 1146 9.64 121.13 48.44
C GLY B 1146 9.90 119.69 48.88
N ASP B 1147 11.17 119.29 48.92
CA ASP B 1147 11.58 118.00 49.46
C ASP B 1147 10.88 116.85 48.74
N VAL B 1148 11.20 116.74 47.45
CA VAL B 1148 10.58 115.70 46.63
C VAL B 1148 11.00 114.31 47.13
N VAL B 1149 10.07 113.37 47.00
CA VAL B 1149 10.28 111.99 47.44
C VAL B 1149 10.02 111.07 46.26
N GLY B 1150 10.95 110.13 46.03
CA GLY B 1150 10.85 109.19 44.94
C GLY B 1150 10.67 107.76 45.46
N CYS B 1151 9.80 107.02 44.77
CA CYS B 1151 9.53 105.63 45.11
C CYS B 1151 9.92 104.75 43.93
N MET B 1152 10.65 103.68 44.20
CA MET B 1152 11.20 102.82 43.17
C MET B 1152 11.10 101.36 43.60
N ILE B 1153 10.60 100.51 42.70
CA ILE B 1153 10.41 99.10 43.00
C ILE B 1153 10.84 98.26 41.80
N ASP B 1154 11.43 97.10 42.10
CA ASP B 1154 11.73 96.09 41.10
C ASP B 1154 11.33 94.73 41.62
N LEU B 1155 10.84 93.87 40.72
CA LEU B 1155 10.28 92.59 41.10
C LEU B 1155 11.25 91.42 40.92
N THR B 1156 12.53 91.69 40.64
CA THR B 1156 13.49 90.60 40.54
C THR B 1156 14.09 90.24 41.90
N GLU B 1157 14.65 91.23 42.60
CA GLU B 1157 15.17 91.02 43.94
C GLU B 1157 14.13 91.25 45.02
N ASN B 1158 12.92 91.68 44.65
CA ASN B 1158 11.81 91.83 45.59
C ASN B 1158 12.13 92.85 46.68
N THR B 1159 12.47 94.07 46.28
CA THR B 1159 12.79 95.14 47.21
C THR B 1159 12.07 96.41 46.80
N ILE B 1160 11.83 97.29 47.78
CA ILE B 1160 11.14 98.56 47.57
C ILE B 1160 11.99 99.64 48.23
N ILE B 1161 12.29 100.71 47.50
CA ILE B 1161 13.21 101.74 47.96
C ILE B 1161 12.56 103.11 47.85
N PHE B 1162 12.61 103.87 48.94
CA PHE B 1162 12.15 105.25 48.99
C PHE B 1162 13.34 106.17 49.21
N THR B 1163 13.35 107.31 48.53
CA THR B 1163 14.43 108.27 48.60
C THR B 1163 13.86 109.67 48.70
N LEU B 1164 14.64 110.58 49.30
CA LEU B 1164 14.25 111.99 49.33
C LEU B 1164 15.48 112.83 49.07
N ASN B 1165 15.29 113.95 48.36
CA ASN B 1165 16.35 114.93 48.11
C ASN B 1165 17.61 114.29 47.57
N GLY B 1166 17.46 113.21 46.80
CA GLY B 1166 18.62 112.49 46.31
C GLY B 1166 19.33 111.64 47.33
N GLU B 1167 18.73 111.43 48.50
CA GLU B 1167 19.33 110.64 49.56
C GLU B 1167 18.45 109.42 49.85
N VAL B 1168 19.07 108.25 49.89
CA VAL B 1168 18.33 107.02 50.17
C VAL B 1168 17.99 106.95 51.64
N LEU B 1169 16.73 106.65 51.96
CA LEU B 1169 16.32 106.46 53.34
C LEU B 1169 17.06 105.29 53.97
N MET B 1170 17.51 105.47 55.20
CA MET B 1170 18.19 104.43 55.95
C MET B 1170 17.35 104.05 57.16
N SER B 1171 17.09 102.75 57.30
CA SER B 1171 16.31 102.29 58.45
C SER B 1171 17.16 102.32 59.72
N ASP B 1172 16.49 102.21 60.86
CA ASP B 1172 17.17 102.27 62.14
C ASP B 1172 18.09 101.08 62.36
N SER B 1173 17.86 99.97 61.68
CA SER B 1173 18.66 98.77 61.84
C SER B 1173 19.79 98.67 60.81
N GLY B 1174 19.99 99.69 59.99
CA GLY B 1174 21.04 99.69 59.00
C GLY B 1174 20.62 99.23 57.62
N SER B 1175 19.44 98.65 57.46
CA SER B 1175 18.95 98.26 56.15
C SER B 1175 18.48 99.49 55.37
N GLU B 1176 18.44 99.33 54.05
CA GLU B 1176 18.02 100.42 53.17
C GLU B 1176 16.50 100.46 53.03
N THR B 1177 15.80 100.43 54.16
CA THR B 1177 14.33 100.47 54.26
C THR B 1177 13.67 99.71 53.11
N ALA B 1178 14.17 98.51 52.86
CA ALA B 1178 13.71 97.69 51.74
C ALA B 1178 12.87 96.54 52.28
N PHE B 1179 11.60 96.50 51.86
CA PHE B 1179 10.77 95.34 52.15
C PHE B 1179 11.33 94.13 51.42
N ARG B 1180 11.44 93.01 52.15
CA ARG B 1180 12.08 91.81 51.62
C ARG B 1180 11.06 90.70 51.47
N GLU B 1181 11.37 89.78 50.56
CA GLU B 1181 10.51 88.63 50.27
C GLU B 1181 9.09 89.07 49.91
N ILE B 1182 9.01 90.08 49.05
CA ILE B 1182 7.72 90.59 48.63
C ILE B 1182 7.09 89.60 47.65
N GLU B 1183 5.77 89.67 47.54
CA GLU B 1183 5.01 88.77 46.68
C GLU B 1183 4.52 89.52 45.44
N ILE B 1184 4.76 88.92 44.27
CA ILE B 1184 4.33 89.53 43.01
C ILE B 1184 2.81 89.65 42.97
N GLY B 1185 2.11 88.54 43.24
CA GLY B 1185 0.66 88.58 43.31
C GLY B 1185 0.06 89.06 42.00
N ASP B 1186 -0.95 89.92 42.11
CA ASP B 1186 -1.59 90.49 40.93
C ASP B 1186 -0.72 91.56 40.28
N GLY B 1187 -0.08 92.40 41.08
CA GLY B 1187 0.74 93.48 40.56
C GLY B 1187 0.76 94.64 41.54
N PHE B 1188 1.34 95.75 41.09
CA PHE B 1188 1.46 96.94 41.90
C PHE B 1188 1.19 98.17 41.04
N LEU B 1189 0.66 99.20 41.69
CA LEU B 1189 0.34 100.46 41.02
C LEU B 1189 0.54 101.60 42.01
N PRO B 1190 0.93 102.78 41.53
CA PRO B 1190 1.17 103.91 42.45
C PRO B 1190 -0.11 104.39 43.12
N VAL B 1191 0.06 104.87 44.36
CA VAL B 1191 -1.06 105.34 45.17
C VAL B 1191 -0.54 106.41 46.13
N CYS B 1192 -1.37 107.43 46.37
CA CYS B 1192 -1.07 108.47 47.34
C CYS B 1192 -2.34 108.81 48.11
N SER B 1193 -2.15 109.34 49.31
CA SER B 1193 -3.25 109.72 50.19
C SER B 1193 -2.99 111.11 50.74
N LEU B 1194 -4.03 111.95 50.68
CA LEU B 1194 -3.95 113.34 51.12
C LEU B 1194 -4.96 113.59 52.22
N GLY B 1195 -4.52 114.31 53.26
CA GLY B 1195 -5.40 114.71 54.33
C GLY B 1195 -6.02 116.07 54.08
N PRO B 1196 -6.62 116.65 55.11
CA PRO B 1196 -7.26 117.97 54.93
C PRO B 1196 -6.23 119.07 54.72
N GLY B 1197 -6.48 119.91 53.73
CA GLY B 1197 -5.64 121.06 53.47
C GLY B 1197 -4.21 120.74 53.10
N GLN B 1198 -4.00 119.77 52.21
CA GLN B 1198 -2.66 119.40 51.77
C GLN B 1198 -2.59 119.45 50.25
N VAL B 1199 -1.44 119.87 49.73
CA VAL B 1199 -1.23 120.06 48.29
C VAL B 1199 -0.08 119.17 47.84
N GLY B 1200 -0.33 118.36 46.83
CA GLY B 1200 0.67 117.46 46.30
C GLY B 1200 0.74 117.50 44.80
N HIS B 1201 1.89 117.10 44.27
CA HIS B 1201 2.13 117.00 42.83
C HIS B 1201 2.81 115.66 42.55
N LEU B 1202 2.12 114.79 41.82
CA LEU B 1202 2.61 113.45 41.54
C LEU B 1202 3.07 113.38 40.09
N ASN B 1203 4.30 112.93 39.87
CA ASN B 1203 4.87 112.84 38.53
C ASN B 1203 5.23 111.38 38.24
N LEU B 1204 4.64 110.84 37.18
CA LEU B 1204 4.89 109.49 36.73
C LEU B 1204 6.00 109.42 35.68
N GLY B 1205 6.70 110.53 35.46
CA GLY B 1205 7.76 110.57 34.47
C GLY B 1205 7.27 110.45 33.04
N GLN B 1206 6.18 111.16 32.72
CA GLN B 1206 5.67 111.16 31.35
C GLN B 1206 6.73 111.66 30.38
N ASP B 1207 7.43 112.74 30.74
CA ASP B 1207 8.57 113.24 29.99
C ASP B 1207 9.81 113.18 30.86
N VAL B 1208 10.91 112.69 30.29
CA VAL B 1208 12.13 112.47 31.07
C VAL B 1208 12.70 113.78 31.58
N SER B 1209 12.64 114.84 30.78
CA SER B 1209 13.22 116.12 31.17
C SER B 1209 12.55 116.73 32.38
N SER B 1210 11.27 116.42 32.63
CA SER B 1210 10.58 117.00 33.77
C SER B 1210 11.01 116.39 35.09
N LEU B 1211 11.68 115.24 35.06
CA LEU B 1211 12.18 114.64 36.29
C LEU B 1211 13.22 115.56 36.92
N ARG B 1212 13.08 115.80 38.23
CA ARG B 1212 13.90 116.83 38.86
C ARG B 1212 15.33 116.34 39.10
N PHE B 1213 15.50 115.26 39.86
CA PHE B 1213 16.85 114.81 40.20
C PHE B 1213 17.33 113.73 39.23
N PHE B 1214 16.67 112.57 39.24
CA PHE B 1214 16.92 111.48 38.29
C PHE B 1214 18.36 110.96 38.34
N ALA B 1215 19.17 111.46 39.28
CA ALA B 1215 20.58 111.09 39.34
C ALA B 1215 20.86 109.93 40.27
N ILE B 1216 19.90 109.53 41.11
CA ILE B 1216 20.15 108.49 42.10
C ILE B 1216 19.77 107.12 41.55
N CYS B 1217 18.82 107.07 40.62
CA CYS B 1217 18.34 105.79 40.12
C CYS B 1217 18.22 105.71 38.60
N GLY B 1218 18.49 106.80 37.88
CA GLY B 1218 18.31 106.79 36.44
C GLY B 1218 19.59 106.67 35.64
N LEU B 1219 20.73 106.85 36.30
CA LEU B 1219 22.00 106.85 35.59
C LEU B 1219 22.53 105.44 35.34
N GLN B 1220 22.79 104.70 36.41
CA GLN B 1220 23.42 103.39 36.31
C GLN B 1220 22.57 102.28 36.90
N GLU B 1221 21.39 102.59 37.43
CA GLU B 1221 20.55 101.57 38.06
C GLU B 1221 19.57 100.91 37.10
N GLY B 1222 19.29 101.53 35.95
CA GLY B 1222 18.41 100.96 34.97
C GLY B 1222 16.94 101.19 35.22
N PHE B 1223 16.58 101.82 36.33
CA PHE B 1223 15.19 102.10 36.63
C PHE B 1223 14.64 103.17 35.69
N GLU B 1224 13.39 103.01 35.29
CA GLU B 1224 12.75 103.86 34.31
C GLU B 1224 11.44 104.39 34.87
N PRO B 1225 10.99 105.55 34.38
CA PRO B 1225 9.72 106.10 34.86
C PRO B 1225 8.55 105.20 34.52
N PHE B 1226 7.51 105.31 35.35
CA PHE B 1226 6.34 104.44 35.20
C PHE B 1226 5.67 104.64 33.85
N ALA B 1227 5.48 105.88 33.42
CA ALA B 1227 4.82 106.20 32.16
C ALA B 1227 5.87 106.77 31.21
N ILE B 1228 6.55 105.87 30.51
CA ILE B 1228 7.64 106.26 29.62
C ILE B 1228 7.23 106.27 28.15
N ASN B 1229 6.31 105.40 27.73
CA ASN B 1229 5.90 105.29 26.34
C ASN B 1229 4.38 105.42 26.22
N MET B 1230 3.81 106.41 26.89
CA MET B 1230 2.38 106.69 26.84
C MET B 1230 2.10 107.89 25.97
N GLN B 1231 1.13 107.74 25.07
CA GLN B 1231 0.70 108.87 24.24
C GLN B 1231 -0.19 109.83 25.02
N ARG B 1232 -0.91 109.34 26.02
CA ARG B 1232 -1.80 110.14 26.83
C ARG B 1232 -1.56 109.85 28.30
N PRO B 1233 -1.85 110.82 29.18
CA PRO B 1233 -1.57 110.64 30.61
C PRO B 1233 -2.46 109.58 31.24
N VAL B 1234 -2.15 109.28 32.50
CA VAL B 1234 -2.88 108.27 33.26
C VAL B 1234 -4.11 108.92 33.89
N THR B 1235 -5.21 108.15 33.95
CA THR B 1235 -6.49 108.69 34.40
C THR B 1235 -6.49 109.08 35.87
N THR B 1236 -5.70 108.39 36.71
CA THR B 1236 -5.52 108.74 38.13
C THR B 1236 -6.86 108.74 38.87
N TRP B 1237 -7.39 107.54 39.07
CA TRP B 1237 -8.67 107.37 39.75
C TRP B 1237 -8.57 107.87 41.18
N PHE B 1238 -9.70 108.36 41.71
CA PHE B 1238 -9.70 108.94 43.04
C PHE B 1238 -10.95 108.55 43.81
N SER B 1239 -10.86 108.62 45.14
CA SER B 1239 -11.95 108.21 46.00
C SER B 1239 -12.89 109.39 46.29
N LYS B 1240 -14.19 109.11 46.32
CA LYS B 1240 -15.22 110.08 46.64
C LYS B 1240 -15.96 109.64 47.90
N SER B 1241 -16.40 110.64 48.67
CA SER B 1241 -17.13 110.40 49.91
C SER B 1241 -18.64 110.50 49.75
N LEU B 1242 -19.14 110.56 48.53
CA LEU B 1242 -20.58 110.64 48.32
C LEU B 1242 -21.23 109.30 48.65
N PRO B 1243 -22.20 109.26 49.56
CA PRO B 1243 -22.80 107.97 49.96
C PRO B 1243 -23.70 107.42 48.85
N GLN B 1244 -23.67 106.11 48.67
CA GLN B 1244 -24.45 105.44 47.64
C GLN B 1244 -25.01 104.12 48.17
N PHE B 1245 -26.16 103.73 47.64
CA PHE B 1245 -26.72 102.42 47.97
C PHE B 1245 -26.03 101.32 47.16
N GLU B 1246 -25.72 100.22 47.84
CA GLU B 1246 -25.08 99.08 47.19
C GLU B 1246 -25.62 97.81 47.82
N PRO B 1247 -25.69 96.72 47.06
CA PRO B 1247 -26.18 95.46 47.64
C PRO B 1247 -25.27 94.95 48.73
N VAL B 1248 -25.87 94.30 49.73
CA VAL B 1248 -25.09 93.77 50.85
C VAL B 1248 -24.23 92.61 50.35
N PRO B 1249 -22.92 92.61 50.63
CA PRO B 1249 -22.07 91.51 50.18
C PRO B 1249 -22.49 90.20 50.81
N PRO B 1250 -22.47 89.10 50.05
CA PRO B 1250 -22.77 87.80 50.66
C PRO B 1250 -21.79 87.40 51.74
N GLU B 1251 -20.51 87.77 51.62
CA GLU B 1251 -19.49 87.44 52.60
C GLU B 1251 -19.24 88.66 53.48
N HIS B 1252 -20.08 88.83 54.49
CA HIS B 1252 -19.94 89.91 55.45
C HIS B 1252 -20.05 89.34 56.85
N PRO B 1253 -19.02 89.45 57.68
CA PRO B 1253 -19.07 88.81 59.01
C PRO B 1253 -20.15 89.37 59.93
N HIS B 1254 -20.60 90.60 59.72
CA HIS B 1254 -21.51 91.24 60.67
C HIS B 1254 -22.97 91.00 60.31
N TYR B 1255 -23.38 91.41 59.11
CA TYR B 1255 -24.78 91.36 58.71
C TYR B 1255 -24.96 90.22 57.70
N GLU B 1256 -25.95 89.36 57.95
CA GLU B 1256 -26.28 88.26 57.06
C GLU B 1256 -27.76 88.32 56.73
N VAL B 1257 -28.09 88.19 55.44
CA VAL B 1257 -29.47 88.25 54.95
C VAL B 1257 -29.87 86.85 54.51
N ALA B 1258 -30.97 86.35 55.06
CA ALA B 1258 -31.48 85.02 54.75
C ALA B 1258 -32.86 85.13 54.15
N ARG B 1259 -33.08 84.46 53.02
CA ARG B 1259 -34.39 84.45 52.38
C ARG B 1259 -35.25 83.35 52.97
N MET B 1260 -36.51 83.68 53.24
CA MET B 1260 -37.48 82.72 53.78
C MET B 1260 -38.57 82.49 52.75
N ASP B 1261 -38.85 81.22 52.47
CA ASP B 1261 -39.93 80.86 51.56
C ASP B 1261 -41.28 81.08 52.24
N GLY B 1262 -42.30 81.32 51.41
CA GLY B 1262 -43.64 81.53 51.94
C GLY B 1262 -44.26 80.23 52.41
N THR B 1263 -44.71 80.21 53.65
CA THR B 1263 -45.34 79.03 54.22
C THR B 1263 -46.83 79.03 53.87
N VAL B 1264 -47.57 78.05 54.40
CA VAL B 1264 -49.00 77.99 54.14
C VAL B 1264 -49.71 79.20 54.72
N ASP B 1265 -49.37 79.57 55.96
CA ASP B 1265 -49.99 80.71 56.63
C ASP B 1265 -49.06 81.91 56.73
N THR B 1266 -47.84 81.81 56.22
CA THR B 1266 -46.87 82.88 56.32
C THR B 1266 -46.39 83.29 54.93
N PRO B 1267 -46.51 84.57 54.57
CA PRO B 1267 -46.03 85.02 53.26
C PRO B 1267 -44.51 85.05 53.24
N PRO B 1268 -43.90 85.06 52.04
CA PRO B 1268 -42.44 85.16 51.97
C PRO B 1268 -41.95 86.46 52.60
N CYS B 1269 -40.81 86.36 53.29
CA CYS B 1269 -40.28 87.48 54.05
C CYS B 1269 -38.75 87.45 54.00
N LEU B 1270 -38.15 88.61 54.28
CA LEU B 1270 -36.70 88.78 54.31
C LEU B 1270 -36.29 89.12 55.73
N ARG B 1271 -35.34 88.36 56.28
CA ARG B 1271 -34.90 88.51 57.66
C ARG B 1271 -33.44 88.92 57.71
N LEU B 1272 -33.13 89.91 58.52
CA LEU B 1272 -31.77 90.36 58.76
C LEU B 1272 -31.35 89.96 60.17
N ALA B 1273 -30.20 89.30 60.27
CA ALA B 1273 -29.68 88.82 61.55
C ALA B 1273 -28.27 89.34 61.76
N HIS B 1274 -28.02 89.89 62.95
CA HIS B 1274 -26.70 90.39 63.33
C HIS B 1274 -26.07 89.40 64.29
N ARG B 1275 -24.87 88.94 63.97
CA ARG B 1275 -24.17 87.96 64.79
C ARG B 1275 -22.82 88.48 65.27
N UNK B 1276 -22.77 88.91 66.53
CA UNK B 1276 -21.53 89.44 67.09
C UNK B 1276 -21.56 89.40 68.62
N UNK B 1277 -20.50 88.85 69.21
CA UNK B 1277 -20.35 88.80 70.65
C UNK B 1277 -20.08 90.20 71.20
N UNK B 1278 -19.19 90.91 70.52
CA UNK B 1278 -18.89 92.29 70.85
C UNK B 1278 -18.88 93.13 69.58
N UNK B 1279 -17.72 93.18 68.92
CA UNK B 1279 -17.57 93.86 67.64
C UNK B 1279 -18.02 95.32 67.69
N UNK B 1280 -18.85 95.70 66.72
CA UNK B 1280 -19.32 97.07 66.63
C UNK B 1280 -20.85 97.13 66.57
N UNK B 1281 -21.42 98.23 67.03
CA UNK B 1281 -22.86 98.41 67.02
C UNK B 1281 -23.23 99.69 66.26
N UNK B 1282 -22.60 99.88 65.11
CA UNK B 1282 -22.86 101.05 64.28
C UNK B 1282 -24.27 101.01 63.71
N UNK B 1283 -24.88 102.18 63.54
CA UNK B 1283 -26.23 102.27 63.01
C UNK B 1283 -26.28 101.94 61.53
N UNK B 1284 -26.81 100.76 61.20
CA UNK B 1284 -26.96 100.34 59.81
C UNK B 1284 -27.96 101.25 59.10
N UNK B 1285 -27.46 102.39 58.60
CA UNK B 1285 -28.32 103.39 57.98
C UNK B 1285 -29.04 102.84 56.76
N UNK B 1286 -30.38 102.87 56.83
CA UNK B 1286 -31.25 102.45 55.74
C UNK B 1286 -31.12 100.98 55.38
N UNK B 1287 -32.06 100.52 54.56
CA UNK B 1287 -32.07 99.14 54.08
C UNK B 1287 -33.06 99.05 52.92
N UNK B 1288 -32.92 99.96 51.97
CA UNK B 1288 -33.85 100.06 50.84
C UNK B 1288 -33.86 98.79 50.00
N UNK B 1289 -35.01 98.49 49.43
CA UNK B 1289 -35.15 97.34 48.55
C UNK B 1289 -34.56 97.66 47.18
N UNK B 1290 -34.41 96.64 46.34
CA UNK B 1290 -33.77 96.80 45.05
C UNK B 1290 -34.61 97.64 44.09
N UNK B 1291 -35.78 97.13 43.73
CA UNK B 1291 -36.66 97.81 42.76
C UNK B 1291 -37.31 99.05 43.36
N UNK B 1292 -37.96 99.83 42.51
CA UNK B 1292 -38.61 101.07 42.94
C UNK B 1292 -40.05 101.13 42.44
N UNK B 1293 -40.88 101.91 43.14
CA UNK B 1293 -42.29 102.06 42.77
C UNK B 1293 -42.57 103.48 42.30
N UNK B 1294 -43.43 103.60 41.29
CA UNK B 1294 -43.76 104.91 40.73
C UNK B 1294 -45.26 105.13 40.65
N UNK B 1295 -45.68 106.37 40.86
CA UNK B 1295 -47.10 106.72 40.82
C UNK B 1295 -47.54 107.00 39.38
N UNK B 1296 -48.85 106.90 39.15
CA UNK B 1296 -49.41 107.12 37.82
C UNK B 1296 -49.30 108.59 37.42
N UNK B 1297 -49.43 108.85 36.13
CA UNK B 1297 -49.33 110.22 35.61
C UNK B 1297 -50.59 111.02 35.95
N UNK B 1298 -57.06 112.49 39.62
CA UNK B 1298 -56.63 111.61 38.54
C UNK B 1298 -55.39 110.82 38.95
N UNK B 1299 -54.59 111.40 39.84
CA UNK B 1299 -53.39 110.75 40.33
C UNK B 1299 -53.72 109.71 41.38
N UNK B 1300 -54.68 110.04 42.24
CA UNK B 1300 -55.12 109.17 43.34
C UNK B 1300 -53.94 108.77 44.24
N UNK B 1301 -53.01 109.70 44.41
CA UNK B 1301 -51.82 109.45 45.21
C UNK B 1301 -52.01 109.94 46.64
N UNK B 1302 -51.79 109.04 47.60
CA UNK B 1302 -51.92 109.37 49.02
C UNK B 1302 -51.30 108.30 49.88
N UNK B 1303 -50.24 108.64 50.60
CA UNK B 1303 -49.59 107.70 51.50
C UNK B 1303 -50.35 107.64 52.82
N UNK B 1304 -50.26 106.50 53.50
CA UNK B 1304 -50.96 106.31 54.76
C UNK B 1304 -50.33 105.18 55.58
N UNK B 1305 -49.76 105.54 56.73
CA UNK B 1305 -49.16 104.56 57.61
C UNK B 1305 -50.23 103.91 58.49
N UNK B 1306 -50.16 102.59 58.64
CA UNK B 1306 -51.12 101.86 59.46
C UNK B 1306 -50.41 100.80 60.29
N UNK B 1307 -50.80 100.68 61.55
CA UNK B 1307 -50.21 99.70 62.45
C UNK B 1307 -51.25 99.17 63.43
N UNK B 1308 -51.31 97.85 63.55
CA UNK B 1308 -52.26 97.17 64.44
C UNK B 1308 -53.70 97.56 64.11
N UNK B 1309 -54.12 98.73 64.57
CA UNK B 1309 -55.46 99.23 64.31
C UNK B 1309 -55.45 100.31 63.23
N UNK B 1310 -55.10 101.54 63.63
CA UNK B 1310 -55.01 102.65 62.70
C UNK B 1310 -54.06 103.72 63.25
N UNK B 1311 -53.56 104.58 62.37
CA UNK B 1311 -52.64 105.62 62.77
C UNK B 1311 -52.96 106.94 62.09
N UNK B 1312 -52.45 108.03 62.65
CA UNK B 1312 -52.70 109.36 62.10
C UNK B 1312 -51.38 110.10 61.88
N UNK B 1313 -50.67 109.72 60.82
CA UNK B 1313 -49.40 110.35 60.49
C UNK B 1313 -49.53 111.21 59.25
N UNK B 1314 -50.77 111.55 58.89
CA UNK B 1314 -51.07 112.38 57.73
C UNK B 1314 -50.53 111.80 56.44
N UNK B 1315 -49.21 111.95 56.23
CA UNK B 1315 -48.55 111.49 55.01
C UNK B 1315 -49.17 112.15 53.78
N UNK B 1316 -48.68 113.34 53.44
CA UNK B 1316 -49.24 114.12 52.35
C UNK B 1316 -49.08 113.43 51.00
N UNK B 1317 -49.82 113.92 50.02
CA UNK B 1317 -49.77 113.36 48.67
C UNK B 1317 -48.50 113.79 47.95
N UNK B 1318 -47.97 112.91 47.11
CA UNK B 1318 -46.77 113.20 46.34
C UNK B 1318 -47.15 113.90 45.03
N UNK B 1319 -46.19 114.02 44.13
CA UNK B 1319 -46.43 114.67 42.84
C UNK B 1319 -47.11 113.70 41.87
N UNK B 1320 -46.78 113.84 40.58
CA UNK B 1320 -47.37 112.99 39.56
C UNK B 1320 -46.49 111.77 39.27
N UNK B 1321 -45.34 112.00 38.64
CA UNK B 1321 -44.44 110.91 38.28
C UNK B 1321 -43.39 110.67 39.36
N UNK B 1322 -43.78 110.88 40.62
CA UNK B 1322 -42.88 110.70 41.74
C UNK B 1322 -42.56 109.22 41.95
N UNK B 1323 -41.28 108.91 42.15
CA UNK B 1323 -40.84 107.53 42.37
C UNK B 1323 -40.36 107.34 43.81
N UNK B 1324 -40.83 106.26 44.43
CA UNK B 1324 -40.45 105.96 45.82
C UNK B 1324 -40.10 104.50 45.97
N UNK B 1325 -39.16 104.20 46.87
CA UNK B 1325 -38.74 102.83 47.10
C UNK B 1325 -38.90 102.44 48.58
N UNK B 1326 -39.23 101.18 48.83
CA UNK B 1326 -39.40 100.69 50.19
C UNK B 1326 -38.09 100.72 50.95
N UNK B 1327 -38.13 101.16 52.20
CA UNK B 1327 -36.92 101.28 53.01
C UNK B 1327 -37.21 101.15 54.50
N UNK B 1328 -36.15 101.09 55.31
CA UNK B 1328 -36.27 100.98 56.76
C UNK B 1328 -34.93 101.25 57.43
N UNK B 1329 -34.80 102.43 58.03
CA UNK B 1329 -33.56 102.82 58.70
C UNK B 1329 -33.62 102.50 60.19
N UNK B 1330 -32.96 101.42 60.61
CA UNK B 1330 -33.02 100.99 62.00
C UNK B 1330 -31.62 100.81 62.60
N UNK B 1331 -31.59 100.53 63.90
CA UNK B 1331 -30.33 100.29 64.61
C UNK B 1331 -30.36 98.93 65.30
N UNK B 1332 -29.19 98.30 65.40
CA UNK B 1332 -29.08 96.97 65.96
C UNK B 1332 -29.26 96.97 67.48
N UNK B 1333 -29.79 95.86 68.01
CA UNK B 1333 -29.98 95.72 69.44
C UNK B 1333 -29.18 94.53 69.96
N UNK B 1334 -28.09 94.21 69.27
CA UNK B 1334 -27.20 93.11 69.64
C UNK B 1334 -27.94 91.79 69.74
N UNK B 1335 -28.98 91.62 68.93
CA UNK B 1335 -29.78 90.40 68.93
C UNK B 1335 -30.21 90.04 67.51
N UNK B 1336 -31.49 90.29 67.21
CA UNK B 1336 -32.03 90.03 65.88
C UNK B 1336 -32.69 91.29 65.34
N UNK B 1337 -32.34 91.66 64.11
CA UNK B 1337 -32.86 92.88 63.51
C UNK B 1337 -34.29 92.69 62.99
N UNK B 1338 -34.78 93.70 62.27
CA UNK B 1338 -36.13 93.68 61.73
C UNK B 1338 -36.24 92.68 60.58
N UNK B 1339 -37.46 92.21 60.33
CA UNK B 1339 -37.70 91.27 59.25
C UNK B 1339 -38.81 91.76 58.33
N UNK B 1340 -38.43 92.26 57.16
CA UNK B 1340 -39.39 92.76 56.18
C UNK B 1340 -40.23 91.62 55.61
N UNK B 1341 -41.53 91.82 55.52
CA UNK B 1341 -42.43 90.80 55.01
C UNK B 1341 -43.39 91.38 53.97
N UNK B 1342 -43.52 90.68 52.85
CA UNK B 1342 -44.40 91.12 51.77
C UNK B 1342 -45.70 90.32 51.77
N UNK B 1343 -46.82 91.01 51.99
CA UNK B 1343 -48.12 90.35 52.04
C UNK B 1343 -49.22 91.26 51.50
N UNK B 1344 -50.47 90.86 51.73
CA UNK B 1344 -51.62 91.62 51.27
C UNK B 1344 -52.74 91.61 52.31
N UNK B 1345 -53.59 92.64 52.26
CA UNK B 1345 -54.72 92.73 53.17
C UNK B 1345 -55.98 92.17 52.54
N UNK B 1346 -57.13 92.74 52.89
CA UNK B 1346 -58.40 92.30 52.34
C UNK B 1346 -58.49 92.63 50.85
N UNK B 1347 -58.03 93.82 50.49
CA UNK B 1347 -58.02 94.25 49.10
C UNK B 1347 -57.05 95.40 48.90
N UNK B 1348 -55.88 95.31 49.55
CA UNK B 1348 -54.88 96.36 49.47
C UNK B 1348 -53.46 95.79 49.55
N UNK B 1349 -52.47 96.63 49.28
CA UNK B 1349 -51.07 96.21 49.31
C UNK B 1349 -50.31 96.94 50.42
N UNK B 1350 -49.45 96.21 51.13
CA UNK B 1350 -48.65 96.78 52.20
C UNK B 1350 -47.42 95.94 52.50
N UNK B 1351 -46.43 96.56 53.12
CA UNK B 1351 -45.21 95.86 53.52
C UNK B 1351 -45.12 95.79 55.04
N UNK B 1352 -45.06 94.57 55.57
CA UNK B 1352 -45.03 94.37 57.02
C UNK B 1352 -43.60 94.25 57.54
N UNK B 1353 -43.45 94.40 58.85
CA UNK B 1353 -42.14 94.28 59.49
C UNK B 1353 -42.33 93.94 60.97
N UNK B 1354 -41.29 93.42 61.60
CA UNK B 1354 -41.35 93.04 63.01
C UNK B 1354 -40.10 93.50 63.75
N UNK B 1355 -40.26 94.50 64.61
CA UNK B 1355 -39.14 95.06 65.35
C UNK B 1355 -38.98 94.39 66.72
N UNK B 1356 -38.01 94.86 67.50
CA UNK B 1356 -37.75 94.30 68.82
C UNK B 1356 -37.04 95.33 69.71
N UNK B 1357 -37.25 96.61 69.42
CA UNK B 1357 -36.67 97.69 70.20
C UNK B 1357 -37.63 98.86 70.33
N UNK B 1358 -37.09 100.05 70.53
CA UNK B 1358 -37.91 101.25 70.69
C UNK B 1358 -37.74 102.21 69.53
N UNK B 1359 -36.51 102.67 69.33
CA UNK B 1359 -36.20 103.63 68.27
C UNK B 1359 -35.72 102.94 67.00
N UNK B 1360 -36.60 102.83 66.02
CA UNK B 1360 -36.28 102.20 64.74
C UNK B 1360 -37.29 102.59 63.67
N UNK B 1361 -37.11 103.78 63.09
CA UNK B 1361 -38.02 104.29 62.06
C UNK B 1361 -38.02 103.38 60.83
N UNK B 1362 -39.14 103.33 60.13
CA UNK B 1362 -39.27 102.47 58.96
C UNK B 1362 -40.42 102.87 58.04
N UNK B 1363 -40.07 103.37 56.85
CA UNK B 1363 -41.05 103.73 55.84
C UNK B 1363 -40.39 103.92 54.48
N UNK B 1364 -41.20 104.26 53.48
CA UNK B 1364 -40.70 104.43 52.12
C UNK B 1364 -39.83 105.66 51.98
N UNK B 1365 -38.85 105.61 51.07
CA UNK B 1365 -37.94 106.72 50.85
C UNK B 1365 -37.83 107.06 49.37
N UNK B 1366 -37.42 108.28 49.07
CA UNK B 1366 -37.30 108.73 47.69
C UNK B 1366 -36.09 108.10 47.01
N UNK B 1367 -35.82 108.51 45.77
CA UNK B 1367 -34.71 107.95 45.01
C UNK B 1367 -33.48 108.85 45.08
N UNK B 1368 -33.64 110.04 45.63
CA UNK B 1368 -32.54 110.99 45.76
C UNK B 1368 -32.13 111.16 47.22
N UNK B 1369 -32.39 110.13 48.03
CA UNK B 1369 -32.05 110.19 49.44
C UNK B 1369 -30.59 109.85 49.68
N UNK B 1370 -29.91 110.71 50.42
CA UNK B 1370 -28.51 110.50 50.75
C UNK B 1370 -28.21 110.99 52.16
N UNK B 1371 -26.96 111.39 52.39
CA UNK B 1371 -26.51 111.92 53.67
C UNK B 1371 -26.71 110.93 54.82
N UNK B 1372 -25.68 110.13 55.09
CA UNK B 1372 -25.72 109.18 56.20
C UNK B 1372 -25.56 109.90 57.53
N UNK B 1373 -26.70 110.21 58.16
CA UNK B 1373 -26.68 110.93 59.44
C UNK B 1373 -26.10 110.06 60.55
N UNK B 1374 -25.76 110.70 61.67
CA UNK B 1374 -25.21 109.98 62.81
C UNK B 1374 -26.32 109.47 63.72
N UNK B 1375 -27.26 110.35 64.06
CA UNK B 1375 -28.37 109.99 64.94
C UNK B 1375 -29.57 110.91 64.72
N UNK B 1376 -30.61 110.70 65.52
CA UNK B 1376 -31.83 111.51 65.49
C UNK B 1376 -32.51 111.51 64.12
N UNK B 1377 -33.37 112.49 63.91
CA UNK B 1377 -34.11 112.61 62.65
C UNK B 1377 -33.69 113.87 61.89
N UNK B 1378 -34.58 114.87 61.92
CA UNK B 1378 -34.35 116.14 61.24
C UNK B 1378 -34.10 115.95 59.74
N UNK B 1379 -35.10 115.41 59.05
CA UNK B 1379 -35.00 115.19 57.61
C UNK B 1379 -35.15 116.51 56.86
N UNK B 1380 -34.50 116.62 55.71
CA UNK B 1380 -34.55 117.84 54.92
C UNK B 1380 -35.93 118.08 54.34
N UNK B 1381 -36.34 119.34 54.28
CA UNK B 1381 -37.66 119.71 53.77
C UNK B 1381 -37.68 121.16 53.29
N UNK B 1382 -38.67 121.48 52.47
CA UNK B 1382 -38.83 122.83 51.95
C UNK B 1382 -40.25 123.05 51.44
N UNK B 1383 -40.52 124.23 50.88
CA UNK B 1383 -41.83 124.55 50.36
C UNK B 1383 -41.76 125.74 49.41
N UNK B 1384 -42.15 125.53 48.15
CA UNK B 1384 -42.15 126.59 47.15
C UNK B 1384 -43.52 127.26 47.10
N UNK B 1385 -43.63 128.43 47.73
CA UNK B 1385 -44.91 129.14 47.79
C UNK B 1385 -45.14 129.99 46.55
N UNK B 1386 -46.20 129.67 45.81
CA UNK B 1386 -46.56 130.42 44.62
C UNK B 1386 -47.85 131.20 44.86
N UNK B 1387 -48.02 132.31 44.17
CA UNK B 1387 -49.21 133.14 44.33
C UNK B 1387 -49.64 133.75 43.00
N UNK B 1388 -50.13 134.99 43.05
CA UNK B 1388 -50.57 135.69 41.85
C UNK B 1388 -50.04 137.12 41.84
N UNK B 1389 -50.85 138.04 41.31
CA UNK B 1389 -50.47 139.45 41.26
C UNK B 1389 -50.47 140.05 42.66
N UNK B 1390 -51.33 139.51 43.52
CA UNK B 1390 -51.43 139.97 44.91
C UNK B 1390 -51.30 138.79 45.86
N UNK B 1391 -51.78 138.98 47.09
CA UNK B 1391 -51.71 137.93 48.09
C UNK B 1391 -53.06 137.22 48.22
N UNK B 1392 -53.95 137.48 47.27
CA UNK B 1392 -55.27 136.86 47.26
C UNK B 1392 -55.18 135.38 46.93
N UNK B 1393 -54.67 135.08 45.74
CA UNK B 1393 -54.51 133.70 45.30
C UNK B 1393 -53.16 133.15 45.75
N UNK B 1394 -53.15 131.89 46.19
CA UNK B 1394 -51.92 131.26 46.63
C UNK B 1394 -51.85 129.81 46.16
N UNK B 1395 -50.71 129.45 45.58
CA UNK B 1395 -50.49 128.08 45.10
C UNK B 1395 -49.23 127.50 45.72
N UNK B 1396 -49.20 127.45 47.05
CA UNK B 1396 -48.05 126.92 47.77
C UNK B 1396 -48.06 125.39 47.78
N UNK B 1397 -46.91 124.79 47.54
CA UNK B 1397 -46.78 123.34 47.55
C UNK B 1397 -45.55 122.91 48.34
N UNK B 1398 -45.74 121.97 49.26
CA UNK B 1398 -44.64 121.46 50.07
C UNK B 1398 -43.67 120.67 49.19
N UNK B 1399 -42.39 120.99 49.31
CA UNK B 1399 -41.36 120.32 48.52
C UNK B 1399 -41.25 118.85 48.89
N UNK B 1400 -40.85 118.03 47.92
CA UNK B 1400 -40.72 116.60 48.13
C UNK B 1400 -39.57 116.29 49.10
N UNK B 1401 -39.90 115.75 50.25
CA UNK B 1401 -38.89 115.34 51.22
C UNK B 1401 -38.09 114.18 50.67
N UNK B 1402 -36.79 114.19 50.90
CA UNK B 1402 -35.90 113.14 50.42
C UNK B 1402 -36.18 111.83 51.15
N UNK B 1403 -36.72 111.94 52.36
CA UNK B 1403 -37.05 110.76 53.16
C UNK B 1403 -38.35 110.97 53.92
N UNK B 1404 -39.31 110.08 53.69
CA UNK B 1404 -40.59 110.14 54.38
C UNK B 1404 -40.76 108.94 55.31
N UNK B 1405 -40.34 109.10 56.57
CA UNK B 1405 -40.38 107.99 57.52
C UNK B 1405 -41.31 108.29 58.70
N UNK B 1406 -41.65 107.23 59.43
CA UNK B 1406 -42.52 107.36 60.60
C UNK B 1406 -41.71 107.52 61.88
N UNK B 1407 -42.39 107.78 62.99
CA UNK B 1407 -41.72 108.00 64.27
C UNK B 1407 -41.33 106.68 64.94
N UNK B 1408 -42.10 105.64 64.66
CA UNK B 1408 -41.85 104.30 65.18
C UNK B 1408 -41.86 104.21 66.71
N UNK B 1409 -41.01 105.00 67.35
CA UNK B 1409 -40.91 105.00 68.81
C UNK B 1409 -42.15 105.62 69.46
N UNK B 1410 -42.96 106.30 68.67
CA UNK B 1410 -44.18 106.94 69.17
C UNK B 1410 -45.26 105.92 69.50
N UNK B 1411 -45.20 104.77 68.84
CA UNK B 1411 -46.18 103.72 69.05
C UNK B 1411 -45.68 102.70 70.08
N UNK B 1412 -45.15 103.19 71.19
CA UNK B 1412 -44.64 102.33 72.25
C UNK B 1412 -44.89 102.95 73.61
N UNK B 1413 -45.45 102.17 74.52
CA UNK B 1413 -45.76 102.65 75.87
C UNK B 1413 -45.52 101.57 76.92
N UNK B 1414 -44.94 100.45 76.49
CA UNK B 1414 -44.68 99.34 77.40
C UNK B 1414 -43.20 98.97 77.39
N UNK B 1415 -42.87 97.82 77.96
CA UNK B 1415 -41.49 97.35 78.04
C UNK B 1415 -41.18 96.38 76.90
N UNK B 1416 -42.05 96.35 75.90
CA UNK B 1416 -41.88 95.50 74.71
C UNK B 1416 -41.77 94.02 75.06
N UNK B 1417 -42.92 93.35 75.17
CA UNK B 1417 -42.95 91.93 75.45
C UNK B 1417 -43.19 91.14 74.16
N UNK B 1418 -43.88 91.77 73.21
CA UNK B 1418 -44.17 91.15 71.93
C UNK B 1418 -43.54 91.95 70.79
N UNK B 1419 -43.80 91.51 69.56
CA UNK B 1419 -43.23 92.16 68.39
C UNK B 1419 -44.27 93.03 67.69
N UNK B 1420 -43.90 94.29 67.42
CA UNK B 1420 -44.79 95.22 66.75
C UNK B 1420 -44.91 94.89 65.27
N UNK B 1421 -45.81 95.58 64.57
CA UNK B 1421 -46.03 95.35 63.15
C UNK B 1421 -46.54 96.61 62.47
N UNK B 1422 -45.97 96.92 61.30
CA UNK B 1422 -46.36 98.11 60.55
C UNK B 1422 -46.78 97.74 59.14
N UNK B 1423 -47.21 98.73 58.36
CA UNK B 1423 -47.63 98.49 56.99
C UNK B 1423 -47.50 99.76 56.14
N UNK B 1424 -47.90 99.66 54.88
CA UNK B 1424 -47.83 100.79 53.96
C UNK B 1424 -49.21 101.11 53.39
N UNK B 1425 -49.23 101.78 52.24
CA UNK B 1425 -50.49 102.18 51.62
C UNK B 1425 -50.46 102.01 50.10
N UNK B 1426 -51.50 101.36 49.57
CA UNK B 1426 -51.64 101.16 48.13
C UNK B 1426 -53.10 100.93 47.76
N UNK B 1427 -53.46 101.30 46.53
CA UNK B 1427 -54.83 101.17 46.07
C UNK B 1427 -54.95 100.27 44.84
N UNK B 1428 -55.90 99.35 44.88
CA UNK B 1428 -56.12 98.42 43.77
C UNK B 1428 -57.49 98.66 43.13
N UNK B 1429 -57.49 98.78 41.81
CA UNK B 1429 -58.73 99.02 41.07
C UNK B 1429 -59.33 97.72 40.54
N UNK B 1430 -59.06 96.62 41.26
CA UNK B 1430 -59.58 95.31 40.87
C UNK B 1430 -60.30 94.66 42.04
N UNK B 1431 -61.62 94.68 42.02
CA UNK B 1431 -62.42 94.09 43.09
C UNK B 1431 -63.37 93.03 42.54
N UNK B 1432 -63.31 91.84 43.10
CA UNK B 1432 -64.17 90.73 42.67
C UNK B 1432 -64.31 89.69 43.78
N MET B 1573 -53.18 93.91 43.68
CA MET B 1573 -53.59 93.76 45.08
C MET B 1573 -52.41 93.59 46.05
N PRO B 1574 -51.40 92.78 45.72
CA PRO B 1574 -50.21 92.73 46.58
C PRO B 1574 -49.17 93.77 46.17
N LEU B 1575 -48.10 93.81 46.97
CA LEU B 1575 -47.05 94.81 46.72
C LEU B 1575 -46.27 94.50 45.44
N SER B 1576 -45.92 93.24 45.22
CA SER B 1576 -45.06 92.90 44.10
C SER B 1576 -45.77 92.97 42.76
N ALA B 1577 -47.11 92.91 42.75
CA ALA B 1577 -47.84 92.91 41.49
C ALA B 1577 -47.70 94.23 40.74
N ALA B 1578 -47.80 95.35 41.46
CA ALA B 1578 -47.78 96.65 40.79
C ALA B 1578 -46.39 97.04 40.31
N MET B 1579 -45.33 96.52 40.93
CA MET B 1579 -43.99 96.97 40.61
C MET B 1579 -43.48 96.40 39.29
N PHE B 1580 -43.83 95.15 38.97
CA PHE B 1580 -43.18 94.45 37.89
C PHE B 1580 -43.97 94.42 36.59
N LEU B 1581 -45.28 94.70 36.64
CA LEU B 1581 -46.12 94.82 35.44
C LEU B 1581 -46.31 93.47 34.76
N SER B 1582 -45.64 92.43 35.25
CA SER B 1582 -45.78 91.09 34.69
C SER B 1582 -46.78 90.25 35.46
N GLU B 1583 -46.83 90.42 36.78
CA GLU B 1583 -47.77 89.69 37.62
C GLU B 1583 -48.79 90.63 38.26
N ARG B 1584 -49.10 91.74 37.59
CA ARG B 1584 -50.08 92.68 38.13
C ARG B 1584 -51.47 92.06 38.24
N LYS B 1585 -51.88 91.29 37.24
CA LYS B 1585 -53.19 90.65 37.29
C LYS B 1585 -53.28 89.62 38.41
N ASN B 1586 -52.23 88.83 38.61
CA ASN B 1586 -52.24 87.80 39.64
C ASN B 1586 -52.12 88.44 41.02
N PRO B 1587 -53.06 88.19 41.93
CA PRO B 1587 -52.98 88.78 43.27
C PRO B 1587 -52.10 88.03 44.24
N ALA B 1588 -51.46 86.94 43.81
CA ALA B 1588 -50.60 86.19 44.71
C ALA B 1588 -49.24 86.87 44.83
N PRO B 1589 -48.80 87.20 46.03
CA PRO B 1589 -47.48 87.84 46.21
C PRO B 1589 -46.34 86.84 46.08
N GLN B 1590 -45.23 87.31 45.52
CA GLN B 1590 -44.06 86.48 45.32
C GLN B 1590 -42.83 87.37 45.17
N CYS B 1591 -41.67 86.83 45.53
CA CYS B 1591 -40.43 87.58 45.49
C CYS B 1591 -39.47 86.98 44.46
N PRO B 1592 -39.32 87.61 43.30
CA PRO B 1592 -38.33 87.14 42.32
C PRO B 1592 -36.93 87.47 42.79
N PRO B 1593 -35.90 86.85 42.18
CA PRO B 1593 -34.52 87.08 42.65
C PRO B 1593 -34.03 88.51 42.51
N ARG B 1594 -34.68 89.34 41.69
CA ARG B 1594 -34.19 90.71 41.50
C ARG B 1594 -34.31 91.53 42.78
N LEU B 1595 -35.33 91.29 43.60
CA LEU B 1595 -35.46 92.02 44.86
C LEU B 1595 -34.40 91.57 45.84
N GLU B 1596 -33.73 92.54 46.46
CA GLU B 1596 -32.67 92.26 47.42
C GLU B 1596 -32.53 93.44 48.37
N VAL B 1597 -31.87 93.19 49.49
CA VAL B 1597 -31.64 94.23 50.50
C VAL B 1597 -30.36 94.99 50.15
N GLN B 1598 -30.41 96.31 50.29
CA GLN B 1598 -29.27 97.17 50.00
C GLN B 1598 -28.90 97.97 51.24
N MET B 1599 -27.65 98.43 51.28
CA MET B 1599 -27.13 99.20 52.39
C MET B 1599 -26.37 100.41 51.87
N LEU B 1600 -26.23 101.40 52.74
CA LEU B 1600 -25.55 102.64 52.38
C LEU B 1600 -24.05 102.50 52.60
N MET B 1601 -23.27 102.87 51.59
CA MET B 1601 -21.82 102.89 51.66
C MET B 1601 -21.32 104.32 51.53
N PRO B 1602 -20.46 104.77 52.43
CA PRO B 1602 -20.10 106.21 52.42
C PRO B 1602 -19.13 106.59 51.33
N VAL B 1603 -18.19 105.73 50.96
CA VAL B 1603 -17.13 106.07 50.03
C VAL B 1603 -17.14 105.12 48.85
N SER B 1604 -16.65 105.60 47.71
CA SER B 1604 -16.59 104.79 46.50
C SER B 1604 -15.56 105.36 45.54
N TRP B 1605 -15.04 104.51 44.66
CA TRP B 1605 -14.07 104.96 43.66
C TRP B 1605 -14.76 105.78 42.57
N SER B 1606 -13.97 106.59 41.87
CA SER B 1606 -14.49 107.40 40.78
C SER B 1606 -13.34 107.78 39.86
N ARG B 1607 -13.71 108.20 38.66
CA ARG B 1607 -12.75 108.55 37.61
C ARG B 1607 -12.55 110.05 37.53
N MET B 1608 -11.30 110.44 37.27
CA MET B 1608 -10.92 111.83 37.06
C MET B 1608 -11.13 112.22 35.60
N PRO B 1609 -11.89 113.27 35.32
CA PRO B 1609 -12.09 113.69 33.93
C PRO B 1609 -10.78 114.08 33.27
N ASN B 1610 -10.69 113.80 31.97
CA ASN B 1610 -9.48 114.09 31.22
C ASN B 1610 -9.24 115.59 31.08
N HIS B 1611 -10.31 116.36 30.88
CA HIS B 1611 -10.21 117.80 30.67
C HIS B 1611 -11.27 118.51 31.50
N PHE B 1612 -10.97 119.78 31.82
CA PHE B 1612 -11.83 120.59 32.66
C PHE B 1612 -12.00 121.97 32.04
N LEU B 1613 -13.05 122.67 32.48
CA LEU B 1613 -13.35 124.00 31.99
C LEU B 1613 -12.39 125.00 32.61
N GLN B 1614 -11.65 125.73 31.77
CA GLN B 1614 -10.75 126.76 32.26
C GLN B 1614 -11.51 128.05 32.48
N VAL B 1615 -11.56 128.53 33.74
CA VAL B 1615 -12.34 129.77 34.06
C VAL B 1615 -11.42 130.83 34.68
N GLU B 1616 -11.72 132.11 34.43
CA GLU B 1616 -10.94 133.25 34.95
C GLU B 1616 -11.85 134.27 35.66
N THR B 1617 -11.44 134.75 36.83
CA THR B 1617 -12.17 135.76 37.63
C THR B 1617 -11.41 137.09 37.63
N ARG B 1618 -11.95 138.11 38.29
CA ARG B 1618 -11.24 139.41 38.33
C ARG B 1618 -11.72 140.20 39.54
N ARG B 1619 -12.06 139.52 40.62
CA ARG B 1619 -12.46 140.17 41.86
C ARG B 1619 -13.49 141.27 41.58
N GLY B 1625 -15.46 144.09 38.95
CA GLY B 1625 -16.77 143.50 38.91
C GLY B 1625 -16.79 142.04 39.31
N TRP B 1626 -15.65 141.53 39.77
CA TRP B 1626 -15.48 140.13 40.12
C TRP B 1626 -15.96 139.22 38.98
N ALA B 1627 -15.58 139.60 37.75
CA ALA B 1627 -16.08 138.95 36.56
C ALA B 1627 -15.34 137.64 36.29
N VAL B 1628 -16.10 136.62 35.88
CA VAL B 1628 -15.56 135.32 35.50
C VAL B 1628 -16.05 135.00 34.10
N GLN B 1629 -15.11 134.67 33.20
CA GLN B 1629 -15.43 134.41 31.81
C GLN B 1629 -14.74 133.15 31.33
N CYS B 1630 -15.45 132.36 30.52
CA CYS B 1630 -14.90 131.15 29.91
C CYS B 1630 -15.38 131.06 28.47
N GLN B 1631 -14.53 130.49 27.61
CA GLN B 1631 -14.85 130.40 26.19
C GLN B 1631 -14.42 129.06 25.59
N ASP B 1632 -14.45 127.99 26.38
CA ASP B 1632 -14.06 126.67 25.91
C ASP B 1632 -15.20 125.68 26.12
N PRO B 1633 -15.75 125.09 25.06
CA PRO B 1633 -16.83 124.11 25.23
C PRO B 1633 -16.30 122.69 25.32
N LEU B 1634 -16.96 121.89 26.17
CA LEU B 1634 -16.57 120.50 26.39
C LEU B 1634 -17.82 119.64 26.47
N THR B 1635 -17.75 118.45 25.88
CA THR B 1635 -18.86 117.50 25.87
C THR B 1635 -18.35 116.11 26.23
N MET B 1636 -19.25 115.30 26.77
CA MET B 1636 -18.93 113.92 27.11
C MET B 1636 -20.19 113.07 27.00
N MET B 1637 -19.99 111.76 26.84
CA MET B 1637 -21.08 110.81 26.74
C MET B 1637 -21.36 110.20 28.10
N ALA B 1638 -22.63 110.20 28.50
CA ALA B 1638 -23.02 109.76 29.83
C ALA B 1638 -24.00 108.60 29.72
N LEU B 1639 -23.69 107.51 30.41
CA LEU B 1639 -24.63 106.40 30.54
C LEU B 1639 -25.66 106.73 31.61
N HIS B 1640 -26.90 106.33 31.37
CA HIS B 1640 -28.00 106.58 32.29
C HIS B 1640 -28.65 105.24 32.66
N ILE B 1641 -28.79 105.00 33.96
CA ILE B 1641 -29.47 103.82 34.47
C ILE B 1641 -30.91 104.20 34.77
N PRO B 1642 -31.91 103.56 34.15
CA PRO B 1642 -33.29 104.00 34.35
C PRO B 1642 -33.85 103.64 35.72
N GLU B 1643 -33.57 102.44 36.23
CA GLU B 1643 -34.14 102.01 37.50
C GLU B 1643 -33.61 102.85 38.65
N GLU B 1644 -32.29 103.05 38.70
CA GLU B 1644 -31.70 103.83 39.80
C GLU B 1644 -31.84 105.33 39.59
N ASN B 1645 -32.23 105.76 38.39
CA ASN B 1645 -32.35 107.18 38.06
C ASN B 1645 -31.06 107.94 38.35
N ARG B 1646 -29.94 107.33 37.98
CA ARG B 1646 -28.62 107.93 38.14
C ARG B 1646 -27.87 107.80 36.82
N CYS B 1647 -27.12 108.85 36.48
CA CYS B 1647 -26.37 108.89 35.24
C CYS B 1647 -24.87 108.85 35.54
N MET B 1648 -24.14 108.18 34.66
CA MET B 1648 -22.73 107.84 34.90
C MET B 1648 -21.97 107.93 33.58
N ASP B 1649 -20.66 108.13 33.69
CA ASP B 1649 -19.84 108.30 32.50
C ASP B 1649 -19.68 106.99 31.75
N ILE B 1650 -19.63 107.09 30.42
CA ILE B 1650 -19.43 105.91 29.59
C ILE B 1650 -17.96 105.49 29.55
N LEU B 1651 -17.03 106.42 29.76
CA LEU B 1651 -15.62 106.09 29.77
C LEU B 1651 -15.18 105.40 31.06
N GLU B 1652 -15.98 105.51 32.11
CA GLU B 1652 -15.67 104.89 33.40
C GLU B 1652 -15.98 103.40 33.40
N LEU B 1653 -16.63 102.90 32.36
CA LEU B 1653 -17.08 101.52 32.31
C LEU B 1653 -15.93 100.52 32.17
N SER B 1654 -14.68 100.97 32.17
CA SER B 1654 -13.55 100.07 31.98
C SER B 1654 -13.43 99.07 33.13
N GLU B 1655 -13.63 99.50 34.37
CA GLU B 1655 -13.42 98.65 35.53
C GLU B 1655 -14.69 97.96 36.01
N ARG B 1656 -15.83 98.18 35.36
CA ARG B 1656 -17.06 97.54 35.82
C ARG B 1656 -17.04 96.04 35.55
N LEU B 1657 -16.62 95.64 34.36
CA LEU B 1657 -16.41 94.25 33.97
C LEU B 1657 -17.69 93.44 33.89
N ASP B 1658 -18.81 94.02 34.27
CA ASP B 1658 -20.11 93.38 34.06
C ASP B 1658 -21.06 94.26 33.26
N LEU B 1659 -21.12 95.55 33.58
CA LEU B 1659 -21.93 96.47 32.77
C LEU B 1659 -21.36 96.59 31.38
N GLN B 1660 -20.03 96.51 31.23
CA GLN B 1660 -19.43 96.53 29.90
C GLN B 1660 -19.92 95.35 29.06
N ARG B 1661 -19.91 94.14 29.64
CA ARG B 1661 -20.37 92.97 28.91
C ARG B 1661 -21.86 93.06 28.58
N PHE B 1662 -22.68 93.49 29.55
CA PHE B 1662 -24.10 93.59 29.28
C PHE B 1662 -24.39 94.63 28.19
N HIS B 1663 -23.70 95.77 28.23
CA HIS B 1663 -23.89 96.78 27.21
C HIS B 1663 -23.41 96.31 25.85
N SER B 1664 -22.30 95.56 25.80
CA SER B 1664 -21.85 95.01 24.53
C SER B 1664 -22.86 94.05 23.93
N HIS B 1665 -23.46 93.18 24.76
CA HIS B 1665 -24.50 92.29 24.25
C HIS B 1665 -25.73 93.06 23.80
N THR B 1666 -26.13 94.09 24.56
CA THR B 1666 -27.26 94.91 24.13
C THR B 1666 -26.98 95.59 22.80
N LEU B 1667 -25.76 96.08 22.62
CA LEU B 1667 -25.37 96.69 21.35
C LEU B 1667 -25.39 95.69 20.21
N ARG B 1668 -24.91 94.47 20.45
CA ARG B 1668 -25.00 93.44 19.42
C ARG B 1668 -26.45 93.14 19.05
N LEU B 1669 -27.36 93.20 20.02
CA LEU B 1669 -28.77 93.02 19.72
C LEU B 1669 -29.28 94.05 18.72
N TYR B 1670 -28.81 95.30 18.83
CA TYR B 1670 -29.25 96.34 17.90
C TYR B 1670 -28.87 95.99 16.47
N ARG B 1671 -27.64 95.52 16.24
CA ARG B 1671 -27.25 95.11 14.90
C ARG B 1671 -28.01 93.87 14.44
N ALA B 1672 -28.22 92.91 15.35
CA ALA B 1672 -28.91 91.69 14.97
C ALA B 1672 -30.36 91.93 14.58
N VAL B 1673 -31.05 92.86 15.24
CA VAL B 1673 -32.45 93.10 14.94
C VAL B 1673 -32.61 93.69 13.54
N CYS B 1674 -31.77 94.66 13.19
CA CYS B 1674 -31.91 95.37 11.91
C CYS B 1674 -30.99 94.84 10.82
N ALA B 1675 -30.31 93.72 11.05
CA ALA B 1675 -29.42 93.17 10.04
C ALA B 1675 -30.21 92.58 8.87
N LEU B 1676 -29.50 92.42 7.75
CA LEU B 1676 -30.01 91.75 6.54
C LEU B 1676 -31.22 92.48 5.95
N GLY B 1677 -31.01 93.74 5.60
CA GLY B 1677 -31.93 94.45 4.73
C GLY B 1677 -33.16 95.02 5.38
N ASN B 1678 -33.35 94.84 6.68
CA ASN B 1678 -34.50 95.43 7.35
C ASN B 1678 -34.36 96.95 7.38
N ASN B 1679 -35.42 97.65 7.01
CA ASN B 1679 -35.38 99.11 6.88
C ASN B 1679 -36.35 99.82 7.81
N ARG B 1680 -37.50 99.22 8.12
CA ARG B 1680 -38.44 99.87 9.02
C ARG B 1680 -37.87 100.03 10.42
N VAL B 1681 -37.04 99.08 10.85
CA VAL B 1681 -36.45 99.15 12.18
C VAL B 1681 -35.26 100.10 12.21
N ALA B 1682 -34.74 100.50 11.05
CA ALA B 1682 -33.57 101.36 11.02
C ALA B 1682 -33.83 102.70 11.67
N HIS B 1683 -34.95 103.36 11.33
CA HIS B 1683 -35.25 104.64 11.95
C HIS B 1683 -35.69 104.48 13.39
N ALA B 1684 -36.33 103.36 13.73
CA ALA B 1684 -36.68 103.11 15.12
C ALA B 1684 -35.42 103.02 15.99
N LEU B 1685 -34.37 102.35 15.49
CA LEU B 1685 -33.11 102.32 16.22
C LEU B 1685 -32.36 103.65 16.16
N CYS B 1686 -32.47 104.40 15.06
CA CYS B 1686 -31.88 105.71 15.00
C CYS B 1686 -32.52 106.69 15.98
N SER B 1687 -33.79 106.46 16.34
CA SER B 1687 -34.39 107.25 17.41
C SER B 1687 -33.72 106.97 18.75
N HIS B 1688 -33.40 105.70 19.03
CA HIS B 1688 -32.73 105.36 20.27
C HIS B 1688 -31.30 105.88 20.29
N VAL B 1689 -30.57 105.70 19.19
CA VAL B 1689 -29.16 106.07 19.10
C VAL B 1689 -29.04 107.23 18.13
N ASP B 1690 -28.67 108.40 18.64
CA ASP B 1690 -28.62 109.60 17.82
C ASP B 1690 -27.48 109.50 16.80
N GLN B 1691 -27.62 110.28 15.72
CA GLN B 1691 -26.61 110.29 14.68
C GLN B 1691 -25.35 111.01 15.14
N ALA B 1692 -25.50 112.06 15.95
CA ALA B 1692 -24.35 112.84 16.39
C ALA B 1692 -23.43 112.07 17.33
N GLN B 1693 -24.00 111.31 18.27
CA GLN B 1693 -23.15 110.60 19.23
C GLN B 1693 -22.37 109.48 18.55
N LEU B 1694 -22.93 108.86 17.51
CA LEU B 1694 -22.20 107.85 16.77
C LEU B 1694 -20.96 108.45 16.10
N LEU B 1695 -21.10 109.63 15.50
CA LEU B 1695 -19.94 110.30 14.93
C LEU B 1695 -18.95 110.73 16.00
N HIS B 1696 -19.45 111.22 17.14
CA HIS B 1696 -18.56 111.64 18.21
C HIS B 1696 -17.76 110.48 18.80
N ALA B 1697 -18.35 109.29 18.85
CA ALA B 1697 -17.69 108.14 19.45
C ALA B 1697 -16.58 107.58 18.58
N LEU B 1698 -16.41 108.08 17.35
CA LEU B 1698 -15.32 107.61 16.50
C LEU B 1698 -13.98 108.19 16.95
N GLU B 1699 -13.96 109.47 17.32
CA GLU B 1699 -12.69 110.17 17.52
C GLU B 1699 -12.01 109.83 18.84
N ASP B 1700 -12.76 109.51 19.88
CA ASP B 1700 -12.16 109.34 21.20
C ASP B 1700 -11.17 108.19 21.21
N ALA B 1701 -10.06 108.38 21.92
CA ALA B 1701 -9.00 107.37 21.93
C ALA B 1701 -9.30 106.25 22.93
N HIS B 1702 -9.39 106.59 24.21
CA HIS B 1702 -9.55 105.59 25.27
C HIS B 1702 -11.01 105.15 25.35
N LEU B 1703 -11.21 103.85 25.27
CA LEU B 1703 -12.53 103.21 25.35
C LEU B 1703 -12.33 101.79 25.90
N PRO B 1704 -13.39 101.13 26.36
CA PRO B 1704 -13.21 99.76 26.89
C PRO B 1704 -12.53 98.81 25.92
N GLY B 1705 -12.80 98.94 24.62
CA GLY B 1705 -12.13 98.15 23.62
C GLY B 1705 -13.06 97.28 22.80
N PRO B 1706 -13.98 96.57 23.45
CA PRO B 1706 -15.07 95.95 22.69
C PRO B 1706 -16.12 96.96 22.23
N LEU B 1707 -16.37 97.99 23.04
CA LEU B 1707 -17.37 98.99 22.68
C LEU B 1707 -16.96 99.81 21.45
N ARG B 1708 -15.66 100.02 21.24
CA ARG B 1708 -15.22 100.73 20.05
C ARG B 1708 -15.59 99.95 18.79
N ALA B 1709 -15.25 98.66 18.75
CA ALA B 1709 -15.63 97.83 17.62
C ALA B 1709 -17.14 97.72 17.46
N GLY B 1710 -17.87 97.62 18.59
CA GLY B 1710 -19.31 97.57 18.51
C GLY B 1710 -19.92 98.82 17.92
N TYR B 1711 -19.41 99.99 18.32
CA TYR B 1711 -19.92 101.24 17.78
C TYR B 1711 -19.57 101.42 16.32
N TYR B 1712 -18.38 100.99 15.90
CA TYR B 1712 -18.05 101.01 14.48
C TYR B 1712 -18.99 100.12 13.68
N ASP B 1713 -19.23 98.90 14.17
CA ASP B 1713 -20.08 97.95 13.46
C ASP B 1713 -21.53 98.41 13.41
N LEU B 1714 -22.04 99.03 14.48
CA LEU B 1714 -23.40 99.55 14.45
C LEU B 1714 -23.55 100.66 13.41
N LEU B 1715 -22.57 101.57 13.34
CA LEU B 1715 -22.60 102.62 12.33
C LEU B 1715 -22.57 102.02 10.92
N ILE B 1716 -21.75 100.99 10.72
CA ILE B 1716 -21.71 100.34 9.41
C ILE B 1716 -23.04 99.67 9.10
N SER B 1717 -23.66 99.04 10.09
CA SER B 1717 -24.78 98.15 9.83
C SER B 1717 -26.11 98.89 9.72
N ILE B 1718 -26.24 100.08 10.31
CA ILE B 1718 -27.52 100.77 10.26
C ILE B 1718 -27.62 101.80 9.14
N HIS B 1719 -26.54 102.08 8.43
CA HIS B 1719 -26.58 103.15 7.45
C HIS B 1719 -26.30 102.70 6.01
N LEU B 1720 -25.19 101.99 5.77
CA LEU B 1720 -24.69 101.83 4.41
C LEU B 1720 -24.50 100.38 3.98
N GLU B 1721 -24.76 99.41 4.87
CA GLU B 1721 -24.57 98.02 4.49
C GLU B 1721 -25.58 97.60 3.42
N SER B 1722 -26.79 98.15 3.49
CA SER B 1722 -27.82 97.78 2.51
C SER B 1722 -27.42 98.20 1.10
N ALA B 1723 -26.87 99.40 0.94
CA ALA B 1723 -26.39 99.82 -0.36
C ALA B 1723 -25.11 99.10 -0.76
N CYS B 1724 -24.22 98.83 0.21
CA CYS B 1724 -22.98 98.15 -0.10
C CYS B 1724 -23.23 96.75 -0.64
N ARG B 1725 -24.17 96.02 -0.04
CA ARG B 1725 -24.47 94.67 -0.51
C ARG B 1725 -25.04 94.68 -1.92
N SER B 1726 -25.96 95.61 -2.20
CA SER B 1726 -26.53 95.71 -3.54
C SER B 1726 -25.47 96.07 -4.57
N ARG B 1727 -24.56 97.00 -4.25
CA ARG B 1727 -23.51 97.34 -5.19
C ARG B 1727 -22.54 96.18 -5.39
N ARG B 1728 -22.23 95.44 -4.33
CA ARG B 1728 -21.36 94.28 -4.44
C ARG B 1728 -21.99 93.22 -5.34
N SER B 1729 -23.30 93.02 -5.24
CA SER B 1729 -23.96 92.01 -6.05
C SER B 1729 -23.85 92.28 -7.54
N MET B 1730 -23.75 93.55 -7.95
CA MET B 1730 -23.65 93.91 -9.36
C MET B 1730 -22.24 94.32 -9.77
N LEU B 1731 -21.30 94.34 -8.82
CA LEU B 1731 -19.92 94.67 -9.19
C LEU B 1731 -19.32 93.66 -10.16
N SER B 1732 -19.91 92.47 -10.28
CA SER B 1732 -19.39 91.41 -11.13
C SER B 1732 -20.07 91.36 -12.50
N GLU B 1733 -20.50 92.50 -13.03
CA GLU B 1733 -21.12 92.57 -14.34
C GLU B 1733 -20.41 93.63 -15.19
N TYR B 1734 -20.30 93.38 -16.48
CA TYR B 1734 -19.59 94.25 -17.41
C TYR B 1734 -20.52 94.61 -18.55
N ILE B 1735 -21.18 95.75 -18.44
CA ILE B 1735 -22.02 96.29 -19.51
C ILE B 1735 -21.54 97.71 -19.76
N VAL B 1736 -20.82 97.91 -20.86
CA VAL B 1736 -20.24 99.21 -21.19
C VAL B 1736 -20.98 99.77 -22.41
N PRO B 1737 -21.41 101.01 -22.38
CA PRO B 1737 -22.11 101.58 -23.53
C PRO B 1737 -21.17 102.29 -24.49
N LEU B 1738 -21.71 102.69 -25.63
CA LEU B 1738 -20.96 103.52 -26.57
C LEU B 1738 -21.29 104.99 -26.32
N THR B 1739 -20.27 105.77 -26.02
CA THR B 1739 -20.41 107.19 -25.73
C THR B 1739 -19.04 107.84 -25.96
N PRO B 1740 -19.00 109.16 -26.16
CA PRO B 1740 -17.70 109.82 -26.31
C PRO B 1740 -16.77 109.61 -25.12
N GLU B 1741 -17.29 109.49 -23.90
CA GLU B 1741 -16.45 109.20 -22.76
C GLU B 1741 -15.81 107.82 -22.88
N THR B 1742 -16.59 106.83 -23.33
CA THR B 1742 -16.06 105.48 -23.50
C THR B 1742 -15.08 105.41 -24.67
N ARG B 1743 -15.30 106.21 -25.71
CA ARG B 1743 -14.44 106.15 -26.89
C ARG B 1743 -12.99 106.52 -26.55
N ALA B 1744 -12.81 107.49 -25.68
CA ALA B 1744 -11.46 107.95 -25.32
C ALA B 1744 -10.97 107.28 -24.04
N ILE B 1745 -10.93 105.95 -24.05
CA ILE B 1745 -10.32 105.19 -22.98
C ILE B 1745 -9.52 104.05 -23.59
N THR B 1746 -8.35 103.78 -22.99
CA THR B 1746 -7.46 102.71 -23.44
C THR B 1746 -6.43 102.43 -22.36
N LEU B 1747 -5.40 101.66 -22.68
CA LEU B 1747 -4.34 101.42 -21.71
C LEU B 1747 -3.69 102.72 -21.26
N PHE B 1748 -3.45 103.63 -22.21
CA PHE B 1748 -2.99 104.99 -21.92
C PHE B 1748 -1.74 105.02 -21.02
N PRO B 1749 -0.60 104.56 -21.52
CA PRO B 1749 0.68 104.87 -20.86
C PRO B 1749 1.37 106.06 -21.48
N PRO B 1750 0.90 107.29 -21.27
CA PRO B 1750 1.53 108.44 -21.93
C PRO B 1750 2.78 108.87 -21.16
N GLY B 1751 3.95 108.60 -21.75
CA GLY B 1751 5.20 108.91 -21.08
C GLY B 1751 6.24 109.37 -22.08
N ARG B 1752 7.32 109.93 -21.53
CA ARG B 1752 8.43 110.43 -22.34
C ARG B 1752 9.39 109.28 -22.63
N LYS B 1753 9.03 108.49 -23.63
CA LYS B 1753 9.79 107.34 -24.15
C LYS B 1753 9.95 106.22 -23.12
N GLY B 1754 9.32 106.31 -21.95
CA GLY B 1754 9.43 105.27 -20.95
C GLY B 1754 8.10 104.91 -20.32
N GLY B 1755 7.05 105.66 -20.66
CA GLY B 1755 5.75 105.40 -20.06
C GLY B 1755 5.15 104.06 -20.47
N ASN B 1756 5.27 103.70 -21.75
CA ASN B 1756 4.74 102.42 -22.20
C ASN B 1756 5.47 101.26 -21.54
N ALA B 1757 6.80 101.36 -21.41
CA ALA B 1757 7.56 100.31 -20.74
C ALA B 1757 7.23 100.23 -19.26
N ARG B 1758 7.08 101.37 -18.60
CA ARG B 1758 6.78 101.40 -17.17
C ARG B 1758 5.28 101.14 -16.97
N ARG B 1759 4.82 101.27 -15.72
CA ARG B 1759 3.42 101.06 -15.42
C ARG B 1759 2.55 102.05 -16.17
N HIS B 1760 1.47 101.54 -16.78
CA HIS B 1760 0.60 102.40 -17.57
C HIS B 1760 -0.09 103.43 -16.70
N GLY B 1761 -0.51 103.05 -15.50
CA GLY B 1761 -1.14 103.98 -14.59
C GLY B 1761 -1.38 103.32 -13.24
N LEU B 1762 -1.59 104.18 -12.24
CA LEU B 1762 -1.88 103.68 -10.91
C LEU B 1762 -3.26 103.03 -10.88
N PRO B 1763 -3.45 101.98 -10.07
CA PRO B 1763 -4.77 101.36 -9.97
C PRO B 1763 -5.78 102.34 -9.39
N GLY B 1764 -6.92 102.47 -10.06
CA GLY B 1764 -7.93 103.43 -9.64
C GLY B 1764 -7.93 104.67 -10.52
N VAL B 1765 -8.88 104.73 -11.45
CA VAL B 1765 -9.00 105.84 -12.39
C VAL B 1765 -10.37 106.46 -12.23
N GLY B 1766 -10.45 107.79 -12.35
CA GLY B 1766 -11.70 108.48 -12.15
C GLY B 1766 -12.79 108.05 -13.13
N VAL B 1767 -12.42 107.75 -14.36
CA VAL B 1767 -13.38 107.34 -15.39
C VAL B 1767 -13.59 105.83 -15.26
N THR B 1768 -14.86 105.43 -15.16
CA THR B 1768 -15.22 104.01 -15.05
C THR B 1768 -16.14 103.54 -16.17
N THR B 1769 -16.94 104.44 -16.73
CA THR B 1769 -17.85 104.19 -17.87
C THR B 1769 -18.51 102.81 -17.80
N SER B 1770 -19.24 102.58 -16.71
CA SER B 1770 -20.04 101.38 -16.53
C SER B 1770 -21.41 101.75 -15.97
N LEU B 1771 -22.38 100.88 -16.22
CA LEU B 1771 -23.75 101.09 -15.77
C LEU B 1771 -23.90 100.54 -14.35
N ARG B 1772 -24.08 101.44 -13.38
CA ARG B 1772 -24.33 101.06 -12.01
C ARG B 1772 -25.56 101.82 -11.50
N PRO B 1773 -26.41 101.16 -10.73
CA PRO B 1773 -27.63 101.81 -10.24
C PRO B 1773 -27.33 102.82 -9.14
N PRO B 1774 -28.22 103.78 -8.90
CA PRO B 1774 -27.99 104.75 -7.83
C PRO B 1774 -28.13 104.14 -6.44
N HIS B 1775 -28.02 104.97 -5.41
CA HIS B 1775 -28.04 104.47 -4.03
C HIS B 1775 -29.38 104.69 -3.35
N HIS B 1776 -30.09 105.78 -3.67
CA HIS B 1776 -31.44 106.04 -3.18
C HIS B 1776 -31.47 106.15 -1.65
N PHE B 1777 -30.75 107.15 -1.12
CA PHE B 1777 -30.76 107.44 0.30
C PHE B 1777 -31.92 108.35 0.65
N SER B 1778 -32.41 108.21 1.89
CA SER B 1778 -33.54 109.00 2.37
C SER B 1778 -33.22 109.59 3.74
N PRO B 1779 -33.57 110.86 3.97
CA PRO B 1779 -33.31 111.48 5.27
C PRO B 1779 -34.15 110.84 6.36
N PRO B 1780 -33.65 110.83 7.60
CA PRO B 1780 -34.45 110.25 8.69
C PRO B 1780 -35.74 111.02 8.91
N CYS B 1781 -36.79 110.31 9.30
CA CYS B 1781 -38.11 110.89 9.47
C CYS B 1781 -38.67 110.49 10.83
N PHE B 1782 -39.16 111.48 11.60
CA PHE B 1782 -39.73 111.13 12.93
C PHE B 1782 -41.16 110.61 12.74
N VAL B 1783 -41.57 110.41 11.48
CA VAL B 1783 -42.94 109.93 11.13
C VAL B 1783 -43.13 108.53 11.73
N ALA B 1784 -42.09 107.70 11.66
CA ALA B 1784 -42.13 106.32 12.19
C ALA B 1784 -42.75 106.32 13.59
N ALA B 1785 -43.95 105.75 13.71
CA ALA B 1785 -44.63 105.65 15.03
C ALA B 1785 -44.67 104.18 15.44
N LEU B 1786 -44.13 103.87 16.63
CA LEU B 1786 -44.09 102.48 17.14
C LEU B 1786 -45.48 101.87 17.09
N GLU B 1793 -49.89 96.65 1.87
CA GLU B 1793 -48.42 96.40 1.83
C GLU B 1793 -47.71 97.70 1.43
N ALA B 1794 -46.71 98.11 2.23
CA ALA B 1794 -45.93 99.35 1.96
C ALA B 1794 -44.43 99.01 2.09
N PRO B 1795 -43.54 99.65 1.31
CA PRO B 1795 -42.11 99.34 1.39
C PRO B 1795 -41.40 100.12 2.51
N ALA B 1796 -41.77 99.80 3.76
CA ALA B 1796 -41.27 100.34 5.06
C ALA B 1796 -40.49 101.65 4.91
N ARG B 1797 -39.62 101.71 3.89
CA ARG B 1797 -38.77 102.87 3.68
C ARG B 1797 -37.61 102.44 2.78
N LEU B 1798 -36.70 103.37 2.50
CA LEU B 1798 -35.54 103.08 1.68
C LEU B 1798 -34.28 102.84 2.51
N SER B 1799 -33.84 103.86 3.25
CA SER B 1799 -32.67 103.77 4.12
C SER B 1799 -32.47 105.10 4.85
N PRO B 1800 -31.85 105.09 6.03
CA PRO B 1800 -31.44 106.36 6.64
C PRO B 1800 -30.28 106.97 5.86
N ALA B 1801 -30.14 108.29 5.97
CA ALA B 1801 -29.10 109.03 5.29
C ALA B 1801 -28.30 109.85 6.27
N ILE B 1802 -26.99 109.89 6.08
CA ILE B 1802 -26.09 110.71 6.89
C ILE B 1802 -25.21 111.52 5.93
N PRO B 1803 -24.71 112.68 6.37
CA PRO B 1803 -23.86 113.47 5.48
C PRO B 1803 -22.54 112.78 5.20
N LEU B 1804 -22.37 112.28 3.98
CA LEU B 1804 -21.18 111.52 3.63
C LEU B 1804 -19.97 112.41 3.38
N GLU B 1805 -20.18 113.71 3.11
CA GLU B 1805 -19.07 114.60 2.80
C GLU B 1805 -18.10 114.71 3.95
N ALA B 1806 -18.62 114.86 5.18
CA ALA B 1806 -17.75 114.94 6.34
C ALA B 1806 -17.16 113.58 6.70
N LEU B 1807 -17.96 112.51 6.59
CA LEU B 1807 -17.51 111.18 6.96
C LEU B 1807 -16.37 110.70 6.07
N ARG B 1808 -16.44 111.00 4.77
CA ARG B 1808 -15.39 110.60 3.85
C ARG B 1808 -14.04 111.21 4.19
N ASP B 1809 -14.01 112.47 4.62
CA ASP B 1809 -12.75 113.07 5.03
C ASP B 1809 -12.33 112.60 6.42
N LYS B 1810 -13.30 112.43 7.32
CA LYS B 1810 -12.96 112.04 8.70
C LYS B 1810 -12.35 110.64 8.75
N ALA B 1811 -12.92 109.69 8.01
CA ALA B 1811 -12.35 108.34 8.00
C ALA B 1811 -10.95 108.32 7.42
N LEU B 1812 -10.72 109.08 6.34
CA LEU B 1812 -9.39 109.16 5.76
C LEU B 1812 -8.39 109.78 6.73
N ARG B 1813 -8.78 110.85 7.44
CA ARG B 1813 -7.90 111.45 8.43
C ARG B 1813 -7.59 110.48 9.56
N MET B 1814 -8.60 109.75 10.04
CA MET B 1814 -8.40 108.80 11.11
C MET B 1814 -7.45 107.68 10.69
N LEU B 1815 -7.60 107.17 9.46
CA LEU B 1815 -6.65 106.17 8.97
C LEU B 1815 -5.25 106.75 8.81
N GLY B 1816 -5.14 108.00 8.33
CA GLY B 1816 -3.83 108.59 8.14
C GLY B 1816 -3.08 108.79 9.45
N GLU B 1817 -3.78 109.22 10.49
CA GLU B 1817 -3.13 109.40 11.78
C GLU B 1817 -2.85 108.08 12.49
N ALA B 1818 -3.62 107.04 12.18
CA ALA B 1818 -3.46 105.75 12.88
C ALA B 1818 -2.09 105.13 12.61
N VAL B 1819 -1.64 105.16 11.35
CA VAL B 1819 -0.35 104.57 11.04
C VAL B 1819 0.79 105.36 11.69
N ARG B 1820 0.70 106.68 11.69
CA ARG B 1820 1.72 107.50 12.36
C ARG B 1820 1.75 107.23 13.85
N ASP B 1821 0.57 107.09 14.47
CA ASP B 1821 0.52 106.77 15.89
C ASP B 1821 1.09 105.39 16.19
N GLY B 1822 0.78 104.41 15.35
CA GLY B 1822 1.27 103.06 15.57
C GLY B 1822 2.74 102.87 15.24
N GLY B 1823 3.32 103.75 14.42
CA GLY B 1823 4.72 103.63 14.09
C GLY B 1823 5.68 103.89 15.24
N GLN B 1824 5.20 104.54 16.30
CA GLN B 1824 6.04 104.82 17.47
C GLN B 1824 6.09 103.66 18.45
N HIS B 1825 5.37 102.56 18.17
CA HIS B 1825 5.30 101.37 19.03
C HIS B 1825 5.15 101.75 20.50
N ALA B 1826 4.20 102.63 20.77
CA ALA B 1826 3.92 103.06 22.14
C ALA B 1826 3.38 101.90 22.96
N ARG B 1827 3.68 101.93 24.26
CA ARG B 1827 3.25 100.87 25.15
C ARG B 1827 1.77 100.93 25.46
N ASP B 1828 1.09 102.02 25.09
CA ASP B 1828 -0.36 102.15 25.32
C ASP B 1828 -1.05 102.31 23.98
N PRO B 1829 -1.52 101.24 23.35
CA PRO B 1829 -2.22 101.37 22.07
C PRO B 1829 -3.68 101.75 22.26
N VAL B 1830 -4.19 102.49 21.26
CA VAL B 1830 -5.57 102.94 21.31
C VAL B 1830 -6.51 101.75 21.23
N GLY B 1831 -7.55 101.76 22.07
CA GLY B 1831 -8.51 100.68 22.12
C GLY B 1831 -8.12 99.52 23.00
N GLY B 1832 -6.92 99.53 23.57
CA GLY B 1832 -6.46 98.47 24.45
C GLY B 1832 -5.66 97.37 23.76
N SER B 1833 -5.64 97.32 22.44
CA SER B 1833 -4.88 96.31 21.73
C SER B 1833 -4.63 96.77 20.30
N VAL B 1834 -3.56 96.23 19.71
CA VAL B 1834 -3.21 96.59 18.34
C VAL B 1834 -4.29 96.11 17.37
N GLU B 1835 -4.90 94.95 17.64
CA GLU B 1835 -5.98 94.48 16.77
C GLU B 1835 -7.17 95.40 16.80
N PHE B 1836 -7.58 95.84 17.99
CA PHE B 1836 -8.68 96.80 18.11
C PHE B 1836 -8.30 98.17 17.58
N GLN B 1837 -7.01 98.49 17.50
CA GLN B 1837 -6.59 99.75 16.92
C GLN B 1837 -6.87 99.79 15.42
N PHE B 1838 -6.64 98.67 14.73
CA PHE B 1838 -6.65 98.66 13.26
C PHE B 1838 -7.90 98.06 12.63
N VAL B 1839 -8.50 97.04 13.24
CA VAL B 1839 -9.58 96.31 12.57
C VAL B 1839 -10.78 97.21 12.23
N PRO B 1840 -11.34 97.99 13.17
CA PRO B 1840 -12.55 98.75 12.82
C PRO B 1840 -12.33 99.82 11.77
N VAL B 1841 -11.23 100.57 11.85
CA VAL B 1841 -11.00 101.63 10.88
C VAL B 1841 -10.78 101.06 9.48
N LEU B 1842 -10.03 99.95 9.37
CA LEU B 1842 -9.84 99.33 8.06
C LEU B 1842 -11.14 98.73 7.52
N LYS B 1843 -11.96 98.15 8.39
CA LYS B 1843 -13.26 97.65 7.94
C LYS B 1843 -14.13 98.78 7.39
N LEU B 1844 -14.18 99.91 8.10
CA LEU B 1844 -14.96 101.04 7.63
C LEU B 1844 -14.42 101.59 6.31
N VAL B 1845 -13.08 101.68 6.19
CA VAL B 1845 -12.49 102.19 4.97
C VAL B 1845 -12.79 101.27 3.80
N SER B 1846 -12.68 99.96 4.00
CA SER B 1846 -13.02 99.02 2.93
C SER B 1846 -14.48 99.12 2.52
N THR B 1847 -15.40 99.23 3.49
CA THR B 1847 -16.80 99.36 3.16
C THR B 1847 -17.07 100.65 2.38
N LEU B 1848 -16.43 101.74 2.77
CA LEU B 1848 -16.57 102.99 2.03
C LEU B 1848 -16.00 102.88 0.62
N LEU B 1849 -14.86 102.22 0.46
CA LEU B 1849 -14.20 102.13 -0.84
C LEU B 1849 -14.96 101.24 -1.80
N VAL B 1850 -15.59 100.17 -1.30
CA VAL B 1850 -16.36 99.30 -2.18
C VAL B 1850 -17.50 100.05 -2.85
N MET B 1851 -18.22 100.88 -2.09
CA MET B 1851 -19.34 101.63 -2.63
C MET B 1851 -18.92 102.69 -3.64
N GLY B 1852 -17.63 103.00 -3.73
CA GLY B 1852 -17.17 103.98 -4.69
C GLY B 1852 -17.44 105.42 -4.32
N ILE B 1853 -17.43 105.75 -3.02
CA ILE B 1853 -17.69 107.12 -2.61
C ILE B 1853 -16.43 107.98 -2.66
N PHE B 1854 -15.25 107.38 -2.68
CA PHE B 1854 -14.01 108.15 -2.71
C PHE B 1854 -13.76 108.76 -4.09
N GLY B 1855 -13.17 109.94 -4.08
CA GLY B 1855 -12.77 110.57 -5.32
C GLY B 1855 -11.42 110.10 -5.81
N ASP B 1856 -11.00 110.64 -6.96
CA ASP B 1856 -9.75 110.22 -7.56
C ASP B 1856 -8.54 110.59 -6.69
N GLU B 1857 -8.52 111.79 -6.13
CA GLU B 1857 -7.43 112.17 -5.25
C GLU B 1857 -7.46 111.39 -3.94
N ASP B 1858 -8.66 111.10 -3.43
CA ASP B 1858 -8.79 110.28 -2.23
C ASP B 1858 -8.26 108.87 -2.47
N VAL B 1859 -8.45 108.34 -3.68
CA VAL B 1859 -7.89 107.03 -4.01
C VAL B 1859 -6.37 107.06 -3.95
N LYS B 1860 -5.75 108.12 -4.49
CA LYS B 1860 -4.30 108.25 -4.39
C LYS B 1860 -3.84 108.37 -2.95
N GLN B 1861 -4.57 109.15 -2.14
CA GLN B 1861 -4.20 109.28 -0.73
C GLN B 1861 -4.30 107.94 -0.01
N ILE B 1862 -5.33 107.16 -0.30
CA ILE B 1862 -5.45 105.82 0.29
C ILE B 1862 -4.31 104.92 -0.16
N LEU B 1863 -4.01 104.93 -1.46
CA LEU B 1863 -2.93 104.12 -2.01
C LEU B 1863 -1.56 104.53 -1.48
N LYS B 1864 -1.41 105.76 -0.99
CA LYS B 1864 -0.14 106.25 -0.47
C LYS B 1864 0.30 105.54 0.81
N MET B 1865 -0.43 104.53 1.28
CA MET B 1865 0.01 103.78 2.46
C MET B 1865 1.33 103.07 2.22
N ILE B 1866 1.65 102.77 0.97
CA ILE B 1866 2.94 102.20 0.59
C ILE B 1866 3.62 103.25 -0.27
N GLU B 1867 4.36 104.16 0.39
CA GLU B 1867 4.98 105.30 -0.28
C GLU B 1867 6.03 104.90 -1.31
N PRO B 1868 7.01 104.05 -0.98
CA PRO B 1868 8.07 103.78 -1.96
C PRO B 1868 7.56 103.15 -3.25
N GLU B 1869 6.55 102.29 -3.17
CA GLU B 1869 6.08 101.56 -4.34
C GLU B 1869 5.23 102.40 -5.28
N VAL B 1870 4.38 103.28 -4.74
CA VAL B 1870 3.45 104.02 -5.57
C VAL B 1870 4.19 104.97 -6.50
N PHE B 1871 5.10 105.77 -5.95
CA PHE B 1871 5.87 106.76 -6.70
C PHE B 1871 4.97 107.62 -7.58
N THR B 1872 4.10 108.37 -6.90
CA THR B 1872 3.09 109.17 -7.59
C THR B 1872 3.72 110.19 -8.52
N GLU B 1873 4.78 110.87 -8.05
CA GLU B 1873 5.47 111.83 -8.89
C GLU B 1873 6.25 111.12 -9.99
N GLU B 1874 6.40 111.82 -11.12
CA GLU B 1874 7.14 111.26 -12.25
C GLU B 1874 8.06 112.31 -12.86
N LEU B 1922 11.42 109.28 8.96
CA LEU B 1922 11.35 107.82 8.93
C LEU B 1922 9.96 107.34 8.57
N GLU B 1923 9.56 107.59 7.32
CA GLU B 1923 8.24 107.18 6.86
C GLU B 1923 8.21 105.67 6.63
N GLU B 1924 7.21 105.02 7.22
CA GLU B 1924 7.06 103.57 7.12
C GLU B 1924 5.66 103.24 6.62
N GLY B 1925 5.57 102.30 5.70
CA GLY B 1925 4.29 101.89 5.15
C GLY B 1925 3.53 100.98 6.07
N LEU B 1926 2.26 100.75 5.71
CA LEU B 1926 1.39 99.90 6.52
C LEU B 1926 1.79 98.43 6.47
N LEU B 1927 2.26 97.96 5.31
CA LEU B 1927 2.56 96.54 5.16
C LEU B 1927 3.86 96.14 5.87
N GLN B 1928 4.77 97.08 6.07
CA GLN B 1928 6.07 96.74 6.64
C GLN B 1928 5.98 96.37 8.12
N MET B 1929 5.13 97.05 8.88
CA MET B 1929 5.05 96.78 10.30
C MET B 1929 4.46 95.39 10.56
N LYS B 1930 4.89 94.80 11.68
CA LYS B 1930 4.38 93.50 12.09
C LYS B 1930 2.90 93.59 12.44
N LEU B 1931 2.18 92.51 12.16
CA LEU B 1931 0.73 92.49 12.33
C LEU B 1931 0.31 91.25 13.12
N PRO B 1932 -0.80 91.34 13.86
CA PRO B 1932 -1.19 90.22 14.72
C PRO B 1932 -1.93 89.10 14.00
N GLU B 1933 -1.83 89.07 12.67
CA GLU B 1933 -2.42 88.05 11.81
C GLU B 1933 -3.94 88.09 11.80
N SER B 1934 -4.56 89.09 12.42
CA SER B 1934 -6.00 89.31 12.33
C SER B 1934 -6.33 90.51 11.45
N VAL B 1935 -5.45 91.51 11.41
CA VAL B 1935 -5.61 92.62 10.48
C VAL B 1935 -5.08 92.25 9.10
N LYS B 1936 -4.28 91.19 9.00
CA LYS B 1936 -3.80 90.74 7.69
C LYS B 1936 -4.96 90.28 6.82
N LEU B 1937 -5.98 89.68 7.42
CA LEU B 1937 -7.17 89.30 6.65
C LEU B 1937 -7.87 90.53 6.09
N GLN B 1938 -8.03 91.58 6.91
CA GLN B 1938 -8.67 92.80 6.43
C GLN B 1938 -7.84 93.50 5.37
N MET B 1939 -6.52 93.37 5.42
CA MET B 1939 -5.68 93.95 4.37
C MET B 1939 -5.95 93.31 3.01
N CYS B 1940 -6.16 91.99 2.99
CA CYS B 1940 -6.40 91.30 1.73
C CYS B 1940 -7.70 91.76 1.07
N ASN B 1941 -8.75 91.99 1.86
CA ASN B 1941 -10.00 92.48 1.29
C ASN B 1941 -9.82 93.84 0.64
N LEU B 1942 -9.06 94.73 1.29
CA LEU B 1942 -8.79 96.04 0.69
C LEU B 1942 -7.97 95.91 -0.58
N LEU B 1943 -6.99 95.01 -0.59
CA LEU B 1943 -6.14 94.86 -1.77
C LEU B 1943 -6.87 94.20 -2.93
N GLU B 1944 -7.89 93.38 -2.63
CA GLU B 1944 -8.62 92.67 -3.67
C GLU B 1944 -9.36 93.64 -4.60
N TYR B 1945 -9.94 94.71 -4.05
CA TYR B 1945 -10.63 95.68 -4.89
C TYR B 1945 -9.66 96.37 -5.84
N PHE B 1946 -8.47 96.72 -5.35
CA PHE B 1946 -7.46 97.33 -6.21
C PHE B 1946 -7.02 96.37 -7.30
N CYS B 1947 -6.89 95.07 -6.98
CA CYS B 1947 -6.62 94.09 -8.02
C CYS B 1947 -7.74 93.99 -9.05
N ASP B 1948 -9.00 94.05 -8.60
CA ASP B 1948 -10.13 93.88 -9.50
C ASP B 1948 -10.29 95.08 -10.43
N GLN B 1949 -9.91 96.27 -9.97
CA GLN B 1949 -10.00 97.45 -10.81
C GLN B 1949 -9.19 97.32 -12.09
N GLU B 1950 -8.03 96.64 -12.03
CA GLU B 1950 -7.24 96.42 -13.23
C GLU B 1950 -7.98 95.58 -14.26
N LEU B 1951 -8.65 94.51 -13.82
CA LEU B 1951 -9.44 93.70 -14.73
C LEU B 1951 -10.58 94.52 -15.34
N GLN B 1952 -11.25 95.32 -14.50
CA GLN B 1952 -12.31 96.19 -15.01
C GLN B 1952 -11.79 97.09 -16.12
N HIS B 1953 -10.68 97.78 -15.86
CA HIS B 1953 -10.11 98.71 -16.82
C HIS B 1953 -9.68 97.99 -18.10
N ARG B 1954 -9.06 96.81 -17.97
CA ARG B 1954 -8.62 96.07 -19.15
C ARG B 1954 -9.79 95.67 -20.03
N VAL B 1955 -10.85 95.12 -19.41
CA VAL B 1955 -12.02 94.70 -20.20
C VAL B 1955 -12.66 95.89 -20.89
N GLU B 1956 -12.79 97.01 -20.19
CA GLU B 1956 -13.43 98.17 -20.81
C GLU B 1956 -12.57 98.79 -21.91
N SER B 1957 -11.24 98.77 -21.76
CA SER B 1957 -10.38 99.22 -22.85
C SER B 1957 -10.50 98.33 -24.07
N LEU B 1958 -10.57 97.00 -23.87
CA LEU B 1958 -10.77 96.11 -25.00
C LEU B 1958 -12.09 96.38 -25.69
N ALA B 1959 -13.16 96.59 -24.91
CA ALA B 1959 -14.46 96.90 -25.50
C ALA B 1959 -14.43 98.21 -26.28
N ALA B 1960 -13.72 99.21 -25.76
CA ALA B 1960 -13.58 100.48 -26.48
C ALA B 1960 -12.82 100.32 -27.80
N PHE B 1961 -11.76 99.51 -27.81
CA PHE B 1961 -11.01 99.30 -29.04
C PHE B 1961 -11.80 98.51 -30.07
N ALA B 1962 -12.67 97.60 -29.61
CA ALA B 1962 -13.42 96.74 -30.52
C ALA B 1962 -14.30 97.54 -31.48
N GLU B 1963 -15.01 98.55 -30.98
CA GLU B 1963 -15.89 99.33 -31.84
C GLU B 1963 -15.11 100.08 -32.91
N ARG B 1964 -13.98 100.67 -32.56
CA ARG B 1964 -13.18 101.37 -33.55
C ARG B 1964 -12.66 100.41 -34.62
N TYR B 1965 -12.17 99.23 -34.20
CA TYR B 1965 -11.67 98.29 -35.20
C TYR B 1965 -12.78 97.80 -36.12
N VAL B 1966 -13.96 97.49 -35.57
CA VAL B 1966 -15.04 97.04 -36.43
C VAL B 1966 -15.56 98.16 -37.32
N ASP B 1967 -15.52 99.41 -36.86
CA ASP B 1967 -15.89 100.53 -37.72
C ASP B 1967 -14.94 100.66 -38.90
N LYS B 1968 -13.64 100.50 -38.65
CA LYS B 1968 -12.69 100.51 -39.77
C LYS B 1968 -12.91 99.33 -40.72
N LEU B 1969 -13.17 98.14 -40.18
CA LEU B 1969 -13.36 96.97 -41.00
C LEU B 1969 -14.59 97.06 -41.89
N GLN B 1970 -15.71 97.53 -41.33
CA GLN B 1970 -16.93 97.66 -42.14
C GLN B 1970 -16.77 98.72 -43.23
N ALA B 1971 -15.94 99.74 -42.99
CA ALA B 1971 -15.66 100.72 -44.02
C ALA B 1971 -14.77 100.14 -45.13
N ASN B 1972 -13.78 99.33 -44.75
CA ASN B 1972 -12.95 98.69 -45.78
C ASN B 1972 -13.76 97.69 -46.61
N GLN B 1973 -14.69 96.98 -45.98
CA GLN B 1973 -15.50 96.01 -46.71
C GLN B 1973 -16.33 96.66 -47.80
N ARG B 1974 -16.82 97.88 -47.56
CA ARG B 1974 -17.61 98.57 -48.58
C ARG B 1974 -16.78 98.83 -49.84
N SER B 1975 -15.55 99.32 -49.69
CA SER B 1975 -14.69 99.51 -50.85
C SER B 1975 -14.33 98.20 -51.52
N ARG B 1976 -14.07 97.15 -50.72
CA ARG B 1976 -13.73 95.85 -51.31
C ARG B 1976 -14.88 95.29 -52.13
N TYR B 1977 -16.12 95.44 -51.67
CA TYR B 1977 -17.28 95.01 -52.43
C TYR B 1977 -17.56 95.93 -53.62
N ALA B 1978 -17.31 97.23 -53.49
CA ALA B 1978 -17.51 98.15 -54.61
C ALA B 1978 -16.56 97.83 -55.76
N LEU B 1979 -15.32 97.44 -55.45
CA LEU B 1979 -14.40 97.04 -56.51
C LEU B 1979 -14.93 95.84 -57.29
N LEU B 1980 -15.43 94.82 -56.59
CA LEU B 1980 -16.00 93.66 -57.27
C LEU B 1980 -17.23 94.03 -58.08
N MET B 1981 -18.09 94.89 -57.51
CA MET B 1981 -19.29 95.31 -58.23
C MET B 1981 -18.94 96.08 -59.50
N ARG B 1982 -17.94 96.95 -59.45
CA ARG B 1982 -17.50 97.66 -60.64
C ARG B 1982 -16.78 96.75 -61.63
N ALA B 1983 -16.19 95.65 -61.16
CA ALA B 1983 -15.54 94.70 -62.04
C ALA B 1983 -16.56 94.05 -62.96
N PHE B 1984 -16.36 94.20 -64.27
CA PHE B 1984 -17.29 93.68 -65.26
C PHE B 1984 -16.91 92.31 -65.80
N THR B 1985 -15.76 91.77 -65.39
CA THR B 1985 -15.34 90.46 -65.88
C THR B 1985 -16.15 89.36 -65.20
N MET B 1986 -16.43 88.29 -65.95
CA MET B 1986 -17.14 87.13 -65.45
C MET B 1986 -16.29 85.89 -65.68
N SER B 1987 -16.03 85.15 -64.60
CA SER B 1987 -15.19 83.96 -64.68
C SER B 1987 -15.47 83.08 -63.47
N ALA B 1988 -14.95 81.86 -63.51
CA ALA B 1988 -15.11 80.94 -62.38
C ALA B 1988 -14.41 81.48 -61.14
N ALA B 1989 -13.21 82.05 -61.30
CA ALA B 1989 -12.52 82.64 -60.15
C ALA B 1989 -13.28 83.83 -59.59
N GLU B 1990 -13.84 84.67 -60.46
CA GLU B 1990 -14.64 85.80 -59.98
C GLU B 1990 -15.88 85.32 -59.23
N THR B 1991 -16.54 84.29 -59.75
CA THR B 1991 -17.70 83.73 -59.05
C THR B 1991 -17.30 83.16 -57.70
N ALA B 1992 -16.17 82.45 -57.63
CA ALA B 1992 -15.70 81.91 -56.35
C ALA B 1992 -15.39 83.01 -55.36
N ARG B 1993 -14.78 84.11 -55.82
CA ARG B 1993 -14.53 85.24 -54.94
C ARG B 1993 -15.83 85.89 -54.48
N ARG B 1994 -16.83 86.00 -55.36
CA ARG B 1994 -18.08 86.66 -55.03
C ARG B 1994 -19.00 85.82 -54.15
N THR B 1995 -18.83 84.49 -54.14
CA THR B 1995 -19.68 83.65 -53.30
C THR B 1995 -19.51 83.94 -51.82
N ARG B 1996 -18.35 84.47 -51.41
CA ARG B 1996 -18.08 84.67 -50.00
C ARG B 1996 -19.08 85.64 -49.36
N GLU B 1997 -19.36 86.76 -50.03
CA GLU B 1997 -20.28 87.74 -49.47
C GLU B 1997 -21.73 87.31 -49.60
N PHE B 1998 -22.10 86.69 -50.72
CA PHE B 1998 -23.49 86.25 -50.89
C PHE B 1998 -23.85 85.14 -49.92
N ARG B 1999 -23.04 84.10 -49.83
CA ARG B 1999 -23.20 83.05 -48.84
C ARG B 1999 -22.50 83.49 -47.55
N SER B 2000 -22.27 82.56 -46.62
CA SER B 2000 -21.50 82.83 -45.42
C SER B 2000 -22.17 83.93 -44.58
N PRO B 2001 -23.24 83.62 -43.87
CA PRO B 2001 -23.88 84.61 -42.99
C PRO B 2001 -22.87 85.29 -42.10
N PRO B 2002 -23.20 86.47 -41.55
CA PRO B 2002 -22.15 87.34 -40.99
C PRO B 2002 -21.24 86.67 -39.97
N GLN B 2003 -21.66 85.57 -39.34
CA GLN B 2003 -20.75 84.83 -38.48
C GLN B 2003 -19.52 84.35 -39.23
N GLU B 2004 -19.72 83.66 -40.37
CA GLU B 2004 -18.58 83.21 -41.16
C GLU B 2004 -17.76 84.38 -41.69
N GLN B 2005 -18.42 85.45 -42.11
CA GLN B 2005 -17.69 86.62 -42.61
C GLN B 2005 -16.76 87.19 -41.53
N ILE B 2006 -17.29 87.44 -40.33
CA ILE B 2006 -16.46 88.04 -39.29
C ILE B 2006 -15.43 87.06 -38.77
N ASN B 2007 -15.70 85.76 -38.88
CA ASN B 2007 -14.71 84.78 -38.43
C ASN B 2007 -13.57 84.62 -39.42
N MET B 2008 -13.85 84.77 -40.72
CA MET B 2008 -12.85 84.45 -41.74
C MET B 2008 -11.67 85.40 -41.71
N LEU B 2009 -11.93 86.71 -41.73
CA LEU B 2009 -10.84 87.66 -41.92
C LEU B 2009 -10.00 87.86 -40.66
N LEU B 2010 -10.55 87.62 -39.48
CA LEU B 2010 -9.77 87.77 -38.26
C LEU B 2010 -8.67 86.71 -38.17
N HIS B 2011 -8.95 85.49 -38.63
CA HIS B 2011 -7.93 84.45 -38.63
C HIS B 2011 -6.77 84.82 -39.53
N PHE B 2012 -7.03 85.57 -40.61
CA PHE B 2012 -5.95 85.99 -41.51
C PHE B 2012 -4.93 86.86 -40.78
N LYS B 2013 -5.39 87.85 -40.01
CA LYS B 2013 -4.47 88.72 -39.31
C LYS B 2013 -3.69 87.99 -38.22
N ASP B 2014 -4.35 87.06 -37.53
CA ASP B 2014 -3.74 86.29 -36.46
C ASP B 2014 -3.30 84.94 -37.04
N GLU B 2015 -2.10 84.91 -37.61
CA GLU B 2015 -1.54 83.70 -38.19
C GLU B 2015 -0.13 83.50 -37.65
N ALA B 2016 0.31 82.23 -37.66
CA ALA B 2016 1.62 81.90 -37.13
C ALA B 2016 2.73 82.46 -38.01
N ASP B 2017 2.80 82.02 -39.26
CA ASP B 2017 3.81 82.51 -40.19
C ASP B 2017 3.28 82.86 -41.56
N GLU B 2018 2.15 82.31 -41.99
CA GLU B 2018 1.60 82.62 -43.31
C GLU B 2018 0.09 82.51 -43.24
N GLU B 2019 -0.61 83.45 -43.88
CA GLU B 2019 -2.06 83.46 -43.90
C GLU B 2019 -2.67 83.27 -45.28
N ASP B 2020 -1.92 83.53 -46.34
CA ASP B 2020 -2.43 83.45 -47.72
C ASP B 2020 -3.69 84.29 -47.87
N CYS B 2021 -3.63 85.52 -47.38
CA CYS B 2021 -4.79 86.40 -47.29
C CYS B 2021 -4.70 87.53 -48.32
N PRO B 2022 -5.47 87.49 -49.40
CA PRO B 2022 -5.53 88.64 -50.31
C PRO B 2022 -6.58 89.68 -49.94
N LEU B 2023 -7.51 89.35 -49.04
CA LEU B 2023 -8.56 90.30 -48.69
C LEU B 2023 -8.06 91.41 -47.77
N PRO B 2024 -7.44 91.14 -46.62
CA PRO B 2024 -7.02 92.24 -45.75
C PRO B 2024 -5.95 93.11 -46.39
N GLU B 2025 -6.00 94.39 -46.05
CA GLU B 2025 -5.04 95.36 -46.55
C GLU B 2025 -3.80 95.36 -45.67
N ASP B 2026 -2.93 96.35 -45.86
CA ASP B 2026 -1.71 96.48 -45.08
C ASP B 2026 -1.95 97.03 -43.68
N ILE B 2027 -3.19 97.46 -43.38
CA ILE B 2027 -3.49 98.02 -42.05
C ILE B 2027 -3.75 96.95 -41.01
N ARG B 2028 -3.57 95.68 -41.34
CA ARG B 2028 -3.84 94.61 -40.38
C ARG B 2028 -2.79 94.54 -39.28
N GLN B 2029 -1.68 95.26 -39.42
CA GLN B 2029 -0.66 95.27 -38.38
C GLN B 2029 -1.11 96.00 -37.12
N ASP B 2030 -2.16 96.83 -37.20
CA ASP B 2030 -2.67 97.50 -36.01
C ASP B 2030 -3.20 96.51 -34.99
N LEU B 2031 -3.89 95.46 -35.45
CA LEU B 2031 -4.35 94.44 -34.53
C LEU B 2031 -3.19 93.74 -33.83
N GLN B 2032 -2.13 93.40 -34.57
CA GLN B 2032 -0.97 92.79 -33.96
C GLN B 2032 -0.31 93.72 -32.95
N ASP B 2033 -0.21 95.01 -33.27
CA ASP B 2033 0.37 95.97 -32.33
C ASP B 2033 -0.46 96.06 -31.06
N PHE B 2034 -1.79 96.12 -31.20
CA PHE B 2034 -2.66 96.19 -30.02
C PHE B 2034 -2.57 94.91 -29.19
N HIS B 2035 -2.50 93.75 -29.85
CA HIS B 2035 -2.36 92.50 -29.11
C HIS B 2035 -1.04 92.44 -28.35
N GLN B 2036 0.05 92.89 -28.98
CA GLN B 2036 1.33 92.96 -28.28
C GLN B 2036 1.28 93.91 -27.10
N ASP B 2037 0.62 95.06 -27.26
CA ASP B 2037 0.48 95.99 -26.15
C ASP B 2037 -0.34 95.38 -25.01
N LEU B 2038 -1.40 94.65 -25.33
CA LEU B 2038 -2.19 93.99 -24.30
C LEU B 2038 -1.38 92.92 -23.58
N LEU B 2039 -0.59 92.13 -24.32
CA LEU B 2039 0.26 91.15 -23.67
C LEU B 2039 1.28 91.80 -22.76
N ALA B 2040 1.87 92.92 -23.19
CA ALA B 2040 2.79 93.65 -22.33
C ALA B 2040 2.10 94.19 -21.08
N HIS B 2041 0.88 94.70 -21.22
CA HIS B 2041 0.14 95.21 -20.07
C HIS B 2041 -0.20 94.09 -19.09
N CYS B 2042 -0.53 92.90 -19.59
CA CYS B 2042 -0.88 91.79 -18.73
C CYS B 2042 0.40 91.23 -18.09
N GLY B 2043 0.27 90.10 -17.38
CA GLY B 2043 1.39 89.54 -16.68
C GLY B 2043 2.43 88.89 -17.58
N ILE B 2044 2.08 88.64 -18.85
CA ILE B 2044 3.02 88.01 -19.76
C ILE B 2044 4.15 88.98 -20.09
N GLN B 2045 5.39 88.51 -19.94
CA GLN B 2045 6.55 89.36 -20.22
C GLN B 2045 6.63 89.69 -21.70
N LEU B 2046 6.50 88.68 -22.56
CA LEU B 2046 6.50 88.78 -24.02
C LEU B 2046 7.81 89.32 -24.58
N GLU B 2047 8.82 89.55 -23.75
CA GLU B 2047 10.11 90.07 -24.23
C GLU B 2047 11.13 88.95 -24.44
N GLY B 2048 11.25 88.03 -23.48
CA GLY B 2048 12.19 86.94 -23.58
C GLY B 2048 11.71 85.85 -24.53
N LYS B 2089 15.61 92.95 -5.00
CA LYS B 2089 15.45 94.10 -5.87
C LYS B 2089 14.25 94.93 -5.46
N LYS B 2090 13.61 95.57 -6.44
CA LYS B 2090 12.43 96.37 -6.20
C LYS B 2090 11.26 95.89 -7.07
N PRO B 2091 10.07 95.76 -6.50
CA PRO B 2091 8.92 95.31 -7.31
C PRO B 2091 8.56 96.29 -8.41
N GLN B 2092 8.46 97.57 -8.06
CA GLN B 2092 8.13 98.67 -8.96
C GLN B 2092 6.75 98.51 -9.61
N SER B 2093 5.95 97.55 -9.16
CA SER B 2093 4.62 97.34 -9.71
C SER B 2093 3.76 96.61 -8.70
N LEU B 2094 2.46 96.84 -8.79
CA LEU B 2094 1.51 96.16 -7.90
C LEU B 2094 1.60 94.65 -8.05
N GLN B 2095 1.78 94.18 -9.28
CA GLN B 2095 1.84 92.74 -9.54
C GLN B 2095 2.98 92.09 -8.78
N GLU B 2096 4.21 92.58 -8.98
CA GLU B 2096 5.36 92.03 -8.29
C GLU B 2096 5.28 92.25 -6.79
N LEU B 2097 4.75 93.39 -6.35
CA LEU B 2097 4.61 93.64 -4.92
C LEU B 2097 3.72 92.60 -4.26
N VAL B 2098 2.56 92.33 -4.86
CA VAL B 2098 1.65 91.33 -4.28
C VAL B 2098 2.27 89.95 -4.33
N SER B 2099 2.91 89.60 -5.45
CA SER B 2099 3.51 88.27 -5.56
C SER B 2099 4.59 88.05 -4.51
N HIS B 2100 5.41 89.08 -4.25
CA HIS B 2100 6.48 88.95 -3.28
C HIS B 2100 5.96 89.03 -1.85
N MET B 2101 4.88 89.77 -1.61
CA MET B 2101 4.36 89.94 -0.26
C MET B 2101 3.61 88.69 0.20
N VAL B 2102 2.83 88.08 -0.68
CA VAL B 2102 2.04 86.91 -0.28
C VAL B 2102 2.95 85.77 0.15
N VAL B 2103 4.02 85.51 -0.61
CA VAL B 2103 4.92 84.43 -0.25
C VAL B 2103 5.67 84.76 1.05
N ARG B 2104 6.03 86.03 1.25
CA ARG B 2104 6.73 86.41 2.47
C ARG B 2104 5.86 86.21 3.70
N TRP B 2105 4.56 86.52 3.61
CA TRP B 2105 3.70 86.32 4.78
C TRP B 2105 3.68 84.87 5.21
N ALA B 2106 3.59 83.94 4.26
CA ALA B 2106 3.58 82.52 4.61
C ALA B 2106 4.95 82.02 5.02
N GLN B 2107 6.02 82.60 4.47
CA GLN B 2107 7.37 82.15 4.80
C GLN B 2107 7.78 82.63 6.19
N GLU B 2108 7.26 83.77 6.65
CA GLU B 2108 7.70 84.32 7.93
C GLU B 2108 7.39 83.38 9.09
N ASP B 2109 6.19 82.81 9.13
CA ASP B 2109 5.81 81.95 10.24
C ASP B 2109 4.58 81.13 9.84
N TYR B 2110 4.21 80.20 10.73
CA TYR B 2110 3.01 79.40 10.52
C TYR B 2110 1.77 80.30 10.56
N VAL B 2111 0.77 79.92 9.78
CA VAL B 2111 -0.45 80.70 9.63
C VAL B 2111 -1.62 79.87 10.14
N GLN B 2112 -2.36 80.41 11.11
CA GLN B 2112 -3.59 79.82 11.60
C GLN B 2112 -4.78 80.46 10.88
N SER B 2113 -5.99 80.16 11.34
CA SER B 2113 -7.22 80.72 10.79
C SER B 2113 -7.32 80.40 9.30
N PRO B 2114 -7.70 79.17 8.95
CA PRO B 2114 -7.62 78.73 7.54
C PRO B 2114 -8.35 79.64 6.57
N GLU B 2115 -9.31 80.45 7.01
CA GLU B 2115 -9.94 81.39 6.11
C GLU B 2115 -8.92 82.41 5.58
N LEU B 2116 -8.00 82.82 6.44
CA LEU B 2116 -6.95 83.75 6.03
C LEU B 2116 -6.09 83.17 4.90
N VAL B 2117 -5.63 81.94 5.06
CA VAL B 2117 -4.81 81.34 4.01
C VAL B 2117 -5.62 81.05 2.76
N ARG B 2118 -6.91 80.71 2.91
CA ARG B 2118 -7.77 80.56 1.74
C ARG B 2118 -7.83 81.85 0.93
N ALA B 2119 -8.11 82.97 1.59
CA ALA B 2119 -8.14 84.25 0.90
C ALA B 2119 -6.78 84.62 0.32
N MET B 2120 -5.70 84.34 1.06
CA MET B 2120 -4.36 84.64 0.60
C MET B 2120 -4.05 83.92 -0.72
N PHE B 2121 -4.30 82.61 -0.76
CA PHE B 2121 -3.99 81.85 -1.97
C PHE B 2121 -4.96 82.17 -3.10
N SER B 2122 -6.22 82.44 -2.79
CA SER B 2122 -7.15 82.86 -3.84
C SER B 2122 -6.72 84.16 -4.48
N LEU B 2123 -6.22 85.11 -3.69
CA LEU B 2123 -5.70 86.36 -4.23
C LEU B 2123 -4.39 86.17 -4.97
N LEU B 2124 -3.55 85.22 -4.54
CA LEU B 2124 -2.26 85.03 -5.19
C LEU B 2124 -2.39 84.31 -6.54
N HIS B 2125 -3.33 83.37 -6.64
CA HIS B 2125 -3.53 82.68 -7.91
C HIS B 2125 -4.01 83.62 -9.00
N ARG B 2126 -4.97 84.49 -8.68
CA ARG B 2126 -5.40 85.51 -9.64
C ARG B 2126 -4.25 86.41 -10.03
N GLN B 2127 -3.33 86.66 -9.10
CA GLN B 2127 -2.23 87.57 -9.38
C GLN B 2127 -1.24 86.94 -10.35
N TYR B 2128 -0.89 85.66 -10.15
CA TYR B 2128 -0.06 84.97 -11.11
C TYR B 2128 -0.74 84.81 -12.47
N ASP B 2129 -1.99 84.34 -12.49
CA ASP B 2129 -2.67 84.03 -13.74
C ASP B 2129 -3.63 85.16 -14.06
N GLY B 2130 -3.13 86.19 -14.75
CA GLY B 2130 -3.96 87.29 -15.15
C GLY B 2130 -4.76 87.04 -16.41
N LEU B 2131 -4.18 86.29 -17.35
CA LEU B 2131 -4.90 86.01 -18.60
C LEU B 2131 -6.06 85.04 -18.35
N GLY B 2132 -5.89 84.09 -17.44
CA GLY B 2132 -6.95 83.13 -17.18
C GLY B 2132 -8.20 83.78 -16.62
N GLU B 2133 -8.04 84.67 -15.65
CA GLU B 2133 -9.19 85.37 -15.09
C GLU B 2133 -9.87 86.25 -16.13
N LEU B 2134 -9.09 86.95 -16.95
CA LEU B 2134 -9.68 87.78 -18.00
C LEU B 2134 -10.47 86.92 -19.00
N LEU B 2135 -9.90 85.78 -19.40
CA LEU B 2135 -10.61 84.90 -20.31
C LEU B 2135 -11.89 84.34 -19.68
N ARG B 2136 -11.84 84.01 -18.40
CA ARG B 2136 -13.02 83.48 -17.73
C ARG B 2136 -14.11 84.55 -17.59
N ALA B 2137 -13.72 85.80 -17.36
CA ALA B 2137 -14.69 86.87 -17.16
C ALA B 2137 -15.11 87.56 -18.46
N LEU B 2138 -14.46 87.26 -19.57
CA LEU B 2138 -14.81 87.84 -20.86
C LEU B 2138 -16.27 87.62 -21.27
N PRO B 2139 -16.86 86.42 -21.09
CA PRO B 2139 -18.25 86.23 -21.52
C PRO B 2139 -19.24 87.18 -20.86
N ARG B 2140 -18.93 87.73 -19.68
CA ARG B 2140 -19.83 88.67 -19.04
C ARG B 2140 -19.83 90.03 -19.73
N ALA B 2141 -18.83 90.31 -20.56
CA ALA B 2141 -18.72 91.61 -21.19
C ALA B 2141 -19.81 91.81 -22.24
N TYR B 2142 -20.36 93.02 -22.29
CA TYR B 2142 -21.38 93.37 -23.27
C TYR B 2142 -21.29 94.85 -23.58
N THR B 2143 -21.63 95.20 -24.82
CA THR B 2143 -21.64 96.58 -25.29
C THR B 2143 -23.01 96.91 -25.84
N ILE B 2144 -23.46 98.15 -25.61
CA ILE B 2144 -24.75 98.60 -26.09
C ILE B 2144 -24.59 99.96 -26.76
N SER B 2145 -25.59 100.29 -27.59
CA SER B 2145 -25.64 101.56 -28.30
C SER B 2145 -26.14 102.65 -27.37
N PRO B 2146 -25.71 103.89 -27.59
CA PRO B 2146 -26.21 105.01 -26.77
C PRO B 2146 -27.69 105.23 -26.99
N SER B 2147 -28.25 106.11 -26.16
CA SER B 2147 -29.67 106.47 -26.12
C SER B 2147 -30.55 105.30 -25.69
N SER B 2148 -29.97 104.17 -25.30
CA SER B 2148 -30.72 103.03 -24.80
C SER B 2148 -30.34 102.67 -23.36
N VAL B 2149 -29.51 103.49 -22.71
CA VAL B 2149 -29.08 103.18 -21.35
C VAL B 2149 -30.18 103.52 -20.35
N GLU B 2150 -31.04 104.48 -20.66
CA GLU B 2150 -32.11 104.86 -19.74
C GLU B 2150 -33.10 103.71 -19.54
N ASP B 2151 -33.41 102.97 -20.60
CA ASP B 2151 -34.35 101.87 -20.48
C ASP B 2151 -33.80 100.75 -19.62
N THR B 2152 -32.51 100.42 -19.80
CA THR B 2152 -31.91 99.33 -19.03
C THR B 2152 -31.50 99.75 -17.63
N MET B 2153 -31.41 101.05 -17.34
CA MET B 2153 -31.22 101.47 -15.96
C MET B 2153 -32.37 101.04 -15.07
N SER B 2154 -33.61 101.20 -15.56
CA SER B 2154 -34.76 100.68 -14.83
C SER B 2154 -34.73 99.17 -14.71
N LEU B 2155 -34.26 98.46 -15.75
CA LEU B 2155 -34.13 97.01 -15.66
C LEU B 2155 -33.17 96.61 -14.54
N LEU B 2156 -32.02 97.26 -14.48
CA LEU B 2156 -31.05 96.96 -13.42
C LEU B 2156 -31.61 97.30 -12.05
N GLU B 2157 -32.29 98.45 -11.93
CA GLU B 2157 -32.86 98.83 -10.64
C GLU B 2157 -33.91 97.82 -10.18
N CYS B 2158 -34.77 97.37 -11.10
CA CYS B 2158 -35.77 96.37 -10.75
C CYS B 2158 -35.14 95.02 -10.41
N LEU B 2159 -34.12 94.60 -11.16
CA LEU B 2159 -33.46 93.34 -10.86
C LEU B 2159 -32.73 93.40 -9.53
N GLY B 2160 -32.33 94.59 -9.10
CA GLY B 2160 -31.77 94.75 -7.77
C GLY B 2160 -32.68 94.29 -6.65
N GLN B 2161 -33.97 94.64 -6.73
CA GLN B 2161 -34.93 94.17 -5.73
C GLN B 2161 -35.07 92.66 -5.76
N ILE B 2162 -35.11 92.07 -6.95
CA ILE B 2162 -35.20 90.61 -7.07
C ILE B 2162 -34.00 89.95 -6.43
N ARG B 2163 -32.80 90.46 -6.70
CA ARG B 2163 -31.60 89.86 -6.12
C ARG B 2163 -31.55 90.06 -4.61
N SER B 2164 -31.98 91.22 -4.12
CA SER B 2164 -31.87 91.50 -2.70
C SER B 2164 -32.90 90.72 -1.88
N LEU B 2165 -34.11 90.56 -2.40
CA LEU B 2165 -35.17 89.90 -1.64
C LEU B 2165 -34.99 88.39 -1.56
N LEU B 2166 -34.10 87.81 -2.38
CA LEU B 2166 -33.93 86.37 -2.38
C LEU B 2166 -33.39 85.84 -1.06
N ILE B 2167 -32.63 86.66 -0.32
CA ILE B 2167 -32.00 86.17 0.90
C ILE B 2167 -32.96 86.09 2.08
N VAL B 2168 -34.01 86.90 2.10
CA VAL B 2168 -34.93 86.90 3.24
C VAL B 2168 -36.00 85.82 3.04
N GLN B 2169 -36.67 85.49 4.14
CA GLN B 2169 -37.71 84.48 4.10
C GLN B 2169 -38.97 85.04 3.42
N MET B 2170 -39.66 84.17 2.69
CA MET B 2170 -40.84 84.60 1.95
C MET B 2170 -42.00 84.85 2.90
N GLY B 2171 -42.67 85.98 2.71
CA GLY B 2171 -43.82 86.35 3.51
C GLY B 2171 -44.90 86.97 2.66
N PRO B 2172 -46.09 87.18 3.25
CA PRO B 2172 -47.18 87.81 2.50
C PRO B 2172 -46.84 89.19 1.98
N GLN B 2173 -46.07 89.97 2.72
CA GLN B 2173 -45.69 91.30 2.26
C GLN B 2173 -44.66 91.23 1.15
N GLU B 2174 -43.69 90.32 1.27
CA GLU B 2174 -42.66 90.21 0.24
C GLU B 2174 -43.21 89.61 -1.04
N GLU B 2175 -44.27 88.79 -0.95
CA GLU B 2175 -44.86 88.19 -2.14
C GLU B 2175 -45.41 89.24 -3.09
N ASN B 2176 -46.10 90.25 -2.54
CA ASN B 2176 -46.65 91.31 -3.40
C ASN B 2176 -45.55 92.08 -4.09
N LEU B 2177 -44.47 92.41 -3.38
CA LEU B 2177 -43.34 93.11 -4.02
C LEU B 2177 -42.70 92.25 -5.10
N MET B 2178 -42.54 90.95 -4.84
CA MET B 2178 -41.98 90.05 -5.84
C MET B 2178 -42.85 90.01 -7.10
N ILE B 2179 -44.17 89.90 -6.92
CA ILE B 2179 -45.07 89.87 -8.06
C ILE B 2179 -45.01 91.19 -8.82
N GLN B 2180 -44.98 92.31 -8.10
CA GLN B 2180 -44.89 93.61 -8.75
C GLN B 2180 -43.62 93.75 -9.57
N SER B 2181 -42.48 93.31 -9.02
CA SER B 2181 -41.22 93.40 -9.75
C SER B 2181 -41.24 92.51 -10.99
N ILE B 2182 -41.75 91.28 -10.85
CA ILE B 2182 -41.79 90.37 -11.99
C ILE B 2182 -42.72 90.91 -13.08
N GLY B 2183 -43.87 91.46 -12.70
CA GLY B 2183 -44.77 92.03 -13.69
C GLY B 2183 -44.19 93.26 -14.36
N ASN B 2184 -43.47 94.08 -13.60
CA ASN B 2184 -42.92 95.32 -14.16
C ASN B 2184 -41.73 95.02 -15.07
N ILE B 2185 -40.98 93.95 -14.82
CA ILE B 2185 -39.81 93.65 -15.64
C ILE B 2185 -40.17 93.06 -16.99
N MET B 2186 -41.44 92.69 -17.19
CA MET B 2186 -41.84 92.07 -18.46
C MET B 2186 -41.84 93.09 -19.60
N ASN B 2187 -42.71 94.09 -19.51
CA ASN B 2187 -42.85 95.09 -20.57
C ASN B 2187 -41.82 96.21 -20.39
N ASN B 2188 -40.58 95.88 -20.76
CA ASN B 2188 -39.46 96.79 -20.53
C ASN B 2188 -38.84 97.32 -21.82
N LYS B 2189 -39.21 96.73 -22.96
CA LYS B 2189 -38.80 97.20 -24.29
C LYS B 2189 -37.32 96.89 -24.55
N VAL B 2190 -36.61 96.41 -23.53
CA VAL B 2190 -35.25 95.91 -23.72
C VAL B 2190 -35.17 94.40 -23.55
N PHE B 2191 -36.22 93.76 -23.05
CA PHE B 2191 -36.25 92.31 -22.96
C PHE B 2191 -36.23 91.66 -24.34
N TYR B 2192 -36.75 92.37 -25.35
CA TYR B 2192 -36.85 91.80 -26.69
C TYR B 2192 -35.61 92.12 -27.54
N GLN B 2193 -35.06 93.32 -27.37
CA GLN B 2193 -33.99 93.77 -28.25
C GLN B 2193 -32.71 92.95 -28.09
N HIS B 2194 -32.36 92.58 -26.86
CA HIS B 2194 -31.11 91.90 -26.56
C HIS B 2194 -31.41 90.62 -25.77
N PRO B 2195 -31.87 89.57 -26.44
CA PRO B 2195 -32.14 88.31 -25.72
C PRO B 2195 -30.89 87.61 -25.21
N ASN B 2196 -29.73 87.87 -25.80
CA ASN B 2196 -28.50 87.22 -25.35
C ASN B 2196 -28.01 87.81 -24.03
N LEU B 2197 -28.32 89.08 -23.76
CA LEU B 2197 -27.84 89.72 -22.55
C LEU B 2197 -28.51 89.14 -21.30
N MET B 2198 -29.76 88.68 -21.44
CA MET B 2198 -30.43 88.03 -20.32
C MET B 2198 -29.73 86.76 -19.87
N ARG B 2199 -29.26 85.94 -20.82
CA ARG B 2199 -28.51 84.75 -20.44
C ARG B 2199 -27.21 85.10 -19.74
N ALA B 2200 -26.52 86.15 -20.19
CA ALA B 2200 -25.31 86.60 -19.51
C ALA B 2200 -25.61 87.06 -18.10
N LEU B 2201 -26.69 87.81 -17.91
CA LEU B 2201 -27.10 88.23 -16.58
C LEU B 2201 -27.69 87.09 -15.76
N GLY B 2202 -28.00 85.95 -16.37
CA GLY B 2202 -28.52 84.81 -15.64
C GLY B 2202 -29.85 85.05 -14.98
N MET B 2203 -30.78 85.72 -15.68
CA MET B 2203 -32.08 86.01 -15.09
C MET B 2203 -32.88 84.73 -14.83
N HIS B 2204 -32.86 83.80 -15.77
CA HIS B 2204 -33.65 82.58 -15.63
C HIS B 2204 -33.19 81.75 -14.43
N GLU B 2205 -31.88 81.71 -14.18
CA GLU B 2205 -31.39 80.98 -13.00
C GLU B 2205 -31.91 81.58 -11.71
N THR B 2206 -31.90 82.91 -11.58
CA THR B 2206 -32.44 83.55 -10.39
C THR B 2206 -33.93 83.33 -10.24
N VAL B 2207 -34.67 83.42 -11.36
CA VAL B 2207 -36.11 83.22 -11.31
C VAL B 2207 -36.45 81.78 -10.95
N MET B 2208 -35.62 80.83 -11.36
CA MET B 2208 -35.86 79.44 -10.96
C MET B 2208 -35.46 79.20 -9.52
N GLU B 2209 -34.40 79.86 -9.05
CA GLU B 2209 -33.98 79.72 -7.66
C GLU B 2209 -35.02 80.28 -6.70
N VAL B 2210 -35.63 81.42 -7.03
CA VAL B 2210 -36.69 81.94 -6.18
C VAL B 2210 -37.94 81.08 -6.27
N MET B 2211 -38.16 80.40 -7.39
CA MET B 2211 -39.33 79.56 -7.55
C MET B 2211 -39.22 78.25 -6.78
N VAL B 2212 -38.04 77.63 -6.76
CA VAL B 2212 -37.91 76.32 -6.15
C VAL B 2212 -38.22 76.37 -4.65
N ASN B 2213 -37.86 77.47 -3.98
CA ASN B 2213 -38.13 77.60 -2.56
C ASN B 2213 -39.62 77.62 -2.26
N VAL B 2214 -40.44 78.14 -3.18
CA VAL B 2214 -41.86 78.27 -2.92
C VAL B 2214 -42.51 76.91 -2.78
N LEU B 2215 -42.21 75.98 -3.69
CA LEU B 2215 -42.79 74.64 -3.60
C LEU B 2215 -41.92 73.68 -2.82
N GLY B 2216 -40.74 74.10 -2.38
CA GLY B 2216 -39.90 73.24 -1.58
C GLY B 2216 -40.50 72.94 -0.22
N GLY B 2217 -40.03 71.84 0.37
CA GLY B 2217 -40.48 71.40 1.67
C GLY B 2217 -41.58 70.37 1.63
N GLY B 2218 -42.25 70.20 0.50
CA GLY B 2218 -43.31 69.21 0.38
C GLY B 2218 -43.76 69.01 -1.04
N GLU B 2219 -43.86 67.75 -1.47
CA GLU B 2219 -44.32 67.45 -2.83
C GLU B 2219 -45.81 67.69 -2.96
N THR B 2220 -46.62 66.95 -2.19
CA THR B 2220 -48.06 67.12 -2.21
C THR B 2220 -48.71 67.22 -0.84
N LYS B 2221 -48.08 66.72 0.23
CA LYS B 2221 -48.69 66.81 1.55
C LYS B 2221 -48.79 68.25 2.03
N GLU B 2222 -47.73 69.04 1.82
CA GLU B 2222 -47.69 70.44 2.25
C GLU B 2222 -47.53 71.30 1.01
N ILE B 2223 -48.46 72.23 0.82
CA ILE B 2223 -48.40 73.19 -0.28
C ILE B 2223 -49.12 74.46 0.16
N ARG B 2224 -48.54 75.61 -0.16
CA ARG B 2224 -49.10 76.91 0.21
C ARG B 2224 -48.54 77.94 -0.75
N PHE B 2225 -48.74 79.22 -0.39
CA PHE B 2225 -48.29 80.36 -1.18
C PHE B 2225 -48.80 80.29 -2.62
N PRO B 2226 -50.09 80.50 -2.84
CA PRO B 2226 -50.60 80.57 -4.20
C PRO B 2226 -50.24 81.90 -4.85
N LYS B 2227 -50.55 82.02 -6.14
CA LYS B 2227 -50.27 83.17 -6.98
C LYS B 2227 -48.77 83.45 -7.09
N MET B 2228 -47.91 82.53 -6.65
CA MET B 2228 -46.47 82.69 -6.78
C MET B 2228 -45.92 81.84 -7.92
N VAL B 2229 -46.18 80.53 -7.87
CA VAL B 2229 -45.70 79.61 -8.89
C VAL B 2229 -46.31 79.94 -10.24
N THR B 2230 -47.60 80.29 -10.26
CA THR B 2230 -48.25 80.64 -11.52
C THR B 2230 -47.61 81.86 -12.15
N SER B 2231 -47.37 82.91 -11.37
CA SER B 2231 -46.76 84.12 -11.88
C SER B 2231 -45.33 83.88 -12.34
N CYS B 2232 -44.56 83.08 -11.61
CA CYS B 2232 -43.19 82.79 -12.03
C CYS B 2232 -43.17 81.94 -13.31
N CYS B 2233 -44.04 80.93 -13.39
CA CYS B 2233 -44.06 80.06 -14.55
C CYS B 2233 -44.57 80.78 -15.80
N ARG B 2234 -45.48 81.74 -15.65
CA ARG B 2234 -45.86 82.54 -16.81
C ARG B 2234 -44.68 83.31 -17.37
N PHE B 2235 -43.86 83.91 -16.49
CA PHE B 2235 -42.66 84.58 -16.96
C PHE B 2235 -41.68 83.62 -17.61
N LEU B 2236 -41.53 82.42 -17.03
CA LEU B 2236 -40.64 81.43 -17.64
C LEU B 2236 -41.12 81.03 -19.04
N CYS B 2237 -42.43 80.79 -19.20
CA CYS B 2237 -42.96 80.46 -20.50
C CYS B 2237 -42.77 81.60 -21.50
N TYR B 2238 -43.00 82.84 -21.07
CA TYR B 2238 -42.80 83.97 -21.96
C TYR B 2238 -41.34 84.11 -22.37
N PHE B 2239 -40.42 83.90 -21.42
CA PHE B 2239 -39.00 83.98 -21.74
C PHE B 2239 -38.55 82.85 -22.66
N CYS B 2240 -39.20 81.68 -22.55
CA CYS B 2240 -38.83 80.56 -23.41
C CYS B 2240 -39.14 80.83 -24.87
N ARG B 2241 -40.27 81.47 -25.17
CA ARG B 2241 -40.74 81.59 -26.54
C ARG B 2241 -40.17 82.81 -27.27
N ILE B 2242 -39.47 83.70 -26.56
CA ILE B 2242 -38.97 84.90 -27.23
C ILE B 2242 -37.88 84.56 -28.24
N SER B 2243 -37.05 83.57 -27.96
CA SER B 2243 -35.98 83.17 -28.86
C SER B 2243 -35.72 81.69 -28.73
N ARG B 2244 -35.17 81.09 -29.79
CA ARG B 2244 -34.82 79.68 -29.77
C ARG B 2244 -33.56 79.40 -28.96
N GLN B 2245 -32.64 80.35 -28.87
CA GLN B 2245 -31.40 80.15 -28.13
C GLN B 2245 -31.65 79.89 -26.65
N ASN B 2246 -32.54 80.66 -26.04
CA ASN B 2246 -32.87 80.46 -24.63
C ASN B 2246 -33.58 79.14 -24.39
N GLN B 2247 -34.23 78.58 -25.41
CA GLN B 2247 -34.96 77.34 -25.25
C GLN B 2247 -34.02 76.19 -24.89
N ARG B 2248 -32.86 76.11 -25.55
CA ARG B 2248 -31.91 75.05 -25.25
C ARG B 2248 -31.39 75.17 -23.82
N SER B 2249 -31.09 76.39 -23.38
CA SER B 2249 -30.63 76.58 -22.00
C SER B 2249 -31.71 76.21 -21.00
N MET B 2250 -32.96 76.58 -21.26
CA MET B 2250 -34.04 76.22 -20.35
C MET B 2250 -34.37 74.74 -20.39
N PHE B 2251 -34.01 74.05 -21.47
CA PHE B 2251 -34.27 72.62 -21.58
C PHE B 2251 -33.51 71.79 -20.56
N ASP B 2252 -32.41 72.31 -20.01
CA ASP B 2252 -31.59 71.54 -19.09
C ASP B 2252 -32.31 71.20 -17.79
N HIS B 2253 -33.32 71.99 -17.41
CA HIS B 2253 -34.08 71.74 -16.19
C HIS B 2253 -35.33 70.90 -16.44
N LEU B 2254 -35.40 70.20 -17.59
CA LEU B 2254 -36.60 69.46 -17.93
C LEU B 2254 -36.85 68.32 -16.94
N SER B 2255 -35.80 67.62 -16.53
CA SER B 2255 -35.98 66.47 -15.65
C SER B 2255 -36.56 66.87 -14.30
N TYR B 2256 -36.11 67.98 -13.73
CA TYR B 2256 -36.62 68.40 -12.43
C TYR B 2256 -38.05 68.92 -12.53
N LEU B 2257 -38.37 69.63 -13.62
CA LEU B 2257 -39.69 70.24 -13.74
C LEU B 2257 -40.80 69.22 -13.76
N LEU B 2258 -40.64 68.12 -14.50
CA LEU B 2258 -41.70 67.11 -14.57
C LEU B 2258 -41.80 66.30 -13.29
N GLU B 2259 -40.82 66.41 -12.38
CA GLU B 2259 -40.96 65.78 -11.08
C GLU B 2259 -42.04 66.47 -10.24
N ASN B 2260 -42.10 67.80 -10.30
CA ASN B 2260 -43.11 68.57 -9.58
C ASN B 2260 -44.28 68.97 -10.46
N SER B 2261 -44.28 68.58 -11.74
CA SER B 2261 -45.42 68.87 -12.60
C SER B 2261 -46.70 68.26 -12.05
N GLY B 2262 -46.62 67.04 -11.53
CA GLY B 2262 -47.78 66.42 -10.93
C GLY B 2262 -48.16 66.97 -9.56
N ILE B 2263 -47.27 67.74 -8.94
CA ILE B 2263 -47.57 68.32 -7.63
C ILE B 2263 -48.63 69.40 -7.74
N GLY B 2264 -48.71 70.08 -8.87
CA GLY B 2264 -49.63 71.18 -9.04
C GLY B 2264 -50.95 70.77 -9.65
N LEU B 2265 -51.18 71.16 -10.91
CA LEU B 2265 -52.41 70.86 -11.63
C LEU B 2265 -53.63 71.40 -10.89
N GLY B 2266 -53.49 72.61 -10.34
CA GLY B 2266 -54.57 73.21 -9.57
C GLY B 2266 -55.49 74.07 -10.41
N MET B 2267 -55.77 75.28 -9.93
CA MET B 2267 -56.67 76.18 -10.65
C MET B 2267 -56.00 76.71 -11.92
N GLN B 2268 -56.84 77.24 -12.81
CA GLN B 2268 -56.38 77.58 -14.16
C GLN B 2268 -55.29 78.66 -14.12
N GLY B 2269 -54.31 78.50 -15.00
CA GLY B 2269 -53.17 79.39 -15.09
C GLY B 2269 -51.91 78.61 -15.38
N SER B 2270 -50.77 79.28 -15.25
CA SER B 2270 -49.49 78.64 -15.50
C SER B 2270 -49.20 77.59 -14.43
N THR B 2271 -48.67 76.46 -14.87
CA THR B 2271 -48.28 75.35 -14.01
C THR B 2271 -46.89 74.89 -14.42
N PRO B 2272 -46.11 74.33 -13.49
CA PRO B 2272 -44.74 73.92 -13.83
C PRO B 2272 -44.66 72.94 -14.99
N LEU B 2273 -45.74 72.24 -15.32
CA LEU B 2273 -45.74 71.40 -16.52
C LEU B 2273 -45.82 72.23 -17.79
N ASP B 2274 -46.41 73.42 -17.71
CA ASP B 2274 -46.59 74.24 -18.91
C ASP B 2274 -45.26 74.71 -19.47
N VAL B 2275 -44.30 75.07 -18.62
CA VAL B 2275 -43.00 75.50 -19.13
C VAL B 2275 -42.27 74.35 -19.80
N ALA B 2276 -42.36 73.15 -19.23
CA ALA B 2276 -41.76 71.99 -19.87
C ALA B 2276 -42.41 71.70 -21.22
N ALA B 2277 -43.74 71.82 -21.29
CA ALA B 2277 -44.43 71.61 -22.55
C ALA B 2277 -44.03 72.65 -23.60
N ALA B 2278 -43.91 73.92 -23.19
CA ALA B 2278 -43.54 74.99 -24.10
C ALA B 2278 -42.06 74.97 -24.46
N SER B 2279 -41.23 74.24 -23.71
CA SER B 2279 -39.81 74.17 -24.03
C SER B 2279 -39.55 73.38 -25.32
N VAL B 2280 -40.55 72.66 -25.82
CA VAL B 2280 -40.36 71.80 -26.98
C VAL B 2280 -41.32 72.15 -28.12
N ILE B 2281 -41.82 73.39 -28.16
CA ILE B 2281 -42.69 73.79 -29.26
C ILE B 2281 -41.91 73.86 -30.57
N ASP B 2282 -40.75 74.50 -30.54
CA ASP B 2282 -39.86 74.57 -31.70
C ASP B 2282 -38.88 73.40 -31.59
N ASN B 2283 -39.36 72.22 -31.92
CA ASN B 2283 -38.59 70.99 -31.80
C ASN B 2283 -37.89 70.70 -33.13
N ASN B 2284 -37.43 69.45 -33.31
CA ASN B 2284 -36.70 68.89 -34.45
C ASN B 2284 -35.19 69.16 -34.37
N GLU B 2285 -34.71 69.88 -33.36
CA GLU B 2285 -33.29 69.92 -33.07
C GLU B 2285 -32.95 69.45 -31.66
N LEU B 2286 -33.95 69.38 -30.78
CA LEU B 2286 -33.73 68.91 -29.42
C LEU B 2286 -34.79 67.92 -28.96
N ALA B 2287 -35.83 67.66 -29.76
CA ALA B 2287 -36.82 66.66 -29.40
C ALA B 2287 -36.28 65.25 -29.55
N LEU B 2288 -35.23 65.05 -30.35
CA LEU B 2288 -34.65 63.72 -30.49
C LEU B 2288 -33.97 63.28 -29.20
N ALA B 2289 -33.45 64.22 -28.42
CA ALA B 2289 -32.83 63.90 -27.13
C ALA B 2289 -33.83 63.91 -25.98
N LEU B 2290 -35.10 64.19 -26.25
CA LEU B 2290 -36.09 64.25 -25.17
C LEU B 2290 -36.30 62.87 -24.55
N GLN B 2291 -35.97 61.82 -25.28
CA GLN B 2291 -36.08 60.46 -24.76
C GLN B 2291 -35.14 60.28 -23.56
N GLU B 2292 -35.33 59.17 -22.84
CA GLU B 2292 -34.54 58.67 -21.72
C GLU B 2292 -34.44 59.67 -20.58
N GLN B 2293 -35.20 60.76 -20.61
CA GLN B 2293 -35.17 61.75 -19.53
C GLN B 2293 -36.42 61.67 -18.65
N ASP B 2294 -37.62 61.80 -19.23
CA ASP B 2294 -38.81 61.81 -18.41
C ASP B 2294 -40.05 61.17 -19.06
N LEU B 2295 -39.94 60.56 -20.24
CA LEU B 2295 -41.12 59.97 -20.86
C LEU B 2295 -41.63 58.77 -20.07
N GLU B 2296 -40.72 58.01 -19.46
CA GLU B 2296 -41.15 56.89 -18.62
C GLU B 2296 -41.78 57.36 -17.33
N LYS B 2297 -41.54 58.62 -16.94
CA LYS B 2297 -42.08 59.14 -15.69
C LYS B 2297 -43.41 59.85 -15.90
N VAL B 2298 -43.54 60.60 -17.00
CA VAL B 2298 -44.76 61.38 -17.23
C VAL B 2298 -45.96 60.47 -17.44
N VAL B 2299 -45.76 59.27 -17.99
CA VAL B 2299 -46.88 58.37 -18.22
C VAL B 2299 -47.33 57.72 -16.92
N SER B 2300 -46.44 57.58 -15.94
CA SER B 2300 -46.82 56.98 -14.66
C SER B 2300 -47.84 57.83 -13.93
N TYR B 2301 -47.74 59.16 -14.05
CA TYR B 2301 -48.71 60.04 -13.42
C TYR B 2301 -50.11 59.80 -13.99
N LEU B 2302 -50.21 59.68 -15.32
CA LEU B 2302 -51.50 59.41 -15.93
C LEU B 2302 -51.99 58.00 -15.60
N ALA B 2303 -51.07 57.04 -15.49
CA ALA B 2303 -51.46 55.69 -15.07
C ALA B 2303 -52.07 55.71 -13.68
N GLY B 2304 -51.47 56.46 -12.75
CA GLY B 2304 -52.06 56.60 -11.43
C GLY B 2304 -53.38 57.35 -11.44
N CYS B 2305 -53.48 58.39 -12.26
CA CYS B 2305 -54.73 59.14 -12.36
C CYS B 2305 -55.85 58.30 -12.94
N GLY B 2306 -55.52 57.31 -13.77
CA GLY B 2306 -56.53 56.43 -14.32
C GLY B 2306 -57.23 55.61 -13.27
N LEU B 2307 -56.52 55.23 -12.20
CA LEU B 2307 -57.14 54.45 -11.14
C LEU B 2307 -57.68 55.35 -10.03
N GLN B 2308 -56.99 56.46 -9.76
CA GLN B 2308 -57.44 57.37 -8.70
C GLN B 2308 -58.69 58.12 -9.14
N SER B 2309 -59.43 58.60 -8.15
CA SER B 2309 -60.68 59.33 -8.38
C SER B 2309 -60.53 60.83 -8.18
N CYS B 2310 -59.30 61.33 -8.01
CA CYS B 2310 -59.01 62.74 -7.78
C CYS B 2310 -59.83 63.27 -6.61
N PRO B 2311 -59.48 62.89 -5.37
CA PRO B 2311 -60.31 63.29 -4.23
C PRO B 2311 -60.35 64.79 -3.98
N MET B 2312 -59.35 65.54 -4.45
CA MET B 2312 -59.31 66.97 -4.18
C MET B 2312 -60.47 67.71 -4.84
N LEU B 2313 -60.80 67.37 -6.08
CA LEU B 2313 -61.85 68.10 -6.79
C LEU B 2313 -63.26 67.67 -6.38
N LEU B 2314 -63.42 66.44 -5.90
CA LEU B 2314 -64.74 65.94 -5.54
C LEU B 2314 -65.15 66.32 -4.11
N ALA B 2315 -64.30 67.06 -3.39
CA ALA B 2315 -64.67 67.51 -2.04
C ALA B 2315 -65.89 68.40 -2.05
N LYS B 2316 -66.20 69.06 -3.18
CA LYS B 2316 -67.40 69.87 -3.27
C LYS B 2316 -68.66 69.02 -3.25
N GLY B 2317 -68.55 67.74 -3.60
CA GLY B 2317 -69.70 66.86 -3.62
C GLY B 2317 -70.02 66.34 -5.01
N TYR B 2318 -68.99 66.20 -5.84
CA TYR B 2318 -69.18 65.72 -7.19
C TYR B 2318 -69.46 64.21 -7.20
N PRO B 2319 -70.03 63.68 -8.29
CA PRO B 2319 -70.38 62.25 -8.32
C PRO B 2319 -69.21 61.31 -8.06
N ASP B 2320 -67.98 61.81 -8.18
CA ASP B 2320 -66.78 61.06 -7.83
C ASP B 2320 -66.65 59.76 -8.62
N ILE B 2321 -66.47 59.92 -9.93
CA ILE B 2321 -66.22 58.78 -10.81
C ILE B 2321 -64.92 58.10 -10.39
N GLY B 2322 -64.83 56.79 -10.65
CA GLY B 2322 -63.64 56.05 -10.24
C GLY B 2322 -62.36 56.56 -10.85
N TRP B 2323 -62.38 56.92 -12.13
CA TRP B 2323 -61.22 57.49 -12.80
C TRP B 2323 -61.33 59.00 -12.86
N ASN B 2324 -60.22 59.65 -13.25
CA ASN B 2324 -60.13 61.10 -13.25
C ASN B 2324 -59.99 61.63 -14.66
N PRO B 2325 -61.07 62.08 -15.31
CA PRO B 2325 -60.96 62.60 -16.68
C PRO B 2325 -60.37 63.99 -16.74
N CYS B 2326 -60.73 64.86 -15.78
CA CYS B 2326 -60.26 66.23 -15.81
C CYS B 2326 -58.75 66.33 -15.66
N GLY B 2327 -58.17 65.53 -14.76
CA GLY B 2327 -56.73 65.52 -14.62
C GLY B 2327 -56.00 64.99 -15.84
N GLY B 2328 -56.54 63.94 -16.45
CA GLY B 2328 -55.92 63.40 -17.66
C GLY B 2328 -56.08 64.31 -18.86
N GLU B 2329 -57.09 65.16 -18.86
CA GLU B 2329 -57.26 66.12 -19.95
C GLU B 2329 -56.09 67.09 -20.01
N ARG B 2330 -55.61 67.57 -18.86
CA ARG B 2330 -54.41 68.40 -18.83
C ARG B 2330 -53.20 67.64 -19.34
N TYR B 2331 -53.18 66.31 -19.16
CA TYR B 2331 -52.09 65.50 -19.67
C TYR B 2331 -52.25 65.25 -21.16
N LEU B 2332 -51.22 64.62 -21.74
CA LEU B 2332 -51.12 64.28 -23.16
C LEU B 2332 -50.91 65.52 -24.00
N ASP B 2333 -51.07 66.70 -23.41
CA ASP B 2333 -50.74 67.93 -24.11
C ASP B 2333 -49.24 68.06 -24.30
N PHE B 2334 -48.47 67.68 -23.27
CA PHE B 2334 -47.02 67.67 -23.41
C PHE B 2334 -46.55 66.60 -24.38
N LEU B 2335 -47.23 65.44 -24.38
CA LEU B 2335 -46.86 64.36 -25.30
C LEU B 2335 -47.17 64.71 -26.75
N ARG B 2336 -48.24 65.46 -27.01
CA ARG B 2336 -48.55 65.86 -28.38
C ARG B 2336 -47.43 66.69 -28.98
N PHE B 2337 -46.88 67.65 -28.22
CA PHE B 2337 -45.77 68.44 -28.71
C PHE B 2337 -44.50 67.63 -28.86
N ALA B 2338 -44.29 66.63 -28.01
CA ALA B 2338 -43.13 65.75 -28.15
C ALA B 2338 -43.22 64.90 -29.40
N VAL B 2339 -44.42 64.45 -29.75
CA VAL B 2339 -44.56 63.52 -30.87
C VAL B 2339 -44.69 64.25 -32.20
N PHE B 2340 -45.57 65.25 -32.31
CA PHE B 2340 -45.86 65.91 -33.58
C PHE B 2340 -45.01 67.16 -33.68
N VAL B 2341 -43.78 67.00 -34.15
CA VAL B 2341 -42.86 68.14 -34.27
C VAL B 2341 -43.35 69.12 -35.33
N ASN B 2342 -43.74 68.61 -36.49
CA ASN B 2342 -44.21 69.43 -37.60
C ASN B 2342 -45.17 68.57 -38.41
N GLY B 2343 -45.42 68.97 -39.67
CA GLY B 2343 -46.25 68.18 -40.56
C GLY B 2343 -45.85 66.72 -40.65
N GLU B 2344 -44.62 66.39 -40.30
CA GLU B 2344 -44.15 65.00 -40.25
C GLU B 2344 -43.83 64.62 -38.82
N SER B 2345 -44.37 63.48 -38.38
CA SER B 2345 -44.13 62.99 -37.04
C SER B 2345 -42.76 62.33 -36.95
N VAL B 2346 -42.27 62.17 -35.72
CA VAL B 2346 -40.98 61.55 -35.47
C VAL B 2346 -41.20 60.09 -35.06
N GLU B 2347 -40.72 59.17 -35.91
CA GLU B 2347 -40.97 57.76 -35.67
C GLU B 2347 -40.16 57.20 -34.51
N GLU B 2348 -38.94 57.69 -34.30
CA GLU B 2348 -38.11 57.18 -33.21
C GLU B 2348 -38.76 57.44 -31.86
N ASN B 2349 -39.42 58.59 -31.69
CA ASN B 2349 -40.16 58.88 -30.47
C ASN B 2349 -41.54 58.25 -30.45
N ALA B 2350 -42.23 58.23 -31.60
CA ALA B 2350 -43.57 57.66 -31.64
C ALA B 2350 -43.56 56.16 -31.30
N ASN B 2351 -42.58 55.42 -31.83
CA ASN B 2351 -42.52 53.99 -31.56
C ASN B 2351 -42.36 53.71 -30.08
N VAL B 2352 -41.41 54.37 -29.43
CA VAL B 2352 -41.19 54.13 -28.00
C VAL B 2352 -42.36 54.64 -27.17
N VAL B 2353 -42.97 55.78 -27.54
CA VAL B 2353 -44.10 56.28 -26.77
C VAL B 2353 -45.26 55.29 -26.82
N VAL B 2354 -45.61 54.80 -28.02
CA VAL B 2354 -46.71 53.85 -28.15
C VAL B 2354 -46.37 52.54 -27.45
N ARG B 2355 -45.14 52.05 -27.63
CA ARG B 2355 -44.75 50.78 -27.02
C ARG B 2355 -44.80 50.85 -25.51
N LEU B 2356 -44.35 51.95 -24.92
CA LEU B 2356 -44.37 52.06 -23.46
C LEU B 2356 -45.76 52.43 -22.94
N LEU B 2357 -46.59 53.07 -23.77
CA LEU B 2357 -47.96 53.38 -23.37
C LEU B 2357 -48.81 52.13 -23.31
N ILE B 2358 -48.67 51.23 -24.27
CA ILE B 2358 -49.47 49.99 -24.24
C ILE B 2358 -49.07 49.06 -23.12
N ARG B 2359 -48.02 49.40 -22.36
CA ARG B 2359 -47.62 48.56 -21.23
C ARG B 2359 -48.70 48.51 -20.17
N LYS B 2360 -49.27 49.67 -19.83
CA LYS B 2360 -50.31 49.77 -18.81
C LYS B 2360 -51.66 50.00 -19.48
N PRO B 2361 -52.56 49.01 -19.51
CA PRO B 2361 -53.89 49.23 -20.09
C PRO B 2361 -54.72 50.25 -19.33
N GLU B 2362 -54.39 50.53 -18.07
CA GLU B 2362 -55.13 51.51 -17.28
C GLU B 2362 -54.95 52.94 -17.79
N CYS B 2363 -53.94 53.19 -18.62
CA CYS B 2363 -53.75 54.53 -19.16
C CYS B 2363 -54.93 54.95 -20.03
N PHE B 2364 -55.45 54.04 -20.83
CA PHE B 2364 -56.60 54.35 -21.66
C PHE B 2364 -57.87 54.45 -20.80
N GLY B 2365 -58.94 54.94 -21.41
CA GLY B 2365 -60.21 55.05 -20.74
C GLY B 2365 -60.77 53.70 -20.38
N PRO B 2366 -61.55 53.64 -19.29
CA PRO B 2366 -62.15 52.35 -18.89
C PRO B 2366 -63.08 51.76 -19.93
N ALA B 2367 -63.72 52.57 -20.77
CA ALA B 2367 -64.60 52.04 -21.80
C ALA B 2367 -63.80 51.37 -22.91
N LEU B 2368 -62.61 51.88 -23.21
CA LEU B 2368 -61.82 51.33 -24.31
C LEU B 2368 -61.03 50.11 -23.89
N ARG B 2369 -60.15 50.27 -22.90
CA ARG B 2369 -59.23 49.21 -22.51
C ARG B 2369 -59.77 48.34 -21.38
N GLY B 2370 -60.96 48.64 -20.87
CA GLY B 2370 -61.52 47.83 -19.79
C GLY B 2370 -61.90 46.44 -20.28
N GLU B 2371 -61.72 45.45 -19.40
CA GLU B 2371 -62.11 44.08 -19.73
C GLU B 2371 -63.63 43.94 -19.85
N GLY B 2372 -64.38 44.79 -19.14
CA GLY B 2372 -65.82 44.74 -19.24
C GLY B 2372 -66.31 45.21 -20.60
N GLY B 2373 -67.52 44.78 -20.94
CA GLY B 2373 -68.11 45.13 -22.22
C GLY B 2373 -68.42 46.61 -22.30
N SER B 2374 -67.68 47.34 -23.13
CA SER B 2374 -67.91 48.76 -23.30
C SER B 2374 -67.31 49.20 -24.63
N GLY B 2375 -68.00 50.10 -25.31
CA GLY B 2375 -67.54 50.65 -26.57
C GLY B 2375 -67.50 52.16 -26.52
N LEU B 2376 -66.70 52.75 -27.42
CA LEU B 2376 -66.58 54.20 -27.46
C LEU B 2376 -67.89 54.87 -27.85
N LEU B 2377 -68.62 54.29 -28.81
CA LEU B 2377 -69.91 54.86 -29.20
C LEU B 2377 -70.90 54.83 -28.04
N ALA B 2378 -70.96 53.71 -27.31
CA ALA B 2378 -71.81 53.63 -26.14
C ALA B 2378 -71.38 54.62 -25.07
N ALA B 2379 -70.07 54.78 -24.86
CA ALA B 2379 -69.58 55.72 -23.86
C ALA B 2379 -69.97 57.15 -24.20
N ILE B 2380 -69.80 57.55 -25.46
CA ILE B 2380 -70.16 58.91 -25.84
C ILE B 2380 -71.68 59.10 -25.80
N GLU B 2381 -72.46 58.07 -26.17
CA GLU B 2381 -73.90 58.18 -26.06
C GLU B 2381 -74.34 58.35 -24.60
N GLU B 2382 -73.73 57.61 -23.69
CA GLU B 2382 -74.03 57.79 -22.27
C GLU B 2382 -73.56 59.14 -21.75
N ALA B 2383 -72.43 59.66 -22.26
CA ALA B 2383 -71.99 60.99 -21.88
C ALA B 2383 -72.97 62.06 -22.33
N ILE B 2384 -73.57 61.89 -23.52
CA ILE B 2384 -74.60 62.82 -23.97
C ILE B 2384 -75.78 62.83 -23.00
N ARG B 2385 -76.22 61.64 -22.57
CA ARG B 2385 -77.32 61.56 -21.60
C ARG B 2385 -76.93 62.18 -20.27
N ILE B 2386 -75.69 61.98 -19.83
CA ILE B 2386 -75.23 62.59 -18.58
C ILE B 2386 -75.24 64.11 -18.69
N SER B 2387 -74.77 64.63 -19.82
CA SER B 2387 -74.80 66.08 -20.03
C SER B 2387 -76.23 66.61 -20.06
N GLU B 2388 -77.14 65.88 -20.69
CA GLU B 2388 -78.54 66.29 -20.70
C GLU B 2388 -79.14 66.30 -19.30
N ASP B 2389 -78.82 65.28 -18.49
CA ASP B 2389 -79.34 65.19 -17.14
C ASP B 2389 -78.67 66.23 -16.24
N PRO B 2390 -79.42 66.85 -15.33
CA PRO B 2390 -78.83 67.85 -14.42
C PRO B 2390 -77.89 67.27 -13.38
N ALA B 2391 -77.84 65.95 -13.23
CA ALA B 2391 -76.98 65.33 -12.22
C ALA B 2391 -75.50 65.42 -12.56
N ARG B 2415 -68.40 74.97 -12.68
CA ARG B 2415 -66.94 75.07 -12.68
C ARG B 2415 -66.32 74.09 -13.67
N VAL B 2416 -66.81 72.86 -13.69
CA VAL B 2416 -66.31 71.83 -14.60
C VAL B 2416 -67.46 70.87 -14.91
N HIS B 2417 -67.71 70.64 -16.19
CA HIS B 2417 -68.75 69.71 -16.61
C HIS B 2417 -68.13 68.32 -16.79
N LEU B 2418 -68.70 67.33 -16.11
CA LEU B 2418 -68.17 65.97 -16.18
C LEU B 2418 -68.29 65.39 -17.59
N GLY B 2419 -69.44 65.61 -18.24
CA GLY B 2419 -69.62 65.13 -19.59
C GLY B 2419 -68.65 65.76 -20.57
N HIS B 2420 -68.41 67.06 -20.43
CA HIS B 2420 -67.41 67.72 -21.26
C HIS B 2420 -66.01 67.18 -20.97
N ALA B 2421 -65.69 66.92 -19.70
CA ALA B 2421 -64.38 66.41 -19.33
C ALA B 2421 -64.10 65.04 -19.91
N ILE B 2422 -65.08 64.13 -19.85
CA ILE B 2422 -64.86 62.79 -20.39
C ILE B 2422 -64.65 62.83 -21.90
N MET B 2423 -65.51 63.58 -22.60
CA MET B 2423 -65.40 63.65 -24.06
C MET B 2423 -64.12 64.36 -24.50
N SER B 2424 -63.69 65.40 -23.79
CA SER B 2424 -62.42 66.05 -24.12
C SER B 2424 -61.25 65.10 -23.92
N PHE B 2425 -61.25 64.33 -22.83
CA PHE B 2425 -60.17 63.38 -22.61
C PHE B 2425 -60.14 62.31 -23.70
N TYR B 2426 -61.31 61.79 -24.09
CA TYR B 2426 -61.34 60.78 -25.15
C TYR B 2426 -60.86 61.35 -26.48
N ALA B 2427 -61.31 62.57 -26.81
CA ALA B 2427 -60.86 63.21 -28.05
C ALA B 2427 -59.37 63.46 -28.05
N ALA B 2428 -58.82 63.90 -26.93
CA ALA B 2428 -57.37 64.09 -26.81
C ALA B 2428 -56.60 62.78 -26.96
N LEU B 2429 -57.08 61.71 -26.34
CA LEU B 2429 -56.41 60.42 -26.49
C LEU B 2429 -56.43 59.96 -27.94
N ILE B 2430 -57.57 60.10 -28.61
CA ILE B 2430 -57.67 59.72 -30.02
C ILE B 2430 -56.74 60.56 -30.89
N ASP B 2431 -56.70 61.88 -30.68
CA ASP B 2431 -55.81 62.73 -31.45
C ASP B 2431 -54.34 62.38 -31.21
N LEU B 2432 -53.97 62.09 -29.96
CA LEU B 2432 -52.60 61.71 -29.66
C LEU B 2432 -52.23 60.41 -30.37
N LEU B 2433 -53.12 59.42 -30.35
CA LEU B 2433 -52.85 58.18 -31.07
C LEU B 2433 -52.73 58.41 -32.57
N GLY B 2434 -53.60 59.24 -33.13
CA GLY B 2434 -53.51 59.55 -34.55
C GLY B 2434 -52.21 60.23 -34.91
N ARG B 2435 -51.75 61.15 -34.08
CA ARG B 2435 -50.48 61.82 -34.34
C ARG B 2435 -49.30 60.86 -34.18
N CYS B 2436 -49.34 59.98 -33.18
CA CYS B 2436 -48.30 58.98 -33.01
C CYS B 2436 -48.29 57.95 -34.12
N ALA B 2437 -49.39 57.81 -34.86
CA ALA B 2437 -49.41 56.91 -36.01
C ALA B 2437 -48.38 57.36 -37.04
N PRO B 2438 -47.78 56.40 -37.77
CA PRO B 2438 -46.72 56.77 -38.71
C PRO B 2438 -47.17 57.80 -39.74
N GLU B 2439 -48.27 57.54 -40.45
CA GLU B 2439 -48.85 58.45 -41.42
C GLU B 2439 -47.88 58.79 -42.55
N MET B 2440 -46.75 58.11 -42.62
CA MET B 2440 -45.72 58.36 -43.62
C MET B 2440 -45.83 57.30 -44.70
N HIS B 2441 -46.33 57.69 -45.87
CA HIS B 2441 -46.45 56.73 -46.97
C HIS B 2441 -45.09 56.23 -47.41
N LEU B 2442 -44.09 57.11 -47.44
CA LEU B 2442 -42.75 56.70 -47.85
C LEU B 2442 -42.16 55.66 -46.92
N ILE B 2443 -42.37 55.81 -45.61
CA ILE B 2443 -41.91 54.79 -44.66
C ILE B 2443 -42.73 53.52 -44.79
N GLN B 2444 -44.05 53.64 -44.91
CA GLN B 2444 -44.90 52.45 -44.92
C GLN B 2444 -44.67 51.60 -46.16
N ALA B 2445 -44.39 52.22 -47.31
CA ALA B 2445 -44.25 51.46 -48.54
C ALA B 2445 -42.95 50.67 -48.61
N GLY B 2446 -41.90 51.15 -47.94
CA GLY B 2446 -40.61 50.51 -48.06
C GLY B 2446 -40.00 49.97 -46.78
N LYS B 2447 -40.74 50.05 -45.67
CA LYS B 2447 -40.26 49.57 -44.38
C LYS B 2447 -41.22 48.53 -43.83
N GLY B 2448 -40.66 47.43 -43.32
CA GLY B 2448 -41.48 46.39 -42.72
C GLY B 2448 -41.69 46.54 -41.23
N GLU B 2449 -40.93 47.41 -40.57
CA GLU B 2449 -41.10 47.62 -39.14
C GLU B 2449 -42.31 48.50 -38.83
N ALA B 2450 -42.54 49.54 -39.62
CA ALA B 2450 -43.62 50.47 -39.34
C ALA B 2450 -45.00 49.86 -39.52
N LEU B 2451 -45.15 48.89 -40.42
CA LEU B 2451 -46.43 48.22 -40.59
C LEU B 2451 -46.86 47.45 -39.35
N ARG B 2452 -45.91 47.00 -38.53
CA ARG B 2452 -46.27 46.37 -37.26
C ARG B 2452 -46.96 47.36 -36.34
N ILE B 2453 -46.40 48.56 -36.20
CA ILE B 2453 -47.02 49.60 -35.37
C ILE B 2453 -48.36 50.00 -35.97
N ARG B 2454 -48.43 50.09 -37.31
CA ARG B 2454 -49.70 50.42 -37.95
C ARG B 2454 -50.77 49.37 -37.64
N ALA B 2455 -50.41 48.10 -37.68
CA ALA B 2455 -51.36 47.03 -37.35
C ALA B 2455 -51.77 47.10 -35.89
N ILE B 2456 -50.83 47.38 -34.98
CA ILE B 2456 -51.17 47.50 -33.56
C ILE B 2456 -52.17 48.63 -33.35
N LEU B 2457 -51.92 49.79 -33.98
CA LEU B 2457 -52.84 50.91 -33.84
C LEU B 2457 -54.19 50.62 -34.47
N ARG B 2458 -54.21 49.89 -35.59
CA ARG B 2458 -55.48 49.50 -36.19
C ARG B 2458 -56.24 48.52 -35.31
N SER B 2459 -55.52 47.66 -34.58
CA SER B 2459 -56.16 46.69 -33.71
C SER B 2459 -56.75 47.34 -32.46
N LEU B 2460 -55.99 48.23 -31.81
CA LEU B 2460 -56.48 48.86 -30.59
C LEU B 2460 -57.70 49.75 -30.88
N VAL B 2461 -57.65 50.53 -31.94
CA VAL B 2461 -58.80 51.37 -32.30
C VAL B 2461 -59.82 50.51 -33.03
N PRO B 2462 -61.05 50.40 -32.53
CA PRO B 2462 -62.03 49.53 -33.19
C PRO B 2462 -62.33 49.98 -34.61
N LEU B 2463 -62.50 49.00 -35.49
CA LEU B 2463 -62.85 49.30 -36.88
C LEU B 2463 -64.31 49.71 -36.98
N ASP B 2464 -64.58 50.68 -37.86
CA ASP B 2464 -65.91 51.22 -38.12
C ASP B 2464 -66.50 51.95 -36.92
N ASP B 2465 -65.75 52.09 -35.82
CA ASP B 2465 -66.23 52.86 -34.69
C ASP B 2465 -66.14 54.36 -34.95
N LEU B 2466 -65.19 54.79 -35.78
CA LEU B 2466 -65.01 56.21 -36.04
C LEU B 2466 -66.14 56.77 -36.90
N VAL B 2467 -66.63 56.00 -37.88
CA VAL B 2467 -67.69 56.48 -38.75
C VAL B 2467 -68.98 56.73 -37.97
N GLY B 2468 -69.19 56.02 -36.87
CA GLY B 2468 -70.35 56.29 -36.03
C GLY B 2468 -70.23 57.56 -35.20
N ILE B 2469 -69.00 57.94 -34.84
CA ILE B 2469 -68.80 59.13 -34.02
C ILE B 2469 -69.21 60.38 -34.81
N ILE B 2470 -68.81 60.47 -36.08
CA ILE B 2470 -69.16 61.62 -36.89
C ILE B 2470 -70.66 61.64 -37.19
N SER B 2471 -71.34 60.50 -37.08
CA SER B 2471 -72.76 60.45 -37.36
C SER B 2471 -73.60 61.12 -36.28
N LEU B 2472 -73.05 61.33 -35.10
CA LEU B 2472 -73.80 61.97 -34.02
C LEU B 2472 -74.02 63.44 -34.35
N PRO B 2473 -75.26 63.92 -34.33
CA PRO B 2473 -75.53 65.33 -34.63
C PRO B 2473 -75.23 66.22 -33.43
N LEU B 2474 -75.28 67.53 -33.67
CA LEU B 2474 -75.02 68.53 -32.64
C LEU B 2474 -76.10 69.61 -32.70
N GLN B 2475 -76.25 70.31 -31.58
CA GLN B 2475 -77.24 71.38 -31.49
C GLN B 2475 -76.84 72.56 -32.38
N ILE B 2476 -77.85 73.20 -32.96
CA ILE B 2476 -77.66 74.34 -33.85
C ILE B 2476 -78.09 75.59 -33.11
N PRO B 2477 -77.29 76.66 -33.09
CA PRO B 2477 -77.70 77.88 -32.40
C PRO B 2477 -78.81 78.62 -33.13
N THR B 2478 -80.04 78.12 -33.02
CA THR B 2478 -81.20 78.71 -33.66
C THR B 2478 -82.29 78.94 -32.63
N LEU B 2479 -83.11 79.97 -32.88
CA LEU B 2479 -84.19 80.31 -31.98
C LEU B 2479 -85.50 79.64 -32.43
N UNK B 2487 -81.85 84.14 -29.32
CA UNK B 2487 -81.61 82.74 -29.61
C UNK B 2487 -81.01 82.03 -28.40
N UNK B 2488 -81.13 80.71 -28.37
CA UNK B 2488 -80.61 79.91 -27.27
C UNK B 2488 -79.26 79.30 -27.63
N UNK B 2489 -78.22 80.12 -27.62
CA UNK B 2489 -76.88 79.66 -27.98
C UNK B 2489 -75.93 79.76 -26.79
N UNK B 2490 -75.49 78.62 -26.29
CA UNK B 2490 -74.56 78.58 -25.15
C UNK B 2490 -73.63 77.39 -25.25
N UNK B 2491 -72.59 77.37 -24.42
CA UNK B 2491 -71.61 76.30 -24.43
C UNK B 2491 -72.19 75.02 -23.83
N UNK B 2492 -72.12 73.93 -24.59
CA UNK B 2492 -72.61 72.64 -24.14
C UNK B 2492 -71.45 71.72 -23.79
N UNK B 2493 -71.72 70.41 -23.74
CA UNK B 2493 -70.69 69.43 -23.43
C UNK B 2493 -70.19 68.77 -24.71
N UNK B 2494 -70.98 68.87 -25.77
CA UNK B 2494 -70.59 68.31 -27.07
C UNK B 2494 -70.04 69.42 -27.97
N UNK B 2495 -68.71 69.49 -28.06
CA UNK B 2495 -68.05 70.52 -28.85
C UNK B 2495 -67.96 70.10 -30.31
N UNK B 2496 -67.90 71.08 -31.20
CA UNK B 2496 -67.82 70.82 -32.64
C UNK B 2496 -66.38 70.53 -33.05
N UNK B 2497 -65.43 70.88 -32.19
CA UNK B 2497 -64.02 70.68 -32.46
C UNK B 2497 -63.58 69.27 -32.06
N UNK B 2498 -64.50 68.51 -31.48
CA UNK B 2498 -64.21 67.16 -31.04
C UNK B 2498 -64.39 66.17 -32.20
N UNK B 2499 -65.34 66.46 -33.07
CA UNK B 2499 -65.59 65.62 -34.23
C UNK B 2499 -64.43 65.75 -35.23
N UNK B 2500 -63.78 66.90 -35.22
CA UNK B 2500 -62.65 67.16 -36.10
C UNK B 2500 -61.42 66.40 -35.61
N UNK B 2501 -61.38 66.11 -34.32
CA UNK B 2501 -60.25 65.39 -33.73
C UNK B 2501 -60.37 63.89 -34.01
N UNK B 2502 -61.55 63.47 -34.45
CA UNK B 2502 -61.81 62.06 -34.76
C UNK B 2502 -61.62 61.81 -36.25
N UNK B 2503 -61.74 62.86 -37.05
CA UNK B 2503 -61.58 62.75 -38.49
C UNK B 2503 -60.11 62.58 -38.86
N UNK B 2504 -59.23 63.13 -38.02
CA UNK B 2504 -57.80 63.09 -38.28
C UNK B 2504 -57.22 61.69 -38.03
N UNK B 2505 -57.78 60.99 -37.06
CA UNK B 2505 -57.29 59.66 -36.70
C UNK B 2505 -57.65 58.63 -37.76
N UNK B 2506 -58.60 58.96 -38.62
CA UNK B 2506 -59.04 58.05 -39.66
C UNK B 2506 -58.27 58.29 -40.95
N UNK B 2507 -57.85 59.54 -41.17
CA UNK B 2507 -57.18 59.92 -42.41
C UNK B 2507 -55.75 59.42 -42.46
N UNK B 2508 -55.16 59.17 -41.29
CA UNK B 2508 -53.75 58.76 -41.22
C UNK B 2508 -53.61 57.28 -40.95
N UNK B 2509 -54.59 56.69 -40.27
CA UNK B 2509 -54.51 55.29 -39.90
C UNK B 2509 -55.45 54.42 -40.76
N UNK B 2510 -56.70 54.83 -40.87
CA UNK B 2510 -57.68 54.07 -41.61
C UNK B 2510 -57.70 54.44 -43.09
N UNK B 2511 -57.49 55.73 -43.37
CA UNK B 2511 -57.51 56.27 -44.72
C UNK B 2511 -58.85 56.02 -45.41
N UNK B 2512 -58.86 56.16 -46.73
CA UNK B 2512 -60.07 55.95 -47.52
C UNK B 2512 -59.70 55.54 -48.94
N UNK B 2513 -59.21 54.32 -49.09
CA UNK B 2513 -58.77 53.82 -50.38
C UNK B 2513 -59.94 53.33 -51.23
N UNK B 2514 -60.80 52.52 -50.61
CA UNK B 2514 -61.96 51.95 -51.30
C UNK B 2514 -62.92 53.05 -51.76
N UNK B 2515 -63.37 52.95 -53.00
CA UNK B 2515 -64.26 53.95 -53.57
C UNK B 2515 -65.67 53.84 -52.99
N UNK B 2516 -66.14 52.60 -52.86
CA UNK B 2516 -67.48 52.35 -52.34
C UNK B 2516 -67.58 52.69 -50.86
N UNK B 2517 -66.51 52.43 -50.13
CA UNK B 2517 -66.48 52.69 -48.70
C UNK B 2517 -66.41 54.20 -48.43
N UNK B 2518 -65.89 54.94 -49.41
CA UNK B 2518 -65.79 56.39 -49.28
C UNK B 2518 -67.15 57.05 -49.49
N UNK B 2519 -68.08 56.29 -50.06
CA UNK B 2519 -69.43 56.79 -50.31
C UNK B 2519 -70.30 56.62 -49.07
N UNK B 2520 -70.22 55.44 -48.45
CA UNK B 2520 -71.03 55.15 -47.27
C UNK B 2520 -70.51 55.89 -46.05
N UNK B 2521 -69.23 56.22 -46.05
CA UNK B 2521 -68.62 56.94 -44.94
C UNK B 2521 -68.62 58.44 -45.19
N UNK B 2522 -69.37 58.87 -46.20
CA UNK B 2522 -69.46 60.29 -46.54
C UNK B 2522 -70.59 60.96 -45.77
N UNK B 2523 -70.60 60.78 -44.45
CA UNK B 2523 -71.62 61.38 -43.61
C UNK B 2523 -71.08 62.63 -42.93
N UNK B 2524 -69.85 63.01 -43.27
CA UNK B 2524 -69.20 64.18 -42.68
C UNK B 2524 -69.90 65.46 -43.14
N UNK B 2525 -70.41 65.45 -44.36
CA UNK B 2525 -71.11 66.61 -44.90
C UNK B 2525 -72.50 66.74 -44.32
N UNK B 2526 -73.07 65.62 -43.89
CA UNK B 2526 -74.42 65.59 -43.35
C UNK B 2526 -74.47 66.19 -41.96
N UNK B 2527 -73.34 66.20 -41.27
CA UNK B 2527 -73.29 66.68 -39.89
C UNK B 2527 -72.90 68.15 -39.81
N UNK B 2528 -72.05 68.60 -40.72
CA UNK B 2528 -71.53 69.96 -40.67
C UNK B 2528 -71.90 70.76 -41.92
N UNK B 2529 -71.53 70.24 -43.09
CA UNK B 2529 -71.78 70.95 -44.34
C UNK B 2529 -73.26 71.13 -44.62
N UNK B 2530 -74.07 70.24 -44.05
CA UNK B 2530 -75.51 70.29 -44.22
C UNK B 2530 -76.15 71.13 -43.11
N UNK B 2531 -75.50 71.17 -41.95
CA UNK B 2531 -76.02 71.89 -40.80
C UNK B 2531 -75.72 73.38 -40.91
N UNK B 2532 -74.76 73.73 -41.77
CA UNK B 2532 -74.38 75.12 -41.97
C UNK B 2532 -75.47 75.87 -42.71
N UNK B 2533 -76.32 76.58 -41.97
CA UNK B 2533 -77.41 77.34 -42.56
C UNK B 2533 -77.52 78.72 -41.92
N UNK B 2534 -76.44 79.15 -41.28
CA UNK B 2534 -76.41 80.47 -40.65
C UNK B 2534 -76.43 81.57 -41.70
N UNK B 2535 -77.24 82.59 -41.47
CA UNK B 2535 -77.36 83.69 -42.42
C UNK B 2535 -77.01 85.02 -41.77
N UNK B 2536 -77.94 85.97 -41.81
CA UNK B 2536 -77.73 87.29 -41.22
C UNK B 2536 -77.72 87.19 -39.70
N UNK B 2537 -78.46 86.24 -39.16
CA UNK B 2537 -78.52 86.02 -37.72
C UNK B 2537 -77.43 85.04 -37.30
N UNK B 2538 -76.18 85.46 -37.41
CA UNK B 2538 -75.05 84.62 -37.06
C UNK B 2538 -73.96 85.40 -36.33
N UNK B 2539 -72.70 85.01 -36.55
CA UNK B 2539 -71.55 85.65 -35.90
C UNK B 2539 -71.67 85.60 -34.38
N UNK B 2540 -72.24 84.51 -33.88
CA UNK B 2540 -72.40 84.32 -32.44
C UNK B 2540 -72.35 82.84 -32.10
N UNK B 2541 -71.19 82.39 -31.61
CA UNK B 2541 -70.95 80.99 -31.28
C UNK B 2541 -71.24 80.07 -32.47
N UNK B 2542 -71.08 80.62 -33.67
CA UNK B 2542 -71.32 79.87 -34.90
C UNK B 2542 -70.01 79.59 -35.62
N UNK B 2543 -68.91 79.68 -34.88
CA UNK B 2543 -67.59 79.44 -35.44
C UNK B 2543 -67.26 77.95 -35.43
N UNK B 2544 -68.29 77.12 -35.52
CA UNK B 2544 -68.11 75.68 -35.56
C UNK B 2544 -67.72 75.22 -36.96
N UNK B 2545 -67.86 76.12 -37.92
CA UNK B 2545 -67.51 75.83 -39.31
C UNK B 2545 -66.01 75.94 -39.52
N UNK B 2546 -65.32 76.50 -38.54
CA UNK B 2546 -63.87 76.61 -38.59
C UNK B 2546 -63.23 75.23 -38.52
N UNK B 2547 -63.88 74.32 -37.80
CA UNK B 2547 -63.39 72.95 -37.67
C UNK B 2547 -63.57 72.20 -38.98
N UNK B 2548 -64.65 72.49 -39.69
CA UNK B 2548 -64.94 71.83 -40.96
C UNK B 2548 -64.13 72.44 -42.09
N UNK B 2549 -63.48 73.57 -41.82
CA UNK B 2549 -62.69 74.26 -42.82
C UNK B 2549 -61.20 73.93 -42.70
N UNK B 2550 -60.88 72.99 -41.81
CA UNK B 2550 -59.49 72.60 -41.60
C UNK B 2550 -59.38 71.16 -41.14
N UNK B 2551 -60.41 70.37 -41.41
CA UNK B 2551 -60.42 68.96 -41.03
C UNK B 2551 -61.49 68.18 -41.78
N UNK B 2552 -62.27 68.87 -42.60
CA UNK B 2552 -63.36 68.24 -43.34
C UNK B 2552 -63.36 68.64 -44.80
N UNK B 2553 -63.72 69.90 -45.06
CA UNK B 2553 -63.79 70.41 -46.43
C UNK B 2553 -62.41 70.43 -47.09
N UNK B 2554 -61.37 70.45 -46.26
CA UNK B 2554 -60.01 70.43 -46.76
C UNK B 2554 -59.57 68.99 -47.02
N UNK B 2555 -60.42 68.04 -46.66
CA UNK B 2555 -60.11 66.63 -46.83
C UNK B 2555 -60.99 66.00 -47.91
N UNK B 2556 -60.43 65.02 -48.61
CA UNK B 2556 -61.16 64.31 -49.65
C UNK B 2556 -60.53 62.95 -49.91
N UNK B 2557 -61.27 62.05 -50.53
CA UNK B 2557 -60.78 60.71 -50.81
C UNK B 2557 -60.79 60.41 -52.31
N UNK B 2558 -60.39 59.20 -52.68
CA UNK B 2558 -60.38 58.78 -54.08
C UNK B 2558 -61.77 58.87 -54.68
N UNK B 2559 -62.04 59.97 -55.38
CA UNK B 2559 -63.36 60.21 -55.94
C UNK B 2559 -63.73 59.19 -57.00
N UNK B 2560 -64.82 58.47 -56.77
CA UNK B 2560 -65.30 57.47 -57.72
C UNK B 2560 -66.73 57.08 -57.38
N UNK B 2561 -67.69 57.72 -58.05
CA UNK B 2561 -69.10 57.45 -57.83
C UNK B 2561 -69.53 56.15 -58.50
N UNK B 2562 -70.81 55.80 -58.34
CA UNK B 2562 -71.35 54.58 -58.94
C UNK B 2562 -72.40 54.93 -59.99
N UNK B 2563 -73.51 54.21 -59.97
CA UNK B 2563 -74.60 54.44 -60.91
C UNK B 2563 -75.34 55.73 -60.59
N UNK B 2564 -75.27 56.68 -61.53
CA UNK B 2564 -75.94 57.98 -61.38
C UNK B 2564 -75.51 58.69 -60.11
N UNK B 2565 -76.48 59.23 -59.37
CA UNK B 2565 -76.21 59.92 -58.13
C UNK B 2565 -75.71 58.94 -57.07
N UNK B 2566 -76.63 58.12 -56.56
CA UNK B 2566 -76.31 57.10 -55.56
C UNK B 2566 -75.63 57.70 -54.34
N UNK B 2567 -76.34 58.56 -53.62
CA UNK B 2567 -75.80 59.21 -52.44
C UNK B 2567 -76.88 59.47 -51.40
N UNK B 2568 -76.57 59.21 -50.14
CA UNK B 2568 -77.50 59.43 -49.04
C UNK B 2568 -76.76 59.60 -47.72
N UNK B 2569 -75.46 59.33 -47.74
CA UNK B 2569 -74.63 59.45 -46.54
C UNK B 2569 -74.52 60.92 -46.11
N UNK B 2570 -74.37 61.81 -47.08
CA UNK B 2570 -74.28 63.23 -46.80
C UNK B 2570 -75.66 63.86 -46.70
N UNK B 2571 -76.68 63.01 -46.60
CA UNK B 2571 -78.07 63.43 -46.43
C UNK B 2571 -78.54 64.37 -47.53
N UNK B 2572 -79.61 65.11 -47.24
CA UNK B 2572 -80.16 66.05 -48.20
C UNK B 2572 -80.42 67.40 -47.52
N UNK B 2573 -79.79 67.60 -46.38
CA UNK B 2573 -79.92 68.85 -45.64
C UNK B 2573 -78.95 69.90 -46.17
N UNK B 2574 -78.17 69.53 -47.19
CA UNK B 2574 -77.23 70.43 -47.81
C UNK B 2574 -77.73 70.84 -49.20
N UNK B 2575 -78.91 71.46 -49.24
CA UNK B 2575 -79.51 71.87 -50.50
C UNK B 2575 -79.64 73.39 -50.59
N UNK B 2576 -80.23 74.00 -49.56
CA UNK B 2576 -80.41 75.44 -49.53
C UNK B 2576 -79.08 76.16 -49.31
N UNK B 2577 -78.23 75.55 -48.49
CA UNK B 2577 -76.91 76.10 -48.21
C UNK B 2577 -75.84 75.05 -48.49
N UNK B 2578 -74.68 75.47 -48.95
CA UNK B 2578 -73.62 74.53 -49.32
C UNK B 2578 -72.23 75.15 -49.29
N UNK B 2579 -72.13 76.43 -49.66
CA UNK B 2579 -70.83 77.09 -49.69
C UNK B 2579 -70.79 78.31 -48.77
N UNK B 2580 -69.59 78.68 -48.35
CA UNK B 2580 -69.40 79.78 -47.40
C UNK B 2580 -69.93 81.11 -47.94
N UNK B 2581 -70.65 81.84 -47.10
CA UNK B 2581 -71.21 83.14 -47.47
C UNK B 2581 -71.35 84.04 -46.23
N UNK B 2582 -72.20 83.62 -45.30
CA UNK B 2582 -72.50 84.42 -44.12
C UNK B 2582 -71.40 84.33 -43.06
N UNK B 2583 -71.79 84.39 -41.79
CA UNK B 2583 -70.84 84.48 -40.69
C UNK B 2583 -70.54 83.14 -40.02
N UNK B 2584 -69.41 82.53 -40.39
CA UNK B 2584 -68.91 81.32 -39.74
C UNK B 2584 -67.49 81.03 -40.22
N UNK B 2585 -66.98 79.87 -39.84
CA UNK B 2585 -65.65 79.40 -40.25
C UNK B 2585 -64.55 80.41 -39.93
N UNK B 2586 -64.08 81.12 -40.95
CA UNK B 2586 -63.02 82.10 -40.78
C UNK B 2586 -63.29 83.37 -41.58
N UNK B 2587 -62.63 84.46 -41.22
CA UNK B 2587 -62.90 85.78 -41.79
C UNK B 2587 -62.56 85.87 -43.27
N UNK B 2588 -61.29 86.15 -43.57
CA UNK B 2588 -60.85 86.32 -44.95
C UNK B 2588 -59.53 85.61 -45.22
N UNK B 2589 -58.76 85.39 -44.15
CA UNK B 2589 -57.47 84.71 -44.27
C UNK B 2589 -57.67 83.26 -44.68
N UNK B 2590 -56.74 82.75 -45.50
CA UNK B 2590 -56.82 81.37 -45.97
C UNK B 2590 -56.43 80.39 -44.86
N UNK B 2591 -56.65 79.11 -45.12
CA UNK B 2591 -56.31 78.06 -44.17
C UNK B 2591 -55.02 77.36 -44.58
N UNK B 2592 -54.28 76.86 -43.59
CA UNK B 2592 -53.00 76.21 -43.84
C UNK B 2592 -53.04 74.72 -43.54
N UNK B 2593 -54.25 74.20 -43.31
CA UNK B 2593 -54.42 72.78 -43.05
C UNK B 2593 -54.19 71.97 -44.32
N UNK B 2594 -54.88 72.36 -45.38
CA UNK B 2594 -54.73 71.71 -46.68
C UNK B 2594 -55.02 72.71 -47.80
N UNK B 2595 -54.21 72.67 -48.85
CA UNK B 2595 -54.36 73.60 -49.96
C UNK B 2595 -55.61 73.29 -50.79
N UNK B 2596 -55.92 72.00 -50.93
CA UNK B 2596 -57.08 71.58 -51.71
C UNK B 2596 -57.62 70.24 -51.25
N UNK B 2597 -58.63 69.73 -51.95
CA UNK B 2597 -59.25 68.46 -51.61
C UNK B 2597 -58.65 67.33 -52.44
N UNK B 2598 -57.97 66.41 -51.76
CA UNK B 2598 -57.30 65.29 -52.43
C UNK B 2598 -58.32 64.28 -52.96
N UNK B 2599 -58.80 64.49 -54.18
CA UNK B 2599 -59.79 63.61 -54.77
C UNK B 2599 -59.56 63.39 -56.26
N UNK B 2600 -59.61 62.13 -56.68
CA UNK B 2600 -59.51 61.79 -58.10
C UNK B 2600 -60.86 62.04 -58.78
N UNK B 2601 -61.18 63.32 -58.98
CA UNK B 2601 -62.49 63.74 -59.45
C UNK B 2601 -62.92 63.13 -60.78
N UNK B 2602 -61.94 62.70 -61.58
CA UNK B 2602 -62.20 62.19 -62.93
C UNK B 2602 -63.17 61.01 -62.99
N UNK B 2603 -63.44 60.38 -61.85
CA UNK B 2603 -64.31 59.21 -61.81
C UNK B 2603 -65.66 59.51 -61.16
N UNK B 2604 -65.72 60.58 -60.37
CA UNK B 2604 -66.94 60.93 -59.64
C UNK B 2604 -67.60 62.18 -60.21
N UNK B 2605 -68.81 62.02 -60.74
CA UNK B 2605 -69.56 63.15 -61.30
C UNK B 2605 -71.03 62.80 -61.52
N UNK B 2606 -71.89 63.80 -61.36
CA UNK B 2606 -73.32 63.67 -61.64
C UNK B 2606 -73.76 64.84 -62.51
N UNK B 2607 -73.93 65.99 -61.88
CA UNK B 2607 -74.08 67.27 -62.57
C UNK B 2607 -75.20 67.31 -63.61
N UNK B 2608 -76.42 67.62 -63.17
CA UNK B 2608 -77.56 67.71 -64.08
C UNK B 2608 -78.72 68.51 -63.47
N UNK B 2609 -79.42 69.25 -64.32
CA UNK B 2609 -80.59 70.03 -63.89
C UNK B 2609 -81.49 70.39 -65.06
N UNK B 2610 -82.65 70.94 -64.74
CA UNK B 2610 -83.62 71.36 -65.76
C UNK B 2610 -84.66 72.29 -65.16
N UNK B 2611 -85.45 72.92 -66.02
CA UNK B 2611 -86.54 73.82 -65.62
C UNK B 2611 -86.05 74.94 -64.72
N UNK B 2612 -86.86 75.31 -63.73
CA UNK B 2612 -86.51 76.38 -62.80
C UNK B 2612 -87.04 76.07 -61.41
N UNK B 2613 -86.24 76.35 -60.38
CA UNK B 2613 -86.63 76.09 -59.01
C UNK B 2613 -86.21 77.25 -58.10
N UNK B 2614 -87.16 77.76 -57.33
CA UNK B 2614 -86.93 78.86 -56.39
C UNK B 2614 -86.31 80.08 -57.09
N UNK B 2615 -85.24 80.60 -56.51
CA UNK B 2615 -84.55 81.76 -57.06
C UNK B 2615 -83.23 81.37 -57.70
N UNK B 2616 -82.49 82.37 -58.18
CA UNK B 2616 -81.21 82.14 -58.83
C UNK B 2616 -80.14 81.77 -57.81
N UNK B 2617 -79.33 80.78 -58.14
CA UNK B 2617 -78.25 80.34 -57.25
C UNK B 2617 -77.10 81.33 -57.26
N UNK B 2618 -76.75 81.81 -58.46
CA UNK B 2618 -75.68 82.78 -58.62
C UNK B 2618 -76.11 84.15 -58.12
N UNK B 2619 -75.16 85.07 -58.05
CA UNK B 2619 -75.43 86.43 -57.58
C UNK B 2619 -76.35 87.16 -58.54
N UNK B 2620 -77.20 88.04 -58.00
CA UNK B 2620 -78.13 88.82 -58.81
C UNK B 2620 -77.38 89.88 -59.61
N UNK B 2621 -76.26 90.34 -59.06
CA UNK B 2621 -75.45 91.35 -59.73
C UNK B 2621 -74.71 90.75 -60.92
N UNK B 2622 -74.57 91.54 -61.99
CA UNK B 2622 -73.85 91.09 -63.17
C UNK B 2622 -72.39 91.54 -63.12
N UNK B 2623 -72.04 92.26 -62.05
CA UNK B 2623 -70.69 92.75 -61.87
C UNK B 2623 -69.72 91.62 -61.57
N UNK B 2624 -68.45 91.82 -61.93
CA UNK B 2624 -67.43 90.80 -61.69
C UNK B 2624 -66.05 91.45 -61.57
N UNK B 2625 -65.36 91.17 -60.48
CA UNK B 2625 -64.03 91.72 -60.25
C UNK B 2625 -62.95 90.65 -60.31
N UNK B 2626 -62.65 90.03 -59.18
CA UNK B 2626 -61.60 89.03 -59.11
C UNK B 2626 -61.86 87.99 -58.02
N UNK B 2627 -61.64 86.72 -58.36
CA UNK B 2627 -61.88 85.62 -57.44
C UNK B 2627 -61.18 84.35 -57.92
N UNK B 2628 -60.42 83.71 -57.04
CA UNK B 2628 -59.68 82.50 -57.41
C UNK B 2628 -60.45 81.23 -57.05
N UNK B 2629 -59.71 80.15 -56.82
CA UNK B 2629 -60.29 78.87 -56.46
C UNK B 2629 -59.28 77.99 -55.71
N UNK B 2630 -59.79 77.09 -54.89
CA UNK B 2630 -58.93 76.18 -54.14
C UNK B 2630 -59.69 74.88 -53.81
N UNK B 2631 -60.98 75.01 -53.54
CA UNK B 2631 -61.82 73.85 -53.28
C UNK B 2631 -62.59 73.46 -54.53
N UNK B 2632 -62.54 74.33 -55.53
CA UNK B 2632 -63.22 74.09 -56.80
C UNK B 2632 -62.26 73.49 -57.81
N UNK B 2633 -61.04 73.18 -57.35
CA UNK B 2633 -60.04 72.55 -58.20
C UNK B 2633 -60.40 71.08 -58.44
N UNK B 2634 -61.16 70.52 -57.51
CA UNK B 2634 -61.59 69.13 -57.62
C UNK B 2634 -62.96 69.05 -58.28
N UNK B 2635 -63.34 70.12 -58.98
CA UNK B 2635 -64.63 70.16 -59.68
C UNK B 2635 -64.46 69.70 -61.12
N UNK B 2636 -63.22 69.61 -61.57
CA UNK B 2636 -62.93 69.09 -62.90
C UNK B 2636 -63.30 67.62 -62.97
N UNK B 2637 -64.58 67.35 -63.19
CA UNK B 2637 -65.11 66.00 -63.12
C UNK B 2637 -66.28 65.78 -64.09
N UNK B 2638 -67.08 66.82 -64.26
CA UNK B 2638 -68.28 66.74 -65.10
C UNK B 2638 -67.92 66.59 -66.57
N UNK B 2639 -68.86 66.06 -67.36
CA UNK B 2639 -68.66 65.86 -68.78
C UNK B 2639 -68.71 67.15 -69.57
N UNK B 2640 -69.11 67.07 -70.84
CA UNK B 2640 -69.08 68.22 -71.72
C UNK B 2640 -70.23 68.23 -72.73
N UNK B 2641 -70.20 69.22 -73.62
CA UNK B 2641 -71.22 69.34 -74.66
C UNK B 2641 -70.63 69.87 -75.96
N UNK B 2642 -69.37 69.53 -76.23
CA UNK B 2642 -68.73 69.88 -77.48
C UNK B 2642 -67.80 68.76 -77.94
N UNK B 2643 -67.73 68.58 -79.26
CA UNK B 2643 -67.15 67.39 -79.91
C UNK B 2643 -65.88 66.76 -79.30
N UNK B 2644 -66.07 65.59 -78.69
CA UNK B 2644 -64.97 64.70 -78.24
C UNK B 2644 -65.53 63.43 -77.59
N UNK B 2645 -64.70 62.41 -77.40
CA UNK B 2645 -65.18 61.08 -77.03
C UNK B 2645 -64.65 60.52 -75.70
N UNK B 2646 -65.55 60.27 -74.76
CA UNK B 2646 -65.20 59.63 -73.49
C UNK B 2646 -66.42 58.96 -72.85
N UNK B 2647 -66.30 58.65 -71.56
CA UNK B 2647 -67.35 57.94 -70.83
C UNK B 2647 -68.34 58.91 -70.18
N UNK B 2648 -69.27 58.35 -69.41
CA UNK B 2648 -70.35 59.12 -68.78
C UNK B 2648 -69.87 59.90 -67.55
N UNK B 2649 -70.46 61.07 -67.35
CA UNK B 2649 -70.14 61.92 -66.22
C UNK B 2649 -71.30 62.86 -65.90
N UNK B 2650 -71.39 63.95 -66.65
CA UNK B 2650 -72.45 64.93 -66.44
C UNK B 2650 -73.58 64.73 -67.44
N UNK B 2651 -74.63 65.54 -67.29
CA UNK B 2651 -75.79 65.48 -68.17
C UNK B 2651 -76.59 66.78 -68.12
N UNK B 2652 -75.88 67.90 -68.26
CA UNK B 2652 -76.53 69.21 -68.29
C UNK B 2652 -77.39 69.33 -69.54
N UNK B 2653 -76.83 68.91 -70.68
CA UNK B 2653 -77.53 68.83 -71.96
C UNK B 2653 -77.95 70.18 -72.53
N UNK B 2654 -78.15 70.20 -73.84
CA UNK B 2654 -78.65 71.39 -74.52
C UNK B 2654 -80.13 71.21 -74.83
N UNK B 2655 -80.69 70.14 -74.28
CA UNK B 2655 -82.11 69.82 -74.46
C UNK B 2655 -82.98 70.74 -73.63
N UNK B 2656 -82.40 71.34 -72.60
CA UNK B 2656 -83.13 72.23 -71.70
C UNK B 2656 -83.59 73.48 -72.44
N UNK B 2657 -84.89 73.52 -72.75
CA UNK B 2657 -85.48 74.66 -73.44
C UNK B 2657 -86.14 75.61 -72.45
N UNK B 2658 -86.02 76.91 -72.72
CA UNK B 2658 -86.57 77.95 -71.86
C UNK B 2658 -86.03 77.82 -70.43
N UNK B 2659 -84.71 77.78 -70.31
CA UNK B 2659 -84.06 77.63 -69.01
C UNK B 2659 -83.71 78.99 -68.42
N UNK B 2660 -84.33 80.04 -68.95
CA UNK B 2660 -84.12 81.41 -68.49
C UNK B 2660 -82.64 81.81 -68.53
N UNK B 2661 -82.23 82.64 -67.57
CA UNK B 2661 -80.85 83.10 -67.49
C UNK B 2661 -80.24 82.81 -66.13
N UNK B 2662 -80.61 83.63 -65.14
CA UNK B 2662 -80.10 83.50 -63.77
C UNK B 2662 -78.58 83.54 -63.73
N UNK B 2663 -78.00 84.39 -64.59
CA UNK B 2663 -76.55 84.50 -64.69
C UNK B 2663 -76.15 85.88 -65.18
N UNK B 2664 -76.91 86.39 -66.15
CA UNK B 2664 -76.65 87.69 -66.77
C UNK B 2664 -75.23 87.76 -67.32
N UNK B 2665 -74.79 86.67 -67.94
CA UNK B 2665 -73.44 86.60 -68.50
C UNK B 2665 -73.48 86.19 -69.97
N UNK B 2666 -74.39 86.77 -70.73
CA UNK B 2666 -74.55 86.44 -72.14
C UNK B 2666 -73.34 86.88 -72.95
N UNK B 2667 -73.40 88.08 -73.51
CA UNK B 2667 -72.27 88.66 -74.21
C UNK B 2667 -72.17 90.13 -73.87
N UNK B 2668 -70.98 90.56 -73.46
CA UNK B 2668 -70.77 91.91 -72.98
C UNK B 2668 -70.80 92.95 -74.10
N UNK B 2669 -71.48 94.06 -73.84
CA UNK B 2669 -71.54 95.17 -74.77
C UNK B 2669 -71.45 96.49 -74.02
N UNK B 2670 -70.69 96.48 -72.93
CA UNK B 2670 -70.54 97.68 -72.10
C UNK B 2670 -69.17 97.75 -71.44
N UNK B 2671 -68.84 98.92 -70.92
CA UNK B 2671 -67.58 99.13 -70.22
C UNK B 2671 -67.67 100.38 -69.35
N UNK B 2672 -67.46 100.19 -68.04
CA UNK B 2672 -67.47 101.31 -67.11
C UNK B 2672 -66.15 102.07 -67.19
N UNK B 2673 -65.59 102.39 -66.03
CA UNK B 2673 -64.29 103.04 -65.98
C UNK B 2673 -63.21 102.06 -66.40
N UNK B 2674 -62.10 102.58 -66.91
CA UNK B 2674 -61.00 101.74 -67.36
C UNK B 2674 -60.41 100.95 -66.19
N UNK B 2675 -60.84 99.70 -66.05
CA UNK B 2675 -60.38 98.84 -64.97
C UNK B 2675 -58.92 98.43 -65.19
N UNK B 2676 -58.02 99.38 -64.99
CA UNK B 2676 -56.60 99.13 -65.18
C UNK B 2676 -56.00 98.49 -63.92
N UNK B 2677 -56.78 98.48 -62.84
CA UNK B 2677 -56.34 97.87 -61.59
C UNK B 2677 -56.26 96.36 -61.73
N UNK B 2678 -57.20 95.80 -62.50
CA UNK B 2678 -57.23 94.36 -62.74
C UNK B 2678 -56.49 94.05 -64.04
N UNK B 2679 -55.17 93.91 -63.94
CA UNK B 2679 -54.33 93.62 -65.11
C UNK B 2679 -53.28 92.56 -64.78
N UNK B 2680 -53.74 91.33 -64.56
CA UNK B 2680 -52.84 90.22 -64.27
C UNK B 2680 -53.26 88.97 -65.04
N UNK B 2681 -52.28 88.13 -65.37
CA UNK B 2681 -52.53 86.94 -66.19
C UNK B 2681 -53.60 86.03 -65.60
N UNK B 2682 -54.31 85.32 -66.47
CA UNK B 2682 -55.41 84.46 -66.05
C UNK B 2682 -55.17 83.00 -66.47
N UNK B 2683 -56.17 82.17 -66.21
CA UNK B 2683 -56.10 80.76 -66.60
C UNK B 2683 -56.63 80.56 -68.01
N UNK B 2684 -56.10 79.55 -68.69
CA UNK B 2684 -56.51 79.26 -70.07
C UNK B 2684 -57.22 77.92 -70.15
N UNK B 2685 -58.07 77.77 -71.16
CA UNK B 2685 -58.81 76.53 -71.36
C UNK B 2685 -59.26 76.40 -72.81
N UNK B 2686 -60.39 75.72 -73.02
CA UNK B 2686 -60.96 75.58 -74.35
C UNK B 2686 -62.20 76.46 -74.49
N UNK B 2687 -63.09 76.09 -75.41
CA UNK B 2687 -64.32 76.84 -75.62
C UNK B 2687 -65.36 75.97 -76.32
N UNK B 2688 -66.61 76.40 -76.26
CA UNK B 2688 -67.71 75.67 -76.86
C UNK B 2688 -67.73 75.84 -78.37
N UNK B 2689 -68.11 74.78 -79.08
CA UNK B 2689 -68.12 74.78 -80.54
C UNK B 2689 -69.51 75.08 -81.09
N UNK B 2690 -69.57 76.02 -82.03
CA UNK B 2690 -70.84 76.38 -82.67
C UNK B 2690 -70.74 76.25 -84.19
N UNK B 2691 -71.84 76.51 -84.87
CA UNK B 2691 -71.88 76.44 -86.32
C UNK B 2691 -73.07 77.24 -86.86
N UNK B 2692 -74.23 76.61 -86.89
CA UNK B 2692 -75.45 77.26 -87.37
C UNK B 2692 -76.68 76.54 -86.86
N UNK B 2693 -76.99 76.73 -85.58
CA UNK B 2693 -78.16 76.11 -84.97
C UNK B 2693 -79.10 77.16 -84.40
N UNK B 2694 -80.37 77.10 -84.79
CA UNK B 2694 -81.36 78.08 -84.33
C UNK B 2694 -82.77 77.51 -84.44
N UNK B 2695 -83.70 78.07 -83.67
CA UNK B 2695 -85.08 77.61 -83.67
C UNK B 2695 -86.03 78.73 -83.23
N UNK B 2696 -87.28 78.36 -82.96
CA UNK B 2696 -88.31 79.31 -82.52
C UNK B 2696 -88.44 80.50 -83.46
N UNK B 2697 -88.89 80.25 -84.68
CA UNK B 2697 -89.02 81.30 -85.67
C UNK B 2697 -90.48 81.56 -86.04
N UNK B 2698 -91.39 80.87 -85.35
CA UNK B 2698 -92.82 81.00 -85.62
C UNK B 2698 -93.44 82.10 -84.76
N UNK B 2699 -94.61 82.56 -85.18
CA UNK B 2699 -95.34 83.58 -84.43
C UNK B 2699 -96.23 82.95 -83.37
N UNK B 2700 -97.02 81.96 -83.80
CA UNK B 2700 -97.91 81.25 -82.89
C UNK B 2700 -97.87 79.75 -83.17
N UNK B 2701 -97.95 78.96 -82.11
CA UNK B 2701 -97.89 77.50 -82.25
C UNK B 2701 -99.16 76.94 -82.88
N UNK B 2702 -100.29 77.11 -82.19
CA UNK B 2702 -101.57 76.62 -82.68
C UNK B 2702 -102.54 77.77 -82.94
N UNK B 2703 -102.37 78.44 -84.08
CA UNK B 2703 -103.24 79.55 -84.45
C UNK B 2703 -103.22 79.76 -85.96
N ASN B 2734 -62.27 79.61 -46.82
CA ASN B 2734 -61.85 81.00 -46.62
C ASN B 2734 -60.63 81.33 -47.47
N PHE B 2735 -60.57 80.72 -48.65
CA PHE B 2735 -59.42 80.88 -49.54
C PHE B 2735 -59.43 82.27 -50.19
N ASP B 2736 -58.23 82.73 -50.54
CA ASP B 2736 -57.94 84.06 -51.07
C ASP B 2736 -58.16 84.10 -52.58
N PRO B 2737 -58.51 85.26 -53.13
CA PRO B 2737 -58.75 85.38 -54.57
C PRO B 2737 -57.48 85.66 -55.33
N ARG B 2738 -57.63 85.78 -56.66
CA ARG B 2738 -56.55 86.07 -57.57
C ARG B 2738 -56.97 87.17 -58.55
N PRO B 2739 -56.01 87.95 -59.06
CA PRO B 2739 -56.36 88.99 -60.03
C PRO B 2739 -56.34 88.50 -61.48
N VAL B 2740 -57.24 89.05 -62.27
CA VAL B 2740 -57.37 88.70 -63.68
C VAL B 2740 -57.31 89.98 -64.51
N GLU B 2741 -56.60 89.89 -65.64
CA GLU B 2741 -56.44 91.02 -66.54
C GLU B 2741 -57.77 91.38 -67.19
N THR B 2742 -57.97 92.68 -67.45
CA THR B 2742 -59.20 93.19 -68.00
C THR B 2742 -59.02 94.01 -69.27
N LEU B 2743 -57.97 94.82 -69.36
CA LEU B 2743 -57.84 95.81 -70.42
C LEU B 2743 -56.89 95.38 -71.53
N ASN B 2744 -56.81 94.09 -71.85
CA ASN B 2744 -56.08 93.66 -73.03
C ASN B 2744 -56.75 94.17 -74.29
N VAL B 2745 -58.07 94.05 -74.36
CA VAL B 2745 -58.87 94.52 -75.49
C VAL B 2745 -59.93 95.47 -74.97
N ILE B 2746 -60.00 96.65 -75.58
CA ILE B 2746 -61.07 97.60 -75.28
C ILE B 2746 -62.22 97.37 -76.24
N ILE B 2747 -63.43 97.32 -75.69
CA ILE B 2747 -64.62 96.91 -76.44
C ILE B 2747 -65.06 98.07 -77.32
N PRO B 2748 -65.12 97.90 -78.63
CA PRO B 2748 -65.70 98.93 -79.50
C PRO B 2748 -67.21 98.74 -79.65
N GLU B 2749 -67.81 99.58 -80.47
CA GLU B 2749 -69.24 99.44 -80.78
C GLU B 2749 -69.42 98.49 -81.96
N LYS B 2750 -69.00 97.24 -81.76
CA LYS B 2750 -69.12 96.22 -82.78
C LYS B 2750 -70.14 95.14 -82.45
N LEU B 2751 -70.36 94.85 -81.16
CA LEU B 2751 -71.34 93.85 -80.76
C LEU B 2751 -72.73 94.49 -80.69
N ASP B 2752 -73.34 94.67 -81.86
CA ASP B 2752 -74.69 95.22 -81.93
C ASP B 2752 -75.68 94.16 -82.42
N SER B 2753 -75.22 93.20 -83.22
CA SER B 2753 -76.10 92.12 -83.65
C SER B 2753 -76.61 91.31 -82.48
N PHE B 2754 -75.75 90.99 -81.52
CA PHE B 2754 -76.20 90.24 -80.35
C PHE B 2754 -77.14 91.08 -79.47
N ILE B 2755 -76.92 92.40 -79.41
CA ILE B 2755 -77.82 93.25 -78.66
C ILE B 2755 -79.21 93.26 -79.30
N ASN B 2756 -79.27 93.40 -80.62
CA ASN B 2756 -80.55 93.32 -81.32
C ASN B 2756 -81.14 91.91 -81.29
N LYS B 2757 -80.32 90.91 -81.01
CA LYS B 2757 -80.80 89.53 -80.94
C LYS B 2757 -81.85 89.36 -79.85
N PHE B 2758 -81.64 89.94 -78.66
CA PHE B 2758 -82.63 89.81 -77.61
C PHE B 2758 -83.98 90.39 -78.01
N ALA B 2759 -83.97 91.50 -78.75
CA ALA B 2759 -85.22 92.13 -79.17
C ALA B 2759 -85.89 91.37 -80.31
N GLU B 2760 -85.08 90.80 -81.22
CA GLU B 2760 -85.65 90.20 -82.42
C GLU B 2760 -85.90 88.70 -82.25
N TYR B 2761 -84.85 87.93 -81.99
CA TYR B 2761 -84.90 86.48 -81.99
C TYR B 2761 -85.34 85.88 -80.66
N THR B 2762 -85.10 86.58 -79.55
CA THR B 2762 -85.39 86.04 -78.23
C THR B 2762 -86.80 86.40 -77.74
N HIS B 2763 -87.45 87.39 -78.35
CA HIS B 2763 -88.74 87.86 -77.84
C HIS B 2763 -89.81 86.79 -77.89
N GLU B 2764 -89.70 85.84 -78.82
CA GLU B 2764 -90.68 84.76 -78.95
C GLU B 2764 -90.35 83.54 -78.10
N LYS B 2765 -89.23 83.56 -77.37
CA LYS B 2765 -88.84 82.39 -76.58
C LYS B 2765 -89.75 82.20 -75.38
N TRP B 2766 -90.09 83.28 -74.67
CA TRP B 2766 -90.89 83.19 -73.46
C TRP B 2766 -92.39 83.22 -73.73
N ALA B 2767 -92.81 83.51 -74.96
CA ALA B 2767 -94.23 83.62 -75.27
C ALA B 2767 -94.87 82.28 -75.65
N PHE B 2768 -94.09 81.22 -75.77
CA PHE B 2768 -94.60 79.91 -76.16
C PHE B 2768 -94.73 78.94 -74.99
N ASP B 2769 -94.34 79.34 -73.78
CA ASP B 2769 -94.34 78.42 -72.65
C ASP B 2769 -95.74 77.94 -72.30
N LYS B 2770 -96.74 78.83 -72.36
CA LYS B 2770 -98.09 78.45 -71.97
C LYS B 2770 -98.72 77.48 -72.95
N ILE B 2771 -98.28 77.49 -74.21
CA ILE B 2771 -98.93 76.68 -75.24
C ILE B 2771 -98.73 75.19 -74.98
N GLN B 2772 -97.52 74.76 -74.61
CA GLN B 2772 -97.28 73.34 -74.37
C GLN B 2772 -98.08 72.81 -73.19
N ASN B 2773 -98.26 73.60 -72.14
CA ASN B 2773 -99.09 73.22 -71.01
C ASN B 2773 -100.57 73.46 -71.27
N ASN B 2774 -100.91 74.10 -72.39
CA ASN B 2774 -102.30 74.31 -72.80
C ASN B 2774 -103.06 75.15 -71.77
N TRP B 2775 -102.52 76.32 -71.45
CA TRP B 2775 -103.17 77.26 -70.57
C TRP B 2775 -103.56 78.51 -71.34
N SER B 2776 -104.78 78.98 -71.11
CA SER B 2776 -105.33 80.09 -71.88
C SER B 2776 -104.58 81.38 -71.60
N TYR B 2777 -104.69 82.32 -72.54
CA TYR B 2777 -104.05 83.62 -72.39
C TYR B 2777 -104.60 84.37 -71.19
N GLY B 2778 -103.71 84.98 -70.43
CA GLY B 2778 -104.11 85.75 -69.27
C GLY B 2778 -104.11 87.25 -69.52
N GLU B 2779 -105.29 87.81 -69.73
CA GLU B 2779 -105.40 89.26 -69.91
C GLU B 2779 -105.07 90.01 -68.61
N ASN B 2780 -105.54 89.48 -67.48
CA ASN B 2780 -105.28 90.12 -66.20
C ASN B 2780 -103.82 89.96 -65.80
N VAL B 2781 -103.29 90.96 -65.10
CA VAL B 2781 -101.90 90.98 -64.67
C VAL B 2781 -101.86 90.37 -63.26
N ASP B 2782 -101.62 89.06 -63.21
CA ASP B 2782 -101.49 88.32 -61.96
C ASP B 2782 -100.26 87.43 -62.08
N GLU B 2783 -99.10 87.97 -61.73
CA GLU B 2783 -97.84 87.23 -61.88
C GLU B 2783 -97.81 86.01 -60.96
N GLU B 2784 -98.28 86.16 -59.72
CA GLU B 2784 -98.16 85.09 -58.74
C GLU B 2784 -99.23 84.01 -58.91
N LEU B 2785 -100.32 84.29 -59.62
CA LEU B 2785 -101.41 83.33 -59.78
C LEU B 2785 -101.21 82.47 -61.02
N LYS B 2786 -100.02 81.88 -61.15
CA LYS B 2786 -99.70 80.90 -62.19
C LYS B 2786 -99.92 81.45 -63.60
N THR B 2787 -99.79 82.77 -63.76
CA THR B 2787 -99.85 83.41 -65.07
C THR B 2787 -98.61 84.26 -65.28
N HIS B 2788 -98.10 84.23 -66.51
CA HIS B 2788 -96.86 84.92 -66.83
C HIS B 2788 -97.05 86.44 -66.72
N PRO B 2789 -96.04 87.15 -66.22
CA PRO B 2789 -96.15 88.61 -66.06
C PRO B 2789 -95.80 89.39 -67.32
N MET B 2790 -95.84 88.72 -68.49
CA MET B 2790 -95.36 89.34 -69.72
C MET B 2790 -96.06 90.66 -70.04
N LEU B 2791 -97.29 90.84 -69.56
CA LEU B 2791 -97.98 92.10 -69.75
C LEU B 2791 -97.48 93.11 -68.71
N ARG B 2792 -96.72 94.09 -69.16
CA ARG B 2792 -96.06 95.06 -68.29
C ARG B 2792 -96.29 96.47 -68.80
N PRO B 2793 -96.12 97.50 -67.97
CA PRO B 2793 -96.18 98.87 -68.47
C PRO B 2793 -95.14 99.10 -69.55
N TYR B 2794 -95.50 99.90 -70.55
CA TYR B 2794 -94.69 100.06 -71.75
C TYR B 2794 -93.39 100.82 -71.51
N LYS B 2795 -93.21 101.40 -70.33
CA LYS B 2795 -92.00 102.16 -70.01
C LYS B 2795 -90.92 101.30 -69.35
N THR B 2796 -90.90 99.99 -69.61
CA THR B 2796 -89.90 99.09 -69.03
C THR B 2796 -88.68 98.96 -69.96
N PHE B 2797 -88.15 100.11 -70.35
CA PHE B 2797 -87.01 100.19 -71.25
C PHE B 2797 -85.88 100.92 -70.54
N SER B 2798 -84.67 100.35 -70.63
CA SER B 2798 -83.48 100.93 -70.00
C SER B 2798 -82.30 100.80 -70.95
N GLU B 2799 -81.51 101.86 -71.04
CA GLU B 2799 -80.29 101.86 -71.85
C GLU B 2799 -79.02 101.92 -71.02
N LYS B 2800 -79.03 102.61 -69.88
CA LYS B 2800 -77.85 102.64 -69.01
C LYS B 2800 -77.50 101.26 -68.50
N ASP B 2801 -78.48 100.35 -68.38
CA ASP B 2801 -78.20 98.99 -67.96
C ASP B 2801 -77.29 98.29 -68.97
N LYS B 2802 -77.56 98.46 -70.25
CA LYS B 2802 -76.72 97.87 -71.29
C LYS B 2802 -75.49 98.71 -71.60
N GLU B 2803 -75.45 99.97 -71.18
CA GLU B 2803 -74.29 100.82 -71.46
C GLU B 2803 -73.19 100.71 -70.40
N ILE B 2804 -73.55 100.45 -69.14
CA ILE B 2804 -72.54 100.36 -68.09
C ILE B 2804 -72.66 99.10 -67.25
N TYR B 2805 -73.80 98.41 -67.24
CA TYR B 2805 -73.97 97.20 -66.46
C TYR B 2805 -73.98 95.94 -67.32
N ARG B 2806 -73.40 95.99 -68.51
CA ARG B 2806 -73.42 94.88 -69.47
C ARG B 2806 -71.99 94.42 -69.79
N TRP B 2807 -71.21 94.18 -68.75
CA TRP B 2807 -69.83 93.73 -68.93
C TRP B 2807 -69.55 92.46 -68.13
N PRO B 2808 -70.26 91.35 -68.40
CA PRO B 2808 -69.99 90.13 -67.63
C PRO B 2808 -68.84 89.29 -68.16
N ILE B 2809 -68.55 89.34 -69.47
CA ILE B 2809 -67.51 88.53 -70.06
C ILE B 2809 -66.48 89.36 -70.81
N LYS B 2810 -66.65 90.68 -70.89
CA LYS B 2810 -65.64 91.51 -71.53
C LYS B 2810 -64.34 91.52 -70.73
N GLU B 2811 -64.40 91.17 -69.44
CA GLU B 2811 -63.23 91.26 -68.59
C GLU B 2811 -62.14 90.30 -69.06
N SER B 2812 -62.54 89.08 -69.47
CA SER B 2812 -61.58 88.10 -69.98
C SER B 2812 -62.34 87.08 -70.82
N LEU B 2813 -62.10 87.10 -72.13
CA LEU B 2813 -62.61 86.09 -73.05
C LEU B 2813 -61.51 85.38 -73.83
N LYS B 2814 -60.25 85.71 -73.59
CA LYS B 2814 -59.14 85.24 -74.41
C LYS B 2814 -58.72 83.85 -73.94
N ALA B 2815 -59.48 82.85 -74.38
CA ALA B 2815 -59.16 81.46 -74.10
C ALA B 2815 -59.28 80.55 -75.32
N LEU B 2867 -77.72 65.06 -76.01
CA LEU B 2867 -76.27 64.86 -76.07
C LEU B 2867 -75.97 63.37 -76.11
N SER B 2868 -75.16 62.97 -77.09
CA SER B 2868 -74.68 61.59 -77.16
C SER B 2868 -73.64 61.35 -76.05
N ARG B 2869 -73.13 60.13 -76.00
CA ARG B 2869 -72.14 59.79 -74.97
C ARG B 2869 -70.73 60.09 -75.45
N GLU B 2870 -70.32 59.53 -76.57
CA GLU B 2870 -68.96 59.65 -77.08
C GLU B 2870 -68.81 60.73 -78.14
N LEU B 2871 -69.78 61.63 -78.28
CA LEU B 2871 -69.70 62.63 -79.34
C LEU B 2871 -69.06 63.92 -78.85
N GLN B 2872 -69.35 64.33 -77.61
CA GLN B 2872 -69.02 65.68 -77.14
C GLN B 2872 -68.41 65.70 -75.75
N ALA B 2873 -67.37 64.90 -75.49
CA ALA B 2873 -67.00 64.63 -74.10
C ALA B 2873 -65.86 65.50 -73.55
N MET B 2874 -64.92 65.97 -74.37
CA MET B 2874 -63.80 66.74 -73.83
C MET B 2874 -63.71 68.18 -74.31
N ALA B 2875 -64.30 68.53 -75.44
CA ALA B 2875 -64.13 69.87 -75.98
C ALA B 2875 -64.73 70.95 -75.09
N GLU B 2876 -65.58 70.57 -74.12
CA GLU B 2876 -65.93 71.46 -73.02
C GLU B 2876 -65.43 70.95 -71.67
N GLN B 2877 -65.00 69.69 -71.57
CA GLN B 2877 -64.36 69.24 -70.34
C GLN B 2877 -63.06 69.99 -70.08
N LEU B 2878 -62.28 70.22 -71.14
CA LEU B 2878 -61.07 71.03 -71.03
C LEU B 2878 -61.38 72.51 -70.84
N ALA B 2879 -62.54 72.97 -71.31
CA ALA B 2879 -62.97 74.34 -71.09
C ALA B 2879 -63.61 74.55 -69.72
N GLU B 2880 -63.93 73.46 -69.02
CA GLU B 2880 -64.58 73.54 -67.71
C GLU B 2880 -63.82 74.41 -66.73
N ASN B 2881 -62.49 74.36 -66.72
CA ASN B 2881 -61.71 75.22 -65.84
C ASN B 2881 -62.11 76.68 -66.01
N TYR B 2882 -62.25 77.14 -67.27
CA TYR B 2882 -62.59 78.54 -67.52
C TYR B 2882 -63.92 78.91 -66.89
N HIS B 2883 -65.02 78.33 -67.38
CA HIS B 2883 -66.31 78.76 -66.87
C HIS B 2883 -66.55 78.33 -65.43
N ASN B 2884 -65.84 77.33 -64.91
CA ASN B 2884 -65.92 77.05 -63.49
C ASN B 2884 -65.26 78.11 -62.63
N THR B 2885 -64.04 78.56 -62.98
CA THR B 2885 -63.42 79.62 -62.21
C THR B 2885 -64.10 80.97 -62.44
N TRP B 2886 -64.91 81.12 -63.49
CA TRP B 2886 -65.71 82.32 -63.66
C TRP B 2886 -67.12 82.18 -63.08
N GLY B 2887 -67.56 80.97 -62.76
CA GLY B 2887 -68.78 80.80 -62.00
C GLY B 2887 -68.51 80.97 -60.53
N ARG B 2888 -67.30 80.61 -60.10
CA ARG B 2888 -66.84 80.96 -58.77
C ARG B 2888 -66.50 82.45 -58.66
N LYS B 2889 -66.34 83.13 -59.80
CA LYS B 2889 -65.98 84.55 -59.80
C LYS B 2889 -67.08 85.40 -59.18
N LYS B 2890 -68.33 85.05 -59.43
CA LYS B 2890 -69.47 85.94 -59.16
C LYS B 2890 -69.85 86.04 -57.67
N LYS B 2891 -69.07 85.61 -56.68
CA LYS B 2891 -69.52 85.62 -55.29
C LYS B 2891 -68.66 86.47 -54.36
N GLN B 2892 -67.42 86.77 -54.73
CA GLN B 2892 -66.51 87.42 -53.79
C GLN B 2892 -67.03 88.77 -53.31
N GLU B 2893 -67.99 89.36 -54.02
CA GLU B 2893 -68.58 90.61 -53.55
C GLU B 2893 -69.52 90.40 -52.38
N LEU B 2894 -70.16 89.22 -52.27
CA LEU B 2894 -71.09 89.02 -51.17
C LEU B 2894 -70.60 88.03 -50.12
N GLU B 2895 -69.48 87.35 -50.33
CA GLU B 2895 -68.74 86.77 -49.21
C GLU B 2895 -67.81 87.83 -48.62
N ALA B 2896 -68.09 88.22 -47.37
CA ALA B 2896 -67.20 89.02 -46.55
C ALA B 2896 -67.00 88.45 -45.15
N LYS B 2897 -67.79 87.46 -44.74
CA LYS B 2897 -67.69 86.85 -43.43
C LYS B 2897 -67.21 85.40 -43.50
N GLY B 2898 -67.84 84.58 -44.33
CA GLY B 2898 -67.34 83.24 -44.61
C GLY B 2898 -68.10 82.06 -43.99
N GLY B 2899 -69.43 82.09 -43.93
CA GLY B 2899 -70.19 81.01 -43.38
C GLY B 2899 -71.09 80.35 -44.41
N GLY B 2900 -71.19 79.03 -44.33
CA GLY B 2900 -71.87 78.27 -45.36
C GLY B 2900 -73.33 78.63 -45.46
N THR B 2901 -73.70 79.38 -46.51
CA THR B 2901 -75.09 79.75 -46.74
C THR B 2901 -75.55 79.62 -48.19
N HIS B 2902 -74.65 79.67 -49.19
CA HIS B 2902 -75.12 79.68 -50.58
C HIS B 2902 -74.78 78.36 -51.27
N PRO B 2903 -75.70 77.82 -52.07
CA PRO B 2903 -75.56 76.47 -52.65
C PRO B 2903 -74.83 76.35 -54.00
N LEU B 2904 -73.50 76.35 -53.95
CA LEU B 2904 -72.73 75.98 -55.14
C LEU B 2904 -71.52 75.12 -54.80
N LEU B 2905 -71.42 74.58 -53.60
CA LEU B 2905 -70.34 73.66 -53.22
C LEU B 2905 -70.95 72.30 -52.93
N VAL B 2906 -70.45 71.28 -53.61
CA VAL B 2906 -71.05 69.95 -53.52
C VAL B 2906 -69.96 68.92 -53.22
N PRO B 2907 -70.28 67.82 -52.52
CA PRO B 2907 -69.26 66.79 -52.25
C PRO B 2907 -68.77 66.11 -53.52
N TYR B 2908 -67.48 66.23 -53.80
CA TYR B 2908 -66.92 65.67 -55.04
C TYR B 2908 -66.62 64.18 -54.94
N ASP B 2909 -66.63 63.60 -53.73
CA ASP B 2909 -66.39 62.18 -53.59
C ASP B 2909 -67.58 61.37 -54.09
N THR B 2910 -68.74 61.55 -53.46
CA THR B 2910 -69.99 60.93 -53.90
C THR B 2910 -71.06 62.01 -53.87
N LEU B 2911 -71.77 62.17 -54.99
CA LEU B 2911 -72.65 63.32 -55.17
C LEU B 2911 -74.06 62.87 -55.51
N THR B 2912 -75.04 63.63 -55.01
CA THR B 2912 -76.43 63.44 -55.40
C THR B 2912 -76.66 64.07 -56.77
N ALA B 2913 -77.94 64.13 -57.15
CA ALA B 2913 -78.35 64.77 -58.42
C ALA B 2913 -78.50 66.27 -58.18
N LYS B 2914 -77.35 66.91 -57.96
CA LYS B 2914 -77.33 68.34 -57.66
C LYS B 2914 -77.58 69.16 -58.92
N GLU B 2915 -78.18 70.34 -58.72
CA GLU B 2915 -78.62 71.15 -59.85
C GLU B 2915 -77.47 71.87 -60.54
N LYS B 2916 -76.46 72.31 -59.77
CA LYS B 2916 -75.34 73.12 -60.28
C LYS B 2916 -75.78 74.21 -61.26
N ALA B 2917 -76.93 74.83 -61.01
CA ALA B 2917 -77.62 75.66 -61.98
C ALA B 2917 -77.24 77.13 -61.88
N ARG B 2918 -75.99 77.43 -61.54
CA ARG B 2918 -75.58 78.81 -61.35
C ARG B 2918 -75.59 79.60 -62.66
N ASP B 2919 -74.74 79.20 -63.63
CA ASP B 2919 -74.50 80.05 -64.79
C ASP B 2919 -74.37 79.32 -66.12
N ARG B 2920 -74.69 78.03 -66.21
CA ARG B 2920 -74.47 77.29 -67.45
C ARG B 2920 -75.74 76.88 -68.19
N GLU B 2921 -76.90 76.86 -67.53
CA GLU B 2921 -78.15 76.59 -68.24
C GLU B 2921 -78.48 77.68 -69.24
N LYS B 2922 -78.02 78.92 -69.01
CA LYS B 2922 -78.12 79.94 -70.03
C LYS B 2922 -77.13 79.69 -71.16
N ALA B 2923 -75.89 79.35 -70.83
CA ALA B 2923 -74.84 79.23 -71.85
C ALA B 2923 -75.10 78.07 -72.80
N GLN B 2924 -75.70 76.98 -72.31
CA GLN B 2924 -75.99 75.87 -73.20
C GLN B 2924 -76.96 76.27 -74.31
N GLU B 2925 -77.91 77.16 -74.01
CA GLU B 2925 -78.75 77.74 -75.06
C GLU B 2925 -78.00 78.81 -75.84
N LEU B 2926 -77.14 79.58 -75.17
CA LEU B 2926 -76.45 80.70 -75.81
C LEU B 2926 -75.50 80.22 -76.90
N LEU B 2927 -74.94 79.01 -76.75
CA LEU B 2927 -73.94 78.52 -77.69
C LEU B 2927 -74.51 78.41 -79.12
N LYS B 2928 -75.75 77.93 -79.24
CA LYS B 2928 -76.30 77.67 -80.57
C LYS B 2928 -76.45 78.95 -81.38
N PHE B 2929 -76.83 80.06 -80.73
CA PHE B 2929 -77.26 81.26 -81.42
C PHE B 2929 -76.11 82.17 -81.81
N LEU B 2930 -74.89 81.64 -81.92
CA LEU B 2930 -73.73 82.45 -82.28
C LEU B 2930 -73.43 82.31 -83.77
N GLN B 2931 -74.15 83.10 -84.56
CA GLN B 2931 -73.95 83.16 -86.00
C GLN B 2931 -73.64 84.56 -86.51
N MET B 2932 -73.95 85.60 -85.74
CA MET B 2932 -73.85 86.97 -86.20
C MET B 2932 -72.50 87.57 -85.82
N ASN B 2933 -72.36 88.88 -86.04
CA ASN B 2933 -71.17 89.66 -85.68
C ASN B 2933 -69.99 89.36 -86.59
N GLY B 2934 -70.15 88.38 -87.48
CA GLY B 2934 -69.11 88.00 -88.41
C GLY B 2934 -68.03 87.11 -87.85
N TYR B 2935 -68.01 86.90 -86.54
CA TYR B 2935 -67.02 86.05 -85.88
C TYR B 2935 -67.72 85.17 -84.85
N ALA B 2936 -67.43 83.88 -84.88
CA ALA B 2936 -68.05 82.93 -83.97
C ALA B 2936 -66.97 82.01 -83.41
N VAL B 2937 -67.26 81.45 -82.24
CA VAL B 2937 -66.32 80.56 -81.54
C VAL B 2937 -66.49 79.17 -82.15
N THR B 2938 -65.62 78.83 -83.11
CA THR B 2938 -65.59 77.50 -83.72
C THR B 2938 -64.32 76.81 -83.23
N ARG B 2939 -64.49 75.66 -82.59
CA ARG B 2939 -63.36 74.93 -82.02
C ARG B 2939 -62.44 74.36 -83.10
N UNK B 3088 -93.40 85.48 -86.79
CA UNK B 3088 -94.05 86.04 -87.96
C UNK B 3088 -93.03 86.32 -89.05
N UNK B 3089 -92.60 85.26 -89.74
CA UNK B 3089 -91.59 85.34 -90.80
C UNK B 3089 -90.33 86.02 -90.30
N UNK B 3090 -89.92 85.64 -89.09
CA UNK B 3090 -88.74 86.23 -88.46
C UNK B 3090 -87.80 85.15 -87.91
N UNK B 3091 -86.59 85.10 -88.46
CA UNK B 3091 -85.60 84.12 -88.03
C UNK B 3091 -84.19 84.68 -88.13
N UNK B 3092 -83.19 83.82 -87.97
CA UNK B 3092 -81.80 84.24 -88.03
C UNK B 3092 -80.99 83.32 -88.95
N UNK B 3093 -81.53 82.13 -89.21
CA UNK B 3093 -80.84 81.15 -90.04
C UNK B 3093 -81.01 81.47 -91.52
N UNK B 3094 -81.53 80.50 -92.28
CA UNK B 3094 -81.74 80.67 -93.71
C UNK B 3094 -83.21 80.99 -94.01
N UNK B 3095 -84.01 81.08 -92.96
CA UNK B 3095 -85.43 81.38 -93.10
C UNK B 3095 -85.62 82.89 -93.25
N UNK B 3096 -84.73 83.67 -92.64
CA UNK B 3096 -84.79 85.12 -92.74
C UNK B 3096 -83.38 85.72 -92.84
N UNK B 3097 -83.32 87.00 -93.16
CA UNK B 3097 -82.04 87.69 -93.32
C UNK B 3097 -81.56 88.25 -91.99
N UNK B 3098 -80.80 87.45 -91.25
CA UNK B 3098 -80.25 87.88 -89.97
C UNK B 3098 -79.02 87.03 -89.61
N UNK B 3099 -78.23 86.72 -90.62
CA UNK B 3099 -77.02 85.91 -90.43
C UNK B 3099 -75.91 86.75 -89.78
N UNK B 3100 -76.02 88.07 -89.92
CA UNK B 3100 -75.03 88.97 -89.34
C UNK B 3100 -75.63 90.37 -89.17
N UNK B 3101 -75.18 91.30 -90.00
CA UNK B 3101 -75.67 92.67 -89.96
C UNK B 3101 -75.40 93.38 -91.28
N UNK B 3102 -76.25 94.34 -91.62
CA UNK B 3102 -76.12 95.08 -92.87
C UNK B 3102 -74.86 95.96 -92.86
N UNK B 3103 -74.51 96.44 -91.68
CA UNK B 3103 -73.33 97.29 -91.52
C UNK B 3103 -72.39 96.75 -90.46
N UNK B 3104 -71.92 95.52 -90.67
CA UNK B 3104 -71.01 94.88 -89.73
C UNK B 3104 -69.57 94.96 -90.21
N UNK B 3105 -68.80 93.91 -89.95
CA UNK B 3105 -67.40 93.83 -90.36
C UNK B 3105 -66.56 94.97 -89.80
N UNK B 3106 -66.63 96.13 -90.44
CA UNK B 3106 -65.84 97.27 -90.02
C UNK B 3106 -66.68 98.55 -89.89
N UNK B 3107 -67.90 98.50 -90.41
CA UNK B 3107 -68.79 99.67 -90.38
C UNK B 3107 -69.25 99.99 -88.96
N UNK B 3108 -69.63 98.96 -88.21
CA UNK B 3108 -70.10 99.15 -86.85
C UNK B 3108 -68.97 99.57 -85.94
N UNK B 3109 -67.81 98.93 -86.09
CA UNK B 3109 -66.65 99.20 -85.25
C UNK B 3109 -66.09 100.61 -85.47
N UNK B 3110 -66.51 101.25 -86.55
CA UNK B 3110 -66.05 102.60 -86.87
C UNK B 3110 -66.69 103.63 -85.95
N UNK B 3111 -67.70 103.22 -85.19
CA UNK B 3111 -68.38 104.12 -84.27
C UNK B 3111 -67.56 104.34 -83.00
N UNK B 3112 -66.57 103.48 -82.78
CA UNK B 3112 -65.70 103.61 -81.62
C UNK B 3112 -64.26 103.76 -82.07
N UNK B 3113 -64.01 103.57 -83.36
CA UNK B 3113 -62.67 103.69 -83.91
C UNK B 3113 -62.48 105.06 -84.56
N UNK B 3114 -63.26 105.34 -85.60
CA UNK B 3114 -63.17 106.60 -86.31
C UNK B 3114 -63.61 107.76 -85.43
N UNK B 3115 -64.53 107.50 -84.52
CA UNK B 3115 -65.03 108.53 -83.61
C UNK B 3115 -63.95 108.91 -82.60
N UNK B 3116 -63.26 107.92 -82.07
CA UNK B 3116 -62.19 108.15 -81.10
C UNK B 3116 -60.92 108.64 -81.78
N UNK B 3117 -60.84 108.41 -83.09
CA UNK B 3117 -59.68 108.83 -83.86
C UNK B 3117 -59.68 110.33 -84.10
N UNK B 3118 -60.87 110.88 -84.36
CA UNK B 3118 -61.02 112.30 -84.72
C UNK B 3118 -60.40 113.25 -83.69
N UNK B 3119 -60.23 112.77 -82.46
CA UNK B 3119 -59.60 113.57 -81.41
C UNK B 3119 -58.25 113.00 -81.02
N UNK B 3120 -57.78 112.01 -81.77
CA UNK B 3120 -56.52 111.35 -81.44
C UNK B 3120 -55.80 110.79 -82.67
N UNK B 3121 -56.20 111.22 -83.86
CA UNK B 3121 -55.53 110.78 -85.08
C UNK B 3121 -54.38 111.72 -85.43
N UNK B 3122 -54.42 112.92 -84.86
CA UNK B 3122 -53.37 113.91 -85.12
C UNK B 3122 -53.18 114.82 -83.91
N UNK B 3123 -63.01 115.47 -73.52
CA UNK B 3123 -62.58 114.34 -74.33
C UNK B 3123 -62.72 113.03 -73.57
N UNK B 3124 -62.83 111.93 -74.31
CA UNK B 3124 -62.98 110.61 -73.71
C UNK B 3124 -61.73 109.76 -73.96
N UNK B 3125 -61.10 109.31 -72.88
CA UNK B 3125 -59.90 108.49 -72.98
C UNK B 3125 -60.04 107.20 -72.18
N UNK B 3126 -61.13 107.10 -71.43
CA UNK B 3126 -61.39 105.91 -70.61
C UNK B 3126 -62.03 104.81 -71.46
N UNK B 3127 -63.11 105.15 -72.14
CA UNK B 3127 -63.82 104.20 -72.98
C UNK B 3127 -63.37 104.32 -74.43
N UNK B 3128 -62.18 104.89 -74.64
CA UNK B 3128 -61.62 105.07 -75.97
C UNK B 3128 -61.17 103.74 -76.56
N UNK B 3129 -61.50 103.51 -77.82
CA UNK B 3129 -61.14 102.27 -78.49
C UNK B 3129 -60.01 102.48 -79.49
N UNK B 3130 -58.84 101.91 -79.18
CA UNK B 3130 -57.67 102.02 -80.04
C UNK B 3130 -56.79 100.79 -79.87
N UNK B 3131 -56.55 100.41 -78.61
CA UNK B 3131 -55.75 99.24 -78.30
C UNK B 3131 -56.64 98.01 -78.20
N UNK B 3132 -57.06 97.50 -79.35
CA UNK B 3132 -57.95 96.34 -79.39
C UNK B 3132 -57.72 95.51 -80.65
N UNK B 3133 -57.50 94.22 -80.46
CA UNK B 3133 -57.29 93.30 -81.57
C UNK B 3133 -57.55 91.87 -81.15
N UNK B 3134 -58.01 91.70 -79.91
CA UNK B 3134 -58.27 90.37 -79.36
C UNK B 3134 -59.71 89.94 -79.63
N UNK B 3135 -60.38 90.65 -80.55
CA UNK B 3135 -61.74 90.31 -80.92
C UNK B 3135 -61.76 88.99 -81.69
N UNK B 3136 -60.72 88.75 -82.48
CA UNK B 3136 -60.61 87.52 -83.24
C UNK B 3136 -59.45 86.69 -82.72
N UNK B 3137 -59.67 85.38 -82.60
CA UNK B 3137 -58.62 84.47 -82.14
C UNK B 3137 -57.58 84.27 -83.23
N UNK B 3138 -57.81 83.28 -84.08
CA UNK B 3138 -56.89 82.99 -85.18
C UNK B 3138 -57.49 83.38 -86.53
N UNK B 3139 -58.51 82.64 -86.95
CA UNK B 3139 -59.20 82.85 -88.23
C UNK B 3139 -58.26 82.62 -89.42
N UNK B 3140 -58.85 82.53 -90.61
CA UNK B 3140 -58.08 82.25 -91.81
C UNK B 3140 -58.78 82.75 -93.08
N UNK B 3141 -58.38 82.19 -94.22
CA UNK B 3141 -58.93 82.59 -95.51
C UNK B 3141 -60.09 81.70 -95.93
N UNK B 3142 -60.89 81.27 -94.96
CA UNK B 3142 -62.03 80.39 -95.20
C UNK B 3142 -61.63 79.10 -95.90
N UNK B 3143 -62.61 78.39 -96.44
CA UNK B 3143 -62.36 77.14 -97.13
C UNK B 3143 -63.49 76.81 -98.09
N UNK B 3144 -63.19 76.81 -99.38
CA UNK B 3144 -64.20 76.52 -100.40
C UNK B 3144 -63.85 75.27 -101.19
N UNK B 3145 -63.00 74.43 -100.61
CA UNK B 3145 -62.58 73.20 -101.26
C UNK B 3145 -62.96 71.97 -100.43
N UNK B 3146 -64.26 71.67 -100.41
CA UNK B 3146 -64.76 70.51 -99.69
C UNK B 3146 -66.09 70.06 -100.27
N UNK B 3147 -66.03 69.18 -101.27
CA UNK B 3147 -67.21 68.69 -101.98
C UNK B 3147 -68.04 69.85 -102.53
N UNK B 3148 -69.34 69.85 -102.22
CA UNK B 3148 -70.22 70.92 -102.66
C UNK B 3148 -70.51 71.87 -101.50
N UNK B 3149 -70.10 71.47 -100.30
CA UNK B 3149 -70.35 72.27 -99.10
C UNK B 3149 -69.25 73.29 -98.87
N UNK B 3150 -69.06 73.64 -97.60
CA UNK B 3150 -68.00 74.57 -97.16
C UNK B 3150 -68.17 75.98 -97.74
N UNK B 3151 -69.24 76.21 -98.50
CA UNK B 3151 -69.49 77.51 -99.10
C UNK B 3151 -70.59 78.25 -98.34
N UNK B 3152 -70.20 79.29 -97.61
CA UNK B 3152 -71.15 80.08 -96.84
C UNK B 3152 -71.48 81.39 -97.56
N UNK B 3153 -72.55 81.39 -98.33
CA UNK B 3153 -72.99 82.57 -99.06
C UNK B 3153 -74.00 83.37 -98.26
N UNK B 3154 -74.77 82.66 -97.42
CA UNK B 3154 -75.78 83.30 -96.60
C UNK B 3154 -75.17 83.84 -95.31
N UNK B 3155 -74.32 83.03 -94.68
CA UNK B 3155 -73.68 83.42 -93.42
C UNK B 3155 -72.62 84.48 -93.65
N UNK B 3156 -71.63 84.15 -94.48
CA UNK B 3156 -70.53 85.06 -94.77
C UNK B 3156 -70.89 86.02 -95.90
N UNK B 3157 -71.84 86.92 -95.62
CA UNK B 3157 -72.24 87.91 -96.61
C UNK B 3157 -71.12 88.93 -96.82
N UNK B 3158 -70.38 89.21 -95.75
CA UNK B 3158 -69.26 90.16 -95.81
C UNK B 3158 -68.27 89.87 -94.70
N UNK B 3159 -67.89 88.60 -94.58
CA UNK B 3159 -66.95 88.18 -93.53
C UNK B 3159 -65.57 88.78 -93.77
N UNK B 3160 -65.15 88.83 -95.03
CA UNK B 3160 -63.86 89.38 -95.38
C UNK B 3160 -63.99 90.38 -96.52
N UNK B 3161 -65.23 90.60 -96.97
CA UNK B 3161 -65.49 91.54 -98.05
C UNK B 3161 -65.22 92.97 -97.60
N UNK B 3162 -65.60 93.28 -96.35
CA UNK B 3162 -65.37 94.60 -95.79
C UNK B 3162 -64.29 94.55 -94.72
N UNK B 3163 -63.06 94.83 -95.12
CA UNK B 3163 -61.93 94.81 -94.20
C UNK B 3163 -61.91 96.07 -93.33
N UNK B 3164 -61.05 96.07 -92.33
CA UNK B 3164 -60.93 97.21 -91.43
C UNK B 3164 -59.80 98.13 -91.89
N UNK B 3165 -59.69 98.32 -93.20
CA UNK B 3165 -58.63 99.13 -93.78
C UNK B 3165 -58.91 100.62 -93.62
N UNK B 3166 -60.10 100.94 -93.09
CA UNK B 3166 -60.48 102.33 -92.86
C UNK B 3166 -59.71 102.91 -91.68
N UNK B 3167 -59.17 102.03 -90.84
CA UNK B 3167 -58.41 102.47 -89.67
C UNK B 3167 -57.07 101.73 -89.60
N UNK B 3168 -56.79 100.92 -90.62
CA UNK B 3168 -55.55 100.15 -90.67
C UNK B 3168 -54.66 100.63 -91.82
N UNK B 3169 -55.22 100.61 -93.03
CA UNK B 3169 -54.47 101.03 -94.21
C UNK B 3169 -54.20 102.54 -94.17
N UNK B 3170 -55.13 103.28 -93.60
CA UNK B 3170 -54.99 104.73 -93.48
C UNK B 3170 -54.01 105.09 -92.38
N UNK B 3171 -54.26 104.59 -91.17
CA UNK B 3171 -53.39 104.84 -90.04
C UNK B 3171 -52.05 104.15 -90.22
N UNK B 3172 -51.01 104.93 -90.48
CA UNK B 3172 -49.66 104.40 -90.69
C UNK B 3172 -49.12 103.75 -89.42
N UNK B 3173 -49.17 104.48 -88.33
CA UNK B 3173 -48.67 103.99 -87.05
C UNK B 3173 -49.40 104.66 -85.89
N UNK B 3174 -50.72 104.65 -85.95
CA UNK B 3174 -51.54 105.25 -84.90
C UNK B 3174 -52.35 104.19 -84.15
N UNK B 3175 -51.73 103.03 -83.94
CA UNK B 3175 -52.40 101.93 -83.25
C UNK B 3175 -51.42 101.17 -82.37
N UNK B 3176 -51.86 100.05 -81.81
CA UNK B 3176 -51.02 99.22 -80.96
C UNK B 3176 -49.92 98.55 -81.77
N UNK B 3177 -48.68 98.72 -81.33
CA UNK B 3177 -47.53 98.17 -82.04
C UNK B 3177 -47.17 96.78 -81.55
N UNK B 3178 -48.08 96.16 -80.81
CA UNK B 3178 -47.87 94.81 -80.31
C UNK B 3178 -47.88 93.80 -81.45
N UNK B 3179 -48.83 93.97 -82.36
CA UNK B 3179 -48.96 93.10 -83.52
C UNK B 3179 -49.80 93.76 -84.60
N UNK B 3180 -50.09 93.02 -85.66
CA UNK B 3180 -50.91 93.52 -86.75
C UNK B 3180 -52.35 93.74 -86.27
N UNK B 3181 -52.91 94.89 -86.61
CA UNK B 3181 -54.28 95.22 -86.22
C UNK B 3181 -55.28 94.39 -87.02
N UNK B 3182 -54.83 93.85 -88.14
CA UNK B 3182 -55.68 93.02 -88.98
C UNK B 3182 -55.62 91.55 -88.54
N UNK B 3183 -54.97 91.33 -87.40
CA UNK B 3183 -54.79 89.98 -86.86
C UNK B 3183 -54.12 89.06 -87.87
N UNK B 3184 -54.80 87.99 -88.24
CA UNK B 3184 -54.28 87.06 -89.22
C UNK B 3184 -54.70 87.47 -90.63
N UNK B 3185 -54.01 86.94 -91.63
CA UNK B 3185 -54.30 87.28 -93.01
C UNK B 3185 -55.57 86.57 -93.50
N UNK B 3186 -56.25 87.18 -94.46
CA UNK B 3186 -57.44 86.60 -95.04
C UNK B 3186 -57.32 86.60 -96.57
N UNK B 3187 -58.32 87.16 -97.25
CA UNK B 3187 -58.35 87.25 -98.70
C UNK B 3187 -58.20 85.87 -99.36
N UNK B 3188 -57.87 85.87 -100.64
CA UNK B 3188 -57.69 84.63 -101.41
C UNK B 3188 -58.89 83.70 -101.30
N UNK B 3189 -59.86 83.90 -102.18
CA UNK B 3189 -61.10 83.11 -102.16
C UNK B 3189 -60.85 81.63 -102.40
N UNK B 3190 -60.94 81.22 -103.67
CA UNK B 3190 -60.66 79.84 -104.04
C UNK B 3190 -59.18 79.69 -104.34
N UNK B 3191 -58.35 79.87 -103.32
CA UNK B 3191 -56.91 79.83 -103.47
C UNK B 3191 -56.21 79.48 -102.17
N UNK B 3192 -62.78 82.33 -106.28
CA UNK B 3192 -64.21 82.60 -106.37
C UNK B 3192 -64.83 82.70 -104.97
N UNK B 3193 -65.28 83.91 -104.63
CA UNK B 3193 -65.90 84.14 -103.33
C UNK B 3193 -67.25 83.44 -103.23
N UNK B 3194 -68.04 83.53 -104.29
CA UNK B 3194 -69.36 82.90 -104.34
C UNK B 3194 -69.80 82.71 -105.78
N UNK B 3195 -70.91 83.34 -106.14
CA UNK B 3195 -71.45 83.27 -107.49
C UNK B 3195 -72.32 84.49 -107.76
N UNK B 3196 -72.79 85.11 -106.69
CA UNK B 3196 -73.62 86.31 -106.79
C UNK B 3196 -73.61 87.06 -105.46
N UNK B 3197 -73.14 88.30 -105.49
CA UNK B 3197 -73.07 89.12 -104.28
C UNK B 3197 -73.41 90.57 -104.55
N UNK B 3198 -73.85 91.28 -103.52
CA UNK B 3198 -74.20 92.69 -103.63
C UNK B 3198 -73.06 93.56 -103.12
N UNK B 3199 -72.61 94.49 -103.97
CA UNK B 3199 -71.50 95.39 -103.64
C UNK B 3199 -70.24 94.61 -103.26
N UNK B 3200 -69.90 93.62 -104.07
CA UNK B 3200 -68.73 92.80 -103.82
C UNK B 3200 -67.47 93.43 -104.41
N UNK B 3201 -67.66 94.49 -105.19
CA UNK B 3201 -66.54 95.18 -105.82
C UNK B 3201 -66.09 96.37 -104.98
N UNK B 3202 -66.36 96.30 -103.68
CA UNK B 3202 -66.01 97.37 -102.75
C UNK B 3202 -64.50 97.49 -102.61
N UNK B 3203 -63.80 96.38 -102.78
CA UNK B 3203 -62.35 96.36 -102.67
C UNK B 3203 -61.72 96.04 -104.02
N UNK B 3204 -62.51 96.19 -105.09
CA UNK B 3204 -62.04 95.91 -106.44
C UNK B 3204 -61.07 96.99 -106.91
N UNK B 3205 -61.36 98.23 -106.53
CA UNK B 3205 -60.52 99.36 -106.92
C UNK B 3205 -59.96 100.08 -105.68
N UNK B 3206 -60.70 100.00 -104.58
CA UNK B 3206 -60.27 100.65 -103.34
C UNK B 3206 -59.04 99.98 -102.77
N UNK B 3207 -59.03 98.65 -102.79
CA UNK B 3207 -57.90 97.88 -102.29
C UNK B 3207 -56.79 97.84 -103.33
N UNK B 3208 -57.16 98.04 -104.60
CA UNK B 3208 -56.19 98.03 -105.68
C UNK B 3208 -55.40 99.33 -105.71
N UNK B 3209 -56.09 100.44 -105.54
CA UNK B 3209 -55.46 101.76 -105.55
C UNK B 3209 -54.66 101.99 -104.28
N UNK B 3210 -55.01 101.27 -103.22
CA UNK B 3210 -54.29 101.38 -101.96
C UNK B 3210 -52.92 100.71 -102.07
N UNK B 3211 -52.81 99.78 -103.01
CA UNK B 3211 -51.56 99.07 -103.24
C UNK B 3211 -50.60 99.90 -104.08
N UNK B 3212 -51.16 100.75 -104.94
CA UNK B 3212 -50.36 101.60 -105.82
C UNK B 3212 -49.89 102.86 -105.11
N UNK B 3213 -50.37 103.05 -103.88
CA UNK B 3213 -50.01 104.23 -103.08
C UNK B 3213 -48.53 104.22 -102.73
N UNK B 3214 -48.09 103.16 -102.05
CA UNK B 3214 -46.69 103.02 -101.67
C UNK B 3214 -45.86 102.51 -102.84
N UNK B 3215 -46.54 101.96 -103.85
CA UNK B 3215 -45.87 101.45 -105.04
C UNK B 3215 -45.38 102.60 -105.92
N UNK B 3216 -46.03 103.75 -105.80
CA UNK B 3216 -45.65 104.93 -106.57
C UNK B 3216 -44.36 105.53 -106.04
N UNK B 3217 -44.19 105.46 -104.72
CA UNK B 3217 -43.00 106.03 -104.08
C UNK B 3217 -42.22 104.95 -103.33
N UNK B 3218 -41.17 104.45 -103.96
CA UNK B 3218 -40.33 103.42 -103.36
C UNK B 3218 -38.90 103.51 -103.88
N UNK B 3219 -38.76 104.00 -105.11
CA UNK B 3219 -37.45 104.14 -105.73
C UNK B 3219 -36.65 105.24 -105.04
N UNK B 3220 -36.80 106.47 -105.51
CA UNK B 3220 -36.12 107.62 -104.92
C UNK B 3220 -36.73 107.96 -103.57
N UNK B 3221 -37.99 107.58 -103.37
CA UNK B 3221 -38.70 107.83 -102.12
C UNK B 3221 -39.54 106.63 -101.72
N UNK B 3222 -47.30 109.44 -90.79
CA UNK B 3222 -46.33 109.75 -91.84
C UNK B 3222 -46.24 108.61 -92.85
N UNK B 3223 -45.07 108.00 -92.93
CA UNK B 3223 -44.85 106.89 -93.86
C UNK B 3223 -44.12 105.74 -93.17
N UNK B 3224 -44.88 104.78 -92.67
CA UNK B 3224 -44.32 103.62 -91.99
C UNK B 3224 -45.20 102.40 -92.18
N UNK B 3225 -46.32 102.59 -92.86
CA UNK B 3225 -47.27 101.50 -93.11
C UNK B 3225 -46.81 100.62 -94.26
N UNK B 3226 -45.74 101.03 -94.93
CA UNK B 3226 -45.20 100.28 -96.06
C UNK B 3226 -44.02 99.43 -95.62
N UNK B 3227 -43.68 99.49 -94.34
CA UNK B 3227 -42.53 98.76 -93.82
C UNK B 3227 -42.97 97.66 -92.85
N UNK B 3228 -44.26 97.63 -92.53
CA UNK B 3228 -44.78 96.64 -91.59
C UNK B 3228 -46.15 96.12 -92.02
N UNK B 3229 -47.02 97.03 -92.42
CA UNK B 3229 -48.38 96.66 -92.82
C UNK B 3229 -48.44 96.28 -94.30
N UNK B 3230 -47.33 96.46 -95.01
CA UNK B 3230 -47.27 96.15 -96.43
C UNK B 3230 -47.16 94.65 -96.66
N UNK B 3231 -46.77 93.92 -95.62
CA UNK B 3231 -46.60 92.47 -95.72
C UNK B 3231 -47.94 91.76 -95.55
N UNK B 3232 -48.98 92.52 -95.24
CA UNK B 3232 -50.32 91.96 -95.07
C UNK B 3232 -50.84 91.44 -96.40
N UNK B 3233 -50.59 92.19 -97.47
CA UNK B 3233 -51.01 91.79 -98.80
C UNK B 3233 -50.11 90.65 -99.29
N UNK B 3234 -48.87 90.62 -98.80
CA UNK B 3234 -47.94 89.57 -99.15
C UNK B 3234 -48.41 88.23 -98.62
N UNK B 3235 -49.04 88.26 -97.44
CA UNK B 3235 -49.59 87.05 -96.83
C UNK B 3235 -50.86 86.65 -97.56
N UNK B 3236 -51.53 87.62 -98.18
CA UNK B 3236 -52.72 87.34 -98.98
C UNK B 3236 -52.29 86.76 -100.32
N UNK B 3237 -51.09 87.12 -100.76
CA UNK B 3237 -50.54 86.60 -102.00
C UNK B 3237 -49.93 85.22 -101.78
N UNK B 3238 -49.46 84.99 -100.56
CA UNK B 3238 -48.90 83.69 -100.19
C UNK B 3238 -50.02 82.68 -99.96
N UNK B 3239 -51.22 83.20 -99.70
CA UNK B 3239 -52.39 82.35 -99.49
C UNK B 3239 -53.10 82.10 -100.82
N UNK B 3240 -52.51 82.60 -101.90
CA UNK B 3240 -53.10 82.47 -103.22
C UNK B 3240 -52.48 81.31 -103.99
N UNK B 3241 -53.33 80.55 -104.68
CA UNK B 3241 -52.88 79.42 -105.47
C UNK B 3241 -53.97 79.00 -106.47
N UNK B 3242 -54.08 77.70 -106.71
CA UNK B 3242 -55.14 77.11 -107.54
C UNK B 3242 -55.09 77.52 -109.02
N UNK B 3243 -54.41 78.63 -109.33
CA UNK B 3243 -54.27 79.13 -110.70
C UNK B 3243 -55.64 79.32 -111.37
N UNK B 3244 -56.53 80.01 -110.68
CA UNK B 3244 -57.87 80.27 -111.20
C UNK B 3244 -58.27 81.72 -110.98
N UNK B 3245 -59.05 82.27 -111.91
CA UNK B 3245 -59.49 83.65 -111.82
C UNK B 3245 -60.53 83.83 -110.72
N UNK B 3246 -60.40 84.90 -109.95
CA UNK B 3246 -61.32 85.18 -108.87
C UNK B 3246 -62.67 85.64 -109.40
N UNK B 3247 -63.72 85.44 -108.61
CA UNK B 3247 -65.06 85.85 -109.01
C UNK B 3247 -65.19 87.38 -108.94
N UNK B 3248 -64.59 87.98 -107.92
CA UNK B 3248 -64.64 89.42 -107.76
C UNK B 3248 -63.67 90.10 -108.72
N UNK B 3249 -64.22 90.69 -109.78
CA UNK B 3249 -63.44 91.39 -110.81
C UNK B 3249 -62.38 90.48 -111.43
N UNK B 3250 -62.82 89.53 -112.25
CA UNK B 3250 -61.90 88.61 -112.91
C UNK B 3250 -61.06 89.34 -113.95
N UNK B 3251 -61.72 89.83 -115.00
CA UNK B 3251 -61.05 90.59 -116.04
C UNK B 3251 -61.45 92.07 -115.96
N UNK B 3252 -61.52 92.58 -114.74
CA UNK B 3252 -61.94 93.97 -114.52
C UNK B 3252 -60.80 94.80 -113.94
N UNK B 3253 -61.12 95.57 -112.90
CA UNK B 3253 -60.15 96.46 -112.27
C UNK B 3253 -59.02 95.70 -111.60
N UNK B 3254 -59.33 94.52 -111.08
CA UNK B 3254 -58.33 93.69 -110.41
C UNK B 3254 -57.30 93.18 -111.41
N UNK B 3255 -57.72 93.05 -112.67
CA UNK B 3255 -56.82 92.63 -113.74
C UNK B 3255 -55.85 93.75 -114.09
N UNK B 3256 -56.26 94.99 -113.82
CA UNK B 3256 -55.43 96.15 -114.11
C UNK B 3256 -54.70 96.64 -112.86
N UNK B 3257 -54.64 95.78 -111.85
CA UNK B 3257 -53.96 96.12 -110.60
C UNK B 3257 -52.45 95.84 -110.72
N UNK B 3258 -52.04 95.33 -111.87
CA UNK B 3258 -50.64 95.01 -112.10
C UNK B 3258 -49.90 96.18 -112.75
N UNK B 3259 -50.50 97.36 -112.68
CA UNK B 3259 -49.91 98.56 -113.27
C UNK B 3259 -48.75 99.06 -112.43
N UNK B 3260 -48.84 98.85 -111.11
CA UNK B 3260 -47.79 99.28 -110.20
C UNK B 3260 -47.31 98.12 -109.34
N UNK B 3261 -48.19 97.13 -109.16
CA UNK B 3261 -47.86 95.95 -108.36
C UNK B 3261 -46.83 95.08 -109.08
N UNK B 3262 -47.25 94.44 -110.17
CA UNK B 3262 -46.35 93.60 -110.96
C UNK B 3262 -45.25 94.44 -111.57
N UNK B 3263 -45.59 95.66 -111.98
CA UNK B 3263 -44.61 96.60 -112.50
C UNK B 3263 -43.90 97.28 -111.33
N UNK B 3264 -43.02 96.53 -110.68
CA UNK B 3264 -42.32 97.03 -109.50
C UNK B 3264 -41.37 98.16 -109.87
N UNK B 3265 -41.01 98.96 -108.87
CA UNK B 3265 -40.10 100.09 -109.07
C UNK B 3265 -38.70 99.58 -109.44
N UNK B 3266 -38.27 98.51 -108.80
CA UNK B 3266 -36.97 97.91 -109.08
C UNK B 3266 -37.12 96.79 -110.10
N UNK B 3267 -36.69 97.06 -111.33
CA UNK B 3267 -36.79 96.07 -112.41
C UNK B 3267 -35.52 95.23 -112.49
N UNK B 3268 -34.79 95.14 -111.38
CA UNK B 3268 -33.57 94.36 -111.33
C UNK B 3268 -33.87 92.92 -110.94
N UNK B 3269 -35.16 92.63 -110.74
CA UNK B 3269 -35.63 91.30 -110.35
C UNK B 3269 -34.95 90.81 -109.07
N UNK B 3270 -34.68 91.75 -108.16
CA UNK B 3270 -34.02 91.42 -106.90
C UNK B 3270 -34.26 92.52 -105.87
N UNK B 3271 -34.76 92.13 -104.71
CA UNK B 3271 -35.05 93.10 -103.64
C UNK B 3271 -35.07 92.41 -102.28
N UNK B 3272 -34.80 93.17 -101.23
CA UNK B 3272 -34.80 92.64 -99.88
C UNK B 3272 -36.23 92.35 -99.42
N UNK B 3273 -36.48 91.12 -99.02
CA UNK B 3273 -37.80 90.67 -98.57
C UNK B 3273 -38.87 90.96 -99.62
N UNK B 3274 -38.55 90.70 -100.87
CA UNK B 3274 -39.48 90.96 -101.97
C UNK B 3274 -40.69 90.04 -101.91
N UNK B 3275 -41.87 90.63 -102.08
CA UNK B 3275 -43.11 89.87 -102.07
C UNK B 3275 -43.54 89.55 -103.51
N UNK B 3276 -42.65 89.80 -104.44
CA UNK B 3276 -42.92 89.55 -105.86
C UNK B 3276 -43.03 88.05 -106.12
N UNK B 3277 -42.32 87.26 -105.31
CA UNK B 3277 -42.36 85.82 -105.43
C UNK B 3277 -43.75 85.30 -105.07
N UNK B 3278 -44.29 85.80 -103.97
CA UNK B 3278 -45.62 85.41 -103.51
C UNK B 3278 -46.69 86.01 -104.42
N UNK B 3279 -46.37 87.14 -105.04
CA UNK B 3279 -47.30 87.82 -105.93
C UNK B 3279 -47.53 87.00 -107.20
N UNK B 3280 -46.49 86.29 -107.64
CA UNK B 3280 -46.56 85.47 -108.84
C UNK B 3280 -47.18 84.11 -108.54
N UNK B 3281 -48.40 84.12 -108.02
CA UNK B 3281 -49.10 82.89 -107.67
C UNK B 3281 -50.07 82.46 -108.76
N UNK B 3282 -49.59 82.48 -110.01
CA UNK B 3282 -50.37 82.11 -111.18
C UNK B 3282 -51.68 82.90 -111.24
N UNK B 3283 -51.58 84.18 -111.57
CA UNK B 3283 -52.74 85.05 -111.62
C UNK B 3283 -53.28 85.17 -113.05
N UNK B 3284 -54.48 84.65 -113.27
CA UNK B 3284 -55.11 84.74 -114.58
C UNK B 3284 -55.89 86.05 -114.70
N UNK B 3285 -55.39 86.95 -115.55
CA UNK B 3285 -56.02 88.25 -115.73
C UNK B 3285 -55.81 88.77 -117.14
N UNK B 3286 -55.96 90.09 -117.31
CA UNK B 3286 -55.78 90.72 -118.60
C UNK B 3286 -54.34 91.21 -118.79
N UNK B 3287 -53.67 91.45 -117.67
CA UNK B 3287 -52.28 91.91 -117.69
C UNK B 3287 -51.34 90.79 -118.11
N UNK B 3288 -51.41 89.66 -117.40
CA UNK B 3288 -50.57 88.52 -117.70
C UNK B 3288 -51.41 87.25 -117.88
N UNK B 3289 -43.38 97.83 -117.73
CA UNK B 3289 -43.53 97.70 -119.17
C UNK B 3289 -44.99 97.47 -119.54
N UNK B 3290 -45.38 97.92 -120.73
CA UNK B 3290 -46.74 97.76 -121.22
C UNK B 3290 -46.74 97.32 -122.67
N UNK B 3291 -46.73 96.00 -122.90
CA UNK B 3291 -46.69 95.46 -124.25
C UNK B 3291 -48.01 94.78 -124.60
N UNK B 3292 -48.46 93.88 -123.74
CA UNK B 3292 -49.69 93.13 -123.98
C UNK B 3292 -50.91 94.03 -123.84
N UNK B 3293 -50.95 94.80 -122.76
CA UNK B 3293 -52.06 95.70 -122.50
C UNK B 3293 -51.80 97.09 -123.07
N UNK B 3294 -52.65 97.50 -124.00
CA UNK B 3294 -52.52 98.80 -124.63
C UNK B 3294 -53.87 99.51 -124.69
N UNK B 3295 -54.89 98.85 -124.15
CA UNK B 3295 -56.24 99.41 -124.13
C UNK B 3295 -56.77 99.52 -122.70
N UNK B 3296 -57.13 100.72 -122.30
CA UNK B 3296 -57.66 100.96 -120.97
C UNK B 3296 -59.18 100.98 -120.98
N UNK B 3297 -59.75 102.18 -121.11
CA UNK B 3297 -61.20 102.35 -121.14
C UNK B 3297 -61.71 102.40 -122.57
N UNK B 3298 -60.87 101.94 -123.51
CA UNK B 3298 -61.23 101.95 -124.92
C UNK B 3298 -61.79 100.58 -125.34
N UNK B 3299 -61.18 99.52 -124.84
CA UNK B 3299 -61.60 98.17 -125.16
C UNK B 3299 -63.01 97.89 -124.64
N UNK B 3300 -63.91 97.52 -125.55
CA UNK B 3300 -65.31 97.25 -125.22
C UNK B 3300 -65.95 98.42 -124.49
N UNK B 3301 -66.11 98.29 -123.19
CA UNK B 3301 -66.69 99.35 -122.37
C UNK B 3301 -65.60 100.06 -121.56
N UNK B 3302 -64.77 99.27 -120.90
CA UNK B 3302 -63.68 99.80 -120.09
C UNK B 3302 -62.59 98.75 -119.88
N UNK B 3303 -58.11 92.90 -123.34
CA UNK B 3303 -59.51 92.61 -123.63
C UNK B 3303 -59.99 91.41 -122.82
N UNK B 3304 -61.03 90.74 -123.33
CA UNK B 3304 -61.59 89.58 -122.66
C UNK B 3304 -61.24 88.30 -123.39
N UNK B 3305 -60.13 87.67 -123.00
CA UNK B 3305 -59.68 86.43 -123.62
C UNK B 3305 -58.88 85.57 -122.65
N UNK B 3306 -58.77 84.29 -122.95
CA UNK B 3306 -58.02 83.37 -122.10
C UNK B 3306 -56.66 83.07 -122.73
N UNK B 3307 -56.15 84.02 -123.52
CA UNK B 3307 -54.86 83.90 -124.19
C UNK B 3307 -54.80 82.65 -125.06
N UNK B 3308 -55.87 82.40 -125.80
CA UNK B 3308 -55.93 81.26 -126.70
C UNK B 3308 -55.10 81.51 -127.96
N UNK B 3309 -55.31 82.68 -128.56
CA UNK B 3309 -54.56 83.07 -129.75
C UNK B 3309 -53.54 84.15 -129.39
N UNK B 3310 -53.59 84.61 -128.14
CA UNK B 3310 -52.67 85.63 -127.65
C UNK B 3310 -51.71 85.02 -126.63
N UNK B 3311 -51.25 83.81 -126.91
CA UNK B 3311 -50.34 83.12 -126.00
C UNK B 3311 -48.98 83.80 -125.96
N UNK B 3312 -48.65 84.50 -127.03
CA UNK B 3312 -47.39 85.23 -127.11
C UNK B 3312 -47.44 86.49 -126.23
N UNK B 3313 -48.65 86.99 -126.01
CA UNK B 3313 -48.85 88.18 -125.20
C UNK B 3313 -48.73 87.87 -123.71
N UNK B 3314 -49.18 86.68 -123.33
CA UNK B 3314 -49.10 86.25 -121.93
C UNK B 3314 -47.71 85.75 -121.58
N UNK B 3315 -47.01 85.24 -122.59
CA UNK B 3315 -45.65 84.73 -122.39
C UNK B 3315 -44.62 85.70 -122.96
N UNK B 3316 -44.97 86.99 -122.96
CA UNK B 3316 -44.08 88.03 -123.47
C UNK B 3316 -43.10 88.47 -122.39
N UNK B 3317 -43.44 88.19 -121.13
CA UNK B 3317 -42.59 88.57 -120.00
C UNK B 3317 -41.83 87.37 -119.47
N UNK B 3318 -42.08 86.20 -120.05
CA UNK B 3318 -41.40 84.98 -119.63
C UNK B 3318 -40.25 84.66 -120.57
N UNK B 3319 -40.34 85.16 -121.79
CA UNK B 3319 -39.31 84.92 -122.79
C UNK B 3319 -38.16 85.93 -122.67
N UNK B 3320 -38.31 86.86 -121.74
CA UNK B 3320 -37.31 87.90 -121.53
C UNK B 3320 -36.06 87.33 -120.87
N UNK B 3321 -36.26 86.47 -119.87
CA UNK B 3321 -35.14 85.87 -119.15
C UNK B 3321 -34.93 84.42 -119.56
N UNK B 3322 -34.80 84.19 -120.87
CA UNK B 3322 -34.60 82.85 -121.40
C UNK B 3322 -33.18 82.37 -121.09
N UNK B 3323 -32.24 83.31 -121.03
CA UNK B 3323 -30.85 82.98 -120.75
C UNK B 3323 -30.31 83.84 -119.61
N UNK B 3324 -29.77 83.19 -118.58
CA UNK B 3324 -29.25 83.90 -117.42
C UNK B 3324 -27.72 83.83 -117.38
N UNK B 3325 -27.11 84.79 -116.68
CA UNK B 3325 -25.67 84.86 -116.59
C UNK B 3325 -25.12 83.78 -115.65
N UNK B 3326 -23.88 83.36 -115.90
CA UNK B 3326 -23.25 82.34 -115.08
C UNK B 3326 -21.96 82.88 -114.46
N UNK B 3327 -21.98 84.15 -114.06
CA UNK B 3327 -20.82 84.80 -113.47
C UNK B 3327 -20.51 84.21 -112.09
N UNK B 3328 -19.25 84.33 -111.67
CA UNK B 3328 -18.82 83.79 -110.39
C UNK B 3328 -19.02 84.81 -109.27
N UNK B 3329 -19.37 86.03 -109.64
CA UNK B 3329 -19.58 87.10 -108.68
C UNK B 3329 -20.90 86.93 -107.94
N UNK B 3330 -20.83 86.95 -106.61
CA UNK B 3330 -22.02 86.82 -105.78
C UNK B 3330 -22.47 88.19 -105.28
N UNK B 3331 -21.70 89.21 -105.63
CA UNK B 3331 -22.00 90.57 -105.22
C UNK B 3331 -22.94 91.25 -106.22
N UNK B 3332 -23.39 90.48 -107.21
CA UNK B 3332 -24.32 90.99 -108.21
C UNK B 3332 -25.66 91.30 -107.55
N UNK B 3333 -26.29 92.40 -107.97
CA UNK B 3333 -27.58 92.80 -107.43
C UNK B 3333 -28.63 91.73 -107.68
N UNK B 3334 -28.67 91.23 -108.91
CA UNK B 3334 -29.63 90.19 -109.28
C UNK B 3334 -29.11 88.81 -108.88
N UNK B 3335 -29.05 88.55 -107.58
CA UNK B 3335 -28.64 87.26 -107.06
C UNK B 3335 -29.72 86.23 -107.33
N UNK B 3336 -30.98 86.68 -107.28
CA UNK B 3336 -32.12 85.82 -107.55
C UNK B 3336 -33.05 86.49 -108.55
N UNK B 3337 -32.65 86.48 -109.82
CA UNK B 3337 -33.43 87.12 -110.87
C UNK B 3337 -34.77 86.41 -111.09
N UNK B 3338 -34.83 85.14 -110.70
CA UNK B 3338 -36.05 84.36 -110.84
C UNK B 3338 -36.81 84.30 -109.51
N UNK B 3339 -36.12 83.89 -108.46
CA UNK B 3339 -36.73 83.69 -107.15
C UNK B 3339 -37.30 84.98 -106.57
N UNK B 3340 -36.57 86.08 -106.70
CA UNK B 3340 -37.00 87.35 -106.14
C UNK B 3340 -37.97 88.07 -107.07
N UNK B 3341 -38.31 87.42 -108.18
CA UNK B 3341 -39.27 87.97 -109.13
C UNK B 3341 -40.48 87.07 -109.25
N UNK B 3342 -40.23 85.78 -109.47
CA UNK B 3342 -41.30 84.79 -109.60
C UNK B 3342 -40.92 83.49 -108.91
N UNK B 3343 -41.62 83.18 -107.82
CA UNK B 3343 -41.33 81.98 -107.04
C UNK B 3343 -41.49 80.71 -107.88
N UNK B 3344 -42.42 80.75 -108.83
CA UNK B 3344 -42.67 79.61 -109.69
C UNK B 3344 -42.79 80.03 -111.15
N UNK B 3345 -41.69 79.93 -111.89
CA UNK B 3345 -41.67 80.28 -113.30
C UNK B 3345 -42.02 79.05 -114.15
N UNK B 3346 -41.92 77.88 -113.54
CA UNK B 3346 -42.23 76.63 -114.23
C UNK B 3346 -43.66 76.20 -113.93
N UNK B 3347 -44.16 76.58 -112.77
CA UNK B 3347 -45.52 76.24 -112.37
C UNK B 3347 -46.51 77.26 -112.91
N UNK B 3348 -45.99 78.25 -113.65
CA UNK B 3348 -46.83 79.25 -114.29
C UNK B 3348 -47.59 78.62 -115.46
N UNK B 3349 -47.06 77.51 -115.96
CA UNK B 3349 -47.69 76.76 -117.03
C UNK B 3349 -47.89 75.31 -116.62
N UNK B 3350 -49.14 74.91 -116.41
CA UNK B 3350 -49.44 73.55 -115.97
C UNK B 3350 -50.29 72.82 -116.99
N UNK B 3351 -49.79 71.68 -117.47
CA UNK B 3351 -50.51 70.87 -118.44
C UNK B 3351 -49.97 69.45 -118.43
N UNK B 3352 -50.73 68.52 -119.00
CA UNK B 3352 -50.32 67.12 -119.06
C UNK B 3352 -49.10 66.94 -119.96
N UNK B 3353 -49.32 67.03 -121.26
CA UNK B 3353 -48.22 66.90 -122.22
C UNK B 3353 -47.61 68.25 -122.53
N UNK B 3354 -46.93 68.35 -123.68
CA UNK B 3354 -46.31 69.60 -124.10
C UNK B 3354 -47.31 70.47 -124.84
N UNK B 3355 -48.38 70.87 -124.15
CA UNK B 3355 -49.41 71.70 -124.75
C UNK B 3355 -48.94 73.14 -124.89
N UNK B 3356 -48.50 73.72 -123.78
CA UNK B 3356 -47.98 75.08 -123.78
C UNK B 3356 -46.54 75.10 -123.29
N UNK B 3357 -46.27 74.32 -122.25
CA UNK B 3357 -44.92 74.22 -121.69
C UNK B 3357 -44.79 72.95 -120.85
N UNK B 3358 -43.76 72.15 -121.15
CA UNK B 3358 -43.52 70.91 -120.42
C UNK B 3358 -42.07 70.47 -120.54
N UNK B 3359 -41.85 69.29 -121.11
CA UNK B 3359 -40.52 68.75 -121.27
C UNK B 3359 -39.72 69.53 -122.31
N UNK B 3360 -40.41 69.92 -123.39
CA UNK B 3360 -39.77 70.69 -124.46
C UNK B 3360 -39.44 72.10 -124.00
N UNK B 3361 -40.24 72.61 -123.06
CA UNK B 3361 -40.03 73.94 -122.51
C UNK B 3361 -39.45 73.86 -121.10
N UNK B 3362 -38.80 72.73 -120.81
CA UNK B 3362 -38.19 72.52 -119.49
C UNK B 3362 -36.84 73.22 -119.40
N UNK B 3363 -36.85 74.55 -119.52
CA UNK B 3363 -35.63 75.33 -119.43
C UNK B 3363 -35.22 75.53 -117.97
N UNK B 3364 -36.07 75.05 -117.06
CA UNK B 3364 -35.79 75.14 -115.63
C UNK B 3364 -34.72 74.15 -115.22
N UNK B 3365 -34.44 73.19 -116.10
CA UNK B 3365 -33.39 72.20 -115.86
C UNK B 3365 -32.03 72.88 -115.77
N UNK B 3366 -31.81 73.85 -116.64
CA UNK B 3366 -30.58 74.64 -116.61
C UNK B 3366 -30.61 75.59 -115.42
N UNK B 3367 -31.81 76.01 -115.05
CA UNK B 3367 -31.99 76.89 -113.90
C UNK B 3367 -31.69 76.14 -112.60
N UNK B 3368 -31.86 74.83 -112.64
CA UNK B 3368 -31.53 73.98 -111.50
C UNK B 3368 -30.03 73.92 -111.32
N UNK B 3369 -29.30 73.98 -112.43
CA UNK B 3369 -27.85 73.94 -112.40
C UNK B 3369 -27.29 75.35 -112.23
N UNK B 3370 -28.17 76.34 -112.25
CA UNK B 3370 -27.76 77.74 -112.09
C UNK B 3370 -27.29 77.98 -110.66
N UNK B 3371 -27.92 77.33 -109.71
CA UNK B 3371 -27.50 77.41 -108.31
C UNK B 3371 -26.22 76.62 -108.11
N UNK B 3372 -26.08 75.55 -108.88
CA UNK B 3372 -24.88 74.71 -108.83
C UNK B 3372 -23.69 75.48 -109.39
N UNK B 3373 -23.96 76.33 -110.37
CA UNK B 3373 -22.92 77.16 -110.98
C UNK B 3373 -22.63 78.36 -110.09
N UNK B 3374 -23.47 78.56 -109.08
CA UNK B 3374 -23.30 79.68 -108.15
C UNK B 3374 -22.61 79.21 -106.88
N UNK B 3375 -21.93 78.07 -106.95
CA UNK B 3375 -21.23 77.51 -105.81
C UNK B 3375 -20.04 78.39 -105.43
N UNK B 3376 -20.19 79.15 -104.34
CA UNK B 3376 -19.15 80.04 -103.89
C UNK B 3376 -18.83 79.81 -102.41
N UNK B 3377 -17.68 80.31 -101.97
CA UNK B 3377 -17.27 80.18 -100.58
C UNK B 3377 -17.42 81.50 -99.85
N UNK B 3378 -17.84 82.52 -100.58
CA UNK B 3378 -18.03 83.85 -100.00
C UNK B 3378 -19.30 83.89 -99.15
N UNK B 3379 -19.25 84.63 -98.05
CA UNK B 3379 -20.39 84.74 -97.14
C UNK B 3379 -21.30 85.89 -97.54
N UNK B 3380 -21.18 86.33 -98.79
CA UNK B 3380 -21.98 87.44 -99.29
C UNK B 3380 -23.44 87.03 -99.49
N UNK B 3381 -23.64 85.87 -100.11
CA UNK B 3381 -24.98 85.36 -100.34
C UNK B 3381 -25.46 84.51 -99.16
N UNK B 3382 -25.50 85.12 -97.98
CA UNK B 3382 -25.92 84.43 -96.77
C UNK B 3382 -27.42 84.14 -96.82
N UNK B 3383 -28.17 85.02 -97.50
CA UNK B 3383 -29.61 84.85 -97.62
C UNK B 3383 -29.96 84.11 -98.90
N UNK B 3384 -29.20 83.06 -99.20
CA UNK B 3384 -29.46 82.24 -100.38
C UNK B 3384 -30.43 81.12 -100.05
N UNK B 3385 -30.70 80.94 -98.76
CA UNK B 3385 -31.61 79.90 -98.29
C UNK B 3385 -33.03 80.17 -98.78
N UNK B 3386 -33.36 81.44 -98.97
CA UNK B 3386 -34.68 81.84 -99.47
C UNK B 3386 -34.80 81.53 -100.95
N UNK B 3387 -33.65 81.37 -101.61
CA UNK B 3387 -33.62 81.09 -103.04
C UNK B 3387 -33.71 79.59 -103.30
N UNK B 3388 -33.59 78.80 -102.23
CA UNK B 3388 -33.64 77.34 -102.34
C UNK B 3388 -35.01 76.81 -101.95
N UNK B 3389 -35.55 77.33 -100.86
CA UNK B 3389 -36.83 76.87 -100.32
C UNK B 3389 -38.00 77.27 -101.21
N UNK B 3390 -37.77 78.26 -102.07
CA UNK B 3390 -38.83 78.77 -102.94
C UNK B 3390 -38.68 78.25 -104.37
N UNK B 3391 -37.55 77.60 -104.65
CA UNK B 3391 -37.28 77.11 -105.99
C UNK B 3391 -37.25 75.58 -106.05
N UNK B 3392 -36.84 74.96 -104.96
CA UNK B 3392 -36.75 73.50 -104.90
C UNK B 3392 -38.07 72.89 -104.42
N UNK B 3393 -39.17 73.59 -104.67
CA UNK B 3393 -40.49 73.11 -104.29
C UNK B 3393 -40.99 72.06 -105.29
N UNK B 3394 -40.53 72.19 -106.53
CA UNK B 3394 -40.91 71.26 -107.58
C UNK B 3394 -39.67 70.64 -108.22
N UNK B 3395 -39.21 69.52 -107.65
CA UNK B 3395 -38.02 68.85 -108.15
C UNK B 3395 -38.35 67.43 -108.60
N UNK B 3396 -39.63 67.14 -108.78
CA UNK B 3396 -40.08 65.82 -109.19
C UNK B 3396 -40.88 65.89 -110.49
N UNK B 3397 -41.79 66.87 -110.56
CA UNK B 3397 -42.63 67.05 -111.74
C UNK B 3397 -41.79 67.48 -112.94
N UNK B 3398 -41.39 66.49 -113.74
CA UNK B 3398 -40.57 66.72 -114.94
C UNK B 3398 -39.28 67.46 -114.59
N UNK B 3399 -38.69 67.13 -113.45
CA UNK B 3399 -37.45 67.76 -113.00
C UNK B 3399 -36.43 66.70 -112.64
N UNK B 3400 -36.10 65.83 -113.59
CA UNK B 3400 -35.15 64.75 -113.37
C UNK B 3400 -33.72 65.28 -113.28
N UNK B 3401 -33.36 65.80 -112.10
CA UNK B 3401 -32.02 66.31 -111.87
C UNK B 3401 -31.00 65.17 -111.81
N UNK B 3402 -31.49 63.97 -111.51
CA UNK B 3402 -30.64 62.78 -111.45
C UNK B 3402 -30.32 62.29 -112.87
N UNK B 3403 -31.07 62.80 -113.84
CA UNK B 3403 -30.87 62.43 -115.24
C UNK B 3403 -29.87 63.36 -115.91
N UNK B 3404 -28.79 63.67 -115.20
CA UNK B 3404 -27.74 64.54 -115.72
C UNK B 3404 -26.45 64.33 -114.95
N UNK B 3405 -25.53 65.29 -115.09
CA UNK B 3405 -24.26 65.24 -114.37
C UNK B 3405 -24.44 65.67 -112.93
N UNK B 3406 -25.12 64.83 -112.15
CA UNK B 3406 -25.43 65.13 -110.75
C UNK B 3406 -24.16 65.14 -109.90
N UNK B 3407 -23.16 64.37 -110.32
CA UNK B 3407 -21.90 64.30 -109.59
C UNK B 3407 -20.94 65.38 -110.06
N UNK B 3408 -21.11 65.82 -111.30
CA UNK B 3408 -20.24 66.84 -111.87
C UNK B 3408 -20.78 68.24 -111.62
N UNK B 3409 -21.84 68.32 -110.82
CA UNK B 3409 -22.46 69.61 -110.52
C UNK B 3409 -22.72 69.77 -109.03
N UNK B 3410 -22.60 68.68 -108.28
CA UNK B 3410 -22.87 68.72 -106.85
C UNK B 3410 -21.73 68.07 -106.05
N UNK B 3411 -21.30 66.89 -106.48
CA UNK B 3411 -20.23 66.18 -105.78
C UNK B 3411 -18.92 66.93 -105.86
N UNK B 3412 -18.78 67.78 -106.88
CA UNK B 3412 -17.60 68.62 -107.03
C UNK B 3412 -17.56 69.65 -105.90
N UNK B 3413 -18.73 70.05 -105.43
CA UNK B 3413 -18.85 70.99 -104.34
C UNK B 3413 -19.08 70.25 -103.02
N UNK B 3414 -19.30 68.94 -103.12
CA UNK B 3414 -19.49 68.12 -101.93
C UNK B 3414 -18.16 67.51 -101.49
N UNK B 3415 -17.33 67.14 -102.46
CA UNK B 3415 -16.02 66.60 -102.17
C UNK B 3415 -15.04 67.73 -101.83
N UNK B 3416 -15.50 68.96 -102.00
CA UNK B 3416 -14.72 70.14 -101.64
C UNK B 3416 -14.84 70.41 -100.15
N UNK B 3417 -15.55 69.53 -99.46
CA UNK B 3417 -15.68 69.60 -98.00
C UNK B 3417 -15.51 68.21 -97.42
N UNK B 3418 -15.51 67.21 -98.29
CA UNK B 3418 -15.31 65.82 -97.88
C UNK B 3418 -13.85 65.44 -97.99
N UNK B 3419 -13.30 65.52 -99.20
CA UNK B 3419 -11.89 65.24 -99.43
C UNK B 3419 -11.05 66.44 -99.01
N UNK B 3420 -11.67 67.62 -99.03
CA UNK B 3420 -11.00 68.85 -98.62
C UNK B 3420 -11.33 69.19 -97.18
N UNK B 3421 -11.75 68.18 -96.42
CA UNK B 3421 -12.02 68.35 -95.00
C UNK B 3421 -10.72 68.54 -94.24
N UNK B 3422 -9.64 68.03 -94.82
CA UNK B 3422 -8.31 68.19 -94.24
C UNK B 3422 -7.90 69.66 -94.26
N UNK B 3423 -8.23 70.34 -95.36
CA UNK B 3423 -7.95 71.76 -95.49
C UNK B 3423 -8.94 72.57 -94.66
N UNK B 3424 -10.09 71.97 -94.37
CA UNK B 3424 -11.11 72.62 -93.55
C UNK B 3424 -10.73 72.55 -92.08
N UNK B 3425 -10.64 71.33 -91.54
CA UNK B 3425 -10.29 71.12 -90.15
C UNK B 3425 -9.69 69.75 -89.91
N UNK B 3426 -8.36 69.70 -89.80
CA UNK B 3426 -7.66 68.45 -89.52
C UNK B 3426 -6.29 68.75 -88.92
N UNK B 3427 -5.84 69.99 -89.08
CA UNK B 3427 -4.56 70.41 -88.52
C UNK B 3427 -4.64 70.52 -87.01
N UNK B 3428 -5.84 70.77 -86.50
CA UNK B 3428 -6.07 70.87 -85.06
C UNK B 3428 -6.00 69.49 -84.41
N UNK B 3429 -6.18 68.46 -85.23
CA UNK B 3429 -6.11 67.09 -84.74
C UNK B 3429 -4.69 66.56 -84.82
N UNK B 3430 -3.99 66.93 -85.89
CA UNK B 3430 -2.60 66.51 -86.08
C UNK B 3430 -1.68 67.24 -85.11
N UNK B 3431 -1.92 68.54 -84.96
CA UNK B 3431 -1.14 69.36 -84.03
C UNK B 3431 -2.06 70.07 -83.05
N UNK B 3432 -1.58 70.26 -81.82
CA UNK B 3432 -2.36 70.89 -80.78
C UNK B 3432 -2.63 72.37 -81.09
N UNK B 3433 -3.85 72.67 -81.48
CA UNK B 3433 -4.25 74.03 -81.80
C UNK B 3433 -5.41 74.48 -80.92
N UNK B 3434 -5.11 75.33 -79.95
CA UNK B 3434 -6.12 75.80 -79.00
C UNK B 3434 -6.53 77.24 -79.31
N UNK B 3435 -6.25 77.69 -80.52
CA UNK B 3435 -6.61 79.05 -80.93
C UNK B 3435 -8.08 79.12 -81.33
N UNK B 3436 -8.56 80.34 -81.57
CA UNK B 3436 -9.94 80.54 -81.98
C UNK B 3436 -10.11 80.28 -83.47
N UNK B 3437 -8.98 80.10 -84.16
CA UNK B 3437 -9.00 79.82 -85.59
C UNK B 3437 -9.35 78.36 -85.85
N UNK B 3438 -8.93 77.48 -84.94
CA UNK B 3438 -9.20 76.05 -85.08
C UNK B 3438 -10.58 75.70 -84.53
N UNK B 3439 -11.11 76.58 -83.69
CA UNK B 3439 -12.42 76.35 -83.08
C UNK B 3439 -13.54 76.79 -84.02
N UNK B 3440 -13.18 77.53 -85.07
CA UNK B 3440 -14.16 78.00 -86.04
C UNK B 3440 -13.63 77.81 -87.46
N UNK B 3441 -12.76 76.82 -87.63
CA UNK B 3441 -12.18 76.54 -88.94
C UNK B 3441 -13.20 75.88 -89.85
N UNK B 3442 -14.07 75.05 -89.29
CA UNK B 3442 -15.07 74.33 -90.06
C UNK B 3442 -16.48 74.63 -89.55
N UNK B 3443 -16.65 74.60 -88.23
CA UNK B 3443 -17.96 74.79 -87.61
C UNK B 3443 -18.56 76.15 -87.95
N UNK B 3444 -17.71 77.12 -88.28
CA UNK B 3444 -18.17 78.45 -88.65
C UNK B 3444 -18.42 78.54 -90.15
N UNK B 3445 -17.81 77.62 -90.90
CA UNK B 3445 -17.93 77.63 -92.35
C UNK B 3445 -18.83 76.50 -92.85
N UNK B 3446 -18.55 75.27 -92.41
CA UNK B 3446 -19.30 74.11 -92.86
C UNK B 3446 -20.75 74.14 -92.38
N UNK B 3447 -20.94 74.45 -91.09
CA UNK B 3447 -22.27 74.47 -90.50
C UNK B 3447 -23.03 75.73 -90.87
N UNK B 3448 -22.45 76.55 -91.74
CA UNK B 3448 -23.08 77.79 -92.18
C UNK B 3448 -23.22 77.81 -93.70
N UNK B 3449 -22.23 77.25 -94.39
CA UNK B 3449 -22.24 77.23 -95.85
C UNK B 3449 -22.44 75.83 -96.40
N UNK B 3450 -21.59 74.89 -95.95
CA UNK B 3450 -21.68 73.51 -96.41
C UNK B 3450 -22.97 72.87 -95.92
N UNK B 3451 -23.40 73.25 -94.72
CA UNK B 3451 -24.67 72.77 -94.18
C UNK B 3451 -25.80 73.35 -95.02
N UNK B 3452 -25.64 74.61 -95.43
CA UNK B 3452 -26.58 75.24 -96.34
C UNK B 3452 -26.47 74.56 -97.70
N UNK B 3453 -25.26 74.13 -98.03
CA UNK B 3453 -25.04 73.34 -99.25
C UNK B 3453 -25.59 71.94 -99.05
N UNK B 3454 -25.54 71.47 -97.81
CA UNK B 3454 -26.17 70.20 -97.45
C UNK B 3454 -27.67 70.38 -97.42
N UNK B 3455 -28.10 71.60 -97.09
CA UNK B 3455 -29.51 71.96 -97.15
C UNK B 3455 -29.95 71.99 -98.60
N UNK B 3456 -29.02 72.38 -99.48
CA UNK B 3456 -29.26 72.33 -100.92
C UNK B 3456 -29.26 70.87 -101.36
N UNK B 3457 -28.45 70.06 -100.69
CA UNK B 3457 -28.44 68.62 -100.94
C UNK B 3457 -29.68 68.00 -100.31
N UNK B 3458 -30.17 68.62 -99.25
CA UNK B 3458 -31.43 68.21 -98.63
C UNK B 3458 -32.57 68.50 -99.60
N UNK B 3459 -32.41 69.56 -100.37
CA UNK B 3459 -33.37 69.89 -101.42
C UNK B 3459 -33.24 68.87 -102.55
N UNK B 3460 -32.05 68.28 -102.65
CA UNK B 3460 -31.81 67.23 -103.64
C UNK B 3460 -32.16 65.87 -103.05
N UNK B 3461 -32.28 65.82 -101.72
CA UNK B 3461 -32.68 64.60 -101.04
C UNK B 3461 -34.15 64.29 -101.33
N UNK B 3462 -34.94 65.34 -101.53
CA UNK B 3462 -36.34 65.19 -101.89
C UNK B 3462 -36.47 64.74 -103.34
N UNK B 3463 -35.42 64.99 -104.12
CA UNK B 3463 -35.39 64.58 -105.51
C UNK B 3463 -34.79 63.19 -105.64
N UNK B 3464 -33.93 62.84 -104.69
CA UNK B 3464 -33.30 61.52 -104.68
C UNK B 3464 -34.27 60.45 -104.21
N UNK B 3465 -35.21 60.86 -103.36
CA UNK B 3465 -36.21 59.94 -102.81
C UNK B 3465 -37.26 59.61 -103.85
N UNK B 3466 -37.54 60.55 -104.75
CA UNK B 3466 -38.53 60.35 -105.80
C UNK B 3466 -37.98 59.40 -106.87
N UNK B 3467 -36.68 59.47 -107.11
CA UNK B 3467 -36.03 58.62 -108.09
C UNK B 3467 -35.04 57.68 -107.41
N UNK B 3468 -35.55 56.72 -106.65
CA UNK B 3468 -34.72 55.76 -105.95
C UNK B 3468 -35.04 54.34 -106.38
N UNK B 3469 -35.44 54.18 -107.64
CA UNK B 3469 -35.80 52.87 -108.17
C UNK B 3469 -35.10 52.62 -109.50
N UNK B 3470 -35.18 53.59 -110.40
CA UNK B 3470 -34.57 53.47 -111.72
C UNK B 3470 -33.15 54.04 -111.72
N UNK B 3471 -32.56 54.13 -110.54
CA UNK B 3471 -31.19 54.65 -110.41
C UNK B 3471 -30.48 54.02 -109.22
N UNK B 3472 -31.02 54.24 -108.03
CA UNK B 3472 -30.43 53.70 -106.81
C UNK B 3472 -30.76 52.22 -106.64
N UNK B 3473 -31.98 51.85 -107.01
CA UNK B 3473 -32.42 50.46 -106.90
C UNK B 3473 -32.43 49.79 -108.28
N UNK B 3474 -31.68 50.37 -109.21
CA UNK B 3474 -31.58 49.81 -110.56
C UNK B 3474 -30.36 48.92 -110.68
N UNK B 3475 -30.29 48.14 -111.75
CA UNK B 3475 -29.18 47.23 -111.98
C UNK B 3475 -27.90 48.02 -112.28
N UNK B 3476 -28.06 49.16 -112.95
CA UNK B 3476 -26.93 50.01 -113.29
C UNK B 3476 -27.10 51.40 -112.69
N UNK B 3477 -26.23 51.73 -111.73
CA UNK B 3477 -26.29 53.02 -111.06
C UNK B 3477 -25.23 53.97 -111.61
N UNK B 3478 -25.68 55.05 -112.24
CA UNK B 3478 -24.77 56.06 -112.76
C UNK B 3478 -24.20 56.90 -111.62
N UNK B 3479 -24.92 56.92 -110.51
CA UNK B 3479 -24.49 57.66 -109.33
C UNK B 3479 -23.96 56.71 -108.26
N UNK B 3480 -23.04 55.83 -108.66
CA UNK B 3480 -22.43 54.89 -107.73
C UNK B 3480 -21.45 55.61 -106.81
N UNK B 3481 -20.89 56.70 -107.31
CA UNK B 3481 -19.96 57.51 -106.53
C UNK B 3481 -20.74 58.37 -105.53
N UNK B 3482 -21.97 58.72 -105.89
CA UNK B 3482 -22.82 59.51 -105.01
C UNK B 3482 -23.19 58.70 -103.77
N UNK B 3483 -23.41 57.41 -103.97
CA UNK B 3483 -23.73 56.50 -102.87
C UNK B 3483 -22.47 56.17 -102.08
N UNK B 3484 -21.32 56.36 -102.71
CA UNK B 3484 -20.04 56.09 -102.07
C UNK B 3484 -19.60 57.28 -101.22
N UNK B 3485 -19.98 58.47 -101.65
CA UNK B 3485 -19.63 59.70 -100.95
C UNK B 3485 -20.49 59.87 -99.69
N UNK B 3486 -19.87 59.72 -98.53
CA UNK B 3486 -20.57 59.87 -97.27
C UNK B 3486 -19.74 60.65 -96.27
N UNK B 3487 -19.73 61.97 -96.41
CA UNK B 3487 -18.98 62.84 -95.50
C UNK B 3487 -19.75 63.05 -94.21
N UNK B 3488 -21.03 63.39 -94.34
CA UNK B 3488 -21.87 63.66 -93.17
C UNK B 3488 -22.12 62.39 -92.36
N UNK B 3489 -21.84 61.24 -92.95
CA UNK B 3489 -22.04 59.97 -92.26
C UNK B 3489 -20.80 59.57 -91.47
N UNK B 3490 -20.60 60.22 -90.32
CA UNK B 3490 -19.54 59.88 -89.36
C UNK B 3490 -18.12 60.05 -89.89
N UNK B 3491 -17.91 59.80 -91.19
CA UNK B 3491 -16.59 59.89 -91.80
C UNK B 3491 -16.00 61.29 -91.62
N UNK B 3492 -16.81 62.31 -91.88
CA UNK B 3492 -16.38 63.69 -91.66
C UNK B 3492 -17.27 64.33 -90.60
N UNK B 3493 -17.84 63.49 -89.74
CA UNK B 3493 -18.69 63.96 -88.66
C UNK B 3493 -18.19 63.44 -87.31
N UNK B 3494 -16.89 63.15 -87.25
CA UNK B 3494 -16.27 62.63 -86.04
C UNK B 3494 -15.08 63.49 -85.63
N UNK B 3495 -15.35 64.74 -85.27
CA UNK B 3495 -14.31 65.66 -84.83
C UNK B 3495 -14.72 66.41 -83.57
N UNK B 3496 -14.82 65.67 -82.46
CA UNK B 3496 -15.22 66.22 -81.17
C UNK B 3496 -16.56 66.92 -81.26
N UNK B 3497 -16.78 67.89 -80.38
CA UNK B 3497 -18.01 68.67 -80.37
C UNK B 3497 -17.95 69.80 -81.37
N UNK B 3498 -16.76 70.04 -81.91
CA UNK B 3498 -16.54 71.11 -82.89
C UNK B 3498 -17.37 70.86 -84.14
N UNK B 3499 -17.21 69.68 -84.73
CA UNK B 3499 -17.96 69.31 -85.92
C UNK B 3499 -19.32 68.74 -85.54
N UNK B 3500 -19.61 68.73 -84.24
CA UNK B 3500 -20.87 68.19 -83.74
C UNK B 3500 -21.68 69.26 -83.01
N UNK B 3501 -21.51 69.33 -81.69
CA UNK B 3501 -22.28 70.24 -80.85
C UNK B 3501 -22.06 71.69 -81.25
N UNK B 3502 -20.82 72.08 -81.46
CA UNK B 3502 -20.50 73.44 -81.87
C UNK B 3502 -21.03 73.69 -83.29
N UNK B 3503 -21.14 72.62 -84.07
CA UNK B 3503 -21.69 72.70 -85.41
C UNK B 3503 -23.20 72.65 -85.37
N UNK B 3504 -23.74 71.95 -84.38
CA UNK B 3504 -25.18 71.85 -84.20
C UNK B 3504 -25.74 73.16 -83.65
N UNK B 3505 -24.90 73.91 -82.95
CA UNK B 3505 -25.28 75.21 -82.42
C UNK B 3505 -25.59 76.17 -83.58
N UNK B 3506 -24.77 76.10 -84.62
CA UNK B 3506 -24.99 76.90 -85.82
C UNK B 3506 -26.26 76.43 -86.53
N UNK B 3507 -26.52 75.13 -86.45
CA UNK B 3507 -27.74 74.56 -87.02
C UNK B 3507 -28.93 74.92 -86.15
N UNK B 3508 -28.66 75.27 -84.89
CA UNK B 3508 -29.69 75.71 -83.97
C UNK B 3508 -29.78 77.23 -83.95
N UNK B 3509 -29.50 77.83 -85.10
CA UNK B 3509 -29.54 79.29 -85.24
C UNK B 3509 -30.46 79.68 -86.39
N UNK B 3510 -31.77 79.64 -86.14
CA UNK B 3510 -32.78 79.99 -87.14
C UNK B 3510 -32.63 79.18 -88.42
N UNK B 3511 -37.31 67.30 -83.97
CA UNK B 3511 -36.19 66.74 -84.71
C UNK B 3511 -34.87 66.99 -83.98
N UNK B 3512 -34.83 66.61 -82.71
CA UNK B 3512 -33.63 66.80 -81.90
C UNK B 3512 -32.66 65.63 -82.07
N UNK B 3513 -32.35 65.31 -83.33
CA UNK B 3513 -31.41 64.24 -83.63
C UNK B 3513 -30.07 64.83 -84.07
N UNK B 3514 -29.70 65.93 -83.43
CA UNK B 3514 -28.45 66.64 -83.74
C UNK B 3514 -28.37 67.02 -85.20
N UNK B 3515 -27.28 66.64 -85.86
CA UNK B 3515 -27.07 66.96 -87.27
C UNK B 3515 -28.02 66.19 -88.17
N UNK B 3516 -28.78 66.92 -88.97
CA UNK B 3516 -29.73 66.30 -89.89
C UNK B 3516 -29.02 65.64 -91.06
N UNK B 3517 -28.73 64.36 -90.93
CA UNK B 3517 -28.05 63.61 -91.98
C UNK B 3517 -29.02 62.71 -92.72
N UNK B 3518 -29.05 62.83 -94.04
CA UNK B 3518 -29.93 62.02 -94.87
C UNK B 3518 -29.22 60.76 -95.35
N UNK B 3519 -28.24 60.30 -94.58
CA UNK B 3519 -27.49 59.10 -94.92
C UNK B 3519 -28.34 57.85 -94.70
N UNK B 3520 -29.30 57.95 -93.79
CA UNK B 3520 -30.17 56.83 -93.47
C UNK B 3520 -31.10 56.51 -94.63
N UNK B 3521 -31.49 57.55 -95.38
CA UNK B 3521 -32.36 57.36 -96.54
C UNK B 3521 -31.58 56.80 -97.72
N UNK B 3522 -30.25 56.88 -97.62
CA UNK B 3522 -29.39 56.40 -98.69
C UNK B 3522 -28.63 55.15 -98.26
N UNK B 3523 -29.03 54.57 -97.13
CA UNK B 3523 -28.38 53.37 -96.62
C UNK B 3523 -28.80 52.14 -97.43
N UNK B 3524 -29.92 52.26 -98.12
CA UNK B 3524 -30.44 51.16 -98.93
C UNK B 3524 -29.92 51.25 -100.36
N UNK B 3525 -29.24 52.35 -100.66
CA UNK B 3525 -28.70 52.57 -102.00
C UNK B 3525 -27.20 52.28 -102.04
N UNK B 3526 -26.55 52.37 -100.88
CA UNK B 3526 -25.12 52.11 -100.79
C UNK B 3526 -24.83 50.64 -101.05
N UNK B 3527 -25.70 49.78 -100.54
CA UNK B 3527 -25.57 48.34 -100.74
C UNK B 3527 -26.70 47.83 -101.64
N UNK B 3528 -26.67 46.54 -101.95
CA UNK B 3528 -27.66 45.91 -102.82
C UNK B 3528 -27.76 46.61 -104.17
N UNK B 3529 -26.63 47.17 -104.61
CA UNK B 3529 -26.56 47.85 -105.89
C UNK B 3529 -25.15 47.73 -106.46
N UNK B 3530 -24.21 47.36 -105.59
CA UNK B 3530 -22.83 47.12 -105.99
C UNK B 3530 -22.46 45.69 -105.65
N UNK B 3531 -23.44 44.93 -105.18
CA UNK B 3531 -23.22 43.53 -104.80
C UNK B 3531 -24.51 42.73 -104.96
N UNK B 3532 -24.40 41.41 -104.85
CA UNK B 3532 -25.56 40.53 -104.96
C UNK B 3532 -25.72 39.71 -103.68
N UNK B 3533 -25.58 40.37 -102.55
CA UNK B 3533 -25.70 39.74 -101.23
C UNK B 3533 -24.72 38.59 -101.05
N UNK B 3534 -25.00 37.73 -100.07
CA UNK B 3534 -24.17 36.57 -99.75
C UNK B 3534 -22.73 36.98 -99.49
N UNK B 3535 -22.54 38.15 -98.89
CA UNK B 3535 -21.20 38.66 -98.63
C UNK B 3535 -20.89 38.62 -97.14
N UNK B 3536 -21.92 38.54 -96.32
CA UNK B 3536 -21.77 38.48 -94.86
C UNK B 3536 -20.99 39.67 -94.32
N UNK B 3537 -19.66 39.61 -94.46
CA UNK B 3537 -18.76 40.65 -94.00
C UNK B 3537 -18.96 40.93 -92.51
N UNK B 3538 -19.01 39.85 -91.72
CA UNK B 3538 -19.18 39.97 -90.28
C UNK B 3538 -17.83 40.01 -89.59
N UNK B 3539 -16.78 39.61 -90.31
CA UNK B 3539 -15.43 39.59 -89.77
C UNK B 3539 -14.86 41.00 -89.71
N UNK B 3540 -14.90 41.71 -90.83
CA UNK B 3540 -14.37 43.06 -90.91
C UNK B 3540 -15.22 44.06 -90.14
N UNK B 3541 -16.52 43.76 -90.04
CA UNK B 3541 -17.45 44.64 -89.35
C UNK B 3541 -17.25 44.58 -87.84
N UNK B 3542 -16.76 43.44 -87.36
CA UNK B 3542 -16.54 43.25 -85.94
C UNK B 3542 -15.12 43.63 -85.55
N UNK B 3543 -14.17 43.38 -86.44
CA UNK B 3543 -12.76 43.67 -86.17
C UNK B 3543 -12.48 45.17 -86.19
N UNK B 3544 -13.22 45.91 -87.01
CA UNK B 3544 -13.04 47.35 -87.12
C UNK B 3544 -13.63 48.06 -85.92
N UNK B 3545 -14.47 47.36 -85.16
CA UNK B 3545 -15.12 47.93 -83.99
C UNK B 3545 -14.45 47.46 -82.71
N UNK B 3546 -13.89 46.25 -82.74
CA UNK B 3546 -13.21 45.69 -81.58
C UNK B 3546 -11.72 45.97 -81.62
N UNK B 3547 -11.04 45.41 -82.60
CA UNK B 3547 -9.60 45.59 -82.75
C UNK B 3547 -9.27 47.03 -83.10
N UNK B 3548 -9.82 47.50 -84.22
CA UNK B 3548 -9.62 48.86 -84.70
C UNK B 3548 -8.13 49.20 -84.83
N UNK B 3549 -7.42 48.39 -85.61
CA UNK B 3549 -5.99 48.57 -85.80
C UNK B 3549 -5.70 49.86 -86.57
N UNK B 3550 -6.30 49.99 -87.74
CA UNK B 3550 -6.11 51.18 -88.58
C UNK B 3550 -7.24 51.32 -89.60
N UNK B 3551 -7.15 52.35 -90.42
CA UNK B 3551 -8.14 52.59 -91.46
C UNK B 3551 -7.87 51.74 -92.69
N UNK B 3552 -6.59 51.45 -92.92
CA UNK B 3552 -6.19 50.62 -94.05
C UNK B 3552 -5.84 49.21 -93.58
N UNK B 3553 -6.07 48.95 -92.29
CA UNK B 3553 -5.79 47.65 -91.71
C UNK B 3553 -6.80 46.62 -92.21
N UNK B 3554 -7.95 47.10 -92.70
CA UNK B 3554 -8.97 46.24 -93.26
C UNK B 3554 -8.45 45.55 -94.51
N UNK B 3555 -7.69 46.30 -95.30
CA UNK B 3555 -7.06 45.76 -96.49
C UNK B 3555 -5.90 44.85 -96.11
N UNK B 3556 -5.37 45.06 -94.91
CA UNK B 3556 -4.30 44.23 -94.37
C UNK B 3556 -4.87 42.97 -93.73
N UNK B 3557 -6.08 43.10 -93.19
CA UNK B 3557 -6.77 41.96 -92.60
C UNK B 3557 -7.56 41.21 -93.66
N UNK B 3558 -7.54 41.73 -94.88
CA UNK B 3558 -8.23 41.08 -95.99
C UNK B 3558 -7.49 39.82 -96.42
N UNK B 3559 -6.21 39.76 -96.07
CA UNK B 3559 -5.38 38.60 -96.39
C UNK B 3559 -5.85 37.38 -95.61
N UNK B 3560 -6.36 37.63 -94.39
CA UNK B 3560 -6.88 36.55 -93.56
C UNK B 3560 -8.40 36.48 -93.67
N UNK B 3561 -8.90 36.66 -94.89
CA UNK B 3561 -10.34 36.63 -95.14
C UNK B 3561 -10.66 35.73 -96.33
N UNK B 3562 -11.62 36.16 -97.15
CA UNK B 3562 -12.05 35.43 -98.34
C UNK B 3562 -12.53 34.02 -98.02
N UNK B 3563 -11.60 33.14 -97.64
CA UNK B 3563 -11.93 31.75 -97.34
C UNK B 3563 -12.75 31.62 -96.07
N UNK B 3564 -12.78 32.68 -95.26
CA UNK B 3564 -13.55 32.67 -94.02
C UNK B 3564 -15.05 32.74 -94.30
N UNK B 3565 -15.40 33.24 -95.48
CA UNK B 3565 -16.80 33.33 -95.87
C UNK B 3565 -17.09 32.39 -97.05
N UNK B 3566 -17.98 31.42 -96.81
CA UNK B 3566 -18.33 30.45 -97.84
C UNK B 3566 -19.84 30.23 -97.88
N UNK B 3567 -20.34 29.80 -99.02
CA UNK B 3567 -21.77 29.54 -99.20
C UNK B 3567 -22.17 28.26 -98.46
N UNK B 3568 -23.21 28.37 -97.64
CA UNK B 3568 -23.69 27.23 -96.87
C UNK B 3568 -25.14 26.91 -97.20
N UNK B 3569 -25.71 25.93 -96.52
CA UNK B 3569 -27.10 25.54 -96.72
C UNK B 3569 -27.96 25.94 -95.52
N UNK B 3570 -28.77 26.98 -95.71
CA UNK B 3570 -29.64 27.47 -94.66
C UNK B 3570 -30.78 28.31 -95.24
N UNK B 3571 -30.44 29.50 -95.70
CA UNK B 3571 -31.42 30.41 -96.28
C UNK B 3571 -31.16 30.64 -97.76
N UNK B 3572 -32.03 30.09 -98.60
CA UNK B 3572 -31.93 30.27 -100.05
C UNK B 3572 -32.98 31.27 -100.53
N UNK B 3573 -33.68 31.87 -99.57
CA UNK B 3573 -34.73 32.84 -99.89
C UNK B 3573 -34.11 34.18 -100.27
N UNK B 3574 -32.84 34.36 -99.94
CA UNK B 3574 -32.13 35.59 -100.24
C UNK B 3574 -30.78 35.30 -100.88
N UNK B 3575 -30.03 34.38 -100.28
CA UNK B 3575 -28.70 34.04 -100.74
C UNK B 3575 -28.72 33.42 -102.13
N UNK B 3576 -29.83 32.77 -102.47
CA UNK B 3576 -29.98 32.14 -103.77
C UNK B 3576 -30.87 32.97 -104.68
N UNK B 3577 -31.47 34.01 -104.12
CA UNK B 3577 -32.39 34.87 -104.87
C UNK B 3577 -31.70 36.16 -105.28
N UNK B 3578 -31.06 36.82 -104.32
CA UNK B 3578 -30.36 38.07 -104.59
C UNK B 3578 -29.13 37.83 -105.45
N UNK B 3579 -28.56 36.63 -105.33
CA UNK B 3579 -27.42 36.25 -106.15
C UNK B 3579 -27.84 36.13 -107.61
N UNK B 3580 -29.07 35.68 -107.82
CA UNK B 3580 -29.62 35.60 -109.16
C UNK B 3580 -29.83 37.00 -109.73
N UNK B 3581 -30.22 37.91 -108.85
CA UNK B 3581 -30.38 39.32 -109.24
C UNK B 3581 -29.03 39.93 -109.56
N UNK B 3582 -28.55 39.71 -110.78
CA UNK B 3582 -27.24 40.20 -111.20
C UNK B 3582 -27.36 41.51 -111.97
N UNK B 3583 -26.37 42.38 -111.79
CA UNK B 3583 -26.33 43.65 -112.50
C UNK B 3583 -25.90 43.42 -113.95
N UNK B 3584 -25.23 42.30 -114.18
CA UNK B 3584 -24.75 41.96 -115.52
C UNK B 3584 -24.60 40.45 -115.66
N UNK B 3585 -24.35 40.00 -116.88
CA UNK B 3585 -24.16 38.58 -117.16
C UNK B 3585 -22.84 38.09 -116.57
N UNK B 3586 -21.79 38.88 -116.74
CA UNK B 3586 -20.47 38.53 -116.24
C UNK B 3586 -20.37 38.83 -114.75
N UNK B 3587 -19.39 38.20 -114.09
CA UNK B 3587 -19.18 38.39 -112.66
C UNK B 3587 -17.73 38.78 -112.39
N UNK B 3588 -17.53 39.69 -111.44
CA UNK B 3588 -16.20 40.15 -111.08
C UNK B 3588 -15.91 39.87 -109.60
N UNK B 3589 -14.81 39.18 -109.34
CA UNK B 3589 -14.42 38.84 -107.98
C UNK B 3589 -13.16 39.59 -107.56
N UNK B 3590 -12.83 40.63 -108.31
CA UNK B 3590 -11.64 41.43 -108.01
C UNK B 3590 -12.02 42.77 -107.39
N UNK B 3591 -13.33 42.99 -107.23
CA UNK B 3591 -13.83 44.23 -106.66
C UNK B 3591 -14.58 43.97 -105.36
N UNK B 3592 -14.40 42.77 -104.81
CA UNK B 3592 -15.07 42.40 -103.56
C UNK B 3592 -14.21 42.81 -102.36
N UNK B 3593 -12.95 43.09 -102.62
CA UNK B 3593 -12.02 43.48 -101.55
C UNK B 3593 -12.23 44.94 -101.14
N UNK B 3594 -12.76 45.74 -102.07
CA UNK B 3594 -12.99 47.15 -101.80
C UNK B 3594 -14.48 47.45 -101.63
N UNK B 3595 -15.09 46.80 -100.63
CA UNK B 3595 -16.50 47.00 -100.35
C UNK B 3595 -16.81 46.69 -98.89
N UNK B 3596 -16.10 45.72 -98.33
CA UNK B 3596 -16.30 45.33 -96.94
C UNK B 3596 -15.82 46.42 -96.00
N UNK B 3597 -14.87 47.23 -96.46
CA UNK B 3597 -14.33 48.32 -95.66
C UNK B 3597 -15.25 49.54 -95.71
N UNK B 3598 -16.29 49.45 -96.52
CA UNK B 3598 -17.28 50.52 -96.62
C UNK B 3598 -18.40 50.31 -95.61
N UNK B 3599 -18.25 49.28 -94.79
CA UNK B 3599 -19.23 48.97 -93.76
C UNK B 3599 -18.85 49.64 -92.44
N UNK B 3600 -17.95 50.61 -92.51
CA UNK B 3600 -17.48 51.32 -91.32
C UNK B 3600 -18.54 52.29 -90.81
N UNK B 3601 -19.51 52.61 -91.67
CA UNK B 3601 -20.60 53.51 -91.30
C UNK B 3601 -21.44 52.88 -90.18
N UNK B 3602 -21.53 51.55 -90.20
CA UNK B 3602 -22.26 50.83 -89.17
C UNK B 3602 -21.37 50.55 -87.96
N UNK B 3603 -20.12 50.98 -88.05
CA UNK B 3603 -19.17 50.77 -86.96
C UNK B 3603 -18.68 52.10 -86.40
N UNK B 3604 -19.13 53.19 -87.01
CA UNK B 3604 -18.73 54.53 -86.58
C UNK B 3604 -19.96 55.36 -86.19
N UNK B 3605 -21.01 55.24 -87.00
CA UNK B 3605 -22.25 55.98 -86.75
C UNK B 3605 -23.23 55.13 -85.96
N UNK B 3606 -23.36 53.86 -86.34
CA UNK B 3606 -24.25 52.94 -85.64
C UNK B 3606 -23.66 52.53 -84.30
N UNK B 3607 -22.36 52.76 -84.14
CA UNK B 3607 -21.68 52.47 -82.88
C UNK B 3607 -22.15 53.46 -81.82
N UNK B 3608 -22.56 54.64 -82.26
CA UNK B 3608 -23.07 55.67 -81.37
C UNK B 3608 -24.57 55.84 -81.55
N UNK B 3609 -25.25 54.73 -81.82
CA UNK B 3609 -26.70 54.74 -82.03
C UNK B 3609 -27.42 55.08 -80.74
N UNK B 3610 -26.95 54.51 -79.63
CA UNK B 3610 -27.53 54.77 -78.32
C UNK B 3610 -27.01 56.11 -77.78
N UNK B 3611 -25.94 56.61 -78.39
CA UNK B 3611 -25.35 57.89 -77.99
C UNK B 3611 -25.88 59.01 -78.88
N UNK B 3612 -26.58 58.64 -79.95
CA UNK B 3612 -27.15 59.62 -80.88
C UNK B 3612 -28.33 60.34 -80.24
N UNK B 3613 -29.08 59.62 -79.42
CA UNK B 3613 -30.24 60.18 -78.74
C UNK B 3613 -30.53 59.43 -77.44
N THR B 3639 -25.75 87.71 -46.22
CA THR B 3639 -26.08 88.97 -45.58
C THR B 3639 -24.84 89.86 -45.43
N PRO B 3640 -24.89 91.06 -46.00
CA PRO B 3640 -23.73 91.95 -45.92
C PRO B 3640 -23.48 92.42 -44.49
N LEU B 3641 -22.23 92.74 -44.21
CA LEU B 3641 -21.83 93.16 -42.87
C LEU B 3641 -21.82 94.67 -42.70
N TYR B 3642 -21.67 95.45 -43.78
CA TYR B 3642 -21.62 96.89 -43.63
C TYR B 3642 -22.96 97.47 -43.20
N ASN B 3643 -24.07 96.85 -43.59
CA ASN B 3643 -25.40 97.31 -43.17
C ASN B 3643 -25.82 96.54 -41.92
N LEU B 3644 -25.05 96.72 -40.87
CA LEU B 3644 -25.26 96.06 -39.59
C LEU B 3644 -25.12 97.08 -38.48
N PRO B 3645 -25.92 96.95 -37.41
CA PRO B 3645 -25.79 97.89 -36.28
C PRO B 3645 -24.41 97.83 -35.66
N THR B 3646 -23.91 99.02 -35.28
CA THR B 3646 -22.57 99.11 -34.71
C THR B 3646 -22.48 98.40 -33.37
N HIS B 3647 -23.51 98.53 -32.52
CA HIS B 3647 -23.48 97.84 -31.24
C HIS B 3647 -23.48 96.33 -31.41
N ARG B 3648 -24.29 95.81 -32.33
CA ARG B 3648 -24.29 94.38 -32.60
C ARG B 3648 -22.94 93.92 -33.15
N ALA B 3649 -22.36 94.69 -34.07
CA ALA B 3649 -21.06 94.33 -34.61
C ALA B 3649 -19.98 94.29 -33.54
N CYS B 3650 -19.94 95.30 -32.65
CA CYS B 3650 -18.92 95.32 -31.63
C CYS B 3650 -19.15 94.27 -30.56
N ASN B 3651 -20.41 93.93 -30.27
CA ASN B 3651 -20.69 92.81 -29.39
C ASN B 3651 -20.20 91.50 -30.00
N MET B 3652 -20.44 91.30 -31.30
CA MET B 3652 -20.17 90.01 -31.90
C MET B 3652 -18.69 89.84 -32.22
N PHE B 3653 -17.96 90.95 -32.39
CA PHE B 3653 -16.52 90.86 -32.58
C PHE B 3653 -15.82 90.34 -31.32
N LEU B 3654 -16.43 90.52 -30.15
CA LEU B 3654 -15.77 90.20 -28.90
C LEU B 3654 -15.61 88.71 -28.67
N GLU B 3655 -16.49 87.88 -29.24
CA GLU B 3655 -16.41 86.44 -29.00
C GLU B 3655 -15.11 85.86 -29.52
N SER B 3656 -14.65 86.33 -30.67
CA SER B 3656 -13.43 85.80 -31.30
C SER B 3656 -12.22 86.41 -30.61
N TYR B 3657 -11.74 85.73 -29.56
CA TYR B 3657 -10.52 86.17 -28.90
C TYR B 3657 -9.31 85.96 -29.79
N LYS B 3658 -8.99 84.69 -30.08
CA LYS B 3658 -8.12 84.33 -31.20
C LYS B 3658 -8.90 83.54 -32.23
N ALA B 3659 -9.43 82.38 -31.86
CA ALA B 3659 -10.61 81.85 -32.52
C ALA B 3659 -11.72 81.69 -31.47
N ALA B 3660 -11.45 80.89 -30.45
CA ALA B 3660 -12.28 80.81 -29.26
C ALA B 3660 -11.49 80.71 -27.96
N TRP B 3661 -10.24 80.27 -28.00
CA TRP B 3661 -9.43 79.98 -26.82
C TRP B 3661 -8.21 80.89 -26.83
N ILE B 3662 -7.41 80.81 -25.75
CA ILE B 3662 -6.32 81.78 -25.58
C ILE B 3662 -5.32 81.69 -26.72
N LEU B 3663 -4.94 80.48 -27.14
CA LEU B 3663 -4.01 80.26 -28.24
C LEU B 3663 -2.68 80.99 -28.04
N THR B 3664 -2.31 81.26 -26.80
CA THR B 3664 -1.05 81.94 -26.49
C THR B 3664 -0.22 81.05 -25.58
N GLU B 3665 1.06 80.89 -25.92
CA GLU B 3665 1.96 80.03 -25.16
C GLU B 3665 2.15 80.63 -23.77
N ASP B 3666 2.10 79.77 -22.75
CA ASP B 3666 2.33 80.16 -21.38
C ASP B 3666 3.10 79.09 -20.61
N HIS B 3667 3.97 78.36 -21.30
CA HIS B 3667 4.69 77.24 -20.72
C HIS B 3667 5.71 77.72 -19.70
N SER B 3668 6.11 76.81 -18.81
CA SER B 3668 7.07 77.01 -17.73
C SER B 3668 6.56 77.98 -16.67
N PHE B 3669 5.36 78.56 -16.86
CA PHE B 3669 4.80 79.44 -15.84
C PHE B 3669 4.57 78.70 -14.53
N GLU B 3670 3.90 77.55 -14.61
CA GLU B 3670 3.68 76.74 -13.43
C GLU B 3670 4.96 76.13 -12.88
N ASP B 3671 5.93 75.84 -13.75
CA ASP B 3671 7.20 75.30 -13.27
C ASP B 3671 7.97 76.34 -12.47
N ARG B 3672 7.91 77.60 -12.90
CA ARG B 3672 8.47 78.67 -12.08
C ARG B 3672 7.64 78.90 -10.83
N MET B 3673 6.32 78.70 -10.92
CA MET B 3673 5.45 78.90 -9.76
C MET B 3673 5.80 77.98 -8.60
N ILE B 3674 5.92 76.67 -8.85
CA ILE B 3674 6.19 75.73 -7.77
C ILE B 3674 7.59 75.97 -7.20
N ASP B 3675 8.55 76.35 -8.06
CA ASP B 3675 9.92 76.53 -7.60
C ASP B 3675 10.01 77.60 -6.51
N ASP B 3676 9.41 78.76 -6.73
CA ASP B 3676 9.46 79.79 -5.71
C ASP B 3676 8.32 79.71 -4.71
N LEU B 3677 7.35 78.83 -4.93
CA LEU B 3677 6.39 78.55 -3.86
C LEU B 3677 6.99 77.64 -2.81
N SER B 3678 7.89 76.74 -3.21
CA SER B 3678 8.61 75.87 -2.27
C SER B 3678 10.03 76.38 -2.01
N LYS B 3679 10.25 77.69 -2.14
CA LYS B 3679 11.57 78.27 -1.96
C LYS B 3679 11.93 78.48 -0.50
N ALA B 3680 10.97 78.30 0.42
CA ALA B 3680 11.25 78.53 1.84
C ALA B 3680 12.33 77.61 2.37
N GLY B 3681 12.30 76.34 1.99
CA GLY B 3681 13.32 75.40 2.42
C GLY B 3681 14.64 75.58 1.69
N GLU B 3682 14.58 75.99 0.42
CA GLU B 3682 15.80 76.17 -0.36
C GLU B 3682 16.59 77.38 0.10
N GLN B 3683 15.92 78.51 0.29
CA GLN B 3683 16.56 79.75 0.73
C GLN B 3683 16.12 80.08 2.14
N GLU B 3684 17.09 80.22 3.04
CA GLU B 3684 16.83 80.49 4.45
C GLU B 3684 17.27 81.89 4.85
N GLU B 3685 17.26 82.83 3.91
CA GLU B 3685 17.65 84.21 4.22
C GLU B 3685 16.63 84.87 5.15
N GLU B 3686 15.34 84.68 4.88
CA GLU B 3686 14.31 85.29 5.71
C GLU B 3686 14.17 84.58 7.05
N GLU B 3687 14.19 83.24 7.04
CA GLU B 3687 14.04 82.44 8.25
C GLU B 3687 15.29 81.59 8.44
N GLU B 3688 15.93 81.74 9.60
CA GLU B 3688 17.13 80.97 9.91
C GLU B 3688 17.17 80.69 11.40
N GLU B 3689 17.88 79.63 11.77
CA GLU B 3689 18.02 79.21 13.17
C GLU B 3689 16.65 79.00 13.82
N VAL B 3690 15.73 78.41 13.06
CA VAL B 3690 14.38 78.16 13.56
C VAL B 3690 14.41 77.13 14.68
N GLU B 3691 15.20 76.06 14.51
CA GLU B 3691 15.30 74.96 15.48
C GLU B 3691 13.93 74.34 15.75
N GLU B 3692 13.07 74.30 14.74
CA GLU B 3692 11.74 73.72 14.87
C GLU B 3692 11.25 73.33 13.48
N LYS B 3693 10.22 72.49 13.46
CA LYS B 3693 9.62 72.04 12.20
C LYS B 3693 8.58 73.07 11.77
N LYS B 3694 8.87 73.79 10.69
CA LYS B 3694 7.98 74.81 10.15
C LYS B 3694 7.66 74.47 8.70
N PRO B 3695 6.40 74.23 8.35
CA PRO B 3695 6.07 73.85 6.98
C PRO B 3695 6.31 74.98 5.99
N ASP B 3696 6.60 74.57 4.75
CA ASP B 3696 6.74 75.48 3.64
C ASP B 3696 5.36 75.98 3.21
N PRO B 3697 5.30 77.05 2.40
CA PRO B 3697 3.99 77.49 1.89
C PRO B 3697 3.25 76.40 1.12
N LEU B 3698 3.97 75.61 0.32
CA LEU B 3698 3.33 74.50 -0.39
C LEU B 3698 2.79 73.45 0.58
N HIS B 3699 3.56 73.15 1.63
CA HIS B 3699 3.08 72.22 2.64
C HIS B 3699 1.83 72.74 3.33
N GLN B 3700 1.80 74.04 3.63
CA GLN B 3700 0.61 74.63 4.24
C GLN B 3700 -0.59 74.55 3.31
N LEU B 3701 -0.40 74.80 2.02
CA LEU B 3701 -1.51 74.68 1.06
C LEU B 3701 -2.02 73.25 0.98
N VAL B 3702 -1.11 72.28 0.93
CA VAL B 3702 -1.52 70.88 0.86
C VAL B 3702 -2.29 70.49 2.13
N LEU B 3703 -1.80 70.93 3.29
CA LEU B 3703 -2.49 70.63 4.54
C LEU B 3703 -3.86 71.28 4.59
N HIS B 3704 -3.99 72.51 4.07
CA HIS B 3704 -5.29 73.16 4.06
C HIS B 3704 -6.28 72.40 3.18
N PHE B 3705 -5.84 71.96 2.00
CA PHE B 3705 -6.72 71.16 1.15
C PHE B 3705 -7.09 69.84 1.82
N SER B 3706 -6.13 69.20 2.50
CA SER B 3706 -6.43 67.96 3.21
C SER B 3706 -7.44 68.19 4.32
N ARG B 3707 -7.31 69.30 5.06
CA ARG B 3707 -8.28 69.61 6.11
C ARG B 3707 -9.66 69.84 5.52
N THR B 3708 -9.74 70.55 4.40
CA THR B 3708 -11.03 70.75 3.74
C THR B 3708 -11.64 69.41 3.33
N ALA B 3709 -10.81 68.50 2.81
CA ALA B 3709 -11.29 67.16 2.48
C ALA B 3709 -11.77 66.39 3.71
N LEU B 3710 -11.04 66.45 4.81
CA LEU B 3710 -11.42 65.72 6.02
C LEU B 3710 -12.68 66.26 6.66
N THR B 3711 -12.96 67.55 6.54
CA THR B 3711 -14.20 68.08 7.07
C THR B 3711 -15.40 67.37 6.45
N GLU B 3712 -16.30 66.89 7.31
CA GLU B 3712 -17.40 66.05 6.88
C GLU B 3712 -18.54 66.90 6.33
N LYS B 3713 -19.20 66.40 5.30
CA LYS B 3713 -20.32 67.08 4.67
C LYS B 3713 -21.28 66.04 4.12
N SER B 3714 -22.53 66.48 3.88
CA SER B 3714 -23.50 65.61 3.22
C SER B 3714 -23.11 65.34 1.78
N LYS B 3715 -22.55 66.35 1.10
CA LYS B 3715 -22.09 66.19 -0.27
C LYS B 3715 -20.91 67.12 -0.52
N LEU B 3716 -20.11 66.76 -1.52
CA LEU B 3716 -18.91 67.52 -1.84
C LEU B 3716 -19.26 68.76 -2.65
N ASP B 3717 -18.60 69.87 -2.33
CA ASP B 3717 -18.87 71.15 -2.97
C ASP B 3717 -18.03 71.33 -4.22
N GLU B 3718 -18.09 72.54 -4.78
CA GLU B 3718 -17.37 72.84 -6.01
C GLU B 3718 -15.89 73.12 -5.73
N ASP B 3719 -15.61 74.21 -4.99
CA ASP B 3719 -14.25 74.60 -4.61
C ASP B 3719 -13.38 74.81 -5.86
N TYR B 3720 -13.74 75.86 -6.61
CA TYR B 3720 -13.07 76.14 -7.88
C TYR B 3720 -11.57 76.40 -7.73
N LEU B 3721 -11.14 76.86 -6.55
CA LEU B 3721 -9.71 77.12 -6.35
C LEU B 3721 -8.90 75.84 -6.44
N TYR B 3722 -9.40 74.76 -5.83
CA TYR B 3722 -8.70 73.48 -5.90
C TYR B 3722 -8.63 72.98 -7.33
N MET B 3723 -9.64 73.29 -8.14
CA MET B 3723 -9.64 72.86 -9.54
C MET B 3723 -8.44 73.42 -10.29
N ALA B 3724 -8.11 74.69 -10.05
CA ALA B 3724 -6.94 75.28 -10.70
C ALA B 3724 -5.65 74.77 -10.07
N TYR B 3725 -5.61 74.68 -8.73
CA TYR B 3725 -4.36 74.32 -8.07
C TYR B 3725 -3.96 72.87 -8.33
N ALA B 3726 -4.92 71.95 -8.42
CA ALA B 3726 -4.59 70.57 -8.74
C ALA B 3726 -3.96 70.45 -10.13
N ASP B 3727 -4.51 71.15 -11.12
CA ASP B 3727 -3.93 71.15 -12.45
C ASP B 3727 -2.53 71.77 -12.43
N ILE B 3728 -2.36 72.89 -11.71
CA ILE B 3728 -1.06 73.54 -11.65
C ILE B 3728 -0.02 72.60 -11.05
N MET B 3729 -0.38 71.90 -9.97
CA MET B 3729 0.56 70.94 -9.39
C MET B 3729 0.83 69.77 -10.32
N ALA B 3730 -0.21 69.22 -10.96
CA ALA B 3730 -0.07 67.97 -11.70
C ALA B 3730 0.70 68.13 -13.00
N LYS B 3731 0.25 69.04 -13.89
CA LYS B 3731 0.92 69.08 -15.18
C LYS B 3731 2.29 69.72 -15.08
N SER B 3732 2.63 70.33 -13.94
CA SER B 3732 4.00 70.79 -13.73
C SER B 3732 4.98 69.62 -13.77
N CYS B 3733 4.71 68.57 -12.99
CA CYS B 3733 5.54 67.38 -13.06
C CYS B 3733 5.26 66.54 -14.30
N HIS B 3734 4.03 66.60 -14.82
CA HIS B 3734 3.73 65.92 -16.07
C HIS B 3734 4.46 66.52 -17.26
N LEU B 3735 5.00 67.73 -17.12
CA LEU B 3735 5.83 68.29 -18.18
C LEU B 3735 7.07 67.44 -18.42
N GLU B 3736 7.69 66.92 -17.36
CA GLU B 3736 8.82 66.01 -17.52
C GLU B 3736 8.40 64.64 -18.01
N GLU B 3737 7.15 64.24 -17.77
CA GLU B 3737 6.69 62.93 -18.23
C GLU B 3737 6.63 62.86 -19.75
N GLY B 3738 6.17 63.93 -20.39
CA GLY B 3738 6.08 63.95 -21.84
C GLY B 3738 6.72 65.18 -22.45
N GLY B 3739 7.55 64.98 -23.47
CA GLY B 3739 8.24 66.08 -24.10
C GLY B 3739 9.61 66.39 -23.55
N GLU B 3740 10.01 65.73 -22.45
CA GLU B 3740 11.35 65.94 -21.92
C GLU B 3740 12.42 65.39 -22.87
N GLU B 3747 12.10 61.10 -35.14
CA GLU B 3747 11.73 59.90 -35.87
C GLU B 3747 11.86 58.66 -34.99
N GLU B 3748 12.99 57.98 -35.08
CA GLU B 3748 13.25 56.79 -34.29
C GLU B 3748 13.64 57.18 -32.86
N VAL B 3749 14.09 56.19 -32.09
CA VAL B 3749 14.50 56.45 -30.72
C VAL B 3749 15.73 57.36 -30.70
N GLU B 3750 16.84 56.88 -31.28
CA GLU B 3750 18.08 57.62 -31.48
C GLU B 3750 18.56 58.32 -30.21
N VAL B 3751 18.17 57.80 -29.04
CA VAL B 3751 18.61 58.33 -27.76
C VAL B 3751 19.54 57.30 -27.11
N SER B 3752 20.73 57.74 -26.72
CA SER B 3752 21.72 56.85 -26.14
C SER B 3752 21.37 56.62 -24.67
N PHE B 3753 22.25 55.87 -23.97
CA PHE B 3753 21.94 55.45 -22.61
C PHE B 3753 21.95 56.62 -21.64
N GLU B 3754 22.96 57.50 -21.73
CA GLU B 3754 23.18 58.49 -20.69
C GLU B 3754 22.01 59.46 -20.56
N GLU B 3755 21.63 60.11 -21.66
CA GLU B 3755 20.55 61.09 -21.58
C GLU B 3755 19.18 60.45 -21.45
N LYS B 3756 18.98 59.23 -21.96
CA LYS B 3756 17.74 58.52 -21.68
C LYS B 3756 17.58 58.27 -20.19
N GLU B 3757 18.64 57.82 -19.53
CA GLU B 3757 18.58 57.62 -18.08
C GLU B 3757 18.42 58.95 -17.36
N MET B 3758 19.09 60.00 -17.83
CA MET B 3758 18.95 61.32 -17.20
C MET B 3758 17.53 61.86 -17.30
N GLU B 3759 16.83 61.61 -18.41
CA GLU B 3759 15.44 62.03 -18.51
C GLU B 3759 14.50 61.11 -17.74
N LYS B 3760 14.78 59.81 -17.69
CA LYS B 3760 13.93 58.88 -16.96
C LYS B 3760 13.99 59.12 -15.46
N GLN B 3761 15.19 59.30 -14.91
CA GLN B 3761 15.38 59.53 -13.50
C GLN B 3761 16.39 60.66 -13.34
N ARG B 3762 16.37 61.31 -12.17
CA ARG B 3762 17.08 62.53 -11.83
C ARG B 3762 16.44 63.76 -12.46
N LEU B 3763 15.44 63.60 -13.32
CA LEU B 3763 14.57 64.69 -13.74
C LEU B 3763 13.13 64.47 -13.35
N LEU B 3764 12.75 63.25 -12.96
CA LEU B 3764 11.45 62.99 -12.36
C LEU B 3764 11.50 63.03 -10.83
N TYR B 3765 12.45 63.79 -10.26
CA TYR B 3765 12.43 64.04 -8.83
C TYR B 3765 11.32 65.01 -8.44
N GLN B 3766 10.68 65.67 -9.41
CA GLN B 3766 9.61 66.61 -9.12
C GLN B 3766 8.46 65.96 -8.37
N GLN B 3767 8.22 64.66 -8.61
CA GLN B 3767 7.24 63.94 -7.81
C GLN B 3767 7.63 63.89 -6.34
N SER B 3768 8.92 64.08 -6.03
CA SER B 3768 9.34 64.17 -4.64
C SER B 3768 9.29 65.59 -4.12
N ARG B 3769 9.62 66.57 -4.94
CA ARG B 3769 9.56 67.97 -4.52
C ARG B 3769 8.14 68.47 -4.36
N LEU B 3770 7.16 67.80 -4.96
CA LEU B 3770 5.75 68.15 -4.76
C LEU B 3770 5.16 67.41 -3.57
N HIS B 3771 6.00 67.09 -2.57
CA HIS B 3771 5.56 66.48 -1.32
C HIS B 3771 4.88 65.13 -1.58
N THR B 3772 5.73 64.19 -2.02
CA THR B 3772 5.30 62.80 -2.14
C THR B 3772 4.66 62.33 -0.84
N ARG B 3773 5.23 62.71 0.30
CA ARG B 3773 4.61 62.44 1.59
C ARG B 3773 3.36 63.28 1.82
N GLY B 3774 3.22 64.39 1.12
CA GLY B 3774 2.10 65.30 1.34
C GLY B 3774 0.89 65.06 0.47
N ALA B 3775 1.09 65.05 -0.84
CA ALA B 3775 -0.02 64.95 -1.79
C ALA B 3775 -0.58 63.55 -1.94
N ALA B 3776 0.18 62.52 -1.54
CA ALA B 3776 -0.30 61.15 -1.69
C ALA B 3776 -1.56 60.90 -0.88
N GLU B 3777 -1.60 61.37 0.36
CA GLU B 3777 -2.82 61.24 1.16
C GLU B 3777 -3.87 62.25 0.75
N MET B 3778 -3.46 63.42 0.27
CA MET B 3778 -4.42 64.43 -0.15
C MET B 3778 -5.26 63.94 -1.32
N VAL B 3779 -4.64 63.21 -2.25
CA VAL B 3779 -5.40 62.61 -3.33
C VAL B 3779 -6.41 61.58 -2.80
N LEU B 3780 -5.93 60.67 -1.94
CA LEU B 3780 -6.78 59.59 -1.41
C LEU B 3780 -8.03 60.17 -0.74
N GLN B 3781 -7.83 61.14 0.16
CA GLN B 3781 -8.95 61.76 0.92
C GLN B 3781 -9.95 62.45 -0.02
N MET B 3782 -9.47 63.18 -1.03
CA MET B 3782 -10.38 63.90 -1.91
C MET B 3782 -11.07 62.98 -2.89
N ILE B 3783 -10.48 61.81 -3.17
CA ILE B 3783 -11.21 60.79 -3.90
C ILE B 3783 -12.30 60.17 -3.03
N SER B 3784 -11.98 59.88 -1.77
CA SER B 3784 -12.94 59.23 -0.90
C SER B 3784 -14.08 60.14 -0.47
N ALA B 3785 -13.87 61.47 -0.51
CA ALA B 3785 -14.92 62.38 -0.07
C ALA B 3785 -16.17 62.27 -0.94
N CYS B 3786 -15.99 62.21 -2.26
CA CYS B 3786 -17.11 62.04 -3.18
C CYS B 3786 -17.48 60.56 -3.20
N LYS B 3787 -18.76 60.27 -2.95
CA LYS B 3787 -19.17 58.88 -2.82
C LYS B 3787 -19.29 58.20 -4.19
N GLY B 3788 -20.18 58.72 -5.04
CA GLY B 3788 -20.38 58.10 -6.34
C GLY B 3788 -20.52 59.11 -7.46
N GLU B 3789 -20.69 60.38 -7.12
CA GLU B 3789 -20.90 61.41 -8.12
C GLU B 3789 -19.64 61.65 -8.92
N THR B 3790 -19.76 61.65 -10.24
CA THR B 3790 -18.64 61.87 -11.14
C THR B 3790 -18.69 63.30 -11.67
N GLY B 3791 -17.52 63.93 -11.75
CA GLY B 3791 -17.48 65.30 -12.24
C GLY B 3791 -16.09 65.84 -12.49
N ALA B 3792 -16.03 67.14 -12.78
CA ALA B 3792 -14.75 67.79 -13.07
C ALA B 3792 -13.79 67.74 -11.88
N MET B 3793 -14.29 67.85 -10.65
CA MET B 3793 -13.42 67.78 -9.49
C MET B 3793 -12.77 66.40 -9.38
N VAL B 3794 -13.56 65.34 -9.59
CA VAL B 3794 -13.00 63.98 -9.57
C VAL B 3794 -11.99 63.80 -10.70
N SER B 3795 -12.30 64.33 -11.89
CA SER B 3795 -11.35 64.23 -12.99
C SER B 3795 -10.05 64.94 -12.67
N SER B 3796 -10.12 66.13 -12.08
CA SER B 3796 -8.92 66.87 -11.69
C SER B 3796 -8.12 66.13 -10.63
N THR B 3797 -8.78 65.52 -9.65
CA THR B 3797 -8.05 64.74 -8.66
C THR B 3797 -7.37 63.53 -9.30
N LEU B 3798 -8.06 62.84 -10.21
CA LEU B 3798 -7.45 61.70 -10.88
C LEU B 3798 -6.27 62.10 -11.74
N LYS B 3799 -6.31 63.27 -12.37
CA LYS B 3799 -5.14 63.74 -13.11
C LYS B 3799 -3.91 63.85 -12.22
N LEU B 3800 -4.06 64.45 -11.04
CA LEU B 3800 -2.93 64.55 -10.11
C LEU B 3800 -2.50 63.18 -9.62
N GLY B 3801 -3.47 62.29 -9.35
CA GLY B 3801 -3.13 60.95 -8.91
C GLY B 3801 -2.32 60.18 -9.92
N ILE B 3802 -2.65 60.33 -11.21
CA ILE B 3802 -1.87 59.68 -12.26
C ILE B 3802 -0.50 60.34 -12.39
N SER B 3803 -0.45 61.67 -12.35
CA SER B 3803 0.81 62.36 -12.61
C SER B 3803 1.81 62.19 -11.47
N ILE B 3804 1.36 61.92 -10.25
CA ILE B 3804 2.29 61.75 -9.14
C ILE B 3804 3.16 60.51 -9.34
N LEU B 3805 2.56 59.40 -9.75
CA LEU B 3805 3.24 58.12 -9.77
C LEU B 3805 3.31 57.54 -11.17
N ASN B 3806 3.67 58.39 -12.14
CA ASN B 3806 3.70 57.98 -13.54
C ASN B 3806 4.69 56.84 -13.79
N GLY B 3807 5.91 56.95 -13.25
CA GLY B 3807 6.94 55.97 -13.47
C GLY B 3807 6.85 54.73 -12.62
N GLY B 3808 5.93 54.69 -11.66
CA GLY B 3808 5.77 53.56 -10.77
C GLY B 3808 6.00 53.94 -9.32
N ASN B 3809 7.07 54.70 -9.05
CA ASN B 3809 7.30 55.40 -7.78
C ASN B 3809 6.96 54.52 -6.58
N ALA B 3810 7.82 53.52 -6.38
CA ALA B 3810 7.62 52.58 -5.27
C ALA B 3810 7.48 53.30 -3.93
N GLU B 3811 8.15 54.43 -3.74
CA GLU B 3811 7.97 55.20 -2.51
C GLU B 3811 6.54 55.70 -2.39
N VAL B 3812 5.97 56.22 -3.48
CA VAL B 3812 4.59 56.70 -3.45
C VAL B 3812 3.64 55.55 -3.19
N GLN B 3813 3.88 54.40 -3.83
CA GLN B 3813 3.02 53.24 -3.61
C GLN B 3813 3.07 52.80 -2.15
N GLN B 3814 4.25 52.77 -1.54
CA GLN B 3814 4.36 52.42 -0.13
C GLN B 3814 3.65 53.43 0.76
N LYS B 3815 3.82 54.73 0.47
CA LYS B 3815 3.17 55.78 1.26
C LYS B 3815 1.65 55.73 1.14
N MET B 3816 1.12 55.25 0.03
CA MET B 3816 -0.33 55.08 -0.04
C MET B 3816 -0.78 53.81 0.66
N LEU B 3817 -0.07 52.69 0.47
CA LEU B 3817 -0.50 51.43 1.05
C LEU B 3817 -0.44 51.44 2.57
N ASP B 3818 0.67 51.92 3.14
CA ASP B 3818 0.77 51.93 4.60
C ASP B 3818 -0.25 52.89 5.21
N TYR B 3819 -0.50 54.03 4.56
CA TYR B 3819 -1.52 54.94 5.07
C TYR B 3819 -2.89 54.31 5.02
N LEU B 3820 -3.22 53.62 3.93
CA LEU B 3820 -4.53 52.96 3.85
C LEU B 3820 -4.68 51.91 4.92
N LYS B 3821 -3.66 51.08 5.14
CA LYS B 3821 -3.73 50.07 6.19
C LYS B 3821 -3.82 50.69 7.58
N ASP B 3822 -3.11 51.79 7.82
CA ASP B 3822 -3.16 52.44 9.12
C ASP B 3822 -4.54 53.03 9.38
N LYS B 3823 -5.09 53.76 8.42
CA LYS B 3823 -6.41 54.35 8.61
C LYS B 3823 -7.49 53.28 8.76
N LYS B 3824 -7.42 52.23 7.94
CA LYS B 3824 -8.36 51.12 8.01
C LYS B 3824 -9.81 51.61 7.94
N GLU B 3825 -10.05 52.61 7.10
CA GLU B 3825 -11.37 53.21 6.94
C GLU B 3825 -11.97 52.73 5.64
N VAL B 3826 -13.13 52.07 5.72
CA VAL B 3826 -13.82 51.62 4.53
C VAL B 3826 -14.49 52.80 3.84
N GLY B 3827 -14.64 52.71 2.53
CA GLY B 3827 -15.32 53.75 1.78
C GLY B 3827 -14.64 54.11 0.48
N PHE B 3828 -13.30 54.08 0.47
CA PHE B 3828 -12.56 54.40 -0.74
C PHE B 3828 -12.83 53.37 -1.84
N PHE B 3829 -12.77 52.09 -1.50
CA PHE B 3829 -12.99 51.04 -2.50
C PHE B 3829 -14.43 51.01 -2.99
N GLN B 3830 -15.39 51.21 -2.09
CA GLN B 3830 -16.77 51.26 -2.53
C GLN B 3830 -17.06 52.52 -3.36
N SER B 3831 -16.39 53.64 -3.07
CA SER B 3831 -16.50 54.80 -3.94
C SER B 3831 -15.96 54.51 -5.32
N ILE B 3832 -14.81 53.82 -5.39
CA ILE B 3832 -14.27 53.44 -6.70
C ILE B 3832 -15.23 52.53 -7.44
N GLN B 3833 -15.81 51.55 -6.75
CA GLN B 3833 -16.74 50.63 -7.39
C GLN B 3833 -17.97 51.37 -7.91
N ALA B 3834 -18.55 52.25 -7.10
CA ALA B 3834 -19.71 53.01 -7.54
C ALA B 3834 -19.37 53.93 -8.70
N LEU B 3835 -18.19 54.55 -8.68
CA LEU B 3835 -17.78 55.40 -9.78
C LEU B 3835 -17.59 54.61 -11.07
N MET B 3836 -17.05 53.39 -10.97
CA MET B 3836 -16.87 52.56 -12.16
C MET B 3836 -18.17 51.95 -12.65
N GLN B 3837 -19.18 51.85 -11.77
CA GLN B 3837 -20.50 51.38 -12.21
C GLN B 3837 -21.10 52.33 -13.23
N THR B 3838 -20.97 53.64 -13.01
CA THR B 3838 -21.58 54.64 -13.88
C THR B 3838 -20.62 55.06 -14.99
N CYS B 3839 -20.14 54.07 -15.74
CA CYS B 3839 -19.24 54.27 -16.86
C CYS B 3839 -20.00 54.08 -18.16
N SER B 3840 -19.89 55.06 -19.06
CA SER B 3840 -20.63 55.03 -20.31
C SER B 3840 -20.09 53.96 -21.24
N VAL B 3841 -21.00 53.35 -22.00
CA VAL B 3841 -20.66 52.32 -22.98
C VAL B 3841 -21.28 52.73 -24.31
N LEU B 3842 -20.69 52.23 -25.40
CA LEU B 3842 -21.13 52.59 -26.75
C LEU B 3842 -22.60 52.28 -26.93
N ASP B 3843 -23.35 53.26 -27.46
CA ASP B 3843 -24.81 53.18 -27.54
C ASP B 3843 -25.25 53.33 -28.99
N LEU B 3844 -25.71 52.22 -29.57
CA LEU B 3844 -26.16 52.23 -30.96
C LEU B 3844 -27.43 53.05 -31.16
N ASN B 3845 -28.35 53.03 -30.18
CA ASN B 3845 -29.56 53.85 -30.30
C ASN B 3845 -29.21 55.33 -30.33
N ALA B 3846 -28.32 55.77 -29.44
CA ALA B 3846 -27.89 57.17 -29.46
C ALA B 3846 -27.14 57.50 -30.74
N PHE B 3847 -26.33 56.58 -31.24
CA PHE B 3847 -25.65 56.82 -32.51
C PHE B 3847 -26.64 56.98 -33.66
N GLU B 3848 -27.68 56.14 -33.70
CA GLU B 3848 -28.71 56.27 -34.72
C GLU B 3848 -29.47 57.58 -34.60
N ARG B 3849 -29.79 58.01 -33.38
CA ARG B 3849 -30.43 59.31 -33.19
C ARG B 3849 -29.54 60.45 -33.67
N GLN B 3850 -28.25 60.39 -33.35
CA GLN B 3850 -27.32 61.43 -33.77
C GLN B 3850 -27.21 61.49 -35.29
N ASN B 3851 -27.22 60.31 -35.95
CA ASN B 3851 -27.14 60.29 -37.40
C ASN B 3851 -28.31 61.03 -38.05
N LYS B 3852 -29.51 60.83 -37.52
CA LYS B 3852 -30.68 61.52 -38.07
C LYS B 3852 -30.69 62.99 -37.68
N ALA B 3853 -30.21 63.31 -36.48
CA ALA B 3853 -30.13 64.71 -36.07
C ALA B 3853 -29.12 65.49 -36.89
N GLU B 3854 -28.07 64.84 -37.39
CA GLU B 3854 -27.11 65.52 -38.25
C GLU B 3854 -27.64 65.79 -39.65
N GLY B 3855 -28.80 65.25 -40.00
CA GLY B 3855 -29.33 65.44 -41.34
C GLY B 3855 -29.72 66.88 -41.65
N LEU B 3856 -30.29 67.58 -40.67
CA LEU B 3856 -30.73 68.96 -40.85
C LEU B 3856 -29.71 69.96 -40.32
N GLY B 3857 -28.42 69.63 -40.38
CA GLY B 3857 -27.41 70.54 -39.91
C GLY B 3857 -27.39 71.86 -40.66
N MET B 3858 -27.62 71.82 -41.97
CA MET B 3858 -27.70 73.04 -42.78
C MET B 3858 -29.13 73.58 -42.74
N VAL B 3859 -29.49 74.12 -41.57
CA VAL B 3859 -30.82 74.64 -41.32
C VAL B 3859 -31.01 75.95 -42.10
N ASN B 3860 -32.25 76.41 -42.17
CA ASN B 3860 -32.58 77.62 -42.92
C ASN B 3860 -32.11 78.85 -42.15
N GLU B 3861 -32.48 80.03 -42.65
CA GLU B 3861 -32.07 81.29 -42.03
C GLU B 3861 -32.61 81.38 -40.60
N ASP B 3862 -31.76 81.84 -39.69
CA ASP B 3862 -32.06 82.00 -38.27
C ASP B 3862 -32.37 80.69 -37.57
N GLY B 3863 -32.16 79.55 -38.23
CA GLY B 3863 -32.42 78.27 -37.62
C GLY B 3863 -31.17 77.45 -37.41
N THR B 3864 -30.04 77.94 -37.91
CA THR B 3864 -28.75 77.26 -37.82
C THR B 3864 -27.76 78.02 -36.94
N VAL B 3865 -28.24 78.78 -35.96
CA VAL B 3865 -27.35 79.55 -35.11
C VAL B 3865 -26.50 78.63 -34.25
N ILE B 3866 -27.13 77.65 -33.60
CA ILE B 3866 -26.42 76.69 -32.75
C ILE B 3866 -26.82 75.26 -33.02
N ASN B 3867 -27.76 75.01 -33.93
CA ASN B 3867 -28.22 73.65 -34.20
C ASN B 3867 -27.11 72.77 -34.75
N ARG B 3868 -26.04 73.37 -35.30
CA ARG B 3868 -24.91 72.57 -35.78
C ARG B 3868 -24.07 72.00 -34.65
N GLN B 3869 -24.31 72.44 -33.41
CA GLN B 3869 -23.53 72.00 -32.25
C GLN B 3869 -24.00 70.61 -31.85
N ASN B 3870 -23.55 69.60 -32.60
CA ASN B 3870 -23.89 68.21 -32.35
C ASN B 3870 -22.65 67.34 -32.50
N GLY B 3871 -21.56 67.76 -31.87
CA GLY B 3871 -20.27 67.11 -32.01
C GLY B 3871 -20.23 65.62 -31.68
N GLU B 3872 -20.40 65.28 -30.41
CA GLU B 3872 -20.29 63.89 -29.98
C GLU B 3872 -21.10 63.69 -28.72
N LYS B 3873 -22.16 62.90 -28.81
CA LYS B 3873 -23.00 62.58 -27.66
C LYS B 3873 -23.06 61.09 -27.35
N VAL B 3874 -22.49 60.23 -28.20
CA VAL B 3874 -22.56 58.80 -27.98
C VAL B 3874 -21.69 58.38 -26.79
N MET B 3875 -20.50 58.97 -26.66
CA MET B 3875 -19.57 58.64 -25.59
C MET B 3875 -18.93 59.92 -25.09
N ALA B 3876 -19.21 60.27 -23.84
CA ALA B 3876 -18.67 61.48 -23.23
C ALA B 3876 -17.62 61.20 -22.18
N ASP B 3877 -17.51 59.96 -21.71
CA ASP B 3877 -16.53 59.58 -20.68
C ASP B 3877 -15.34 58.83 -21.26
N ASP B 3878 -15.02 59.08 -22.53
CA ASP B 3878 -13.87 58.42 -23.13
C ASP B 3878 -12.57 58.83 -22.44
N GLU B 3879 -12.42 60.12 -22.15
CA GLU B 3879 -11.20 60.59 -21.50
C GLU B 3879 -11.23 60.38 -19.99
N PHE B 3880 -12.37 59.95 -19.45
CA PHE B 3880 -12.45 59.72 -18.01
C PHE B 3880 -12.27 58.25 -17.65
N THR B 3881 -12.92 57.36 -18.39
CA THR B 3881 -12.73 55.93 -18.15
C THR B 3881 -11.29 55.50 -18.41
N GLN B 3882 -10.68 56.03 -19.47
CA GLN B 3882 -9.28 55.75 -19.75
C GLN B 3882 -8.40 56.17 -18.58
N ASP B 3883 -8.62 57.37 -18.05
CA ASP B 3883 -7.83 57.84 -16.92
C ASP B 3883 -8.06 57.02 -15.66
N LEU B 3884 -9.31 56.65 -15.38
CA LEU B 3884 -9.57 55.84 -14.20
C LEU B 3884 -8.86 54.48 -14.28
N PHE B 3885 -8.98 53.81 -15.43
CA PHE B 3885 -8.32 52.52 -15.56
C PHE B 3885 -6.82 52.63 -15.64
N ARG B 3886 -6.28 53.71 -16.22
CA ARG B 3886 -4.85 53.93 -16.17
C ARG B 3886 -4.35 54.10 -14.75
N PHE B 3887 -5.08 54.86 -13.93
CA PHE B 3887 -4.71 55.00 -12.52
C PHE B 3887 -4.77 53.67 -11.79
N LEU B 3888 -5.82 52.87 -12.04
CA LEU B 3888 -5.92 51.57 -11.40
C LEU B 3888 -4.77 50.65 -11.79
N GLN B 3889 -4.40 50.64 -13.08
CA GLN B 3889 -3.26 49.87 -13.52
C GLN B 3889 -1.97 50.37 -12.88
N LEU B 3890 -1.78 51.69 -12.84
CA LEU B 3890 -0.49 52.24 -12.48
C LEU B 3890 -0.28 52.26 -10.97
N LEU B 3891 -1.34 52.05 -10.19
CA LEU B 3891 -1.17 51.87 -8.75
C LEU B 3891 -0.30 50.67 -8.41
N CYS B 3892 -0.21 49.68 -9.29
CA CYS B 3892 0.62 48.50 -9.09
C CYS B 3892 1.45 48.23 -10.34
N GLU B 3893 2.08 49.28 -10.87
CA GLU B 3893 2.91 49.13 -12.06
C GLU B 3893 4.10 48.21 -11.78
N GLY B 3894 4.86 48.50 -10.74
CA GLY B 3894 5.96 47.63 -10.37
C GLY B 3894 5.45 46.39 -9.67
N HIS B 3895 6.16 45.28 -9.89
CA HIS B 3895 5.77 44.01 -9.28
C HIS B 3895 6.10 44.06 -7.80
N ASN B 3896 5.09 44.33 -6.98
CA ASN B 3896 5.27 44.47 -5.54
C ASN B 3896 4.57 43.39 -4.72
N ASN B 3897 3.52 42.76 -5.26
CA ASN B 3897 2.88 41.60 -4.65
C ASN B 3897 2.18 41.94 -3.33
N ASP B 3898 2.24 43.20 -2.91
CA ASP B 3898 1.50 43.60 -1.72
C ASP B 3898 0.18 44.25 -2.10
N PHE B 3899 0.23 45.30 -2.91
CA PHE B 3899 -0.99 45.99 -3.29
C PHE B 3899 -1.86 45.13 -4.21
N GLN B 3900 -1.23 44.27 -5.01
CA GLN B 3900 -1.98 43.34 -5.85
C GLN B 3900 -2.85 42.42 -5.02
N ASN B 3901 -2.29 41.85 -3.95
CA ASN B 3901 -3.07 41.02 -3.04
C ASN B 3901 -4.06 41.84 -2.22
N TYR B 3902 -3.71 43.07 -1.87
CA TYR B 3902 -4.64 43.93 -1.14
C TYR B 3902 -5.88 44.25 -1.95
N LEU B 3903 -5.73 44.41 -3.27
CA LEU B 3903 -6.88 44.73 -4.11
C LEU B 3903 -7.91 43.61 -4.10
N ARG B 3904 -7.47 42.36 -4.15
CA ARG B 3904 -8.40 41.24 -4.22
C ARG B 3904 -9.26 41.14 -2.96
N THR B 3905 -8.65 41.31 -1.79
CA THR B 3905 -9.38 41.23 -0.54
C THR B 3905 -8.67 42.06 0.51
N GLN B 3906 -9.45 42.62 1.44
CA GLN B 3906 -8.94 43.49 2.48
C GLN B 3906 -9.26 42.86 3.83
N THR B 3907 -8.22 42.43 4.55
CA THR B 3907 -8.42 41.78 5.84
C THR B 3907 -8.82 42.76 6.92
N GLY B 3908 -8.18 43.94 6.96
CA GLY B 3908 -8.48 44.90 8.01
C GLY B 3908 -9.89 45.45 7.95
N ASN B 3909 -10.36 45.76 6.75
CA ASN B 3909 -11.69 46.33 6.60
C ASN B 3909 -12.77 45.30 6.88
N THR B 3910 -13.95 45.79 7.23
CA THR B 3910 -15.07 44.90 7.55
C THR B 3910 -15.60 44.21 6.29
N THR B 3911 -15.57 44.91 5.15
CA THR B 3911 -16.12 44.39 3.91
C THR B 3911 -15.08 44.47 2.81
N THR B 3912 -15.17 43.56 1.84
CA THR B 3912 -14.26 43.47 0.72
C THR B 3912 -14.99 43.84 -0.56
N ILE B 3913 -14.25 44.34 -1.55
CA ILE B 3913 -14.85 44.83 -2.78
C ILE B 3913 -14.53 43.94 -3.97
N ASN B 3914 -13.28 43.45 -4.05
CA ASN B 3914 -12.84 42.55 -5.13
C ASN B 3914 -12.97 43.25 -6.49
N ILE B 3915 -12.14 44.28 -6.66
CA ILE B 3915 -12.16 45.13 -7.85
C ILE B 3915 -11.86 44.32 -9.11
N ILE B 3916 -11.14 43.21 -8.97
CA ILE B 3916 -10.79 42.40 -10.14
C ILE B 3916 -12.04 41.87 -10.83
N ILE B 3917 -13.02 41.39 -10.04
CA ILE B 3917 -14.26 40.91 -10.64
C ILE B 3917 -15.02 42.04 -11.31
N CYS B 3918 -15.06 43.22 -10.70
CA CYS B 3918 -15.73 44.36 -11.31
C CYS B 3918 -15.10 44.76 -12.64
N THR B 3919 -13.77 44.64 -12.75
CA THR B 3919 -13.12 44.98 -14.01
C THR B 3919 -13.59 44.09 -15.15
N VAL B 3920 -13.60 42.77 -14.94
CA VAL B 3920 -14.07 41.86 -15.98
C VAL B 3920 -15.57 42.03 -16.20
N ASP B 3921 -16.31 42.41 -15.16
CA ASP B 3921 -17.73 42.71 -15.35
C ASP B 3921 -17.94 43.88 -16.31
N TYR B 3922 -17.14 44.93 -16.17
CA TYR B 3922 -17.23 46.04 -17.11
C TYR B 3922 -16.75 45.63 -18.51
N LEU B 3923 -15.71 44.80 -18.58
CA LEU B 3923 -15.21 44.36 -19.87
C LEU B 3923 -16.27 43.56 -20.63
N LEU B 3924 -17.04 42.73 -19.93
CA LEU B 3924 -18.12 41.98 -20.58
C LEU B 3924 -19.17 42.91 -21.15
N ARG B 3925 -19.55 43.96 -20.42
CA ARG B 3925 -20.51 44.93 -20.93
C ARG B 3925 -19.97 45.63 -22.17
N LEU B 3926 -18.69 45.99 -22.18
CA LEU B 3926 -18.12 46.58 -23.38
C LEU B 3926 -18.13 45.61 -24.56
N GLN B 3927 -17.82 44.34 -24.30
CA GLN B 3927 -17.81 43.34 -25.36
C GLN B 3927 -19.19 43.17 -25.98
N GLU B 3928 -20.23 43.12 -25.15
CA GLU B 3928 -21.58 42.97 -25.69
C GLU B 3928 -21.95 44.15 -26.58
N SER B 3929 -21.61 45.37 -26.17
CA SER B 3929 -21.90 46.55 -26.99
C SER B 3929 -21.14 46.52 -28.30
N ILE B 3930 -19.86 46.14 -28.29
CA ILE B 3930 -19.11 46.08 -29.54
C ILE B 3930 -19.70 45.02 -30.48
N SER B 3931 -20.06 43.86 -29.92
CA SER B 3931 -20.64 42.81 -30.75
C SER B 3931 -21.97 43.26 -31.36
N ASP B 3932 -22.80 43.95 -30.57
CA ASP B 3932 -24.06 44.47 -31.11
C ASP B 3932 -23.82 45.52 -32.18
N PHE B 3933 -22.81 46.38 -31.98
CA PHE B 3933 -22.53 47.40 -32.98
C PHE B 3933 -22.03 46.80 -34.29
N TYR B 3934 -21.31 45.67 -34.22
CA TYR B 3934 -20.80 45.07 -35.44
C TYR B 3934 -21.92 44.64 -36.38
N TRP B 3935 -22.98 44.03 -35.83
CA TRP B 3935 -24.06 43.53 -36.66
C TRP B 3935 -24.77 44.65 -37.42
N TYR B 3936 -24.78 45.87 -36.88
CA TYR B 3936 -25.44 46.97 -37.57
C TYR B 3936 -24.77 47.29 -38.89
N TYR B 3937 -23.43 47.27 -38.94
CA TYR B 3937 -22.69 47.53 -40.16
C TYR B 3937 -22.34 46.25 -40.91
N SER B 3938 -22.73 45.10 -40.38
CA SER B 3938 -22.48 43.83 -41.07
C SER B 3938 -23.04 43.84 -42.49
N GLY B 3939 -24.23 44.41 -42.67
CA GLY B 3939 -24.84 44.40 -43.99
C GLY B 3939 -24.26 45.42 -44.95
N LYS B 3940 -23.78 46.55 -44.44
CA LYS B 3940 -23.28 47.61 -45.30
C LYS B 3940 -21.96 47.22 -45.94
N ASP B 3941 -21.79 47.60 -47.21
CA ASP B 3941 -20.56 47.27 -47.92
C ASP B 3941 -19.39 48.09 -47.42
N VAL B 3942 -19.57 49.41 -47.27
CA VAL B 3942 -18.50 50.32 -46.90
C VAL B 3942 -18.94 51.13 -45.69
N ILE B 3943 -18.06 51.22 -44.69
CA ILE B 3943 -18.33 51.98 -43.47
C ILE B 3943 -17.99 53.44 -43.71
N GLU B 3944 -18.90 54.33 -43.31
CA GLU B 3944 -18.69 55.76 -43.51
C GLU B 3944 -17.63 56.29 -42.55
N GLU B 3945 -17.17 57.52 -42.83
CA GLU B 3945 -16.16 58.15 -41.99
C GLU B 3945 -16.68 58.39 -40.58
N GLN B 3946 -17.94 58.83 -40.45
CA GLN B 3946 -18.51 59.04 -39.12
C GLN B 3946 -18.59 57.74 -38.34
N GLY B 3947 -18.93 56.64 -39.01
CA GLY B 3947 -18.92 55.35 -38.34
C GLY B 3947 -17.53 54.90 -37.93
N LYS B 3948 -16.54 55.12 -38.81
CA LYS B 3948 -15.19 54.70 -38.52
C LYS B 3948 -14.60 55.47 -37.34
N ARG B 3949 -14.78 56.80 -37.32
CA ARG B 3949 -14.24 57.59 -36.22
C ARG B 3949 -14.89 57.22 -34.89
N ASN B 3950 -16.19 56.97 -34.90
CA ASN B 3950 -16.88 56.50 -33.70
C ASN B 3950 -16.37 55.14 -33.27
N PHE B 3951 -16.16 54.22 -34.22
CA PHE B 3951 -15.76 52.86 -33.88
C PHE B 3951 -14.33 52.80 -33.38
N SER B 3952 -13.48 53.74 -33.81
CA SER B 3952 -12.10 53.74 -33.33
C SER B 3952 -11.98 54.17 -31.88
N LYS B 3953 -13.01 54.79 -31.30
CA LYS B 3953 -12.93 55.25 -29.92
C LYS B 3953 -12.98 54.10 -28.93
N ALA B 3954 -13.77 53.07 -29.22
CA ALA B 3954 -13.90 51.94 -28.31
C ALA B 3954 -12.63 51.09 -28.23
N MET B 3955 -11.83 51.07 -29.30
CA MET B 3955 -10.60 50.28 -29.27
C MET B 3955 -9.63 50.80 -28.23
N SER B 3956 -9.54 52.13 -28.06
CA SER B 3956 -8.64 52.66 -27.05
C SER B 3956 -9.04 52.22 -25.65
N VAL B 3957 -10.34 52.27 -25.33
CA VAL B 3957 -10.80 51.85 -24.02
C VAL B 3957 -10.58 50.35 -23.82
N ALA B 3958 -10.87 49.55 -24.86
CA ALA B 3958 -10.66 48.11 -24.74
C ALA B 3958 -9.18 47.76 -24.55
N LYS B 3959 -8.30 48.44 -25.28
CA LYS B 3959 -6.86 48.23 -25.12
C LYS B 3959 -6.42 48.63 -23.72
N GLN B 3960 -6.94 49.73 -23.19
CA GLN B 3960 -6.58 50.12 -21.84
C GLN B 3960 -7.05 49.10 -20.82
N VAL B 3961 -8.25 48.55 -20.98
CA VAL B 3961 -8.74 47.54 -20.04
C VAL B 3961 -7.89 46.29 -20.10
N PHE B 3962 -7.56 45.82 -21.32
CA PHE B 3962 -6.65 44.68 -21.44
C PHE B 3962 -5.30 44.97 -20.79
N ASN B 3963 -4.71 46.13 -21.07
CA ASN B 3963 -3.39 46.45 -20.53
C ASN B 3963 -3.42 46.56 -19.02
N SER B 3964 -4.54 47.00 -18.45
CA SER B 3964 -4.67 47.02 -17.00
C SER B 3964 -4.85 45.62 -16.41
N LEU B 3965 -5.55 44.74 -17.12
CA LEU B 3965 -5.76 43.39 -16.59
C LEU B 3965 -4.48 42.57 -16.52
N THR B 3966 -3.49 42.86 -17.36
CA THR B 3966 -2.25 42.09 -17.31
C THR B 3966 -1.42 42.42 -16.08
N GLU B 3967 -1.58 43.62 -15.53
CA GLU B 3967 -0.74 44.02 -14.40
C GLU B 3967 -1.18 43.38 -13.10
N TYR B 3968 -2.41 42.87 -13.02
CA TYR B 3968 -2.81 42.11 -11.85
C TYR B 3968 -2.21 40.71 -11.88
N ILE B 3969 -1.93 40.19 -13.07
CA ILE B 3969 -1.45 38.82 -13.20
C ILE B 3969 0.06 38.76 -13.20
N GLN B 3970 0.72 39.67 -13.91
CA GLN B 3970 2.17 39.66 -14.00
C GLN B 3970 2.79 39.86 -12.63
N GLY B 3971 4.01 39.36 -12.48
CA GLY B 3971 4.60 39.23 -11.16
C GLY B 3971 3.87 38.14 -10.42
N PRO B 3972 4.08 36.88 -10.85
CA PRO B 3972 3.12 35.79 -10.55
C PRO B 3972 2.64 35.74 -9.12
N CYS B 3973 1.34 35.95 -8.95
CA CYS B 3973 0.66 35.79 -7.67
C CYS B 3973 -0.50 34.82 -7.87
N THR B 3974 -0.54 33.77 -7.05
CA THR B 3974 -1.50 32.70 -7.27
C THR B 3974 -2.93 33.15 -6.99
N GLY B 3975 -3.13 34.02 -6.00
CA GLY B 3975 -4.47 34.42 -5.63
C GLY B 3975 -5.23 35.10 -6.75
N ASN B 3976 -4.60 36.10 -7.38
CA ASN B 3976 -5.26 36.79 -8.48
C ASN B 3976 -5.47 35.88 -9.68
N GLN B 3977 -4.49 35.02 -9.99
CA GLN B 3977 -4.66 34.10 -11.10
C GLN B 3977 -5.84 33.17 -10.89
N GLN B 3978 -5.98 32.61 -9.68
CA GLN B 3978 -7.10 31.72 -9.40
C GLN B 3978 -8.42 32.48 -9.38
N SER B 3979 -8.44 33.68 -8.80
CA SER B 3979 -9.68 34.45 -8.75
C SER B 3979 -10.15 34.83 -10.14
N LEU B 3980 -9.22 35.18 -11.04
CA LEU B 3980 -9.59 35.51 -12.40
C LEU B 3980 -9.94 34.28 -13.23
N ALA B 3981 -9.32 33.13 -12.94
CA ALA B 3981 -9.68 31.90 -13.63
C ALA B 3981 -11.06 31.40 -13.23
N HIS B 3982 -11.46 31.60 -11.97
CA HIS B 3982 -12.81 31.24 -11.55
C HIS B 3982 -13.87 32.18 -12.07
N SER B 3983 -13.49 33.31 -12.66
CA SER B 3983 -14.44 34.26 -13.19
C SER B 3983 -14.82 33.90 -14.63
N ARG B 3984 -15.76 34.66 -15.18
CA ARG B 3984 -16.26 34.41 -16.53
C ARG B 3984 -15.54 35.26 -17.58
N LEU B 3985 -14.21 35.19 -17.58
CA LEU B 3985 -13.44 35.93 -18.58
C LEU B 3985 -13.53 35.26 -19.95
N TRP B 3986 -13.54 33.94 -19.99
CA TRP B 3986 -13.53 33.24 -21.27
C TRP B 3986 -14.79 33.50 -22.07
N ASP B 3987 -15.90 33.81 -21.40
CA ASP B 3987 -17.10 34.22 -22.11
C ASP B 3987 -16.87 35.51 -22.91
N ALA B 3988 -16.16 36.47 -22.32
CA ALA B 3988 -15.82 37.69 -23.03
C ALA B 3988 -14.76 37.43 -24.10
N VAL B 3989 -13.83 36.51 -23.84
CA VAL B 3989 -12.80 36.20 -24.82
C VAL B 3989 -13.41 35.57 -26.07
N VAL B 3990 -14.40 34.70 -25.91
CA VAL B 3990 -15.07 34.11 -27.07
C VAL B 3990 -15.75 35.19 -27.90
N GLY B 3991 -16.44 36.12 -27.23
CA GLY B 3991 -17.08 37.21 -27.94
C GLY B 3991 -16.09 38.09 -28.68
N PHE B 3992 -14.95 38.39 -28.06
CA PHE B 3992 -13.92 39.15 -28.76
C PHE B 3992 -13.38 38.39 -29.96
N LEU B 3993 -13.16 37.07 -29.82
CA LEU B 3993 -12.68 36.29 -30.96
C LEU B 3993 -13.68 36.30 -32.10
N HIS B 3994 -14.98 36.21 -31.78
CA HIS B 3994 -16.00 36.19 -32.83
C HIS B 3994 -15.98 37.46 -33.66
N VAL B 3995 -15.88 38.62 -33.01
CA VAL B 3995 -15.83 39.87 -33.76
C VAL B 3995 -14.47 40.03 -34.46
N PHE B 3996 -13.39 39.56 -33.84
CA PHE B 3996 -12.07 39.69 -34.47
C PHE B 3996 -11.98 38.90 -35.76
N ALA B 3997 -12.57 37.70 -35.79
CA ALA B 3997 -12.49 36.87 -36.99
C ALA B 3997 -13.24 37.51 -38.16
N HIS B 3998 -14.38 38.14 -37.89
CA HIS B 3998 -15.22 38.63 -38.98
C HIS B 3998 -14.87 40.06 -39.39
N MET B 3999 -14.67 40.95 -38.42
CA MET B 3999 -14.41 42.34 -38.72
C MET B 3999 -13.10 42.52 -39.48
N MET B 4000 -12.07 41.78 -39.07
CA MET B 4000 -10.79 41.84 -39.79
C MET B 4000 -10.93 41.38 -41.22
N MET B 4001 -11.68 40.29 -41.45
CA MET B 4001 -11.89 39.79 -42.80
C MET B 4001 -12.67 40.80 -43.63
N LYS B 4002 -13.67 41.46 -43.03
CA LYS B 4002 -14.46 42.44 -43.75
C LYS B 4002 -13.68 43.71 -44.07
N LEU B 4003 -12.75 44.10 -43.19
CA LEU B 4003 -12.00 45.34 -43.40
C LEU B 4003 -10.98 45.23 -44.52
N ALA B 4004 -10.43 44.04 -44.76
CA ALA B 4004 -9.32 43.90 -45.70
C ALA B 4004 -9.75 44.07 -47.14
N GLN B 4005 -11.04 43.99 -47.45
CA GLN B 4005 -11.48 44.06 -48.84
C GLN B 4005 -11.27 45.46 -49.42
N ASP B 4006 -11.50 46.50 -48.62
CA ASP B 4006 -11.37 47.87 -49.08
C ASP B 4006 -10.04 48.47 -48.65
N SER B 4007 -9.44 49.26 -49.54
CA SER B 4007 -8.14 49.86 -49.26
C SER B 4007 -8.23 51.19 -48.52
N SER B 4008 -9.41 51.78 -48.42
CA SER B 4008 -9.54 53.07 -47.75
C SER B 4008 -9.50 52.94 -46.22
N GLN B 4009 -9.94 51.80 -45.69
CA GLN B 4009 -10.04 51.59 -44.25
C GLN B 4009 -8.89 50.79 -43.67
N ILE B 4010 -7.67 51.00 -44.19
CA ILE B 4010 -6.52 50.22 -43.72
C ILE B 4010 -6.17 50.59 -42.28
N GLU B 4011 -6.37 51.84 -41.88
CA GLU B 4011 -6.00 52.27 -40.53
C GLU B 4011 -6.80 51.54 -39.46
N LEU B 4012 -8.10 51.35 -39.70
CA LEU B 4012 -8.91 50.63 -38.72
C LEU B 4012 -8.43 49.19 -38.55
N LEU B 4013 -8.09 48.52 -39.65
CA LEU B 4013 -7.53 47.17 -39.56
C LEU B 4013 -6.21 47.17 -38.80
N LYS B 4014 -5.36 48.17 -39.06
CA LYS B 4014 -4.08 48.24 -38.37
C LYS B 4014 -4.26 48.41 -36.88
N GLU B 4015 -5.22 49.24 -36.45
CA GLU B 4015 -5.49 49.40 -35.03
C GLU B 4015 -6.13 48.14 -34.43
N LEU B 4016 -6.99 47.47 -35.19
CA LEU B 4016 -7.61 46.24 -34.71
C LEU B 4016 -6.58 45.16 -34.45
N LEU B 4017 -5.60 45.03 -35.34
CA LEU B 4017 -4.51 44.08 -35.11
C LEU B 4017 -3.70 44.43 -33.87
N ASP B 4018 -3.45 45.72 -33.63
CA ASP B 4018 -2.75 46.11 -32.42
C ASP B 4018 -3.54 45.74 -31.16
N LEU B 4019 -4.86 45.93 -31.19
CA LEU B 4019 -5.68 45.51 -30.06
C LEU B 4019 -5.62 44.00 -29.87
N GLN B 4020 -5.67 43.23 -30.97
CA GLN B 4020 -5.60 41.79 -30.85
C GLN B 4020 -4.27 41.34 -30.28
N LYS B 4021 -3.18 42.06 -30.59
CA LYS B 4021 -1.89 41.72 -30.00
C LYS B 4021 -1.91 41.84 -28.49
N ASP B 4022 -2.51 42.91 -27.96
CA ASP B 4022 -2.64 43.07 -26.52
C ASP B 4022 -3.53 41.99 -25.92
N MET B 4023 -4.61 41.62 -26.61
CA MET B 4023 -5.45 40.52 -26.12
C MET B 4023 -4.66 39.22 -26.01
N VAL B 4024 -3.85 38.91 -27.03
CA VAL B 4024 -3.06 37.68 -27.00
C VAL B 4024 -2.00 37.74 -25.90
N VAL B 4025 -1.41 38.91 -25.69
CA VAL B 4025 -0.43 39.06 -24.60
C VAL B 4025 -1.10 38.82 -23.26
N MET B 4026 -2.31 39.37 -23.06
CA MET B 4026 -3.02 39.15 -21.81
C MET B 4026 -3.34 37.67 -21.63
N LEU B 4027 -3.73 36.98 -22.70
CA LEU B 4027 -3.95 35.55 -22.60
C LEU B 4027 -2.67 34.79 -22.23
N LEU B 4028 -1.54 35.17 -22.83
CA LEU B 4028 -0.26 34.54 -22.53
C LEU B 4028 0.15 34.74 -21.08
N SER B 4029 -0.18 35.90 -20.50
CA SER B 4029 0.23 36.19 -19.13
C SER B 4029 -0.45 35.29 -18.11
N LEU B 4030 -1.47 34.53 -18.49
CA LEU B 4030 -2.18 33.69 -17.53
C LEU B 4030 -1.38 32.46 -17.14
N LEU B 4031 -0.57 31.91 -18.05
CA LEU B 4031 0.12 30.66 -17.79
C LEU B 4031 1.17 30.82 -16.70
N GLU B 4032 2.19 31.63 -16.95
CA GLU B 4032 3.26 31.91 -15.98
C GLU B 4032 3.86 30.63 -15.39
N GLY B 4033 4.31 29.77 -16.30
CA GLY B 4033 5.06 28.59 -15.89
C GLY B 4033 4.29 27.61 -15.02
N ASN B 4034 3.07 27.27 -15.43
CA ASN B 4034 2.32 26.25 -14.72
C ASN B 4034 2.90 24.86 -14.99
N VAL B 4035 2.49 23.90 -14.17
CA VAL B 4035 2.92 22.52 -14.32
C VAL B 4035 2.31 21.94 -15.59
N VAL B 4036 2.75 20.74 -15.98
CA VAL B 4036 2.31 20.15 -17.25
C VAL B 4036 0.79 20.04 -17.32
N ASN B 4037 0.12 19.79 -16.20
CA ASN B 4037 -1.33 19.77 -16.12
C ASN B 4037 -1.75 20.65 -14.95
N GLY B 4038 -1.87 21.95 -15.21
CA GLY B 4038 -2.10 22.91 -14.15
C GLY B 4038 -3.51 23.50 -14.13
N MET B 4039 -4.46 22.79 -14.73
CA MET B 4039 -5.89 23.13 -14.74
C MET B 4039 -6.15 24.54 -15.28
N ILE B 4040 -5.13 25.18 -15.83
CA ILE B 4040 -5.31 26.42 -16.56
C ILE B 4040 -5.13 26.21 -18.05
N ALA B 4041 -4.10 25.46 -18.45
CA ALA B 4041 -3.93 25.10 -19.84
C ALA B 4041 -5.08 24.25 -20.36
N ARG B 4042 -5.63 23.35 -19.54
CA ARG B 4042 -6.78 22.57 -19.96
C ARG B 4042 -8.00 23.45 -20.18
N GLN B 4043 -8.24 24.42 -19.30
CA GLN B 4043 -9.35 25.35 -19.51
C GLN B 4043 -9.14 26.20 -20.76
N MET B 4044 -7.91 26.63 -21.01
CA MET B 4044 -7.63 27.38 -22.24
C MET B 4044 -7.87 26.53 -23.48
N VAL B 4045 -7.47 25.25 -23.44
CA VAL B 4045 -7.72 24.37 -24.57
C VAL B 4045 -9.21 24.15 -24.76
N ASP B 4046 -9.96 24.05 -23.65
CA ASP B 4046 -11.41 23.94 -23.75
C ASP B 4046 -12.02 25.17 -24.41
N MET B 4047 -11.57 26.36 -24.03
CA MET B 4047 -12.07 27.58 -24.67
C MET B 4047 -11.72 27.60 -26.15
N LEU B 4048 -10.50 27.20 -26.50
CA LEU B 4048 -10.10 27.19 -27.90
C LEU B 4048 -10.95 26.22 -28.73
N VAL B 4049 -11.19 25.01 -28.21
CA VAL B 4049 -12.02 24.06 -28.94
C VAL B 4049 -13.48 24.50 -28.97
N GLU B 4050 -13.93 25.26 -27.96
CA GLU B 4050 -15.28 25.81 -28.00
C GLU B 4050 -15.42 26.85 -29.11
N SER B 4051 -14.41 27.71 -29.26
CA SER B 4051 -14.42 28.76 -30.29
C SER B 4051 -13.55 28.38 -31.48
N SER B 4052 -13.47 27.08 -31.78
CA SER B 4052 -12.62 26.60 -32.86
C SER B 4052 -13.05 27.12 -34.22
N SER B 4053 -14.31 27.55 -34.35
CA SER B 4053 -14.78 28.03 -35.66
C SER B 4053 -14.05 29.29 -36.09
N ASN B 4054 -13.84 30.23 -35.17
CA ASN B 4054 -13.23 31.50 -35.51
C ASN B 4054 -11.71 31.40 -35.61
N VAL B 4055 -11.11 30.53 -34.81
CA VAL B 4055 -9.65 30.38 -34.83
C VAL B 4055 -9.18 29.88 -36.19
N GLU B 4056 -9.95 29.00 -36.83
CA GLU B 4056 -9.59 28.53 -38.16
C GLU B 4056 -9.53 29.67 -39.16
N MET B 4057 -10.53 30.56 -39.14
CA MET B 4057 -10.52 31.71 -40.03
C MET B 4057 -9.36 32.65 -39.71
N ILE B 4058 -9.08 32.86 -38.42
CA ILE B 4058 -7.98 33.74 -38.04
C ILE B 4058 -6.66 33.21 -38.58
N LEU B 4059 -6.41 31.90 -38.39
CA LEU B 4059 -5.16 31.32 -38.90
C LEU B 4059 -5.11 31.34 -40.42
N LYS B 4060 -6.25 31.07 -41.08
CA LYS B 4060 -6.27 31.08 -42.54
C LYS B 4060 -5.96 32.46 -43.10
N PHE B 4061 -6.40 33.52 -42.44
CA PHE B 4061 -6.12 34.86 -42.94
C PHE B 4061 -4.62 35.13 -43.00
N PHE B 4062 -3.88 34.73 -41.96
CA PHE B 4062 -2.43 34.90 -42.00
C PHE B 4062 -1.78 33.95 -43.00
N ASP B 4063 -2.26 32.70 -43.05
CA ASP B 4063 -1.65 31.71 -43.94
C ASP B 4063 -1.75 32.14 -45.41
N MET B 4064 -2.91 32.65 -45.81
CA MET B 4064 -3.11 33.05 -47.21
C MET B 4064 -2.09 34.11 -47.63
N PHE B 4065 -1.97 35.17 -46.84
CA PHE B 4065 -1.11 36.29 -47.21
C PHE B 4065 0.36 36.01 -46.97
N LEU B 4066 0.71 35.05 -46.10
CA LEU B 4066 2.11 34.64 -46.04
C LEU B 4066 2.48 33.73 -47.20
N LYS B 4067 1.53 32.91 -47.66
CA LYS B 4067 1.80 32.03 -48.79
C LYS B 4067 1.82 32.78 -50.11
N LEU B 4068 1.08 33.87 -50.22
CA LEU B 4068 1.07 34.64 -51.46
C LEU B 4068 2.41 35.33 -51.72
N LYS B 4069 3.10 35.75 -50.65
CA LYS B 4069 4.26 36.63 -50.81
C LYS B 4069 5.38 35.96 -51.59
N ASP B 4070 5.68 34.69 -51.31
CA ASP B 4070 6.74 34.03 -52.06
C ASP B 4070 6.27 33.56 -53.44
N ILE B 4071 4.98 33.28 -53.60
CA ILE B 4071 4.47 32.87 -54.91
C ILE B 4071 4.56 34.02 -55.89
N VAL B 4072 4.21 35.24 -55.46
CA VAL B 4072 4.23 36.37 -56.38
C VAL B 4072 5.63 36.66 -56.91
N GLY B 4073 6.67 36.33 -56.14
CA GLY B 4073 8.03 36.52 -56.62
C GLY B 4073 8.62 35.32 -57.34
N SER B 4074 7.86 34.24 -57.48
CA SER B 4074 8.39 33.03 -58.10
C SER B 4074 8.61 33.24 -59.60
N GLU B 4075 9.73 32.70 -60.09
CA GLU B 4075 10.01 32.79 -61.52
C GLU B 4075 8.96 32.07 -62.34
N ALA B 4076 8.46 30.94 -61.84
CA ALA B 4076 7.37 30.24 -62.53
C ALA B 4076 6.12 31.09 -62.65
N PHE B 4077 5.86 31.97 -61.68
CA PHE B 4077 4.78 32.93 -61.81
C PHE B 4077 5.15 34.08 -62.74
N GLN B 4078 6.43 34.43 -62.82
CA GLN B 4078 6.89 35.56 -63.63
C GLN B 4078 6.70 35.34 -65.12
N ASP B 4079 6.39 34.12 -65.56
CA ASP B 4079 6.24 33.90 -66.99
C ASP B 4079 4.98 34.54 -67.54
N TYR B 4080 3.91 34.60 -66.74
CA TYR B 4080 2.62 35.08 -67.23
C TYR B 4080 2.62 36.58 -67.51
N VAL B 4081 3.37 37.37 -66.75
CA VAL B 4081 3.40 38.81 -66.97
C VAL B 4081 4.15 39.10 -68.27
N THR B 4082 3.58 39.98 -69.09
CA THR B 4082 4.20 40.34 -70.36
C THR B 4082 4.21 41.82 -70.65
N ASP B 4083 3.51 42.64 -69.87
CA ASP B 4083 3.52 44.07 -70.11
C ASP B 4083 4.90 44.65 -69.80
N PRO B 4084 5.36 45.64 -70.57
CA PRO B 4084 6.66 46.26 -70.28
C PRO B 4084 6.71 46.93 -68.91
N ARG B 4085 5.58 47.39 -68.38
CA ARG B 4085 5.57 48.04 -67.08
C ARG B 4085 5.56 47.05 -65.93
N GLY B 4086 5.29 45.77 -66.20
CA GLY B 4086 5.28 44.76 -65.16
C GLY B 4086 3.94 44.67 -64.45
N LEU B 4087 2.88 44.39 -65.19
CA LEU B 4087 1.53 44.31 -64.66
C LEU B 4087 0.87 43.02 -65.11
N ILE B 4088 0.30 42.27 -64.16
CA ILE B 4088 -0.37 41.00 -64.46
C ILE B 4088 -1.88 41.19 -64.32
N SER B 4089 -2.59 41.00 -65.43
CA SER B 4089 -4.00 41.36 -65.50
C SER B 4089 -4.85 40.43 -64.66
N LYS B 4090 -6.09 40.86 -64.40
CA LYS B 4090 -7.01 40.09 -63.58
C LYS B 4090 -7.42 38.80 -64.29
N LYS B 4091 -7.53 38.82 -65.61
CA LYS B 4091 -7.99 37.63 -66.33
C LYS B 4091 -7.00 36.48 -66.20
N ASP B 4092 -5.72 36.73 -66.44
CA ASP B 4092 -4.72 35.68 -66.34
C ASP B 4092 -4.15 35.52 -64.93
N PHE B 4093 -4.50 36.42 -64.00
CA PHE B 4093 -4.13 36.22 -62.60
C PHE B 4093 -4.73 34.94 -62.05
N GLN B 4094 -6.00 34.67 -62.39
CA GLN B 4094 -6.66 33.46 -61.91
C GLN B 4094 -5.96 32.21 -62.43
N LYS B 4095 -5.58 32.19 -63.72
CA LYS B 4095 -4.83 31.06 -64.24
C LYS B 4095 -3.44 30.94 -63.63
N ALA B 4096 -2.78 32.07 -63.36
CA ALA B 4096 -1.48 32.02 -62.70
C ALA B 4096 -1.59 31.39 -61.32
N MET B 4097 -2.62 31.74 -60.55
CA MET B 4097 -2.81 31.12 -59.24
C MET B 4097 -3.32 29.70 -59.33
N ASP B 4098 -4.03 29.33 -60.41
CA ASP B 4098 -4.42 27.95 -60.60
C ASP B 4098 -3.25 27.07 -60.98
N SER B 4099 -2.24 27.62 -61.65
CA SER B 4099 -1.05 26.84 -61.98
C SER B 4099 -0.35 26.33 -60.72
N GLN B 4100 -0.22 27.17 -59.69
CA GLN B 4100 0.30 26.74 -58.40
C GLN B 4100 -0.88 26.18 -57.62
N LYS B 4101 -1.02 24.85 -57.64
CA LYS B 4101 -2.19 24.18 -57.07
C LYS B 4101 -2.08 24.06 -55.55
N GLN B 4102 -2.24 25.20 -54.89
CA GLN B 4102 -2.27 25.25 -53.43
C GLN B 4102 -3.35 26.18 -52.88
N PHE B 4103 -4.11 26.87 -53.73
CA PHE B 4103 -5.24 27.67 -53.31
C PHE B 4103 -6.52 27.01 -53.80
N THR B 4104 -7.53 26.96 -52.94
CA THR B 4104 -8.81 26.39 -53.32
C THR B 4104 -9.58 27.36 -54.21
N GLY B 4105 -10.78 26.94 -54.61
CA GLY B 4105 -11.62 27.71 -55.50
C GLY B 4105 -12.03 29.07 -54.95
N PRO B 4106 -12.78 29.08 -53.84
CA PRO B 4106 -13.28 30.37 -53.32
C PRO B 4106 -12.20 31.36 -52.95
N GLU B 4107 -11.02 30.90 -52.52
CA GLU B 4107 -9.98 31.83 -52.06
C GLU B 4107 -9.46 32.72 -53.17
N ILE B 4108 -9.51 32.26 -54.43
CA ILE B 4108 -9.10 33.13 -55.53
C ILE B 4108 -10.03 34.33 -55.64
N GLN B 4109 -11.33 34.13 -55.40
CA GLN B 4109 -12.26 35.25 -55.39
C GLN B 4109 -11.92 36.26 -54.29
N PHE B 4110 -11.55 35.78 -53.10
CA PHE B 4110 -11.15 36.67 -52.02
C PHE B 4110 -9.89 37.44 -52.39
N LEU B 4111 -8.91 36.75 -53.00
CA LEU B 4111 -7.71 37.45 -53.46
C LEU B 4111 -8.02 38.51 -54.50
N LEU B 4112 -8.91 38.21 -55.45
CA LEU B 4112 -9.30 39.21 -56.43
C LEU B 4112 -10.04 40.38 -55.79
N SER B 4113 -10.88 40.11 -54.80
CA SER B 4113 -11.59 41.19 -54.10
C SER B 4113 -10.62 42.10 -53.36
N CYS B 4114 -9.60 41.52 -52.71
CA CYS B 4114 -8.62 42.34 -52.00
C CYS B 4114 -7.82 43.24 -52.93
N SER B 4115 -7.74 42.91 -54.22
CA SER B 4115 -7.01 43.72 -55.17
C SER B 4115 -7.81 44.95 -55.55
N GLU B 4116 -7.34 45.64 -56.60
CA GLU B 4116 -8.01 46.84 -57.11
C GLU B 4116 -8.30 46.68 -58.59
N ALA B 4117 -9.39 47.32 -59.03
CA ALA B 4117 -9.79 47.21 -60.43
C ALA B 4117 -8.86 48.03 -61.33
N ASP B 4118 -8.82 49.36 -61.12
CA ASP B 4118 -7.96 50.26 -61.87
C ASP B 4118 -8.23 50.16 -63.38
N GLU B 4119 -9.49 50.37 -63.77
CA GLU B 4119 -9.92 50.33 -65.17
C GLU B 4119 -9.59 48.98 -65.81
N ASN B 4120 -9.81 47.91 -65.05
CA ASN B 4120 -9.58 46.52 -65.44
C ASN B 4120 -8.09 46.25 -65.61
N GLU B 4121 -7.24 47.26 -65.49
CA GLU B 4121 -5.79 47.07 -65.60
C GLU B 4121 -5.30 46.31 -64.38
N MET B 4122 -4.01 46.03 -64.34
CA MET B 4122 -3.46 45.15 -63.33
C MET B 4122 -3.05 45.90 -62.08
N ILE B 4123 -3.05 45.19 -60.95
CA ILE B 4123 -2.52 45.73 -59.71
C ILE B 4123 -1.00 45.60 -59.73
N ASN B 4124 -0.32 46.54 -59.08
CA ASN B 4124 1.11 46.39 -58.87
C ASN B 4124 1.33 45.25 -57.89
N PHE B 4125 1.77 44.10 -58.41
CA PHE B 4125 1.83 42.91 -57.57
C PHE B 4125 2.84 43.07 -56.44
N GLU B 4126 3.95 43.78 -56.68
CA GLU B 4126 4.93 43.99 -55.62
C GLU B 4126 4.32 44.76 -54.46
N GLU B 4127 3.64 45.87 -54.75
CA GLU B 4127 2.98 46.65 -53.69
C GLU B 4127 1.86 45.86 -53.02
N PHE B 4128 1.09 45.11 -53.81
CA PHE B 4128 -0.01 44.35 -53.25
C PHE B 4128 0.49 43.27 -52.28
N ALA B 4129 1.60 42.61 -52.63
CA ALA B 4129 2.18 41.64 -51.71
C ALA B 4129 2.83 42.31 -50.51
N ASN B 4130 3.45 43.48 -50.70
CA ASN B 4130 4.07 44.18 -49.59
C ASN B 4130 3.03 44.67 -48.59
N ARG B 4131 1.83 45.01 -49.06
CA ARG B 4131 0.76 45.39 -48.16
C ARG B 4131 0.33 44.22 -47.29
N PHE B 4132 -0.20 44.53 -46.11
CA PHE B 4132 -0.66 43.57 -45.10
C PHE B 4132 0.46 42.72 -44.55
N GLN B 4133 1.72 43.05 -44.82
CA GLN B 4133 2.85 42.27 -44.32
C GLN B 4133 3.43 42.88 -43.06
N GLU B 4134 3.76 44.18 -43.10
CA GLU B 4134 4.31 44.83 -41.91
C GLU B 4134 3.36 44.84 -40.73
N PRO B 4135 2.09 45.26 -40.86
CA PRO B 4135 1.22 45.31 -39.67
C PRO B 4135 0.90 43.95 -39.09
N ALA B 4136 0.95 42.88 -39.90
CA ALA B 4136 0.53 41.56 -39.45
C ALA B 4136 1.67 40.72 -38.88
N ARG B 4137 2.88 41.28 -38.77
CA ARG B 4137 4.00 40.49 -38.30
C ARG B 4137 3.94 40.24 -36.79
N ASP B 4138 3.54 41.25 -36.02
CA ASP B 4138 3.59 41.14 -34.56
C ASP B 4138 2.59 40.11 -34.04
N ILE B 4139 1.37 40.12 -34.56
CA ILE B 4139 0.34 39.21 -34.07
C ILE B 4139 0.67 37.76 -34.41
N GLY B 4140 1.27 37.51 -35.58
CA GLY B 4140 1.61 36.15 -35.94
C GLY B 4140 2.63 35.54 -35.00
N PHE B 4141 3.65 36.31 -34.62
CA PHE B 4141 4.64 35.81 -33.68
C PHE B 4141 3.99 35.45 -32.34
N ASN B 4142 3.11 36.30 -31.85
CA ASN B 4142 2.46 36.03 -30.57
C ASN B 4142 1.55 34.81 -30.62
N VAL B 4143 0.78 34.65 -31.71
CA VAL B 4143 -0.09 33.48 -31.78
C VAL B 4143 0.74 32.21 -31.93
N ALA B 4144 1.85 32.27 -32.68
CA ALA B 4144 2.73 31.10 -32.77
C ALA B 4144 3.33 30.76 -31.41
N VAL B 4145 3.73 31.78 -30.64
CA VAL B 4145 4.28 31.53 -29.31
C VAL B 4145 3.23 30.88 -28.42
N LEU B 4146 1.99 31.37 -28.47
CA LEU B 4146 0.93 30.79 -27.65
C LEU B 4146 0.68 29.33 -28.04
N LEU B 4147 0.61 29.04 -29.34
CA LEU B 4147 0.38 27.67 -29.76
C LEU B 4147 1.51 26.75 -29.33
N THR B 4148 2.76 27.19 -29.49
CA THR B 4148 3.89 26.38 -29.07
C THR B 4148 3.88 26.15 -27.56
N ASN B 4149 3.58 27.19 -26.79
CA ASN B 4149 3.52 27.06 -25.34
C ASN B 4149 2.48 26.02 -24.92
N LEU B 4150 1.28 26.12 -25.48
CA LEU B 4150 0.24 25.15 -25.14
C LEU B 4150 0.63 23.74 -25.57
N SER B 4151 1.15 23.58 -26.79
CA SER B 4151 1.51 22.26 -27.26
C SER B 4151 2.59 21.62 -26.38
N GLU B 4152 3.55 22.42 -25.92
CA GLU B 4152 4.63 21.87 -25.11
C GLU B 4152 4.18 21.58 -23.68
N HIS B 4153 3.29 22.39 -23.13
CA HIS B 4153 2.95 22.21 -21.71
C HIS B 4153 1.85 21.18 -21.50
N VAL B 4154 0.80 21.20 -22.33
CA VAL B 4154 -0.32 20.26 -22.15
C VAL B 4154 -0.26 19.24 -23.29
N PRO B 4155 0.18 18.01 -23.03
CA PRO B 4155 0.08 16.95 -24.04
C PRO B 4155 -1.21 16.17 -23.91
N HIS B 4156 -1.36 15.11 -24.71
CA HIS B 4156 -2.53 14.21 -24.69
C HIS B 4156 -3.83 14.94 -25.00
N ASP B 4157 -3.82 15.87 -25.96
CA ASP B 4157 -5.04 16.48 -26.44
C ASP B 4157 -5.13 16.36 -27.95
N PRO B 4158 -5.80 15.33 -28.47
CA PRO B 4158 -5.99 15.26 -29.93
C PRO B 4158 -6.73 16.46 -30.49
N ARG B 4159 -7.64 17.06 -29.72
CA ARG B 4159 -8.29 18.28 -30.16
C ARG B 4159 -7.29 19.42 -30.32
N LEU B 4160 -6.32 19.53 -29.41
CA LEU B 4160 -5.27 20.52 -29.57
C LEU B 4160 -4.38 20.20 -30.76
N ARG B 4161 -4.10 18.92 -31.00
CA ARG B 4161 -3.27 18.51 -32.13
C ARG B 4161 -3.87 18.89 -33.48
N ASN B 4162 -5.17 19.18 -33.55
CA ASN B 4162 -5.78 19.54 -34.82
C ASN B 4162 -5.37 20.93 -35.30
N PHE B 4163 -5.02 21.83 -34.37
CA PHE B 4163 -4.62 23.17 -34.75
C PHE B 4163 -3.20 23.23 -35.32
N LEU B 4164 -2.34 22.27 -34.97
CA LEU B 4164 -0.94 22.36 -35.34
C LEU B 4164 -0.74 22.28 -36.84
N GLU B 4165 -1.26 21.22 -37.47
CA GLU B 4165 -1.16 21.12 -38.92
C GLU B 4165 -2.03 22.13 -39.65
N LEU B 4166 -3.03 22.68 -38.97
CA LEU B 4166 -3.83 23.75 -39.56
C LEU B 4166 -3.04 25.04 -39.66
N ALA B 4167 -2.22 25.34 -38.65
CA ALA B 4167 -1.42 26.56 -38.61
C ALA B 4167 0.06 26.22 -38.73
N GLU B 4168 0.38 25.16 -39.47
CA GLU B 4168 1.77 24.76 -39.65
C GLU B 4168 2.59 25.79 -40.42
N SER B 4169 1.97 26.54 -41.33
CA SER B 4169 2.73 27.48 -42.13
C SER B 4169 3.32 28.61 -41.29
N ILE B 4170 2.54 29.15 -40.36
CA ILE B 4170 3.04 30.24 -39.52
C ILE B 4170 4.15 29.76 -38.61
N LEU B 4171 4.03 28.54 -38.06
CA LEU B 4171 5.08 28.00 -37.21
C LEU B 4171 6.37 27.78 -38.00
N GLU B 4172 6.26 27.29 -39.23
CA GLU B 4172 7.45 27.11 -40.06
C GLU B 4172 8.08 28.44 -40.44
N TYR B 4173 7.26 29.44 -40.75
CA TYR B 4173 7.83 30.75 -41.11
C TYR B 4173 8.51 31.41 -39.92
N PHE B 4174 7.95 31.28 -38.72
CA PHE B 4174 8.52 31.88 -37.52
C PHE B 4174 9.39 30.92 -36.74
N ARG B 4175 10.09 30.01 -37.42
CA ARG B 4175 10.98 29.09 -36.72
C ARG B 4175 12.28 29.76 -36.31
N PRO B 4176 13.05 30.39 -37.20
CA PRO B 4176 14.32 30.98 -36.76
C PRO B 4176 14.16 32.15 -35.80
N TYR B 4177 13.02 32.84 -35.83
CA TYR B 4177 12.88 34.05 -35.04
C TYR B 4177 12.45 33.78 -33.60
N LEU B 4178 12.01 32.57 -33.29
CA LEU B 4178 11.57 32.24 -31.94
C LEU B 4178 12.70 31.54 -31.19
N GLY B 4179 13.00 32.02 -30.00
CA GLY B 4179 14.03 31.41 -29.18
C GLY B 4179 13.49 31.09 -27.80
N ARG B 4180 13.96 29.97 -27.26
CA ARG B 4180 13.49 29.53 -25.95
C ARG B 4180 14.68 29.10 -25.10
N ILE B 4181 14.55 29.35 -23.78
CA ILE B 4181 15.55 28.96 -22.80
C ILE B 4181 14.82 28.42 -21.57
N GLU B 4182 15.59 27.86 -20.65
CA GLU B 4182 15.03 27.35 -19.39
C GLU B 4182 15.86 27.83 -18.21
N ILE B 4183 15.18 28.29 -17.17
CA ILE B 4183 15.83 28.82 -15.97
C ILE B 4183 15.06 28.37 -14.74
N MET B 4184 15.72 28.46 -13.59
CA MET B 4184 15.08 28.20 -12.30
C MET B 4184 15.01 29.50 -11.51
N GLY B 4185 13.91 29.68 -10.78
CA GLY B 4185 13.76 30.87 -9.98
C GLY B 4185 12.34 31.14 -9.50
N ALA B 4186 12.22 31.69 -8.29
CA ALA B 4186 10.99 32.15 -7.66
C ALA B 4186 10.04 31.02 -7.29
N SER B 4187 10.34 29.78 -7.65
CA SER B 4187 9.55 28.63 -7.23
C SER B 4187 10.39 27.39 -6.96
N ARG B 4188 11.72 27.50 -7.06
CA ARG B 4188 12.62 26.35 -6.94
C ARG B 4188 12.29 25.28 -7.98
N ARG B 4189 11.75 25.70 -9.11
CA ARG B 4189 11.38 24.78 -10.19
C ARG B 4189 11.83 25.36 -11.52
N ILE B 4190 12.01 24.47 -12.49
CA ILE B 4190 12.49 24.87 -13.80
C ILE B 4190 11.30 25.36 -14.64
N GLU B 4191 11.47 26.52 -15.27
CA GLU B 4191 10.49 27.09 -16.17
C GLU B 4191 11.15 27.43 -17.50
N ARG B 4192 10.32 27.59 -18.52
CA ARG B 4192 10.78 27.85 -19.88
C ARG B 4192 10.30 29.23 -20.33
N ILE B 4193 11.16 29.95 -21.02
CA ILE B 4193 10.90 31.30 -21.48
C ILE B 4193 11.06 31.37 -22.99
N TYR B 4194 10.16 32.09 -23.64
CA TYR B 4194 10.17 32.29 -25.09
C TYR B 4194 10.33 33.77 -25.40
N PHE B 4195 11.01 34.07 -26.51
CA PHE B 4195 11.24 35.45 -26.89
C PHE B 4195 11.59 35.53 -28.37
N GLU B 4196 11.79 36.75 -28.85
CA GLU B 4196 12.05 37.05 -30.26
C GLU B 4196 13.54 37.27 -30.47
N ILE B 4197 14.02 36.91 -31.68
CA ILE B 4197 15.45 36.88 -31.93
C ILE B 4197 15.94 38.17 -32.60
N SER B 4198 15.06 38.88 -33.31
CA SER B 4198 15.44 40.11 -34.00
C SER B 4198 16.54 39.85 -35.03
N GLU B 4199 16.17 39.17 -36.11
CA GLU B 4199 17.07 38.57 -37.10
C GLU B 4199 18.28 39.42 -37.48
N THR B 4200 18.18 40.75 -37.38
CA THR B 4200 19.36 41.58 -37.60
C THR B 4200 20.49 41.22 -36.65
N ASN B 4201 20.18 40.67 -35.47
CA ASN B 4201 21.22 40.18 -34.58
C ASN B 4201 21.79 38.85 -35.06
N ARG B 4202 20.93 37.95 -35.54
CA ARG B 4202 21.40 36.66 -36.05
C ARG B 4202 22.32 36.84 -37.25
N ALA B 4203 22.01 37.83 -38.11
CA ALA B 4203 22.84 38.09 -39.27
C ALA B 4203 24.26 38.47 -38.88
N GLN B 4204 24.41 39.31 -37.85
CA GLN B 4204 25.75 39.67 -37.38
C GLN B 4204 26.39 38.55 -36.59
N TRP B 4205 25.61 37.73 -35.88
CA TRP B 4205 26.16 36.60 -35.16
C TRP B 4205 26.77 35.57 -36.11
N GLU B 4206 26.12 35.31 -37.24
CA GLU B 4206 26.63 34.34 -38.21
C GLU B 4206 27.72 34.99 -39.07
N MET B 4207 28.85 35.26 -38.41
CA MET B 4207 29.99 35.89 -39.05
C MET B 4207 31.26 35.09 -38.75
N PRO B 4208 32.28 35.18 -39.61
CA PRO B 4208 33.50 34.41 -39.35
C PRO B 4208 34.27 34.85 -38.12
N GLN B 4209 34.42 36.16 -37.90
CA GLN B 4209 35.21 36.64 -36.77
C GLN B 4209 34.59 36.25 -35.45
N VAL B 4210 33.28 36.43 -35.31
CA VAL B 4210 32.60 36.08 -34.07
C VAL B 4210 32.67 34.58 -33.83
N LYS B 4211 32.50 33.79 -34.88
CA LYS B 4211 32.61 32.34 -34.74
C LYS B 4211 34.00 31.92 -34.30
N GLU B 4212 35.05 32.52 -34.87
CA GLU B 4212 36.40 32.20 -34.46
C GLU B 4212 36.65 32.59 -33.01
N SER B 4213 36.16 33.77 -32.60
CA SER B 4213 36.30 34.18 -31.21
C SER B 4213 35.59 33.22 -30.27
N LYS B 4214 34.38 32.77 -30.62
CA LYS B 4214 33.69 31.80 -29.79
C LYS B 4214 34.46 30.49 -29.71
N ARG B 4215 35.01 30.04 -30.84
CA ARG B 4215 35.80 28.81 -30.83
C ARG B 4215 37.01 28.92 -29.93
N GLN B 4216 37.70 30.06 -29.96
CA GLN B 4216 38.85 30.26 -29.08
C GLN B 4216 38.41 30.31 -27.62
N PHE B 4217 37.29 30.97 -27.33
CA PHE B 4217 36.80 31.08 -25.96
C PHE B 4217 36.45 29.71 -25.39
N ILE B 4218 35.80 28.86 -26.19
CA ILE B 4218 35.46 27.52 -25.73
C ILE B 4218 36.72 26.73 -25.40
N PHE B 4219 37.73 26.82 -26.26
CA PHE B 4219 38.99 26.12 -26.01
C PHE B 4219 39.66 26.64 -24.75
N ASP B 4220 39.59 27.95 -24.50
CA ASP B 4220 40.19 28.52 -23.30
C ASP B 4220 39.50 28.05 -22.03
N VAL B 4221 38.16 28.06 -22.01
CA VAL B 4221 37.43 27.77 -20.78
C VAL B 4221 37.63 26.33 -20.32
N VAL B 4222 37.54 25.38 -21.25
CA VAL B 4222 37.68 23.97 -20.87
C VAL B 4222 39.07 23.69 -20.33
N ASN B 4223 40.07 24.48 -20.73
CA ASN B 4223 41.43 24.26 -20.25
C ASN B 4223 41.65 24.92 -18.89
N GLU B 4224 41.40 26.22 -18.79
CA GLU B 4224 41.70 26.94 -17.56
C GLU B 4224 40.48 27.72 -17.07
N GLY B 4225 39.34 27.05 -17.02
CA GLY B 4225 38.14 27.63 -16.46
C GLY B 4225 37.51 26.78 -15.37
N GLY B 4226 37.49 27.29 -14.14
CA GLY B 4226 36.92 26.55 -13.05
C GLY B 4226 35.40 26.49 -13.13
N GLU B 4227 34.83 25.48 -12.47
CA GLU B 4227 33.38 25.31 -12.48
C GLU B 4227 32.66 26.43 -11.75
N ALA B 4228 33.29 27.03 -10.73
CA ALA B 4228 32.63 28.10 -9.99
C ALA B 4228 32.58 29.40 -10.78
N GLU B 4229 33.57 29.63 -11.64
CA GLU B 4229 33.67 30.87 -12.40
C GLU B 4229 33.35 30.69 -13.88
N LYS B 4230 32.90 29.50 -14.28
CA LYS B 4230 32.58 29.28 -15.69
C LYS B 4230 31.45 30.18 -16.15
N MET B 4231 30.39 30.31 -15.34
CA MET B 4231 29.28 31.18 -15.72
C MET B 4231 29.68 32.65 -15.77
N GLU B 4232 30.51 33.09 -14.82
CA GLU B 4232 30.99 34.47 -14.86
C GLU B 4232 31.81 34.73 -16.11
N LEU B 4233 32.68 33.78 -16.47
CA LEU B 4233 33.44 33.92 -17.72
C LEU B 4233 32.53 33.95 -18.93
N PHE B 4234 31.48 33.12 -18.93
CA PHE B 4234 30.54 33.13 -20.05
C PHE B 4234 29.83 34.48 -20.18
N VAL B 4235 29.41 35.07 -19.05
CA VAL B 4235 28.75 36.36 -19.11
C VAL B 4235 29.72 37.44 -19.58
N SER B 4236 30.97 37.39 -19.11
CA SER B 4236 31.96 38.34 -19.57
C SER B 4236 32.22 38.21 -21.06
N PHE B 4237 32.25 36.98 -21.58
CA PHE B 4237 32.41 36.79 -23.02
C PHE B 4237 31.18 37.27 -23.77
N CYS B 4238 29.99 37.17 -23.17
CA CYS B 4238 28.80 37.70 -23.82
C CYS B 4238 28.86 39.22 -23.95
N GLU B 4239 29.30 39.92 -22.90
CA GLU B 4239 29.22 41.38 -22.90
C GLU B 4239 30.17 42.01 -23.92
N ASP B 4240 31.44 41.61 -23.94
CA ASP B 4240 32.34 42.17 -24.94
C ASP B 4240 32.00 41.73 -26.35
N THR B 4241 31.37 40.56 -26.51
CA THR B 4241 30.82 40.20 -27.82
C THR B 4241 29.71 41.15 -28.23
N ILE B 4242 28.87 41.55 -27.27
CA ILE B 4242 27.82 42.53 -27.57
C ILE B 4242 28.44 43.83 -28.05
N PHE B 4243 29.47 44.30 -27.35
CA PHE B 4243 30.15 45.53 -27.77
C PHE B 4243 30.79 45.37 -29.13
N GLU B 4244 31.39 44.21 -29.41
CA GLU B 4244 32.00 43.98 -30.71
C GLU B 4244 30.97 44.02 -31.83
N MET B 4245 29.81 43.39 -31.62
CA MET B 4245 28.77 43.45 -32.65
C MET B 4245 28.25 44.87 -32.82
N GLN B 4246 28.15 45.63 -31.73
CA GLN B 4246 27.73 47.03 -31.83
C GLN B 4246 28.71 47.84 -32.68
N ILE B 4247 30.01 47.67 -32.44
CA ILE B 4247 30.99 48.45 -33.21
C ILE B 4247 31.03 47.97 -34.66
N ALA B 4248 30.82 46.67 -34.89
CA ALA B 4248 30.76 46.18 -36.27
C ALA B 4248 29.56 46.77 -37.01
N ALA B 4249 28.41 46.88 -36.35
CA ALA B 4249 27.27 47.56 -36.94
C ALA B 4249 27.54 49.03 -37.17
N GLN B 4250 28.26 49.69 -36.27
CA GLN B 4250 28.61 51.09 -36.47
C GLN B 4250 29.47 51.26 -37.72
N ILE B 4251 30.46 50.39 -37.91
CA ILE B 4251 31.33 50.47 -39.09
C ILE B 4251 30.66 49.64 -40.18
N SER B 4252 29.75 50.29 -40.91
CA SER B 4252 28.99 49.64 -41.97
C SER B 4252 28.95 50.53 -43.21
N GLU B 4253 28.76 49.89 -44.35
CA GLU B 4253 28.69 50.60 -45.62
C GLU B 4253 27.37 51.34 -45.77
N PHE B 4540 33.41 75.12 -45.57
CA PHE B 4540 34.33 75.09 -46.70
C PHE B 4540 35.50 74.14 -46.43
N TRP B 4541 36.50 74.64 -45.70
CA TRP B 4541 37.64 73.81 -45.36
C TRP B 4541 37.25 72.66 -44.45
N GLY B 4542 36.35 72.92 -43.49
CA GLY B 4542 35.90 71.88 -42.58
C GLY B 4542 34.84 70.95 -43.13
N GLU B 4543 34.39 71.19 -44.37
CA GLU B 4543 33.37 70.33 -44.96
C GLU B 4543 33.93 68.96 -45.32
N LEU B 4544 35.26 68.83 -45.37
CA LEU B 4544 35.89 67.56 -45.71
C LEU B 4544 35.92 66.57 -44.55
N GLU B 4545 35.40 66.95 -43.38
CA GLU B 4545 35.39 66.03 -42.25
C GLU B 4545 34.54 64.80 -42.52
N VAL B 4546 33.39 64.98 -43.17
CA VAL B 4546 32.53 63.83 -43.51
C VAL B 4546 33.25 62.90 -44.48
N GLN B 4547 33.92 63.47 -45.49
CA GLN B 4547 34.69 62.66 -46.42
C GLN B 4547 35.81 61.91 -45.72
N ARG B 4548 36.49 62.56 -44.76
CA ARG B 4548 37.53 61.89 -44.00
C ARG B 4548 36.96 60.75 -43.17
N VAL B 4549 35.80 60.95 -42.54
CA VAL B 4549 35.17 59.89 -41.76
C VAL B 4549 34.81 58.71 -42.66
N LYS B 4550 34.26 58.99 -43.84
CA LYS B 4550 33.94 57.92 -44.78
C LYS B 4550 35.20 57.19 -45.23
N PHE B 4551 36.29 57.92 -45.49
CA PHE B 4551 37.54 57.29 -45.88
C PHE B 4551 38.08 56.38 -44.78
N LEU B 4552 38.04 56.84 -43.53
CA LEU B 4552 38.46 55.99 -42.43
C LEU B 4552 37.58 54.77 -42.26
N ASN B 4553 36.27 54.92 -42.39
CA ASN B 4553 35.34 53.80 -42.29
C ASN B 4553 35.52 52.78 -43.41
N TYR B 4554 35.91 53.22 -44.61
CA TYR B 4554 36.11 52.32 -45.73
C TYR B 4554 37.30 51.38 -45.53
N LEU B 4555 38.45 51.92 -45.12
CA LEU B 4555 39.66 51.10 -45.06
C LEU B 4555 39.60 50.07 -43.94
N SER B 4556 38.96 50.40 -42.82
CA SER B 4556 38.87 49.48 -41.69
C SER B 4556 38.10 48.22 -42.02
N ARG B 4557 37.15 48.28 -42.96
CA ARG B 4557 36.42 47.08 -43.36
C ARG B 4557 37.28 46.13 -44.18
N ASN B 4558 38.44 46.57 -44.65
CA ASN B 4558 39.36 45.77 -45.44
C ASN B 4558 40.72 45.64 -44.77
N PHE B 4559 40.72 45.36 -43.46
CA PHE B 4559 41.98 45.29 -42.72
C PHE B 4559 42.80 44.07 -43.10
N TYR B 4560 42.15 42.91 -43.21
CA TYR B 4560 42.91 41.66 -43.41
C TYR B 4560 43.44 41.55 -44.83
N THR B 4561 42.63 41.92 -45.83
CA THR B 4561 43.07 41.82 -47.22
C THR B 4561 44.22 42.76 -47.54
N LEU B 4562 44.26 43.95 -46.93
CA LEU B 4562 45.41 44.82 -47.10
C LEU B 4562 46.65 44.22 -46.45
N ARG B 4563 46.48 43.54 -45.32
CA ARG B 4563 47.59 42.83 -44.70
C ARG B 4563 48.13 41.73 -45.62
N PHE B 4564 47.24 40.99 -46.27
CA PHE B 4564 47.68 39.98 -47.25
C PHE B 4564 48.33 40.63 -48.47
N LEU B 4565 47.87 41.81 -48.88
CA LEU B 4565 48.53 42.53 -49.95
C LEU B 4565 49.97 42.88 -49.58
N ALA B 4566 50.18 43.29 -48.32
CA ALA B 4566 51.54 43.49 -47.84
C ALA B 4566 52.36 42.21 -47.88
N LEU B 4567 51.76 41.08 -47.51
CA LEU B 4567 52.45 39.79 -47.61
C LEU B 4567 52.89 39.52 -49.05
N PHE B 4568 51.97 39.70 -50.00
CA PHE B 4568 52.31 39.43 -51.40
C PHE B 4568 53.39 40.37 -51.91
N LEU B 4569 53.33 41.65 -51.52
CA LEU B 4569 54.33 42.60 -51.98
C LEU B 4569 55.70 42.33 -51.37
N ALA B 4570 55.74 41.80 -50.15
CA ALA B 4570 57.01 41.48 -49.51
C ALA B 4570 57.81 40.44 -50.26
N PHE B 4571 57.16 39.37 -50.75
CA PHE B 4571 57.88 38.40 -51.57
C PHE B 4571 58.37 39.02 -52.87
N ALA B 4572 57.54 39.84 -53.50
CA ALA B 4572 57.90 40.41 -54.79
C ALA B 4572 59.10 41.34 -54.70
N ILE B 4573 59.13 42.21 -53.68
CA ILE B 4573 60.25 43.14 -53.56
C ILE B 4573 61.54 42.39 -53.25
N ASN B 4574 61.46 41.35 -52.42
CA ASN B 4574 62.65 40.55 -52.14
C ASN B 4574 63.12 39.81 -53.37
N PHE B 4575 62.19 39.28 -54.18
CA PHE B 4575 62.60 38.60 -55.42
C PHE B 4575 63.26 39.57 -56.39
N ILE B 4576 62.74 40.79 -56.48
CA ILE B 4576 63.38 41.81 -57.32
C ILE B 4576 64.79 42.11 -56.80
N LEU B 4577 64.94 42.25 -55.49
CA LEU B 4577 66.25 42.52 -54.89
C LEU B 4577 67.19 41.32 -54.97
N LEU B 4578 66.66 40.13 -55.26
CA LEU B 4578 67.46 38.92 -55.16
C LEU B 4578 68.66 38.95 -56.10
N PHE B 4579 68.44 39.19 -57.41
CA PHE B 4579 69.54 39.20 -58.39
C PHE B 4579 70.36 40.44 -58.10
N TYR B 4580 71.64 40.24 -57.76
CA TYR B 4580 72.45 41.34 -57.29
C TYR B 4580 73.92 40.95 -57.47
N LYS B 4581 74.80 41.96 -57.43
CA LYS B 4581 76.22 41.71 -57.65
C LYS B 4581 77.03 42.85 -57.06
N VAL B 4582 78.33 42.62 -56.91
CA VAL B 4582 79.28 43.63 -56.45
C VAL B 4582 80.50 43.61 -57.38
N SER B 4583 80.90 44.79 -57.84
CA SER B 4583 82.03 44.91 -58.76
C SER B 4583 83.27 45.42 -58.03
N ASP B 4584 84.42 44.92 -58.45
CA ASP B 4584 85.69 45.38 -57.89
C ASP B 4584 85.93 46.85 -58.20
N SER B 4585 85.64 47.28 -59.42
CA SER B 4585 85.83 48.67 -59.83
C SER B 4585 84.54 49.18 -60.45
N PRO B 4586 84.01 50.31 -59.96
CA PRO B 4586 82.77 50.85 -60.54
C PRO B 4586 83.01 51.32 -61.96
N PRO B 4587 82.12 50.95 -62.90
CA PRO B 4587 82.23 51.36 -64.31
C PRO B 4587 81.66 52.75 -64.56
N ASN B 4626 84.73 52.53 -52.34
CA ASN B 4626 85.50 51.84 -53.41
C ASN B 4626 84.67 50.68 -53.96
N MET B 4627 84.17 49.81 -53.07
CA MET B 4627 83.34 48.65 -53.49
C MET B 4627 82.02 49.15 -54.06
N VAL B 4628 81.46 48.46 -55.06
CA VAL B 4628 80.22 48.95 -55.73
C VAL B 4628 79.05 48.01 -55.41
N TYR B 4629 77.94 48.59 -54.95
CA TYR B 4629 76.75 47.78 -54.55
C TYR B 4629 75.71 47.84 -55.68
N TYR B 4630 76.10 48.31 -56.85
CA TYR B 4630 75.15 48.48 -57.98
C TYR B 4630 74.59 47.14 -58.44
N PHE B 4631 73.34 47.13 -58.89
CA PHE B 4631 72.67 45.86 -59.29
C PHE B 4631 72.53 45.80 -60.81
N LEU B 4632 72.94 44.68 -61.40
CA LEU B 4632 72.90 44.54 -62.89
C LEU B 4632 71.60 43.88 -63.34
N GLU B 4633 71.02 44.33 -64.46
CA GLU B 4633 69.84 43.67 -64.97
C GLU B 4633 70.23 42.63 -66.01
N GLU B 4634 69.70 41.42 -65.86
CA GLU B 4634 69.98 40.36 -66.81
C GLU B 4634 69.20 40.56 -68.10
N SER B 4635 69.41 39.64 -69.05
CA SER B 4635 68.72 39.71 -70.33
C SER B 4635 67.24 39.37 -70.22
N THR B 4636 66.81 38.81 -69.10
CA THR B 4636 65.41 38.42 -68.94
C THR B 4636 64.53 39.66 -68.80
N GLY B 4637 63.25 39.49 -69.15
CA GLY B 4637 62.34 40.61 -69.17
C GLY B 4637 62.03 41.20 -67.81
N TYR B 4638 61.84 40.35 -66.80
CA TYR B 4638 61.41 40.82 -65.50
C TYR B 4638 62.57 41.46 -64.74
N MET B 4639 62.27 41.95 -63.53
CA MET B 4639 63.20 42.67 -62.68
C MET B 4639 63.71 43.93 -63.39
N GLU B 4640 62.81 44.89 -63.58
CA GLU B 4640 63.23 46.19 -64.03
C GLU B 4640 63.87 46.97 -62.90
N PRO B 4641 64.85 47.83 -63.20
CA PRO B 4641 65.51 48.60 -62.13
C PRO B 4641 64.60 49.57 -61.41
N ALA B 4642 63.32 49.64 -61.77
CA ALA B 4642 62.37 50.54 -61.12
C ALA B 4642 61.60 49.82 -60.01
N LEU B 4643 62.34 49.42 -58.98
CA LEU B 4643 61.73 48.90 -57.76
C LEU B 4643 61.40 50.01 -56.77
N TRP B 4644 61.74 51.26 -57.10
CA TRP B 4644 61.47 52.38 -56.22
C TRP B 4644 59.97 52.58 -56.00
N CYS B 4645 59.15 52.31 -57.01
CA CYS B 4645 57.70 52.39 -56.83
C CYS B 4645 57.21 51.38 -55.80
N LEU B 4646 57.69 50.13 -55.86
CA LEU B 4646 57.30 49.14 -54.86
C LEU B 4646 57.82 49.52 -53.48
N SER B 4647 59.05 50.03 -53.40
CA SER B 4647 59.58 50.46 -52.11
C SER B 4647 58.74 51.57 -51.49
N LEU B 4648 58.30 52.52 -52.32
CA LEU B 4648 57.45 53.59 -51.81
C LEU B 4648 56.06 53.08 -51.43
N LEU B 4649 55.50 52.15 -52.21
CA LEU B 4649 54.17 51.65 -51.91
C LEU B 4649 54.15 50.81 -50.64
N HIS B 4650 55.23 50.06 -50.37
CA HIS B 4650 55.25 49.20 -49.20
C HIS B 4650 55.19 50.02 -47.92
N THR B 4651 55.91 51.13 -47.85
CA THR B 4651 55.87 51.98 -46.66
C THR B 4651 54.48 52.56 -46.45
N LEU B 4652 53.82 53.00 -47.52
CA LEU B 4652 52.47 53.52 -47.39
C LEU B 4652 51.51 52.45 -46.89
N VAL B 4653 51.62 51.23 -47.42
CA VAL B 4653 50.75 50.15 -46.96
C VAL B 4653 51.01 49.84 -45.49
N ALA B 4654 52.27 49.79 -45.09
CA ALA B 4654 52.59 49.51 -43.69
C ALA B 4654 52.06 50.60 -42.76
N PHE B 4655 52.18 51.87 -43.17
CA PHE B 4655 51.64 52.94 -42.35
C PHE B 4655 50.12 52.90 -42.29
N LEU B 4656 49.47 52.52 -43.39
CA LEU B 4656 48.01 52.43 -43.41
C LEU B 4656 47.52 51.28 -42.54
N CYS B 4657 48.33 50.23 -42.37
CA CYS B 4657 47.95 49.14 -41.48
C CYS B 4657 47.72 49.61 -40.06
N ILE B 4658 48.59 50.49 -39.55
CA ILE B 4658 48.44 50.98 -38.18
C ILE B 4658 47.15 51.77 -38.03
N ILE B 4659 46.84 52.63 -39.00
CA ILE B 4659 45.61 53.40 -38.94
C ILE B 4659 44.39 52.48 -38.98
N GLY B 4660 44.45 51.44 -39.82
CA GLY B 4660 43.36 50.49 -39.88
C GLY B 4660 43.15 49.74 -38.57
N TYR B 4661 44.24 49.33 -37.93
CA TYR B 4661 44.14 48.63 -36.66
C TYR B 4661 43.65 49.52 -35.53
N ASN B 4662 44.06 50.79 -35.52
CA ASN B 4662 43.75 51.68 -34.41
C ASN B 4662 42.26 51.88 -34.24
N CYS B 4663 41.54 52.15 -35.32
CA CYS B 4663 40.11 52.39 -35.23
C CYS B 4663 39.29 51.10 -35.20
N LEU B 4664 39.96 49.94 -35.34
CA LEU B 4664 39.23 48.69 -35.42
C LEU B 4664 39.29 47.91 -34.11
N LYS B 4665 40.49 47.73 -33.55
CA LYS B 4665 40.66 46.81 -32.44
C LYS B 4665 41.02 47.46 -31.11
N VAL B 4666 41.49 48.69 -31.10
CA VAL B 4666 41.85 49.39 -29.87
C VAL B 4666 40.64 49.59 -28.95
N PRO B 4667 39.47 50.03 -29.45
CA PRO B 4667 38.34 50.28 -28.53
C PRO B 4667 37.93 49.07 -27.72
N LEU B 4668 37.99 47.86 -28.27
CA LEU B 4668 37.65 46.69 -27.48
C LEU B 4668 38.64 46.48 -26.32
N VAL B 4669 39.93 46.68 -26.58
CA VAL B 4669 40.93 46.54 -25.53
C VAL B 4669 40.71 47.59 -24.45
N ILE B 4670 40.39 48.82 -24.85
CA ILE B 4670 40.12 49.86 -23.86
C ILE B 4670 38.89 49.51 -23.03
N PHE B 4671 37.83 49.04 -23.69
CA PHE B 4671 36.58 48.74 -23.02
C PHE B 4671 36.73 47.61 -22.03
N LYS B 4672 37.50 46.58 -22.38
CA LYS B 4672 37.70 45.47 -21.43
C LYS B 4672 38.32 45.95 -20.13
N ARG B 4673 39.42 46.72 -20.21
CA ARG B 4673 40.08 47.21 -19.01
C ARG B 4673 39.18 48.18 -18.24
N GLU B 4674 38.48 49.07 -18.94
CA GLU B 4674 37.60 50.00 -18.24
C GLU B 4674 36.50 49.27 -17.48
N LYS B 4675 35.87 48.27 -18.12
CA LYS B 4675 34.83 47.51 -17.43
C LYS B 4675 35.39 46.77 -16.23
N GLU B 4676 36.54 46.12 -16.40
CA GLU B 4676 37.13 45.37 -15.29
C GLU B 4676 37.44 46.28 -14.12
N LEU B 4677 38.06 47.43 -14.38
CA LEU B 4677 38.39 48.35 -13.30
C LEU B 4677 37.14 48.91 -12.65
N ALA B 4678 36.13 49.28 -13.44
CA ALA B 4678 34.92 49.85 -12.88
C ALA B 4678 34.20 48.87 -11.97
N ARG B 4679 34.12 47.60 -12.37
CA ARG B 4679 33.46 46.62 -11.52
C ARG B 4679 34.30 46.26 -10.30
N LYS B 4680 35.63 46.17 -10.45
CA LYS B 4680 36.47 45.82 -9.32
C LYS B 4680 36.49 46.91 -8.27
N LEU B 4681 36.46 48.18 -8.70
CA LEU B 4681 36.41 49.28 -7.74
C LEU B 4681 35.10 49.27 -6.96
N GLU B 4682 34.00 48.95 -7.62
CA GLU B 4682 32.68 49.08 -6.99
C GLU B 4682 32.38 47.90 -6.08
N PHE B 4683 32.42 46.68 -6.62
CA PHE B 4683 31.86 45.55 -5.89
C PHE B 4683 32.73 45.15 -4.70
N ASP B 4684 34.05 45.31 -4.80
CA ASP B 4684 34.96 45.06 -3.69
C ASP B 4684 36.06 46.12 -3.74
N GLY B 4685 35.91 47.16 -2.91
CA GLY B 4685 36.77 48.33 -2.98
C GLY B 4685 38.25 48.02 -3.02
N LEU B 4686 38.87 48.31 -4.16
CA LEU B 4686 40.29 48.03 -4.36
C LEU B 4686 41.18 49.20 -3.95
N TYR B 4687 40.67 50.42 -4.04
CA TYR B 4687 41.47 51.60 -3.75
C TYR B 4687 41.00 52.36 -2.51
N ILE B 4688 39.80 52.08 -2.02
CA ILE B 4688 39.29 52.77 -0.84
C ILE B 4688 39.46 51.93 0.42
N THR B 4689 39.24 50.62 0.33
CA THR B 4689 39.38 49.75 1.50
C THR B 4689 40.79 49.20 1.64
N GLU B 4690 41.33 48.60 0.57
CA GLU B 4690 42.71 48.13 0.58
C GLU B 4690 43.53 48.89 -0.46
N GLN B 4691 44.77 48.46 -0.67
CA GLN B 4691 45.65 49.06 -1.66
C GLN B 4691 46.38 47.97 -2.41
N PRO B 4692 46.73 48.21 -3.68
CA PRO B 4692 47.55 47.25 -4.42
C PRO B 4692 48.96 47.17 -3.86
N GLY B 4693 49.57 46.01 -4.06
CA GLY B 4693 50.92 45.75 -3.59
C GLY B 4693 51.98 46.26 -4.54
N ASP B 4694 53.22 45.85 -4.28
CA ASP B 4694 54.33 46.21 -5.17
C ASP B 4694 54.16 45.61 -6.56
N ASP B 4695 53.63 44.39 -6.64
CA ASP B 4695 53.38 43.75 -7.91
C ASP B 4695 52.11 44.34 -8.54
N ASP B 4696 51.64 43.71 -9.62
CA ASP B 4696 50.47 44.18 -10.35
C ASP B 4696 50.64 45.64 -10.79
N VAL B 4697 51.64 45.82 -11.66
CA VAL B 4697 51.97 47.15 -12.15
C VAL B 4697 50.79 47.78 -12.90
N LYS B 4698 49.91 46.96 -13.50
CA LYS B 4698 48.73 47.49 -14.14
C LYS B 4698 47.82 48.19 -13.13
N GLY B 4699 47.65 47.61 -11.94
CA GLY B 4699 46.86 48.27 -10.92
C GLY B 4699 47.45 49.59 -10.47
N GLN B 4700 48.78 49.64 -10.34
CA GLN B 4700 49.44 50.90 -9.97
C GLN B 4700 49.26 51.95 -11.07
N TRP B 4701 49.39 51.53 -12.33
CA TRP B 4701 49.21 52.47 -13.44
C TRP B 4701 47.77 52.96 -13.56
N ASP B 4702 46.80 52.12 -13.20
CA ASP B 4702 45.40 52.51 -13.26
C ASP B 4702 45.04 53.61 -12.27
N ARG B 4703 45.88 53.88 -11.27
CA ARG B 4703 45.60 54.94 -10.32
C ARG B 4703 45.58 56.31 -10.99
N LEU B 4704 46.28 56.44 -12.11
CA LEU B 4704 46.42 57.74 -12.77
C LEU B 4704 45.11 58.23 -13.36
N VAL B 4705 44.19 57.31 -13.72
CA VAL B 4705 42.98 57.70 -14.44
C VAL B 4705 41.77 57.86 -13.53
N LEU B 4706 41.92 57.60 -12.23
CA LEU B 4706 40.75 57.59 -11.34
C LEU B 4706 40.08 58.96 -11.24
N ASN B 4707 40.85 60.04 -11.17
CA ASN B 4707 40.30 61.36 -10.96
C ASN B 4707 39.93 62.07 -12.25
N THR B 4708 40.07 61.41 -13.39
CA THR B 4708 39.73 62.04 -14.66
C THR B 4708 38.22 62.28 -14.72
N PRO B 4709 37.79 63.50 -15.11
CA PRO B 4709 36.34 63.75 -15.22
C PRO B 4709 35.62 62.80 -16.15
N SER B 4710 36.21 62.49 -17.30
CA SER B 4710 35.62 61.53 -18.23
C SER B 4710 36.32 60.17 -18.09
N PHE B 4711 36.01 59.49 -16.99
CA PHE B 4711 36.63 58.19 -16.75
C PHE B 4711 35.96 57.10 -17.59
N PRO B 4712 34.64 56.89 -17.52
CA PRO B 4712 34.04 55.86 -18.38
C PRO B 4712 33.69 56.40 -19.75
N SER B 4713 34.34 55.87 -20.79
CA SER B 4713 34.12 56.31 -22.15
C SER B 4713 33.50 55.24 -23.02
N ASN B 4714 34.07 54.03 -23.03
CA ASN B 4714 33.52 52.93 -23.81
C ASN B 4714 32.54 52.07 -23.03
N TYR B 4715 32.70 51.99 -21.71
CA TYR B 4715 31.77 51.25 -20.87
C TYR B 4715 30.40 51.92 -20.90
N TRP B 4716 29.35 51.08 -20.89
CA TRP B 4716 27.99 51.60 -20.98
C TRP B 4716 27.64 52.43 -19.75
N ASP B 4717 28.02 51.95 -18.56
CA ASP B 4717 27.64 52.62 -17.32
C ASP B 4717 28.38 53.95 -17.18
N LYS B 4718 27.64 55.00 -16.87
CA LYS B 4718 28.21 56.33 -16.68
C LYS B 4718 28.00 56.88 -15.27
N PHE B 4719 27.41 56.09 -14.38
CA PHE B 4719 27.12 56.54 -13.01
C PHE B 4719 27.81 55.67 -11.97
N VAL B 4720 28.93 55.02 -12.34
CA VAL B 4720 29.64 54.19 -11.38
C VAL B 4720 30.27 55.04 -10.29
N LYS B 4721 30.74 56.24 -10.63
CA LYS B 4721 31.32 57.12 -9.63
C LYS B 4721 30.30 57.52 -8.57
N ARG B 4722 29.06 57.81 -8.99
CA ARG B 4722 28.00 58.11 -8.02
C ARG B 4722 27.56 56.87 -7.27
N LYS B 4723 27.55 55.71 -7.96
CA LYS B 4723 27.09 54.48 -7.32
C LYS B 4723 28.03 54.05 -6.20
N VAL B 4724 29.35 54.16 -6.40
CA VAL B 4724 30.29 53.76 -5.36
C VAL B 4724 30.23 54.69 -4.15
N LEU B 4725 29.88 55.96 -4.36
CA LEU B 4725 29.79 56.90 -3.25
C LEU B 4725 28.68 56.52 -2.28
N ASP B 4726 27.53 56.09 -2.79
CA ASP B 4726 26.45 55.66 -1.91
C ASP B 4726 26.84 54.42 -1.11
N LYS B 4727 27.61 53.51 -1.71
CA LYS B 4727 27.98 52.29 -1.02
C LYS B 4727 29.03 52.54 0.06
N HIS B 4728 30.04 53.37 -0.25
CA HIS B 4728 31.17 53.54 0.65
C HIS B 4728 31.34 54.96 1.16
N GLY B 4729 30.24 55.72 1.29
CA GLY B 4729 30.34 57.07 1.79
C GLY B 4729 30.00 57.25 3.25
N ASP B 4730 29.48 56.22 3.89
CA ASP B 4730 29.14 56.28 5.31
C ASP B 4730 30.32 55.90 6.20
N ILE B 4731 30.92 54.73 5.93
CA ILE B 4731 32.05 54.28 6.72
C ILE B 4731 33.24 55.21 6.54
N PHE B 4732 33.50 55.63 5.30
CA PHE B 4732 34.61 56.50 4.99
C PHE B 4732 34.11 57.91 4.66
N GLY B 4733 35.03 58.87 4.76
CA GLY B 4733 34.66 60.26 4.57
C GLY B 4733 34.21 60.54 3.14
N ARG B 4734 33.07 61.22 3.02
CA ARG B 4734 32.61 61.65 1.70
C ARG B 4734 33.59 62.60 1.06
N GLU B 4735 34.24 63.45 1.84
CA GLU B 4735 35.30 64.30 1.31
C GLU B 4735 36.50 63.48 0.86
N ARG B 4736 36.83 62.41 1.59
CA ARG B 4736 37.92 61.54 1.16
C ARG B 4736 37.59 60.83 -0.14
N ILE B 4737 36.30 60.53 -0.38
CA ILE B 4737 35.92 59.92 -1.65
C ILE B 4737 35.90 60.96 -2.77
N ALA B 4738 35.42 62.17 -2.49
CA ALA B 4738 35.33 63.22 -3.48
C ALA B 4738 36.69 63.83 -3.83
N GLU B 4739 37.70 63.62 -3.00
CA GLU B 4739 39.06 64.01 -3.39
C GLU B 4739 39.72 62.93 -4.23
N LEU B 4740 39.33 61.67 -4.06
CA LEU B 4740 39.83 60.60 -4.91
C LEU B 4740 39.20 60.66 -6.30
N LEU B 4741 37.90 60.90 -6.36
CA LEU B 4741 37.17 61.00 -7.60
C LEU B 4741 36.63 62.40 -7.79
N GLY B 4742 36.86 62.96 -8.98
CA GLY B 4742 36.49 64.34 -9.25
C GLY B 4742 35.00 64.56 -9.35
N MET B 4743 34.27 64.22 -8.29
CA MET B 4743 32.82 64.37 -8.29
C MET B 4743 32.41 65.84 -8.13
N ASP B 4744 33.24 66.63 -7.44
CA ASP B 4744 33.08 68.07 -7.30
C ASP B 4744 31.90 68.43 -6.39
N LEU B 4745 31.14 67.42 -5.97
CA LEU B 4745 29.99 67.59 -5.07
C LEU B 4745 29.01 68.63 -5.63
N ALA B 4746 28.79 68.57 -6.94
CA ALA B 4746 27.84 69.45 -7.61
C ALA B 4746 26.46 68.83 -7.76
N SER B 4747 26.26 67.61 -7.24
CA SER B 4747 24.99 66.91 -7.34
C SER B 4747 24.10 67.10 -6.12
N LEU B 4748 24.50 67.99 -5.19
CA LEU B 4748 23.69 68.22 -4.01
C LEU B 4748 22.32 68.80 -4.38
N GLU B 4749 22.29 69.74 -5.31
CA GLU B 4749 21.05 70.30 -5.83
C GLU B 4749 20.90 69.90 -7.29
N ILE B 4750 19.92 69.03 -7.56
CA ILE B 4750 19.74 68.53 -8.92
C ILE B 4750 19.27 69.65 -9.85
N THR B 4751 18.35 70.49 -9.39
CA THR B 4751 17.86 71.58 -10.22
C THR B 4751 18.94 72.61 -10.50
N ALA B 4752 19.86 72.80 -9.56
CA ALA B 4752 20.99 73.71 -9.79
C ALA B 4752 22.04 73.10 -10.70
N HIS B 4753 22.27 71.79 -10.59
CA HIS B 4753 23.25 71.13 -11.44
C HIS B 4753 22.76 71.09 -12.88
N ASN B 4754 21.51 70.70 -13.10
CA ASN B 4754 20.95 70.62 -14.44
C ASN B 4754 19.45 70.93 -14.35
N GLU B 4755 19.09 72.19 -14.57
CA GLU B 4755 17.68 72.54 -14.63
C GLU B 4755 17.04 72.09 -15.93
N ARG B 4756 17.78 72.17 -17.04
CA ARG B 4756 17.32 71.74 -18.35
C ARG B 4756 18.42 70.95 -19.04
N LYS B 4757 18.10 70.41 -20.20
CA LYS B 4757 19.07 69.65 -20.97
C LYS B 4757 20.21 70.56 -21.43
N PRO B 4758 21.46 70.13 -21.30
CA PRO B 4758 22.58 70.97 -21.73
C PRO B 4758 22.60 71.16 -23.24
N ASP B 4759 23.06 72.33 -23.67
CA ASP B 4759 23.20 72.69 -25.07
C ASP B 4759 24.59 72.33 -25.58
N PRO B 4760 24.69 71.54 -26.65
CA PRO B 4760 26.00 71.13 -27.17
C PRO B 4760 26.70 72.31 -27.83
N PRO B 4761 27.85 72.73 -27.31
CA PRO B 4761 28.57 73.86 -27.90
C PRO B 4761 29.38 73.41 -29.09
N PRO B 4762 29.72 74.32 -30.00
CA PRO B 4762 30.60 73.95 -31.12
C PRO B 4762 32.04 73.76 -30.65
N GLY B 4763 32.48 72.50 -30.59
CA GLY B 4763 33.80 72.16 -30.11
C GLY B 4763 34.91 72.24 -31.12
N LEU B 4764 34.60 72.46 -32.40
CA LEU B 4764 35.63 72.50 -33.42
C LEU B 4764 36.54 73.70 -33.24
N LEU B 4765 37.77 73.58 -33.72
CA LEU B 4765 38.84 74.58 -33.74
C LEU B 4765 39.19 75.11 -32.34
N THR B 4766 38.68 74.51 -31.27
CA THR B 4766 38.98 74.95 -29.91
C THR B 4766 39.24 73.76 -29.00
N TRP B 4767 39.96 72.77 -29.52
CA TRP B 4767 40.26 71.55 -28.76
C TRP B 4767 41.32 71.74 -27.69
N LEU B 4768 41.77 72.98 -27.45
CA LEU B 4768 42.81 73.20 -26.45
C LEU B 4768 42.33 72.86 -25.05
N MET B 4769 41.10 73.26 -24.71
CA MET B 4769 40.59 73.04 -23.36
C MET B 4769 39.77 71.76 -23.25
N SER B 4770 39.14 71.32 -24.34
CA SER B 4770 38.26 70.17 -24.27
C SER B 4770 39.03 68.86 -24.05
N ILE B 4771 40.26 68.79 -24.54
CA ILE B 4771 41.03 67.55 -24.43
C ILE B 4771 41.47 67.33 -22.97
N ASP B 4772 41.63 66.06 -22.61
CA ASP B 4772 42.06 65.67 -21.28
C ASP B 4772 43.43 65.01 -21.37
N VAL B 4773 44.47 65.73 -20.98
CA VAL B 4773 45.84 65.25 -21.18
C VAL B 4773 46.11 64.01 -20.33
N LYS B 4774 45.60 63.98 -19.11
CA LYS B 4774 45.86 62.82 -18.24
C LYS B 4774 45.19 61.57 -18.78
N TYR B 4775 43.93 61.69 -19.22
CA TYR B 4775 43.25 60.56 -19.83
C TYR B 4775 43.95 60.10 -21.11
N GLN B 4776 44.41 61.06 -21.92
CA GLN B 4776 45.14 60.69 -23.13
C GLN B 4776 46.43 59.96 -22.81
N ILE B 4777 47.16 60.40 -21.78
CA ILE B 4777 48.39 59.69 -21.39
C ILE B 4777 48.07 58.28 -20.94
N TRP B 4778 47.02 58.11 -20.13
CA TRP B 4778 46.64 56.77 -19.69
C TRP B 4778 46.28 55.88 -20.87
N LYS B 4779 45.50 56.42 -21.82
CA LYS B 4779 45.10 55.64 -22.98
C LYS B 4779 46.31 55.27 -23.84
N PHE B 4780 47.25 56.21 -24.01
CA PHE B 4780 48.45 55.91 -24.78
C PHE B 4780 49.29 54.83 -24.11
N GLY B 4781 49.42 54.88 -22.78
CA GLY B 4781 50.19 53.85 -22.10
C GLY B 4781 49.55 52.48 -22.23
N VAL B 4782 48.23 52.40 -22.03
CA VAL B 4782 47.57 51.10 -22.15
C VAL B 4782 47.52 50.61 -23.59
N ILE B 4783 47.57 51.52 -24.56
CA ILE B 4783 47.71 51.10 -25.96
C ILE B 4783 49.10 50.53 -26.21
N PHE B 4784 50.14 51.23 -25.72
CA PHE B 4784 51.51 50.82 -25.99
C PHE B 4784 51.86 49.51 -25.29
N THR B 4785 51.28 49.23 -24.13
CA THR B 4785 51.61 47.98 -23.44
C THR B 4785 51.09 46.75 -24.18
N ASP B 4786 50.24 46.92 -25.18
CA ASP B 4786 49.76 45.79 -25.97
C ASP B 4786 50.88 45.24 -26.84
N ASN B 4787 50.98 43.91 -26.94
CA ASN B 4787 52.05 43.31 -27.72
C ASN B 4787 51.80 43.40 -29.22
N SER B 4788 50.55 43.22 -29.66
CA SER B 4788 50.26 43.27 -31.09
C SER B 4788 50.49 44.65 -31.68
N PHE B 4789 50.10 45.70 -30.95
CA PHE B 4789 50.37 47.06 -31.42
C PHE B 4789 51.86 47.32 -31.51
N LEU B 4790 52.64 46.83 -30.54
CA LEU B 4790 54.08 46.98 -30.60
C LEU B 4790 54.68 46.24 -31.80
N TYR B 4791 54.16 45.06 -32.09
CA TYR B 4791 54.64 44.30 -33.25
C TYR B 4791 54.36 45.06 -34.55
N LEU B 4792 53.15 45.59 -34.69
CA LEU B 4792 52.81 46.37 -35.87
C LEU B 4792 53.65 47.65 -35.96
N GLY B 4793 53.89 48.30 -34.82
CA GLY B 4793 54.74 49.48 -34.82
C GLY B 4793 56.17 49.17 -35.23
N TRP B 4794 56.71 48.05 -34.75
CA TRP B 4794 58.06 47.64 -35.16
C TRP B 4794 58.10 47.36 -36.66
N TYR B 4795 57.09 46.69 -37.19
CA TYR B 4795 57.00 46.48 -38.63
C TYR B 4795 57.02 47.81 -39.39
N MET B 4796 56.20 48.76 -38.95
CA MET B 4796 56.13 50.06 -39.62
C MET B 4796 57.45 50.81 -39.51
N VAL B 4797 58.10 50.76 -38.35
CA VAL B 4797 59.37 51.46 -38.17
C VAL B 4797 60.44 50.89 -39.08
N MET B 4798 60.53 49.56 -39.17
CA MET B 4798 61.49 48.98 -40.11
C MET B 4798 61.18 49.35 -41.54
N SER B 4799 59.90 49.29 -41.94
CA SER B 4799 59.55 49.68 -43.31
C SER B 4799 59.93 51.12 -43.61
N LEU B 4800 59.69 52.02 -42.64
CA LEU B 4800 60.05 53.43 -42.84
C LEU B 4800 61.55 53.62 -42.89
N LEU B 4801 62.28 53.06 -41.92
CA LEU B 4801 63.73 53.17 -41.89
C LEU B 4801 64.38 52.56 -43.11
N GLY B 4802 63.68 51.69 -43.83
CA GLY B 4802 64.21 51.17 -45.06
C GLY B 4802 64.07 52.07 -46.28
N HIS B 4803 64.16 53.40 -46.12
CA HIS B 4803 64.32 54.24 -47.31
C HIS B 4803 65.61 53.91 -48.03
N TYR B 4804 66.74 53.89 -47.31
CA TYR B 4804 67.97 53.29 -47.83
C TYR B 4804 67.83 51.78 -47.64
N ASN B 4805 67.24 51.15 -48.65
CA ASN B 4805 66.71 49.80 -48.55
C ASN B 4805 67.71 48.74 -48.94
N ASN B 4806 69.00 48.97 -48.70
CA ASN B 4806 70.07 48.08 -49.15
C ASN B 4806 69.69 46.63 -48.90
N PHE B 4807 69.56 46.25 -47.63
CA PHE B 4807 69.08 44.91 -47.31
C PHE B 4807 68.19 44.89 -46.07
N PHE B 4808 67.63 46.03 -45.66
CA PHE B 4808 66.77 46.04 -44.48
C PHE B 4808 65.37 45.53 -44.78
N PHE B 4809 65.01 45.41 -46.05
CA PHE B 4809 63.69 44.87 -46.39
C PHE B 4809 63.63 43.36 -46.22
N ALA B 4810 64.77 42.70 -46.08
CA ALA B 4810 64.79 41.25 -45.87
C ALA B 4810 64.27 40.86 -44.50
N ALA B 4811 64.39 41.74 -43.50
CA ALA B 4811 63.92 41.41 -42.16
C ALA B 4811 62.40 41.26 -42.08
N HIS B 4812 61.68 41.74 -43.09
CA HIS B 4812 60.23 41.61 -43.10
C HIS B 4812 59.77 40.19 -43.43
N LEU B 4813 60.64 39.35 -43.96
CA LEU B 4813 60.25 37.98 -44.30
C LEU B 4813 59.88 37.17 -43.07
N LEU B 4814 60.67 37.25 -42.00
CA LEU B 4814 60.32 36.55 -40.77
C LEU B 4814 59.05 37.12 -40.15
N ASP B 4815 58.87 38.44 -40.22
CA ASP B 4815 57.65 39.06 -39.73
C ASP B 4815 56.43 38.54 -40.48
N ILE B 4816 56.54 38.35 -41.79
CA ILE B 4816 55.39 38.08 -42.62
C ILE B 4816 55.11 36.59 -42.78
N ALA B 4817 56.10 35.73 -42.57
CA ALA B 4817 55.85 34.29 -42.68
C ALA B 4817 54.96 33.77 -41.54
N MET B 4818 54.86 34.53 -40.44
CA MET B 4818 54.03 34.13 -39.31
C MET B 4818 52.55 34.14 -39.64
N GLY B 4819 52.13 34.90 -40.66
CA GLY B 4819 50.73 35.03 -40.98
C GLY B 4819 50.06 33.74 -41.42
N VAL B 4820 50.84 32.76 -41.86
CA VAL B 4820 50.26 31.49 -42.27
C VAL B 4820 49.75 30.74 -41.06
N LYS B 4821 48.52 30.22 -41.16
CA LYS B 4821 47.89 29.58 -40.00
C LYS B 4821 48.64 28.33 -39.56
N THR B 4822 49.04 27.48 -40.51
CA THR B 4822 49.67 26.22 -40.15
C THR B 4822 51.09 26.40 -39.64
N LEU B 4823 51.74 27.51 -39.95
CA LEU B 4823 53.10 27.72 -39.48
C LEU B 4823 53.15 28.11 -38.01
N ARG B 4824 52.13 28.81 -37.51
CA ARG B 4824 52.09 29.16 -36.10
C ARG B 4824 51.99 27.92 -35.21
N THR B 4825 51.24 26.91 -35.64
CA THR B 4825 51.14 25.68 -34.85
C THR B 4825 52.50 25.01 -34.73
N ILE B 4826 53.26 24.95 -35.83
CA ILE B 4826 54.59 24.37 -35.78
C ILE B 4826 55.51 25.20 -34.89
N LEU B 4827 55.45 26.53 -35.03
CA LEU B 4827 56.34 27.40 -34.27
C LEU B 4827 56.02 27.42 -32.78
N SER B 4828 54.77 27.13 -32.40
CA SER B 4828 54.39 27.16 -31.00
C SER B 4828 55.08 26.08 -30.18
N SER B 4829 55.42 24.94 -30.79
CA SER B 4829 56.07 23.87 -30.05
C SER B 4829 57.43 24.31 -29.51
N VAL B 4830 58.20 25.05 -30.30
CA VAL B 4830 59.49 25.55 -29.83
C VAL B 4830 59.30 26.52 -28.67
N THR B 4831 58.34 27.44 -28.80
CA THR B 4831 58.09 28.43 -27.76
C THR B 4831 57.43 27.83 -26.51
N HIS B 4832 56.94 26.60 -26.58
CA HIS B 4832 56.26 26.02 -25.43
C HIS B 4832 57.23 25.75 -24.27
N ASN B 4833 58.47 25.39 -24.58
CA ASN B 4833 59.44 24.99 -23.55
C ASN B 4833 60.72 25.82 -23.59
N GLY B 4834 60.62 27.09 -23.99
CA GLY B 4834 61.80 27.94 -24.06
C GLY B 4834 62.45 28.15 -22.71
N LYS B 4835 61.66 28.22 -21.64
CA LYS B 4835 62.22 28.41 -20.31
C LYS B 4835 63.15 27.27 -19.93
N GLN B 4836 62.78 26.03 -20.29
CA GLN B 4836 63.65 24.90 -20.03
C GLN B 4836 64.81 24.82 -21.02
N LEU B 4837 64.59 25.22 -22.27
CA LEU B 4837 65.68 25.21 -23.24
C LEU B 4837 66.81 26.15 -22.82
N VAL B 4838 66.46 27.35 -22.36
CA VAL B 4838 67.49 28.29 -21.92
C VAL B 4838 68.26 27.73 -20.73
N MET B 4839 67.55 27.12 -19.78
CA MET B 4839 68.22 26.59 -18.60
C MET B 4839 69.16 25.44 -18.94
N THR B 4840 68.75 24.54 -19.84
CA THR B 4840 69.64 23.45 -20.21
C THR B 4840 70.83 23.94 -21.03
N VAL B 4841 70.65 24.97 -21.85
CA VAL B 4841 71.81 25.57 -22.53
C VAL B 4841 72.77 26.15 -21.50
N GLY B 4842 72.25 26.83 -20.48
CA GLY B 4842 73.09 27.31 -19.40
C GLY B 4842 73.83 26.21 -18.67
N LEU B 4843 73.17 25.09 -18.41
CA LEU B 4843 73.86 23.94 -17.80
C LEU B 4843 74.97 23.40 -18.69
N LEU B 4844 74.72 23.31 -19.99
CA LEU B 4844 75.77 22.89 -20.92
C LEU B 4844 76.97 23.82 -20.86
N ALA B 4845 76.72 25.12 -20.76
CA ALA B 4845 77.83 26.07 -20.66
C ALA B 4845 78.69 25.80 -19.42
N VAL B 4846 78.05 25.53 -18.28
CA VAL B 4846 78.81 25.26 -17.06
C VAL B 4846 79.61 23.98 -17.19
N VAL B 4847 79.02 22.94 -17.80
CA VAL B 4847 79.75 21.69 -17.98
C VAL B 4847 80.99 21.90 -18.86
N VAL B 4848 80.86 22.67 -19.94
CA VAL B 4848 82.03 22.81 -20.85
C VAL B 4848 83.11 23.60 -20.09
N TYR B 4849 82.69 24.51 -19.21
CA TYR B 4849 83.67 25.30 -18.42
C TYR B 4849 84.50 24.38 -17.52
N LEU B 4850 83.86 23.39 -16.92
CA LEU B 4850 84.60 22.51 -15.96
C LEU B 4850 85.70 21.80 -16.74
N TYR B 4851 85.39 21.35 -17.96
CA TYR B 4851 86.40 20.62 -18.75
C TYR B 4851 87.57 21.56 -19.00
N THR B 4852 87.31 22.84 -19.28
CA THR B 4852 88.40 23.81 -19.55
C THR B 4852 89.30 23.99 -18.33
N VAL B 4853 88.73 24.05 -17.12
CA VAL B 4853 89.55 24.16 -15.87
C VAL B 4853 90.39 22.90 -15.73
N VAL B 4854 89.81 21.74 -16.04
CA VAL B 4854 90.56 20.46 -15.94
C VAL B 4854 91.49 20.34 -17.14
N ALA B 4855 91.11 20.83 -18.32
CA ALA B 4855 92.09 20.64 -19.40
C ALA B 4855 93.34 21.50 -19.18
N PHE B 4856 93.17 22.81 -18.98
CA PHE B 4856 94.35 23.70 -18.92
C PHE B 4856 95.26 23.37 -17.74
N ASN B 4857 94.71 23.08 -16.57
CA ASN B 4857 95.64 22.84 -15.44
C ASN B 4857 96.50 21.61 -15.69
N PHE B 4858 95.94 20.51 -16.19
CA PHE B 4858 96.76 19.26 -16.29
C PHE B 4858 97.39 19.02 -17.67
N PHE B 4859 96.65 19.17 -18.78
CA PHE B 4859 97.35 19.07 -20.09
C PHE B 4859 97.18 20.38 -20.85
N ARG B 4860 98.28 21.08 -21.13
CA ARG B 4860 98.21 22.34 -21.90
C ARG B 4860 98.97 22.21 -23.20
N LYS B 4861 99.57 21.05 -23.45
CA LYS B 4861 100.47 20.95 -24.63
C LYS B 4861 99.79 20.21 -25.77
N PHE B 4862 99.08 19.13 -25.46
CA PHE B 4862 98.51 18.30 -26.53
C PHE B 4862 97.74 19.10 -27.56
N TYR B 4863 97.42 20.36 -27.30
CA TYR B 4863 96.49 21.12 -28.11
C TYR B 4863 97.09 21.65 -29.41
N ASN B 4864 98.39 21.49 -29.62
CA ASN B 4864 99.03 21.98 -30.83
C ASN B 4864 98.51 21.19 -32.05
N LYS B 4865 97.78 21.88 -32.93
CA LYS B 4865 97.20 21.25 -34.11
C LYS B 4865 98.23 21.25 -35.25
N SER B 4866 97.75 21.06 -36.48
CA SER B 4866 98.57 20.80 -37.66
C SER B 4866 99.57 21.93 -38.01
N GLU B 4867 99.69 23.07 -37.32
CA GLU B 4867 100.73 24.03 -37.65
C GLU B 4867 102.09 23.42 -37.35
N ASP B 4868 102.96 23.37 -38.36
CA ASP B 4868 104.28 22.76 -38.24
C ASP B 4868 105.35 23.79 -38.56
N GLU B 4869 106.40 23.80 -37.72
CA GLU B 4869 107.57 24.66 -37.82
C GLU B 4869 107.26 26.13 -37.57
N ASP B 4870 105.99 26.48 -37.35
CA ASP B 4870 105.59 27.86 -37.04
C ASP B 4870 104.98 27.87 -35.65
N GLU B 4871 105.54 28.69 -34.77
CA GLU B 4871 105.01 28.77 -33.41
C GLU B 4871 104.75 30.20 -32.94
N PRO B 4872 103.99 31.02 -33.70
CA PRO B 4872 103.57 32.31 -33.14
C PRO B 4872 102.29 32.17 -32.33
N ASP B 4873 101.53 31.12 -32.61
CA ASP B 4873 100.23 30.92 -31.97
C ASP B 4873 100.29 29.79 -30.96
N MET B 4874 99.57 29.97 -29.86
CA MET B 4874 99.39 28.92 -28.86
C MET B 4874 97.90 28.77 -28.60
N LYS B 4875 97.47 27.52 -28.47
CA LYS B 4875 96.04 27.21 -28.44
C LYS B 4875 95.37 27.74 -27.18
N CYS B 4876 95.96 27.54 -26.00
CA CYS B 4876 95.53 28.29 -24.84
C CYS B 4876 96.64 28.36 -23.79
N ASP B 4877 97.30 29.51 -23.72
CA ASP B 4877 98.00 29.92 -22.52
C ASP B 4877 97.13 30.84 -21.65
N ASP B 4878 95.99 31.27 -22.17
CA ASP B 4878 95.01 32.04 -21.42
C ASP B 4878 93.64 31.42 -21.62
N MET B 4879 92.91 31.27 -20.51
CA MET B 4879 91.70 30.47 -20.60
C MET B 4879 90.52 31.26 -21.17
N MET B 4880 90.69 32.56 -21.38
CA MET B 4880 89.79 33.25 -22.31
C MET B 4880 89.79 32.56 -23.66
N THR B 4881 90.95 32.55 -24.31
CA THR B 4881 91.08 31.86 -25.60
C THR B 4881 90.75 30.38 -25.47
N CYS B 4882 91.09 29.75 -24.35
CA CYS B 4882 90.93 28.31 -24.27
C CYS B 4882 89.46 27.91 -24.12
N TYR B 4883 88.72 28.63 -23.27
CA TYR B 4883 87.29 28.38 -23.10
C TYR B 4883 86.51 28.83 -24.33
N LEU B 4884 86.98 29.86 -25.04
CA LEU B 4884 86.36 30.17 -26.33
C LEU B 4884 86.58 29.05 -27.34
N PHE B 4885 87.81 28.51 -27.41
CA PHE B 4885 88.10 27.43 -28.34
C PHE B 4885 87.29 26.19 -28.04
N HIS B 4886 87.14 25.85 -26.76
CA HIS B 4886 86.33 24.67 -26.41
C HIS B 4886 84.92 24.80 -26.95
N MET B 4887 84.23 25.88 -26.63
CA MET B 4887 82.85 26.04 -27.10
C MET B 4887 82.78 26.19 -28.62
N TYR B 4888 83.82 26.76 -29.25
CA TYR B 4888 83.75 27.02 -30.68
C TYR B 4888 83.99 25.75 -31.49
N VAL B 4889 84.81 24.83 -30.98
CA VAL B 4889 85.22 23.67 -31.75
C VAL B 4889 84.69 22.37 -31.17
N GLY B 4890 84.92 22.11 -29.88
CA GLY B 4890 84.57 20.81 -29.33
C GLY B 4890 83.08 20.52 -29.33
N VAL B 4891 82.26 21.52 -28.97
CA VAL B 4891 80.82 21.31 -28.97
C VAL B 4891 80.30 21.11 -30.38
N ARG B 4892 80.82 21.89 -31.34
CA ARG B 4892 80.34 21.90 -32.71
C ARG B 4892 80.93 20.77 -33.55
N ALA B 4893 81.92 20.05 -33.03
CA ALA B 4893 82.65 19.08 -33.83
C ALA B 4893 81.78 17.93 -34.31
N GLY B 4894 80.88 17.43 -33.46
CA GLY B 4894 80.08 16.29 -33.84
C GLY B 4894 80.91 15.03 -33.91
N GLY B 4895 81.38 14.55 -32.77
CA GLY B 4895 82.31 13.43 -32.74
C GLY B 4895 83.34 13.58 -31.65
N GLY B 4896 83.20 14.59 -30.81
CA GLY B 4896 84.11 14.81 -29.70
C GLY B 4896 85.19 15.81 -30.03
N ILE B 4897 85.97 16.15 -29.00
CA ILE B 4897 87.08 17.08 -29.17
C ILE B 4897 88.36 16.38 -29.60
N GLY B 4898 88.41 15.06 -29.56
CA GLY B 4898 89.62 14.34 -29.92
C GLY B 4898 90.02 14.45 -31.37
N ASP B 4899 89.10 14.89 -32.25
CA ASP B 4899 89.41 14.98 -33.67
C ASP B 4899 90.37 16.13 -33.96
N GLU B 4900 90.28 17.22 -33.19
CA GLU B 4900 91.05 18.43 -33.46
C GLU B 4900 92.27 18.56 -32.55
N ILE B 4901 92.64 17.50 -31.84
CA ILE B 4901 93.76 17.53 -30.91
C ILE B 4901 94.73 16.42 -31.29
N GLU B 4902 95.99 16.59 -30.91
CA GLU B 4902 97.02 15.60 -31.22
C GLU B 4902 96.65 14.23 -30.67
N ASP B 4903 96.92 13.20 -31.45
CA ASP B 4903 96.67 11.83 -31.00
C ASP B 4903 97.63 11.50 -29.85
N PRO B 4904 97.12 11.08 -28.70
CA PRO B 4904 97.99 10.78 -27.55
C PRO B 4904 98.74 9.47 -27.70
N ALA B 4905 99.62 9.42 -28.71
CA ALA B 4905 100.45 8.25 -28.93
C ALA B 4905 101.54 8.09 -27.87
N GLY B 4906 101.96 9.18 -27.24
CA GLY B 4906 102.95 9.09 -26.19
C GLY B 4906 102.43 8.33 -24.98
N ASP B 4907 103.32 7.59 -24.33
CA ASP B 4907 102.90 6.77 -23.20
C ASP B 4907 102.56 7.62 -21.97
N GLU B 4908 102.95 8.89 -21.96
CA GLU B 4908 102.67 9.75 -20.82
C GLU B 4908 101.22 10.22 -20.85
N TYR B 4909 100.54 10.08 -19.71
CA TYR B 4909 99.18 10.56 -19.47
C TYR B 4909 98.14 9.90 -20.36
N GLU B 4910 98.49 8.81 -21.04
CA GLU B 4910 97.51 7.97 -21.70
C GLU B 4910 96.73 7.19 -20.64
N LEU B 4911 95.51 6.76 -21.02
CA LEU B 4911 94.54 6.13 -20.12
C LEU B 4911 93.94 7.18 -19.19
N TYR B 4912 94.47 8.41 -19.27
CA TYR B 4912 93.83 9.60 -18.71
C TYR B 4912 93.29 10.51 -19.80
N ARG B 4913 94.09 10.77 -20.83
CA ARG B 4913 93.59 11.48 -22.00
C ARG B 4913 92.44 10.73 -22.66
N VAL B 4914 92.54 9.40 -22.71
CA VAL B 4914 91.50 8.61 -23.34
C VAL B 4914 90.19 8.71 -22.56
N VAL B 4915 90.25 8.60 -21.23
CA VAL B 4915 89.02 8.69 -20.44
C VAL B 4915 88.46 10.11 -20.48
N PHE B 4916 89.33 11.12 -20.51
CA PHE B 4916 88.82 12.48 -20.65
C PHE B 4916 88.06 12.66 -21.95
N ASP B 4917 88.65 12.26 -23.08
CA ASP B 4917 87.98 12.38 -24.36
C ASP B 4917 86.67 11.59 -24.38
N ILE B 4918 86.68 10.37 -23.84
CA ILE B 4918 85.51 9.51 -24.02
C ILE B 4918 84.35 10.00 -23.15
N THR B 4919 84.64 10.53 -21.95
CA THR B 4919 83.58 11.07 -21.10
C THR B 4919 83.10 12.46 -21.51
N PHE B 4920 83.96 13.32 -22.04
CA PHE B 4920 83.49 14.50 -22.79
C PHE B 4920 82.48 14.13 -23.85
N PHE B 4921 82.87 13.25 -24.76
CA PHE B 4921 81.95 12.99 -25.84
C PHE B 4921 80.69 12.31 -25.34
N PHE B 4922 80.78 11.44 -24.32
CA PHE B 4922 79.55 10.94 -23.69
C PHE B 4922 78.64 12.08 -23.27
N PHE B 4923 79.12 12.93 -22.37
CA PHE B 4923 78.23 13.84 -21.63
C PHE B 4923 77.74 14.97 -22.51
N VAL B 4924 78.66 15.60 -23.24
CA VAL B 4924 78.36 16.89 -23.85
C VAL B 4924 77.30 16.79 -24.95
N ILE B 4925 77.42 15.85 -25.88
CA ILE B 4925 76.56 15.87 -27.06
C ILE B 4925 75.34 15.00 -26.89
N VAL B 4926 75.53 13.69 -26.67
CA VAL B 4926 74.43 12.74 -26.86
C VAL B 4926 73.56 12.60 -25.63
N ILE B 4927 73.73 13.43 -24.63
CA ILE B 4927 72.78 13.55 -23.53
C ILE B 4927 72.20 14.96 -23.47
N LEU B 4928 73.08 15.98 -23.55
CA LEU B 4928 72.61 17.35 -23.57
C LEU B 4928 71.84 17.66 -24.86
N LEU B 4929 72.33 17.20 -26.01
CA LEU B 4929 71.57 17.43 -27.24
C LEU B 4929 70.33 16.54 -27.31
N ALA B 4930 70.37 15.36 -26.67
CA ALA B 4930 69.19 14.52 -26.60
C ALA B 4930 68.06 15.21 -25.86
N ILE B 4931 68.38 15.96 -24.80
CA ILE B 4931 67.35 16.71 -24.09
C ILE B 4931 66.78 17.81 -24.98
N ILE B 4932 67.63 18.49 -25.74
CA ILE B 4932 67.17 19.53 -26.65
C ILE B 4932 66.19 18.96 -27.66
N GLN B 4933 66.51 17.80 -28.22
CA GLN B 4933 65.59 17.17 -29.17
C GLN B 4933 64.33 16.65 -28.47
N GLY B 4934 64.47 16.09 -27.27
CA GLY B 4934 63.33 15.50 -26.58
C GLY B 4934 62.29 16.50 -26.17
N LEU B 4935 62.71 17.70 -25.72
CA LEU B 4935 61.72 18.73 -25.39
C LEU B 4935 60.89 19.11 -26.60
N ILE B 4936 61.53 19.31 -27.75
CA ILE B 4936 60.80 19.67 -28.96
C ILE B 4936 59.88 18.54 -29.39
N ILE B 4937 60.34 17.29 -29.26
CA ILE B 4937 59.49 16.16 -29.62
C ILE B 4937 58.28 16.07 -28.71
N ASP B 4938 58.47 16.28 -27.41
CA ASP B 4938 57.37 16.14 -26.46
C ASP B 4938 56.36 17.28 -26.57
N ALA B 4939 56.80 18.46 -26.99
CA ALA B 4939 55.88 19.58 -27.11
C ALA B 4939 54.73 19.28 -28.08
N PHE B 4940 55.04 18.65 -29.22
CA PHE B 4940 53.99 18.33 -30.18
C PHE B 4940 52.94 17.40 -29.60
N GLY B 4941 53.38 16.33 -28.92
CA GLY B 4941 52.43 15.42 -28.32
C GLY B 4941 51.59 16.06 -27.24
N GLU B 4942 52.23 16.90 -26.40
CA GLU B 4942 51.47 17.58 -25.36
C GLU B 4942 50.40 18.50 -25.96
N LEU B 4943 50.77 19.28 -26.99
CA LEU B 4943 49.79 20.14 -27.63
C LEU B 4943 48.67 19.36 -28.28
N ARG B 4944 48.99 18.24 -28.94
CA ARG B 4944 47.95 17.45 -29.59
C ARG B 4944 46.98 16.88 -28.57
N ASP B 4945 47.49 16.34 -27.46
CA ASP B 4945 46.59 15.82 -26.43
C ASP B 4945 45.74 16.93 -25.81
N GLN B 4946 46.33 18.10 -25.55
CA GLN B 4946 45.57 19.21 -25.02
C GLN B 4946 44.45 19.63 -25.97
N GLN B 4947 44.73 19.66 -27.27
CA GLN B 4947 43.73 20.06 -28.24
C GLN B 4947 42.64 18.99 -28.40
N GLU B 4948 42.99 17.72 -28.26
CA GLU B 4948 41.99 16.67 -28.40
C GLU B 4948 41.07 16.57 -27.19
N GLN B 4949 41.59 16.87 -26.00
CA GLN B 4949 40.77 16.74 -24.79
C GLN B 4949 39.57 17.66 -24.83
N VAL B 4950 39.75 18.92 -25.24
CA VAL B 4950 38.63 19.85 -25.29
C VAL B 4950 37.62 19.44 -26.36
N LYS B 4951 38.09 18.90 -27.48
CA LYS B 4951 37.18 18.43 -28.51
C LYS B 4951 36.32 17.27 -28.00
N GLU B 4952 36.93 16.35 -27.25
CA GLU B 4952 36.15 15.25 -26.68
C GLU B 4952 35.17 15.73 -25.61
N ASP B 4953 35.58 16.71 -24.79
CA ASP B 4953 34.74 17.13 -23.66
C ASP B 4953 33.43 17.75 -24.12
N MET B 4954 33.43 18.56 -25.18
CA MET B 4954 32.19 19.14 -25.67
C MET B 4954 31.20 18.08 -26.11
N GLU B 4955 31.66 17.06 -26.85
CA GLU B 4955 30.76 15.99 -27.25
C GLU B 4955 30.30 15.18 -26.04
N THR B 4956 31.14 15.10 -25.00
CA THR B 4956 30.73 14.35 -23.82
C THR B 4956 29.67 15.07 -23.00
N LYS B 4957 29.82 16.37 -22.78
CA LYS B 4957 29.01 17.09 -21.81
C LYS B 4957 28.04 18.06 -22.47
N CYS B 4958 27.21 18.71 -21.64
CA CYS B 4958 26.21 19.64 -22.14
C CYS B 4958 26.75 21.07 -22.20
N PHE B 4959 27.69 21.41 -21.31
CA PHE B 4959 28.37 22.69 -21.12
C PHE B 4959 27.50 23.71 -20.39
N ILE B 4960 26.22 23.45 -20.17
CA ILE B 4960 25.41 24.32 -19.32
C ILE B 4960 24.72 23.45 -18.27
N CYS B 4961 24.48 22.19 -18.61
CA CYS B 4961 23.86 21.23 -17.71
C CYS B 4961 24.89 20.20 -17.29
N GLY B 4962 24.96 19.95 -15.98
CA GLY B 4962 25.88 18.95 -15.48
C GLY B 4962 25.33 17.54 -15.61
N ILE B 4963 24.84 17.20 -16.81
CA ILE B 4963 24.23 15.91 -17.07
C ILE B 4963 24.95 15.26 -18.24
N GLY B 4964 25.34 14.00 -18.06
CA GLY B 4964 26.03 13.29 -19.11
C GLY B 4964 25.13 12.99 -20.28
N SER B 4965 25.76 12.72 -21.43
CA SER B 4965 25.00 12.46 -22.65
C SER B 4965 24.29 11.12 -22.60
N ASP B 4966 24.76 10.20 -21.76
CA ASP B 4966 24.13 8.88 -21.68
C ASP B 4966 22.69 8.97 -21.17
N TYR B 4967 22.43 9.84 -20.19
CA TYR B 4967 21.07 10.01 -19.68
C TYR B 4967 20.15 10.56 -20.76
N PHE B 4968 20.63 11.52 -21.55
CA PHE B 4968 19.81 12.11 -22.60
C PHE B 4968 19.63 11.20 -23.80
N ASP B 4969 20.57 10.30 -24.06
CA ASP B 4969 20.49 9.43 -25.23
C ASP B 4969 19.43 8.34 -25.11
N THR B 4970 18.75 8.23 -23.96
CA THR B 4970 17.68 7.25 -23.82
C THR B 4970 16.61 7.47 -24.89
N THR B 4971 16.12 8.70 -25.00
CA THR B 4971 15.25 9.04 -26.11
C THR B 4971 16.08 9.17 -27.38
N PRO B 4972 15.60 8.64 -28.52
CA PRO B 4972 16.37 8.75 -29.75
C PRO B 4972 16.67 10.20 -30.11
N HIS B 4973 17.91 10.44 -30.53
CA HIS B 4973 18.41 11.79 -30.80
C HIS B 4973 18.22 12.73 -29.60
N GLY B 4974 18.26 12.15 -28.39
CA GLY B 4974 17.97 12.94 -27.21
C GLY B 4974 18.96 14.07 -26.99
N PHE B 4975 20.26 13.76 -27.03
CA PHE B 4975 21.27 14.79 -26.85
C PHE B 4975 21.25 15.80 -28.00
N GLU B 4976 21.06 15.33 -29.23
CA GLU B 4976 21.06 16.24 -30.37
C GLU B 4976 19.92 17.23 -30.28
N THR B 4977 18.72 16.78 -29.90
CA THR B 4977 17.62 17.71 -29.74
C THR B 4977 17.70 18.51 -28.44
N HIS B 4978 18.46 18.02 -27.45
CA HIS B 4978 18.59 18.75 -26.20
C HIS B 4978 19.55 19.92 -26.35
N THR B 4979 20.58 19.77 -27.18
CA THR B 4979 21.54 20.85 -27.39
C THR B 4979 21.18 21.75 -28.57
N LEU B 4980 20.03 21.55 -29.20
CA LEU B 4980 19.59 22.42 -30.28
C LEU B 4980 18.39 23.28 -29.92
N GLU B 4981 17.61 22.90 -28.92
CA GLU B 4981 16.40 23.63 -28.57
C GLU B 4981 16.47 24.24 -27.18
N GLU B 4982 16.94 23.50 -26.18
CA GLU B 4982 17.06 24.01 -24.83
C GLU B 4982 18.51 24.38 -24.53
N HIS B 4983 18.72 25.62 -24.08
CA HIS B 4983 20.03 26.16 -23.74
C HIS B 4983 21.08 25.81 -24.81
N ASN B 4984 20.85 26.40 -25.98
CA ASN B 4984 21.77 26.27 -27.11
C ASN B 4984 23.02 27.12 -26.94
N LEU B 4985 23.13 27.84 -25.83
CA LEU B 4985 24.25 28.72 -25.43
C LEU B 4985 24.44 29.87 -26.41
N ALA B 4986 23.56 29.99 -27.39
CA ALA B 4986 23.43 31.23 -28.15
C ALA B 4986 22.13 31.94 -27.85
N ASN B 4987 21.07 31.18 -27.55
CA ASN B 4987 19.83 31.78 -27.10
C ASN B 4987 20.03 32.59 -25.81
N TYR B 4988 20.98 32.18 -24.97
CA TYR B 4988 21.24 32.96 -23.76
C TYR B 4988 21.80 34.33 -24.09
N MET B 4989 22.76 34.42 -25.02
CA MET B 4989 23.29 35.72 -25.38
C MET B 4989 22.24 36.56 -26.11
N PHE B 4990 21.41 35.91 -26.93
CA PHE B 4990 20.34 36.65 -27.58
C PHE B 4990 19.32 37.18 -26.56
N PHE B 4991 19.05 36.40 -25.52
CA PHE B 4991 18.16 36.86 -24.44
C PHE B 4991 18.78 38.05 -23.69
N LEU B 4992 20.09 38.00 -23.45
CA LEU B 4992 20.75 39.14 -22.84
C LEU B 4992 20.69 40.37 -23.73
N MET B 4993 20.79 40.19 -25.05
CA MET B 4993 20.54 41.31 -25.96
C MET B 4993 19.12 41.83 -25.82
N TYR B 4994 18.15 40.93 -25.75
CA TYR B 4994 16.74 41.32 -25.77
C TYR B 4994 16.37 42.09 -24.51
N LEU B 4995 16.90 41.69 -23.36
CA LEU B 4995 16.62 42.40 -22.12
C LEU B 4995 17.13 43.84 -22.16
N ILE B 4996 18.33 44.05 -22.70
CA ILE B 4996 18.89 45.41 -22.76
C ILE B 4996 18.01 46.32 -23.61
N ASN B 4997 17.60 45.82 -24.77
CA ASN B 4997 16.82 46.66 -25.70
C ASN B 4997 15.39 46.86 -25.22
N LYS B 4998 14.83 45.89 -24.50
CA LYS B 4998 13.45 46.02 -24.05
C LYS B 4998 13.32 47.15 -23.03
N ASP B 4999 12.15 47.79 -23.03
CA ASP B 4999 11.89 48.89 -22.11
C ASP B 4999 11.75 48.37 -20.68
N GLU B 5000 11.97 49.27 -19.72
CA GLU B 5000 11.98 48.87 -18.32
C GLU B 5000 10.59 48.40 -17.86
N THR B 5001 9.54 49.11 -18.29
CA THR B 5001 8.20 48.85 -17.77
C THR B 5001 7.50 47.69 -18.47
N GLU B 5002 8.08 47.15 -19.55
CA GLU B 5002 7.45 46.07 -20.29
C GLU B 5002 7.90 44.70 -19.84
N HIS B 5003 8.76 44.60 -18.82
CA HIS B 5003 9.28 43.31 -18.41
C HIS B 5003 8.20 42.44 -17.81
N THR B 5004 8.18 41.17 -18.22
CA THR B 5004 7.30 40.18 -17.62
C THR B 5004 7.88 39.79 -16.25
N GLY B 5005 7.11 39.02 -15.49
CA GLY B 5005 7.55 38.63 -14.16
C GLY B 5005 8.88 37.89 -14.17
N GLN B 5006 9.07 36.98 -15.13
CA GLN B 5006 10.32 36.24 -15.19
C GLN B 5006 11.48 37.09 -15.69
N GLU B 5007 11.25 37.90 -16.74
CA GLU B 5007 12.31 38.74 -17.26
C GLU B 5007 12.77 39.76 -16.23
N SER B 5008 11.84 40.35 -15.48
CA SER B 5008 12.22 41.29 -14.43
C SER B 5008 13.04 40.62 -13.34
N TYR B 5009 12.67 39.40 -12.96
CA TYR B 5009 13.46 38.67 -11.98
C TYR B 5009 14.87 38.37 -12.48
N VAL B 5010 15.00 37.94 -13.74
CA VAL B 5010 16.31 37.71 -14.31
C VAL B 5010 17.13 39.00 -14.34
N TRP B 5011 16.50 40.11 -14.73
CA TRP B 5011 17.21 41.39 -14.77
C TRP B 5011 17.65 41.82 -13.38
N LYS B 5012 16.80 41.61 -12.37
CA LYS B 5012 17.16 41.96 -11.00
C LYS B 5012 18.35 41.15 -10.51
N MET B 5013 18.37 39.85 -10.83
CA MET B 5013 19.53 39.05 -10.43
C MET B 5013 20.77 39.39 -11.23
N TYR B 5014 20.60 39.80 -12.49
CA TYR B 5014 21.74 40.15 -13.32
C TYR B 5014 22.39 41.45 -12.88
N GLN B 5015 21.58 42.41 -12.42
CA GLN B 5015 22.14 43.71 -12.02
C GLN B 5015 23.03 43.59 -10.79
N GLU B 5016 22.79 42.61 -9.92
CA GLU B 5016 23.57 42.44 -8.70
C GLU B 5016 24.61 41.34 -8.83
N ARG B 5017 24.84 40.80 -10.04
CA ARG B 5017 25.87 39.81 -10.30
C ARG B 5017 25.67 38.54 -9.45
N CYS B 5018 24.52 37.91 -9.66
CA CYS B 5018 24.22 36.61 -9.08
C CYS B 5018 23.78 35.68 -10.20
N TRP B 5019 24.37 34.48 -10.23
CA TRP B 5019 24.15 33.53 -11.31
C TRP B 5019 23.40 32.29 -10.83
N ASP B 5020 22.39 32.48 -9.99
CA ASP B 5020 21.60 31.35 -9.52
C ASP B 5020 20.52 30.94 -10.51
N PHE B 5021 20.22 31.76 -11.52
CA PHE B 5021 19.13 31.43 -12.42
C PHE B 5021 19.52 30.42 -13.49
N PHE B 5022 20.82 30.17 -13.68
CA PHE B 5022 21.22 29.10 -14.56
C PHE B 5022 20.82 27.74 -13.96
N PRO B 5023 20.49 26.75 -14.80
CA PRO B 5023 19.99 25.48 -14.26
C PRO B 5023 21.02 24.77 -13.38
N ALA B 5024 22.17 24.42 -13.96
CA ALA B 5024 23.28 23.78 -13.25
C ALA B 5024 22.82 22.54 -12.49
N GLY B 5025 22.36 21.54 -13.24
CA GLY B 5025 21.98 20.26 -12.67
C GLY B 5025 20.55 19.83 -12.95
N ASP B 5026 19.79 20.56 -13.75
CA ASP B 5026 18.41 20.19 -14.07
C ASP B 5026 18.17 20.37 -15.55
N CYS B 5027 17.12 19.71 -16.05
CA CYS B 5027 16.82 19.70 -17.47
C CYS B 5027 15.37 20.00 -17.81
N PHE B 5028 14.45 20.00 -16.83
CA PHE B 5028 13.01 20.13 -17.01
C PHE B 5028 12.44 18.86 -17.60
N ARG B 5029 13.32 17.94 -18.02
CA ARG B 5029 12.90 16.60 -18.40
C ARG B 5029 13.12 15.61 -17.28
N LYS B 5030 14.12 15.85 -16.42
CA LYS B 5030 14.30 15.07 -15.22
C LYS B 5030 13.30 15.45 -14.13
N GLN B 5031 12.92 16.73 -14.05
CA GLN B 5031 12.03 17.18 -12.99
C GLN B 5031 10.64 16.57 -13.13
N TYR B 5032 10.06 16.66 -14.33
CA TYR B 5032 8.73 16.11 -14.59
C TYR B 5032 8.79 14.73 -15.21
N GLU B 5033 9.82 13.94 -14.90
CA GLU B 5033 9.98 12.62 -15.51
C GLU B 5033 8.84 11.68 -15.16
N ASP B 5034 8.12 11.92 -14.06
CA ASP B 5034 6.93 11.13 -13.77
C ASP B 5034 5.89 11.28 -14.86
N GLN B 5035 5.69 12.50 -15.35
CA GLN B 5035 4.86 12.75 -16.52
C GLN B 5035 5.73 12.61 -17.77
N LEU B 5036 5.24 13.07 -18.92
CA LEU B 5036 6.04 12.98 -20.14
C LEU B 5036 7.30 13.85 -20.04
N SER B 5037 7.15 15.06 -19.53
CA SER B 5037 8.23 16.05 -19.48
C SER B 5037 8.86 16.27 -20.86
N GLN C 12 0.78 -28.91 26.11
CA GLN C 12 1.77 -28.20 26.91
C GLN C 12 2.61 -29.15 27.74
N PHE C 13 3.92 -28.98 27.68
CA PHE C 13 4.87 -29.85 28.38
C PHE C 13 5.22 -29.27 29.74
N LEU C 14 5.26 -30.14 30.74
CA LEU C 14 5.59 -29.71 32.09
C LEU C 14 7.08 -29.39 32.20
N ARG C 15 7.37 -28.35 32.97
CA ARG C 15 8.73 -27.88 33.22
C ARG C 15 9.00 -27.91 34.71
N THR C 16 10.14 -27.35 35.11
CA THR C 16 10.47 -27.21 36.52
C THR C 16 10.24 -25.78 36.98
N ASP C 17 10.37 -25.57 38.29
CA ASP C 17 10.22 -24.27 38.94
C ASP C 17 8.83 -23.68 38.76
N ASP C 18 7.83 -24.51 38.47
CA ASP C 18 6.45 -24.07 38.33
C ASP C 18 5.59 -24.79 39.35
N GLU C 19 4.80 -24.02 40.10
CA GLU C 19 3.97 -24.58 41.17
C GLU C 19 2.90 -25.47 40.58
N VAL C 20 2.69 -26.64 41.21
CA VAL C 20 1.73 -27.63 40.73
C VAL C 20 0.90 -28.11 41.92
N VAL C 21 -0.30 -28.61 41.62
CA VAL C 21 -1.19 -29.16 42.63
C VAL C 21 -1.65 -30.53 42.19
N LEU C 22 -1.78 -31.43 43.16
CA LEU C 22 -2.25 -32.79 42.92
C LEU C 22 -3.76 -32.87 43.09
N GLN C 23 -4.41 -33.63 42.22
CA GLN C 23 -5.85 -33.82 42.24
C GLN C 23 -6.17 -35.30 42.12
N CYS C 24 -7.15 -35.75 42.89
CA CYS C 24 -7.64 -37.12 42.83
C CYS C 24 -9.16 -37.10 42.78
N SER C 25 -9.73 -37.99 41.97
CA SER C 25 -11.17 -38.08 41.78
C SER C 25 -11.69 -39.32 42.48
N ALA C 26 -12.65 -39.12 43.37
CA ALA C 26 -13.30 -40.22 44.07
C ALA C 26 -14.66 -39.75 44.57
N THR C 27 -15.69 -40.56 44.32
CA THR C 27 -17.05 -40.21 44.67
C THR C 27 -17.59 -41.17 45.72
N VAL C 28 -18.39 -40.65 46.64
CA VAL C 28 -19.07 -41.48 47.62
C VAL C 28 -20.53 -41.71 47.23
N LEU C 29 -21.11 -40.80 46.45
CA LEU C 29 -22.46 -40.91 45.91
C LEU C 29 -22.39 -40.82 44.39
N LYS C 30 -23.56 -40.71 43.75
CA LYS C 30 -23.60 -40.57 42.30
C LYS C 30 -22.90 -39.29 41.85
N GLU C 31 -22.95 -38.25 42.66
CA GLU C 31 -22.26 -37.01 42.32
C GLU C 31 -20.76 -37.16 42.48
N GLN C 32 -20.01 -36.66 41.50
CA GLN C 32 -18.56 -36.75 41.52
C GLN C 32 -17.96 -35.70 42.45
N LEU C 33 -16.89 -36.09 43.15
CA LEU C 33 -16.19 -35.23 44.09
C LEU C 33 -14.73 -35.08 43.67
N LYS C 34 -14.21 -33.87 43.81
CA LYS C 34 -12.82 -33.57 43.50
C LYS C 34 -12.08 -33.21 44.79
N LEU C 35 -10.96 -33.88 45.02
CA LEU C 35 -10.18 -33.70 46.24
C LEU C 35 -8.76 -33.31 45.88
N CYS C 36 -8.16 -32.43 46.69
CA CYS C 36 -6.79 -31.99 46.51
C CYS C 36 -6.01 -32.24 47.80
N LEU C 37 -4.83 -32.83 47.67
CA LEU C 37 -3.99 -33.09 48.83
C LEU C 37 -3.31 -31.80 49.28
N ALA C 38 -3.36 -31.52 50.59
CA ALA C 38 -2.75 -30.34 51.16
C ALA C 38 -2.11 -30.70 52.49
N ALA C 39 -1.19 -29.86 52.94
CA ALA C 39 -0.50 -30.05 54.20
C ALA C 39 -0.59 -28.79 55.03
N GLU C 40 -0.97 -28.93 56.30
CA GLU C 40 -1.09 -27.77 57.17
C GLU C 40 0.27 -27.16 57.51
N GLY C 41 1.31 -27.97 57.57
CA GLY C 41 2.66 -27.47 57.80
C GLY C 41 3.01 -27.47 59.28
N PHE C 42 3.30 -26.28 59.81
CA PHE C 42 3.68 -26.14 61.21
C PHE C 42 2.53 -26.54 62.12
N GLY C 43 2.85 -27.25 63.20
CA GLY C 43 1.85 -27.68 64.15
C GLY C 43 1.53 -29.16 64.06
N ASN C 44 1.46 -29.68 62.83
CA ASN C 44 1.25 -31.10 62.63
C ASN C 44 1.76 -31.46 61.23
N ARG C 45 2.54 -32.54 61.17
CA ARG C 45 3.22 -32.92 59.93
C ARG C 45 2.34 -33.72 58.97
N LEU C 46 1.19 -34.20 59.41
CA LEU C 46 0.34 -34.99 58.54
C LEU C 46 -0.35 -34.11 57.50
N CYS C 47 -0.75 -34.74 56.40
CA CYS C 47 -1.44 -34.06 55.31
C CYS C 47 -2.86 -34.59 55.20
N PHE C 48 -3.76 -33.75 54.69
CA PHE C 48 -5.17 -34.08 54.59
C PHE C 48 -5.71 -33.64 53.24
N LEU C 49 -6.92 -34.12 52.92
CA LEU C 49 -7.55 -33.78 51.66
C LEU C 49 -8.51 -32.61 51.83
N GLU C 50 -8.68 -31.84 50.77
CA GLU C 50 -9.61 -30.72 50.76
C GLU C 50 -10.53 -30.87 49.56
N PRO C 51 -11.85 -30.84 49.76
CA PRO C 51 -12.78 -30.95 48.63
C PRO C 51 -12.93 -29.61 47.91
N THR C 52 -12.85 -29.65 46.58
CA THR C 52 -12.96 -28.45 45.76
C THR C 52 -14.04 -28.59 44.69
N SER C 53 -14.92 -29.58 44.80
CA SER C 53 -15.97 -29.77 43.81
C SER C 53 -16.97 -28.62 43.85
N ASN C 54 -17.46 -28.27 45.04
CA ASN C 54 -18.41 -27.18 45.21
C ASN C 54 -17.69 -25.87 45.52
N ALA C 55 -16.86 -25.44 44.56
CA ALA C 55 -16.09 -24.22 44.75
C ALA C 55 -16.99 -23.00 44.89
N GLN C 56 -18.06 -22.92 44.10
CA GLN C 56 -18.97 -21.79 44.18
C GLN C 56 -19.76 -21.79 45.49
N ASN C 57 -20.03 -22.97 46.05
CA ASN C 57 -20.75 -23.03 47.33
C ASN C 57 -19.85 -22.63 48.48
N VAL C 58 -18.68 -23.27 48.59
CA VAL C 58 -17.72 -22.95 49.64
C VAL C 58 -16.35 -22.73 48.99
N PRO C 59 -15.61 -21.70 49.41
CA PRO C 59 -14.30 -21.45 48.81
C PRO C 59 -13.21 -22.19 49.57
N PRO C 60 -12.38 -22.96 48.87
CA PRO C 60 -11.25 -23.62 49.51
C PRO C 60 -10.07 -22.67 49.64
N ASP C 61 -9.04 -23.14 50.35
CA ASP C 61 -7.82 -22.39 50.56
C ASP C 61 -6.67 -23.08 49.82
N LEU C 62 -6.00 -22.34 48.94
CA LEU C 62 -4.91 -22.87 48.15
C LEU C 62 -3.54 -22.51 48.70
N ALA C 63 -3.48 -21.79 49.82
CA ALA C 63 -2.19 -21.45 50.40
C ALA C 63 -1.48 -22.68 50.95
N ILE C 64 -2.22 -23.64 51.50
CA ILE C 64 -1.66 -24.84 52.07
C ILE C 64 -1.69 -26.01 51.08
N CYS C 65 -2.22 -25.79 49.88
CA CYS C 65 -2.28 -26.82 48.86
C CYS C 65 -1.27 -26.61 47.74
N CYS C 66 -0.46 -25.56 47.80
CA CYS C 66 0.45 -25.22 46.73
C CYS C 66 1.80 -25.90 46.93
N PHE C 67 2.20 -26.72 45.96
CA PHE C 67 3.49 -27.38 45.95
C PHE C 67 4.28 -26.96 44.72
N THR C 68 5.61 -27.04 44.82
CA THR C 68 6.49 -26.81 43.69
C THR C 68 7.42 -28.01 43.54
N LEU C 69 7.95 -28.20 42.35
CA LEU C 69 8.91 -29.26 42.09
C LEU C 69 10.27 -28.64 41.82
N GLU C 70 11.28 -29.12 42.54
CA GLU C 70 12.62 -28.51 42.52
C GLU C 70 13.42 -28.97 41.30
N GLN C 71 13.69 -30.28 41.21
CA GLN C 71 14.44 -30.80 40.08
C GLN C 71 14.06 -32.25 39.84
N SER C 72 14.33 -32.71 38.62
CA SER C 72 14.07 -34.09 38.21
C SER C 72 15.36 -34.70 37.72
N LEU C 73 15.72 -35.87 38.27
CA LEU C 73 16.92 -36.58 37.91
C LEU C 73 16.59 -38.02 37.56
N SER C 74 17.43 -38.62 36.74
CA SER C 74 17.25 -40.02 36.39
C SER C 74 17.46 -40.91 37.61
N VAL C 75 16.80 -42.06 37.59
CA VAL C 75 16.86 -42.96 38.74
C VAL C 75 18.29 -43.49 38.95
N ARG C 76 19.02 -43.74 37.87
CA ARG C 76 20.39 -44.23 38.01
C ARG C 76 21.32 -43.14 38.56
N ALA C 77 21.12 -41.90 38.13
CA ALA C 77 21.93 -40.80 38.65
C ALA C 77 21.56 -40.45 40.09
N LEU C 78 20.32 -40.72 40.49
CA LEU C 78 19.91 -40.45 41.87
C LEU C 78 20.71 -41.27 42.86
N GLN C 79 20.95 -42.55 42.56
CA GLN C 79 21.75 -43.38 43.44
C GLN C 79 23.17 -42.83 43.58
N GLU C 80 23.77 -42.39 42.47
CA GLU C 80 25.12 -41.84 42.54
C GLU C 80 25.16 -40.56 43.34
N MET C 81 24.22 -39.64 43.10
CA MET C 81 24.23 -38.38 43.83
C MET C 81 23.81 -38.55 45.28
N LEU C 82 23.21 -39.68 45.62
CA LEU C 82 22.92 -39.97 47.03
C LEU C 82 24.12 -40.60 47.71
N ALA C 83 24.83 -41.48 47.01
CA ALA C 83 25.97 -42.18 47.60
C ALA C 83 27.21 -41.30 47.71
N ASN C 84 27.38 -40.34 46.81
CA ASN C 84 28.60 -39.53 46.80
C ASN C 84 28.75 -38.69 48.07
N GLY C 97 18.99 -24.67 34.10
CA GLY C 97 18.90 -26.09 33.82
C GLY C 97 17.53 -26.66 34.11
N HIS C 98 16.51 -26.06 33.50
CA HIS C 98 15.12 -26.49 33.71
C HIS C 98 14.84 -27.68 32.80
N ARG C 99 15.29 -28.85 33.24
CA ARG C 99 15.11 -30.07 32.47
C ARG C 99 13.63 -30.44 32.40
N THR C 100 13.19 -30.83 31.21
CA THR C 100 11.81 -31.25 31.01
C THR C 100 11.52 -32.55 31.73
N LEU C 101 10.25 -32.72 32.13
CA LEU C 101 9.85 -33.91 32.86
C LEU C 101 9.66 -35.10 31.93
N LEU C 102 10.18 -36.25 32.34
CA LEU C 102 10.06 -37.49 31.57
C LEU C 102 9.50 -38.58 32.48
N TYR C 103 8.84 -39.55 31.86
CA TYR C 103 8.33 -40.70 32.60
C TYR C 103 9.48 -41.52 33.16
N GLY C 104 9.29 -42.06 34.36
CA GLY C 104 10.30 -42.86 35.02
C GLY C 104 11.33 -42.08 35.81
N HIS C 105 11.26 -40.75 35.79
CA HIS C 105 12.20 -39.93 36.53
C HIS C 105 11.75 -39.77 37.98
N ALA C 106 12.64 -39.21 38.80
CA ALA C 106 12.37 -38.96 40.21
C ALA C 106 12.29 -37.46 40.45
N ILE C 107 11.30 -37.03 41.22
CA ILE C 107 11.02 -35.62 41.44
C ILE C 107 11.11 -35.30 42.92
N LEU C 108 11.31 -34.02 43.21
CA LEU C 108 11.41 -33.52 44.58
C LEU C 108 10.36 -32.43 44.77
N LEU C 109 9.48 -32.61 45.76
CA LEU C 109 8.37 -31.71 46.01
C LEU C 109 8.64 -30.86 47.25
N ARG C 110 8.45 -29.56 47.12
CA ARG C 110 8.65 -28.60 48.20
C ARG C 110 7.37 -27.83 48.45
N HIS C 111 7.02 -27.66 49.72
CA HIS C 111 5.85 -26.86 50.09
C HIS C 111 6.21 -25.39 50.05
N ALA C 112 5.39 -24.60 49.34
CA ALA C 112 5.67 -23.17 49.21
C ALA C 112 5.58 -22.46 50.55
N HIS C 113 4.59 -22.81 51.37
CA HIS C 113 4.40 -22.12 52.64
C HIS C 113 5.18 -22.81 53.76
N SER C 114 5.10 -24.14 53.84
CA SER C 114 5.72 -24.85 54.95
C SER C 114 7.24 -24.89 54.84
N ARG C 115 7.78 -24.76 53.63
CA ARG C 115 9.21 -24.88 53.38
C ARG C 115 9.75 -26.23 53.85
N MET C 116 8.94 -27.27 53.69
CA MET C 116 9.31 -28.63 54.06
C MET C 116 9.05 -29.55 52.88
N TYR C 117 9.80 -30.65 52.84
CA TYR C 117 9.68 -31.59 51.73
C TYR C 117 8.67 -32.68 52.07
N LEU C 118 7.78 -32.98 51.12
CA LEU C 118 6.80 -34.04 51.29
C LEU C 118 7.49 -35.40 51.16
N SER C 119 7.23 -36.29 52.09
CA SER C 119 7.87 -37.60 52.07
C SER C 119 7.05 -38.59 52.86
N CYS C 120 7.29 -39.88 52.59
CA CYS C 120 6.66 -40.93 53.36
C CYS C 120 7.25 -40.98 54.76
N LEU C 121 6.41 -41.26 55.75
CA LEU C 121 6.82 -41.33 57.15
C LEU C 121 6.92 -42.79 57.59
N THR C 122 7.84 -43.05 58.51
CA THR C 122 8.05 -44.40 59.02
C THR C 122 6.95 -44.84 59.98
N THR C 123 6.20 -43.91 60.55
CA THR C 123 5.14 -44.28 61.49
C THR C 123 3.97 -44.89 60.73
N SER C 124 3.30 -45.85 61.37
CA SER C 124 2.15 -46.54 60.79
C SER C 124 0.99 -46.42 61.78
N ARG C 125 -0.03 -45.66 61.40
CA ARG C 125 -1.21 -45.43 62.22
C ARG C 125 -2.45 -45.64 61.36
N SER C 126 -2.99 -46.85 61.39
CA SER C 126 -4.18 -47.18 60.62
C SER C 126 -5.06 -48.13 61.43
N MET C 127 -6.37 -48.02 61.21
CA MET C 127 -7.35 -48.88 61.86
C MET C 127 -8.00 -49.86 60.88
N THR C 128 -7.48 -49.98 59.67
CA THR C 128 -8.05 -50.87 58.67
C THR C 128 -7.33 -52.22 58.59
N ASP C 129 -6.59 -52.59 59.63
CA ASP C 129 -5.87 -53.86 59.69
C ASP C 129 -4.91 -54.00 58.50
N LYS C 130 -4.24 -52.92 58.15
CA LYS C 130 -3.32 -52.93 57.03
C LYS C 130 -2.24 -51.87 57.26
N LEU C 131 -1.12 -52.05 56.57
CA LEU C 131 -0.03 -51.09 56.63
C LEU C 131 -0.43 -49.79 55.94
N ALA C 132 -0.03 -48.66 56.54
CA ALA C 132 -0.41 -47.35 56.03
C ALA C 132 0.78 -46.54 55.56
N PHE C 133 1.77 -46.33 56.42
CA PHE C 133 2.92 -45.48 56.12
C PHE C 133 2.46 -44.11 55.62
N ASP C 134 1.78 -43.39 56.50
CA ASP C 134 1.15 -42.13 56.14
C ASP C 134 2.17 -41.10 55.67
N VAL C 135 1.78 -40.31 54.68
CA VAL C 135 2.66 -39.32 54.07
C VAL C 135 2.66 -38.05 54.91
N GLY C 136 3.84 -37.52 55.19
CA GLY C 136 3.96 -36.29 55.94
C GLY C 136 4.99 -35.34 55.37
N LEU C 137 5.44 -34.39 56.17
CA LEU C 137 6.41 -33.39 55.75
C LEU C 137 7.63 -33.46 56.67
N GLN C 138 8.81 -33.25 56.10
CA GLN C 138 10.05 -33.27 56.85
C GLN C 138 10.90 -32.04 56.51
N GLU C 139 11.69 -31.60 57.48
CA GLU C 139 12.51 -30.40 57.30
C GLU C 139 13.89 -30.70 56.75
N ASP C 140 14.40 -31.92 56.94
CA ASP C 140 15.71 -32.27 56.42
C ASP C 140 15.67 -32.41 54.90
N ALA C 141 16.78 -32.06 54.26
CA ALA C 141 16.89 -32.12 52.81
C ALA C 141 17.41 -33.47 52.32
N THR C 142 17.70 -34.40 53.22
CA THR C 142 18.19 -35.71 52.81
C THR C 142 17.10 -36.46 52.05
N GLY C 143 17.51 -37.18 51.00
CA GLY C 143 16.57 -37.77 50.08
C GLY C 143 16.56 -39.28 50.03
N GLU C 144 16.65 -39.94 51.17
CA GLU C 144 16.53 -41.39 51.19
C GLU C 144 15.10 -41.85 50.92
N ALA C 145 14.12 -41.12 51.45
CA ALA C 145 12.71 -41.45 51.29
C ALA C 145 11.90 -40.22 50.85
N CYS C 146 12.48 -39.39 49.99
CA CYS C 146 11.87 -38.13 49.61
C CYS C 146 11.59 -38.01 48.12
N TRP C 147 11.95 -39.00 47.31
CA TRP C 147 11.81 -38.92 45.86
C TRP C 147 10.73 -39.89 45.39
N TRP C 148 9.96 -39.44 44.40
CA TRP C 148 8.87 -40.22 43.83
C TRP C 148 9.12 -40.42 42.34
N THR C 149 8.78 -41.61 41.84
CA THR C 149 8.99 -41.97 40.44
C THR C 149 7.64 -42.08 39.74
N MET C 150 7.50 -41.38 38.62
CA MET C 150 6.28 -41.44 37.83
C MET C 150 6.25 -42.69 36.97
N HIS C 151 5.03 -43.12 36.64
CA HIS C 151 4.82 -44.27 35.77
C HIS C 151 3.60 -44.01 34.89
N PRO C 152 3.56 -44.60 33.69
CA PRO C 152 2.39 -44.39 32.82
C PRO C 152 1.13 -44.96 33.44
N ALA C 153 0.01 -44.29 33.19
CA ALA C 153 -1.28 -44.71 33.72
C ALA C 153 -2.07 -45.57 32.73
N SER C 154 -1.92 -45.32 31.43
CA SER C 154 -2.61 -46.06 30.40
C SER C 154 -1.61 -46.68 29.45
N LYS C 155 -2.07 -47.68 28.69
CA LYS C 155 -1.22 -48.37 27.73
C LYS C 155 -0.77 -47.49 26.58
N GLN C 156 -1.46 -46.37 26.33
CA GLN C 156 -1.05 -45.47 25.25
C GLN C 156 0.25 -44.76 25.58
N ARG C 157 0.65 -44.72 26.85
CA ARG C 157 1.88 -44.09 27.25
C ARG C 157 2.98 -45.12 27.46
N SER C 158 4.21 -44.71 27.16
CA SER C 158 5.39 -45.56 27.28
C SER C 158 6.50 -44.77 27.95
N GLU C 159 7.47 -45.50 28.51
CA GLU C 159 8.60 -44.86 29.17
C GLU C 159 9.45 -44.10 28.16
N GLY C 160 9.91 -42.91 28.56
CA GLY C 160 10.81 -42.12 27.75
C GLY C 160 10.17 -40.97 26.99
N GLU C 161 8.85 -40.83 27.05
CA GLU C 161 8.19 -39.72 26.36
C GLU C 161 7.73 -38.67 27.35
N LYS C 162 7.76 -37.42 26.92
CA LYS C 162 7.50 -36.28 27.79
C LYS C 162 6.05 -36.24 28.21
N VAL C 163 5.80 -35.73 29.42
CA VAL C 163 4.45 -35.67 29.97
C VAL C 163 3.77 -34.39 29.49
N ARG C 164 2.44 -34.37 29.60
CA ARG C 164 1.63 -33.22 29.21
C ARG C 164 0.75 -32.80 30.37
N VAL C 165 0.18 -31.60 30.26
CA VAL C 165 -0.74 -31.11 31.26
C VAL C 165 -2.04 -31.91 31.21
N GLY C 166 -2.54 -32.28 32.38
CA GLY C 166 -3.74 -33.09 32.44
C GLY C 166 -3.53 -34.54 32.08
N ASP C 167 -2.30 -35.02 32.19
CA ASP C 167 -1.96 -36.41 31.90
C ASP C 167 -1.96 -37.22 33.19
N ASP C 168 -2.65 -38.35 33.17
CA ASP C 168 -2.72 -39.22 34.34
C ASP C 168 -1.39 -39.92 34.55
N LEU C 169 -1.00 -40.05 35.81
CA LEU C 169 0.27 -40.68 36.15
C LEU C 169 0.16 -41.31 37.54
N ILE C 170 1.07 -42.23 37.83
CA ILE C 170 1.08 -42.98 39.07
C ILE C 170 2.41 -42.74 39.78
N LEU C 171 2.35 -42.39 41.06
CA LEU C 171 3.52 -42.07 41.86
C LEU C 171 3.87 -43.24 42.77
N VAL C 172 5.17 -43.55 42.84
CA VAL C 172 5.67 -44.63 43.69
C VAL C 172 6.80 -44.08 44.54
N SER C 173 6.77 -44.40 45.84
CA SER C 173 7.85 -44.02 46.73
C SER C 173 9.03 -44.98 46.57
N VAL C 174 10.23 -44.41 46.46
CA VAL C 174 11.42 -45.23 46.25
C VAL C 174 11.77 -46.05 47.49
N SER C 175 11.74 -45.44 48.67
CA SER C 175 12.14 -46.16 49.88
C SER C 175 11.03 -47.09 50.37
N SER C 176 9.78 -46.66 50.27
CA SER C 176 8.68 -47.47 50.79
C SER C 176 8.20 -48.52 49.80
N GLU C 177 8.37 -48.28 48.50
CA GLU C 177 7.85 -49.17 47.45
C GLU C 177 6.33 -49.28 47.54
N ARG C 178 5.68 -48.17 47.89
CA ARG C 178 4.22 -48.10 47.99
C ARG C 178 3.72 -46.92 47.15
N TYR C 179 2.51 -47.07 46.63
CA TYR C 179 1.88 -45.99 45.87
C TYR C 179 1.38 -44.89 46.80
N LEU C 180 1.13 -43.72 46.23
CA LEU C 180 0.39 -42.67 46.91
C LEU C 180 -1.10 -42.94 46.70
N HIS C 181 -1.73 -43.56 47.70
CA HIS C 181 -3.05 -44.15 47.53
C HIS C 181 -4.08 -43.40 48.35
N LEU C 182 -5.29 -43.27 47.80
CA LEU C 182 -6.42 -42.72 48.52
C LEU C 182 -7.19 -43.86 49.20
N SER C 183 -7.15 -43.87 50.53
CA SER C 183 -7.79 -44.91 51.32
C SER C 183 -9.20 -44.47 51.70
N THR C 184 -10.18 -45.31 51.40
CA THR C 184 -11.58 -45.04 51.73
C THR C 184 -11.91 -45.63 53.11
N ALA C 185 -11.27 -45.04 54.12
CA ALA C 185 -11.46 -45.49 55.49
C ALA C 185 -12.89 -45.21 55.95
N SER C 186 -13.32 -45.96 56.97
CA SER C 186 -14.69 -45.84 57.45
C SER C 186 -14.97 -44.46 58.00
N GLY C 187 -14.03 -43.89 58.76
CA GLY C 187 -14.24 -42.56 59.31
C GLY C 187 -14.32 -41.49 58.22
N GLU C 188 -13.34 -41.48 57.32
CA GLU C 188 -13.30 -40.50 56.24
C GLU C 188 -12.25 -40.95 55.23
N LEU C 189 -12.17 -40.21 54.13
CA LEU C 189 -11.16 -40.48 53.12
C LEU C 189 -9.81 -39.94 53.57
N GLN C 190 -8.76 -40.74 53.37
CA GLN C 190 -7.41 -40.36 53.77
C GLN C 190 -6.44 -40.68 52.65
N VAL C 191 -5.17 -40.32 52.86
CA VAL C 191 -4.10 -40.63 51.92
C VAL C 191 -3.04 -41.45 52.66
N ASP C 192 -2.77 -42.66 52.18
CA ASP C 192 -1.81 -43.57 52.77
C ASP C 192 -0.95 -44.17 51.67
N ALA C 193 0.20 -44.71 52.07
CA ALA C 193 1.10 -45.40 51.16
C ALA C 193 0.84 -46.90 51.26
N SER C 194 -0.03 -47.40 50.38
CA SER C 194 -0.42 -48.80 50.38
C SER C 194 0.02 -49.45 49.07
N PHE C 195 -0.22 -50.75 48.96
CA PHE C 195 0.16 -51.50 47.77
C PHE C 195 -0.77 -51.24 46.59
N MET C 196 -1.98 -50.76 46.83
CA MET C 196 -2.89 -50.44 45.74
C MET C 196 -2.58 -49.05 45.19
N GLN C 197 -2.75 -48.91 43.88
CA GLN C 197 -2.45 -47.66 43.19
C GLN C 197 -3.72 -46.85 42.97
N THR C 198 -3.59 -45.52 43.04
CA THR C 198 -4.69 -44.60 42.86
C THR C 198 -4.34 -43.61 41.77
N LEU C 199 -5.29 -43.35 40.88
CA LEU C 199 -5.07 -42.42 39.77
C LEU C 199 -4.90 -41.00 40.31
N TRP C 200 -3.93 -40.27 39.78
CA TRP C 200 -3.62 -38.92 40.21
C TRP C 200 -3.43 -38.01 39.01
N ASN C 201 -3.66 -36.72 39.20
CA ASN C 201 -3.46 -35.73 38.16
C ASN C 201 -2.69 -34.54 38.72
N MET C 202 -1.89 -33.90 37.88
CA MET C 202 -1.14 -32.71 38.26
C MET C 202 -1.61 -31.53 37.42
N ASN C 203 -1.89 -30.41 38.09
CA ASN C 203 -2.31 -29.20 37.39
C ASN C 203 -1.41 -28.05 37.79
N PRO C 204 -0.84 -27.34 36.82
CA PRO C 204 0.08 -26.24 37.16
C PRO C 204 -0.67 -25.00 37.59
N ILE C 205 -0.23 -24.41 38.71
CA ILE C 205 -0.82 -23.18 39.19
C ILE C 205 -0.25 -21.97 38.46
N CYS C 206 1.07 -21.86 38.45
CA CYS C 206 1.73 -20.75 37.78
C CYS C 206 3.11 -21.19 37.30
N SER C 207 3.64 -20.44 36.35
CA SER C 207 4.97 -20.68 35.79
C SER C 207 5.85 -19.47 36.08
N CYS C 208 7.03 -19.46 35.46
CA CYS C 208 7.96 -18.34 35.61
C CYS C 208 7.29 -17.05 35.14
N CYS C 209 7.40 -15.99 35.94
CA CYS C 209 6.73 -14.73 35.68
C CYS C 209 7.76 -13.61 35.55
N GLU C 210 7.47 -12.68 34.65
CA GLU C 210 8.29 -11.48 34.54
C GLU C 210 8.03 -10.56 35.73
N GLU C 211 9.07 -9.82 36.11
CA GLU C 211 8.99 -8.97 37.29
C GLU C 211 8.12 -7.74 37.03
N GLY C 212 7.45 -7.29 38.07
CA GLY C 212 6.68 -6.05 38.02
C GLY C 212 5.24 -6.19 37.59
N TYR C 213 4.80 -7.40 37.21
CA TYR C 213 3.43 -7.61 36.74
C TYR C 213 2.65 -8.42 37.77
N VAL C 214 1.41 -8.01 37.99
CA VAL C 214 0.57 -8.61 39.04
C VAL C 214 0.01 -9.94 38.55
N THR C 215 -0.02 -10.92 39.43
CA THR C 215 -0.64 -12.21 39.16
C THR C 215 -1.39 -12.68 40.40
N GLY C 216 -2.35 -13.58 40.18
CA GLY C 216 -3.18 -14.04 41.26
C GLY C 216 -2.44 -14.94 42.25
N GLY C 217 -3.04 -15.08 43.42
CA GLY C 217 -2.48 -15.93 44.46
C GLY C 217 -1.42 -15.29 45.32
N HIS C 218 -1.13 -14.01 45.12
CA HIS C 218 -0.11 -13.31 45.89
C HIS C 218 -0.76 -12.35 46.88
N VAL C 219 -0.33 -12.44 48.14
CA VAL C 219 -0.77 -11.47 49.14
C VAL C 219 -0.16 -10.11 48.82
N LEU C 220 -0.88 -9.05 49.16
CA LEU C 220 -0.41 -7.71 48.84
C LEU C 220 -1.02 -6.70 49.80
N ARG C 221 -0.50 -5.48 49.73
CA ARG C 221 -0.99 -4.36 50.53
C ARG C 221 -1.37 -3.25 49.56
N LEU C 222 -2.65 -2.88 49.55
CA LEU C 222 -3.16 -1.81 48.71
C LEU C 222 -3.59 -0.65 49.60
N PHE C 223 -3.18 0.55 49.23
CA PHE C 223 -3.46 1.73 50.05
C PHE C 223 -4.01 2.86 49.18
N HIS C 224 -5.12 3.45 49.63
CA HIS C 224 -5.69 4.62 48.98
C HIS C 224 -4.85 5.85 49.30
N GLY C 225 -4.85 6.82 48.37
CA GLY C 225 -4.10 8.04 48.58
C GLY C 225 -2.63 7.86 48.28
N HIS C 226 -1.87 8.92 48.55
CA HIS C 226 -0.46 8.96 48.20
C HIS C 226 0.47 9.00 49.41
N MET C 227 0.23 9.86 50.39
CA MET C 227 1.17 10.03 51.49
C MET C 227 1.32 8.76 52.32
N ASP C 228 0.26 8.38 53.04
CA ASP C 228 0.29 7.15 53.82
C ASP C 228 -1.12 6.76 54.27
N GLU C 229 -1.63 5.62 53.78
CA GLU C 229 -2.90 5.07 54.23
C GLU C 229 -2.84 3.55 54.14
N CYS C 230 -3.95 2.92 54.46
CA CYS C 230 -4.17 1.48 54.33
C CYS C 230 -5.61 1.20 54.76
N LEU C 231 -6.12 0.01 54.44
CA LEU C 231 -7.44 -0.41 54.87
C LEU C 231 -7.30 -1.72 55.62
N THR C 232 -7.86 -1.79 56.82
CA THR C 232 -7.74 -2.99 57.64
C THR C 232 -9.05 -3.24 58.37
N ILE C 233 -8.97 -4.09 59.39
CA ILE C 233 -10.05 -4.28 60.34
C ILE C 233 -9.52 -3.82 61.69
N SER C 234 -10.44 -3.45 62.58
CA SER C 234 -10.07 -2.90 63.88
C SER C 234 -9.24 -3.91 64.68
N ALA C 235 -8.60 -3.42 65.73
CA ALA C 235 -7.70 -4.23 66.54
C ALA C 235 -8.48 -5.27 67.34
N ALA C 236 -7.74 -6.15 68.02
CA ALA C 236 -8.37 -7.21 68.81
C ALA C 236 -9.05 -6.63 70.05
N ASP C 237 -10.15 -7.26 70.44
CA ASP C 237 -10.93 -6.84 71.61
C ASP C 237 -11.38 -5.39 71.49
N SER C 238 -11.79 -5.00 70.29
CA SER C 238 -12.28 -3.63 70.05
C SER C 238 -13.77 -3.48 70.28
N ASP C 239 -14.45 -4.54 70.71
CA ASP C 239 -15.87 -4.60 71.04
C ASP C 239 -16.77 -4.48 69.82
N ASP C 240 -16.22 -4.29 68.62
CA ASP C 240 -17.00 -4.33 67.40
C ASP C 240 -17.01 -5.71 66.75
N GLN C 241 -16.30 -6.67 67.34
CA GLN C 241 -16.26 -8.07 66.96
C GLN C 241 -15.60 -8.24 65.58
N ARG C 242 -15.01 -7.19 65.03
CA ARG C 242 -14.07 -7.28 63.91
C ARG C 242 -14.70 -7.89 62.66
N ARG C 243 -15.66 -7.17 62.09
CA ARG C 243 -16.31 -7.59 60.84
C ARG C 243 -16.50 -6.45 59.84
N LEU C 244 -15.96 -5.27 60.10
CA LEU C 244 -16.17 -4.11 59.24
C LEU C 244 -14.85 -3.41 58.96
N VAL C 245 -14.71 -2.88 57.74
CA VAL C 245 -13.44 -2.36 57.25
C VAL C 245 -13.26 -0.92 57.70
N TYR C 246 -12.02 -0.54 58.02
CA TYR C 246 -11.64 0.81 58.40
C TYR C 246 -10.49 1.28 57.53
N TYR C 247 -10.37 2.60 57.40
CA TYR C 247 -9.24 3.25 56.76
C TYR C 247 -8.34 3.82 57.83
N GLU C 248 -7.03 3.68 57.67
CA GLU C 248 -6.07 4.05 58.69
C GLU C 248 -5.13 5.15 58.17
N GLY C 249 -4.14 5.48 58.97
CA GLY C 249 -3.24 6.58 58.67
C GLY C 249 -1.85 6.16 58.25
N GLY C 250 -0.83 6.75 58.88
CA GLY C 250 0.54 6.55 58.46
C GLY C 250 1.26 5.36 59.06
N ALA C 251 1.33 5.28 60.39
CA ALA C 251 2.12 4.27 61.06
C ALA C 251 1.52 2.87 60.96
N VAL C 252 0.25 2.74 60.57
CA VAL C 252 -0.41 1.45 60.53
C VAL C 252 -0.08 0.66 59.27
N CYS C 253 0.59 1.28 58.30
CA CYS C 253 0.86 0.60 57.03
C CYS C 253 1.77 -0.60 57.22
N THR C 254 2.79 -0.49 58.07
CA THR C 254 3.80 -1.55 58.20
C THR C 254 3.29 -2.76 58.97
N HIS C 255 2.13 -2.67 59.63
CA HIS C 255 1.68 -3.76 60.47
C HIS C 255 1.08 -4.89 59.63
N ALA C 256 0.79 -6.01 60.29
CA ALA C 256 0.37 -7.23 59.62
C ALA C 256 -1.11 -7.23 59.24
N ARG C 257 -1.90 -6.28 59.74
CA ARG C 257 -3.33 -6.30 59.45
C ARG C 257 -3.66 -5.84 58.04
N SER C 258 -2.75 -5.11 57.38
CA SER C 258 -2.98 -4.59 56.04
C SER C 258 -2.46 -5.56 54.97
N LEU C 259 -2.88 -6.82 55.04
CA LEU C 259 -2.50 -7.83 54.06
C LEU C 259 -3.76 -8.48 53.51
N TRP C 260 -3.89 -8.50 52.19
CA TRP C 260 -5.05 -9.09 51.52
C TRP C 260 -4.58 -10.04 50.44
N ARG C 261 -5.23 -11.19 50.33
CA ARG C 261 -4.92 -12.18 49.30
C ARG C 261 -6.08 -12.29 48.33
N LEU C 262 -5.78 -12.15 47.04
CA LEU C 262 -6.79 -12.20 45.99
C LEU C 262 -6.71 -13.53 45.27
N GLU C 263 -7.86 -14.17 45.07
CA GLU C 263 -7.88 -15.46 44.37
C GLU C 263 -9.03 -15.49 43.37
N PRO C 264 -8.78 -15.90 42.13
CA PRO C 264 -9.85 -16.01 41.14
C PRO C 264 -10.70 -17.25 41.38
N LEU C 265 -11.79 -17.35 40.61
CA LEU C 265 -12.71 -18.47 40.77
C LEU C 265 -12.09 -19.78 40.30
N ARG C 266 -11.30 -19.74 39.23
CA ARG C 266 -10.75 -20.96 38.66
C ARG C 266 -9.64 -21.51 39.55
N ILE C 267 -9.80 -22.76 39.99
CA ILE C 267 -8.77 -23.39 40.79
C ILE C 267 -7.55 -23.70 39.94
N SER C 268 -7.76 -24.19 38.73
CA SER C 268 -6.66 -24.53 37.84
C SER C 268 -6.14 -23.27 37.15
N TRP C 269 -4.81 -23.20 37.00
CA TRP C 269 -4.13 -22.08 36.35
C TRP C 269 -4.49 -20.75 37.04
N SER C 270 -4.59 -20.81 38.37
CA SER C 270 -4.98 -19.62 39.13
C SER C 270 -3.86 -18.58 39.17
N GLY C 271 -2.63 -18.99 38.86
CA GLY C 271 -1.50 -18.10 38.92
C GLY C 271 -1.23 -17.29 37.68
N SER C 272 -2.12 -17.33 36.70
CA SER C 272 -1.92 -16.58 35.47
C SER C 272 -1.97 -15.08 35.74
N HIS C 273 -1.44 -14.31 34.79
CA HIS C 273 -1.38 -12.87 34.94
C HIS C 273 -2.78 -12.27 35.04
N LEU C 274 -2.94 -11.31 35.95
CA LEU C 274 -4.23 -10.69 36.18
C LEU C 274 -4.58 -9.75 35.03
N ARG C 275 -5.81 -9.86 34.54
CA ARG C 275 -6.33 -8.98 33.51
C ARG C 275 -7.43 -8.09 34.08
N TRP C 276 -7.96 -7.24 33.22
CA TRP C 276 -8.98 -6.26 33.64
C TRP C 276 -10.36 -6.90 33.60
N GLY C 277 -10.99 -7.02 34.76
CA GLY C 277 -12.37 -7.42 34.85
C GLY C 277 -12.66 -8.89 35.15
N GLN C 278 -11.84 -9.55 35.98
CA GLN C 278 -12.27 -10.92 36.23
C GLN C 278 -12.84 -11.06 37.62
N PRO C 279 -13.78 -12.00 37.82
CA PRO C 279 -14.32 -12.24 39.16
C PRO C 279 -13.28 -12.90 40.05
N LEU C 280 -12.91 -12.22 41.13
CA LEU C 280 -11.94 -12.73 42.08
C LEU C 280 -12.31 -12.25 43.46
N ARG C 281 -12.08 -13.08 44.48
CA ARG C 281 -12.46 -12.73 45.83
C ARG C 281 -11.22 -12.37 46.66
N ILE C 282 -11.42 -11.45 47.60
CA ILE C 282 -10.37 -10.95 48.48
C ILE C 282 -10.57 -11.55 49.86
N ARG C 283 -9.49 -12.01 50.48
CA ARG C 283 -9.53 -12.54 51.82
C ARG C 283 -8.49 -11.85 52.70
N HIS C 284 -8.81 -11.73 53.98
CA HIS C 284 -7.91 -11.20 54.99
C HIS C 284 -7.16 -12.36 55.62
N VAL C 285 -5.84 -12.41 55.39
CA VAL C 285 -5.08 -13.63 55.64
C VAL C 285 -5.05 -13.98 57.13
N THR C 286 -4.84 -12.98 57.99
CA THR C 286 -4.70 -13.28 59.42
C THR C 286 -6.03 -13.60 60.07
N THR C 287 -7.15 -13.24 59.45
CA THR C 287 -8.46 -13.54 59.99
C THR C 287 -9.22 -14.58 59.19
N GLY C 288 -8.90 -14.74 57.91
CA GLY C 288 -9.57 -15.71 57.08
C GLY C 288 -11.02 -15.40 56.75
N ARG C 289 -11.33 -14.13 56.46
CA ARG C 289 -12.68 -13.71 56.10
C ARG C 289 -12.66 -12.98 54.76
N TYR C 290 -13.65 -13.27 53.93
CA TYR C 290 -13.78 -12.65 52.61
C TYR C 290 -14.68 -11.42 52.71
N LEU C 291 -14.58 -10.57 51.68
CA LEU C 291 -15.34 -9.32 51.63
C LEU C 291 -16.61 -9.53 50.82
N ALA C 292 -17.76 -9.28 51.43
CA ALA C 292 -19.04 -9.43 50.76
C ALA C 292 -20.10 -8.69 51.57
N LEU C 293 -21.28 -8.55 50.98
CA LEU C 293 -22.43 -7.93 51.63
C LEU C 293 -23.55 -8.95 51.76
N THR C 294 -24.09 -9.10 52.97
CA THR C 294 -25.11 -10.13 53.18
C THR C 294 -26.50 -9.65 52.76
N GLU C 295 -27.09 -8.67 53.46
CA GLU C 295 -28.36 -8.10 53.00
C GLU C 295 -28.27 -6.59 52.79
N ASP C 296 -28.08 -5.80 53.86
CA ASP C 296 -28.12 -4.34 53.73
C ASP C 296 -27.12 -3.69 54.69
N GLN C 297 -25.93 -4.26 54.82
CA GLN C 297 -24.97 -3.84 55.83
C GLN C 297 -23.77 -3.13 55.20
N GLY C 298 -24.00 -2.38 54.13
CA GLY C 298 -22.94 -1.58 53.54
C GLY C 298 -21.85 -2.45 52.97
N LEU C 299 -20.62 -2.27 53.47
CA LEU C 299 -19.47 -3.06 53.07
C LEU C 299 -18.84 -3.67 54.31
N VAL C 300 -18.92 -5.00 54.43
CA VAL C 300 -18.35 -5.71 55.56
C VAL C 300 -17.61 -6.94 55.05
N VAL C 301 -17.04 -7.72 55.95
CA VAL C 301 -16.41 -8.99 55.61
C VAL C 301 -17.37 -10.11 55.97
N VAL C 302 -17.26 -11.22 55.25
CA VAL C 302 -18.19 -12.33 55.40
C VAL C 302 -17.43 -13.55 55.87
N ASP C 303 -18.15 -14.46 56.54
CA ASP C 303 -17.57 -15.71 56.98
C ASP C 303 -17.16 -16.56 55.79
N ALA C 304 -16.23 -17.48 56.03
CA ALA C 304 -15.69 -18.30 54.95
C ALA C 304 -16.77 -19.15 54.29
N CYS C 305 -17.61 -19.78 55.11
CA CYS C 305 -18.64 -20.67 54.55
C CYS C 305 -19.76 -19.91 53.86
N LYS C 306 -20.00 -18.66 54.24
CA LYS C 306 -21.10 -17.86 53.66
C LYS C 306 -20.60 -17.18 52.38
N ALA C 307 -20.39 -18.00 51.36
CA ALA C 307 -19.93 -17.54 50.05
C ALA C 307 -21.04 -17.78 49.03
N HIS C 308 -21.69 -16.71 48.60
CA HIS C 308 -22.77 -16.80 47.63
C HIS C 308 -22.28 -16.77 46.19
N THR C 309 -20.98 -16.60 45.97
CA THR C 309 -20.35 -16.56 44.65
C THR C 309 -20.77 -15.30 43.88
N LYS C 310 -21.69 -14.53 44.45
CA LYS C 310 -22.17 -13.29 43.85
C LYS C 310 -21.88 -12.07 44.72
N ALA C 311 -22.13 -12.16 46.02
CA ALA C 311 -21.80 -11.06 46.91
C ALA C 311 -20.30 -10.97 47.16
N THR C 312 -19.59 -12.10 47.04
CA THR C 312 -18.15 -12.11 47.27
C THR C 312 -17.35 -11.67 46.04
N SER C 313 -17.99 -11.58 44.87
CA SER C 313 -17.27 -11.31 43.64
C SER C 313 -16.93 -9.82 43.52
N PHE C 314 -15.72 -9.55 43.03
CA PHE C 314 -15.26 -8.19 42.75
C PHE C 314 -14.45 -8.23 41.46
N CYS C 315 -14.28 -7.06 40.84
CA CYS C 315 -13.50 -6.98 39.62
C CYS C 315 -12.63 -5.73 39.61
N PHE C 316 -11.75 -5.66 38.62
CA PHE C 316 -10.76 -4.60 38.48
C PHE C 316 -10.97 -3.93 37.12
N ARG C 317 -10.98 -2.59 37.11
CA ARG C 317 -11.24 -1.82 35.91
C ARG C 317 -10.26 -0.66 35.83
N VAL C 318 -10.01 -0.17 34.60
CA VAL C 318 -9.05 0.90 34.43
C VAL C 318 -9.74 2.26 34.33
N SER C 319 -10.94 2.32 33.76
CA SER C 319 -11.62 3.58 33.47
C SER C 319 -12.87 3.70 34.31
N LYS C 320 -13.17 4.93 34.75
CA LYS C 320 -14.40 5.20 35.48
C LYS C 320 -15.62 4.91 34.63
N GLU C 321 -15.61 5.35 33.37
CA GLU C 321 -16.76 5.20 32.50
C GLU C 321 -16.97 3.75 32.11
N LYS C 322 -18.20 3.43 31.73
CA LYS C 322 -18.54 2.07 31.33
C LYS C 322 -18.00 1.80 29.94
N LEU C 323 -17.12 0.81 29.83
CA LEU C 323 -16.49 0.44 28.57
C LEU C 323 -16.72 -1.04 28.29
N ASP C 324 -16.62 -1.41 27.02
CA ASP C 324 -16.81 -2.79 26.62
C ASP C 324 -15.67 -3.66 27.14
N THR C 325 -16.01 -4.84 27.64
CA THR C 325 -15.04 -5.78 28.16
C THR C 325 -15.32 -7.17 27.62
N ALA C 326 -14.28 -8.00 27.55
CA ALA C 326 -14.38 -9.38 27.06
C ALA C 326 -13.73 -10.31 28.08
N PRO C 327 -14.38 -10.57 29.20
CA PRO C 327 -13.85 -11.51 30.19
C PRO C 327 -14.29 -12.96 30.01
N LYS C 328 -15.09 -13.25 28.98
CA LYS C 328 -15.58 -14.61 28.78
C LYS C 328 -14.52 -15.56 28.24
N ARG C 329 -13.53 -15.04 27.51
CA ARG C 329 -12.49 -15.89 26.95
C ARG C 329 -11.63 -16.48 28.07
N ASP C 330 -11.29 -17.75 27.93
CA ASP C 330 -10.47 -18.46 28.90
C ASP C 330 -9.14 -18.81 28.24
N VAL C 331 -8.04 -18.39 28.86
CA VAL C 331 -6.70 -18.62 28.33
C VAL C 331 -6.09 -19.79 29.10
N GLU C 332 -5.63 -20.80 28.36
CA GLU C 332 -4.96 -21.93 28.99
C GLU C 332 -3.49 -21.64 29.27
N GLY C 333 -2.91 -20.69 28.54
CA GLY C 333 -1.52 -20.33 28.72
C GLY C 333 -1.34 -19.26 29.78
N MET C 334 -0.14 -18.68 29.78
CA MET C 334 0.19 -17.63 30.74
C MET C 334 -0.69 -16.40 30.53
N GLY C 335 -0.91 -16.02 29.28
CA GLY C 335 -1.69 -14.84 28.97
C GLY C 335 -0.82 -13.59 28.88
N PRO C 336 -1.33 -12.56 28.22
CA PRO C 336 -0.55 -11.33 28.09
C PRO C 336 -0.48 -10.59 29.41
N PRO C 337 0.66 -9.99 29.73
CA PRO C 337 0.77 -9.22 30.98
C PRO C 337 0.09 -7.86 30.83
N GLU C 338 -0.85 -7.57 31.72
CA GLU C 338 -1.64 -6.35 31.65
C GLU C 338 -1.47 -5.45 32.86
N ILE C 339 -1.61 -5.99 34.06
CA ILE C 339 -1.65 -5.19 35.29
C ILE C 339 -0.25 -5.12 35.87
N LYS C 340 0.22 -3.90 36.13
CA LYS C 340 1.57 -3.65 36.61
C LYS C 340 1.53 -2.97 37.97
N TYR C 341 2.42 -3.38 38.87
CA TYR C 341 2.49 -2.79 40.19
C TYR C 341 2.90 -1.32 40.13
N GLY C 342 2.36 -0.52 41.04
CA GLY C 342 2.75 0.86 41.21
C GLY C 342 1.94 1.85 40.40
N GLU C 343 1.75 1.59 39.11
CA GLU C 343 1.11 2.55 38.22
C GLU C 343 -0.22 2.05 37.66
N SER C 344 -0.79 0.97 38.22
CA SER C 344 -2.05 0.46 37.71
C SER C 344 -3.18 1.46 37.93
N LEU C 345 -3.25 2.05 39.12
CA LEU C 345 -4.27 3.04 39.48
C LEU C 345 -5.68 2.52 39.20
N CYS C 346 -5.87 1.24 39.52
CA CYS C 346 -7.08 0.54 39.15
C CYS C 346 -8.25 0.90 40.06
N PHE C 347 -9.46 0.56 39.62
CA PHE C 347 -10.69 0.81 40.34
C PHE C 347 -11.38 -0.52 40.60
N VAL C 348 -11.93 -0.68 41.80
CA VAL C 348 -12.58 -1.93 42.20
C VAL C 348 -14.09 -1.72 42.18
N GLN C 349 -14.81 -2.67 41.59
CA GLN C 349 -16.26 -2.62 41.52
C GLN C 349 -16.85 -3.99 41.85
N HIS C 350 -17.92 -3.98 42.64
CA HIS C 350 -18.72 -5.18 42.85
C HIS C 350 -19.63 -5.40 41.65
N VAL C 351 -19.80 -6.66 41.25
CA VAL C 351 -20.52 -6.94 40.01
C VAL C 351 -22.00 -7.13 40.26
N ALA C 352 -22.36 -7.89 41.31
CA ALA C 352 -23.76 -8.20 41.54
C ALA C 352 -24.58 -6.95 41.84
N SER C 353 -24.13 -6.15 42.81
CA SER C 353 -24.84 -4.92 43.12
C SER C 353 -24.48 -3.81 42.12
N GLY C 354 -23.25 -3.81 41.62
CA GLY C 354 -22.86 -2.87 40.59
C GLY C 354 -22.57 -1.47 41.04
N LEU C 355 -22.13 -1.29 42.28
CA LEU C 355 -21.81 0.04 42.79
C LEU C 355 -20.39 0.04 43.33
N TRP C 356 -19.74 1.20 43.27
CA TRP C 356 -18.35 1.29 43.67
C TRP C 356 -18.23 1.44 45.18
N LEU C 357 -16.98 1.45 45.65
CA LEU C 357 -16.67 1.60 47.07
C LEU C 357 -15.63 2.69 47.26
N THR C 358 -15.91 3.61 48.18
CA THR C 358 -14.97 4.65 48.58
C THR C 358 -15.16 4.91 50.07
N TYR C 359 -14.44 5.91 50.57
CA TYR C 359 -14.66 6.35 51.95
C TYR C 359 -15.99 7.08 52.04
N ALA C 360 -16.83 6.66 52.99
CA ALA C 360 -18.13 7.28 53.16
C ALA C 360 -18.01 8.72 53.64
N ALA C 361 -16.92 9.04 54.35
CA ALA C 361 -16.65 10.35 54.92
C ALA C 361 -17.84 10.83 55.76
N PRO C 362 -18.16 10.15 56.86
CA PRO C 362 -19.24 10.64 57.73
C PRO C 362 -18.88 11.96 58.37
N ASP C 363 -19.90 12.75 58.69
CA ASP C 363 -19.66 14.07 59.27
C ASP C 363 -20.22 14.12 60.69
N PRO C 364 -19.84 13.18 61.55
CA PRO C 364 -20.28 13.27 62.95
C PRO C 364 -19.24 13.97 63.83
N LYS C 365 -19.70 14.62 64.89
CA LYS C 365 -18.77 15.29 65.81
C LYS C 365 -17.85 14.28 66.48
N ALA C 366 -18.38 13.13 66.91
CA ALA C 366 -17.52 12.11 67.50
C ALA C 366 -16.61 11.46 66.46
N LEU C 367 -17.11 11.25 65.25
CA LEU C 367 -16.30 10.63 64.20
C LEU C 367 -15.16 11.54 63.74
N ARG C 368 -15.35 12.86 63.81
CA ARG C 368 -14.27 13.78 63.44
C ARG C 368 -13.07 13.65 64.38
N LEU C 369 -13.33 13.32 65.66
CA LEU C 369 -12.24 13.17 66.61
C LEU C 369 -11.38 11.94 66.33
N GLY C 370 -11.85 11.03 65.49
CA GLY C 370 -11.05 9.87 65.16
C GLY C 370 -9.80 10.26 64.38
N VAL C 371 -8.76 9.43 64.52
CA VAL C 371 -7.46 9.71 63.91
C VAL C 371 -7.52 9.23 62.45
N LEU C 372 -7.96 10.11 61.56
CA LEU C 372 -8.09 9.82 60.13
C LEU C 372 -8.89 8.52 59.93
N LYS C 373 -10.15 8.56 60.34
CA LYS C 373 -11.03 7.40 60.31
C LYS C 373 -12.14 7.66 59.31
N LYS C 374 -12.23 6.78 58.30
CA LYS C 374 -13.29 6.85 57.30
C LYS C 374 -13.74 5.44 56.97
N LYS C 375 -14.93 5.07 57.42
CA LYS C 375 -15.47 3.74 57.17
C LYS C 375 -15.73 3.56 55.68
N ALA C 376 -15.38 2.38 55.16
CA ALA C 376 -15.59 2.07 53.76
C ALA C 376 -16.99 1.52 53.57
N ILE C 377 -17.81 2.22 52.79
CA ILE C 377 -19.19 1.84 52.53
C ILE C 377 -19.42 1.85 51.03
N LEU C 378 -20.11 0.83 50.53
CA LEU C 378 -20.47 0.78 49.12
C LEU C 378 -21.33 2.00 48.77
N HIS C 379 -21.00 2.64 47.66
CA HIS C 379 -21.62 3.90 47.27
C HIS C 379 -21.97 3.87 45.79
N GLN C 380 -22.97 4.68 45.40
CA GLN C 380 -23.40 4.76 44.02
C GLN C 380 -23.00 6.07 43.35
N GLU C 381 -22.79 7.13 44.13
CA GLU C 381 -22.54 8.46 43.56
C GLU C 381 -21.26 8.48 42.73
N GLY C 382 -20.18 7.90 43.24
CA GLY C 382 -18.91 7.86 42.55
C GLY C 382 -17.96 8.94 43.06
N HIS C 383 -16.69 8.57 43.16
CA HIS C 383 -15.64 9.49 43.57
C HIS C 383 -14.46 9.35 42.63
N MET C 384 -13.76 10.47 42.41
CA MET C 384 -12.69 10.53 41.42
C MET C 384 -11.31 10.26 42.01
N ASP C 385 -11.21 10.01 43.31
CA ASP C 385 -9.92 9.89 43.99
C ASP C 385 -9.62 8.47 44.45
N ASP C 386 -10.00 7.45 43.66
CA ASP C 386 -9.71 6.07 44.04
C ASP C 386 -8.19 5.85 44.11
N ALA C 387 -7.52 5.97 42.97
CA ALA C 387 -6.06 5.91 42.87
C ALA C 387 -5.48 4.78 43.72
N LEU C 388 -5.97 3.57 43.48
CA LEU C 388 -5.53 2.41 44.25
C LEU C 388 -4.07 2.11 43.97
N PHE C 389 -3.24 2.11 45.01
CA PHE C 389 -1.82 1.82 44.91
C PHE C 389 -1.56 0.42 45.47
N LEU C 390 -0.96 -0.43 44.65
CA LEU C 390 -0.66 -1.81 45.01
C LEU C 390 0.80 -1.94 45.41
N THR C 391 1.09 -2.78 46.40
CA THR C 391 2.45 -3.12 46.78
C THR C 391 2.50 -4.61 47.11
N ARG C 392 3.56 -5.28 46.66
CA ARG C 392 3.78 -6.68 46.95
C ARG C 392 5.07 -6.82 47.75
N CYS C 393 4.98 -7.45 48.92
CA CYS C 393 6.12 -7.63 49.81
C CYS C 393 6.01 -9.01 50.47
N GLN C 394 6.90 -9.91 50.10
CA GLN C 394 6.87 -11.25 50.68
C GLN C 394 7.57 -11.26 52.04
N GLN C 395 8.89 -11.06 52.05
CA GLN C 395 9.71 -10.89 53.24
C GLN C 395 9.29 -11.80 54.39
N GLU C 396 8.95 -13.05 54.07
CA GLU C 396 8.42 -14.06 55.00
C GLU C 396 7.25 -13.52 55.81
N GLU C 397 6.68 -12.39 55.40
CA GLU C 397 5.56 -11.82 56.12
C GLU C 397 4.27 -12.56 55.85
N SER C 398 4.10 -13.07 54.62
CA SER C 398 2.96 -13.93 54.34
C SER C 398 3.02 -15.21 55.18
N GLN C 399 4.21 -15.80 55.30
CA GLN C 399 4.37 -16.97 56.16
C GLN C 399 4.10 -16.64 57.62
N ALA C 400 4.58 -15.49 58.10
CA ALA C 400 4.30 -15.08 59.47
C ALA C 400 2.80 -14.91 59.69
N ALA C 401 2.11 -14.27 58.75
CA ALA C 401 0.67 -14.08 58.88
C ALA C 401 -0.08 -15.39 58.87
N ARG C 402 0.31 -16.33 58.00
CA ARG C 402 -0.35 -17.63 57.99
C ARG C 402 -0.10 -18.39 59.29
N MET C 403 1.12 -18.30 59.82
CA MET C 403 1.39 -18.84 61.16
C MET C 403 0.46 -18.24 62.20
N ILE C 404 0.30 -16.91 62.17
CA ILE C 404 -0.58 -16.24 63.14
C ILE C 404 -2.01 -16.77 63.02
N HIS C 405 -2.53 -16.85 61.79
CA HIS C 405 -3.90 -17.29 61.60
C HIS C 405 -4.11 -18.72 62.08
N SER C 406 -3.15 -19.61 61.78
CA SER C 406 -3.30 -21.00 62.20
C SER C 406 -3.19 -21.15 63.71
N THR C 407 -2.19 -20.51 64.32
CA THR C 407 -1.96 -20.71 65.75
C THR C 407 -3.00 -19.99 66.61
N ALA C 408 -3.57 -18.88 66.13
CA ALA C 408 -4.66 -18.27 66.87
C ALA C 408 -5.86 -19.20 66.94
N GLY C 409 -6.21 -19.83 65.82
CA GLY C 409 -7.27 -20.82 65.83
C GLY C 409 -6.97 -21.99 66.71
N LEU C 410 -5.73 -22.49 66.67
CA LEU C 410 -5.37 -23.63 67.53
C LEU C 410 -5.50 -23.28 69.01
N TYR C 411 -4.94 -22.13 69.43
CA TYR C 411 -5.04 -21.75 70.83
C TYR C 411 -6.49 -21.47 71.24
N ASN C 412 -7.28 -20.85 70.36
CA ASN C 412 -8.68 -20.59 70.70
C ASN C 412 -9.45 -21.89 70.88
N GLN C 413 -9.23 -22.86 69.98
CA GLN C 413 -9.87 -24.15 70.13
C GLN C 413 -9.46 -24.83 71.42
N PHE C 414 -8.17 -24.82 71.76
CA PHE C 414 -7.74 -25.46 72.99
C PHE C 414 -8.30 -24.77 74.24
N ILE C 415 -8.29 -23.43 74.25
CA ILE C 415 -8.74 -22.70 75.43
C ILE C 415 -10.25 -22.85 75.61
N LYS C 416 -11.02 -22.91 74.52
CA LYS C 416 -12.44 -23.23 74.64
C LYS C 416 -12.63 -24.68 75.06
N GLY C 417 -11.73 -25.58 74.65
CA GLY C 417 -11.89 -26.98 74.98
C GLY C 417 -11.71 -27.28 76.45
N LEU C 418 -10.65 -26.76 77.08
CA LEU C 418 -10.40 -27.24 78.43
C LEU C 418 -11.31 -26.60 79.46
N ASP C 419 -12.09 -25.58 79.07
CA ASP C 419 -12.94 -24.87 80.01
C ASP C 419 -14.30 -25.53 80.23
N SER C 420 -14.59 -26.61 79.49
CA SER C 420 -15.89 -27.26 79.60
C SER C 420 -16.08 -27.96 80.94
N PHE C 421 -15.03 -28.59 81.48
CA PHE C 421 -15.14 -29.39 82.68
C PHE C 421 -14.67 -28.64 83.92
N SER C 422 -14.50 -27.33 83.84
CA SER C 422 -14.04 -26.56 85.00
C SER C 422 -15.10 -26.51 86.09
N GLY C 423 -16.38 -26.65 85.73
CA GLY C 423 -17.45 -26.49 86.70
C GLY C 423 -17.88 -27.75 87.41
N LYS C 424 -17.60 -28.92 86.83
CA LYS C 424 -18.06 -30.17 87.42
C LYS C 424 -16.91 -31.17 87.48
N PRO C 425 -16.94 -32.06 88.47
CA PRO C 425 -15.93 -33.11 88.56
C PRO C 425 -16.22 -34.23 87.56
N ARG C 426 -15.25 -35.12 87.41
CA ARG C 426 -15.40 -36.24 86.51
C ARG C 426 -16.44 -37.22 87.02
N GLY C 427 -17.26 -37.74 86.10
CA GLY C 427 -18.26 -38.73 86.42
C GLY C 427 -17.78 -40.14 86.11
N SER C 428 -18.75 -41.04 85.99
CA SER C 428 -18.45 -42.42 85.62
C SER C 428 -17.96 -42.49 84.19
N GLY C 429 -16.94 -43.30 83.96
CA GLY C 429 -16.36 -43.44 82.65
C GLY C 429 -15.60 -42.21 82.20
N PRO C 430 -15.88 -41.74 80.99
CA PRO C 430 -15.18 -40.57 80.45
C PRO C 430 -15.50 -39.33 81.25
N PRO C 431 -14.54 -38.40 81.39
CA PRO C 431 -14.83 -37.18 82.15
C PRO C 431 -15.63 -36.17 81.35
N ALA C 432 -15.46 -36.12 80.03
CA ALA C 432 -16.17 -35.16 79.19
C ALA C 432 -16.33 -35.74 77.80
N GLY C 433 -17.24 -35.15 77.03
CA GLY C 433 -17.52 -35.58 75.70
C GLY C 433 -16.38 -35.37 74.72
N PRO C 434 -16.08 -34.11 74.40
CA PRO C 434 -15.00 -33.82 73.44
C PRO C 434 -13.65 -34.20 74.02
N ALA C 435 -12.73 -34.58 73.13
CA ALA C 435 -11.38 -34.93 73.54
C ALA C 435 -10.46 -33.73 73.46
N LEU C 436 -9.56 -33.61 74.43
CA LEU C 436 -8.63 -32.49 74.46
C LEU C 436 -7.54 -32.69 73.41
N PRO C 437 -7.34 -31.74 72.50
CA PRO C 437 -6.21 -31.84 71.55
C PRO C 437 -4.89 -31.51 72.21
N ILE C 438 -4.38 -32.47 72.98
CA ILE C 438 -3.20 -32.21 73.79
C ILE C 438 -1.92 -32.57 73.04
N GLU C 439 -2.01 -33.34 71.97
CA GLU C 439 -0.81 -33.78 71.27
C GLU C 439 -0.27 -32.72 70.32
N ALA C 440 -1.13 -32.20 69.43
CA ALA C 440 -0.67 -31.25 68.43
C ALA C 440 -0.20 -29.93 69.04
N VAL C 441 -0.76 -29.54 70.18
CA VAL C 441 -0.35 -28.29 70.81
C VAL C 441 1.09 -28.35 71.26
N ILE C 442 1.56 -29.51 71.73
CA ILE C 442 2.95 -29.64 72.16
C ILE C 442 3.89 -29.41 70.97
N LEU C 443 3.60 -30.04 69.83
CA LEU C 443 4.45 -29.87 68.66
C LEU C 443 4.41 -28.44 68.15
N SER C 444 3.23 -27.81 68.12
CA SER C 444 3.15 -26.42 67.68
C SER C 444 3.94 -25.51 68.61
N LEU C 445 3.84 -25.73 69.93
CA LEU C 445 4.57 -24.92 70.89
C LEU C 445 6.07 -25.11 70.73
N GLN C 446 6.52 -26.35 70.52
CA GLN C 446 7.95 -26.60 70.32
C GLN C 446 8.46 -25.94 69.06
N ASP C 447 7.69 -25.98 67.96
CA ASP C 447 8.09 -25.27 66.75
C ASP C 447 8.16 -23.77 66.98
N LEU C 448 7.19 -23.21 67.72
CA LEU C 448 7.20 -21.78 67.99
C LEU C 448 8.40 -21.37 68.85
N ILE C 449 8.81 -22.21 69.81
CA ILE C 449 9.98 -21.88 70.61
C ILE C 449 11.22 -21.78 69.74
N GLY C 450 11.43 -22.78 68.87
CA GLY C 450 12.55 -22.74 67.96
C GLY C 450 12.47 -21.64 66.92
N TYR C 451 11.26 -21.14 66.65
CA TYR C 451 11.09 -20.03 65.72
C TYR C 451 11.84 -18.79 66.19
N PHE C 452 11.78 -18.50 67.50
CA PHE C 452 12.37 -17.29 68.05
C PHE C 452 13.71 -17.54 68.74
N GLU C 453 14.51 -18.48 68.23
CA GLU C 453 15.79 -18.75 68.86
C GLU C 453 16.77 -17.61 68.58
N PRO C 454 17.49 -17.13 69.60
CA PRO C 454 18.44 -16.05 69.37
C PRO C 454 19.59 -16.52 68.49
N PRO C 455 20.19 -15.63 67.71
CA PRO C 455 21.30 -16.03 66.84
C PRO C 455 22.54 -16.36 67.65
N SER C 456 23.38 -17.21 67.07
CA SER C 456 24.63 -17.60 67.70
C SER C 456 25.61 -16.44 67.70
N GLU C 457 26.44 -16.39 68.76
CA GLU C 457 27.42 -15.32 68.88
C GLU C 457 28.64 -15.54 67.98
N GLU C 458 28.82 -16.75 67.45
CA GLU C 458 29.97 -17.05 66.61
C GLU C 458 29.87 -16.45 65.21
N LEU C 459 28.73 -15.90 64.84
CA LEU C 459 28.55 -15.35 63.51
C LEU C 459 29.34 -14.06 63.34
N GLN C 460 29.49 -13.65 62.08
CA GLN C 460 30.17 -12.41 61.77
C GLN C 460 29.36 -11.21 62.25
N HIS C 461 30.07 -10.11 62.55
CA HIS C 461 29.41 -8.93 63.09
C HIS C 461 28.45 -8.31 62.09
N GLU C 462 28.84 -8.25 60.82
CA GLU C 462 27.99 -7.60 59.82
C GLU C 462 26.70 -8.38 59.58
N GLU C 463 26.70 -9.69 59.85
CA GLU C 463 25.50 -10.49 59.66
C GLU C 463 24.68 -10.60 60.93
N LYS C 464 25.33 -10.56 62.09
CA LYS C 464 24.61 -10.67 63.35
C LYS C 464 23.68 -9.50 63.57
N GLN C 465 24.10 -8.28 63.21
CA GLN C 465 23.22 -7.12 63.35
C GLN C 465 21.97 -7.25 62.50
N SER C 466 22.12 -7.68 61.24
CA SER C 466 20.96 -7.87 60.39
C SER C 466 20.05 -8.97 60.93
N LYS C 467 20.63 -10.07 61.41
CA LYS C 467 19.81 -11.13 61.99
C LYS C 467 19.05 -10.66 63.22
N LEU C 468 19.71 -9.89 64.09
CA LEU C 468 19.03 -9.36 65.27
C LEU C 468 17.91 -8.41 64.88
N ARG C 469 18.15 -7.56 63.88
CA ARG C 469 17.09 -6.66 63.41
C ARG C 469 15.89 -7.42 62.87
N SER C 470 16.15 -8.46 62.06
CA SER C 470 15.06 -9.27 61.54
C SER C 470 14.30 -9.97 62.65
N LEU C 471 15.02 -10.52 63.64
CA LEU C 471 14.35 -11.19 64.75
C LEU C 471 13.51 -10.20 65.55
N ARG C 472 14.04 -9.00 65.79
CA ARG C 472 13.28 -7.99 66.54
C ARG C 472 12.01 -7.61 65.80
N ASN C 473 12.10 -7.35 64.49
CA ASN C 473 10.90 -7.02 63.73
C ASN C 473 9.90 -8.17 63.74
N ARG C 474 10.38 -9.40 63.56
CA ARG C 474 9.49 -10.55 63.52
C ARG C 474 8.78 -10.78 64.84
N GLN C 475 9.49 -10.62 65.96
CA GLN C 475 8.85 -10.80 67.26
C GLN C 475 7.95 -9.63 67.64
N SER C 476 8.25 -8.42 67.18
CA SER C 476 7.35 -7.30 67.43
C SER C 476 6.09 -7.39 66.59
N LEU C 477 6.17 -8.02 65.41
CA LEU C 477 4.99 -8.19 64.58
C LEU C 477 3.96 -9.11 65.25
N PHE C 478 4.42 -10.18 65.90
CA PHE C 478 3.50 -11.12 66.52
C PHE C 478 2.76 -10.53 67.72
N GLN C 479 3.45 -9.69 68.50
CA GLN C 479 2.89 -9.24 69.77
C GLN C 479 1.64 -8.38 69.61
N GLU C 480 1.53 -7.60 68.53
CA GLU C 480 0.43 -6.66 68.42
C GLU C 480 -0.90 -7.37 68.25
N GLU C 481 -0.97 -8.34 67.34
CA GLU C 481 -2.22 -9.06 67.06
C GLU C 481 -2.39 -10.20 68.07
N GLY C 482 -2.52 -9.80 69.33
CA GLY C 482 -2.60 -10.79 70.40
C GLY C 482 -1.29 -11.55 70.54
N MET C 483 -1.41 -12.86 70.75
CA MET C 483 -0.28 -13.77 70.82
C MET C 483 0.57 -13.54 72.07
N LEU C 484 0.25 -12.50 72.84
CA LEU C 484 0.85 -12.29 74.15
C LEU C 484 -0.15 -12.42 75.28
N SER C 485 -1.25 -11.65 75.25
CA SER C 485 -2.32 -11.89 76.19
C SER C 485 -3.02 -13.22 75.92
N LEU C 486 -3.08 -13.62 74.65
CA LEU C 486 -3.71 -14.89 74.29
C LEU C 486 -2.96 -16.08 74.87
N VAL C 487 -1.65 -15.97 75.07
CA VAL C 487 -0.91 -17.03 75.75
C VAL C 487 -0.82 -16.77 77.25
N LEU C 488 -0.93 -15.51 77.68
CA LEU C 488 -0.86 -15.19 79.10
C LEU C 488 -2.09 -15.72 79.83
N ASN C 489 -3.27 -15.53 79.27
CA ASN C 489 -4.48 -16.03 79.92
C ASN C 489 -4.60 -17.54 79.87
N CYS C 490 -3.92 -18.19 78.93
CA CYS C 490 -3.91 -19.65 78.92
C CYS C 490 -3.22 -20.22 80.15
N ILE C 491 -2.14 -19.57 80.60
CA ILE C 491 -1.49 -20.00 81.83
C ILE C 491 -2.40 -19.76 83.04
N ASP C 492 -3.16 -18.67 83.03
CA ASP C 492 -4.11 -18.42 84.10
C ASP C 492 -5.19 -19.49 84.15
N ARG C 493 -5.68 -19.91 82.98
CA ARG C 493 -6.73 -20.93 82.94
C ARG C 493 -6.22 -22.28 83.43
N LEU C 494 -4.90 -22.48 83.45
CA LEU C 494 -4.34 -23.77 83.84
C LEU C 494 -3.76 -23.77 85.25
N ASN C 495 -3.36 -22.60 85.77
CA ASN C 495 -2.75 -22.52 87.10
C ASN C 495 -3.74 -22.77 88.23
N VAL C 496 -5.05 -22.84 87.93
CA VAL C 496 -6.04 -23.03 88.98
C VAL C 496 -5.83 -24.33 89.74
N TYR C 497 -5.28 -25.36 89.09
CA TYR C 497 -4.98 -26.62 89.75
C TYR C 497 -3.60 -26.56 90.38
N THR C 498 -3.50 -27.09 91.60
CA THR C 498 -2.25 -27.00 92.35
C THR C 498 -1.19 -27.96 91.80
N THR C 499 -1.47 -29.26 91.87
CA THR C 499 -0.53 -30.27 91.43
C THR C 499 -1.06 -31.17 90.33
N ALA C 500 -2.37 -31.25 90.15
CA ALA C 500 -3.01 -32.01 89.07
C ALA C 500 -2.63 -33.49 89.12
N ALA C 501 -2.34 -34.02 90.30
CA ALA C 501 -1.98 -35.42 90.42
C ALA C 501 -3.22 -36.30 90.45
N HIS C 502 -4.04 -36.16 91.49
CA HIS C 502 -5.28 -36.92 91.61
C HIS C 502 -6.50 -36.02 91.75
N PHE C 503 -6.49 -35.10 92.71
CA PHE C 503 -7.67 -34.30 93.03
C PHE C 503 -7.70 -32.97 92.27
N ALA C 504 -6.54 -32.37 92.02
CA ALA C 504 -6.53 -31.08 91.32
C ALA C 504 -6.78 -31.24 89.83
N GLU C 505 -6.69 -32.46 89.30
CA GLU C 505 -6.96 -32.71 87.88
C GLU C 505 -8.23 -33.54 87.76
N TYR C 506 -9.31 -32.86 87.36
CA TYR C 506 -10.59 -33.52 87.14
C TYR C 506 -10.68 -34.22 85.78
N ALA C 507 -9.77 -33.92 84.85
CA ALA C 507 -9.82 -34.52 83.53
C ALA C 507 -9.42 -36.00 83.56
N GLY C 508 -8.89 -36.48 84.67
CA GLY C 508 -8.52 -37.87 84.78
C GLY C 508 -7.24 -38.20 84.02
N GLU C 509 -7.06 -39.49 83.78
CA GLU C 509 -5.88 -39.97 83.08
C GLU C 509 -5.95 -39.61 81.60
N GLU C 510 -4.88 -39.96 80.88
CA GLU C 510 -4.71 -39.70 79.45
C GLU C 510 -4.57 -38.22 79.13
N ALA C 511 -4.64 -37.35 80.15
CA ALA C 511 -4.46 -35.91 79.94
C ALA C 511 -3.57 -35.25 80.97
N ALA C 512 -3.39 -35.83 82.16
CA ALA C 512 -2.56 -35.22 83.18
C ALA C 512 -1.07 -35.49 82.99
N GLU C 513 -0.73 -36.45 82.13
CA GLU C 513 0.68 -36.76 81.91
C GLU C 513 1.41 -35.59 81.27
N SER C 514 0.77 -34.90 80.32
CA SER C 514 1.37 -33.77 79.64
C SER C 514 1.12 -32.45 80.35
N TRP C 515 0.39 -32.47 81.46
CA TRP C 515 0.11 -31.22 82.19
C TRP C 515 1.38 -30.60 82.72
N LYS C 516 2.29 -31.41 83.26
CA LYS C 516 3.56 -30.89 83.75
C LYS C 516 4.41 -30.32 82.61
N GLU C 517 4.42 -31.00 81.46
CA GLU C 517 5.24 -30.54 80.35
C GLU C 517 4.73 -29.23 79.77
N ILE C 518 3.41 -29.12 79.57
CA ILE C 518 2.88 -27.97 78.84
C ILE C 518 3.05 -26.69 79.64
N VAL C 519 2.82 -26.72 80.96
CA VAL C 519 2.94 -25.51 81.76
C VAL C 519 4.40 -25.06 81.82
N ASN C 520 5.33 -26.01 81.93
CA ASN C 520 6.75 -25.67 81.96
C ASN C 520 7.20 -25.07 80.62
N LEU C 521 6.71 -25.61 79.51
CA LEU C 521 7.12 -25.14 78.20
C LEU C 521 6.49 -23.80 77.84
N LEU C 522 5.27 -23.53 78.32
CA LEU C 522 4.63 -22.25 78.05
C LEU C 522 5.44 -21.09 78.61
N TYR C 523 6.01 -21.26 79.81
CA TYR C 523 6.84 -20.22 80.39
C TYR C 523 8.09 -19.96 79.55
N GLU C 524 8.71 -21.01 79.01
CA GLU C 524 9.86 -20.82 78.13
C GLU C 524 9.48 -20.06 76.88
N LEU C 525 8.36 -20.41 76.25
CA LEU C 525 7.92 -19.67 75.07
C LEU C 525 7.62 -18.21 75.40
N LEU C 526 6.95 -17.98 76.53
CA LEU C 526 6.65 -16.61 76.94
C LEU C 526 7.94 -15.81 77.11
N ALA C 527 8.90 -16.35 77.87
CA ALA C 527 10.18 -15.67 78.05
C ALA C 527 10.89 -15.42 76.74
N SER C 528 10.80 -16.36 75.80
CA SER C 528 11.40 -16.14 74.48
C SER C 528 10.77 -14.95 73.77
N LEU C 529 9.46 -14.76 73.93
CA LEU C 529 8.83 -13.60 73.31
C LEU C 529 9.37 -12.29 73.88
N ILE C 530 9.39 -12.13 75.20
CA ILE C 530 9.80 -10.85 75.78
C ILE C 530 11.29 -10.60 75.58
N ARG C 531 12.12 -11.62 75.77
CA ARG C 531 13.56 -11.39 75.81
C ARG C 531 14.07 -10.72 74.53
N GLY C 532 14.97 -9.76 74.72
CA GLY C 532 15.62 -9.08 73.62
C GLY C 532 14.89 -7.90 73.03
N ASN C 533 13.68 -7.60 73.50
CA ASN C 533 12.87 -6.52 72.94
C ASN C 533 12.56 -5.50 74.02
N ARG C 534 12.96 -4.25 73.80
CA ARG C 534 12.68 -3.18 74.75
C ARG C 534 11.22 -2.74 74.69
N ALA C 535 10.67 -2.63 73.48
CA ALA C 535 9.29 -2.15 73.36
C ALA C 535 8.29 -3.19 73.86
N ASN C 536 8.58 -4.48 73.67
CA ASN C 536 7.65 -5.53 74.06
C ASN C 536 7.52 -5.63 75.58
N CYS C 537 8.62 -5.48 76.31
CA CYS C 537 8.59 -5.63 77.76
C CYS C 537 8.00 -4.42 78.46
N ALA C 538 7.82 -3.29 77.76
CA ALA C 538 7.23 -2.12 78.38
C ALA C 538 5.77 -2.32 78.76
N LEU C 539 5.11 -3.32 78.15
CA LEU C 539 3.72 -3.62 78.51
C LEU C 539 3.58 -4.13 79.93
N PHE C 540 4.64 -4.74 80.49
CA PHE C 540 4.59 -5.30 81.84
C PHE C 540 4.66 -4.17 82.87
N SER C 541 3.56 -3.43 82.95
CA SER C 541 3.43 -2.33 83.92
C SER C 541 2.59 -2.77 85.13
N THR C 542 1.36 -3.22 84.89
CA THR C 542 0.49 -3.71 85.96
C THR C 542 0.60 -5.21 86.16
N ASN C 543 1.43 -5.89 85.37
CA ASN C 543 1.56 -7.34 85.45
C ASN C 543 2.70 -7.78 86.37
N LEU C 544 3.42 -6.84 86.97
CA LEU C 544 4.51 -7.22 87.86
C LEU C 544 4.00 -7.98 89.08
N ASP C 545 2.90 -7.52 89.67
CA ASP C 545 2.34 -8.21 90.82
C ASP C 545 1.85 -9.61 90.44
N TRP C 546 1.28 -9.75 89.25
CA TRP C 546 0.85 -11.07 88.79
C TRP C 546 2.05 -11.99 88.56
N VAL C 547 3.15 -11.46 88.02
CA VAL C 547 4.31 -12.28 87.74
C VAL C 547 4.99 -12.72 89.03
N VAL C 548 5.15 -11.80 89.99
CA VAL C 548 5.90 -12.09 91.21
C VAL C 548 5.24 -13.19 92.02
N SER C 549 3.91 -13.20 92.09
CA SER C 549 3.18 -14.14 92.93
C SER C 549 2.98 -15.50 92.27
N LYS C 550 3.78 -15.84 91.26
CA LYS C 550 3.64 -17.11 90.56
C LYS C 550 4.71 -18.13 90.95
N LEU C 551 5.45 -17.88 92.04
CA LEU C 551 6.49 -18.81 92.49
C LEU C 551 5.84 -19.99 93.20
N ASP C 552 5.16 -20.82 92.40
CA ASP C 552 4.35 -21.90 92.92
C ASP C 552 5.16 -23.12 93.37
N ARG C 553 6.40 -23.27 92.90
CA ARG C 553 7.30 -24.35 93.31
C ARG C 553 6.87 -25.70 92.77
N LEU C 554 5.69 -25.78 92.15
CA LEU C 554 5.15 -27.06 91.71
C LEU C 554 5.36 -27.30 90.21
N GLU C 555 4.95 -26.35 89.38
CA GLU C 555 5.04 -26.55 87.94
C GLU C 555 6.46 -26.25 87.43
N ALA C 556 6.92 -25.00 87.60
CA ALA C 556 8.22 -24.61 87.09
C ALA C 556 8.80 -23.55 88.04
N SER C 557 9.72 -23.99 88.91
CA SER C 557 10.38 -23.05 89.81
C SER C 557 11.32 -22.13 89.04
N SER C 558 12.08 -22.69 88.09
CA SER C 558 13.03 -21.90 87.32
C SER C 558 12.40 -21.15 86.16
N GLY C 559 11.27 -21.64 85.65
CA GLY C 559 10.61 -20.95 84.56
C GLY C 559 10.15 -19.55 84.91
N ILE C 560 9.52 -19.40 86.09
CA ILE C 560 9.10 -18.07 86.52
C ILE C 560 10.30 -17.19 86.79
N LEU C 561 11.36 -17.76 87.38
CA LEU C 561 12.56 -16.98 87.68
C LEU C 561 13.19 -16.43 86.41
N GLU C 562 13.28 -17.24 85.35
CA GLU C 562 13.84 -16.77 84.10
C GLU C 562 12.99 -15.65 83.48
N VAL C 563 11.67 -15.81 83.49
CA VAL C 563 10.79 -14.79 82.94
C VAL C 563 10.94 -13.49 83.71
N LEU C 564 10.98 -13.57 85.04
CA LEU C 564 11.18 -12.37 85.85
C LEU C 564 12.53 -11.73 85.57
N TYR C 565 13.58 -12.55 85.43
CA TYR C 565 14.91 -12.01 85.20
C TYR C 565 15.00 -11.30 83.85
N CYS C 566 14.28 -11.81 82.85
CA CYS C 566 14.39 -11.25 81.50
C CYS C 566 13.95 -9.80 81.41
N VAL C 567 12.85 -9.44 82.09
CA VAL C 567 12.28 -8.11 81.90
C VAL C 567 13.00 -7.03 82.69
N LEU C 568 13.60 -7.38 83.83
CA LEU C 568 14.17 -6.37 84.71
C LEU C 568 15.32 -5.63 84.04
N ILE C 569 16.21 -6.35 83.36
CA ILE C 569 17.35 -5.69 82.72
C ILE C 569 16.87 -4.88 81.51
N GLU C 570 15.96 -5.44 80.72
CA GLU C 570 15.57 -4.78 79.48
C GLU C 570 14.77 -3.51 79.75
N SER C 571 13.81 -3.56 80.67
CA SER C 571 12.93 -2.43 80.91
C SER C 571 13.34 -1.71 82.19
N PRO C 572 13.83 -0.47 82.12
CA PRO C 572 14.20 0.26 83.34
C PRO C 572 13.03 0.88 84.07
N GLU C 573 11.93 1.21 83.38
CA GLU C 573 10.80 1.83 84.05
C GLU C 573 10.08 0.86 84.98
N VAL C 574 10.28 -0.45 84.78
CA VAL C 574 9.64 -1.45 85.63
C VAL C 574 10.16 -1.36 87.06
N LEU C 575 11.44 -1.02 87.24
CA LEU C 575 12.03 -1.00 88.57
C LEU C 575 11.37 0.05 89.47
N ASN C 576 10.64 1.00 88.90
CA ASN C 576 9.99 2.02 89.70
C ASN C 576 8.68 1.54 90.31
N ILE C 577 8.24 0.33 89.98
CA ILE C 577 6.95 -0.16 90.48
C ILE C 577 7.10 -1.14 91.62
N ILE C 578 8.29 -1.71 91.81
CA ILE C 578 8.48 -2.72 92.86
C ILE C 578 8.28 -2.10 94.23
N GLN C 579 7.96 -2.95 95.21
CA GLN C 579 7.63 -2.49 96.55
C GLN C 579 8.20 -3.46 97.60
N GLU C 580 7.93 -3.13 98.87
CA GLU C 580 8.47 -3.89 99.99
C GLU C 580 8.00 -5.34 99.96
N ASN C 581 6.72 -5.56 99.67
CA ASN C 581 6.21 -6.92 99.60
C ASN C 581 6.87 -7.72 98.49
N HIS C 582 7.07 -7.12 97.32
CA HIS C 582 7.76 -7.81 96.24
C HIS C 582 9.19 -8.17 96.62
N ILE C 583 9.91 -7.22 97.23
CA ILE C 583 11.29 -7.49 97.63
C ILE C 583 11.34 -8.60 98.66
N LYS C 584 10.42 -8.57 99.63
CA LYS C 584 10.38 -9.62 100.66
C LYS C 584 10.06 -10.98 100.06
N SER C 585 9.13 -11.05 99.10
CA SER C 585 8.84 -12.32 98.46
C SER C 585 10.04 -12.84 97.69
N ILE C 586 10.74 -11.96 96.97
CA ILE C 586 11.91 -12.39 96.22
C ILE C 586 12.99 -12.91 97.17
N ILE C 587 13.24 -12.21 98.28
CA ILE C 587 14.29 -12.64 99.18
C ILE C 587 13.89 -13.90 99.92
N SER C 588 12.59 -14.11 100.17
CA SER C 588 12.14 -15.34 100.81
C SER C 588 12.19 -16.53 99.85
N LEU C 589 12.12 -16.27 98.54
CA LEU C 589 12.33 -17.35 97.58
C LEU C 589 13.68 -18.02 97.78
N LEU C 590 14.72 -17.24 98.09
CA LEU C 590 16.04 -17.81 98.34
C LEU C 590 16.02 -18.76 99.53
N ASP C 591 15.40 -18.35 100.64
CA ASP C 591 15.32 -19.23 101.80
C ASP C 591 14.50 -20.47 101.51
N LYS C 592 13.42 -20.33 100.74
CA LYS C 592 12.57 -21.48 100.47
C LYS C 592 13.19 -22.48 99.50
N HIS C 593 14.03 -22.00 98.57
CA HIS C 593 14.60 -22.87 97.54
C HIS C 593 16.10 -23.05 97.67
N GLY C 594 16.68 -22.70 98.82
CA GLY C 594 18.08 -22.96 99.06
C GLY C 594 18.98 -21.95 98.38
N ARG C 595 20.29 -22.21 98.49
CA ARG C 595 21.31 -21.30 97.97
C ARG C 595 21.38 -21.45 96.46
N ASN C 596 20.82 -20.47 95.75
CA ASN C 596 20.84 -20.44 94.29
C ASN C 596 21.60 -19.19 93.84
N HIS C 597 22.52 -19.37 92.89
CA HIS C 597 23.31 -18.25 92.41
C HIS C 597 22.55 -17.39 91.40
N LYS C 598 21.43 -17.87 90.88
CA LYS C 598 20.66 -17.09 89.92
C LYS C 598 19.90 -15.97 90.60
N VAL C 599 19.44 -16.18 91.83
CA VAL C 599 18.71 -15.15 92.56
C VAL C 599 19.60 -13.96 92.86
N LEU C 600 20.89 -14.19 93.08
CA LEU C 600 21.81 -13.09 93.34
C LEU C 600 21.90 -12.14 92.15
N ASP C 601 21.90 -12.68 90.92
CA ASP C 601 21.90 -11.82 89.75
C ASP C 601 20.63 -10.98 89.67
N VAL C 602 19.47 -11.58 89.96
CA VAL C 602 18.23 -10.83 89.95
C VAL C 602 18.26 -9.70 90.98
N LEU C 603 18.76 -10.01 92.18
CA LEU C 603 18.87 -8.97 93.21
C LEU C 603 19.86 -7.89 92.84
N CYS C 604 20.98 -8.24 92.20
CA CYS C 604 21.93 -7.23 91.76
C CYS C 604 21.34 -6.34 90.66
N SER C 605 20.48 -6.90 89.81
CA SER C 605 19.85 -6.11 88.77
C SER C 605 18.95 -5.01 89.31
N LEU C 606 18.50 -5.13 90.56
CA LEU C 606 17.60 -4.15 91.15
C LEU C 606 18.29 -2.83 91.47
N CYS C 607 19.58 -2.85 91.78
CA CYS C 607 20.24 -1.65 92.27
C CYS C 607 20.42 -0.62 91.16
N VAL C 608 20.88 -1.04 89.99
CA VAL C 608 21.17 -0.12 88.89
C VAL C 608 20.46 -0.61 87.64
N CYS C 609 19.61 0.23 87.06
CA CYS C 609 18.94 -0.12 85.81
C CYS C 609 19.86 0.15 84.62
N ASN C 610 20.25 1.41 84.42
CA ASN C 610 21.19 1.76 83.35
C ASN C 610 21.82 3.10 83.71
N GLY C 611 23.04 3.06 84.23
CA GLY C 611 23.74 4.27 84.59
C GLY C 611 23.21 4.92 85.85
N VAL C 612 21.94 5.31 85.82
CA VAL C 612 21.30 5.89 86.99
C VAL C 612 20.96 4.78 87.98
N ALA C 613 21.17 5.06 89.27
CA ALA C 613 20.94 4.08 90.32
C ALA C 613 19.81 4.53 91.22
N VAL C 614 18.87 3.64 91.47
CA VAL C 614 17.76 3.92 92.38
C VAL C 614 18.27 3.86 93.81
N ARG C 615 17.83 4.81 94.64
CA ARG C 615 18.29 4.88 96.01
C ARG C 615 17.37 4.19 97.01
N SER C 616 16.09 4.03 96.65
CA SER C 616 15.17 3.37 97.57
C SER C 616 15.45 1.86 97.65
N ASN C 617 15.68 1.23 96.50
CA ASN C 617 15.89 -0.22 96.48
C ASN C 617 17.18 -0.63 97.18
N GLN C 618 18.24 0.17 97.05
CA GLN C 618 19.48 -0.14 97.74
C GLN C 618 19.28 -0.18 99.26
N ASP C 619 18.56 0.81 99.79
CA ASP C 619 18.29 0.82 101.23
C ASP C 619 17.31 -0.27 101.64
N LEU C 620 16.33 -0.60 100.79
CA LEU C 620 15.40 -1.67 101.14
C LEU C 620 16.10 -3.03 101.15
N ILE C 621 17.07 -3.24 100.27
CA ILE C 621 17.73 -4.55 100.19
C ILE C 621 18.50 -4.84 101.47
N THR C 622 19.22 -3.85 101.99
CA THR C 622 19.98 -4.07 103.22
C THR C 622 19.08 -4.37 104.41
N GLU C 623 17.94 -3.67 104.53
CA GLU C 623 17.04 -3.94 105.65
C GLU C 623 16.39 -5.31 105.50
N ASN C 624 15.93 -5.64 104.30
CA ASN C 624 15.27 -6.92 104.10
C ASN C 624 16.22 -8.10 104.29
N LEU C 625 17.48 -7.94 103.87
CA LEU C 625 18.49 -8.95 104.12
C LEU C 625 18.66 -9.13 105.62
N LEU C 626 18.63 -10.37 106.07
CA LEU C 626 18.55 -10.65 107.50
C LEU C 626 19.84 -10.21 108.18
N PRO C 627 19.80 -9.27 109.12
CA PRO C 627 21.04 -8.78 109.74
C PRO C 627 21.73 -9.78 110.65
N GLY C 628 21.03 -10.82 111.09
CA GLY C 628 21.66 -11.87 111.87
C GLY C 628 22.56 -12.78 111.07
N ARG C 629 22.66 -12.57 109.76
CA ARG C 629 23.60 -13.27 108.89
C ARG C 629 23.30 -14.76 108.81
N GLU C 630 22.02 -15.15 108.91
CA GLU C 630 21.67 -16.56 108.84
C GLU C 630 21.74 -17.09 107.41
N LEU C 631 21.28 -16.30 106.43
CA LEU C 631 21.18 -16.80 105.06
C LEU C 631 22.52 -16.74 104.32
N LEU C 632 23.36 -15.76 104.62
CA LEU C 632 24.60 -15.52 103.88
C LEU C 632 25.78 -16.11 104.63
N LEU C 633 26.92 -16.19 103.92
CA LEU C 633 28.14 -16.74 104.47
C LEU C 633 28.95 -15.66 105.16
N GLN C 634 29.79 -16.07 106.11
CA GLN C 634 30.56 -15.14 106.91
C GLN C 634 32.05 -15.50 106.89
N THR C 635 32.88 -14.49 107.07
CA THR C 635 34.33 -14.65 107.13
C THR C 635 34.89 -13.84 108.29
N ASN C 636 36.03 -14.28 108.80
CA ASN C 636 36.69 -13.60 109.91
C ASN C 636 38.14 -14.05 109.96
N LEU C 637 38.89 -13.47 110.89
CA LEU C 637 40.28 -13.81 111.12
C LEU C 637 40.42 -14.42 112.51
N ILE C 638 41.13 -15.55 112.59
CA ILE C 638 41.27 -16.29 113.83
C ILE C 638 42.73 -16.72 114.02
N ASN C 639 43.06 -17.10 115.24
CA ASN C 639 44.40 -17.55 115.59
C ASN C 639 44.48 -19.07 115.57
N TYR C 640 45.71 -19.57 115.58
CA TYR C 640 45.96 -21.00 115.65
C TYR C 640 46.10 -21.45 117.10
N VAL C 641 45.83 -22.73 117.34
CA VAL C 641 45.96 -23.33 118.66
C VAL C 641 46.45 -24.75 118.50
N THR C 642 47.28 -25.20 119.45
CA THR C 642 47.83 -26.54 119.40
C THR C 642 47.87 -27.10 120.82
N SER C 643 47.68 -28.41 120.93
CA SER C 643 47.60 -29.08 122.22
C SER C 643 48.78 -30.04 122.39
N ILE C 644 49.33 -30.08 123.61
CA ILE C 644 50.42 -30.95 123.97
C ILE C 644 49.96 -31.88 125.08
N ARG C 645 50.61 -33.04 125.18
CA ARG C 645 50.12 -34.12 126.03
C ARG C 645 51.25 -34.99 126.56
N PRO C 646 51.28 -35.27 127.86
CA PRO C 646 52.21 -36.28 128.40
C PRO C 646 51.59 -37.66 128.41
N ASN C 647 52.35 -38.68 128.01
CA ASN C 647 51.81 -40.03 127.75
C ASN C 647 51.52 -40.76 129.06
N ILE C 648 50.33 -40.49 129.61
CA ILE C 648 49.79 -41.20 130.75
C ILE C 648 48.36 -41.60 130.43
N PHE C 649 48.01 -42.85 130.73
CA PHE C 649 46.70 -43.38 130.42
C PHE C 649 46.06 -43.98 131.67
N VAL C 650 44.82 -43.59 131.95
CA VAL C 650 44.09 -44.03 133.14
C VAL C 650 42.68 -44.41 132.73
N GLY C 651 42.21 -45.57 133.19
CA GLY C 651 40.85 -46.00 132.94
C GLY C 651 40.36 -46.92 134.04
N ARG C 652 39.06 -47.19 134.01
CA ARG C 652 38.43 -48.09 134.97
C ARG C 652 37.57 -49.11 134.24
N ALA C 653 37.63 -50.35 134.70
CA ALA C 653 36.79 -51.42 134.19
C ALA C 653 36.63 -52.46 135.29
N GLU C 654 36.04 -53.61 134.95
CA GLU C 654 35.89 -54.71 135.89
C GLU C 654 37.24 -55.42 136.03
N GLY C 655 38.13 -54.77 136.78
CA GLY C 655 39.49 -55.27 136.92
C GLY C 655 40.34 -54.45 137.85
N SER C 656 41.57 -54.13 137.43
CA SER C 656 42.51 -53.42 138.28
C SER C 656 42.01 -52.03 138.61
N THR C 657 42.16 -51.63 139.87
CA THR C 657 41.78 -50.28 140.30
C THR C 657 42.64 -49.21 139.65
N GLN C 658 43.94 -49.47 139.48
CA GLN C 658 44.87 -48.62 138.77
C GLN C 658 45.06 -47.26 139.44
N TYR C 659 44.73 -47.15 140.74
CA TYR C 659 44.84 -45.89 141.49
C TYR C 659 44.15 -44.76 140.75
N GLY C 660 42.82 -44.89 140.63
CA GLY C 660 42.04 -44.02 139.75
C GLY C 660 42.11 -42.54 140.08
N LYS C 661 42.54 -42.17 141.29
CA LYS C 661 42.65 -40.77 141.65
C LYS C 661 44.07 -40.29 141.34
N TRP C 662 44.16 -39.13 140.70
CA TRP C 662 45.44 -38.57 140.27
C TRP C 662 45.44 -37.07 140.50
N TYR C 663 46.64 -36.50 140.54
CA TYR C 663 46.82 -35.10 140.91
C TYR C 663 48.12 -34.59 140.32
N PHE C 664 48.08 -33.42 139.69
CA PHE C 664 49.25 -32.84 139.05
C PHE C 664 49.12 -31.32 139.03
N GLU C 665 50.25 -30.65 138.78
CA GLU C 665 50.32 -29.20 138.83
C GLU C 665 51.03 -28.65 137.60
N VAL C 666 50.74 -27.39 137.27
CA VAL C 666 51.38 -26.69 136.16
C VAL C 666 51.78 -25.30 136.63
N MET C 667 52.95 -24.86 136.18
CA MET C 667 53.44 -23.51 136.40
C MET C 667 53.38 -22.74 135.09
N VAL C 668 52.79 -21.55 135.12
CA VAL C 668 52.66 -20.71 133.94
C VAL C 668 52.99 -19.28 134.30
N ASP C 669 53.83 -18.65 133.47
CA ASP C 669 54.11 -17.21 133.55
C ASP C 669 53.98 -16.64 132.14
N GLU C 670 52.74 -16.30 131.75
CA GLU C 670 52.47 -15.85 130.40
C GLU C 670 53.01 -14.45 130.19
N VAL C 671 53.53 -14.19 129.00
CA VAL C 671 54.22 -12.94 128.72
C VAL C 671 53.38 -11.95 127.92
N VAL C 672 52.63 -12.41 126.92
CA VAL C 672 51.92 -11.50 126.01
C VAL C 672 50.42 -11.56 126.29
N PRO C 673 49.86 -10.58 127.00
CA PRO C 673 48.42 -10.66 127.33
C PRO C 673 47.51 -10.48 126.13
N PHE C 674 47.92 -9.69 125.15
CA PHE C 674 47.08 -9.42 123.99
C PHE C 674 47.91 -9.58 122.72
N LEU C 675 47.31 -10.20 121.71
CA LEU C 675 47.96 -10.44 120.43
C LEU C 675 47.34 -9.52 119.38
N THR C 676 47.78 -9.65 118.14
CA THR C 676 47.31 -8.76 117.07
C THR C 676 45.81 -8.87 116.86
N ALA C 677 45.28 -10.08 116.88
CA ALA C 677 43.88 -10.31 116.53
C ALA C 677 43.02 -10.79 117.68
N GLN C 678 43.41 -11.85 118.38
CA GLN C 678 42.57 -12.45 119.40
C GLN C 678 43.37 -12.65 120.67
N ALA C 679 42.65 -12.82 121.78
CA ALA C 679 43.28 -13.06 123.07
C ALA C 679 43.94 -14.43 123.10
N THR C 680 44.96 -14.55 123.94
CA THR C 680 45.68 -15.81 124.07
C THR C 680 44.79 -16.87 124.69
N HIS C 681 44.88 -18.10 124.16
CA HIS C 681 44.06 -19.22 124.61
C HIS C 681 44.98 -20.22 125.31
N LEU C 682 44.69 -20.51 126.58
CA LEU C 682 45.50 -21.39 127.40
C LEU C 682 44.58 -22.20 128.30
N ARG C 683 44.53 -23.51 128.07
CA ARG C 683 43.64 -24.39 128.82
C ARG C 683 44.39 -25.64 129.26
N VAL C 684 44.02 -26.16 130.43
CA VAL C 684 44.52 -27.43 130.94
C VAL C 684 43.31 -28.30 131.28
N GLY C 685 43.39 -29.58 130.96
CA GLY C 685 42.25 -30.44 131.22
C GLY C 685 42.55 -31.88 130.89
N TRP C 686 41.47 -32.65 130.73
CA TRP C 686 41.53 -34.07 130.43
C TRP C 686 40.71 -34.37 129.18
N ALA C 687 40.78 -35.63 128.74
CA ALA C 687 40.04 -36.08 127.58
C ALA C 687 39.67 -37.54 127.77
N LEU C 688 38.91 -38.08 126.81
CA LEU C 688 38.41 -39.45 126.88
C LEU C 688 39.06 -40.37 125.85
N THR C 689 39.95 -39.83 125.00
CA THR C 689 40.74 -40.58 124.02
C THR C 689 39.87 -41.03 122.85
N GLU C 690 38.56 -40.82 122.95
CA GLU C 690 37.68 -41.11 121.82
C GLU C 690 37.81 -40.05 120.73
N GLY C 691 37.83 -38.77 121.12
CA GLY C 691 37.93 -37.68 120.17
C GLY C 691 39.24 -36.93 120.29
N TYR C 692 40.09 -37.05 119.26
CA TYR C 692 41.40 -36.41 119.31
C TYR C 692 41.29 -34.94 118.91
N SER C 693 40.82 -34.67 117.70
CA SER C 693 40.70 -33.32 117.15
C SER C 693 41.95 -32.45 117.32
N PRO C 694 43.10 -32.89 116.80
CA PRO C 694 44.27 -31.98 116.74
C PRO C 694 44.28 -31.02 115.56
N TYR C 695 43.27 -31.08 114.70
CA TYR C 695 43.31 -30.42 113.41
C TYR C 695 43.40 -28.91 113.60
N PRO C 696 44.37 -28.23 112.97
CA PRO C 696 44.50 -26.78 113.14
C PRO C 696 43.43 -25.97 112.44
N GLY C 697 42.53 -26.61 111.69
CA GLY C 697 41.45 -25.92 111.01
C GLY C 697 40.27 -25.68 111.93
N GLY C 698 39.10 -25.50 111.33
CA GLY C 698 37.88 -25.24 112.07
C GLY C 698 36.99 -26.47 112.10
N GLY C 699 36.60 -26.88 113.31
CA GLY C 699 35.71 -28.00 113.48
C GLY C 699 34.41 -27.63 114.19
N GLU C 700 34.47 -26.63 115.06
CA GLU C 700 33.30 -26.18 115.79
C GLU C 700 32.67 -25.01 115.02
N GLY C 701 31.75 -24.28 115.66
CA GLY C 701 31.06 -23.20 114.98
C GLY C 701 31.99 -22.11 114.49
N TRP C 702 32.95 -21.71 115.31
CA TRP C 702 33.88 -20.64 114.96
C TRP C 702 35.30 -21.08 115.29
N GLY C 703 36.11 -21.26 114.25
CA GLY C 703 37.51 -21.57 114.45
C GLY C 703 37.74 -22.95 115.04
N GLY C 704 38.90 -23.11 115.65
CA GLY C 704 39.25 -24.35 116.31
C GLY C 704 39.86 -24.09 117.67
N ASN C 705 39.48 -24.92 118.63
CA ASN C 705 39.97 -24.80 120.01
C ASN C 705 40.38 -26.17 120.51
N GLY C 706 41.27 -26.17 121.51
CA GLY C 706 41.81 -27.42 122.02
C GLY C 706 40.88 -28.17 122.95
N VAL C 707 40.52 -27.57 124.06
CA VAL C 707 39.76 -28.24 125.11
C VAL C 707 38.45 -27.50 125.33
N GLY C 708 37.36 -28.27 125.41
CA GLY C 708 36.05 -27.72 125.69
C GLY C 708 35.07 -27.80 124.54
N ASP C 709 35.56 -27.93 123.30
CA ASP C 709 34.66 -27.99 122.16
C ASP C 709 33.85 -29.28 122.16
N ASP C 710 34.53 -30.42 122.33
CA ASP C 710 33.86 -31.71 122.29
C ASP C 710 33.41 -32.13 123.68
N LEU C 711 32.41 -33.02 123.71
CA LEU C 711 31.94 -33.56 124.98
C LEU C 711 33.00 -34.41 125.68
N TYR C 712 33.98 -34.91 124.92
CA TYR C 712 35.02 -35.74 125.52
C TYR C 712 36.04 -34.93 126.30
N SER C 713 36.13 -33.62 126.05
CA SER C 713 37.11 -32.77 126.72
C SER C 713 36.43 -31.85 127.73
N TYR C 714 37.16 -31.52 128.79
CA TYR C 714 36.65 -30.66 129.85
C TYR C 714 37.72 -29.64 130.20
N GLY C 715 37.35 -28.35 130.21
CA GLY C 715 38.32 -27.29 130.36
C GLY C 715 38.00 -26.38 131.52
N PHE C 716 38.96 -25.50 131.82
CA PHE C 716 38.84 -24.55 132.92
C PHE C 716 39.73 -23.35 132.60
N ASP C 717 39.12 -22.18 132.39
CA ASP C 717 39.83 -20.98 131.99
C ASP C 717 40.17 -20.07 133.16
N GLY C 718 39.88 -20.48 134.39
CA GLY C 718 39.97 -19.62 135.54
C GLY C 718 38.75 -18.74 135.75
N LEU C 719 37.98 -18.50 134.70
CA LEU C 719 36.71 -17.81 134.79
C LEU C 719 35.53 -18.67 134.36
N HIS C 720 35.72 -19.56 133.38
CA HIS C 720 34.63 -20.34 132.83
C HIS C 720 35.05 -21.79 132.66
N LEU C 721 34.11 -22.70 132.91
CA LEU C 721 34.27 -24.09 132.54
C LEU C 721 33.71 -24.30 131.14
N TRP C 722 34.44 -25.04 130.32
CA TRP C 722 34.00 -25.38 128.97
C TRP C 722 33.79 -26.88 128.85
N THR C 723 32.60 -27.28 128.44
CA THR C 723 32.30 -28.64 128.04
C THR C 723 31.14 -28.59 127.05
N GLY C 724 31.28 -29.31 125.93
CA GLY C 724 30.29 -29.22 124.88
C GLY C 724 30.20 -27.84 124.27
N HIS C 725 31.31 -27.12 124.21
CA HIS C 725 31.39 -25.80 123.58
C HIS C 725 30.39 -24.82 124.21
N VAL C 726 30.59 -24.54 125.50
CA VAL C 726 29.79 -23.55 126.20
C VAL C 726 30.63 -23.00 127.35
N ALA C 727 30.38 -21.75 127.72
CA ALA C 727 31.13 -21.05 128.75
C ALA C 727 30.26 -20.90 129.98
N ARG C 728 30.57 -21.67 131.05
CA ARG C 728 29.81 -21.49 132.27
C ARG C 728 30.67 -20.81 133.33
N PRO C 729 30.33 -19.60 133.75
CA PRO C 729 31.21 -18.87 134.66
C PRO C 729 31.21 -19.45 136.07
N VAL C 730 32.29 -19.14 136.79
CA VAL C 730 32.47 -19.58 138.17
C VAL C 730 32.78 -18.39 139.05
N THR C 731 32.59 -18.56 140.35
CA THR C 731 32.85 -17.53 141.34
C THR C 731 33.96 -18.00 142.27
N SER C 732 35.01 -17.20 142.40
CA SER C 732 36.15 -17.52 143.25
C SER C 732 36.82 -16.22 143.64
N PRO C 733 37.41 -16.15 144.83
CA PRO C 733 38.16 -14.95 145.22
C PRO C 733 39.32 -14.69 144.27
N GLY C 734 39.55 -13.42 143.97
CA GLY C 734 40.58 -13.04 143.02
C GLY C 734 40.24 -13.47 141.61
N GLN C 735 39.20 -12.88 141.03
CA GLN C 735 38.76 -13.24 139.68
C GLN C 735 39.67 -12.56 138.66
N HIS C 736 40.47 -13.37 137.96
CA HIS C 736 41.33 -12.86 136.91
C HIS C 736 41.70 -14.03 136.00
N LEU C 737 42.14 -13.68 134.79
CA LEU C 737 42.56 -14.69 133.83
C LEU C 737 43.88 -15.32 134.27
N LEU C 738 44.40 -16.21 133.43
CA LEU C 738 45.66 -16.87 133.73
C LEU C 738 46.78 -15.84 133.78
N ALA C 739 47.31 -15.60 134.99
CA ALA C 739 48.34 -14.61 135.22
C ALA C 739 49.65 -15.28 135.54
N PRO C 740 50.78 -14.60 135.38
CA PRO C 740 52.07 -15.22 135.70
C PRO C 740 52.15 -15.65 137.16
N GLU C 741 52.85 -16.76 137.38
CA GLU C 741 53.10 -17.31 138.72
C GLU C 741 51.77 -17.70 139.40
N ASP C 742 51.04 -18.59 138.74
CA ASP C 742 49.82 -19.17 139.27
C ASP C 742 49.90 -20.68 139.20
N VAL C 743 49.25 -21.36 140.15
CA VAL C 743 49.19 -22.82 140.17
C VAL C 743 47.74 -23.25 140.04
N VAL C 744 47.50 -24.25 139.20
CA VAL C 744 46.21 -24.91 139.11
C VAL C 744 46.45 -26.42 139.07
N SER C 745 45.64 -27.15 139.82
CA SER C 745 45.80 -28.59 139.97
C SER C 745 44.48 -29.28 139.66
N CYS C 746 44.56 -30.44 139.02
CA CYS C 746 43.38 -31.21 138.63
C CYS C 746 43.28 -32.47 139.46
N CYS C 747 42.09 -32.75 139.99
CA CYS C 747 41.85 -33.99 140.71
C CYS C 747 40.68 -34.72 140.06
N LEU C 748 40.84 -36.03 139.88
CA LEU C 748 39.87 -36.86 139.17
C LEU C 748 39.54 -38.06 140.04
N ASP C 749 38.31 -38.11 140.54
CA ASP C 749 37.84 -39.19 141.40
C ASP C 749 36.81 -40.03 140.66
N LEU C 750 36.89 -41.35 140.86
CA LEU C 750 35.97 -42.29 140.23
C LEU C 750 35.05 -43.01 141.20
N SER C 751 35.28 -42.92 142.52
CA SER C 751 34.32 -43.47 143.46
C SER C 751 32.97 -42.78 143.28
N VAL C 752 32.98 -41.47 143.13
CA VAL C 752 31.90 -40.72 142.50
C VAL C 752 32.54 -40.05 141.28
N PRO C 753 31.89 -40.06 140.12
CA PRO C 753 32.57 -39.55 138.92
C PRO C 753 32.72 -38.05 138.94
N SER C 754 33.78 -37.55 139.58
CA SER C 754 33.99 -36.13 139.77
C SER C 754 35.34 -35.70 139.23
N ILE C 755 35.39 -34.48 138.71
CA ILE C 755 36.62 -33.84 138.29
C ILE C 755 36.60 -32.40 138.82
N SER C 756 37.62 -32.02 139.57
CA SER C 756 37.66 -30.70 140.18
C SER C 756 39.01 -30.04 139.92
N PHE C 757 38.99 -28.71 139.96
CA PHE C 757 40.16 -27.87 139.72
C PHE C 757 40.45 -27.06 140.97
N ARG C 758 41.72 -26.80 141.24
CA ARG C 758 42.11 -26.12 142.47
C ARG C 758 43.16 -25.05 142.17
N ILE C 759 42.87 -23.81 142.57
CA ILE C 759 43.82 -22.71 142.47
C ILE C 759 43.92 -22.05 143.85
N ASN C 760 44.84 -22.56 144.67
CA ASN C 760 45.41 -21.88 145.82
C ASN C 760 44.51 -21.65 147.03
N GLY C 761 43.21 -21.90 146.92
CA GLY C 761 42.35 -21.54 148.04
C GLY C 761 41.40 -22.57 148.60
N CYS C 762 40.99 -23.53 147.77
CA CYS C 762 39.88 -24.45 148.00
C CYS C 762 38.52 -23.79 148.29
N PRO C 763 38.11 -22.69 147.60
CA PRO C 763 36.70 -22.29 147.69
C PRO C 763 35.86 -22.68 146.48
N VAL C 764 36.50 -23.24 145.45
CA VAL C 764 35.82 -23.42 144.16
C VAL C 764 34.72 -24.46 144.28
N GLN C 765 33.54 -24.13 143.76
CA GLN C 765 32.38 -24.99 143.82
C GLN C 765 32.06 -25.66 142.49
N GLY C 766 32.80 -25.36 141.43
CA GLY C 766 32.56 -25.94 140.13
C GLY C 766 33.22 -27.29 140.00
N VAL C 767 32.42 -28.31 139.76
CA VAL C 767 32.92 -29.68 139.64
C VAL C 767 32.17 -30.38 138.51
N PHE C 768 32.89 -31.18 137.74
CA PHE C 768 32.29 -31.97 136.66
C PHE C 768 31.79 -33.30 137.20
N GLU C 769 30.60 -33.70 136.78
CA GLU C 769 29.97 -34.92 137.27
C GLU C 769 29.36 -35.70 136.13
N ALA C 770 29.18 -37.01 136.38
CA ALA C 770 28.46 -37.91 135.49
C ALA C 770 29.07 -37.96 134.08
N PHE C 771 30.39 -37.97 133.99
CA PHE C 771 31.04 -38.12 132.70
C PHE C 771 31.26 -39.60 132.39
N ASN C 772 31.19 -39.93 131.11
CA ASN C 772 31.38 -41.31 130.69
C ASN C 772 32.84 -41.73 130.90
N LEU C 773 33.02 -43.02 131.21
CA LEU C 773 34.32 -43.54 131.61
C LEU C 773 34.86 -44.60 130.68
N ASP C 774 34.20 -44.88 129.56
CA ASP C 774 34.63 -45.94 128.65
C ASP C 774 35.78 -45.48 127.76
N GLY C 775 36.87 -45.04 128.38
CA GLY C 775 38.02 -44.57 127.62
C GLY C 775 39.19 -44.29 128.54
N LEU C 776 40.27 -43.82 127.94
CA LEU C 776 41.50 -43.51 128.67
C LEU C 776 41.57 -42.02 128.95
N PHE C 777 41.86 -41.67 130.20
CA PHE C 777 41.92 -40.28 130.63
C PHE C 777 43.37 -39.84 130.75
N PHE C 778 43.69 -38.70 130.16
CA PHE C 778 45.05 -38.17 130.19
C PHE C 778 45.00 -36.67 130.38
N PRO C 779 46.03 -36.07 131.00
CA PRO C 779 46.14 -34.61 131.01
C PRO C 779 46.55 -34.07 129.66
N VAL C 780 46.15 -32.84 129.39
CA VAL C 780 46.42 -32.19 128.12
C VAL C 780 46.41 -30.68 128.32
N VAL C 781 47.27 -29.98 127.59
CA VAL C 781 47.37 -28.53 127.68
C VAL C 781 47.28 -27.94 126.27
N SER C 782 46.26 -27.12 126.03
CA SER C 782 46.05 -26.49 124.74
C SER C 782 46.44 -25.03 124.82
N PHE C 783 47.37 -24.61 123.96
CA PHE C 783 47.92 -23.26 124.00
C PHE C 783 47.94 -22.66 122.60
N SER C 784 47.78 -21.34 122.55
CA SER C 784 47.93 -20.58 121.33
C SER C 784 49.37 -20.09 121.20
N ALA C 785 49.61 -19.16 120.27
CA ALA C 785 50.96 -18.64 120.08
C ALA C 785 51.40 -17.79 121.26
N GLY C 786 52.71 -17.71 121.45
CA GLY C 786 53.27 -16.92 122.53
C GLY C 786 52.98 -17.42 123.93
N VAL C 787 53.09 -18.73 124.14
CA VAL C 787 52.78 -19.35 125.43
C VAL C 787 53.97 -20.19 125.87
N LYS C 788 54.37 -20.01 127.14
CA LYS C 788 55.37 -20.87 127.78
C LYS C 788 54.74 -21.46 129.03
N VAL C 789 54.70 -22.79 129.09
CA VAL C 789 54.04 -23.50 130.18
C VAL C 789 55.02 -24.50 130.78
N ARG C 790 54.83 -24.80 132.06
CA ARG C 790 55.68 -25.76 132.77
C ARG C 790 54.79 -26.81 133.41
N PHE C 791 55.22 -28.07 133.35
CA PHE C 791 54.41 -29.20 133.76
C PHE C 791 55.12 -29.95 134.88
N LEU C 792 54.40 -30.33 135.92
CA LEU C 792 54.97 -31.06 137.05
C LEU C 792 54.19 -32.34 137.27
N LEU C 793 54.91 -33.44 137.50
CA LEU C 793 54.30 -34.75 137.71
C LEU C 793 54.58 -35.34 139.08
N GLY C 794 55.75 -35.12 139.63
CA GLY C 794 56.09 -35.65 140.93
C GLY C 794 57.57 -36.01 141.00
N GLY C 795 57.84 -37.26 141.38
CA GLY C 795 59.20 -37.71 141.60
C GLY C 795 60.10 -37.61 140.38
N ARG C 796 59.53 -37.70 139.17
CA ARG C 796 60.33 -37.61 137.97
C ARG C 796 61.01 -36.24 137.85
N HIS C 797 60.20 -35.19 137.67
CA HIS C 797 60.75 -33.83 137.61
C HIS C 797 59.84 -32.80 138.27
N GLY C 798 58.75 -33.21 138.91
CA GLY C 798 57.77 -32.26 139.40
C GLY C 798 57.84 -31.97 140.88
N GLU C 799 58.34 -30.77 141.23
CA GLU C 799 58.39 -30.33 142.61
C GLU C 799 57.03 -29.75 142.97
N PHE C 800 56.23 -30.50 143.72
CA PHE C 800 54.88 -30.10 144.06
C PHE C 800 54.94 -28.98 145.09
N LYS C 801 54.53 -27.77 144.68
CA LYS C 801 54.58 -26.63 145.60
C LYS C 801 53.47 -26.70 146.64
N PHE C 802 52.40 -27.45 146.35
CA PHE C 802 51.27 -27.57 147.26
C PHE C 802 50.99 -29.04 147.55
N LEU C 803 50.71 -29.33 148.80
CA LEU C 803 50.44 -30.70 149.21
C LEU C 803 49.11 -31.19 148.61
N PRO C 804 49.11 -32.36 148.00
CA PRO C 804 47.86 -32.91 147.46
C PRO C 804 46.93 -33.34 148.58
N PRO C 805 45.64 -33.50 148.29
CA PRO C 805 44.72 -34.04 149.30
C PRO C 805 45.12 -35.45 149.69
N PRO C 806 44.71 -35.92 150.87
CA PRO C 806 45.31 -37.14 151.44
C PRO C 806 45.20 -38.35 150.50
N GLY C 807 46.30 -39.06 150.38
CA GLY C 807 46.33 -40.33 149.66
C GLY C 807 45.98 -40.26 148.19
N TYR C 808 46.46 -39.23 147.49
CA TYR C 808 46.15 -39.04 146.09
C TYR C 808 47.44 -39.03 145.26
N ALA C 809 47.26 -39.16 143.95
CA ALA C 809 48.34 -39.18 142.97
C ALA C 809 49.43 -40.23 143.26
N PRO C 810 49.06 -41.52 143.40
CA PRO C 810 50.10 -42.55 143.45
C PRO C 810 50.46 -43.06 142.06
N CYS C 811 51.71 -42.87 141.65
CA CYS C 811 52.14 -43.19 140.29
C CYS C 811 53.17 -44.32 140.23
N HIS C 812 53.29 -45.12 141.29
CA HIS C 812 54.28 -46.19 141.28
C HIS C 812 53.80 -47.39 140.46
N GLU C 813 52.48 -47.64 140.44
CA GLU C 813 51.99 -48.91 139.92
C GLU C 813 51.88 -48.90 138.40
N ALA C 814 51.04 -48.04 137.83
CA ALA C 814 50.60 -48.21 136.45
C ALA C 814 50.74 -46.93 135.64
N VAL C 815 51.90 -46.28 135.72
CA VAL C 815 52.27 -45.25 134.76
C VAL C 815 53.70 -45.51 134.29
N LEU C 816 53.89 -45.44 132.97
CA LEU C 816 55.16 -45.68 132.29
C LEU C 816 55.83 -46.98 132.79
N PRO C 817 55.16 -48.13 132.65
CA PRO C 817 55.81 -49.39 133.03
C PRO C 817 56.93 -49.75 132.05
N ARG C 818 56.79 -49.26 130.82
CA ARG C 818 57.82 -49.41 129.81
C ARG C 818 58.11 -48.11 129.06
N GLU C 819 57.17 -47.17 129.04
CA GLU C 819 57.35 -45.92 128.31
C GLU C 819 58.36 -45.02 129.03
N ARG C 820 58.71 -43.93 128.33
CA ARG C 820 59.63 -42.90 128.87
C ARG C 820 58.90 -41.61 129.29
N LEU C 821 57.58 -41.52 129.05
CA LEU C 821 56.59 -40.53 129.60
C LEU C 821 56.70 -39.15 128.91
N ARG C 822 57.53 -39.11 127.86
CA ARG C 822 57.91 -38.01 127.01
C ARG C 822 56.67 -37.26 126.52
N LEU C 823 56.86 -35.99 126.19
CA LEU C 823 55.77 -35.16 125.69
C LEU C 823 55.64 -35.33 124.17
N GLU C 824 54.43 -35.62 123.71
CA GLU C 824 54.18 -35.83 122.30
C GLU C 824 52.92 -35.10 121.85
N PRO C 825 52.90 -34.59 120.62
CA PRO C 825 51.65 -34.10 120.05
C PRO C 825 50.69 -35.24 119.79
N ILE C 826 49.40 -34.93 119.85
CA ILE C 826 48.36 -35.95 119.73
C ILE C 826 47.91 -36.06 118.28
N LYS C 827 48.00 -37.28 117.73
CA LYS C 827 47.45 -37.60 116.41
C LYS C 827 47.93 -36.63 115.33
N GLU C 828 49.21 -36.28 115.38
CA GLU C 828 49.79 -35.39 114.38
C GLU C 828 50.06 -36.17 113.10
N TYR C 829 49.47 -35.73 111.99
CA TYR C 829 49.63 -36.44 110.74
C TYR C 829 51.00 -36.19 110.09
N ARG C 830 51.66 -35.10 110.46
CA ARG C 830 52.98 -34.79 109.93
C ARG C 830 53.91 -34.38 111.06
N ARG C 831 55.21 -34.50 110.79
CA ARG C 831 56.23 -34.10 111.75
C ARG C 831 57.41 -33.48 111.00
N GLU C 832 58.18 -32.68 111.71
CA GLU C 832 59.37 -32.08 111.13
C GLU C 832 60.51 -33.09 111.15
N GLY C 833 61.21 -33.21 110.02
CA GLY C 833 62.29 -34.15 109.89
C GLY C 833 63.62 -33.46 109.67
N PRO C 834 64.70 -34.26 109.59
CA PRO C 834 66.02 -33.66 109.31
C PRO C 834 66.07 -32.94 107.98
N ARG C 835 65.34 -33.44 106.98
CA ARG C 835 65.27 -32.80 105.67
C ARG C 835 63.85 -32.96 105.14
N GLY C 836 63.09 -31.86 105.15
CA GLY C 836 61.72 -31.90 104.71
C GLY C 836 60.79 -32.48 105.74
N PRO C 837 59.50 -32.57 105.42
CA PRO C 837 58.53 -33.12 106.36
C PRO C 837 58.43 -34.63 106.27
N HIS C 838 57.92 -35.24 107.34
CA HIS C 838 57.70 -36.68 107.40
C HIS C 838 56.22 -36.92 107.71
N LEU C 839 55.52 -37.56 106.79
CA LEU C 839 54.10 -37.86 106.96
C LEU C 839 53.97 -39.22 107.65
N VAL C 840 53.22 -39.24 108.75
CA VAL C 840 53.04 -40.45 109.53
C VAL C 840 51.59 -40.90 109.44
N GLY C 841 51.40 -42.21 109.55
CA GLY C 841 50.09 -42.80 109.51
C GLY C 841 49.38 -42.65 110.85
N PRO C 842 48.17 -43.23 110.94
CA PRO C 842 47.43 -43.14 112.19
C PRO C 842 48.16 -43.85 113.33
N SER C 843 48.01 -43.30 114.53
CA SER C 843 48.66 -43.88 115.70
C SER C 843 48.07 -45.24 116.03
N ARG C 844 48.88 -46.08 116.67
CA ARG C 844 48.44 -47.42 117.03
C ARG C 844 47.35 -47.34 118.10
N CYS C 845 46.27 -48.09 117.89
CA CYS C 845 45.14 -48.10 118.81
C CYS C 845 45.24 -49.33 119.70
N LEU C 846 45.32 -49.10 121.02
CA LEU C 846 45.43 -50.18 121.98
C LEU C 846 45.05 -49.65 123.36
N SER C 847 45.19 -50.51 124.37
CA SER C 847 44.94 -50.16 125.77
C SER C 847 43.49 -49.73 126.01
N HIS C 848 42.58 -50.19 125.16
CA HIS C 848 41.16 -49.90 125.38
C HIS C 848 40.63 -50.70 126.58
N THR C 849 40.92 -51.99 126.63
CA THR C 849 40.52 -52.85 127.74
C THR C 849 41.62 -53.85 128.08
N ASP C 850 42.85 -53.58 127.63
CA ASP C 850 43.93 -54.54 127.81
C ASP C 850 44.35 -54.65 129.28
N PHE C 851 43.99 -53.67 130.11
CA PHE C 851 44.43 -53.69 131.51
C PHE C 851 43.73 -54.76 132.32
N VAL C 852 42.56 -55.23 131.89
CA VAL C 852 41.83 -56.26 132.61
C VAL C 852 42.36 -57.63 132.21
N PRO C 853 42.90 -58.42 133.13
CA PRO C 853 43.42 -59.74 132.77
C PRO C 853 42.37 -60.84 132.89
N CYS C 854 42.32 -61.72 131.91
CA CYS C 854 41.37 -62.84 131.88
C CYS C 854 42.12 -64.13 131.62
N PRO C 855 42.59 -64.82 132.65
CA PRO C 855 43.31 -66.08 132.44
C PRO C 855 42.36 -67.23 132.11
N VAL C 856 42.95 -68.32 131.64
CA VAL C 856 42.18 -69.53 131.37
C VAL C 856 41.74 -70.15 132.69
N ASP C 857 40.47 -70.52 132.76
CA ASP C 857 39.88 -71.05 133.99
C ASP C 857 39.61 -72.54 133.82
N THR C 858 40.30 -73.36 134.63
CA THR C 858 40.13 -74.81 134.60
C THR C 858 40.18 -75.40 136.00
N VAL C 859 39.65 -74.69 137.00
CA VAL C 859 39.81 -75.10 138.39
C VAL C 859 39.16 -76.45 138.69
N GLN C 860 37.99 -76.71 138.11
CA GLN C 860 37.27 -77.94 138.38
C GLN C 860 36.67 -78.60 137.14
N ILE C 861 36.86 -78.02 135.95
CA ILE C 861 36.25 -78.59 134.76
C ILE C 861 36.90 -79.93 134.41
N VAL C 862 38.21 -80.06 134.59
CA VAL C 862 38.95 -81.27 134.24
C VAL C 862 39.79 -81.70 135.42
N LEU C 863 40.12 -82.99 135.47
CA LEU C 863 41.03 -83.58 136.43
C LEU C 863 42.05 -84.43 135.69
N PRO C 864 43.27 -84.55 136.19
CA PRO C 864 44.32 -85.27 135.46
C PRO C 864 44.03 -86.75 135.38
N PRO C 865 43.74 -87.27 134.19
CA PRO C 865 43.51 -88.72 134.05
C PRO C 865 44.79 -89.49 133.79
N HIS C 866 45.09 -90.46 134.66
CA HIS C 866 46.25 -91.35 134.53
C HIS C 866 47.57 -90.59 134.31
N LEU C 867 47.65 -89.35 134.80
CA LEU C 867 48.93 -88.66 134.96
C LEU C 867 49.39 -88.61 136.41
N GLU C 868 48.70 -89.31 137.31
CA GLU C 868 49.13 -89.33 138.71
C GLU C 868 50.46 -90.06 138.90
N ARG C 869 50.83 -90.94 137.96
CA ARG C 869 52.11 -91.61 138.07
C ARG C 869 53.28 -90.70 137.72
N ILE C 870 53.17 -89.90 136.66
CA ILE C 870 54.24 -89.01 136.26
C ILE C 870 54.41 -87.84 137.23
N ARG C 871 53.36 -87.51 137.99
CA ARG C 871 53.46 -86.41 138.93
C ARG C 871 54.48 -86.67 140.03
N GLU C 872 54.80 -87.94 140.31
CA GLU C 872 55.81 -88.24 141.32
C GLU C 872 57.19 -87.77 140.86
N LYS C 873 57.59 -88.16 139.65
CA LYS C 873 58.87 -87.69 139.12
C LYS C 873 58.85 -86.19 138.84
N LEU C 874 57.70 -85.64 138.45
CA LEU C 874 57.61 -84.19 138.29
C LEU C 874 57.86 -83.48 139.62
N ALA C 875 57.27 -83.99 140.70
CA ALA C 875 57.51 -83.42 142.03
C ALA C 875 58.95 -83.56 142.45
N GLU C 876 59.56 -84.72 142.20
CA GLU C 876 60.97 -84.91 142.52
C GLU C 876 61.85 -83.89 141.79
N ASN C 877 61.61 -83.72 140.49
CA ASN C 877 62.41 -82.79 139.70
C ASN C 877 62.19 -81.33 140.11
N ILE C 878 60.94 -80.92 140.36
CA ILE C 878 60.72 -79.55 140.81
C ILE C 878 61.22 -79.32 142.22
N HIS C 879 61.32 -80.38 143.04
CA HIS C 879 61.96 -80.24 144.34
C HIS C 879 63.46 -80.05 144.20
N GLU C 880 64.10 -80.81 143.32
CA GLU C 880 65.55 -80.65 143.17
C GLU C 880 65.91 -79.37 142.42
N LEU C 881 65.00 -78.83 141.62
CA LEU C 881 65.26 -77.57 140.92
C LEU C 881 65.42 -76.40 141.86
N TRP C 882 64.77 -76.41 143.02
CA TRP C 882 64.96 -75.32 143.97
C TRP C 882 66.40 -75.28 144.47
N ALA C 883 67.00 -76.44 144.73
CA ALA C 883 68.40 -76.48 145.11
C ALA C 883 69.31 -76.25 143.91
N LEU C 884 68.86 -76.63 142.71
CA LEU C 884 69.63 -76.37 141.51
C LEU C 884 69.75 -74.87 141.24
N THR C 885 68.72 -74.11 141.60
CA THR C 885 68.72 -72.65 141.46
C THR C 885 69.43 -71.96 142.61
N ARG C 886 69.93 -72.71 143.59
CA ARG C 886 70.65 -72.15 144.73
C ARG C 886 72.10 -72.57 144.81
N ILE C 887 72.47 -73.69 144.17
CA ILE C 887 73.84 -74.19 144.28
C ILE C 887 74.84 -73.19 143.70
N GLU C 888 74.53 -72.60 142.54
CA GLU C 888 75.48 -71.69 141.91
C GLU C 888 75.72 -70.45 142.75
N GLN C 889 74.74 -70.02 143.53
CA GLN C 889 74.97 -68.89 144.44
C GLN C 889 75.68 -69.32 145.71
N GLY C 890 75.75 -70.62 145.97
CA GLY C 890 76.45 -71.12 147.15
C GLY C 890 75.72 -70.96 148.45
N TRP C 891 74.39 -71.05 148.44
CA TRP C 891 73.63 -70.92 149.67
C TRP C 891 73.70 -72.21 150.48
N THR C 892 73.61 -72.06 151.80
CA THR C 892 73.81 -73.16 152.73
C THR C 892 72.57 -73.31 153.60
N TYR C 893 72.43 -74.48 154.23
CA TYR C 893 71.34 -74.72 155.16
C TYR C 893 71.70 -74.17 156.53
N GLY C 894 70.75 -73.48 157.16
CA GLY C 894 70.95 -72.88 158.46
C GLY C 894 69.68 -72.73 159.25
N PRO C 895 69.80 -72.61 160.58
CA PRO C 895 68.60 -72.49 161.42
C PRO C 895 67.70 -71.32 161.03
N VAL C 896 68.27 -70.18 160.65
CA VAL C 896 67.51 -68.95 160.43
C VAL C 896 67.58 -68.59 158.96
N ARG C 897 66.49 -68.02 158.44
CA ARG C 897 66.38 -67.67 157.04
C ARG C 897 66.89 -66.24 156.82
N ASP C 898 67.95 -66.10 156.02
CA ASP C 898 68.47 -64.79 155.66
C ASP C 898 69.13 -64.89 154.30
N ASP C 899 68.91 -63.88 153.46
CA ASP C 899 69.51 -63.86 152.14
C ASP C 899 71.00 -63.58 152.21
N ASN C 900 71.41 -62.60 153.02
CA ASN C 900 72.81 -62.24 153.12
C ASN C 900 73.61 -63.28 153.90
N LYS C 901 73.02 -63.87 154.93
CA LYS C 901 73.71 -64.84 155.75
C LYS C 901 73.94 -66.17 155.04
N ARG C 902 73.26 -66.38 153.91
CA ARG C 902 73.41 -67.59 153.09
C ARG C 902 73.04 -68.86 153.85
N LEU C 903 72.19 -68.76 154.86
CA LEU C 903 71.67 -69.91 155.59
C LEU C 903 70.18 -70.06 155.30
N HIS C 904 69.77 -71.30 155.01
CA HIS C 904 68.43 -71.53 154.51
C HIS C 904 67.93 -72.92 154.91
N PRO C 905 67.03 -73.01 155.89
CA PRO C 905 66.60 -74.34 156.36
C PRO C 905 65.68 -75.08 155.42
N CYS C 906 64.99 -74.38 154.51
CA CYS C 906 64.05 -75.04 153.62
C CYS C 906 64.70 -76.03 152.67
N LEU C 907 66.00 -75.90 152.43
CA LEU C 907 66.71 -76.89 151.63
C LEU C 907 66.87 -78.17 152.46
N VAL C 908 66.09 -79.19 152.12
CA VAL C 908 66.04 -80.43 152.89
C VAL C 908 66.15 -81.60 151.93
N ASN C 909 66.49 -82.77 152.49
CA ASN C 909 66.59 -83.97 151.68
C ASN C 909 65.22 -84.39 151.16
N PHE C 910 65.19 -84.82 149.90
CA PHE C 910 63.93 -85.25 149.30
C PHE C 910 63.41 -86.54 149.90
N HIS C 911 64.29 -87.37 150.47
CA HIS C 911 63.84 -88.63 151.06
C HIS C 911 63.02 -88.41 152.32
N SER C 912 63.31 -87.35 153.07
CA SER C 912 62.56 -86.99 154.27
C SER C 912 62.18 -85.52 154.17
N LEU C 913 60.95 -85.25 153.75
CA LEU C 913 60.50 -83.89 153.50
C LEU C 913 59.52 -83.43 154.57
N PRO C 914 59.74 -82.27 155.18
CA PRO C 914 58.76 -81.71 156.11
C PRO C 914 57.46 -81.34 155.40
N GLU C 915 56.38 -81.40 156.16
CA GLU C 915 55.03 -81.20 155.64
C GLU C 915 54.83 -79.86 154.93
N PRO C 916 55.25 -78.71 155.51
CA PRO C 916 54.90 -77.42 154.88
C PRO C 916 55.47 -77.25 153.48
N GLU C 917 56.79 -77.37 153.34
CA GLU C 917 57.42 -77.15 152.04
C GLU C 917 57.01 -78.22 151.03
N ARG C 918 56.90 -79.48 151.48
CA ARG C 918 56.49 -80.54 150.57
C ARG C 918 55.09 -80.31 150.04
N ASN C 919 54.16 -79.91 150.91
CA ASN C 919 52.80 -79.60 150.46
C ASN C 919 52.79 -78.37 149.56
N TYR C 920 53.60 -77.35 149.88
CA TYR C 920 53.66 -76.15 149.06
C TYR C 920 54.14 -76.47 147.64
N ASN C 921 55.13 -77.35 147.52
CA ASN C 921 55.59 -77.76 146.20
C ASN C 921 54.62 -78.69 145.49
N LEU C 922 53.98 -79.62 146.22
CA LEU C 922 53.01 -80.51 145.61
C LEU C 922 51.80 -79.75 145.07
N GLN C 923 51.33 -78.73 145.80
CA GLN C 923 50.20 -77.96 145.31
C GLN C 923 50.53 -77.17 144.05
N MET C 924 51.73 -76.59 143.95
CA MET C 924 52.09 -75.89 142.72
C MET C 924 52.28 -76.87 141.57
N SER C 925 52.82 -78.06 141.85
CA SER C 925 52.90 -79.08 140.80
C SER C 925 51.50 -79.47 140.30
N GLY C 926 50.57 -79.69 141.22
CA GLY C 926 49.22 -80.04 140.81
C GLY C 926 48.52 -78.92 140.05
N GLU C 927 48.75 -77.68 140.47
CA GLU C 927 48.18 -76.54 139.76
C GLU C 927 48.78 -76.40 138.36
N THR C 928 50.08 -76.65 138.21
CA THR C 928 50.70 -76.63 136.88
C THR C 928 50.19 -77.75 135.99
N LEU C 929 49.86 -78.92 136.56
CA LEU C 929 49.29 -79.99 135.77
C LEU C 929 48.00 -79.54 135.08
N LYS C 930 47.12 -78.87 135.82
CA LYS C 930 45.85 -78.43 135.25
C LYS C 930 46.06 -77.43 134.12
N THR C 931 46.99 -76.49 134.28
CA THR C 931 47.19 -75.49 133.22
C THR C 931 47.97 -76.05 132.04
N LEU C 932 48.72 -77.14 132.23
CA LEU C 932 49.39 -77.74 131.08
C LEU C 932 48.50 -78.74 130.34
N LEU C 933 47.50 -79.32 131.01
CA LEU C 933 46.48 -80.08 130.31
C LEU C 933 45.51 -79.21 129.52
N ALA C 934 45.54 -77.90 129.71
CA ALA C 934 44.59 -77.01 129.06
C ALA C 934 45.03 -76.73 127.62
N LEU C 935 44.35 -75.79 126.96
CA LEU C 935 44.66 -75.37 125.59
C LEU C 935 44.54 -76.53 124.60
N GLY C 936 43.63 -77.48 124.89
CA GLY C 936 43.44 -78.61 124.01
C GLY C 936 44.67 -79.47 123.85
N CYS C 937 45.35 -79.74 124.97
CA CYS C 937 46.61 -80.47 124.92
C CYS C 937 46.38 -81.91 124.46
N HIS C 938 47.30 -82.40 123.63
CA HIS C 938 47.28 -83.78 123.17
C HIS C 938 48.31 -84.57 123.97
N VAL C 939 47.86 -85.59 124.69
CA VAL C 939 48.71 -86.41 125.53
C VAL C 939 48.85 -87.78 124.88
N GLY C 940 50.09 -88.25 124.78
CA GLY C 940 50.37 -89.53 124.15
C GLY C 940 51.75 -90.05 124.50
N MET C 941 51.91 -91.38 124.47
CA MET C 941 53.13 -92.03 124.92
C MET C 941 53.59 -93.02 123.85
N ALA C 942 54.79 -92.79 123.31
CA ALA C 942 55.40 -93.70 122.34
C ALA C 942 56.87 -93.96 122.65
N ASP C 943 57.24 -93.94 123.93
CA ASP C 943 58.64 -94.02 124.35
C ASP C 943 58.72 -94.73 125.69
N GLU C 944 59.80 -94.49 126.43
CA GLU C 944 60.11 -95.00 127.76
C GLU C 944 60.67 -96.41 127.67
N LYS C 945 60.75 -96.98 126.47
CA LYS C 945 61.52 -98.21 126.28
C LYS C 945 63.00 -97.95 126.52
N ALA C 946 63.44 -96.69 126.36
CA ALA C 946 64.82 -96.31 126.61
C ALA C 946 64.94 -95.12 127.55
N GLU C 947 63.84 -94.66 128.14
CA GLU C 947 63.87 -93.53 129.07
C GLU C 947 63.82 -93.95 130.53
N ASP C 948 63.88 -95.25 130.83
CA ASP C 948 63.90 -95.68 132.22
C ASP C 948 65.17 -95.25 132.93
N ASN C 949 66.30 -95.27 132.24
CA ASN C 949 67.57 -94.90 132.85
C ASN C 949 67.62 -93.40 133.10
N LEU C 950 68.05 -93.03 134.29
CA LEU C 950 68.21 -91.63 134.69
C LEU C 950 69.71 -91.32 134.74
N LYS C 951 70.20 -90.61 133.72
CA LYS C 951 71.61 -90.31 133.59
C LYS C 951 71.91 -89.05 134.40
N LYS C 952 72.68 -89.21 135.47
CA LYS C 952 73.05 -88.12 136.36
C LYS C 952 74.53 -87.80 136.17
N THR C 953 74.82 -86.57 135.74
CA THR C 953 76.19 -86.16 135.53
C THR C 953 76.91 -86.02 136.87
N LYS C 954 78.14 -86.52 136.92
CA LYS C 954 78.91 -86.49 138.16
C LYS C 954 79.21 -85.05 138.57
N LEU C 955 79.01 -84.76 139.86
CA LEU C 955 79.20 -83.42 140.39
C LEU C 955 80.39 -83.40 141.32
N PRO C 956 81.42 -82.60 141.05
CA PRO C 956 82.59 -82.57 141.93
C PRO C 956 82.24 -82.05 143.32
N LYS C 957 83.03 -82.50 144.30
CA LYS C 957 82.78 -82.17 145.70
C LYS C 957 83.00 -80.68 145.99
N THR C 958 83.67 -79.95 145.10
CA THR C 958 83.90 -78.53 145.31
C THR C 958 82.60 -77.74 145.39
N TYR C 959 81.52 -78.24 144.77
CA TYR C 959 80.20 -77.66 144.95
C TYR C 959 79.34 -78.46 145.92
N MET C 960 79.64 -79.74 146.11
CA MET C 960 78.98 -80.56 147.12
C MET C 960 79.27 -80.08 148.54
N MET C 961 80.33 -79.31 148.74
CA MET C 961 80.64 -78.78 150.05
C MET C 961 79.52 -77.85 150.52
N SER C 962 79.14 -77.98 151.79
CA SER C 962 78.12 -77.17 152.43
C SER C 962 76.78 -77.18 151.69
N ASN C 963 76.51 -78.22 150.91
CA ASN C 963 75.25 -78.26 150.15
C ASN C 963 74.20 -79.12 150.85
N GLY C 964 74.57 -80.33 151.24
CA GLY C 964 73.62 -81.25 151.86
C GLY C 964 72.80 -82.06 150.88
N TYR C 965 72.96 -81.82 149.58
CA TYR C 965 72.27 -82.60 148.56
C TYR C 965 73.10 -82.57 147.29
N LYS C 966 72.92 -83.58 146.44
CA LYS C 966 73.72 -83.76 145.23
C LYS C 966 72.78 -83.90 144.04
N PRO C 967 72.14 -82.82 143.60
CA PRO C 967 71.29 -82.88 142.40
C PRO C 967 72.04 -82.47 141.14
N ALA C 968 71.76 -83.17 140.05
CA ALA C 968 72.34 -82.84 138.76
C ALA C 968 71.27 -82.86 137.69
N PRO C 969 71.33 -81.94 136.73
CA PRO C 969 70.33 -81.92 135.66
C PRO C 969 70.43 -83.15 134.77
N LEU C 970 69.27 -83.56 134.24
CA LEU C 970 69.22 -84.70 133.33
C LEU C 970 69.74 -84.32 131.95
N ASP C 971 70.35 -85.28 131.27
CA ASP C 971 70.88 -85.06 129.93
C ASP C 971 69.79 -85.31 128.89
N LEU C 972 68.82 -84.38 128.88
CA LEU C 972 67.68 -84.45 127.98
C LEU C 972 67.47 -83.13 127.24
N SER C 973 68.57 -82.42 126.94
CA SER C 973 68.46 -81.14 126.24
C SER C 973 68.30 -81.31 124.74
N HIS C 974 68.48 -82.51 124.22
CA HIS C 974 68.39 -82.73 122.78
C HIS C 974 66.95 -82.71 122.28
N VAL C 975 65.99 -83.04 123.13
CA VAL C 975 64.59 -83.07 122.72
C VAL C 975 64.04 -81.65 122.72
N ARG C 976 63.30 -81.30 121.67
CA ARG C 976 62.77 -79.96 121.50
C ARG C 976 61.33 -80.02 120.99
N LEU C 977 60.50 -79.08 121.43
CA LEU C 977 59.14 -78.92 120.95
C LEU C 977 58.91 -77.48 120.50
N THR C 978 57.66 -77.15 120.24
CA THR C 978 57.31 -75.80 119.80
C THR C 978 57.52 -74.82 120.95
N PRO C 979 58.14 -73.67 120.70
CA PRO C 979 58.41 -72.72 121.78
C PRO C 979 57.18 -71.93 122.20
N ALA C 980 56.29 -71.64 121.25
CA ALA C 980 55.13 -70.80 121.54
C ALA C 980 54.16 -71.47 122.51
N GLN C 981 53.99 -72.79 122.39
CA GLN C 981 53.10 -73.50 123.32
C GLN C 981 53.58 -73.38 124.76
N THR C 982 54.90 -73.52 124.97
CA THR C 982 55.44 -73.30 126.31
C THR C 982 55.38 -71.84 126.72
N THR C 983 55.61 -70.91 125.78
CA THR C 983 55.58 -69.49 126.09
C THR C 983 54.21 -69.01 126.55
N LEU C 984 53.14 -69.53 125.96
CA LEU C 984 51.79 -69.17 126.39
C LEU C 984 51.51 -69.59 127.83
N VAL C 985 52.23 -70.59 128.35
CA VAL C 985 51.99 -71.04 129.72
C VAL C 985 52.36 -69.94 130.71
N ASP C 986 53.47 -69.24 130.49
CA ASP C 986 53.85 -68.15 131.38
C ASP C 986 52.82 -67.03 131.36
N ARG C 987 52.33 -66.68 130.17
CA ARG C 987 51.30 -65.64 130.06
C ARG C 987 50.03 -66.04 130.78
N LEU C 988 49.62 -67.31 130.64
CA LEU C 988 48.45 -67.78 131.38
C LEU C 988 48.68 -67.78 132.88
N ALA C 989 49.86 -68.21 133.33
CA ALA C 989 50.15 -68.28 134.76
C ALA C 989 50.22 -66.91 135.40
N GLU C 990 50.81 -65.92 134.71
CA GLU C 990 50.87 -64.57 135.27
C GLU C 990 49.47 -63.99 135.44
N ASN C 991 48.60 -64.18 134.44
CA ASN C 991 47.23 -63.69 134.55
C ASN C 991 46.46 -64.43 135.64
N GLY C 992 46.66 -65.74 135.77
CA GLY C 992 46.02 -66.47 136.85
C GLY C 992 46.45 -66.00 138.22
N HIS C 993 47.75 -65.74 138.38
CA HIS C 993 48.25 -65.21 139.64
C HIS C 993 47.68 -63.83 139.93
N ASN C 994 47.63 -62.97 138.91
CA ASN C 994 47.08 -61.63 139.09
C ASN C 994 45.58 -61.65 139.39
N VAL C 995 44.86 -62.65 138.90
CA VAL C 995 43.44 -62.75 139.21
C VAL C 995 43.22 -62.90 140.71
N TRP C 996 44.01 -63.75 141.36
CA TRP C 996 43.91 -63.87 142.81
C TRP C 996 44.55 -62.69 143.53
N ALA C 997 45.63 -62.12 142.95
CA ALA C 997 46.32 -60.99 143.55
C ALA C 997 45.46 -59.73 143.57
N ARG C 998 44.48 -59.61 142.67
CA ARG C 998 43.62 -58.43 142.67
C ARG C 998 42.85 -58.29 143.98
N ASP C 999 42.53 -59.40 144.63
CA ASP C 999 41.78 -59.34 145.88
C ASP C 999 42.65 -58.86 147.04
N ARG C 1000 43.88 -59.36 147.14
CA ARG C 1000 44.75 -59.07 148.28
C ARG C 1000 45.99 -58.28 147.88
N VAL C 1001 46.77 -58.78 146.94
CA VAL C 1001 48.02 -58.13 146.58
C VAL C 1001 47.77 -56.76 145.95
N ALA C 1002 46.81 -56.65 145.04
CA ALA C 1002 46.47 -55.36 144.48
C ALA C 1002 45.77 -54.47 145.50
N GLN C 1003 45.07 -55.08 146.46
CA GLN C 1003 44.50 -54.30 147.56
C GLN C 1003 45.60 -53.64 148.38
N GLY C 1004 46.70 -54.34 148.64
CA GLY C 1004 47.84 -53.75 149.29
C GLY C 1004 48.51 -52.70 148.42
N TRP C 1005 49.07 -53.14 147.30
CA TRP C 1005 49.68 -52.32 146.25
C TRP C 1005 50.87 -51.49 146.74
N SER C 1006 51.35 -51.72 147.96
CA SER C 1006 52.47 -50.97 148.52
C SER C 1006 53.03 -51.79 149.68
N TYR C 1007 54.03 -51.23 150.36
CA TYR C 1007 54.59 -51.89 151.53
C TYR C 1007 53.56 -52.02 152.65
N SER C 1008 52.77 -50.97 152.86
CA SER C 1008 51.71 -50.98 153.87
C SER C 1008 50.45 -50.41 153.26
N VAL C 1022 52.51 -55.47 136.28
CA VAL C 1022 51.50 -55.11 135.28
C VAL C 1022 50.38 -56.14 135.30
N PRO C 1023 49.11 -55.73 135.19
CA PRO C 1023 48.01 -56.71 135.29
C PRO C 1023 47.94 -57.62 134.07
N TYR C 1024 48.09 -57.05 132.88
CA TYR C 1024 48.01 -57.84 131.65
C TYR C 1024 49.25 -58.70 131.44
N ARG C 1025 50.38 -58.34 132.07
CA ARG C 1025 51.65 -59.05 131.98
C ARG C 1025 52.20 -59.09 130.55
N LEU C 1026 51.75 -58.21 129.67
CA LEU C 1026 52.24 -58.17 128.30
C LEU C 1026 53.29 -57.09 128.08
N LEU C 1027 53.26 -56.02 128.85
CA LEU C 1027 54.23 -54.95 128.68
C LEU C 1027 55.59 -55.31 129.26
N ASP C 1028 55.63 -56.14 130.30
CA ASP C 1028 56.88 -56.52 130.93
C ASP C 1028 57.72 -57.39 130.00
N GLU C 1029 59.03 -57.16 130.02
CA GLU C 1029 59.95 -57.85 129.12
C GLU C 1029 61.11 -58.53 129.84
N ALA C 1030 61.61 -57.93 130.94
CA ALA C 1030 62.73 -58.50 131.66
C ALA C 1030 62.29 -59.49 132.74
N THR C 1031 61.32 -59.09 133.57
CA THR C 1031 60.77 -60.01 134.56
C THR C 1031 60.07 -61.19 133.88
N LYS C 1032 59.43 -60.96 132.73
CA LYS C 1032 58.87 -62.06 131.96
C LYS C 1032 59.95 -63.03 131.51
N ARG C 1033 61.08 -62.49 131.04
CA ARG C 1033 62.19 -63.35 130.63
C ARG C 1033 62.73 -64.15 131.81
N SER C 1034 62.85 -63.51 132.97
CA SER C 1034 63.33 -64.22 134.16
C SER C 1034 62.36 -65.31 134.60
N ASN C 1035 61.05 -65.04 134.53
CA ASN C 1035 60.06 -66.02 134.96
C ASN C 1035 59.90 -67.15 133.96
N ARG C 1036 60.14 -66.88 132.68
CA ARG C 1036 59.94 -67.90 131.65
C ARG C 1036 60.88 -69.09 131.82
N ASP C 1037 62.14 -68.85 132.18
CA ASP C 1037 63.12 -69.92 132.27
C ASP C 1037 62.76 -70.95 133.32
N SER C 1038 62.09 -70.54 134.40
CA SER C 1038 61.76 -71.47 135.48
C SER C 1038 60.88 -72.60 134.99
N LEU C 1039 59.87 -72.28 134.18
CA LEU C 1039 59.00 -73.32 133.64
C LEU C 1039 59.56 -73.90 132.35
N CYS C 1040 60.39 -73.15 131.61
CA CYS C 1040 61.03 -73.68 130.42
C CYS C 1040 61.98 -74.82 130.75
N GLN C 1041 62.71 -74.73 131.87
CA GLN C 1041 63.54 -75.85 132.30
C GLN C 1041 62.72 -76.96 132.92
N ALA C 1042 61.60 -76.62 133.55
CA ALA C 1042 60.71 -77.64 134.11
C ALA C 1042 60.08 -78.52 133.04
N VAL C 1043 59.66 -77.92 131.91
CA VAL C 1043 59.09 -78.71 130.83
C VAL C 1043 60.16 -79.49 130.07
N ARG C 1044 61.44 -79.20 130.32
CA ARG C 1044 62.53 -79.88 129.64
C ARG C 1044 62.70 -81.32 130.09
N THR C 1045 61.97 -81.76 131.11
CA THR C 1045 61.95 -83.18 131.46
C THR C 1045 60.66 -83.88 131.05
N LEU C 1046 59.59 -83.13 130.82
CA LEU C 1046 58.33 -83.72 130.40
C LEU C 1046 58.13 -83.75 128.89
N LEU C 1047 58.83 -82.89 128.14
CA LEU C 1047 58.58 -82.84 126.71
C LEU C 1047 59.02 -84.11 126.00
N GLY C 1048 60.00 -84.84 126.55
CA GLY C 1048 60.51 -86.05 125.93
C GLY C 1048 59.56 -87.22 125.94
N TYR C 1049 58.56 -87.21 126.81
CA TYR C 1049 57.59 -88.30 126.91
C TYR C 1049 56.62 -88.35 125.74
N GLY C 1050 56.82 -87.54 124.70
CA GLY C 1050 55.95 -87.54 123.55
C GLY C 1050 54.70 -86.71 123.72
N TYR C 1051 54.55 -85.99 124.82
CA TYR C 1051 53.39 -85.15 125.04
C TYR C 1051 53.48 -83.90 124.19
N ASN C 1052 52.70 -83.84 123.11
CA ASN C 1052 52.72 -82.74 122.16
C ASN C 1052 51.46 -81.89 122.37
N ILE C 1053 51.64 -80.70 122.92
CA ILE C 1053 50.55 -79.78 123.20
C ILE C 1053 50.39 -78.82 122.02
N GLU C 1054 49.15 -78.61 121.60
CA GLU C 1054 48.86 -77.72 120.47
C GLU C 1054 48.54 -76.32 120.96
N ASP C 1070 43.02 -48.76 112.80
CA ASP C 1070 42.09 -47.79 112.23
C ASP C 1070 42.27 -47.71 110.72
N ARG C 1071 41.60 -46.75 110.09
CA ARG C 1071 41.66 -46.60 108.65
C ARG C 1071 43.03 -46.07 108.22
N VAL C 1072 43.35 -46.28 106.95
CA VAL C 1072 44.62 -45.86 106.36
C VAL C 1072 44.48 -44.44 105.82
N ARG C 1073 45.52 -43.63 105.99
CA ARG C 1073 45.50 -42.26 105.51
C ARG C 1073 45.95 -42.20 104.05
N ILE C 1074 45.37 -41.26 103.30
CA ILE C 1074 45.65 -41.08 101.89
C ILE C 1074 46.07 -39.63 101.66
N PHE C 1075 47.17 -39.45 100.93
CA PHE C 1075 47.65 -38.14 100.54
C PHE C 1075 47.71 -38.07 99.02
N ARG C 1076 47.36 -36.91 98.45
CA ARG C 1076 47.39 -36.79 97.00
C ARG C 1076 47.58 -35.33 96.62
N ALA C 1077 48.07 -35.12 95.40
CA ALA C 1077 48.29 -33.77 94.90
C ALA C 1077 46.94 -33.08 94.66
N GLU C 1078 46.99 -31.83 94.19
CA GLU C 1078 45.78 -31.08 93.90
C GLU C 1078 45.16 -31.54 92.58
N LYS C 1079 43.89 -31.16 92.40
CA LYS C 1079 43.23 -31.34 91.12
C LYS C 1079 43.56 -30.24 90.13
N SER C 1080 44.19 -29.16 90.58
CA SER C 1080 44.61 -28.09 89.68
C SER C 1080 45.98 -28.34 89.07
N TYR C 1081 46.69 -29.37 89.52
CA TYR C 1081 48.00 -29.72 88.98
C TYR C 1081 47.95 -30.98 88.13
N THR C 1082 46.76 -31.36 87.66
CA THR C 1082 46.65 -32.55 86.81
C THR C 1082 47.39 -32.34 85.49
N VAL C 1083 48.00 -33.39 85.00
CA VAL C 1083 48.81 -33.35 83.78
C VAL C 1083 48.12 -34.19 82.71
N GLN C 1084 48.07 -33.67 81.49
CA GLN C 1084 47.50 -34.37 80.36
C GLN C 1084 48.51 -34.61 79.24
N SER C 1085 49.76 -34.18 79.43
CA SER C 1085 50.81 -34.42 78.45
C SER C 1085 52.15 -34.28 79.14
N GLY C 1086 53.18 -34.82 78.50
CA GLY C 1086 54.54 -34.73 79.01
C GLY C 1086 54.90 -35.91 79.89
N ARG C 1087 56.14 -35.87 80.38
CA ARG C 1087 56.71 -36.93 81.21
C ARG C 1087 57.07 -36.36 82.57
N TRP C 1088 56.73 -37.09 83.62
CA TRP C 1088 56.91 -36.61 84.98
C TRP C 1088 57.37 -37.75 85.88
N TYR C 1089 58.29 -37.41 86.79
CA TYR C 1089 58.85 -38.39 87.73
C TYR C 1089 58.97 -37.76 89.11
N PHE C 1090 58.67 -38.56 90.14
CA PHE C 1090 58.77 -38.12 91.53
C PHE C 1090 59.31 -39.27 92.37
N GLU C 1091 59.76 -38.94 93.59
CA GLU C 1091 60.41 -39.94 94.42
C GLU C 1091 59.77 -40.00 95.80
N PHE C 1092 59.98 -41.12 96.49
CA PHE C 1092 59.40 -41.36 97.80
C PHE C 1092 60.38 -42.18 98.62
N GLU C 1093 60.35 -42.01 99.93
CA GLU C 1093 61.23 -42.73 100.85
C GLU C 1093 60.41 -43.21 102.02
N ALA C 1094 60.67 -44.44 102.46
CA ALA C 1094 59.93 -45.07 103.56
C ALA C 1094 60.88 -45.29 104.72
N VAL C 1095 60.67 -44.55 105.82
CA VAL C 1095 61.48 -44.77 107.00
C VAL C 1095 61.14 -46.12 107.64
N THR C 1096 59.86 -46.45 107.67
CA THR C 1096 59.39 -47.74 108.15
C THR C 1096 58.85 -48.55 106.98
N THR C 1097 59.10 -49.86 107.01
CA THR C 1097 58.72 -50.75 105.91
C THR C 1097 57.48 -51.56 106.22
N GLY C 1098 56.60 -51.05 107.08
CA GLY C 1098 55.44 -51.78 107.51
C GLY C 1098 54.39 -52.01 106.43
N GLU C 1099 53.68 -50.96 106.03
CA GLU C 1099 52.63 -51.11 105.02
C GLU C 1099 52.32 -49.73 104.45
N MET C 1100 52.54 -49.58 103.14
CA MET C 1100 52.23 -48.34 102.45
C MET C 1100 52.24 -48.57 100.95
N ARG C 1101 51.59 -47.67 100.22
CA ARG C 1101 51.39 -47.80 98.78
C ARG C 1101 51.72 -46.48 98.10
N VAL C 1102 52.25 -46.55 96.87
CA VAL C 1102 52.66 -45.35 96.15
C VAL C 1102 52.21 -45.48 94.70
N GLY C 1103 51.73 -44.39 94.11
CA GLY C 1103 51.39 -44.43 92.71
C GLY C 1103 50.72 -43.17 92.21
N TRP C 1104 49.96 -43.34 91.13
CA TRP C 1104 49.20 -42.27 90.51
C TRP C 1104 47.72 -42.61 90.56
N ALA C 1105 46.88 -41.60 90.33
CA ALA C 1105 45.44 -41.78 90.41
C ALA C 1105 44.75 -40.80 89.46
N ARG C 1106 43.49 -41.10 89.16
CA ARG C 1106 42.66 -40.17 88.41
C ARG C 1106 42.28 -39.00 89.30
N PRO C 1107 41.93 -37.86 88.69
CA PRO C 1107 41.47 -36.72 89.52
C PRO C 1107 40.24 -37.05 90.35
N GLU C 1108 39.34 -37.88 89.84
CA GLU C 1108 38.13 -38.27 90.57
C GLU C 1108 38.43 -39.49 91.42
N LEU C 1109 39.08 -39.24 92.56
CA LEU C 1109 39.44 -40.28 93.52
C LEU C 1109 38.66 -40.04 94.80
N ARG C 1110 38.08 -41.10 95.35
CA ARG C 1110 37.26 -40.95 96.53
C ARG C 1110 37.92 -41.59 97.75
N PRO C 1111 37.67 -41.07 98.95
CA PRO C 1111 38.22 -41.69 100.16
C PRO C 1111 37.47 -42.96 100.54
N ASP C 1112 37.77 -43.48 101.73
CA ASP C 1112 37.14 -44.64 102.36
C ASP C 1112 37.20 -45.91 101.51
N VAL C 1113 38.02 -45.92 100.47
CA VAL C 1113 38.21 -47.11 99.64
C VAL C 1113 39.71 -47.38 99.56
N GLU C 1114 40.06 -48.66 99.63
CA GLU C 1114 41.46 -49.05 99.53
C GLU C 1114 42.01 -48.72 98.15
N LEU C 1115 43.24 -48.21 98.13
CA LEU C 1115 43.86 -47.83 96.87
C LEU C 1115 44.06 -49.04 95.98
N GLY C 1116 43.52 -48.96 94.77
CA GLY C 1116 43.62 -50.05 93.81
C GLY C 1116 42.42 -50.97 93.77
N ALA C 1117 41.52 -50.89 94.75
CA ALA C 1117 40.32 -51.72 94.72
C ALA C 1117 39.45 -51.39 93.52
N ASP C 1118 39.31 -50.09 93.21
CA ASP C 1118 38.58 -49.66 92.02
C ASP C 1118 39.57 -49.47 90.87
N GLU C 1119 39.07 -48.93 89.76
CA GLU C 1119 39.88 -48.68 88.58
C GLU C 1119 40.43 -47.27 88.51
N LEU C 1120 40.24 -46.46 89.54
CA LEU C 1120 40.57 -45.05 89.47
C LEU C 1120 42.04 -44.75 89.76
N ALA C 1121 42.80 -45.73 90.23
CA ALA C 1121 44.18 -45.50 90.62
C ALA C 1121 45.08 -46.64 90.17
N TYR C 1122 46.33 -46.30 89.86
CA TYR C 1122 47.39 -47.26 89.62
C TYR C 1122 48.45 -47.10 90.70
N VAL C 1123 48.49 -48.07 91.61
CA VAL C 1123 49.33 -47.98 92.80
C VAL C 1123 50.13 -49.28 92.95
N PHE C 1124 51.21 -49.21 93.71
CA PHE C 1124 52.08 -50.35 93.94
C PHE C 1124 52.40 -50.45 95.42
N ASN C 1125 52.50 -51.69 95.90
CA ASN C 1125 52.82 -52.00 97.29
C ASN C 1125 54.08 -52.84 97.34
N GLY C 1126 54.99 -52.48 98.24
CA GLY C 1126 56.27 -53.16 98.33
C GLY C 1126 56.31 -54.26 99.36
N HIS C 1127 55.45 -54.18 100.38
CA HIS C 1127 55.44 -55.19 101.43
C HIS C 1127 55.26 -56.59 100.85
N ARG C 1128 54.30 -56.75 99.94
CA ARG C 1128 54.13 -58.00 99.22
C ARG C 1128 54.56 -57.89 97.76
N GLY C 1129 54.92 -56.70 97.29
CA GLY C 1129 55.48 -56.53 95.96
C GLY C 1129 54.50 -56.78 94.83
N GLN C 1130 53.52 -55.89 94.65
CA GLN C 1130 52.58 -56.07 93.56
C GLN C 1130 51.99 -54.73 93.16
N ARG C 1131 51.54 -54.67 91.91
CA ARG C 1131 50.71 -53.58 91.41
C ARG C 1131 49.24 -53.87 91.75
N TRP C 1132 48.43 -52.83 91.73
CA TRP C 1132 47.08 -52.92 92.27
C TRP C 1132 46.05 -52.32 91.31
N HIS C 1133 46.10 -52.71 90.05
CA HIS C 1133 45.07 -52.31 89.08
C HIS C 1133 44.00 -53.39 89.01
N LEU C 1134 42.92 -53.21 89.77
CA LEU C 1134 41.76 -54.11 89.76
C LEU C 1134 42.15 -55.55 90.05
N GLY C 1135 43.06 -55.76 90.97
CA GLY C 1135 43.50 -57.09 91.31
C GLY C 1135 44.89 -57.07 91.90
N SER C 1136 45.56 -58.22 91.83
CA SER C 1136 46.89 -58.40 92.37
C SER C 1136 47.79 -59.05 91.32
N GLU C 1137 48.83 -58.35 90.92
CA GLU C 1137 49.85 -58.89 90.01
C GLU C 1137 51.21 -58.77 90.69
N PRO C 1138 51.80 -59.86 91.16
CA PRO C 1138 53.03 -59.76 91.96
C PRO C 1138 54.28 -59.60 91.12
N PHE C 1139 55.18 -58.72 91.57
CA PHE C 1139 56.48 -58.54 90.93
C PHE C 1139 57.38 -57.78 91.89
N GLY C 1140 58.69 -57.87 91.65
CA GLY C 1140 59.63 -57.11 92.43
C GLY C 1140 59.92 -57.72 93.79
N ARG C 1141 60.61 -56.93 94.60
CA ARG C 1141 61.07 -57.37 95.91
C ARG C 1141 60.68 -56.35 96.98
N PRO C 1142 60.45 -56.81 98.21
CA PRO C 1142 60.12 -55.87 99.28
C PRO C 1142 61.29 -54.94 99.60
N TRP C 1143 60.95 -53.74 100.04
CA TRP C 1143 61.95 -52.75 100.43
C TRP C 1143 62.25 -52.83 101.91
N GLN C 1144 63.15 -51.96 102.37
CA GLN C 1144 63.58 -51.92 103.76
C GLN C 1144 63.74 -50.45 104.14
N SER C 1145 64.42 -50.21 105.27
CA SER C 1145 64.73 -48.84 105.66
C SER C 1145 65.54 -48.15 104.57
N GLY C 1146 65.27 -46.85 104.38
CA GLY C 1146 65.79 -46.18 103.20
C GLY C 1146 65.06 -46.70 101.98
N ASP C 1147 65.83 -47.12 100.98
CA ASP C 1147 65.29 -47.80 99.80
C ASP C 1147 64.25 -46.92 99.09
N VAL C 1148 64.73 -45.80 98.57
CA VAL C 1148 63.85 -44.85 97.91
C VAL C 1148 63.26 -45.49 96.65
N VAL C 1149 62.02 -45.11 96.33
CA VAL C 1149 61.29 -45.62 95.18
C VAL C 1149 60.84 -44.45 94.34
N GLY C 1150 61.07 -44.52 93.03
CA GLY C 1150 60.71 -43.48 92.10
C GLY C 1150 59.64 -43.95 91.14
N CYS C 1151 58.69 -43.06 90.86
CA CYS C 1151 57.60 -43.34 89.93
C CYS C 1151 57.66 -42.34 88.79
N MET C 1152 57.56 -42.85 87.55
CA MET C 1152 57.74 -42.04 86.35
C MET C 1152 56.74 -42.45 85.29
N ILE C 1153 56.06 -41.47 84.70
CA ILE C 1153 55.03 -41.74 83.70
C ILE C 1153 55.17 -40.74 82.56
N ASP C 1154 54.91 -41.23 81.35
CA ASP C 1154 54.79 -40.38 80.17
C ASP C 1154 53.57 -40.80 79.37
N LEU C 1155 52.91 -39.81 78.76
CA LEU C 1155 51.64 -40.04 78.08
C LEU C 1155 51.78 -40.18 76.57
N THR C 1156 52.99 -40.30 76.04
CA THR C 1156 53.15 -40.52 74.61
C THR C 1156 53.11 -42.00 74.26
N GLU C 1157 53.96 -42.80 74.90
CA GLU C 1157 53.95 -44.24 74.70
C GLU C 1157 53.01 -44.96 75.66
N ASN C 1158 52.39 -44.24 76.59
CA ASN C 1158 51.37 -44.80 77.49
C ASN C 1158 51.95 -45.92 78.35
N THR C 1159 53.03 -45.62 79.09
CA THR C 1159 53.67 -46.57 79.97
C THR C 1159 53.95 -45.93 81.32
N ILE C 1160 54.03 -46.77 82.35
CA ILE C 1160 54.26 -46.34 83.72
C ILE C 1160 55.39 -47.19 84.28
N ILE C 1161 56.41 -46.55 84.87
CA ILE C 1161 57.62 -47.24 85.29
C ILE C 1161 57.91 -46.90 86.76
N PHE C 1162 58.13 -47.94 87.55
CA PHE C 1162 58.54 -47.83 88.95
C PHE C 1162 59.96 -48.37 89.10
N THR C 1163 60.77 -47.68 89.90
CA THR C 1163 62.16 -48.06 90.11
C THR C 1163 62.49 -47.96 91.59
N LEU C 1164 63.48 -48.73 92.03
CA LEU C 1164 63.98 -48.61 93.40
C LEU C 1164 65.50 -48.71 93.37
N ASN C 1165 66.14 -47.94 94.25
CA ASN C 1165 67.59 -47.98 94.45
C ASN C 1165 68.35 -47.86 93.12
N GLY C 1166 67.79 -47.11 92.18
CA GLY C 1166 68.40 -47.00 90.87
C GLY C 1166 68.23 -48.21 89.98
N GLU C 1167 67.38 -49.15 90.35
CA GLU C 1167 67.15 -50.37 89.58
C GLU C 1167 65.70 -50.41 89.13
N VAL C 1168 65.50 -50.67 87.83
CA VAL C 1168 64.16 -50.75 87.28
C VAL C 1168 63.50 -52.07 87.68
N LEU C 1169 62.27 -51.99 88.16
CA LEU C 1169 61.53 -53.19 88.50
C LEU C 1169 61.30 -54.04 87.26
N MET C 1170 61.47 -55.34 87.39
CA MET C 1170 61.23 -56.28 86.31
C MET C 1170 60.08 -57.20 86.68
N SER C 1171 59.09 -57.29 85.80
CA SER C 1171 57.96 -58.16 86.05
C SER C 1171 58.35 -59.62 85.85
N ASP C 1172 57.49 -60.52 86.34
CA ASP C 1172 57.78 -61.94 86.27
C ASP C 1172 57.77 -62.46 84.83
N SER C 1173 57.09 -61.77 83.92
CA SER C 1173 57.01 -62.18 82.52
C SER C 1173 58.08 -61.55 81.65
N GLY C 1174 59.00 -60.78 82.23
CA GLY C 1174 60.06 -60.14 81.46
C GLY C 1174 59.79 -58.72 81.05
N SER C 1175 58.56 -58.23 81.20
CA SER C 1175 58.26 -56.85 80.89
C SER C 1175 58.77 -55.93 81.99
N GLU C 1176 58.95 -54.65 81.64
CA GLU C 1176 59.45 -53.68 82.59
C GLU C 1176 58.31 -53.09 83.43
N THR C 1177 57.48 -53.96 83.99
CA THR C 1177 56.32 -53.62 84.84
C THR C 1177 55.62 -52.35 84.36
N ALA C 1178 55.38 -52.28 83.06
CA ALA C 1178 54.82 -51.09 82.43
C ALA C 1178 53.37 -51.39 82.05
N PHE C 1179 52.44 -50.63 82.61
CA PHE C 1179 51.06 -50.68 82.17
C PHE C 1179 50.97 -50.18 80.73
N ARG C 1180 50.25 -50.92 79.89
CA ARG C 1180 50.20 -50.64 78.47
C ARG C 1180 48.78 -50.22 78.07
N GLU C 1181 48.71 -49.46 76.98
CA GLU C 1181 47.44 -48.97 76.44
C GLU C 1181 46.67 -48.19 77.50
N ILE C 1182 47.38 -47.33 78.22
CA ILE C 1182 46.75 -46.51 79.25
C ILE C 1182 45.91 -45.42 78.60
N GLU C 1183 44.93 -44.92 79.35
CA GLU C 1183 44.02 -43.89 78.86
C GLU C 1183 44.35 -42.56 79.50
N ILE C 1184 44.47 -41.52 78.66
CA ILE C 1184 44.77 -40.19 79.16
C ILE C 1184 43.65 -39.69 80.07
N GLY C 1185 42.41 -39.78 79.60
CA GLY C 1185 41.27 -39.40 80.42
C GLY C 1185 41.37 -37.96 80.89
N ASP C 1186 41.05 -37.75 82.17
CA ASP C 1186 41.14 -36.41 82.76
C ASP C 1186 42.59 -36.03 83.05
N GLY C 1187 43.39 -36.96 83.54
CA GLY C 1187 44.77 -36.68 83.88
C GLY C 1187 45.23 -37.60 85.00
N PHE C 1188 46.41 -37.31 85.50
CA PHE C 1188 47.02 -38.10 86.57
C PHE C 1188 47.70 -37.18 87.57
N LEU C 1189 47.73 -37.60 88.83
CA LEU C 1189 48.34 -36.84 89.90
C LEU C 1189 48.92 -37.79 90.93
N PRO C 1190 50.01 -37.43 91.59
CA PRO C 1190 50.64 -38.35 92.54
C PRO C 1190 49.76 -38.60 93.77
N VAL C 1191 49.87 -39.82 94.31
CA VAL C 1191 49.08 -40.25 95.45
C VAL C 1191 49.88 -41.30 96.22
N CYS C 1192 49.76 -41.25 97.55
CA CYS C 1192 50.37 -42.24 98.43
C CYS C 1192 49.39 -42.59 99.54
N SER C 1193 49.56 -43.79 100.09
CA SER C 1193 48.71 -44.29 101.16
C SER C 1193 49.57 -44.87 102.26
N LEU C 1194 49.26 -44.48 103.50
CA LEU C 1194 50.02 -44.89 104.68
C LEU C 1194 49.11 -45.63 105.64
N GLY C 1195 49.63 -46.73 106.19
CA GLY C 1195 48.92 -47.50 107.19
C GLY C 1195 49.27 -47.03 108.59
N PRO C 1196 48.89 -47.83 109.59
CA PRO C 1196 49.17 -47.44 110.98
C PRO C 1196 50.66 -47.53 111.29
N GLY C 1197 51.18 -46.47 111.94
CA GLY C 1197 52.55 -46.45 112.37
C GLY C 1197 53.59 -46.52 111.26
N GLN C 1198 53.41 -45.77 110.19
CA GLN C 1198 54.35 -45.74 109.07
C GLN C 1198 54.77 -44.31 108.80
N VAL C 1199 56.05 -44.15 108.42
CA VAL C 1199 56.64 -42.84 108.19
C VAL C 1199 57.14 -42.77 106.76
N GLY C 1200 56.72 -41.74 106.03
CA GLY C 1200 57.12 -41.57 104.65
C GLY C 1200 57.54 -40.14 104.37
N HIS C 1201 58.32 -39.99 103.30
CA HIS C 1201 58.78 -38.69 102.82
C HIS C 1201 58.64 -38.65 101.31
N LEU C 1202 57.77 -37.77 100.82
CA LEU C 1202 57.43 -37.68 99.41
C LEU C 1202 58.08 -36.44 98.83
N ASN C 1203 58.86 -36.61 97.76
CA ASN C 1203 59.56 -35.49 97.13
C ASN C 1203 59.08 -35.36 95.69
N LEU C 1204 58.56 -34.19 95.36
CA LEU C 1204 58.08 -33.86 94.02
C LEU C 1204 59.15 -33.19 93.18
N GLY C 1205 60.40 -33.16 93.66
CA GLY C 1205 61.48 -32.53 92.94
C GLY C 1205 61.34 -31.03 92.85
N GLN C 1206 60.98 -30.38 93.95
CA GLN C 1206 60.89 -28.92 93.97
C GLN C 1206 62.22 -28.29 93.63
N ASP C 1207 63.30 -28.81 94.20
CA ASP C 1207 64.66 -28.42 93.84
C ASP C 1207 65.39 -29.64 93.29
N VAL C 1208 66.14 -29.43 92.19
CA VAL C 1208 66.79 -30.54 91.51
C VAL C 1208 67.86 -31.18 92.39
N SER C 1209 68.60 -30.37 93.14
CA SER C 1209 69.70 -30.89 93.95
C SER C 1209 69.24 -31.84 95.05
N SER C 1210 68.01 -31.68 95.53
CA SER C 1210 67.53 -32.55 96.61
C SER C 1210 67.22 -33.96 96.13
N LEU C 1211 67.06 -34.16 94.82
CA LEU C 1211 66.84 -35.50 94.29
C LEU C 1211 68.04 -36.38 94.59
N ARG C 1212 67.79 -37.58 95.11
CA ARG C 1212 68.89 -38.41 95.61
C ARG C 1212 69.67 -39.04 94.47
N PHE C 1213 69.01 -39.85 93.64
CA PHE C 1213 69.74 -40.58 92.60
C PHE C 1213 69.72 -39.83 91.28
N PHE C 1214 68.54 -39.71 90.67
CA PHE C 1214 68.30 -38.92 89.46
C PHE C 1214 69.16 -39.35 88.28
N ALA C 1215 69.84 -40.50 88.38
CA ALA C 1215 70.72 -40.97 87.32
C ALA C 1215 70.07 -41.98 86.38
N ILE C 1216 68.91 -42.51 86.75
CA ILE C 1216 68.28 -43.55 85.94
C ILE C 1216 67.31 -42.96 84.93
N CYS C 1217 66.75 -41.79 85.23
CA CYS C 1217 65.76 -41.19 84.34
C CYS C 1217 65.96 -39.71 84.08
N GLY C 1218 66.95 -39.07 84.71
CA GLY C 1218 67.13 -37.64 84.55
C GLY C 1218 68.26 -37.24 83.61
N LEU C 1219 69.10 -38.20 83.24
CA LEU C 1219 70.27 -37.88 82.43
C LEU C 1219 69.93 -37.83 80.94
N GLN C 1220 69.47 -38.95 80.39
CA GLN C 1220 69.25 -39.06 78.95
C GLN C 1220 67.80 -39.38 78.60
N GLU C 1221 66.93 -39.60 79.58
CA GLU C 1221 65.55 -39.98 79.32
C GLU C 1221 64.64 -38.78 79.12
N GLY C 1222 65.03 -37.59 79.58
CA GLY C 1222 64.24 -36.39 79.40
C GLY C 1222 63.15 -36.19 80.42
N PHE C 1223 62.97 -37.13 81.35
CA PHE C 1223 61.97 -37.00 82.39
C PHE C 1223 62.36 -35.91 83.38
N GLU C 1224 61.38 -35.16 83.85
CA GLU C 1224 61.59 -34.00 84.71
C GLU C 1224 60.74 -34.14 85.96
N PRO C 1225 61.16 -33.51 87.05
CA PRO C 1225 60.37 -33.58 88.29
C PRO C 1225 59.01 -32.92 88.12
N PHE C 1226 58.06 -33.39 88.93
CA PHE C 1226 56.68 -32.91 88.82
C PHE C 1226 56.58 -31.41 89.09
N ALA C 1227 57.24 -30.93 90.14
CA ALA C 1227 57.20 -29.52 90.52
C ALA C 1227 58.57 -28.92 90.24
N ILE C 1228 58.76 -28.46 89.01
CA ILE C 1228 60.06 -27.98 88.57
C ILE C 1228 60.07 -26.45 88.54
N ASN C 1229 58.92 -25.85 88.28
CA ASN C 1229 58.80 -24.41 88.12
C ASN C 1229 57.69 -23.85 89.00
N MET C 1230 57.66 -24.27 90.26
CA MET C 1230 56.71 -23.76 91.24
C MET C 1230 57.41 -22.81 92.20
N GLN C 1231 56.78 -21.65 92.43
CA GLN C 1231 57.29 -20.72 93.42
C GLN C 1231 56.97 -21.17 94.85
N ARG C 1232 55.89 -21.94 95.02
CA ARG C 1232 55.46 -22.43 96.31
C ARG C 1232 55.16 -23.91 96.24
N PRO C 1233 55.28 -24.63 97.35
CA PRO C 1233 55.06 -26.09 97.32
C PRO C 1233 53.61 -26.44 97.06
N VAL C 1234 53.38 -27.74 96.88
CA VAL C 1234 52.05 -28.28 96.59
C VAL C 1234 51.31 -28.52 97.90
N THR C 1235 50.00 -28.25 97.89
CA THR C 1235 49.20 -28.32 99.12
C THR C 1235 49.08 -29.74 99.67
N THR C 1236 49.08 -30.76 98.82
CA THR C 1236 49.10 -32.17 99.23
C THR C 1236 47.91 -32.51 100.13
N TRP C 1237 46.73 -32.49 99.52
CA TRP C 1237 45.49 -32.73 100.25
C TRP C 1237 45.49 -34.14 100.85
N PHE C 1238 44.79 -34.31 101.96
CA PHE C 1238 44.81 -35.58 102.67
C PHE C 1238 43.41 -35.95 103.16
N SER C 1239 43.23 -37.25 103.40
CA SER C 1239 41.93 -37.76 103.83
C SER C 1239 41.81 -37.74 105.35
N LYS C 1240 40.63 -37.38 105.84
CA LYS C 1240 40.30 -37.36 107.24
C LYS C 1240 39.18 -38.34 107.53
N SER C 1241 39.22 -38.92 108.73
CA SER C 1241 38.24 -39.90 109.16
C SER C 1241 37.14 -39.30 110.04
N LEU C 1242 37.06 -37.98 110.12
CA LEU C 1242 36.02 -37.35 110.93
C LEU C 1242 34.67 -37.52 110.24
N PRO C 1243 33.67 -38.09 110.91
CA PRO C 1243 32.38 -38.32 110.25
C PRO C 1243 31.60 -37.02 110.09
N GLN C 1244 30.91 -36.90 108.95
CA GLN C 1244 30.15 -35.69 108.63
C GLN C 1244 28.84 -36.06 107.96
N PHE C 1245 27.83 -35.22 108.16
CA PHE C 1245 26.57 -35.40 107.45
C PHE C 1245 26.66 -34.86 106.03
N GLU C 1246 26.13 -35.62 105.08
CA GLU C 1246 26.13 -35.22 103.68
C GLU C 1246 24.83 -35.69 103.05
N PRO C 1247 24.32 -34.98 102.05
CA PRO C 1247 23.08 -35.41 101.40
C PRO C 1247 23.26 -36.75 100.68
N VAL C 1248 22.18 -37.53 100.67
CA VAL C 1248 22.23 -38.84 100.03
C VAL C 1248 22.36 -38.66 98.52
N PRO C 1249 23.32 -39.30 97.86
CA PRO C 1249 23.47 -39.15 96.41
C PRO C 1249 22.25 -39.67 95.69
N PRO C 1250 21.81 -38.97 94.63
CA PRO C 1250 20.69 -39.49 93.84
C PRO C 1250 20.98 -40.84 93.19
N GLU C 1251 22.23 -41.08 92.79
CA GLU C 1251 22.61 -42.34 92.13
C GLU C 1251 23.32 -43.21 93.17
N HIS C 1252 22.51 -43.92 93.95
CA HIS C 1252 23.02 -44.86 94.94
C HIS C 1252 22.28 -46.18 94.80
N PRO C 1253 22.97 -47.28 94.49
CA PRO C 1253 22.26 -48.55 94.24
C PRO C 1253 21.52 -49.09 95.45
N HIS C 1254 21.92 -48.73 96.67
CA HIS C 1254 21.35 -49.35 97.86
C HIS C 1254 20.14 -48.58 98.39
N TYR C 1255 20.32 -47.30 98.73
CA TYR C 1255 19.28 -46.50 99.35
C TYR C 1255 18.73 -45.51 98.33
N GLU C 1256 17.40 -45.47 98.22
CA GLU C 1256 16.72 -44.55 97.32
C GLU C 1256 15.66 -43.79 98.11
N VAL C 1257 15.63 -42.47 97.94
CA VAL C 1257 14.69 -41.60 98.63
C VAL C 1257 13.68 -41.10 97.63
N ALA C 1258 12.39 -41.30 97.92
CA ALA C 1258 11.30 -40.90 97.04
C ALA C 1258 10.42 -39.90 97.77
N ARG C 1259 10.13 -38.78 97.12
CA ARG C 1259 9.23 -37.78 97.70
C ARG C 1259 7.78 -38.12 97.38
N MET C 1260 6.92 -37.99 98.38
CA MET C 1260 5.50 -38.24 98.22
C MET C 1260 4.73 -36.94 98.42
N ASP C 1261 3.85 -36.62 97.48
CA ASP C 1261 3.00 -35.44 97.60
C ASP C 1261 1.91 -35.69 98.64
N GLY C 1262 1.43 -34.60 99.24
CA GLY C 1262 0.39 -34.69 100.24
C GLY C 1262 -0.96 -34.98 99.59
N THR C 1263 -1.61 -36.05 100.05
CA THR C 1263 -2.92 -36.43 99.54
C THR C 1263 -4.00 -35.64 100.28
N VAL C 1264 -5.27 -35.96 99.98
CA VAL C 1264 -6.37 -35.28 100.66
C VAL C 1264 -6.37 -35.60 102.14
N ASP C 1265 -6.19 -36.88 102.48
CA ASP C 1265 -6.18 -37.31 103.88
C ASP C 1265 -4.78 -37.66 104.38
N THR C 1266 -3.76 -37.53 103.54
CA THR C 1266 -2.40 -37.88 103.91
C THR C 1266 -1.48 -36.68 103.73
N PRO C 1267 -0.76 -36.27 104.77
CA PRO C 1267 0.18 -35.15 104.64
C PRO C 1267 1.40 -35.58 103.84
N PRO C 1268 2.16 -34.62 103.29
CA PRO C 1268 3.39 -34.98 102.56
C PRO C 1268 4.38 -35.70 103.47
N CYS C 1269 5.05 -36.70 102.92
CA CYS C 1269 5.95 -37.55 103.69
C CYS C 1269 7.13 -37.96 102.83
N LEU C 1270 8.20 -38.38 103.50
CA LEU C 1270 9.43 -38.83 102.86
C LEU C 1270 9.62 -40.29 103.19
N ARG C 1271 9.82 -41.12 102.16
CA ARG C 1271 9.94 -42.56 102.31
C ARG C 1271 11.31 -43.03 101.86
N LEU C 1272 11.93 -43.88 102.66
CA LEU C 1272 13.21 -44.50 102.34
C LEU C 1272 12.99 -45.98 102.04
N ALA C 1273 13.49 -46.44 100.90
CA ALA C 1273 13.32 -47.82 100.47
C ALA C 1273 14.69 -48.43 100.17
N HIS C 1274 14.93 -49.62 100.71
CA HIS C 1274 16.17 -50.36 100.48
C HIS C 1274 15.87 -51.50 99.51
N ARG C 1275 16.63 -51.55 98.42
CA ARG C 1275 16.42 -52.57 97.39
C ARG C 1275 17.68 -53.41 97.18
N UNK C 1276 17.68 -54.62 97.75
CA UNK C 1276 18.82 -55.52 97.61
C UNK C 1276 18.43 -56.96 97.88
N UNK C 1277 18.82 -57.85 96.97
CA UNK C 1277 18.56 -59.27 97.13
C UNK C 1277 19.46 -59.84 98.23
N UNK C 1278 20.72 -59.44 98.21
CA UNK C 1278 21.67 -59.81 99.24
C UNK C 1278 22.45 -58.58 99.68
N UNK C 1279 23.53 -58.29 98.96
CA UNK C 1279 24.34 -57.10 99.20
C UNK C 1279 24.81 -56.98 100.65
N UNK C 1280 24.61 -55.80 101.23
CA UNK C 1280 25.03 -55.54 102.60
C UNK C 1280 23.87 -55.04 103.45
N UNK C 1281 23.95 -55.27 104.75
CA UNK C 1281 22.93 -54.83 105.68
C UNK C 1281 23.54 -53.97 106.78
N UNK C 1282 24.42 -53.05 106.37
CA UNK C 1282 25.07 -52.16 107.32
C UNK C 1282 24.07 -51.18 107.94
N UNK C 1283 24.30 -50.82 109.20
CA UNK C 1283 23.40 -49.92 109.91
C UNK C 1283 23.52 -48.50 109.38
N UNK C 1284 22.51 -48.05 108.64
CA UNK C 1284 22.47 -46.69 108.12
C UNK C 1284 22.35 -45.70 109.26
N UNK C 1285 23.51 -45.34 109.84
CA UNK C 1285 23.56 -44.46 111.00
C UNK C 1285 22.96 -43.09 110.71
N UNK C 1286 21.91 -42.77 111.47
CA UNK C 1286 21.23 -41.48 111.39
C UNK C 1286 20.57 -41.21 110.04
N UNK C 1287 19.76 -40.16 110.02
CA UNK C 1287 19.07 -39.73 108.81
C UNK C 1287 18.50 -38.34 109.04
N UNK C 1288 19.35 -37.44 109.55
CA UNK C 1288 18.94 -36.10 109.92
C UNK C 1288 18.40 -35.32 108.74
N UNK C 1289 17.45 -34.44 108.98
CA UNK C 1289 16.89 -33.58 107.95
C UNK C 1289 17.85 -32.44 107.64
N UNK C 1290 17.58 -31.71 106.57
CA UNK C 1290 18.48 -30.66 106.12
C UNK C 1290 18.51 -29.48 107.09
N UNK C 1291 17.38 -28.79 107.23
CA UNK C 1291 17.30 -27.60 108.06
C UNK C 1291 17.36 -27.95 109.54
N UNK C 1292 17.48 -26.92 110.38
CA UNK C 1292 17.58 -27.11 111.83
C UNK C 1292 16.60 -26.21 112.57
N UNK C 1293 16.23 -26.61 113.78
CA UNK C 1293 15.30 -25.85 114.60
C UNK C 1293 16.00 -25.27 115.83
N UNK C 1294 15.62 -24.06 116.21
CA UNK C 1294 16.24 -23.38 117.34
C UNK C 1294 15.20 -22.86 118.32
N UNK C 1295 15.53 -22.91 119.61
CA UNK C 1295 14.63 -22.44 120.65
C UNK C 1295 14.77 -20.93 120.85
N UNK C 1296 13.74 -20.31 121.43
CA UNK C 1296 13.72 -18.88 121.66
C UNK C 1296 14.74 -18.50 122.73
N UNK C 1297 15.09 -17.21 122.77
CA UNK C 1297 16.06 -16.71 123.75
C UNK C 1297 15.45 -16.64 125.14
N UNK C 1298 10.36 -18.18 130.55
CA UNK C 1298 10.44 -17.32 129.39
C UNK C 1298 10.86 -18.09 128.15
N UNK C 1299 11.63 -19.16 128.36
CA UNK C 1299 12.10 -20.00 127.26
C UNK C 1299 10.99 -20.93 126.79
N UNK C 1300 10.22 -21.47 127.75
CA UNK C 1300 9.14 -22.40 127.47
C UNK C 1300 9.63 -23.62 126.68
N UNK C 1301 10.85 -24.04 126.96
CA UNK C 1301 11.47 -25.16 126.27
C UNK C 1301 11.26 -26.46 127.04
N UNK C 1302 10.70 -27.46 126.37
CA UNK C 1302 10.46 -28.76 126.98
C UNK C 1302 10.14 -29.80 125.92
N UNK C 1303 11.01 -30.79 125.77
CA UNK C 1303 10.78 -31.87 124.83
C UNK C 1303 9.83 -32.90 125.43
N UNK C 1304 9.10 -33.61 124.57
CA UNK C 1304 8.15 -34.61 125.03
C UNK C 1304 7.81 -35.60 123.92
N UNK C 1305 8.19 -36.86 124.13
CA UNK C 1305 7.90 -37.91 123.16
C UNK C 1305 6.49 -38.45 123.38
N UNK C 1306 5.76 -38.64 122.28
CA UNK C 1306 4.40 -39.15 122.36
C UNK C 1306 4.15 -40.18 121.26
N UNK C 1307 3.49 -41.27 121.61
CA UNK C 1307 3.19 -42.33 120.66
C UNK C 1307 1.84 -42.97 120.97
N UNK C 1308 1.00 -43.11 119.95
CA UNK C 1308 -0.33 -43.68 120.07
C UNK C 1308 -1.17 -42.93 121.11
N UNK C 1309 -0.93 -43.22 122.38
CA UNK C 1309 -1.65 -42.57 123.47
C UNK C 1309 -0.76 -41.52 124.14
N UNK C 1310 0.12 -41.97 125.04
CA UNK C 1310 1.04 -41.08 125.72
C UNK C 1310 2.26 -41.85 126.19
N UNK C 1311 3.35 -41.14 126.46
CA UNK C 1311 4.59 -41.77 126.88
C UNK C 1311 5.25 -40.99 128.02
N UNK C 1312 6.14 -41.66 128.74
CA UNK C 1312 6.84 -41.04 129.86
C UNK C 1312 8.35 -41.19 129.71
N UNK C 1313 8.94 -40.40 128.82
CA UNK C 1313 10.38 -40.45 128.58
C UNK C 1313 11.05 -39.20 129.12
N UNK C 1314 10.34 -38.48 130.00
CA UNK C 1314 10.85 -37.27 130.64
C UNK C 1314 11.25 -36.20 129.62
N UNK C 1315 12.40 -36.40 128.99
CA UNK C 1315 12.96 -35.44 128.03
C UNK C 1315 13.12 -34.07 128.66
N UNK C 1316 14.26 -33.86 129.31
CA UNK C 1316 14.53 -32.63 130.05
C UNK C 1316 14.56 -31.41 129.14
N UNK C 1317 14.48 -30.23 129.75
CA UNK C 1317 14.52 -28.97 129.02
C UNK C 1317 15.93 -28.66 128.54
N UNK C 1318 16.03 -28.03 127.38
CA UNK C 1318 17.33 -27.64 126.83
C UNK C 1318 17.73 -26.26 127.37
N UNK C 1319 18.76 -25.69 126.77
CA UNK C 1319 19.24 -24.37 127.18
C UNK C 1319 18.38 -23.27 126.58
N UNK C 1320 19.01 -22.14 126.27
CA UNK C 1320 18.29 -21.00 125.70
C UNK C 1320 18.35 -21.01 124.17
N UNK C 1321 19.52 -20.76 123.62
CA UNK C 1321 19.69 -20.70 122.17
C UNK C 1321 20.13 -22.05 121.61
N UNK C 1322 19.66 -23.12 122.23
CA UNK C 1322 20.01 -24.48 121.80
C UNK C 1322 19.37 -24.80 120.45
N UNK C 1323 20.15 -25.38 119.56
CA UNK C 1323 19.65 -25.75 118.24
C UNK C 1323 19.59 -27.26 118.08
N UNK C 1324 18.47 -27.76 117.57
CA UNK C 1324 18.29 -29.19 117.37
C UNK C 1324 17.68 -29.48 116.01
N UNK C 1325 18.04 -30.63 115.43
CA UNK C 1325 17.54 -31.01 114.12
C UNK C 1325 16.85 -32.37 114.17
N UNK C 1326 15.81 -32.54 113.36
CA UNK C 1326 15.08 -33.80 113.31
C UNK C 1326 15.96 -34.92 112.77
N UNK C 1327 15.89 -36.09 113.39
CA UNK C 1327 16.72 -37.22 112.98
C UNK C 1327 16.08 -38.56 113.32
N UNK C 1328 16.69 -39.64 112.85
CA UNK C 1328 16.20 -40.99 113.10
C UNK C 1328 17.25 -42.03 112.72
N UNK C 1329 17.90 -42.61 113.73
CA UNK C 1329 18.94 -43.60 113.49
C UNK C 1329 18.38 -45.02 113.56
N UNK C 1330 18.18 -45.64 112.40
CA UNK C 1330 17.57 -46.97 112.34
C UNK C 1330 18.41 -47.95 111.55
N UNK C 1331 17.99 -49.22 111.54
CA UNK C 1331 18.68 -50.27 110.81
C UNK C 1331 17.73 -50.95 109.83
N UNK C 1332 18.26 -51.41 108.71
CA UNK C 1332 17.44 -52.01 107.65
C UNK C 1332 16.97 -53.40 108.04
N UNK C 1333 15.79 -53.78 107.52
CA UNK C 1333 15.23 -55.10 107.77
C UNK C 1333 15.06 -55.87 106.46
N UNK C 1334 15.90 -55.54 105.49
CA UNK C 1334 15.88 -56.17 104.17
C UNK C 1334 14.51 -56.09 103.50
N UNK C 1335 13.79 -55.00 103.77
CA UNK C 1335 12.46 -54.80 103.21
C UNK C 1335 12.23 -53.34 102.88
N UNK C 1336 11.45 -52.65 103.72
CA UNK C 1336 11.19 -51.24 103.55
C UNK C 1336 11.51 -50.49 104.84
N UNK C 1337 12.27 -49.41 104.72
CA UNK C 1337 12.70 -48.64 105.89
C UNK C 1337 11.59 -47.73 106.41
N UNK C 1338 11.94 -46.89 107.36
CA UNK C 1338 10.99 -45.96 107.97
C UNK C 1338 10.60 -44.86 107.00
N UNK C 1339 9.43 -44.26 107.23
CA UNK C 1339 8.94 -43.18 106.38
C UNK C 1339 8.56 -41.97 107.21
N UNK C 1340 9.42 -40.95 107.19
CA UNK C 1340 9.16 -39.72 107.94
C UNK C 1340 7.99 -38.96 107.34
N UNK C 1341 7.09 -38.49 108.20
CA UNK C 1341 5.92 -37.76 107.76
C UNK C 1341 5.75 -36.47 108.55
N UNK C 1342 5.50 -35.37 107.84
CA UNK C 1342 5.30 -34.07 108.47
C UNK C 1342 3.83 -33.71 108.51
N UNK C 1343 3.29 -33.56 109.73
CA UNK C 1343 1.87 -33.25 109.90
C UNK C 1343 1.65 -32.38 111.14
N UNK C 1344 0.39 -32.25 111.53
CA UNK C 1344 0.03 -31.43 112.69
C UNK C 1344 -1.10 -32.09 113.49
N UNK C 1345 -1.19 -31.77 114.77
CA UNK C 1345 -2.22 -32.31 115.64
C UNK C 1345 -3.39 -31.34 115.74
N UNK C 1346 -4.05 -31.32 116.89
CA UNK C 1346 -5.18 -30.43 117.13
C UNK C 1346 -4.71 -28.98 117.15
N UNK C 1347 -3.58 -28.74 117.82
CA UNK C 1347 -3.01 -27.40 117.90
C UNK C 1347 -1.54 -27.48 118.28
N UNK C 1348 -0.83 -28.44 117.70
CA UNK C 1348 0.58 -28.64 118.00
C UNK C 1348 1.35 -29.15 116.78
N UNK C 1349 2.68 -29.17 116.89
CA UNK C 1349 3.53 -29.63 115.79
C UNK C 1349 4.30 -30.89 116.18
N UNK C 1350 4.39 -31.83 115.25
CA UNK C 1350 5.09 -33.08 115.50
C UNK C 1350 5.51 -33.75 114.20
N UNK C 1351 6.51 -34.62 114.28
CA UNK C 1351 6.98 -35.38 113.12
C UNK C 1351 6.66 -36.86 113.30
N UNK C 1352 5.89 -37.41 112.37
CA UNK C 1352 5.47 -38.81 112.46
C UNK C 1352 6.40 -39.73 111.69
N UNK C 1353 6.31 -41.03 111.97
CA UNK C 1353 7.11 -42.03 111.30
C UNK C 1353 6.44 -43.40 111.41
N UNK C 1354 6.81 -44.32 110.52
CA UNK C 1354 6.22 -45.65 110.52
C UNK C 1354 7.30 -46.72 110.35
N UNK C 1355 7.55 -47.47 111.43
CA UNK C 1355 8.58 -48.50 111.41
C UNK C 1355 8.00 -49.87 111.05
N UNK C 1356 8.85 -50.89 111.05
CA UNK C 1356 8.44 -52.24 110.71
C UNK C 1356 9.38 -53.27 111.33
N UNK C 1357 10.01 -52.90 112.44
CA UNK C 1357 10.92 -53.80 113.15
C UNK C 1357 10.79 -53.60 114.66
N UNK C 1358 11.86 -53.93 115.39
CA UNK C 1358 11.85 -53.81 116.83
C UNK C 1358 12.82 -52.74 117.31
N UNK C 1359 14.09 -52.89 116.98
CA UNK C 1359 15.13 -51.95 117.40
C UNK C 1359 15.40 -50.90 116.33
N UNK C 1360 14.88 -49.70 116.55
CA UNK C 1360 15.05 -48.59 115.61
C UNK C 1360 14.73 -47.25 116.28
N UNK C 1361 15.69 -46.73 117.04
CA UNK C 1361 15.50 -45.47 117.75
C UNK C 1361 15.26 -44.32 116.78
N UNK C 1362 14.51 -43.31 117.21
CA UNK C 1362 14.18 -42.18 116.35
C UNK C 1362 13.73 -40.95 117.13
N UNK C 1363 14.56 -39.91 117.13
CA UNK C 1363 14.22 -38.64 117.76
C UNK C 1363 15.16 -37.53 117.30
N UNK C 1364 14.95 -36.32 117.83
CA UNK C 1364 15.75 -35.17 117.44
C UNK C 1364 17.18 -35.26 117.96
N UNK C 1365 18.12 -34.69 117.22
CA UNK C 1365 19.53 -34.73 117.58
C UNK C 1365 20.15 -33.33 117.53
N UNK C 1366 21.24 -33.14 118.26
CA UNK C 1366 21.91 -31.85 118.30
C UNK C 1366 22.66 -31.58 116.99
N UNK C 1367 23.39 -30.46 116.95
CA UNK C 1367 24.12 -30.07 115.75
C UNK C 1367 25.58 -30.48 115.83
N UNK C 1368 26.00 -30.94 117.01
CA UNK C 1368 27.39 -31.35 117.20
C UNK C 1368 27.48 -32.87 117.40
N UNK C 1369 26.50 -33.59 116.85
CA UNK C 1369 26.46 -35.04 116.99
C UNK C 1369 27.37 -35.71 115.95
N UNK C 1370 28.24 -36.60 116.43
CA UNK C 1370 29.14 -37.34 115.56
C UNK C 1370 29.34 -38.76 116.07
N UNK C 1371 30.50 -39.33 115.76
CA UNK C 1371 30.86 -40.68 116.20
C UNK C 1371 29.87 -41.74 115.72
N UNK C 1372 30.16 -42.33 114.55
CA UNK C 1372 29.32 -43.39 114.01
C UNK C 1372 29.55 -44.69 114.77
N UNK C 1373 28.70 -44.95 115.75
CA UNK C 1373 28.83 -46.15 116.57
C UNK C 1373 28.54 -47.41 115.75
N UNK C 1374 28.90 -48.57 116.31
CA UNK C 1374 28.67 -49.84 115.64
C UNK C 1374 27.28 -50.39 116.00
N UNK C 1375 26.98 -50.41 117.29
CA UNK C 1375 25.71 -50.93 117.76
C UNK C 1375 25.33 -50.34 119.11
N UNK C 1376 24.20 -50.80 119.66
CA UNK C 1376 23.71 -50.39 120.97
C UNK C 1376 23.49 -48.89 121.08
N UNK C 1377 23.43 -48.40 122.31
CA UNK C 1377 23.21 -46.99 122.57
C UNK C 1377 24.42 -46.35 123.24
N UNK C 1378 24.30 -46.09 124.54
CA UNK C 1378 25.37 -45.47 125.33
C UNK C 1378 25.79 -44.14 124.75
N UNK C 1379 24.86 -43.18 124.72
CA UNK C 1379 25.15 -41.85 124.22
C UNK C 1379 25.95 -41.05 125.24
N UNK C 1380 26.79 -40.14 124.76
CA UNK C 1380 27.63 -39.34 125.64
C UNK C 1380 26.80 -38.37 126.48
N UNK C 1381 27.22 -38.17 127.72
CA UNK C 1381 26.51 -37.29 128.64
C UNK C 1381 27.43 -36.79 129.75
N UNK C 1382 27.03 -35.70 130.39
CA UNK C 1382 27.80 -35.12 131.49
C UNK C 1382 26.91 -34.21 132.34
N UNK C 1383 27.51 -33.57 133.34
CA UNK C 1383 26.79 -32.67 134.23
C UNK C 1383 27.74 -31.75 134.99
N UNK C 1384 27.61 -30.45 134.78
CA UNK C 1384 28.43 -29.47 135.46
C UNK C 1384 27.76 -28.99 136.74
N UNK C 1385 28.18 -29.53 137.88
CA UNK C 1385 27.58 -29.20 139.16
C UNK C 1385 28.17 -27.92 139.74
N UNK C 1386 27.32 -26.91 139.92
CA UNK C 1386 27.74 -25.65 140.51
C UNK C 1386 27.10 -25.47 141.89
N UNK C 1387 27.77 -24.74 142.76
CA UNK C 1387 27.28 -24.51 144.11
C UNK C 1387 27.58 -23.10 144.59
N UNK C 1388 27.91 -22.98 145.88
CA UNK C 1388 28.24 -21.69 146.47
C UNK C 1388 29.47 -21.80 147.35
N UNK C 1389 29.48 -21.03 148.44
CA UNK C 1389 30.59 -21.06 149.38
C UNK C 1389 30.61 -22.38 150.15
N UNK C 1390 29.43 -22.97 150.33
CA UNK C 1390 29.31 -24.25 151.02
C UNK C 1390 28.51 -25.22 150.17
N UNK C 1391 27.96 -26.25 150.81
CA UNK C 1391 27.18 -27.25 150.11
C UNK C 1391 25.69 -26.99 150.27
N UNK C 1392 25.35 -25.81 150.78
CA UNK C 1392 23.96 -25.44 151.00
C UNK C 1392 23.26 -25.18 149.67
N UNK C 1393 23.75 -24.20 148.93
CA UNK C 1393 23.19 -23.86 147.63
C UNK C 1393 23.84 -24.69 146.53
N UNK C 1394 23.03 -25.15 145.57
CA UNK C 1394 23.54 -25.96 144.48
C UNK C 1394 22.87 -25.56 143.16
N UNK C 1395 23.69 -25.36 142.14
CA UNK C 1395 23.19 -25.00 140.81
C UNK C 1395 23.72 -25.98 139.76
N UNK C 1396 23.40 -27.26 139.95
CA UNK C 1396 23.84 -28.30 139.03
C UNK C 1396 22.94 -28.34 137.79
N UNK C 1397 23.57 -28.47 136.63
CA UNK C 1397 22.83 -28.55 135.38
C UNK C 1397 23.38 -29.68 134.51
N UNK C 1398 22.48 -30.53 134.01
CA UNK C 1398 22.87 -31.63 133.15
C UNK C 1398 23.38 -31.11 131.81
N UNK C 1399 24.55 -31.59 131.40
CA UNK C 1399 25.16 -31.15 130.15
C UNK C 1399 24.32 -31.58 128.95
N UNK C 1400 24.38 -30.79 127.89
CA UNK C 1400 23.61 -31.08 126.67
C UNK C 1400 24.13 -32.33 125.99
N UNK C 1401 23.28 -33.36 125.94
CA UNK C 1401 23.63 -34.59 125.25
C UNK C 1401 23.72 -34.34 123.75
N UNK C 1402 24.71 -34.93 123.11
CA UNK C 1402 24.90 -34.76 121.67
C UNK C 1402 23.76 -35.41 120.89
N UNK C 1403 23.13 -36.41 121.49
CA UNK C 1403 22.01 -37.10 120.86
C UNK C 1403 20.93 -37.44 121.87
N UNK C 1404 19.73 -36.95 121.62
CA UNK C 1404 18.59 -37.23 122.50
C UNK C 1404 17.56 -38.09 121.78
N UNK C 1405 17.69 -39.41 121.92
CA UNK C 1405 16.80 -40.34 121.21
C UNK C 1405 15.97 -41.18 122.18
N UNK C 1406 14.93 -41.82 121.63
CA UNK C 1406 14.04 -42.66 122.43
C UNK C 1406 14.49 -44.12 122.37
N UNK C 1407 13.84 -44.97 123.15
CA UNK C 1407 14.19 -46.38 123.22
C UNK C 1407 13.60 -47.17 122.05
N UNK C 1408 12.46 -46.70 121.56
CA UNK C 1408 11.78 -47.32 120.41
C UNK C 1408 11.37 -48.77 120.65
N UNK C 1409 12.34 -49.62 120.95
CA UNK C 1409 12.08 -51.03 121.18
C UNK C 1409 11.30 -51.28 122.47
N UNK C 1410 11.24 -50.26 123.33
CA UNK C 1410 10.54 -50.37 124.60
C UNK C 1410 9.03 -50.38 124.41
N UNK C 1411 8.57 -49.79 123.31
CA UNK C 1411 7.13 -49.73 123.02
C UNK C 1411 6.72 -50.89 122.11
N UNK C 1412 7.17 -52.09 122.43
CA UNK C 1412 6.83 -53.27 121.65
C UNK C 1412 6.68 -54.50 122.55
N UNK C 1413 5.57 -55.22 122.38
CA UNK C 1413 5.30 -56.39 123.20
C UNK C 1413 4.63 -57.50 122.38
N UNK C 1414 4.53 -57.28 121.07
CA UNK C 1414 3.90 -58.25 120.19
C UNK C 1414 4.85 -58.70 119.09
N UNK C 1415 4.31 -59.37 118.08
CA UNK C 1415 5.12 -59.86 116.96
C UNK C 1415 5.07 -58.89 115.78
N UNK C 1416 4.60 -57.67 116.04
CA UNK C 1416 4.52 -56.61 115.04
C UNK C 1416 3.68 -57.01 113.82
N UNK C 1417 2.38 -56.79 113.91
CA UNK C 1417 1.47 -57.08 112.81
C UNK C 1417 1.12 -55.80 112.05
N UNK C 1418 1.16 -54.68 112.76
CA UNK C 1418 0.87 -53.39 112.17
C UNK C 1418 2.08 -52.46 112.27
N UNK C 1419 1.91 -51.22 111.82
CA UNK C 1419 3.00 -50.25 111.83
C UNK C 1419 2.85 -49.26 112.98
N UNK C 1420 3.92 -49.08 113.75
CA UNK C 1420 3.91 -48.15 114.87
C UNK C 1420 3.96 -46.71 114.38
N UNK C 1421 3.81 -45.76 115.30
CA UNK C 1421 3.83 -44.35 114.96
C UNK C 1421 4.31 -43.51 116.15
N UNK C 1422 5.21 -42.57 115.88
CA UNK C 1422 5.74 -41.70 116.92
C UNK C 1422 5.53 -40.24 116.57
N UNK C 1423 5.94 -39.34 117.47
CA UNK C 1423 5.78 -37.91 117.25
C UNK C 1423 6.80 -37.12 118.05
N UNK C 1424 6.72 -35.79 117.95
CA UNK C 1424 7.63 -34.91 118.67
C UNK C 1424 6.87 -33.95 119.57
N UNK C 1425 7.49 -32.82 119.91
CA UNK C 1425 6.87 -31.84 120.80
C UNK C 1425 7.14 -30.41 120.36
N UNK C 1426 6.09 -29.61 120.29
CA UNK C 1426 6.20 -28.20 119.94
C UNK C 1426 5.00 -27.42 120.46
N UNK C 1427 5.20 -26.13 120.72
CA UNK C 1427 4.15 -25.29 121.27
C UNK C 1427 3.83 -24.11 120.37
N UNK C 1428 2.54 -23.88 120.14
CA UNK C 1428 2.09 -22.78 119.29
C UNK C 1428 1.30 -21.76 120.10
N UNK C 1429 1.66 -20.49 119.96
CA UNK C 1429 1.00 -19.41 120.68
C UNK C 1429 -0.10 -18.76 119.84
N UNK C 1430 -0.67 -19.55 118.93
CA UNK C 1430 -1.74 -19.06 118.07
C UNK C 1430 -2.95 -19.99 118.13
N UNK C 1431 -3.98 -19.57 118.86
CA UNK C 1431 -5.19 -20.37 119.01
C UNK C 1431 -6.42 -19.58 118.56
N UNK C 1432 -7.18 -20.17 117.65
CA UNK C 1432 -8.39 -19.53 117.13
C UNK C 1432 -9.35 -20.57 116.56
N MET C 1573 1.85 -23.68 114.00
CA MET C 1573 1.11 -24.90 114.35
C MET C 1573 1.72 -26.19 113.75
N PRO C 1574 2.13 -26.19 112.49
CA PRO C 1574 2.85 -27.35 111.95
C PRO C 1574 4.35 -27.24 112.17
N LEU C 1575 5.04 -28.30 111.76
CA LEU C 1575 6.49 -28.37 111.96
C LEU C 1575 7.23 -27.39 111.06
N SER C 1576 6.83 -27.31 109.79
CA SER C 1576 7.57 -26.51 108.82
C SER C 1576 7.36 -25.01 109.02
N ALA C 1577 6.28 -24.61 109.70
CA ALA C 1577 5.99 -23.18 109.84
C ALA C 1577 7.03 -22.48 110.72
N ALA C 1578 7.43 -23.11 111.82
CA ALA C 1578 8.33 -22.45 112.75
C ALA C 1578 9.77 -22.40 112.24
N MET C 1579 10.15 -23.32 111.35
CA MET C 1579 11.55 -23.40 110.93
C MET C 1579 11.94 -22.31 109.94
N PHE C 1580 11.00 -21.91 109.08
CA PHE C 1580 11.37 -21.08 107.93
C PHE C 1580 11.01 -19.61 108.08
N LEU C 1581 10.15 -19.26 109.04
CA LEU C 1581 9.82 -17.87 109.36
C LEU C 1581 9.06 -17.20 108.21
N SER C 1582 8.87 -17.91 107.10
CA SER C 1582 8.13 -17.37 105.98
C SER C 1582 6.67 -17.82 105.98
N GLU C 1583 6.42 -19.06 106.37
CA GLU C 1583 5.06 -19.61 106.44
C GLU C 1583 4.66 -19.88 107.89
N ARG C 1584 5.21 -19.12 108.84
CA ARG C 1584 4.87 -19.33 110.25
C ARG C 1584 3.40 -19.04 110.51
N LYS C 1585 2.85 -17.98 109.91
CA LYS C 1585 1.44 -17.67 110.10
C LYS C 1585 0.53 -18.74 109.52
N ASN C 1586 0.86 -19.25 108.34
CA ASN C 1586 0.02 -20.25 107.70
C ASN C 1586 0.16 -21.60 108.41
N PRO C 1587 -0.93 -22.20 108.88
CA PRO C 1587 -0.84 -23.48 109.58
C PRO C 1587 -0.78 -24.69 108.66
N ALA C 1588 -0.82 -24.49 107.34
CA ALA C 1588 -0.77 -25.62 106.43
C ALA C 1588 0.67 -26.11 106.27
N PRO C 1589 0.94 -27.38 106.52
CA PRO C 1589 2.31 -27.91 106.36
C PRO C 1589 2.65 -28.16 104.91
N GLN C 1590 3.92 -27.95 104.58
CA GLN C 1590 4.42 -28.13 103.23
C GLN C 1590 5.92 -28.34 103.26
N CYS C 1591 6.45 -29.01 102.22
CA CYS C 1591 7.86 -29.34 102.14
C CYS C 1591 8.52 -28.62 100.97
N PRO C 1592 9.25 -27.55 101.22
CA PRO C 1592 9.98 -26.87 100.14
C PRO C 1592 11.18 -27.69 99.69
N PRO C 1593 11.82 -27.34 98.57
CA PRO C 1593 12.93 -28.15 98.07
C PRO C 1593 14.12 -28.23 99.00
N ARG C 1594 14.28 -27.29 99.94
CA ARG C 1594 15.49 -27.26 100.75
C ARG C 1594 15.55 -28.46 101.71
N LEU C 1595 14.40 -28.95 102.17
CA LEU C 1595 14.41 -30.10 103.07
C LEU C 1595 14.79 -31.36 102.30
N GLU C 1596 15.73 -32.13 102.87
CA GLU C 1596 16.20 -33.36 102.23
C GLU C 1596 16.76 -34.27 103.31
N VAL C 1597 16.90 -35.55 102.95
CA VAL C 1597 17.43 -36.55 103.86
C VAL C 1597 18.94 -36.59 103.73
N GLN C 1598 19.63 -36.64 104.87
CA GLN C 1598 21.09 -36.68 104.90
C GLN C 1598 21.55 -37.96 105.60
N MET C 1599 22.78 -38.37 105.30
CA MET C 1599 23.37 -39.57 105.86
C MET C 1599 24.78 -39.28 106.34
N LEU C 1600 25.26 -40.12 107.25
CA LEU C 1600 26.59 -39.96 107.82
C LEU C 1600 27.63 -40.61 106.93
N MET C 1601 28.71 -39.87 106.64
CA MET C 1601 29.84 -40.37 105.88
C MET C 1601 31.08 -40.35 106.76
N PRO C 1602 31.82 -41.46 106.83
CA PRO C 1602 32.93 -41.53 107.81
C PRO C 1602 34.16 -40.75 107.40
N VAL C 1603 34.49 -40.70 106.11
CA VAL C 1603 35.73 -40.12 105.65
C VAL C 1603 35.44 -39.01 104.64
N SER C 1604 36.36 -38.06 104.56
CA SER C 1604 36.23 -36.94 103.63
C SER C 1604 37.58 -36.31 103.37
N TRP C 1605 37.71 -35.65 102.23
CA TRP C 1605 38.95 -34.96 101.88
C TRP C 1605 39.12 -33.70 102.73
N SER C 1606 40.36 -33.25 102.85
CA SER C 1606 40.65 -32.03 103.58
C SER C 1606 42.00 -31.48 103.13
N ARG C 1607 42.23 -30.21 103.44
CA ARG C 1607 43.42 -29.49 103.00
C ARG C 1607 44.48 -29.47 104.09
N MET C 1608 45.74 -29.54 103.67
CA MET C 1608 46.89 -29.44 104.55
C MET C 1608 47.30 -27.98 104.72
N PRO C 1609 47.35 -27.46 105.93
CA PRO C 1609 47.76 -26.07 106.12
C PRO C 1609 49.17 -25.82 105.62
N ASN C 1610 49.37 -24.61 105.11
CA ASN C 1610 50.67 -24.25 104.54
C ASN C 1610 51.74 -24.15 105.62
N HIS C 1611 51.39 -23.61 106.79
CA HIS C 1611 52.34 -23.41 107.87
C HIS C 1611 51.73 -23.87 109.19
N PHE C 1612 52.61 -24.24 110.12
CA PHE C 1612 52.20 -24.76 111.42
C PHE C 1612 52.99 -24.08 112.53
N LEU C 1613 52.47 -24.17 113.75
CA LEU C 1613 53.10 -23.58 114.91
C LEU C 1613 54.29 -24.44 115.33
N GLN C 1614 55.48 -23.85 115.36
CA GLN C 1614 56.67 -24.56 115.80
C GLN C 1614 56.76 -24.50 117.31
N VAL C 1615 56.71 -25.69 117.96
CA VAL C 1615 56.75 -25.75 119.45
C VAL C 1615 58.00 -26.51 119.91
N GLU C 1616 58.50 -26.19 121.10
CA GLU C 1616 59.71 -26.83 121.67
C GLU C 1616 59.36 -27.56 122.97
N THR C 1617 59.78 -28.82 123.08
CA THR C 1617 59.54 -29.67 124.24
C THR C 1617 60.64 -29.48 125.29
N ARG C 1618 60.34 -29.80 126.55
CA ARG C 1618 61.33 -29.66 127.62
C ARG C 1618 61.08 -30.66 128.74
N ARG C 1619 62.17 -31.05 129.40
CA ARG C 1619 62.10 -32.00 130.50
C ARG C 1619 62.09 -31.29 131.85
N GLY C 1625 61.35 -29.11 133.82
CA GLY C 1625 59.98 -28.70 134.03
C GLY C 1625 59.04 -29.13 132.93
N TRP C 1626 59.55 -29.91 131.98
CA TRP C 1626 58.78 -30.32 130.81
C TRP C 1626 58.17 -29.11 130.11
N ALA C 1627 58.95 -28.05 129.98
CA ALA C 1627 58.46 -26.77 129.49
C ALA C 1627 58.35 -26.76 127.97
N VAL C 1628 57.27 -26.17 127.46
CA VAL C 1628 57.04 -26.01 126.04
C VAL C 1628 56.80 -24.53 125.78
N GLN C 1629 57.54 -23.96 124.83
CA GLN C 1629 57.47 -22.54 124.52
C GLN C 1629 57.40 -22.32 123.02
N CYS C 1630 56.58 -21.35 122.61
CA CYS C 1630 56.45 -20.97 121.22
C CYS C 1630 56.36 -19.45 121.12
N GLN C 1631 56.90 -18.90 120.03
CA GLN C 1631 56.92 -17.44 119.86
C GLN C 1631 56.63 -17.03 118.42
N ASP C 1632 55.79 -17.80 117.71
CA ASP C 1632 55.45 -17.51 116.32
C ASP C 1632 53.95 -17.38 116.17
N PRO C 1633 53.43 -16.22 115.78
CA PRO C 1633 51.98 -16.08 115.58
C PRO C 1633 51.56 -16.38 114.15
N LEU C 1634 50.39 -17.01 114.01
CA LEU C 1634 49.84 -17.36 112.71
C LEU C 1634 48.35 -17.11 112.69
N THR C 1635 47.85 -16.58 111.57
CA THR C 1635 46.45 -16.27 111.40
C THR C 1635 45.97 -16.79 110.04
N MET C 1636 44.67 -17.05 109.96
CA MET C 1636 44.05 -17.52 108.73
C MET C 1636 42.61 -17.08 108.69
N MET C 1637 42.06 -17.00 107.48
CA MET C 1637 40.68 -16.61 107.26
C MET C 1637 39.80 -17.85 107.15
N ALA C 1638 38.71 -17.88 107.92
CA ALA C 1638 37.84 -19.06 107.99
C ALA C 1638 36.43 -18.69 107.58
N LEU C 1639 35.90 -19.40 106.60
CA LEU C 1639 34.50 -19.28 106.24
C LEU C 1639 33.64 -19.99 107.28
N HIS C 1640 32.49 -19.40 107.59
CA HIS C 1640 31.55 -19.95 108.56
C HIS C 1640 30.20 -20.15 107.91
N ILE C 1641 29.65 -21.35 108.04
CA ILE C 1641 28.31 -21.67 107.54
C ILE C 1641 27.33 -21.52 108.71
N PRO C 1642 26.33 -20.64 108.60
CA PRO C 1642 25.43 -20.43 109.75
C PRO C 1642 24.48 -21.58 110.00
N GLU C 1643 23.88 -22.16 108.96
CA GLU C 1643 22.90 -23.21 109.15
C GLU C 1643 23.52 -24.46 109.77
N GLU C 1644 24.67 -24.89 109.24
CA GLU C 1644 25.33 -26.08 109.75
C GLU C 1644 26.14 -25.82 111.01
N ASN C 1645 26.37 -24.55 111.35
CA ASN C 1645 27.17 -24.17 112.51
C ASN C 1645 28.55 -24.81 112.46
N ARG C 1646 29.15 -24.82 111.27
CA ARG C 1646 30.48 -25.35 111.06
C ARG C 1646 31.29 -24.34 110.25
N CYS C 1647 32.58 -24.25 110.56
CA CYS C 1647 33.47 -23.31 109.89
C CYS C 1647 34.61 -24.06 109.21
N MET C 1648 35.08 -23.50 108.10
CA MET C 1648 36.16 -24.11 107.32
C MET C 1648 37.02 -23.00 106.71
N ASP C 1649 38.20 -23.40 106.24
CA ASP C 1649 39.15 -22.44 105.69
C ASP C 1649 38.62 -21.84 104.39
N ILE C 1650 38.92 -20.56 104.19
CA ILE C 1650 38.55 -19.90 102.93
C ILE C 1650 39.44 -20.35 101.78
N LEU C 1651 40.66 -20.81 102.07
CA LEU C 1651 41.54 -21.31 101.04
C LEU C 1651 41.15 -22.70 100.57
N GLU C 1652 40.31 -23.40 101.33
CA GLU C 1652 39.81 -24.72 100.97
C GLU C 1652 38.74 -24.64 99.87
N LEU C 1653 38.24 -23.45 99.59
CA LEU C 1653 37.16 -23.26 98.62
C LEU C 1653 37.60 -23.49 97.18
N SER C 1654 38.83 -23.97 96.97
CA SER C 1654 39.35 -24.10 95.60
C SER C 1654 38.59 -25.15 94.81
N GLU C 1655 38.33 -26.32 95.39
CA GLU C 1655 37.70 -27.40 94.63
C GLU C 1655 36.23 -27.58 94.93
N ARG C 1656 35.60 -26.67 95.68
CA ARG C 1656 34.16 -26.79 95.93
C ARG C 1656 33.36 -26.58 94.64
N LEU C 1657 33.74 -25.59 93.84
CA LEU C 1657 33.17 -25.34 92.51
C LEU C 1657 31.72 -24.88 92.55
N ASP C 1658 31.09 -24.91 93.71
CA ASP C 1658 29.76 -24.32 93.84
C ASP C 1658 29.69 -23.25 94.92
N LEU C 1659 30.31 -23.50 96.07
CA LEU C 1659 30.37 -22.47 97.10
C LEU C 1659 31.23 -21.30 96.64
N GLN C 1660 32.25 -21.56 95.83
CA GLN C 1660 33.05 -20.47 95.28
C GLN C 1660 32.20 -19.55 94.41
N ARG C 1661 31.38 -20.13 93.53
CA ARG C 1661 30.51 -19.32 92.69
C ARG C 1661 29.47 -18.57 93.51
N PHE C 1662 28.86 -19.24 94.48
CA PHE C 1662 27.86 -18.56 95.30
C PHE C 1662 28.48 -17.41 96.09
N HIS C 1663 29.67 -17.62 96.65
CA HIS C 1663 30.34 -16.56 97.39
C HIS C 1663 30.76 -15.42 96.49
N SER C 1664 31.20 -15.72 95.26
CA SER C 1664 31.54 -14.65 94.32
C SER C 1664 30.32 -13.81 93.98
N HIS C 1665 29.18 -14.44 93.73
CA HIS C 1665 27.96 -13.67 93.47
C HIS C 1665 27.54 -12.85 94.69
N THR C 1666 27.63 -13.43 95.89
CA THR C 1666 27.32 -12.67 97.09
C THR C 1666 28.23 -11.47 97.24
N LEU C 1667 29.52 -11.65 96.95
CA LEU C 1667 30.46 -10.53 97.00
C LEU C 1667 30.14 -9.46 95.98
N ARG C 1668 29.75 -9.87 94.77
CA ARG C 1668 29.34 -8.89 93.77
C ARG C 1668 28.11 -8.10 94.24
N LEU C 1669 27.21 -8.75 94.97
CA LEU C 1669 26.05 -8.05 95.51
C LEU C 1669 26.48 -6.93 96.46
N TYR C 1670 27.54 -7.14 97.24
CA TYR C 1670 28.01 -6.10 98.16
C TYR C 1670 28.44 -4.85 97.40
N ARG C 1671 29.18 -5.01 96.31
CA ARG C 1671 29.56 -3.85 95.50
C ARG C 1671 28.36 -3.22 94.82
N ALA C 1672 27.44 -4.04 94.32
CA ALA C 1672 26.27 -3.52 93.62
C ALA C 1672 25.38 -2.69 94.53
N VAL C 1673 25.21 -3.11 95.78
CA VAL C 1673 24.31 -2.39 96.69
C VAL C 1673 24.85 -0.99 96.99
N CYS C 1674 26.15 -0.88 97.26
CA CYS C 1674 26.74 0.38 97.68
C CYS C 1674 27.42 1.14 96.55
N ALA C 1675 27.25 0.69 95.31
CA ALA C 1675 27.87 1.39 94.18
C ALA C 1675 27.18 2.73 93.91
N LEU C 1676 27.90 3.59 93.18
CA LEU C 1676 27.38 4.86 92.68
C LEU C 1676 26.98 5.80 93.81
N GLY C 1677 27.96 6.12 94.67
CA GLY C 1677 27.84 7.24 95.59
C GLY C 1677 27.03 6.99 96.84
N ASN C 1678 26.50 5.79 97.04
CA ASN C 1678 25.77 5.51 98.28
C ASN C 1678 26.74 5.47 99.45
N ASN C 1679 26.39 6.16 100.52
CA ASN C 1679 27.28 6.31 101.67
C ASN C 1679 26.72 5.72 102.95
N ARG C 1680 25.40 5.77 103.16
CA ARG C 1680 24.82 5.21 104.37
C ARG C 1680 25.04 3.71 104.44
N VAL C 1681 25.06 3.02 103.30
CA VAL C 1681 25.26 1.59 103.28
C VAL C 1681 26.72 1.22 103.43
N ALA C 1682 27.63 2.18 103.25
CA ALA C 1682 29.05 1.88 103.31
C ALA C 1682 29.46 1.37 104.68
N HIS C 1683 29.03 2.05 105.75
CA HIS C 1683 29.39 1.58 107.09
C HIS C 1683 28.62 0.32 107.47
N ALA C 1684 27.40 0.17 106.96
CA ALA C 1684 26.66 -1.07 107.20
C ALA C 1684 27.40 -2.27 106.62
N LEU C 1685 27.96 -2.13 105.41
CA LEU C 1685 28.77 -3.19 104.83
C LEU C 1685 30.13 -3.32 105.50
N CYS C 1686 30.71 -2.23 105.97
CA CYS C 1686 31.96 -2.31 106.72
C CYS C 1686 31.78 -3.04 108.04
N SER C 1687 30.58 -3.01 108.62
CA SER C 1687 30.31 -3.83 109.79
C SER C 1687 30.37 -5.31 109.45
N HIS C 1688 29.83 -5.71 108.30
CA HIS C 1688 29.87 -7.10 107.90
C HIS C 1688 31.30 -7.53 107.54
N VAL C 1689 32.02 -6.70 106.80
CA VAL C 1689 33.36 -7.01 106.33
C VAL C 1689 34.34 -6.09 107.03
N ASP C 1690 35.18 -6.66 107.89
CA ASP C 1690 36.10 -5.86 108.69
C ASP C 1690 37.17 -5.24 107.81
N GLN C 1691 37.72 -4.12 108.30
CA GLN C 1691 38.77 -3.43 107.56
C GLN C 1691 40.07 -4.24 107.56
N ALA C 1692 40.37 -4.93 108.66
CA ALA C 1692 41.63 -5.67 108.77
C ALA C 1692 41.68 -6.88 107.84
N GLN C 1693 40.58 -7.62 107.70
CA GLN C 1693 40.61 -8.81 106.86
C GLN C 1693 40.74 -8.44 105.39
N LEU C 1694 40.18 -7.30 104.99
CA LEU C 1694 40.36 -6.84 103.61
C LEU C 1694 41.83 -6.57 103.31
N LEU C 1695 42.55 -5.92 104.23
CA LEU C 1695 43.97 -5.71 104.04
C LEU C 1695 44.74 -7.03 104.07
N HIS C 1696 44.35 -7.95 104.96
CA HIS C 1696 45.06 -9.22 105.05
C HIS C 1696 44.89 -10.07 103.79
N ALA C 1697 43.72 -9.99 103.16
CA ALA C 1697 43.44 -10.79 101.97
C ALA C 1697 44.20 -10.32 100.73
N LEU C 1698 44.91 -9.19 100.82
CA LEU C 1698 45.69 -8.75 99.68
C LEU C 1698 46.96 -9.56 99.52
N GLU C 1699 47.64 -9.88 100.62
CA GLU C 1699 48.99 -10.42 100.56
C GLU C 1699 49.03 -11.90 100.19
N ASP C 1700 47.99 -12.67 100.49
CA ASP C 1700 48.05 -14.11 100.26
C ASP C 1700 48.18 -14.41 98.77
N ALA C 1701 49.03 -15.39 98.45
CA ALA C 1701 49.30 -15.70 97.05
C ALA C 1701 48.22 -16.58 96.45
N HIS C 1702 48.05 -17.79 96.99
CA HIS C 1702 47.11 -18.76 96.45
C HIS C 1702 45.69 -18.43 96.89
N LEU C 1703 44.79 -18.32 95.93
CA LEU C 1703 43.37 -18.02 96.13
C LEU C 1703 42.59 -18.64 94.98
N PRO C 1704 41.27 -18.77 95.08
CA PRO C 1704 40.50 -19.37 93.97
C PRO C 1704 40.72 -18.66 92.64
N GLY C 1705 40.89 -17.34 92.66
CA GLY C 1705 41.19 -16.59 91.45
C GLY C 1705 40.15 -15.55 91.10
N PRO C 1706 38.87 -15.91 91.14
CA PRO C 1706 37.84 -14.86 91.08
C PRO C 1706 37.71 -14.10 92.38
N LEU C 1707 37.90 -14.77 93.52
CA LEU C 1707 37.77 -14.11 94.81
C LEU C 1707 38.84 -13.04 95.02
N ARG C 1708 40.04 -13.23 94.46
CA ARG C 1708 41.06 -12.20 94.58
C ARG C 1708 40.63 -10.90 93.90
N ALA C 1709 40.15 -11.00 92.66
CA ALA C 1709 39.65 -9.82 91.96
C ALA C 1709 38.43 -9.24 92.67
N GLY C 1710 37.54 -10.09 93.17
CA GLY C 1710 36.39 -9.58 93.90
C GLY C 1710 36.77 -8.81 95.15
N TYR C 1711 37.75 -9.32 95.90
CA TYR C 1711 38.18 -8.63 97.11
C TYR C 1711 38.90 -7.33 96.79
N TYR C 1712 39.69 -7.29 95.71
CA TYR C 1712 40.28 -6.03 95.28
C TYR C 1712 39.21 -5.02 94.91
N ASP C 1713 38.21 -5.44 94.14
CA ASP C 1713 37.17 -4.54 93.69
C ASP C 1713 36.29 -4.05 94.84
N LEU C 1714 36.01 -4.89 95.82
CA LEU C 1714 35.24 -4.45 96.98
C LEU C 1714 35.99 -3.39 97.77
N LEU C 1715 37.30 -3.59 97.98
CA LEU C 1715 38.11 -2.59 98.66
C LEU C 1715 38.11 -1.28 97.89
N ILE C 1716 38.22 -1.35 96.57
CA ILE C 1716 38.18 -0.13 95.76
C ILE C 1716 36.82 0.55 95.88
N SER C 1717 35.74 -0.23 95.88
CA SER C 1717 34.41 0.33 95.71
C SER C 1717 33.81 0.85 97.01
N ILE C 1718 34.25 0.35 98.17
CA ILE C 1718 33.65 0.79 99.41
C ILE C 1718 34.41 1.92 100.11
N HIS C 1719 35.59 2.29 99.62
CA HIS C 1719 36.40 3.27 100.33
C HIS C 1719 36.69 4.53 99.54
N LEU C 1720 37.22 4.42 98.31
CA LEU C 1720 37.83 5.57 97.65
C LEU C 1720 37.24 5.88 96.28
N GLU C 1721 36.29 5.09 95.80
CA GLU C 1721 35.73 5.37 94.48
C GLU C 1721 34.94 6.67 94.48
N SER C 1722 34.27 6.98 95.60
CA SER C 1722 33.48 8.21 95.68
C SER C 1722 34.36 9.45 95.54
N ALA C 1723 35.52 9.47 96.19
CA ALA C 1723 36.44 10.59 96.03
C ALA C 1723 37.13 10.56 94.67
N CYS C 1724 37.44 9.37 94.16
CA CYS C 1724 38.10 9.28 92.86
C CYS C 1724 37.23 9.84 91.75
N ARG C 1725 35.94 9.52 91.77
CA ARG C 1725 35.04 10.03 90.74
C ARG C 1725 34.92 11.54 90.79
N SER C 1726 34.79 12.10 91.99
CA SER C 1726 34.71 13.56 92.13
C SER C 1726 35.98 14.24 91.66
N ARG C 1727 37.15 13.69 92.00
CA ARG C 1727 38.40 14.28 91.53
C ARG C 1727 38.54 14.16 90.02
N ARG C 1728 38.11 13.03 89.45
CA ARG C 1728 38.16 12.86 88.00
C ARG C 1728 37.27 13.86 87.29
N SER C 1729 36.10 14.16 87.86
CA SER C 1729 35.18 15.10 87.24
C SER C 1729 35.76 16.50 87.12
N MET C 1730 36.67 16.89 88.03
CA MET C 1730 37.27 18.21 88.01
C MET C 1730 38.71 18.20 87.50
N LEU C 1731 39.26 17.03 87.19
CA LEU C 1731 40.61 16.96 86.64
C LEU C 1731 40.73 17.69 85.30
N SER C 1732 39.61 17.95 84.63
CA SER C 1732 39.61 18.58 83.31
C SER C 1732 39.36 20.09 83.38
N GLU C 1733 39.80 20.75 84.45
CA GLU C 1733 39.65 22.20 84.59
C GLU C 1733 41.00 22.81 84.92
N TYR C 1734 41.24 24.02 84.41
CA TYR C 1734 42.52 24.71 84.56
C TYR C 1734 42.25 26.09 85.14
N ILE C 1735 42.36 26.21 86.47
CA ILE C 1735 42.25 27.48 87.17
C ILE C 1735 43.50 27.62 88.02
N VAL C 1736 44.43 28.45 87.59
CA VAL C 1736 45.71 28.63 88.27
C VAL C 1736 45.72 30.02 88.90
N PRO C 1737 46.11 30.15 90.16
CA PRO C 1737 46.13 31.48 90.79
C PRO C 1737 47.50 32.13 90.68
N LEU C 1738 47.56 33.38 91.09
CA LEU C 1738 48.84 34.08 91.19
C LEU C 1738 49.36 33.99 92.61
N THR C 1739 50.55 33.42 92.75
CA THR C 1739 51.19 33.21 94.04
C THR C 1739 52.68 33.03 93.80
N PRO C 1740 53.52 33.26 94.82
CA PRO C 1740 54.96 33.02 94.63
C PRO C 1740 55.30 31.61 94.18
N GLU C 1741 54.53 30.60 94.60
CA GLU C 1741 54.78 29.24 94.11
C GLU C 1741 54.52 29.15 92.62
N THR C 1742 53.44 29.77 92.14
CA THR C 1742 53.13 29.75 90.71
C THR C 1742 54.12 30.57 89.90
N ARG C 1743 54.65 31.66 90.49
CA ARG C 1743 55.55 32.53 89.75
C ARG C 1743 56.82 31.78 89.33
N ALA C 1744 57.34 30.91 90.20
CA ALA C 1744 58.58 30.19 89.91
C ALA C 1744 58.28 28.80 89.34
N ILE C 1745 57.55 28.77 88.23
CA ILE C 1745 57.35 27.54 87.47
C ILE C 1745 57.48 27.86 85.99
N THR C 1746 58.09 26.95 85.25
CA THR C 1746 58.29 27.09 83.81
C THR C 1746 58.69 25.74 83.23
N LEU C 1747 59.14 25.72 81.98
CA LEU C 1747 59.61 24.47 81.38
C LEU C 1747 60.77 23.89 82.19
N PHE C 1748 61.69 24.74 82.63
CA PHE C 1748 62.77 24.36 83.53
C PHE C 1748 63.56 23.14 83.07
N PRO C 1749 64.32 23.25 81.97
CA PRO C 1749 65.33 22.25 81.66
C PRO C 1749 66.71 22.68 82.15
N PRO C 1750 66.98 22.64 83.45
CA PRO C 1750 68.29 23.11 83.92
C PRO C 1750 69.34 22.02 83.75
N GLY C 1751 70.25 22.23 82.79
CA GLY C 1751 71.26 21.24 82.49
C GLY C 1751 72.57 21.89 82.12
N ARG C 1752 73.62 21.07 82.09
CA ARG C 1752 74.97 21.51 81.75
C ARG C 1752 75.12 21.48 80.23
N LYS C 1753 74.62 22.52 79.59
CA LYS C 1753 74.68 22.76 78.15
C LYS C 1753 73.93 21.71 77.33
N GLY C 1754 73.22 20.79 77.96
CA GLY C 1754 72.47 19.77 77.24
C GLY C 1754 71.08 19.55 77.78
N GLY C 1755 70.75 20.20 78.90
CA GLY C 1755 69.45 20.01 79.51
C GLY C 1755 68.31 20.54 78.66
N ASN C 1756 68.48 21.72 78.05
CA ASN C 1756 67.44 22.28 77.20
C ASN C 1756 67.21 21.41 75.98
N ALA C 1757 68.27 20.89 75.37
CA ALA C 1757 68.13 20.00 74.23
C ALA C 1757 67.47 18.68 74.63
N ARG C 1758 67.86 18.12 75.77
CA ARG C 1758 67.31 16.85 76.21
C ARG C 1758 65.93 17.09 76.85
N ARG C 1759 65.37 16.04 77.44
CA ARG C 1759 64.06 16.16 78.08
C ARG C 1759 64.12 17.16 79.23
N HIS C 1760 63.13 18.05 79.27
CA HIS C 1760 63.11 19.09 80.30
C HIS C 1760 62.95 18.49 81.70
N GLY C 1761 62.14 17.45 81.82
CA GLY C 1761 61.95 16.79 83.10
C GLY C 1761 61.09 15.56 82.94
N LEU C 1762 61.18 14.69 83.94
CA LEU C 1762 60.37 13.48 83.95
C LEU C 1762 58.90 13.85 84.16
N PRO C 1763 57.97 13.11 83.56
CA PRO C 1763 56.55 13.39 83.80
C PRO C 1763 56.17 13.15 85.25
N GLY C 1764 55.51 14.14 85.84
CA GLY C 1764 55.17 14.07 87.25
C GLY C 1764 56.07 14.93 88.11
N VAL C 1765 55.58 16.10 88.49
CA VAL C 1765 56.34 17.06 89.29
C VAL C 1765 55.56 17.33 90.57
N GLY C 1766 56.30 17.51 91.68
CA GLY C 1766 55.66 17.70 92.96
C GLY C 1766 54.78 18.94 93.02
N VAL C 1767 55.18 20.01 92.33
CA VAL C 1767 54.43 21.25 92.32
C VAL C 1767 53.37 21.17 91.23
N THR C 1768 52.11 21.44 91.60
CA THR C 1768 51.01 21.41 90.66
C THR C 1768 50.26 22.73 90.55
N THR C 1769 50.27 23.53 91.62
CA THR C 1769 49.68 24.87 91.69
C THR C 1769 48.35 24.96 90.93
N SER C 1770 47.39 24.14 91.35
CA SER C 1770 46.04 24.19 90.82
C SER C 1770 45.05 24.06 91.96
N LEU C 1771 43.83 24.56 91.74
CA LEU C 1771 42.77 24.54 92.74
C LEU C 1771 42.02 23.22 92.64
N ARG C 1772 42.18 22.38 93.64
CA ARG C 1772 41.44 21.13 93.74
C ARG C 1772 40.79 21.02 95.12
N PRO C 1773 39.56 20.52 95.18
CA PRO C 1773 38.86 20.43 96.47
C PRO C 1773 39.42 19.32 97.34
N PRO C 1774 39.21 19.38 98.66
CA PRO C 1774 39.71 18.32 99.54
C PRO C 1774 38.93 17.01 99.37
N HIS C 1775 39.27 16.00 100.17
CA HIS C 1775 38.65 14.69 100.04
C HIS C 1775 37.55 14.44 101.07
N HIS C 1776 37.70 14.99 102.29
CA HIS C 1776 36.67 14.92 103.33
C HIS C 1776 36.36 13.48 103.72
N PHE C 1777 37.37 12.79 104.24
CA PHE C 1777 37.20 11.43 104.74
C PHE C 1777 36.71 11.47 106.19
N SER C 1778 35.99 10.42 106.58
CA SER C 1778 35.43 10.31 107.92
C SER C 1778 35.71 8.92 108.50
N PRO C 1779 36.11 8.84 109.76
CA PRO C 1779 36.37 7.53 110.38
C PRO C 1779 35.09 6.73 110.52
N PRO C 1780 35.18 5.38 110.47
CA PRO C 1780 33.99 4.50 110.50
C PRO C 1780 33.21 4.43 111.82
N CYS C 1781 31.88 4.40 111.69
CA CYS C 1781 30.94 4.29 112.85
C CYS C 1781 29.76 3.40 112.42
N PHE C 1782 29.05 2.81 113.39
CA PHE C 1782 27.93 1.89 113.06
C PHE C 1782 26.70 2.24 113.91
N VAL C 1783 26.00 3.33 113.55
CA VAL C 1783 24.79 3.76 114.30
C VAL C 1783 23.66 4.01 113.30
N ALA C 1784 23.13 2.93 112.70
CA ALA C 1784 22.02 3.06 111.71
C ALA C 1784 20.98 1.97 111.95
N ALA C 1785 19.73 2.23 111.53
CA ALA C 1785 18.62 1.26 111.69
C ALA C 1785 17.97 1.00 110.32
N LEU C 1786 17.79 -0.28 109.97
CA LEU C 1786 17.16 -0.65 108.67
C LEU C 1786 16.05 -1.67 108.92
N GLU C 1793 16.98 13.00 105.21
CA GLU C 1793 16.86 14.46 105.47
C GLU C 1793 18.19 15.15 105.16
N ALA C 1794 19.25 14.79 105.89
CA ALA C 1794 20.59 15.40 105.69
C ALA C 1794 21.65 14.30 105.63
N PRO C 1795 22.81 14.53 104.97
CA PRO C 1795 23.87 13.53 104.89
C PRO C 1795 24.32 13.09 106.29
N ALA C 1796 23.75 11.98 106.78
CA ALA C 1796 24.08 11.46 108.14
C ALA C 1796 25.56 11.07 108.20
N ARG C 1797 26.09 10.41 107.17
CA ARG C 1797 27.51 9.99 107.12
C ARG C 1797 28.11 10.39 105.77
N LEU C 1798 29.44 10.56 105.71
CA LEU C 1798 30.16 10.94 104.47
C LEU C 1798 30.76 9.69 103.83
N SER C 1799 32.05 9.45 104.05
CA SER C 1799 32.72 8.26 103.51
C SER C 1799 33.46 7.54 104.62
N PRO C 1800 33.68 6.23 104.51
CA PRO C 1800 34.60 5.56 105.43
C PRO C 1800 36.04 5.96 105.16
N ALA C 1801 36.87 5.86 106.18
CA ALA C 1801 38.28 6.23 106.08
C ALA C 1801 39.15 5.06 106.52
N ILE C 1802 40.25 4.85 105.81
CA ILE C 1802 41.23 3.82 106.15
C ILE C 1802 42.60 4.48 106.15
N PRO C 1803 43.54 3.94 106.93
CA PRO C 1803 44.88 4.55 106.97
C PRO C 1803 45.62 4.38 105.66
N LEU C 1804 45.78 5.47 104.92
CA LEU C 1804 46.41 5.41 103.61
C LEU C 1804 47.93 5.34 103.70
N GLU C 1805 48.49 5.64 104.86
CA GLU C 1805 49.95 5.65 105.00
C GLU C 1805 50.56 4.28 104.74
N ALA C 1806 49.95 3.23 105.29
CA ALA C 1806 50.43 1.88 105.03
C ALA C 1806 50.04 1.42 103.63
N LEU C 1807 48.86 1.83 103.15
CA LEU C 1807 48.35 1.37 101.87
C LEU C 1807 49.20 1.86 100.70
N ARG C 1808 49.61 3.13 100.71
CA ARG C 1808 50.36 3.66 99.58
C ARG C 1808 51.75 3.06 99.48
N ASP C 1809 52.25 2.45 100.55
CA ASP C 1809 53.52 1.74 100.46
C ASP C 1809 53.31 0.26 100.15
N LYS C 1810 52.26 -0.35 100.71
CA LYS C 1810 51.98 -1.75 100.45
C LYS C 1810 51.64 -2.00 98.98
N ALA C 1811 50.82 -1.14 98.38
CA ALA C 1811 50.48 -1.31 96.98
C ALA C 1811 51.69 -1.18 96.09
N LEU C 1812 52.56 -0.20 96.39
CA LEU C 1812 53.80 -0.05 95.63
C LEU C 1812 54.70 -1.26 95.77
N ARG C 1813 54.80 -1.81 96.99
CA ARG C 1813 55.62 -3.01 97.18
C ARG C 1813 55.06 -4.21 96.41
N MET C 1814 53.73 -4.38 96.43
CA MET C 1814 53.12 -5.46 95.66
C MET C 1814 53.37 -5.30 94.16
N LEU C 1815 53.25 -4.09 93.64
CA LEU C 1815 53.55 -3.87 92.23
C LEU C 1815 55.02 -4.12 91.93
N GLY C 1816 55.91 -3.72 92.84
CA GLY C 1816 57.34 -3.95 92.60
C GLY C 1816 57.71 -5.41 92.59
N GLU C 1817 57.15 -6.20 93.50
CA GLU C 1817 57.46 -7.62 93.56
C GLU C 1817 56.76 -8.42 92.46
N ALA C 1818 55.61 -7.93 91.96
CA ALA C 1818 54.86 -8.68 90.97
C ALA C 1818 55.63 -8.85 89.67
N VAL C 1819 56.29 -7.78 89.20
CA VAL C 1819 57.04 -7.89 87.96
C VAL C 1819 58.23 -8.83 88.12
N ARG C 1820 58.93 -8.77 89.25
CA ARG C 1820 60.04 -9.68 89.49
C ARG C 1820 59.57 -11.13 89.55
N ASP C 1821 58.42 -11.37 90.20
CA ASP C 1821 57.87 -12.71 90.24
C ASP C 1821 57.46 -13.21 88.86
N GLY C 1822 56.85 -12.34 88.05
CA GLY C 1822 56.41 -12.74 86.73
C GLY C 1822 57.54 -12.88 85.71
N GLY C 1823 58.68 -12.24 85.97
CA GLY C 1823 59.81 -12.35 85.05
C GLY C 1823 60.43 -13.72 84.97
N GLN C 1824 60.18 -14.58 85.96
CA GLN C 1824 60.73 -15.93 85.95
C GLN C 1824 59.88 -16.92 85.16
N HIS C 1825 58.76 -16.46 84.60
CA HIS C 1825 57.82 -17.28 83.82
C HIS C 1825 57.57 -18.64 84.48
N ALA C 1826 57.26 -18.58 85.77
CA ALA C 1826 56.99 -19.80 86.52
C ALA C 1826 55.71 -20.46 86.02
N ARG C 1827 55.66 -21.79 86.13
CA ARG C 1827 54.50 -22.54 85.65
C ARG C 1827 53.31 -22.40 86.58
N ASP C 1828 53.48 -21.82 87.76
CA ASP C 1828 52.38 -21.61 88.70
C ASP C 1828 52.22 -20.12 88.97
N PRO C 1829 51.38 -19.41 88.23
CA PRO C 1829 51.20 -17.98 88.47
C PRO C 1829 50.24 -17.70 89.61
N VAL C 1830 50.48 -16.58 90.29
CA VAL C 1830 49.63 -16.21 91.42
C VAL C 1830 48.23 -15.88 90.94
N GLY C 1831 47.23 -16.38 91.66
CA GLY C 1831 45.85 -16.16 91.30
C GLY C 1831 45.29 -17.14 90.31
N GLY C 1832 46.11 -18.05 89.77
CA GLY C 1832 45.66 -19.04 88.82
C GLY C 1832 45.81 -18.66 87.37
N SER C 1833 46.10 -17.39 87.06
CA SER C 1833 46.29 -16.97 85.67
C SER C 1833 47.08 -15.68 85.65
N VAL C 1834 47.75 -15.43 84.52
CA VAL C 1834 48.54 -14.22 84.37
C VAL C 1834 47.64 -12.98 84.37
N GLU C 1835 46.43 -13.09 83.81
CA GLU C 1835 45.51 -11.96 83.83
C GLU C 1835 45.09 -11.61 85.26
N PHE C 1836 44.76 -12.62 86.06
CA PHE C 1836 44.40 -12.38 87.45
C PHE C 1836 45.61 -11.94 88.28
N GLN C 1837 46.83 -12.25 87.82
CA GLN C 1837 48.02 -11.79 88.53
C GLN C 1837 48.16 -10.27 88.42
N PHE C 1838 47.85 -9.71 87.25
CA PHE C 1838 48.19 -8.31 86.96
C PHE C 1838 47.00 -7.35 87.03
N VAL C 1839 45.80 -7.78 86.64
CA VAL C 1839 44.69 -6.83 86.50
C VAL C 1839 44.35 -6.14 87.82
N PRO C 1840 44.12 -6.84 88.93
CA PRO C 1840 43.69 -6.14 90.15
C PRO C 1840 44.72 -5.17 90.71
N VAL C 1841 46.00 -5.56 90.74
CA VAL C 1841 47.01 -4.67 91.30
C VAL C 1841 47.17 -3.41 90.44
N LEU C 1842 47.15 -3.55 89.12
CA LEU C 1842 47.25 -2.38 88.25
C LEU C 1842 46.01 -1.50 88.36
N LYS C 1843 44.82 -2.10 88.49
CA LYS C 1843 43.63 -1.30 88.71
C LYS C 1843 43.72 -0.49 90.00
N LEU C 1844 44.17 -1.12 91.09
CA LEU C 1844 44.31 -0.40 92.35
C LEU C 1844 45.35 0.70 92.25
N VAL C 1845 46.47 0.42 91.59
CA VAL C 1845 47.52 1.43 91.45
C VAL C 1845 47.03 2.61 90.63
N SER C 1846 46.30 2.36 89.54
CA SER C 1846 45.75 3.45 88.75
C SER C 1846 44.75 4.28 89.55
N THR C 1847 43.87 3.62 90.32
CA THR C 1847 42.92 4.37 91.12
C THR C 1847 43.62 5.22 92.17
N LEU C 1848 44.66 4.68 92.80
CA LEU C 1848 45.44 5.46 93.76
C LEU C 1848 46.14 6.64 93.10
N LEU C 1849 46.70 6.42 91.90
CA LEU C 1849 47.46 7.48 91.23
C LEU C 1849 46.57 8.60 90.72
N VAL C 1850 45.34 8.28 90.30
CA VAL C 1850 44.45 9.34 89.82
C VAL C 1850 44.12 10.32 90.93
N MET C 1851 43.86 9.83 92.15
CA MET C 1851 43.54 10.71 93.26
C MET C 1851 44.71 11.56 93.71
N GLY C 1852 45.92 11.28 93.25
CA GLY C 1852 47.07 12.07 93.63
C GLY C 1852 47.57 11.85 95.04
N ILE C 1853 47.47 10.61 95.55
CA ILE C 1853 47.94 10.33 96.90
C ILE C 1853 49.43 10.03 96.93
N PHE C 1854 50.03 9.68 95.80
CA PHE C 1854 51.46 9.35 95.76
C PHE C 1854 52.31 10.61 95.85
N GLY C 1855 53.46 10.48 96.52
CA GLY C 1855 54.42 11.56 96.57
C GLY C 1855 55.32 11.59 95.36
N ASP C 1856 56.22 12.57 95.34
CA ASP C 1856 57.12 12.74 94.21
C ASP C 1856 58.06 11.55 94.04
N GLU C 1857 58.64 11.05 95.14
CA GLU C 1857 59.51 9.90 95.04
C GLU C 1857 58.73 8.64 94.64
N ASP C 1858 57.50 8.50 95.15
CA ASP C 1858 56.66 7.37 94.75
C ASP C 1858 56.34 7.43 93.26
N VAL C 1859 56.17 8.63 92.71
CA VAL C 1859 55.94 8.76 91.28
C VAL C 1859 57.14 8.25 90.49
N LYS C 1860 58.36 8.60 90.92
CA LYS C 1860 59.56 8.10 90.26
C LYS C 1860 59.66 6.58 90.38
N GLN C 1861 59.34 6.03 91.55
CA GLN C 1861 59.38 4.58 91.73
C GLN C 1861 58.38 3.89 90.82
N ILE C 1862 57.18 4.45 90.67
CA ILE C 1862 56.19 3.90 89.75
C ILE C 1862 56.69 3.98 88.32
N LEU C 1863 57.23 5.12 87.92
CA LEU C 1863 57.75 5.31 86.58
C LEU C 1863 58.94 4.42 86.26
N LYS C 1864 59.64 3.93 87.28
CA LYS C 1864 60.81 3.08 87.08
C LYS C 1864 60.47 1.70 86.50
N MET C 1865 59.20 1.44 86.16
CA MET C 1865 58.86 0.17 85.53
C MET C 1865 59.55 -0.01 84.18
N ILE C 1866 59.89 1.10 83.53
CA ILE C 1866 60.67 1.07 82.29
C ILE C 1866 62.01 1.70 82.62
N GLU C 1867 62.95 0.89 83.10
CA GLU C 1867 64.24 1.35 83.58
C GLU C 1867 65.09 2.02 82.49
N PRO C 1868 65.30 1.39 81.32
CA PRO C 1868 66.20 2.00 80.33
C PRO C 1868 65.74 3.36 79.84
N GLU C 1869 64.43 3.57 79.71
CA GLU C 1869 63.91 4.81 79.14
C GLU C 1869 63.94 5.97 80.11
N VAL C 1870 63.64 5.73 81.40
CA VAL C 1870 63.52 6.83 82.36
C VAL C 1870 64.87 7.52 82.55
N PHE C 1871 65.91 6.74 82.83
CA PHE C 1871 67.25 7.25 83.07
C PHE C 1871 67.24 8.38 84.11
N THR C 1872 66.84 8.00 85.32
CA THR C 1872 66.65 8.98 86.38
C THR C 1872 67.95 9.70 86.71
N GLU C 1873 69.05 8.96 86.78
CA GLU C 1873 70.34 9.58 87.03
C GLU C 1873 70.80 10.38 85.82
N GLU C 1874 71.59 11.42 86.09
CA GLU C 1874 72.10 12.28 85.03
C GLU C 1874 73.58 12.62 85.27
N LEU C 1922 69.44 -9.24 85.10
CA LEU C 1922 68.58 -9.22 83.92
C LEU C 1922 67.27 -8.47 84.21
N GLU C 1923 67.37 -7.16 84.41
CA GLU C 1923 66.20 -6.35 84.70
C GLU C 1923 65.34 -6.20 83.44
N GLU C 1924 64.05 -6.50 83.57
CA GLU C 1924 63.12 -6.44 82.46
C GLU C 1924 61.96 -5.53 82.83
N GLY C 1925 61.61 -4.63 81.93
CA GLY C 1925 60.51 -3.71 82.16
C GLY C 1925 59.16 -4.38 82.01
N LEU C 1926 58.12 -3.64 82.41
CA LEU C 1926 56.77 -4.17 82.35
C LEU C 1926 56.24 -4.27 80.92
N LEU C 1927 56.69 -3.39 80.03
CA LEU C 1927 56.14 -3.36 78.69
C LEU C 1927 56.84 -4.34 77.74
N GLN C 1928 57.99 -4.88 78.16
CA GLN C 1928 58.73 -5.77 77.26
C GLN C 1928 58.10 -7.16 77.20
N MET C 1929 57.59 -7.67 78.31
CA MET C 1929 57.06 -9.03 78.31
C MET C 1929 55.74 -9.10 77.55
N LYS C 1930 55.40 -10.32 77.14
CA LYS C 1930 54.14 -10.56 76.47
C LYS C 1930 52.97 -10.45 77.44
N LEU C 1931 51.82 -10.01 76.93
CA LEU C 1931 50.66 -9.77 77.76
C LEU C 1931 49.43 -10.42 77.14
N PRO C 1932 48.44 -10.78 77.95
CA PRO C 1932 47.28 -11.52 77.42
C PRO C 1932 46.23 -10.63 76.75
N GLU C 1933 46.61 -9.40 76.42
CA GLU C 1933 45.77 -8.42 75.72
C GLU C 1933 44.57 -7.96 76.55
N SER C 1934 44.47 -8.38 77.82
CA SER C 1934 43.48 -7.86 78.74
C SER C 1934 44.08 -6.89 79.75
N VAL C 1935 45.36 -7.06 80.09
CA VAL C 1935 46.06 -6.11 80.93
C VAL C 1935 46.62 -4.95 80.10
N LYS C 1936 46.70 -5.12 78.78
CA LYS C 1936 47.14 -4.03 77.92
C LYS C 1936 46.16 -2.86 77.99
N LEU C 1937 44.86 -3.14 78.16
CA LEU C 1937 43.89 -2.07 78.33
C LEU C 1937 44.15 -1.29 79.60
N GLN C 1938 44.45 -1.99 80.70
CA GLN C 1938 44.74 -1.30 81.96
C GLN C 1938 46.05 -0.52 81.88
N MET C 1939 47.01 -0.99 81.08
CA MET C 1939 48.26 -0.23 80.91
C MET C 1939 48.00 1.13 80.28
N CYS C 1940 47.10 1.19 79.29
CA CYS C 1940 46.81 2.46 78.62
C CYS C 1940 46.21 3.47 79.57
N ASN C 1941 45.33 3.03 80.48
CA ASN C 1941 44.76 3.96 81.45
C ASN C 1941 45.83 4.56 82.34
N LEU C 1942 46.79 3.75 82.79
CA LEU C 1942 47.88 4.26 83.61
C LEU C 1942 48.75 5.23 82.82
N LEU C 1943 49.01 4.92 81.55
CA LEU C 1943 49.87 5.79 80.73
C LEU C 1943 49.18 7.10 80.37
N GLU C 1944 47.84 7.10 80.31
CA GLU C 1944 47.10 8.30 79.94
C GLU C 1944 47.29 9.42 80.95
N TYR C 1945 47.30 9.11 82.25
CA TYR C 1945 47.53 10.13 83.26
C TYR C 1945 48.90 10.77 83.12
N PHE C 1946 49.92 9.95 82.86
CA PHE C 1946 51.26 10.49 82.64
C PHE C 1946 51.30 11.38 81.41
N CYS C 1947 50.58 11.01 80.34
CA CYS C 1947 50.48 11.90 79.19
C CYS C 1947 49.77 13.20 79.52
N ASP C 1948 48.72 13.16 80.34
CA ASP C 1948 47.94 14.35 80.65
C ASP C 1948 48.72 15.31 81.54
N GLN C 1949 49.59 14.78 82.40
CA GLN C 1949 50.39 15.65 83.26
C GLN C 1949 51.24 16.62 82.45
N GLU C 1950 51.74 16.20 81.30
CA GLU C 1950 52.52 17.11 80.45
C GLU C 1950 51.69 18.29 79.97
N LEU C 1951 50.45 18.04 79.54
CA LEU C 1951 49.57 19.13 79.13
C LEU C 1951 49.28 20.06 80.30
N GLN C 1952 49.02 19.49 81.48
CA GLN C 1952 48.81 20.32 82.67
C GLN C 1952 49.98 21.24 82.92
N HIS C 1953 51.20 20.67 82.93
CA HIS C 1953 52.40 21.45 83.20
C HIS C 1953 52.63 22.52 82.14
N ARG C 1954 52.40 22.19 80.87
CA ARG C 1954 52.60 23.16 79.81
C ARG C 1954 51.64 24.34 79.94
N VAL C 1955 50.35 24.05 80.18
CA VAL C 1955 49.37 25.12 80.32
C VAL C 1955 49.72 26.01 81.50
N GLU C 1956 50.08 25.41 82.63
CA GLU C 1956 50.39 26.23 83.81
C GLU C 1956 51.68 27.03 83.64
N SER C 1957 52.68 26.50 82.93
CA SER C 1957 53.87 27.29 82.63
C SER C 1957 53.54 28.48 81.74
N LEU C 1958 52.68 28.27 80.72
CA LEU C 1958 52.27 29.39 79.89
C LEU C 1958 51.53 30.44 80.70
N ALA C 1959 50.64 30.02 81.59
CA ALA C 1959 49.93 30.97 82.44
C ALA C 1959 50.88 31.74 83.35
N ALA C 1960 51.89 31.06 83.89
CA ALA C 1960 52.89 31.74 84.72
C ALA C 1960 53.70 32.76 83.92
N PHE C 1961 54.07 32.44 82.68
CA PHE C 1961 54.84 33.39 81.87
C PHE C 1961 53.99 34.59 81.46
N ALA C 1962 52.68 34.39 81.27
CA ALA C 1962 51.81 35.47 80.79
C ALA C 1962 51.79 36.65 81.75
N GLU C 1963 51.70 36.41 83.06
CA GLU C 1963 51.64 37.51 84.01
C GLU C 1963 52.94 38.32 84.02
N ARG C 1964 54.09 37.66 83.94
CA ARG C 1964 55.35 38.39 83.89
C ARG C 1964 55.45 39.24 82.63
N TYR C 1965 55.06 38.67 81.48
CA TYR C 1965 55.14 39.44 80.24
C TYR C 1965 54.20 40.64 80.27
N VAL C 1966 52.97 40.46 80.76
CA VAL C 1966 52.06 41.59 80.81
C VAL C 1966 52.49 42.63 81.84
N ASP C 1967 53.14 42.20 82.94
CA ASP C 1967 53.68 43.16 83.89
C ASP C 1967 54.78 44.00 83.26
N LYS C 1968 55.65 43.38 82.47
CA LYS C 1968 56.66 44.16 81.75
C LYS C 1968 56.03 45.11 80.73
N LEU C 1969 55.03 44.63 80.00
CA LEU C 1969 54.39 45.46 78.98
C LEU C 1969 53.67 46.67 79.55
N GLN C 1970 52.94 46.49 80.66
CA GLN C 1970 52.24 47.62 81.26
C GLN C 1970 53.22 48.64 81.85
N ALA C 1971 54.40 48.18 82.27
CA ALA C 1971 55.43 49.11 82.72
C ALA C 1971 56.05 49.88 81.57
N ASN C 1972 56.28 49.22 80.44
CA ASN C 1972 56.79 49.93 79.27
C ASN C 1972 55.79 50.95 78.74
N GLN C 1973 54.50 50.60 78.77
CA GLN C 1973 53.47 51.52 78.27
C GLN C 1973 53.45 52.82 79.06
N ARG C 1974 53.70 52.77 80.37
CA ARG C 1974 53.72 53.99 81.16
C ARG C 1974 54.80 54.96 80.70
N SER C 1975 56.01 54.45 80.45
CA SER C 1975 57.06 55.31 79.93
C SER C 1975 56.74 55.81 78.53
N ARG C 1976 56.17 54.95 77.68
CA ARG C 1976 55.84 55.38 76.33
C ARG C 1976 54.80 56.50 76.33
N TYR C 1977 53.80 56.41 77.22
CA TYR C 1977 52.82 57.49 77.34
C TYR C 1977 53.39 58.73 78.02
N ALA C 1978 54.30 58.55 78.97
CA ALA C 1978 54.93 59.70 79.62
C ALA C 1978 55.76 60.51 78.63
N LEU C 1979 56.44 59.85 77.70
CA LEU C 1979 57.18 60.58 76.67
C LEU C 1979 56.26 61.45 75.83
N LEU C 1980 55.12 60.90 75.39
CA LEU C 1980 54.16 61.69 74.63
C LEU C 1980 53.60 62.84 75.45
N MET C 1981 53.27 62.58 76.72
CA MET C 1981 52.74 63.63 77.58
C MET C 1981 53.74 64.76 77.78
N ARG C 1982 55.02 64.43 77.97
CA ARG C 1982 56.05 65.46 78.08
C ARG C 1982 56.32 66.15 76.76
N ALA C 1983 56.03 65.50 75.63
CA ALA C 1983 56.22 66.14 74.33
C ALA C 1983 55.25 67.31 74.18
N PHE C 1984 55.80 68.51 73.94
CA PHE C 1984 55.00 69.71 73.84
C PHE C 1984 54.62 70.07 72.40
N THR C 1985 55.14 69.33 71.41
CA THR C 1985 54.82 69.63 70.03
C THR C 1985 53.41 69.20 69.68
N MET C 1986 52.76 69.98 68.83
CA MET C 1986 51.40 69.69 68.35
C MET C 1986 51.42 69.62 66.83
N SER C 1987 50.96 68.50 66.29
CA SER C 1987 50.94 68.29 64.84
C SER C 1987 49.94 67.20 64.51
N ALA C 1988 49.67 67.06 63.21
CA ALA C 1988 48.76 66.01 62.75
C ALA C 1988 49.33 64.62 63.06
N ALA C 1989 50.63 64.43 62.85
CA ALA C 1989 51.26 63.15 63.16
C ALA C 1989 51.21 62.86 64.66
N GLU C 1990 51.46 63.88 65.50
CA GLU C 1990 51.37 63.69 66.94
C GLU C 1990 49.94 63.33 67.35
N THR C 1991 48.93 63.99 66.78
CA THR C 1991 47.55 63.65 67.08
C THR C 1991 47.22 62.22 66.64
N ALA C 1992 47.69 61.82 65.46
CA ALA C 1992 47.46 60.45 65.01
C ALA C 1992 48.10 59.44 65.93
N ARG C 1993 49.32 59.72 66.41
CA ARG C 1993 49.97 58.83 67.38
C ARG C 1993 49.20 58.78 68.69
N ARG C 1994 48.69 59.93 69.15
CA ARG C 1994 48.00 60.00 70.44
C ARG C 1994 46.60 59.41 70.41
N THR C 1995 45.97 59.33 69.22
CA THR C 1995 44.62 58.76 69.15
C THR C 1995 44.59 57.29 69.59
N ARG C 1996 45.71 56.57 69.47
CA ARG C 1996 45.70 55.14 69.76
C ARG C 1996 45.33 54.86 71.21
N GLU C 1997 45.90 55.61 72.16
CA GLU C 1997 45.61 55.36 73.56
C GLU C 1997 44.25 55.92 73.97
N PHE C 1998 43.85 57.08 73.44
CA PHE C 1998 42.56 57.65 73.80
C PHE C 1998 41.41 56.79 73.29
N ARG C 1999 41.44 56.43 72.00
CA ARG C 1999 40.48 55.51 71.43
C ARG C 1999 40.99 54.09 71.64
N SER C 2000 40.43 53.12 70.92
CA SER C 2000 40.92 51.73 70.97
C SER C 2000 40.83 51.17 72.38
N PRO C 2001 39.63 50.80 72.84
CA PRO C 2001 39.49 50.17 74.16
C PRO C 2001 40.49 49.03 74.35
N PRO C 2002 40.77 48.64 75.59
CA PRO C 2002 41.96 47.81 75.84
C PRO C 2002 42.07 46.56 74.99
N GLN C 2003 40.96 46.06 74.44
CA GLN C 2003 41.05 44.94 73.50
C GLN C 2003 41.92 45.29 72.30
N GLU C 2004 41.64 46.41 71.64
CA GLU C 2004 42.44 46.83 70.50
C GLU C 2004 43.87 47.11 70.91
N GLN C 2005 44.08 47.74 72.08
CA GLN C 2005 45.44 48.01 72.54
C GLN C 2005 46.24 46.73 72.70
N ILE C 2006 45.69 45.75 73.42
CA ILE C 2006 46.44 44.53 73.67
C ILE C 2006 46.58 43.70 72.40
N ASN C 2007 45.65 43.86 71.46
CA ASN C 2007 45.76 43.11 70.20
C ASN C 2007 46.80 43.72 69.27
N MET C 2008 46.97 45.05 69.30
CA MET C 2008 47.79 45.70 68.30
C MET C 2008 49.27 45.34 68.45
N LEU C 2009 49.82 45.49 69.66
CA LEU C 2009 51.26 45.36 69.81
C LEU C 2009 51.76 43.92 69.77
N LEU C 2010 50.90 42.95 70.09
CA LEU C 2010 51.33 41.56 70.02
C LEU C 2010 51.57 41.12 68.58
N HIS C 2011 50.76 41.60 67.64
CA HIS C 2011 50.96 41.29 66.23
C HIS C 2011 52.30 41.81 65.73
N PHE C 2012 52.78 42.93 66.29
CA PHE C 2012 54.06 43.47 65.89
C PHE C 2012 55.20 42.51 66.17
N LYS C 2013 55.22 41.93 67.38
CA LYS C 2013 56.29 41.01 67.73
C LYS C 2013 56.23 39.72 66.92
N ASP C 2014 55.02 39.24 66.63
CA ASP C 2014 54.82 38.01 65.87
C ASP C 2014 54.52 38.40 64.43
N GLU C 2015 55.56 38.58 63.64
CA GLU C 2015 55.45 38.93 62.24
C GLU C 2015 56.33 38.01 61.41
N ALA C 2016 55.96 37.85 60.14
CA ALA C 2016 56.68 36.95 59.25
C ALA C 2016 58.08 37.49 58.95
N ASP C 2017 58.16 38.64 58.31
CA ASP C 2017 59.45 39.25 57.99
C ASP C 2017 59.56 40.73 58.31
N GLU C 2018 58.45 41.47 58.40
CA GLU C 2018 58.50 42.88 58.69
C GLU C 2018 57.22 43.27 59.43
N GLU C 2019 57.36 44.11 60.45
CA GLU C 2019 56.23 44.55 61.26
C GLU C 2019 55.95 46.04 61.16
N ASP C 2020 56.95 46.85 60.77
CA ASP C 2020 56.81 48.31 60.72
C ASP C 2020 56.33 48.84 62.06
N CYS C 2021 56.97 48.39 63.12
CA CYS C 2021 56.53 48.67 64.49
C CYS C 2021 57.49 49.64 65.17
N PRO C 2022 57.11 50.91 65.36
CA PRO C 2022 57.92 51.83 66.16
C PRO C 2022 57.61 51.81 67.65
N LEU C 2023 56.49 51.22 68.05
CA LEU C 2023 56.12 51.21 69.47
C LEU C 2023 56.94 50.22 70.28
N PRO C 2024 57.01 48.93 69.94
CA PRO C 2024 57.78 48.00 70.77
C PRO C 2024 59.25 48.30 70.79
N GLU C 2025 59.87 48.02 71.93
CA GLU C 2025 61.30 48.25 72.11
C GLU C 2025 62.08 47.05 71.61
N ASP C 2026 63.38 47.00 71.91
CA ASP C 2026 64.22 45.88 71.50
C ASP C 2026 64.02 44.64 72.36
N ILE C 2027 63.24 44.72 73.43
CA ILE C 2027 63.01 43.57 74.30
C ILE C 2027 61.95 42.62 73.78
N ARG C 2028 61.44 42.85 72.56
CA ARG C 2028 60.40 41.99 72.01
C ARG C 2028 60.93 40.62 71.60
N GLN C 2029 62.25 40.44 71.56
CA GLN C 2029 62.82 39.15 71.21
C GLN C 2029 62.60 38.09 72.29
N ASP C 2030 62.26 38.51 73.52
CA ASP C 2030 61.97 37.54 74.57
C ASP C 2030 60.75 36.70 74.24
N LEU C 2031 59.71 37.31 73.67
CA LEU C 2031 58.55 36.54 73.26
C LEU C 2031 58.90 35.51 72.19
N GLN C 2032 59.71 35.91 71.21
CA GLN C 2032 60.14 34.96 70.18
C GLN C 2032 60.96 33.83 70.77
N ASP C 2033 61.85 34.13 71.72
CA ASP C 2033 62.64 33.08 72.36
C ASP C 2033 61.75 32.12 73.13
N PHE C 2034 60.77 32.64 73.87
CA PHE C 2034 59.85 31.78 74.62
C PHE C 2034 59.00 30.93 73.69
N HIS C 2035 58.55 31.51 72.57
CA HIS C 2035 57.77 30.74 71.61
C HIS C 2035 58.60 29.63 70.98
N GLN C 2036 59.86 29.91 70.65
CA GLN C 2036 60.74 28.86 70.14
C GLN C 2036 60.97 27.77 71.18
N ASP C 2037 61.16 28.15 72.44
CA ASP C 2037 61.32 27.15 73.49
C ASP C 2037 60.07 26.29 73.64
N LEU C 2038 58.89 26.90 73.57
CA LEU C 2038 57.65 26.12 73.65
C LEU C 2038 57.50 25.17 72.47
N LEU C 2039 57.86 25.62 71.26
CA LEU C 2039 57.81 24.73 70.10
C LEU C 2039 58.77 23.57 70.27
N ALA C 2040 59.98 23.84 70.78
CA ALA C 2040 60.92 22.77 71.04
C ALA C 2040 60.40 21.79 72.09
N HIS C 2041 59.77 22.30 73.15
CA HIS C 2041 59.21 21.42 74.18
C HIS C 2041 58.08 20.57 73.63
N CYS C 2042 57.25 21.12 72.75
CA CYS C 2042 56.14 20.37 72.18
C CYS C 2042 56.67 19.37 71.16
N GLY C 2043 55.76 18.70 70.44
CA GLY C 2043 56.17 17.68 69.49
C GLY C 2043 56.83 18.23 68.23
N ILE C 2044 56.70 19.52 67.97
CA ILE C 2044 57.29 20.11 66.78
C ILE C 2044 58.80 20.10 66.90
N GLN C 2045 59.47 19.58 65.87
CA GLN C 2045 60.93 19.52 65.88
C GLN C 2045 61.53 20.93 65.84
N LEU C 2046 61.05 21.76 64.92
CA LEU C 2046 61.44 23.15 64.74
C LEU C 2046 62.91 23.33 64.36
N GLU C 2047 63.65 22.23 64.16
CA GLU C 2047 65.06 22.33 63.79
C GLU C 2047 65.28 22.19 62.29
N GLY C 2048 64.63 21.23 61.66
CA GLY C 2048 64.76 21.02 60.23
C GLY C 2048 63.99 22.04 59.41
N LYS C 2089 66.63 2.40 66.80
CA LYS C 2089 67.38 3.31 67.68
C LYS C 2089 66.80 3.30 69.09
N LYS C 2090 66.88 4.44 69.77
CA LYS C 2090 66.35 4.58 71.11
C LYS C 2090 65.37 5.74 71.18
N PRO C 2091 64.22 5.55 71.82
CA PRO C 2091 63.25 6.64 71.93
C PRO C 2091 63.77 7.83 72.72
N GLN C 2092 64.34 7.55 73.89
CA GLN C 2092 64.92 8.54 74.80
C GLN C 2092 63.89 9.57 75.28
N SER C 2093 62.61 9.36 75.02
CA SER C 2093 61.58 10.27 75.45
C SER C 2093 60.24 9.54 75.51
N LEU C 2094 59.36 10.03 76.38
CA LEU C 2094 58.04 9.43 76.51
C LEU C 2094 57.26 9.50 75.21
N GLN C 2095 57.40 10.62 74.48
CA GLN C 2095 56.68 10.80 73.23
C GLN C 2095 57.04 9.72 72.21
N GLU C 2096 58.33 9.57 71.93
CA GLU C 2096 58.79 8.56 70.98
C GLU C 2096 58.50 7.16 71.49
N LEU C 2097 58.65 6.91 72.80
CA LEU C 2097 58.35 5.59 73.34
C LEU C 2097 56.91 5.21 73.08
N VAL C 2098 55.97 6.11 73.38
CA VAL C 2098 54.56 5.81 73.17
C VAL C 2098 54.26 5.62 71.69
N SER C 2099 54.81 6.51 70.85
CA SER C 2099 54.55 6.41 69.41
C SER C 2099 55.04 5.08 68.85
N HIS C 2100 56.22 4.61 69.29
CA HIS C 2100 56.75 3.36 68.79
C HIS C 2100 56.06 2.15 69.40
N MET C 2101 55.58 2.27 70.64
CA MET C 2101 54.97 1.13 71.31
C MET C 2101 53.55 0.88 70.80
N VAL C 2102 52.79 1.94 70.54
CA VAL C 2102 51.42 1.76 70.09
C VAL C 2102 51.38 1.05 68.74
N VAL C 2103 52.23 1.46 67.81
CA VAL C 2103 52.25 0.82 66.50
C VAL C 2103 52.73 -0.62 66.61
N ARG C 2104 53.69 -0.90 67.50
CA ARG C 2104 54.18 -2.26 67.66
C ARG C 2104 53.11 -3.19 68.20
N TRP C 2105 52.27 -2.71 69.13
CA TRP C 2105 51.22 -3.57 69.66
C TRP C 2105 50.26 -4.01 68.56
N ALA C 2106 49.89 -3.10 67.66
CA ALA C 2106 48.99 -3.46 66.57
C ALA C 2106 49.69 -4.28 65.50
N GLN C 2107 50.99 -4.05 65.30
CA GLN C 2107 51.72 -4.78 64.27
C GLN C 2107 51.99 -6.22 64.68
N GLU C 2108 52.12 -6.47 65.99
CA GLU C 2108 52.49 -7.81 66.45
C GLU C 2108 51.45 -8.85 66.06
N ASP C 2109 50.16 -8.55 66.25
CA ASP C 2109 49.11 -9.51 65.95
C ASP C 2109 47.78 -8.79 65.86
N TYR C 2110 46.75 -9.55 65.49
CA TYR C 2110 45.39 -9.02 65.46
C TYR C 2110 44.93 -8.65 66.86
N VAL C 2111 44.09 -7.62 66.94
CA VAL C 2111 43.61 -7.10 68.22
C VAL C 2111 42.11 -7.26 68.27
N GLN C 2112 41.62 -7.95 69.30
CA GLN C 2112 40.20 -8.08 69.57
C GLN C 2112 39.79 -7.02 70.60
N SER C 2113 38.55 -7.11 71.10
CA SER C 2113 38.04 -6.21 72.13
C SER C 2113 38.12 -4.76 71.63
N PRO C 2114 37.19 -4.33 70.77
CA PRO C 2114 37.32 -3.02 70.12
C PRO C 2114 37.50 -1.86 71.09
N GLU C 2115 37.12 -2.00 72.36
CA GLU C 2115 37.39 -0.94 73.33
C GLU C 2115 38.88 -0.71 73.47
N LEU C 2116 39.67 -1.80 73.45
CA LEU C 2116 41.12 -1.67 73.57
C LEU C 2116 41.70 -0.87 72.41
N VAL C 2117 41.30 -1.18 71.17
CA VAL C 2117 41.83 -0.44 70.04
C VAL C 2117 41.32 0.99 70.01
N ARG C 2118 40.08 1.22 70.46
CA ARG C 2118 39.58 2.59 70.58
C ARG C 2118 40.46 3.41 71.52
N ALA C 2119 40.73 2.89 72.71
CA ALA C 2119 41.61 3.59 73.65
C ALA C 2119 43.02 3.75 73.09
N MET C 2120 43.54 2.72 72.42
CA MET C 2120 44.88 2.78 71.84
C MET C 2120 45.01 3.92 70.85
N PHE C 2121 44.07 4.00 69.89
CA PHE C 2121 44.15 5.04 68.88
C PHE C 2121 43.84 6.42 69.45
N SER C 2122 42.93 6.50 70.41
CA SER C 2122 42.67 7.79 71.05
C SER C 2122 43.91 8.30 71.77
N LEU C 2123 44.65 7.42 72.44
CA LEU C 2123 45.90 7.81 73.07
C LEU C 2123 47.00 8.14 72.07
N LEU C 2124 47.03 7.46 70.92
CA LEU C 2124 48.08 7.68 69.94
C LEU C 2124 47.88 9.00 69.19
N HIS C 2125 46.63 9.34 68.88
CA HIS C 2125 46.37 10.60 68.19
C HIS C 2125 46.78 11.80 69.03
N ARG C 2126 46.45 11.80 70.32
CA ARG C 2126 46.92 12.87 71.19
C ARG C 2126 48.43 12.94 71.23
N GLN C 2127 49.09 11.79 71.13
CA GLN C 2127 50.55 11.78 71.22
C GLN C 2127 51.19 12.38 69.97
N TYR C 2128 50.67 12.02 68.79
CA TYR C 2128 51.15 12.68 67.56
C TYR C 2128 50.83 14.17 67.55
N ASP C 2129 49.57 14.54 67.79
CA ASP C 2129 49.14 15.94 67.68
C ASP C 2129 49.13 16.54 69.08
N GLY C 2130 50.27 17.08 69.49
CA GLY C 2130 50.34 17.73 70.79
C GLY C 2130 49.85 19.16 70.79
N LEU C 2131 50.08 19.89 69.70
CA LEU C 2131 49.64 21.28 69.63
C LEU C 2131 48.12 21.37 69.52
N GLY C 2132 47.49 20.42 68.81
CA GLY C 2132 46.05 20.48 68.65
C GLY C 2132 45.31 20.33 69.96
N GLU C 2133 45.73 19.38 70.80
CA GLU C 2133 45.09 19.20 72.09
C GLU C 2133 45.29 20.41 72.99
N LEU C 2134 46.49 21.00 72.98
CA LEU C 2134 46.74 22.18 73.78
C LEU C 2134 45.87 23.34 73.33
N LEU C 2135 45.75 23.54 72.01
CA LEU C 2135 44.90 24.60 71.50
C LEU C 2135 43.43 24.35 71.85
N ARG C 2136 42.98 23.11 71.78
CA ARG C 2136 41.60 22.80 72.13
C ARG C 2136 41.32 23.03 73.62
N ALA C 2137 42.28 22.71 74.48
CA ALA C 2137 42.09 22.84 75.93
C ALA C 2137 42.46 24.21 76.47
N LEU C 2138 43.04 25.08 75.64
CA LEU C 2138 43.40 26.43 76.08
C LEU C 2138 42.22 27.26 76.61
N PRO C 2139 41.03 27.22 75.98
CA PRO C 2139 39.93 28.04 76.51
C PRO C 2139 39.54 27.74 77.93
N ARG C 2140 39.83 26.52 78.43
CA ARG C 2140 39.52 26.20 79.82
C ARG C 2140 40.45 26.89 80.80
N ALA C 2141 41.59 27.40 80.33
CA ALA C 2141 42.56 28.00 81.24
C ALA C 2141 42.06 29.32 81.78
N TYR C 2142 42.33 29.57 83.06
CA TYR C 2142 41.95 30.81 83.71
C TYR C 2142 42.95 31.13 84.82
N THR C 2143 43.16 32.42 85.05
CA THR C 2143 44.05 32.90 86.09
C THR C 2143 43.29 33.83 87.01
N ILE C 2144 43.59 33.79 88.31
CA ILE C 2144 42.94 34.62 89.29
C ILE C 2144 43.99 35.25 90.20
N SER C 2145 43.59 36.35 90.83
CA SER C 2145 44.44 37.08 91.77
C SER C 2145 44.46 36.37 93.12
N PRO C 2146 45.56 36.47 93.86
CA PRO C 2146 45.61 35.86 95.20
C PRO C 2146 44.62 36.52 96.15
N SER C 2147 44.50 35.91 97.33
CA SER C 2147 43.57 36.30 98.39
C SER C 2147 42.11 36.13 97.99
N SER C 2148 41.83 35.55 96.83
CA SER C 2148 40.47 35.27 96.39
C SER C 2148 40.24 33.78 96.15
N VAL C 2149 41.21 32.94 96.50
CA VAL C 2149 41.05 31.50 96.27
C VAL C 2149 40.16 30.87 97.34
N GLU C 2150 40.10 31.46 98.53
CA GLU C 2150 39.27 30.90 99.59
C GLU C 2150 37.79 30.98 99.23
N ASP C 2151 37.38 32.07 98.59
CA ASP C 2151 35.98 32.23 98.22
C ASP C 2151 35.57 31.21 97.16
N THR C 2152 36.44 30.96 96.17
CA THR C 2152 36.10 30.04 95.10
C THR C 2152 36.33 28.57 95.49
N MET C 2153 37.08 28.31 96.56
CA MET C 2153 37.16 26.94 97.06
C MET C 2153 35.79 26.43 97.49
N SER C 2154 35.03 27.26 98.19
CA SER C 2154 33.65 26.90 98.53
C SER C 2154 32.79 26.73 97.28
N LEU C 2155 33.00 27.56 96.26
CA LEU C 2155 32.25 27.40 95.02
C LEU C 2155 32.53 26.05 94.38
N LEU C 2156 33.80 25.65 94.31
CA LEU C 2156 34.14 24.36 93.74
C LEU C 2156 33.58 23.21 94.58
N GLU C 2157 33.67 23.34 95.91
CA GLU C 2157 33.14 22.29 96.78
C GLU C 2157 31.64 22.14 96.60
N CYS C 2158 30.91 23.25 96.50
CA CYS C 2158 29.48 23.19 96.27
C CYS C 2158 29.13 22.63 94.91
N LEU C 2159 29.87 23.03 93.87
CA LEU C 2159 29.62 22.51 92.53
C LEU C 2159 29.93 21.02 92.45
N GLY C 2160 30.80 20.52 93.32
CA GLY C 2160 31.03 19.09 93.40
C GLY C 2160 29.78 18.29 93.72
N GLN C 2161 28.98 18.77 94.68
CA GLN C 2161 27.71 18.09 94.98
C GLN C 2161 26.76 18.13 93.79
N ILE C 2162 26.70 19.27 93.10
CA ILE C 2162 25.83 19.38 91.93
C ILE C 2162 26.24 18.39 90.85
N ARG C 2163 27.54 18.26 90.59
CA ARG C 2163 28.01 17.33 89.58
C ARG C 2163 27.81 15.88 90.01
N SER C 2164 28.00 15.59 91.30
CA SER C 2164 27.90 14.21 91.77
C SER C 2164 26.46 13.72 91.83
N LEU C 2165 25.53 14.57 92.23
CA LEU C 2165 24.14 14.16 92.40
C LEU C 2165 23.40 13.99 91.08
N LEU C 2166 23.96 14.49 89.97
CA LEU C 2166 23.27 14.41 88.69
C LEU C 2166 23.09 12.98 88.23
N ILE C 2167 23.99 12.07 88.63
CA ILE C 2167 23.93 10.70 88.11
C ILE C 2167 22.86 9.86 88.80
N VAL C 2168 22.47 10.19 90.03
CA VAL C 2168 21.49 9.38 90.74
C VAL C 2168 20.08 9.85 90.41
N GLN C 2169 19.11 8.99 90.68
CA GLN C 2169 17.71 9.31 90.42
C GLN C 2169 17.21 10.34 91.43
N MET C 2170 16.34 11.22 90.96
CA MET C 2170 15.81 12.28 91.80
C MET C 2170 14.83 11.72 92.83
N GLY C 2171 14.99 12.13 94.08
CA GLY C 2171 14.11 11.72 95.15
C GLY C 2171 13.81 12.86 96.09
N PRO C 2172 12.86 12.65 97.01
CA PRO C 2172 12.53 13.72 97.97
C PRO C 2172 13.71 14.14 98.82
N GLN C 2173 14.59 13.21 99.19
CA GLN C 2173 15.75 13.58 100.00
C GLN C 2173 16.78 14.32 99.17
N GLU C 2174 16.99 13.91 97.91
CA GLU C 2174 17.96 14.58 97.06
C GLU C 2174 17.49 15.97 96.64
N GLU C 2175 16.17 16.17 96.57
CA GLU C 2175 15.63 17.47 96.17
C GLU C 2175 16.02 18.56 97.17
N ASN C 2176 15.94 18.27 98.46
CA ASN C 2176 16.32 19.26 99.46
C ASN C 2176 17.79 19.63 99.36
N LEU C 2177 18.67 18.64 99.17
CA LEU C 2177 20.08 18.95 99.00
C LEU C 2177 20.34 19.75 97.74
N MET C 2178 19.65 19.42 96.65
CA MET C 2178 19.78 20.19 95.41
C MET C 2178 19.38 21.65 95.63
N ILE C 2179 18.24 21.88 96.29
CA ILE C 2179 17.79 23.24 96.54
C ILE C 2179 18.77 23.97 97.44
N GLN C 2180 19.28 23.30 98.47
CA GLN C 2180 20.24 23.91 99.37
C GLN C 2180 21.51 24.32 98.63
N SER C 2181 22.03 23.45 97.77
CA SER C 2181 23.23 23.78 97.01
C SER C 2181 22.98 24.95 96.06
N ILE C 2182 21.85 24.93 95.35
CA ILE C 2182 21.56 26.01 94.42
C ILE C 2182 21.38 27.34 95.15
N GLY C 2183 20.71 27.33 96.30
CA GLY C 2183 20.56 28.56 97.05
C GLY C 2183 21.86 29.06 97.63
N ASN C 2184 22.73 28.14 98.08
CA ASN C 2184 23.99 28.54 98.66
C ASN C 2184 24.98 29.06 97.62
N ILE C 2185 24.91 28.55 96.39
CA ILE C 2185 25.86 28.99 95.36
C ILE C 2185 25.55 30.38 94.82
N MET C 2186 24.37 30.93 95.14
CA MET C 2186 24.00 32.23 94.61
C MET C 2186 24.84 33.35 95.23
N ASN C 2187 24.72 33.55 96.54
CA ASN C 2187 25.42 34.62 97.24
C ASN C 2187 26.83 34.18 97.63
N ASN C 2188 27.70 34.16 96.62
CA ASN C 2188 29.05 33.63 96.82
C ASN C 2188 30.13 34.69 96.66
N LYS C 2189 29.77 35.88 96.17
CA LYS C 2189 30.66 37.04 96.08
C LYS C 2189 31.70 36.84 94.98
N VAL C 2190 31.76 35.65 94.39
CA VAL C 2190 32.58 35.41 93.20
C VAL C 2190 31.75 35.18 91.96
N PHE C 2191 30.44 35.00 92.10
CA PHE C 2191 29.56 34.90 90.94
C PHE C 2191 29.52 36.20 90.15
N TYR C 2192 29.77 37.33 90.81
CA TYR C 2192 29.67 38.62 90.15
C TYR C 2192 31.02 39.07 89.58
N GLN C 2193 32.11 38.79 90.30
CA GLN C 2193 33.40 39.32 89.92
C GLN C 2193 33.90 38.77 88.59
N HIS C 2194 33.68 37.48 88.33
CA HIS C 2194 34.21 36.81 87.14
C HIS C 2194 33.06 36.10 86.42
N PRO C 2195 32.25 36.86 85.67
CA PRO C 2195 31.15 36.22 84.93
C PRO C 2195 31.62 35.35 83.78
N ASN C 2196 32.82 35.58 83.25
CA ASN C 2196 33.30 34.76 82.14
C ASN C 2196 33.72 33.38 82.60
N LEU C 2197 34.15 33.24 83.86
CA LEU C 2197 34.61 31.96 84.35
C LEU C 2197 33.46 30.95 84.47
N MET C 2198 32.25 31.43 84.74
CA MET C 2198 31.10 30.55 84.79
C MET C 2198 30.82 29.88 83.45
N ARG C 2199 30.94 30.63 82.35
CA ARG C 2199 30.76 30.01 81.03
C ARG C 2199 31.82 28.96 80.75
N ALA C 2200 33.07 29.23 81.16
CA ALA C 2200 34.12 28.23 80.99
C ALA C 2200 33.83 26.97 81.80
N LEU C 2201 33.36 27.14 83.04
CA LEU C 2201 32.97 26.00 83.86
C LEU C 2201 31.68 25.35 83.39
N GLY C 2202 30.92 26.00 82.50
CA GLY C 2202 29.69 25.44 81.99
C GLY C 2202 28.63 25.20 83.03
N MET C 2203 28.44 26.15 83.95
CA MET C 2203 27.44 25.99 85.00
C MET C 2203 26.03 25.93 84.44
N HIS C 2204 25.73 26.82 83.49
CA HIS C 2204 24.37 26.89 82.95
C HIS C 2204 23.98 25.59 82.25
N GLU C 2205 24.93 24.95 81.55
CA GLU C 2205 24.62 23.68 80.91
C GLU C 2205 24.26 22.61 81.92
N THR C 2206 25.00 22.52 83.04
CA THR C 2206 24.67 21.55 84.07
C THR C 2206 23.33 21.85 84.72
N VAL C 2207 23.06 23.13 84.98
CA VAL C 2207 21.80 23.52 85.60
C VAL C 2207 20.62 23.22 84.68
N MET C 2208 20.81 23.36 83.37
CA MET C 2208 19.75 23.02 82.43
C MET C 2208 19.59 21.51 82.29
N GLU C 2209 20.71 20.77 82.36
CA GLU C 2209 20.64 19.32 82.28
C GLU C 2209 19.92 18.71 83.48
N VAL C 2210 20.16 19.24 84.69
CA VAL C 2210 19.43 18.75 85.85
C VAL C 2210 17.96 19.18 85.80
N MET C 2211 17.67 20.31 85.14
CA MET C 2211 16.31 20.79 85.06
C MET C 2211 15.47 19.99 84.07
N VAL C 2212 16.04 19.61 82.93
CA VAL C 2212 15.24 18.95 81.90
C VAL C 2212 14.69 17.62 82.39
N ASN C 2213 15.44 16.90 83.23
CA ASN C 2213 14.97 15.63 83.75
C ASN C 2213 13.74 15.78 84.63
N VAL C 2214 13.61 16.91 85.33
CA VAL C 2214 12.51 17.09 86.26
C VAL C 2214 11.18 17.11 85.52
N LEU C 2215 11.10 17.87 84.42
CA LEU C 2215 9.86 17.93 83.66
C LEU C 2215 9.81 16.90 82.54
N GLY C 2216 10.87 16.14 82.33
CA GLY C 2216 10.86 15.11 81.31
C GLY C 2216 9.91 13.98 81.65
N GLY C 2217 9.51 13.25 80.61
CA GLY C 2217 8.61 12.13 80.74
C GLY C 2217 7.16 12.46 80.48
N GLY C 2218 6.79 13.74 80.48
CA GLY C 2218 5.42 14.14 80.22
C GLY C 2218 5.27 15.63 80.03
N GLU C 2219 4.58 16.03 78.97
CA GLU C 2219 4.36 17.46 78.73
C GLU C 2219 3.35 18.04 79.71
N THR C 2220 2.12 17.52 79.68
CA THR C 2220 1.08 17.98 80.60
C THR C 2220 0.32 16.87 81.29
N LYS C 2221 0.28 15.65 80.75
CA LYS C 2221 -0.45 14.57 81.39
C LYS C 2221 0.19 14.18 82.71
N GLU C 2222 1.52 14.08 82.75
CA GLU C 2222 2.26 13.70 83.95
C GLU C 2222 3.16 14.85 84.35
N ILE C 2223 3.00 15.33 85.57
CA ILE C 2223 3.84 16.38 86.13
C ILE C 2223 3.90 16.21 87.64
N ARG C 2224 5.10 16.36 88.20
CA ARG C 2224 5.31 16.20 89.64
C ARG C 2224 6.56 16.98 90.01
N PHE C 2225 7.06 16.73 91.22
CA PHE C 2225 8.25 17.38 91.77
C PHE C 2225 8.14 18.90 91.72
N PRO C 2226 7.29 19.50 92.55
CA PRO C 2226 7.24 20.96 92.62
C PRO C 2226 8.44 21.50 93.40
N LYS C 2227 8.55 22.83 93.42
CA LYS C 2227 9.63 23.56 94.06
C LYS C 2227 10.99 23.24 93.46
N MET C 2228 11.04 22.55 92.32
CA MET C 2228 12.30 22.25 91.63
C MET C 2228 12.52 23.15 90.43
N VAL C 2229 11.54 23.15 89.52
CA VAL C 2229 11.63 23.96 88.31
C VAL C 2229 11.65 25.44 88.65
N THR C 2230 10.83 25.84 89.63
CA THR C 2230 10.81 27.25 90.02
C THR C 2230 12.16 27.69 90.56
N SER C 2231 12.76 26.90 91.45
CA SER C 2231 14.05 27.24 92.00
C SER C 2231 15.15 27.25 90.96
N CYS C 2232 15.13 26.30 90.02
CA CYS C 2232 16.14 26.30 88.97
C CYS C 2232 15.97 27.48 88.01
N CYS C 2233 14.73 27.79 87.64
CA CYS C 2233 14.48 28.88 86.72
C CYS C 2233 14.77 30.24 87.34
N ARG C 2234 14.58 30.39 88.65
CA ARG C 2234 14.99 31.63 89.29
C ARG C 2234 16.50 31.84 89.19
N PHE C 2235 17.29 30.77 89.39
CA PHE C 2235 18.73 30.88 89.22
C PHE C 2235 19.09 31.19 87.77
N LEU C 2236 18.39 30.56 86.81
CA LEU C 2236 18.67 30.86 85.42
C LEU C 2236 18.37 32.31 85.08
N CYS C 2237 17.25 32.85 85.56
CA CYS C 2237 16.94 34.25 85.32
C CYS C 2237 17.97 35.17 85.96
N TYR C 2238 18.40 34.86 87.19
CA TYR C 2238 19.41 35.69 87.84
C TYR C 2238 20.73 35.64 87.10
N PHE C 2239 21.12 34.47 86.59
CA PHE C 2239 22.36 34.35 85.83
C PHE C 2239 22.26 35.06 84.49
N CYS C 2240 21.06 35.12 83.91
CA CYS C 2240 20.91 35.80 82.62
C CYS C 2240 21.16 37.31 82.73
N ARG C 2241 20.70 37.93 83.82
CA ARG C 2241 20.72 39.39 83.91
C ARG C 2241 22.03 39.94 84.46
N ILE C 2242 22.93 39.09 84.95
CA ILE C 2242 24.16 39.59 85.54
C ILE C 2242 25.07 40.23 84.47
N SER C 2243 25.09 39.69 83.26
CA SER C 2243 25.91 40.24 82.19
C SER C 2243 25.23 39.99 80.86
N ARG C 2244 25.57 40.82 79.87
CA ARG C 2244 25.03 40.66 78.54
C ARG C 2244 25.67 39.52 77.77
N GLN C 2245 26.93 39.19 78.07
CA GLN C 2245 27.61 38.11 77.38
C GLN C 2245 26.93 36.76 77.58
N ASN C 2246 26.53 36.45 78.82
CA ASN C 2246 25.84 35.20 79.09
C ASN C 2246 24.46 35.15 78.44
N GLN C 2247 23.87 36.31 78.15
CA GLN C 2247 22.54 36.34 77.54
C GLN C 2247 22.55 35.69 76.16
N ARG C 2248 23.56 35.98 75.34
CA ARG C 2248 23.63 35.38 74.02
C ARG C 2248 23.78 33.86 74.10
N SER C 2249 24.61 33.38 75.03
CA SER C 2249 24.77 31.93 75.18
C SER C 2249 23.48 31.28 75.66
N MET C 2250 22.76 31.91 76.58
CA MET C 2250 21.49 31.37 77.06
C MET C 2250 20.41 31.45 76.00
N PHE C 2251 20.53 32.38 75.04
CA PHE C 2251 19.53 32.52 73.99
C PHE C 2251 19.42 31.30 73.10
N ASP C 2252 20.46 30.47 73.04
CA ASP C 2252 20.47 29.32 72.14
C ASP C 2252 19.40 28.29 72.49
N HIS C 2253 18.97 28.23 73.75
CA HIS C 2253 17.95 27.29 74.18
C HIS C 2253 16.54 27.88 74.13
N LEU C 2254 16.35 28.98 73.37
CA LEU C 2254 15.05 29.64 73.35
C LEU C 2254 13.98 28.75 72.74
N SER C 2255 14.31 28.02 71.67
CA SER C 2255 13.31 27.21 71.00
C SER C 2255 12.77 26.11 71.89
N TYR C 2256 13.64 25.45 72.66
CA TYR C 2256 13.18 24.37 73.52
C TYR C 2256 12.36 24.90 74.70
N LEU C 2257 12.77 26.06 75.25
CA LEU C 2257 12.12 26.57 76.45
C LEU C 2257 10.65 26.90 76.21
N LEU C 2258 10.32 27.53 75.08
CA LEU C 2258 8.93 27.88 74.82
C LEU C 2258 8.09 26.67 74.45
N GLU C 2259 8.72 25.53 74.18
CA GLU C 2259 7.95 24.30 73.98
C GLU C 2259 7.30 23.85 75.29
N ASN C 2260 8.02 23.95 76.41
CA ASN C 2260 7.51 23.58 77.71
C ASN C 2260 7.02 24.78 78.52
N SER C 2261 7.09 25.98 77.95
CA SER C 2261 6.56 27.15 78.64
C SER C 2261 5.08 27.00 78.94
N GLY C 2262 4.31 26.44 77.99
CA GLY C 2262 2.90 26.20 78.23
C GLY C 2262 2.60 25.02 79.14
N ILE C 2263 3.60 24.18 79.41
CA ILE C 2263 3.40 23.04 80.29
C ILE C 2263 3.21 23.48 81.73
N GLY C 2264 3.81 24.60 82.12
CA GLY C 2264 3.75 25.06 83.49
C GLY C 2264 2.61 26.03 83.75
N LEU C 2265 2.95 27.31 83.95
CA LEU C 2265 1.96 28.35 84.25
C LEU C 2265 1.14 28.02 85.49
N GLY C 2266 1.81 27.47 86.50
CA GLY C 2266 1.14 27.08 87.73
C GLY C 2266 1.09 28.17 88.77
N MET C 2267 1.45 27.84 90.00
CA MET C 2267 1.42 28.80 91.09
C MET C 2267 2.54 29.84 90.92
N GLN C 2268 2.41 30.94 91.64
CA GLN C 2268 3.26 32.10 91.43
C GLN C 2268 4.72 31.78 91.72
N GLY C 2269 5.61 32.31 90.90
CA GLY C 2269 7.04 32.08 90.99
C GLY C 2269 7.65 31.97 89.61
N SER C 2270 8.90 31.53 89.58
CA SER C 2270 9.61 31.37 88.31
C SER C 2270 8.99 30.25 87.49
N THR C 2271 8.87 30.48 86.19
CA THR C 2271 8.35 29.52 85.24
C THR C 2271 9.28 29.47 84.04
N PRO C 2272 9.35 28.33 83.33
CA PRO C 2272 10.25 28.24 82.18
C PRO C 2272 10.03 29.31 81.11
N LEU C 2273 8.85 29.93 81.07
CA LEU C 2273 8.65 31.05 80.14
C LEU C 2273 9.36 32.30 80.63
N ASP C 2274 9.55 32.45 81.95
CA ASP C 2274 10.16 33.65 82.49
C ASP C 2274 11.60 33.81 82.05
N VAL C 2275 12.37 32.71 81.98
CA VAL C 2275 13.76 32.83 81.54
C VAL C 2275 13.83 33.22 80.07
N ALA C 2276 12.93 32.68 79.24
CA ALA C 2276 12.89 33.09 77.84
C ALA C 2276 12.53 34.57 77.72
N ALA C 2277 11.57 35.02 78.52
CA ALA C 2277 11.19 36.44 78.49
C ALA C 2277 12.33 37.33 78.93
N ALA C 2278 13.06 36.94 79.97
CA ALA C 2278 14.18 37.73 80.47
C ALA C 2278 15.42 37.63 79.60
N SER C 2279 15.47 36.66 78.68
CA SER C 2279 16.63 36.55 77.80
C SER C 2279 16.67 37.66 76.77
N VAL C 2280 15.59 38.43 76.63
CA VAL C 2280 15.51 39.47 75.60
C VAL C 2280 15.22 40.84 76.20
N ILE C 2281 15.54 41.06 77.47
CA ILE C 2281 15.34 42.38 78.07
C ILE C 2281 16.29 43.39 77.45
N ASP C 2282 17.58 43.04 77.35
CA ASP C 2282 18.58 43.89 76.70
C ASP C 2282 18.66 43.46 75.24
N ASN C 2283 17.68 43.89 74.47
CA ASN C 2283 17.56 43.51 73.07
C ASN C 2283 18.24 44.56 72.20
N ASN C 2284 17.93 44.58 70.91
CA ASN C 2284 18.46 45.43 69.82
C ASN C 2284 19.77 44.93 69.26
N GLU C 2285 20.32 43.83 69.76
CA GLU C 2285 21.41 43.13 69.08
C GLU C 2285 21.09 41.68 68.78
N LEU C 2286 20.06 41.12 69.42
CA LEU C 2286 19.65 39.75 69.17
C LEU C 2286 18.14 39.60 69.02
N ALA C 2287 17.36 40.66 69.23
CA ALA C 2287 15.92 40.59 69.01
C ALA C 2287 15.57 40.55 67.53
N LEU C 2288 16.47 41.00 66.65
CA LEU C 2288 16.20 40.92 65.22
C LEU C 2288 16.17 39.48 64.74
N ALA C 2289 16.95 38.60 65.37
CA ALA C 2289 16.96 37.19 65.02
C ALA C 2289 15.92 36.38 65.78
N LEU C 2290 15.13 37.01 66.65
CA LEU C 2290 14.14 36.28 67.44
C LEU C 2290 13.04 35.71 66.55
N GLN C 2291 12.86 36.29 65.36
CA GLN C 2291 11.88 35.80 64.40
C GLN C 2291 12.25 34.37 63.97
N GLU C 2292 11.30 33.71 63.31
CA GLU C 2292 11.37 32.40 62.68
C GLU C 2292 11.77 31.30 63.66
N GLN C 2293 11.80 31.58 64.96
CA GLN C 2293 12.13 30.57 65.96
C GLN C 2293 10.91 30.10 66.73
N ASP C 2294 10.18 31.01 67.38
CA ASP C 2294 9.05 30.58 68.19
C ASP C 2294 7.86 31.55 68.21
N LEU C 2295 7.87 32.63 67.43
CA LEU C 2295 6.73 33.55 67.47
C LEU C 2295 5.48 32.92 66.91
N GLU C 2296 5.61 32.05 65.90
CA GLU C 2296 4.45 31.35 65.38
C GLU C 2296 3.92 30.30 66.35
N LYS C 2297 4.75 29.90 67.32
CA LYS C 2297 4.34 28.88 68.27
C LYS C 2297 3.75 29.49 69.54
N VAL C 2298 4.31 30.60 70.01
CA VAL C 2298 3.85 31.20 71.26
C VAL C 2298 2.42 31.72 71.13
N VAL C 2299 2.04 32.19 69.94
CA VAL C 2299 0.69 32.71 69.76
C VAL C 2299 -0.33 31.58 69.73
N SER C 2300 0.05 30.38 69.31
CA SER C 2300 -0.89 29.27 69.27
C SER C 2300 -1.35 28.88 70.66
N TYR C 2301 -0.49 29.00 71.67
CA TYR C 2301 -0.90 28.72 73.04
C TYR C 2301 -2.00 29.66 73.49
N LEU C 2302 -1.85 30.95 73.20
CA LEU C 2302 -2.89 31.91 73.55
C LEU C 2302 -4.15 31.70 72.72
N ALA C 2303 -4.01 31.30 71.46
CA ALA C 2303 -5.17 30.99 70.64
C ALA C 2303 -5.96 29.84 71.25
N GLY C 2304 -5.28 28.79 71.71
CA GLY C 2304 -5.96 27.71 72.40
C GLY C 2304 -6.57 28.13 73.72
N CYS C 2305 -5.86 28.96 74.48
CA CYS C 2305 -6.39 29.45 75.75
C CYS C 2305 -7.63 30.31 75.55
N GLY C 2306 -7.74 30.98 74.41
CA GLY C 2306 -8.92 31.78 74.14
C GLY C 2306 -10.19 30.97 74.03
N LEU C 2307 -10.09 29.74 73.53
CA LEU C 2307 -11.27 28.87 73.44
C LEU C 2307 -11.43 28.01 74.69
N GLN C 2308 -10.32 27.56 75.27
CA GLN C 2308 -10.38 26.72 76.45
C GLN C 2308 -10.83 27.52 77.66
N SER C 2309 -11.38 26.81 78.65
CA SER C 2309 -11.89 27.41 79.87
C SER C 2309 -10.95 27.22 81.06
N CYS C 2310 -9.75 26.71 80.84
CA CYS C 2310 -8.76 26.44 81.88
C CYS C 2310 -9.37 25.56 82.97
N PRO C 2311 -9.61 24.28 82.71
CA PRO C 2311 -10.28 23.43 83.70
C PRO C 2311 -9.51 23.25 85.00
N MET C 2312 -8.19 23.42 84.98
CA MET C 2312 -7.40 23.18 86.20
C MET C 2312 -7.75 24.17 87.30
N LEU C 2313 -7.92 25.45 86.97
CA LEU C 2313 -8.17 26.46 88.00
C LEU C 2313 -9.60 26.46 88.48
N LEU C 2314 -10.55 26.03 87.65
CA LEU C 2314 -11.96 26.06 88.04
C LEU C 2314 -12.39 24.83 88.82
N ALA C 2315 -11.47 23.91 89.11
CA ALA C 2315 -11.80 22.75 89.93
C ALA C 2315 -12.25 23.14 91.34
N LYS C 2316 -11.86 24.33 91.81
CA LYS C 2316 -12.33 24.78 93.11
C LYS C 2316 -13.81 25.12 93.10
N GLY C 2317 -14.37 25.39 91.93
CA GLY C 2317 -15.77 25.73 91.82
C GLY C 2317 -16.01 27.13 91.31
N TYR C 2318 -15.09 27.62 90.49
CA TYR C 2318 -15.20 28.96 89.93
C TYR C 2318 -16.28 29.00 88.85
N PRO C 2319 -16.78 30.21 88.51
CA PRO C 2319 -17.87 30.30 87.52
C PRO C 2319 -17.54 29.69 86.17
N ASP C 2320 -16.26 29.45 85.89
CA ASP C 2320 -15.83 28.73 84.69
C ASP C 2320 -16.29 29.43 83.42
N ILE C 2321 -15.76 30.63 83.20
CA ILE C 2321 -16.02 31.36 81.96
C ILE C 2321 -15.47 30.57 80.78
N GLY C 2322 -16.08 30.75 79.61
CA GLY C 2322 -15.68 30.00 78.43
C GLY C 2322 -14.23 30.21 78.05
N TRP C 2323 -13.74 31.44 78.12
CA TRP C 2323 -12.35 31.76 77.83
C TRP C 2323 -11.55 31.88 79.11
N ASN C 2324 -10.24 31.95 78.97
CA ASN C 2324 -9.33 31.95 80.11
C ASN C 2324 -8.58 33.27 80.20
N PRO C 2325 -9.04 34.21 81.04
CA PRO C 2325 -8.34 35.49 81.14
C PRO C 2325 -7.06 35.43 81.95
N CYS C 2326 -7.08 34.64 83.03
CA CYS C 2326 -5.91 34.55 83.91
C CYS C 2326 -4.69 33.97 83.20
N GLY C 2327 -4.90 32.92 82.40
CA GLY C 2327 -3.79 32.35 81.64
C GLY C 2327 -3.25 33.29 80.58
N GLY C 2328 -4.14 34.01 79.90
CA GLY C 2328 -3.68 34.96 78.89
C GLY C 2328 -3.00 36.17 79.49
N GLU C 2329 -3.32 36.50 80.75
CA GLU C 2329 -2.65 37.61 81.42
C GLU C 2329 -1.16 37.35 81.56
N ARG C 2330 -0.77 36.11 81.90
CA ARG C 2330 0.63 35.76 81.94
C ARG C 2330 1.27 35.87 80.57
N TYR C 2331 0.49 35.67 79.51
CA TYR C 2331 0.99 35.81 78.15
C TYR C 2331 1.06 37.27 77.75
N LEU C 2332 1.65 37.50 76.57
CA LEU C 2332 1.87 38.82 75.97
C LEU C 2332 2.94 39.59 76.71
N ASP C 2333 3.34 39.10 77.89
CA ASP C 2333 4.47 39.71 78.58
C ASP C 2333 5.76 39.44 77.84
N PHE C 2334 5.91 38.23 77.30
CA PHE C 2334 7.08 37.92 76.49
C PHE C 2334 7.05 38.69 75.17
N LEU C 2335 5.87 38.86 74.59
CA LEU C 2335 5.75 39.60 73.34
C LEU C 2335 6.04 41.09 73.52
N ARG C 2336 5.69 41.67 74.66
CA ARG C 2336 5.99 43.08 74.89
C ARG C 2336 7.49 43.34 74.85
N PHE C 2337 8.28 42.47 75.49
CA PHE C 2337 9.74 42.63 75.46
C PHE C 2337 10.30 42.38 74.06
N ALA C 2338 9.69 41.47 73.29
CA ALA C 2338 10.15 41.24 71.92
C ALA C 2338 9.88 42.45 71.03
N VAL C 2339 8.75 43.13 71.24
CA VAL C 2339 8.37 44.21 70.35
C VAL C 2339 8.99 45.55 70.76
N PHE C 2340 8.89 45.93 72.03
CA PHE C 2340 9.33 47.25 72.50
C PHE C 2340 10.74 47.11 73.06
N VAL C 2341 11.73 47.20 72.16
CA VAL C 2341 13.12 47.07 72.58
C VAL C 2341 13.55 48.25 73.44
N ASN C 2342 13.22 49.46 73.02
CA ASN C 2342 13.56 50.68 73.74
C ASN C 2342 12.50 51.72 73.38
N GLY C 2343 12.82 53.00 73.61
CA GLY C 2343 11.91 54.07 73.25
C GLY C 2343 11.43 54.01 71.82
N GLU C 2344 12.14 53.31 70.94
CA GLU C 2344 11.71 53.09 69.57
C GLU C 2344 11.40 51.61 69.35
N SER C 2345 10.22 51.33 68.80
CA SER C 2345 9.82 49.96 68.51
C SER C 2345 10.50 49.45 67.25
N VAL C 2346 10.51 48.14 67.09
CA VAL C 2346 11.12 47.49 65.92
C VAL C 2346 10.02 47.13 64.93
N GLU C 2347 10.06 47.76 63.76
CA GLU C 2347 9.00 47.58 62.77
C GLU C 2347 9.05 46.22 62.10
N GLU C 2348 10.26 45.67 61.88
CA GLU C 2348 10.37 44.37 61.23
C GLU C 2348 9.70 43.28 62.04
N ASN C 2349 9.76 43.37 63.36
CA ASN C 2349 9.07 42.42 64.23
C ASN C 2349 7.63 42.81 64.48
N ALA C 2350 7.33 44.09 64.62
CA ALA C 2350 5.96 44.52 64.86
C ALA C 2350 5.04 44.15 63.70
N ASN C 2351 5.50 44.36 62.46
CA ASN C 2351 4.67 44.04 61.31
C ASN C 2351 4.30 42.58 61.27
N VAL C 2352 5.28 41.69 61.42
CA VAL C 2352 4.99 40.26 61.37
C VAL C 2352 4.17 39.82 62.58
N VAL C 2353 4.41 40.37 63.77
CA VAL C 2353 3.63 39.99 64.94
C VAL C 2353 2.17 40.36 64.75
N VAL C 2354 1.90 41.59 64.30
CA VAL C 2354 0.51 42.01 64.10
C VAL C 2354 -0.14 41.22 62.97
N ARG C 2355 0.60 41.02 61.87
CA ARG C 2355 0.04 40.29 60.73
C ARG C 2355 -0.31 38.86 61.10
N LEU C 2356 0.54 38.18 61.89
CA LEU C 2356 0.25 36.81 62.26
C LEU C 2356 -0.75 36.72 63.40
N LEU C 2357 -0.84 37.79 64.22
CA LEU C 2357 -1.83 37.80 65.29
C LEU C 2357 -3.24 37.98 64.75
N ILE C 2358 -3.42 38.84 63.74
CA ILE C 2358 -4.76 39.02 63.17
C ILE C 2358 -5.24 37.80 62.40
N ARG C 2359 -4.40 36.77 62.25
CA ARG C 2359 -4.82 35.56 61.56
C ARG C 2359 -5.95 34.86 62.32
N LYS C 2360 -5.81 34.74 63.63
CA LYS C 2360 -6.81 34.08 64.46
C LYS C 2360 -7.58 35.12 65.26
N PRO C 2361 -8.85 35.39 64.92
CA PRO C 2361 -9.64 36.35 65.72
C PRO C 2361 -9.88 35.89 67.15
N GLU C 2362 -9.75 34.59 67.43
CA GLU C 2362 -9.95 34.09 68.78
C GLU C 2362 -8.88 34.54 69.76
N CYS C 2363 -7.75 35.05 69.26
CA CYS C 2363 -6.70 35.53 70.16
C CYS C 2363 -7.19 36.72 70.99
N PHE C 2364 -7.95 37.63 70.37
CA PHE C 2364 -8.49 38.76 71.08
C PHE C 2364 -9.62 38.32 72.02
N GLY C 2365 -10.04 39.23 72.88
CA GLY C 2365 -11.13 38.97 73.79
C GLY C 2365 -12.44 38.76 73.05
N PRO C 2366 -13.33 37.95 73.62
CA PRO C 2366 -14.63 37.72 72.97
C PRO C 2366 -15.46 38.98 72.79
N ALA C 2367 -15.29 39.98 73.65
CA ALA C 2367 -16.05 41.22 73.49
C ALA C 2367 -15.56 42.03 72.30
N LEU C 2368 -14.27 41.98 72.01
CA LEU C 2368 -13.70 42.79 70.93
C LEU C 2368 -13.87 42.11 69.58
N ARG C 2369 -13.32 40.91 69.42
CA ARG C 2369 -13.29 40.23 68.14
C ARG C 2369 -14.49 39.30 67.93
N GLY C 2370 -15.37 39.18 68.91
CA GLY C 2370 -16.51 38.30 68.76
C GLY C 2370 -17.49 38.83 67.73
N GLU C 2371 -18.12 37.90 67.00
CA GLU C 2371 -19.13 38.30 66.03
C GLU C 2371 -20.38 38.86 66.69
N GLY C 2372 -20.66 38.43 67.93
CA GLY C 2372 -21.80 38.96 68.63
C GLY C 2372 -21.61 40.41 69.03
N GLY C 2373 -22.73 41.08 69.28
CA GLY C 2373 -22.71 42.49 69.64
C GLY C 2373 -22.07 42.69 71.01
N SER C 2374 -20.87 43.27 71.03
CA SER C 2374 -20.19 43.54 72.29
C SER C 2374 -19.18 44.66 72.07
N GLY C 2375 -19.04 45.51 73.08
CA GLY C 2375 -18.08 46.60 73.04
C GLY C 2375 -17.19 46.58 74.27
N LEU C 2376 -16.02 47.21 74.15
CA LEU C 2376 -15.08 47.25 75.27
C LEU C 2376 -15.64 48.03 76.45
N LEU C 2377 -16.32 49.14 76.19
CA LEU C 2377 -16.92 49.91 77.27
C LEU C 2377 -17.99 49.10 78.00
N ALA C 2378 -18.84 48.40 77.25
CA ALA C 2378 -19.83 47.53 77.87
C ALA C 2378 -19.17 46.41 78.66
N ALA C 2379 -18.10 45.83 78.12
CA ALA C 2379 -17.40 44.74 78.81
C ALA C 2379 -16.81 45.22 80.13
N ILE C 2380 -16.16 46.39 80.13
CA ILE C 2380 -15.58 46.89 81.38
C ILE C 2380 -16.67 47.30 82.35
N GLU C 2381 -17.79 47.85 81.86
CA GLU C 2381 -18.90 48.19 82.75
C GLU C 2381 -19.47 46.94 83.41
N GLU C 2382 -19.63 45.85 82.64
CA GLU C 2382 -20.08 44.59 83.21
C GLU C 2382 -19.06 44.00 84.17
N ALA C 2383 -17.77 44.16 83.89
CA ALA C 2383 -16.74 43.70 84.81
C ALA C 2383 -16.79 44.45 86.13
N ILE C 2384 -17.10 45.75 86.09
CA ILE C 2384 -17.27 46.51 87.32
C ILE C 2384 -18.42 45.94 88.15
N ARG C 2385 -19.54 45.63 87.50
CA ARG C 2385 -20.67 45.03 88.21
C ARG C 2385 -20.31 43.65 88.77
N ILE C 2386 -19.56 42.86 88.01
CA ILE C 2386 -19.14 41.55 88.49
C ILE C 2386 -18.25 41.70 89.73
N SER C 2387 -17.31 42.65 89.69
CA SER C 2387 -16.46 42.89 90.85
C SER C 2387 -17.28 43.35 92.06
N GLU C 2388 -18.27 44.21 91.83
CA GLU C 2388 -19.14 44.64 92.92
C GLU C 2388 -19.93 43.48 93.51
N ASP C 2389 -20.45 42.59 92.66
CA ASP C 2389 -21.22 41.45 93.13
C ASP C 2389 -20.30 40.42 93.78
N PRO C 2390 -20.74 39.78 94.88
CA PRO C 2390 -19.91 38.77 95.54
C PRO C 2390 -19.74 37.49 94.75
N ALA C 2391 -20.50 37.29 93.67
CA ALA C 2391 -20.41 36.06 92.89
C ALA C 2391 -19.11 35.95 92.10
N ARG C 2415 -8.03 34.18 96.05
CA ARG C 2415 -6.83 33.75 95.35
C ARG C 2415 -6.66 34.49 94.03
N VAL C 2416 -7.75 34.63 93.28
CA VAL C 2416 -7.73 35.33 91.99
C VAL C 2416 -9.11 35.93 91.76
N HIS C 2417 -9.15 37.23 91.48
CA HIS C 2417 -10.42 37.92 91.20
C HIS C 2417 -10.68 37.88 89.69
N LEU C 2418 -11.85 37.36 89.31
CA LEU C 2418 -12.19 37.24 87.89
C LEU C 2418 -12.29 38.61 87.22
N GLY C 2419 -12.93 39.57 87.90
CA GLY C 2419 -13.03 40.91 87.34
C GLY C 2419 -11.68 41.57 87.16
N HIS C 2420 -10.77 41.40 88.12
CA HIS C 2420 -9.42 41.90 87.96
C HIS C 2420 -8.70 41.21 86.81
N ALA C 2421 -8.89 39.89 86.67
CA ALA C 2421 -8.22 39.15 85.61
C ALA C 2421 -8.66 39.57 84.22
N ILE C 2422 -9.97 39.79 84.02
CA ILE C 2422 -10.45 40.21 82.71
C ILE C 2422 -9.91 41.59 82.35
N MET C 2423 -9.99 42.54 83.29
CA MET C 2423 -9.53 43.89 83.01
C MET C 2423 -8.01 43.94 82.81
N SER C 2424 -7.25 43.16 83.57
CA SER C 2424 -5.80 43.13 83.36
C SER C 2424 -5.46 42.56 81.98
N PHE C 2425 -6.15 41.50 81.55
CA PHE C 2425 -5.91 40.95 80.23
C PHE C 2425 -6.23 41.96 79.13
N TYR C 2426 -7.36 42.66 79.27
CA TYR C 2426 -7.72 43.65 78.26
C TYR C 2426 -6.71 44.80 78.23
N ALA C 2427 -6.29 45.28 79.40
CA ALA C 2427 -5.30 46.35 79.44
C ALA C 2427 -3.97 45.91 78.83
N ALA C 2428 -3.54 44.67 79.11
CA ALA C 2428 -2.32 44.15 78.51
C ALA C 2428 -2.43 44.02 77.00
N LEU C 2429 -3.57 43.55 76.49
CA LEU C 2429 -3.74 43.47 75.04
C LEU C 2429 -3.69 44.85 74.40
N ILE C 2430 -4.35 45.82 75.01
CA ILE C 2430 -4.32 47.19 74.49
C ILE C 2430 -2.91 47.77 74.51
N ASP C 2431 -2.17 47.58 75.61
CA ASP C 2431 -0.80 48.08 75.66
C ASP C 2431 0.10 47.40 74.65
N LEU C 2432 -0.07 46.09 74.44
CA LEU C 2432 0.72 45.39 73.43
C LEU C 2432 0.43 45.93 72.04
N LEU C 2433 -0.85 46.16 71.72
CA LEU C 2433 -1.17 46.73 70.41
C LEU C 2433 -0.60 48.12 70.26
N GLY C 2434 -0.68 48.94 71.30
CA GLY C 2434 -0.11 50.28 71.23
C GLY C 2434 1.39 50.26 71.01
N ARG C 2435 2.09 49.35 71.69
CA ARG C 2435 3.53 49.24 71.50
C ARG C 2435 3.88 48.72 70.11
N CYS C 2436 3.11 47.75 69.59
CA CYS C 2436 3.32 47.26 68.24
C CYS C 2436 2.99 48.29 67.18
N ALA C 2437 2.20 49.31 67.52
CA ALA C 2437 1.93 50.39 66.58
C ALA C 2437 3.25 51.08 66.19
N PRO C 2438 3.33 51.58 64.95
CA PRO C 2438 4.61 52.18 64.51
C PRO C 2438 5.08 53.32 65.39
N GLU C 2439 4.22 54.31 65.65
CA GLU C 2439 4.51 55.44 66.53
C GLU C 2439 5.73 56.24 66.06
N MET C 2440 6.25 55.94 64.87
CA MET C 2440 7.43 56.60 64.34
C MET C 2440 6.98 57.65 63.32
N HIS C 2441 7.08 58.92 63.70
CA HIS C 2441 6.69 59.98 62.77
C HIS C 2441 7.58 59.99 61.54
N LEU C 2442 8.88 59.74 61.71
CA LEU C 2442 9.79 59.73 60.57
C LEU C 2442 9.44 58.63 59.58
N ILE C 2443 9.05 57.45 60.07
CA ILE C 2443 8.62 56.38 59.16
C ILE C 2443 7.28 56.71 58.53
N GLN C 2444 6.34 57.23 59.32
CA GLN C 2444 4.99 57.47 58.82
C GLN C 2444 4.96 58.56 57.75
N ALA C 2445 5.81 59.59 57.89
CA ALA C 2445 5.76 60.71 56.96
C ALA C 2445 6.35 60.36 55.60
N GLY C 2446 7.30 59.43 55.55
CA GLY C 2446 7.98 59.14 54.30
C GLY C 2446 7.85 57.73 53.78
N LYS C 2447 7.06 56.90 54.44
CA LYS C 2447 6.87 55.50 54.04
C LYS C 2447 5.40 55.24 53.81
N GLY C 2448 5.07 54.56 52.70
CA GLY C 2448 3.70 54.21 52.41
C GLY C 2448 3.28 52.85 52.92
N GLU C 2449 4.23 52.02 53.35
CA GLU C 2449 3.90 50.70 53.89
C GLU C 2449 3.37 50.78 55.31
N ALA C 2450 3.96 51.64 56.15
CA ALA C 2450 3.58 51.72 57.55
C ALA C 2450 2.18 52.28 57.77
N LEU C 2451 1.72 53.16 56.87
CA LEU C 2451 0.37 53.69 56.99
C LEU C 2451 -0.69 52.61 56.83
N ARG C 2452 -0.40 51.54 56.09
CA ARG C 2452 -1.33 50.41 56.02
C ARG C 2452 -1.52 49.75 57.38
N ILE C 2453 -0.42 49.48 58.09
CA ILE C 2453 -0.51 48.91 59.42
C ILE C 2453 -1.18 49.88 60.37
N ARG C 2454 -0.90 51.18 60.22
CA ARG C 2454 -1.56 52.18 61.05
C ARG C 2454 -3.06 52.18 60.83
N ALA C 2455 -3.50 52.08 59.58
CA ALA C 2455 -4.93 52.01 59.28
C ALA C 2455 -5.56 50.74 59.84
N ILE C 2456 -4.86 49.60 59.73
CA ILE C 2456 -5.40 48.36 60.28
C ILE C 2456 -5.57 48.48 61.79
N LEU C 2457 -4.58 49.04 62.48
CA LEU C 2457 -4.68 49.20 63.93
C LEU C 2457 -5.77 50.20 64.30
N ARG C 2458 -5.95 51.25 63.50
CA ARG C 2458 -7.03 52.19 63.76
C ARG C 2458 -8.39 51.56 63.53
N SER C 2459 -8.48 50.63 62.58
CA SER C 2459 -9.75 49.95 62.30
C SER C 2459 -10.12 48.96 63.38
N LEU C 2460 -9.16 48.13 63.82
CA LEU C 2460 -9.48 47.13 64.85
C LEU C 2460 -9.85 47.78 66.17
N VAL C 2461 -9.13 48.81 66.59
CA VAL C 2461 -9.47 49.51 67.82
C VAL C 2461 -10.61 50.50 67.52
N PRO C 2462 -11.75 50.38 68.20
CA PRO C 2462 -12.87 51.27 67.89
C PRO C 2462 -12.52 52.73 68.16
N LEU C 2463 -13.02 53.60 67.28
CA LEU C 2463 -12.79 55.03 67.44
C LEU C 2463 -13.68 55.57 68.56
N ASP C 2464 -13.13 56.51 69.33
CA ASP C 2464 -13.80 57.17 70.45
C ASP C 2464 -14.14 56.21 71.59
N ASP C 2465 -13.71 54.95 71.50
CA ASP C 2465 -13.91 54.02 72.61
C ASP C 2465 -12.93 54.27 73.74
N LEU C 2466 -11.74 54.80 73.42
CA LEU C 2466 -10.73 55.03 74.45
C LEU C 2466 -11.10 56.20 75.35
N VAL C 2467 -11.72 57.25 74.79
CA VAL C 2467 -12.06 58.41 75.60
C VAL C 2467 -13.12 58.07 76.64
N GLY C 2468 -13.95 57.05 76.39
CA GLY C 2468 -14.89 56.60 77.40
C GLY C 2468 -14.26 55.81 78.52
N ILE C 2469 -13.16 55.10 78.24
CA ILE C 2469 -12.50 54.30 79.27
C ILE C 2469 -11.93 55.20 80.36
N ILE C 2470 -11.27 56.29 79.98
CA ILE C 2470 -10.72 57.20 80.96
C ILE C 2470 -11.80 57.94 81.73
N SER C 2471 -13.02 58.00 81.19
CA SER C 2471 -14.11 58.70 81.86
C SER C 2471 -14.62 57.93 83.07
N LEU C 2472 -14.34 56.64 83.17
CA LEU C 2472 -14.82 55.85 84.30
C LEU C 2472 -14.08 56.26 85.57
N PRO C 2473 -14.78 56.62 86.63
CA PRO C 2473 -14.11 57.02 87.87
C PRO C 2473 -13.65 55.80 88.67
N LEU C 2474 -12.88 56.09 89.72
CA LEU C 2474 -12.34 55.06 90.60
C LEU C 2474 -12.56 55.46 92.05
N GLN C 2475 -12.53 54.45 92.92
CA GLN C 2475 -12.72 54.68 94.35
C GLN C 2475 -11.53 55.44 94.93
N ILE C 2476 -11.82 56.30 95.89
CA ILE C 2476 -10.81 57.14 96.56
C ILE C 2476 -10.61 56.59 97.96
N PRO C 2477 -9.37 56.36 98.40
CA PRO C 2477 -9.15 55.84 99.76
C PRO C 2477 -9.44 56.89 100.83
N THR C 2478 -10.72 57.13 101.09
CA THR C 2478 -11.14 58.11 102.09
C THR C 2478 -12.11 57.45 103.07
N LEU C 2479 -12.10 57.95 104.30
CA LEU C 2479 -12.98 57.43 105.34
C LEU C 2479 -14.28 58.22 105.41
N UNK C 2487 -9.55 54.28 107.72
CA UNK C 2487 -10.09 54.45 106.38
C UNK C 2487 -10.30 53.10 105.70
N UNK C 2488 -11.16 53.08 104.69
CA UNK C 2488 -11.46 51.85 103.96
C UNK C 2488 -10.67 51.78 102.66
N UNK C 2489 -9.37 51.50 102.77
CA UNK C 2489 -8.50 51.43 101.60
C UNK C 2489 -7.97 50.01 101.41
N UNK C 2490 -8.40 49.36 100.32
CA UNK C 2490 -7.95 48.01 100.02
C UNK C 2490 -7.88 47.80 98.50
N UNK C 2491 -7.26 46.70 98.09
CA UNK C 2491 -7.10 46.39 96.67
C UNK C 2491 -8.43 45.96 96.04
N UNK C 2492 -8.81 46.64 94.98
CA UNK C 2492 -10.05 46.32 94.27
C UNK C 2492 -9.74 45.62 92.95
N UNK C 2493 -10.71 45.62 92.04
CA UNK C 2493 -10.53 45.00 90.73
C UNK C 2493 -10.22 46.06 89.68
N UNK C 2494 -10.54 47.31 89.98
CA UNK C 2494 -10.25 48.42 89.07
C UNK C 2494 -8.98 49.13 89.51
N UNK C 2495 -7.88 48.83 88.84
CA UNK C 2495 -6.59 49.42 89.18
C UNK C 2495 -6.41 50.78 88.51
N UNK C 2496 -5.60 51.64 89.11
CA UNK C 2496 -5.35 52.96 88.58
C UNK C 2496 -4.30 52.93 87.48
N UNK C 2497 -3.54 51.83 87.43
CA UNK C 2497 -2.49 51.67 86.44
C UNK C 2497 -3.05 51.13 85.13
N UNK C 2498 -4.34 50.82 85.11
CA UNK C 2498 -4.98 50.30 83.92
C UNK C 2498 -5.42 51.42 82.99
N UNK C 2499 -5.81 52.55 83.59
CA UNK C 2499 -6.21 53.71 82.81
C UNK C 2499 -5.01 54.31 82.10
N UNK C 2500 -3.83 54.15 82.70
CA UNK C 2500 -2.60 54.66 82.13
C UNK C 2500 -2.16 53.81 80.93
N UNK C 2501 -2.60 52.55 80.91
CA UNK C 2501 -2.26 51.64 79.83
C UNK C 2501 -3.15 51.91 78.61
N UNK C 2502 -4.22 52.67 78.83
CA UNK C 2502 -5.15 53.00 77.76
C UNK C 2502 -4.81 54.37 77.16
N UNK C 2503 -4.11 55.18 77.93
CA UNK C 2503 -3.72 56.51 77.48
C UNK C 2503 -2.57 56.42 76.48
N UNK C 2504 -1.76 55.38 76.61
CA UNK C 2504 -0.60 55.20 75.76
C UNK C 2504 -1.00 54.76 74.35
N UNK C 2505 -2.07 53.97 74.26
CA UNK C 2505 -2.52 53.46 72.97
C UNK C 2505 -3.15 54.55 72.11
N UNK C 2506 -3.52 55.66 72.74
CA UNK C 2506 -4.14 56.76 72.04
C UNK C 2506 -3.10 57.78 71.58
N UNK C 2507 -2.02 57.89 72.33
CA UNK C 2507 -0.98 58.89 72.05
C UNK C 2507 -0.12 58.49 70.85
N UNK C 2508 -0.07 57.21 70.55
CA UNK C 2508 0.79 56.72 69.47
C UNK C 2508 -0.01 56.37 68.22
N UNK C 2509 -1.28 56.00 68.40
CA UNK C 2509 -2.11 55.58 67.28
C UNK C 2509 -3.14 56.66 66.91
N UNK C 2510 -3.87 57.15 67.91
CA UNK C 2510 -4.92 58.13 67.68
C UNK C 2510 -4.37 59.56 67.71
N UNK C 2511 -3.40 59.79 68.60
CA UNK C 2511 -2.79 61.11 68.80
C UNK C 2511 -3.84 62.15 69.18
N UNK C 2512 -3.46 63.42 69.06
CA UNK C 2512 -4.35 64.52 69.39
C UNK C 2512 -3.97 65.77 68.59
N UNK C 2513 -4.25 65.73 67.29
CA UNK C 2513 -3.88 66.83 66.41
C UNK C 2513 -4.90 67.96 66.47
N UNK C 2514 -6.18 67.61 66.40
CA UNK C 2514 -7.25 68.60 66.42
C UNK C 2514 -7.28 69.34 67.76
N UNK C 2515 -7.40 70.66 67.68
CA UNK C 2515 -7.40 71.50 68.88
C UNK C 2515 -8.71 71.35 69.65
N UNK C 2516 -9.82 71.34 68.92
CA UNK C 2516 -11.14 71.24 69.54
C UNK C 2516 -11.36 69.87 70.15
N UNK C 2517 -10.84 68.83 69.49
CA UNK C 2517 -10.99 67.47 69.97
C UNK C 2517 -10.13 67.23 71.21
N UNK C 2518 -9.08 68.02 71.36
CA UNK C 2518 -8.19 67.91 72.52
C UNK C 2518 -8.85 68.54 73.75
N UNK C 2519 -9.88 69.34 73.53
CA UNK C 2519 -10.60 69.98 74.61
C UNK C 2519 -11.67 69.05 75.18
N UNK C 2520 -12.42 68.41 74.29
CA UNK C 2520 -13.50 67.52 74.71
C UNK C 2520 -12.95 66.21 75.27
N UNK C 2521 -11.74 65.85 74.85
CA UNK C 2521 -11.11 64.62 75.31
C UNK C 2521 -10.19 64.90 76.50
N UNK C 2522 -10.31 66.09 77.07
CA UNK C 2522 -9.48 66.48 78.21
C UNK C 2522 -10.16 66.09 79.52
N UNK C 2523 -10.58 64.83 79.63
CA UNK C 2523 -11.23 64.34 80.83
C UNK C 2523 -10.25 63.56 81.69
N UNK C 2524 -8.99 63.54 81.27
CA UNK C 2524 -7.95 62.82 81.99
C UNK C 2524 -7.66 63.48 83.33
N UNK C 2525 -7.79 64.79 83.37
CA UNK C 2525 -7.54 65.55 84.60
C UNK C 2525 -8.71 65.42 85.57
N UNK C 2526 -9.89 65.15 85.03
CA UNK C 2526 -11.10 65.02 85.83
C UNK C 2526 -11.11 63.73 86.63
N UNK C 2527 -10.37 62.74 86.16
CA UNK C 2527 -10.37 61.42 86.78
C UNK C 2527 -9.24 61.25 87.78
N UNK C 2528 -8.10 61.89 87.52
CA UNK C 2528 -6.92 61.72 88.37
C UNK C 2528 -6.47 63.04 88.99
N UNK C 2529 -6.21 64.03 88.14
CA UNK C 2529 -5.71 65.33 88.61
C UNK C 2529 -6.73 66.02 89.51
N UNK C 2530 -8.00 65.71 89.32
CA UNK C 2530 -9.05 66.30 90.12
C UNK C 2530 -9.34 65.45 91.36
N UNK C 2531 -9.08 64.16 91.26
CA UNK C 2531 -9.33 63.23 92.35
C UNK C 2531 -8.21 63.28 93.39
N UNK C 2532 -7.06 63.83 92.99
CA UNK C 2532 -5.92 63.94 93.89
C UNK C 2532 -6.18 64.99 94.96
N UNK C 2533 -6.61 64.54 96.14
CA UNK C 2533 -6.91 65.44 97.24
C UNK C 2533 -6.34 64.90 98.55
N UNK C 2534 -5.39 63.98 98.44
CA UNK C 2534 -4.75 63.39 99.62
C UNK C 2534 -3.90 64.44 100.33
N UNK C 2535 -4.00 64.48 101.65
CA UNK C 2535 -3.26 65.45 102.45
C UNK C 2535 -2.36 64.75 103.47
N UNK C 2536 -2.55 65.10 104.74
CA UNK C 2536 -1.76 64.51 105.81
C UNK C 2536 -2.16 63.05 106.02
N UNK C 2537 -3.42 62.74 105.75
CA UNK C 2537 -3.92 61.37 105.87
C UNK C 2537 -3.73 60.61 104.56
N UNK C 2538 -2.48 60.34 104.21
CA UNK C 2538 -2.16 59.65 102.97
C UNK C 2538 -1.01 58.66 103.17
N UNK C 2539 -0.20 58.50 102.13
CA UNK C 2539 0.93 57.56 102.14
C UNK C 2539 0.46 56.14 102.45
N UNK C 2540 -0.72 55.79 101.96
CA UNK C 2540 -1.28 54.46 102.16
C UNK C 2540 -2.17 54.09 100.99
N UNK C 2541 -1.63 53.28 100.08
CA UNK C 2541 -2.33 52.85 98.86
C UNK C 2541 -2.79 54.05 98.04
N UNK C 2542 -2.08 55.17 98.18
CA UNK C 2542 -2.42 56.39 97.47
C UNK C 2542 -1.38 56.69 96.40
N UNK C 2543 -0.63 55.65 96.01
CA UNK C 2543 0.40 55.79 94.99
C UNK C 2543 -0.19 55.65 93.59
N UNK C 2544 -1.46 56.02 93.46
CA UNK C 2544 -2.15 55.97 92.17
C UNK C 2544 -1.76 57.17 91.32
N UNK C 2545 -1.14 58.16 91.95
CA UNK C 2545 -0.72 59.37 91.24
C UNK C 2545 0.57 59.13 90.49
N UNK C 2546 1.21 57.99 90.76
CA UNK C 2546 2.43 57.62 90.06
C UNK C 2546 2.12 57.34 88.59
N UNK C 2547 0.93 56.82 88.33
CA UNK C 2547 0.50 56.52 86.98
C UNK C 2547 0.23 57.81 86.20
N UNK C 2548 -0.30 58.81 86.90
CA UNK C 2548 -0.60 60.08 86.28
C UNK C 2548 0.65 60.93 86.12
N UNK C 2549 1.74 60.51 86.75
CA UNK C 2549 2.98 61.26 86.70
C UNK C 2549 3.93 60.69 85.66
N UNK C 2550 3.45 59.73 84.88
CA UNK C 2550 4.28 59.10 83.84
C UNK C 2550 3.42 58.59 82.69
N UNK C 2551 2.23 59.15 82.54
CA UNK C 2551 1.33 58.75 81.46
C UNK C 2551 0.21 59.76 81.27
N UNK C 2552 0.17 60.79 82.11
CA UNK C 2552 -0.87 61.80 82.03
C UNK C 2552 -0.30 63.22 82.09
N UNK C 2553 0.20 63.60 83.26
CA UNK C 2553 0.75 64.93 83.46
C UNK C 2553 1.99 65.15 82.61
N UNK C 2554 2.64 64.06 82.22
CA UNK C 2554 3.81 64.13 81.37
C UNK C 2554 3.40 64.21 79.90
N UNK C 2555 2.10 64.10 79.65
CA UNK C 2555 1.56 64.14 78.30
C UNK C 2555 0.77 65.42 78.05
N UNK C 2556 0.80 65.90 76.82
CA UNK C 2556 0.05 67.09 76.43
C UNK C 2556 -0.16 67.10 74.93
N UNK C 2557 -1.12 67.91 74.48
CA UNK C 2557 -1.43 67.99 73.05
C UNK C 2557 -1.26 69.42 72.54
N UNK C 2558 -1.56 69.63 71.25
CA UNK C 2558 -1.46 70.95 70.64
C UNK C 2558 -2.38 71.94 71.35
N UNK C 2559 -1.80 72.71 72.27
CA UNK C 2559 -2.57 73.64 73.08
C UNK C 2559 -3.20 74.75 72.24
N UNK C 2560 -4.52 74.82 72.28
CA UNK C 2560 -5.26 75.85 71.55
C UNK C 2560 -6.69 75.95 72.07
N UNK C 2561 -6.92 76.89 72.97
CA UNK C 2561 -8.24 77.08 73.57
C UNK C 2561 -9.17 77.82 72.61
N UNK C 2562 -10.41 78.04 73.03
CA UNK C 2562 -11.39 78.74 72.22
C UNK C 2562 -11.77 80.06 72.88
N UNK C 2563 -13.07 80.35 72.88
CA UNK C 2563 -13.58 81.58 73.48
C UNK C 2563 -13.49 81.52 75.00
N UNK C 2564 -12.69 82.42 75.57
CA UNK C 2564 -12.50 82.52 77.01
C UNK C 2564 -12.04 81.19 77.61
N UNK C 2565 -12.67 80.79 78.71
CA UNK C 2565 -12.35 79.53 79.37
C UNK C 2565 -12.77 78.36 78.50
N UNK C 2566 -14.07 78.11 78.42
CA UNK C 2566 -14.63 77.04 77.60
C UNK C 2566 -14.03 75.69 77.95
N UNK C 2567 -14.27 75.23 79.19
CA UNK C 2567 -13.74 73.95 79.64
C UNK C 2567 -14.68 73.30 80.64
N UNK C 2568 -14.87 71.99 80.49
CA UNK C 2568 -15.74 71.23 81.39
C UNK C 2568 -15.36 69.75 81.37
N UNK C 2569 -14.48 69.37 80.45
CA UNK C 2569 -14.04 67.99 80.33
C UNK C 2569 -13.22 67.57 81.55
N UNK C 2570 -12.36 68.48 82.00
CA UNK C 2570 -11.53 68.23 83.18
C UNK C 2570 -12.29 68.56 84.46
N UNK C 2571 -13.60 68.74 84.34
CA UNK C 2571 -14.50 69.00 85.47
C UNK C 2571 -14.08 70.22 86.29
N UNK C 2572 -14.56 70.28 87.51
CA UNK C 2572 -14.24 71.38 88.41
C UNK C 2572 -13.82 70.84 89.78
N UNK C 2573 -13.46 69.57 89.82
CA UNK C 2573 -13.03 68.93 91.06
C UNK C 2573 -11.54 69.17 91.29
N UNK C 2574 -10.92 69.89 90.37
CA UNK C 2574 -9.50 70.24 90.49
C UNK C 2574 -9.34 71.72 90.83
N UNK C 2575 -9.91 72.13 91.96
CA UNK C 2575 -9.86 73.52 92.38
C UNK C 2575 -9.08 73.68 93.69
N UNK C 2576 -9.44 72.90 94.69
CA UNK C 2576 -8.78 72.96 95.99
C UNK C 2576 -7.38 72.37 95.91
N UNK C 2577 -7.23 71.33 95.09
CA UNK C 2577 -5.94 70.68 94.90
C UNK C 2577 -5.62 70.60 93.41
N UNK C 2578 -4.33 70.64 93.07
CA UNK C 2578 -3.92 70.62 91.68
C UNK C 2578 -2.50 70.12 91.49
N UNK C 2579 -1.55 70.71 92.21
CA UNK C 2579 -0.14 70.34 92.08
C UNK C 2579 0.32 69.47 93.24
N UNK C 2580 1.40 68.72 93.00
CA UNK C 2580 1.92 67.77 93.98
C UNK C 2580 2.39 68.47 95.25
N UNK C 2581 2.05 67.89 96.41
CA UNK C 2581 2.43 68.43 97.70
C UNK C 2581 2.55 67.31 98.74
N UNK C 2582 1.43 66.67 99.04
CA UNK C 2582 1.38 65.65 100.08
C UNK C 2582 1.93 64.31 99.61
N UNK C 2583 1.36 63.22 100.10
CA UNK C 2583 1.90 61.88 99.87
C UNK C 2583 1.22 61.12 98.74
N UNK C 2584 1.85 61.12 97.56
CA UNK C 2584 1.41 60.34 96.41
C UNK C 2584 2.48 60.35 95.33
N UNK C 2585 2.14 59.82 94.16
CA UNK C 2585 3.02 59.81 92.99
C UNK C 2585 4.38 59.19 93.29
N UNK C 2586 5.39 60.05 93.44
CA UNK C 2586 6.75 59.59 93.71
C UNK C 2586 7.44 60.48 94.74
N UNK C 2587 8.50 59.96 95.35
CA UNK C 2587 9.17 60.62 96.47
C UNK C 2587 9.84 61.93 96.07
N UNK C 2588 11.06 61.85 95.55
CA UNK C 2588 11.82 63.04 95.20
C UNK C 2588 12.52 62.89 93.85
N UNK C 2589 12.75 61.64 93.45
CA UNK C 2589 13.40 61.36 92.18
C UNK C 2589 12.52 61.77 91.01
N UNK C 2590 13.14 62.25 89.94
CA UNK C 2590 12.40 62.69 88.76
C UNK C 2590 11.89 61.50 87.97
N UNK C 2591 11.04 61.79 86.98
CA UNK C 2591 10.49 60.75 86.11
C UNK C 2591 11.21 60.74 84.76
N UNK C 2592 11.27 59.56 84.14
CA UNK C 2592 11.97 59.41 82.87
C UNK C 2592 11.00 59.10 81.73
N UNK C 2593 9.71 59.23 82.00
CA UNK C 2593 8.70 58.99 80.97
C UNK C 2593 8.71 60.12 79.95
N UNK C 2594 8.64 61.35 80.44
CA UNK C 2594 8.68 62.53 79.58
C UNK C 2594 9.27 63.71 80.35
N UNK C 2595 10.14 64.47 79.68
CA UNK C 2595 10.80 65.60 80.31
C UNK C 2595 9.83 66.75 80.57
N UNK C 2596 8.88 66.93 79.66
CA UNK C 2596 7.91 68.02 79.79
C UNK C 2596 6.61 67.70 79.06
N UNK C 2597 5.69 68.66 79.07
CA UNK C 2597 4.39 68.50 78.43
C UNK C 2597 4.41 69.08 77.02
N UNK C 2598 4.26 68.20 76.02
CA UNK C 2598 4.29 68.62 74.63
C UNK C 2598 3.04 69.39 74.25
N UNK C 2599 3.07 70.71 74.45
CA UNK C 2599 1.91 71.56 74.16
C UNK C 2599 2.31 72.90 73.57
N UNK C 2600 1.65 73.29 72.49
CA UNK C 2600 1.85 74.60 71.89
C UNK C 2600 1.10 75.65 72.69
N UNK C 2601 1.63 75.98 73.87
CA UNK C 2601 0.94 76.83 74.84
C UNK C 2601 0.56 78.21 74.31
N UNK C 2602 1.26 78.67 73.29
CA UNK C 2602 1.08 80.02 72.76
C UNK C 2602 -0.35 80.34 72.30
N UNK C 2603 -1.18 79.31 72.14
CA UNK C 2603 -2.54 79.51 71.66
C UNK C 2603 -3.59 79.28 72.77
N UNK C 2604 -3.19 78.58 73.82
CA UNK C 2604 -4.12 78.26 74.90
C UNK C 2604 -3.80 79.03 76.18
N UNK C 2605 -4.72 79.89 76.60
CA UNK C 2605 -4.55 80.68 77.82
C UNK C 2605 -5.85 81.30 78.30
N UNK C 2606 -5.99 81.44 79.61
CA UNK C 2606 -7.12 82.12 80.22
C UNK C 2606 -6.60 83.10 81.25
N UNK C 2607 -6.22 82.58 82.41
CA UNK C 2607 -5.44 83.33 83.41
C UNK C 2607 -6.07 84.65 83.86
N UNK C 2608 -6.95 84.59 84.86
CA UNK C 2608 -7.59 85.80 85.37
C UNK C 2608 -8.18 85.59 86.76
N UNK C 2609 -8.12 86.62 87.59
CA UNK C 2609 -8.68 86.57 88.94
C UNK C 2609 -8.92 87.97 89.50
N UNK C 2610 -9.59 88.03 90.65
CA UNK C 2610 -9.88 89.29 91.32
C UNK C 2610 -10.31 89.05 92.77
N UNK C 2611 -10.38 90.13 93.54
CA UNK C 2611 -10.80 90.08 94.94
C UNK C 2611 -9.98 89.11 95.77
N UNK C 2612 -10.63 88.41 96.69
CA UNK C 2612 -9.97 87.44 97.56
C UNK C 2612 -10.89 86.26 97.86
N UNK C 2613 -10.32 85.06 97.84
CA UNK C 2613 -11.10 83.85 98.11
C UNK C 2613 -10.31 82.88 98.99
N UNK C 2614 -10.95 82.45 100.08
CA UNK C 2614 -10.34 81.51 101.02
C UNK C 2614 -9.01 82.02 101.56
N UNK C 2615 -7.99 81.15 101.51
CA UNK C 2615 -6.66 81.50 102.00
C UNK C 2615 -5.69 81.72 100.84
N UNK C 2616 -4.44 81.99 101.17
CA UNK C 2616 -3.41 82.22 100.16
C UNK C 2616 -3.02 80.91 99.48
N UNK C 2617 -2.86 80.97 98.15
CA UNK C 2617 -2.48 79.80 97.39
C UNK C 2617 -0.99 79.49 97.57
N UNK C 2618 -0.18 80.54 97.55
CA UNK C 2618 1.27 80.40 97.73
C UNK C 2618 1.60 80.08 99.18
N UNK C 2619 2.86 79.76 99.44
CA UNK C 2619 3.30 79.42 100.79
C UNK C 2619 3.22 80.63 101.71
N UNK C 2620 2.93 80.39 102.99
CA UNK C 2620 2.83 81.45 103.97
C UNK C 2620 4.21 82.02 104.28
N UNK C 2621 5.24 81.18 104.16
CA UNK C 2621 6.61 81.60 104.42
C UNK C 2621 7.11 82.50 103.31
N UNK C 2622 7.92 83.50 103.67
CA UNK C 2622 8.50 84.41 102.70
C UNK C 2622 9.89 83.94 102.29
N UNK C 2623 10.33 82.83 102.88
CA UNK C 2623 11.64 82.27 102.60
C UNK C 2623 11.68 81.66 101.20
N UNK C 2624 12.88 81.63 100.62
CA UNK C 2624 13.05 81.08 99.27
C UNK C 2624 14.49 80.57 99.08
N UNK C 2625 14.62 79.32 98.67
CA UNK C 2625 15.93 78.72 98.46
C UNK C 2625 16.18 78.45 96.98
N UNK C 2626 15.80 77.25 96.52
CA UNK C 2626 16.04 76.85 95.14
C UNK C 2626 14.98 75.86 94.65
N UNK C 2627 14.50 76.09 93.42
CA UNK C 2627 13.48 75.25 92.82
C UNK C 2627 13.42 75.48 91.31
N UNK C 2628 13.44 74.40 90.54
CA UNK C 2628 13.42 74.49 89.08
C UNK C 2628 12.01 74.35 88.52
N UNK C 2629 11.92 73.89 87.28
CA UNK C 2629 10.64 73.68 86.61
C UNK C 2629 10.76 72.64 85.49
N UNK C 2630 9.66 71.99 85.17
CA UNK C 2630 9.64 71.00 84.11
C UNK C 2630 8.23 70.88 83.52
N UNK C 2631 7.22 71.00 84.37
CA UNK C 2631 5.84 70.97 83.92
C UNK C 2631 5.29 72.39 83.79
N UNK C 2632 6.06 73.35 84.29
CA UNK C 2632 5.68 74.76 84.21
C UNK C 2632 6.33 75.42 83.01
N UNK C 2633 7.00 74.62 82.18
CA UNK C 2633 7.63 75.12 80.97
C UNK C 2633 6.56 75.42 79.91
N UNK C 2634 5.43 74.75 80.04
CA UNK C 2634 4.32 74.95 79.12
C UNK C 2634 3.34 75.98 79.67
N UNK C 2635 3.82 76.78 80.61
CA UNK C 2635 2.99 77.83 81.21
C UNK C 2635 3.17 79.15 80.47
N UNK C 2636 4.21 79.21 79.63
CA UNK C 2636 4.45 80.38 78.81
C UNK C 2636 3.33 80.52 77.78
N UNK C 2637 2.22 81.10 78.23
CA UNK C 2637 1.01 81.16 77.41
C UNK C 2637 0.20 82.42 77.68
N UNK C 2638 0.19 82.85 78.94
CA UNK C 2638 -0.60 84.01 79.36
C UNK C 2638 -0.07 85.30 78.77
N UNK C 2639 -0.93 86.32 78.70
CA UNK C 2639 -0.57 87.61 78.14
C UNK C 2639 0.32 88.41 79.09
N UNK C 2640 0.25 89.73 79.00
CA UNK C 2640 1.14 90.60 79.75
C UNK C 2640 0.47 91.90 80.20
N UNK C 2641 1.26 92.78 80.82
CA UNK C 2641 0.76 94.07 81.29
C UNK C 2641 1.84 95.14 81.15
N UNK C 2642 2.69 95.01 80.15
CA UNK C 2642 3.69 96.04 79.84
C UNK C 2642 3.88 96.17 78.34
N UNK C 2643 4.14 97.40 77.90
CA UNK C 2643 4.07 97.83 76.49
C UNK C 2643 4.56 96.86 75.41
N UNK C 2644 3.61 96.30 74.65
CA UNK C 2644 3.86 95.53 73.42
C UNK C 2644 2.53 95.03 72.81
N UNK C 2645 2.57 94.59 71.56
CA UNK C 2645 1.33 94.34 70.80
C UNK C 2645 1.12 92.91 70.29
N UNK C 2646 0.06 92.26 70.77
CA UNK C 2646 -0.32 90.93 70.28
C UNK C 2646 -1.81 90.66 70.52
N UNK C 2647 -2.19 89.39 70.45
CA UNK C 2647 -3.59 88.99 70.57
C UNK C 2647 -3.98 88.68 72.02
N UNK C 2648 -5.20 88.21 72.20
CA UNK C 2648 -5.74 87.94 73.53
C UNK C 2648 -5.21 86.66 74.15
N UNK C 2649 -5.05 86.67 75.47
CA UNK C 2649 -4.57 85.51 76.21
C UNK C 2649 -5.02 85.57 77.67
N UNK C 2650 -4.29 86.33 78.46
CA UNK C 2650 -4.62 86.48 79.88
C UNK C 2650 -5.39 87.77 80.15
N UNK C 2651 -5.79 87.95 81.40
CA UNK C 2651 -6.53 89.13 81.81
C UNK C 2651 -6.42 89.36 83.31
N UNK C 2652 -5.20 89.31 83.83
CA UNK C 2652 -4.96 89.56 85.25
C UNK C 2652 -5.28 91.01 85.58
N UNK C 2653 -4.81 91.92 84.71
CA UNK C 2653 -5.11 93.35 84.78
C UNK C 2653 -4.55 94.05 86.01
N UNK C 2654 -4.39 95.36 85.89
CA UNK C 2654 -3.94 96.19 87.01
C UNK C 2654 -5.14 96.91 87.60
N UNK C 2655 -6.32 96.53 87.13
CA UNK C 2655 -7.57 97.12 87.60
C UNK C 2655 -7.93 96.60 88.99
N UNK C 2656 -7.35 95.46 89.35
CA UNK C 2656 -7.62 94.84 90.65
C UNK C 2656 -7.12 95.71 91.79
N UNK C 2657 -8.04 96.40 92.45
CA UNK C 2657 -7.70 97.27 93.59
C UNK C 2657 -7.89 96.53 94.90
N UNK C 2658 -7.01 96.79 95.86
CA UNK C 2658 -7.04 96.14 97.17
C UNK C 2658 -7.01 94.62 97.05
N UNK C 2659 -6.02 94.12 96.31
CA UNK C 2659 -5.90 92.68 96.09
C UNK C 2659 -4.98 92.04 97.12
N UNK C 2660 -4.74 92.76 98.22
CA UNK C 2660 -3.89 92.29 99.32
C UNK C 2660 -2.50 91.90 98.84
N UNK C 2661 -1.93 90.88 99.47
CA UNK C 2661 -0.58 90.41 99.12
C UNK C 2661 -0.59 88.92 98.81
N UNK C 2662 -0.64 88.11 99.86
CA UNK C 2662 -0.62 86.65 99.74
C UNK C 2662 0.59 86.16 98.97
N UNK C 2663 1.72 86.83 99.18
CA UNK C 2663 2.95 86.49 98.47
C UNK C 2663 4.18 86.88 99.30
N UNK C 2664 4.09 88.04 99.94
CA UNK C 2664 5.19 88.59 100.75
C UNK C 2664 6.47 88.70 99.93
N UNK C 2665 6.34 89.12 98.68
CA UNK C 2665 7.48 89.26 97.79
C UNK C 2665 7.56 90.66 97.20
N UNK C 2666 7.34 91.67 98.04
CA UNK C 2666 7.34 93.06 97.59
C UNK C 2666 8.74 93.48 97.13
N UNK C 2667 9.50 94.07 98.04
CA UNK C 2667 10.89 94.42 97.77
C UNK C 2667 11.74 94.10 99.00
N UNK C 2668 12.83 93.37 98.77
CA UNK C 2668 13.66 92.88 99.86
C UNK C 2668 14.48 93.99 100.51
N UNK C 2669 14.53 93.96 101.84
CA UNK C 2669 15.33 94.90 102.61
C UNK C 2669 15.98 94.19 103.78
N UNK C 2670 16.33 92.92 103.57
CA UNK C 2670 16.94 92.11 104.62
C UNK C 2670 17.90 91.08 104.06
N UNK C 2671 18.70 90.51 104.94
CA UNK C 2671 19.66 89.48 104.57
C UNK C 2671 20.11 88.70 105.80
N UNK C 2672 19.87 87.39 105.78
CA UNK C 2672 20.27 86.53 106.88
C UNK C 2672 21.76 86.22 106.78
N UNK C 2673 22.13 84.96 106.96
CA UNK C 2673 23.51 84.53 106.79
C UNK C 2673 23.90 84.61 105.32
N UNK C 2674 25.18 84.78 105.05
CA UNK C 2674 25.68 84.86 103.68
C UNK C 2674 25.42 83.55 102.94
N UNK C 2675 24.33 83.51 102.18
CA UNK C 2675 23.95 82.33 101.43
C UNK C 2675 24.91 82.08 100.26
N UNK C 2676 26.13 81.66 100.59
CA UNK C 2676 27.14 81.40 99.58
C UNK C 2676 26.97 80.01 98.97
N UNK C 2677 26.10 79.21 99.58
CA UNK C 2677 25.81 77.87 99.08
C UNK C 2677 25.04 77.96 97.78
N UNK C 2678 24.14 78.94 97.68
CA UNK C 2678 23.37 79.15 96.47
C UNK C 2678 24.07 80.16 95.57
N UNK C 2679 25.00 79.67 94.76
CA UNK C 2679 25.76 80.53 93.85
C UNK C 2679 25.91 79.89 92.48
N UNK C 2680 24.79 79.79 91.76
CA UNK C 2680 24.80 79.21 90.42
C UNK C 2680 23.93 80.04 89.48
N UNK C 2681 24.29 80.06 88.20
CA UNK C 2681 23.61 80.87 87.19
C UNK C 2681 22.10 80.60 87.14
N UNK C 2682 21.34 81.63 86.78
CA UNK C 2682 19.89 81.53 86.74
C UNK C 2682 19.34 81.82 85.36
N UNK C 2683 18.02 81.86 85.25
CA UNK C 2683 17.35 82.16 83.98
C UNK C 2683 17.15 83.67 83.84
N UNK C 2684 17.14 84.14 82.60
CA UNK C 2684 16.97 85.57 82.33
C UNK C 2684 15.66 85.82 81.59
N UNK C 2685 15.14 87.04 81.73
CA UNK C 2685 13.89 87.42 81.08
C UNK C 2685 13.80 88.93 80.95
N UNK C 2686 12.57 89.44 80.96
CA UNK C 2686 12.35 90.88 80.89
C UNK C 2686 11.91 91.41 82.26
N UNK C 2687 11.20 92.53 82.27
CA UNK C 2687 10.70 93.11 83.51
C UNK C 2687 9.55 94.08 83.24
N UNK C 2688 8.80 94.40 84.28
CA UNK C 2688 7.64 95.29 84.15
C UNK C 2688 8.08 96.74 84.02
N UNK C 2689 7.33 97.50 83.23
CA UNK C 2689 7.67 98.89 82.96
C UNK C 2689 6.88 99.84 83.85
N UNK C 2690 7.57 100.78 84.48
CA UNK C 2690 6.94 101.78 85.33
C UNK C 2690 7.29 103.19 84.88
N UNK C 2691 6.72 104.17 85.57
CA UNK C 2691 6.98 105.57 85.26
C UNK C 2691 6.63 106.46 86.46
N UNK C 2692 5.36 106.81 86.56
CA UNK C 2692 4.88 107.64 87.66
C UNK C 2692 3.38 107.51 87.84
N UNK C 2693 2.95 106.39 88.40
CA UNK C 2693 1.54 106.13 88.64
C UNK C 2693 1.27 105.89 90.12
N UNK C 2694 0.33 106.64 90.68
CA UNK C 2694 0.00 106.53 92.09
C UNK C 2694 -1.41 107.03 92.38
N UNK C 2695 -1.99 106.57 93.48
CA UNK C 2695 -3.34 106.98 93.86
C UNK C 2695 -3.56 106.87 95.37
N UNK C 2696 -4.81 106.97 95.80
CA UNK C 2696 -5.19 106.88 97.21
C UNK C 2696 -4.37 107.84 98.08
N UNK C 2697 -4.59 109.14 97.89
CA UNK C 2697 -3.87 110.15 98.63
C UNK C 2697 -4.78 110.93 99.57
N UNK C 2698 -6.05 110.52 99.62
CA UNK C 2698 -7.04 111.21 100.45
C UNK C 2698 -7.10 110.60 101.85
N UNK C 2699 -7.67 111.36 102.79
CA UNK C 2699 -7.83 110.89 104.16
C UNK C 2699 -9.14 110.13 104.32
N UNK C 2700 -10.23 110.74 103.86
CA UNK C 2700 -11.54 110.12 103.93
C UNK C 2700 -12.29 110.35 102.63
N UNK C 2701 -13.06 109.34 102.21
CA UNK C 2701 -13.81 109.41 100.97
C UNK C 2701 -14.98 110.38 101.08
N UNK C 2702 -15.93 110.06 101.95
CA UNK C 2702 -17.11 110.89 102.15
C UNK C 2702 -17.16 111.46 103.56
N UNK C 2703 -16.39 112.50 103.81
CA UNK C 2703 -16.34 113.15 105.12
C UNK C 2703 -15.87 114.59 105.00
N ASN C 2734 7.31 65.08 90.12
CA ASN C 2734 8.37 64.80 91.07
C ASN C 2734 9.72 65.26 90.51
N PHE C 2735 9.69 66.36 89.76
CA PHE C 2735 10.88 66.87 89.10
C PHE C 2735 11.82 67.51 90.12
N ASP C 2736 13.11 67.51 89.78
CA ASP C 2736 14.23 67.97 90.60
C ASP C 2736 14.42 69.48 90.48
N PRO C 2737 14.93 70.13 91.52
CA PRO C 2737 15.14 71.57 91.48
C PRO C 2737 16.49 71.94 90.87
N ARG C 2738 16.74 73.24 90.80
CA ARG C 2738 17.97 73.81 90.28
C ARG C 2738 18.48 74.89 91.22
N PRO C 2739 19.81 75.12 91.25
CA PRO C 2739 20.35 76.18 92.11
C PRO C 2739 20.42 77.54 91.43
N VAL C 2740 20.20 78.58 92.21
CA VAL C 2740 20.23 79.96 91.73
C VAL C 2740 21.21 80.76 92.59
N GLU C 2741 21.97 81.63 91.92
CA GLU C 2741 22.95 82.46 92.59
C GLU C 2741 22.26 83.49 93.48
N THR C 2742 22.90 83.83 94.60
CA THR C 2742 22.34 84.73 95.59
C THR C 2742 23.25 85.91 95.93
N LEU C 2743 24.56 85.70 96.00
CA LEU C 2743 25.48 86.70 96.54
C LEU C 2743 26.23 87.47 95.46
N ASN C 2744 25.62 87.71 94.31
CA ASN C 2744 26.24 88.62 93.33
C ASN C 2744 26.28 90.04 93.88
N VAL C 2745 25.19 90.49 94.48
CA VAL C 2745 25.09 91.82 95.07
C VAL C 2745 24.69 91.66 96.53
N ILE C 2746 25.44 92.29 97.42
CA ILE C 2746 25.07 92.33 98.84
C ILE C 2746 24.25 93.59 99.10
N ILE C 2747 23.14 93.42 99.81
CA ILE C 2747 22.15 94.47 99.97
C ILE C 2747 22.67 95.48 100.99
N PRO C 2748 22.82 96.75 100.64
CA PRO C 2748 23.15 97.77 101.64
C PRO C 2748 21.89 98.34 102.26
N GLU C 2749 22.08 99.34 103.13
CA GLU C 2749 20.95 100.05 103.72
C GLU C 2749 20.53 101.21 102.82
N LYS C 2750 20.10 100.88 101.61
CA LYS C 2750 19.67 101.87 100.64
C LYS C 2750 18.17 101.81 100.37
N LEU C 2751 17.54 100.64 100.49
CA LEU C 2751 16.10 100.52 100.29
C LEU C 2751 15.35 100.88 101.57
N ASP C 2752 15.25 102.19 101.82
CA ASP C 2752 14.51 102.67 102.99
C ASP C 2752 13.25 103.40 102.58
N SER C 2753 13.24 103.99 101.38
CA SER C 2753 12.03 104.64 100.89
C SER C 2753 10.88 103.66 100.72
N PHE C 2754 11.16 102.48 100.17
CA PHE C 2754 10.11 101.47 100.03
C PHE C 2754 9.65 100.93 101.38
N ILE C 2755 10.57 100.84 102.36
CA ILE C 2755 10.17 100.42 103.69
C ILE C 2755 9.23 101.44 104.33
N ASN C 2756 9.57 102.72 104.23
CA ASN C 2756 8.67 103.76 104.73
C ASN C 2756 7.41 103.88 103.90
N LYS C 2757 7.41 103.34 102.67
CA LYS C 2757 6.22 103.39 101.83
C LYS C 2757 5.04 102.65 102.45
N PHE C 2758 5.27 101.48 103.04
CA PHE C 2758 4.17 100.75 103.67
C PHE C 2758 3.54 101.56 104.80
N ALA C 2759 4.35 102.29 105.57
CA ALA C 2759 3.82 103.06 106.68
C ALA C 2759 3.12 104.34 106.20
N GLU C 2760 3.64 104.96 105.13
CA GLU C 2760 3.12 106.26 104.72
C GLU C 2760 2.04 106.14 103.66
N TYR C 2761 2.36 105.56 102.51
CA TYR C 2761 1.48 105.53 101.35
C TYR C 2761 0.50 104.38 101.34
N THR C 2762 0.83 103.26 101.98
CA THR C 2762 -0.02 102.08 101.97
C THR C 2762 -1.03 102.04 103.11
N HIS C 2763 -0.84 102.84 104.16
CA HIS C 2763 -1.69 102.75 105.33
C HIS C 2763 -3.14 103.09 105.02
N GLU C 2764 -3.38 103.92 104.00
CA GLU C 2764 -4.74 104.31 103.63
C GLU C 2764 -5.37 103.37 102.61
N LYS C 2765 -4.65 102.33 102.17
CA LYS C 2765 -5.20 101.44 101.15
C LYS C 2765 -6.30 100.56 101.71
N TRP C 2766 -6.11 100.01 102.90
CA TRP C 2766 -7.07 99.08 103.50
C TRP C 2766 -8.18 99.78 104.28
N ALA C 2767 -8.06 101.08 104.52
CA ALA C 2767 -9.04 101.80 105.31
C ALA C 2767 -10.22 102.32 104.49
N PHE C 2768 -10.19 102.18 103.18
CA PHE C 2768 -11.25 102.68 102.31
C PHE C 2768 -12.16 101.58 101.80
N ASP C 2769 -11.92 100.32 102.15
CA ASP C 2769 -12.69 99.22 101.60
C ASP C 2769 -14.16 99.28 102.04
N LYS C 2770 -14.41 99.67 103.29
CA LYS C 2770 -15.79 99.67 103.79
C LYS C 2770 -16.62 100.78 103.15
N ILE C 2771 -15.97 101.86 102.69
CA ILE C 2771 -16.72 103.00 102.17
C ILE C 2771 -17.47 102.67 100.89
N GLN C 2772 -16.85 101.94 99.96
CA GLN C 2772 -17.52 101.61 98.71
C GLN C 2772 -18.73 100.71 98.94
N ASN C 2773 -18.65 99.77 99.87
CA ASN C 2773 -19.79 98.93 100.22
C ASN C 2773 -20.76 99.62 101.17
N ASN C 2774 -20.40 100.81 101.67
CA ASN C 2774 -21.28 101.62 102.51
C ASN C 2774 -21.65 100.88 103.80
N TRP C 2775 -20.62 100.45 104.53
CA TRP C 2775 -20.79 99.81 105.83
C TRP C 2775 -20.20 100.71 106.92
N SER C 2776 -20.95 100.86 108.00
CA SER C 2776 -20.58 101.78 109.07
C SER C 2776 -19.31 101.32 109.77
N TYR C 2777 -18.65 102.28 110.42
CA TYR C 2777 -17.42 101.97 111.17
C TYR C 2777 -17.71 101.01 112.30
N GLY C 2778 -16.83 100.03 112.47
CA GLY C 2778 -16.98 99.06 113.54
C GLY C 2778 -16.06 99.33 114.71
N GLU C 2779 -16.62 99.90 115.78
CA GLU C 2779 -15.82 100.13 116.99
C GLU C 2779 -15.45 98.82 117.67
N ASN C 2780 -16.37 97.86 117.71
CA ASN C 2780 -16.10 96.58 118.34
C ASN C 2780 -15.12 95.77 117.48
N VAL C 2781 -14.30 94.97 118.15
CA VAL C 2781 -13.30 94.14 117.50
C VAL C 2781 -13.93 92.77 117.24
N ASP C 2782 -14.51 92.62 116.05
CA ASP C 2782 -15.11 91.36 115.61
C ASP C 2782 -14.62 91.10 114.18
N GLU C 2783 -13.48 90.42 114.07
CA GLU C 2783 -12.89 90.18 112.76
C GLU C 2783 -13.78 89.27 111.91
N GLU C 2784 -14.34 88.22 112.52
CA GLU C 2784 -15.10 87.23 111.76
C GLU C 2784 -16.50 87.68 111.42
N LEU C 2785 -17.04 88.69 112.11
CA LEU C 2785 -18.41 89.14 111.88
C LEU C 2785 -18.47 90.25 110.84
N LYS C 2786 -17.84 90.01 109.69
CA LYS C 2786 -17.90 90.88 108.51
C LYS C 2786 -17.43 92.30 108.82
N THR C 2787 -16.53 92.45 109.79
CA THR C 2787 -15.93 93.74 110.11
C THR C 2787 -14.41 93.60 110.08
N HIS C 2788 -13.74 94.62 109.56
CA HIS C 2788 -12.30 94.55 109.40
C HIS C 2788 -11.60 94.56 110.77
N PRO C 2789 -10.52 93.79 110.90
CA PRO C 2789 -9.82 93.71 112.18
C PRO C 2789 -8.81 94.83 112.39
N MET C 2790 -8.94 95.94 111.65
CA MET C 2790 -7.92 96.99 111.66
C MET C 2790 -7.66 97.52 113.05
N LEU C 2791 -8.62 97.44 113.96
CA LEU C 2791 -8.40 97.86 115.34
C LEU C 2791 -7.67 96.74 116.09
N ARG C 2792 -6.40 96.96 116.40
CA ARG C 2792 -5.53 95.96 117.00
C ARG C 2792 -4.78 96.55 118.18
N PRO C 2793 -4.24 95.73 119.08
CA PRO C 2793 -3.38 96.26 120.14
C PRO C 2793 -2.19 96.99 119.55
N TYR C 2794 -1.78 98.07 120.23
CA TYR C 2794 -0.78 98.98 119.70
C TYR C 2794 0.63 98.39 119.67
N LYS C 2795 0.84 97.22 120.28
CA LYS C 2795 2.14 96.58 120.31
C LYS C 2795 2.35 95.61 119.15
N THR C 2796 1.67 95.83 118.02
CA THR C 2796 1.79 94.96 116.85
C THR C 2796 2.88 95.46 115.90
N PHE C 2797 4.04 95.73 116.48
CA PHE C 2797 5.19 96.24 115.75
C PHE C 2797 6.35 95.24 115.86
N SER C 2798 6.99 94.97 114.73
CA SER C 2798 8.11 94.03 114.69
C SER C 2798 9.19 94.58 113.76
N GLU C 2799 10.45 94.45 114.19
CA GLU C 2799 11.59 94.86 113.38
C GLU C 2799 12.44 93.70 112.90
N LYS C 2800 12.56 92.63 113.68
CA LYS C 2800 13.30 91.46 113.23
C LYS C 2800 12.67 90.82 112.00
N ASP C 2801 11.36 90.98 111.81
CA ASP C 2801 10.71 90.45 110.62
C ASP C 2801 11.25 91.13 109.36
N LYS C 2802 11.42 92.45 109.42
CA LYS C 2802 11.99 93.17 108.29
C LYS C 2802 13.50 93.12 108.24
N GLU C 2803 14.16 92.74 109.33
CA GLU C 2803 15.62 92.68 109.35
C GLU C 2803 16.19 91.35 108.87
N ILE C 2804 15.47 90.24 109.08
CA ILE C 2804 15.97 88.94 108.67
C ILE C 2804 14.95 88.14 107.85
N TYR C 2805 13.66 88.45 107.91
CA TYR C 2805 12.65 87.73 107.15
C TYR C 2805 12.12 88.52 105.96
N ARG C 2806 12.89 89.49 105.46
CA ARG C 2806 12.47 90.39 104.39
C ARG C 2806 13.39 90.26 103.18
N TRP C 2807 13.64 89.02 102.75
CA TRP C 2807 14.50 88.78 101.60
C TRP C 2807 13.80 87.89 100.57
N PRO C 2808 12.69 88.34 99.98
CA PRO C 2808 12.01 87.50 98.99
C PRO C 2808 12.54 87.65 97.57
N ILE C 2809 13.13 88.79 97.22
CA ILE C 2809 13.62 89.04 95.87
C ILE C 2809 15.08 89.47 95.85
N LYS C 2810 15.72 89.64 97.01
CA LYS C 2810 17.14 89.96 97.04
C LYS C 2810 17.98 88.82 96.48
N GLU C 2811 17.44 87.59 96.47
CA GLU C 2811 18.21 86.43 96.07
C GLU C 2811 18.62 86.54 94.60
N SER C 2812 17.71 87.02 93.74
CA SER C 2812 18.01 87.19 92.33
C SER C 2812 17.03 88.20 91.74
N LEU C 2813 17.53 89.39 91.39
CA LEU C 2813 16.76 90.38 90.65
C LEU C 2813 17.40 90.78 89.33
N LYS C 2814 18.53 90.19 88.97
CA LYS C 2814 19.32 90.64 87.82
C LYS C 2814 18.75 90.03 86.55
N ALA C 2815 17.68 90.66 86.04
CA ALA C 2815 17.06 90.26 84.79
C ALA C 2815 16.74 91.44 83.88
N LEU C 2867 -3.92 96.02 80.29
CA LEU C 2867 -5.19 96.68 80.03
C LEU C 2867 -5.66 96.43 78.60
N SER C 2868 -5.43 97.41 77.73
CA SER C 2868 -5.81 97.28 76.33
C SER C 2868 -5.40 95.92 75.78
N ARG C 2869 -5.70 95.69 74.51
CA ARG C 2869 -5.35 94.41 73.89
C ARG C 2869 -3.96 94.44 73.28
N GLU C 2870 -3.70 95.39 72.39
CA GLU C 2870 -2.44 95.47 71.66
C GLU C 2870 -1.47 96.47 72.26
N LEU C 2871 -1.68 96.91 73.51
CA LEU C 2871 -0.80 97.92 74.07
C LEU C 2871 0.33 97.30 74.88
N GLN C 2872 0.05 96.21 75.61
CA GLN C 2872 0.98 95.70 76.62
C GLN C 2872 1.14 94.19 76.58
N ALA C 2873 1.45 93.61 75.41
CA ALA C 2873 1.27 92.17 75.24
C ALA C 2873 2.53 91.33 75.45
N MET C 2874 3.73 91.84 75.17
CA MET C 2874 4.92 91.02 75.29
C MET C 2874 5.94 91.47 76.33
N ALA C 2875 5.93 92.75 76.72
CA ALA C 2875 6.95 93.24 77.63
C ALA C 2875 6.89 92.58 79.01
N GLU C 2876 5.79 91.91 79.34
CA GLU C 2876 5.77 90.97 80.46
C GLU C 2876 5.57 89.54 80.03
N GLN C 2877 5.15 89.28 78.79
CA GLN C 2877 5.11 87.90 78.31
C GLN C 2877 6.51 87.30 78.27
N LEU C 2878 7.49 88.07 77.82
CA LEU C 2878 8.89 87.63 77.86
C LEU C 2878 9.45 87.59 79.27
N ALA C 2879 8.91 88.38 80.19
CA ALA C 2879 9.31 88.33 81.59
C ALA C 2879 8.61 87.23 82.36
N GLU C 2880 7.58 86.62 81.78
CA GLU C 2880 6.81 85.57 82.44
C GLU C 2880 7.68 84.43 82.93
N ASN C 2881 8.69 84.03 82.17
CA ASN C 2881 9.60 82.98 82.62
C ASN C 2881 10.16 83.29 84.00
N TYR C 2882 10.60 84.53 84.21
CA TYR C 2882 11.19 84.92 85.50
C TYR C 2882 10.21 84.72 86.64
N HIS C 2883 9.13 85.48 86.68
CA HIS C 2883 8.23 85.40 87.82
C HIS C 2883 7.46 84.09 87.86
N ASN C 2884 7.34 83.36 86.76
CA ASN C 2884 6.79 82.01 86.84
C ASN C 2884 7.72 81.03 87.51
N THR C 2885 9.01 81.00 87.16
CA THR C 2885 9.93 80.12 87.84
C THR C 2885 10.22 80.57 89.27
N TRP C 2886 9.91 81.81 89.62
CA TRP C 2886 10.00 82.24 91.02
C TRP C 2886 8.68 82.11 91.78
N GLY C 2887 7.58 81.91 91.08
CA GLY C 2887 6.33 81.54 91.74
C GLY C 2887 6.31 80.05 92.01
N ARG C 2888 6.96 79.28 91.14
CA ARG C 2888 7.22 77.88 91.43
C ARG C 2888 8.31 77.71 92.49
N LYS C 2889 9.09 78.76 92.74
CA LYS C 2889 10.17 78.69 93.71
C LYS C 2889 9.67 78.45 95.13
N LYS C 2890 8.53 79.04 95.47
CA LYS C 2890 8.08 79.14 96.86
C LYS C 2890 7.49 77.84 97.44
N LYS C 2891 7.64 76.65 96.84
CA LYS C 2891 6.97 75.47 97.37
C LYS C 2891 7.92 74.34 97.77
N GLN C 2892 9.16 74.33 97.27
CA GLN C 2892 10.03 73.18 97.48
C GLN C 2892 10.29 72.92 98.96
N GLU C 2893 10.03 73.89 99.84
CA GLU C 2893 10.18 73.65 101.27
C GLU C 2893 9.05 72.80 101.82
N LEU C 2894 7.85 72.86 101.24
CA LEU C 2894 6.74 72.09 101.78
C LEU C 2894 6.32 70.91 100.90
N GLU C 2895 6.86 70.76 99.69
CA GLU C 2895 6.86 69.45 99.03
C GLU C 2895 8.05 68.63 99.50
N ALA C 2896 7.76 67.55 100.22
CA ALA C 2896 8.73 66.52 100.54
C ALA C 2896 8.24 65.11 100.25
N LYS C 2897 6.96 64.94 99.91
CA LYS C 2897 6.38 63.64 99.61
C LYS C 2897 5.94 63.51 98.16
N GLY C 2898 5.18 64.49 97.65
CA GLY C 2898 4.88 64.57 96.25
C GLY C 2898 3.46 64.17 95.80
N GLY C 2899 2.43 64.52 96.55
CA GLY C 2899 1.07 64.18 96.16
C GLY C 2899 0.23 65.42 95.93
N GLY C 2900 -0.62 65.34 94.90
CA GLY C 2900 -1.36 66.51 94.46
C GLY C 2900 -2.28 67.05 95.53
N THR C 2901 -1.90 68.17 96.15
CA THR C 2901 -2.74 68.81 97.15
C THR C 2901 -2.84 70.32 97.03
N HIS C 2902 -1.88 71.02 96.42
CA HIS C 2902 -1.92 72.47 96.41
C HIS C 2902 -2.22 73.01 95.02
N PRO C 2903 -3.09 74.02 94.92
CA PRO C 2903 -3.62 74.51 93.63
C PRO C 2903 -2.81 75.59 92.89
N LEU C 2904 -1.77 75.15 92.18
CA LEU C 2904 -1.10 76.03 91.23
C LEU C 2904 -0.73 75.34 89.92
N LEU C 2905 -1.27 74.15 89.66
CA LEU C 2905 -1.04 73.45 88.41
C LEU C 2905 -2.36 73.36 87.66
N VAL C 2906 -2.37 73.81 86.41
CA VAL C 2906 -3.62 73.88 85.64
C VAL C 2906 -3.41 73.22 84.29
N PRO C 2907 -4.47 72.63 83.69
CA PRO C 2907 -4.32 72.03 82.35
C PRO C 2907 -4.02 73.08 81.29
N TYR C 2908 -2.86 72.97 80.64
CA TYR C 2908 -2.45 73.96 79.65
C TYR C 2908 -3.09 73.74 78.29
N ASP C 2909 -3.71 72.58 78.06
CA ASP C 2909 -4.37 72.34 76.77
C ASP C 2909 -5.66 73.16 76.66
N THR C 2910 -6.60 72.90 77.55
CA THR C 2910 -7.84 73.67 77.63
C THR C 2910 -8.08 74.00 79.10
N LEU C 2911 -8.30 75.28 79.40
CA LEU C 2911 -8.29 75.73 80.79
C LEU C 2911 -9.58 76.47 81.12
N THR C 2912 -10.02 76.30 82.36
CA THR C 2912 -11.13 77.08 82.88
C THR C 2912 -10.65 78.47 83.28
N ALA C 2913 -11.52 79.22 83.95
CA ALA C 2913 -11.20 80.55 84.45
C ALA C 2913 -10.51 80.42 85.81
N LYS C 2914 -9.29 79.87 85.76
CA LYS C 2914 -8.53 79.62 86.97
C LYS C 2914 -7.96 80.92 87.55
N GLU C 2915 -7.80 80.93 88.87
CA GLU C 2915 -7.42 82.16 89.56
C GLU C 2915 -5.95 82.49 89.38
N LYS C 2916 -5.07 81.48 89.35
CA LYS C 2916 -3.62 81.64 89.32
C LYS C 2916 -3.13 82.74 90.26
N ALA C 2917 -3.73 82.86 91.44
CA ALA C 2917 -3.57 84.03 92.31
C ALA C 2917 -2.45 83.84 93.32
N ARG C 2918 -1.37 83.16 92.96
CA ARG C 2918 -0.29 82.88 93.91
C ARG C 2918 0.44 84.16 94.31
N ASP C 2919 1.10 84.82 93.35
CA ASP C 2919 2.05 85.88 93.69
C ASP C 2919 2.04 87.10 92.78
N ARG C 2920 1.07 87.25 91.87
CA ARG C 2920 1.11 88.35 90.92
C ARG C 2920 0.04 89.41 91.12
N GLU C 2921 -1.04 89.14 91.86
CA GLU C 2921 -2.01 90.17 92.18
C GLU C 2921 -1.42 91.26 93.07
N LYS C 2922 -0.40 90.92 93.87
CA LYS C 2922 0.35 91.95 94.58
C LYS C 2922 1.25 92.73 93.63
N ALA C 2923 1.94 92.04 92.73
CA ALA C 2923 2.93 92.70 91.88
C ALA C 2923 2.29 93.65 90.88
N GLN C 2924 1.08 93.34 90.41
CA GLN C 2924 0.43 94.26 89.48
C GLN C 2924 0.13 95.61 90.13
N GLU C 2925 -0.17 95.62 91.43
CA GLU C 2925 -0.26 96.88 92.16
C GLU C 2925 1.11 97.44 92.49
N LEU C 2926 2.07 96.57 92.78
CA LEU C 2926 3.41 97.01 93.20
C LEU C 2926 4.14 97.74 92.08
N LEU C 2927 3.85 97.40 90.83
CA LEU C 2927 4.58 98.01 89.71
C LEU C 2927 4.39 99.52 89.65
N LYS C 2928 3.17 100.00 89.91
CA LYS C 2928 2.89 101.42 89.75
C LYS C 2928 3.69 102.26 90.73
N PHE C 2929 3.88 101.79 91.96
CA PHE C 2929 4.38 102.60 93.05
C PHE C 2929 5.91 102.66 93.10
N LEU C 2930 6.58 102.38 91.98
CA LEU C 2930 8.05 102.40 91.95
C LEU C 2930 8.54 103.74 91.39
N GLN C 2931 8.61 104.73 92.29
CA GLN C 2931 9.13 106.04 91.95
C GLN C 2931 10.29 106.47 92.83
N MET C 2932 10.47 105.85 93.98
CA MET C 2932 11.44 106.29 94.98
C MET C 2932 12.76 105.54 94.80
N ASN C 2933 13.67 105.73 95.76
CA ASN C 2933 14.96 105.07 95.84
C ASN C 2933 15.93 105.58 94.77
N GLY C 2934 15.45 106.45 93.88
CA GLY C 2934 16.27 107.03 92.84
C GLY C 2934 16.48 106.15 91.63
N TYR C 2935 16.07 104.88 91.70
CA TYR C 2935 16.21 103.94 90.59
C TYR C 2935 14.92 103.15 90.45
N ALA C 2936 14.41 103.06 89.22
CA ALA C 2936 13.17 102.34 88.94
C ALA C 2936 13.37 101.46 87.72
N VAL C 2937 12.55 100.42 87.63
CA VAL C 2937 12.62 99.46 86.53
C VAL C 2937 11.84 100.06 85.35
N THR C 2938 12.54 100.71 84.43
CA THR C 2938 11.95 101.25 83.22
C THR C 2938 12.44 100.39 82.05
N ARG C 2939 11.51 99.80 81.32
CA ARG C 2939 11.85 98.90 80.22
C ARG C 2939 12.49 99.65 79.06
N UNK C 3088 -4.67 112.60 104.22
CA UNK C 3088 -4.59 113.93 104.81
C UNK C 3088 -3.37 114.68 104.28
N UNK C 3089 -3.49 115.18 103.05
CA UNK C 3089 -2.41 115.90 102.37
C UNK C 3089 -1.14 115.05 102.33
N UNK C 3090 -1.31 113.77 102.03
CA UNK C 3090 -0.18 112.84 102.00
C UNK C 3090 -0.19 112.02 100.71
N UNK C 3091 0.86 112.18 99.91
CA UNK C 3091 0.97 111.45 98.65
C UNK C 3091 2.44 111.15 98.33
N UNK C 3092 2.69 110.68 97.11
CA UNK C 3092 4.04 110.33 96.68
C UNK C 3092 4.36 110.94 95.33
N UNK C 3093 3.32 111.32 94.60
CA UNK C 3093 3.48 111.90 93.26
C UNK C 3093 3.88 113.36 93.34
N UNK C 3094 3.09 114.21 92.68
CA UNK C 3094 3.34 115.65 92.67
C UNK C 3094 2.45 116.38 93.66
N UNK C 3095 1.61 115.60 94.36
CA UNK C 3095 0.71 116.17 95.36
C UNK C 3095 1.45 116.41 96.68
N UNK C 3096 2.47 115.59 96.94
CA UNK C 3096 3.27 115.73 98.15
C UNK C 3096 4.74 115.43 97.86
N UNK C 3097 5.61 115.75 98.81
CA UNK C 3097 7.04 115.53 98.65
C UNK C 3097 7.44 114.14 99.10
N UNK C 3098 7.40 113.18 98.18
CA UNK C 3098 7.79 111.81 98.47
C UNK C 3098 8.18 111.08 97.19
N UNK C 3099 8.86 111.81 96.31
CA UNK C 3099 9.31 111.24 95.04
C UNK C 3099 10.51 110.33 95.24
N UNK C 3100 11.21 110.52 96.35
CA UNK C 3100 12.37 109.69 96.67
C UNK C 3100 12.66 109.74 98.17
N UNK C 3101 13.74 110.42 98.53
CA UNK C 3101 14.12 110.56 99.93
C UNK C 3101 15.05 111.76 100.11
N UNK C 3102 15.01 112.36 101.30
CA UNK C 3102 15.82 113.53 101.60
C UNK C 3102 17.31 113.17 101.64
N UNK C 3103 17.61 111.95 102.06
CA UNK C 3103 18.98 111.47 102.15
C UNK C 3103 19.16 110.16 101.40
N UNK C 3104 18.88 110.20 100.10
CA UNK C 3104 19.00 109.01 99.25
C UNK C 3104 20.31 109.05 98.46
N UNK C 3105 20.24 108.54 97.23
CA UNK C 3105 21.39 108.52 96.32
C UNK C 3105 22.58 107.77 96.91
N UNK C 3106 23.33 108.43 97.79
CA UNK C 3106 24.52 107.82 98.37
C UNK C 3106 24.55 107.97 99.89
N UNK C 3107 23.68 108.83 100.42
CA UNK C 3107 23.65 109.09 101.86
C UNK C 3107 23.14 107.88 102.64
N UNK C 3108 22.09 107.26 102.15
CA UNK C 3108 21.50 106.10 102.81
C UNK C 3108 22.44 104.89 102.71
N UNK C 3109 23.01 104.68 101.53
CA UNK C 3109 23.89 103.55 101.28
C UNK C 3109 25.18 103.62 102.10
N UNK C 3110 25.47 104.80 102.65
CA UNK C 3110 26.67 105.00 103.45
C UNK C 3110 26.55 104.33 104.81
N UNK C 3111 25.35 103.89 105.16
CA UNK C 3111 25.10 103.24 106.44
C UNK C 3111 25.58 101.80 106.42
N UNK C 3112 25.82 101.27 105.22
CA UNK C 3112 26.32 99.91 105.07
C UNK C 3112 27.65 99.90 104.33
N UNK C 3113 28.02 101.06 103.79
CA UNK C 3113 29.28 101.20 103.07
C UNK C 3113 30.36 101.80 103.97
N UNK C 3114 30.14 103.03 104.42
CA UNK C 3114 31.10 103.71 105.27
C UNK C 3114 31.22 103.03 106.63
N UNK C 3115 30.13 102.43 107.09
CA UNK C 3115 30.12 101.73 108.37
C UNK C 3115 30.96 100.46 108.29
N UNK C 3116 30.82 99.72 107.20
CA UNK C 3116 31.56 98.48 107.00
C UNK C 3116 32.99 98.77 106.58
N UNK C 3117 33.23 99.98 106.10
CA UNK C 3117 34.56 100.39 105.67
C UNK C 3117 35.47 100.65 106.86
N UNK C 3118 34.92 101.27 107.90
CA UNK C 3118 35.69 101.69 109.08
C UNK C 3118 36.49 100.55 109.72
N UNK C 3119 36.07 99.32 109.46
CA UNK C 3119 36.77 98.15 109.98
C UNK C 3119 37.42 97.36 108.85
N UNK C 3120 37.39 97.91 107.65
CA UNK C 3120 37.93 97.20 106.49
C UNK C 3120 38.46 98.15 105.40
N UNK C 3121 38.67 99.42 105.75
CA UNK C 3121 39.22 100.38 104.80
C UNK C 3121 40.75 100.38 104.88
N UNK C 3122 41.28 99.89 105.98
CA UNK C 3122 42.73 99.85 106.18
C UNK C 3122 43.12 98.65 107.05
N UNK C 3123 33.36 91.65 114.87
CA UNK C 3123 33.25 92.28 113.55
C UNK C 3123 32.20 91.57 112.70
N UNK C 3124 31.66 92.28 111.72
CA UNK C 3124 30.65 91.71 110.83
C UNK C 3124 31.20 91.56 109.41
N UNK C 3125 31.19 90.34 108.91
CA UNK C 3125 31.70 90.06 107.57
C UNK C 3125 30.66 89.30 106.74
N UNK C 3126 29.57 88.91 107.39
CA UNK C 3126 28.51 88.17 106.70
C UNK C 3126 27.56 89.14 105.99
N UNK C 3127 27.06 90.13 106.73
CA UNK C 3127 26.15 91.12 106.17
C UNK C 3127 26.92 92.38 105.75
N UNK C 3128 28.22 92.23 105.54
CA UNK C 3128 29.06 93.34 105.13
C UNK C 3128 28.80 93.73 103.69
N UNK C 3129 28.70 95.04 103.44
CA UNK C 3129 28.42 95.54 102.10
C UNK C 3129 29.67 96.16 101.47
N UNK C 3130 30.18 95.51 100.43
CA UNK C 3130 31.36 95.99 99.72
C UNK C 3130 31.33 95.53 98.27
N UNK C 3131 31.01 94.25 98.07
CA UNK C 3131 30.89 93.68 96.74
C UNK C 3131 29.46 93.82 96.23
N UNK C 3132 29.10 95.04 95.81
CA UNK C 3132 27.75 95.31 95.35
C UNK C 3132 27.75 96.42 94.30
N UNK C 3133 27.14 96.15 93.15
CA UNK C 3133 27.04 97.13 92.08
C UNK C 3133 25.91 96.76 91.13
N UNK C 3134 25.18 95.71 91.47
CA UNK C 3134 24.07 95.23 90.63
C UNK C 3134 22.76 95.90 91.01
N UNK C 3135 22.85 96.99 91.77
CA UNK C 3135 21.68 97.75 92.17
C UNK C 3135 21.07 98.45 90.96
N UNK C 3136 21.94 98.89 90.05
CA UNK C 3136 21.49 99.56 88.83
C UNK C 3136 21.81 98.69 87.62
N UNK C 3137 20.87 98.63 86.68
CA UNK C 3137 21.06 97.85 85.46
C UNK C 3137 22.03 98.57 84.52
N UNK C 3138 21.48 99.44 83.68
CA UNK C 3138 22.29 100.20 82.73
C UNK C 3138 22.34 101.67 83.12
N UNK C 3139 21.21 102.36 82.99
CA UNK C 3139 21.08 103.79 83.29
C UNK C 3139 21.95 104.65 82.37
N UNK C 3140 21.72 105.96 82.39
CA UNK C 3140 22.45 106.87 81.52
C UNK C 3140 22.46 108.29 82.07
N UNK C 3141 22.72 109.25 81.19
CA UNK C 3141 22.81 110.65 81.57
C UNK C 3141 21.49 111.38 81.38
N UNK C 3142 20.39 110.67 81.64
CA UNK C 3142 19.04 111.22 81.50
C UNK C 3142 18.78 111.74 80.09
N UNK C 3143 17.73 112.53 79.94
CA UNK C 3143 17.36 113.09 78.63
C UNK C 3143 16.50 114.33 78.81
N UNK C 3144 17.03 115.48 78.39
CA UNK C 3144 16.32 116.74 78.52
C UNK C 3144 16.06 117.36 77.15
N UNK C 3145 16.10 116.53 76.11
CA UNK C 3145 15.88 116.99 74.75
C UNK C 3145 14.69 116.30 74.11
N UNK C 3146 13.50 116.65 74.57
CA UNK C 3146 12.27 116.08 74.01
C UNK C 3146 11.10 117.02 74.27
N UNK C 3147 10.87 117.94 73.33
CA UNK C 3147 9.82 118.95 73.43
C UNK C 3147 9.96 119.75 74.72
N UNK C 3148 8.87 119.84 75.49
CA UNK C 3148 8.88 120.54 76.76
C UNK C 3148 8.94 119.55 77.91
N UNK C 3149 8.75 118.27 77.59
CA UNK C 3149 8.73 117.22 78.59
C UNK C 3149 10.14 116.70 78.89
N UNK C 3150 10.20 115.44 79.30
CA UNK C 3150 11.46 114.73 79.59
C UNK C 3150 12.27 115.36 80.73
N UNK C 3151 11.74 116.42 81.34
CA UNK C 3151 12.41 117.09 82.43
C UNK C 3151 11.80 116.70 83.78
N UNK C 3152 12.54 115.92 84.56
CA UNK C 3152 12.06 115.49 85.86
C UNK C 3152 12.72 116.30 86.98
N UNK C 3153 12.04 117.36 87.41
CA UNK C 3153 12.55 118.21 88.48
C UNK C 3153 12.02 117.75 89.83
N UNK C 3154 10.83 117.17 89.82
CA UNK C 3154 10.20 116.69 91.05
C UNK C 3154 10.70 115.30 91.41
N UNK C 3155 10.75 114.42 90.40
CA UNK C 3155 11.19 113.05 90.61
C UNK C 3155 12.69 112.98 90.86
N UNK C 3156 13.47 113.47 89.90
CA UNK C 3156 14.92 113.44 90.00
C UNK C 3156 15.45 114.64 90.77
N UNK C 3157 15.16 114.69 92.07
CA UNK C 3157 15.64 115.77 92.92
C UNK C 3157 17.15 115.67 93.10
N UNK C 3158 17.65 114.44 93.14
CA UNK C 3158 19.08 114.19 93.30
C UNK C 3158 19.44 112.82 92.73
N UNK C 3159 18.99 112.57 91.51
CA UNK C 3159 19.25 111.28 90.86
C UNK C 3159 20.73 111.11 90.56
N UNK C 3160 21.37 112.19 90.13
CA UNK C 3160 22.80 112.16 89.82
C UNK C 3160 23.52 113.31 90.49
N UNK C 3161 22.78 114.11 91.26
CA UNK C 3161 23.35 115.24 91.98
C UNK C 3161 24.28 114.76 93.08
N UNK C 3162 23.87 113.70 93.76
CA UNK C 3162 24.68 113.13 94.84
C UNK C 3162 25.26 111.78 94.41
N UNK C 3163 26.48 111.80 93.90
CA UNK C 3163 27.14 110.59 93.45
C UNK C 3163 27.68 109.79 94.63
N UNK C 3164 28.12 108.56 94.36
CA UNK C 3164 28.68 107.71 95.40
C UNK C 3164 30.19 107.83 95.45
N UNK C 3165 30.69 109.05 95.29
CA UNK C 3165 32.13 109.32 95.28
C UNK C 3165 32.71 109.27 96.69
N UNK C 3166 31.84 109.13 97.69
CA UNK C 3166 32.28 109.06 99.07
C UNK C 3166 32.95 107.71 99.36
N UNK C 3167 32.67 106.73 98.51
CA UNK C 3167 33.26 105.40 98.67
C UNK C 3167 33.88 104.92 97.36
N UNK C 3168 33.85 105.79 96.35
CA UNK C 3168 34.41 105.46 95.05
C UNK C 3168 35.65 106.30 94.74
N UNK C 3169 35.48 107.62 94.79
CA UNK C 3169 36.58 108.53 94.51
C UNK C 3169 37.64 108.45 95.61
N UNK C 3170 37.21 108.20 96.83
CA UNK C 3170 38.12 108.09 97.97
C UNK C 3170 38.85 106.75 97.93
N UNK C 3171 38.08 105.67 97.89
CA UNK C 3171 38.65 104.33 97.83
C UNK C 3171 39.36 104.08 96.50
N UNK C 3172 40.68 104.05 96.54
CA UNK C 3172 41.48 103.85 95.34
C UNK C 3172 41.25 102.45 94.74
N UNK C 3173 41.38 101.43 95.58
CA UNK C 3173 41.19 100.06 95.15
C UNK C 3173 40.73 99.18 96.31
N UNK C 3174 39.70 99.63 97.01
CA UNK C 3174 39.16 98.89 98.14
C UNK C 3174 37.75 98.38 97.85
N UNK C 3175 37.53 97.97 96.61
CA UNK C 3175 36.21 97.48 96.19
C UNK C 3175 36.35 96.32 95.20
N UNK C 3176 35.23 95.91 94.63
CA UNK C 3176 35.22 94.81 93.66
C UNK C 3176 35.88 95.26 92.36
N UNK C 3177 36.86 94.47 91.91
CA UNK C 3177 37.62 94.80 90.71
C UNK C 3177 36.98 94.19 89.47
N UNK C 3178 35.74 93.74 89.59
CA UNK C 3178 35.02 93.16 88.47
C UNK C 3178 34.69 94.23 87.43
N UNK C 3179 34.25 95.38 87.91
CA UNK C 3179 33.93 96.50 87.04
C UNK C 3179 33.89 97.81 87.84
N UNK C 3180 33.48 98.88 87.18
CA UNK C 3180 33.37 100.18 87.84
C UNK C 3180 32.26 100.15 88.88
N UNK C 3181 32.55 100.68 90.07
CA UNK C 3181 31.57 100.72 91.14
C UNK C 3181 30.49 101.75 90.86
N UNK C 3182 30.79 102.68 89.96
CA UNK C 3182 29.84 103.72 89.58
C UNK C 3182 28.96 103.24 88.43
N UNK C 3183 29.07 101.96 88.10
CA UNK C 3183 28.32 101.34 87.01
C UNK C 3183 28.56 102.09 85.70
N UNK C 3184 27.48 102.62 85.12
CA UNK C 3184 27.59 103.38 83.88
C UNK C 3184 27.82 104.85 84.19
N UNK C 3185 28.28 105.60 83.20
CA UNK C 3185 28.56 107.02 83.37
C UNK C 3185 27.27 107.83 83.38
N UNK C 3186 27.32 108.97 84.07
CA UNK C 3186 26.18 109.87 84.14
C UNK C 3186 26.62 111.29 83.78
N UNK C 3187 26.31 112.24 84.65
CA UNK C 3187 26.68 113.65 84.46
C UNK C 3187 26.15 114.19 83.13
N UNK C 3188 26.70 115.32 82.71
CA UNK C 3188 26.32 115.97 81.45
C UNK C 3188 24.81 116.20 81.36
N UNK C 3189 24.35 117.33 81.88
CA UNK C 3189 22.92 117.66 81.91
C UNK C 3189 22.34 117.78 80.51
N UNK C 3190 22.32 119.01 79.99
CA UNK C 3190 21.84 119.25 78.64
C UNK C 3190 22.98 119.09 77.64
N UNK C 3191 23.50 117.86 77.55
CA UNK C 3191 24.66 117.59 76.70
C UNK C 3191 24.70 116.13 76.29
N UNK C 3192 22.12 122.06 81.40
CA UNK C 3192 21.16 122.59 82.38
C UNK C 3192 20.41 121.45 83.06
N UNK C 3193 20.66 121.27 84.36
CA UNK C 3193 20.01 120.23 85.13
C UNK C 3193 18.53 120.51 85.31
N UNK C 3194 18.20 121.76 85.61
CA UNK C 3194 16.81 122.17 85.78
C UNK C 3194 16.68 123.68 85.60
N UNK C 3195 16.25 124.36 86.66
CA UNK C 3195 16.11 125.81 86.63
C UNK C 3195 16.17 126.37 88.04
N UNK C 3196 15.91 125.49 89.02
CA UNK C 3196 15.96 125.86 90.43
C UNK C 3196 16.10 124.62 91.29
N UNK C 3197 17.18 124.53 92.05
CA UNK C 3197 17.43 123.37 92.90
C UNK C 3197 18.06 123.77 94.24
N UNK C 3198 17.87 122.93 95.24
CA UNK C 3198 18.44 123.18 96.56
C UNK C 3198 19.72 122.37 96.76
N UNK C 3199 20.80 123.06 97.12
CA UNK C 3199 22.11 122.45 97.32
C UNK C 3199 22.57 121.70 96.08
N UNK C 3200 22.46 122.35 94.92
CA UNK C 3200 22.85 121.73 93.66
C UNK C 3200 24.34 121.95 93.39
N UNK C 3201 24.97 122.77 94.20
CA UNK C 3201 26.40 123.06 94.06
C UNK C 3201 27.23 122.15 94.94
N UNK C 3202 26.69 120.99 95.28
CA UNK C 3202 27.37 120.03 96.15
C UNK C 3202 28.59 119.44 95.45
N UNK C 3203 28.54 119.37 94.13
CA UNK C 3203 29.65 118.84 93.35
C UNK C 3203 30.27 119.94 92.49
N UNK C 3204 29.98 121.19 92.84
CA UNK C 3204 30.50 122.34 92.10
C UNK C 3204 31.98 122.52 92.38
N UNK C 3205 32.39 122.28 93.62
CA UNK C 3205 33.77 122.43 94.02
C UNK C 3205 34.35 121.10 94.53
N UNK C 3206 33.48 120.26 95.08
CA UNK C 3206 33.89 118.97 95.62
C UNK C 3206 34.34 118.04 94.51
N UNK C 3207 33.60 118.02 93.41
CA UNK C 3207 33.94 117.20 92.26
C UNK C 3207 35.02 117.87 91.42
N UNK C 3208 35.13 119.18 91.55
CA UNK C 3208 36.14 119.93 90.81
C UNK C 3208 37.51 119.76 91.45
N UNK C 3209 37.56 119.83 92.77
CA UNK C 3209 38.83 119.69 93.50
C UNK C 3209 39.29 118.23 93.50
N UNK C 3210 38.36 117.31 93.31
CA UNK C 3210 38.69 115.90 93.23
C UNK C 3210 39.42 115.58 91.93
N UNK C 3211 39.20 116.43 90.93
CA UNK C 3211 39.82 116.26 89.62
C UNK C 3211 41.25 116.79 89.63
N UNK C 3212 41.49 117.79 90.47
CA UNK C 3212 42.80 118.41 90.56
C UNK C 3212 43.73 117.62 91.48
N UNK C 3213 43.19 116.60 92.12
CA UNK C 3213 43.95 115.77 93.04
C UNK C 3213 45.04 114.99 92.31
N UNK C 3214 44.62 114.19 91.32
CA UNK C 3214 45.56 113.41 90.53
C UNK C 3214 46.19 114.27 89.44
N UNK C 3215 45.57 115.41 89.17
CA UNK C 3215 46.07 116.34 88.16
C UNK C 3215 47.32 117.07 88.67
N UNK C 3216 47.44 117.16 89.98
CA UNK C 3216 48.59 117.82 90.60
C UNK C 3216 49.83 116.94 90.50
N UNK C 3217 49.63 115.64 90.61
CA UNK C 3217 50.73 114.69 90.54
C UNK C 3217 50.56 113.72 89.38
N UNK C 3218 51.25 113.99 88.27
CA UNK C 3218 51.18 113.15 87.09
C UNK C 3218 52.48 113.22 86.29
N UNK C 3219 53.15 114.37 86.38
CA UNK C 3219 54.41 114.57 85.68
C UNK C 3219 55.50 113.70 86.28
N UNK C 3220 56.19 114.23 87.29
CA UNK C 3220 57.25 113.48 87.96
C UNK C 3220 56.66 112.39 88.84
N UNK C 3221 55.40 112.57 89.24
CA UNK C 3221 54.70 111.59 90.06
C UNK C 3221 53.26 111.43 89.61
N UNK C 3222 46.25 103.35 98.17
CA UNK C 3222 47.43 104.08 97.71
C UNK C 3222 47.09 104.99 96.53
N UNK C 3223 47.68 104.70 95.37
CA UNK C 3223 47.43 105.50 94.18
C UNK C 3223 47.18 104.60 92.97
N UNK C 3224 45.92 104.32 92.69
CA UNK C 3224 45.55 103.48 91.56
C UNK C 3224 44.19 103.89 91.00
N UNK C 3225 43.57 104.88 91.63
CA UNK C 3225 42.27 105.37 91.21
C UNK C 3225 42.39 106.31 90.02
N UNK C 3226 43.62 106.64 89.66
CA UNK C 3226 43.87 107.54 88.54
C UNK C 3226 44.21 106.75 87.28
N UNK C 3227 44.23 105.43 87.39
CA UNK C 3227 44.59 104.57 86.28
C UNK C 3227 43.40 103.75 85.78
N UNK C 3228 42.29 103.83 86.52
CA UNK C 3228 41.09 103.06 86.17
C UNK C 3228 39.82 103.86 86.39
N UNK C 3229 39.74 104.53 87.54
CA UNK C 3229 38.56 105.31 87.89
C UNK C 3229 38.62 106.72 87.33
N UNK C 3230 39.76 107.07 86.75
CA UNK C 3230 39.96 108.41 86.19
C UNK C 3230 39.25 108.56 84.86
N UNK C 3231 38.90 107.43 84.25
CA UNK C 3231 38.22 107.44 82.95
C UNK C 3231 36.72 107.65 83.12
N UNK C 3232 36.27 107.69 84.37
CA UNK C 3232 34.86 107.92 84.65
C UNK C 3232 34.44 109.33 84.27
N UNK C 3233 35.32 110.29 84.55
CA UNK C 3233 35.07 111.68 84.19
C UNK C 3233 35.24 111.85 82.68
N UNK C 3234 36.08 111.01 82.09
CA UNK C 3234 36.30 111.05 80.65
C UNK C 3234 35.03 110.65 79.90
N UNK C 3235 34.30 109.71 80.49
CA UNK C 3235 33.03 109.26 79.92
C UNK C 3235 31.95 110.33 80.14
N UNK C 3236 32.13 111.13 81.18
CA UNK C 3236 31.23 112.25 81.44
C UNK C 3236 31.52 113.38 80.47
N UNK C 3237 32.78 113.46 80.04
CA UNK C 3237 33.21 114.47 79.09
C UNK C 3237 32.84 114.04 77.67
N UNK C 3238 32.80 112.73 77.45
CA UNK C 3238 32.41 112.18 76.16
C UNK C 3238 30.89 112.27 75.98
N UNK C 3239 30.19 112.39 77.10
CA UNK C 3239 28.74 112.52 77.08
C UNK C 3239 28.34 113.99 77.01
N UNK C 3240 29.34 114.86 76.90
CA UNK C 3240 29.10 116.29 76.86
C UNK C 3240 29.11 116.81 75.43
N UNK C 3241 28.16 117.70 75.13
CA UNK C 3241 28.04 118.30 73.81
C UNK C 3241 27.18 119.56 73.88
N UNK C 3242 26.40 119.80 72.82
CA UNK C 3242 25.43 120.89 72.75
C UNK C 3242 26.05 122.30 72.78
N UNK C 3243 27.28 122.41 73.26
CA UNK C 3243 27.98 123.69 73.34
C UNK C 3243 27.18 124.75 74.11
N UNK C 3244 26.70 124.37 75.29
CA UNK C 3244 25.93 125.27 76.13
C UNK C 3244 26.39 125.21 77.58
N UNK C 3245 26.30 126.34 78.27
CA UNK C 3245 26.73 126.42 79.66
C UNK C 3245 25.75 125.68 80.57
N UNK C 3246 26.30 124.93 81.53
CA UNK C 3246 25.48 124.17 82.46
C UNK C 3246 24.80 125.10 83.47
N UNK C 3247 23.69 124.66 84.02
CA UNK C 3247 22.95 125.44 85.01
C UNK C 3247 23.71 125.45 86.34
N UNK C 3248 24.29 124.31 86.70
CA UNK C 3248 25.05 124.20 87.94
C UNK C 3248 26.42 124.86 87.79
N UNK C 3249 26.57 126.04 88.37
CA UNK C 3249 27.81 126.80 88.33
C UNK C 3249 28.27 127.06 86.89
N UNK C 3250 27.58 127.96 86.20
CA UNK C 3250 27.92 128.29 84.82
C UNK C 3250 29.23 129.06 84.77
N UNK C 3251 29.24 130.26 85.33
CA UNK C 3251 30.45 131.08 85.39
C UNK C 3251 30.95 131.16 86.82
N UNK C 3252 30.91 130.03 87.53
CA UNK C 3252 31.32 129.97 88.92
C UNK C 3252 32.56 129.10 89.11
N UNK C 3253 32.51 128.22 90.10
CA UNK C 3253 33.64 127.36 90.44
C UNK C 3253 33.94 126.37 89.32
N UNK C 3254 32.90 125.93 88.62
CA UNK C 3254 33.06 124.98 87.53
C UNK C 3254 33.80 125.62 86.36
N UNK C 3255 33.70 126.94 86.24
CA UNK C 3255 34.40 127.67 85.21
C UNK C 3255 35.89 127.75 85.54
N UNK C 3256 36.21 127.65 86.83
CA UNK C 3256 37.60 127.71 87.28
C UNK C 3256 38.16 126.31 87.52
N UNK C 3257 37.50 125.30 86.97
CA UNK C 3257 37.94 123.92 87.11
C UNK C 3257 38.98 123.58 86.05
N UNK C 3258 39.28 124.54 85.19
CA UNK C 3258 40.26 124.34 84.12
C UNK C 3258 41.65 124.77 84.56
N UNK C 3259 41.84 124.90 85.87
CA UNK C 3259 43.12 125.33 86.41
C UNK C 3259 44.14 124.18 86.37
N UNK C 3260 43.64 122.96 86.49
CA UNK C 3260 44.52 121.78 86.44
C UNK C 3260 44.02 120.79 85.40
N UNK C 3261 42.73 120.86 85.09
CA UNK C 3261 42.13 119.97 84.10
C UNK C 3261 42.60 120.33 82.70
N UNK C 3262 42.15 121.48 82.20
CA UNK C 3262 42.56 121.95 80.87
C UNK C 3262 44.06 122.22 80.85
N UNK C 3263 44.57 122.75 81.95
CA UNK C 3263 46.01 122.98 82.09
C UNK C 3263 46.69 121.67 82.49
N UNK C 3264 46.79 120.76 81.52
CA UNK C 3264 47.37 119.45 81.77
C UNK C 3264 48.86 119.53 82.12
N UNK C 3265 49.35 118.50 82.77
CA UNK C 3265 50.76 118.44 83.16
C UNK C 3265 51.66 118.38 81.93
N UNK C 3266 51.24 117.61 80.94
CA UNK C 3266 51.99 117.48 79.70
C UNK C 3266 51.47 118.48 78.65
N UNK C 3267 52.24 119.53 78.41
CA UNK C 3267 51.84 120.56 77.45
C UNK C 3267 52.38 120.24 76.05
N UNK C 3268 52.64 118.96 75.81
CA UNK C 3268 53.15 118.54 74.50
C UNK C 3268 51.99 118.21 73.57
N UNK C 3269 50.77 118.40 74.07
CA UNK C 3269 49.55 118.13 73.31
C UNK C 3269 49.50 116.70 72.78
N UNK C 3270 50.05 115.77 73.57
CA UNK C 3270 50.09 114.37 73.18
C UNK C 3270 50.30 113.49 74.40
N UNK C 3271 49.41 112.51 74.59
CA UNK C 3271 49.50 111.60 75.72
C UNK C 3271 48.77 110.29 75.43
N UNK C 3272 49.19 109.23 76.10
CA UNK C 3272 48.56 107.92 75.93
C UNK C 3272 47.17 107.90 76.55
N UNK C 3273 46.17 107.57 75.75
CA UNK C 3273 44.78 107.51 76.17
C UNK C 3273 44.33 108.84 76.81
N UNK C 3274 44.72 109.94 76.17
CA UNK C 3274 44.41 111.27 76.67
C UNK C 3274 42.91 111.55 76.59
N UNK C 3275 42.35 112.07 77.69
CA UNK C 3275 40.94 112.41 77.73
C UNK C 3275 40.75 113.89 77.44
N UNK C 3276 41.82 114.54 76.98
CA UNK C 3276 41.78 115.96 76.65
C UNK C 3276 40.89 116.21 75.44
N UNK C 3277 40.82 115.21 74.56
CA UNK C 3277 39.98 115.29 73.37
C UNK C 3277 38.51 115.35 73.77
N UNK C 3278 38.11 114.47 74.68
CA UNK C 3278 36.74 114.43 75.16
C UNK C 3278 36.45 115.62 76.06
N UNK C 3279 37.49 116.14 76.69
CA UNK C 3279 37.35 117.29 77.59
C UNK C 3279 37.00 118.55 76.80
N UNK C 3280 37.52 118.64 75.58
CA UNK C 3280 37.26 119.79 74.72
C UNK C 3280 35.92 119.65 74.00
N UNK C 3281 34.86 119.52 74.76
CA UNK C 3281 33.51 119.36 74.20
C UNK C 3281 32.77 120.68 74.16
N UNK C 3282 33.44 121.72 73.68
CA UNK C 3282 32.87 123.07 73.59
C UNK C 3282 32.31 123.53 74.93
N UNK C 3283 33.20 123.84 75.87
CA UNK C 3283 32.79 124.27 77.20
C UNK C 3283 32.77 125.78 77.31
N UNK C 3284 31.58 126.35 77.50
CA UNK C 3284 31.43 127.79 77.66
C UNK C 3284 31.60 128.17 79.13
N UNK C 3285 32.69 128.84 79.44
CA UNK C 3285 32.98 129.23 80.81
C UNK C 3285 33.78 130.54 80.86
N UNK C 3286 34.45 130.77 81.99
CA UNK C 3286 35.26 131.97 82.17
C UNK C 3286 36.70 131.72 81.75
N UNK C 3287 37.11 130.46 81.80
CA UNK C 3287 38.48 130.09 81.42
C UNK C 3287 38.68 130.19 79.92
N UNK C 3288 37.82 129.50 79.16
CA UNK C 3288 37.89 129.52 77.71
C UNK C 3288 36.54 129.90 77.10
N UNK C 3289 48.88 127.63 81.46
CA UNK C 3289 49.02 129.06 81.16
C UNK C 3289 47.82 129.84 81.69
N UNK C 3290 48.06 131.10 82.04
CA UNK C 3290 46.99 131.96 82.56
C UNK C 3290 47.07 133.34 81.93
N UNK C 3291 46.39 133.52 80.79
CA UNK C 3291 46.41 134.78 80.07
C UNK C 3291 45.07 135.50 80.17
N UNK C 3292 44.00 134.79 79.82
CA UNK C 3292 42.66 135.36 79.83
C UNK C 3292 42.18 135.61 81.26
N UNK C 3293 42.35 134.60 82.11
CA UNK C 3293 41.92 134.71 83.51
C UNK C 3293 43.05 135.21 84.39
N UNK C 3294 42.84 136.36 85.01
CA UNK C 3294 43.83 136.95 85.90
C UNK C 3294 43.18 137.43 87.19
N UNK C 3295 41.87 137.20 87.31
CA UNK C 3295 41.13 137.60 88.50
C UNK C 3295 40.45 136.39 89.13
N UNK C 3296 40.76 136.15 90.40
CA UNK C 3296 40.18 135.03 91.13
C UNK C 3296 38.99 135.49 91.97
N UNK C 3297 39.26 135.81 93.24
CA UNK C 3297 38.22 136.28 94.14
C UNK C 3297 38.19 137.80 94.20
N UNK C 3298 38.79 138.44 93.20
CA UNK C 3298 38.83 139.89 93.13
C UNK C 3298 37.71 140.42 92.23
N UNK C 3299 37.46 139.74 91.13
CA UNK C 3299 36.43 140.13 90.18
C UNK C 3299 35.04 140.05 90.81
N UNK C 3300 34.33 141.17 90.82
CA UNK C 3300 33.00 141.26 91.42
C UNK C 3300 33.00 140.79 92.87
N UNK C 3301 32.49 139.59 93.10
CA UNK C 3301 32.47 139.01 94.44
C UNK C 3301 33.54 137.93 94.58
N UNK C 3302 33.59 137.02 93.60
CA UNK C 3302 34.57 135.95 93.60
C UNK C 3302 34.79 135.40 92.19
N UNK C 3303 35.75 137.23 84.32
CA UNK C 3303 34.55 137.91 84.79
C UNK C 3303 33.30 137.26 84.21
N UNK C 3304 32.22 138.03 84.13
CA UNK C 3304 30.95 137.53 83.61
C UNK C 3304 30.66 138.10 82.23
N UNK C 3305 31.08 137.37 81.19
CA UNK C 3305 30.88 137.82 79.82
C UNK C 3305 30.80 136.63 78.86
N UNK C 3306 30.21 136.85 77.70
CA UNK C 3306 30.08 135.80 76.69
C UNK C 3306 31.13 135.97 75.59
N UNK C 3307 32.25 136.61 75.95
CA UNK C 3307 33.35 136.86 75.03
C UNK C 3307 32.90 137.65 73.80
N UNK C 3308 32.08 138.67 74.04
CA UNK C 3308 31.57 139.52 72.97
C UNK C 3308 32.66 140.48 72.49
N UNK C 3309 33.30 141.14 73.45
CA UNK C 3309 34.40 142.06 73.14
C UNK C 3309 35.73 141.44 73.54
N UNK C 3310 35.67 140.28 74.18
CA UNK C 3310 36.87 139.57 74.59
C UNK C 3310 37.03 138.29 73.78
N UNK C 3311 36.77 138.38 72.49
CA UNK C 3311 36.88 137.24 71.60
C UNK C 3311 38.33 136.81 71.43
N UNK C 3312 39.25 137.76 71.62
CA UNK C 3312 40.67 137.46 71.52
C UNK C 3312 41.14 136.68 72.74
N UNK C 3313 40.42 136.83 73.85
CA UNK C 3313 40.78 136.15 75.09
C UNK C 3313 40.35 134.68 75.05
N UNK C 3314 39.23 134.42 74.38
CA UNK C 3314 38.71 133.06 74.27
C UNK C 3314 39.45 132.30 73.16
N UNK C 3315 39.94 133.04 72.18
CA UNK C 3315 40.67 132.45 71.06
C UNK C 3315 42.17 132.70 71.20
N UNK C 3316 42.63 132.84 72.44
CA UNK C 3316 44.04 133.08 72.72
C UNK C 3316 44.82 131.78 72.75
N UNK C 3317 44.10 130.67 72.94
CA UNK C 3317 44.73 129.36 73.01
C UNK C 3317 44.51 128.58 71.72
N UNK C 3318 43.78 129.18 70.78
CA UNK C 3318 43.52 128.54 69.50
C UNK C 3318 44.47 129.09 68.42
N UNK C 3319 44.96 130.31 68.65
CA UNK C 3319 45.86 130.95 67.71
C UNK C 3319 47.31 130.52 67.94
N UNK C 3320 47.51 129.70 68.97
CA UNK C 3320 48.86 129.23 69.32
C UNK C 3320 49.36 128.21 68.30
N UNK C 3321 48.48 127.30 67.88
CA UNK C 3321 48.84 126.26 66.92
C UNK C 3321 48.28 126.56 65.54
N UNK C 3322 48.55 127.76 65.05
CA UNK C 3322 48.07 128.17 63.73
C UNK C 3322 48.84 127.45 62.63
N UNK C 3323 50.11 127.14 62.89
CA UNK C 3323 50.95 126.44 61.93
C UNK C 3323 51.60 125.22 62.56
N UNK C 3324 51.42 124.06 61.94
CA UNK C 3324 51.96 122.82 62.45
C UNK C 3324 53.13 122.32 61.58
N UNK C 3325 53.98 121.50 62.16
CA UNK C 3325 55.15 120.97 61.46
C UNK C 3325 54.73 119.90 60.45
N UNK C 3326 55.52 119.76 59.39
CA UNK C 3326 55.25 118.77 58.36
C UNK C 3326 56.43 117.81 58.23
N UNK C 3327 57.05 117.47 59.36
CA UNK C 3327 58.20 116.56 59.37
C UNK C 3327 57.79 115.15 58.97
N UNK C 3328 58.76 114.38 58.48
CA UNK C 3328 58.49 113.01 58.05
C UNK C 3328 58.66 112.02 59.20
N UNK C 3329 59.18 112.52 60.32
CA UNK C 3329 59.40 111.68 61.49
C UNK C 3329 58.08 111.36 62.21
N UNK C 3330 57.84 110.08 62.44
CA UNK C 3330 56.65 109.63 63.12
C UNK C 3330 56.96 109.32 64.58
N UNK C 3331 58.24 109.45 64.95
CA UNK C 3331 58.68 109.18 66.30
C UNK C 3331 58.56 110.43 67.17
N UNK C 3332 58.00 111.49 66.60
CA UNK C 3332 57.78 112.73 67.33
C UNK C 3332 56.75 112.51 68.44
N UNK C 3333 56.98 113.12 69.60
CA UNK C 3333 56.08 113.00 70.73
C UNK C 3333 54.69 113.52 70.37
N UNK C 3334 54.65 114.69 69.75
CA UNK C 3334 53.39 115.30 69.34
C UNK C 3334 52.92 114.74 68.00
N UNK C 3335 52.53 113.47 68.01
CA UNK C 3335 51.99 112.83 66.81
C UNK C 3335 50.60 113.38 66.52
N UNK C 3336 49.87 113.72 67.57
CA UNK C 3336 48.53 114.28 67.44
C UNK C 3336 48.41 115.54 68.30
N UNK C 3337 49.02 116.63 67.84
CA UNK C 3337 49.00 117.88 68.58
C UNK C 3337 47.60 118.47 68.69
N UNK C 3338 46.74 118.08 67.75
CA UNK C 3338 45.36 118.56 67.76
C UNK C 3338 44.42 117.52 68.36
N UNK C 3339 44.49 116.29 67.85
CA UNK C 3339 43.59 115.22 68.26
C UNK C 3339 43.74 114.86 69.74
N UNK C 3340 44.99 114.80 70.22
CA UNK C 3340 45.25 114.43 71.60
C UNK C 3340 45.11 115.62 72.54
N UNK C 3341 44.72 116.76 71.98
CA UNK C 3341 44.51 117.97 72.76
C UNK C 3341 43.06 118.42 72.66
N UNK C 3342 42.56 118.53 71.43
CA UNK C 3342 41.19 118.94 71.17
C UNK C 3342 40.59 118.13 70.03
N UNK C 3343 39.61 117.29 70.35
CA UNK C 3343 38.96 116.44 69.37
C UNK C 3343 38.31 117.26 68.26
N UNK C 3344 37.83 118.44 68.61
CA UNK C 3344 37.16 119.31 67.65
C UNK C 3344 37.65 120.75 67.78
N UNK C 3345 38.63 121.12 66.97
CA UNK C 3345 39.16 122.47 66.98
C UNK C 3345 38.39 123.36 66.00
N UNK C 3346 37.65 122.72 65.10
CA UNK C 3346 36.85 123.44 64.12
C UNK C 3346 35.41 123.57 64.59
N UNK C 3347 34.96 122.60 65.39
CA UNK C 3347 33.60 122.63 65.92
C UNK C 3347 33.54 123.46 67.21
N UNK C 3348 34.68 124.04 67.59
CA UNK C 3348 34.73 124.93 68.74
C UNK C 3348 34.05 126.25 68.41
N UNK C 3349 33.95 126.54 67.12
CA UNK C 3349 33.26 127.74 66.65
C UNK C 3349 32.19 127.36 65.64
N UNK C 3350 30.92 127.52 66.03
CA UNK C 3350 29.81 127.16 65.17
C UNK C 3350 28.95 128.37 64.83
N UNK C 3351 28.81 128.65 63.54
CA UNK C 3351 28.00 129.77 63.07
C UNK C 3351 27.62 129.57 61.62
N UNK C 3352 26.61 130.31 61.16
CA UNK C 3352 26.15 130.21 59.79
C UNK C 3352 27.21 130.71 58.81
N UNK C 3353 27.39 132.02 58.75
CA UNK C 3353 28.39 132.61 57.86
C UNK C 3353 29.72 132.76 58.59
N UNK C 3354 30.57 133.65 58.09
CA UNK C 3354 31.88 133.90 58.70
C UNK C 3354 31.77 134.93 59.81
N UNK C 3355 30.99 134.60 60.85
CA UNK C 3355 30.79 135.50 61.97
C UNK C 3355 32.01 135.52 62.88
N UNK C 3356 32.45 134.34 63.32
CA UNK C 3356 33.63 134.22 64.15
C UNK C 3356 34.66 133.33 63.48
N UNK C 3357 34.20 132.24 62.89
CA UNK C 3357 35.06 131.30 62.18
C UNK C 3357 34.25 130.44 61.23
N UNK C 3358 34.67 130.40 59.97
CA UNK C 3358 33.97 129.61 58.96
C UNK C 3358 34.89 129.27 57.79
N UNK C 3359 34.52 129.72 56.60
CA UNK C 3359 35.31 129.46 55.40
C UNK C 3359 36.61 130.24 55.41
N UNK C 3360 36.56 131.48 55.90
CA UNK C 3360 37.73 132.33 55.98
C UNK C 3360 38.69 131.83 57.05
N UNK C 3361 38.14 131.18 58.08
CA UNK C 3361 38.94 130.63 59.16
C UNK C 3361 39.04 129.11 59.04
N UNK C 3362 38.83 128.60 57.83
CA UNK C 3362 38.88 127.17 57.57
C UNK C 3362 40.33 126.70 57.43
N UNK C 3363 41.11 126.85 58.50
CA UNK C 3363 42.50 126.42 58.50
C UNK C 3363 42.60 124.92 58.71
N UNK C 3364 41.45 124.28 58.95
CA UNK C 3364 41.39 122.84 59.15
C UNK C 3364 41.58 122.10 57.82
N UNK C 3365 41.45 122.84 56.72
CA UNK C 3365 41.64 122.27 55.40
C UNK C 3365 43.08 121.80 55.24
N UNK C 3366 44.02 122.59 55.74
CA UNK C 3366 45.43 122.20 55.72
C UNK C 3366 45.68 121.11 56.75
N UNK C 3367 44.88 121.12 57.82
CA UNK C 3367 44.98 120.10 58.85
C UNK C 3367 44.50 118.75 58.31
N UNK C 3368 43.61 118.80 57.33
CA UNK C 3368 43.13 117.60 56.67
C UNK C 3368 44.24 116.98 55.84
N UNK C 3369 45.09 117.83 55.28
CA UNK C 3369 46.22 117.37 54.47
C UNK C 3369 47.43 117.07 55.36
N UNK C 3370 47.29 117.38 56.65
CA UNK C 3370 48.38 117.14 57.60
C UNK C 3370 48.57 115.64 57.81
N UNK C 3371 47.47 114.89 57.80
CA UNK C 3371 47.53 113.44 57.91
C UNK C 3371 48.03 112.85 56.60
N UNK C 3372 47.71 113.52 55.50
CA UNK C 3372 48.17 113.10 54.18
C UNK C 3372 49.66 113.30 54.04
N UNK C 3373 50.17 114.34 54.71
CA UNK C 3373 51.60 114.63 54.72
C UNK C 3373 52.32 113.73 55.71
N UNK C 3374 51.55 113.01 56.52
CA UNK C 3374 52.10 112.10 57.51
C UNK C 3374 52.08 110.67 57.00
N UNK C 3375 51.97 110.51 55.69
CA UNK C 3375 51.94 109.20 55.06
C UNK C 3375 53.30 108.50 55.21
N UNK C 3376 53.36 107.53 56.12
CA UNK C 3376 54.60 106.81 56.37
C UNK C 3376 54.38 105.30 56.30
N UNK C 3377 55.47 104.56 56.16
CA UNK C 3377 55.39 103.10 56.09
C UNK C 3377 55.86 102.48 57.39
N UNK C 3378 56.28 103.32 58.33
CA UNK C 3378 56.76 102.86 59.63
C UNK C 3378 55.59 102.42 60.51
N UNK C 3379 55.80 101.38 61.30
CA UNK C 3379 54.77 100.85 62.17
C UNK C 3379 54.78 101.53 63.53
N UNK C 3380 55.44 102.69 63.60
CA UNK C 3380 55.55 103.44 64.85
C UNK C 3380 54.21 104.05 65.25
N UNK C 3381 53.53 104.66 64.29
CA UNK C 3381 52.24 105.28 64.55
C UNK C 3381 51.10 104.27 64.34
N UNK C 3382 51.15 103.17 65.08
CA UNK C 3382 50.14 102.13 64.98
C UNK C 3382 48.81 102.62 65.55
N UNK C 3383 48.88 103.50 66.54
CA UNK C 3383 47.68 104.04 67.16
C UNK C 3383 47.26 105.35 66.50
N UNK C 3384 47.33 105.39 65.18
CA UNK C 3384 46.94 106.57 64.41
C UNK C 3384 45.45 106.51 64.09
N UNK C 3385 44.83 105.36 64.33
CA UNK C 3385 43.42 105.17 64.06
C UNK C 3385 42.56 106.05 64.96
N UNK C 3386 43.08 106.37 66.14
CA UNK C 3386 42.39 107.23 67.08
C UNK C 3386 42.45 108.68 66.60
N UNK C 3387 43.42 108.98 65.74
CA UNK C 3387 43.61 110.32 65.22
C UNK C 3387 42.74 110.55 63.99
N UNK C 3388 42.14 109.48 63.48
CA UNK C 3388 41.29 109.57 62.29
C UNK C 3388 39.81 109.58 62.68
N UNK C 3389 39.44 108.70 63.60
CA UNK C 3389 38.05 108.57 64.00
C UNK C 3389 37.56 109.77 64.80
N UNK C 3390 38.51 110.55 65.33
CA UNK C 3390 38.17 111.70 66.15
C UNK C 3390 38.31 113.01 65.38
N UNK C 3391 38.89 112.93 64.18
CA UNK C 3391 39.14 114.12 63.38
C UNK C 3391 38.29 114.13 62.10
N UNK C 3392 38.00 112.94 61.57
CA UNK C 3392 37.22 112.84 60.35
C UNK C 3392 35.73 112.75 60.65
N UNK C 3393 35.32 113.33 61.77
CA UNK C 3393 33.92 113.34 62.16
C UNK C 3393 33.17 114.42 61.38
N UNK C 3394 33.88 115.48 61.01
CA UNK C 3394 33.28 116.57 60.25
C UNK C 3394 34.05 116.79 58.95
N UNK C 3395 33.65 116.09 57.90
CA UNK C 3395 34.31 116.19 56.61
C UNK C 3395 33.35 116.69 55.54
N UNK C 3396 32.21 117.23 55.96
CA UNK C 3396 31.20 117.73 55.03
C UNK C 3396 30.90 119.20 55.29
N UNK C 3397 30.77 119.56 56.57
CA UNK C 3397 30.49 120.94 56.95
C UNK C 3397 31.66 121.85 56.62
N UNK C 3398 31.60 122.48 55.45
CA UNK C 3398 32.65 123.38 54.97
C UNK C 3398 34.01 122.69 54.94
N UNK C 3399 34.01 121.41 54.56
CA UNK C 3399 35.25 120.64 54.49
C UNK C 3399 35.37 119.96 53.13
N UNK C 3400 35.34 120.75 52.07
CA UNK C 3400 35.42 120.23 50.71
C UNK C 3400 36.83 119.74 50.39
N UNK C 3401 37.14 118.52 50.84
CA UNK C 3401 38.44 117.91 50.58
C UNK C 3401 38.57 117.53 49.10
N UNK C 3402 37.43 117.35 48.44
CA UNK C 3402 37.40 117.02 47.02
C UNK C 3402 37.70 118.27 46.18
N UNK C 3403 37.62 119.43 46.81
CA UNK C 3403 37.89 120.69 46.14
C UNK C 3403 39.37 121.06 46.24
N UNK C 3404 40.23 120.07 46.04
CA UNK C 3404 41.67 120.28 46.09
C UNK C 3404 42.40 119.16 45.36
N UNK C 3405 43.70 119.04 45.62
CA UNK C 3405 44.51 117.98 45.03
C UNK C 3405 44.27 116.66 45.75
N UNK C 3406 43.08 116.10 45.58
CA UNK C 3406 42.70 114.87 46.25
C UNK C 3406 43.51 113.67 45.74
N UNK C 3407 43.94 113.76 44.49
CA UNK C 3407 44.72 112.68 43.88
C UNK C 3407 46.21 112.87 44.17
N UNK C 3408 46.62 114.12 44.38
CA UNK C 3408 48.02 114.43 44.64
C UNK C 3408 48.33 114.39 46.13
N UNK C 3409 47.36 113.94 46.92
CA UNK C 3409 47.54 113.87 48.37
C UNK C 3409 47.08 112.53 48.92
N UNK C 3410 46.39 111.75 48.10
CA UNK C 3410 45.87 110.46 48.54
C UNK C 3410 46.21 109.35 47.56
N UNK C 3411 45.98 109.60 46.27
CA UNK C 3411 46.24 108.59 45.24
C UNK C 3411 47.73 108.31 45.13
N UNK C 3412 48.55 109.26 45.56
CA UNK C 3412 50.00 109.07 45.59
C UNK C 3412 50.36 108.01 46.62
N UNK C 3413 49.55 107.92 47.67
CA UNK C 3413 49.75 106.93 48.71
C UNK C 3413 48.86 105.72 48.48
N UNK C 3414 47.94 105.85 47.51
CA UNK C 3414 47.05 104.75 47.16
C UNK C 3414 47.64 103.93 46.02
N UNK C 3415 48.32 104.60 45.09
CA UNK C 3415 48.98 103.92 43.99
C UNK C 3415 50.31 103.33 44.46
N UNK C 3416 50.69 103.66 45.68
CA UNK C 3416 51.91 103.12 46.29
C UNK C 3416 51.62 101.73 46.85
N UNK C 3417 50.40 101.26 46.65
CA UNK C 3417 50.00 99.92 47.06
C UNK C 3417 49.21 99.27 45.93
N UNK C 3418 48.83 100.08 44.94
CA UNK C 3418 48.10 99.60 43.77
C UNK C 3418 49.07 99.26 42.65
N UNK C 3419 49.82 100.25 42.20
CA UNK C 3419 50.82 100.05 41.16
C UNK C 3419 52.06 99.43 41.77
N UNK C 3420 52.25 99.66 43.07
CA UNK C 3420 53.40 99.10 43.78
C UNK C 3420 53.00 97.83 44.52
N UNK C 3421 51.92 97.20 44.06
CA UNK C 3421 51.47 95.93 44.62
C UNK C 3421 52.43 94.83 44.21
N UNK C 3422 53.13 95.04 43.10
CA UNK C 3422 54.13 94.11 42.61
C UNK C 3422 55.30 94.04 43.60
N UNK C 3423 55.68 95.20 44.12
CA UNK C 3423 56.74 95.27 45.12
C UNK C 3423 56.24 94.79 46.47
N UNK C 3424 54.92 94.84 46.65
CA UNK C 3424 54.30 94.38 47.89
C UNK C 3424 54.21 92.86 47.91
N UNK C 3425 53.47 92.29 46.96
CA UNK C 3425 53.32 90.85 46.87
C UNK C 3425 52.95 90.42 45.45
N UNK C 3426 53.93 89.91 44.72
CA UNK C 3426 53.71 89.41 43.37
C UNK C 3426 54.82 88.44 42.98
N UNK C 3427 55.92 88.47 43.72
CA UNK C 3427 57.04 87.58 43.49
C UNK C 3427 56.70 86.16 43.90
N UNK C 3428 55.77 86.04 44.85
CA UNK C 3428 55.33 84.74 45.33
C UNK C 3428 54.43 84.07 44.29
N UNK C 3429 53.89 84.87 43.39
CA UNK C 3429 53.05 84.35 42.31
C UNK C 3429 53.88 83.99 41.10
N UNK C 3430 54.89 84.82 40.82
CA UNK C 3430 55.78 84.58 39.70
C UNK C 3430 56.71 83.40 39.98
N UNK C 3431 57.22 83.35 41.21
CA UNK C 3431 58.10 82.26 41.62
C UNK C 3431 57.56 81.61 42.88
N UNK C 3432 57.76 80.30 43.01
CA UNK C 3432 57.26 79.54 44.16
C UNK C 3432 57.97 79.95 45.45
N UNK C 3433 57.27 80.71 46.29
CA UNK C 3433 57.82 81.17 47.56
C UNK C 3433 56.96 80.68 48.72
N UNK C 3434 57.44 79.68 49.44
CA UNK C 3434 56.71 79.08 50.56
C UNK C 3434 57.27 79.54 51.90
N UNK C 3435 58.03 80.63 51.88
CA UNK C 3435 58.63 81.16 53.10
C UNK C 3435 57.61 81.97 53.88
N UNK C 3436 57.98 82.37 55.10
CA UNK C 3436 57.10 83.18 55.94
C UNK C 3436 57.15 84.65 55.53
N UNK C 3437 58.10 84.96 54.65
CA UNK C 3437 58.25 86.33 54.16
C UNK C 3437 57.19 86.65 53.10
N UNK C 3438 56.83 85.64 52.32
CA UNK C 3438 55.83 85.81 51.27
C UNK C 3438 54.42 85.68 51.83
N UNK C 3439 54.30 85.06 53.00
CA UNK C 3439 53.00 84.86 53.63
C UNK C 3439 52.58 86.10 54.43
N UNK C 3440 53.53 87.01 54.64
CA UNK C 3440 53.27 88.24 55.38
C UNK C 3440 53.89 89.43 54.67
N UNK C 3441 54.05 89.32 53.35
CA UNK C 3441 54.64 90.39 52.56
C UNK C 3441 53.67 91.55 52.41
N UNK C 3442 52.38 91.24 52.29
CA UNK C 3442 51.36 92.26 52.11
C UNK C 3442 50.31 92.20 53.20
N UNK C 3443 49.85 90.99 53.52
CA UNK C 3443 48.79 90.79 54.51
C UNK C 3443 49.18 91.33 55.88
N UNK C 3444 50.47 91.40 56.15
CA UNK C 3444 50.95 91.93 57.42
C UNK C 3444 51.14 93.44 57.34
N UNK C 3445 51.28 93.96 56.12
CA UNK C 3445 51.52 95.38 55.91
C UNK C 3445 50.27 96.09 55.39
N UNK C 3446 49.70 95.56 54.31
CA UNK C 3446 48.54 96.19 53.68
C UNK C 3446 47.31 96.15 54.58
N UNK C 3447 47.05 94.98 55.17
CA UNK C 3447 45.87 94.82 56.02
C UNK C 3447 46.08 95.43 57.40
N UNK C 3448 47.21 96.10 57.59
CA UNK C 3448 47.52 96.74 58.87
C UNK C 3448 47.78 98.24 58.67
N UNK C 3449 48.39 98.59 57.55
CA UNK C 3449 48.71 99.98 57.26
C UNK C 3449 47.87 100.53 56.12
N UNK C 3450 47.91 99.83 54.97
CA UNK C 3450 47.15 100.26 53.80
C UNK C 3450 45.66 100.16 54.06
N UNK C 3451 45.25 99.15 54.84
CA UNK C 3451 43.86 99.01 55.23
C UNK C 3451 43.49 100.16 56.16
N UNK C 3452 44.43 100.53 57.03
CA UNK C 3452 44.26 101.69 57.88
C UNK C 3452 44.28 102.94 57.01
N UNK C 3453 45.05 102.89 55.94
CA UNK C 3453 45.06 103.97 54.95
C UNK C 3453 43.77 103.90 54.13
N UNK C 3454 43.26 102.69 53.96
CA UNK C 3454 41.96 102.51 53.32
C UNK C 3454 40.87 102.91 54.29
N UNK C 3455 41.15 102.76 55.58
CA UNK C 3455 40.26 103.24 56.63
C UNK C 3455 40.27 104.77 56.62
N UNK C 3456 41.42 105.34 56.27
CA UNK C 3456 41.54 106.78 56.08
C UNK C 3456 40.80 107.17 54.81
N UNK C 3457 40.83 106.27 53.83
CA UNK C 3457 40.07 106.47 52.60
C UNK C 3457 38.59 106.22 52.87
N UNK C 3458 38.32 105.37 53.85
CA UNK C 3458 36.96 105.13 54.31
C UNK C 3458 36.44 106.40 54.98
N UNK C 3459 37.35 107.13 55.62
CA UNK C 3459 37.02 108.42 56.21
C UNK C 3459 36.80 109.44 55.09
N UNK C 3460 37.42 109.17 53.94
CA UNK C 3460 37.24 110.01 52.77
C UNK C 3460 36.05 109.52 51.95
N UNK C 3461 35.62 108.29 52.23
CA UNK C 3461 34.46 107.72 51.57
C UNK C 3461 33.19 108.43 52.06
N UNK C 3462 33.22 108.87 53.30
CA UNK C 3462 32.10 109.62 53.88
C UNK C 3462 32.08 111.03 53.30
N UNK C 3463 33.23 111.48 52.79
CA UNK C 3463 33.34 112.80 52.18
C UNK C 3463 33.05 112.70 50.69
N UNK C 3464 33.29 111.53 50.12
CA UNK C 3464 33.04 111.31 48.70
C UNK C 3464 31.55 111.12 48.44
N UNK C 3465 30.85 110.59 49.44
CA UNK C 3465 29.41 110.35 49.33
C UNK C 3465 28.63 111.65 49.43
N UNK C 3466 29.17 112.60 50.18
CA UNK C 3466 28.51 113.89 50.35
C UNK C 3466 28.65 114.74 49.08
N UNK C 3467 29.77 114.57 48.39
CA UNK C 3467 30.00 115.30 47.15
C UNK C 3467 30.10 114.34 45.97
N UNK C 3468 28.97 113.74 45.61
CA UNK C 3468 28.92 112.79 44.50
C UNK C 3468 27.95 113.27 43.43
N UNK C 3469 27.83 114.59 43.29
CA UNK C 3469 26.93 115.18 42.30
C UNK C 3469 27.63 116.23 41.47
N UNK C 3470 28.33 117.14 42.14
CA UNK C 3470 29.05 118.21 41.47
C UNK C 3470 30.49 117.81 41.16
N UNK C 3471 30.74 116.51 41.13
CA UNK C 3471 32.07 115.99 40.85
C UNK C 3471 32.00 114.62 40.17
N UNK C 3472 31.43 113.65 40.87
CA UNK C 3472 31.32 112.30 40.33
C UNK C 3472 30.17 112.20 39.33
N UNK C 3473 29.08 112.91 39.62
CA UNK C 3473 27.92 112.91 38.73
C UNK C 3473 27.84 114.20 37.93
N UNK C 3474 28.97 114.89 37.83
CA UNK C 3474 29.04 116.13 37.06
C UNK C 3474 29.53 115.85 35.65
N UNK C 3475 29.37 116.84 34.77
CA UNK C 3475 29.79 116.70 33.38
C UNK C 3475 31.31 116.64 33.28
N UNK C 3476 31.99 117.35 34.17
CA UNK C 3476 33.45 117.37 34.20
C UNK C 3476 33.97 116.87 35.54
N UNK C 3477 34.62 115.71 35.52
CA UNK C 3477 35.16 115.12 36.73
C UNK C 3477 36.67 115.35 36.83
N UNK C 3478 37.07 116.11 37.85
CA UNK C 3478 38.49 116.37 38.09
C UNK C 3478 39.15 115.13 38.68
N UNK C 3479 38.34 114.27 39.29
CA UNK C 3479 38.84 113.05 39.89
C UNK C 3479 38.46 111.84 39.02
N UNK C 3480 38.77 111.94 37.74
CA UNK C 3480 38.50 110.85 36.81
C UNK C 3480 39.47 109.69 37.05
N UNK C 3481 40.66 110.03 37.53
CA UNK C 3481 41.67 109.02 37.85
C UNK C 3481 41.32 108.32 39.16
N UNK C 3482 40.63 109.03 40.05
CA UNK C 3482 40.20 108.47 41.32
C UNK C 3482 39.17 107.38 41.09
N UNK C 3483 38.31 107.60 40.11
CA UNK C 3483 37.28 106.62 39.75
C UNK C 3483 37.90 105.49 38.95
N UNK C 3484 39.06 105.76 38.36
CA UNK C 3484 39.76 104.76 37.57
C UNK C 3484 40.61 103.85 38.46
N UNK C 3485 41.09 104.40 39.57
CA UNK C 3485 41.91 103.64 40.51
C UNK C 3485 41.04 102.71 41.36
N UNK C 3486 41.17 101.41 41.12
CA UNK C 3486 40.40 100.42 41.86
C UNK C 3486 41.28 99.23 42.24
N UNK C 3487 42.08 99.40 43.29
CA UNK C 3487 42.95 98.34 43.77
C UNK C 3487 42.18 97.33 44.61
N UNK C 3488 41.39 97.84 45.55
CA UNK C 3488 40.61 96.99 46.44
C UNK C 3488 39.52 96.24 45.69
N UNK C 3489 39.20 96.71 44.48
CA UNK C 3489 38.16 96.08 43.68
C UNK C 3489 38.73 94.95 42.83
N UNK C 3490 38.98 93.81 43.48
CA UNK C 3490 39.40 92.57 42.81
C UNK C 3490 40.75 92.66 42.07
N UNK C 3491 41.06 93.83 41.52
CA UNK C 3491 42.29 94.02 40.76
C UNK C 3491 43.52 93.71 41.61
N UNK C 3492 43.54 94.22 42.84
CA UNK C 3492 44.60 93.92 43.78
C UNK C 3492 44.03 93.19 44.98
N UNK C 3493 42.91 92.51 44.77
CA UNK C 3493 42.25 91.74 45.82
C UNK C 3493 42.05 90.30 45.37
N UNK C 3494 42.89 89.85 44.44
CA UNK C 3494 42.80 88.49 43.93
C UNK C 3494 44.13 87.77 44.06
N UNK C 3495 44.55 87.54 45.30
CA UNK C 3495 45.81 86.83 45.57
C UNK C 3495 45.61 85.77 46.64
N UNK C 3496 44.86 84.72 46.29
CA UNK C 3496 44.56 83.62 47.20
C UNK C 3496 43.92 84.11 48.50
N UNK C 3497 44.11 83.37 49.57
CA UNK C 3497 43.57 83.74 50.88
C UNK C 3497 44.50 84.71 51.58
N UNK C 3498 45.70 84.88 51.03
CA UNK C 3498 46.71 85.77 51.61
C UNK C 3498 46.21 87.21 51.61
N UNK C 3499 45.79 87.69 50.45
CA UNK C 3499 45.26 89.05 50.33
C UNK C 3499 43.78 89.07 50.67
N UNK C 3500 43.25 87.91 51.06
CA UNK C 3500 41.83 87.79 51.39
C UNK C 3500 41.64 87.36 52.85
N UNK C 3501 41.51 86.06 53.06
CA UNK C 3501 41.23 85.50 54.38
C UNK C 3501 42.32 85.86 55.38
N UNK C 3502 43.57 85.69 54.98
CA UNK C 3502 44.70 86.03 55.85
C UNK C 3502 44.75 87.54 56.07
N UNK C 3503 44.22 88.29 55.11
CA UNK C 3503 44.16 89.75 55.21
C UNK C 3503 42.92 90.15 56.01
N UNK C 3504 41.87 89.35 55.90
CA UNK C 3504 40.63 89.60 56.64
C UNK C 3504 40.82 89.28 58.11
N UNK C 3505 41.75 88.38 58.40
CA UNK C 3505 42.07 88.02 59.78
C UNK C 3505 42.64 89.22 60.52
N UNK C 3506 43.49 89.99 59.83
CA UNK C 3506 44.05 91.21 60.37
C UNK C 3506 42.95 92.25 60.53
N UNK C 3507 41.97 92.22 59.63
CA UNK C 3507 40.83 93.11 59.70
C UNK C 3507 39.89 92.64 60.81
N UNK C 3508 40.02 91.37 61.19
CA UNK C 3508 39.24 90.81 62.28
C UNK C 3508 40.04 90.86 63.58
N UNK C 3509 40.87 91.88 63.71
CA UNK C 3509 41.70 92.06 64.90
C UNK C 3509 41.47 93.45 65.50
N UNK C 3510 40.36 93.60 66.22
CA UNK C 3510 39.99 94.86 66.87
C UNK C 3510 39.94 96.00 65.88
N UNK C 3511 28.43 92.87 59.51
CA UNK C 3511 29.17 93.23 58.31
C UNK C 3511 30.17 92.15 57.94
N UNK C 3512 29.70 90.91 57.84
CA UNK C 3512 30.56 89.78 57.50
C UNK C 3512 30.70 89.64 55.99
N UNK C 3513 31.04 90.73 55.32
CA UNK C 3513 31.25 90.72 53.88
C UNK C 3513 32.73 90.76 53.56
N UNK C 3514 33.52 90.06 54.37
CA UNK C 3514 34.97 89.99 54.22
C UNK C 3514 35.59 91.39 54.22
N UNK C 3515 36.39 91.68 53.18
CA UNK C 3515 37.07 92.96 53.07
C UNK C 3515 36.07 94.09 52.79
N UNK C 3516 36.08 95.11 53.64
CA UNK C 3516 35.18 96.25 53.48
C UNK C 3516 35.65 97.14 52.34
N UNK C 3517 35.11 96.89 51.15
CA UNK C 3517 35.45 97.68 49.97
C UNK C 3517 34.33 98.65 49.62
N UNK C 3518 34.69 99.92 49.48
CA UNK C 3518 33.73 100.96 49.13
C UNK C 3518 33.67 101.18 47.63
N UNK C 3519 34.00 100.13 46.87
CA UNK C 3519 33.99 100.20 45.41
C UNK C 3519 32.55 100.23 44.90
N UNK C 3520 31.64 99.64 45.67
CA UNK C 3520 30.24 99.57 45.28
C UNK C 3520 29.60 100.94 45.30
N UNK C 3521 30.05 101.79 46.22
CA UNK C 3521 29.52 103.15 46.32
C UNK C 3521 30.08 104.03 45.21
N UNK C 3522 31.15 103.56 44.58
CA UNK C 3522 31.82 104.31 43.51
C UNK C 3522 31.60 103.64 42.16
N UNK C 3523 30.69 102.67 42.12
CA UNK C 3523 30.39 101.95 40.88
C UNK C 3523 29.55 102.82 39.94
N UNK C 3524 28.88 103.82 40.52
CA UNK C 3524 28.04 104.72 39.74
C UNK C 3524 28.83 105.93 39.26
N UNK C 3525 30.07 106.05 39.74
CA UNK C 3525 30.93 107.17 39.38
C UNK C 3525 31.95 106.76 38.32
N UNK C 3526 32.25 105.46 38.27
CA UNK C 3526 33.20 104.94 37.30
C UNK C 3526 32.65 105.06 35.89
N UNK C 3527 31.35 104.81 35.74
CA UNK C 3527 30.69 104.94 34.46
C UNK C 3527 29.71 106.11 34.49
N UNK C 3528 29.06 106.37 33.34
CA UNK C 3528 28.11 107.47 33.21
C UNK C 3528 28.74 108.81 33.57
N UNK C 3529 30.05 108.92 33.33
CA UNK C 3529 30.79 110.14 33.62
C UNK C 3529 31.96 110.27 32.65
N UNK C 3530 32.29 109.15 32.01
CA UNK C 3530 33.33 109.11 30.99
C UNK C 3530 32.74 108.65 29.67
N UNK C 3531 31.42 108.45 29.67
CA UNK C 3531 30.71 108.01 28.48
C UNK C 3531 29.27 108.52 28.49
N UNK C 3532 28.58 108.35 27.36
CA UNK C 3532 27.19 108.78 27.25
C UNK C 3532 26.29 107.59 26.90
N UNK C 3533 26.53 106.47 27.59
CA UNK C 3533 25.77 105.24 27.39
C UNK C 3533 25.84 104.75 25.94
N UNK C 3534 24.89 103.87 25.58
CA UNK C 3534 24.82 103.30 24.24
C UNK C 3534 26.12 102.63 23.84
N UNK C 3535 26.81 102.03 24.81
CA UNK C 3535 28.09 101.40 24.56
C UNK C 3535 27.98 99.88 24.63
N UNK C 3536 26.92 99.40 25.28
CA UNK C 3536 26.67 97.96 25.44
C UNK C 3536 27.85 97.24 26.08
N UNK C 3537 28.88 96.98 25.29
CA UNK C 3537 30.09 96.29 25.74
C UNK C 3537 29.75 94.94 26.35
N UNK C 3538 28.91 94.18 25.65
CA UNK C 3538 28.51 92.86 26.12
C UNK C 3538 29.44 91.80 25.54
N UNK C 3539 30.19 92.17 24.52
CA UNK C 3539 31.12 91.25 23.88
C UNK C 3539 32.38 91.06 24.73
N UNK C 3540 32.99 92.16 25.12
CA UNK C 3540 34.22 92.11 25.92
C UNK C 3540 33.93 91.65 27.35
N UNK C 3541 32.72 91.94 27.82
CA UNK C 3541 32.32 91.57 29.18
C UNK C 3541 32.12 90.07 29.31
N UNK C 3542 31.72 89.44 28.20
CA UNK C 3542 31.46 88.00 28.19
C UNK C 3542 32.72 87.21 27.81
N UNK C 3543 33.53 87.79 26.92
CA UNK C 3543 34.73 87.12 26.45
C UNK C 3543 35.82 87.09 27.53
N UNK C 3544 35.85 88.11 28.38
CA UNK C 3544 36.85 88.20 29.43
C UNK C 3544 36.51 87.24 30.57
N UNK C 3545 35.28 86.75 30.58
CA UNK C 3545 34.82 85.84 31.62
C UNK C 3545 34.79 84.40 31.12
N UNK C 3546 34.54 84.24 29.82
CA UNK C 3546 34.48 82.91 29.21
C UNK C 3546 35.83 82.51 28.64
N UNK C 3547 36.27 83.24 27.61
CA UNK C 3547 37.55 82.96 26.95
C UNK C 3547 38.71 83.24 27.90
N UNK C 3548 38.79 84.48 28.37
CA UNK C 3548 39.86 84.90 29.29
C UNK C 3548 41.24 84.60 28.73
N UNK C 3549 41.52 85.12 27.53
CA UNK C 3549 42.79 84.88 26.87
C UNK C 3549 43.93 85.56 27.63
N UNK C 3550 43.81 86.86 27.84
CA UNK C 3550 44.82 87.63 28.56
C UNK C 3550 44.25 88.93 29.09
N UNK C 3551 45.11 89.73 29.72
CA UNK C 3551 44.68 91.02 30.27
C UNK C 3551 44.71 92.10 29.19
N UNK C 3552 45.60 91.93 28.22
CA UNK C 3552 45.70 92.86 27.11
C UNK C 3552 45.06 92.28 25.85
N UNK C 3553 44.45 91.11 26.01
CA UNK C 3553 43.77 90.45 24.90
C UNK C 3553 42.50 91.19 24.50
N UNK C 3554 42.00 92.00 25.42
CA UNK C 3554 40.81 92.82 25.17
C UNK C 3554 41.13 93.85 24.08
N UNK C 3555 42.34 94.40 24.14
CA UNK C 3555 42.80 95.34 23.13
C UNK C 3555 43.09 94.60 21.83
N UNK C 3556 43.37 93.31 21.94
CA UNK C 3556 43.61 92.46 20.79
C UNK C 3556 42.29 91.98 20.20
N UNK C 3557 41.29 91.83 21.04
CA UNK C 3557 39.95 91.44 20.60
C UNK C 3557 39.14 92.67 20.21
N UNK C 3558 39.73 93.84 20.39
CA UNK C 3558 39.08 95.09 20.03
C UNK C 3558 39.04 95.25 18.51
N UNK C 3559 39.94 94.54 17.83
CA UNK C 3559 39.99 94.56 16.37
C UNK C 3559 38.75 93.92 15.78
N UNK C 3560 38.21 92.93 16.48
CA UNK C 3560 37.00 92.26 16.04
C UNK C 3560 35.79 92.82 16.78
N UNK C 3561 35.77 94.13 16.97
CA UNK C 3561 34.68 94.80 17.67
C UNK C 3561 34.19 96.01 16.89
N UNK C 3562 33.86 97.08 17.61
CA UNK C 3562 33.38 98.33 17.01
C UNK C 3562 32.12 98.13 16.19
N UNK C 3563 32.26 97.47 15.03
CA UNK C 3563 31.15 97.25 14.12
C UNK C 3563 30.13 96.28 14.70
N UNK C 3564 30.52 95.54 15.73
CA UNK C 3564 29.63 94.58 16.38
C UNK C 3564 28.55 95.29 17.19
N UNK C 3565 28.82 96.53 17.57
CA UNK C 3565 27.87 97.33 18.33
C UNK C 3565 27.37 98.51 17.50
N UNK C 3566 26.07 98.53 17.22
CA UNK C 3566 25.47 99.59 16.42
C UNK C 3566 24.16 100.06 17.05
N UNK C 3567 23.79 101.31 16.76
CA UNK C 3567 22.55 101.87 17.29
C UNK C 3567 21.34 101.26 16.60
N UNK C 3568 20.39 100.80 17.40
CA UNK C 3568 19.18 100.18 16.86
C UNK C 3568 17.93 100.92 17.33
N UNK C 3569 16.77 100.40 16.96
CA UNK C 3569 15.50 100.99 17.35
C UNK C 3569 14.78 100.12 18.37
N UNK C 3570 14.77 100.57 19.62
CA UNK C 3570 14.13 99.82 20.70
C UNK C 3570 13.85 100.74 21.89
N UNK C 3571 14.91 101.12 22.60
CA UNK C 3571 14.78 101.98 23.77
C UNK C 3571 15.46 103.33 23.53
N UNK C 3572 14.65 104.37 23.40
CA UNK C 3572 15.17 105.72 23.22
C UNK C 3572 15.02 106.51 24.51
N UNK C 3573 14.59 105.84 25.57
CA UNK C 3573 14.39 106.46 26.87
C UNK C 3573 15.73 106.67 27.58
N UNK C 3574 16.76 105.99 27.08
CA UNK C 3574 18.09 106.10 27.65
C UNK C 3574 19.14 106.29 26.56
N UNK C 3575 19.07 105.47 25.52
CA UNK C 3575 20.04 105.52 24.43
C UNK C 3575 19.97 106.84 23.67
N UNK C 3576 18.80 107.47 23.67
CA UNK C 3576 18.62 108.74 22.99
C UNK C 3576 18.61 109.89 23.99
N UNK C 3577 18.60 109.56 25.27
CA UNK C 3577 18.55 110.57 26.32
C UNK C 3577 19.93 110.79 26.93
N UNK C 3578 20.58 109.70 27.31
CA UNK C 3578 21.90 109.78 27.91
C UNK C 3578 22.94 110.24 26.88
N UNK C 3579 22.67 109.93 25.61
CA UNK C 3579 23.54 110.35 24.53
C UNK C 3579 23.47 111.87 24.38
N UNK C 3580 22.30 112.43 24.65
CA UNK C 3580 22.12 113.87 24.62
C UNK C 3580 22.90 114.51 25.77
N UNK C 3581 22.92 113.81 26.89
CA UNK C 3581 23.67 114.26 28.06
C UNK C 3581 25.17 114.18 27.77
N UNK C 3582 25.69 115.20 27.11
CA UNK C 3582 27.10 115.22 26.72
C UNK C 3582 27.94 116.03 27.71
N UNK C 3583 29.16 115.58 27.92
CA UNK C 3583 30.09 116.28 28.80
C UNK C 3583 30.63 117.53 28.12
N UNK C 3584 30.57 117.53 26.79
CA UNK C 3584 31.06 118.66 26.00
C UNK C 3584 30.35 118.71 24.65
N UNK C 3585 30.58 119.79 23.92
CA UNK C 3585 29.97 119.95 22.60
C UNK C 3585 30.60 118.99 21.60
N UNK C 3586 31.92 118.87 21.64
CA UNK C 3586 32.64 117.99 20.74
C UNK C 3586 32.55 116.53 21.20
N UNK C 3587 32.79 115.61 20.29
CA UNK C 3587 32.76 114.19 20.60
C UNK C 3587 34.05 113.50 20.19
N UNK C 3588 34.51 112.57 21.00
CA UNK C 3588 35.73 111.83 20.73
C UNK C 3588 35.47 110.34 20.61
N UNK C 3589 35.88 109.74 19.50
CA UNK C 3589 35.67 108.31 19.27
C UNK C 3589 37.01 107.56 19.28
N UNK C 3590 38.04 108.20 19.82
CA UNK C 3590 39.36 107.59 19.89
C UNK C 3590 39.67 107.14 21.32
N UNK C 3591 38.74 107.38 22.22
CA UNK C 3591 38.93 107.01 23.62
C UNK C 3591 37.88 105.99 24.06
N UNK C 3592 37.21 105.38 23.09
CA UNK C 3592 36.19 104.37 23.37
C UNK C 3592 36.83 102.99 23.48
N UNK C 3593 38.05 102.85 22.98
CA UNK C 3593 38.76 101.58 23.00
C UNK C 3593 39.31 101.29 24.38
N UNK C 3594 39.58 102.35 25.15
CA UNK C 3594 40.15 102.20 26.48
C UNK C 3594 39.10 102.47 27.56
N UNK C 3595 38.02 101.69 27.55
CA UNK C 3595 36.95 101.85 28.52
C UNK C 3595 36.20 100.54 28.72
N UNK C 3596 36.07 99.77 27.64
CA UNK C 3596 35.37 98.49 27.69
C UNK C 3596 36.16 97.48 28.50
N UNK C 3597 37.48 97.66 28.57
CA UNK C 3597 38.35 96.76 29.32
C UNK C 3597 38.33 97.11 30.81
N UNK C 3598 37.65 98.19 31.15
CA UNK C 3598 37.51 98.61 32.53
C UNK C 3598 36.27 97.97 33.16
N UNK C 3599 35.61 97.11 32.40
CA UNK C 3599 34.42 96.40 32.87
C UNK C 3599 34.80 95.06 33.46
N UNK C 3600 36.09 94.88 33.75
CA UNK C 3600 36.58 93.62 34.30
C UNK C 3600 36.19 93.48 35.77
N UNK C 3601 35.81 94.59 36.39
CA UNK C 3601 35.38 94.58 37.79
C UNK C 3601 34.11 93.75 37.93
N UNK C 3602 33.28 93.75 36.89
CA UNK C 3602 32.04 92.97 36.89
C UNK C 3602 32.31 91.55 36.41
N UNK C 3603 33.56 91.26 36.07
CA UNK C 3603 33.94 89.95 35.59
C UNK C 3603 34.96 89.29 36.52
N UNK C 3604 35.37 90.04 37.54
CA UNK C 3604 36.34 89.54 38.51
C UNK C 3604 35.77 89.56 39.92
N UNK C 3605 35.05 90.63 40.24
CA UNK C 3605 34.44 90.78 41.57
C UNK C 3605 33.00 90.30 41.55
N UNK C 3606 32.27 90.66 40.50
CA UNK C 3606 30.87 90.24 40.37
C UNK C 3606 30.80 88.77 39.96
N UNK C 3607 31.92 88.25 39.47
CA UNK C 3607 32.00 86.84 39.11
C UNK C 3607 31.96 85.98 40.37
N UNK C 3608 32.41 86.56 41.48
CA UNK C 3608 32.39 85.87 42.76
C UNK C 3608 31.35 86.50 43.68
N UNK C 3609 30.24 86.94 43.09
CA UNK C 3609 29.16 87.56 43.84
C UNK C 3609 28.48 86.54 44.75
N UNK C 3610 28.28 85.33 44.24
CA UNK C 3610 27.68 84.26 45.02
C UNK C 3610 28.72 83.63 45.94
N UNK C 3611 29.99 83.91 45.65
CA UNK C 3611 31.08 83.38 46.46
C UNK C 3611 31.51 84.41 47.50
N UNK C 3612 31.01 85.63 47.37
CA UNK C 3612 31.33 86.70 48.30
C UNK C 3612 30.66 86.46 49.65
N UNK C 3613 29.47 85.89 49.62
CA UNK C 3613 28.72 85.60 50.84
C UNK C 3613 27.77 84.43 50.62
N THR C 3639 40.55 53.88 77.10
CA THR C 3639 40.86 53.40 78.44
C THR C 3639 42.31 52.92 78.52
N PRO C 3640 43.09 53.51 79.42
CA PRO C 3640 44.49 53.11 79.55
C PRO C 3640 44.62 51.68 80.07
N LEU C 3641 45.73 51.05 79.70
CA LEU C 3641 45.98 49.66 80.09
C LEU C 3641 46.81 49.52 81.35
N TYR C 3642 47.61 50.53 81.70
CA TYR C 3642 48.45 50.41 82.89
C TYR C 3642 47.63 50.41 84.17
N ASN C 3643 46.49 51.09 84.19
CA ASN C 3643 45.61 51.10 85.36
C ASN C 3643 44.54 50.01 85.20
N LEU C 3644 45.03 48.78 85.12
CA LEU C 3644 44.18 47.61 84.93
C LEU C 3644 44.61 46.53 85.91
N PRO C 3645 43.68 45.75 86.45
CA PRO C 3645 44.06 44.66 87.35
C PRO C 3645 44.97 43.65 86.68
N THR C 3646 45.95 43.17 87.44
CA THR C 3646 46.93 42.23 86.91
C THR C 3646 46.28 40.91 86.52
N HIS C 3647 45.37 40.41 87.35
CA HIS C 3647 44.70 39.15 87.02
C HIS C 3647 43.87 39.27 85.75
N ARG C 3648 43.14 40.38 85.60
CA ARG C 3648 42.38 40.59 84.37
C ARG C 3648 43.30 40.71 83.16
N ALA C 3649 44.41 41.44 83.29
CA ALA C 3649 45.34 41.57 82.18
C ALA C 3649 45.93 40.23 81.78
N CYS C 3650 46.33 39.40 82.74
CA CYS C 3650 46.93 38.12 82.39
C CYS C 3650 45.88 37.14 81.86
N ASN C 3651 44.64 37.23 82.33
CA ASN C 3651 43.57 36.44 81.73
C ASN C 3651 43.35 36.85 80.27
N MET C 3652 43.34 38.15 80.00
CA MET C 3652 42.95 38.62 78.67
C MET C 3652 44.09 38.48 77.67
N PHE C 3653 45.34 38.46 78.15
CA PHE C 3653 46.46 38.21 77.26
C PHE C 3653 46.43 36.79 76.69
N LEU C 3654 45.81 35.85 77.41
CA LEU C 3654 45.86 34.44 77.02
C LEU C 3654 45.08 34.14 75.74
N GLU C 3655 44.03 34.93 75.44
CA GLU C 3655 43.22 34.64 74.27
C GLU C 3655 44.03 34.74 72.98
N SER C 3656 44.92 35.71 72.90
CA SER C 3656 45.71 35.94 71.69
C SER C 3656 46.85 34.93 71.66
N TYR C 3657 46.61 33.78 71.05
CA TYR C 3657 47.67 32.78 70.87
C TYR C 3657 48.70 33.28 69.88
N LYS C 3658 48.31 33.43 68.61
CA LYS C 3658 49.05 34.23 67.65
C LYS C 3658 48.23 35.43 67.21
N ALA C 3659 47.07 35.20 66.60
CA ALA C 3659 45.97 36.17 66.66
C ALA C 3659 44.77 35.50 67.32
N ALA C 3660 44.30 34.42 66.72
CA ALA C 3660 43.32 33.53 67.32
C ALA C 3660 43.58 32.05 67.06
N TRP C 3661 44.32 31.70 66.01
CA TRP C 3661 44.50 30.33 65.54
C TRP C 3661 45.98 29.95 65.68
N ILE C 3662 46.31 28.72 65.29
CA ILE C 3662 47.66 28.22 65.53
C ILE C 3662 48.70 29.07 64.79
N LEU C 3663 48.43 29.39 63.53
CA LEU C 3663 49.33 30.19 62.69
C LEU C 3663 50.74 29.63 62.62
N THR C 3664 50.89 28.32 62.83
CA THR C 3664 52.18 27.65 62.76
C THR C 3664 52.11 26.53 61.75
N GLU C 3665 53.10 26.46 60.87
CA GLU C 3665 53.12 25.45 59.81
C GLU C 3665 53.29 24.07 60.45
N ASP C 3666 52.51 23.11 59.98
CA ASP C 3666 52.60 21.72 60.41
C ASP C 3666 52.41 20.75 59.24
N HIS C 3667 52.83 21.16 58.05
CA HIS C 3667 52.61 20.38 56.85
C HIS C 3667 53.46 19.11 56.88
N SER C 3668 53.06 18.13 56.06
CA SER C 3668 53.67 16.82 55.92
C SER C 3668 53.51 15.97 57.16
N PHE C 3669 52.92 16.51 58.24
CA PHE C 3669 52.70 15.72 59.45
C PHE C 3669 51.75 14.55 59.17
N GLU C 3670 50.60 14.83 58.56
CA GLU C 3670 49.65 13.77 58.27
C GLU C 3670 50.15 12.85 57.16
N ASP C 3671 50.96 13.36 56.23
CA ASP C 3671 51.56 12.50 55.22
C ASP C 3671 52.54 11.51 55.85
N ARG C 3672 53.33 11.98 56.83
CA ARG C 3672 54.23 11.07 57.53
C ARG C 3672 53.46 10.12 58.43
N MET C 3673 52.32 10.57 58.98
CA MET C 3673 51.53 9.71 59.85
C MET C 3673 51.06 8.44 59.15
N ILE C 3674 50.43 8.58 57.97
CA ILE C 3674 49.92 7.41 57.27
C ILE C 3674 51.06 6.50 56.84
N ASP C 3675 52.19 7.07 56.42
CA ASP C 3675 53.30 6.27 55.93
C ASP C 3675 53.78 5.28 56.98
N ASP C 3676 54.11 5.77 58.17
CA ASP C 3676 54.62 4.86 59.20
C ASP C 3676 53.51 4.19 59.99
N LEU C 3677 52.25 4.58 59.79
CA LEU C 3677 51.16 3.81 60.39
C LEU C 3677 50.79 2.61 59.53
N SER C 3678 51.04 2.68 58.23
CA SER C 3678 50.83 1.56 57.32
C SER C 3678 52.13 0.87 56.92
N LYS C 3679 53.12 0.87 57.81
CA LYS C 3679 54.42 0.25 57.51
C LYS C 3679 54.42 -1.25 57.77
N ALA C 3680 53.33 -1.81 58.28
CA ALA C 3680 53.31 -3.23 58.61
C ALA C 3680 53.53 -4.10 57.37
N GLY C 3681 52.90 -3.77 56.26
CA GLY C 3681 53.08 -4.52 55.03
C GLY C 3681 54.38 -4.21 54.33
N GLU C 3682 54.85 -2.97 54.44
CA GLU C 3682 56.09 -2.58 53.77
C GLU C 3682 57.32 -3.21 54.44
N GLN C 3683 57.39 -3.16 55.77
CA GLN C 3683 58.50 -3.72 56.52
C GLN C 3683 58.02 -4.94 57.29
N GLU C 3684 58.68 -6.08 57.07
CA GLU C 3684 58.32 -7.34 57.71
C GLU C 3684 59.37 -7.80 58.71
N GLU C 3685 60.10 -6.85 59.30
CA GLU C 3685 61.11 -7.21 60.29
C GLU C 3685 60.47 -7.78 61.55
N GLU C 3686 59.41 -7.14 62.05
CA GLU C 3686 58.76 -7.62 63.26
C GLU C 3686 57.93 -8.87 63.00
N GLU C 3687 57.19 -8.91 61.90
CA GLU C 3687 56.33 -10.03 61.54
C GLU C 3687 56.79 -10.61 60.21
N GLU C 3688 57.11 -11.90 60.20
CA GLU C 3688 57.54 -12.56 58.98
C GLU C 3688 57.08 -14.02 59.02
N GLU C 3689 56.94 -14.60 57.82
CA GLU C 3689 56.50 -15.99 57.67
C GLU C 3689 55.15 -16.21 58.36
N VAL C 3690 54.26 -15.23 58.23
CA VAL C 3690 52.94 -15.32 58.85
C VAL C 3690 52.12 -16.42 58.20
N GLU C 3691 52.18 -16.53 56.87
CA GLU C 3691 51.40 -17.52 56.10
C GLU C 3691 49.91 -17.39 56.37
N GLU C 3692 49.43 -16.16 56.60
CA GLU C 3692 48.03 -15.91 56.86
C GLU C 3692 47.74 -14.45 56.56
N LYS C 3693 46.45 -14.14 56.42
CA LYS C 3693 46.01 -12.77 56.14
C LYS C 3693 45.88 -12.03 57.46
N LYS C 3694 46.79 -11.08 57.71
CA LYS C 3694 46.80 -10.28 58.92
C LYS C 3694 46.67 -8.81 58.55
N PRO C 3695 45.61 -8.12 58.97
CA PRO C 3695 45.43 -6.72 58.58
C PRO C 3695 46.49 -5.81 59.17
N ASP C 3696 46.76 -4.73 58.44
CA ASP C 3696 47.64 -3.67 58.90
C ASP C 3696 46.94 -2.82 59.94
N PRO C 3697 47.68 -2.00 60.70
CA PRO C 3697 47.01 -1.11 61.67
C PRO C 3697 45.98 -0.20 61.02
N LEU C 3698 46.28 0.33 59.82
CA LEU C 3698 45.31 1.17 59.13
C LEU C 3698 44.07 0.39 58.75
N HIS C 3699 44.24 -0.84 58.27
CA HIS C 3699 43.09 -1.66 57.91
C HIS C 3699 42.25 -1.99 59.14
N GLN C 3700 42.91 -2.25 60.27
CA GLN C 3700 42.18 -2.48 61.52
C GLN C 3700 41.40 -1.25 61.95
N LEU C 3701 41.99 -0.07 61.83
CA LEU C 3701 41.28 1.16 62.18
C LEU C 3701 40.06 1.37 61.28
N VAL C 3702 40.23 1.14 59.97
CA VAL C 3702 39.11 1.29 59.05
C VAL C 3702 38.01 0.29 59.39
N LEU C 3703 38.38 -0.95 59.71
CA LEU C 3703 37.39 -1.94 60.12
C LEU C 3703 36.67 -1.53 61.41
N HIS C 3704 37.40 -0.96 62.37
CA HIS C 3704 36.75 -0.52 63.61
C HIS C 3704 35.74 0.58 63.34
N PHE C 3705 36.11 1.56 62.51
CA PHE C 3705 35.16 2.62 62.17
C PHE C 3705 33.95 2.06 61.41
N SER C 3706 34.18 1.12 60.50
CA SER C 3706 33.06 0.49 59.79
C SER C 3706 32.15 -0.27 60.73
N ARG C 3707 32.71 -0.98 61.72
CA ARG C 3707 31.89 -1.67 62.70
C ARG C 3707 31.06 -0.69 63.53
N THR C 3708 31.67 0.41 63.94
CA THR C 3708 30.92 1.44 64.67
C THR C 3708 29.78 1.98 63.82
N ALA C 3709 30.02 2.19 62.53
CA ALA C 3709 28.96 2.62 61.62
C ALA C 3709 27.86 1.58 61.49
N LEU C 3710 28.21 0.30 61.36
CA LEU C 3710 27.21 -0.76 61.19
C LEU C 3710 26.38 -0.99 62.44
N THR C 3711 26.93 -0.76 63.62
CA THR C 3711 26.14 -0.90 64.83
C THR C 3711 24.93 0.04 64.78
N GLU C 3712 23.75 -0.51 65.03
CA GLU C 3712 22.50 0.21 64.85
C GLU C 3712 22.22 1.08 66.08
N LYS C 3713 21.71 2.28 65.82
CA LYS C 3713 21.33 3.22 66.88
C LYS C 3713 20.11 3.99 66.42
N SER C 3714 19.42 4.59 67.40
CA SER C 3714 18.31 5.47 67.09
C SER C 3714 18.80 6.74 66.40
N LYS C 3715 19.96 7.24 66.79
CA LYS C 3715 20.54 8.41 66.16
C LYS C 3715 22.06 8.32 66.23
N LEU C 3716 22.72 9.03 65.33
CA LEU C 3716 24.17 8.99 65.24
C LEU C 3716 24.80 9.90 66.29
N ASP C 3717 25.87 9.42 66.91
CA ASP C 3717 26.53 10.14 67.99
C ASP C 3717 27.60 11.09 67.44
N GLU C 3718 28.39 11.65 68.36
CA GLU C 3718 29.41 12.62 67.96
C GLU C 3718 30.67 11.91 67.45
N ASP C 3719 31.33 11.16 68.32
CA ASP C 3719 32.54 10.40 67.99
C ASP C 3719 33.64 11.33 67.46
N TYR C 3720 34.12 12.18 68.39
CA TYR C 3720 35.10 13.20 68.04
C TYR C 3720 36.39 12.63 67.45
N LEU C 3721 36.73 11.38 67.81
CA LEU C 3721 37.95 10.78 67.27
C LEU C 3721 37.87 10.61 65.76
N TYR C 3722 36.73 10.15 65.26
CA TYR C 3722 36.55 10.00 63.82
C TYR C 3722 36.65 11.34 63.11
N MET C 3723 36.21 12.41 63.76
CA MET C 3723 36.28 13.73 63.16
C MET C 3723 37.72 14.12 62.83
N ALA C 3724 38.66 13.82 63.75
CA ALA C 3724 40.05 14.11 63.47
C ALA C 3724 40.64 13.12 62.48
N TYR C 3725 40.31 11.83 62.63
CA TYR C 3725 40.96 10.82 61.80
C TYR C 3725 40.52 10.88 60.33
N ALA C 3726 39.25 11.19 60.06
CA ALA C 3726 38.82 11.35 58.69
C ALA C 3726 39.53 12.49 58.00
N ASP C 3727 39.70 13.63 58.69
CA ASP C 3727 40.46 14.74 58.13
C ASP C 3727 41.91 14.36 57.91
N ILE C 3728 42.52 13.65 58.86
CA ILE C 3728 43.92 13.25 58.72
C ILE C 3728 44.08 12.35 57.50
N MET C 3729 43.18 11.39 57.31
CA MET C 3729 43.25 10.54 56.13
C MET C 3729 43.03 11.33 54.85
N ALA C 3730 42.02 12.20 54.82
CA ALA C 3730 41.65 12.88 53.58
C ALA C 3730 42.71 13.88 53.12
N LYS C 3731 43.23 14.71 54.03
CA LYS C 3731 44.14 15.76 53.58
C LYS C 3731 45.46 15.19 53.12
N SER C 3732 45.81 13.97 53.54
CA SER C 3732 47.03 13.33 53.07
C SER C 3732 47.00 13.14 51.55
N CYS C 3733 45.91 12.58 51.03
CA CYS C 3733 45.78 12.46 49.57
C CYS C 3733 45.43 13.78 48.92
N HIS C 3734 44.72 14.66 49.63
CA HIS C 3734 44.41 15.97 49.08
C HIS C 3734 45.64 16.84 48.89
N LEU C 3735 46.75 16.53 49.59
CA LEU C 3735 47.98 17.27 49.38
C LEU C 3735 48.49 17.12 47.95
N GLU C 3736 48.39 15.92 47.39
CA GLU C 3736 48.77 15.71 45.99
C GLU C 3736 47.74 16.28 45.02
N GLU C 3737 46.48 16.40 45.43
CA GLU C 3737 45.46 16.93 44.54
C GLU C 3737 45.72 18.41 44.23
N GLY C 3738 46.13 19.18 45.24
CA GLY C 3738 46.40 20.59 45.03
C GLY C 3738 47.75 21.00 45.57
N GLY C 3739 48.51 21.74 44.77
CA GLY C 3739 49.84 22.18 45.16
C GLY C 3739 50.97 21.24 44.78
N GLU C 3740 50.66 20.07 44.22
CA GLU C 3740 51.71 19.17 43.78
C GLU C 3740 52.45 19.75 42.57
N GLU C 3747 52.57 31.46 36.91
CA GLU C 3747 51.75 32.23 35.99
C GLU C 3747 50.94 31.31 35.08
N GLU C 3748 51.47 31.06 33.89
CA GLU C 3748 50.81 30.20 32.92
C GLU C 3748 51.02 28.73 33.30
N VAL C 3749 50.62 27.83 32.40
CA VAL C 3749 50.79 26.40 32.64
C VAL C 3749 52.26 26.05 32.72
N GLU C 3750 52.99 26.26 31.61
CA GLU C 3750 54.44 26.10 31.51
C GLU C 3750 54.93 24.76 32.07
N VAL C 3751 54.05 23.76 32.08
CA VAL C 3751 54.41 22.40 32.50
C VAL C 3751 54.40 21.50 31.29
N SER C 3752 55.51 20.78 31.08
CA SER C 3752 55.64 19.91 29.92
C SER C 3752 54.89 18.60 30.20
N PHE C 3753 54.99 17.66 29.25
CA PHE C 3753 54.20 16.43 29.32
C PHE C 3753 54.65 15.53 30.46
N GLU C 3754 55.97 15.35 30.62
CA GLU C 3754 56.48 14.31 31.51
C GLU C 3754 56.09 14.56 32.96
N GLU C 3755 56.40 15.73 33.49
CA GLU C 3755 56.09 16.01 34.89
C GLU C 3755 54.62 16.27 35.13
N LYS C 3756 53.89 16.78 34.14
CA LYS C 3756 52.43 16.87 34.29
C LYS C 3756 51.83 15.48 34.45
N GLU C 3757 52.25 14.52 33.62
CA GLU C 3757 51.76 13.16 33.78
C GLU C 3757 52.22 12.55 35.09
N MET C 3758 53.46 12.82 35.50
CA MET C 3758 53.96 12.31 36.77
C MET C 3758 53.18 12.82 37.96
N GLU C 3759 52.74 14.08 37.94
CA GLU C 3759 51.90 14.61 39.00
C GLU C 3759 50.46 14.12 38.91
N LYS C 3760 49.93 13.96 37.69
CA LYS C 3760 48.56 13.50 37.53
C LYS C 3760 48.40 12.05 37.98
N GLN C 3761 49.33 11.18 37.58
CA GLN C 3761 49.28 9.78 37.93
C GLN C 3761 50.68 9.34 38.34
N ARG C 3762 50.76 8.26 39.11
CA ARG C 3762 51.95 7.74 39.80
C ARG C 3762 52.30 8.56 41.03
N LEU C 3763 51.61 9.68 41.27
CA LEU C 3763 51.66 10.36 42.56
C LEU C 3763 50.30 10.42 43.23
N LEU C 3764 49.21 10.12 42.52
CA LEU C 3764 47.90 9.92 43.11
C LEU C 3764 47.61 8.46 43.40
N TYR C 3765 48.65 7.66 43.62
CA TYR C 3765 48.47 6.29 44.11
C TYR C 3765 48.06 6.27 45.58
N GLN C 3766 48.16 7.41 46.27
CA GLN C 3766 47.79 7.48 47.68
C GLN C 3766 46.34 7.09 47.91
N GLN C 3767 45.47 7.34 46.93
CA GLN C 3767 44.10 6.85 47.03
C GLN C 3767 44.05 5.33 47.06
N SER C 3768 45.08 4.66 46.56
CA SER C 3768 45.15 3.20 46.66
C SER C 3768 45.81 2.75 47.96
N ARG C 3769 46.85 3.47 48.41
CA ARG C 3769 47.49 3.10 49.67
C ARG C 3769 46.62 3.40 50.88
N LEU C 3770 45.61 4.26 50.74
CA LEU C 3770 44.65 4.51 51.80
C LEU C 3770 43.49 3.51 51.77
N HIS C 3771 43.74 2.32 51.24
CA HIS C 3771 42.76 1.23 51.23
C HIS C 3771 41.50 1.64 50.44
N THR C 3772 41.72 1.80 49.14
CA THR C 3772 40.59 2.01 48.23
C THR C 3772 39.52 0.95 48.44
N ARG C 3773 39.93 -0.31 48.65
CA ARG C 3773 39.00 -1.36 48.99
C ARG C 3773 38.45 -1.21 50.41
N GLY C 3774 39.13 -0.47 51.27
CA GLY C 3774 38.72 -0.34 52.65
C GLY C 3774 37.82 0.85 52.95
N ALA C 3775 38.26 2.04 52.57
CA ALA C 3775 37.55 3.27 52.93
C ALA C 3775 36.35 3.55 52.04
N ALA C 3776 36.27 2.93 50.86
CA ALA C 3776 35.15 3.18 49.97
C ALA C 3776 33.83 2.77 50.59
N GLU C 3777 33.77 1.61 51.24
CA GLU C 3777 32.56 1.20 51.93
C GLU C 3777 32.41 1.94 53.26
N MET C 3778 33.52 2.30 53.91
CA MET C 3778 33.43 3.01 55.18
C MET C 3778 32.76 4.36 55.01
N VAL C 3779 33.04 5.05 53.89
CA VAL C 3779 32.34 6.30 53.61
C VAL C 3779 30.85 6.06 53.42
N LEU C 3780 30.50 5.03 52.63
CA LEU C 3780 29.09 4.71 52.29
C LEU C 3780 28.29 4.38 53.57
N GLN C 3781 28.87 3.58 54.46
CA GLN C 3781 28.25 3.18 55.75
C GLN C 3781 28.09 4.41 56.65
N MET C 3782 29.09 5.28 56.69
CA MET C 3782 29.13 6.52 57.52
C MET C 3782 28.05 7.49 57.05
N ILE C 3783 27.85 7.62 55.74
CA ILE C 3783 26.86 8.52 55.15
C ILE C 3783 25.46 7.99 55.40
N SER C 3784 25.25 6.69 55.22
CA SER C 3784 23.92 6.12 55.38
C SER C 3784 23.45 6.07 56.82
N ALA C 3785 24.37 6.08 57.78
CA ALA C 3785 23.98 6.00 59.19
C ALA C 3785 23.13 7.19 59.61
N CYS C 3786 23.53 8.40 59.20
CA CYS C 3786 22.76 9.60 59.49
C CYS C 3786 21.63 9.70 58.49
N LYS C 3787 20.40 9.83 58.98
CA LYS C 3787 19.25 9.80 58.09
C LYS C 3787 19.07 11.12 57.36
N GLY C 3788 18.86 12.21 58.10
CA GLY C 3788 18.66 13.49 57.46
C GLY C 3788 19.38 14.63 58.15
N GLU C 3789 19.90 14.37 59.34
CA GLU C 3789 20.55 15.42 60.13
C GLU C 3789 21.87 15.81 59.48
N THR C 3790 22.07 17.11 59.29
CA THR C 3790 23.28 17.64 58.69
C THR C 3790 24.18 18.20 59.78
N GLY C 3791 25.48 17.97 59.65
CA GLY C 3791 26.42 18.46 60.65
C GLY C 3791 27.88 18.30 60.30
N ALA C 3792 28.74 18.57 61.28
CA ALA C 3792 30.17 18.48 61.08
C ALA C 3792 30.64 17.08 60.74
N MET C 3793 30.03 16.05 61.33
CA MET C 3793 30.40 14.68 61.01
C MET C 3793 30.10 14.34 59.55
N VAL C 3794 28.92 14.76 59.07
CA VAL C 3794 28.58 14.54 57.67
C VAL C 3794 29.53 15.31 56.76
N SER C 3795 29.85 16.55 57.13
CA SER C 3795 30.80 17.33 56.33
C SER C 3795 32.17 16.64 56.27
N SER C 3796 32.65 16.13 57.40
CA SER C 3796 33.93 15.43 57.43
C SER C 3796 33.91 14.18 56.59
N THR C 3797 32.81 13.41 56.63
CA THR C 3797 32.71 12.23 55.77
C THR C 3797 32.70 12.61 54.29
N LEU C 3798 31.98 13.68 53.94
CA LEU C 3798 31.94 14.10 52.55
C LEU C 3798 33.30 14.58 52.07
N LYS C 3799 34.09 15.21 52.94
CA LYS C 3799 35.45 15.59 52.56
C LYS C 3799 36.27 14.37 52.14
N LEU C 3800 36.24 13.30 52.94
CA LEU C 3800 36.95 12.09 52.58
C LEU C 3800 36.40 11.47 51.31
N GLY C 3801 35.08 11.46 51.17
CA GLY C 3801 34.47 10.91 49.96
C GLY C 3801 34.90 11.63 48.70
N ILE C 3802 35.01 12.96 48.76
CA ILE C 3802 35.50 13.71 47.61
C ILE C 3802 36.98 13.44 47.38
N SER C 3803 37.78 13.44 48.46
CA SER C 3803 39.22 13.32 48.31
C SER C 3803 39.67 11.95 47.83
N ILE C 3804 38.88 10.90 48.10
CA ILE C 3804 39.27 9.56 47.66
C ILE C 3804 39.29 9.47 46.14
N LEU C 3805 38.24 9.97 45.48
CA LEU C 3805 38.05 9.75 44.06
C LEU C 3805 38.10 11.06 43.27
N ASN C 3806 39.08 11.90 43.60
CA ASN C 3806 39.20 13.22 42.98
C ASN C 3806 39.39 13.13 41.47
N GLY C 3807 40.29 12.26 41.00
CA GLY C 3807 40.59 12.16 39.60
C GLY C 3807 39.62 11.34 38.79
N GLY C 3808 38.64 10.70 39.42
CA GLY C 3808 37.67 9.87 38.74
C GLY C 3808 37.74 8.43 39.21
N ASN C 3809 38.95 7.87 39.30
CA ASN C 3809 39.24 6.61 39.99
C ASN C 3809 38.19 5.54 39.68
N ALA C 3810 38.24 5.07 38.43
CA ALA C 3810 37.30 4.04 37.98
C ALA C 3810 37.29 2.83 38.89
N GLU C 3811 38.43 2.47 39.50
CA GLU C 3811 38.44 1.37 40.46
C GLU C 3811 37.57 1.69 41.67
N VAL C 3812 37.67 2.91 42.20
CA VAL C 3812 36.86 3.30 43.34
C VAL C 3812 35.39 3.31 42.96
N GLN C 3813 35.07 3.83 41.77
CA GLN C 3813 33.68 3.84 41.32
C GLN C 3813 33.12 2.42 41.21
N GLN C 3814 33.91 1.49 40.67
CA GLN C 3814 33.46 0.11 40.58
C GLN C 3814 33.28 -0.50 41.97
N LYS C 3815 34.23 -0.24 42.89
CA LYS C 3815 34.13 -0.78 44.24
C LYS C 3815 32.94 -0.23 45.00
N MET C 3816 32.49 0.99 44.69
CA MET C 3816 31.27 1.48 45.32
C MET C 3816 30.03 0.90 44.65
N LEU C 3817 29.99 0.86 43.31
CA LEU C 3817 28.80 0.39 42.62
C LEU C 3817 28.50 -1.07 42.89
N ASP C 3818 29.51 -1.94 42.79
CA ASP C 3818 29.27 -3.36 43.03
C ASP C 3818 28.88 -3.62 44.47
N TYR C 3819 29.48 -2.90 45.42
CA TYR C 3819 29.09 -3.05 46.81
C TYR C 3819 27.64 -2.62 47.03
N LEU C 3820 27.24 -1.49 46.44
CA LEU C 3820 25.86 -1.04 46.59
C LEU C 3820 24.89 -2.06 46.01
N LYS C 3821 25.18 -2.59 44.82
CA LYS C 3821 24.30 -3.59 44.23
C LYS C 3821 24.26 -4.88 45.05
N ASP C 3822 25.39 -5.29 45.60
CA ASP C 3822 25.43 -6.50 46.41
C ASP C 3822 24.62 -6.33 47.70
N LYS C 3823 24.83 -5.22 48.41
CA LYS C 3823 24.09 -4.99 49.64
C LYS C 3823 22.59 -4.85 49.38
N LYS C 3824 22.23 -4.11 48.33
CA LYS C 3824 20.83 -3.92 47.94
C LYS C 3824 19.99 -3.41 49.11
N GLU C 3825 20.58 -2.52 49.90
CA GLU C 3825 19.93 -1.97 51.09
C GLU C 3825 19.47 -0.54 50.77
N VAL C 3826 18.17 -0.31 50.86
CA VAL C 3826 17.63 1.02 50.63
C VAL C 3826 17.93 1.90 51.84
N GLY C 3827 18.06 3.19 51.60
CA GLY C 3827 18.29 4.14 52.68
C GLY C 3827 19.33 5.18 52.36
N PHE C 3828 20.37 4.79 51.62
CA PHE C 3828 21.41 5.76 51.25
C PHE C 3828 20.86 6.85 50.34
N PHE C 3829 20.10 6.48 49.32
CA PHE C 3829 19.56 7.46 48.39
C PHE C 3829 18.52 8.36 49.05
N GLN C 3830 17.67 7.79 49.91
CA GLN C 3830 16.72 8.64 50.62
C GLN C 3830 17.39 9.53 51.65
N SER C 3831 18.49 9.08 52.26
CA SER C 3831 19.27 9.97 53.11
C SER C 3831 19.86 11.13 52.30
N ILE C 3832 20.37 10.84 51.11
CA ILE C 3832 20.88 11.91 50.26
C ILE C 3832 19.78 12.88 49.89
N GLN C 3833 18.60 12.37 49.52
CA GLN C 3833 17.49 13.25 49.16
C GLN C 3833 17.06 14.12 50.33
N ALA C 3834 16.93 13.53 51.52
CA ALA C 3834 16.54 14.32 52.69
C ALA C 3834 17.61 15.35 53.05
N LEU C 3835 18.89 15.00 52.91
CA LEU C 3835 19.96 15.93 53.18
C LEU C 3835 19.95 17.10 52.19
N MET C 3836 19.66 16.82 50.91
CA MET C 3836 19.60 17.88 49.91
C MET C 3836 18.33 18.71 50.04
N GLN C 3837 17.28 18.18 50.65
CA GLN C 3837 16.08 18.97 50.90
C GLN C 3837 16.38 20.16 51.83
N THR C 3838 17.19 19.93 52.86
CA THR C 3838 17.48 20.96 53.85
C THR C 3838 18.74 21.76 53.46
N CYS C 3839 18.70 22.30 52.24
CA CYS C 3839 19.79 23.11 51.72
C CYS C 3839 19.38 24.57 51.73
N SER C 3840 20.23 25.42 52.28
CA SER C 3840 19.91 26.83 52.43
C SER C 3840 19.94 27.55 51.09
N VAL C 3841 19.05 28.53 50.94
CA VAL C 3841 18.96 29.34 49.73
C VAL C 3841 19.01 30.80 50.14
N LEU C 3842 19.44 31.65 49.21
CA LEU C 3842 19.61 33.07 49.49
C LEU C 3842 18.31 33.68 50.01
N ASP C 3843 18.41 34.42 51.10
CA ASP C 3843 17.23 34.94 51.82
C ASP C 3843 17.30 36.45 51.90
N LEU C 3844 16.43 37.12 51.14
CA LEU C 3844 16.41 38.58 51.13
C LEU C 3844 15.92 39.16 52.45
N ASN C 3845 14.96 38.50 53.11
CA ASN C 3845 14.51 38.99 54.41
C ASN C 3845 15.63 38.96 55.44
N ALA C 3846 16.39 37.85 55.48
CA ALA C 3846 17.52 37.77 56.39
C ALA C 3846 18.60 38.79 56.02
N PHE C 3847 18.84 39.00 54.73
CA PHE C 3847 19.80 40.02 54.32
C PHE C 3847 19.37 41.41 54.77
N GLU C 3848 18.08 41.73 54.63
CA GLU C 3848 17.58 43.02 55.10
C GLU C 3848 17.71 43.16 56.61
N ARG C 3849 17.42 42.09 57.36
CA ARG C 3849 17.61 42.14 58.81
C ARG C 3849 19.07 42.36 59.17
N GLN C 3850 19.98 41.67 58.49
CA GLN C 3850 21.41 41.84 58.77
C GLN C 3850 21.88 43.25 58.46
N ASN C 3851 21.35 43.86 57.38
CA ASN C 3851 21.74 45.22 57.05
C ASN C 3851 21.39 46.19 58.17
N LYS C 3852 20.20 46.05 58.75
CA LYS C 3852 19.81 46.94 59.83
C LYS C 3852 20.55 46.61 61.12
N ALA C 3853 20.83 45.32 61.35
CA ALA C 3853 21.59 44.93 62.53
C ALA C 3853 23.03 45.43 62.49
N GLU C 3854 23.60 45.59 61.29
CA GLU C 3854 24.95 46.13 61.16
C GLU C 3854 25.01 47.63 61.41
N GLY C 3855 23.86 48.30 61.51
CA GLY C 3855 23.86 49.74 61.71
C GLY C 3855 24.46 50.19 63.03
N LEU C 3856 24.17 49.45 64.10
CA LEU C 3856 24.66 49.79 65.44
C LEU C 3856 25.91 49.00 65.81
N GLY C 3857 26.75 48.67 64.83
CA GLY C 3857 27.98 47.94 65.11
C GLY C 3857 28.91 48.69 66.05
N MET C 3858 29.00 50.01 65.90
CA MET C 3858 29.82 50.83 66.79
C MET C 3858 28.99 51.23 68.02
N VAL C 3859 28.76 50.23 68.87
CA VAL C 3859 27.94 50.40 70.06
C VAL C 3859 28.72 51.22 71.09
N ASN C 3860 28.03 51.67 72.13
CA ASN C 3860 28.63 52.52 73.15
C ASN C 3860 29.53 51.67 74.05
N GLU C 3861 30.02 52.29 75.13
CA GLU C 3861 30.93 51.60 76.05
C GLU C 3861 30.23 50.40 76.68
N ASP C 3862 30.95 49.29 76.78
CA ASP C 3862 30.49 48.03 77.34
C ASP C 3862 29.32 47.42 76.57
N GLY C 3863 28.98 47.96 75.40
CA GLY C 3863 27.91 47.42 74.60
C GLY C 3863 28.38 46.84 73.28
N THR C 3864 29.67 46.99 72.98
CA THR C 3864 30.26 46.50 71.75
C THR C 3864 31.29 45.39 72.00
N VAL C 3865 31.10 44.62 73.07
CA VAL C 3865 32.05 43.56 73.39
C VAL C 3865 32.01 42.46 72.33
N ILE C 3866 30.79 42.00 71.99
CA ILE C 3866 30.61 40.96 70.99
C ILE C 3866 29.54 41.30 69.97
N ASN C 3867 28.86 42.44 70.11
CA ASN C 3867 27.79 42.80 69.18
C ASN C 3867 28.29 42.98 67.76
N ARG C 3868 29.59 43.20 67.57
CA ARG C 3868 30.14 43.30 66.21
C ARG C 3868 30.21 41.95 65.51
N GLN C 3869 30.00 40.86 66.23
CA GLN C 3869 30.09 39.51 65.66
C GLN C 3869 28.83 39.24 64.85
N ASN C 3870 28.79 39.79 63.64
CA ASN C 3870 27.65 39.63 62.73
C ASN C 3870 28.17 39.38 61.32
N GLY C 3871 29.13 38.46 61.19
CA GLY C 3871 29.80 38.20 59.94
C GLY C 3871 28.92 37.84 58.77
N GLU C 3872 28.29 36.67 58.81
CA GLU C 3872 27.48 36.19 57.69
C GLU C 3872 26.44 35.21 58.20
N LYS C 3873 25.17 35.60 58.11
CA LYS C 3873 24.07 34.74 58.52
C LYS C 3873 23.09 34.42 57.38
N VAL C 3874 23.25 35.05 56.22
CA VAL C 3874 22.32 34.81 55.12
C VAL C 3874 22.49 33.42 54.53
N MET C 3875 23.73 32.96 54.40
CA MET C 3875 24.03 31.65 53.82
C MET C 3875 25.15 31.02 54.62
N ALA C 3876 24.85 29.91 55.30
CA ALA C 3876 25.83 29.21 56.11
C ALA C 3876 26.25 27.87 55.51
N ASP C 3877 25.53 27.36 54.51
CA ASP C 3877 25.84 26.09 53.88
C ASP C 3877 26.49 26.27 52.51
N ASP C 3878 27.17 27.39 52.29
CA ASP C 3878 27.84 27.61 51.02
C ASP C 3878 28.94 26.57 50.79
N GLU C 3879 29.73 26.28 51.83
CA GLU C 3879 30.81 25.31 51.67
C GLU C 3879 30.31 23.88 51.80
N PHE C 3880 29.05 23.68 52.16
CA PHE C 3880 28.52 22.33 52.30
C PHE C 3880 27.74 21.90 51.06
N THR C 3881 26.88 22.77 50.53
CA THR C 3881 26.15 22.45 49.31
C THR C 3881 27.11 22.26 48.14
N GLN C 3882 28.13 23.12 48.05
CA GLN C 3882 29.14 22.95 47.00
C GLN C 3882 29.80 21.59 47.08
N ASP C 3883 30.19 21.18 48.29
CA ASP C 3883 30.83 19.88 48.45
C ASP C 3883 29.89 18.73 48.14
N LEU C 3884 28.63 18.81 48.57
CA LEU C 3884 27.69 17.74 48.27
C LEU C 3884 27.48 17.59 46.76
N PHE C 3885 27.27 18.69 46.06
CA PHE C 3885 27.07 18.59 44.62
C PHE C 3885 28.35 18.23 43.87
N ARG C 3886 29.52 18.64 44.36
CA ARG C 3886 30.77 18.19 43.78
C ARG C 3886 30.93 16.69 43.92
N PHE C 3887 30.58 16.14 45.09
CA PHE C 3887 30.64 14.69 45.27
C PHE C 3887 29.66 13.98 44.35
N LEU C 3888 28.45 14.50 44.21
CA LEU C 3888 27.48 13.88 43.32
C LEU C 3888 27.95 13.90 41.87
N GLN C 3889 28.53 15.03 41.43
CA GLN C 3889 29.08 15.08 40.08
C GLN C 3889 30.23 14.10 39.91
N LEU C 3890 31.13 14.04 40.90
CA LEU C 3890 32.38 13.33 40.74
C LEU C 3890 32.21 11.82 40.92
N LEU C 3891 31.07 11.39 41.46
CA LEU C 3891 30.78 9.95 41.50
C LEU C 3891 30.70 9.34 40.10
N CYS C 3892 30.40 10.13 39.08
CA CYS C 3892 30.33 9.66 37.70
C CYS C 3892 31.12 10.61 36.79
N GLU C 3893 32.34 10.95 37.22
CA GLU C 3893 33.18 11.84 36.42
C GLU C 3893 33.52 11.22 35.07
N GLY C 3894 34.05 10.00 35.10
CA GLY C 3894 34.34 9.29 33.86
C GLY C 3894 33.07 8.76 33.25
N HIS C 3895 33.03 8.73 31.92
CA HIS C 3895 31.87 8.23 31.20
C HIS C 3895 31.81 6.71 31.35
N ASN C 3896 30.98 6.23 32.26
CA ASN C 3896 30.87 4.81 32.55
C ASN C 3896 29.51 4.21 32.21
N ASN C 3897 28.46 5.01 32.16
CA ASN C 3897 27.15 4.59 31.67
C ASN C 3897 26.48 3.55 32.57
N ASP C 3898 27.16 3.16 33.65
CA ASP C 3898 26.53 2.25 34.60
C ASP C 3898 25.95 3.02 35.78
N PHE C 3899 26.77 3.80 36.46
CA PHE C 3899 26.30 4.55 37.61
C PHE C 3899 25.34 5.66 37.21
N GLN C 3900 25.52 6.22 36.01
CA GLN C 3900 24.59 7.23 35.50
C GLN C 3900 23.19 6.66 35.36
N ASN C 3901 23.06 5.46 34.80
CA ASN C 3901 21.76 4.80 34.71
C ASN C 3901 21.26 4.33 36.07
N TYR C 3902 22.16 3.92 36.96
CA TYR C 3902 21.75 3.52 38.30
C TYR C 3902 21.14 4.68 39.08
N LEU C 3903 21.66 5.90 38.90
CA LEU C 3903 21.13 7.05 39.61
C LEU C 3903 19.67 7.32 39.25
N ARG C 3904 19.31 7.20 37.97
CA ARG C 3904 17.95 7.52 37.55
C ARG C 3904 16.94 6.57 38.17
N THR C 3905 17.25 5.27 38.20
CA THR C 3905 16.33 4.29 38.77
C THR C 3905 17.13 3.09 39.26
N GLN C 3906 16.62 2.46 40.31
CA GLN C 3906 17.28 1.33 40.95
C GLN C 3906 16.36 0.12 40.87
N THR C 3907 16.77 -0.89 40.09
CA THR C 3907 15.94 -2.06 39.90
C THR C 3907 15.94 -2.97 41.14
N GLY C 3908 17.10 -3.15 41.76
CA GLY C 3908 17.18 -4.05 42.90
C GLY C 3908 16.40 -3.56 44.10
N ASN C 3909 16.48 -2.27 44.39
CA ASN C 3909 15.80 -1.72 45.54
C ASN C 3909 14.29 -1.69 45.34
N THR C 3910 13.57 -1.67 46.46
CA THR C 3910 12.10 -1.65 46.39
C THR C 3910 11.58 -0.32 45.87
N THR C 3911 12.26 0.78 46.20
CA THR C 3911 11.81 2.11 45.83
C THR C 3911 12.94 2.86 45.12
N THR C 3912 12.55 3.80 44.26
CA THR C 3912 13.49 4.60 43.48
C THR C 3912 13.42 6.04 43.95
N ILE C 3913 14.52 6.77 43.76
CA ILE C 3913 14.61 8.15 44.26
C ILE C 3913 14.63 9.16 43.12
N ASN C 3914 15.34 8.86 42.03
CA ASN C 3914 15.43 9.73 40.87
C ASN C 3914 16.04 11.09 41.24
N ILE C 3915 17.32 11.02 41.60
CA ILE C 3915 18.06 12.19 42.09
C ILE C 3915 18.13 13.29 41.03
N ILE C 3916 18.02 12.91 39.75
CA ILE C 3916 18.10 13.90 38.68
C ILE C 3916 16.97 14.92 38.79
N ILE C 3917 15.75 14.45 39.07
CA ILE C 3917 14.63 15.37 39.23
C ILE C 3917 14.83 16.27 40.45
N CYS C 3918 15.34 15.72 41.55
CA CYS C 3918 15.59 16.53 42.72
C CYS C 3918 16.63 17.62 42.47
N THR C 3919 17.63 17.33 41.63
CA THR C 3919 18.63 18.35 41.32
C THR C 3919 18.02 19.56 40.63
N VAL C 3920 17.20 19.33 39.59
CA VAL C 3920 16.56 20.44 38.91
C VAL C 3920 15.52 21.10 39.82
N ASP C 3921 14.92 20.34 40.73
CA ASP C 3921 14.01 20.94 41.70
C ASP C 3921 14.74 21.94 42.59
N TYR C 3922 15.94 21.60 43.05
CA TYR C 3922 16.72 22.56 43.83
C TYR C 3922 17.19 23.73 42.98
N LEU C 3923 17.56 23.47 41.72
CA LEU C 3923 17.99 24.55 40.84
C LEU C 3923 16.88 25.57 40.62
N LEU C 3924 15.64 25.11 40.48
CA LEU C 3924 14.52 26.04 40.33
C LEU C 3924 14.35 26.92 41.56
N ARG C 3925 14.49 26.35 42.76
CA ARG C 3925 14.39 27.15 43.97
C ARG C 3925 15.50 28.18 44.04
N LEU C 3926 16.72 27.82 43.65
CA LEU C 3926 17.80 28.80 43.60
C LEU C 3926 17.51 29.91 42.59
N GLN C 3927 16.99 29.55 41.42
CA GLN C 3927 16.71 30.55 40.40
C GLN C 3927 15.64 31.54 40.86
N GLU C 3928 14.60 31.05 41.52
CA GLU C 3928 13.57 31.95 42.02
C GLU C 3928 14.13 32.95 43.02
N SER C 3929 14.99 32.48 43.92
CA SER C 3929 15.61 33.39 44.89
C SER C 3929 16.50 34.42 44.22
N ILE C 3930 17.29 34.01 43.22
CA ILE C 3930 18.14 34.98 42.54
C ILE C 3930 17.28 36.02 41.81
N SER C 3931 16.21 35.58 41.15
CA SER C 3931 15.34 36.51 40.45
C SER C 3931 14.69 37.49 41.42
N ASP C 3932 14.24 37.00 42.58
CA ASP C 3932 13.67 37.90 43.58
C ASP C 3932 14.69 38.87 44.12
N PHE C 3933 15.93 38.43 44.33
CA PHE C 3933 16.98 39.31 44.83
C PHE C 3933 17.32 40.40 43.81
N TYR C 3934 17.22 40.10 42.51
CA TYR C 3934 17.56 41.10 41.51
C TYR C 3934 16.63 42.31 41.59
N TRP C 3935 15.33 42.08 41.78
CA TRP C 3935 14.37 43.19 41.79
C TRP C 3935 14.64 44.16 42.94
N TYR C 3936 15.21 43.67 44.04
CA TYR C 3936 15.49 44.53 45.17
C TYR C 3936 16.50 45.61 44.82
N TYR C 3937 17.55 45.26 44.07
CA TYR C 3937 18.57 46.22 43.65
C TYR C 3937 18.29 46.80 42.26
N SER C 3938 17.19 46.38 41.63
CA SER C 3938 16.82 46.94 40.33
C SER C 3938 16.72 48.46 40.38
N GLY C 3939 16.14 49.01 41.45
CA GLY C 3939 15.96 50.45 41.54
C GLY C 3939 17.22 51.21 41.88
N LYS C 3940 18.13 50.60 42.64
CA LYS C 3940 19.33 51.30 43.08
C LYS C 3940 20.29 51.51 41.92
N ASP C 3941 20.93 52.68 41.90
CA ASP C 3941 21.87 53.00 40.83
C ASP C 3941 23.16 52.19 40.97
N VAL C 3942 23.73 52.13 42.16
CA VAL C 3942 25.01 51.48 42.40
C VAL C 3942 24.85 50.48 43.54
N ILE C 3943 25.36 49.27 43.33
CA ILE C 3943 25.31 48.20 44.32
C ILE C 3943 26.46 48.36 45.30
N GLU C 3944 26.17 48.27 46.59
CA GLU C 3944 27.19 48.44 47.61
C GLU C 3944 28.11 47.21 47.65
N GLU C 3945 29.23 47.38 48.36
CA GLU C 3945 30.20 46.29 48.49
C GLU C 3945 29.61 45.09 49.24
N GLN C 3946 28.84 45.36 50.29
CA GLN C 3946 28.21 44.26 51.02
C GLN C 3946 27.22 43.51 50.15
N GLY C 3947 26.47 44.22 49.31
CA GLY C 3947 25.59 43.55 48.37
C GLY C 3947 26.34 42.74 47.33
N LYS C 3948 27.44 43.29 46.81
CA LYS C 3948 28.21 42.60 45.78
C LYS C 3948 28.83 41.32 46.32
N ARG C 3949 29.45 41.39 47.51
CA ARG C 3949 30.07 40.19 48.08
C ARG C 3949 29.05 39.11 48.37
N ASN C 3950 27.88 39.51 48.88
CA ASN C 3950 26.79 38.55 49.08
C ASN C 3950 26.32 37.95 47.77
N PHE C 3951 26.17 38.77 46.73
CA PHE C 3951 25.63 38.30 45.46
C PHE C 3951 26.61 37.40 44.72
N SER C 3952 27.91 37.57 44.96
CA SER C 3952 28.90 36.72 44.32
C SER C 3952 28.90 35.29 44.87
N LYS C 3953 28.31 35.08 46.05
CA LYS C 3953 28.32 33.75 46.64
C LYS C 3953 27.39 32.78 45.91
N ALA C 3954 26.25 33.27 45.42
CA ALA C 3954 25.29 32.41 44.74
C ALA C 3954 25.79 31.93 43.38
N MET C 3955 26.65 32.72 42.73
CA MET C 3955 27.18 32.32 41.42
C MET C 3955 28.00 31.04 41.52
N SER C 3956 28.78 30.88 42.58
CA SER C 3956 29.57 29.66 42.73
C SER C 3956 28.67 28.43 42.84
N VAL C 3957 27.60 28.52 43.65
CA VAL C 3957 26.69 27.40 43.79
C VAL C 3957 25.96 27.11 42.48
N ALA C 3958 25.51 28.16 41.78
CA ALA C 3958 24.83 27.95 40.51
C ALA C 3958 25.75 27.32 39.48
N LYS C 3959 27.00 27.78 39.41
CA LYS C 3959 27.97 27.19 38.49
C LYS C 3959 28.23 25.73 38.83
N GLN C 3960 28.32 25.41 40.13
CA GLN C 3960 28.51 24.02 40.52
C GLN C 3960 27.31 23.16 40.12
N VAL C 3961 26.09 23.66 40.29
CA VAL C 3961 24.92 22.88 39.91
C VAL C 3961 24.89 22.65 38.40
N PHE C 3962 25.16 23.71 37.62
CA PHE C 3962 25.24 23.53 36.17
C PHE C 3962 26.31 22.53 35.78
N ASN C 3963 27.51 22.64 36.39
CA ASN C 3963 28.60 21.75 36.03
C ASN C 3963 28.31 20.32 36.42
N SER C 3964 27.55 20.11 37.48
CA SER C 3964 27.13 18.76 37.85
C SER C 3964 26.07 18.21 36.91
N LEU C 3965 25.16 19.07 36.42
CA LEU C 3965 24.11 18.60 35.53
C LEU C 3965 24.63 18.13 34.19
N THR C 3966 25.78 18.65 33.73
CA THR C 3966 26.29 18.21 32.44
C THR C 3966 26.86 16.81 32.50
N GLU C 3967 27.29 16.35 33.68
CA GLU C 3967 27.92 15.05 33.77
C GLU C 3967 26.91 13.91 33.73
N TYR C 3968 25.63 14.18 33.99
CA TYR C 3968 24.60 13.17 33.81
C TYR C 3968 24.28 12.98 32.33
N ILE C 3969 24.48 14.02 31.52
CA ILE C 3969 24.10 13.97 30.13
C ILE C 3969 25.26 13.51 29.25
N GLN C 3970 26.46 14.02 29.52
CA GLN C 3970 27.63 13.67 28.71
C GLN C 3970 27.91 12.18 28.80
N GLY C 3971 28.56 11.66 27.76
CA GLY C 3971 28.65 10.22 27.59
C GLY C 3971 27.27 9.71 27.23
N PRO C 3972 26.82 10.04 26.00
CA PRO C 3972 25.39 10.02 25.67
C PRO C 3972 24.63 8.79 26.15
N CYS C 3973 23.69 9.01 27.07
CA CYS C 3973 22.77 7.99 27.54
C CYS C 3973 21.36 8.51 27.33
N THR C 3974 20.53 7.70 26.64
CA THR C 3974 19.21 8.18 26.25
C THR C 3974 18.27 8.35 27.44
N GLY C 3975 18.40 7.48 28.44
CA GLY C 3975 17.47 7.53 29.56
C GLY C 3975 17.52 8.84 30.32
N ASN C 3976 18.73 9.29 30.68
CA ASN C 3976 18.86 10.55 31.41
C ASN C 3976 18.46 11.73 30.55
N GLN C 3977 18.81 11.71 29.26
CA GLN C 3977 18.40 12.80 28.38
C GLN C 3977 16.89 12.92 28.31
N GLN C 3978 16.19 11.80 28.13
CA GLN C 3978 14.73 11.85 28.07
C GLN C 3978 14.11 12.24 29.41
N SER C 3979 14.65 11.71 30.51
CA SER C 3979 14.11 12.06 31.82
C SER C 3979 14.27 13.54 32.12
N LEU C 3980 15.41 14.13 31.75
CA LEU C 3980 15.63 15.55 31.97
C LEU C 3980 14.84 16.41 30.98
N ALA C 3981 14.60 15.91 29.77
CA ALA C 3981 13.77 16.66 28.82
C ALA C 3981 12.30 16.66 29.23
N HIS C 3982 11.81 15.59 29.85
CA HIS C 3982 10.45 15.58 30.35
C HIS C 3982 10.27 16.41 31.62
N SER C 3983 11.35 16.89 32.21
CA SER C 3983 11.27 17.71 33.41
C SER C 3983 11.09 19.18 33.04
N ARG C 3984 10.90 19.99 34.07
CA ARG C 3984 10.68 21.43 33.89
C ARG C 3984 11.97 22.23 33.99
N LEU C 3985 12.98 21.84 33.20
CA LEU C 3985 14.24 22.58 33.20
C LEU C 3985 14.10 23.91 32.46
N TRP C 3986 13.33 23.91 31.36
CA TRP C 3986 13.24 25.12 30.55
C TRP C 3986 12.57 26.26 31.30
N ASP C 3987 11.71 25.95 32.27
CA ASP C 3987 11.17 27.00 33.12
C ASP C 3987 12.27 27.71 33.91
N ALA C 3988 13.24 26.96 34.42
CA ALA C 3988 14.38 27.57 35.10
C ALA C 3988 15.29 28.29 34.12
N VAL C 3989 15.45 27.73 32.91
CA VAL C 3989 16.31 28.35 31.92
C VAL C 3989 15.77 29.71 31.49
N VAL C 3990 14.45 29.83 31.31
CA VAL C 3990 13.86 31.11 30.94
C VAL C 3990 14.10 32.15 32.03
N GLY C 3991 13.90 31.75 33.29
CA GLY C 3991 14.16 32.67 34.39
C GLY C 3991 15.61 33.09 34.48
N PHE C 3992 16.53 32.15 34.24
CA PHE C 3992 17.95 32.52 34.23
C PHE C 3992 18.28 33.47 33.09
N LEU C 3993 17.69 33.25 31.91
CA LEU C 3993 17.91 34.18 30.80
C LEU C 3993 17.38 35.56 31.13
N HIS C 3994 16.23 35.64 31.80
CA HIS C 3994 15.66 36.94 32.13
C HIS C 3994 16.58 37.76 33.01
N VAL C 3995 17.18 37.14 34.03
CA VAL C 3995 18.11 37.89 34.87
C VAL C 3995 19.43 38.14 34.16
N PHE C 3996 19.87 37.20 33.31
CA PHE C 3996 21.13 37.40 32.60
C PHE C 3996 21.05 38.58 31.66
N ALA C 3997 19.91 38.78 30.99
CA ALA C 3997 19.79 39.88 30.04
C ALA C 3997 19.82 41.22 30.74
N HIS C 3998 19.22 41.34 31.91
CA HIS C 3998 19.08 42.64 32.56
C HIS C 3998 20.26 42.97 33.46
N MET C 3999 20.70 42.00 34.28
CA MET C 3999 21.77 42.25 35.23
C MET C 3999 23.08 42.58 34.52
N MET C 4000 23.39 41.86 33.44
CA MET C 4000 24.58 42.15 32.65
C MET C 4000 24.53 43.55 32.06
N MET C 4001 23.37 43.95 31.54
CA MET C 4001 23.22 45.27 30.96
C MET C 4001 23.38 46.36 32.02
N LYS C 4002 22.87 46.11 33.23
CA LYS C 4002 22.98 47.08 34.31
C LYS C 4002 24.38 47.18 34.87
N LEU C 4003 25.14 46.08 34.88
CA LEU C 4003 26.47 46.08 35.46
C LEU C 4003 27.48 46.84 34.60
N ALA C 4004 27.28 46.88 33.29
CA ALA C 4004 28.28 47.46 32.40
C ALA C 4004 28.39 48.97 32.50
N GLN C 4005 27.38 49.64 33.08
CA GLN C 4005 27.41 51.10 33.12
C GLN C 4005 28.50 51.63 34.04
N ASP C 4006 28.73 50.95 35.16
CA ASP C 4006 29.72 51.39 36.14
C ASP C 4006 31.01 50.60 35.98
N SER C 4007 32.15 51.29 36.15
CA SER C 4007 33.45 50.65 35.98
C SER C 4007 33.96 50.01 37.26
N SER C 4008 33.34 50.27 38.41
CA SER C 4008 33.83 49.71 39.66
C SER C 4008 33.43 48.24 39.82
N GLN C 4009 32.31 47.83 39.22
CA GLN C 4009 31.78 46.48 39.38
C GLN C 4009 32.11 45.57 38.21
N ILE C 4010 33.29 45.70 37.62
CA ILE C 4010 33.66 44.89 36.46
C ILE C 4010 33.80 43.42 36.82
N GLU C 4011 34.28 43.13 38.04
CA GLU C 4011 34.49 41.73 38.43
C GLU C 4011 33.20 40.94 38.48
N LEU C 4012 32.12 41.54 38.98
CA LEU C 4012 30.84 40.84 39.01
C LEU C 4012 30.37 40.49 37.61
N LEU C 4013 30.50 41.42 36.66
CA LEU C 4013 30.15 41.11 35.27
C LEU C 4013 31.04 40.01 34.71
N LYS C 4014 32.33 40.04 35.04
CA LYS C 4014 33.24 39.02 34.54
C LYS C 4014 32.86 37.63 35.03
N GLU C 4015 32.47 37.51 36.30
CA GLU C 4015 32.03 36.23 36.81
C GLU C 4015 30.65 35.82 36.28
N LEU C 4016 29.77 36.80 36.05
CA LEU C 4016 28.46 36.50 35.48
C LEU C 4016 28.59 35.92 34.08
N LEU C 4017 29.49 36.48 33.27
CA LEU C 4017 29.75 35.91 31.95
C LEU C 4017 30.29 34.50 32.03
N ASP C 4018 31.17 34.21 32.99
CA ASP C 4018 31.68 32.86 33.17
C ASP C 4018 30.55 31.90 33.52
N LEU C 4019 29.63 32.32 34.39
CA LEU C 4019 28.47 31.47 34.70
C LEU C 4019 27.61 31.24 33.47
N GLN C 4020 27.39 32.28 32.67
CA GLN C 4020 26.59 32.12 31.46
C GLN C 4020 27.25 31.17 30.48
N LYS C 4021 28.58 31.16 30.43
CA LYS C 4021 29.28 30.22 29.56
C LYS C 4021 28.98 28.78 29.95
N ASP C 4022 29.02 28.48 31.25
CA ASP C 4022 28.66 27.15 31.73
C ASP C 4022 27.21 26.81 31.44
N MET C 4023 26.30 27.77 31.58
CA MET C 4023 24.90 27.51 31.23
C MET C 4023 24.75 27.16 29.76
N VAL C 4024 25.45 27.88 28.88
CA VAL C 4024 25.36 27.60 27.45
C VAL C 4024 25.97 26.24 27.13
N VAL C 4025 27.07 25.88 27.81
CA VAL C 4025 27.66 24.56 27.61
C VAL C 4025 26.68 23.47 28.03
N MET C 4026 26.01 23.65 29.17
CA MET C 4026 25.03 22.67 29.61
C MET C 4026 23.90 22.55 28.60
N LEU C 4027 23.44 23.67 28.04
CA LEU C 4027 22.41 23.61 27.00
C LEU C 4027 22.91 22.86 25.77
N LEU C 4028 24.15 23.11 25.35
CA LEU C 4028 24.72 22.41 24.20
C LEU C 4028 24.84 20.92 24.42
N SER C 4029 25.12 20.50 25.65
CA SER C 4029 25.29 19.07 25.93
C SER C 4029 24.00 18.27 25.77
N LEU C 4030 22.85 18.93 25.63
CA LEU C 4030 21.59 18.21 25.50
C LEU C 4030 21.43 17.55 24.14
N LEU C 4031 21.94 18.18 23.08
CA LEU C 4031 21.69 17.69 21.73
C LEU C 4031 22.37 16.34 21.49
N GLU C 4032 23.70 16.30 21.55
CA GLU C 4032 24.48 15.07 21.38
C GLU C 4032 24.08 14.30 20.12
N GLY C 4033 24.16 15.00 18.98
CA GLY C 4033 23.98 14.34 17.70
C GLY C 4033 22.60 13.74 17.47
N ASN C 4034 21.55 14.50 17.77
CA ASN C 4034 20.21 14.02 17.48
C ASN C 4034 19.95 14.06 15.97
N VAL C 4035 18.88 13.39 15.57
CA VAL C 4035 18.46 13.37 14.16
C VAL C 4035 17.95 14.74 13.78
N VAL C 4036 17.70 14.96 12.49
CA VAL C 4036 17.31 16.28 12.01
C VAL C 4036 16.06 16.79 12.71
N ASN C 4037 15.14 15.92 13.08
CA ASN C 4037 13.95 16.29 13.88
C ASN C 4037 13.87 15.30 15.04
N GLY C 4038 14.58 15.61 16.12
CA GLY C 4038 14.70 14.69 17.24
C GLY C 4038 13.94 15.10 18.48
N MET C 4039 12.91 15.94 18.31
CA MET C 4039 11.99 16.38 19.35
C MET C 4039 12.70 17.00 20.55
N ILE C 4040 14.00 17.25 20.42
CA ILE C 4040 14.76 18.02 21.40
C ILE C 4040 15.10 19.40 20.85
N ALA C 4041 15.58 19.45 19.60
CA ALA C 4041 15.82 20.72 18.95
C ALA C 4041 14.55 21.53 18.78
N ARG C 4042 13.42 20.89 18.48
CA ARG C 4042 12.16 21.61 18.39
C ARG C 4042 11.76 22.21 19.74
N GLN C 4043 11.94 21.46 20.83
CA GLN C 4043 11.64 22.02 22.15
C GLN C 4043 12.57 23.17 22.49
N MET C 4044 13.86 23.06 22.14
CA MET C 4044 14.78 24.17 22.36
C MET C 4044 14.38 25.40 21.55
N VAL C 4045 13.96 25.22 20.31
CA VAL C 4045 13.50 26.34 19.49
C VAL C 4045 12.25 26.96 20.11
N ASP C 4046 11.36 26.13 20.63
CA ASP C 4046 10.17 26.64 21.30
C ASP C 4046 10.55 27.48 22.52
N MET C 4047 11.50 27.01 23.33
CA MET C 4047 11.94 27.80 24.47
C MET C 4047 12.58 29.11 24.02
N LEU C 4048 13.38 29.08 22.97
CA LEU C 4048 14.02 30.30 22.48
C LEU C 4048 12.98 31.31 21.98
N VAL C 4049 11.98 30.85 21.23
CA VAL C 4049 10.96 31.79 20.77
C VAL C 4049 10.07 32.25 21.91
N GLU C 4050 9.91 31.44 22.96
CA GLU C 4050 9.17 31.89 24.14
C GLU C 4050 9.92 33.00 24.86
N SER C 4051 11.23 32.88 24.98
CA SER C 4051 12.06 33.88 25.65
C SER C 4051 12.80 34.76 24.65
N SER C 4052 12.19 34.99 23.48
CA SER C 4052 12.84 35.75 22.43
C SER C 4052 13.08 37.20 22.83
N SER C 4053 12.38 37.70 23.84
CA SER C 4053 12.56 39.09 24.25
C SER C 4053 13.96 39.33 24.80
N ASN C 4054 14.48 38.39 25.60
CA ASN C 4054 15.77 38.58 26.25
C ASN C 4054 16.93 38.20 25.33
N VAL C 4055 16.71 37.25 24.42
CA VAL C 4055 17.77 36.82 23.52
C VAL C 4055 18.18 37.96 22.60
N GLU C 4056 17.22 38.76 22.13
CA GLU C 4056 17.54 39.91 21.30
C GLU C 4056 18.45 40.88 22.03
N MET C 4057 18.15 41.17 23.30
CA MET C 4057 18.99 42.06 24.09
C MET C 4057 20.39 41.46 24.30
N ILE C 4058 20.46 40.16 24.57
CA ILE C 4058 21.76 39.52 24.77
C ILE C 4058 22.61 39.61 23.52
N LEU C 4059 22.03 39.33 22.36
CA LEU C 4059 22.78 39.42 21.11
C LEU C 4059 23.17 40.87 20.80
N LYS C 4060 22.28 41.82 21.07
CA LYS C 4060 22.60 43.22 20.83
C LYS C 4060 23.76 43.69 21.69
N PHE C 4061 23.86 43.22 22.93
CA PHE C 4061 24.96 43.64 23.79
C PHE C 4061 26.31 43.27 23.18
N PHE C 4062 26.43 42.05 22.66
CA PHE C 4062 27.68 41.66 22.01
C PHE C 4062 27.89 42.41 20.69
N ASP C 4063 26.81 42.57 19.91
CA ASP C 4063 26.94 43.22 18.61
C ASP C 4063 27.44 44.65 18.73
N MET C 4064 26.91 45.40 19.71
CA MET C 4064 27.31 46.79 19.88
C MET C 4064 28.80 46.92 20.12
N PHE C 4065 29.33 46.15 21.07
CA PHE C 4065 30.72 46.28 21.45
C PHE C 4065 31.67 45.59 20.48
N LEU C 4066 31.20 44.66 19.65
CA LEU C 4066 32.04 44.16 18.57
C LEU C 4066 32.08 45.14 17.42
N LYS C 4067 30.98 45.86 17.17
CA LYS C 4067 30.95 46.82 16.09
C LYS C 4067 31.70 48.09 16.45
N LEU C 4068 31.77 48.45 17.73
CA LEU C 4068 32.49 49.66 18.11
C LEU C 4068 33.99 49.52 17.92
N LYS C 4069 34.53 48.30 18.08
CA LYS C 4069 35.98 48.13 18.15
C LYS C 4069 36.66 48.54 16.85
N ASP C 4070 36.11 48.15 15.70
CA ASP C 4070 36.73 48.54 14.44
C ASP C 4070 36.41 49.97 14.04
N ILE C 4071 35.26 50.50 14.48
CA ILE C 4071 34.94 51.89 14.18
C ILE C 4071 35.90 52.83 14.89
N VAL C 4072 36.23 52.56 16.15
CA VAL C 4072 37.10 53.46 16.90
C VAL C 4072 38.49 53.54 16.28
N GLY C 4073 38.94 52.50 15.58
CA GLY C 4073 40.23 52.56 14.91
C GLY C 4073 40.18 53.03 13.48
N SER C 4074 39.00 53.39 12.98
CA SER C 4074 38.86 53.79 11.60
C SER C 4074 39.50 55.15 11.35
N GLU C 4075 40.18 55.29 10.21
CA GLU C 4075 40.78 56.57 9.86
C GLU C 4075 39.74 57.65 9.68
N ALA C 4076 38.58 57.30 9.12
CA ALA C 4076 37.49 58.26 9.01
C ALA C 4076 37.01 58.77 10.36
N PHE C 4077 37.09 57.93 11.40
CA PHE C 4077 36.81 58.40 12.75
C PHE C 4077 37.97 59.20 13.32
N GLN C 4078 39.20 58.91 12.89
CA GLN C 4078 40.39 59.57 13.42
C GLN C 4078 40.46 61.06 13.06
N ASP C 4079 39.62 61.54 12.14
CA ASP C 4079 39.70 62.95 11.77
C ASP C 4079 39.20 63.86 12.88
N TYR C 4080 38.21 63.41 13.66
CA TYR C 4080 37.59 64.27 14.66
C TYR C 4080 38.50 64.57 15.83
N VAL C 4081 39.37 63.63 16.21
CA VAL C 4081 40.27 63.88 17.34
C VAL C 4081 41.33 64.90 16.93
N THR C 4082 41.57 65.87 17.80
CA THR C 4082 42.55 66.91 17.52
C THR C 4082 43.48 67.22 18.68
N ASP C 4083 43.22 66.71 19.88
CA ASP C 4083 44.10 66.97 21.00
C ASP C 4083 45.44 66.28 20.79
N PRO C 4084 46.55 66.91 21.20
CA PRO C 4084 47.86 66.25 21.06
C PRO C 4084 47.97 64.95 21.84
N ARG C 4085 47.22 64.79 22.93
CA ARG C 4085 47.29 63.57 23.71
C ARG C 4085 46.45 62.45 23.12
N GLY C 4086 45.57 62.76 22.17
CA GLY C 4086 44.75 61.74 21.56
C GLY C 4086 43.47 61.45 22.33
N LEU C 4087 42.65 62.46 22.53
CA LEU C 4087 41.41 62.35 23.30
C LEU C 4087 40.26 62.95 22.51
N ILE C 4088 39.16 62.21 22.39
CA ILE C 4088 37.97 62.64 21.66
C ILE C 4088 36.87 62.97 22.65
N SER C 4089 36.46 64.23 22.67
CA SER C 4089 35.58 64.73 23.73
C SER C 4089 34.17 64.16 23.57
N LYS C 4090 33.39 64.28 24.65
CA LYS C 4090 32.03 63.75 24.65
C LYS C 4090 31.13 64.51 23.68
N LYS C 4091 31.35 65.81 23.52
CA LYS C 4091 30.49 66.61 22.66
C LYS C 4091 30.57 66.15 21.21
N ASP C 4092 31.78 66.02 20.67
CA ASP C 4092 31.95 65.60 19.29
C ASP C 4092 31.98 64.10 19.12
N PHE C 4093 32.01 63.33 20.22
CA PHE C 4093 31.87 61.88 20.12
C PHE C 4093 30.51 61.50 19.50
N GLN C 4094 29.45 62.19 19.89
CA GLN C 4094 28.13 61.90 19.35
C GLN C 4094 28.08 62.15 17.85
N LYS C 4095 28.65 63.27 17.39
CA LYS C 4095 28.73 63.53 15.96
C LYS C 4095 29.62 62.53 15.23
N ALA C 4096 30.72 62.10 15.85
CA ALA C 4096 31.56 61.08 15.23
C ALA C 4096 30.79 59.78 15.02
N MET C 4097 30.01 59.36 16.02
CA MET C 4097 29.21 58.16 15.86
C MET C 4097 28.01 58.36 14.95
N ASP C 4098 27.49 59.58 14.83
CA ASP C 4098 26.44 59.86 13.87
C ASP C 4098 26.94 59.84 12.44
N SER C 4099 28.21 60.19 12.22
CA SER C 4099 28.77 60.14 10.88
C SER C 4099 28.73 58.72 10.33
N GLN C 4100 29.09 57.72 11.13
CA GLN C 4100 28.94 56.31 10.75
C GLN C 4100 27.51 55.90 11.07
N LYS C 4101 26.65 55.93 10.05
CA LYS C 4101 25.21 55.74 10.25
C LYS C 4101 24.90 54.24 10.37
N GLN C 4102 25.29 53.68 11.52
CA GLN C 4102 24.94 52.31 11.85
C GLN C 4102 24.49 52.13 13.29
N PHE C 4103 24.47 53.18 14.10
CA PHE C 4103 23.93 53.14 15.45
C PHE C 4103 22.66 53.97 15.52
N THR C 4104 21.65 53.45 16.20
CA THR C 4104 20.40 54.17 16.36
C THR C 4104 20.55 55.27 17.40
N GLY C 4105 19.45 55.99 17.63
CA GLY C 4105 19.43 57.10 18.55
C GLY C 4105 19.77 56.74 19.98
N PRO C 4106 18.94 55.90 20.61
CA PRO C 4106 19.16 55.59 22.03
C PRO C 4106 20.50 54.94 22.32
N GLU C 4107 21.08 54.19 21.39
CA GLU C 4107 22.32 53.46 21.68
C GLU C 4107 23.50 54.39 21.92
N ILE C 4108 23.49 55.59 21.31
CA ILE C 4108 24.56 56.55 21.58
C ILE C 4108 24.54 56.97 23.04
N GLN C 4109 23.35 57.11 23.63
CA GLN C 4109 23.26 57.44 25.06
C GLN C 4109 23.85 56.33 25.92
N PHE C 4110 23.59 55.07 25.57
CA PHE C 4110 24.16 53.96 26.33
C PHE C 4110 25.69 53.94 26.18
N LEU C 4111 26.19 54.20 24.98
CA LEU C 4111 27.64 54.28 24.79
C LEU C 4111 28.25 55.39 25.61
N LEU C 4112 27.60 56.56 25.67
CA LEU C 4112 28.09 57.64 26.51
C LEU C 4112 28.06 57.27 27.99
N SER C 4113 27.01 56.56 28.42
CA SER C 4113 26.93 56.12 29.80
C SER C 4113 28.05 55.15 30.15
N CYS C 4114 28.39 54.23 29.24
CA CYS C 4114 29.47 53.29 29.50
C CYS C 4114 30.81 53.98 29.69
N SER C 4115 30.99 55.17 29.11
CA SER C 4115 32.24 55.90 29.22
C SER C 4115 32.38 56.52 30.60
N GLU C 4116 33.40 57.36 30.75
CA GLU C 4116 33.67 58.06 31.99
C GLU C 4116 33.70 59.57 31.76
N ALA C 4117 33.25 60.32 32.76
CA ALA C 4117 33.21 61.78 32.63
C ALA C 4117 34.61 62.38 32.63
N ASP C 4118 35.34 62.20 33.72
CA ASP C 4118 36.72 62.68 33.85
C ASP C 4118 36.80 64.18 33.63
N GLU C 4119 36.02 64.94 34.40
CA GLU C 4119 35.98 66.40 34.33
C GLU C 4119 35.61 66.87 32.92
N ASN C 4120 34.65 66.20 32.31
CA ASN C 4120 34.11 66.46 30.98
C ASN C 4120 35.17 66.17 29.91
N GLU C 4121 36.39 65.83 30.30
CA GLU C 4121 37.45 65.51 29.35
C GLU C 4121 37.12 64.17 28.69
N MET C 4122 37.97 63.74 27.76
CA MET C 4122 37.67 62.60 26.93
C MET C 4122 38.13 61.30 27.57
N ILE C 4123 37.47 60.21 27.19
CA ILE C 4123 37.93 58.88 27.58
C ILE C 4123 39.04 58.44 26.65
N ASN C 4124 39.96 57.64 27.18
CA ASN C 4124 40.96 57.01 26.33
C ASN C 4124 40.26 55.99 25.45
N PHE C 4125 40.05 56.31 24.17
CA PHE C 4125 39.23 55.46 23.32
C PHE C 4125 39.85 54.09 23.12
N GLU C 4126 41.19 54.01 23.05
CA GLU C 4126 41.84 52.71 22.91
C GLU C 4126 41.53 51.80 24.09
N GLU C 4127 41.69 52.30 25.31
CA GLU C 4127 41.38 51.51 26.50
C GLU C 4127 39.89 51.20 26.59
N PHE C 4128 39.03 52.15 26.24
CA PHE C 4128 37.60 51.93 26.32
C PHE C 4128 37.16 50.83 25.34
N ALA C 4129 37.73 50.81 24.14
CA ALA C 4129 37.43 49.74 23.20
C ALA C 4129 38.05 48.41 23.64
N ASN C 4130 39.25 48.45 24.21
CA ASN C 4130 39.89 47.21 24.67
C ASN C 4130 39.12 46.58 25.81
N ARG C 4131 38.47 47.39 26.65
CA ARG C 4131 37.64 46.85 27.72
C ARG C 4131 36.42 46.13 27.15
N PHE C 4132 35.92 45.17 27.91
CA PHE C 4132 34.77 44.32 27.57
C PHE C 4132 35.04 43.44 26.36
N GLN C 4133 36.29 43.33 25.90
CA GLN C 4133 36.62 42.51 24.75
C GLN C 4133 37.13 41.13 25.17
N GLU C 4134 38.14 41.11 26.05
CA GLU C 4134 38.68 39.82 26.50
C GLU C 4134 37.66 38.99 27.26
N PRO C 4135 36.94 39.49 28.26
CA PRO C 4135 36.01 38.61 28.99
C PRO C 4135 34.84 38.12 28.16
N ALA C 4136 34.46 38.85 27.11
CA ALA C 4136 33.27 38.51 26.35
C ALA C 4136 33.55 37.62 25.14
N ARG C 4137 34.80 37.17 24.97
CA ARG C 4137 35.12 36.36 23.80
C ARG C 4137 34.58 34.93 23.92
N ASP C 4138 34.67 34.34 25.10
CA ASP C 4138 34.31 32.93 25.26
C ASP C 4138 32.81 32.71 25.05
N ILE C 4139 31.98 33.57 25.63
CA ILE C 4139 30.54 33.38 25.53
C ILE C 4139 30.03 33.57 24.10
N GLY C 4140 30.63 34.50 23.35
CA GLY C 4140 30.22 34.71 21.98
C GLY C 4140 30.45 33.50 21.10
N PHE C 4141 31.61 32.85 21.25
CA PHE C 4141 31.88 31.65 20.48
C PHE C 4141 30.86 30.56 20.80
N ASN C 4142 30.54 30.36 22.07
CA ASN C 4142 29.58 29.33 22.44
C ASN C 4142 28.18 29.63 21.92
N VAL C 4143 27.73 30.88 22.00
CA VAL C 4143 26.39 31.18 21.50
C VAL C 4143 26.35 31.06 19.98
N ALA C 4144 27.42 31.44 19.29
CA ALA C 4144 27.47 31.23 17.84
C ALA C 4144 27.44 29.74 17.49
N VAL C 4145 28.16 28.92 18.25
CA VAL C 4145 28.15 27.48 18.00
C VAL C 4145 26.75 26.92 18.21
N LEU C 4146 26.06 27.35 19.27
CA LEU C 4146 24.70 26.87 19.51
C LEU C 4146 23.76 27.28 18.39
N LEU C 4147 23.83 28.53 17.94
CA LEU C 4147 22.97 28.97 16.86
C LEU C 4147 23.23 28.20 15.58
N THR C 4148 24.51 28.00 15.24
CA THR C 4148 24.84 27.24 14.03
C THR C 4148 24.35 25.80 14.14
N ASN C 4149 24.54 25.17 15.30
CA ASN C 4149 24.07 23.80 15.50
C ASN C 4149 22.57 23.69 15.29
N LEU C 4150 21.80 24.57 15.92
CA LEU C 4150 20.36 24.53 15.74
C LEU C 4150 19.95 24.79 14.29
N SER C 4151 20.55 25.79 13.66
CA SER C 4151 20.19 26.11 12.28
C SER C 4151 20.47 24.94 11.35
N GLU C 4152 21.58 24.24 11.57
CA GLU C 4152 21.93 23.13 10.69
C GLU C 4152 21.09 21.89 10.96
N HIS C 4153 20.72 21.64 12.22
CA HIS C 4153 20.02 20.39 12.51
C HIS C 4153 18.52 20.49 12.31
N VAL C 4154 17.89 21.59 12.74
CA VAL C 4154 16.44 21.72 12.60
C VAL C 4154 16.15 22.78 11.53
N PRO C 4155 15.74 22.38 10.32
CA PRO C 4155 15.29 23.35 9.33
C PRO C 4155 13.79 23.59 9.40
N HIS C 4156 13.25 24.38 8.47
CA HIS C 4156 11.83 24.69 8.36
C HIS C 4156 11.28 25.39 9.60
N ASP C 4157 12.04 26.31 10.18
CA ASP C 4157 11.54 27.14 11.26
C ASP C 4157 11.74 28.61 10.93
N PRO C 4158 10.73 29.28 10.37
CA PRO C 4158 10.87 30.73 10.14
C PRO C 4158 11.13 31.50 11.42
N ARG C 4159 10.59 31.04 12.55
CA ARG C 4159 10.90 31.68 13.83
C ARG C 4159 12.38 31.57 14.16
N LEU C 4160 12.99 30.41 13.90
CA LEU C 4160 14.43 30.27 14.09
C LEU C 4160 15.20 31.16 13.11
N ARG C 4161 14.72 31.27 11.87
CA ARG C 4161 15.39 32.11 10.89
C ARG C 4161 15.44 33.58 11.29
N ASN C 4162 14.60 34.02 12.23
CA ASN C 4162 14.61 35.41 12.66
C ASN C 4162 15.87 35.78 13.42
N PHE C 4163 16.44 34.84 14.18
CA PHE C 4163 17.61 35.13 14.99
C PHE C 4163 18.89 35.23 14.15
N LEU C 4164 18.91 34.63 12.97
CA LEU C 4164 20.14 34.55 12.19
C LEU C 4164 20.61 35.94 11.76
N GLU C 4165 19.79 36.66 10.99
CA GLU C 4165 20.16 38.00 10.58
C GLU C 4165 20.20 38.98 11.75
N LEU C 4166 19.56 38.64 12.87
CA LEU C 4166 19.66 39.48 14.07
C LEU C 4166 21.05 39.37 14.69
N ALA C 4167 21.63 38.18 14.69
CA ALA C 4167 22.95 37.95 15.26
C ALA C 4167 23.96 37.61 14.17
N GLU C 4168 23.76 38.20 12.98
CA GLU C 4168 24.66 37.94 11.87
C GLU C 4168 26.07 38.45 12.12
N SER C 4169 26.24 39.52 12.90
CA SER C 4169 27.56 40.09 13.12
C SER C 4169 28.47 39.13 13.88
N ILE C 4170 27.96 38.48 14.92
CA ILE C 4170 28.78 37.57 15.69
C ILE C 4170 29.17 36.36 14.86
N LEU C 4171 28.24 35.84 14.05
CA LEU C 4171 28.57 34.70 13.18
C LEU C 4171 29.63 35.06 12.16
N GLU C 4172 29.55 36.26 11.58
CA GLU C 4172 30.57 36.69 10.64
C GLU C 4172 31.92 36.90 11.31
N TYR C 4173 31.93 37.47 12.53
CA TYR C 4173 33.20 37.67 13.21
C TYR C 4173 33.84 36.36 13.61
N PHE C 4174 33.05 35.37 14.03
CA PHE C 4174 33.57 34.08 14.45
C PHE C 4174 33.52 33.04 13.33
N ARG C 4175 33.70 33.48 12.08
CA ARG C 4175 33.72 32.51 10.98
C ARG C 4175 35.03 31.75 10.89
N PRO C 4176 36.20 32.38 10.84
CA PRO C 4176 37.44 31.60 10.71
C PRO C 4176 37.76 30.77 11.94
N TYR C 4177 37.28 31.14 13.12
CA TYR C 4177 37.67 30.46 14.34
C TYR C 4177 36.84 29.21 14.62
N LEU C 4178 35.74 29.02 13.92
CA LEU C 4178 34.90 27.85 14.14
C LEU C 4178 35.20 26.78 13.10
N GLY C 4179 35.47 25.56 13.56
CA GLY C 4179 35.74 24.46 12.66
C GLY C 4179 34.82 23.29 12.94
N ARG C 4180 34.40 22.62 11.87
CA ARG C 4180 33.49 21.50 12.01
C ARG C 4180 33.98 20.33 11.18
N ILE C 4181 33.72 19.13 11.69
CA ILE C 4181 34.05 17.87 11.03
C ILE C 4181 32.88 16.91 11.20
N GLU C 4182 32.96 15.78 10.51
CA GLU C 4182 31.94 14.75 10.64
C GLU C 4182 32.60 13.38 10.79
N ILE C 4183 32.09 12.59 11.73
CA ILE C 4183 32.61 11.26 12.03
C ILE C 4183 31.46 10.31 12.31
N MET C 4184 31.75 9.02 12.23
CA MET C 4184 30.80 7.98 12.61
C MET C 4184 31.30 7.29 13.88
N GLY C 4185 30.37 6.92 14.75
CA GLY C 4185 30.74 6.23 15.97
C GLY C 4185 29.67 6.21 17.05
N ALA C 4186 29.62 5.11 17.80
CA ALA C 4186 28.76 4.89 18.97
C ALA C 4186 27.29 4.77 18.62
N SER C 4187 26.90 4.98 17.36
CA SER C 4187 25.54 4.76 16.93
C SER C 4187 25.44 4.22 15.51
N ARG C 4188 26.57 3.93 14.86
CA ARG C 4188 26.61 3.52 13.46
C ARG C 4188 25.96 4.58 12.57
N ARG C 4189 26.06 5.85 12.98
CA ARG C 4189 25.48 6.95 12.24
C ARG C 4189 26.47 8.10 12.20
N ILE C 4190 26.32 8.97 11.20
CA ILE C 4190 27.22 10.09 11.03
C ILE C 4190 26.77 11.26 11.90
N GLU C 4191 27.71 11.83 12.65
CA GLU C 4191 27.47 13.00 13.48
C GLU C 4191 28.49 14.08 13.14
N ARG C 4192 28.16 15.30 13.53
CA ARG C 4192 28.99 16.46 13.25
C ARG C 4192 29.50 17.07 14.55
N ILE C 4193 30.76 17.49 14.54
CA ILE C 4193 31.43 18.04 15.71
C ILE C 4193 31.94 19.44 15.39
N TYR C 4194 31.80 20.34 16.35
CA TYR C 4194 32.25 21.73 16.23
C TYR C 4194 33.30 22.01 17.30
N PHE C 4195 34.26 22.88 16.98
CA PHE C 4195 35.32 23.21 17.92
C PHE C 4195 35.97 24.52 17.50
N GLU C 4196 36.94 24.95 18.31
CA GLU C 4196 37.63 26.22 18.15
C GLU C 4196 38.98 26.00 17.49
N ILE C 4197 39.42 26.99 16.70
CA ILE C 4197 40.60 26.81 15.88
C ILE C 4197 41.86 27.36 16.55
N SER C 4198 41.73 28.34 17.45
CA SER C 4198 42.89 28.93 18.12
C SER C 4198 43.85 29.56 17.11
N GLU C 4199 43.44 30.69 16.53
CA GLU C 4199 44.04 31.32 15.36
C GLU C 4199 45.56 31.34 15.33
N THR C 4200 46.21 31.31 16.49
CA THR C 4200 47.66 31.19 16.50
C THR C 4200 48.14 29.93 15.78
N ASN C 4201 47.31 28.88 15.72
CA ASN C 4201 47.64 27.71 14.92
C ASN C 4201 47.44 27.97 13.44
N ARG C 4202 46.37 28.67 13.07
CA ARG C 4202 46.11 28.98 11.67
C ARG C 4202 47.22 29.86 11.09
N ALA C 4203 47.73 30.78 11.90
CA ALA C 4203 48.80 31.66 11.44
C ALA C 4203 50.05 30.87 11.07
N GLN C 4204 50.41 29.87 11.87
CA GLN C 4204 51.56 29.03 11.54
C GLN C 4204 51.25 28.05 10.42
N TRP C 4205 50.00 27.60 10.31
CA TRP C 4205 49.62 26.71 9.21
C TRP C 4205 49.73 27.41 7.87
N GLU C 4206 49.32 28.68 7.78
CA GLU C 4206 49.40 29.42 6.52
C GLU C 4206 50.83 29.94 6.32
N MET C 4207 51.72 28.98 6.05
CA MET C 4207 53.12 29.27 5.83
C MET C 4207 53.60 28.57 4.55
N PRO C 4208 54.64 29.10 3.91
CA PRO C 4208 55.11 28.48 2.66
C PRO C 4208 55.68 27.08 2.84
N GLN C 4209 56.50 26.87 3.88
CA GLN C 4209 57.14 25.57 4.06
C GLN C 4209 56.11 24.47 4.32
N VAL C 4210 55.15 24.74 5.20
CA VAL C 4210 54.14 23.74 5.52
C VAL C 4210 53.27 23.45 4.30
N LYS C 4211 52.94 24.50 3.54
CA LYS C 4211 52.16 24.30 2.32
C LYS C 4211 52.91 23.46 1.30
N GLU C 4212 54.21 23.71 1.13
CA GLU C 4212 55.00 22.90 0.19
C GLU C 4212 55.09 21.45 0.67
N SER C 4213 55.27 21.24 1.97
CA SER C 4213 55.30 19.87 2.50
C SER C 4213 53.98 19.16 2.27
N LYS C 4214 52.86 19.85 2.49
CA LYS C 4214 51.56 19.24 2.22
C LYS C 4214 51.39 18.91 0.75
N ARG C 4215 51.84 19.81 -0.14
CA ARG C 4215 51.74 19.54 -1.57
C ARG C 4215 52.56 18.32 -1.96
N GLN C 4216 53.76 18.17 -1.40
CA GLN C 4216 54.57 16.99 -1.70
C GLN C 4216 53.92 15.72 -1.14
N PHE C 4217 53.34 15.81 0.06
CA PHE C 4217 52.71 14.65 0.66
C PHE C 4217 51.51 14.17 -0.15
N ILE C 4218 50.70 15.11 -0.65
CA ILE C 4218 49.56 14.74 -1.47
C ILE C 4218 50.02 14.04 -2.74
N PHE C 4219 51.06 14.57 -3.39
CA PHE C 4219 51.60 13.93 -4.59
C PHE C 4219 52.14 12.54 -4.30
N ASP C 4220 52.77 12.36 -3.14
CA ASP C 4220 53.28 11.04 -2.76
C ASP C 4220 52.17 10.02 -2.52
N VAL C 4221 51.13 10.40 -1.80
CA VAL C 4221 50.09 9.44 -1.41
C VAL C 4221 49.32 8.92 -2.61
N VAL C 4222 48.90 9.82 -3.51
CA VAL C 4222 48.11 9.39 -4.65
C VAL C 4222 48.92 8.47 -5.56
N ASN C 4223 50.25 8.57 -5.52
CA ASN C 4223 51.07 7.70 -6.35
C ASN C 4223 51.29 6.34 -5.68
N GLU C 4224 51.87 6.34 -4.48
CA GLU C 4224 52.24 5.09 -3.83
C GLU C 4224 51.62 4.98 -2.43
N GLY C 4225 50.32 5.27 -2.35
CA GLY C 4225 49.59 5.10 -1.10
C GLY C 4225 48.36 4.22 -1.25
N GLY C 4226 48.37 3.07 -0.59
CA GLY C 4226 47.23 2.18 -0.68
C GLY C 4226 46.03 2.69 0.09
N GLU C 4227 44.85 2.20 -0.31
CA GLU C 4227 43.61 2.63 0.33
C GLU C 4227 43.53 2.17 1.78
N ALA C 4228 44.14 1.03 2.11
CA ALA C 4228 44.06 0.53 3.48
C ALA C 4228 44.94 1.34 4.43
N GLU C 4229 46.06 1.88 3.93
CA GLU C 4229 47.02 2.61 4.76
C GLU C 4229 47.00 4.11 4.50
N LYS C 4230 46.06 4.59 3.70
CA LYS C 4230 45.99 6.03 3.41
C LYS C 4230 45.73 6.83 4.68
N MET C 4231 44.80 6.39 5.52
CA MET C 4231 44.50 7.10 6.76
C MET C 4231 45.67 7.05 7.73
N GLU C 4232 46.36 5.92 7.83
CA GLU C 4232 47.54 5.84 8.69
C GLU C 4232 48.62 6.79 8.21
N LEU C 4233 48.84 6.86 6.90
CA LEU C 4233 49.81 7.82 6.37
C LEU C 4233 49.39 9.26 6.64
N PHE C 4234 48.09 9.55 6.55
CA PHE C 4234 47.60 10.89 6.85
C PHE C 4234 47.86 11.26 8.31
N VAL C 4235 47.61 10.33 9.24
CA VAL C 4235 47.85 10.61 10.65
C VAL C 4235 49.34 10.80 10.91
N SER C 4236 50.18 9.97 10.28
CA SER C 4236 51.62 10.13 10.44
C SER C 4236 52.09 11.47 9.90
N PHE C 4237 51.53 11.93 8.78
CA PHE C 4237 51.87 13.25 8.27
C PHE C 4237 51.36 14.36 9.18
N CYS C 4238 50.23 14.13 9.86
CA CYS C 4238 49.74 15.13 10.81
C CYS C 4238 50.70 15.26 12.00
N GLU C 4239 51.20 14.15 12.53
CA GLU C 4239 51.96 14.21 13.77
C GLU C 4239 53.31 14.92 13.60
N ASP C 4240 54.09 14.55 12.59
CA ASP C 4240 55.35 15.24 12.38
C ASP C 4240 55.15 16.67 11.92
N THR C 4241 54.04 16.99 11.26
CA THR C 4241 53.72 18.38 11.00
C THR C 4241 53.47 19.14 12.29
N ILE C 4242 52.82 18.51 13.27
CA ILE C 4242 52.62 19.14 14.56
C ILE C 4242 53.96 19.43 15.22
N PHE C 4243 54.87 18.45 15.18
CA PHE C 4243 56.19 18.68 15.75
C PHE C 4243 56.94 19.79 15.02
N GLU C 4244 56.81 19.85 13.69
CA GLU C 4244 57.45 20.91 12.92
C GLU C 4244 56.91 22.28 13.31
N MET C 4245 55.60 22.41 13.47
CA MET C 4245 55.03 23.69 13.89
C MET C 4245 55.48 24.04 15.31
N GLN C 4246 55.58 23.05 16.19
CA GLN C 4246 56.07 23.32 17.53
C GLN C 4246 57.50 23.84 17.52
N ILE C 4247 58.38 23.23 16.72
CA ILE C 4247 59.77 23.70 16.68
C ILE C 4247 59.85 25.06 16.00
N ALA C 4248 59.00 25.32 15.01
CA ALA C 4248 58.98 26.64 14.38
C ALA C 4248 58.54 27.71 15.37
N ALA C 4249 57.53 27.41 16.20
CA ALA C 4249 57.15 28.35 17.26
C ALA C 4249 58.26 28.52 18.28
N GLN C 4250 59.00 27.46 18.61
CA GLN C 4250 60.13 27.59 19.52
C GLN C 4250 61.19 28.54 18.97
N ILE C 4251 61.51 28.40 17.69
CA ILE C 4251 62.51 29.28 17.06
C ILE C 4251 61.75 30.49 16.53
N SER C 4252 61.59 31.48 17.42
CA SER C 4252 60.86 32.70 17.10
C SER C 4252 61.63 33.90 17.60
N GLU C 4253 61.37 35.04 16.98
CA GLU C 4253 62.03 36.30 17.36
C GLU C 4253 61.45 36.84 18.65
N PHE C 4540 79.76 35.43 34.91
CA PHE C 4540 80.72 36.24 34.18
C PHE C 4540 81.04 35.62 32.83
N TRP C 4541 81.94 34.63 32.82
CA TRP C 4541 82.30 33.95 31.58
C TRP C 4541 81.11 33.17 31.03
N GLY C 4542 80.34 32.52 31.90
CA GLY C 4542 79.18 31.76 31.46
C GLY C 4542 77.95 32.58 31.17
N GLU C 4543 78.00 33.89 31.39
CA GLU C 4543 76.85 34.75 31.12
C GLU C 4543 76.59 34.89 29.63
N LEU C 4544 77.57 34.55 28.79
CA LEU C 4544 77.41 34.66 27.34
C LEU C 4544 76.61 33.51 26.74
N GLU C 4545 76.15 32.56 27.55
CA GLU C 4545 75.35 31.47 27.02
C GLU C 4545 74.04 31.94 26.42
N VAL C 4546 73.38 32.91 27.07
CA VAL C 4546 72.14 33.45 26.52
C VAL C 4546 72.39 34.15 25.19
N GLN C 4547 73.48 34.93 25.10
CA GLN C 4547 73.83 35.57 23.84
C GLN C 4547 74.12 34.54 22.76
N ARG C 4548 74.81 33.45 23.11
CA ARG C 4548 75.07 32.40 22.13
C ARG C 4548 73.78 31.74 21.66
N VAL C 4549 72.84 31.50 22.58
CA VAL C 4549 71.56 30.91 22.20
C VAL C 4549 70.80 31.84 21.25
N LYS C 4550 70.80 33.14 21.57
CA LYS C 4550 70.16 34.10 20.67
C LYS C 4550 70.83 34.14 19.30
N PHE C 4551 72.16 34.08 19.27
CA PHE C 4551 72.87 34.08 18.00
C PHE C 4551 72.53 32.85 17.17
N LEU C 4552 72.48 31.67 17.80
CA LEU C 4552 72.07 30.47 17.09
C LEU C 4552 70.63 30.54 16.59
N ASN C 4553 69.72 31.07 17.41
CA ASN C 4553 68.33 31.21 17.00
C ASN C 4553 68.14 32.21 15.86
N TYR C 4554 68.98 33.25 15.79
CA TYR C 4554 68.88 34.23 14.73
C TYR C 4554 69.23 33.67 13.36
N LEU C 4555 70.34 32.95 13.25
CA LEU C 4555 70.81 32.51 11.93
C LEU C 4555 69.92 31.44 11.33
N SER C 4556 69.35 30.57 12.17
CA SER C 4556 68.50 29.49 11.67
C SER C 4556 67.23 30.00 11.00
N ARG C 4557 66.75 31.18 11.37
CA ARG C 4557 65.58 31.75 10.72
C ARG C 4557 65.90 32.26 9.32
N ASN C 4558 67.18 32.36 8.97
CA ASN C 4558 67.62 32.84 7.67
C ASN C 4558 68.46 31.78 6.95
N PHE C 4559 68.00 30.54 6.95
CA PHE C 4559 68.78 29.46 6.37
C PHE C 4559 68.81 29.54 4.84
N TYR C 4560 67.67 29.81 4.22
CA TYR C 4560 67.59 29.75 2.76
C TYR C 4560 68.27 30.95 2.11
N THR C 4561 68.08 32.15 2.65
CA THR C 4561 68.68 33.34 2.07
C THR C 4561 70.20 33.33 2.16
N LEU C 4562 70.77 32.76 3.22
CA LEU C 4562 72.21 32.60 3.29
C LEU C 4562 72.70 31.60 2.25
N ARG C 4563 71.92 30.55 2.00
CA ARG C 4563 72.24 29.62 0.93
C ARG C 4563 72.25 30.31 -0.43
N PHE C 4564 71.27 31.19 -0.68
CA PHE C 4564 71.27 31.96 -1.92
C PHE C 4564 72.43 32.95 -1.98
N LEU C 4565 72.84 33.51 -0.84
CA LEU C 4565 74.02 34.36 -0.81
C LEU C 4565 75.26 33.57 -1.23
N ALA C 4566 75.38 32.32 -0.77
CA ALA C 4566 76.46 31.46 -1.25
C ALA C 4566 76.37 31.23 -2.75
N LEU C 4567 75.16 31.02 -3.29
CA LEU C 4567 74.99 30.89 -4.73
C LEU C 4567 75.52 32.13 -5.46
N PHE C 4568 75.12 33.32 -5.00
CA PHE C 4568 75.55 34.54 -5.67
C PHE C 4568 77.05 34.74 -5.57
N LEU C 4569 77.65 34.40 -4.42
CA LEU C 4569 79.09 34.57 -4.27
C LEU C 4569 79.87 33.58 -5.11
N ALA C 4570 79.32 32.39 -5.34
CA ALA C 4570 79.99 31.39 -6.17
C ALA C 4570 80.20 31.84 -7.61
N PHE C 4571 79.19 32.47 -8.22
CA PHE C 4571 79.39 33.02 -9.56
C PHE C 4571 80.43 34.13 -9.56
N ALA C 4572 80.38 35.01 -8.56
CA ALA C 4572 81.29 36.15 -8.53
C ALA C 4572 82.75 35.71 -8.40
N ILE C 4573 83.03 34.76 -7.51
CA ILE C 4573 84.43 34.35 -7.33
C ILE C 4573 84.95 33.65 -8.59
N ASN C 4574 84.09 32.85 -9.24
CA ASN C 4574 84.50 32.21 -10.48
C ASN C 4574 84.74 33.24 -11.58
N PHE C 4575 83.90 34.26 -11.67
CA PHE C 4575 84.10 35.31 -12.67
C PHE C 4575 85.40 36.06 -12.42
N ILE C 4576 85.71 36.33 -11.15
CA ILE C 4576 86.99 36.97 -10.83
C ILE C 4576 88.15 36.07 -11.24
N LEU C 4577 88.06 34.78 -10.95
CA LEU C 4577 89.09 33.83 -11.33
C LEU C 4577 89.17 33.61 -12.84
N LEU C 4578 88.13 34.00 -13.58
CA LEU C 4578 88.07 33.65 -14.99
C LEU C 4578 89.24 34.21 -15.80
N PHE C 4579 89.49 35.52 -15.74
CA PHE C 4579 90.59 36.14 -16.48
C PHE C 4579 91.89 35.67 -15.85
N TYR C 4580 92.70 34.95 -16.62
CA TYR C 4580 93.86 34.27 -16.08
C TYR C 4580 94.83 33.99 -17.22
N LYS C 4581 96.09 33.72 -16.88
CA LYS C 4581 97.11 33.49 -17.89
C LYS C 4581 98.27 32.70 -17.29
N VAL C 4582 99.12 32.16 -18.16
CA VAL C 4582 100.34 31.47 -17.77
C VAL C 4582 101.50 31.99 -18.61
N SER C 4583 102.59 32.35 -17.95
CA SER C 4583 103.76 32.89 -18.64
C SER C 4583 104.86 31.84 -18.75
N ASP C 4584 105.59 31.90 -19.87
CA ASP C 4584 106.72 30.99 -20.05
C ASP C 4584 107.83 31.26 -19.05
N SER C 4585 108.12 32.52 -18.76
CA SER C 4585 109.16 32.89 -17.81
C SER C 4585 108.59 33.88 -16.80
N PRO C 4586 108.70 33.59 -15.51
CA PRO C 4586 108.17 34.52 -14.50
C PRO C 4586 108.95 35.83 -14.51
N PRO C 4587 108.25 36.98 -14.51
CA PRO C 4587 108.90 38.29 -14.50
C PRO C 4587 109.30 38.73 -13.09
N ASN C 4626 108.84 26.20 -12.60
CA ASN C 4626 109.27 26.92 -13.83
C ASN C 4626 108.06 27.66 -14.42
N MET C 4627 106.98 26.94 -14.69
CA MET C 4627 105.75 27.55 -15.27
C MET C 4627 105.12 28.51 -14.25
N VAL C 4628 104.52 29.60 -14.72
CA VAL C 4628 103.97 30.62 -13.79
C VAL C 4628 102.45 30.63 -13.87
N TYR C 4629 101.78 30.54 -12.71
CA TYR C 4629 100.29 30.49 -12.65
C TYR C 4629 99.76 31.87 -12.26
N TYR C 4630 100.62 32.89 -12.29
CA TYR C 4630 100.23 34.25 -11.85
C TYR C 4630 99.12 34.82 -12.73
N PHE C 4631 98.24 35.63 -12.15
CA PHE C 4631 97.08 36.17 -12.91
C PHE C 4631 97.27 37.67 -13.17
N LEU C 4632 97.09 38.10 -14.41
CA LEU C 4632 97.33 39.53 -14.78
C LEU C 4632 96.02 40.33 -14.70
N GLU C 4633 96.09 41.59 -14.26
CA GLU C 4633 94.90 42.43 -14.26
C GLU C 4633 94.84 43.27 -15.52
N GLU C 4634 93.70 43.25 -16.19
CA GLU C 4634 93.52 44.04 -17.40
C GLU C 4634 93.33 45.51 -17.05
N SER C 4635 93.18 46.33 -18.10
CA SER C 4635 92.99 47.76 -17.91
C SER C 4635 91.61 48.10 -17.37
N THR C 4636 90.68 47.14 -17.38
CA THR C 4636 89.34 47.39 -16.89
C THR C 4636 89.32 47.54 -15.38
N GLY C 4637 88.29 48.23 -14.88
CA GLY C 4637 88.24 48.53 -13.46
C GLY C 4637 88.01 47.33 -12.57
N TYR C 4638 87.16 46.40 -13.00
CA TYR C 4638 86.78 45.28 -12.13
C TYR C 4638 87.89 44.22 -12.12
N MET C 4639 87.65 43.17 -11.33
CA MET C 4639 88.63 42.11 -11.04
C MET C 4639 89.90 42.71 -10.42
N GLU C 4640 89.74 43.20 -9.20
CA GLU C 4640 90.90 43.55 -8.41
C GLU C 4640 91.59 42.28 -7.91
N PRO C 4641 92.92 42.29 -7.79
CA PRO C 4641 93.63 41.08 -7.33
C PRO C 4641 93.30 40.69 -5.90
N ALA C 4642 92.44 41.43 -5.21
CA ALA C 4642 92.06 41.11 -3.84
C ALA C 4642 90.80 40.25 -3.80
N LEU C 4643 90.90 39.05 -4.34
CA LEU C 4643 89.85 38.04 -4.20
C LEU C 4643 90.00 37.23 -2.93
N TRP C 4644 91.05 37.47 -2.16
CA TRP C 4644 91.28 36.75 -0.91
C TRP C 4644 90.16 36.98 0.09
N CYS C 4645 89.59 38.19 0.13
CA CYS C 4645 88.46 38.44 1.01
C CYS C 4645 87.25 37.58 0.64
N LEU C 4646 86.93 37.46 -0.66
CA LEU C 4646 85.84 36.59 -1.06
C LEU C 4646 86.14 35.13 -0.79
N SER C 4647 87.38 34.71 -1.01
CA SER C 4647 87.75 33.33 -0.71
C SER C 4647 87.59 33.01 0.77
N LEU C 4648 87.97 33.95 1.64
CA LEU C 4648 87.80 33.75 3.08
C LEU C 4648 86.33 33.77 3.47
N LEU C 4649 85.53 34.66 2.87
CA LEU C 4649 84.13 34.76 3.24
C LEU C 4649 83.34 33.54 2.80
N HIS C 4650 83.69 32.95 1.66
CA HIS C 4650 82.95 31.80 1.16
C HIS C 4650 83.06 30.61 2.11
N THR C 4651 84.27 30.35 2.64
CA THR C 4651 84.45 29.26 3.58
C THR C 4651 83.63 29.48 4.85
N LEU C 4652 83.61 30.71 5.36
CA LEU C 4652 82.82 31.00 6.55
C LEU C 4652 81.34 30.79 6.29
N VAL C 4653 80.85 31.22 5.13
CA VAL C 4653 79.44 31.02 4.79
C VAL C 4653 79.12 29.54 4.69
N ALA C 4654 79.99 28.77 4.04
CA ALA C 4654 79.76 27.33 3.90
C ALA C 4654 79.77 26.63 5.25
N PHE C 4655 80.67 27.02 6.16
CA PHE C 4655 80.68 26.42 7.49
C PHE C 4655 79.44 26.82 8.28
N LEU C 4656 78.96 28.06 8.11
CA LEU C 4656 77.77 28.49 8.82
C LEU C 4656 76.52 27.77 8.31
N CYS C 4657 76.52 27.36 7.04
CA CYS C 4657 75.39 26.59 6.51
C CYS C 4657 75.16 25.31 7.30
N ILE C 4658 76.23 24.59 7.64
CA ILE C 4658 76.09 23.34 8.38
C ILE C 4658 75.48 23.60 9.76
N ILE C 4659 75.95 24.63 10.45
CA ILE C 4659 75.41 24.96 11.76
C ILE C 4659 73.94 25.34 11.65
N GLY C 4660 73.58 26.10 10.61
CA GLY C 4660 72.18 26.45 10.41
C GLY C 4660 71.29 25.25 10.16
N TYR C 4661 71.77 24.30 9.34
CA TYR C 4661 71.00 23.10 9.06
C TYR C 4661 70.87 22.19 10.28
N ASN C 4662 71.92 22.09 11.10
CA ASN C 4662 71.93 21.14 12.20
C ASN C 4662 70.82 21.43 13.21
N CYS C 4663 70.67 22.69 13.62
CA CYS C 4663 69.65 23.02 14.60
C CYS C 4663 68.28 23.21 13.99
N LEU C 4664 68.16 23.12 12.66
CA LEU C 4664 66.88 23.38 12.01
C LEU C 4664 66.18 22.09 11.59
N LYS C 4665 66.90 21.20 10.89
CA LYS C 4665 66.25 20.07 10.26
C LYS C 4665 66.59 18.71 10.85
N VAL C 4666 67.68 18.59 11.60
CA VAL C 4666 68.07 17.31 12.21
C VAL C 4666 67.02 16.81 13.20
N PRO C 4667 66.48 17.64 14.10
CA PRO C 4667 65.52 17.11 15.09
C PRO C 4667 64.32 16.42 14.48
N LEU C 4668 63.79 16.91 13.35
CA LEU C 4668 62.67 16.21 12.72
C LEU C 4668 63.07 14.82 12.23
N VAL C 4669 64.26 14.69 11.65
CA VAL C 4669 64.72 13.38 11.19
C VAL C 4669 64.90 12.44 12.37
N ILE C 4670 65.45 12.94 13.48
CA ILE C 4670 65.61 12.10 14.67
C ILE C 4670 64.24 11.68 15.20
N PHE C 4671 63.30 12.61 15.27
CA PHE C 4671 61.98 12.32 15.84
C PHE C 4671 61.22 11.30 15.00
N LYS C 4672 61.31 11.38 13.67
CA LYS C 4672 60.63 10.41 12.84
C LYS C 4672 61.10 8.99 13.14
N ARG C 4673 62.41 8.76 13.16
CA ARG C 4673 62.94 7.43 13.44
C ARG C 4673 62.62 6.98 14.85
N GLU C 4674 62.73 7.87 15.84
CA GLU C 4674 62.41 7.48 17.20
C GLU C 4674 60.95 7.08 17.34
N LYS C 4675 60.02 7.84 16.75
CA LYS C 4675 58.62 7.48 16.81
C LYS C 4675 58.36 6.16 16.12
N GLU C 4676 58.94 5.95 14.93
CA GLU C 4676 58.71 4.71 14.21
C GLU C 4676 59.20 3.52 15.02
N LEU C 4677 60.42 3.61 15.57
CA LEU C 4677 60.96 2.51 16.36
C LEU C 4677 60.13 2.25 17.62
N ALA C 4678 59.73 3.33 18.31
CA ALA C 4678 58.98 3.16 19.54
C ALA C 4678 57.64 2.48 19.29
N ARG C 4679 56.95 2.87 18.22
CA ARG C 4679 55.67 2.22 17.93
C ARG C 4679 55.84 0.80 17.42
N LYS C 4680 56.86 0.56 16.59
CA LYS C 4680 57.06 -0.78 16.05
C LYS C 4680 57.45 -1.77 17.14
N LEU C 4681 58.28 -1.34 18.09
CA LEU C 4681 58.66 -2.22 19.19
C LEU C 4681 57.46 -2.56 20.07
N GLU C 4682 56.56 -1.59 20.27
CA GLU C 4682 55.50 -1.77 21.25
C GLU C 4682 54.32 -2.55 20.69
N PHE C 4683 53.82 -2.14 19.51
CA PHE C 4683 52.56 -2.71 19.04
C PHE C 4683 52.74 -4.14 18.52
N ASP C 4684 53.84 -4.41 17.84
CA ASP C 4684 54.15 -5.77 17.37
C ASP C 4684 55.64 -6.00 17.64
N GLY C 4685 55.94 -6.73 18.70
CA GLY C 4685 57.30 -6.91 19.18
C GLY C 4685 58.29 -7.29 18.11
N LEU C 4686 59.22 -6.38 17.81
CA LEU C 4686 60.21 -6.60 16.76
C LEU C 4686 61.49 -7.22 17.31
N TYR C 4687 61.81 -6.97 18.56
CA TYR C 4687 63.04 -7.47 19.15
C TYR C 4687 62.83 -8.49 20.26
N ILE C 4688 61.61 -8.59 20.78
CA ILE C 4688 61.33 -9.55 21.85
C ILE C 4688 60.70 -10.83 21.30
N THR C 4689 59.78 -10.71 20.33
CA THR C 4689 59.13 -11.89 19.78
C THR C 4689 59.89 -12.45 18.57
N GLU C 4690 60.21 -11.60 17.60
CA GLU C 4690 61.03 -12.04 16.48
C GLU C 4690 62.35 -11.27 16.44
N GLN C 4691 63.13 -11.45 15.39
CA GLN C 4691 64.40 -10.75 15.22
C GLN C 4691 64.52 -10.28 13.78
N PRO C 4692 65.22 -9.17 13.55
CA PRO C 4692 65.49 -8.73 12.18
C PRO C 4692 66.43 -9.68 11.46
N GLY C 4693 66.29 -9.69 10.14
CA GLY C 4693 67.09 -10.55 9.29
C GLY C 4693 68.43 -9.93 8.95
N ASP C 4694 69.12 -10.57 7.98
CA ASP C 4694 70.39 -10.04 7.53
C ASP C 4694 70.23 -8.67 6.86
N ASP C 4695 69.15 -8.48 6.12
CA ASP C 4695 68.87 -7.19 5.49
C ASP C 4695 68.36 -6.21 6.54
N ASP C 4696 67.88 -5.05 6.09
CA ASP C 4696 67.39 -3.99 6.97
C ASP C 4696 68.46 -3.60 7.98
N VAL C 4697 69.55 -3.05 7.43
CA VAL C 4697 70.68 -2.64 8.25
C VAL C 4697 70.29 -1.57 9.25
N LYS C 4698 69.27 -0.76 8.94
CA LYS C 4698 68.78 0.22 9.92
C LYS C 4698 68.24 -0.45 11.17
N GLY C 4699 67.49 -1.55 11.01
CA GLY C 4699 67.02 -2.29 12.17
C GLY C 4699 68.14 -2.86 13.01
N GLN C 4700 69.19 -3.38 12.36
CA GLN C 4700 70.34 -3.88 13.10
C GLN C 4700 71.04 -2.76 13.85
N TRP C 4701 71.21 -1.60 13.21
CA TRP C 4701 71.86 -0.48 13.86
C TRP C 4701 71.03 0.08 15.01
N ASP C 4702 69.70 0.01 14.92
CA ASP C 4702 68.83 0.49 15.99
C ASP C 4702 68.96 -0.32 17.28
N ARG C 4703 69.54 -1.52 17.22
CA ARG C 4703 69.71 -2.33 18.42
C ARG C 4703 70.63 -1.65 19.43
N LEU C 4704 71.52 -0.78 18.96
CA LEU C 4704 72.52 -0.17 19.81
C LEU C 4704 71.90 0.81 20.81
N VAL C 4705 70.74 1.40 20.50
CA VAL C 4705 70.18 2.45 21.33
C VAL C 4705 69.11 1.94 22.28
N LEU C 4706 68.77 0.66 22.23
CA LEU C 4706 67.65 0.15 23.02
C LEU C 4706 67.87 0.29 24.52
N ASN C 4707 69.08 0.01 25.01
CA ASN C 4707 69.35 0.00 26.44
C ASN C 4707 69.77 1.37 26.97
N THR C 4708 69.77 2.40 26.14
CA THR C 4708 70.14 3.74 26.60
C THR C 4708 69.12 4.25 27.61
N PRO C 4709 69.56 4.78 28.76
CA PRO C 4709 68.59 5.30 29.73
C PRO C 4709 67.69 6.39 29.17
N SER C 4710 68.24 7.30 28.37
CA SER C 4710 67.44 8.34 27.73
C SER C 4710 67.19 7.97 26.26
N PHE C 4711 66.30 7.01 26.08
CA PHE C 4711 65.98 6.56 24.73
C PHE C 4711 65.03 7.53 24.03
N PRO C 4712 63.85 7.84 24.59
CA PRO C 4712 62.99 8.82 23.91
C PRO C 4712 63.34 10.25 24.28
N SER C 4713 63.78 11.03 23.30
CA SER C 4713 64.18 12.40 23.52
C SER C 4713 63.27 13.40 22.81
N ASN C 4714 63.04 13.21 21.51
CA ASN C 4714 62.15 14.10 20.76
C ASN C 4714 60.71 13.61 20.74
N TYR C 4715 60.49 12.30 20.83
CA TYR C 4715 59.14 11.77 20.89
C TYR C 4715 58.44 12.21 22.17
N TRP C 4716 57.14 12.49 22.05
CA TRP C 4716 56.39 12.98 23.20
C TRP C 4716 56.30 11.93 24.30
N ASP C 4717 56.05 10.68 23.92
CA ASP C 4717 55.85 9.63 24.91
C ASP C 4717 57.17 9.30 25.62
N LYS C 4718 57.11 9.24 26.95
CA LYS C 4718 58.28 8.92 27.76
C LYS C 4718 58.11 7.65 28.58
N PHE C 4719 56.98 6.96 28.44
CA PHE C 4719 56.69 5.75 29.22
C PHE C 4719 56.49 4.53 28.33
N VAL C 4720 57.08 4.55 27.13
CA VAL C 4720 56.96 3.40 26.23
C VAL C 4720 57.69 2.19 26.80
N LYS C 4721 58.82 2.40 27.47
CA LYS C 4721 59.55 1.29 28.08
C LYS C 4721 58.73 0.61 29.15
N ARG C 4722 58.00 1.37 29.97
CA ARG C 4722 57.13 0.76 30.96
C ARG C 4722 55.90 0.16 30.32
N LYS C 4723 55.38 0.78 29.26
CA LYS C 4723 54.18 0.28 28.60
C LYS C 4723 54.41 -1.09 27.96
N VAL C 4724 55.56 -1.27 27.30
CA VAL C 4724 55.84 -2.56 26.67
C VAL C 4724 56.05 -3.67 27.69
N LEU C 4725 56.55 -3.34 28.88
CA LEU C 4725 56.76 -4.34 29.92
C LEU C 4725 55.45 -4.95 30.38
N ASP C 4726 54.42 -4.13 30.57
CA ASP C 4726 53.12 -4.67 30.97
C ASP C 4726 52.53 -5.58 29.90
N LYS C 4727 52.75 -5.26 28.61
CA LYS C 4727 52.18 -6.08 27.55
C LYS C 4727 52.92 -7.40 27.39
N HIS C 4728 54.25 -7.38 27.45
CA HIS C 4728 55.03 -8.57 27.15
C HIS C 4728 55.86 -9.07 28.32
N GLY C 4729 55.41 -8.85 29.56
CA GLY C 4729 56.14 -9.32 30.71
C GLY C 4729 55.63 -10.61 31.33
N ASP C 4730 54.48 -11.09 30.87
CA ASP C 4730 53.93 -12.35 31.39
C ASP C 4730 54.42 -13.54 30.60
N ILE C 4731 54.29 -13.50 29.27
CA ILE C 4731 54.75 -14.60 28.43
C ILE C 4731 56.26 -14.75 28.52
N PHE C 4732 56.98 -13.64 28.48
CA PHE C 4732 58.43 -13.64 28.54
C PHE C 4732 58.92 -13.16 29.90
N GLY C 4733 60.16 -13.49 30.21
CA GLY C 4733 60.70 -13.17 31.52
C GLY C 4733 60.85 -11.67 31.71
N ARG C 4734 60.37 -11.19 32.87
CA ARG C 4734 60.55 -9.79 33.22
C ARG C 4734 62.03 -9.44 33.34
N GLU C 4735 62.84 -10.36 33.84
CA GLU C 4735 64.28 -10.14 33.86
C GLU C 4735 64.85 -10.10 32.44
N ARG C 4736 64.33 -10.92 31.53
CA ARG C 4736 64.78 -10.86 30.15
C ARG C 4736 64.41 -9.54 29.50
N ILE C 4737 63.30 -8.93 29.91
CA ILE C 4737 62.95 -7.62 29.37
C ILE C 4737 63.79 -6.52 30.02
N ALA C 4738 64.04 -6.64 31.33
CA ALA C 4738 64.81 -5.63 32.05
C ALA C 4738 66.29 -5.68 31.76
N GLU C 4739 66.80 -6.77 31.19
CA GLU C 4739 68.17 -6.77 30.71
C GLU C 4739 68.27 -6.19 29.30
N LEU C 4740 67.20 -6.28 28.51
CA LEU C 4740 67.18 -5.65 27.20
C LEU C 4740 67.02 -4.13 27.33
N LEU C 4741 66.15 -3.69 28.23
CA LEU C 4741 65.91 -2.28 28.46
C LEU C 4741 66.35 -1.90 29.88
N GLY C 4742 67.12 -0.82 29.98
CA GLY C 4742 67.68 -0.43 31.26
C GLY C 4742 66.65 0.12 32.22
N MET C 4743 65.63 -0.68 32.54
CA MET C 4743 64.58 -0.25 33.45
C MET C 4743 65.06 -0.25 34.90
N ASP C 4744 66.01 -1.13 35.23
CA ASP C 4744 66.67 -1.18 36.53
C ASP C 4744 65.74 -1.68 37.63
N LEU C 4745 64.46 -1.88 37.30
CA LEU C 4745 63.46 -2.40 38.22
C LEU C 4745 63.41 -1.55 39.50
N ALA C 4746 63.50 -0.24 39.33
CA ALA C 4746 63.41 0.71 40.43
C ALA C 4746 62.00 1.24 40.63
N SER C 4747 61.03 0.78 39.85
CA SER C 4747 59.65 1.24 39.94
C SER C 4747 58.78 0.33 40.81
N LEU C 4748 59.39 -0.64 41.49
CA LEU C 4748 58.61 -1.53 42.35
C LEU C 4748 57.94 -0.76 43.49
N GLU C 4749 58.68 0.16 44.11
CA GLU C 4749 58.15 1.03 45.15
C GLU C 4749 58.13 2.47 44.62
N ILE C 4750 56.93 3.00 44.39
CA ILE C 4750 56.81 4.34 43.83
C ILE C 4750 57.30 5.39 44.82
N THR C 4751 56.95 5.24 46.10
CA THR C 4751 57.37 6.21 47.10
C THR C 4751 58.88 6.17 47.30
N ALA C 4752 59.50 5.00 47.13
CA ALA C 4752 60.96 4.92 47.23
C ALA C 4752 61.65 5.47 45.99
N HIS C 4753 61.05 5.26 44.81
CA HIS C 4753 61.64 5.76 43.57
C HIS C 4753 61.56 7.29 43.53
N ASN C 4754 60.40 7.85 43.86
CA ASN C 4754 60.23 9.30 43.84
C ASN C 4754 59.20 9.66 44.92
N GLU C 4755 59.69 10.01 46.11
CA GLU C 4755 58.80 10.49 47.15
C GLU C 4755 58.32 11.91 46.87
N ARG C 4756 59.21 12.75 46.33
CA ARG C 4756 58.87 14.13 45.98
C ARG C 4756 59.46 14.44 44.60
N LYS C 4757 59.19 15.65 44.13
CA LYS C 4757 59.69 16.06 42.83
C LYS C 4757 61.22 16.19 42.87
N PRO C 4758 61.92 15.68 41.86
CA PRO C 4758 63.38 15.79 41.86
C PRO C 4758 63.84 17.22 41.73
N ASP C 4759 64.99 17.52 42.35
CA ASP C 4759 65.63 18.83 42.31
C ASP C 4759 66.63 18.89 41.16
N PRO C 4760 66.50 19.86 40.27
CA PRO C 4760 67.42 19.97 39.13
C PRO C 4760 68.79 20.42 39.58
N PRO C 4761 69.81 19.59 39.41
CA PRO C 4761 71.17 19.97 39.83
C PRO C 4761 71.82 20.86 38.79
N PRO C 4762 72.83 21.64 39.19
CA PRO C 4762 73.57 22.44 38.20
C PRO C 4762 74.47 21.57 37.35
N GLY C 4763 74.08 21.35 36.10
CA GLY C 4763 74.81 20.49 35.19
C GLY C 4763 75.97 21.13 34.47
N LEU C 4764 76.14 22.44 34.57
CA LEU C 4764 77.22 23.12 33.85
C LEU C 4764 78.58 22.70 34.39
N LEU C 4765 79.59 22.79 33.52
CA LEU C 4765 81.01 22.52 33.76
C LEU C 4765 81.27 21.10 34.27
N THR C 4766 80.28 20.21 34.25
CA THR C 4766 80.45 18.84 34.72
C THR C 4766 79.76 17.86 33.76
N TRP C 4767 79.87 18.10 32.47
CA TRP C 4767 79.24 17.27 31.45
C TRP C 4767 79.95 15.94 31.24
N LEU C 4768 80.95 15.61 32.05
CA LEU C 4768 81.68 14.35 31.87
C LEU C 4768 80.78 13.15 32.11
N MET C 4769 79.96 13.20 33.16
CA MET C 4769 79.12 12.06 33.51
C MET C 4769 77.72 12.15 32.93
N SER C 4770 77.22 13.37 32.70
CA SER C 4770 75.84 13.53 32.24
C SER C 4770 75.66 13.07 30.81
N ILE C 4771 76.70 13.16 29.98
CA ILE C 4771 76.58 12.80 28.58
C ILE C 4771 76.45 11.29 28.43
N ASP C 4772 75.78 10.86 27.38
CA ASP C 4772 75.58 9.45 27.06
C ASP C 4772 76.30 9.12 25.76
N VAL C 4773 77.45 8.46 25.87
CA VAL C 4773 78.29 8.23 24.70
C VAL C 4773 77.61 7.31 23.70
N LYS C 4774 76.91 6.28 24.17
CA LYS C 4774 76.24 5.36 23.27
C LYS C 4774 75.13 6.05 22.49
N TYR C 4775 74.31 6.84 23.19
CA TYR C 4775 73.26 7.60 22.51
C TYR C 4775 73.84 8.59 21.53
N GLN C 4776 74.94 9.26 21.89
CA GLN C 4776 75.58 10.19 20.97
C GLN C 4776 76.11 9.48 19.73
N ILE C 4777 76.69 8.29 19.89
CA ILE C 4777 77.17 7.54 18.73
C ILE C 4777 76.00 7.17 17.82
N TRP C 4778 74.90 6.70 18.41
CA TRP C 4778 73.73 6.36 17.60
C TRP C 4778 73.21 7.57 16.83
N LYS C 4779 73.12 8.72 17.52
CA LYS C 4779 72.63 9.93 16.88
C LYS C 4779 73.57 10.38 15.77
N PHE C 4780 74.88 10.30 15.99
CA PHE C 4780 75.83 10.66 14.95
C PHE C 4780 75.72 9.75 13.74
N GLY C 4781 75.55 8.45 13.96
CA GLY C 4781 75.40 7.53 12.84
C GLY C 4781 74.14 7.81 12.03
N VAL C 4782 73.02 8.01 12.71
CA VAL C 4782 71.78 8.29 11.98
C VAL C 4782 71.80 9.67 11.33
N ILE C 4783 72.59 10.61 11.86
CA ILE C 4783 72.76 11.89 11.18
C ILE C 4783 73.60 11.70 9.92
N PHE C 4784 74.70 10.95 10.02
CA PHE C 4784 75.61 10.78 8.90
C PHE C 4784 74.99 9.97 7.76
N THR C 4785 74.10 9.03 8.08
CA THR C 4785 73.49 8.25 7.01
C THR C 4785 72.55 9.06 6.13
N ASP C 4786 72.19 10.28 6.54
CA ASP C 4786 71.35 11.14 5.72
C ASP C 4786 72.13 11.63 4.51
N ASN C 4787 71.46 11.65 3.35
CA ASN C 4787 72.14 12.07 2.13
C ASN C 4787 72.34 13.59 2.07
N SER C 4788 71.35 14.36 2.51
CA SER C 4788 71.46 15.81 2.45
C SER C 4788 72.58 16.34 3.34
N PHE C 4789 72.71 15.79 4.55
CA PHE C 4789 73.80 16.20 5.43
C PHE C 4789 75.15 15.87 4.81
N LEU C 4790 75.28 14.70 4.19
CA LEU C 4790 76.52 14.36 3.51
C LEU C 4790 76.82 15.30 2.36
N TYR C 4791 75.78 15.70 1.61
CA TYR C 4791 75.98 16.65 0.52
C TYR C 4791 76.46 18.00 1.03
N LEU C 4792 75.85 18.49 2.10
CA LEU C 4792 76.31 19.75 2.70
C LEU C 4792 77.71 19.63 3.25
N GLY C 4793 78.04 18.50 3.88
CA GLY C 4793 79.38 18.29 4.38
C GLY C 4793 80.41 18.28 3.27
N TRP C 4794 80.11 17.63 2.15
CA TRP C 4794 81.01 17.63 1.00
C TRP C 4794 81.19 19.04 0.45
N TYR C 4795 80.10 19.80 0.35
CA TYR C 4795 80.18 21.19 -0.08
C TYR C 4795 81.08 22.02 0.83
N MET C 4796 81.00 21.78 2.14
CA MET C 4796 81.84 22.51 3.07
C MET C 4796 83.30 22.06 2.97
N VAL C 4797 83.53 20.75 2.83
CA VAL C 4797 84.89 20.23 2.82
C VAL C 4797 85.65 20.69 1.58
N MET C 4798 84.98 20.74 0.42
CA MET C 4798 85.68 21.25 -0.75
C MET C 4798 86.09 22.71 -0.57
N SER C 4799 85.21 23.55 -0.03
CA SER C 4799 85.57 24.94 0.22
C SER C 4799 86.71 25.05 1.22
N LEU C 4800 86.69 24.23 2.27
CA LEU C 4800 87.76 24.27 3.27
C LEU C 4800 89.09 23.83 2.67
N LEU C 4801 89.08 22.73 1.90
CA LEU C 4801 90.28 22.25 1.24
C LEU C 4801 90.77 23.23 0.19
N GLY C 4802 89.92 24.12 -0.30
CA GLY C 4802 90.35 25.12 -1.26
C GLY C 4802 90.94 26.39 -0.69
N HIS C 4803 91.72 26.32 0.39
CA HIS C 4803 92.54 27.48 0.73
C HIS C 4803 93.55 27.77 -0.36
N TYR C 4804 94.25 26.74 -0.83
CA TYR C 4804 95.01 26.85 -2.08
C TYR C 4804 93.99 26.67 -3.21
N ASN C 4805 93.42 27.80 -3.61
CA ASN C 4805 92.20 27.83 -4.41
C ASN C 4805 92.47 27.87 -5.90
N ASN C 4806 93.56 27.25 -6.36
CA ASN C 4806 93.98 27.33 -7.75
C ASN C 4806 92.80 27.16 -8.70
N PHE C 4807 92.17 25.99 -8.69
CA PHE C 4807 90.94 25.82 -9.46
C PHE C 4807 89.93 24.91 -8.76
N PHE C 4808 90.09 24.68 -7.45
CA PHE C 4808 89.15 23.81 -6.75
C PHE C 4808 87.81 24.50 -6.47
N PHE C 4809 87.75 25.82 -6.60
CA PHE C 4809 86.49 26.52 -6.39
C PHE C 4809 85.53 26.35 -7.55
N ALA C 4810 86.02 25.85 -8.69
CA ALA C 4810 85.15 25.63 -9.84
C ALA C 4810 84.20 24.46 -9.63
N ALA C 4811 84.57 23.50 -8.79
CA ALA C 4811 83.70 22.34 -8.57
C ALA C 4811 82.40 22.70 -7.87
N HIS C 4812 82.32 23.88 -7.27
CA HIS C 4812 81.11 24.31 -6.60
C HIS C 4812 80.01 24.72 -7.57
N LEU C 4813 80.34 24.96 -8.84
CA LEU C 4813 79.33 25.37 -9.81
C LEU C 4813 78.28 24.29 -10.04
N LEU C 4814 78.72 23.03 -10.19
CA LEU C 4814 77.76 21.95 -10.35
C LEU C 4814 76.94 21.74 -9.08
N ASP C 4815 77.57 21.89 -7.92
CA ASP C 4815 76.83 21.81 -6.65
C ASP C 4815 75.75 22.87 -6.57
N ILE C 4816 76.05 24.09 -7.03
CA ILE C 4816 75.17 25.22 -6.79
C ILE C 4816 74.13 25.42 -7.89
N ALA C 4817 74.38 24.91 -9.11
CA ALA C 4817 73.39 25.05 -10.17
C ALA C 4817 72.14 24.21 -9.89
N MET C 4818 72.23 23.20 -9.02
CA MET C 4818 71.10 22.36 -8.68
C MET C 4818 70.01 23.12 -7.92
N GLY C 4819 70.36 24.22 -7.26
CA GLY C 4819 69.40 24.95 -6.45
C GLY C 4819 68.23 25.53 -7.23
N VAL C 4820 68.38 25.71 -8.54
CA VAL C 4820 67.30 26.24 -9.35
C VAL C 4820 66.19 25.21 -9.46
N LYS C 4821 64.94 25.65 -9.24
CA LYS C 4821 63.82 24.73 -9.19
C LYS C 4821 63.59 24.06 -10.55
N THR C 4822 63.64 24.82 -11.64
CA THR C 4822 63.33 24.26 -12.94
C THR C 4822 64.42 23.35 -13.47
N LEU C 4823 65.65 23.48 -12.96
CA LEU C 4823 66.74 22.63 -13.44
C LEU C 4823 66.66 21.22 -12.87
N ARG C 4824 66.14 21.07 -11.66
CA ARG C 4824 65.99 19.74 -11.08
C ARG C 4824 65.00 18.89 -11.88
N THR C 4825 63.92 19.50 -12.37
CA THR C 4825 62.96 18.74 -13.18
C THR C 4825 63.62 18.21 -14.45
N ILE C 4826 64.43 19.04 -15.11
CA ILE C 4826 65.14 18.58 -16.30
C ILE C 4826 66.14 17.48 -15.94
N LEU C 4827 66.89 17.66 -14.86
CA LEU C 4827 67.91 16.69 -14.48
C LEU C 4827 67.33 15.37 -14.00
N SER C 4828 66.08 15.38 -13.50
CA SER C 4828 65.48 14.15 -13.00
C SER C 4828 65.22 13.13 -14.10
N SER C 4829 64.96 13.58 -15.34
CA SER C 4829 64.71 12.65 -16.43
C SER C 4829 65.90 11.75 -16.70
N VAL C 4830 67.11 12.30 -16.66
CA VAL C 4830 68.30 11.48 -16.87
C VAL C 4830 68.45 10.46 -15.75
N THR C 4831 68.24 10.89 -14.49
CA THR C 4831 68.38 9.99 -13.36
C THR C 4831 67.25 8.97 -13.25
N HIS C 4832 66.17 9.15 -14.01
CA HIS C 4832 65.02 8.25 -13.90
C HIS C 4832 65.38 6.85 -14.42
N ASN C 4833 66.21 6.76 -15.46
CA ASN C 4833 66.50 5.48 -16.11
C ASN C 4833 68.00 5.16 -16.13
N GLY C 4834 68.74 5.61 -15.12
CA GLY C 4834 70.16 5.34 -15.07
C GLY C 4834 70.49 3.86 -14.99
N LYS C 4835 69.66 3.08 -14.31
CA LYS C 4835 69.90 1.65 -14.20
C LYS C 4835 69.89 0.98 -15.56
N GLN C 4836 68.98 1.40 -16.45
CA GLN C 4836 68.96 0.86 -17.80
C GLN C 4836 70.05 1.47 -18.67
N LEU C 4837 70.39 2.74 -18.47
CA LEU C 4837 71.48 3.34 -19.25
C LEU C 4837 72.81 2.63 -19.01
N VAL C 4838 73.11 2.32 -17.75
CA VAL C 4838 74.35 1.63 -17.46
C VAL C 4838 74.37 0.25 -18.11
N MET C 4839 73.25 -0.47 -18.05
CA MET C 4839 73.19 -1.81 -18.62
C MET C 4839 73.35 -1.79 -20.13
N THR C 4840 72.72 -0.83 -20.81
CA THR C 4840 72.89 -0.78 -22.26
C THR C 4840 74.29 -0.32 -22.66
N VAL C 4841 74.93 0.54 -21.87
CA VAL C 4841 76.33 0.86 -22.13
C VAL C 4841 77.20 -0.40 -22.00
N GLY C 4842 76.93 -1.20 -20.96
CA GLY C 4842 77.62 -2.47 -20.81
C GLY C 4842 77.42 -3.41 -21.98
N LEU C 4843 76.19 -3.48 -22.51
CA LEU C 4843 75.93 -4.31 -23.68
C LEU C 4843 76.70 -3.80 -24.90
N LEU C 4844 76.75 -2.48 -25.09
CA LEU C 4844 77.55 -1.92 -26.18
C LEU C 4844 79.01 -2.30 -26.05
N ALA C 4845 79.55 -2.30 -24.83
CA ALA C 4845 80.93 -2.70 -24.64
C ALA C 4845 81.17 -4.14 -25.08
N VAL C 4846 80.25 -5.06 -24.75
CA VAL C 4846 80.41 -6.45 -25.15
C VAL C 4846 80.33 -6.59 -26.66
N VAL C 4847 79.42 -5.86 -27.31
CA VAL C 4847 79.32 -5.94 -28.76
C VAL C 4847 80.62 -5.46 -29.41
N VAL C 4848 81.21 -4.38 -28.91
CA VAL C 4848 82.43 -3.87 -29.60
C VAL C 4848 83.55 -4.88 -29.39
N TYR C 4849 83.54 -5.59 -28.26
CA TYR C 4849 84.58 -6.63 -27.99
C TYR C 4849 84.50 -7.74 -29.03
N LEU C 4850 83.28 -8.15 -29.39
CA LEU C 4850 83.12 -9.28 -30.33
C LEU C 4850 83.75 -8.89 -31.66
N TYR C 4851 83.54 -7.64 -32.07
CA TYR C 4851 84.09 -7.20 -33.38
C TYR C 4851 85.62 -7.29 -33.29
N THR C 4852 86.20 -6.92 -32.15
CA THR C 4852 87.68 -6.96 -32.00
C THR C 4852 88.21 -8.39 -32.12
N VAL C 4853 87.52 -9.37 -31.53
CA VAL C 4853 87.95 -10.80 -31.64
C VAL C 4853 87.87 -11.23 -33.11
N VAL C 4854 86.83 -10.81 -33.82
CA VAL C 4854 86.70 -11.14 -35.27
C VAL C 4854 87.68 -10.27 -36.04
N ALA C 4855 87.78 -8.99 -35.71
CA ALA C 4855 88.70 -8.20 -36.52
C ALA C 4855 90.14 -8.58 -36.28
N PHE C 4856 90.53 -8.81 -35.03
CA PHE C 4856 91.92 -9.17 -34.74
C PHE C 4856 92.33 -10.46 -35.44
N ASN C 4857 91.45 -11.45 -35.48
CA ASN C 4857 91.77 -12.71 -36.14
C ASN C 4857 91.78 -12.55 -37.66
N PHE C 4858 90.78 -11.86 -38.21
CA PHE C 4858 90.64 -11.95 -39.67
C PHE C 4858 91.20 -10.74 -40.41
N PHE C 4859 90.89 -9.54 -39.96
CA PHE C 4859 91.24 -8.31 -40.67
C PHE C 4859 92.31 -7.59 -39.85
N ARG C 4860 93.58 -7.94 -40.09
CA ARG C 4860 94.68 -7.36 -39.34
C ARG C 4860 95.58 -6.46 -40.17
N LYS C 4861 95.78 -6.77 -41.45
CA LYS C 4861 96.70 -6.02 -42.29
C LYS C 4861 96.07 -4.80 -42.93
N PHE C 4862 94.77 -4.57 -42.72
CA PHE C 4862 94.08 -3.42 -43.29
C PHE C 4862 94.15 -2.17 -42.43
N TYR C 4863 94.57 -2.30 -41.18
CA TYR C 4863 94.45 -1.21 -40.21
C TYR C 4863 95.53 -0.15 -40.34
N ASN C 4864 96.51 -0.34 -41.21
CA ASN C 4864 97.58 0.65 -41.38
C ASN C 4864 97.01 1.95 -41.95
N LYS C 4865 97.01 3.01 -41.14
CA LYS C 4865 96.51 4.30 -41.56
C LYS C 4865 97.57 5.08 -42.33
N SER C 4866 97.38 6.38 -42.47
CA SER C 4866 98.15 7.28 -43.34
C SER C 4866 99.67 7.33 -43.02
N GLU C 4867 100.25 6.65 -42.04
CA GLU C 4867 101.70 6.68 -41.87
C GLU C 4867 102.36 5.98 -43.05
N ASP C 4868 103.23 6.70 -43.75
CA ASP C 4868 103.89 6.17 -44.94
C ASP C 4868 105.40 6.18 -44.75
N GLU C 4869 106.04 5.08 -45.15
CA GLU C 4869 107.48 4.85 -45.10
C GLU C 4869 108.02 4.74 -43.68
N ASP C 4870 107.18 4.91 -42.66
CA ASP C 4870 107.58 4.77 -41.27
C ASP C 4870 106.79 3.62 -40.66
N GLU C 4871 107.50 2.63 -40.12
CA GLU C 4871 106.82 1.51 -39.50
C GLU C 4871 107.33 1.17 -38.11
N PRO C 4872 107.39 2.14 -37.17
CA PRO C 4872 107.66 1.77 -35.77
C PRO C 4872 106.39 1.37 -35.04
N ASP C 4873 105.25 1.85 -35.53
CA ASP C 4873 103.98 1.62 -34.89
C ASP C 4873 103.14 0.60 -35.65
N MET C 4874 102.41 -0.22 -34.90
CA MET C 4874 101.45 -1.15 -35.48
C MET C 4874 100.12 -0.98 -34.76
N LYS C 4875 99.04 -1.02 -35.54
CA LYS C 4875 97.73 -0.64 -35.04
C LYS C 4875 97.21 -1.63 -34.00
N CYS C 4876 97.28 -2.93 -34.28
CA CYS C 4876 97.11 -3.90 -33.20
C CYS C 4876 97.80 -5.23 -33.56
N ASP C 4877 98.96 -5.45 -32.96
CA ASP C 4877 99.48 -6.80 -32.77
C ASP C 4877 99.11 -7.34 -31.39
N ASP C 4878 98.65 -6.48 -30.48
CA ASP C 4878 98.13 -6.87 -29.18
C ASP C 4878 96.71 -6.35 -29.03
N MET C 4879 95.81 -7.25 -28.64
CA MET C 4879 94.39 -6.86 -28.67
C MET C 4879 94.03 -5.98 -27.49
N MET C 4880 94.93 -5.82 -26.51
CA MET C 4880 94.81 -4.69 -25.60
C MET C 4880 94.72 -3.38 -26.37
N THR C 4881 95.79 -3.06 -27.10
CA THR C 4881 95.80 -1.85 -27.91
C THR C 4881 94.70 -1.88 -28.95
N CYS C 4882 94.35 -3.06 -29.47
CA CYS C 4882 93.39 -3.08 -30.57
C CYS C 4882 91.97 -2.80 -30.08
N TYR C 4883 91.59 -3.38 -28.94
CA TYR C 4883 90.29 -3.12 -28.34
C TYR C 4883 90.23 -1.72 -27.74
N LEU C 4884 91.37 -1.16 -27.33
CA LEU C 4884 91.38 0.25 -26.95
C LEU C 4884 91.18 1.16 -28.16
N PHE C 4885 91.84 0.86 -29.27
CA PHE C 4885 91.68 1.64 -30.49
C PHE C 4885 90.25 1.56 -31.00
N HIS C 4886 89.64 0.38 -30.94
CA HIS C 4886 88.25 0.25 -31.37
C HIS C 4886 87.33 1.22 -30.64
N MET C 4887 87.35 1.20 -29.31
CA MET C 4887 86.47 2.10 -28.56
C MET C 4887 86.88 3.56 -28.72
N TYR C 4888 88.18 3.84 -28.90
CA TYR C 4888 88.60 5.23 -28.91
C TYR C 4888 88.28 5.90 -30.23
N VAL C 4889 88.33 5.17 -31.34
CA VAL C 4889 88.15 5.75 -32.66
C VAL C 4889 86.94 5.17 -33.39
N GLY C 4890 86.84 3.84 -33.49
CA GLY C 4890 85.83 3.22 -34.32
C GLY C 4890 84.41 3.34 -33.80
N VAL C 4891 84.24 3.25 -32.47
CA VAL C 4891 82.91 3.40 -31.83
C VAL C 4891 82.36 4.82 -31.98
N ARG C 4892 83.19 5.84 -31.78
CA ARG C 4892 82.73 7.26 -31.81
C ARG C 4892 83.22 8.03 -33.04
N ALA C 4893 83.77 7.35 -34.05
CA ALA C 4893 84.30 8.04 -35.24
C ALA C 4893 83.21 8.83 -35.96
N GLY C 4894 82.01 8.24 -36.06
CA GLY C 4894 80.86 8.84 -36.76
C GLY C 4894 80.85 8.27 -38.16
N GLY C 4895 79.76 7.63 -38.54
CA GLY C 4895 79.78 7.04 -39.89
C GLY C 4895 80.52 5.71 -39.87
N GLY C 4896 80.99 5.20 -38.73
CA GLY C 4896 81.53 3.88 -38.94
C GLY C 4896 83.05 3.87 -38.86
N ILE C 4897 83.60 2.66 -38.74
CA ILE C 4897 85.05 2.52 -38.61
C ILE C 4897 85.75 2.55 -39.96
N GLY C 4898 85.02 2.44 -41.06
CA GLY C 4898 85.62 2.40 -42.37
C GLY C 4898 86.35 3.66 -42.78
N ASP C 4899 86.13 4.77 -42.08
CA ASP C 4899 86.77 6.02 -42.46
C ASP C 4899 88.25 6.05 -42.08
N GLU C 4900 88.64 5.38 -40.99
CA GLU C 4900 90.03 5.39 -40.54
C GLU C 4900 90.79 4.13 -40.92
N ILE C 4901 90.25 3.32 -41.81
CA ILE C 4901 90.90 2.08 -42.21
C ILE C 4901 91.14 2.16 -43.71
N GLU C 4902 92.15 1.45 -44.18
CA GLU C 4902 92.48 1.44 -45.60
C GLU C 4902 91.28 0.99 -46.43
N ASP C 4903 91.08 1.65 -47.55
CA ASP C 4903 90.00 1.28 -48.46
C ASP C 4903 90.30 -0.10 -49.04
N PRO C 4904 89.40 -1.08 -48.87
CA PRO C 4904 89.66 -2.44 -49.37
C PRO C 4904 89.53 -2.55 -50.89
N ALA C 4905 90.42 -1.86 -51.60
CA ALA C 4905 90.43 -1.93 -53.05
C ALA C 4905 90.95 -3.28 -53.56
N GLY C 4906 91.75 -3.98 -52.76
CA GLY C 4906 92.23 -5.28 -53.18
C GLY C 4906 91.09 -6.29 -53.28
N ASP C 4907 91.23 -7.22 -54.23
CA ASP C 4907 90.19 -8.20 -54.46
C ASP C 4907 90.12 -9.25 -53.36
N GLU C 4908 91.12 -9.29 -52.47
CA GLU C 4908 91.13 -10.27 -51.40
C GLU C 4908 90.27 -9.79 -50.23
N TYR C 4909 89.38 -10.66 -49.77
CA TYR C 4909 88.53 -10.46 -48.60
C TYR C 4909 87.54 -9.31 -48.75
N GLU C 4910 87.39 -8.78 -49.95
CA GLU C 4910 86.28 -7.90 -50.26
C GLU C 4910 84.98 -8.71 -50.29
N LEU C 4911 83.86 -8.02 -50.12
CA LEU C 4911 82.54 -8.61 -49.93
C LEU C 4911 82.47 -9.30 -48.55
N TYR C 4912 83.59 -9.30 -47.84
CA TYR C 4912 83.64 -9.62 -46.43
C TYR C 4912 83.94 -8.41 -45.57
N ARG C 4913 84.94 -7.61 -45.96
CA ARG C 4913 85.20 -6.36 -45.27
C ARG C 4913 84.00 -5.42 -45.35
N VAL C 4914 83.34 -5.37 -46.50
CA VAL C 4914 82.17 -4.50 -46.66
C VAL C 4914 81.05 -4.94 -45.73
N VAL C 4915 80.78 -6.25 -45.65
CA VAL C 4915 79.74 -6.74 -44.76
C VAL C 4915 80.10 -6.43 -43.31
N PHE C 4916 81.35 -6.66 -42.92
CA PHE C 4916 81.79 -6.33 -41.57
C PHE C 4916 81.53 -4.87 -41.23
N ASP C 4917 81.97 -3.95 -42.09
CA ASP C 4917 81.79 -2.53 -41.81
C ASP C 4917 80.32 -2.12 -41.79
N ILE C 4918 79.52 -2.63 -42.74
CA ILE C 4918 78.14 -2.19 -42.82
C ILE C 4918 77.33 -2.72 -41.64
N THR C 4919 77.61 -3.95 -41.19
CA THR C 4919 76.93 -4.43 -40.00
C THR C 4919 77.42 -3.74 -38.72
N PHE C 4920 78.69 -3.35 -38.66
CA PHE C 4920 79.15 -2.52 -37.56
C PHE C 4920 78.34 -1.22 -37.50
N PHE C 4921 78.17 -0.57 -38.65
CA PHE C 4921 77.44 0.69 -38.66
C PHE C 4921 75.97 0.49 -38.32
N PHE C 4922 75.34 -0.57 -38.82
CA PHE C 4922 73.93 -0.80 -38.52
C PHE C 4922 73.71 -1.12 -37.04
N PHE C 4923 74.62 -1.85 -36.41
CA PHE C 4923 74.37 -2.29 -35.05
C PHE C 4923 74.84 -1.28 -34.02
N VAL C 4924 76.10 -0.86 -34.10
CA VAL C 4924 76.68 -0.05 -33.02
C VAL C 4924 76.09 1.37 -32.97
N ILE C 4925 75.87 2.00 -34.12
CA ILE C 4925 75.56 3.43 -34.17
C ILE C 4925 74.06 3.70 -34.13
N VAL C 4926 73.33 3.26 -35.16
CA VAL C 4926 71.95 3.69 -35.35
C VAL C 4926 70.94 2.88 -34.55
N ILE C 4927 71.38 1.99 -33.68
CA ILE C 4927 70.48 1.21 -32.82
C ILE C 4927 70.81 1.39 -31.35
N LEU C 4928 72.09 1.25 -30.98
CA LEU C 4928 72.45 1.38 -29.57
C LEU C 4928 72.32 2.83 -29.10
N LEU C 4929 72.74 3.79 -29.93
CA LEU C 4929 72.57 5.19 -29.57
C LEU C 4929 71.11 5.62 -29.65
N ALA C 4930 70.33 4.98 -30.51
CA ALA C 4930 68.90 5.26 -30.55
C ALA C 4930 68.23 4.90 -29.23
N ILE C 4931 68.66 3.81 -28.59
CA ILE C 4931 68.12 3.46 -27.28
C ILE C 4931 68.49 4.51 -26.24
N ILE C 4932 69.74 4.99 -26.29
CA ILE C 4932 70.18 6.02 -25.35
C ILE C 4932 69.32 7.26 -25.48
N GLN C 4933 69.03 7.68 -26.71
CA GLN C 4933 68.17 8.83 -26.91
C GLN C 4933 66.72 8.54 -26.53
N GLY C 4934 66.23 7.34 -26.83
CA GLY C 4934 64.84 7.00 -26.57
C GLY C 4934 64.50 6.94 -25.10
N LEU C 4935 65.40 6.42 -24.27
CA LEU C 4935 65.13 6.41 -22.83
C LEU C 4935 64.96 7.82 -22.29
N ILE C 4936 65.86 8.74 -22.69
CA ILE C 4936 65.76 10.12 -22.23
C ILE C 4936 64.49 10.77 -22.75
N ILE C 4937 64.11 10.48 -24.00
CA ILE C 4937 62.89 11.06 -24.54
C ILE C 4937 61.66 10.55 -23.79
N ASP C 4938 61.64 9.25 -23.48
CA ASP C 4938 60.47 8.66 -22.83
C ASP C 4938 60.34 9.08 -21.37
N ALA C 4939 61.47 9.40 -20.71
CA ALA C 4939 61.40 9.82 -19.32
C ALA C 4939 60.54 11.06 -19.15
N PHE C 4940 60.68 12.05 -20.04
CA PHE C 4940 59.88 13.27 -19.93
C PHE C 4940 58.40 12.99 -20.01
N GLY C 4941 57.96 12.18 -20.98
CA GLY C 4941 56.56 11.86 -21.09
C GLY C 4941 56.04 11.09 -19.89
N GLU C 4942 56.83 10.12 -19.41
CA GLU C 4942 56.40 9.36 -18.24
C GLU C 4942 56.21 10.26 -17.03
N LEU C 4943 57.18 11.14 -16.76
CA LEU C 4943 57.05 12.05 -15.62
C LEU C 4943 55.88 13.01 -15.79
N ARG C 4944 55.67 13.53 -17.01
CA ARG C 4944 54.55 14.45 -17.22
C ARG C 4944 53.21 13.77 -16.97
N ASP C 4945 53.04 12.55 -17.48
CA ASP C 4945 51.80 11.81 -17.23
C ASP C 4945 51.63 11.51 -15.75
N GLN C 4946 52.70 11.11 -15.06
CA GLN C 4946 52.62 10.85 -13.63
C GLN C 4946 52.19 12.09 -12.86
N GLN C 4947 52.74 13.25 -13.23
CA GLN C 4947 52.39 14.49 -12.53
C GLN C 4947 50.98 14.94 -12.85
N GLU C 4948 50.49 14.68 -14.07
CA GLU C 4948 49.13 15.10 -14.41
C GLU C 4948 48.07 14.19 -13.77
N GLN C 4949 48.38 12.91 -13.58
CA GLN C 4949 47.39 11.99 -13.03
C GLN C 4949 46.97 12.40 -11.62
N VAL C 4950 47.94 12.78 -10.77
CA VAL C 4950 47.60 13.17 -9.41
C VAL C 4950 46.81 14.47 -9.40
N LYS C 4951 47.13 15.40 -10.30
CA LYS C 4951 46.36 16.65 -10.38
C LYS C 4951 44.91 16.37 -10.77
N GLU C 4952 44.70 15.47 -11.73
CA GLU C 4952 43.34 15.13 -12.11
C GLU C 4952 42.59 14.40 -10.98
N ASP C 4953 43.25 13.47 -10.29
CA ASP C 4953 42.58 12.66 -9.30
C ASP C 4953 42.07 13.48 -8.11
N MET C 4954 42.82 14.49 -7.68
CA MET C 4954 42.38 15.32 -6.56
C MET C 4954 41.08 16.04 -6.89
N GLU C 4955 40.96 16.61 -8.09
CA GLU C 4955 39.72 17.26 -8.49
C GLU C 4955 38.61 16.25 -8.72
N THR C 4956 38.97 15.02 -9.11
CA THR C 4956 37.94 14.01 -9.37
C THR C 4956 37.31 13.49 -8.07
N LYS C 4957 38.12 13.20 -7.07
CA LYS C 4957 37.66 12.52 -5.86
C LYS C 4957 37.58 13.47 -4.67
N CYS C 4958 37.13 12.93 -3.54
CA CYS C 4958 36.97 13.72 -2.32
C CYS C 4958 38.21 13.69 -1.44
N PHE C 4959 38.98 12.61 -1.48
CA PHE C 4959 40.19 12.30 -0.73
C PHE C 4959 39.90 11.83 0.69
N ILE C 4960 38.68 11.97 1.20
CA ILE C 4960 38.27 11.36 2.46
C ILE C 4960 37.01 10.51 2.29
N CYS C 4961 35.96 11.10 1.73
CA CYS C 4961 34.76 10.37 1.39
C CYS C 4961 34.99 9.57 0.11
N GLY C 4962 34.42 8.38 0.07
CA GLY C 4962 34.51 7.55 -1.12
C GLY C 4962 33.38 7.82 -2.10
N ILE C 4963 33.10 9.10 -2.36
CA ILE C 4963 31.99 9.51 -3.19
C ILE C 4963 32.53 10.39 -4.32
N GLY C 4964 32.10 10.09 -5.55
CA GLY C 4964 32.54 10.88 -6.67
C GLY C 4964 31.93 12.27 -6.69
N SER C 4965 32.51 13.13 -7.53
CA SER C 4965 32.05 14.52 -7.59
C SER C 4965 30.69 14.63 -8.28
N ASP C 4966 30.33 13.67 -9.12
CA ASP C 4966 29.07 13.75 -9.84
C ASP C 4966 27.88 13.71 -8.90
N TYR C 4967 27.94 12.87 -7.86
CA TYR C 4967 26.84 12.81 -6.90
C TYR C 4967 26.68 14.12 -6.15
N PHE C 4968 27.81 14.75 -5.77
CA PHE C 4968 27.74 16.00 -5.03
C PHE C 4968 27.37 17.19 -5.91
N ASP C 4969 27.62 17.11 -7.21
CA ASP C 4969 27.34 18.22 -8.11
C ASP C 4969 25.85 18.40 -8.41
N THR C 4970 24.99 17.52 -7.90
CA THR C 4970 23.55 17.69 -8.11
C THR C 4970 23.08 19.03 -7.56
N THR C 4971 23.42 19.32 -6.30
CA THR C 4971 23.20 20.65 -5.76
C THR C 4971 24.22 21.62 -6.34
N PRO C 4972 23.80 22.82 -6.74
CA PRO C 4972 24.76 23.79 -7.28
C PRO C 4972 25.89 24.08 -6.28
N HIS C 4973 27.11 24.15 -6.80
CA HIS C 4973 28.32 24.32 -5.99
C HIS C 4973 28.44 23.24 -4.93
N GLY C 4974 27.84 22.08 -5.17
CA GLY C 4974 27.78 21.02 -4.20
C GLY C 4974 29.15 20.50 -3.78
N PHE C 4975 29.97 20.08 -4.75
CA PHE C 4975 31.29 19.58 -4.41
C PHE C 4975 32.16 20.68 -3.82
N GLU C 4976 32.04 21.89 -4.35
CA GLU C 4976 32.88 22.99 -3.86
C GLU C 4976 32.59 23.30 -2.40
N THR C 4977 31.32 23.30 -2.01
CA THR C 4977 31.01 23.55 -0.60
C THR C 4977 31.29 22.32 0.25
N HIS C 4978 31.17 21.13 -0.34
CA HIS C 4978 31.44 19.89 0.39
C HIS C 4978 32.91 19.78 0.77
N THR C 4979 33.80 20.22 -0.11
CA THR C 4979 35.22 20.19 0.18
C THR C 4979 35.70 21.43 0.91
N LEU C 4980 34.81 22.38 1.21
CA LEU C 4980 35.20 23.58 1.94
C LEU C 4980 34.60 23.66 3.34
N GLU C 4981 33.52 22.95 3.60
CA GLU C 4981 32.85 23.03 4.89
C GLU C 4981 32.96 21.75 5.70
N GLU C 4982 32.75 20.59 5.08
CA GLU C 4982 32.84 19.31 5.75
C GLU C 4982 34.14 18.61 5.36
N HIS C 4983 34.89 18.17 6.37
CA HIS C 4983 36.16 17.45 6.22
C HIS C 4983 37.05 18.10 5.16
N ASN C 4984 37.50 19.30 5.52
CA ASN C 4984 38.43 20.06 4.69
C ASN C 4984 39.86 19.55 4.81
N LEU C 4985 40.06 18.40 5.45
CA LEU C 4985 41.34 17.72 5.63
C LEU C 4985 42.38 18.60 6.34
N ALA C 4986 41.98 19.80 6.74
CA ALA C 4986 42.78 20.60 7.65
C ALA C 4986 42.10 20.77 9.00
N ASN C 4987 40.76 20.80 9.00
CA ASN C 4987 40.01 20.76 10.24
C ASN C 4987 40.34 19.50 11.03
N TYR C 4988 40.66 18.39 10.36
CA TYR C 4988 41.06 17.18 11.07
C TYR C 4988 42.35 17.37 11.84
N MET C 4989 43.36 17.98 11.22
CA MET C 4989 44.61 18.21 11.94
C MET C 4989 44.42 19.23 13.05
N PHE C 4990 43.59 20.24 12.82
CA PHE C 4990 43.30 21.20 13.87
C PHE C 4990 42.57 20.54 15.03
N PHE C 4991 41.66 19.60 14.75
CA PHE C 4991 40.99 18.85 15.81
C PHE C 4991 41.96 17.98 16.58
N LEU C 4992 42.91 17.36 15.89
CA LEU C 4992 43.94 16.60 16.57
C LEU C 4992 44.79 17.49 17.47
N MET C 4993 45.09 18.71 17.02
CA MET C 4993 45.75 19.68 17.89
C MET C 4993 44.90 19.99 19.12
N TYR C 4994 43.60 20.22 18.90
CA TYR C 4994 42.72 20.66 19.97
C TYR C 4994 42.58 19.58 21.04
N LEU C 4995 42.50 18.31 20.63
CA LEU C 4995 42.40 17.22 21.61
C LEU C 4995 43.64 17.15 22.50
N ILE C 4996 44.83 17.33 21.93
CA ILE C 4996 46.06 17.24 22.71
C ILE C 4996 46.09 18.35 23.77
N ASN C 4997 45.75 19.57 23.37
CA ASN C 4997 45.84 20.69 24.30
C ASN C 4997 44.71 20.67 25.33
N LYS C 4998 43.55 20.12 24.98
CA LYS C 4998 42.44 20.09 25.93
C LYS C 4998 42.75 19.19 27.11
N ASP C 4999 42.22 19.56 28.27
CA ASP C 4999 42.42 18.77 29.48
C ASP C 4999 41.69 17.44 29.40
N GLU C 5000 42.16 16.48 30.18
CA GLU C 5000 41.60 15.13 30.12
C GLU C 5000 40.15 15.09 30.57
N THR C 5001 39.83 15.82 31.65
CA THR C 5001 38.49 15.72 32.25
C THR C 5001 37.45 16.57 31.54
N GLU C 5002 37.84 17.41 30.60
CA GLU C 5002 36.90 18.28 29.91
C GLU C 5002 36.37 17.69 28.61
N HIS C 5003 36.74 16.46 28.27
CA HIS C 5003 36.34 15.87 27.00
C HIS C 5003 34.84 15.60 26.99
N THR C 5004 34.19 15.96 25.89
CA THR C 5004 32.80 15.62 25.67
C THR C 5004 32.72 14.13 25.29
N GLY C 5005 31.49 13.61 25.22
CA GLY C 5005 31.32 12.20 24.90
C GLY C 5005 31.94 11.81 23.57
N GLN C 5006 31.81 12.64 22.55
CA GLN C 5006 32.36 12.33 21.25
C GLN C 5006 33.89 12.49 21.22
N GLU C 5007 34.40 13.56 21.83
CA GLU C 5007 35.84 13.78 21.84
C GLU C 5007 36.55 12.69 22.62
N SER C 5008 35.99 12.25 23.75
CA SER C 5008 36.61 11.18 24.51
C SER C 5008 36.63 9.87 23.73
N TYR C 5009 35.56 9.58 22.98
CA TYR C 5009 35.52 8.38 22.15
C TYR C 5009 36.55 8.44 21.03
N VAL C 5010 36.68 9.59 20.37
CA VAL C 5010 37.71 9.74 19.35
C VAL C 5010 39.10 9.56 19.96
N TRP C 5011 39.35 10.17 21.11
CA TRP C 5011 40.63 10.01 21.78
C TRP C 5011 40.89 8.56 22.18
N LYS C 5012 39.86 7.85 22.62
CA LYS C 5012 40.03 6.46 23.02
C LYS C 5012 40.42 5.59 21.83
N MET C 5013 39.81 5.80 20.67
CA MET C 5013 40.26 4.99 19.53
C MET C 5013 41.60 5.48 18.99
N TYR C 5014 41.91 6.77 19.14
CA TYR C 5014 43.19 7.26 18.66
C TYR C 5014 44.35 6.70 19.47
N GLN C 5015 44.15 6.51 20.78
CA GLN C 5015 45.23 5.98 21.61
C GLN C 5015 45.58 4.54 21.25
N GLU C 5016 44.63 3.78 20.75
CA GLU C 5016 44.86 2.38 20.39
C GLU C 5016 45.06 2.17 18.90
N ARG C 5017 45.19 3.24 18.12
CA ARG C 5017 45.48 3.17 16.70
C ARG C 5017 44.41 2.38 15.94
N CYS C 5018 43.19 2.89 16.01
CA CYS C 5018 42.07 2.38 15.21
C CYS C 5018 41.46 3.55 14.46
N TRP C 5019 41.27 3.38 13.15
CA TRP C 5019 40.80 4.45 12.29
C TRP C 5019 39.38 4.20 11.77
N ASP C 5020 38.52 3.67 12.62
CA ASP C 5020 37.13 3.43 12.22
C ASP C 5020 36.28 4.70 12.27
N PHE C 5021 36.74 5.75 12.93
CA PHE C 5021 35.91 6.94 13.08
C PHE C 5021 35.88 7.81 11.84
N PHE C 5022 36.80 7.60 10.89
CA PHE C 5022 36.71 8.31 9.63
C PHE C 5022 35.47 7.83 8.86
N PRO C 5023 34.84 8.70 8.08
CA PRO C 5023 33.59 8.30 7.40
C PRO C 5023 33.79 7.15 6.42
N ALA C 5024 34.64 7.35 5.43
CA ALA C 5024 34.98 6.32 4.44
C ALA C 5024 33.73 5.71 3.81
N GLY C 5025 32.99 6.54 3.09
CA GLY C 5025 31.82 6.08 2.35
C GLY C 5025 30.51 6.77 2.70
N ASP C 5026 30.50 7.78 3.57
CA ASP C 5026 29.29 8.47 3.95
C ASP C 5026 29.54 9.97 3.94
N CYS C 5027 28.45 10.74 3.88
CA CYS C 5027 28.54 12.18 3.76
C CYS C 5027 27.64 12.95 4.74
N PHE C 5028 26.70 12.27 5.40
CA PHE C 5028 25.68 12.88 6.27
C PHE C 5028 24.63 13.58 5.41
N ARG C 5029 24.90 13.70 4.11
CA ARG C 5029 23.89 14.15 3.16
C ARG C 5029 23.23 12.99 2.45
N LYS C 5030 23.96 11.89 2.27
CA LYS C 5030 23.38 10.66 1.75
C LYS C 5030 22.56 9.93 2.80
N GLN C 5031 22.99 10.00 4.07
CA GLN C 5031 22.29 9.26 5.12
C GLN C 5031 20.89 9.80 5.34
N TYR C 5032 20.74 11.11 5.52
CA TYR C 5032 19.44 11.73 5.73
C TYR C 5032 18.84 12.27 4.44
N GLU C 5033 19.12 11.64 3.30
CA GLU C 5033 18.63 12.15 2.02
C GLU C 5033 17.11 12.14 1.93
N ASP C 5034 16.44 11.31 2.72
CA ASP C 5034 14.98 11.37 2.77
C ASP C 5034 14.50 12.72 3.27
N GLN C 5035 15.16 13.28 4.28
CA GLN C 5035 14.92 14.64 4.71
C GLN C 5035 15.81 15.58 3.89
N LEU C 5036 15.95 16.84 4.31
CA LEU C 5036 16.82 17.76 3.57
C LEU C 5036 18.27 17.32 3.63
N SER C 5037 18.73 16.89 4.80
CA SER C 5037 20.14 16.55 5.03
C SER C 5037 21.08 17.69 4.60
N GLN D 12 -27.59 24.25 -13.01
CA GLN D 12 -27.47 23.72 -14.36
C GLN D 12 -27.92 24.75 -15.39
N PHE D 13 -27.07 24.99 -16.37
CA PHE D 13 -27.34 25.98 -17.41
C PHE D 13 -28.02 25.32 -18.60
N LEU D 14 -29.03 25.99 -19.14
CA LEU D 14 -29.74 25.47 -20.30
C LEU D 14 -28.88 25.59 -21.55
N ARG D 15 -29.01 24.60 -22.42
CA ARG D 15 -28.31 24.54 -23.69
C ARG D 15 -29.31 24.40 -24.83
N THR D 16 -28.81 24.16 -26.03
CA THR D 16 -29.66 23.89 -27.17
C THR D 16 -29.74 22.39 -27.44
N ASP D 17 -30.60 22.03 -28.39
CA ASP D 17 -30.81 20.65 -28.84
C ASP D 17 -31.31 19.74 -27.73
N ASP D 18 -31.92 20.29 -26.69
CA ASP D 18 -32.48 19.52 -25.60
C ASP D 18 -33.96 19.82 -25.48
N GLU D 19 -34.78 18.77 -25.44
CA GLU D 19 -36.23 18.94 -25.39
C GLU D 19 -36.64 19.57 -24.07
N VAL D 20 -37.57 20.52 -24.14
CA VAL D 20 -38.02 21.26 -22.97
C VAL D 20 -39.55 21.34 -23.01
N VAL D 21 -40.14 21.52 -21.83
CA VAL D 21 -41.59 21.66 -21.69
C VAL D 21 -41.90 22.89 -20.87
N LEU D 22 -42.95 23.59 -21.26
CA LEU D 22 -43.42 24.78 -20.57
C LEU D 22 -44.43 24.40 -19.50
N GLN D 23 -44.35 25.08 -18.35
CA GLN D 23 -45.24 24.85 -17.23
C GLN D 23 -45.74 26.18 -16.70
N CYS D 24 -47.03 26.22 -16.37
CA CYS D 24 -47.66 27.41 -15.78
C CYS D 24 -48.47 26.98 -14.57
N SER D 25 -48.43 27.79 -13.51
CA SER D 25 -49.12 27.50 -12.27
C SER D 25 -50.30 28.44 -12.13
N ALA D 26 -51.50 27.87 -11.97
CA ALA D 26 -52.70 28.64 -11.76
C ALA D 26 -53.74 27.75 -11.08
N THR D 27 -54.36 28.28 -10.03
CA THR D 27 -55.32 27.52 -9.25
C THR D 27 -56.70 28.15 -9.36
N VAL D 28 -57.73 27.30 -9.38
CA VAL D 28 -59.10 27.77 -9.36
C VAL D 28 -59.70 27.63 -7.96
N LEU D 29 -59.18 26.72 -7.15
CA LEU D 29 -59.57 26.52 -5.76
C LEU D 29 -58.33 26.66 -4.88
N LYS D 30 -58.49 26.33 -3.59
CA LYS D 30 -57.35 26.38 -2.68
C LYS D 30 -56.25 25.41 -3.11
N GLU D 31 -56.62 24.30 -3.73
CA GLU D 31 -55.62 23.35 -4.22
C GLU D 31 -54.93 23.89 -5.45
N GLN D 32 -53.60 23.74 -5.48
CA GLN D 32 -52.81 24.24 -6.60
C GLN D 32 -52.90 23.28 -7.79
N LEU D 33 -52.92 23.85 -8.99
CA LEU D 33 -53.00 23.10 -10.23
C LEU D 33 -51.80 23.41 -11.11
N LYS D 34 -51.28 22.38 -11.76
CA LYS D 34 -50.15 22.51 -12.68
C LYS D 34 -50.62 22.21 -14.10
N LEU D 35 -50.34 23.12 -15.02
CA LEU D 35 -50.78 23.01 -16.40
C LEU D 35 -49.57 23.08 -17.33
N CYS D 36 -49.63 22.30 -18.41
CA CYS D 36 -48.57 22.28 -19.42
C CYS D 36 -49.19 22.55 -20.78
N LEU D 37 -48.58 23.48 -21.53
CA LEU D 37 -49.06 23.79 -22.87
C LEU D 37 -48.67 22.68 -23.84
N ALA D 38 -49.61 22.23 -24.65
CA ALA D 38 -49.38 21.19 -25.65
C ALA D 38 -50.14 21.52 -26.91
N ALA D 39 -49.73 20.93 -28.02
CA ALA D 39 -50.35 21.14 -29.32
C ALA D 39 -50.69 19.79 -29.93
N GLU D 40 -51.93 19.65 -30.41
CA GLU D 40 -52.35 18.40 -31.01
C GLU D 40 -51.67 18.15 -32.36
N GLY D 41 -51.34 19.19 -33.09
CA GLY D 41 -50.61 19.06 -34.34
C GLY D 41 -51.55 18.95 -35.54
N PHE D 42 -51.46 17.83 -36.24
CA PHE D 42 -52.28 17.61 -37.42
C PHE D 42 -53.76 17.55 -37.05
N GLY D 43 -54.60 18.17 -37.87
CA GLY D 43 -56.03 18.18 -37.63
C GLY D 43 -56.54 19.52 -37.14
N ASN D 44 -55.77 20.16 -36.25
CA ASN D 44 -56.13 21.48 -35.76
C ASN D 44 -54.86 22.16 -35.24
N ARG D 45 -54.67 23.40 -35.66
CA ARG D 45 -53.43 24.12 -35.36
C ARG D 45 -53.41 24.76 -33.98
N LEU D 46 -54.55 24.84 -33.30
CA LEU D 46 -54.59 25.47 -32.00
C LEU D 46 -53.94 24.59 -30.94
N CYS D 47 -53.50 25.22 -29.86
CA CYS D 47 -52.87 24.53 -28.74
C CYS D 47 -53.72 24.67 -27.50
N PHE D 48 -53.62 23.68 -26.61
CA PHE D 48 -54.45 23.63 -25.41
C PHE D 48 -53.61 23.23 -24.20
N LEU D 49 -54.18 23.43 -23.01
CA LEU D 49 -53.47 23.08 -21.78
C LEU D 49 -53.83 21.68 -21.33
N GLU D 50 -52.89 21.04 -20.63
CA GLU D 50 -53.11 19.72 -20.07
C GLU D 50 -52.76 19.77 -18.58
N PRO D 51 -53.66 19.35 -17.70
CA PRO D 51 -53.35 19.35 -16.26
C PRO D 51 -52.53 18.13 -15.88
N THR D 52 -51.46 18.37 -15.11
CA THR D 52 -50.56 17.31 -14.67
C THR D 52 -50.40 17.29 -13.15
N SER D 53 -51.27 17.98 -12.42
CA SER D 53 -51.16 18.00 -10.97
C SER D 53 -51.45 16.62 -10.37
N ASN D 54 -52.54 16.00 -10.78
CA ASN D 54 -52.91 14.67 -10.29
C ASN D 54 -52.38 13.59 -11.23
N ALA D 55 -51.05 13.53 -11.33
CA ALA D 55 -50.41 12.55 -12.20
C ALA D 55 -50.70 11.13 -11.76
N GLN D 56 -50.68 10.87 -10.45
CA GLN D 56 -50.97 9.53 -9.95
C GLN D 56 -52.42 9.13 -10.16
N ASN D 57 -53.34 10.10 -10.14
CA ASN D 57 -54.74 9.79 -10.36
C ASN D 57 -55.01 9.50 -11.85
N VAL D 58 -54.60 10.42 -12.72
CA VAL D 58 -54.77 10.24 -14.16
C VAL D 58 -53.43 10.48 -14.85
N PRO D 59 -53.03 9.66 -15.81
CA PRO D 59 -51.76 9.86 -16.49
C PRO D 59 -51.91 10.77 -17.70
N PRO D 60 -51.12 11.82 -17.79
CA PRO D 60 -51.14 12.68 -18.98
C PRO D 60 -50.30 12.09 -20.10
N ASP D 61 -50.38 12.73 -21.26
CA ASP D 61 -49.64 12.32 -22.45
C ASP D 61 -48.60 13.39 -22.77
N LEU D 62 -47.34 12.98 -22.82
CA LEU D 62 -46.24 13.89 -23.10
C LEU D 62 -45.78 13.86 -24.56
N ALA D 63 -46.41 13.04 -25.40
CA ALA D 63 -46.02 12.99 -26.81
C ALA D 63 -46.38 14.28 -27.54
N ILE D 64 -47.49 14.91 -27.17
CA ILE D 64 -47.93 16.15 -27.80
C ILE D 64 -47.50 17.37 -27.01
N CYS D 65 -46.83 17.18 -25.87
CA CYS D 65 -46.37 18.28 -25.05
C CYS D 65 -44.86 18.52 -25.16
N CYS D 66 -44.16 17.73 -25.97
CA CYS D 66 -42.70 17.81 -26.05
C CYS D 66 -42.28 18.80 -27.12
N PHE D 67 -41.53 19.82 -26.71
CA PHE D 67 -40.97 20.81 -27.61
C PHE D 67 -39.45 20.79 -27.51
N THR D 68 -38.78 21.23 -28.58
CA THR D 68 -37.35 21.41 -28.59
C THR D 68 -37.03 22.82 -29.05
N LEU D 69 -35.85 23.31 -28.69
CA LEU D 69 -35.40 24.62 -29.13
C LEU D 69 -34.23 24.44 -30.10
N GLU D 70 -34.35 25.08 -31.26
CA GLU D 70 -33.39 24.86 -32.34
C GLU D 70 -32.12 25.70 -32.15
N GLN D 71 -32.25 27.02 -32.13
CA GLN D 71 -31.09 27.88 -31.94
C GLN D 71 -31.53 29.18 -31.29
N SER D 72 -30.57 29.87 -30.69
CA SER D 72 -30.78 31.15 -30.05
C SER D 72 -29.83 32.17 -30.65
N LEU D 73 -30.38 33.29 -31.10
CA LEU D 73 -29.59 34.35 -31.71
C LEU D 73 -29.92 35.68 -31.04
N SER D 74 -28.96 36.60 -31.10
CA SER D 74 -29.18 37.93 -30.54
C SER D 74 -30.26 38.66 -31.35
N VAL D 75 -30.95 39.58 -30.67
CA VAL D 75 -32.04 40.30 -31.32
C VAL D 75 -31.53 41.16 -32.48
N ARG D 76 -30.35 41.77 -32.33
CA ARG D 76 -29.80 42.58 -33.41
C ARG D 76 -29.39 41.73 -34.60
N ALA D 77 -28.82 40.55 -34.36
CA ALA D 77 -28.45 39.65 -35.46
C ALA D 77 -29.67 39.02 -36.12
N LEU D 78 -30.77 38.89 -35.38
CA LEU D 78 -31.99 38.33 -35.96
C LEU D 78 -32.52 39.20 -37.08
N GLN D 79 -32.51 40.52 -36.90
CA GLN D 79 -32.96 41.41 -37.96
C GLN D 79 -32.10 41.26 -39.21
N GLU D 80 -30.78 41.16 -39.05
CA GLU D 80 -29.91 41.01 -40.20
C GLU D 80 -30.15 39.68 -40.91
N MET D 81 -30.25 38.58 -40.16
CA MET D 81 -30.46 37.28 -40.79
C MET D 81 -31.86 37.12 -41.34
N LEU D 82 -32.79 38.00 -40.93
CA LEU D 82 -34.11 38.00 -41.55
C LEU D 82 -34.12 38.85 -42.82
N ALA D 83 -33.42 39.97 -42.82
CA ALA D 83 -33.42 40.87 -43.96
C ALA D 83 -32.54 40.37 -45.10
N ASN D 84 -31.48 39.62 -44.81
CA ASN D 84 -30.56 39.18 -45.84
C ASN D 84 -31.22 38.26 -46.87
N GLY D 97 -22.29 23.96 -32.39
CA GLY D 97 -22.55 25.32 -31.97
C GLY D 97 -23.68 25.43 -30.95
N HIS D 98 -23.56 24.66 -29.87
CA HIS D 98 -24.58 24.64 -28.82
C HIS D 98 -24.37 25.85 -27.92
N ARG D 99 -24.79 27.01 -28.42
CA ARG D 99 -24.64 28.25 -27.67
C ARG D 99 -25.53 28.24 -26.44
N THR D 100 -24.99 28.70 -25.32
CA THR D 100 -25.75 28.77 -24.09
C THR D 100 -26.82 29.85 -24.17
N LEU D 101 -27.91 29.63 -23.44
CA LEU D 101 -29.04 30.55 -23.46
C LEU D 101 -28.76 31.77 -22.56
N LEU D 102 -29.11 32.95 -23.07
CA LEU D 102 -28.93 34.20 -22.35
C LEU D 102 -30.25 34.96 -22.34
N TYR D 103 -30.42 35.79 -21.30
CA TYR D 103 -31.60 36.64 -21.23
C TYR D 103 -31.59 37.67 -22.35
N GLY D 104 -32.78 37.95 -22.89
CA GLY D 104 -32.92 38.90 -23.97
C GLY D 104 -32.71 38.33 -25.36
N HIS D 105 -32.37 37.06 -25.47
CA HIS D 105 -32.17 36.43 -26.76
C HIS D 105 -33.51 35.96 -27.35
N ALA D 106 -33.46 35.57 -28.62
CA ALA D 106 -34.63 35.06 -29.33
C ALA D 106 -34.44 33.58 -29.61
N ILE D 107 -35.50 32.79 -29.38
CA ILE D 107 -35.42 31.34 -29.49
C ILE D 107 -36.44 30.86 -30.51
N LEU D 108 -36.19 29.66 -31.04
CA LEU D 108 -37.05 29.03 -32.03
C LEU D 108 -37.51 27.68 -31.48
N LEU D 109 -38.81 27.47 -31.42
CA LEU D 109 -39.39 26.27 -30.83
C LEU D 109 -39.97 25.38 -31.92
N ARG D 110 -39.64 24.09 -31.86
CA ARG D 110 -40.08 23.10 -32.82
C ARG D 110 -40.80 21.97 -32.09
N HIS D 111 -41.93 21.53 -32.64
CA HIS D 111 -42.66 20.41 -32.07
C HIS D 111 -42.02 19.10 -32.53
N ALA D 112 -41.72 18.22 -31.56
CA ALA D 112 -41.06 16.96 -31.88
C ALA D 112 -41.95 16.07 -32.76
N HIS D 113 -43.24 16.02 -32.44
CA HIS D 113 -44.15 15.15 -33.19
C HIS D 113 -44.75 15.86 -34.39
N SER D 114 -45.22 17.09 -34.21
CA SER D 114 -45.92 17.80 -35.27
C SER D 114 -44.98 18.28 -36.37
N ARG D 115 -43.69 18.46 -36.05
CA ARG D 115 -42.71 19.01 -36.99
C ARG D 115 -43.14 20.37 -37.51
N MET D 116 -43.78 21.16 -36.64
CA MET D 116 -44.22 22.50 -36.98
C MET D 116 -43.72 23.48 -35.92
N TYR D 117 -43.55 24.73 -36.32
CA TYR D 117 -43.03 25.74 -35.41
C TYR D 117 -44.17 26.45 -34.70
N LEU D 118 -44.04 26.61 -33.39
CA LEU D 118 -45.01 27.34 -32.60
C LEU D 118 -44.88 28.84 -32.85
N SER D 119 -46.01 29.49 -33.11
CA SER D 119 -45.98 30.92 -33.41
C SER D 119 -47.34 31.53 -33.14
N CYS D 120 -47.36 32.85 -32.98
CA CYS D 120 -48.61 33.57 -32.83
C CYS D 120 -49.36 33.59 -34.16
N LEU D 121 -50.68 33.48 -34.08
CA LEU D 121 -51.54 33.48 -35.26
C LEU D 121 -52.23 34.83 -35.41
N THR D 122 -52.48 35.21 -36.67
CA THR D 122 -53.11 36.49 -36.95
C THR D 122 -54.61 36.48 -36.65
N THR D 123 -55.22 35.31 -36.56
CA THR D 123 -56.65 35.24 -36.28
C THR D 123 -56.92 35.61 -34.82
N SER D 124 -58.06 36.24 -34.58
CA SER D 124 -58.47 36.66 -33.23
C SER D 124 -59.85 36.10 -32.97
N ARG D 125 -59.93 35.14 -32.05
CA ARG D 125 -61.19 34.48 -31.69
C ARG D 125 -61.29 34.46 -30.17
N SER D 126 -61.98 35.45 -29.61
CA SER D 126 -62.15 35.55 -28.17
C SER D 126 -63.54 36.09 -27.87
N MET D 127 -64.08 35.66 -26.72
CA MET D 127 -65.38 36.12 -26.25
C MET D 127 -65.29 37.00 -25.01
N THR D 128 -64.08 37.43 -24.63
CA THR D 128 -63.88 38.25 -23.45
C THR D 128 -63.78 39.74 -23.78
N ASP D 129 -64.27 40.16 -24.95
CA ASP D 129 -64.25 41.56 -25.37
C ASP D 129 -62.83 42.13 -25.35
N LYS D 130 -61.86 41.32 -25.80
CA LYS D 130 -60.47 41.74 -25.81
C LYS D 130 -59.74 41.01 -26.93
N LEU D 131 -58.61 41.57 -27.35
CA LEU D 131 -57.76 40.95 -28.35
C LEU D 131 -57.11 39.69 -27.79
N ALA D 132 -57.03 38.65 -28.61
CA ALA D 132 -56.50 37.37 -28.19
C ALA D 132 -55.22 36.99 -28.92
N PHE D 133 -55.26 36.95 -30.26
CA PHE D 133 -54.13 36.50 -31.06
C PHE D 133 -53.63 35.13 -30.58
N ASP D 134 -54.51 34.14 -30.71
CA ASP D 134 -54.24 32.82 -30.17
C ASP D 134 -53.01 32.19 -30.80
N VAL D 135 -52.25 31.45 -29.98
CA VAL D 135 -51.00 30.85 -30.41
C VAL D 135 -51.29 29.52 -31.11
N GLY D 136 -50.69 29.31 -32.27
CA GLY D 136 -50.85 28.07 -32.99
C GLY D 136 -49.55 27.53 -33.54
N LEU D 137 -49.65 26.64 -34.52
CA LEU D 137 -48.50 26.01 -35.15
C LEU D 137 -48.52 26.28 -36.65
N GLN D 138 -47.35 26.49 -37.24
CA GLN D 138 -47.22 26.75 -38.66
C GLN D 138 -46.14 25.86 -39.27
N GLU D 139 -46.31 25.53 -40.54
CA GLU D 139 -45.37 24.64 -41.22
C GLU D 139 -44.23 25.38 -41.90
N ASP D 140 -44.43 26.65 -42.24
CA ASP D 140 -43.37 27.42 -42.88
C ASP D 140 -42.26 27.75 -41.89
N ALA D 141 -41.03 27.81 -42.40
CA ALA D 141 -39.87 28.09 -41.57
C ALA D 141 -39.56 29.58 -41.48
N THR D 142 -40.34 30.42 -42.14
CA THR D 142 -40.11 31.87 -42.08
C THR D 142 -40.35 32.37 -40.66
N GLY D 143 -39.51 33.31 -40.24
CA GLY D 143 -39.50 33.74 -38.85
C GLY D 143 -39.88 35.19 -38.60
N GLU D 144 -40.91 35.67 -39.30
CA GLU D 144 -41.38 37.02 -39.03
C GLU D 144 -42.12 37.10 -37.70
N ALA D 145 -42.89 36.06 -37.37
CA ALA D 145 -43.68 36.02 -36.13
C ALA D 145 -43.46 34.70 -35.39
N CYS D 146 -42.24 34.16 -35.45
CA CYS D 146 -41.95 32.85 -34.89
C CYS D 146 -40.94 32.87 -33.74
N TRP D 147 -40.35 34.01 -33.43
CA TRP D 147 -39.30 34.09 -32.42
C TRP D 147 -39.82 34.78 -31.16
N TRP D 148 -39.39 34.27 -30.01
CA TRP D 148 -39.79 34.79 -28.71
C TRP D 148 -38.56 35.25 -27.95
N THR D 149 -38.69 36.35 -27.21
CA THR D 149 -37.60 36.94 -26.45
C THR D 149 -37.88 36.77 -24.96
N MET D 150 -36.91 36.22 -24.24
CA MET D 150 -37.04 36.04 -22.80
C MET D 150 -36.72 37.33 -22.07
N HIS D 151 -37.27 37.46 -20.87
CA HIS D 151 -37.04 38.62 -20.01
C HIS D 151 -36.99 38.15 -18.57
N PRO D 152 -36.25 38.86 -17.71
CA PRO D 152 -36.18 38.47 -16.30
C PRO D 152 -37.55 38.56 -15.63
N ALA D 153 -37.80 37.65 -14.70
CA ALA D 153 -39.06 37.63 -13.97
C ALA D 153 -38.98 38.35 -12.63
N SER D 154 -37.82 38.36 -11.99
CA SER D 154 -37.63 39.01 -10.72
C SER D 154 -36.49 40.00 -10.80
N LYS D 155 -36.45 40.93 -9.84
CA LYS D 155 -35.41 41.94 -9.80
C LYS D 155 -34.02 41.39 -9.54
N GLN D 156 -33.92 40.16 -9.01
CA GLN D 156 -32.61 39.56 -8.78
C GLN D 156 -31.91 39.21 -10.08
N ARG D 157 -32.66 39.10 -11.17
CA ARG D 157 -32.09 38.77 -12.47
C ARG D 157 -31.90 40.03 -13.31
N SER D 158 -30.85 40.02 -14.11
CA SER D 158 -30.50 41.14 -14.98
C SER D 158 -30.15 40.61 -16.37
N GLU D 159 -30.23 41.49 -17.36
CA GLU D 159 -29.92 41.11 -18.73
C GLU D 159 -28.44 40.74 -18.86
N GLY D 160 -28.17 39.70 -19.62
CA GLY D 160 -26.82 39.29 -19.92
C GLY D 160 -26.27 38.13 -19.12
N GLU D 161 -27.04 37.60 -18.17
CA GLU D 161 -26.58 36.47 -17.38
C GLU D 161 -27.31 35.20 -17.78
N LYS D 162 -26.60 34.08 -17.69
CA LYS D 162 -27.11 32.81 -18.18
C LYS D 162 -28.28 32.32 -17.33
N VAL D 163 -29.19 31.60 -17.96
CA VAL D 163 -30.38 31.10 -17.27
C VAL D 163 -30.07 29.76 -16.63
N ARG D 164 -30.89 29.37 -15.67
CA ARG D 164 -30.74 28.10 -14.96
C ARG D 164 -32.04 27.30 -15.06
N VAL D 165 -31.93 26.02 -14.71
CA VAL D 165 -33.11 25.16 -14.69
C VAL D 165 -34.02 25.57 -13.54
N GLY D 166 -35.32 25.62 -13.83
CA GLY D 166 -36.28 26.05 -12.82
C GLY D 166 -36.27 27.54 -12.58
N ASP D 167 -35.79 28.33 -13.53
CA ASP D 167 -35.75 29.78 -13.42
C ASP D 167 -36.97 30.37 -14.11
N ASP D 168 -37.67 31.27 -13.42
CA ASP D 168 -38.83 31.92 -13.98
C ASP D 168 -38.43 32.93 -15.05
N LEU D 169 -39.21 32.97 -16.12
CA LEU D 169 -38.93 33.89 -17.23
C LEU D 169 -40.24 34.24 -17.91
N ILE D 170 -40.21 35.34 -18.67
CA ILE D 170 -41.38 35.88 -19.35
C ILE D 170 -41.08 35.94 -20.84
N LEU D 171 -42.00 35.42 -21.64
CA LEU D 171 -41.84 35.34 -23.09
C LEU D 171 -42.66 36.43 -23.77
N VAL D 172 -42.07 37.07 -24.79
CA VAL D 172 -42.71 38.12 -25.55
C VAL D 172 -42.59 37.79 -27.04
N SER D 173 -43.69 37.94 -27.77
CA SER D 173 -43.66 37.76 -29.21
C SER D 173 -43.12 39.00 -29.90
N VAL D 174 -42.20 38.80 -30.82
CA VAL D 174 -41.58 39.94 -31.49
C VAL D 174 -42.56 40.65 -32.43
N SER D 175 -43.31 39.90 -33.24
CA SER D 175 -44.22 40.54 -34.19
C SER D 175 -45.48 41.05 -33.53
N SER D 176 -46.01 40.31 -32.55
CA SER D 176 -47.26 40.70 -31.92
C SER D 176 -47.07 41.70 -30.79
N GLU D 177 -45.91 41.70 -30.13
CA GLU D 177 -45.66 42.54 -28.96
C GLU D 177 -46.61 42.20 -27.82
N ARG D 178 -46.96 40.92 -27.71
CA ARG D 178 -47.84 40.41 -26.66
C ARG D 178 -47.17 39.26 -25.94
N TYR D 179 -47.50 39.10 -24.66
CA TYR D 179 -46.97 38.00 -23.87
C TYR D 179 -47.66 36.69 -24.23
N LEU D 180 -47.06 35.59 -23.79
CA LEU D 180 -47.72 34.29 -23.78
C LEU D 180 -48.49 34.18 -22.46
N HIS D 181 -49.79 34.46 -22.51
CA HIS D 181 -50.57 34.69 -21.31
C HIS D 181 -51.61 33.60 -21.11
N LEU D 182 -51.83 33.22 -19.85
CA LEU D 182 -52.90 32.30 -19.50
C LEU D 182 -54.16 33.10 -19.20
N SER D 183 -55.18 32.92 -20.03
CA SER D 183 -56.43 33.64 -19.89
C SER D 183 -57.42 32.78 -19.12
N THR D 184 -57.96 33.34 -18.04
CA THR D 184 -58.96 32.66 -17.20
C THR D 184 -60.36 32.94 -17.73
N ALA D 185 -60.61 32.44 -18.94
CA ALA D 185 -61.90 32.62 -19.57
C ALA D 185 -63.00 31.90 -18.81
N SER D 186 -64.24 32.36 -19.01
CA SER D 186 -65.37 31.81 -18.26
C SER D 186 -65.57 30.34 -18.58
N GLY D 187 -65.47 29.95 -19.85
CA GLY D 187 -65.64 28.55 -20.20
C GLY D 187 -64.56 27.66 -19.62
N GLU D 188 -63.30 28.04 -19.82
CA GLU D 188 -62.17 27.27 -19.32
C GLU D 188 -60.92 28.11 -19.45
N LEU D 189 -59.82 27.59 -18.90
CA LEU D 189 -58.53 28.26 -19.02
C LEU D 189 -57.96 28.06 -20.41
N GLN D 190 -57.39 29.12 -20.98
CA GLN D 190 -56.82 29.07 -22.31
C GLN D 190 -55.48 29.81 -22.32
N VAL D 191 -54.82 29.79 -23.48
CA VAL D 191 -53.59 30.54 -23.68
C VAL D 191 -53.80 31.49 -24.87
N ASP D 192 -53.60 32.78 -24.61
CA ASP D 192 -53.75 33.83 -25.60
C ASP D 192 -52.58 34.80 -25.51
N ALA D 193 -52.39 35.58 -26.57
CA ALA D 193 -51.36 36.61 -26.61
C ALA D 193 -51.99 37.94 -26.23
N SER D 194 -51.94 38.28 -24.95
CA SER D 194 -52.54 39.51 -24.44
C SER D 194 -51.46 40.39 -23.86
N PHE D 195 -51.86 41.59 -23.42
CA PHE D 195 -50.91 42.55 -22.87
C PHE D 195 -50.44 42.20 -21.48
N MET D 196 -51.22 41.42 -20.73
CA MET D 196 -50.80 41.00 -19.40
C MET D 196 -49.80 39.84 -19.52
N GLN D 197 -48.87 39.79 -18.57
CA GLN D 197 -47.82 38.77 -18.55
C GLN D 197 -48.16 37.68 -17.55
N THR D 198 -47.79 36.45 -17.89
CA THR D 198 -48.02 35.29 -17.04
C THR D 198 -46.71 34.60 -16.77
N LEU D 199 -46.49 34.23 -15.50
CA LEU D 199 -45.25 33.56 -15.11
C LEU D 199 -45.18 32.18 -15.74
N TRP D 200 -44.03 31.86 -16.32
CA TRP D 200 -43.82 30.59 -17.01
C TRP D 200 -42.53 29.94 -16.53
N ASN D 201 -42.46 28.62 -16.63
CA ASN D 201 -41.26 27.88 -16.27
C ASN D 201 -40.92 26.90 -17.38
N MET D 202 -39.63 26.62 -17.56
CA MET D 202 -39.17 25.64 -18.53
C MET D 202 -38.46 24.51 -17.81
N ASN D 203 -38.84 23.27 -18.14
CA ASN D 203 -38.21 22.10 -17.55
C ASN D 203 -37.69 21.20 -18.65
N PRO D 204 -36.41 20.81 -18.60
CA PRO D 204 -35.85 19.98 -19.67
C PRO D 204 -36.25 18.52 -19.52
N ILE D 205 -36.72 17.95 -20.63
CA ILE D 205 -37.08 16.54 -20.65
C ILE D 205 -35.84 15.68 -20.82
N CYS D 206 -35.07 15.93 -21.87
CA CYS D 206 -33.85 15.18 -22.11
C CYS D 206 -32.87 16.06 -22.88
N SER D 207 -31.60 15.70 -22.80
CA SER D 207 -30.51 16.36 -23.51
C SER D 207 -29.85 15.36 -24.44
N CYS D 208 -28.70 15.76 -25.00
CA CYS D 208 -27.96 14.88 -25.92
C CYS D 208 -27.58 13.59 -25.20
N CYS D 209 -27.83 12.46 -25.85
CA CYS D 209 -27.59 11.15 -25.28
C CYS D 209 -26.69 10.33 -26.20
N GLU D 210 -25.88 9.47 -25.58
CA GLU D 210 -25.02 8.58 -26.33
C GLU D 210 -25.85 7.48 -27.00
N GLU D 211 -25.34 6.99 -28.12
CA GLU D 211 -26.06 6.00 -28.91
C GLU D 211 -26.01 4.62 -28.25
N GLY D 212 -27.07 3.85 -28.45
CA GLY D 212 -27.13 2.48 -28.00
C GLY D 212 -27.67 2.27 -26.60
N TYR D 213 -27.96 3.33 -25.87
CA TYR D 213 -28.45 3.22 -24.49
C TYR D 213 -29.91 3.64 -24.42
N VAL D 214 -30.69 2.88 -23.66
CA VAL D 214 -32.13 3.08 -23.58
C VAL D 214 -32.45 4.24 -22.66
N THR D 215 -33.43 5.05 -23.07
CA THR D 215 -33.93 6.14 -22.24
C THR D 215 -35.44 6.21 -22.38
N GLY D 216 -36.07 6.84 -21.38
CA GLY D 216 -37.52 6.91 -21.36
C GLY D 216 -38.09 7.84 -22.40
N GLY D 217 -39.38 7.66 -22.67
CA GLY D 217 -40.08 8.48 -23.62
C GLY D 217 -39.97 8.03 -25.07
N HIS D 218 -39.29 6.93 -25.34
CA HIS D 218 -39.10 6.44 -26.70
C HIS D 218 -39.98 5.22 -26.94
N VAL D 219 -40.72 5.25 -28.05
CA VAL D 219 -41.48 4.07 -28.46
C VAL D 219 -40.51 2.99 -28.92
N LEU D 220 -40.89 1.73 -28.72
CA LEU D 220 -40.00 0.63 -29.06
C LEU D 220 -40.82 -0.62 -29.33
N ARG D 221 -40.14 -1.63 -29.86
CA ARG D 221 -40.71 -2.94 -30.14
C ARG D 221 -39.88 -3.99 -29.39
N LEU D 222 -40.51 -4.67 -28.45
CA LEU D 222 -39.86 -5.72 -27.69
C LEU D 222 -40.48 -7.06 -28.05
N PHE D 223 -39.66 -8.07 -28.26
CA PHE D 223 -40.14 -9.38 -28.68
C PHE D 223 -39.44 -10.49 -27.89
N HIS D 224 -40.25 -11.41 -27.38
CA HIS D 224 -39.73 -12.59 -26.70
C HIS D 224 -39.15 -13.56 -27.74
N GLY D 225 -38.18 -14.35 -27.31
CA GLY D 225 -37.57 -15.33 -28.19
C GLY D 225 -36.55 -14.72 -29.12
N HIS D 226 -36.02 -15.55 -30.01
CA HIS D 226 -34.94 -15.15 -30.90
C HIS D 226 -35.32 -15.08 -32.36
N MET D 227 -35.97 -16.12 -32.91
CA MET D 227 -36.23 -16.18 -34.34
C MET D 227 -37.14 -15.04 -34.80
N ASP D 228 -38.41 -15.07 -34.39
CA ASP D 228 -39.34 -14.00 -34.71
C ASP D 228 -40.60 -14.08 -33.86
N GLU D 229 -40.81 -13.08 -33.00
CA GLU D 229 -42.06 -12.98 -32.23
C GLU D 229 -42.37 -11.50 -32.03
N CYS D 230 -43.43 -11.24 -31.29
CA CYS D 230 -43.85 -9.90 -30.84
C CYS D 230 -45.08 -10.10 -29.96
N LEU D 231 -45.46 -9.07 -29.21
CA LEU D 231 -46.67 -9.09 -28.40
C LEU D 231 -47.52 -7.89 -28.79
N THR D 232 -48.79 -8.14 -29.10
CA THR D 232 -49.69 -7.08 -29.53
C THR D 232 -51.07 -7.31 -28.94
N ILE D 233 -52.04 -6.62 -29.51
CA ILE D 233 -53.44 -6.85 -29.25
C ILE D 233 -54.07 -7.32 -30.57
N SER D 234 -55.17 -8.06 -30.46
CA SER D 234 -55.81 -8.65 -31.63
C SER D 234 -56.22 -7.57 -32.64
N ALA D 235 -56.54 -8.00 -33.85
CA ALA D 235 -56.86 -7.09 -34.94
C ALA D 235 -58.22 -6.43 -34.70
N ALA D 236 -58.55 -5.48 -35.56
CA ALA D 236 -59.81 -4.75 -35.43
C ALA D 236 -61.00 -5.66 -35.75
N ASP D 237 -62.12 -5.42 -35.06
CA ASP D 237 -63.35 -6.18 -35.23
C ASP D 237 -63.11 -7.68 -35.01
N SER D 238 -62.32 -8.01 -33.99
CA SER D 238 -62.03 -9.39 -33.66
C SER D 238 -63.03 -9.99 -32.68
N ASP D 239 -64.05 -9.24 -32.28
CA ASP D 239 -65.13 -9.63 -31.39
C ASP D 239 -64.68 -9.81 -29.95
N ASP D 240 -63.38 -9.67 -29.65
CA ASP D 240 -62.88 -9.69 -28.29
C ASP D 240 -62.78 -8.29 -27.69
N GLN D 241 -63.10 -7.26 -28.48
CA GLN D 241 -63.16 -5.85 -28.09
C GLN D 241 -61.78 -5.33 -27.71
N ARG D 242 -60.71 -6.09 -27.97
CA ARG D 242 -59.33 -5.59 -27.99
C ARG D 242 -58.90 -5.01 -26.63
N ARG D 243 -58.82 -5.89 -25.63
CA ARG D 243 -58.35 -5.51 -24.30
C ARG D 243 -57.37 -6.50 -23.69
N LEU D 244 -56.94 -7.52 -24.43
CA LEU D 244 -56.08 -8.56 -23.88
C LEU D 244 -54.90 -8.82 -24.82
N VAL D 245 -53.74 -9.13 -24.24
CA VAL D 245 -52.49 -9.20 -24.98
C VAL D 245 -52.34 -10.59 -25.59
N TYR D 246 -51.76 -10.64 -26.79
CA TYR D 246 -51.46 -11.88 -27.50
C TYR D 246 -50.00 -11.89 -27.92
N TYR D 247 -49.47 -13.10 -28.10
CA TYR D 247 -48.14 -13.32 -28.67
C TYR D 247 -48.30 -13.77 -30.11
N GLU D 248 -47.46 -13.23 -30.99
CA GLU D 248 -47.59 -13.46 -32.43
C GLU D 248 -46.35 -14.18 -32.96
N GLY D 249 -46.31 -14.33 -34.28
CA GLY D 249 -45.26 -15.08 -34.94
C GLY D 249 -44.25 -14.24 -35.69
N GLY D 250 -43.99 -14.61 -36.95
CA GLY D 250 -42.93 -13.99 -37.72
C GLY D 250 -43.31 -12.73 -38.48
N ALA D 251 -44.32 -12.82 -39.34
CA ALA D 251 -44.66 -11.73 -40.24
C ALA D 251 -45.32 -10.55 -39.53
N VAL D 252 -45.78 -10.73 -38.28
CA VAL D 252 -46.49 -9.67 -37.57
C VAL D 252 -45.54 -8.65 -36.94
N CYS D 253 -44.23 -8.93 -36.93
CA CYS D 253 -43.29 -8.04 -36.27
C CYS D 253 -43.25 -6.67 -36.92
N THR D 254 -43.28 -6.61 -38.25
CA THR D 254 -43.10 -5.35 -38.96
C THR D 254 -44.31 -4.43 -38.89
N HIS D 255 -45.47 -4.93 -38.43
CA HIS D 255 -46.68 -4.12 -38.45
C HIS D 255 -46.68 -3.11 -37.31
N ALA D 256 -47.67 -2.21 -37.35
CA ALA D 256 -47.73 -1.08 -36.44
C ALA D 256 -48.29 -1.43 -35.07
N ARG D 257 -48.86 -2.62 -34.89
CA ARG D 257 -49.47 -2.96 -33.61
C ARG D 257 -48.44 -3.30 -32.54
N SER D 258 -47.21 -3.65 -32.93
CA SER D 258 -46.16 -4.03 -31.98
C SER D 258 -45.31 -2.82 -31.59
N LEU D 259 -45.95 -1.75 -31.14
CA LEU D 259 -45.26 -0.54 -30.69
C LEU D 259 -45.74 -0.21 -29.28
N TRP D 260 -44.80 -0.04 -28.36
CA TRP D 260 -45.11 0.30 -26.97
C TRP D 260 -44.26 1.47 -26.54
N ARG D 261 -44.87 2.41 -25.79
CA ARG D 261 -44.18 3.57 -25.27
C ARG D 261 -44.12 3.49 -23.76
N LEU D 262 -42.93 3.61 -23.21
CA LEU D 262 -42.71 3.52 -21.77
C LEU D 262 -42.48 4.91 -21.20
N GLU D 263 -43.15 5.22 -20.10
CA GLU D 263 -42.98 6.54 -19.48
C GLU D 263 -42.88 6.38 -17.95
N PRO D 264 -41.90 7.02 -17.32
CA PRO D 264 -41.79 6.96 -15.86
C PRO D 264 -42.81 7.88 -15.19
N LEU D 265 -42.85 7.78 -13.87
CA LEU D 265 -43.82 8.56 -13.10
C LEU D 265 -43.46 10.05 -13.10
N ARG D 266 -42.17 10.37 -13.05
CA ARG D 266 -41.74 11.77 -12.95
C ARG D 266 -41.95 12.47 -14.28
N ILE D 267 -42.72 13.55 -14.28
CA ILE D 267 -42.91 14.33 -15.49
C ILE D 267 -41.63 15.08 -15.86
N SER D 268 -40.95 15.64 -14.86
CA SER D 268 -39.73 16.38 -15.11
C SER D 268 -38.55 15.43 -15.27
N TRP D 269 -37.66 15.75 -16.21
CA TRP D 269 -36.47 14.95 -16.48
C TRP D 269 -36.84 13.51 -16.81
N SER D 270 -37.95 13.34 -17.56
CA SER D 270 -38.42 12.00 -17.89
C SER D 270 -37.53 11.33 -18.92
N GLY D 271 -36.70 12.09 -19.62
CA GLY D 271 -35.84 11.57 -20.66
C GLY D 271 -34.50 11.03 -20.19
N SER D 272 -34.28 10.95 -18.88
CA SER D 272 -33.01 10.45 -18.37
C SER D 272 -32.83 8.98 -18.71
N HIS D 273 -31.59 8.52 -18.63
CA HIS D 273 -31.27 7.14 -18.97
C HIS D 273 -32.00 6.18 -18.03
N LEU D 274 -32.50 5.10 -18.60
CA LEU D 274 -33.26 4.12 -17.83
C LEU D 274 -32.32 3.27 -16.97
N ARG D 275 -32.68 3.11 -15.71
CA ARG D 275 -31.94 2.27 -14.78
C ARG D 275 -32.76 1.05 -14.41
N TRP D 276 -32.17 0.20 -13.58
CA TRP D 276 -32.81 -1.05 -13.19
C TRP D 276 -33.75 -0.82 -12.01
N GLY D 277 -35.04 -1.06 -12.23
CA GLY D 277 -36.01 -1.07 -11.16
C GLY D 277 -36.81 0.21 -10.94
N GLN D 278 -37.16 0.94 -12.00
CA GLN D 278 -37.98 2.10 -11.63
C GLN D 278 -39.43 1.89 -12.04
N PRO D 279 -40.37 2.49 -11.32
CA PRO D 279 -41.78 2.40 -11.71
C PRO D 279 -42.05 3.19 -12.97
N LEU D 280 -42.48 2.49 -14.02
CA LEU D 280 -42.80 3.12 -15.29
C LEU D 280 -43.95 2.37 -15.93
N ARG D 281 -44.82 3.10 -16.63
CA ARG D 281 -45.99 2.48 -17.24
C ARG D 281 -45.82 2.37 -18.75
N ILE D 282 -46.40 1.30 -19.30
CA ILE D 282 -46.34 1.01 -20.73
C ILE D 282 -47.68 1.33 -21.35
N ARG D 283 -47.66 1.99 -22.51
CA ARG D 283 -48.87 2.30 -23.25
C ARG D 283 -48.75 1.83 -24.69
N HIS D 284 -49.90 1.48 -25.27
CA HIS D 284 -49.99 1.07 -26.67
C HIS D 284 -50.38 2.29 -27.48
N VAL D 285 -49.46 2.73 -28.36
CA VAL D 285 -49.56 4.06 -28.95
C VAL D 285 -50.80 4.18 -29.84
N THR D 286 -51.08 3.17 -30.67
CA THR D 286 -52.18 3.30 -31.61
C THR D 286 -53.54 3.14 -30.94
N THR D 287 -53.58 2.60 -29.72
CA THR D 287 -54.83 2.44 -29.00
C THR D 287 -54.94 3.32 -27.77
N GLY D 288 -53.80 3.75 -27.20
CA GLY D 288 -53.82 4.60 -26.04
C GLY D 288 -54.31 3.94 -24.76
N ARG D 289 -53.92 2.70 -24.52
CA ARG D 289 -54.29 1.97 -23.32
C ARG D 289 -53.06 1.46 -22.60
N TYR D 290 -53.06 1.57 -21.28
CA TYR D 290 -51.96 1.12 -20.45
C TYR D 290 -52.19 -0.31 -19.98
N LEU D 291 -51.11 -0.95 -19.53
CA LEU D 291 -51.17 -2.34 -19.09
C LEU D 291 -51.33 -2.39 -17.56
N ALA D 292 -52.40 -3.03 -17.10
CA ALA D 292 -52.66 -3.14 -15.66
C ALA D 292 -53.69 -4.25 -15.46
N LEU D 293 -53.87 -4.64 -14.19
CA LEU D 293 -54.86 -5.63 -13.80
C LEU D 293 -55.89 -4.98 -12.88
N THR D 294 -57.17 -5.15 -13.20
CA THR D 294 -58.20 -4.48 -12.40
C THR D 294 -58.54 -5.25 -11.13
N GLU D 295 -59.14 -6.45 -11.24
CA GLU D 295 -59.36 -7.29 -10.07
C GLU D 295 -58.74 -8.68 -10.20
N ASP D 296 -59.22 -9.52 -11.12
CA ASP D 296 -58.75 -10.89 -11.21
C ASP D 296 -58.74 -11.37 -12.66
N GLN D 297 -58.32 -10.51 -13.59
CA GLN D 297 -58.43 -10.78 -15.01
C GLN D 297 -57.06 -11.04 -15.64
N GLY D 298 -56.16 -11.68 -14.90
CA GLY D 298 -54.87 -12.06 -15.46
C GLY D 298 -54.04 -10.86 -15.82
N LEU D 299 -53.67 -10.76 -17.10
CA LEU D 299 -52.92 -9.63 -17.63
C LEU D 299 -53.69 -9.05 -18.81
N VAL D 300 -54.20 -7.83 -18.64
CA VAL D 300 -54.93 -7.14 -19.69
C VAL D 300 -54.45 -5.70 -19.77
N VAL D 301 -55.04 -4.92 -20.68
CA VAL D 301 -54.76 -3.49 -20.78
C VAL D 301 -55.91 -2.75 -20.11
N VAL D 302 -55.59 -1.56 -19.59
CA VAL D 302 -56.54 -0.78 -18.82
C VAL D 302 -56.81 0.53 -19.54
N ASP D 303 -57.99 1.11 -19.28
CA ASP D 303 -58.34 2.40 -19.83
C ASP D 303 -57.42 3.48 -19.29
N ALA D 304 -57.32 4.58 -20.03
CA ALA D 304 -56.40 5.65 -19.66
C ALA D 304 -56.76 6.25 -18.31
N CYS D 305 -58.04 6.51 -18.07
CA CYS D 305 -58.45 7.14 -16.82
C CYS D 305 -58.35 6.20 -15.63
N LYS D 306 -58.44 4.90 -15.84
CA LYS D 306 -58.40 3.92 -14.75
C LYS D 306 -56.95 3.57 -14.42
N ALA D 307 -56.26 4.55 -13.84
CA ALA D 307 -54.85 4.42 -13.45
C ALA D 307 -54.78 4.49 -11.93
N HIS D 308 -54.52 3.34 -11.30
CA HIS D 308 -54.43 3.28 -9.84
C HIS D 308 -53.03 3.57 -9.32
N THR D 309 -52.05 3.78 -10.22
CA THR D 309 -50.67 4.10 -9.88
C THR D 309 -49.97 2.90 -9.24
N LYS D 310 -50.73 1.83 -9.00
CA LYS D 310 -50.20 0.60 -8.43
C LYS D 310 -50.35 -0.60 -9.35
N ALA D 311 -51.53 -0.77 -9.96
CA ALA D 311 -51.72 -1.84 -10.94
C ALA D 311 -51.03 -1.54 -12.25
N THR D 312 -50.84 -0.26 -12.57
CA THR D 312 -50.19 0.13 -13.82
C THR D 312 -48.67 0.09 -13.73
N SER D 313 -48.11 -0.01 -12.53
CA SER D 313 -46.67 0.09 -12.35
C SER D 313 -45.97 -1.21 -12.73
N PHE D 314 -44.82 -1.07 -13.40
CA PHE D 314 -43.97 -2.19 -13.76
C PHE D 314 -42.52 -1.76 -13.58
N CYS D 315 -41.63 -2.75 -13.48
CA CYS D 315 -40.21 -2.44 -13.33
C CYS D 315 -39.36 -3.39 -14.17
N PHE D 316 -38.07 -3.07 -14.23
CA PHE D 316 -37.09 -3.80 -15.05
C PHE D 316 -35.99 -4.32 -14.14
N ARG D 317 -35.63 -5.58 -14.30
CA ARG D 317 -34.63 -6.22 -13.46
C ARG D 317 -33.68 -7.06 -14.31
N VAL D 318 -32.46 -7.28 -13.81
CA VAL D 318 -31.47 -8.01 -14.58
C VAL D 318 -31.42 -9.49 -14.18
N SER D 319 -31.66 -9.79 -12.91
CA SER D 319 -31.48 -11.14 -12.37
C SER D 319 -32.82 -11.72 -11.93
N LYS D 320 -32.99 -13.03 -12.15
CA LYS D 320 -34.19 -13.71 -11.69
C LYS D 320 -34.30 -13.67 -10.17
N GLU D 321 -33.20 -13.90 -9.47
CA GLU D 321 -33.22 -13.97 -8.02
C GLU D 321 -33.44 -12.59 -7.42
N LYS D 322 -33.97 -12.58 -6.20
CA LYS D 322 -34.23 -11.33 -5.50
C LYS D 322 -32.92 -10.72 -5.02
N LEU D 323 -32.60 -9.52 -5.50
CA LEU D 323 -31.37 -8.83 -5.15
C LEU D 323 -31.70 -7.45 -4.60
N ASP D 324 -30.75 -6.90 -3.83
CA ASP D 324 -30.94 -5.58 -3.25
C ASP D 324 -30.93 -4.51 -4.34
N THR D 325 -31.82 -3.55 -4.22
CA THR D 325 -31.94 -2.46 -5.17
C THR D 325 -32.07 -1.14 -4.42
N ALA D 326 -31.64 -0.06 -5.08
CA ALA D 326 -31.70 1.29 -4.51
C ALA D 326 -32.36 2.22 -5.51
N PRO D 327 -33.68 2.15 -5.67
CA PRO D 327 -34.40 3.05 -6.57
C PRO D 327 -34.91 4.33 -5.93
N LYS D 328 -34.66 4.53 -4.63
CA LYS D 328 -35.16 5.71 -3.94
C LYS D 328 -34.39 6.98 -4.30
N ARG D 329 -33.12 6.86 -4.68
CA ARG D 329 -32.33 8.03 -5.02
C ARG D 329 -32.86 8.67 -6.29
N ASP D 330 -32.91 10.01 -6.30
CA ASP D 330 -33.38 10.78 -7.44
C ASP D 330 -32.20 11.57 -8.00
N VAL D 331 -31.95 11.40 -9.30
CA VAL D 331 -30.83 12.06 -9.97
C VAL D 331 -31.38 13.23 -10.77
N GLU D 332 -30.83 14.43 -10.54
CA GLU D 332 -31.27 15.58 -11.29
C GLU D 332 -30.59 15.66 -12.66
N GLY D 333 -29.44 15.00 -12.80
CA GLY D 333 -28.72 14.99 -14.05
C GLY D 333 -29.11 13.82 -14.92
N MET D 334 -28.26 13.55 -15.93
CA MET D 334 -28.50 12.43 -16.82
C MET D 334 -28.42 11.10 -16.08
N GLY D 335 -27.44 10.93 -15.21
CA GLY D 335 -27.23 9.67 -14.55
C GLY D 335 -26.36 8.74 -15.37
N PRO D 336 -25.83 7.69 -14.73
CA PRO D 336 -24.99 6.75 -15.48
C PRO D 336 -25.81 5.95 -16.46
N PRO D 337 -25.27 5.66 -17.64
CA PRO D 337 -25.98 4.80 -18.59
C PRO D 337 -25.89 3.34 -18.19
N GLU D 338 -27.04 2.69 -18.06
CA GLU D 338 -27.09 1.31 -17.58
C GLU D 338 -27.68 0.33 -18.58
N ILE D 339 -28.84 0.65 -19.16
CA ILE D 339 -29.59 -0.28 -20.00
C ILE D 339 -29.20 -0.04 -21.46
N LYS D 340 -28.80 -1.11 -22.14
CA LYS D 340 -28.32 -1.03 -23.52
C LYS D 340 -29.19 -1.89 -24.42
N TYR D 341 -29.49 -1.36 -25.61
CA TYR D 341 -30.31 -2.09 -26.57
C TYR D 341 -29.60 -3.36 -27.04
N GLY D 342 -30.39 -4.40 -27.31
CA GLY D 342 -29.92 -5.63 -27.89
C GLY D 342 -29.47 -6.69 -26.90
N GLU D 343 -28.67 -6.30 -25.90
CA GLU D 343 -28.09 -7.27 -24.97
C GLU D 343 -28.57 -7.09 -23.54
N SER D 344 -29.62 -6.31 -23.32
CA SER D 344 -30.12 -6.10 -21.96
C SER D 344 -30.66 -7.40 -21.37
N LEU D 345 -31.48 -8.13 -22.14
CA LEU D 345 -32.05 -9.41 -21.72
C LEU D 345 -32.77 -9.26 -20.38
N CYS D 346 -33.49 -8.14 -20.26
CA CYS D 346 -34.09 -7.77 -18.99
C CYS D 346 -35.37 -8.55 -18.72
N PHE D 347 -35.81 -8.50 -17.45
CA PHE D 347 -37.01 -9.18 -16.99
C PHE D 347 -37.97 -8.13 -16.44
N VAL D 348 -39.26 -8.28 -16.75
CA VAL D 348 -40.28 -7.34 -16.34
C VAL D 348 -41.07 -7.95 -15.18
N GLN D 349 -41.28 -7.17 -14.13
CA GLN D 349 -42.06 -7.60 -12.97
C GLN D 349 -43.02 -6.51 -12.55
N HIS D 350 -44.25 -6.93 -12.21
CA HIS D 350 -45.20 -6.03 -11.56
C HIS D 350 -44.86 -5.91 -10.08
N VAL D 351 -45.00 -4.70 -9.53
CA VAL D 351 -44.53 -4.46 -8.17
C VAL D 351 -45.63 -4.73 -7.16
N ALA D 352 -46.86 -4.25 -7.43
CA ALA D 352 -47.92 -4.37 -6.45
C ALA D 352 -48.28 -5.82 -6.18
N SER D 353 -48.56 -6.59 -7.23
CA SER D 353 -48.85 -8.01 -7.04
C SER D 353 -47.58 -8.81 -6.85
N GLY D 354 -46.48 -8.41 -7.49
CA GLY D 354 -45.21 -9.05 -7.28
C GLY D 354 -45.00 -10.38 -7.97
N LEU D 355 -45.66 -10.60 -9.11
CA LEU D 355 -45.50 -11.84 -9.85
C LEU D 355 -45.11 -11.53 -11.27
N TRP D 356 -44.35 -12.43 -11.89
CA TRP D 356 -43.83 -12.19 -13.23
C TRP D 356 -44.90 -12.50 -14.28
N LEU D 357 -44.54 -12.23 -15.54
CA LEU D 357 -45.42 -12.47 -16.67
C LEU D 357 -44.67 -13.26 -17.74
N THR D 358 -45.29 -14.33 -18.22
CA THR D 358 -44.77 -15.12 -19.34
C THR D 358 -45.95 -15.62 -20.16
N TYR D 359 -45.66 -16.44 -21.16
CA TYR D 359 -46.70 -17.11 -21.90
C TYR D 359 -47.34 -18.19 -21.03
N ALA D 360 -48.66 -18.14 -20.91
CA ALA D 360 -49.37 -19.12 -20.10
C ALA D 360 -49.28 -20.52 -20.70
N ALA D 361 -49.10 -20.61 -22.01
CA ALA D 361 -49.03 -21.86 -22.75
C ALA D 361 -50.22 -22.76 -22.44
N PRO D 362 -51.45 -22.35 -22.79
CA PRO D 362 -52.60 -23.23 -22.55
C PRO D 362 -52.52 -24.47 -23.42
N ASP D 363 -53.13 -25.55 -22.94
CA ASP D 363 -53.09 -26.82 -23.67
C ASP D 363 -54.48 -27.22 -24.12
N PRO D 364 -55.19 -26.33 -24.83
CA PRO D 364 -56.50 -26.73 -25.38
C PRO D 364 -56.38 -27.23 -26.81
N LYS D 365 -57.28 -28.13 -27.20
CA LYS D 365 -57.28 -28.62 -28.58
C LYS D 365 -57.53 -27.50 -29.59
N ALA D 366 -58.48 -26.61 -29.28
CA ALA D 366 -58.74 -25.48 -30.17
C ALA D 366 -57.59 -24.48 -30.14
N LEU D 367 -57.00 -24.25 -28.96
CA LEU D 367 -55.90 -23.30 -28.86
C LEU D 367 -54.64 -23.79 -29.57
N ARG D 368 -54.44 -25.10 -29.66
CA ARG D 368 -53.28 -25.62 -30.38
C ARG D 368 -53.36 -25.30 -31.87
N LEU D 369 -54.57 -25.23 -32.42
CA LEU D 369 -54.73 -24.92 -33.84
C LEU D 369 -54.36 -23.48 -34.16
N GLY D 370 -54.23 -22.62 -33.14
CA GLY D 370 -53.83 -21.25 -33.39
C GLY D 370 -52.41 -21.17 -33.93
N VAL D 371 -52.15 -20.12 -34.71
CA VAL D 371 -50.84 -19.94 -35.36
C VAL D 371 -49.90 -19.30 -34.35
N LEU D 372 -49.22 -20.14 -33.57
CA LEU D 372 -48.28 -19.70 -32.54
C LEU D 372 -48.93 -18.66 -31.63
N LYS D 373 -49.96 -19.11 -30.92
CA LYS D 373 -50.77 -18.25 -30.07
C LYS D 373 -50.57 -18.65 -28.62
N LYS D 374 -50.08 -17.71 -27.80
CA LYS D 374 -49.90 -17.93 -26.37
C LYS D 374 -50.30 -16.67 -25.63
N LYS D 375 -51.43 -16.70 -24.95
CA LYS D 375 -51.91 -15.56 -24.20
C LYS D 375 -50.96 -15.26 -23.04
N ALA D 376 -50.68 -13.97 -22.83
CA ALA D 376 -49.81 -13.55 -21.75
C ALA D 376 -50.64 -13.38 -20.47
N ILE D 377 -50.29 -14.15 -19.44
CA ILE D 377 -51.00 -14.14 -18.17
C ILE D 377 -49.97 -14.00 -17.05
N LEU D 378 -50.26 -13.15 -16.08
CA LEU D 378 -49.41 -13.02 -14.91
C LEU D 378 -49.29 -14.36 -14.20
N HIS D 379 -48.06 -14.75 -13.84
CA HIS D 379 -47.78 -16.06 -13.30
C HIS D 379 -46.84 -15.94 -12.10
N GLN D 380 -46.89 -16.93 -11.22
CA GLN D 380 -46.05 -16.94 -10.03
C GLN D 380 -44.94 -17.99 -10.10
N GLU D 381 -45.13 -19.06 -10.88
CA GLU D 381 -44.18 -20.16 -10.91
C GLU D 381 -42.80 -19.72 -11.39
N GLY D 382 -42.75 -18.93 -12.45
CA GLY D 382 -41.48 -18.46 -12.99
C GLY D 382 -41.04 -19.28 -14.18
N HIS D 383 -40.48 -18.61 -15.18
CA HIS D 383 -39.94 -19.25 -16.37
C HIS D 383 -38.56 -18.68 -16.65
N MET D 384 -37.69 -19.52 -17.21
CA MET D 384 -36.29 -19.17 -17.42
C MET D 384 -36.01 -18.60 -18.80
N ASP D 385 -37.00 -18.50 -19.67
CA ASP D 385 -36.80 -18.10 -21.04
C ASP D 385 -37.41 -16.74 -21.38
N ASP D 386 -37.31 -15.77 -20.46
CA ASP D 386 -37.83 -14.43 -20.76
C ASP D 386 -37.08 -13.80 -21.92
N ALA D 387 -35.79 -13.54 -21.75
CA ALA D 387 -34.89 -13.06 -22.79
C ALA D 387 -35.53 -11.96 -23.62
N LEU D 388 -35.95 -10.89 -22.94
CA LEU D 388 -36.62 -9.80 -23.62
C LEU D 388 -35.65 -9.06 -24.54
N PHE D 389 -35.99 -9.00 -25.83
CA PHE D 389 -35.18 -8.30 -26.82
C PHE D 389 -35.85 -6.99 -27.18
N LEU D 390 -35.11 -5.89 -27.03
CA LEU D 390 -35.59 -4.54 -27.30
C LEU D 390 -35.09 -4.08 -28.67
N THR D 391 -35.91 -3.32 -29.37
CA THR D 391 -35.52 -2.66 -30.61
C THR D 391 -36.15 -1.28 -30.66
N ARG D 392 -35.37 -0.29 -31.09
CA ARG D 392 -35.85 1.07 -31.26
C ARG D 392 -35.77 1.46 -32.72
N CYS D 393 -36.90 1.85 -33.30
CA CYS D 393 -36.97 2.22 -34.71
C CYS D 393 -37.93 3.40 -34.85
N GLN D 394 -37.38 4.57 -35.18
CA GLN D 394 -38.22 5.76 -35.34
C GLN D 394 -38.86 5.77 -36.72
N GLN D 395 -38.05 5.94 -37.76
CA GLN D 395 -38.45 5.85 -39.17
C GLN D 395 -39.84 6.44 -39.44
N GLU D 396 -40.14 7.58 -38.81
CA GLU D 396 -41.43 8.27 -38.85
C GLU D 396 -42.58 7.33 -38.52
N GLU D 397 -42.26 6.15 -37.98
CA GLU D 397 -43.32 5.19 -37.65
C GLU D 397 -44.05 5.59 -36.38
N SER D 398 -43.35 6.19 -35.42
CA SER D 398 -44.02 6.73 -34.25
C SER D 398 -44.98 7.85 -34.64
N GLN D 399 -44.56 8.72 -35.56
CA GLN D 399 -45.45 9.77 -36.05
C GLN D 399 -46.64 9.18 -36.79
N ALA D 400 -46.42 8.15 -37.62
CA ALA D 400 -47.52 7.51 -38.31
C ALA D 400 -48.51 6.89 -37.33
N ALA D 401 -48.00 6.22 -36.29
CA ALA D 401 -48.87 5.62 -35.29
C ALA D 401 -49.67 6.67 -34.53
N ARG D 402 -49.03 7.78 -34.15
CA ARG D 402 -49.76 8.85 -33.47
C ARG D 402 -50.82 9.45 -34.36
N MET D 403 -50.51 9.64 -35.65
CA MET D 403 -51.53 10.05 -36.62
C MET D 403 -52.69 9.07 -36.62
N ILE D 404 -52.41 7.77 -36.65
CA ILE D 404 -53.47 6.76 -36.68
C ILE D 404 -54.35 6.89 -35.44
N HIS D 405 -53.72 6.98 -34.26
CA HIS D 405 -54.49 7.05 -33.02
C HIS D 405 -55.37 8.29 -32.97
N SER D 406 -54.83 9.44 -33.39
CA SER D 406 -55.62 10.66 -33.36
C SER D 406 -56.76 10.63 -34.36
N THR D 407 -56.49 10.22 -35.61
CA THR D 407 -57.51 10.28 -36.64
C THR D 407 -58.56 9.21 -36.48
N ALA D 408 -58.22 8.05 -35.89
CA ALA D 408 -59.25 7.05 -35.59
C ALA D 408 -60.25 7.60 -34.58
N GLY D 409 -59.76 8.26 -33.53
CA GLY D 409 -60.65 8.89 -32.59
C GLY D 409 -61.49 9.99 -33.21
N LEU D 410 -60.88 10.81 -34.07
CA LEU D 410 -61.64 11.86 -34.73
C LEU D 410 -62.76 11.30 -35.59
N TYR D 411 -62.45 10.31 -36.44
CA TYR D 411 -63.48 9.72 -37.28
C TYR D 411 -64.55 9.02 -36.47
N ASN D 412 -64.15 8.32 -35.39
CA ASN D 412 -65.14 7.64 -34.57
C ASN D 412 -66.08 8.64 -33.90
N GLN D 413 -65.53 9.74 -33.39
CA GLN D 413 -66.38 10.78 -32.81
C GLN D 413 -67.33 11.36 -33.84
N PHE D 414 -66.85 11.66 -35.04
CA PHE D 414 -67.72 12.22 -36.06
C PHE D 414 -68.81 11.24 -36.49
N ILE D 415 -68.45 9.97 -36.68
CA ILE D 415 -69.41 8.98 -37.17
C ILE D 415 -70.46 8.69 -36.10
N LYS D 416 -70.07 8.69 -34.82
CA LYS D 416 -71.07 8.59 -33.77
C LYS D 416 -71.92 9.85 -33.68
N GLY D 417 -71.33 11.01 -34.00
CA GLY D 417 -72.05 12.25 -33.88
C GLY D 417 -73.17 12.40 -34.90
N LEU D 418 -72.90 12.11 -36.17
CA LEU D 418 -73.93 12.45 -37.15
C LEU D 418 -75.08 11.44 -37.17
N ASP D 419 -74.94 10.32 -36.48
CA ASP D 419 -75.96 9.28 -36.50
C ASP D 419 -77.09 9.51 -35.50
N SER D 420 -76.99 10.54 -34.67
CA SER D 420 -77.99 10.79 -33.65
C SER D 420 -79.33 11.23 -34.24
N PHE D 421 -79.31 12.04 -35.30
CA PHE D 421 -80.52 12.61 -35.86
C PHE D 421 -81.01 11.85 -37.10
N SER D 422 -80.48 10.66 -37.35
CA SER D 422 -80.90 9.90 -38.52
C SER D 422 -82.33 9.41 -38.40
N GLY D 423 -82.84 9.26 -37.18
CA GLY D 423 -84.15 8.67 -36.99
C GLY D 423 -85.29 9.66 -36.92
N LYS D 424 -85.00 10.93 -36.61
CA LYS D 424 -86.05 11.91 -36.47
C LYS D 424 -85.72 13.17 -37.25
N PRO D 425 -86.73 13.87 -37.76
CA PRO D 425 -86.50 15.14 -38.45
C PRO D 425 -86.23 16.26 -37.44
N ARG D 426 -85.81 17.41 -37.97
CA ARG D 426 -85.51 18.55 -37.12
C ARG D 426 -86.78 19.12 -36.51
N GLY D 427 -86.69 19.50 -35.24
CA GLY D 427 -87.78 20.13 -34.53
C GLY D 427 -87.65 21.64 -34.51
N SER D 428 -88.37 22.24 -33.56
CA SER D 428 -88.29 23.68 -33.38
C SER D 428 -86.92 24.08 -32.85
N GLY D 429 -86.39 25.18 -33.39
CA GLY D 429 -85.08 25.65 -33.00
C GLY D 429 -83.97 24.74 -33.47
N PRO D 430 -83.06 24.39 -32.56
CA PRO D 430 -81.92 23.54 -32.93
C PRO D 430 -82.39 22.15 -33.35
N PRO D 431 -81.68 21.53 -34.30
CA PRO D 431 -82.08 20.18 -34.70
C PRO D 431 -81.66 19.10 -33.72
N ALA D 432 -80.53 19.28 -33.04
CA ALA D 432 -80.03 18.29 -32.10
C ALA D 432 -79.20 18.98 -31.04
N GLY D 433 -78.97 18.27 -29.94
CA GLY D 433 -78.21 18.79 -28.83
C GLY D 433 -76.74 19.03 -29.13
N PRO D 434 -75.99 17.95 -29.34
CA PRO D 434 -74.55 18.11 -29.61
C PRO D 434 -74.31 18.75 -30.97
N ALA D 435 -73.22 19.51 -31.08
CA ALA D 435 -72.87 20.16 -32.32
C ALA D 435 -71.93 19.29 -33.14
N LEU D 436 -72.13 19.28 -34.45
CA LEU D 436 -71.31 18.46 -35.34
C LEU D 436 -69.94 19.09 -35.49
N PRO D 437 -68.85 18.37 -35.21
CA PRO D 437 -67.50 18.90 -35.46
C PRO D 437 -67.15 18.87 -36.94
N ILE D 438 -67.73 19.81 -37.68
CA ILE D 438 -67.60 19.79 -39.14
C ILE D 438 -66.39 20.60 -39.59
N GLU D 439 -65.82 21.43 -38.71
CA GLU D 439 -64.73 22.29 -39.13
C GLU D 439 -63.38 21.58 -39.10
N ALA D 440 -63.05 20.93 -37.98
CA ALA D 440 -61.74 20.28 -37.85
C ALA D 440 -61.58 19.10 -38.80
N VAL D 441 -62.67 18.42 -39.13
CA VAL D 441 -62.58 17.26 -40.00
C VAL D 441 -62.12 17.67 -41.40
N ILE D 442 -62.54 18.84 -41.90
CA ILE D 442 -62.10 19.28 -43.22
C ILE D 442 -60.59 19.48 -43.24
N LEU D 443 -60.05 20.17 -42.22
CA LEU D 443 -58.61 20.39 -42.17
C LEU D 443 -57.85 19.09 -42.02
N SER D 444 -58.33 18.17 -41.17
CA SER D 444 -57.65 16.88 -41.03
C SER D 444 -57.67 16.11 -42.35
N LEU D 445 -58.81 16.11 -43.04
CA LEU D 445 -58.91 15.40 -44.31
C LEU D 445 -57.97 16.00 -45.35
N GLN D 446 -57.89 17.33 -45.40
CA GLN D 446 -56.98 17.99 -46.32
C GLN D 446 -55.53 17.65 -46.02
N ASP D 447 -55.15 17.61 -44.73
CA ASP D 447 -53.80 17.22 -44.38
C ASP D 447 -53.49 15.78 -44.78
N LEU D 448 -54.42 14.86 -44.55
CA LEU D 448 -54.20 13.48 -44.97
C LEU D 448 -54.12 13.33 -46.48
N ILE D 449 -54.86 14.13 -47.25
CA ILE D 449 -54.74 14.05 -48.71
C ILE D 449 -53.32 14.43 -49.14
N GLY D 450 -52.81 15.54 -48.61
CA GLY D 450 -51.44 15.93 -48.92
C GLY D 450 -50.40 15.00 -48.36
N TYR D 451 -50.74 14.22 -47.34
CA TYR D 451 -49.80 13.25 -46.78
C TYR D 451 -49.40 12.21 -47.82
N PHE D 452 -50.35 11.74 -48.63
CA PHE D 452 -50.11 10.66 -49.60
C PHE D 452 -49.94 11.19 -51.02
N GLU D 453 -49.36 12.37 -51.19
CA GLU D 453 -49.18 12.89 -52.52
C GLU D 453 -48.09 12.12 -53.26
N PRO D 454 -48.32 11.73 -54.51
CA PRO D 454 -47.29 10.99 -55.25
C PRO D 454 -46.09 11.87 -55.52
N PRO D 455 -44.90 11.28 -55.62
CA PRO D 455 -43.70 12.09 -55.87
C PRO D 455 -43.69 12.65 -57.29
N SER D 456 -43.00 13.77 -57.46
CA SER D 456 -42.88 14.39 -58.76
C SER D 456 -42.00 13.55 -59.69
N GLU D 457 -42.32 13.60 -60.98
CA GLU D 457 -41.56 12.84 -61.97
C GLU D 457 -40.24 13.50 -62.32
N GLU D 458 -40.05 14.77 -61.96
CA GLU D 458 -38.83 15.49 -62.29
C GLU D 458 -37.64 15.09 -61.42
N LEU D 459 -37.86 14.29 -60.38
CA LEU D 459 -36.78 13.91 -59.48
C LEU D 459 -35.84 12.92 -60.16
N GLN D 460 -34.67 12.74 -59.55
CA GLN D 460 -33.70 11.79 -60.05
C GLN D 460 -34.20 10.36 -59.89
N HIS D 461 -33.72 9.47 -60.77
CA HIS D 461 -34.19 8.09 -60.75
C HIS D 461 -33.80 7.37 -59.47
N GLU D 462 -32.58 7.59 -58.99
CA GLU D 462 -32.12 6.88 -57.80
C GLU D 462 -32.89 7.29 -56.54
N GLU D 463 -33.46 8.50 -56.54
CA GLU D 463 -34.22 8.95 -55.39
C GLU D 463 -35.70 8.66 -55.53
N LYS D 464 -36.22 8.65 -56.77
CA LYS D 464 -37.63 8.39 -56.98
C LYS D 464 -38.01 6.98 -56.56
N GLN D 465 -37.15 5.99 -56.82
CA GLN D 465 -37.46 4.63 -56.39
C GLN D 465 -37.54 4.52 -54.88
N SER D 466 -36.61 5.14 -54.15
CA SER D 466 -36.67 5.12 -52.70
C SER D 466 -37.91 5.84 -52.18
N LYS D 467 -38.26 6.98 -52.78
CA LYS D 467 -39.47 7.69 -52.37
C LYS D 467 -40.72 6.86 -52.62
N LEU D 468 -40.80 6.18 -53.76
CA LEU D 468 -41.95 5.33 -54.06
C LEU D 468 -42.03 4.17 -53.07
N ARG D 469 -40.89 3.57 -52.75
CA ARG D 469 -40.88 2.48 -51.77
C ARG D 469 -41.37 2.96 -50.40
N SER D 470 -40.88 4.12 -49.96
CA SER D 470 -41.33 4.66 -48.68
C SER D 470 -42.82 4.97 -48.70
N LEU D 471 -43.31 5.56 -49.78
CA LEU D 471 -44.74 5.86 -49.87
C LEU D 471 -45.57 4.58 -49.86
N ARG D 472 -45.12 3.54 -50.57
CA ARG D 472 -45.85 2.28 -50.60
C ARG D 472 -45.91 1.66 -49.20
N ASN D 473 -44.78 1.62 -48.50
CA ASN D 473 -44.79 1.07 -47.15
C ASN D 473 -45.69 1.89 -46.22
N ARG D 474 -45.61 3.21 -46.32
CA ARG D 474 -46.41 4.07 -45.44
C ARG D 474 -47.90 3.92 -45.70
N GLN D 475 -48.31 3.81 -46.96
CA GLN D 475 -49.73 3.63 -47.26
C GLN D 475 -50.21 2.22 -46.95
N SER D 476 -49.36 1.21 -47.06
CA SER D 476 -49.76 -0.13 -46.68
C SER D 476 -49.86 -0.29 -45.16
N LEU D 477 -49.07 0.49 -44.41
CA LEU D 477 -49.16 0.44 -42.95
C LEU D 477 -50.52 0.94 -42.46
N PHE D 478 -51.06 2.00 -43.07
CA PHE D 478 -52.33 2.56 -42.62
C PHE D 478 -53.50 1.62 -42.88
N GLN D 479 -53.48 0.90 -44.01
CA GLN D 479 -54.65 0.15 -44.44
C GLN D 479 -55.02 -0.98 -43.49
N GLU D 480 -54.03 -1.60 -42.84
CA GLU D 480 -54.32 -2.79 -42.05
C GLU D 480 -55.14 -2.46 -40.81
N GLU D 481 -54.74 -1.43 -40.06
CA GLU D 481 -55.45 -1.06 -38.84
C GLU D 481 -56.64 -0.16 -39.18
N GLY D 482 -57.58 -0.74 -39.92
CA GLY D 482 -58.72 0.03 -40.39
C GLY D 482 -58.29 1.09 -41.39
N MET D 483 -58.87 2.28 -41.25
CA MET D 483 -58.54 3.46 -42.04
C MET D 483 -58.95 3.30 -43.50
N LEU D 484 -59.44 2.12 -43.87
CA LEU D 484 -60.04 1.91 -45.17
C LEU D 484 -61.52 1.60 -45.08
N SER D 485 -61.91 0.58 -44.34
CA SER D 485 -63.33 0.38 -44.06
C SER D 485 -63.88 1.48 -43.18
N LEU D 486 -63.06 2.02 -42.28
CA LEU D 486 -63.49 3.11 -41.40
C LEU D 486 -63.84 4.37 -42.18
N VAL D 487 -63.21 4.59 -43.33
CA VAL D 487 -63.60 5.72 -44.18
C VAL D 487 -64.63 5.29 -45.21
N LEU D 488 -64.67 4.00 -45.57
CA LEU D 488 -65.64 3.53 -46.54
C LEU D 488 -67.06 3.60 -45.99
N ASN D 489 -67.25 3.16 -44.74
CA ASN D 489 -68.59 3.20 -44.16
C ASN D 489 -69.04 4.63 -43.83
N CYS D 490 -68.10 5.56 -43.68
CA CYS D 490 -68.48 6.96 -43.49
C CYS D 490 -69.19 7.51 -44.71
N ILE D 491 -68.75 7.14 -45.91
CA ILE D 491 -69.44 7.56 -47.11
C ILE D 491 -70.83 6.92 -47.20
N ASP D 492 -70.95 5.67 -46.75
CA ASP D 492 -72.26 5.02 -46.73
C ASP D 492 -73.21 5.74 -45.78
N ARG D 493 -72.71 6.17 -44.62
CA ARG D 493 -73.56 6.84 -43.65
C ARG D 493 -74.02 8.21 -44.16
N LEU D 494 -73.33 8.76 -45.16
CA LEU D 494 -73.67 10.09 -45.67
C LEU D 494 -74.42 10.05 -46.99
N ASN D 495 -74.28 8.98 -47.77
CA ASN D 495 -74.92 8.90 -49.07
C ASN D 495 -76.43 8.71 -48.99
N VAL D 496 -76.97 8.46 -47.79
CA VAL D 496 -78.40 8.22 -47.64
C VAL D 496 -79.22 9.42 -48.10
N TYR D 497 -78.69 10.62 -47.98
CA TYR D 497 -79.38 11.81 -48.45
C TYR D 497 -79.05 12.05 -49.92
N THR D 498 -80.08 12.42 -50.70
CA THR D 498 -79.89 12.58 -52.14
C THR D 498 -79.14 13.86 -52.46
N THR D 499 -79.72 15.02 -52.13
CA THR D 499 -79.12 16.31 -52.45
C THR D 499 -78.82 17.16 -51.23
N ALA D 500 -79.46 16.90 -50.09
CA ALA D 500 -79.18 17.61 -48.84
C ALA D 500 -79.43 19.11 -48.95
N ALA D 501 -80.32 19.52 -49.85
CA ALA D 501 -80.59 20.94 -50.00
C ALA D 501 -81.58 21.43 -48.95
N HIS D 502 -82.80 20.92 -48.99
CA HIS D 502 -83.82 21.29 -48.00
C HIS D 502 -84.37 20.06 -47.28
N PHE D 503 -84.86 19.07 -48.01
CA PHE D 503 -85.55 17.93 -47.41
C PHE D 503 -84.62 16.77 -47.10
N ALA D 504 -83.59 16.57 -47.91
CA ALA D 504 -82.68 15.45 -47.66
C ALA D 504 -81.74 15.72 -46.49
N GLU D 505 -81.61 16.98 -46.08
CA GLU D 505 -80.75 17.34 -44.95
C GLU D 505 -81.64 17.78 -43.78
N TYR D 506 -81.75 16.89 -42.79
CA TYR D 506 -82.48 17.20 -41.56
C TYR D 506 -81.67 18.00 -40.56
N ALA D 507 -80.35 18.09 -40.75
CA ALA D 507 -79.51 18.85 -39.81
C ALA D 507 -79.72 20.35 -39.92
N GLY D 508 -80.41 20.81 -40.96
CA GLY D 508 -80.67 22.22 -41.12
C GLY D 508 -79.46 22.98 -41.60
N GLU D 509 -79.52 24.30 -41.41
CA GLU D 509 -78.44 25.18 -41.81
C GLU D 509 -77.23 25.02 -40.88
N GLU D 510 -76.16 25.75 -41.20
CA GLU D 510 -74.89 25.74 -40.49
C GLU D 510 -74.16 24.40 -40.60
N ALA D 511 -74.74 23.42 -41.28
CA ALA D 511 -74.08 22.14 -41.50
C ALA D 511 -74.18 21.61 -42.92
N ALA D 512 -75.16 22.05 -43.72
CA ALA D 512 -75.30 21.55 -45.08
C ALA D 512 -74.37 22.26 -46.07
N GLU D 513 -73.78 23.38 -45.67
CA GLU D 513 -72.88 24.10 -46.57
C GLU D 513 -71.64 23.27 -46.90
N SER D 514 -71.09 22.57 -45.91
CA SER D 514 -69.91 21.75 -46.09
C SER D 514 -70.23 20.33 -46.52
N TRP D 515 -71.52 19.98 -46.65
CA TRP D 515 -71.90 18.63 -47.05
C TRP D 515 -71.40 18.32 -48.45
N LYS D 516 -71.53 19.27 -49.37
CA LYS D 516 -71.03 19.06 -50.73
C LYS D 516 -69.51 18.91 -50.75
N GLU D 517 -68.80 19.71 -49.95
CA GLU D 517 -67.34 19.65 -49.96
C GLU D 517 -66.83 18.33 -49.38
N ILE D 518 -67.40 17.89 -48.25
CA ILE D 518 -66.83 16.75 -47.55
C ILE D 518 -67.00 15.47 -48.36
N VAL D 519 -68.16 15.26 -48.98
CA VAL D 519 -68.37 14.04 -49.75
C VAL D 519 -67.46 14.01 -50.97
N ASN D 520 -67.27 15.15 -51.62
CA ASN D 520 -66.38 15.20 -52.78
C ASN D 520 -64.93 14.95 -52.37
N LEU D 521 -64.49 15.48 -51.23
CA LEU D 521 -63.12 15.32 -50.80
C LEU D 521 -62.83 13.92 -50.25
N LEU D 522 -63.82 13.26 -49.66
CA LEU D 522 -63.63 11.90 -49.17
C LEU D 522 -63.28 10.94 -50.31
N TYR D 523 -63.92 11.10 -51.47
CA TYR D 523 -63.60 10.26 -52.61
C TYR D 523 -62.16 10.47 -53.07
N GLU D 524 -61.69 11.72 -53.08
CA GLU D 524 -60.30 11.98 -53.45
C GLU D 524 -59.34 11.31 -52.46
N LEU D 525 -59.59 11.42 -51.16
CA LEU D 525 -58.73 10.75 -50.19
C LEU D 525 -58.76 9.25 -50.37
N LEU D 526 -59.95 8.68 -50.59
CA LEU D 526 -60.06 7.24 -50.80
C LEU D 526 -59.23 6.82 -52.01
N ALA D 527 -59.41 7.49 -53.15
CA ALA D 527 -58.63 7.17 -54.34
C ALA D 527 -57.14 7.30 -54.10
N SER D 528 -56.72 8.31 -53.32
CA SER D 528 -55.31 8.44 -52.99
C SER D 528 -54.79 7.23 -52.22
N LEU D 529 -55.61 6.67 -51.34
CA LEU D 529 -55.18 5.46 -50.63
C LEU D 529 -54.95 4.29 -51.57
N ILE D 530 -55.91 3.97 -52.44
CA ILE D 530 -55.77 2.78 -53.28
C ILE D 530 -54.69 2.99 -54.34
N ARG D 531 -54.62 4.16 -54.96
CA ARG D 531 -53.78 4.34 -56.13
C ARG D 531 -52.32 4.02 -55.81
N GLY D 532 -51.68 3.31 -56.76
CA GLY D 532 -50.27 3.00 -56.66
C GLY D 532 -49.91 1.76 -55.89
N ASN D 533 -50.88 1.07 -55.29
CA ASN D 533 -50.61 -0.10 -54.46
C ASN D 533 -51.34 -1.30 -55.04
N ARG D 534 -50.60 -2.35 -55.38
CA ARG D 534 -51.20 -3.57 -55.90
C ARG D 534 -51.87 -4.39 -54.80
N ALA D 535 -51.23 -4.49 -53.63
CA ALA D 535 -51.78 -5.30 -52.55
C ALA D 535 -53.04 -4.65 -51.96
N ASN D 536 -53.08 -3.33 -51.89
CA ASN D 536 -54.20 -2.64 -51.27
C ASN D 536 -55.48 -2.78 -52.11
N CYS D 537 -55.36 -2.71 -53.43
CA CYS D 537 -56.54 -2.77 -54.29
C CYS D 537 -57.09 -4.18 -54.43
N ALA D 538 -56.35 -5.21 -54.02
CA ALA D 538 -56.84 -6.57 -54.10
C ALA D 538 -58.02 -6.83 -53.18
N LEU D 539 -58.22 -6.00 -52.16
CA LEU D 539 -59.36 -6.14 -51.27
C LEU D 539 -60.69 -5.88 -51.98
N PHE D 540 -60.68 -5.09 -53.05
CA PHE D 540 -61.89 -4.75 -53.78
C PHE D 540 -62.33 -5.95 -54.63
N SER D 541 -62.82 -6.98 -53.94
CA SER D 541 -63.35 -8.18 -54.58
C SER D 541 -64.87 -8.16 -54.65
N THR D 542 -65.53 -8.04 -53.49
CA THR D 542 -66.98 -7.95 -53.42
C THR D 542 -67.49 -6.52 -53.42
N ASN D 543 -66.59 -5.54 -53.47
CA ASN D 543 -66.98 -4.14 -53.44
C ASN D 543 -67.16 -3.53 -54.82
N LEU D 544 -66.94 -4.31 -55.89
CA LEU D 544 -67.10 -3.77 -57.23
C LEU D 544 -68.54 -3.35 -57.49
N ASP D 545 -69.51 -4.16 -57.07
CA ASP D 545 -70.90 -3.82 -57.26
C ASP D 545 -71.28 -2.58 -56.46
N TRP D 546 -70.74 -2.44 -55.25
CA TRP D 546 -70.99 -1.24 -54.46
C TRP D 546 -70.39 0.00 -55.11
N VAL D 547 -69.18 -0.13 -55.69
CA VAL D 547 -68.53 1.02 -56.31
C VAL D 547 -69.26 1.44 -57.58
N VAL D 548 -69.64 0.47 -58.42
CA VAL D 548 -70.23 0.80 -59.71
C VAL D 548 -71.55 1.55 -59.56
N SER D 549 -72.36 1.17 -58.57
CA SER D 549 -73.69 1.75 -58.40
C SER D 549 -73.68 3.07 -57.65
N LYS D 550 -72.53 3.75 -57.59
CA LYS D 550 -72.41 5.02 -56.87
C LYS D 550 -72.39 6.22 -57.80
N LEU D 551 -72.76 6.06 -59.07
CA LEU D 551 -72.76 7.17 -60.02
C LEU D 551 -74.02 8.02 -59.79
N ASP D 552 -74.03 8.70 -58.64
CA ASP D 552 -75.19 9.46 -58.23
C ASP D 552 -75.35 10.78 -58.98
N ARG D 553 -74.27 11.32 -59.54
CA ARG D 553 -74.31 12.52 -60.38
C ARG D 553 -74.55 13.78 -59.56
N LEU D 554 -74.84 13.62 -58.27
CA LEU D 554 -75.18 14.77 -57.41
C LEU D 554 -73.98 15.26 -56.61
N GLU D 555 -73.29 14.35 -55.91
CA GLU D 555 -72.18 14.77 -55.07
C GLU D 555 -70.90 14.94 -55.88
N ALA D 556 -70.42 13.87 -56.50
CA ALA D 556 -69.17 13.92 -57.26
C ALA D 556 -69.28 12.95 -58.43
N SER D 557 -69.54 13.49 -59.62
CA SER D 557 -69.61 12.66 -60.82
C SER D 557 -68.22 12.15 -61.20
N SER D 558 -67.21 13.01 -61.11
CA SER D 558 -65.84 12.64 -61.47
C SER D 558 -65.11 11.90 -60.36
N GLY D 559 -65.51 12.13 -59.10
CA GLY D 559 -64.85 11.44 -58.01
C GLY D 559 -65.01 9.93 -58.06
N ILE D 560 -66.22 9.45 -58.34
CA ILE D 560 -66.44 8.02 -58.46
C ILE D 560 -65.71 7.47 -59.67
N LEU D 561 -65.71 8.23 -60.78
CA LEU D 561 -65.04 7.77 -61.98
C LEU D 561 -63.55 7.60 -61.76
N GLU D 562 -62.91 8.54 -61.06
CA GLU D 562 -61.48 8.41 -60.77
C GLU D 562 -61.20 7.20 -59.89
N VAL D 563 -62.00 6.99 -58.85
CA VAL D 563 -61.81 5.84 -57.96
C VAL D 563 -61.95 4.54 -58.74
N LEU D 564 -62.97 4.45 -59.60
CA LEU D 564 -63.15 3.25 -60.41
C LEU D 564 -61.98 3.06 -61.37
N TYR D 565 -61.50 4.14 -61.98
CA TYR D 565 -60.40 4.02 -62.93
C TYR D 565 -59.11 3.57 -62.25
N CYS D 566 -58.90 3.98 -61.00
CA CYS D 566 -57.65 3.67 -60.32
C CYS D 566 -57.43 2.18 -60.13
N VAL D 567 -58.48 1.43 -59.75
CA VAL D 567 -58.30 0.03 -59.37
C VAL D 567 -58.20 -0.89 -60.57
N LEU D 568 -58.83 -0.55 -61.69
CA LEU D 568 -58.89 -1.47 -62.83
C LEU D 568 -57.52 -1.77 -63.39
N ILE D 569 -56.67 -0.76 -63.57
CA ILE D 569 -55.35 -0.99 -64.12
C ILE D 569 -54.47 -1.72 -63.11
N GLU D 570 -54.52 -1.33 -61.84
CA GLU D 570 -53.62 -1.90 -60.85
C GLU D 570 -53.94 -3.36 -60.57
N SER D 571 -55.21 -3.70 -60.41
CA SER D 571 -55.60 -5.07 -60.03
C SER D 571 -56.15 -5.81 -61.24
N PRO D 572 -55.47 -6.84 -61.74
CA PRO D 572 -56.00 -7.59 -62.88
C PRO D 572 -57.06 -8.60 -62.52
N GLU D 573 -57.06 -9.13 -61.30
CA GLU D 573 -58.06 -10.13 -60.91
C GLU D 573 -59.45 -9.52 -60.82
N VAL D 574 -59.54 -8.19 -60.67
CA VAL D 574 -60.85 -7.54 -60.57
C VAL D 574 -61.63 -7.67 -61.87
N LEU D 575 -60.93 -7.67 -63.01
CA LEU D 575 -61.61 -7.70 -64.30
C LEU D 575 -62.39 -8.99 -64.50
N ASN D 576 -62.11 -10.03 -63.71
CA ASN D 576 -62.83 -11.30 -63.84
C ASN D 576 -64.18 -11.28 -63.15
N ILE D 577 -64.52 -10.20 -62.44
CA ILE D 577 -65.77 -10.16 -61.68
C ILE D 577 -66.84 -9.34 -62.38
N ILE D 578 -66.47 -8.49 -63.34
CA ILE D 578 -67.44 -7.63 -64.00
C ILE D 578 -68.44 -8.45 -64.78
N GLN D 579 -69.61 -7.87 -65.04
CA GLN D 579 -70.71 -8.57 -65.68
C GLN D 579 -71.46 -7.65 -66.64
N GLU D 580 -72.50 -8.20 -67.27
CA GLU D 580 -73.26 -7.47 -68.27
C GLU D 580 -73.91 -6.22 -67.70
N ASN D 581 -74.48 -6.33 -66.49
CA ASN D 581 -75.10 -5.16 -65.88
C ASN D 581 -74.09 -4.07 -65.59
N HIS D 582 -72.90 -4.42 -65.10
CA HIS D 582 -71.87 -3.43 -64.86
C HIS D 582 -71.43 -2.75 -66.16
N ILE D 583 -71.23 -3.53 -67.21
CA ILE D 583 -70.82 -2.95 -68.49
C ILE D 583 -71.89 -2.02 -69.02
N LYS D 584 -73.16 -2.43 -68.92
CA LYS D 584 -74.26 -1.59 -69.39
C LYS D 584 -74.36 -0.30 -68.58
N SER D 585 -74.18 -0.37 -67.27
CA SER D 585 -74.20 0.85 -66.47
C SER D 585 -73.06 1.78 -66.85
N ILE D 586 -71.86 1.24 -67.05
CA ILE D 586 -70.73 2.07 -67.44
C ILE D 586 -70.97 2.74 -68.78
N ILE D 587 -71.50 1.98 -69.75
CA ILE D 587 -71.71 2.57 -71.07
C ILE D 587 -72.87 3.57 -71.06
N SER D 588 -73.86 3.36 -70.20
CA SER D 588 -74.94 4.32 -70.08
C SER D 588 -74.51 5.59 -69.36
N LEU D 589 -73.46 5.50 -68.52
CA LEU D 589 -72.89 6.72 -67.93
C LEU D 589 -72.46 7.70 -69.01
N LEU D 590 -71.88 7.20 -70.12
CA LEU D 590 -71.49 8.08 -71.20
C LEU D 590 -72.67 8.82 -71.80
N ASP D 591 -73.78 8.11 -72.07
CA ASP D 591 -74.96 8.76 -72.62
C ASP D 591 -75.55 9.76 -71.63
N LYS D 592 -75.54 9.44 -70.34
CA LYS D 592 -76.14 10.33 -69.36
C LYS D 592 -75.30 11.57 -69.10
N HIS D 593 -73.97 11.48 -69.24
CA HIS D 593 -73.08 12.60 -68.91
C HIS D 593 -72.37 13.18 -70.13
N GLY D 594 -72.84 12.85 -71.33
CA GLY D 594 -72.29 13.45 -72.53
C GLY D 594 -70.98 12.83 -72.95
N ARG D 595 -70.38 13.42 -73.98
CA ARG D 595 -69.14 12.91 -74.56
C ARG D 595 -67.98 13.27 -73.65
N ASN D 596 -67.48 12.29 -72.92
CA ASN D 596 -66.33 12.46 -72.03
C ASN D 596 -65.20 11.55 -72.50
N HIS D 597 -63.99 12.10 -72.60
CA HIS D 597 -62.86 11.31 -73.05
C HIS D 597 -62.28 10.42 -71.97
N LYS D 598 -62.66 10.64 -70.70
CA LYS D 598 -62.14 9.81 -69.62
C LYS D 598 -62.80 8.43 -69.61
N VAL D 599 -64.07 8.35 -70.00
CA VAL D 599 -64.77 7.07 -70.02
C VAL D 599 -64.15 6.13 -71.05
N LEU D 600 -63.65 6.69 -72.16
CA LEU D 600 -63.01 5.85 -73.18
C LEU D 600 -61.79 5.15 -72.63
N ASP D 601 -60.99 5.83 -71.79
CA ASP D 601 -59.85 5.16 -71.18
C ASP D 601 -60.28 4.02 -70.26
N VAL D 602 -61.34 4.23 -69.47
CA VAL D 602 -61.84 3.18 -68.61
C VAL D 602 -62.30 1.98 -69.43
N LEU D 603 -63.03 2.23 -70.52
CA LEU D 603 -63.47 1.15 -71.38
C LEU D 603 -62.31 0.43 -72.06
N CYS D 604 -61.27 1.17 -72.48
CA CYS D 604 -60.11 0.53 -73.07
C CYS D 604 -59.35 -0.32 -72.06
N SER D 605 -59.35 0.08 -70.79
CA SER D 605 -58.69 -0.70 -69.75
C SER D 605 -59.33 -2.07 -69.55
N LEU D 606 -60.58 -2.25 -69.96
CA LEU D 606 -61.27 -3.51 -69.76
C LEU D 606 -60.76 -4.63 -70.67
N CYS D 607 -60.27 -4.28 -71.87
CA CYS D 607 -59.93 -5.32 -72.85
C CYS D 607 -58.69 -6.10 -72.44
N VAL D 608 -57.64 -5.42 -71.99
CA VAL D 608 -56.37 -6.05 -71.67
C VAL D 608 -55.97 -5.62 -70.27
N CYS D 609 -55.78 -6.59 -69.37
CA CYS D 609 -55.29 -6.26 -68.03
C CYS D 609 -53.77 -6.11 -68.02
N ASN D 610 -53.04 -7.17 -68.37
CA ASN D 610 -51.59 -7.10 -68.49
C ASN D 610 -51.13 -8.25 -69.39
N GLY D 611 -50.85 -7.94 -70.65
CA GLY D 611 -50.38 -8.94 -71.57
C GLY D 611 -51.49 -9.87 -72.03
N VAL D 612 -52.07 -10.60 -71.09
CA VAL D 612 -53.19 -11.48 -71.39
C VAL D 612 -54.45 -10.66 -71.60
N ALA D 613 -55.23 -11.01 -72.62
CA ALA D 613 -56.44 -10.30 -72.98
C ALA D 613 -57.66 -11.17 -72.70
N VAL D 614 -58.64 -10.61 -72.01
CA VAL D 614 -59.89 -11.31 -71.76
C VAL D 614 -60.73 -11.31 -73.03
N ARG D 615 -61.36 -12.44 -73.34
CA ARG D 615 -62.12 -12.57 -74.56
C ARG D 615 -63.61 -12.30 -74.36
N SER D 616 -64.12 -12.45 -73.14
CA SER D 616 -65.54 -12.20 -72.90
C SER D 616 -65.86 -10.71 -72.97
N ASN D 617 -65.01 -9.88 -72.36
CA ASN D 617 -65.27 -8.44 -72.30
C ASN D 617 -65.19 -7.80 -73.68
N GLN D 618 -64.27 -8.25 -74.53
CA GLN D 618 -64.17 -7.69 -75.87
C GLN D 618 -65.46 -7.92 -76.65
N ASP D 619 -66.02 -9.13 -76.56
CA ASP D 619 -67.27 -9.42 -77.24
C ASP D 619 -68.45 -8.70 -76.61
N LEU D 620 -68.46 -8.55 -75.28
CA LEU D 620 -69.54 -7.82 -74.63
C LEU D 620 -69.54 -6.35 -75.00
N ILE D 621 -68.36 -5.75 -75.17
CA ILE D 621 -68.27 -4.33 -75.44
C ILE D 621 -68.91 -4.00 -76.80
N THR D 622 -68.62 -4.81 -77.81
CA THR D 622 -69.19 -4.56 -79.13
C THR D 622 -70.71 -4.69 -79.14
N GLU D 623 -71.26 -5.68 -78.44
CA GLU D 623 -72.72 -5.83 -78.40
C GLU D 623 -73.36 -4.69 -77.62
N ASN D 624 -72.78 -4.33 -76.47
CA ASN D 624 -73.36 -3.26 -75.66
C ASN D 624 -73.28 -1.91 -76.36
N LEU D 625 -72.19 -1.67 -77.08
CA LEU D 625 -72.09 -0.45 -77.88
C LEU D 625 -73.20 -0.45 -78.92
N LEU D 626 -73.90 0.68 -79.02
CA LEU D 626 -75.13 0.72 -79.81
C LEU D 626 -74.79 0.58 -81.29
N PRO D 627 -75.28 -0.46 -81.97
CA PRO D 627 -74.90 -0.68 -83.37
C PRO D 627 -75.49 0.34 -84.34
N GLY D 628 -76.51 1.09 -83.92
CA GLY D 628 -77.05 2.14 -84.76
C GLY D 628 -76.16 3.37 -84.84
N ARG D 629 -75.04 3.37 -84.13
CA ARG D 629 -74.02 4.42 -84.22
C ARG D 629 -74.54 5.77 -83.73
N GLU D 630 -75.46 5.77 -82.77
CA GLU D 630 -75.99 7.03 -82.26
C GLU D 630 -74.99 7.74 -81.35
N LEU D 631 -74.32 7.00 -80.48
CA LEU D 631 -73.44 7.64 -79.49
C LEU D 631 -72.09 8.05 -80.07
N LEU D 632 -71.57 7.31 -81.04
CA LEU D 632 -70.23 7.52 -81.57
C LEU D 632 -70.27 8.28 -82.88
N LEU D 633 -69.11 8.83 -83.26
CA LEU D 633 -68.98 9.60 -84.49
C LEU D 633 -68.76 8.69 -85.68
N GLN D 634 -69.09 9.18 -86.86
CA GLN D 634 -69.01 8.41 -88.09
C GLN D 634 -68.24 9.16 -89.16
N THR D 635 -67.62 8.40 -90.07
CA THR D 635 -66.88 8.94 -91.19
C THR D 635 -67.23 8.17 -92.45
N ASN D 636 -67.09 8.83 -93.59
CA ASN D 636 -67.38 8.21 -94.88
C ASN D 636 -66.71 9.04 -95.97
N LEU D 637 -66.84 8.56 -97.20
CA LEU D 637 -66.31 9.25 -98.38
C LEU D 637 -67.46 9.68 -99.27
N ILE D 638 -67.43 10.94 -99.71
CA ILE D 638 -68.52 11.52 -100.50
C ILE D 638 -67.93 12.29 -101.67
N ASN D 639 -68.79 12.58 -102.64
CA ASN D 639 -68.41 13.33 -103.83
C ASN D 639 -68.78 14.80 -103.68
N TYR D 640 -68.22 15.61 -104.57
CA TYR D 640 -68.52 17.04 -104.60
C TYR D 640 -69.68 17.31 -105.57
N VAL D 641 -70.37 18.42 -105.32
CA VAL D 641 -71.49 18.84 -106.17
C VAL D 641 -71.48 20.36 -106.25
N THR D 642 -71.85 20.89 -107.42
CA THR D 642 -71.87 22.33 -107.64
C THR D 642 -73.10 22.68 -108.48
N SER D 643 -73.65 23.86 -108.22
CA SER D 643 -74.87 24.29 -108.88
C SER D 643 -74.58 25.50 -109.77
N ILE D 644 -75.22 25.53 -110.93
CA ILE D 644 -75.12 26.61 -111.89
C ILE D 644 -76.50 27.23 -112.09
N ARG D 645 -76.51 28.50 -112.50
CA ARG D 645 -77.75 29.27 -112.51
C ARG D 645 -77.75 30.35 -113.59
N PRO D 646 -78.82 30.43 -114.39
CA PRO D 646 -78.98 31.58 -115.30
C PRO D 646 -79.72 32.73 -114.64
N ASN D 647 -79.26 33.95 -114.84
CA ASN D 647 -79.74 35.12 -114.09
C ASN D 647 -81.12 35.56 -114.59
N ILE D 648 -82.15 34.90 -114.04
CA ILE D 648 -83.54 35.28 -114.25
C ILE D 648 -84.22 35.31 -112.88
N PHE D 649 -85.00 36.37 -112.63
CA PHE D 649 -85.67 36.54 -111.35
C PHE D 649 -87.15 36.77 -111.56
N VAL D 650 -87.97 36.01 -110.84
CA VAL D 650 -89.43 36.07 -110.95
C VAL D 650 -90.03 36.10 -109.56
N GLY D 651 -90.98 37.01 -109.33
CA GLY D 651 -91.68 37.07 -108.07
C GLY D 651 -93.07 37.66 -108.25
N ARG D 652 -93.87 37.57 -107.19
CA ARG D 652 -95.22 38.13 -107.19
C ARG D 652 -95.43 38.95 -105.92
N ALA D 653 -96.09 40.10 -106.08
CA ALA D 653 -96.47 40.95 -104.97
C ALA D 653 -97.70 41.74 -105.40
N GLU D 654 -98.09 42.72 -104.58
CA GLU D 654 -99.21 43.61 -104.90
C GLU D 654 -98.74 44.62 -105.94
N GLY D 655 -98.63 44.16 -107.17
CA GLY D 655 -98.09 44.99 -108.23
C GLY D 655 -98.09 44.31 -109.59
N SER D 656 -96.99 44.40 -110.31
CA SER D 656 -96.90 43.88 -111.66
C SER D 656 -97.07 42.36 -111.67
N THR D 657 -97.83 41.86 -112.64
CA THR D 657 -98.01 40.42 -112.79
C THR D 657 -96.71 39.72 -113.19
N GLN D 658 -95.91 40.36 -114.05
CA GLN D 658 -94.59 39.89 -114.44
C GLN D 658 -94.62 38.56 -115.19
N TYR D 659 -95.78 38.19 -115.75
CA TYR D 659 -95.94 36.93 -116.48
C TYR D 659 -95.46 35.75 -115.63
N GLY D 660 -96.17 35.52 -114.52
CA GLY D 660 -95.70 34.60 -113.50
C GLY D 660 -95.51 33.17 -113.95
N LYS D 661 -96.10 32.77 -115.08
CA LYS D 661 -95.92 31.42 -115.59
C LYS D 661 -94.74 31.39 -116.55
N TRP D 662 -93.86 30.40 -116.38
CA TRP D 662 -92.65 30.28 -117.17
C TRP D 662 -92.41 28.82 -117.52
N TYR D 663 -91.59 28.61 -118.55
CA TYR D 663 -91.39 27.27 -119.09
C TYR D 663 -90.04 27.23 -119.80
N PHE D 664 -89.26 26.18 -119.54
CA PHE D 664 -87.93 26.05 -120.13
C PHE D 664 -87.57 24.57 -120.22
N GLU D 665 -86.55 24.28 -121.02
CA GLU D 665 -86.14 22.91 -121.30
C GLU D 665 -84.63 22.75 -121.16
N VAL D 666 -84.21 21.51 -120.91
CA VAL D 666 -82.79 21.18 -120.80
C VAL D 666 -82.53 19.89 -121.58
N MET D 667 -81.39 19.86 -122.25
CA MET D 667 -80.90 18.68 -122.95
C MET D 667 -79.72 18.11 -122.19
N VAL D 668 -79.76 16.81 -121.91
CA VAL D 668 -78.69 16.14 -121.19
C VAL D 668 -78.37 14.81 -121.86
N ASP D 669 -77.08 14.56 -122.09
CA ASP D 669 -76.58 13.26 -122.54
C ASP D 669 -75.41 12.87 -121.63
N GLU D 670 -75.73 12.26 -120.50
CA GLU D 670 -74.73 11.94 -119.50
C GLU D 670 -73.87 10.78 -119.98
N VAL D 671 -72.57 10.83 -119.67
CA VAL D 671 -71.62 9.88 -120.20
C VAL D 671 -71.21 8.81 -119.19
N VAL D 672 -71.00 9.17 -117.92
CA VAL D 672 -70.46 8.24 -116.94
C VAL D 672 -71.55 7.84 -115.94
N PRO D 673 -72.16 6.66 -116.09
CA PRO D 673 -73.26 6.30 -115.19
C PRO D 673 -72.81 6.04 -113.77
N PHE D 674 -71.59 5.53 -113.57
CA PHE D 674 -71.11 5.21 -112.23
C PHE D 674 -69.70 5.75 -112.06
N LEU D 675 -69.43 6.31 -110.88
CA LEU D 675 -68.15 6.90 -110.55
C LEU D 675 -67.44 5.98 -109.54
N THR D 676 -66.26 6.41 -109.09
CA THR D 676 -65.46 5.58 -108.19
C THR D 676 -66.19 5.29 -106.89
N ALA D 677 -66.87 6.29 -106.32
CA ALA D 677 -67.45 6.15 -105.00
C ALA D 677 -68.97 6.22 -104.97
N GLN D 678 -69.56 7.25 -105.59
CA GLN D 678 -70.99 7.46 -105.49
C GLN D 678 -71.57 7.69 -106.88
N ALA D 679 -72.88 7.51 -106.99
CA ALA D 679 -73.57 7.74 -108.24
C ALA D 679 -73.60 9.22 -108.59
N THR D 680 -73.69 9.50 -109.88
CA THR D 680 -73.73 10.88 -110.35
C THR D 680 -75.01 11.56 -109.90
N HIS D 681 -74.90 12.83 -109.49
CA HIS D 681 -76.03 13.61 -108.99
C HIS D 681 -76.31 14.73 -110.00
N LEU D 682 -77.53 14.73 -110.53
CA LEU D 682 -77.96 15.72 -111.52
C LEU D 682 -79.40 16.11 -111.25
N ARG D 683 -79.62 17.37 -110.89
CA ARG D 683 -80.95 17.86 -110.56
C ARG D 683 -81.20 19.20 -111.24
N VAL D 684 -82.46 19.41 -111.63
CA VAL D 684 -82.93 20.69 -112.16
C VAL D 684 -84.12 21.13 -111.32
N GLY D 685 -84.16 22.42 -111.00
CA GLY D 685 -85.25 22.89 -110.16
C GLY D 685 -85.23 24.40 -109.99
N TRP D 686 -85.93 24.84 -108.96
CA TRP D 686 -86.07 26.26 -108.64
C TRP D 686 -85.66 26.49 -107.19
N ALA D 687 -85.62 27.77 -106.80
CA ALA D 687 -85.28 28.14 -105.44
C ALA D 687 -86.05 29.41 -105.08
N LEU D 688 -85.89 29.84 -103.82
CA LEU D 688 -86.61 31.00 -103.30
C LEU D 688 -85.69 32.19 -103.03
N THR D 689 -84.38 32.04 -103.25
CA THR D 689 -83.37 33.09 -103.15
C THR D 689 -83.09 33.44 -101.70
N GLU D 690 -83.87 32.86 -100.78
CA GLU D 690 -83.58 33.05 -99.36
C GLU D 690 -82.38 32.22 -98.92
N GLY D 691 -82.31 30.96 -99.35
CA GLY D 691 -81.22 30.08 -98.99
C GLY D 691 -80.35 29.71 -100.17
N TYR D 692 -79.11 30.21 -100.18
CA TYR D 692 -78.21 29.95 -101.29
C TYR D 692 -77.57 28.58 -101.17
N SER D 693 -76.84 28.36 -100.08
CA SER D 693 -76.11 27.12 -99.83
C SER D 693 -75.28 26.60 -101.02
N PRO D 694 -74.34 27.40 -101.51
CA PRO D 694 -73.38 26.88 -102.51
C PRO D 694 -72.20 26.12 -101.90
N TYR D 695 -72.13 26.02 -100.58
CA TYR D 695 -70.93 25.57 -99.90
C TYR D 695 -70.59 24.13 -100.29
N PRO D 696 -69.37 23.85 -100.73
CA PRO D 696 -69.02 22.48 -101.14
C PRO D 696 -68.87 21.51 -99.98
N GLY D 697 -68.99 21.97 -98.74
CA GLY D 697 -68.90 21.11 -97.57
C GLY D 697 -70.22 20.42 -97.28
N GLY D 698 -70.37 20.01 -96.02
CA GLY D 698 -71.57 19.33 -95.58
C GLY D 698 -72.45 20.25 -94.75
N GLY D 699 -73.72 20.36 -95.15
CA GLY D 699 -74.67 21.16 -94.41
C GLY D 699 -75.86 20.36 -93.90
N GLU D 700 -76.22 19.31 -94.63
CA GLU D 700 -77.32 18.45 -94.24
C GLU D 700 -76.78 17.28 -93.43
N GLY D 701 -77.60 16.24 -93.23
CA GLY D 701 -77.17 15.12 -92.41
C GLY D 701 -75.96 14.40 -92.97
N TRP D 702 -75.94 14.17 -94.28
CA TRP D 702 -74.83 13.45 -94.93
C TRP D 702 -74.39 14.22 -96.15
N GLY D 703 -73.17 14.76 -96.11
CA GLY D 703 -72.61 15.40 -97.28
C GLY D 703 -73.31 16.70 -97.63
N GLY D 704 -73.16 17.09 -98.89
CA GLY D 704 -73.81 18.29 -99.40
C GLY D 704 -74.44 18.01 -100.74
N ASN D 705 -75.63 18.58 -100.95
CA ASN D 705 -76.36 18.40 -102.19
C ASN D 705 -76.90 19.75 -102.63
N GLY D 706 -77.16 19.88 -103.94
CA GLY D 706 -77.59 21.13 -104.50
C GLY D 706 -79.04 21.47 -104.27
N VAL D 707 -79.95 20.65 -104.78
CA VAL D 707 -81.38 20.93 -104.75
C VAL D 707 -82.09 19.84 -103.98
N GLY D 708 -82.99 20.25 -103.08
CA GLY D 708 -83.81 19.34 -102.32
C GLY D 708 -83.50 19.29 -100.83
N ASP D 709 -82.31 19.72 -100.42
CA ASP D 709 -81.96 19.69 -99.01
C ASP D 709 -82.77 20.70 -98.22
N ASP D 710 -82.83 21.94 -98.69
CA ASP D 710 -83.53 22.99 -97.99
C ASP D 710 -84.98 23.08 -98.45
N LEU D 711 -85.82 23.65 -97.58
CA LEU D 711 -87.22 23.87 -97.94
C LEU D 711 -87.38 24.88 -99.05
N TYR D 712 -86.37 25.73 -99.28
CA TYR D 712 -86.47 26.73 -100.33
C TYR D 712 -86.25 26.14 -101.71
N SER D 713 -85.70 24.93 -101.80
CA SER D 713 -85.41 24.29 -103.07
C SER D 713 -86.34 23.11 -103.30
N TYR D 714 -86.61 22.83 -104.58
CA TYR D 714 -87.48 21.73 -104.98
C TYR D 714 -86.85 21.01 -106.15
N GLY D 715 -86.71 19.69 -106.04
CA GLY D 715 -85.98 18.93 -107.04
C GLY D 715 -86.81 17.81 -107.64
N PHE D 716 -86.24 17.19 -108.67
CA PHE D 716 -86.89 16.11 -109.40
C PHE D 716 -85.80 15.26 -110.04
N ASP D 717 -85.68 14.00 -109.59
CA ASP D 717 -84.63 13.12 -110.06
C ASP D 717 -85.08 12.19 -111.18
N GLY D 718 -86.31 12.33 -111.66
CA GLY D 718 -86.89 11.38 -112.58
C GLY D 718 -87.53 10.18 -111.88
N LEU D 719 -87.09 9.89 -110.66
CA LEU D 719 -87.70 8.86 -109.82
C LEU D 719 -88.29 9.41 -108.54
N HIS D 720 -87.68 10.44 -107.95
CA HIS D 720 -88.08 10.95 -106.66
C HIS D 720 -88.11 12.47 -106.68
N LEU D 721 -89.09 13.04 -106.00
CA LEU D 721 -89.11 14.46 -105.69
C LEU D 721 -88.41 14.70 -104.36
N TRP D 722 -87.55 15.72 -104.31
CA TRP D 722 -86.87 16.11 -103.09
C TRP D 722 -87.31 17.50 -102.66
N THR D 723 -87.78 17.60 -101.42
CA THR D 723 -88.04 18.87 -100.76
C THR D 723 -87.92 18.65 -99.26
N GLY D 724 -87.15 19.51 -98.60
CA GLY D 724 -86.88 19.29 -97.18
C GLY D 724 -86.09 18.03 -96.91
N HIS D 725 -85.20 17.65 -97.84
CA HIS D 725 -84.31 16.50 -97.68
C HIS D 725 -85.10 15.22 -97.43
N VAL D 726 -85.91 14.82 -98.41
CA VAL D 726 -86.65 13.57 -98.38
C VAL D 726 -86.90 13.13 -99.82
N ALA D 727 -86.99 11.82 -100.01
CA ALA D 727 -87.15 11.22 -101.34
C ALA D 727 -88.57 10.68 -101.44
N ARG D 728 -89.41 11.34 -102.25
CA ARG D 728 -90.75 10.79 -102.45
C ARG D 728 -90.87 10.25 -103.86
N PRO D 729 -91.07 8.94 -104.03
CA PRO D 729 -91.06 8.36 -105.37
C PRO D 729 -92.30 8.72 -106.18
N VAL D 730 -92.15 8.64 -107.49
CA VAL D 730 -93.24 8.93 -108.43
C VAL D 730 -93.40 7.74 -109.38
N THR D 731 -94.56 7.68 -110.02
CA THR D 731 -94.90 6.64 -110.98
C THR D 731 -95.10 7.28 -112.35
N SER D 732 -94.38 6.78 -113.34
CA SER D 732 -94.46 7.28 -114.70
C SER D 732 -94.02 6.18 -115.65
N PRO D 733 -94.59 6.11 -116.85
CA PRO D 733 -94.12 5.12 -117.83
C PRO D 733 -92.65 5.33 -118.17
N GLY D 734 -91.94 4.22 -118.32
CA GLY D 734 -90.51 4.27 -118.57
C GLY D 734 -89.73 4.78 -117.38
N GLN D 735 -89.72 4.01 -116.30
CA GLN D 735 -89.04 4.40 -115.08
C GLN D 735 -87.54 4.15 -115.22
N HIS D 736 -86.77 5.23 -115.31
CA HIS D 736 -85.32 5.12 -115.38
C HIS D 736 -84.73 6.45 -114.93
N LEU D 737 -83.45 6.41 -114.57
CA LEU D 737 -82.74 7.61 -114.16
C LEU D 737 -82.50 8.51 -115.37
N LEU D 738 -81.81 9.62 -115.14
CA LEU D 738 -81.51 10.56 -116.21
C LEU D 738 -80.61 9.88 -117.24
N ALA D 739 -81.17 9.64 -118.42
CA ALA D 739 -80.46 8.94 -119.49
C ALA D 739 -80.16 9.91 -120.63
N PRO D 740 -79.19 9.60 -121.48
CA PRO D 740 -78.86 10.51 -122.59
C PRO D 740 -80.06 10.75 -123.50
N GLU D 741 -80.14 11.96 -124.03
CA GLU D 741 -81.18 12.39 -124.97
C GLU D 741 -82.57 12.29 -124.33
N ASP D 742 -82.73 13.02 -123.24
CA ASP D 742 -84.01 13.17 -122.54
C ASP D 742 -84.32 14.64 -122.36
N VAL D 743 -85.61 14.97 -122.36
CA VAL D 743 -86.06 16.33 -122.13
C VAL D 743 -86.92 16.37 -120.87
N VAL D 744 -86.68 17.37 -120.03
CA VAL D 744 -87.53 17.66 -118.88
C VAL D 744 -87.79 19.15 -118.85
N SER D 745 -89.03 19.53 -118.58
CA SER D 745 -89.44 20.93 -118.60
C SER D 745 -90.16 21.26 -117.30
N CYS D 746 -89.94 22.47 -116.81
CA CYS D 746 -90.54 22.93 -115.55
C CYS D 746 -91.57 24.00 -115.83
N CYS D 747 -92.74 23.86 -115.21
CA CYS D 747 -93.78 24.87 -115.29
C CYS D 747 -94.16 25.33 -113.89
N LEU D 748 -94.28 26.65 -113.72
CA LEU D 748 -94.52 27.26 -112.42
C LEU D 748 -95.71 28.21 -112.54
N ASP D 749 -96.82 27.84 -111.90
CA ASP D 749 -98.04 28.62 -111.92
C ASP D 749 -98.30 29.24 -110.56
N LEU D 750 -98.77 30.49 -110.56
CA LEU D 750 -99.08 31.22 -109.34
C LEU D 750 -100.56 31.52 -109.14
N SER D 751 -101.40 31.33 -110.15
CA SER D 751 -102.84 31.44 -109.92
C SER D 751 -103.29 30.45 -108.86
N VAL D 752 -102.81 29.21 -108.96
CA VAL D 752 -102.74 28.29 -107.83
C VAL D 752 -101.25 28.00 -107.65
N PRO D 753 -100.72 27.99 -106.43
CA PRO D 753 -99.28 27.85 -106.27
C PRO D 753 -98.78 26.45 -106.61
N SER D 754 -98.53 26.20 -107.89
CA SER D 754 -98.16 24.87 -108.36
C SER D 754 -96.85 24.90 -109.13
N ILE D 755 -96.09 23.82 -109.00
CA ILE D 755 -94.87 23.61 -109.78
C ILE D 755 -94.91 22.17 -110.28
N SER D 756 -94.79 21.99 -111.60
CA SER D 756 -94.86 20.66 -112.19
C SER D 756 -93.71 20.43 -113.15
N PHE D 757 -93.38 19.16 -113.34
CA PHE D 757 -92.30 18.72 -114.20
C PHE D 757 -92.88 17.86 -115.31
N ARG D 758 -92.27 17.93 -116.50
CA ARG D 758 -92.81 17.22 -117.65
C ARG D 758 -91.69 16.53 -118.42
N ILE D 759 -91.82 15.22 -118.62
CA ILE D 759 -90.90 14.44 -119.43
C ILE D 759 -91.71 13.66 -120.45
N ASN D 760 -91.96 14.29 -121.61
CA ASN D 760 -92.33 13.63 -122.87
C ASN D 760 -93.72 13.01 -122.95
N GLY D 761 -94.45 12.92 -121.84
CA GLY D 761 -95.70 12.17 -121.93
C GLY D 761 -96.97 12.82 -121.41
N CYS D 762 -96.83 13.72 -120.43
CA CYS D 762 -97.90 14.27 -119.60
C CYS D 762 -98.72 13.23 -118.83
N PRO D 763 -98.13 12.16 -118.23
CA PRO D 763 -98.89 11.37 -117.25
C PRO D 763 -98.55 11.68 -115.80
N VAL D 764 -97.54 12.52 -115.57
CA VAL D 764 -96.98 12.68 -114.23
C VAL D 764 -98.00 13.36 -113.32
N GLN D 765 -98.18 12.78 -112.13
CA GLN D 765 -99.13 13.27 -111.15
C GLN D 765 -98.47 14.00 -109.98
N GLY D 766 -97.14 14.07 -109.94
CA GLY D 766 -96.44 14.72 -108.87
C GLY D 766 -96.34 16.21 -109.11
N VAL D 767 -96.91 17.00 -108.20
CA VAL D 767 -96.91 18.45 -108.32
C VAL D 767 -96.66 19.06 -106.95
N PHE D 768 -95.86 20.13 -106.92
CA PHE D 768 -95.60 20.86 -105.69
C PHE D 768 -96.68 21.92 -105.46
N GLU D 769 -97.13 22.02 -104.22
CA GLU D 769 -98.21 22.94 -103.88
C GLU D 769 -97.90 23.67 -102.59
N ALA D 770 -98.56 24.84 -102.43
CA ALA D 770 -98.53 25.61 -101.19
C ALA D 770 -97.11 26.02 -100.78
N PHE D 771 -96.29 26.41 -101.75
CA PHE D 771 -94.96 26.91 -101.42
C PHE D 771 -95.00 28.41 -101.20
N ASN D 772 -94.14 28.89 -100.30
CA ASN D 772 -94.10 30.31 -99.99
C ASN D 772 -93.54 31.08 -101.18
N LEU D 773 -94.02 32.31 -101.35
CA LEU D 773 -93.73 33.11 -102.54
C LEU D 773 -92.99 34.40 -102.23
N ASP D 774 -92.59 34.63 -100.99
CA ASP D 774 -91.94 35.87 -100.59
C ASP D 774 -90.47 35.89 -100.98
N GLY D 775 -90.20 35.69 -102.28
CA GLY D 775 -88.83 35.66 -102.76
C GLY D 775 -88.79 35.59 -104.27
N LEU D 776 -87.57 35.53 -104.79
CA LEU D 776 -87.34 35.47 -106.23
C LEU D 776 -87.11 34.02 -106.66
N PHE D 777 -87.79 33.60 -107.73
CA PHE D 777 -87.72 32.24 -108.23
C PHE D 777 -86.84 32.21 -109.48
N PHE D 778 -85.89 31.29 -109.52
CA PHE D 778 -84.99 31.15 -110.65
C PHE D 778 -84.74 29.69 -110.93
N PRO D 779 -84.47 29.32 -112.18
CA PRO D 779 -84.02 27.96 -112.48
C PRO D 779 -82.58 27.74 -112.03
N VAL D 780 -82.27 26.49 -111.71
CA VAL D 780 -80.94 26.12 -111.22
C VAL D 780 -80.70 24.66 -111.54
N VAL D 781 -79.45 24.32 -111.84
CA VAL D 781 -79.05 22.96 -112.17
C VAL D 781 -77.87 22.57 -111.31
N SER D 782 -78.03 21.55 -110.47
CA SER D 782 -76.98 21.06 -109.59
C SER D 782 -76.41 19.76 -110.15
N PHE D 783 -75.10 19.74 -110.38
CA PHE D 783 -74.46 18.61 -111.02
C PHE D 783 -73.19 18.22 -110.24
N SER D 784 -72.88 16.94 -110.27
CA SER D 784 -71.64 16.41 -109.73
C SER D 784 -70.58 16.37 -110.83
N ALA D 785 -69.48 15.67 -110.57
CA ALA D 785 -68.40 15.57 -111.54
C ALA D 785 -68.83 14.72 -112.74
N GLY D 786 -68.19 14.97 -113.87
CA GLY D 786 -68.47 14.23 -115.09
C GLY D 786 -69.85 14.45 -115.67
N VAL D 787 -70.31 15.69 -115.72
CA VAL D 787 -71.65 16.03 -116.19
C VAL D 787 -71.54 17.09 -117.28
N LYS D 788 -72.24 16.88 -118.39
CA LYS D 788 -72.41 17.87 -119.43
C LYS D 788 -73.90 18.10 -119.64
N VAL D 789 -74.34 19.34 -119.48
CA VAL D 789 -75.76 19.68 -119.54
C VAL D 789 -75.93 20.82 -120.54
N ARG D 790 -77.11 20.89 -121.14
CA ARG D 790 -77.44 21.93 -122.12
C ARG D 790 -78.74 22.60 -121.69
N PHE D 791 -78.79 23.92 -121.81
CA PHE D 791 -79.89 24.73 -121.29
C PHE D 791 -80.55 25.48 -122.44
N LEU D 792 -81.87 25.50 -122.47
CA LEU D 792 -82.61 26.20 -123.52
C LEU D 792 -83.59 27.18 -122.88
N LEU D 793 -83.65 28.39 -123.43
CA LEU D 793 -84.53 29.43 -122.92
C LEU D 793 -85.59 29.89 -123.91
N GLY D 794 -85.28 29.93 -125.19
CA GLY D 794 -86.23 30.36 -126.18
C GLY D 794 -85.54 31.09 -127.31
N GLY D 795 -86.02 32.31 -127.59
CA GLY D 795 -85.53 33.08 -128.72
C GLY D 795 -84.05 33.40 -128.66
N ARG D 796 -83.46 33.49 -127.47
CA ARG D 796 -82.04 33.79 -127.34
C ARG D 796 -81.20 32.69 -127.98
N HIS D 797 -81.23 31.48 -127.39
CA HIS D 797 -80.49 30.36 -127.95
C HIS D 797 -81.23 29.03 -127.80
N GLY D 798 -82.47 29.04 -127.31
CA GLY D 798 -83.15 27.79 -126.97
C GLY D 798 -84.17 27.34 -127.99
N GLU D 799 -83.82 26.31 -128.76
CA GLU D 799 -84.74 25.71 -129.71
C GLU D 799 -85.64 24.72 -128.97
N PHE D 800 -86.88 25.13 -128.72
CA PHE D 800 -87.82 24.32 -127.94
C PHE D 800 -88.25 23.12 -128.78
N LYS D 801 -87.84 21.93 -128.38
CA LYS D 801 -88.20 20.74 -129.14
C LYS D 801 -89.66 20.35 -128.92
N PHE D 802 -90.26 20.80 -127.82
CA PHE D 802 -91.64 20.48 -127.50
C PHE D 802 -92.42 21.76 -127.27
N LEU D 803 -93.65 21.78 -127.79
CA LEU D 803 -94.49 22.97 -127.65
C LEU D 803 -94.93 23.13 -126.19
N PRO D 804 -94.79 24.34 -125.65
CA PRO D 804 -95.23 24.59 -124.27
C PRO D 804 -96.75 24.59 -124.20
N PRO D 805 -97.31 24.43 -123.01
CA PRO D 805 -98.77 24.55 -122.85
C PRO D 805 -99.22 25.95 -123.22
N PRO D 806 -100.50 26.13 -123.56
CA PRO D 806 -100.93 27.37 -124.20
C PRO D 806 -100.61 28.62 -123.38
N GLY D 807 -100.07 29.62 -124.06
CA GLY D 807 -99.85 30.93 -123.47
C GLY D 807 -98.90 30.96 -122.30
N TYR D 808 -97.81 30.20 -122.36
CA TYR D 808 -96.84 30.13 -121.28
C TYR D 808 -95.47 30.60 -121.75
N ALA D 809 -94.60 30.85 -120.77
CA ALA D 809 -93.24 31.30 -121.00
C ALA D 809 -93.12 32.56 -121.88
N PRO D 810 -93.79 33.66 -121.51
CA PRO D 810 -93.53 34.93 -122.20
C PRO D 810 -92.39 35.69 -121.54
N CYS D 811 -91.30 35.92 -122.27
CA CYS D 811 -90.10 36.53 -121.72
C CYS D 811 -89.77 37.88 -122.33
N HIS D 812 -90.74 38.54 -122.97
CA HIS D 812 -90.46 39.84 -123.57
C HIS D 812 -90.43 40.96 -122.54
N GLU D 813 -91.23 40.84 -121.48
CA GLU D 813 -91.46 41.98 -120.60
C GLU D 813 -90.35 42.15 -119.56
N ALA D 814 -90.17 41.16 -118.68
CA ALA D 814 -89.41 41.39 -117.45
C ALA D 814 -88.34 40.33 -117.24
N VAL D 815 -87.56 40.02 -118.27
CA VAL D 815 -86.32 39.27 -118.09
C VAL D 815 -85.21 39.99 -118.87
N LEU D 816 -84.07 40.14 -118.21
CA LEU D 816 -82.88 40.81 -118.73
C LEU D 816 -83.23 42.16 -119.37
N PRO D 817 -83.83 43.10 -118.61
CA PRO D 817 -84.09 44.43 -119.19
C PRO D 817 -82.81 45.20 -119.39
N ARG D 818 -81.80 44.87 -118.59
CA ARG D 818 -80.46 45.43 -118.73
C ARG D 818 -79.37 44.37 -118.66
N GLU D 819 -79.64 43.22 -118.05
CA GLU D 819 -78.62 42.18 -117.91
C GLU D 819 -78.35 41.52 -119.25
N ARG D 820 -77.21 40.80 -119.31
CA ARG D 820 -76.75 40.17 -120.52
C ARG D 820 -77.11 38.68 -120.62
N LEU D 821 -77.86 38.15 -119.64
CA LEU D 821 -78.30 36.76 -119.64
C LEU D 821 -77.12 35.79 -119.73
N ARG D 822 -76.29 35.82 -118.68
CA ARG D 822 -75.10 34.98 -118.60
C ARG D 822 -75.23 34.00 -117.44
N LEU D 823 -74.52 32.88 -117.55
CA LEU D 823 -74.53 31.87 -116.49
C LEU D 823 -73.49 32.20 -115.44
N GLU D 824 -73.90 32.19 -114.17
CA GLU D 824 -73.02 32.53 -113.08
C GLU D 824 -73.20 31.54 -111.93
N PRO D 825 -72.11 31.22 -111.21
CA PRO D 825 -72.26 30.47 -109.96
C PRO D 825 -72.94 31.33 -108.90
N ILE D 826 -73.64 30.68 -107.99
CA ILE D 826 -74.43 31.38 -106.98
C ILE D 826 -73.60 31.56 -105.72
N LYS D 827 -73.45 32.81 -105.28
CA LYS D 827 -72.85 33.15 -103.99
C LYS D 827 -71.47 32.52 -103.82
N GLU D 828 -70.67 32.53 -104.88
CA GLU D 828 -69.33 31.97 -104.82
C GLU D 828 -68.40 32.96 -104.13
N TYR D 829 -67.76 32.52 -103.04
CA TYR D 829 -66.88 33.43 -102.29
C TYR D 829 -65.55 33.64 -102.99
N ARG D 830 -65.15 32.74 -103.87
CA ARG D 830 -63.89 32.86 -104.59
C ARG D 830 -64.11 32.57 -106.07
N ARG D 831 -63.19 33.09 -106.89
CA ARG D 831 -63.23 32.86 -108.33
C ARG D 831 -61.81 32.71 -108.85
N GLU D 832 -61.70 32.06 -110.01
CA GLU D 832 -60.39 31.91 -110.65
C GLU D 832 -60.03 33.18 -111.41
N GLY D 833 -58.80 33.65 -111.19
CA GLY D 833 -58.34 34.86 -111.84
C GLY D 833 -57.21 34.60 -112.80
N PRO D 834 -56.75 35.65 -113.49
CA PRO D 834 -55.61 35.47 -114.41
C PRO D 834 -54.36 34.99 -113.71
N ARG D 835 -54.14 35.40 -112.47
CA ARG D 835 -53.00 34.95 -111.68
C ARG D 835 -53.44 34.78 -110.23
N GLY D 836 -53.59 33.53 -109.80
CA GLY D 836 -54.04 33.23 -108.46
C GLY D 836 -55.54 33.39 -108.33
N PRO D 837 -56.06 33.16 -107.12
CA PRO D 837 -57.50 33.30 -106.88
C PRO D 837 -57.90 34.72 -106.55
N HIS D 838 -59.18 35.02 -106.73
CA HIS D 838 -59.76 36.32 -106.41
C HIS D 838 -60.90 36.09 -105.42
N LEU D 839 -60.77 36.64 -104.22
CA LEU D 839 -61.81 36.51 -103.20
C LEU D 839 -62.78 37.67 -103.34
N VAL D 840 -64.07 37.33 -103.44
CA VAL D 840 -65.11 38.33 -103.64
C VAL D 840 -66.00 38.38 -102.40
N GLY D 841 -66.56 39.56 -102.15
CA GLY D 841 -67.44 39.76 -101.03
C GLY D 841 -68.84 39.24 -101.32
N PRO D 842 -69.75 39.44 -100.38
CA PRO D 842 -71.13 38.99 -100.60
C PRO D 842 -71.78 39.70 -101.78
N SER D 843 -72.64 38.98 -102.48
CA SER D 843 -73.32 39.54 -103.64
C SER D 843 -74.30 40.63 -103.20
N ARG D 844 -74.55 41.58 -104.10
CA ARG D 844 -75.46 42.67 -103.81
C ARG D 844 -76.89 42.15 -103.65
N CYS D 845 -77.55 42.59 -102.58
CA CYS D 845 -78.91 42.17 -102.28
C CYS D 845 -79.89 43.24 -102.75
N LEU D 846 -80.79 42.86 -103.65
CA LEU D 846 -81.76 43.80 -104.20
C LEU D 846 -82.90 43.00 -104.83
N SER D 847 -83.83 43.72 -105.46
CA SER D 847 -84.96 43.13 -106.19
C SER D 847 -85.86 42.29 -105.28
N HIS D 848 -85.85 42.60 -103.98
CA HIS D 848 -86.76 41.91 -103.06
C HIS D 848 -88.20 42.34 -103.30
N THR D 849 -88.44 43.66 -103.37
CA THR D 849 -89.76 44.20 -103.65
C THR D 849 -89.66 45.41 -104.57
N ASP D 850 -88.54 45.56 -105.27
CA ASP D 850 -88.34 46.75 -106.09
C ASP D 850 -89.25 46.77 -107.31
N PHE D 851 -89.82 45.63 -107.69
CA PHE D 851 -90.65 45.57 -108.89
C PHE D 851 -91.98 46.28 -108.71
N VAL D 852 -92.44 46.48 -107.48
CA VAL D 852 -93.70 47.17 -107.23
C VAL D 852 -93.46 48.67 -107.19
N PRO D 853 -94.08 49.45 -108.09
CA PRO D 853 -93.86 50.89 -108.07
C PRO D 853 -94.87 51.63 -107.19
N CYS D 854 -94.39 52.59 -106.42
CA CYS D 854 -95.23 53.38 -105.53
C CYS D 854 -94.95 54.86 -105.75
N PRO D 855 -95.67 55.52 -106.67
CA PRO D 855 -95.43 56.93 -106.92
C PRO D 855 -96.03 57.80 -105.83
N VAL D 856 -95.63 59.08 -105.85
CA VAL D 856 -96.19 60.05 -104.92
C VAL D 856 -97.63 60.35 -105.32
N ASP D 857 -98.53 60.35 -104.34
CA ASP D 857 -99.96 60.54 -104.59
C ASP D 857 -100.38 61.91 -104.08
N THR D 858 -100.85 62.76 -105.00
CA THR D 858 -101.33 64.10 -104.65
C THR D 858 -102.56 64.47 -105.47
N VAL D 859 -103.42 63.51 -105.78
CA VAL D 859 -104.52 63.74 -106.72
C VAL D 859 -105.50 64.81 -106.22
N GLN D 860 -105.81 64.82 -104.92
CA GLN D 860 -106.77 65.76 -104.37
C GLN D 860 -106.34 66.38 -103.05
N ILE D 861 -105.16 66.03 -102.53
CA ILE D 861 -104.75 66.59 -101.24
C ILE D 861 -104.44 68.07 -101.35
N VAL D 862 -103.86 68.51 -102.47
CA VAL D 862 -103.48 69.91 -102.67
C VAL D 862 -104.04 70.40 -104.00
N LEU D 863 -104.23 71.71 -104.09
CA LEU D 863 -104.63 72.39 -105.30
C LEU D 863 -103.70 73.59 -105.51
N PRO D 864 -103.44 73.98 -106.76
CA PRO D 864 -102.47 75.05 -107.01
C PRO D 864 -102.99 76.39 -106.53
N PRO D 865 -102.37 76.97 -105.50
CA PRO D 865 -102.81 78.30 -105.04
C PRO D 865 -102.09 79.42 -105.75
N HIS D 866 -102.84 80.31 -106.40
CA HIS D 866 -102.33 81.50 -107.10
C HIS D 866 -101.20 81.17 -108.08
N LEU D 867 -101.18 79.94 -108.60
CA LEU D 867 -100.38 79.62 -109.79
C LEU D 867 -101.23 79.50 -111.05
N GLU D 868 -102.50 79.87 -110.99
CA GLU D 868 -103.34 79.82 -112.19
C GLU D 868 -102.94 80.86 -113.23
N ARG D 869 -102.23 81.92 -112.82
CA ARG D 869 -101.76 82.91 -113.78
C ARG D 869 -100.57 82.40 -114.59
N ILE D 870 -99.60 81.75 -113.94
CA ILE D 870 -98.43 81.26 -114.65
C ILE D 870 -98.76 80.05 -115.53
N ARG D 871 -99.85 79.35 -115.25
CA ARG D 871 -100.22 78.20 -116.05
C ARG D 871 -100.54 78.58 -117.49
N GLU D 872 -100.94 79.84 -117.73
CA GLU D 872 -101.21 80.26 -119.11
C GLU D 872 -99.94 80.27 -119.94
N LYS D 873 -98.88 80.91 -119.45
CA LYS D 873 -97.62 80.89 -120.17
C LYS D 873 -96.99 79.49 -120.18
N LEU D 874 -97.20 78.70 -119.12
CA LEU D 874 -96.73 77.32 -119.16
C LEU D 874 -97.41 76.54 -120.27
N ALA D 875 -98.73 76.71 -120.42
CA ALA D 875 -99.45 76.05 -121.50
C ALA D 875 -98.99 76.54 -122.87
N GLU D 876 -98.76 77.84 -123.02
CA GLU D 876 -98.25 78.36 -124.28
C GLU D 876 -96.90 77.74 -124.63
N ASN D 877 -95.99 77.68 -123.66
CA ASN D 877 -94.67 77.11 -123.91
C ASN D 877 -94.71 75.62 -124.19
N ILE D 878 -95.50 74.85 -123.45
CA ILE D 878 -95.60 73.43 -123.74
C ILE D 878 -96.34 73.15 -125.03
N HIS D 879 -97.21 74.07 -125.48
CA HIS D 879 -97.81 73.94 -126.81
C HIS D 879 -96.78 74.19 -127.90
N GLU D 880 -95.94 75.22 -127.74
CA GLU D 880 -94.95 75.49 -128.78
C GLU D 880 -93.81 74.47 -128.77
N LEU D 881 -93.57 73.81 -127.64
CA LEU D 881 -92.54 72.78 -127.57
C LEU D 881 -92.83 71.58 -128.45
N TRP D 882 -94.11 71.25 -128.66
CA TRP D 882 -94.44 70.14 -129.55
C TRP D 882 -93.97 70.43 -130.98
N ALA D 883 -94.16 71.66 -131.45
CA ALA D 883 -93.65 72.04 -132.76
C ALA D 883 -92.14 72.24 -132.74
N LEU D 884 -91.58 72.64 -131.59
CA LEU D 884 -90.14 72.76 -131.47
C LEU D 884 -89.46 71.41 -131.60
N THR D 885 -90.11 70.35 -131.13
CA THR D 885 -89.60 68.98 -131.24
C THR D 885 -89.89 68.36 -132.60
N ARG D 886 -90.56 69.08 -133.50
CA ARG D 886 -90.87 68.59 -134.84
C ARG D 886 -90.22 69.39 -135.95
N ILE D 887 -89.82 70.64 -135.68
CA ILE D 887 -89.25 71.47 -136.74
C ILE D 887 -87.96 70.88 -137.28
N GLU D 888 -87.09 70.39 -136.41
CA GLU D 888 -85.79 69.87 -136.85
C GLU D 888 -85.96 68.64 -137.74
N GLN D 889 -87.01 67.85 -137.53
CA GLN D 889 -87.27 66.73 -138.42
C GLN D 889 -87.97 67.15 -139.71
N GLY D 890 -88.49 68.37 -139.76
CA GLY D 890 -89.12 68.88 -140.95
C GLY D 890 -90.51 68.36 -141.22
N TRP D 891 -91.28 68.07 -140.19
CA TRP D 891 -92.63 67.57 -140.38
C TRP D 891 -93.57 68.72 -140.77
N THR D 892 -94.60 68.37 -141.53
CA THR D 892 -95.51 69.34 -142.12
C THR D 892 -96.94 69.02 -141.68
N TYR D 893 -97.82 70.02 -141.81
CA TYR D 893 -99.23 69.81 -141.52
C TYR D 893 -99.93 69.20 -142.72
N GLY D 894 -100.77 68.20 -142.46
CA GLY D 894 -101.48 67.52 -143.52
C GLY D 894 -102.79 66.90 -143.05
N PRO D 895 -103.70 66.66 -143.99
CA PRO D 895 -105.01 66.09 -143.61
C PRO D 895 -104.90 64.78 -142.83
N VAL D 896 -103.97 63.90 -143.19
CA VAL D 896 -103.90 62.56 -142.63
C VAL D 896 -102.62 62.44 -141.81
N ARG D 897 -102.69 61.66 -140.72
CA ARG D 897 -101.56 61.49 -139.81
C ARG D 897 -100.72 60.30 -140.26
N ASP D 898 -99.46 60.57 -140.60
CA ASP D 898 -98.52 59.51 -140.96
C ASP D 898 -97.11 59.98 -140.61
N ASP D 899 -96.32 59.06 -140.05
CA ASP D 899 -94.95 59.39 -139.69
C ASP D 899 -94.07 59.52 -140.93
N ASN D 900 -94.20 58.59 -141.88
CA ASN D 900 -93.36 58.63 -143.07
C ASN D 900 -93.78 59.73 -144.03
N LYS D 901 -95.09 59.99 -144.13
CA LYS D 901 -95.59 60.99 -145.05
C LYS D 901 -95.29 62.41 -144.60
N ARG D 902 -94.86 62.59 -143.36
CA ARG D 902 -94.47 63.88 -142.79
C ARG D 902 -95.62 64.89 -142.80
N LEU D 903 -96.86 64.42 -142.79
CA LEU D 903 -98.04 65.28 -142.69
C LEU D 903 -98.72 65.06 -141.36
N HIS D 904 -99.06 66.14 -140.68
CA HIS D 904 -99.51 66.06 -139.30
C HIS D 904 -100.48 67.20 -138.98
N PRO D 905 -101.78 66.91 -138.89
CA PRO D 905 -102.76 67.99 -138.68
C PRO D 905 -102.77 68.57 -137.27
N CYS D 906 -102.27 67.84 -136.27
CA CYS D 906 -102.33 68.32 -134.90
C CYS D 906 -101.48 69.57 -134.67
N LEU D 907 -100.51 69.84 -135.54
CA LEU D 907 -99.77 71.08 -135.45
C LEU D 907 -100.66 72.23 -135.93
N VAL D 908 -101.13 73.04 -134.98
CA VAL D 908 -102.10 74.10 -135.26
C VAL D 908 -101.62 75.37 -134.58
N ASN D 909 -102.17 76.50 -135.03
CA ASN D 909 -101.83 77.79 -134.45
C ASN D 909 -102.33 77.88 -133.02
N PHE D 910 -101.49 78.44 -132.14
CA PHE D 910 -101.87 78.59 -130.74
C PHE D 910 -102.99 79.58 -130.54
N HIS D 911 -103.16 80.54 -131.45
CA HIS D 911 -104.21 81.54 -131.31
C HIS D 911 -105.60 80.93 -131.48
N SER D 912 -105.71 79.89 -132.32
CA SER D 912 -106.97 79.19 -132.54
C SER D 912 -106.71 77.70 -132.38
N LEU D 913 -107.02 77.15 -131.21
CA LEU D 913 -106.71 75.77 -130.90
C LEU D 913 -107.97 74.93 -130.87
N PRO D 914 -107.99 73.80 -131.58
CA PRO D 914 -109.12 72.87 -131.47
C PRO D 914 -109.20 72.26 -130.08
N GLU D 915 -110.44 71.91 -129.71
CA GLU D 915 -110.76 71.42 -128.37
C GLU D 915 -109.95 70.19 -127.95
N PRO D 916 -109.85 69.12 -128.78
CA PRO D 916 -109.20 67.89 -128.30
C PRO D 916 -107.75 68.07 -127.90
N GLU D 917 -106.91 68.57 -128.81
CA GLU D 917 -105.49 68.71 -128.51
C GLU D 917 -105.24 69.75 -127.43
N ARG D 918 -106.00 70.85 -127.45
CA ARG D 918 -105.83 71.88 -126.43
C ARG D 918 -106.16 71.34 -125.05
N ASN D 919 -107.26 70.59 -124.93
CA ASN D 919 -107.59 69.98 -123.65
C ASN D 919 -106.58 68.93 -123.24
N TYR D 920 -106.07 68.14 -124.21
CA TYR D 920 -105.07 67.13 -123.90
C TYR D 920 -103.79 67.75 -123.35
N ASN D 921 -103.37 68.88 -123.91
CA ASN D 921 -102.20 69.57 -123.39
C ASN D 921 -102.48 70.29 -122.06
N LEU D 922 -103.66 70.88 -121.92
CA LEU D 922 -104.00 71.56 -120.66
C LEU D 922 -104.06 70.58 -119.50
N GLN D 923 -104.62 69.38 -119.72
CA GLN D 923 -104.68 68.39 -118.65
C GLN D 923 -103.29 67.90 -118.23
N MET D 924 -102.37 67.70 -119.16
CA MET D 924 -101.02 67.29 -118.78
C MET D 924 -100.30 68.43 -118.07
N SER D 925 -100.53 69.68 -118.50
CA SER D 925 -99.96 70.81 -117.77
C SER D 925 -100.47 70.87 -116.33
N GLY D 926 -101.79 70.70 -116.15
CA GLY D 926 -102.34 70.71 -114.81
C GLY D 926 -101.84 69.57 -113.95
N GLU D 927 -101.70 68.38 -114.55
CA GLU D 927 -101.16 67.24 -113.83
C GLU D 927 -99.71 67.47 -113.43
N THR D 928 -98.90 68.07 -114.31
CA THR D 928 -97.53 68.40 -113.96
C THR D 928 -97.44 69.46 -112.86
N LEU D 929 -98.40 70.39 -112.82
CA LEU D 929 -98.41 71.36 -111.73
C LEU D 929 -98.50 70.66 -110.36
N LYS D 930 -99.38 69.68 -110.25
CA LYS D 930 -99.56 69.00 -108.97
C LYS D 930 -98.30 68.26 -108.54
N THR D 931 -97.61 67.60 -109.48
CA THR D 931 -96.41 66.86 -109.12
C THR D 931 -95.21 67.78 -108.90
N LEU D 932 -95.21 68.99 -109.48
CA LEU D 932 -94.11 69.90 -109.20
C LEU D 932 -94.32 70.70 -107.92
N LEU D 933 -95.57 70.89 -107.48
CA LEU D 933 -95.81 71.42 -106.15
C LEU D 933 -95.53 70.40 -105.04
N ALA D 934 -95.30 69.15 -105.38
CA ALA D 934 -95.10 68.11 -104.37
C ALA D 934 -93.67 68.17 -103.84
N LEU D 935 -93.29 67.19 -103.02
CA LEU D 935 -91.95 67.06 -102.46
C LEU D 935 -91.58 68.27 -101.59
N GLY D 936 -92.58 68.88 -100.96
CA GLY D 936 -92.34 70.03 -100.11
C GLY D 936 -91.73 71.21 -100.85
N CYS D 937 -92.27 71.51 -102.03
CA CYS D 937 -91.71 72.57 -102.86
C CYS D 937 -91.89 73.93 -102.20
N HIS D 938 -90.88 74.78 -102.33
CA HIS D 938 -90.91 76.15 -101.84
C HIS D 938 -91.16 77.07 -103.03
N VAL D 939 -92.25 77.84 -102.97
CA VAL D 939 -92.64 78.74 -104.05
C VAL D 939 -92.48 80.18 -103.58
N GLY D 940 -91.83 81.00 -104.40
CA GLY D 940 -91.62 82.39 -104.08
C GLY D 940 -91.16 83.19 -105.29
N MET D 941 -91.43 84.50 -105.27
CA MET D 941 -91.11 85.38 -106.39
C MET D 941 -90.30 86.56 -105.89
N ALA D 942 -89.11 86.75 -106.47
CA ALA D 942 -88.28 87.92 -106.19
C ALA D 942 -87.77 88.54 -107.48
N ASP D 943 -88.54 88.45 -108.55
CA ASP D 943 -88.12 88.85 -109.89
C ASP D 943 -89.34 89.33 -110.68
N GLU D 944 -89.24 89.30 -112.01
CA GLU D 944 -90.24 89.70 -113.00
C GLU D 944 -90.22 91.21 -113.19
N LYS D 945 -89.39 91.94 -112.44
CA LYS D 945 -89.15 93.34 -112.78
C LYS D 945 -88.42 93.46 -114.11
N ALA D 946 -87.69 92.41 -114.50
CA ALA D 946 -86.96 92.38 -115.77
C ALA D 946 -87.27 91.15 -116.61
N GLU D 947 -88.23 90.33 -116.20
CA GLU D 947 -88.61 89.14 -116.95
C GLU D 947 -89.87 89.33 -117.79
N ASP D 948 -90.43 90.55 -117.82
CA ASP D 948 -91.61 90.78 -118.63
C ASP D 948 -91.32 90.64 -120.12
N ASN D 949 -90.15 91.08 -120.57
CA ASN D 949 -89.80 90.99 -121.97
C ASN D 949 -89.53 89.54 -122.38
N LEU D 950 -90.10 89.15 -123.52
CA LEU D 950 -89.92 87.82 -124.07
C LEU D 950 -89.02 87.93 -125.29
N LYS D 951 -87.75 87.52 -125.13
CA LYS D 951 -86.75 87.64 -126.18
C LYS D 951 -86.85 86.42 -127.09
N LYS D 952 -87.28 86.65 -128.34
CA LYS D 952 -87.46 85.59 -129.32
C LYS D 952 -86.37 85.71 -130.38
N THR D 953 -85.54 84.68 -130.49
CA THR D 953 -84.47 84.70 -131.49
C THR D 953 -85.06 84.58 -132.89
N LYS D 954 -84.52 85.39 -133.81
CA LYS D 954 -85.03 85.41 -135.18
C LYS D 954 -84.78 84.07 -135.85
N LEU D 955 -85.80 83.56 -136.55
CA LEU D 955 -85.72 82.25 -137.20
C LEU D 955 -85.76 82.44 -138.71
N PRO D 956 -84.73 82.01 -139.43
CA PRO D 956 -84.74 82.18 -140.90
C PRO D 956 -85.86 81.40 -141.56
N LYS D 957 -86.29 81.92 -142.72
CA LYS D 957 -87.42 81.34 -143.43
C LYS D 957 -87.12 79.95 -143.98
N THR D 958 -85.83 79.57 -144.05
CA THR D 958 -85.49 78.25 -144.55
C THR D 958 -86.07 77.13 -143.71
N TYR D 959 -86.34 77.38 -142.42
CA TYR D 959 -87.08 76.44 -141.59
C TYR D 959 -88.54 76.83 -141.42
N MET D 960 -88.87 78.11 -141.61
CA MET D 960 -90.26 78.57 -141.61
C MET D 960 -91.04 78.00 -142.78
N MET D 961 -90.37 77.54 -143.83
CA MET D 961 -91.08 76.93 -144.96
C MET D 961 -91.82 75.68 -144.50
N SER D 962 -93.04 75.52 -144.99
CA SER D 962 -93.91 74.38 -144.71
C SER D 962 -94.11 74.12 -143.22
N ASN D 963 -93.96 75.15 -142.38
CA ASN D 963 -94.10 74.94 -140.94
C ASN D 963 -95.47 75.37 -140.45
N GLY D 964 -95.90 76.58 -140.81
CA GLY D 964 -97.16 77.11 -140.33
C GLY D 964 -97.12 77.78 -138.98
N TYR D 965 -95.96 77.78 -138.32
CA TYR D 965 -95.78 78.47 -137.05
C TYR D 965 -94.31 78.84 -136.91
N LYS D 966 -94.04 79.87 -136.10
CA LYS D 966 -92.70 80.42 -135.94
C LYS D 966 -92.36 80.46 -134.45
N PRO D 967 -92.09 79.31 -133.84
CA PRO D 967 -91.67 79.29 -132.43
C PRO D 967 -90.16 79.28 -132.27
N ALA D 968 -89.68 80.02 -131.28
CA ALA D 968 -88.26 80.04 -130.98
C ALA D 968 -88.05 79.90 -129.48
N PRO D 969 -87.02 79.18 -129.06
CA PRO D 969 -86.76 79.03 -127.62
C PRO D 969 -86.36 80.35 -126.98
N LEU D 970 -86.73 80.49 -125.70
CA LEU D 970 -86.38 81.69 -124.95
C LEU D 970 -84.91 81.65 -124.53
N ASP D 971 -84.29 82.82 -124.45
CA ASP D 971 -82.89 82.94 -124.05
C ASP D 971 -82.80 83.01 -122.53
N LEU D 972 -83.09 81.87 -121.90
CA LEU D 972 -83.06 81.74 -120.46
C LEU D 972 -82.25 80.52 -120.02
N SER D 973 -81.20 80.19 -120.77
CA SER D 973 -80.38 79.05 -120.43
C SER D 973 -79.35 79.36 -119.35
N HIS D 974 -79.18 80.64 -118.99
CA HIS D 974 -78.17 81.00 -117.99
C HIS D 974 -78.62 80.66 -116.58
N VAL D 975 -79.92 80.59 -116.31
CA VAL D 975 -80.42 80.28 -114.98
C VAL D 975 -80.34 78.78 -114.75
N ARG D 976 -79.85 78.38 -113.58
CA ARG D 976 -79.65 76.98 -113.24
C ARG D 976 -80.10 76.72 -111.80
N LEU D 977 -80.66 75.54 -111.58
CA LEU D 977 -81.04 75.07 -110.25
C LEU D 977 -80.42 73.70 -109.99
N THR D 978 -80.85 73.07 -108.89
CA THR D 978 -80.35 71.76 -108.54
C THR D 978 -80.83 70.72 -109.55
N PRO D 979 -79.96 69.83 -110.02
CA PRO D 979 -80.38 68.86 -111.03
C PRO D 979 -81.19 67.71 -110.46
N ALA D 980 -80.89 67.31 -109.22
CA ALA D 980 -81.55 66.16 -108.62
C ALA D 980 -83.04 66.40 -108.38
N GLN D 981 -83.42 67.62 -108.00
CA GLN D 981 -84.82 67.93 -107.79
C GLN D 981 -85.62 67.76 -109.08
N THR D 982 -85.08 68.22 -110.20
CA THR D 982 -85.73 67.98 -111.50
C THR D 982 -85.68 66.51 -111.90
N THR D 983 -84.58 65.83 -111.61
CA THR D 983 -84.43 64.42 -111.98
C THR D 983 -85.44 63.53 -111.28
N LEU D 984 -85.74 63.80 -110.00
CA LEU D 984 -86.76 63.03 -109.28
C LEU D 984 -88.14 63.15 -109.91
N VAL D 985 -88.40 64.23 -110.65
CA VAL D 985 -89.71 64.41 -111.26
C VAL D 985 -89.97 63.35 -112.31
N ASP D 986 -88.97 63.01 -113.12
CA ASP D 986 -89.13 61.95 -114.11
C ASP D 986 -89.39 60.61 -113.46
N ARG D 987 -88.66 60.30 -112.39
CA ARG D 987 -88.89 59.04 -111.68
C ARG D 987 -90.28 58.97 -111.08
N LEU D 988 -90.77 60.08 -110.51
CA LEU D 988 -92.13 60.11 -110.00
C LEU D 988 -93.16 59.97 -111.13
N ALA D 989 -92.95 60.64 -112.25
CA ALA D 989 -93.89 60.60 -113.36
C ALA D 989 -93.98 59.22 -113.98
N GLU D 990 -92.84 58.55 -114.15
CA GLU D 990 -92.86 57.21 -114.72
C GLU D 990 -93.63 56.24 -113.83
N ASN D 991 -93.40 56.31 -112.51
CA ASN D 991 -94.14 55.46 -111.59
C ASN D 991 -95.63 55.80 -111.58
N GLY D 992 -95.97 57.08 -111.64
CA GLY D 992 -97.38 57.44 -111.71
C GLY D 992 -98.06 56.94 -112.96
N HIS D 993 -97.36 57.02 -114.10
CA HIS D 993 -97.91 56.49 -115.34
C HIS D 993 -98.07 54.97 -115.27
N ASN D 994 -97.07 54.28 -114.70
CA ASN D 994 -97.15 52.83 -114.59
C ASN D 994 -98.26 52.40 -113.63
N VAL D 995 -98.58 53.23 -112.63
CA VAL D 995 -99.66 52.90 -111.71
C VAL D 995 -100.98 52.77 -112.46
N TRP D 996 -101.26 53.71 -113.36
CA TRP D 996 -102.46 53.61 -114.17
C TRP D 996 -102.32 52.55 -115.27
N ALA D 997 -101.11 52.39 -115.81
CA ALA D 997 -100.86 51.41 -116.86
C ALA D 997 -101.03 49.98 -116.39
N ARG D 998 -100.87 49.72 -115.09
CA ARG D 998 -101.03 48.36 -114.58
C ARG D 998 -102.44 47.83 -114.81
N ASP D 999 -103.44 48.72 -114.83
CA ASP D 999 -104.82 48.28 -115.04
C ASP D 999 -105.08 47.90 -116.49
N ARG D 1000 -104.59 48.70 -117.43
CA ARG D 1000 -104.89 48.51 -118.85
C ARG D 1000 -103.65 48.16 -119.68
N VAL D 1001 -102.60 48.98 -119.61
CA VAL D 1001 -101.43 48.75 -120.46
C VAL D 1001 -100.71 47.48 -120.06
N ALA D 1002 -100.53 47.23 -118.75
CA ALA D 1002 -99.93 45.97 -118.32
C ALA D 1002 -100.88 44.81 -118.53
N GLN D 1003 -102.19 45.06 -118.51
CA GLN D 1003 -103.14 44.01 -118.86
C GLN D 1003 -102.96 43.57 -120.31
N GLY D 1004 -102.74 44.51 -121.22
CA GLY D 1004 -102.41 44.17 -122.59
C GLY D 1004 -101.07 43.48 -122.69
N TRP D 1005 -100.00 44.20 -122.38
CA TRP D 1005 -98.61 43.74 -122.30
C TRP D 1005 -98.09 43.21 -123.63
N SER D 1006 -98.81 43.39 -124.73
CA SER D 1006 -98.39 42.92 -126.05
C SER D 1006 -99.18 43.69 -127.09
N TYR D 1007 -98.99 43.33 -128.36
CA TYR D 1007 -99.75 43.96 -129.43
C TYR D 1007 -101.24 43.65 -129.31
N SER D 1008 -101.57 42.40 -128.98
CA SER D 1008 -102.95 41.98 -128.80
C SER D 1008 -103.05 41.18 -127.52
N VAL D 1022 -90.18 48.86 -117.85
CA VAL D 1022 -89.89 48.37 -116.50
C VAL D 1022 -90.83 49.04 -115.51
N PRO D 1023 -91.36 48.31 -114.52
CA PRO D 1023 -92.33 48.92 -113.60
C PRO D 1023 -91.70 49.93 -112.65
N TYR D 1024 -90.53 49.59 -112.11
CA TYR D 1024 -89.85 50.49 -111.18
C TYR D 1024 -89.21 51.68 -111.89
N ARG D 1025 -88.95 51.56 -113.19
CA ARG D 1025 -88.34 52.61 -114.02
C ARG D 1025 -86.95 53.00 -113.55
N LEU D 1026 -86.29 52.15 -112.78
CA LEU D 1026 -84.93 52.44 -112.31
C LEU D 1026 -83.86 51.74 -113.13
N LEU D 1027 -84.18 50.58 -113.73
CA LEU D 1027 -83.20 49.86 -114.52
C LEU D 1027 -82.95 50.51 -115.87
N ASP D 1028 -83.96 51.16 -116.44
CA ASP D 1028 -83.83 51.78 -117.75
C ASP D 1028 -82.88 52.97 -117.69
N GLU D 1029 -82.07 53.12 -118.74
CA GLU D 1029 -81.04 54.14 -118.80
C GLU D 1029 -81.12 55.01 -120.05
N ALA D 1030 -81.51 54.43 -121.19
CA ALA D 1030 -81.59 55.19 -122.44
C ALA D 1030 -82.94 55.85 -122.63
N THR D 1031 -84.03 55.10 -122.46
CA THR D 1031 -85.36 55.69 -122.53
C THR D 1031 -85.56 56.71 -121.41
N LYS D 1032 -84.98 56.47 -120.23
CA LYS D 1032 -85.02 57.46 -119.16
C LYS D 1032 -84.31 58.75 -119.59
N ARG D 1033 -83.15 58.61 -120.24
CA ARG D 1033 -82.43 59.79 -120.72
C ARG D 1033 -83.26 60.54 -121.77
N SER D 1034 -83.91 59.80 -122.67
CA SER D 1034 -84.74 60.45 -123.68
C SER D 1034 -85.94 61.17 -123.06
N ASN D 1035 -86.56 60.56 -122.05
CA ASN D 1035 -87.74 61.16 -121.42
C ASN D 1035 -87.38 62.33 -120.52
N ARG D 1036 -86.17 62.31 -119.95
CA ARG D 1036 -85.77 63.36 -119.01
C ARG D 1036 -85.71 64.73 -119.68
N ASP D 1037 -85.18 64.80 -120.91
CA ASP D 1037 -84.98 66.08 -121.58
C ASP D 1037 -86.29 66.82 -121.81
N SER D 1038 -87.39 66.09 -122.03
CA SER D 1038 -88.67 66.74 -122.33
C SER D 1038 -89.10 67.64 -121.18
N LEU D 1039 -88.98 67.16 -119.94
CA LEU D 1039 -89.34 67.98 -118.79
C LEU D 1039 -88.19 68.87 -118.34
N CYS D 1040 -86.95 68.48 -118.63
CA CYS D 1040 -85.80 69.33 -118.32
C CYS D 1040 -85.82 70.64 -119.09
N GLN D 1041 -86.23 70.60 -120.36
CA GLN D 1041 -86.40 71.83 -121.12
C GLN D 1041 -87.66 72.58 -120.72
N ALA D 1042 -88.70 71.86 -120.30
CA ALA D 1042 -89.91 72.51 -119.83
C ALA D 1042 -89.70 73.32 -118.55
N VAL D 1043 -88.90 72.79 -117.62
CA VAL D 1043 -88.62 73.52 -116.38
C VAL D 1043 -87.63 74.66 -116.63
N ARG D 1044 -87.02 74.71 -117.81
CA ARG D 1044 -86.04 75.74 -118.15
C ARG D 1044 -86.69 77.11 -118.36
N THR D 1045 -88.01 77.19 -118.36
CA THR D 1045 -88.69 78.48 -118.38
C THR D 1045 -89.30 78.85 -117.04
N LEU D 1046 -89.54 77.86 -116.17
CA LEU D 1046 -90.10 78.14 -114.86
C LEU D 1046 -89.06 78.30 -113.76
N LEU D 1047 -87.84 77.79 -113.95
CA LEU D 1047 -86.86 77.87 -112.87
C LEU D 1047 -86.42 79.30 -112.60
N GLY D 1048 -86.49 80.18 -113.60
CA GLY D 1048 -86.06 81.55 -113.45
C GLY D 1048 -86.92 82.41 -112.56
N TYR D 1049 -88.18 82.00 -112.32
CA TYR D 1049 -89.10 82.76 -111.50
C TYR D 1049 -88.78 82.69 -110.01
N GLY D 1050 -87.63 82.14 -109.63
CA GLY D 1050 -87.25 82.05 -108.23
C GLY D 1050 -87.86 80.89 -107.49
N TYR D 1051 -88.61 80.02 -108.16
CA TYR D 1051 -89.22 78.87 -107.52
C TYR D 1051 -88.14 77.83 -107.23
N ASN D 1052 -87.77 77.70 -105.96
CA ASN D 1052 -86.71 76.77 -105.54
C ASN D 1052 -87.36 75.60 -104.82
N ILE D 1053 -87.35 74.44 -105.45
CA ILE D 1053 -87.94 73.22 -104.90
C ILE D 1053 -86.85 72.43 -104.18
N GLU D 1054 -87.17 71.92 -102.99
CA GLU D 1054 -86.23 71.16 -102.20
C GLU D 1054 -86.40 69.66 -102.43
N ASP D 1070 -75.68 43.02 -96.81
CA ASP D 1070 -75.50 41.92 -95.88
C ASP D 1070 -74.22 42.11 -95.08
N ARG D 1071 -73.84 41.09 -94.31
CA ARG D 1071 -72.66 41.15 -93.48
C ARG D 1071 -71.40 41.10 -94.34
N VAL D 1072 -70.28 41.54 -93.76
CA VAL D 1072 -69.00 41.57 -94.44
C VAL D 1072 -68.27 40.26 -94.17
N ARG D 1073 -67.58 39.76 -95.20
CA ARG D 1073 -66.83 38.52 -95.07
C ARG D 1073 -65.44 38.77 -94.51
N ILE D 1074 -64.94 37.81 -93.73
CA ILE D 1074 -63.64 37.92 -93.09
C ILE D 1074 -62.81 36.70 -93.47
N PHE D 1075 -61.57 36.92 -93.88
CA PHE D 1075 -60.63 35.86 -94.19
C PHE D 1075 -59.41 36.01 -93.30
N ARG D 1076 -58.84 34.90 -92.83
CA ARG D 1076 -57.68 34.98 -91.97
C ARG D 1076 -56.88 33.69 -92.07
N ALA D 1077 -55.60 33.80 -91.72
CA ALA D 1077 -54.71 32.64 -91.76
C ALA D 1077 -55.11 31.64 -90.67
N GLU D 1078 -54.38 30.54 -90.58
CA GLU D 1078 -54.65 29.53 -89.56
C GLU D 1078 -54.12 29.96 -88.21
N LYS D 1079 -54.60 29.27 -87.16
CA LYS D 1079 -54.05 29.45 -85.83
C LYS D 1079 -52.78 28.61 -85.62
N SER D 1080 -52.47 27.70 -86.53
CA SER D 1080 -51.24 26.92 -86.44
C SER D 1080 -50.05 27.62 -87.07
N TYR D 1081 -50.27 28.74 -87.77
CA TYR D 1081 -49.20 29.51 -88.39
C TYR D 1081 -48.92 30.81 -87.65
N THR D 1082 -49.35 30.91 -86.39
CA THR D 1082 -49.09 32.12 -85.62
C THR D 1082 -47.59 32.29 -85.40
N VAL D 1083 -47.15 33.54 -85.43
CA VAL D 1083 -45.74 33.89 -85.28
C VAL D 1083 -45.54 34.64 -83.98
N GLN D 1084 -44.48 34.29 -83.26
CA GLN D 1084 -44.13 34.96 -82.00
C GLN D 1084 -42.76 35.62 -82.06
N SER D 1085 -42.06 35.52 -83.19
CA SER D 1085 -40.77 36.17 -83.36
C SER D 1085 -40.49 36.31 -84.85
N GLY D 1086 -39.56 37.20 -85.16
CA GLY D 1086 -39.15 37.42 -86.55
C GLY D 1086 -39.95 38.52 -87.20
N ARG D 1087 -39.60 38.77 -88.48
CA ARG D 1087 -40.21 39.82 -89.28
C ARG D 1087 -40.88 39.19 -90.49
N TRP D 1088 -42.10 39.66 -90.79
CA TRP D 1088 -42.91 39.06 -91.84
C TRP D 1088 -43.65 40.15 -92.61
N TYR D 1089 -43.74 39.95 -93.92
CA TYR D 1089 -44.40 40.91 -94.81
C TYR D 1089 -45.23 40.16 -95.84
N PHE D 1090 -46.41 40.71 -96.14
CA PHE D 1090 -47.30 40.13 -97.14
C PHE D 1090 -47.96 41.26 -97.93
N GLU D 1091 -48.54 40.91 -99.08
CA GLU D 1091 -49.09 41.92 -99.97
C GLU D 1091 -50.54 41.62 -100.33
N PHE D 1092 -51.26 42.64 -100.76
CA PHE D 1092 -52.67 42.54 -101.10
C PHE D 1092 -52.96 43.48 -102.25
N GLU D 1093 -53.94 43.12 -103.07
CA GLU D 1093 -54.34 43.92 -104.22
C GLU D 1093 -55.86 44.01 -104.25
N ALA D 1094 -56.39 45.19 -104.56
CA ALA D 1094 -57.83 45.43 -104.59
C ALA D 1094 -58.24 45.74 -106.02
N VAL D 1095 -59.00 44.84 -106.64
CA VAL D 1095 -59.51 45.12 -107.98
C VAL D 1095 -60.57 46.22 -107.93
N THR D 1096 -61.42 46.18 -106.91
CA THR D 1096 -62.42 47.21 -106.67
C THR D 1096 -62.03 47.99 -105.43
N THR D 1097 -62.29 49.30 -105.45
CA THR D 1097 -61.88 50.20 -104.37
C THR D 1097 -63.06 50.60 -103.48
N GLY D 1098 -64.10 49.77 -103.41
CA GLY D 1098 -65.28 50.12 -102.67
C GLY D 1098 -65.10 50.20 -101.16
N GLU D 1099 -64.93 49.05 -100.51
CA GLU D 1099 -64.80 49.01 -99.06
C GLU D 1099 -64.16 47.69 -98.64
N MET D 1100 -62.98 47.77 -98.02
CA MET D 1100 -62.30 46.58 -97.53
C MET D 1100 -61.20 47.00 -96.57
N ARG D 1101 -60.76 46.06 -95.74
CA ARG D 1101 -59.80 46.32 -94.67
C ARG D 1101 -58.72 45.25 -94.67
N VAL D 1102 -57.50 45.63 -94.32
CA VAL D 1102 -56.37 44.70 -94.34
C VAL D 1102 -55.54 44.90 -93.07
N GLY D 1103 -55.07 43.80 -92.48
CA GLY D 1103 -54.19 43.94 -91.35
C GLY D 1103 -53.85 42.62 -90.68
N TRP D 1104 -53.49 42.72 -89.40
CA TRP D 1104 -53.16 41.58 -88.57
C TRP D 1104 -54.14 41.48 -87.42
N ALA D 1105 -54.17 40.32 -86.77
CA ALA D 1105 -55.11 40.09 -85.68
C ALA D 1105 -54.50 39.09 -84.69
N ARG D 1106 -55.08 39.07 -83.50
CA ARG D 1106 -54.72 38.07 -82.51
C ARG D 1106 -55.30 36.72 -82.93
N PRO D 1107 -54.72 35.61 -82.43
CA PRO D 1107 -55.30 34.29 -82.75
C PRO D 1107 -56.74 34.16 -82.28
N GLU D 1108 -57.10 34.77 -81.15
CA GLU D 1108 -58.45 34.70 -80.62
C GLU D 1108 -59.27 35.84 -81.23
N LEU D 1109 -59.71 35.62 -82.46
CA LEU D 1109 -60.54 36.58 -83.20
C LEU D 1109 -61.91 35.96 -83.43
N ARG D 1110 -62.95 36.73 -83.17
CA ARG D 1110 -64.30 36.20 -83.31
C ARG D 1110 -65.03 36.84 -84.48
N PRO D 1111 -65.96 36.10 -85.10
CA PRO D 1111 -66.74 36.68 -86.20
C PRO D 1111 -67.82 37.63 -85.69
N ASP D 1112 -68.71 38.05 -86.59
CA ASP D 1112 -69.88 38.89 -86.35
C ASP D 1112 -69.54 40.23 -85.69
N VAL D 1113 -68.27 40.62 -85.67
CA VAL D 1113 -67.84 41.90 -85.15
C VAL D 1113 -66.99 42.60 -86.20
N GLU D 1114 -67.20 43.90 -86.35
CA GLU D 1114 -66.44 44.67 -87.31
C GLU D 1114 -64.96 44.69 -86.92
N LEU D 1115 -64.10 44.56 -87.92
CA LEU D 1115 -62.67 44.53 -87.67
C LEU D 1115 -62.20 45.86 -87.10
N GLY D 1116 -61.55 45.81 -85.95
CA GLY D 1116 -61.06 46.99 -85.28
C GLY D 1116 -61.97 47.54 -84.21
N ALA D 1117 -63.22 47.09 -84.14
CA ALA D 1117 -64.12 47.55 -83.08
C ALA D 1117 -63.60 47.14 -81.71
N ASP D 1118 -63.08 45.92 -81.58
CA ASP D 1118 -62.46 45.47 -80.34
C ASP D 1118 -60.95 45.72 -80.41
N GLU D 1119 -60.24 45.21 -79.41
CA GLU D 1119 -58.79 45.37 -79.32
C GLU D 1119 -58.03 44.19 -79.89
N LEU D 1120 -58.72 43.22 -80.50
CA LEU D 1120 -58.07 41.98 -80.90
C LEU D 1120 -57.38 42.06 -82.25
N ALA D 1121 -57.58 43.14 -83.00
CA ALA D 1121 -57.03 43.24 -84.35
C ALA D 1121 -56.47 44.64 -84.60
N TYR D 1122 -55.43 44.70 -85.42
CA TYR D 1122 -54.89 45.95 -85.95
C TYR D 1122 -55.09 45.94 -87.46
N VAL D 1123 -56.02 46.76 -87.94
CA VAL D 1123 -56.43 46.74 -89.34
C VAL D 1123 -56.45 48.17 -89.86
N PHE D 1124 -56.40 48.30 -91.18
CA PHE D 1124 -56.39 49.60 -91.85
C PHE D 1124 -57.39 49.57 -93.00
N ASN D 1125 -58.02 50.72 -93.22
CA ASN D 1125 -59.00 50.91 -94.29
C ASN D 1125 -58.55 52.07 -95.17
N GLY D 1126 -58.59 51.85 -96.48
CA GLY D 1126 -58.13 52.86 -97.41
C GLY D 1126 -59.23 53.76 -97.95
N HIS D 1127 -60.48 53.29 -97.91
CA HIS D 1127 -61.58 54.07 -98.47
C HIS D 1127 -61.69 55.43 -97.77
N ARG D 1128 -61.53 55.45 -96.45
CA ARG D 1128 -61.40 56.70 -95.71
C ARG D 1128 -59.99 56.91 -95.16
N GLY D 1129 -59.10 55.93 -95.28
CA GLY D 1129 -57.72 56.11 -94.90
C GLY D 1129 -57.48 56.25 -93.41
N GLN D 1130 -57.65 55.16 -92.66
CA GLN D 1130 -57.39 55.23 -91.23
C GLN D 1130 -57.05 53.84 -90.70
N ARG D 1131 -56.33 53.83 -89.59
CA ARG D 1131 -56.13 52.64 -88.78
C ARG D 1131 -57.30 52.47 -87.83
N TRP D 1132 -57.47 51.24 -87.32
CA TRP D 1132 -58.68 50.88 -86.60
C TRP D 1132 -58.36 50.16 -85.29
N HIS D 1133 -57.47 50.72 -84.49
CA HIS D 1133 -57.21 50.19 -83.15
C HIS D 1133 -58.07 50.94 -82.14
N LEU D 1134 -59.22 50.35 -81.80
CA LEU D 1134 -60.12 50.88 -80.78
C LEU D 1134 -60.53 52.33 -81.07
N GLY D 1135 -60.78 52.64 -82.33
CA GLY D 1135 -61.17 53.98 -82.69
C GLY D 1135 -60.79 54.27 -84.13
N SER D 1136 -60.68 55.56 -84.43
CA SER D 1136 -60.37 56.03 -85.78
C SER D 1136 -59.23 57.03 -85.70
N GLU D 1137 -58.13 56.72 -86.38
CA GLU D 1137 -57.00 57.63 -86.53
C GLU D 1137 -56.71 57.81 -88.01
N PRO D 1138 -57.03 58.95 -88.60
CA PRO D 1138 -56.91 59.08 -90.06
C PRO D 1138 -55.50 59.39 -90.54
N PHE D 1139 -55.08 58.74 -91.62
CA PHE D 1139 -53.79 59.00 -92.25
C PHE D 1139 -53.81 58.42 -93.65
N GLY D 1140 -52.89 58.87 -94.47
CA GLY D 1140 -52.73 58.32 -95.80
C GLY D 1140 -53.78 58.79 -96.79
N ARG D 1141 -53.80 58.12 -97.92
CA ARG D 1141 -54.67 58.48 -99.03
C ARG D 1141 -55.43 57.27 -99.54
N PRO D 1142 -56.63 57.48 -100.07
CA PRO D 1142 -57.39 56.35 -100.61
C PRO D 1142 -56.71 55.73 -101.84
N TRP D 1143 -56.93 54.43 -102.02
CA TRP D 1143 -56.37 53.73 -103.16
C TRP D 1143 -57.37 53.69 -104.31
N GLN D 1144 -56.97 53.04 -105.40
CA GLN D 1144 -57.78 52.93 -106.60
C GLN D 1144 -57.58 51.54 -107.17
N SER D 1145 -57.98 51.33 -108.43
CA SER D 1145 -57.73 50.07 -109.09
C SER D 1145 -56.23 49.77 -109.13
N GLY D 1146 -55.88 48.50 -108.98
CA GLY D 1146 -54.49 48.15 -108.74
C GLY D 1146 -54.11 48.62 -107.34
N ASP D 1147 -53.01 49.37 -107.25
CA ASP D 1147 -52.60 50.03 -106.01
C ASP D 1147 -52.42 49.00 -104.89
N VAL D 1148 -51.43 48.12 -105.09
CA VAL D 1148 -51.15 47.07 -104.11
C VAL D 1148 -50.71 47.69 -102.80
N VAL D 1149 -51.07 47.02 -101.70
CA VAL D 1149 -50.74 47.47 -100.35
C VAL D 1149 -50.02 46.33 -99.63
N GLY D 1150 -48.91 46.65 -98.99
CA GLY D 1150 -48.11 45.68 -98.28
C GLY D 1150 -48.12 45.97 -96.79
N CYS D 1151 -48.20 44.89 -96.00
CA CYS D 1151 -48.18 44.99 -94.55
C CYS D 1151 -46.99 44.21 -94.01
N MET D 1152 -46.23 44.83 -93.10
CA MET D 1152 -44.99 44.26 -92.60
C MET D 1152 -44.86 44.54 -91.10
N ILE D 1153 -44.52 43.49 -90.35
CA ILE D 1153 -44.41 43.60 -88.90
C ILE D 1153 -43.18 42.84 -88.43
N ASP D 1154 -42.54 43.39 -87.40
CA ASP D 1154 -41.46 42.72 -86.70
C ASP D 1154 -41.66 42.89 -85.20
N LEU D 1155 -41.30 41.85 -84.45
CA LEU D 1155 -41.57 41.80 -83.01
C LEU D 1155 -40.37 42.18 -82.16
N THR D 1156 -39.29 42.70 -82.75
CA THR D 1156 -38.15 43.14 -81.96
C THR D 1156 -38.32 44.58 -81.51
N GLU D 1157 -38.54 45.50 -82.45
CA GLU D 1157 -38.79 46.90 -82.12
C GLU D 1157 -40.27 47.20 -81.90
N ASN D 1158 -41.15 46.22 -82.09
CA ASN D 1158 -42.58 46.35 -81.79
C ASN D 1158 -43.22 47.45 -82.63
N THR D 1159 -43.08 47.37 -83.96
CA THR D 1159 -43.65 48.34 -84.87
C THR D 1159 -44.35 47.61 -86.01
N ILE D 1160 -45.33 48.29 -86.60
CA ILE D 1160 -46.14 47.76 -87.69
C ILE D 1160 -46.16 48.80 -88.80
N ILE D 1161 -45.85 48.39 -90.03
CA ILE D 1161 -45.68 49.32 -91.14
C ILE D 1161 -46.54 48.89 -92.32
N PHE D 1162 -47.32 49.84 -92.85
CA PHE D 1162 -48.12 49.65 -94.05
C PHE D 1162 -47.57 50.53 -95.16
N THR D 1163 -47.54 50.00 -96.38
CA THR D 1163 -47.00 50.72 -97.53
C THR D 1163 -47.93 50.51 -98.72
N LEU D 1164 -47.91 51.46 -99.65
CA LEU D 1164 -48.64 51.29 -100.91
C LEU D 1164 -47.78 51.81 -102.05
N ASN D 1165 -47.88 51.14 -103.20
CA ASN D 1165 -47.21 51.55 -104.42
C ASN D 1165 -45.72 51.81 -104.22
N GLY D 1166 -45.11 51.09 -103.28
CA GLY D 1166 -43.72 51.33 -102.95
C GLY D 1166 -43.47 52.55 -102.11
N GLU D 1167 -44.50 53.17 -101.56
CA GLU D 1167 -44.38 54.36 -100.74
C GLU D 1167 -44.86 54.06 -99.33
N VAL D 1168 -44.06 54.44 -98.33
CA VAL D 1168 -44.42 54.20 -96.94
C VAL D 1168 -45.47 55.22 -96.52
N LEU D 1169 -46.53 54.74 -95.87
CA LEU D 1169 -47.54 55.64 -95.35
C LEU D 1169 -46.95 56.54 -94.28
N MET D 1170 -47.32 57.82 -94.32
CA MET D 1170 -46.89 58.80 -93.34
C MET D 1170 -48.09 59.30 -92.56
N SER D 1171 -48.00 59.24 -91.23
CA SER D 1171 -49.08 59.71 -90.40
C SER D 1171 -49.11 61.24 -90.39
N ASP D 1172 -50.23 61.79 -89.91
CA ASP D 1172 -50.39 63.24 -89.88
C ASP D 1172 -49.44 63.92 -88.91
N SER D 1173 -48.93 63.20 -87.92
CA SER D 1173 -48.01 63.76 -86.93
C SER D 1173 -46.55 63.57 -87.29
N GLY D 1174 -46.26 63.02 -88.47
CA GLY D 1174 -44.88 62.81 -88.89
C GLY D 1174 -44.33 61.42 -88.62
N SER D 1175 -45.02 60.61 -87.83
CA SER D 1175 -44.57 59.25 -87.59
C SER D 1175 -44.87 58.37 -88.80
N GLU D 1176 -44.15 57.25 -88.89
CA GLU D 1176 -44.33 56.32 -90.00
C GLU D 1176 -45.46 55.33 -89.72
N THR D 1177 -46.62 55.87 -89.32
CA THR D 1177 -47.83 55.11 -89.00
C THR D 1177 -47.52 53.76 -88.33
N ALA D 1178 -46.63 53.81 -87.35
CA ALA D 1178 -46.15 52.62 -86.67
C ALA D 1178 -46.76 52.55 -85.28
N PHE D 1179 -47.52 51.48 -85.03
CA PHE D 1179 -47.98 51.22 -83.67
C PHE D 1179 -46.80 50.92 -82.78
N ARG D 1180 -46.77 51.53 -81.60
CA ARG D 1180 -45.63 51.43 -80.71
C ARG D 1180 -46.01 50.71 -79.44
N GLU D 1181 -45.01 50.11 -78.80
CA GLU D 1181 -45.18 49.36 -77.56
C GLU D 1181 -46.23 48.26 -77.72
N ILE D 1182 -46.14 47.55 -78.85
CA ILE D 1182 -47.07 46.46 -79.11
C ILE D 1182 -46.75 45.27 -78.20
N GLU D 1183 -47.75 44.43 -77.98
CA GLU D 1183 -47.61 43.27 -77.12
C GLU D 1183 -47.53 42.00 -77.95
N ILE D 1184 -46.55 41.15 -77.65
CA ILE D 1184 -46.39 39.90 -78.38
C ILE D 1184 -47.60 39.00 -78.15
N GLY D 1185 -47.97 38.80 -76.88
CA GLY D 1185 -49.16 38.01 -76.57
C GLY D 1185 -49.06 36.61 -77.14
N ASP D 1186 -50.17 36.15 -77.70
CA ASP D 1186 -50.20 34.82 -78.33
C ASP D 1186 -49.49 34.82 -79.67
N GLY D 1187 -49.66 35.87 -80.47
CA GLY D 1187 -49.05 35.94 -81.77
C GLY D 1187 -49.90 36.78 -82.70
N PHE D 1188 -49.53 36.75 -83.98
CA PHE D 1188 -50.23 37.52 -85.00
C PHE D 1188 -50.35 36.70 -86.27
N LEU D 1189 -51.43 36.95 -87.02
CA LEU D 1189 -51.69 36.24 -88.27
C LEU D 1189 -52.41 37.18 -89.22
N PRO D 1190 -52.18 37.06 -90.53
CA PRO D 1190 -52.82 37.97 -91.49
C PRO D 1190 -54.33 37.80 -91.54
N VAL D 1191 -55.03 38.91 -91.79
CA VAL D 1191 -56.48 38.95 -91.84
C VAL D 1191 -56.90 40.06 -92.79
N CYS D 1192 -57.98 39.81 -93.52
CA CYS D 1192 -58.58 40.79 -94.41
C CYS D 1192 -60.10 40.72 -94.30
N SER D 1193 -60.75 41.82 -94.61
CA SER D 1193 -62.20 41.92 -94.56
C SER D 1193 -62.72 42.55 -95.84
N LEU D 1194 -63.75 41.94 -96.41
CA LEU D 1194 -64.33 42.38 -97.67
C LEU D 1194 -65.80 42.70 -97.47
N GLY D 1195 -66.23 43.82 -98.07
CA GLY D 1195 -67.62 44.22 -98.04
C GLY D 1195 -68.37 43.68 -99.24
N PRO D 1196 -69.58 44.20 -99.47
CA PRO D 1196 -70.38 43.73 -100.61
C PRO D 1196 -69.78 44.17 -101.94
N GLY D 1197 -69.69 43.24 -102.87
CA GLY D 1197 -69.23 43.54 -104.22
C GLY D 1197 -67.80 44.05 -104.31
N GLN D 1198 -66.87 43.42 -103.60
CA GLN D 1198 -65.47 43.80 -103.63
C GLN D 1198 -64.62 42.60 -103.98
N VAL D 1199 -63.54 42.84 -104.74
CA VAL D 1199 -62.67 41.79 -105.24
C VAL D 1199 -61.26 42.05 -104.75
N GLY D 1200 -60.67 41.05 -104.11
CA GLY D 1200 -59.32 41.18 -103.58
C GLY D 1200 -58.46 39.98 -103.92
N HIS D 1201 -57.15 40.20 -103.88
CA HIS D 1201 -56.16 39.15 -104.12
C HIS D 1201 -55.07 39.28 -103.07
N LEU D 1202 -54.95 38.27 -102.21
CA LEU D 1202 -54.02 38.28 -101.08
C LEU D 1202 -52.86 37.36 -101.41
N ASN D 1203 -51.64 37.87 -101.30
CA ASN D 1203 -50.43 37.09 -101.59
C ASN D 1203 -49.56 37.03 -100.34
N LEU D 1204 -49.29 35.80 -99.90
CA LEU D 1204 -48.44 35.54 -98.75
C LEU D 1204 -46.99 35.31 -99.13
N GLY D 1205 -46.64 35.57 -100.39
CA GLY D 1205 -45.29 35.35 -100.87
C GLY D 1205 -44.87 33.90 -100.91
N GLN D 1206 -45.76 33.04 -101.40
CA GLN D 1206 -45.43 31.62 -101.54
C GLN D 1206 -44.22 31.44 -102.45
N ASP D 1207 -44.19 32.16 -103.57
CA ASP D 1207 -43.03 32.22 -104.45
C ASP D 1207 -42.52 33.65 -104.50
N VAL D 1208 -41.19 33.80 -104.41
CA VAL D 1208 -40.61 35.13 -104.33
C VAL D 1208 -40.83 35.92 -105.62
N SER D 1209 -40.76 35.25 -106.77
CA SER D 1209 -40.89 35.94 -108.04
C SER D 1209 -42.26 36.56 -108.25
N SER D 1210 -43.30 36.00 -107.63
CA SER D 1210 -44.65 36.54 -107.81
C SER D 1210 -44.86 37.87 -107.10
N LEU D 1211 -43.99 38.20 -106.13
CA LEU D 1211 -44.08 39.48 -105.44
C LEU D 1211 -43.86 40.61 -106.45
N ARG D 1212 -44.72 41.62 -106.40
CA ARG D 1212 -44.71 42.65 -107.44
C ARG D 1212 -43.56 43.62 -107.25
N PHE D 1213 -43.53 44.32 -106.12
CA PHE D 1213 -42.50 45.35 -105.94
C PHE D 1213 -41.28 44.81 -105.19
N PHE D 1214 -41.47 44.45 -103.92
CA PHE D 1214 -40.46 43.81 -103.09
C PHE D 1214 -39.17 44.61 -102.96
N ALA D 1215 -39.17 45.87 -103.39
CA ALA D 1215 -37.98 46.71 -103.35
C ALA D 1215 -37.90 47.61 -102.14
N ILE D 1216 -39.00 47.75 -101.39
CA ILE D 1216 -39.04 48.68 -100.27
C ILE D 1216 -38.64 47.99 -98.97
N CYS D 1217 -38.88 46.67 -98.88
CA CYS D 1217 -38.59 45.95 -97.64
C CYS D 1217 -37.86 44.63 -97.84
N GLY D 1218 -37.62 44.20 -99.08
CA GLY D 1218 -37.00 42.91 -99.31
C GLY D 1218 -35.53 42.98 -99.65
N LEU D 1219 -35.02 44.17 -99.94
CA LEU D 1219 -33.63 44.30 -100.37
C LEU D 1219 -32.68 44.35 -99.18
N GLN D 1220 -32.80 45.37 -98.34
CA GLN D 1220 -31.87 45.62 -97.26
C GLN D 1220 -32.50 45.56 -95.88
N GLU D 1221 -33.83 45.40 -95.80
CA GLU D 1221 -34.51 45.42 -94.52
C GLU D 1221 -34.58 44.05 -93.85
N GLY D 1222 -34.33 42.97 -94.59
CA GLY D 1222 -34.33 41.65 -94.03
C GLY D 1222 -35.70 41.00 -93.87
N PHE D 1223 -36.77 41.73 -94.18
CA PHE D 1223 -38.11 41.17 -94.07
C PHE D 1223 -38.34 40.11 -95.15
N GLU D 1224 -39.05 39.06 -94.77
CA GLU D 1224 -39.28 37.91 -95.63
C GLU D 1224 -40.77 37.64 -95.73
N PRO D 1225 -41.22 37.01 -96.82
CA PRO D 1225 -42.63 36.69 -96.97
C PRO D 1225 -43.11 35.71 -95.90
N PHE D 1226 -44.41 35.78 -95.62
CA PHE D 1226 -44.98 34.96 -94.55
C PHE D 1226 -44.83 33.47 -94.85
N ALA D 1227 -45.12 33.05 -96.07
CA ALA D 1227 -45.05 31.65 -96.47
C ALA D 1227 -43.89 31.49 -97.43
N ILE D 1228 -42.70 31.28 -96.87
CA ILE D 1228 -41.48 31.24 -97.67
C ILE D 1228 -41.03 29.79 -97.86
N ASN D 1229 -41.33 28.93 -96.90
CA ASN D 1229 -40.87 27.55 -96.90
C ASN D 1229 -42.03 26.60 -96.67
N MET D 1230 -43.14 26.81 -97.37
CA MET D 1230 -44.30 25.94 -97.32
C MET D 1230 -44.38 25.10 -98.58
N GLN D 1231 -44.59 23.79 -98.40
CA GLN D 1231 -44.81 22.91 -99.54
C GLN D 1231 -46.22 23.05 -100.11
N ARG D 1232 -47.18 23.47 -99.29
CA ARG D 1232 -48.56 23.64 -99.70
C ARG D 1232 -49.08 24.98 -99.21
N PRO D 1233 -50.08 25.55 -99.90
CA PRO D 1233 -50.58 26.87 -99.51
C PRO D 1233 -51.32 26.84 -98.19
N VAL D 1234 -51.66 28.04 -97.72
CA VAL D 1234 -52.36 28.23 -96.46
C VAL D 1234 -53.86 28.08 -96.67
N THR D 1235 -54.53 27.47 -95.68
CA THR D 1235 -55.95 27.15 -95.82
C THR D 1235 -56.84 28.38 -95.89
N THR D 1236 -56.46 29.47 -95.21
CA THR D 1236 -57.16 30.76 -95.29
C THR D 1236 -58.63 30.62 -94.88
N TRP D 1237 -58.82 30.38 -93.59
CA TRP D 1237 -60.17 30.16 -93.06
C TRP D 1237 -61.01 31.41 -93.23
N PHE D 1238 -62.32 31.22 -93.40
CA PHE D 1238 -63.21 32.35 -93.68
C PHE D 1238 -64.48 32.25 -92.86
N SER D 1239 -65.14 33.40 -92.69
CA SER D 1239 -66.35 33.47 -91.89
C SER D 1239 -67.58 33.22 -92.75
N LYS D 1240 -68.54 32.47 -92.18
CA LYS D 1240 -69.81 32.17 -92.82
C LYS D 1240 -70.95 32.77 -92.00
N SER D 1241 -72.00 33.17 -92.69
CA SER D 1241 -73.17 33.78 -92.08
C SER D 1241 -74.31 32.79 -91.86
N LEU D 1242 -74.06 31.50 -92.03
CA LEU D 1242 -75.10 30.50 -91.81
C LEU D 1242 -75.39 30.38 -90.32
N PRO D 1243 -76.64 30.56 -89.89
CA PRO D 1243 -76.94 30.50 -88.46
C PRO D 1243 -76.88 29.08 -87.94
N GLN D 1244 -76.35 28.92 -86.73
CA GLN D 1244 -76.21 27.61 -86.11
C GLN D 1244 -76.54 27.68 -84.61
N PHE D 1245 -77.02 26.57 -84.08
CA PHE D 1245 -77.30 26.50 -82.65
C PHE D 1245 -76.03 26.17 -81.87
N GLU D 1246 -75.79 26.91 -80.78
CA GLU D 1246 -74.62 26.71 -79.96
C GLU D 1246 -75.01 26.89 -78.50
N PRO D 1247 -74.35 26.21 -77.58
CA PRO D 1247 -74.67 26.37 -76.16
C PRO D 1247 -74.38 27.78 -75.68
N VAL D 1248 -75.19 28.23 -74.73
CA VAL D 1248 -75.03 29.59 -74.20
C VAL D 1248 -73.74 29.66 -73.38
N PRO D 1249 -72.87 30.64 -73.63
CA PRO D 1249 -71.64 30.74 -72.86
C PRO D 1249 -71.92 31.01 -71.39
N PRO D 1250 -71.18 30.37 -70.48
CA PRO D 1250 -71.37 30.66 -69.05
C PRO D 1250 -71.07 32.11 -68.69
N GLU D 1251 -70.08 32.72 -69.35
CA GLU D 1251 -69.70 34.11 -69.07
C GLU D 1251 -70.33 35.01 -70.12
N HIS D 1252 -71.62 35.26 -69.96
CA HIS D 1252 -72.35 36.17 -70.85
C HIS D 1252 -73.02 37.24 -69.99
N PRO D 1253 -72.67 38.52 -70.17
CA PRO D 1253 -73.22 39.56 -69.29
C PRO D 1253 -74.73 39.73 -69.40
N HIS D 1254 -75.34 39.34 -70.51
CA HIS D 1254 -76.76 39.61 -70.73
C HIS D 1254 -77.66 38.48 -70.22
N TYR D 1255 -77.47 37.27 -70.76
CA TYR D 1255 -78.33 36.14 -70.45
C TYR D 1255 -77.59 35.18 -69.53
N GLU D 1256 -78.25 34.80 -68.44
CA GLU D 1256 -77.71 33.86 -67.47
C GLU D 1256 -78.71 32.73 -67.25
N VAL D 1257 -78.23 31.49 -67.31
CA VAL D 1257 -79.06 30.30 -67.13
C VAL D 1257 -78.73 29.68 -65.78
N ALA D 1258 -79.74 29.49 -64.95
CA ALA D 1258 -79.59 28.91 -63.62
C ALA D 1258 -80.39 27.63 -63.53
N ARG D 1259 -79.74 26.56 -63.05
CA ARG D 1259 -80.42 25.29 -62.86
C ARG D 1259 -81.10 25.25 -61.49
N MET D 1260 -82.33 24.76 -61.47
CA MET D 1260 -83.10 24.62 -60.24
C MET D 1260 -83.33 23.15 -59.95
N ASP D 1261 -83.03 22.72 -58.72
CA ASP D 1261 -83.28 21.36 -58.31
C ASP D 1261 -84.76 21.14 -58.07
N GLY D 1262 -85.21 19.89 -58.23
CA GLY D 1262 -86.61 19.56 -58.03
C GLY D 1262 -86.96 19.56 -56.55
N THR D 1263 -87.99 20.32 -56.20
CA THR D 1263 -88.44 20.40 -54.82
C THR D 1263 -89.41 19.26 -54.54
N VAL D 1264 -90.00 19.25 -53.34
CA VAL D 1264 -90.96 18.21 -53.00
C VAL D 1264 -92.20 18.30 -53.88
N ASP D 1265 -92.71 19.52 -54.08
CA ASP D 1265 -93.89 19.74 -54.90
C ASP D 1265 -93.58 20.39 -56.24
N THR D 1266 -92.31 20.67 -56.52
CA THR D 1266 -91.91 21.33 -57.76
C THR D 1266 -90.90 20.48 -58.51
N PRO D 1267 -91.19 20.14 -59.77
CA PRO D 1267 -90.23 19.36 -60.57
C PRO D 1267 -89.03 20.21 -60.95
N PRO D 1268 -87.91 19.58 -61.31
CA PRO D 1268 -86.75 20.37 -61.76
C PRO D 1268 -87.08 21.19 -63.00
N CYS D 1269 -86.53 22.41 -63.03
CA CYS D 1269 -86.86 23.36 -64.09
C CYS D 1269 -85.62 24.19 -64.42
N LEU D 1270 -85.64 24.79 -65.60
CA LEU D 1270 -84.57 25.65 -66.09
C LEU D 1270 -85.12 27.06 -66.24
N ARG D 1271 -84.44 28.03 -65.64
CA ARG D 1271 -84.89 29.42 -65.63
C ARG D 1271 -83.87 30.31 -66.33
N LEU D 1272 -84.38 31.17 -67.20
CA LEU D 1272 -83.56 32.16 -67.90
C LEU D 1272 -83.88 33.55 -67.36
N ALA D 1273 -82.84 34.28 -66.96
CA ALA D 1273 -82.98 35.61 -66.39
C ALA D 1273 -82.14 36.60 -67.17
N HIS D 1274 -82.74 37.73 -67.52
CA HIS D 1274 -82.06 38.81 -68.23
C HIS D 1274 -81.79 39.93 -67.25
N ARG D 1275 -80.52 40.34 -67.14
CA ARG D 1275 -80.13 41.38 -66.22
C ARG D 1275 -79.48 42.56 -66.93
N UNK D 1276 -80.24 43.63 -67.12
CA UNK D 1276 -79.74 44.83 -67.80
C UNK D 1276 -80.56 46.06 -67.46
N UNK D 1277 -79.89 47.13 -67.08
CA UNK D 1277 -80.55 48.39 -66.79
C UNK D 1277 -81.05 49.03 -68.08
N UNK D 1278 -80.19 49.00 -69.10
CA UNK D 1278 -80.54 49.48 -70.43
C UNK D 1278 -80.10 48.46 -71.47
N UNK D 1279 -78.84 48.58 -71.90
CA UNK D 1279 -78.23 47.64 -72.83
C UNK D 1279 -79.05 47.46 -74.11
N UNK D 1280 -79.28 46.20 -74.48
CA UNK D 1280 -80.02 45.88 -75.69
C UNK D 1280 -81.20 44.97 -75.39
N UNK D 1281 -82.23 45.06 -76.24
CA UNK D 1281 -83.41 44.23 -76.08
C UNK D 1281 -83.67 43.42 -77.35
N UNK D 1282 -82.61 42.83 -77.90
CA UNK D 1282 -82.70 42.04 -79.12
C UNK D 1282 -83.49 40.76 -78.86
N UNK D 1283 -84.22 40.30 -79.88
CA UNK D 1283 -85.04 39.10 -79.75
C UNK D 1283 -84.17 37.85 -79.70
N UNK D 1284 -84.07 37.25 -78.51
CA UNK D 1284 -83.30 36.02 -78.34
C UNK D 1284 -83.98 34.89 -79.10
N UNK D 1285 -83.66 34.79 -80.40
CA UNK D 1285 -84.28 33.82 -81.28
C UNK D 1285 -84.04 32.38 -80.82
N UNK D 1286 -85.13 31.69 -80.52
CA UNK D 1286 -85.11 30.27 -80.13
C UNK D 1286 -84.37 30.02 -78.81
N UNK D 1287 -84.52 28.79 -78.31
CA UNK D 1287 -83.87 28.36 -77.10
C UNK D 1287 -83.98 26.84 -76.99
N UNK D 1288 -83.64 26.17 -78.09
CA UNK D 1288 -83.79 24.72 -78.18
C UNK D 1288 -82.96 23.99 -77.13
N UNK D 1289 -83.47 22.85 -76.67
CA UNK D 1289 -82.75 22.03 -75.71
C UNK D 1289 -81.66 21.25 -76.41
N UNK D 1290 -80.78 20.62 -75.63
CA UNK D 1290 -79.62 19.92 -76.18
C UNK D 1290 -80.02 18.68 -76.97
N UNK D 1291 -80.60 17.70 -76.29
CA UNK D 1291 -80.96 16.43 -76.91
C UNK D 1291 -82.16 16.58 -77.83
N UNK D 1292 -82.46 15.52 -78.58
CA UNK D 1292 -83.57 15.54 -79.53
C UNK D 1292 -84.45 14.31 -79.36
N UNK D 1293 -85.71 14.43 -79.78
CA UNK D 1293 -86.66 13.33 -79.67
C UNK D 1293 -87.04 12.81 -81.05
N UNK D 1294 -87.23 11.49 -81.16
CA UNK D 1294 -87.55 10.87 -82.43
C UNK D 1294 -88.76 9.95 -82.32
N UNK D 1295 -89.57 9.91 -83.37
CA UNK D 1295 -90.77 9.08 -83.39
C UNK D 1295 -90.43 7.65 -83.83
N UNK D 1296 -91.29 6.71 -83.47
CA UNK D 1296 -91.09 5.31 -83.80
C UNK D 1296 -91.21 5.07 -85.30
N UNK D 1297 -90.70 3.95 -85.77
CA UNK D 1297 -90.75 3.62 -87.19
C UNK D 1297 -92.15 3.19 -87.59
N UNK D 1298 -99.68 2.52 -86.83
CA UNK D 1298 -98.49 1.86 -86.28
C UNK D 1298 -97.51 2.89 -85.74
N UNK D 1299 -97.53 4.09 -86.31
CA UNK D 1299 -96.65 5.16 -85.88
C UNK D 1299 -97.17 5.81 -84.61
N UNK D 1300 -98.50 5.98 -84.53
CA UNK D 1300 -99.16 6.61 -83.40
C UNK D 1300 -98.61 8.00 -83.13
N UNK D 1301 -98.24 8.70 -84.19
CA UNK D 1301 -97.66 10.03 -84.08
C UNK D 1301 -98.74 11.10 -84.22
N UNK D 1302 -98.82 11.99 -83.24
CA UNK D 1302 -99.78 13.09 -83.26
C UNK D 1302 -99.44 14.13 -82.21
N UNK D 1303 -99.10 15.34 -82.65
CA UNK D 1303 -98.80 16.42 -81.75
C UNK D 1303 -100.09 17.06 -81.25
N UNK D 1304 -100.05 17.66 -80.06
CA UNK D 1304 -101.23 18.28 -79.48
C UNK D 1304 -100.84 19.28 -78.39
N UNK D 1305 -101.13 20.55 -78.64
CA UNK D 1305 -100.84 21.60 -77.68
C UNK D 1305 -101.97 21.69 -76.65
N UNK D 1306 -101.59 21.83 -75.38
CA UNK D 1306 -102.58 21.93 -74.31
C UNK D 1306 -102.16 22.98 -73.28
N UNK D 1307 -103.11 23.80 -72.85
CA UNK D 1307 -102.84 24.86 -71.89
C UNK D 1307 -104.04 25.04 -70.95
N UNK D 1308 -103.76 25.09 -69.65
CA UNK D 1308 -104.78 25.24 -68.63
C UNK D 1308 -105.86 24.15 -68.73
N UNK D 1309 -106.78 24.34 -69.67
CA UNK D 1309 -107.85 23.36 -69.88
C UNK D 1309 -107.57 22.52 -71.12
N UNK D 1310 -107.88 23.07 -72.29
CA UNK D 1310 -107.64 22.38 -73.55
C UNK D 1310 -107.50 23.40 -74.68
N UNK D 1311 -106.89 22.99 -75.79
CA UNK D 1311 -106.68 23.87 -76.92
C UNK D 1311 -106.96 23.16 -78.23
N UNK D 1312 -107.19 23.94 -79.29
CA UNK D 1312 -107.47 23.38 -80.61
C UNK D 1312 -106.53 23.97 -81.66
N UNK D 1313 -105.29 23.50 -81.66
CA UNK D 1313 -104.30 23.97 -82.62
C UNK D 1313 -103.98 22.89 -83.64
N UNK D 1314 -104.87 21.90 -83.74
CA UNK D 1314 -104.73 20.80 -84.69
C UNK D 1314 -103.42 20.03 -84.51
N UNK D 1315 -102.33 20.62 -84.98
CA UNK D 1315 -101.00 19.99 -84.93
C UNK D 1315 -101.02 18.64 -85.63
N UNK D 1316 -100.81 18.67 -86.95
CA UNK D 1316 -100.89 17.48 -87.79
C UNK D 1316 -99.82 16.45 -87.41
N UNK D 1317 -100.02 15.22 -87.89
CA UNK D 1317 -99.08 14.13 -87.63
C UNK D 1317 -97.82 14.29 -88.47
N UNK D 1318 -96.69 13.87 -87.90
CA UNK D 1318 -95.41 13.93 -88.61
C UNK D 1318 -95.21 12.67 -89.43
N UNK D 1319 -94.01 12.48 -89.94
CA UNK D 1319 -93.69 11.30 -90.75
C UNK D 1319 -93.41 10.09 -89.85
N UNK D 1320 -92.49 9.24 -90.29
CA UNK D 1320 -92.15 8.03 -89.54
C UNK D 1320 -90.95 8.28 -88.64
N UNK D 1321 -89.78 8.43 -89.23
CA UNK D 1321 -88.55 8.62 -88.47
C UNK D 1321 -88.23 10.10 -88.28
N UNK D 1322 -89.29 10.91 -88.15
CA UNK D 1322 -89.12 12.34 -87.97
C UNK D 1322 -88.55 12.66 -86.60
N UNK D 1323 -87.56 13.55 -86.56
CA UNK D 1323 -86.93 13.95 -85.30
C UNK D 1323 -87.27 15.40 -84.96
N UNK D 1324 -87.65 15.62 -83.71
CA UNK D 1324 -88.00 16.97 -83.25
C UNK D 1324 -87.39 17.26 -81.89
N UNK D 1325 -87.05 18.52 -81.66
CA UNK D 1325 -86.43 18.93 -80.40
C UNK D 1325 -87.23 20.03 -79.73
N UNK D 1326 -87.26 20.01 -78.39
CA UNK D 1326 -87.99 21.01 -77.63
C UNK D 1326 -87.38 22.39 -77.82
N UNK D 1327 -88.21 23.40 -77.99
CA UNK D 1327 -87.73 24.76 -78.22
C UNK D 1327 -88.74 25.82 -77.75
N UNK D 1328 -88.32 27.08 -77.79
CA UNK D 1328 -89.17 28.20 -77.39
C UNK D 1328 -88.56 29.52 -77.82
N UNK D 1329 -89.13 30.12 -78.87
CA UNK D 1329 -88.62 31.38 -79.39
C UNK D 1329 -89.38 32.56 -78.80
N UNK D 1330 -88.78 33.25 -77.84
CA UNK D 1330 -89.45 34.35 -77.16
C UNK D 1330 -88.63 35.64 -77.18
N UNK D 1331 -89.21 36.73 -76.69
CA UNK D 1331 -88.55 38.01 -76.62
C UNK D 1331 -88.52 38.53 -75.18
N UNK D 1332 -87.48 39.28 -74.83
CA UNK D 1332 -87.31 39.77 -73.47
C UNK D 1332 -88.27 40.90 -73.14
N UNK D 1333 -88.64 41.01 -71.88
CA UNK D 1333 -89.52 42.07 -71.41
C UNK D 1333 -88.83 42.92 -70.36
N UNK D 1334 -87.50 42.97 -70.44
CA UNK D 1334 -86.66 43.76 -69.53
C UNK D 1334 -86.92 43.38 -68.07
N UNK D 1335 -87.24 42.12 -67.82
CA UNK D 1335 -87.51 41.63 -66.48
C UNK D 1335 -86.98 40.22 -66.30
N UNK D 1336 -87.89 39.25 -66.31
CA UNK D 1336 -87.52 37.84 -66.19
C UNK D 1336 -88.12 37.05 -67.34
N UNK D 1337 -87.30 36.25 -68.00
CA UNK D 1337 -87.75 35.48 -69.16
C UNK D 1337 -88.53 34.24 -68.76
N UNK D 1338 -88.82 33.39 -69.74
CA UNK D 1338 -89.59 32.18 -69.50
C UNK D 1338 -88.76 31.15 -68.75
N UNK D 1339 -89.44 30.23 -68.07
CA UNK D 1339 -88.77 29.19 -67.30
C UNK D 1339 -89.29 27.81 -67.70
N UNK D 1340 -88.50 27.08 -68.49
CA UNK D 1340 -88.89 25.74 -68.92
C UNK D 1340 -88.89 24.77 -67.75
N UNK D 1341 -89.94 23.95 -67.66
CA UNK D 1341 -90.06 22.99 -66.58
C UNK D 1341 -90.42 21.61 -67.11
N UNK D 1342 -89.71 20.60 -66.62
CA UNK D 1342 -89.96 19.22 -67.04
C UNK D 1342 -90.74 18.46 -65.98
N UNK D 1343 -91.94 18.02 -66.34
CA UNK D 1343 -92.79 17.29 -65.40
C UNK D 1343 -93.64 16.24 -66.12
N UNK D 1344 -94.63 15.71 -65.41
CA UNK D 1344 -95.50 14.68 -65.96
C UNK D 1344 -96.95 14.90 -65.50
N UNK D 1345 -97.90 14.38 -66.28
CA UNK D 1345 -99.31 14.50 -65.94
C UNK D 1345 -99.79 13.23 -65.24
N UNK D 1346 -101.06 12.88 -65.45
CA UNK D 1346 -101.64 11.69 -64.85
C UNK D 1346 -100.99 10.44 -65.42
N UNK D 1347 -100.79 10.43 -66.73
CA UNK D 1347 -100.15 9.30 -67.41
C UNK D 1347 -99.62 9.74 -68.77
N UNK D 1348 -99.02 10.92 -68.83
CA UNK D 1348 -98.50 11.45 -70.08
C UNK D 1348 -97.27 12.32 -69.83
N UNK D 1349 -96.59 12.70 -70.92
CA UNK D 1349 -95.39 13.51 -70.83
C UNK D 1349 -95.59 14.87 -71.50
N UNK D 1350 -95.08 15.92 -70.87
CA UNK D 1350 -95.21 17.27 -71.39
C UNK D 1350 -94.16 18.20 -70.81
N UNK D 1351 -93.88 19.29 -71.52
CA UNK D 1351 -92.93 20.30 -71.06
C UNK D 1351 -93.66 21.59 -70.72
N UNK D 1352 -93.54 22.04 -69.47
CA UNK D 1352 -94.24 23.23 -69.01
C UNK D 1352 -93.36 24.47 -69.13
N UNK D 1353 -93.99 25.64 -69.06
CA UNK D 1353 -93.29 26.91 -69.12
C UNK D 1353 -94.13 28.02 -68.49
N UNK D 1354 -93.49 29.11 -68.09
CA UNK D 1354 -94.20 30.22 -67.46
C UNK D 1354 -93.75 31.55 -68.04
N UNK D 1355 -94.64 32.20 -68.80
CA UNK D 1355 -94.32 33.46 -69.45
C UNK D 1355 -94.74 34.64 -68.58
N UNK D 1356 -94.54 35.85 -69.11
CA UNK D 1356 -94.89 37.07 -68.39
C UNK D 1356 -95.11 38.23 -69.37
N UNK D 1357 -95.50 37.90 -70.60
CA UNK D 1357 -95.78 38.91 -71.62
C UNK D 1357 -96.96 38.49 -72.48
N UNK D 1358 -96.99 38.99 -73.71
CA UNK D 1358 -98.09 38.68 -74.63
C UNK D 1358 -97.60 37.86 -75.82
N UNK D 1359 -96.66 38.40 -76.57
CA UNK D 1359 -96.13 37.74 -77.76
C UNK D 1359 -94.86 36.96 -77.45
N UNK D 1360 -94.99 35.63 -77.33
CA UNK D 1360 -93.86 34.76 -77.03
C UNK D 1360 -94.19 33.32 -77.39
N UNK D 1361 -94.09 32.97 -78.67
CA UNK D 1361 -94.39 31.63 -79.14
C UNK D 1361 -93.46 30.60 -78.51
N UNK D 1362 -93.95 29.38 -78.33
CA UNK D 1362 -93.16 28.33 -77.70
C UNK D 1362 -93.68 26.92 -78.00
N UNK D 1363 -92.92 26.16 -78.78
CA UNK D 1363 -93.25 24.78 -79.08
C UNK D 1363 -92.05 24.04 -79.68
N UNK D 1364 -92.24 22.77 -80.00
CA UNK D 1364 -91.16 21.93 -80.54
C UNK D 1364 -90.77 22.36 -81.94
N UNK D 1365 -89.49 22.17 -82.29
CA UNK D 1365 -88.98 22.54 -83.59
C UNK D 1365 -88.20 21.40 -84.22
N UNK D 1366 -88.08 21.42 -85.54
CA UNK D 1366 -87.36 20.37 -86.27
C UNK D 1366 -85.85 20.49 -86.07
N UNK D 1367 -85.10 19.63 -86.75
CA UNK D 1367 -83.64 19.63 -86.61
C UNK D 1367 -82.98 20.41 -87.73
N UNK D 1368 -83.76 20.81 -88.73
CA UNK D 1368 -83.24 21.56 -89.86
C UNK D 1368 -83.76 22.99 -89.85
N UNK D 1369 -84.10 23.48 -88.66
CA UNK D 1369 -84.63 24.84 -88.52
C UNK D 1369 -83.49 25.86 -88.49
N UNK D 1370 -83.61 26.88 -89.33
CA UNK D 1370 -82.62 27.95 -89.39
C UNK D 1370 -83.29 29.29 -89.66
N UNK D 1371 -82.55 30.20 -90.29
CA UNK D 1371 -83.06 31.52 -90.65
C UNK D 1371 -83.54 32.32 -89.46
N UNK D 1372 -82.65 33.11 -88.87
CA UNK D 1372 -82.99 33.97 -87.74
C UNK D 1372 -83.81 35.17 -88.22
N UNK D 1373 -85.12 35.05 -88.14
CA UNK D 1373 -86.01 36.12 -88.58
C UNK D 1373 -85.90 37.35 -87.68
N UNK D 1374 -86.44 38.47 -88.15
CA UNK D 1374 -86.41 39.70 -87.37
C UNK D 1374 -87.63 39.80 -86.47
N UNK D 1375 -88.80 39.55 -87.03
CA UNK D 1375 -90.04 39.64 -86.27
C UNK D 1375 -91.14 38.79 -86.91
N UNK D 1376 -92.34 38.85 -86.31
CA UNK D 1376 -93.52 38.15 -86.82
C UNK D 1376 -93.31 36.64 -86.91
N UNK D 1377 -94.16 35.99 -87.70
CA UNK D 1377 -94.10 34.55 -87.87
C UNK D 1377 -93.74 34.19 -89.31
N UNK D 1378 -94.74 33.74 -90.06
CA UNK D 1378 -94.57 33.34 -91.46
C UNK D 1378 -93.50 32.25 -91.61
N UNK D 1379 -93.75 31.09 -91.00
CA UNK D 1379 -92.84 29.96 -91.09
C UNK D 1379 -92.95 29.29 -92.45
N UNK D 1380 -91.85 28.73 -92.92
CA UNK D 1380 -91.81 28.08 -94.23
C UNK D 1380 -92.67 26.81 -94.25
N UNK D 1381 -93.33 26.57 -95.37
CA UNK D 1381 -94.20 25.41 -95.51
C UNK D 1381 -94.39 25.04 -96.98
N UNK D 1382 -94.82 23.80 -97.22
CA UNK D 1382 -95.06 23.31 -98.58
C UNK D 1382 -95.97 22.09 -98.55
N UNK D 1383 -96.23 21.52 -99.71
CA UNK D 1383 -97.07 20.33 -99.83
C UNK D 1383 -96.85 19.63 -101.16
N UNK D 1384 -96.42 18.38 -101.10
CA UNK D 1384 -96.19 17.58 -102.30
C UNK D 1384 -97.44 16.76 -102.64
N UNK D 1385 -98.22 17.25 -103.60
CA UNK D 1385 -99.47 16.59 -103.98
C UNK D 1385 -99.22 15.46 -104.97
N UNK D 1386 -99.57 14.23 -104.56
CA UNK D 1386 -99.42 13.07 -105.42
C UNK D 1386 -100.81 12.54 -105.82
N UNK D 1387 -100.89 11.90 -106.97
CA UNK D 1387 -102.15 11.37 -107.46
C UNK D 1387 -101.96 10.05 -108.19
N UNK D 1388 -102.74 9.85 -109.25
CA UNK D 1388 -102.64 8.62 -110.05
C UNK D 1388 -102.64 8.96 -111.54
N UNK D 1389 -103.26 8.08 -112.33
CA UNK D 1389 -103.36 8.29 -113.77
C UNK D 1389 -104.30 9.46 -114.08
N UNK D 1390 -105.29 9.65 -113.21
CA UNK D 1390 -106.24 10.74 -113.36
C UNK D 1390 -106.31 11.57 -112.09
N UNK D 1391 -107.40 12.31 -111.93
CA UNK D 1391 -107.59 13.14 -110.74
C UNK D 1391 -108.50 12.46 -109.74
N UNK D 1392 -108.76 11.18 -109.96
CA UNK D 1392 -109.62 10.40 -109.07
C UNK D 1392 -108.93 10.15 -107.74
N UNK D 1393 -107.80 9.45 -107.79
CA UNK D 1393 -107.03 9.15 -106.59
C UNK D 1393 -106.04 10.26 -106.29
N UNK D 1394 -105.90 10.61 -105.02
CA UNK D 1394 -104.99 11.67 -104.60
C UNK D 1394 -104.24 11.28 -103.33
N UNK D 1395 -102.93 11.45 -103.35
CA UNK D 1395 -102.09 11.15 -102.19
C UNK D 1395 -101.26 12.37 -101.81
N UNK D 1396 -101.94 13.47 -101.51
CA UNK D 1396 -101.26 14.71 -101.14
C UNK D 1396 -100.84 14.67 -99.67
N UNK D 1397 -99.62 15.13 -99.41
CA UNK D 1397 -99.09 15.17 -98.05
C UNK D 1397 -98.41 16.51 -97.77
N UNK D 1398 -98.79 17.13 -96.66
CA UNK D 1398 -98.21 18.41 -96.28
C UNK D 1398 -96.73 18.23 -95.91
N UNK D 1399 -95.88 19.08 -96.49
CA UNK D 1399 -94.44 18.99 -96.24
C UNK D 1399 -94.12 19.34 -94.78
N UNK D 1400 -93.05 18.75 -94.28
CA UNK D 1400 -92.63 18.96 -92.89
C UNK D 1400 -92.16 20.39 -92.69
N UNK D 1401 -92.89 21.14 -91.87
CA UNK D 1401 -92.50 22.50 -91.55
C UNK D 1401 -91.22 22.49 -90.72
N UNK D 1402 -90.32 23.42 -91.00
CA UNK D 1402 -89.06 23.50 -90.27
C UNK D 1402 -89.29 23.91 -88.82
N UNK D 1403 -90.40 24.60 -88.58
CA UNK D 1403 -90.73 25.04 -87.22
C UNK D 1403 -92.23 24.93 -86.98
N UNK D 1404 -92.59 24.17 -85.95
CA UNK D 1404 -94.00 23.99 -85.59
C UNK D 1404 -94.28 24.63 -84.23
N UNK D 1405 -94.68 25.90 -84.24
CA UNK D 1405 -94.89 26.63 -82.99
C UNK D 1405 -96.35 27.08 -82.84
N UNK D 1406 -96.70 27.47 -81.62
CA UNK D 1406 -98.06 27.93 -81.31
C UNK D 1406 -98.15 29.45 -81.42
N UNK D 1407 -99.37 29.96 -81.29
CA UNK D 1407 -99.61 31.40 -81.41
C UNK D 1407 -99.27 32.14 -80.13
N UNK D 1408 -99.42 31.44 -79.00
CA UNK D 1408 -99.09 31.99 -77.67
C UNK D 1408 -99.91 33.23 -77.32
N UNK D 1409 -99.82 34.27 -78.14
CA UNK D 1409 -100.53 35.52 -77.89
C UNK D 1409 -102.04 35.36 -78.06
N UNK D 1410 -102.46 34.25 -78.68
CA UNK D 1410 -103.87 34.00 -78.92
C UNK D 1410 -104.59 33.61 -77.63
N UNK D 1411 -103.85 33.07 -76.68
CA UNK D 1411 -104.44 32.66 -75.40
C UNK D 1411 -104.30 33.76 -74.34
N UNK D 1412 -104.62 34.99 -74.74
CA UNK D 1412 -104.53 36.13 -73.83
C UNK D 1412 -105.65 37.13 -74.11
N UNK D 1413 -106.36 37.53 -73.06
CA UNK D 1413 -107.47 38.47 -73.20
C UNK D 1413 -107.53 39.44 -72.02
N UNK D 1414 -106.52 39.39 -71.16
CA UNK D 1414 -106.47 40.26 -69.99
C UNK D 1414 -105.19 41.09 -69.98
N UNK D 1415 -104.90 41.72 -68.85
CA UNK D 1415 -103.72 42.56 -68.70
C UNK D 1415 -102.57 41.78 -68.06
N UNK D 1416 -102.71 40.46 -68.03
CA UNK D 1416 -101.69 39.56 -67.49
C UNK D 1416 -101.34 39.88 -66.03
N UNK D 1417 -102.11 39.29 -65.10
CA UNK D 1417 -101.86 39.48 -63.68
C UNK D 1417 -101.12 38.26 -63.11
N UNK D 1418 -101.33 37.11 -63.74
CA UNK D 1418 -100.68 35.88 -63.32
C UNK D 1418 -99.81 35.31 -64.43
N UNK D 1419 -99.22 34.16 -64.20
CA UNK D 1419 -98.33 33.53 -65.17
C UNK D 1419 -99.02 32.38 -65.90
N UNK D 1420 -98.97 32.41 -67.23
CA UNK D 1420 -99.57 31.37 -68.05
C UNK D 1420 -98.77 30.08 -67.98
N UNK D 1421 -99.30 29.02 -68.56
CA UNK D 1421 -98.64 27.72 -68.56
C UNK D 1421 -99.04 26.90 -69.78
N UNK D 1422 -98.06 26.28 -70.42
CA UNK D 1422 -98.31 25.47 -71.61
C UNK D 1422 -97.76 24.05 -71.43
N UNK D 1423 -97.97 23.19 -72.42
CA UNK D 1423 -97.50 21.82 -72.37
C UNK D 1423 -97.31 21.24 -73.76
N UNK D 1424 -96.92 19.96 -73.80
CA UNK D 1424 -96.70 19.29 -75.07
C UNK D 1424 -97.57 18.03 -75.18
N UNK D 1425 -97.16 17.08 -76.01
CA UNK D 1425 -97.94 15.88 -76.23
C UNK D 1425 -97.05 14.63 -76.36
N UNK D 1426 -97.38 13.60 -75.61
CA UNK D 1426 -96.65 12.33 -75.66
C UNK D 1426 -97.53 11.18 -75.17
N UNK D 1427 -97.25 9.98 -75.66
CA UNK D 1427 -98.05 8.81 -75.32
C UNK D 1427 -97.21 7.72 -74.66
N UNK D 1428 -97.71 7.18 -73.55
CA UNK D 1428 -97.02 6.12 -72.83
C UNK D 1428 -97.81 4.82 -72.87
N UNK D 1429 -97.14 3.73 -73.22
CA UNK D 1429 -97.79 2.44 -73.31
C UNK D 1429 -97.58 1.63 -72.03
N UNK D 1430 -97.43 2.33 -70.91
CA UNK D 1430 -97.25 1.69 -69.62
C UNK D 1430 -98.25 2.23 -68.60
N UNK D 1431 -99.29 1.45 -68.32
CA UNK D 1431 -100.32 1.85 -67.37
C UNK D 1431 -100.46 0.84 -66.25
N UNK D 1432 -100.35 1.31 -65.01
CA UNK D 1432 -100.47 0.44 -63.85
C UNK D 1432 -100.86 1.24 -62.61
N MET D 1573 -93.31 7.63 -69.22
CA MET D 1573 -94.34 8.54 -68.71
C MET D 1573 -93.90 10.01 -68.64
N PRO D 1574 -92.69 10.30 -68.16
CA PRO D 1574 -92.20 11.67 -68.22
C PRO D 1574 -91.46 11.96 -69.53
N LEU D 1575 -91.06 13.22 -69.67
CA LEU D 1575 -90.40 13.65 -70.91
C LEU D 1575 -89.00 13.05 -71.03
N SER D 1576 -88.23 13.04 -69.95
CA SER D 1576 -86.84 12.60 -70.03
C SER D 1576 -86.70 11.09 -70.19
N ALA D 1577 -87.73 10.32 -69.83
CA ALA D 1577 -87.62 8.87 -69.89
C ALA D 1577 -87.51 8.36 -71.33
N ALA D 1578 -88.29 8.92 -72.24
CA ALA D 1578 -88.31 8.42 -73.61
C ALA D 1578 -87.07 8.83 -74.40
N MET D 1579 -86.42 9.92 -74.03
CA MET D 1579 -85.32 10.45 -74.83
C MET D 1579 -84.03 9.64 -74.65
N PHE D 1580 -83.78 9.14 -73.44
CA PHE D 1580 -82.46 8.61 -73.12
C PHE D 1580 -82.38 7.09 -73.16
N LEU D 1581 -83.52 6.39 -73.13
CA LEU D 1581 -83.56 4.94 -73.26
C LEU D 1581 -82.92 4.25 -72.06
N SER D 1582 -82.38 5.01 -71.12
CA SER D 1582 -81.79 4.44 -69.91
C SER D 1582 -82.75 4.46 -68.73
N GLU D 1583 -83.54 5.54 -68.61
CA GLU D 1583 -84.53 5.66 -67.55
C GLU D 1583 -85.96 5.63 -68.10
N ARG D 1584 -86.16 4.92 -69.22
CA ARG D 1584 -87.49 4.83 -69.80
C ARG D 1584 -88.46 4.11 -68.88
N LYS D 1585 -88.02 3.03 -68.22
CA LYS D 1585 -88.90 2.31 -67.30
C LYS D 1585 -89.27 3.16 -66.10
N ASN D 1586 -88.31 3.89 -65.53
CA ASN D 1586 -88.58 4.70 -64.35
C ASN D 1586 -89.41 5.93 -64.73
N PRO D 1587 -90.57 6.12 -64.11
CA PRO D 1587 -91.41 7.29 -64.44
C PRO D 1587 -91.00 8.58 -63.74
N ALA D 1588 -89.96 8.55 -62.91
CA ALA D 1588 -89.54 9.77 -62.23
C ALA D 1588 -88.74 10.65 -63.18
N PRO D 1589 -89.15 11.90 -63.37
CA PRO D 1589 -88.40 12.82 -64.25
C PRO D 1589 -87.13 13.33 -63.57
N GLN D 1590 -86.10 13.52 -64.39
CA GLN D 1590 -84.82 14.02 -63.90
C GLN D 1590 -84.04 14.61 -65.07
N CYS D 1591 -83.15 15.55 -64.75
CA CYS D 1591 -82.38 16.26 -65.77
C CYS D 1591 -80.89 15.95 -65.62
N PRO D 1592 -80.33 15.09 -66.45
CA PRO D 1592 -78.89 14.85 -66.42
C PRO D 1592 -78.13 16.05 -66.97
N PRO D 1593 -76.81 16.12 -66.73
CA PRO D 1593 -76.04 17.30 -67.17
C PRO D 1593 -76.01 17.50 -68.68
N ARG D 1594 -76.32 16.48 -69.48
CA ARG D 1594 -76.24 16.64 -70.93
C ARG D 1594 -77.26 17.65 -71.45
N LEU D 1595 -78.44 17.72 -70.83
CA LEU D 1595 -79.44 18.69 -71.26
C LEU D 1595 -79.00 20.10 -70.89
N GLU D 1596 -79.10 21.01 -71.85
CA GLU D 1596 -78.70 22.41 -71.65
C GLU D 1596 -79.44 23.29 -72.64
N VAL D 1597 -79.47 24.58 -72.34
CA VAL D 1597 -80.12 25.56 -73.19
C VAL D 1597 -79.16 26.02 -74.27
N GLN D 1598 -79.67 26.15 -75.50
CA GLN D 1598 -78.86 26.58 -76.63
C GLN D 1598 -79.49 27.83 -77.24
N MET D 1599 -78.66 28.58 -77.98
CA MET D 1599 -79.08 29.82 -78.61
C MET D 1599 -78.56 29.85 -80.04
N LEU D 1600 -79.22 30.67 -80.86
CA LEU D 1600 -78.85 30.78 -82.27
C LEU D 1600 -77.75 31.83 -82.44
N MET D 1601 -76.69 31.46 -83.16
CA MET D 1601 -75.60 32.35 -83.50
C MET D 1601 -75.56 32.55 -85.00
N PRO D 1602 -75.50 33.80 -85.47
CA PRO D 1602 -75.64 34.04 -86.91
C PRO D 1602 -74.39 33.70 -87.72
N VAL D 1603 -73.20 33.92 -87.16
CA VAL D 1603 -71.96 33.77 -87.92
C VAL D 1603 -71.05 32.78 -87.22
N SER D 1604 -70.19 32.13 -88.01
CA SER D 1604 -69.25 31.15 -87.47
C SER D 1604 -68.09 30.95 -88.45
N TRP D 1605 -66.96 30.52 -87.92
CA TRP D 1605 -65.80 30.25 -88.75
C TRP D 1605 -66.00 28.99 -89.57
N SER D 1606 -65.25 28.88 -90.67
CA SER D 1606 -65.31 27.69 -91.52
C SER D 1606 -64.04 27.62 -92.34
N ARG D 1607 -63.80 26.43 -92.88
CA ARG D 1607 -62.58 26.13 -93.63
C ARG D 1607 -62.80 26.26 -95.12
N MET D 1608 -61.77 26.73 -95.82
CA MET D 1608 -61.77 26.83 -97.27
C MET D 1608 -61.26 25.54 -97.89
N PRO D 1609 -62.02 24.89 -98.76
CA PRO D 1609 -61.55 23.66 -99.39
C PRO D 1609 -60.29 23.88 -100.21
N ASN D 1610 -59.43 22.86 -100.20
CA ASN D 1610 -58.15 22.96 -100.89
C ASN D 1610 -58.33 22.99 -102.40
N HIS D 1611 -59.30 22.23 -102.92
CA HIS D 1611 -59.52 22.15 -104.36
C HIS D 1611 -61.02 22.24 -104.65
N PHE D 1612 -61.33 22.70 -105.85
CA PHE D 1612 -62.71 22.92 -106.28
C PHE D 1612 -62.92 22.34 -107.68
N LEU D 1613 -64.19 22.12 -108.01
CA LEU D 1613 -64.56 21.56 -109.31
C LEU D 1613 -64.45 22.65 -110.37
N GLN D 1614 -63.62 22.41 -111.38
CA GLN D 1614 -63.46 23.36 -112.48
C GLN D 1614 -64.57 23.14 -113.50
N VAL D 1615 -65.47 24.11 -113.62
CA VAL D 1615 -66.65 23.99 -114.53
C VAL D 1615 -66.54 25.00 -115.66
N GLU D 1616 -66.76 24.54 -116.91
CA GLU D 1616 -66.69 25.42 -118.09
C GLU D 1616 -68.09 25.75 -118.59
N THR D 1617 -68.41 27.04 -118.68
CA THR D 1617 -69.69 27.56 -119.15
C THR D 1617 -69.58 28.04 -120.60
N ARG D 1618 -70.73 28.02 -121.27
CA ARG D 1618 -70.81 28.49 -122.65
C ARG D 1618 -72.26 28.55 -123.13
N ARG D 1619 -72.61 29.69 -123.72
CA ARG D 1619 -73.99 29.92 -124.22
C ARG D 1619 -74.03 29.71 -125.74
N GLY D 1625 -75.92 26.56 -126.69
CA GLY D 1625 -76.76 25.75 -125.83
C GLY D 1625 -76.56 26.04 -124.35
N TRP D 1626 -75.76 27.06 -124.05
CA TRP D 1626 -75.41 27.40 -122.67
C TRP D 1626 -74.89 26.16 -121.92
N ALA D 1627 -74.05 25.40 -122.59
CA ALA D 1627 -73.60 24.12 -122.08
C ALA D 1627 -72.49 24.28 -121.05
N VAL D 1628 -72.56 23.49 -119.98
CA VAL D 1628 -71.54 23.46 -118.93
C VAL D 1628 -71.07 22.02 -118.78
N GLN D 1629 -69.76 21.82 -118.85
CA GLN D 1629 -69.17 20.48 -118.80
C GLN D 1629 -67.99 20.46 -117.84
N CYS D 1630 -67.88 19.37 -117.08
CA CYS D 1630 -66.77 19.15 -116.17
C CYS D 1630 -66.33 17.69 -116.24
N GLN D 1631 -65.03 17.46 -116.04
CA GLN D 1631 -64.49 16.11 -116.15
C GLN D 1631 -63.43 15.84 -115.08
N ASP D 1632 -63.57 16.44 -113.91
CA ASP D 1632 -62.61 16.25 -112.82
C ASP D 1632 -63.33 15.74 -111.58
N PRO D 1633 -63.01 14.54 -111.09
CA PRO D 1633 -63.65 14.04 -109.87
C PRO D 1633 -62.87 14.40 -108.61
N LEU D 1634 -63.61 14.68 -107.55
CA LEU D 1634 -63.01 15.05 -106.27
C LEU D 1634 -63.80 14.40 -105.13
N THR D 1635 -63.06 13.91 -104.13
CA THR D 1635 -63.65 13.25 -102.97
C THR D 1635 -63.03 13.80 -101.69
N MET D 1636 -63.79 13.70 -100.61
CA MET D 1636 -63.32 14.14 -99.30
C MET D 1636 -64.00 13.32 -98.21
N MET D 1637 -63.36 13.27 -97.05
CA MET D 1637 -63.88 12.54 -95.90
C MET D 1637 -64.64 13.50 -95.00
N ALA D 1638 -65.87 13.11 -94.62
CA ALA D 1638 -66.75 13.99 -93.85
C ALA D 1638 -67.14 13.30 -92.56
N LEU D 1639 -66.88 13.96 -91.44
CA LEU D 1639 -67.37 13.51 -90.14
C LEU D 1639 -68.87 13.81 -90.03
N HIS D 1640 -69.60 12.88 -89.41
CA HIS D 1640 -71.04 13.02 -89.22
C HIS D 1640 -71.37 12.93 -87.75
N ILE D 1641 -72.12 13.90 -87.25
CA ILE D 1641 -72.60 13.90 -85.87
C ILE D 1641 -74.01 13.32 -85.85
N PRO D 1642 -74.25 12.23 -85.12
CA PRO D 1642 -75.59 11.62 -85.19
C PRO D 1642 -76.66 12.41 -84.47
N GLU D 1643 -76.36 12.95 -83.28
CA GLU D 1643 -77.38 13.65 -82.51
C GLU D 1643 -77.84 14.92 -83.20
N GLU D 1644 -76.88 15.73 -83.68
CA GLU D 1644 -77.22 16.98 -84.34
C GLU D 1644 -77.67 16.78 -85.79
N ASN D 1645 -77.45 15.59 -86.35
CA ASN D 1645 -77.78 15.29 -87.74
C ASN D 1645 -77.12 16.29 -88.69
N ARG D 1646 -75.86 16.62 -88.41
CA ARG D 1646 -75.08 17.53 -89.23
C ARG D 1646 -73.72 16.90 -89.48
N CYS D 1647 -73.19 17.13 -90.69
CA CYS D 1647 -71.90 16.57 -91.08
C CYS D 1647 -70.93 17.70 -91.44
N MET D 1648 -69.65 17.44 -91.20
CA MET D 1648 -68.59 18.41 -91.45
C MET D 1648 -67.33 17.69 -91.87
N ASP D 1649 -66.39 18.45 -92.45
CA ASP D 1649 -65.16 17.87 -92.96
C ASP D 1649 -64.29 17.34 -91.82
N ILE D 1650 -63.62 16.22 -92.10
CA ILE D 1650 -62.68 15.67 -91.13
C ILE D 1650 -61.40 16.50 -91.03
N LEU D 1651 -61.04 17.23 -92.09
CA LEU D 1651 -59.88 18.10 -92.06
C LEU D 1651 -60.13 19.37 -91.27
N GLU D 1652 -61.39 19.70 -91.01
CA GLU D 1652 -61.78 20.86 -90.22
C GLU D 1652 -61.52 20.65 -88.73
N LEU D 1653 -61.26 19.41 -88.32
CA LEU D 1653 -61.09 19.08 -86.91
C LEU D 1653 -59.78 19.61 -86.33
N SER D 1654 -59.03 20.42 -87.09
CA SER D 1654 -57.73 20.86 -86.61
C SER D 1654 -57.83 21.76 -85.38
N GLU D 1655 -58.76 22.73 -85.38
CA GLU D 1655 -58.82 23.68 -84.29
C GLU D 1655 -59.96 23.42 -83.31
N ARG D 1656 -60.65 22.28 -83.42
CA ARG D 1656 -61.70 21.96 -82.45
C ARG D 1656 -61.12 21.72 -81.06
N LEU D 1657 -60.00 21.00 -80.99
CA LEU D 1657 -59.23 20.77 -79.76
C LEU D 1657 -59.97 19.92 -78.73
N ASP D 1658 -61.24 19.62 -78.96
CA ASP D 1658 -61.93 18.67 -78.10
C ASP D 1658 -62.50 17.50 -78.86
N LEU D 1659 -63.11 17.74 -80.02
CA LEU D 1659 -63.58 16.65 -80.85
C LEU D 1659 -62.42 15.83 -81.38
N GLN D 1660 -61.27 16.47 -81.63
CA GLN D 1660 -60.09 15.72 -82.05
C GLN D 1660 -59.66 14.74 -80.97
N ARG D 1661 -59.60 15.18 -79.72
CA ARG D 1661 -59.24 14.28 -78.63
C ARG D 1661 -60.26 13.17 -78.44
N PHE D 1662 -61.54 13.50 -78.49
CA PHE D 1662 -62.56 12.46 -78.32
C PHE D 1662 -62.49 11.44 -79.44
N HIS D 1663 -62.30 11.89 -80.68
CA HIS D 1663 -62.20 10.97 -81.80
C HIS D 1663 -60.94 10.12 -81.72
N SER D 1664 -59.82 10.70 -81.25
CA SER D 1664 -58.62 9.91 -81.07
C SER D 1664 -58.82 8.81 -80.03
N HIS D 1665 -59.46 9.13 -78.91
CA HIS D 1665 -59.75 8.10 -77.93
C HIS D 1665 -60.70 7.04 -78.46
N THR D 1666 -61.73 7.45 -79.20
CA THR D 1666 -62.63 6.48 -79.82
C THR D 1666 -61.89 5.56 -80.77
N LEU D 1667 -60.98 6.13 -81.56
CA LEU D 1667 -60.17 5.33 -82.48
C LEU D 1667 -59.27 4.35 -81.73
N ARG D 1668 -58.67 4.79 -80.62
CA ARG D 1668 -57.86 3.88 -79.81
C ARG D 1668 -58.71 2.74 -79.27
N LEU D 1669 -59.98 3.01 -78.93
CA LEU D 1669 -60.86 1.95 -78.48
C LEU D 1669 -61.04 0.87 -79.54
N TYR D 1670 -61.09 1.25 -80.82
CA TYR D 1670 -61.23 0.27 -81.88
C TYR D 1670 -60.06 -0.70 -81.92
N ARG D 1671 -58.84 -0.19 -81.79
CA ARG D 1671 -57.68 -1.08 -81.74
C ARG D 1671 -57.67 -1.92 -80.47
N ALA D 1672 -58.04 -1.33 -79.34
CA ALA D 1672 -58.03 -2.05 -78.08
C ALA D 1672 -59.02 -3.21 -78.07
N VAL D 1673 -60.19 -3.03 -78.66
CA VAL D 1673 -61.21 -4.08 -78.63
C VAL D 1673 -60.74 -5.30 -79.43
N CYS D 1674 -60.18 -5.09 -80.61
CA CYS D 1674 -59.81 -6.18 -81.50
C CYS D 1674 -58.34 -6.57 -81.41
N ALA D 1675 -57.60 -6.02 -80.45
CA ALA D 1675 -56.19 -6.35 -80.33
C ALA D 1675 -56.00 -7.78 -79.81
N LEU D 1676 -54.79 -8.30 -80.02
CA LEU D 1676 -54.35 -9.59 -79.48
C LEU D 1676 -55.19 -10.75 -80.01
N GLY D 1677 -55.21 -10.90 -81.33
CA GLY D 1677 -55.67 -12.12 -81.96
C GLY D 1677 -57.17 -12.28 -82.09
N ASN D 1678 -57.96 -11.31 -81.65
CA ASN D 1678 -59.41 -11.41 -81.81
C ASN D 1678 -59.76 -11.26 -83.29
N ASN D 1679 -60.60 -12.16 -83.78
CA ASN D 1679 -60.94 -12.22 -85.20
C ASN D 1679 -62.41 -11.99 -85.49
N ARG D 1680 -63.31 -12.43 -84.61
CA ARG D 1680 -64.73 -12.21 -84.83
C ARG D 1680 -65.08 -10.73 -84.84
N VAL D 1681 -64.38 -9.92 -84.06
CA VAL D 1681 -64.65 -8.49 -84.00
C VAL D 1681 -64.02 -7.76 -85.18
N ALA D 1682 -63.10 -8.40 -85.90
CA ALA D 1682 -62.40 -7.72 -86.99
C ALA D 1682 -63.37 -7.31 -88.09
N HIS D 1683 -64.25 -8.22 -88.52
CA HIS D 1683 -65.20 -7.86 -89.57
C HIS D 1683 -66.29 -6.93 -89.04
N ALA D 1684 -66.64 -7.05 -87.75
CA ALA D 1684 -67.59 -6.11 -87.17
C ALA D 1684 -67.05 -4.69 -87.21
N LEU D 1685 -65.76 -4.50 -86.91
CA LEU D 1685 -65.14 -3.19 -87.03
C LEU D 1685 -64.92 -2.78 -88.49
N CYS D 1686 -64.64 -3.73 -89.37
CA CYS D 1686 -64.52 -3.40 -90.79
C CYS D 1686 -65.85 -2.93 -91.37
N SER D 1687 -66.97 -3.37 -90.81
CA SER D 1687 -68.26 -2.83 -91.22
C SER D 1687 -68.37 -1.35 -90.85
N HIS D 1688 -67.90 -0.97 -89.66
CA HIS D 1688 -67.95 0.42 -89.26
C HIS D 1688 -66.97 1.27 -90.07
N VAL D 1689 -65.76 0.78 -90.28
CA VAL D 1689 -64.71 1.52 -90.97
C VAL D 1689 -64.43 0.82 -92.30
N ASP D 1690 -64.76 1.49 -93.40
CA ASP D 1690 -64.64 0.89 -94.72
C ASP D 1690 -63.16 0.68 -95.07
N GLN D 1691 -62.92 -0.26 -95.98
CA GLN D 1691 -61.56 -0.54 -96.43
C GLN D 1691 -61.03 0.58 -97.31
N ALA D 1692 -61.90 1.19 -98.13
CA ALA D 1692 -61.45 2.22 -99.05
C ALA D 1692 -61.02 3.50 -98.36
N GLN D 1693 -61.74 3.93 -97.31
CA GLN D 1693 -61.39 5.18 -96.66
C GLN D 1693 -60.07 5.05 -95.90
N LEU D 1694 -59.77 3.86 -95.37
CA LEU D 1694 -58.49 3.65 -94.72
C LEU D 1694 -57.35 3.82 -95.70
N LEU D 1695 -57.47 3.28 -96.90
CA LEU D 1695 -56.45 3.49 -97.92
C LEU D 1695 -56.38 4.94 -98.36
N HIS D 1696 -57.53 5.60 -98.49
CA HIS D 1696 -57.54 7.01 -98.90
C HIS D 1696 -56.87 7.91 -97.87
N ALA D 1697 -57.03 7.60 -96.58
CA ALA D 1697 -56.48 8.44 -95.52
C ALA D 1697 -54.97 8.34 -95.40
N LEU D 1698 -54.33 7.44 -96.15
CA LEU D 1698 -52.87 7.36 -96.11
C LEU D 1698 -52.23 8.50 -96.88
N GLU D 1699 -52.79 8.85 -98.05
CA GLU D 1699 -52.10 9.75 -98.97
C GLU D 1699 -52.17 11.21 -98.55
N ASP D 1700 -53.24 11.64 -97.88
CA ASP D 1700 -53.42 13.06 -97.61
C ASP D 1700 -52.30 13.60 -96.74
N ALA D 1701 -51.88 14.83 -97.04
CA ALA D 1701 -50.75 15.41 -96.33
C ALA D 1701 -51.18 16.03 -95.00
N HIS D 1702 -52.04 17.03 -95.05
CA HIS D 1702 -52.44 17.77 -93.86
C HIS D 1702 -53.52 17.02 -93.10
N LEU D 1703 -53.26 16.80 -91.81
CA LEU D 1703 -54.15 16.11 -90.89
C LEU D 1703 -53.88 16.64 -89.48
N PRO D 1704 -54.76 16.39 -88.51
CA PRO D 1704 -54.50 16.90 -87.15
C PRO D 1704 -53.16 16.47 -86.58
N GLY D 1705 -52.71 15.26 -86.89
CA GLY D 1705 -51.40 14.80 -86.48
C GLY D 1705 -51.43 13.56 -85.59
N PRO D 1706 -52.30 13.55 -84.57
CA PRO D 1706 -52.56 12.28 -83.88
C PRO D 1706 -53.43 11.34 -84.69
N LEU D 1707 -54.38 11.89 -85.46
CA LEU D 1707 -55.27 11.04 -86.25
C LEU D 1707 -54.52 10.30 -87.36
N ARG D 1708 -53.45 10.87 -87.90
CA ARG D 1708 -52.66 10.15 -88.90
C ARG D 1708 -52.04 8.90 -88.31
N ALA D 1709 -51.39 9.02 -87.16
CA ALA D 1709 -50.81 7.86 -86.50
C ALA D 1709 -51.90 6.87 -86.07
N GLY D 1710 -53.03 7.37 -85.59
CA GLY D 1710 -54.12 6.47 -85.23
C GLY D 1710 -54.64 5.68 -86.40
N TYR D 1711 -54.81 6.33 -87.56
CA TYR D 1711 -55.29 5.62 -88.74
C TYR D 1711 -54.27 4.63 -89.27
N TYR D 1712 -52.98 4.96 -89.19
CA TYR D 1712 -51.96 3.98 -89.57
C TYR D 1712 -52.01 2.77 -88.65
N ASP D 1713 -52.11 3.00 -87.33
CA ASP D 1713 -52.11 1.91 -86.37
C ASP D 1713 -53.36 1.05 -86.49
N LEU D 1714 -54.52 1.65 -86.77
CA LEU D 1714 -55.73 0.85 -86.96
C LEU D 1714 -55.61 -0.05 -88.17
N LEU D 1715 -55.07 0.47 -89.27
CA LEU D 1715 -54.85 -0.35 -90.46
C LEU D 1715 -53.90 -1.49 -90.17
N ILE D 1716 -52.83 -1.22 -89.41
CA ILE D 1716 -51.91 -2.28 -89.05
C ILE D 1716 -52.58 -3.32 -88.15
N SER D 1717 -53.42 -2.87 -87.22
CA SER D 1717 -53.90 -3.75 -86.17
C SER D 1717 -55.10 -4.59 -86.59
N ILE D 1718 -55.88 -4.14 -87.58
CA ILE D 1718 -57.07 -4.90 -87.95
C ILE D 1718 -56.84 -5.85 -89.13
N HIS D 1719 -55.69 -5.81 -89.78
CA HIS D 1719 -55.50 -6.61 -90.98
C HIS D 1719 -54.38 -7.63 -90.88
N LEU D 1720 -53.17 -7.22 -90.51
CA LEU D 1720 -51.99 -8.05 -90.73
C LEU D 1720 -51.18 -8.32 -89.46
N GLU D 1721 -51.58 -7.77 -88.32
CA GLU D 1721 -50.81 -8.01 -87.10
C GLU D 1721 -50.90 -9.48 -86.67
N SER D 1722 -52.05 -10.11 -86.90
CA SER D 1722 -52.22 -11.50 -86.50
C SER D 1722 -51.27 -12.42 -87.26
N ALA D 1723 -51.11 -12.20 -88.56
CA ALA D 1723 -50.15 -12.99 -89.32
C ALA D 1723 -48.71 -12.59 -89.00
N CYS D 1724 -48.46 -11.31 -88.76
CA CYS D 1724 -47.11 -10.86 -88.45
C CYS D 1724 -46.61 -11.48 -87.16
N ARG D 1725 -47.45 -11.54 -86.14
CA ARG D 1725 -47.02 -12.13 -84.86
C ARG D 1725 -46.72 -13.62 -85.02
N SER D 1726 -47.57 -14.34 -85.74
CA SER D 1726 -47.32 -15.77 -85.96
C SER D 1726 -46.04 -16.01 -86.75
N ARG D 1727 -45.77 -15.20 -87.78
CA ARG D 1727 -44.53 -15.36 -88.53
C ARG D 1727 -43.33 -15.00 -87.68
N ARG D 1728 -43.44 -13.96 -86.84
CA ARG D 1728 -42.34 -13.60 -85.95
C ARG D 1728 -42.03 -14.70 -84.95
N SER D 1729 -43.07 -15.38 -84.45
CA SER D 1729 -42.86 -16.45 -83.49
C SER D 1729 -42.03 -17.61 -84.06
N MET D 1730 -42.11 -17.85 -85.36
CA MET D 1730 -41.38 -18.93 -86.00
C MET D 1730 -40.16 -18.46 -86.78
N LEU D 1731 -39.94 -17.15 -86.86
CA LEU D 1731 -38.76 -16.65 -87.55
C LEU D 1731 -37.46 -17.13 -86.91
N SER D 1732 -37.51 -17.59 -85.66
CA SER D 1732 -36.31 -18.01 -84.93
C SER D 1732 -36.10 -19.52 -84.98
N GLU D 1733 -36.49 -20.17 -86.07
CA GLU D 1733 -36.29 -21.60 -86.25
C GLU D 1733 -35.59 -21.85 -87.58
N TYR D 1734 -34.73 -22.86 -87.61
CA TYR D 1734 -33.93 -23.20 -88.78
C TYR D 1734 -34.14 -24.67 -89.12
N ILE D 1735 -35.06 -24.93 -90.04
CA ILE D 1735 -35.32 -26.26 -90.56
C ILE D 1735 -35.22 -26.17 -92.07
N VAL D 1736 -34.11 -26.63 -92.63
CA VAL D 1736 -33.85 -26.55 -94.07
C VAL D 1736 -33.94 -27.95 -94.65
N PRO D 1737 -34.67 -28.15 -95.75
CA PRO D 1737 -34.78 -29.48 -96.34
C PRO D 1737 -33.72 -29.70 -97.41
N LEU D 1738 -33.66 -30.95 -97.89
CA LEU D 1738 -32.81 -31.27 -99.03
C LEU D 1738 -33.63 -31.22 -100.30
N THR D 1739 -33.22 -30.37 -101.24
CA THR D 1739 -33.90 -30.17 -102.51
C THR D 1739 -32.91 -29.57 -103.48
N PRO D 1740 -33.14 -29.69 -104.79
CA PRO D 1740 -32.24 -29.05 -105.75
C PRO D 1740 -32.08 -27.55 -105.54
N GLU D 1741 -33.13 -26.85 -105.08
CA GLU D 1741 -32.98 -25.43 -104.78
C GLU D 1741 -32.01 -25.20 -103.63
N THR D 1742 -32.08 -26.04 -102.58
CA THR D 1742 -31.17 -25.91 -101.46
C THR D 1742 -29.75 -26.30 -101.84
N ARG D 1743 -29.60 -27.27 -102.75
CA ARG D 1743 -28.28 -27.74 -103.11
C ARG D 1743 -27.43 -26.64 -103.73
N ALA D 1744 -28.04 -25.77 -104.54
CA ALA D 1744 -27.31 -24.71 -105.22
C ALA D 1744 -27.42 -23.39 -104.45
N ILE D 1745 -26.99 -23.42 -103.19
CA ILE D 1745 -26.86 -22.20 -102.39
C ILE D 1745 -25.55 -22.27 -101.61
N THR D 1746 -24.88 -21.13 -101.50
CA THR D 1746 -23.62 -21.01 -100.77
C THR D 1746 -23.32 -19.53 -100.54
N LEU D 1747 -22.10 -19.23 -100.10
CA LEU D 1747 -21.72 -17.83 -99.93
C LEU D 1747 -21.84 -17.06 -101.24
N PHE D 1748 -21.41 -17.68 -102.35
CA PHE D 1748 -21.60 -17.15 -103.69
C PHE D 1748 -21.11 -15.70 -103.85
N PRO D 1749 -19.81 -15.45 -103.76
CA PRO D 1749 -19.26 -14.18 -104.22
C PRO D 1749 -18.72 -14.27 -105.63
N PRO D 1750 -19.58 -14.33 -106.66
CA PRO D 1750 -19.07 -14.48 -108.02
C PRO D 1750 -18.63 -13.13 -108.57
N GLY D 1751 -17.31 -12.95 -108.70
CA GLY D 1751 -16.77 -11.69 -109.16
C GLY D 1751 -15.55 -11.89 -110.02
N ARG D 1752 -15.16 -10.82 -110.71
CA ARG D 1752 -13.99 -10.83 -111.60
C ARG D 1752 -12.75 -10.54 -110.77
N LYS D 1753 -12.26 -11.59 -110.11
CA LYS D 1753 -11.04 -11.60 -109.29
C LYS D 1753 -11.13 -10.70 -108.07
N GLY D 1754 -12.28 -10.10 -107.80
CA GLY D 1754 -12.43 -9.25 -106.62
C GLY D 1754 -13.71 -9.49 -105.86
N GLY D 1755 -14.58 -10.35 -106.39
CA GLY D 1755 -15.85 -10.62 -105.74
C GLY D 1755 -15.71 -11.32 -104.41
N ASN D 1756 -14.82 -12.32 -104.33
CA ASN D 1756 -14.61 -13.01 -103.07
C ASN D 1756 -14.04 -12.08 -102.00
N ALA D 1757 -13.10 -11.22 -102.38
CA ALA D 1757 -12.55 -10.25 -101.43
C ALA D 1757 -13.59 -9.24 -100.99
N ARG D 1758 -14.40 -8.75 -101.93
CA ARG D 1758 -15.42 -7.76 -101.62
C ARG D 1758 -16.63 -8.45 -100.99
N ARG D 1759 -17.70 -7.69 -100.78
CA ARG D 1759 -18.92 -8.24 -100.19
C ARG D 1759 -19.48 -9.35 -101.07
N HIS D 1760 -19.84 -10.47 -100.46
CA HIS D 1760 -20.36 -11.59 -101.23
C HIS D 1760 -21.68 -11.25 -101.89
N GLY D 1761 -22.54 -10.51 -101.20
CA GLY D 1761 -23.82 -10.10 -101.77
C GLY D 1761 -24.53 -9.16 -100.84
N LEU D 1762 -25.49 -8.43 -101.42
CA LEU D 1762 -26.29 -7.51 -100.62
C LEU D 1762 -27.20 -8.29 -99.68
N PRO D 1763 -27.48 -7.77 -98.49
CA PRO D 1763 -28.39 -8.46 -97.57
C PRO D 1763 -29.80 -8.54 -98.16
N GLY D 1764 -30.36 -9.73 -98.15
CA GLY D 1764 -31.67 -9.95 -98.75
C GLY D 1764 -31.56 -10.64 -100.10
N VAL D 1765 -31.83 -11.94 -100.12
CA VAL D 1765 -31.74 -12.75 -101.33
C VAL D 1765 -33.09 -13.40 -101.57
N GLY D 1766 -33.47 -13.51 -102.84
CA GLY D 1766 -34.78 -14.05 -103.18
C GLY D 1766 -34.99 -15.47 -102.71
N VAL D 1767 -33.92 -16.28 -102.73
CA VAL D 1767 -34.01 -17.68 -102.31
C VAL D 1767 -33.80 -17.74 -100.80
N THR D 1768 -34.73 -18.39 -100.11
CA THR D 1768 -34.65 -18.54 -98.66
C THR D 1768 -34.63 -19.99 -98.20
N THR D 1769 -35.22 -20.90 -98.98
CA THR D 1769 -35.25 -22.35 -98.76
C THR D 1769 -35.40 -22.70 -97.27
N SER D 1770 -36.50 -22.23 -96.68
CA SER D 1770 -36.87 -22.58 -95.32
C SER D 1770 -38.36 -22.89 -95.25
N LEU D 1771 -38.73 -23.67 -94.25
CA LEU D 1771 -40.12 -24.08 -94.04
C LEU D 1771 -40.83 -23.01 -93.22
N ARG D 1772 -41.76 -22.30 -93.85
CA ARG D 1772 -42.60 -21.33 -93.18
C ARG D 1772 -44.06 -21.59 -93.51
N PRO D 1773 -44.95 -21.46 -92.53
CA PRO D 1773 -46.38 -21.74 -92.78
C PRO D 1773 -47.02 -20.65 -93.61
N PRO D 1774 -48.14 -20.94 -94.28
CA PRO D 1774 -48.83 -19.91 -95.06
C PRO D 1774 -49.51 -18.86 -94.18
N HIS D 1775 -50.21 -17.92 -94.81
CA HIS D 1775 -50.84 -16.82 -94.08
C HIS D 1775 -52.33 -17.03 -93.84
N HIS D 1776 -53.03 -17.68 -94.78
CA HIS D 1776 -54.44 -18.03 -94.62
C HIS D 1776 -55.31 -16.78 -94.43
N PHE D 1777 -55.35 -15.95 -95.46
CA PHE D 1777 -56.21 -14.77 -95.46
C PHE D 1777 -57.59 -15.12 -96.00
N SER D 1778 -58.60 -14.39 -95.52
CA SER D 1778 -59.98 -14.61 -95.92
C SER D 1778 -60.64 -13.31 -96.30
N PRO D 1779 -61.41 -13.28 -97.38
CA PRO D 1779 -62.09 -12.04 -97.79
C PRO D 1779 -63.16 -11.66 -96.79
N PRO D 1780 -63.44 -10.36 -96.64
CA PRO D 1780 -64.49 -9.93 -95.71
C PRO D 1780 -65.85 -10.47 -96.12
N CYS D 1781 -66.67 -10.78 -95.12
CA CYS D 1781 -67.97 -11.37 -95.34
C CYS D 1781 -69.04 -10.60 -94.58
N PHE D 1782 -70.13 -10.23 -95.26
CA PHE D 1782 -71.20 -9.46 -94.59
C PHE D 1782 -72.16 -10.41 -93.85
N VAL D 1783 -71.64 -11.57 -93.44
CA VAL D 1783 -72.46 -12.58 -92.70
C VAL D 1783 -72.27 -12.36 -91.19
N ALA D 1784 -71.43 -11.39 -90.82
CA ALA D 1784 -71.14 -11.13 -89.39
C ALA D 1784 -72.43 -10.69 -88.67
N ALA D 1785 -72.67 -11.29 -87.49
CA ALA D 1785 -73.85 -10.98 -86.65
C ALA D 1785 -73.53 -11.38 -85.20
N LEU D 1786 -74.29 -10.87 -84.23
CA LEU D 1786 -74.05 -11.21 -82.81
C LEU D 1786 -75.35 -11.75 -82.19
N GLU D 1793 -66.91 -23.86 -80.71
CA GLU D 1793 -66.98 -22.58 -81.47
C GLU D 1793 -65.87 -22.56 -82.53
N ALA D 1794 -66.23 -22.26 -83.79
CA ALA D 1794 -65.24 -22.19 -84.90
C ALA D 1794 -64.40 -20.91 -84.77
N PRO D 1795 -63.21 -20.79 -85.41
CA PRO D 1795 -62.50 -19.52 -85.36
C PRO D 1795 -63.55 -18.57 -85.96
N ALA D 1796 -63.83 -17.44 -85.31
CA ALA D 1796 -64.93 -16.60 -85.83
C ALA D 1796 -64.60 -16.20 -87.27
N ARG D 1797 -63.36 -15.74 -87.51
CA ARG D 1797 -62.90 -15.40 -88.87
C ARG D 1797 -61.38 -15.57 -88.95
N LEU D 1798 -60.88 -16.46 -89.80
CA LEU D 1798 -59.42 -16.48 -89.94
C LEU D 1798 -58.82 -15.09 -89.84
N SER D 1799 -59.16 -14.19 -90.78
CA SER D 1799 -58.69 -12.81 -90.80
C SER D 1799 -59.33 -12.06 -91.97
N PRO D 1800 -59.47 -10.75 -91.88
CA PRO D 1800 -59.84 -9.97 -93.07
C PRO D 1800 -58.69 -9.94 -94.07
N ALA D 1801 -59.04 -9.74 -95.35
CA ALA D 1801 -58.05 -9.70 -96.42
C ALA D 1801 -58.20 -8.41 -97.20
N ILE D 1802 -57.08 -7.81 -97.57
CA ILE D 1802 -57.06 -6.62 -98.41
C ILE D 1802 -56.10 -6.87 -99.56
N PRO D 1803 -56.28 -6.20 -100.70
CA PRO D 1803 -55.36 -6.41 -101.83
C PRO D 1803 -53.97 -5.90 -101.53
N LEU D 1804 -53.03 -6.83 -101.32
CA LEU D 1804 -51.67 -6.45 -100.94
C LEU D 1804 -50.85 -5.94 -102.11
N GLU D 1805 -51.26 -6.26 -103.35
CA GLU D 1805 -50.47 -5.86 -104.51
C GLU D 1805 -50.38 -4.35 -104.63
N ALA D 1806 -51.49 -3.64 -104.41
CA ALA D 1806 -51.45 -2.18 -104.47
C ALA D 1806 -50.79 -1.58 -103.24
N LEU D 1807 -51.04 -2.16 -102.06
CA LEU D 1807 -50.49 -1.63 -100.82
C LEU D 1807 -48.96 -1.72 -100.80
N ARG D 1808 -48.41 -2.82 -101.31
CA ARG D 1808 -46.97 -2.99 -101.34
C ARG D 1808 -46.27 -1.92 -102.16
N ASP D 1809 -46.84 -1.52 -103.29
CA ASP D 1809 -46.25 -0.44 -104.08
C ASP D 1809 -46.54 0.92 -103.47
N LYS D 1810 -47.73 1.11 -102.91
CA LYS D 1810 -48.11 2.41 -102.36
C LYS D 1810 -47.23 2.78 -101.15
N ALA D 1811 -47.00 1.83 -100.25
CA ALA D 1811 -46.16 2.11 -99.10
C ALA D 1811 -44.73 2.44 -99.51
N LEU D 1812 -44.19 1.70 -100.49
CA LEU D 1812 -42.85 1.99 -100.98
C LEU D 1812 -42.78 3.36 -101.62
N ARG D 1813 -43.77 3.74 -102.42
CA ARG D 1813 -43.79 5.08 -103.01
C ARG D 1813 -43.88 6.16 -101.95
N MET D 1814 -44.72 5.96 -100.93
CA MET D 1814 -44.85 6.94 -99.86
C MET D 1814 -43.55 7.10 -99.08
N LEU D 1815 -42.85 6.00 -98.81
CA LEU D 1815 -41.54 6.11 -98.17
C LEU D 1815 -40.53 6.80 -99.07
N GLY D 1816 -40.56 6.49 -100.36
CA GLY D 1816 -39.60 7.11 -101.28
C GLY D 1816 -39.77 8.61 -101.39
N GLU D 1817 -41.02 9.08 -101.45
CA GLU D 1817 -41.25 10.52 -101.53
C GLU D 1817 -41.02 11.22 -100.20
N ALA D 1818 -41.14 10.50 -99.07
CA ALA D 1818 -41.02 11.14 -97.76
C ALA D 1818 -39.63 11.67 -97.53
N VAL D 1819 -38.60 10.91 -97.89
CA VAL D 1819 -37.23 11.37 -97.68
C VAL D 1819 -36.91 12.57 -98.58
N ARG D 1820 -37.38 12.56 -99.83
CA ARG D 1820 -37.18 13.71 -100.71
C ARG D 1820 -37.88 14.94 -100.18
N ASP D 1821 -39.11 14.78 -99.66
CA ASP D 1821 -39.82 15.90 -99.08
C ASP D 1821 -39.12 16.44 -97.83
N GLY D 1822 -38.62 15.55 -96.98
CA GLY D 1822 -37.95 15.98 -95.77
C GLY D 1822 -36.57 16.55 -95.98
N GLY D 1823 -35.93 16.23 -97.11
CA GLY D 1823 -34.60 16.76 -97.39
C GLY D 1823 -34.56 18.25 -97.64
N GLN D 1824 -35.70 18.87 -97.94
CA GLN D 1824 -35.75 20.31 -98.18
C GLN D 1824 -35.90 21.11 -96.89
N HIS D 1825 -35.98 20.44 -95.74
CA HIS D 1825 -36.15 21.08 -94.43
C HIS D 1825 -37.18 22.20 -94.47
N ALA D 1826 -38.34 21.90 -95.04
CA ALA D 1826 -39.41 22.88 -95.13
C ALA D 1826 -39.95 23.21 -93.74
N ARG D 1827 -40.41 24.46 -93.59
CA ARG D 1827 -40.92 24.92 -92.30
C ARG D 1827 -42.29 24.33 -91.97
N ASP D 1828 -42.95 23.67 -92.92
CA ASP D 1828 -44.24 23.03 -92.68
C ASP D 1828 -44.12 21.54 -92.93
N PRO D 1829 -43.82 20.73 -91.92
CA PRO D 1829 -43.72 19.28 -92.11
C PRO D 1829 -45.08 18.60 -92.12
N VAL D 1830 -45.15 17.51 -92.89
CA VAL D 1830 -46.40 16.78 -93.01
C VAL D 1830 -46.75 16.14 -91.67
N GLY D 1831 -48.02 16.23 -91.28
CA GLY D 1831 -48.48 15.68 -90.02
C GLY D 1831 -48.31 16.60 -88.83
N GLY D 1832 -47.68 17.75 -89.00
CA GLY D 1832 -47.49 18.69 -87.92
C GLY D 1832 -46.16 18.59 -87.20
N SER D 1833 -45.41 17.51 -87.39
CA SER D 1833 -44.12 17.36 -86.75
C SER D 1833 -43.29 16.34 -87.51
N VAL D 1834 -41.96 16.45 -87.35
CA VAL D 1834 -41.06 15.52 -88.03
C VAL D 1834 -41.24 14.10 -87.51
N GLU D 1835 -41.53 13.94 -86.21
CA GLU D 1835 -41.76 12.61 -85.67
C GLU D 1835 -43.01 11.97 -86.28
N PHE D 1836 -44.10 12.73 -86.38
CA PHE D 1836 -45.30 12.22 -87.01
C PHE D 1836 -45.13 12.03 -88.51
N GLN D 1837 -44.17 12.71 -89.12
CA GLN D 1837 -43.89 12.51 -90.54
C GLN D 1837 -43.31 11.12 -90.80
N PHE D 1838 -42.43 10.65 -89.91
CA PHE D 1838 -41.63 9.46 -90.17
C PHE D 1838 -42.10 8.21 -89.43
N VAL D 1839 -42.60 8.33 -88.21
CA VAL D 1839 -42.88 7.15 -87.39
C VAL D 1839 -43.90 6.21 -88.04
N PRO D 1840 -45.08 6.67 -88.47
CA PRO D 1840 -46.07 5.72 -88.99
C PRO D 1840 -45.64 5.01 -90.26
N VAL D 1841 -45.04 5.73 -91.22
CA VAL D 1841 -44.65 5.08 -92.47
C VAL D 1841 -43.55 4.05 -92.22
N LEU D 1842 -42.57 4.36 -91.36
CA LEU D 1842 -41.53 3.38 -91.06
C LEU D 1842 -42.08 2.18 -90.29
N LYS D 1843 -43.03 2.40 -89.38
CA LYS D 1843 -43.66 1.28 -88.70
C LYS D 1843 -44.37 0.36 -89.68
N LEU D 1844 -45.15 0.94 -90.61
CA LEU D 1844 -45.84 0.13 -91.60
C LEU D 1844 -44.85 -0.62 -92.50
N VAL D 1845 -43.76 0.05 -92.90
CA VAL D 1845 -42.79 -0.60 -93.77
C VAL D 1845 -42.11 -1.76 -93.05
N SER D 1846 -41.76 -1.56 -91.77
CA SER D 1846 -41.16 -2.66 -91.00
C SER D 1846 -42.12 -3.82 -90.84
N THR D 1847 -43.40 -3.55 -90.55
CA THR D 1847 -44.37 -4.63 -90.42
C THR D 1847 -44.53 -5.38 -91.72
N LEU D 1848 -44.57 -4.67 -92.85
CA LEU D 1848 -44.65 -5.33 -94.15
C LEU D 1848 -43.41 -6.16 -94.44
N LEU D 1849 -42.22 -5.65 -94.10
CA LEU D 1849 -40.98 -6.34 -94.41
C LEU D 1849 -40.79 -7.59 -93.57
N VAL D 1850 -41.25 -7.57 -92.31
CA VAL D 1850 -41.11 -8.75 -91.47
C VAL D 1850 -41.88 -9.93 -92.05
N MET D 1851 -43.10 -9.70 -92.53
CA MET D 1851 -43.91 -10.77 -93.09
C MET D 1851 -43.34 -11.33 -94.39
N GLY D 1852 -42.37 -10.66 -95.00
CA GLY D 1852 -41.78 -11.16 -96.23
C GLY D 1852 -42.63 -10.98 -97.46
N ILE D 1853 -43.42 -9.90 -97.53
CA ILE D 1853 -44.26 -9.67 -98.70
C ILE D 1853 -43.50 -8.97 -99.83
N PHE D 1854 -42.37 -8.34 -99.53
CA PHE D 1854 -41.59 -7.63 -100.54
C PHE D 1854 -40.85 -8.60 -101.45
N GLY D 1855 -40.73 -8.23 -102.72
CA GLY D 1855 -39.94 -9.01 -103.65
C GLY D 1855 -38.47 -8.65 -103.60
N ASP D 1856 -37.68 -9.33 -104.42
CA ASP D 1856 -36.24 -9.11 -104.43
C ASP D 1856 -35.87 -7.71 -104.89
N GLU D 1857 -36.51 -7.21 -105.95
CA GLU D 1857 -36.24 -5.85 -106.39
C GLU D 1857 -36.75 -4.82 -105.39
N ASP D 1858 -37.88 -5.09 -104.74
CA ASP D 1858 -38.38 -4.20 -103.71
C ASP D 1858 -37.42 -4.13 -102.52
N VAL D 1859 -36.76 -5.24 -102.20
CA VAL D 1859 -35.75 -5.22 -101.14
C VAL D 1859 -34.59 -4.30 -101.52
N LYS D 1860 -34.13 -4.37 -102.77
CA LYS D 1860 -33.08 -3.46 -103.21
C LYS D 1860 -33.53 -2.01 -103.15
N GLN D 1861 -34.78 -1.73 -103.57
CA GLN D 1861 -35.28 -0.37 -103.52
C GLN D 1861 -35.35 0.14 -102.08
N ILE D 1862 -35.78 -0.71 -101.15
CA ILE D 1862 -35.80 -0.32 -99.74
C ILE D 1862 -34.39 -0.07 -99.23
N LEU D 1863 -33.45 -0.96 -99.55
CA LEU D 1863 -32.07 -0.81 -99.14
C LEU D 1863 -31.40 0.42 -99.74
N LYS D 1864 -31.91 0.93 -100.84
CA LYS D 1864 -31.33 2.10 -101.51
C LYS D 1864 -31.47 3.39 -100.69
N MET D 1865 -32.00 3.32 -99.47
CA MET D 1865 -32.07 4.53 -98.64
C MET D 1865 -30.69 5.07 -98.31
N ILE D 1866 -29.67 4.21 -98.32
CA ILE D 1866 -28.29 4.63 -98.15
C ILE D 1866 -27.59 4.34 -99.47
N GLU D 1867 -27.64 5.32 -100.38
CA GLU D 1867 -27.14 5.16 -101.74
C GLU D 1867 -25.63 4.91 -101.79
N PRO D 1868 -24.79 5.73 -101.15
CA PRO D 1868 -23.34 5.51 -101.32
C PRO D 1868 -22.85 4.16 -100.84
N GLU D 1869 -23.44 3.62 -99.77
CA GLU D 1869 -22.95 2.38 -99.20
C GLU D 1869 -23.37 1.15 -99.97
N VAL D 1870 -24.58 1.12 -100.52
CA VAL D 1870 -25.09 -0.09 -101.17
C VAL D 1870 -24.28 -0.40 -102.42
N PHE D 1871 -24.12 0.59 -103.29
CA PHE D 1871 -23.37 0.44 -104.55
C PHE D 1871 -23.87 -0.78 -105.33
N THR D 1872 -25.15 -0.69 -105.73
CA THR D 1872 -25.80 -1.82 -106.38
C THR D 1872 -25.11 -2.20 -107.68
N GLU D 1873 -24.74 -1.20 -108.47
CA GLU D 1873 -24.02 -1.46 -109.71
C GLU D 1873 -22.60 -1.93 -109.42
N GLU D 1874 -22.07 -2.75 -110.32
CA GLU D 1874 -20.72 -3.28 -110.19
C GLU D 1874 -19.97 -3.22 -111.51
N LEU D 1922 -28.25 16.46 -105.26
CA LEU D 1922 -27.83 16.36 -103.87
C LEU D 1922 -28.60 15.25 -103.14
N GLU D 1923 -28.33 14.01 -103.52
CA GLU D 1923 -29.00 12.87 -102.90
C GLU D 1923 -28.48 12.67 -101.49
N GLU D 1924 -29.41 12.58 -100.53
CA GLU D 1924 -29.07 12.41 -99.13
C GLU D 1924 -29.77 11.17 -98.59
N GLY D 1925 -29.02 10.33 -97.88
CA GLY D 1925 -29.57 9.13 -97.29
C GLY D 1925 -30.43 9.42 -96.07
N LEU D 1926 -31.13 8.37 -95.62
CA LEU D 1926 -32.01 8.51 -94.47
C LEU D 1926 -31.23 8.65 -93.16
N LEU D 1927 -30.05 8.06 -93.07
CA LEU D 1927 -29.32 8.06 -91.81
C LEU D 1927 -28.46 9.31 -91.64
N GLN D 1928 -28.27 10.09 -92.71
CA GLN D 1928 -27.40 11.27 -92.60
C GLN D 1928 -28.09 12.42 -91.89
N MET D 1929 -29.39 12.62 -92.12
CA MET D 1929 -30.07 13.76 -91.53
C MET D 1929 -30.26 13.57 -90.03
N LYS D 1930 -30.48 14.68 -89.34
CA LYS D 1930 -30.74 14.66 -87.91
C LYS D 1930 -32.13 14.10 -87.64
N LEU D 1931 -32.28 13.43 -86.49
CA LEU D 1931 -33.53 12.77 -86.15
C LEU D 1931 -33.93 13.13 -84.73
N PRO D 1932 -35.23 13.10 -84.42
CA PRO D 1932 -35.68 13.55 -83.09
C PRO D 1932 -35.53 12.50 -82.00
N GLU D 1933 -34.71 11.48 -82.24
CA GLU D 1933 -34.39 10.41 -81.30
C GLU D 1933 -35.59 9.53 -80.96
N SER D 1934 -36.73 9.74 -81.60
CA SER D 1934 -37.87 8.84 -81.49
C SER D 1934 -38.04 7.95 -82.71
N VAL D 1935 -37.62 8.42 -83.88
CA VAL D 1935 -37.60 7.59 -85.07
C VAL D 1935 -36.32 6.76 -85.15
N LYS D 1936 -35.30 7.12 -84.36
CA LYS D 1936 -34.09 6.32 -84.31
C LYS D 1936 -34.37 4.92 -83.75
N LEU D 1937 -35.32 4.81 -82.82
CA LEU D 1937 -35.72 3.50 -82.33
C LEU D 1937 -36.34 2.65 -83.43
N GLN D 1938 -37.20 3.25 -84.24
CA GLN D 1938 -37.81 2.52 -85.35
C GLN D 1938 -36.80 2.14 -86.42
N MET D 1939 -35.76 2.96 -86.59
CA MET D 1939 -34.69 2.61 -87.55
C MET D 1939 -33.98 1.33 -87.14
N CYS D 1940 -33.72 1.16 -85.84
CA CYS D 1940 -33.02 -0.04 -85.37
C CYS D 1940 -33.83 -1.31 -85.64
N ASN D 1941 -35.15 -1.26 -85.46
CA ASN D 1941 -35.97 -2.42 -85.76
C ASN D 1941 -35.87 -2.82 -87.22
N LEU D 1942 -35.89 -1.83 -88.12
CA LEU D 1942 -35.75 -2.13 -89.54
C LEU D 1942 -34.37 -2.70 -89.85
N LEU D 1943 -33.33 -2.17 -89.22
CA LEU D 1943 -31.98 -2.65 -89.50
C LEU D 1943 -31.74 -4.05 -88.91
N GLU D 1944 -32.45 -4.40 -87.85
CA GLU D 1944 -32.26 -5.70 -87.21
C GLU D 1944 -32.62 -6.85 -88.13
N TYR D 1945 -33.70 -6.72 -88.91
CA TYR D 1945 -34.06 -7.78 -89.84
C TYR D 1945 -32.99 -7.99 -90.90
N PHE D 1946 -32.43 -6.89 -91.41
CA PHE D 1946 -31.34 -7.00 -92.39
C PHE D 1946 -30.13 -7.67 -91.78
N CYS D 1947 -29.81 -7.37 -90.51
CA CYS D 1947 -28.75 -8.08 -89.83
C CYS D 1947 -29.04 -9.57 -89.67
N ASP D 1948 -30.29 -9.93 -89.36
CA ASP D 1948 -30.66 -11.32 -89.10
C ASP D 1948 -30.62 -12.14 -90.39
N GLN D 1949 -30.93 -11.52 -91.52
CA GLN D 1949 -30.90 -12.24 -92.80
C GLN D 1949 -29.51 -12.82 -93.08
N GLU D 1950 -28.45 -12.12 -92.69
CA GLU D 1950 -27.11 -12.65 -92.90
C GLU D 1950 -26.88 -13.94 -92.12
N LEU D 1951 -27.33 -13.99 -90.86
CA LEU D 1951 -27.22 -15.22 -90.08
C LEU D 1951 -28.03 -16.34 -90.71
N GLN D 1952 -29.25 -16.03 -91.15
CA GLN D 1952 -30.06 -17.03 -91.84
C GLN D 1952 -29.32 -17.62 -93.04
N HIS D 1953 -28.80 -16.74 -93.90
CA HIS D 1953 -28.10 -17.20 -95.10
C HIS D 1953 -26.86 -18.00 -94.76
N ARG D 1954 -26.09 -17.58 -93.75
CA ARG D 1954 -24.89 -18.30 -93.38
C ARG D 1954 -25.22 -19.71 -92.87
N VAL D 1955 -26.22 -19.82 -92.00
CA VAL D 1955 -26.60 -21.13 -91.47
C VAL D 1955 -27.07 -22.05 -92.59
N GLU D 1956 -27.90 -21.53 -93.50
CA GLU D 1956 -28.39 -22.38 -94.57
C GLU D 1956 -27.31 -22.76 -95.56
N SER D 1957 -26.34 -21.88 -95.83
CA SER D 1957 -25.20 -22.27 -96.67
C SER D 1957 -24.38 -23.36 -96.01
N LEU D 1958 -24.14 -23.26 -94.69
CA LEU D 1958 -23.42 -24.33 -94.00
C LEU D 1958 -24.18 -25.66 -94.09
N ALA D 1959 -25.49 -25.62 -93.90
CA ALA D 1959 -26.29 -26.83 -94.00
C ALA D 1959 -26.23 -27.42 -95.41
N ALA D 1960 -26.25 -26.57 -96.44
CA ALA D 1960 -26.14 -27.06 -97.80
C ALA D 1960 -24.78 -27.70 -98.07
N PHE D 1961 -23.70 -27.12 -97.54
CA PHE D 1961 -22.37 -27.70 -97.75
C PHE D 1961 -22.21 -29.02 -97.01
N ALA D 1962 -22.88 -29.16 -95.86
CA ALA D 1962 -22.71 -30.36 -95.04
C ALA D 1962 -23.13 -31.63 -95.78
N GLU D 1963 -24.26 -31.60 -96.48
CA GLU D 1963 -24.72 -32.80 -97.18
C GLU D 1963 -23.76 -33.21 -98.30
N ARG D 1964 -23.21 -32.25 -99.05
CA ARG D 1964 -22.25 -32.59 -100.09
C ARG D 1964 -20.98 -33.19 -99.49
N TYR D 1965 -20.49 -32.61 -98.40
CA TYR D 1965 -19.28 -33.15 -97.80
C TYR D 1965 -19.49 -34.56 -97.26
N VAL D 1966 -20.62 -34.79 -96.59
CA VAL D 1966 -20.89 -36.13 -96.06
C VAL D 1966 -21.15 -37.13 -97.18
N ASP D 1967 -21.73 -36.70 -98.30
CA ASP D 1967 -21.89 -37.59 -99.44
C ASP D 1967 -20.55 -38.00 -100.02
N LYS D 1968 -19.60 -37.06 -100.10
CA LYS D 1968 -18.26 -37.43 -100.55
C LYS D 1968 -17.57 -38.37 -99.56
N LEU D 1969 -17.72 -38.09 -98.25
CA LEU D 1969 -17.06 -38.92 -97.24
C LEU D 1969 -17.59 -40.35 -97.22
N GLN D 1970 -18.91 -40.52 -97.31
CA GLN D 1970 -19.46 -41.88 -97.31
C GLN D 1970 -19.07 -42.64 -98.55
N ALA D 1971 -18.85 -41.95 -99.67
CA ALA D 1971 -18.35 -42.61 -100.87
C ALA D 1971 -16.89 -43.03 -100.73
N ASN D 1972 -16.07 -42.17 -100.12
CA ASN D 1972 -14.68 -42.55 -99.88
C ASN D 1972 -14.56 -43.72 -98.91
N GLN D 1973 -15.43 -43.75 -97.89
CA GLN D 1973 -15.38 -44.84 -96.91
C GLN D 1973 -15.64 -46.19 -97.56
N ARG D 1974 -16.52 -46.25 -98.56
CA ARG D 1974 -16.78 -47.51 -99.23
C ARG D 1974 -15.54 -48.07 -99.91
N SER D 1975 -14.78 -47.23 -100.62
CA SER D 1975 -13.53 -47.68 -101.23
C SER D 1975 -12.51 -48.06 -100.17
N ARG D 1976 -12.42 -47.28 -99.09
CA ARG D 1976 -11.45 -47.60 -98.05
C ARG D 1976 -11.74 -48.95 -97.40
N TYR D 1977 -13.03 -49.26 -97.17
CA TYR D 1977 -13.38 -50.57 -96.64
C TYR D 1977 -13.24 -51.69 -97.66
N ALA D 1978 -13.49 -51.40 -98.94
CA ALA D 1978 -13.31 -52.41 -99.98
C ALA D 1978 -11.85 -52.82 -100.12
N LEU D 1979 -10.93 -51.87 -99.97
CA LEU D 1979 -9.51 -52.22 -100.00
C LEU D 1979 -9.16 -53.19 -98.89
N LEU D 1980 -9.62 -52.92 -97.66
CA LEU D 1980 -9.36 -53.83 -96.55
C LEU D 1980 -10.01 -55.20 -96.78
N MET D 1981 -11.24 -55.21 -97.29
CA MET D 1981 -11.92 -56.47 -97.55
C MET D 1981 -11.18 -57.30 -98.60
N ARG D 1982 -10.69 -56.66 -99.66
CA ARG D 1982 -9.90 -57.37 -100.67
C ARG D 1982 -8.53 -57.77 -100.14
N ALA D 1983 -8.01 -57.08 -99.13
CA ALA D 1983 -6.72 -57.46 -98.55
C ALA D 1983 -6.84 -58.82 -97.87
N PHE D 1984 -6.02 -59.78 -98.31
CA PHE D 1984 -6.06 -61.13 -97.79
C PHE D 1984 -5.07 -61.38 -96.66
N THR D 1985 -4.22 -60.41 -96.33
CA THR D 1985 -3.24 -60.59 -95.27
C THR D 1985 -3.91 -60.52 -93.90
N MET D 1986 -3.42 -61.33 -92.97
CA MET D 1986 -3.90 -61.36 -91.60
C MET D 1986 -2.74 -61.09 -90.65
N SER D 1987 -2.90 -60.07 -89.81
CA SER D 1987 -1.85 -59.69 -88.87
C SER D 1987 -2.46 -58.87 -87.75
N ALA D 1988 -1.66 -58.65 -86.70
CA ALA D 1988 -2.13 -57.83 -85.58
C ALA D 1988 -2.41 -56.40 -86.02
N ALA D 1989 -1.55 -55.83 -86.87
CA ALA D 1989 -1.79 -54.48 -87.37
C ALA D 1989 -3.06 -54.42 -88.22
N GLU D 1990 -3.27 -55.43 -89.08
CA GLU D 1990 -4.49 -55.48 -89.88
C GLU D 1990 -5.73 -55.58 -89.00
N THR D 1991 -5.67 -56.41 -87.95
CA THR D 1991 -6.80 -56.50 -87.02
C THR D 1991 -7.04 -55.18 -86.30
N ALA D 1992 -5.98 -54.51 -85.87
CA ALA D 1992 -6.14 -53.21 -85.22
C ALA D 1992 -6.77 -52.19 -86.16
N ARG D 1993 -6.35 -52.18 -87.43
CA ARG D 1993 -6.98 -51.29 -88.41
C ARG D 1993 -8.45 -51.64 -88.64
N ARG D 1994 -8.78 -52.93 -88.69
CA ARG D 1994 -10.14 -53.36 -88.96
C ARG D 1994 -11.08 -53.19 -87.78
N THR D 1995 -10.56 -53.12 -86.56
CA THR D 1995 -11.44 -52.93 -85.40
C THR D 1995 -12.19 -51.62 -85.43
N ARG D 1996 -11.66 -50.61 -86.13
CA ARG D 1996 -12.28 -49.28 -86.12
C ARG D 1996 -13.69 -49.31 -86.69
N GLU D 1997 -13.88 -50.00 -87.82
CA GLU D 1997 -15.20 -50.03 -88.44
C GLU D 1997 -16.15 -51.00 -87.72
N PHE D 1998 -15.65 -52.14 -87.25
CA PHE D 1998 -16.50 -53.09 -86.55
C PHE D 1998 -17.01 -52.51 -85.23
N ARG D 1999 -16.10 -52.00 -84.41
CA ARG D 1999 -16.46 -51.30 -83.18
C ARG D 1999 -16.72 -49.84 -83.52
N SER D 2000 -16.77 -48.97 -82.51
CA SER D 2000 -16.90 -47.54 -82.72
C SER D 2000 -18.20 -47.21 -83.46
N PRO D 2001 -19.34 -47.24 -82.77
CA PRO D 2001 -20.62 -46.87 -83.40
C PRO D 2001 -20.50 -45.53 -84.12
N PRO D 2002 -21.40 -45.24 -85.07
CA PRO D 2002 -21.14 -44.16 -86.04
C PRO D 2002 -20.77 -42.83 -85.42
N GLN D 2003 -21.11 -42.59 -84.15
CA GLN D 2003 -20.65 -41.37 -83.49
C GLN D 2003 -19.13 -41.30 -83.45
N GLU D 2004 -18.47 -42.35 -82.97
CA GLU D 2004 -17.01 -42.37 -82.94
C GLU D 2004 -16.43 -42.31 -84.35
N GLN D 2005 -17.04 -43.00 -85.30
CA GLN D 2005 -16.54 -42.95 -86.67
C GLN D 2005 -16.56 -41.54 -87.22
N ILE D 2006 -17.69 -40.84 -87.13
CA ILE D 2006 -17.80 -39.50 -87.69
C ILE D 2006 -16.96 -38.51 -86.90
N ASN D 2007 -16.72 -38.79 -85.61
CA ASN D 2007 -15.91 -37.88 -84.82
C ASN D 2007 -14.43 -38.04 -85.12
N MET D 2008 -13.99 -39.26 -85.44
CA MET D 2008 -12.56 -39.53 -85.55
C MET D 2008 -11.93 -38.80 -86.73
N LEU D 2009 -12.51 -38.94 -87.92
CA LEU D 2009 -11.83 -38.45 -89.12
C LEU D 2009 -11.91 -36.94 -89.27
N LEU D 2010 -12.92 -36.28 -88.67
CA LEU D 2010 -13.00 -34.83 -88.77
C LEU D 2010 -11.87 -34.16 -88.00
N HIS D 2011 -11.48 -34.72 -86.85
CA HIS D 2011 -10.37 -34.17 -86.09
C HIS D 2011 -9.06 -34.23 -86.88
N PHE D 2012 -8.92 -35.24 -87.75
CA PHE D 2012 -7.71 -35.35 -88.56
C PHE D 2012 -7.55 -34.16 -89.49
N LYS D 2013 -8.63 -33.76 -90.18
CA LYS D 2013 -8.54 -32.64 -91.11
C LYS D 2013 -8.31 -31.32 -90.37
N ASP D 2014 -8.91 -31.15 -89.21
CA ASP D 2014 -8.78 -29.93 -88.41
C ASP D 2014 -7.73 -30.20 -87.33
N GLU D 2015 -6.48 -29.97 -87.67
CA GLU D 2015 -5.37 -30.15 -86.75
C GLU D 2015 -4.47 -28.92 -86.79
N ALA D 2016 -3.75 -28.70 -85.69
CA ALA D 2016 -2.90 -27.52 -85.58
C ALA D 2016 -1.72 -27.60 -86.54
N ASP D 2017 -0.85 -28.60 -86.35
CA ASP D 2017 0.30 -28.77 -87.24
C ASP D 2017 0.52 -30.19 -87.72
N GLU D 2018 0.02 -31.21 -87.01
CA GLU D 2018 0.21 -32.60 -87.42
C GLU D 2018 -0.98 -33.41 -86.95
N GLU D 2019 -1.46 -34.31 -87.82
CA GLU D 2019 -2.61 -35.15 -87.50
C GLU D 2019 -2.28 -36.64 -87.42
N ASP D 2020 -1.18 -37.07 -88.06
CA ASP D 2020 -0.82 -38.49 -88.12
C ASP D 2020 -1.98 -39.32 -88.65
N CYS D 2021 -2.56 -38.85 -89.75
CA CYS D 2021 -3.79 -39.44 -90.31
C CYS D 2021 -3.50 -40.19 -91.60
N PRO D 2022 -3.51 -41.51 -91.59
CA PRO D 2022 -3.39 -42.27 -92.85
C PRO D 2022 -4.74 -42.54 -93.52
N LEU D 2023 -5.85 -42.34 -92.83
CA LEU D 2023 -7.16 -42.64 -93.44
C LEU D 2023 -7.59 -41.56 -94.44
N PRO D 2024 -7.64 -40.28 -94.10
CA PRO D 2024 -8.10 -39.29 -95.08
C PRO D 2024 -7.18 -39.19 -96.27
N GLU D 2025 -7.78 -38.90 -97.43
CA GLU D 2025 -7.04 -38.74 -98.67
C GLU D 2025 -6.53 -37.31 -98.79
N ASP D 2026 -6.04 -36.95 -99.97
CA ASP D 2026 -5.54 -35.61 -100.22
C ASP D 2026 -6.66 -34.58 -100.42
N ILE D 2027 -7.92 -35.02 -100.50
CA ILE D 2027 -9.04 -34.11 -100.71
C ILE D 2027 -9.50 -33.43 -99.44
N ARG D 2028 -8.79 -33.62 -98.32
CA ARG D 2028 -9.20 -33.02 -97.06
C ARG D 2028 -8.97 -31.51 -97.04
N GLN D 2029 -8.23 -30.97 -98.00
CA GLN D 2029 -7.99 -29.53 -98.06
C GLN D 2029 -9.24 -28.75 -98.41
N ASP D 2030 -10.26 -29.40 -98.97
CA ASP D 2030 -11.50 -28.70 -99.27
C ASP D 2030 -12.18 -28.18 -98.01
N LEU D 2031 -12.17 -28.97 -96.94
CA LEU D 2031 -12.74 -28.51 -95.68
C LEU D 2031 -11.99 -27.29 -95.14
N GLN D 2032 -10.66 -27.31 -95.21
CA GLN D 2032 -9.88 -26.15 -94.78
C GLN D 2032 -10.19 -24.93 -95.63
N ASP D 2033 -10.31 -25.10 -96.94
CA ASP D 2033 -10.65 -23.98 -97.80
C ASP D 2033 -12.02 -23.40 -97.47
N PHE D 2034 -13.01 -24.27 -97.25
CA PHE D 2034 -14.35 -23.80 -96.89
C PHE D 2034 -14.35 -23.10 -95.54
N HIS D 2035 -13.60 -23.63 -94.57
CA HIS D 2035 -13.52 -22.98 -93.26
C HIS D 2035 -12.86 -21.61 -93.37
N GLN D 2036 -11.80 -21.48 -94.17
CA GLN D 2036 -11.19 -20.17 -94.39
C GLN D 2036 -12.16 -19.21 -95.07
N ASP D 2037 -12.92 -19.70 -96.05
CA ASP D 2037 -13.92 -18.85 -96.70
C ASP D 2037 -14.99 -18.38 -95.71
N LEU D 2038 -15.44 -19.28 -94.83
CA LEU D 2038 -16.42 -18.89 -93.82
C LEU D 2038 -15.87 -17.87 -92.84
N LEU D 2039 -14.60 -18.04 -92.42
CA LEU D 2039 -13.99 -17.05 -91.55
C LEU D 2039 -13.89 -15.70 -92.24
N ALA D 2040 -13.52 -15.70 -93.53
CA ALA D 2040 -13.47 -14.44 -94.27
C ALA D 2040 -14.85 -13.80 -94.39
N HIS D 2041 -15.88 -14.61 -94.63
CA HIS D 2041 -17.23 -14.06 -94.71
C HIS D 2041 -17.70 -13.49 -93.39
N CYS D 2042 -17.35 -14.12 -92.28
CA CYS D 2042 -17.75 -13.65 -90.96
C CYS D 2042 -16.94 -12.40 -90.61
N GLY D 2043 -17.09 -11.92 -89.37
CA GLY D 2043 -16.40 -10.71 -88.96
C GLY D 2043 -14.91 -10.88 -88.75
N ILE D 2044 -14.42 -12.11 -88.67
CA ILE D 2044 -13.01 -12.34 -88.46
C ILE D 2044 -12.23 -11.93 -89.70
N GLN D 2045 -11.20 -11.11 -89.50
CA GLN D 2045 -10.38 -10.66 -90.62
C GLN D 2045 -9.62 -11.83 -91.25
N LEU D 2046 -8.96 -12.63 -90.42
CA LEU D 2046 -8.20 -13.82 -90.79
C LEU D 2046 -7.02 -13.53 -91.72
N GLU D 2047 -6.74 -12.26 -92.01
CA GLU D 2047 -5.63 -11.91 -92.89
C GLU D 2047 -4.38 -11.52 -92.10
N GLY D 2048 -4.53 -10.69 -91.07
CA GLY D 2048 -3.41 -10.26 -90.26
C GLY D 2048 -2.94 -11.33 -89.29
N LYS D 2089 -12.54 7.08 -93.28
CA LYS D 2089 -12.54 6.30 -94.52
C LYS D 2089 -13.96 5.96 -94.95
N LYS D 2090 -14.12 4.81 -95.59
CA LYS D 2090 -15.42 4.35 -96.04
C LYS D 2090 -15.72 2.96 -95.48
N PRO D 2091 -16.92 2.74 -94.97
CA PRO D 2091 -17.26 1.42 -94.43
C PRO D 2091 -17.24 0.33 -95.49
N GLN D 2092 -17.90 0.59 -96.62
CA GLN D 2092 -18.00 -0.31 -97.77
C GLN D 2092 -18.67 -1.64 -97.42
N SER D 2093 -19.27 -1.75 -96.24
CA SER D 2093 -19.94 -2.97 -95.83
C SER D 2093 -20.95 -2.65 -94.74
N LEU D 2094 -22.00 -3.48 -94.67
CA LEU D 2094 -23.03 -3.29 -93.65
C LEU D 2094 -22.44 -3.40 -92.25
N GLN D 2095 -21.50 -4.33 -92.06
CA GLN D 2095 -20.91 -4.52 -90.74
C GLN D 2095 -20.20 -3.27 -90.25
N GLU D 2096 -19.29 -2.72 -91.04
CA GLU D 2096 -18.58 -1.51 -90.67
C GLU D 2096 -19.51 -0.32 -90.57
N LEU D 2097 -20.50 -0.23 -91.46
CA LEU D 2097 -21.45 0.88 -91.40
C LEU D 2097 -22.20 0.88 -90.07
N VAL D 2098 -22.71 -0.28 -89.65
CA VAL D 2098 -23.44 -0.35 -88.39
C VAL D 2098 -22.53 -0.06 -87.22
N SER D 2099 -21.31 -0.64 -87.23
CA SER D 2099 -20.39 -0.42 -86.13
C SER D 2099 -20.04 1.06 -85.98
N HIS D 2100 -19.84 1.76 -87.10
CA HIS D 2100 -19.48 3.17 -87.03
C HIS D 2100 -20.69 4.05 -86.72
N MET D 2101 -21.88 3.64 -87.14
CA MET D 2101 -23.07 4.46 -86.93
C MET D 2101 -23.56 4.38 -85.48
N VAL D 2102 -23.50 3.19 -84.88
CA VAL D 2102 -23.99 3.04 -83.52
C VAL D 2102 -23.17 3.89 -82.55
N VAL D 2103 -21.85 3.87 -82.68
CA VAL D 2103 -21.01 4.66 -81.80
C VAL D 2103 -21.21 6.15 -82.04
N ARG D 2104 -21.42 6.56 -83.29
CA ARG D 2104 -21.65 7.97 -83.59
C ARG D 2104 -22.93 8.48 -82.97
N TRP D 2105 -24.00 7.67 -82.98
CA TRP D 2105 -25.25 8.12 -82.37
C TRP D 2105 -25.07 8.42 -80.88
N ALA D 2106 -24.35 7.57 -80.17
CA ALA D 2106 -24.12 7.82 -78.75
C ALA D 2106 -23.12 8.94 -78.51
N GLN D 2107 -22.15 9.11 -79.41
CA GLN D 2107 -21.14 10.14 -79.23
C GLN D 2107 -21.70 11.53 -79.51
N GLU D 2108 -22.70 11.63 -80.38
CA GLU D 2108 -23.22 12.94 -80.78
C GLU D 2108 -23.80 13.70 -79.59
N ASP D 2109 -24.61 13.04 -78.76
CA ASP D 2109 -25.24 13.70 -77.64
C ASP D 2109 -25.75 12.66 -76.65
N TYR D 2110 -26.26 13.15 -75.52
CA TYR D 2110 -26.86 12.27 -74.53
C TYR D 2110 -28.10 11.60 -75.10
N VAL D 2111 -28.37 10.38 -74.64
CA VAL D 2111 -29.48 9.57 -75.13
C VAL D 2111 -30.42 9.31 -73.98
N GLN D 2112 -31.69 9.69 -74.15
CA GLN D 2112 -32.76 9.38 -73.21
C GLN D 2112 -33.49 8.12 -73.69
N SER D 2113 -34.61 7.80 -73.03
CA SER D 2113 -35.45 6.66 -73.40
C SER D 2113 -34.62 5.38 -73.35
N PRO D 2114 -34.38 4.83 -72.15
CA PRO D 2114 -33.44 3.70 -72.02
C PRO D 2114 -33.75 2.51 -72.93
N GLU D 2115 -34.99 2.37 -73.41
CA GLU D 2115 -35.29 1.30 -74.35
C GLU D 2115 -34.48 1.48 -75.63
N LEU D 2116 -34.32 2.73 -76.09
CA LEU D 2116 -33.54 3.00 -77.28
C LEU D 2116 -32.09 2.55 -77.12
N VAL D 2117 -31.45 2.90 -76.01
CA VAL D 2117 -30.06 2.50 -75.80
C VAL D 2117 -29.94 1.00 -75.59
N ARG D 2118 -30.94 0.38 -74.94
CA ARG D 2118 -30.94 -1.08 -74.82
C ARG D 2118 -30.93 -1.74 -76.18
N ALA D 2119 -31.84 -1.34 -77.07
CA ALA D 2119 -31.86 -1.88 -78.42
C ALA D 2119 -30.57 -1.57 -79.18
N MET D 2120 -30.05 -0.36 -79.02
CA MET D 2120 -28.83 0.03 -79.70
C MET D 2120 -27.67 -0.89 -79.34
N PHE D 2121 -27.44 -1.08 -78.04
CA PHE D 2121 -26.33 -1.92 -77.61
C PHE D 2121 -26.57 -3.39 -77.90
N SER D 2122 -27.82 -3.85 -77.81
CA SER D 2122 -28.10 -5.24 -78.19
C SER D 2122 -27.79 -5.48 -79.67
N LEU D 2123 -28.12 -4.52 -80.53
CA LEU D 2123 -27.78 -4.64 -81.95
C LEU D 2123 -26.29 -4.51 -82.21
N LEU D 2124 -25.59 -3.69 -81.42
CA LEU D 2124 -24.16 -3.49 -81.65
C LEU D 2124 -23.33 -4.68 -81.20
N HIS D 2125 -23.72 -5.33 -80.10
CA HIS D 2125 -22.99 -6.50 -79.63
C HIS D 2125 -23.06 -7.65 -80.63
N ARG D 2126 -24.25 -7.91 -81.19
CA ARG D 2126 -24.36 -8.92 -82.24
C ARG D 2126 -23.49 -8.57 -83.43
N GLN D 2127 -23.34 -7.28 -83.72
CA GLN D 2127 -22.58 -6.88 -84.90
C GLN D 2127 -21.09 -7.11 -84.68
N TYR D 2128 -20.58 -6.75 -83.50
CA TYR D 2128 -19.18 -7.08 -83.18
C TYR D 2128 -18.96 -8.59 -83.15
N ASP D 2129 -19.76 -9.32 -82.38
CA ASP D 2129 -19.53 -10.76 -82.18
C ASP D 2129 -20.46 -11.53 -83.12
N GLY D 2130 -19.96 -11.78 -84.34
CA GLY D 2130 -20.74 -12.54 -85.28
C GLY D 2130 -20.62 -14.04 -85.10
N LEU D 2131 -19.45 -14.52 -84.69
CA LEU D 2131 -19.27 -15.96 -84.49
C LEU D 2131 -20.03 -16.44 -83.27
N GLY D 2132 -20.11 -15.63 -82.22
CA GLY D 2132 -20.80 -16.05 -81.01
C GLY D 2132 -22.27 -16.29 -81.24
N GLU D 2133 -22.94 -15.38 -81.96
CA GLU D 2133 -24.36 -15.56 -82.24
C GLU D 2133 -24.60 -16.78 -83.12
N LEU D 2134 -23.74 -17.00 -84.12
CA LEU D 2134 -23.88 -18.18 -84.98
C LEU D 2134 -23.72 -19.46 -84.17
N LEU D 2135 -22.72 -19.50 -83.29
CA LEU D 2135 -22.51 -20.68 -82.45
C LEU D 2135 -23.69 -20.89 -81.50
N ARG D 2136 -24.25 -19.82 -80.95
CA ARG D 2136 -25.39 -19.96 -80.06
C ARG D 2136 -26.64 -20.45 -80.80
N ALA D 2137 -26.84 -20.00 -82.04
CA ALA D 2137 -28.02 -20.37 -82.81
C ALA D 2137 -27.85 -21.65 -83.61
N LEU D 2138 -26.64 -22.21 -83.67
CA LEU D 2138 -26.39 -23.45 -84.39
C LEU D 2138 -27.26 -24.62 -83.93
N PRO D 2139 -27.47 -24.84 -82.62
CA PRO D 2139 -28.28 -26.00 -82.21
C PRO D 2139 -29.69 -26.00 -82.76
N ARG D 2140 -30.24 -24.84 -83.13
CA ARG D 2140 -31.58 -24.81 -83.71
C ARG D 2140 -31.61 -25.34 -85.13
N ALA D 2141 -30.46 -25.44 -85.78
CA ALA D 2141 -30.42 -25.86 -87.18
C ALA D 2141 -30.77 -27.34 -87.31
N TYR D 2142 -31.53 -27.67 -88.34
CA TYR D 2142 -31.90 -29.05 -88.63
C TYR D 2142 -32.10 -29.22 -90.13
N THR D 2143 -31.80 -30.43 -90.61
CA THR D 2143 -31.96 -30.77 -92.01
C THR D 2143 -32.85 -32.00 -92.12
N ILE D 2144 -33.69 -32.05 -93.16
CA ILE D 2144 -34.59 -33.17 -93.38
C ILE D 2144 -34.50 -33.59 -94.83
N SER D 2145 -34.92 -34.83 -95.08
CA SER D 2145 -34.96 -35.42 -96.41
C SER D 2145 -36.19 -34.92 -97.17
N PRO D 2146 -36.09 -34.81 -98.50
CA PRO D 2146 -37.27 -34.40 -99.29
C PRO D 2146 -38.38 -35.43 -99.19
N SER D 2147 -39.53 -35.05 -99.76
CA SER D 2147 -40.78 -35.81 -99.76
C SER D 2147 -41.35 -36.00 -98.37
N SER D 2148 -40.77 -35.36 -97.35
CA SER D 2148 -41.30 -35.41 -95.99
C SER D 2148 -41.65 -34.04 -95.46
N VAL D 2149 -41.61 -33.01 -96.31
CA VAL D 2149 -41.92 -31.66 -95.86
C VAL D 2149 -43.42 -31.45 -95.74
N GLU D 2150 -44.21 -32.18 -96.52
CA GLU D 2150 -45.66 -32.02 -96.47
C GLU D 2150 -46.20 -32.46 -95.12
N ASP D 2151 -45.64 -33.52 -94.54
CA ASP D 2151 -46.13 -34.01 -93.25
C ASP D 2151 -45.82 -33.01 -92.14
N THR D 2152 -44.63 -32.40 -92.15
CA THR D 2152 -44.26 -31.47 -91.11
C THR D 2152 -44.82 -30.06 -91.33
N MET D 2153 -45.29 -29.76 -92.54
CA MET D 2153 -46.01 -28.49 -92.73
C MET D 2153 -47.27 -28.45 -91.87
N SER D 2154 -48.02 -29.54 -91.82
CA SER D 2154 -49.17 -29.62 -90.93
C SER D 2154 -48.76 -29.53 -89.47
N LEU D 2155 -47.61 -30.13 -89.10
CA LEU D 2155 -47.13 -30.01 -87.73
C LEU D 2155 -46.86 -28.57 -87.37
N LEU D 2156 -46.18 -27.83 -88.25
CA LEU D 2156 -45.90 -26.42 -87.98
C LEU D 2156 -47.19 -25.60 -87.92
N GLU D 2157 -48.13 -25.87 -88.83
CA GLU D 2157 -49.39 -25.13 -88.82
C GLU D 2157 -50.16 -25.39 -87.53
N CYS D 2158 -50.19 -26.64 -87.07
CA CYS D 2158 -50.86 -26.95 -85.80
C CYS D 2158 -50.15 -26.32 -84.61
N LEU D 2159 -48.82 -26.35 -84.60
CA LEU D 2159 -48.08 -25.75 -83.49
C LEU D 2159 -48.25 -24.23 -83.48
N GLY D 2160 -48.56 -23.63 -84.63
CA GLY D 2160 -48.89 -22.22 -84.66
C GLY D 2160 -50.07 -21.85 -83.79
N GLN D 2161 -51.14 -22.65 -83.84
CA GLN D 2161 -52.28 -22.40 -82.96
C GLN D 2161 -51.90 -22.54 -81.49
N ILE D 2162 -51.09 -23.54 -81.16
CA ILE D 2162 -50.65 -23.74 -79.78
C ILE D 2162 -49.86 -22.53 -79.29
N ARG D 2163 -48.95 -22.02 -80.12
CA ARG D 2163 -48.16 -20.86 -79.72
C ARG D 2163 -49.01 -19.60 -79.64
N SER D 2164 -49.98 -19.45 -80.55
CA SER D 2164 -50.77 -18.22 -80.58
C SER D 2164 -51.78 -18.16 -79.43
N LEU D 2165 -52.38 -19.29 -79.07
CA LEU D 2165 -53.43 -19.29 -78.07
C LEU D 2165 -52.88 -19.18 -76.65
N LEU D 2166 -51.57 -19.33 -76.46
CA LEU D 2166 -51.00 -19.29 -75.12
C LEU D 2166 -51.14 -17.90 -74.49
N ILE D 2167 -51.19 -16.84 -75.30
CA ILE D 2167 -51.20 -15.50 -74.76
C ILE D 2167 -52.58 -15.09 -74.24
N VAL D 2168 -53.66 -15.65 -74.76
CA VAL D 2168 -54.99 -15.26 -74.34
C VAL D 2168 -55.41 -16.04 -73.10
N GLN D 2169 -56.43 -15.54 -72.41
CA GLN D 2169 -56.94 -16.20 -71.23
C GLN D 2169 -57.72 -17.45 -71.61
N MET D 2170 -57.62 -18.47 -70.75
CA MET D 2170 -58.28 -19.74 -71.01
C MET D 2170 -59.78 -19.62 -70.82
N GLY D 2171 -60.54 -20.12 -71.78
CA GLY D 2171 -61.98 -20.12 -71.72
C GLY D 2171 -62.57 -21.42 -72.22
N PRO D 2172 -63.88 -21.60 -72.04
CA PRO D 2172 -64.52 -22.83 -72.53
C PRO D 2172 -64.38 -23.03 -74.03
N GLN D 2173 -64.40 -21.95 -74.81
CA GLN D 2173 -64.26 -22.10 -76.26
C GLN D 2173 -62.82 -22.41 -76.64
N GLU D 2174 -61.85 -21.78 -75.97
CA GLU D 2174 -60.45 -22.04 -76.28
C GLU D 2174 -60.01 -23.43 -75.83
N GLU D 2175 -60.66 -23.97 -74.79
CA GLU D 2175 -60.30 -25.30 -74.31
C GLU D 2175 -60.54 -26.37 -75.37
N ASN D 2176 -61.67 -26.29 -76.08
CA ASN D 2176 -61.96 -27.27 -77.13
C ASN D 2176 -60.93 -27.20 -78.25
N LEU D 2177 -60.54 -25.99 -78.67
CA LEU D 2177 -59.53 -25.86 -79.70
C LEU D 2177 -58.18 -26.38 -79.22
N MET D 2178 -57.83 -26.13 -77.96
CA MET D 2178 -56.59 -26.66 -77.40
C MET D 2178 -56.58 -28.18 -77.42
N ILE D 2179 -57.68 -28.80 -76.99
CA ILE D 2179 -57.77 -30.26 -76.97
C ILE D 2179 -57.70 -30.80 -78.40
N GLN D 2180 -58.38 -30.15 -79.34
CA GLN D 2180 -58.34 -30.61 -80.72
C GLN D 2180 -56.93 -30.55 -81.29
N SER D 2181 -56.22 -29.45 -81.04
CA SER D 2181 -54.84 -29.33 -81.53
C SER D 2181 -53.94 -30.38 -80.91
N ILE D 2182 -54.05 -30.58 -79.59
CA ILE D 2182 -53.19 -31.56 -78.94
C ILE D 2182 -53.49 -32.97 -79.44
N GLY D 2183 -54.77 -33.31 -79.63
CA GLY D 2183 -55.10 -34.62 -80.16
C GLY D 2183 -54.64 -34.81 -81.59
N ASN D 2184 -54.75 -33.76 -82.40
CA ASN D 2184 -54.36 -33.87 -83.81
C ASN D 2184 -52.86 -33.96 -83.99
N ILE D 2185 -52.09 -33.33 -83.09
CA ILE D 2185 -50.63 -33.34 -83.24
C ILE D 2185 -50.01 -34.67 -82.85
N MET D 2186 -50.78 -35.57 -82.22
CA MET D 2186 -50.22 -36.83 -81.77
C MET D 2186 -49.91 -37.74 -82.96
N ASN D 2187 -50.94 -38.15 -83.71
CA ASN D 2187 -50.77 -39.07 -84.83
C ASN D 2187 -50.38 -38.31 -86.10
N ASN D 2188 -49.12 -37.92 -86.14
CA ASN D 2188 -48.63 -37.07 -87.22
C ASN D 2188 -47.60 -37.76 -88.11
N LYS D 2189 -47.10 -38.92 -87.68
CA LYS D 2189 -46.20 -39.77 -88.47
C LYS D 2189 -44.81 -39.14 -88.57
N VAL D 2190 -44.65 -37.92 -88.07
CA VAL D 2190 -43.33 -37.30 -87.95
C VAL D 2190 -42.91 -37.14 -86.50
N PHE D 2191 -43.83 -37.35 -85.55
CA PHE D 2191 -43.47 -37.33 -84.14
C PHE D 2191 -42.52 -38.48 -83.79
N TYR D 2192 -42.57 -39.57 -84.54
CA TYR D 2192 -41.76 -40.74 -84.22
C TYR D 2192 -40.43 -40.72 -84.97
N GLN D 2193 -40.44 -40.25 -86.22
CA GLN D 2193 -39.25 -40.35 -87.06
C GLN D 2193 -38.09 -39.50 -86.53
N HIS D 2194 -38.38 -38.30 -86.03
CA HIS D 2194 -37.34 -37.36 -85.60
C HIS D 2194 -37.63 -36.91 -84.17
N PRO D 2195 -37.32 -37.75 -83.19
CA PRO D 2195 -37.55 -37.35 -81.79
C PRO D 2195 -36.63 -36.24 -81.32
N ASN D 2196 -35.48 -36.05 -81.94
CA ASN D 2196 -34.57 -34.98 -81.51
C ASN D 2196 -35.07 -33.61 -81.94
N LEU D 2197 -35.83 -33.54 -83.04
CA LEU D 2197 -36.30 -32.26 -83.52
C LEU D 2197 -37.33 -31.63 -82.58
N MET D 2198 -38.10 -32.46 -81.88
CA MET D 2198 -39.05 -31.94 -80.89
C MET D 2198 -38.35 -31.22 -79.75
N ARG D 2199 -37.23 -31.74 -79.26
CA ARG D 2199 -36.49 -31.03 -78.23
C ARG D 2199 -35.95 -29.70 -78.73
N ALA D 2200 -35.47 -29.65 -79.97
CA ALA D 2200 -35.02 -28.39 -80.55
C ALA D 2200 -36.15 -27.38 -80.66
N LEU D 2201 -37.33 -27.83 -81.10
CA LEU D 2201 -38.51 -26.96 -81.15
C LEU D 2201 -39.07 -26.65 -79.77
N GLY D 2202 -38.64 -27.36 -78.73
CA GLY D 2202 -39.11 -27.09 -77.38
C GLY D 2202 -40.58 -27.30 -77.18
N MET D 2203 -41.14 -28.38 -77.74
CA MET D 2203 -42.57 -28.63 -77.60
C MET D 2203 -42.96 -28.90 -76.16
N HIS D 2204 -42.15 -29.69 -75.44
CA HIS D 2204 -42.51 -30.06 -74.07
C HIS D 2204 -42.54 -28.84 -73.17
N GLU D 2205 -41.64 -27.88 -73.37
CA GLU D 2205 -41.67 -26.66 -72.57
C GLU D 2205 -42.97 -25.89 -72.77
N THR D 2206 -43.42 -25.75 -74.02
CA THR D 2206 -44.67 -25.04 -74.29
C THR D 2206 -45.86 -25.80 -73.70
N VAL D 2207 -45.85 -27.13 -73.82
CA VAL D 2207 -46.95 -27.93 -73.29
C VAL D 2207 -47.00 -27.85 -71.76
N MET D 2208 -45.84 -27.75 -71.12
CA MET D 2208 -45.82 -27.60 -69.66
C MET D 2208 -46.23 -26.18 -69.26
N GLU D 2209 -45.85 -25.18 -70.06
CA GLU D 2209 -46.23 -23.80 -69.76
C GLU D 2209 -47.74 -23.60 -69.87
N VAL D 2210 -48.38 -24.20 -70.88
CA VAL D 2210 -49.83 -24.09 -70.97
C VAL D 2210 -50.51 -24.90 -69.87
N MET D 2211 -49.86 -25.96 -69.39
CA MET D 2211 -50.45 -26.78 -68.34
C MET D 2211 -50.39 -26.12 -66.97
N VAL D 2212 -49.28 -25.44 -66.66
CA VAL D 2212 -49.13 -24.88 -65.32
C VAL D 2212 -50.20 -23.83 -65.02
N ASN D 2213 -50.60 -23.06 -66.03
CA ASN D 2213 -51.63 -22.04 -65.83
C ASN D 2213 -52.97 -22.65 -65.45
N VAL D 2214 -53.25 -23.87 -65.92
CA VAL D 2214 -54.56 -24.48 -65.67
C VAL D 2214 -54.75 -24.76 -64.18
N LEU D 2215 -53.75 -25.36 -63.54
CA LEU D 2215 -53.86 -25.66 -62.12
C LEU D 2215 -53.31 -24.53 -61.24
N GLY D 2216 -52.75 -23.49 -61.84
CA GLY D 2216 -52.25 -22.38 -61.05
C GLY D 2216 -53.37 -21.60 -60.38
N GLY D 2217 -53.00 -20.88 -59.32
CA GLY D 2217 -53.92 -20.09 -58.56
C GLY D 2217 -54.47 -20.77 -57.33
N GLY D 2218 -54.33 -22.09 -57.22
CA GLY D 2218 -54.80 -22.80 -56.05
C GLY D 2218 -54.33 -24.24 -56.02
N GLU D 2219 -53.80 -24.67 -54.88
CA GLU D 2219 -53.34 -26.06 -54.75
C GLU D 2219 -54.52 -27.01 -54.66
N THR D 2220 -55.35 -26.86 -53.63
CA THR D 2220 -56.53 -27.71 -53.47
C THR D 2220 -57.81 -26.95 -53.17
N LYS D 2221 -57.74 -25.73 -52.63
CA LYS D 2221 -58.96 -24.99 -52.32
C LYS D 2221 -59.72 -24.62 -53.58
N GLU D 2222 -59.01 -24.15 -54.61
CA GLU D 2222 -59.62 -23.75 -55.88
C GLU D 2222 -59.08 -24.65 -56.98
N ILE D 2223 -59.99 -25.33 -57.67
CA ILE D 2223 -59.64 -26.17 -58.81
C ILE D 2223 -60.82 -26.20 -59.77
N ARG D 2224 -60.52 -26.09 -61.06
CA ARG D 2224 -61.54 -26.08 -62.09
C ARG D 2224 -60.90 -26.52 -63.40
N PHE D 2225 -61.62 -26.30 -64.51
CA PHE D 2225 -61.18 -26.66 -65.85
C PHE D 2225 -60.78 -28.13 -65.95
N PRO D 2226 -61.74 -29.04 -65.90
CA PRO D 2226 -61.42 -30.47 -66.11
C PRO D 2226 -61.16 -30.74 -67.59
N LYS D 2227 -60.74 -31.97 -67.86
CA LYS D 2227 -60.40 -32.46 -69.18
C LYS D 2227 -59.24 -31.70 -69.81
N MET D 2228 -58.55 -30.85 -69.05
CA MET D 2228 -57.38 -30.13 -69.54
C MET D 2228 -56.08 -30.78 -69.06
N VAL D 2229 -55.94 -30.92 -67.75
CA VAL D 2229 -54.74 -31.52 -67.18
C VAL D 2229 -54.60 -32.97 -67.61
N THR D 2230 -55.71 -33.71 -67.65
CA THR D 2230 -55.64 -35.10 -68.08
C THR D 2230 -55.16 -35.22 -69.52
N SER D 2231 -55.71 -34.42 -70.41
CA SER D 2231 -55.31 -34.46 -71.82
C SER D 2231 -53.87 -34.03 -72.02
N CYS D 2232 -53.42 -33.02 -71.27
CA CYS D 2232 -52.03 -32.59 -71.39
C CYS D 2232 -51.06 -33.63 -70.83
N CYS D 2233 -51.40 -34.23 -69.68
CA CYS D 2233 -50.53 -35.22 -69.07
C CYS D 2233 -50.47 -36.50 -69.86
N ARG D 2234 -51.55 -36.87 -70.56
CA ARG D 2234 -51.47 -38.03 -71.44
C ARG D 2234 -50.47 -37.79 -72.56
N PHE D 2235 -50.47 -36.59 -73.15
CA PHE D 2235 -49.47 -36.27 -74.17
C PHE D 2235 -48.07 -36.28 -73.59
N LEU D 2236 -47.90 -35.74 -72.37
CA LEU D 2236 -46.58 -35.75 -71.75
C LEU D 2236 -46.09 -37.17 -71.51
N CYS D 2237 -46.95 -38.06 -71.03
CA CYS D 2237 -46.57 -39.45 -70.82
C CYS D 2237 -46.21 -40.12 -72.14
N TYR D 2238 -47.01 -39.87 -73.19
CA TYR D 2238 -46.70 -40.47 -74.48
C TYR D 2238 -45.37 -39.96 -75.04
N PHE D 2239 -45.08 -38.67 -74.86
CA PHE D 2239 -43.82 -38.11 -75.33
C PHE D 2239 -42.65 -38.63 -74.52
N CYS D 2240 -42.87 -38.94 -73.24
CA CYS D 2240 -41.78 -39.46 -72.41
C CYS D 2240 -41.31 -40.84 -72.88
N ARG D 2241 -42.23 -41.71 -73.27
CA ARG D 2241 -41.88 -43.10 -73.55
C ARG D 2241 -41.40 -43.34 -74.97
N ILE D 2242 -41.50 -42.35 -75.86
CA ILE D 2242 -41.10 -42.57 -77.24
C ILE D 2242 -39.59 -42.78 -77.36
N SER D 2243 -38.79 -42.09 -76.54
CA SER D 2243 -37.35 -42.25 -76.60
C SER D 2243 -36.77 -42.02 -75.20
N ARG D 2244 -35.59 -42.58 -74.97
CA ARG D 2244 -34.92 -42.40 -73.69
C ARG D 2244 -34.27 -41.03 -73.55
N GLN D 2245 -33.88 -40.41 -74.67
CA GLN D 2245 -33.25 -39.10 -74.62
C GLN D 2245 -34.17 -38.03 -74.04
N ASN D 2246 -35.43 -38.01 -74.45
CA ASN D 2246 -36.39 -37.05 -73.92
C ASN D 2246 -36.68 -37.29 -72.45
N GLN D 2247 -36.48 -38.52 -71.97
CA GLN D 2247 -36.77 -38.84 -70.58
C GLN D 2247 -35.89 -38.03 -69.63
N ARG D 2248 -34.59 -37.92 -69.95
CA ARG D 2248 -33.70 -37.15 -69.09
C ARG D 2248 -34.10 -35.68 -69.05
N SER D 2249 -34.47 -35.11 -70.20
CA SER D 2249 -34.90 -33.72 -70.23
C SER D 2249 -36.19 -33.51 -69.44
N MET D 2250 -37.13 -34.43 -69.55
CA MET D 2250 -38.38 -34.33 -68.80
C MET D 2250 -38.16 -34.58 -67.30
N PHE D 2251 -37.10 -35.29 -66.93
CA PHE D 2251 -36.83 -35.56 -65.53
C PHE D 2251 -36.53 -34.30 -64.73
N ASP D 2252 -36.11 -33.22 -65.38
CA ASP D 2252 -35.73 -32.00 -64.66
C ASP D 2252 -36.90 -31.36 -63.93
N HIS D 2253 -38.14 -31.59 -64.37
CA HIS D 2253 -39.32 -31.03 -63.72
C HIS D 2253 -39.92 -31.97 -62.69
N LEU D 2254 -39.16 -32.96 -62.22
CA LEU D 2254 -39.70 -33.96 -61.29
C LEU D 2254 -40.09 -33.33 -59.96
N SER D 2255 -39.27 -32.40 -59.45
CA SER D 2255 -39.56 -31.81 -58.14
C SER D 2255 -40.86 -31.04 -58.14
N TYR D 2256 -41.14 -30.28 -59.19
CA TYR D 2256 -42.37 -29.50 -59.23
C TYR D 2256 -43.59 -30.38 -59.42
N LEU D 2257 -43.46 -31.44 -60.23
CA LEU D 2257 -44.62 -32.28 -60.55
C LEU D 2257 -45.19 -32.96 -59.30
N LEU D 2258 -44.32 -33.49 -58.44
CA LEU D 2258 -44.83 -34.18 -57.25
C LEU D 2258 -45.36 -33.21 -56.20
N GLU D 2259 -45.10 -31.91 -56.36
CA GLU D 2259 -45.74 -30.93 -55.49
C GLU D 2259 -47.24 -30.86 -55.74
N ASN D 2260 -47.66 -30.91 -57.00
CA ASN D 2260 -49.06 -30.87 -57.37
C ASN D 2260 -49.64 -32.26 -57.66
N SER D 2261 -48.82 -33.30 -57.53
CA SER D 2261 -49.34 -34.66 -57.70
C SER D 2261 -50.46 -34.96 -56.73
N GLY D 2262 -50.32 -34.52 -55.48
CA GLY D 2262 -51.39 -34.71 -54.50
C GLY D 2262 -52.58 -33.79 -54.67
N ILE D 2263 -52.45 -32.75 -55.51
CA ILE D 2263 -53.56 -31.84 -55.73
C ILE D 2263 -54.66 -32.50 -56.55
N GLY D 2264 -54.30 -33.46 -57.40
CA GLY D 2264 -55.27 -34.10 -58.27
C GLY D 2264 -55.85 -35.37 -57.69
N LEU D 2265 -55.46 -36.52 -58.24
CA LEU D 2265 -55.97 -37.83 -57.81
C LEU D 2265 -57.49 -37.90 -57.91
N GLY D 2266 -58.04 -37.33 -58.98
CA GLY D 2266 -59.47 -37.31 -59.18
C GLY D 2266 -60.00 -38.51 -59.94
N MET D 2267 -60.84 -38.25 -60.94
CA MET D 2267 -61.42 -39.32 -61.73
C MET D 2267 -60.36 -39.97 -62.62
N GLN D 2268 -60.69 -41.16 -63.11
CA GLN D 2268 -59.71 -42.00 -63.79
C GLN D 2268 -59.19 -41.33 -65.06
N GLY D 2269 -57.89 -41.49 -65.30
CA GLY D 2269 -57.20 -40.89 -66.43
C GLY D 2269 -55.83 -40.43 -66.04
N SER D 2270 -55.21 -39.64 -66.91
CA SER D 2270 -53.88 -39.13 -66.64
C SER D 2270 -53.92 -38.12 -65.50
N THR D 2271 -52.92 -38.20 -64.63
CA THR D 2271 -52.75 -37.29 -63.50
C THR D 2271 -51.30 -36.84 -63.47
N PRO D 2272 -51.03 -35.65 -62.93
CA PRO D 2272 -49.64 -35.15 -62.90
C PRO D 2272 -48.66 -36.08 -62.21
N LEU D 2273 -49.12 -37.00 -61.37
CA LEU D 2273 -48.22 -37.99 -60.78
C LEU D 2273 -47.84 -39.06 -61.80
N ASP D 2274 -48.71 -39.31 -62.78
CA ASP D 2274 -48.44 -40.37 -63.76
C ASP D 2274 -47.22 -40.06 -64.63
N VAL D 2275 -47.04 -38.79 -65.02
CA VAL D 2275 -45.87 -38.46 -65.82
C VAL D 2275 -44.59 -38.62 -65.02
N ALA D 2276 -44.61 -38.23 -63.74
CA ALA D 2276 -43.44 -38.46 -62.88
C ALA D 2276 -43.15 -39.94 -62.72
N ALA D 2277 -44.19 -40.75 -62.55
CA ALA D 2277 -44.00 -42.19 -62.43
C ALA D 2277 -43.44 -42.79 -63.71
N ALA D 2278 -43.92 -42.35 -64.87
CA ALA D 2278 -43.45 -42.86 -66.15
C ALA D 2278 -42.09 -42.31 -66.55
N SER D 2279 -41.63 -41.25 -65.89
CA SER D 2279 -40.31 -40.70 -66.21
C SER D 2279 -39.18 -41.61 -65.75
N VAL D 2280 -39.48 -42.63 -64.93
CA VAL D 2280 -38.45 -43.49 -64.37
C VAL D 2280 -38.69 -44.96 -64.70
N ILE D 2281 -39.43 -45.24 -65.78
CA ILE D 2281 -39.65 -46.64 -66.17
C ILE D 2281 -38.33 -47.26 -66.65
N ASP D 2282 -37.62 -46.56 -67.53
CA ASP D 2282 -36.32 -47.00 -68.02
C ASP D 2282 -35.27 -46.37 -67.12
N ASN D 2283 -35.12 -46.94 -65.93
CA ASN D 2283 -34.21 -46.43 -64.91
C ASN D 2283 -32.85 -47.13 -65.04
N ASN D 2284 -32.03 -47.05 -64.00
CA ASN D 2284 -30.66 -47.57 -63.85
C ASN D 2284 -29.60 -46.65 -64.44
N GLU D 2285 -29.98 -45.52 -65.04
CA GLU D 2285 -29.03 -44.46 -65.35
C GLU D 2285 -29.38 -43.14 -64.71
N LEU D 2286 -30.63 -42.97 -64.25
CA LEU D 2286 -31.05 -41.75 -63.60
C LEU D 2286 -31.85 -42.00 -62.32
N ALA D 2287 -32.15 -43.26 -61.99
CA ALA D 2287 -32.83 -43.55 -60.74
C ALA D 2287 -31.91 -43.41 -59.53
N LEU D 2288 -30.60 -43.48 -59.74
CA LEU D 2288 -29.66 -43.28 -58.64
C LEU D 2288 -29.70 -41.85 -58.11
N ALA D 2289 -29.99 -40.89 -58.98
CA ALA D 2289 -30.10 -39.49 -58.59
C ALA D 2289 -31.51 -39.11 -58.15
N LEU D 2290 -32.46 -40.05 -58.17
CA LEU D 2290 -33.83 -39.73 -57.80
C LEU D 2290 -33.93 -39.39 -56.32
N GLN D 2291 -32.96 -39.82 -55.53
CA GLN D 2291 -32.92 -39.49 -54.11
C GLN D 2291 -32.78 -37.98 -53.92
N GLU D 2292 -32.99 -37.52 -52.68
CA GLU D 2292 -32.83 -36.16 -52.17
C GLU D 2292 -33.67 -35.15 -52.94
N GLN D 2293 -34.57 -35.57 -53.82
CA GLN D 2293 -35.42 -34.65 -54.55
C GLN D 2293 -36.85 -34.63 -54.02
N ASP D 2294 -37.51 -35.80 -53.99
CA ASP D 2294 -38.91 -35.81 -53.56
C ASP D 2294 -39.34 -37.07 -52.81
N LEU D 2295 -38.43 -37.98 -52.46
CA LEU D 2295 -38.86 -39.19 -51.75
C LEU D 2295 -39.32 -38.86 -50.34
N GLU D 2296 -38.72 -37.86 -49.70
CA GLU D 2296 -39.17 -37.45 -48.38
C GLU D 2296 -40.50 -36.73 -48.44
N LYS D 2297 -40.89 -36.24 -49.62
CA LYS D 2297 -42.14 -35.51 -49.76
C LYS D 2297 -43.29 -36.43 -50.17
N VAL D 2298 -43.03 -37.39 -51.06
CA VAL D 2298 -44.09 -38.25 -51.56
C VAL D 2298 -44.67 -39.13 -50.45
N VAL D 2299 -43.85 -39.52 -49.48
CA VAL D 2299 -44.33 -40.36 -48.40
C VAL D 2299 -45.21 -39.58 -47.43
N SER D 2300 -45.00 -38.27 -47.32
CA SER D 2300 -45.80 -37.45 -46.42
C SER D 2300 -47.26 -37.41 -46.86
N TYR D 2301 -47.50 -37.42 -48.17
CA TYR D 2301 -48.87 -37.43 -48.68
C TYR D 2301 -49.59 -38.71 -48.23
N LEU D 2302 -48.93 -39.86 -48.34
CA LEU D 2302 -49.54 -41.11 -47.89
C LEU D 2302 -49.68 -41.14 -46.38
N ALA D 2303 -48.73 -40.56 -45.65
CA ALA D 2303 -48.86 -40.47 -44.20
C ALA D 2303 -50.08 -39.67 -43.80
N GLY D 2304 -50.34 -38.56 -44.48
CA GLY D 2304 -51.56 -37.81 -44.24
C GLY D 2304 -52.81 -38.55 -44.65
N CYS D 2305 -52.76 -39.25 -45.79
CA CYS D 2305 -53.92 -40.02 -46.23
C CYS D 2305 -54.24 -41.17 -45.27
N GLY D 2306 -53.23 -41.69 -44.57
CA GLY D 2306 -53.48 -42.74 -43.59
C GLY D 2306 -54.36 -42.29 -42.44
N LEU D 2307 -54.26 -41.02 -42.04
CA LEU D 2307 -55.09 -40.51 -40.96
C LEU D 2307 -56.38 -39.91 -41.49
N GLN D 2308 -56.32 -39.25 -42.65
CA GLN D 2308 -57.50 -38.63 -43.22
C GLN D 2308 -58.48 -39.67 -43.74
N SER D 2309 -59.75 -39.28 -43.82
CA SER D 2309 -60.81 -40.17 -44.28
C SER D 2309 -61.24 -39.89 -45.72
N CYS D 2310 -60.51 -39.03 -46.44
CA CYS D 2310 -60.83 -38.64 -47.81
C CYS D 2310 -62.26 -38.14 -47.91
N PRO D 2311 -62.55 -36.94 -47.39
CA PRO D 2311 -63.93 -36.46 -47.37
C PRO D 2311 -64.54 -36.25 -48.74
N MET D 2312 -63.72 -36.04 -49.78
CA MET D 2312 -64.28 -35.76 -51.11
C MET D 2312 -65.05 -36.94 -51.67
N LEU D 2313 -64.54 -38.16 -51.50
CA LEU D 2313 -65.19 -39.32 -52.09
C LEU D 2313 -66.39 -39.79 -51.28
N LEU D 2314 -66.42 -39.53 -49.98
CA LEU D 2314 -67.51 -40.01 -49.13
C LEU D 2314 -68.71 -39.06 -49.13
N ALA D 2315 -68.66 -37.96 -49.89
CA ALA D 2315 -69.80 -37.06 -49.98
C ALA D 2315 -71.03 -37.75 -50.56
N LYS D 2316 -70.84 -38.83 -51.32
CA LYS D 2316 -71.99 -39.58 -51.85
C LYS D 2316 -72.74 -40.30 -50.73
N GLY D 2317 -72.09 -40.55 -49.60
CA GLY D 2317 -72.71 -41.25 -48.50
C GLY D 2317 -72.06 -42.58 -48.19
N TYR D 2318 -70.77 -42.68 -48.45
CA TYR D 2318 -70.04 -43.91 -48.21
C TYR D 2318 -69.81 -44.10 -46.70
N PRO D 2319 -69.51 -45.34 -46.28
CA PRO D 2319 -69.34 -45.60 -44.83
C PRO D 2319 -68.28 -44.74 -44.15
N ASP D 2320 -67.39 -44.13 -44.94
CA ASP D 2320 -66.43 -43.15 -44.43
C ASP D 2320 -65.51 -43.77 -43.37
N ILE D 2321 -64.71 -44.74 -43.81
CA ILE D 2321 -63.70 -45.34 -42.93
C ILE D 2321 -62.70 -44.27 -42.51
N GLY D 2322 -62.09 -44.47 -41.34
CA GLY D 2322 -61.15 -43.48 -40.82
C GLY D 2322 -59.97 -43.22 -41.72
N TRP D 2323 -59.41 -44.27 -42.31
CA TRP D 2323 -58.30 -44.15 -43.25
C TRP D 2323 -58.80 -44.22 -44.68
N ASN D 2324 -57.90 -43.90 -45.61
CA ASN D 2324 -58.27 -43.80 -47.03
C ASN D 2324 -57.55 -44.87 -47.84
N PRO D 2325 -58.18 -46.00 -48.13
CA PRO D 2325 -57.51 -47.05 -48.92
C PRO D 2325 -57.42 -46.73 -50.39
N CYS D 2326 -58.48 -46.13 -50.95
CA CYS D 2326 -58.52 -45.85 -52.38
C CYS D 2326 -57.42 -44.87 -52.78
N GLY D 2327 -57.22 -43.82 -51.99
CA GLY D 2327 -56.16 -42.87 -52.29
C GLY D 2327 -54.77 -43.46 -52.18
N GLY D 2328 -54.55 -44.30 -51.17
CA GLY D 2328 -53.26 -44.95 -51.02
C GLY D 2328 -52.99 -46.00 -52.08
N GLU D 2329 -54.05 -46.57 -52.66
CA GLU D 2329 -53.88 -47.53 -53.74
C GLU D 2329 -53.20 -46.89 -54.95
N ARG D 2330 -53.59 -45.66 -55.30
CA ARG D 2330 -52.90 -44.93 -56.36
C ARG D 2330 -51.44 -44.67 -56.01
N TYR D 2331 -51.13 -44.55 -54.71
CA TYR D 2331 -49.77 -44.36 -54.28
C TYR D 2331 -49.02 -45.69 -54.28
N LEU D 2332 -47.71 -45.58 -54.03
CA LEU D 2332 -46.75 -46.69 -53.99
C LEU D 2332 -46.49 -47.24 -55.39
N ASP D 2333 -47.30 -46.81 -56.36
CA ASP D 2333 -47.03 -47.17 -57.74
C ASP D 2333 -45.79 -46.46 -58.25
N PHE D 2334 -45.62 -45.19 -57.87
CA PHE D 2334 -44.41 -44.46 -58.22
C PHE D 2334 -43.19 -45.02 -57.48
N LEU D 2335 -43.38 -45.44 -56.23
CA LEU D 2335 -42.28 -46.01 -55.46
C LEU D 2335 -41.83 -47.37 -56.00
N ARG D 2336 -42.77 -48.17 -56.51
CA ARG D 2336 -42.38 -49.46 -57.08
C ARG D 2336 -41.42 -49.29 -58.25
N PHE D 2337 -41.68 -48.32 -59.15
CA PHE D 2337 -40.78 -48.08 -60.25
C PHE D 2337 -39.45 -47.49 -59.79
N ALA D 2338 -39.45 -46.69 -58.73
CA ALA D 2338 -38.21 -46.16 -58.18
C ALA D 2338 -37.34 -47.27 -57.58
N VAL D 2339 -37.97 -48.25 -56.94
CA VAL D 2339 -37.20 -49.27 -56.24
C VAL D 2339 -36.79 -50.42 -57.16
N PHE D 2340 -37.72 -50.98 -57.92
CA PHE D 2340 -37.47 -52.17 -58.73
C PHE D 2340 -37.12 -51.74 -60.14
N VAL D 2341 -35.84 -51.42 -60.36
CA VAL D 2341 -35.39 -50.98 -61.68
C VAL D 2341 -35.49 -52.09 -62.70
N ASN D 2342 -35.02 -53.29 -62.35
CA ASN D 2342 -35.04 -54.45 -63.22
C ASN D 2342 -35.09 -55.68 -62.33
N GLY D 2343 -34.73 -56.84 -62.89
CA GLY D 2343 -34.67 -58.07 -62.11
C GLY D 2343 -33.87 -57.95 -60.83
N GLU D 2344 -32.98 -56.96 -60.74
CA GLU D 2344 -32.23 -56.69 -59.53
C GLU D 2344 -32.65 -55.34 -58.95
N SER D 2345 -32.97 -55.32 -57.67
CA SER D 2345 -33.36 -54.09 -56.99
C SER D 2345 -32.14 -53.25 -56.66
N VAL D 2346 -32.38 -51.97 -56.39
CA VAL D 2346 -31.30 -51.04 -56.05
C VAL D 2346 -31.27 -50.87 -54.53
N GLU D 2347 -30.16 -51.30 -53.91
CA GLU D 2347 -30.07 -51.29 -52.46
C GLU D 2347 -29.89 -49.88 -51.90
N GLU D 2348 -29.19 -49.01 -52.61
CA GLU D 2348 -28.98 -47.65 -52.10
C GLU D 2348 -30.29 -46.90 -51.95
N ASN D 2349 -31.24 -47.12 -52.85
CA ASN D 2349 -32.57 -46.53 -52.73
C ASN D 2349 -33.48 -47.33 -51.83
N ALA D 2350 -33.40 -48.67 -51.86
CA ALA D 2350 -34.26 -49.48 -51.00
C ALA D 2350 -34.00 -49.23 -49.53
N ASN D 2351 -32.72 -49.12 -49.14
CA ASN D 2351 -32.39 -48.91 -47.73
C ASN D 2351 -32.98 -47.61 -47.22
N VAL D 2352 -32.78 -46.50 -47.96
CA VAL D 2352 -33.32 -45.23 -47.51
C VAL D 2352 -34.84 -45.19 -47.56
N VAL D 2353 -35.45 -45.82 -48.57
CA VAL D 2353 -36.90 -45.83 -48.65
C VAL D 2353 -37.50 -46.56 -47.45
N VAL D 2354 -36.98 -47.74 -47.13
CA VAL D 2354 -37.50 -48.50 -45.99
C VAL D 2354 -37.22 -47.77 -44.69
N ARG D 2355 -36.01 -47.23 -44.54
CA ARG D 2355 -35.65 -46.53 -43.31
C ARG D 2355 -36.53 -45.32 -43.07
N LEU D 2356 -36.84 -44.55 -44.11
CA LEU D 2356 -37.66 -43.37 -43.94
C LEU D 2356 -39.14 -43.72 -43.86
N LEU D 2357 -39.54 -44.86 -44.45
CA LEU D 2357 -40.93 -45.31 -44.36
C LEU D 2357 -41.27 -45.78 -42.96
N ILE D 2358 -40.36 -46.52 -42.30
CA ILE D 2358 -40.64 -46.98 -40.94
C ILE D 2358 -40.66 -45.84 -39.93
N ARG D 2359 -40.34 -44.62 -40.35
CA ARG D 2359 -40.39 -43.49 -39.43
C ARG D 2359 -41.80 -43.24 -38.94
N LYS D 2360 -42.78 -43.26 -39.85
CA LYS D 2360 -44.17 -43.02 -39.51
C LYS D 2360 -44.94 -44.33 -39.54
N PRO D 2361 -45.33 -44.90 -38.40
CA PRO D 2361 -46.14 -46.13 -38.42
C PRO D 2361 -47.50 -45.95 -39.05
N GLU D 2362 -48.01 -44.72 -39.15
CA GLU D 2362 -49.31 -44.48 -39.77
C GLU D 2362 -49.33 -44.75 -41.26
N CYS D 2363 -48.15 -44.85 -41.90
CA CYS D 2363 -48.11 -45.15 -43.33
C CYS D 2363 -48.69 -46.52 -43.63
N PHE D 2364 -48.39 -47.50 -42.79
CA PHE D 2364 -48.95 -48.84 -42.97
C PHE D 2364 -50.43 -48.85 -42.62
N GLY D 2365 -51.09 -49.95 -42.96
CA GLY D 2365 -52.49 -50.12 -42.65
C GLY D 2365 -52.73 -50.18 -41.15
N PRO D 2366 -53.91 -49.75 -40.70
CA PRO D 2366 -54.21 -49.79 -39.27
C PRO D 2366 -54.21 -51.19 -38.69
N ALA D 2367 -54.49 -52.21 -39.49
CA ALA D 2367 -54.48 -53.59 -38.97
C ALA D 2367 -53.05 -54.06 -38.71
N LEU D 2368 -52.10 -53.62 -39.53
CA LEU D 2368 -50.72 -54.09 -39.39
C LEU D 2368 -49.96 -53.31 -38.33
N ARG D 2369 -49.85 -51.99 -38.49
CA ARG D 2369 -49.02 -51.16 -37.63
C ARG D 2369 -49.81 -50.58 -36.46
N GLY D 2370 -51.10 -50.84 -36.37
CA GLY D 2370 -51.89 -50.30 -35.27
C GLY D 2370 -51.51 -50.94 -33.95
N GLU D 2371 -51.57 -50.13 -32.88
CA GLU D 2371 -51.28 -50.65 -31.55
C GLU D 2371 -52.37 -51.62 -31.09
N GLY D 2372 -53.59 -51.46 -31.58
CA GLY D 2372 -54.66 -52.36 -31.21
C GLY D 2372 -54.45 -53.75 -31.80
N GLY D 2373 -55.11 -54.73 -31.18
CA GLY D 2373 -54.99 -56.10 -31.62
C GLY D 2373 -55.62 -56.30 -32.98
N SER D 2374 -54.79 -56.55 -34.00
CA SER D 2374 -55.29 -56.79 -35.34
C SER D 2374 -54.23 -57.53 -36.15
N GLY D 2375 -54.68 -58.44 -37.00
CA GLY D 2375 -53.79 -59.20 -37.86
C GLY D 2375 -54.24 -59.10 -39.30
N LEU D 2376 -53.30 -59.37 -40.21
CA LEU D 2376 -53.62 -59.30 -41.64
C LEU D 2376 -54.64 -60.35 -42.05
N LEU D 2377 -54.51 -61.57 -41.51
CA LEU D 2377 -55.49 -62.61 -41.83
C LEU D 2377 -56.88 -62.24 -41.34
N ALA D 2378 -56.98 -61.70 -40.13
CA ALA D 2378 -58.27 -61.23 -39.64
C ALA D 2378 -58.81 -60.08 -40.48
N ALA D 2379 -57.93 -59.17 -40.90
CA ALA D 2379 -58.38 -58.03 -41.71
C ALA D 2379 -58.92 -58.50 -43.06
N ILE D 2380 -58.22 -59.43 -43.72
CA ILE D 2380 -58.71 -59.92 -45.01
C ILE D 2380 -59.97 -60.75 -44.83
N GLU D 2381 -60.09 -61.51 -43.74
CA GLU D 2381 -61.31 -62.26 -43.48
C GLU D 2381 -62.50 -61.31 -43.27
N GLU D 2382 -62.29 -60.22 -42.53
CA GLU D 2382 -63.34 -59.23 -42.37
C GLU D 2382 -63.66 -58.51 -43.68
N ALA D 2383 -62.66 -58.27 -44.51
CA ALA D 2383 -62.91 -57.67 -45.82
C ALA D 2383 -63.74 -58.58 -46.70
N ILE D 2384 -63.53 -59.90 -46.62
CA ILE D 2384 -64.37 -60.83 -47.36
C ILE D 2384 -65.81 -60.71 -46.91
N ARG D 2385 -66.05 -60.64 -45.60
CA ARG D 2385 -67.41 -60.48 -45.10
C ARG D 2385 -68.02 -59.14 -45.53
N ILE D 2386 -67.22 -58.08 -45.53
CA ILE D 2386 -67.71 -56.78 -45.97
C ILE D 2386 -68.11 -56.84 -47.45
N SER D 2387 -67.29 -57.49 -48.28
CA SER D 2387 -67.62 -57.64 -49.69
C SER D 2387 -68.89 -58.46 -49.87
N GLU D 2388 -69.05 -59.52 -49.08
CA GLU D 2388 -70.27 -60.32 -49.15
C GLU D 2388 -71.50 -59.52 -48.75
N ASP D 2389 -71.39 -58.70 -47.70
CA ASP D 2389 -72.50 -57.89 -47.25
C ASP D 2389 -72.77 -56.74 -48.23
N PRO D 2390 -74.04 -56.41 -48.47
CA PRO D 2390 -74.35 -55.31 -49.39
C PRO D 2390 -74.00 -53.93 -48.86
N ALA D 2391 -73.66 -53.80 -47.58
CA ALA D 2391 -73.33 -52.51 -46.99
C ALA D 2391 -72.02 -51.93 -47.48
N ARG D 2415 -69.19 -47.73 -58.25
CA ARG D 2415 -68.07 -46.90 -58.69
C ARG D 2415 -66.76 -47.36 -58.09
N VAL D 2416 -66.77 -47.71 -56.80
CA VAL D 2416 -65.58 -48.19 -56.10
C VAL D 2416 -66.03 -49.11 -54.98
N HIS D 2417 -65.47 -50.32 -54.95
CA HIS D 2417 -65.79 -51.28 -53.89
C HIS D 2417 -64.79 -51.12 -52.74
N LEU D 2418 -65.31 -50.90 -51.53
CA LEU D 2418 -64.45 -50.68 -50.38
C LEU D 2418 -63.61 -51.92 -50.07
N GLY D 2419 -64.24 -53.10 -50.13
CA GLY D 2419 -63.50 -54.33 -49.89
C GLY D 2419 -62.39 -54.57 -50.89
N HIS D 2420 -62.67 -54.28 -52.17
CA HIS D 2420 -61.63 -54.36 -53.19
C HIS D 2420 -60.52 -53.35 -52.93
N ALA D 2421 -60.88 -52.13 -52.53
CA ALA D 2421 -59.89 -51.09 -52.27
C ALA D 2421 -58.95 -51.43 -51.12
N ILE D 2422 -59.49 -51.97 -50.03
CA ILE D 2422 -58.64 -52.32 -48.89
C ILE D 2422 -57.67 -53.44 -49.27
N MET D 2423 -58.18 -54.49 -49.92
CA MET D 2423 -57.33 -55.61 -50.29
C MET D 2423 -56.28 -55.22 -51.33
N SER D 2424 -56.65 -54.37 -52.30
CA SER D 2424 -55.66 -53.91 -53.27
C SER D 2424 -54.56 -53.08 -52.60
N PHE D 2425 -54.92 -52.21 -51.66
CA PHE D 2425 -53.91 -51.44 -50.95
C PHE D 2425 -52.98 -52.34 -50.15
N TYR D 2426 -53.53 -53.34 -49.46
CA TYR D 2426 -52.69 -54.25 -48.69
C TYR D 2426 -51.76 -55.06 -49.59
N ALA D 2427 -52.30 -55.56 -50.72
CA ALA D 2427 -51.46 -56.30 -51.66
C ALA D 2427 -50.35 -55.44 -52.24
N ALA D 2428 -50.67 -54.18 -52.58
CA ALA D 2428 -49.65 -53.26 -53.07
C ALA D 2428 -48.58 -52.97 -52.03
N LEU D 2429 -48.97 -52.77 -50.77
CA LEU D 2429 -47.98 -52.54 -49.73
C LEU D 2429 -47.07 -53.75 -49.55
N ILE D 2430 -47.65 -54.95 -49.55
CA ILE D 2430 -46.85 -56.17 -49.44
C ILE D 2430 -45.90 -56.33 -50.61
N ASP D 2431 -46.37 -56.09 -51.84
CA ASP D 2431 -45.49 -56.20 -53.01
C ASP D 2431 -44.38 -55.17 -52.96
N LEU D 2432 -44.68 -53.94 -52.54
CA LEU D 2432 -43.64 -52.92 -52.42
C LEU D 2432 -42.58 -53.33 -51.40
N LEU D 2433 -43.00 -53.84 -50.25
CA LEU D 2433 -42.03 -54.30 -49.27
C LEU D 2433 -41.19 -55.46 -49.81
N GLY D 2434 -41.83 -56.40 -50.50
CA GLY D 2434 -41.07 -57.50 -51.08
C GLY D 2434 -40.05 -57.04 -52.10
N ARG D 2435 -40.42 -56.07 -52.93
CA ARG D 2435 -39.48 -55.54 -53.91
C ARG D 2435 -38.35 -54.76 -53.24
N CYS D 2436 -38.66 -53.99 -52.19
CA CYS D 2436 -37.64 -53.27 -51.45
C CYS D 2436 -36.72 -54.21 -50.67
N ALA D 2437 -37.15 -55.44 -50.42
CA ALA D 2437 -36.28 -56.42 -49.78
C ALA D 2437 -35.04 -56.66 -50.64
N PRO D 2438 -33.89 -56.93 -50.00
CA PRO D 2438 -32.66 -57.11 -50.78
C PRO D 2438 -32.76 -58.18 -51.85
N GLU D 2439 -33.16 -59.39 -51.47
CA GLU D 2439 -33.36 -60.51 -52.39
C GLU D 2439 -32.09 -60.87 -53.16
N MET D 2440 -30.96 -60.29 -52.78
CA MET D 2440 -29.69 -60.52 -53.45
C MET D 2440 -28.87 -61.49 -52.60
N HIS D 2441 -28.74 -62.72 -53.08
CA HIS D 2441 -27.96 -63.71 -52.35
C HIS D 2441 -26.50 -63.31 -52.26
N LEU D 2442 -25.96 -62.74 -53.35
CA LEU D 2442 -24.56 -62.33 -53.33
C LEU D 2442 -24.30 -61.24 -52.30
N ILE D 2443 -25.23 -60.29 -52.15
CA ILE D 2443 -25.07 -59.27 -51.12
C ILE D 2443 -25.27 -59.87 -49.73
N GLN D 2444 -26.28 -60.72 -49.57
CA GLN D 2444 -26.59 -61.25 -48.24
C GLN D 2444 -25.48 -62.14 -47.71
N ALA D 2445 -24.83 -62.92 -48.58
CA ALA D 2445 -23.82 -63.87 -48.11
C ALA D 2445 -22.53 -63.20 -47.68
N GLY D 2446 -22.22 -62.02 -48.23
CA GLY D 2446 -20.94 -61.39 -47.96
C GLY D 2446 -21.00 -60.03 -47.31
N LYS D 2447 -22.20 -59.53 -47.03
CA LYS D 2447 -22.39 -58.21 -46.43
C LYS D 2447 -23.13 -58.34 -45.11
N GLY D 2448 -22.63 -57.64 -44.10
CA GLY D 2448 -23.30 -57.65 -42.81
C GLY D 2448 -24.31 -56.54 -42.62
N GLU D 2449 -24.31 -55.55 -43.51
CA GLU D 2449 -25.28 -54.46 -43.41
C GLU D 2449 -26.66 -54.87 -43.92
N ALA D 2450 -26.72 -55.64 -45.00
CA ALA D 2450 -28.01 -56.01 -45.59
C ALA D 2450 -28.81 -56.96 -44.72
N LEU D 2451 -28.15 -57.80 -43.92
CA LEU D 2451 -28.88 -58.68 -43.03
C LEU D 2451 -29.66 -57.92 -41.97
N ARG D 2452 -29.22 -56.73 -41.58
CA ARG D 2452 -30.01 -55.90 -40.67
C ARG D 2452 -31.35 -55.52 -41.28
N ILE D 2453 -31.33 -55.05 -42.54
CA ILE D 2453 -32.57 -54.71 -43.22
C ILE D 2453 -33.43 -55.95 -43.42
N ARG D 2454 -32.79 -57.08 -43.74
CA ARG D 2454 -33.52 -58.33 -43.87
C ARG D 2454 -34.23 -58.72 -42.57
N ALA D 2455 -33.54 -58.59 -41.44
CA ALA D 2455 -34.16 -58.87 -40.15
C ALA D 2455 -35.29 -57.90 -39.84
N ILE D 2456 -35.13 -56.63 -40.16
CA ILE D 2456 -36.20 -55.66 -39.92
C ILE D 2456 -37.44 -56.02 -40.74
N LEU D 2457 -37.24 -56.36 -42.01
CA LEU D 2457 -38.37 -56.75 -42.85
C LEU D 2457 -39.01 -58.05 -42.39
N ARG D 2458 -38.20 -59.00 -41.89
CA ARG D 2458 -38.77 -60.23 -41.35
C ARG D 2458 -39.55 -59.96 -40.07
N SER D 2459 -39.12 -58.98 -39.28
CA SER D 2459 -39.81 -58.66 -38.04
C SER D 2459 -41.14 -57.95 -38.30
N LEU D 2460 -41.15 -56.96 -39.19
CA LEU D 2460 -42.40 -56.23 -39.45
C LEU D 2460 -43.46 -57.14 -40.07
N VAL D 2461 -43.08 -57.97 -41.04
CA VAL D 2461 -44.04 -58.90 -41.63
C VAL D 2461 -44.19 -60.11 -40.71
N PRO D 2462 -45.39 -60.40 -40.23
CA PRO D 2462 -45.56 -61.52 -39.29
C PRO D 2462 -45.16 -62.85 -39.93
N LEU D 2463 -44.52 -63.69 -39.12
CA LEU D 2463 -44.13 -65.01 -39.59
C LEU D 2463 -45.35 -65.92 -39.66
N ASP D 2464 -45.37 -66.78 -40.69
CA ASP D 2464 -46.44 -67.73 -40.96
C ASP D 2464 -47.77 -67.07 -41.29
N ASP D 2465 -47.82 -65.74 -41.38
CA ASP D 2465 -49.04 -65.07 -41.79
C ASP D 2465 -49.26 -65.18 -43.29
N LEU D 2466 -48.19 -65.31 -44.07
CA LEU D 2466 -48.33 -65.39 -45.52
C LEU D 2466 -48.92 -66.73 -45.96
N VAL D 2467 -48.55 -67.82 -45.29
CA VAL D 2467 -49.06 -69.14 -45.67
C VAL D 2467 -50.56 -69.23 -45.47
N GLY D 2468 -51.12 -68.46 -44.54
CA GLY D 2468 -52.56 -68.43 -44.38
C GLY D 2468 -53.28 -67.66 -45.46
N ILE D 2469 -52.63 -66.64 -46.03
CA ILE D 2469 -53.27 -65.84 -47.07
C ILE D 2469 -53.54 -66.68 -48.31
N ILE D 2470 -52.56 -67.49 -48.72
CA ILE D 2470 -52.74 -68.33 -49.90
C ILE D 2470 -53.76 -69.44 -49.63
N SER D 2471 -54.02 -69.76 -48.37
CA SER D 2471 -54.97 -70.81 -48.05
C SER D 2471 -56.42 -70.39 -48.30
N LEU D 2472 -56.69 -69.09 -48.40
CA LEU D 2472 -58.04 -68.63 -48.63
C LEU D 2472 -58.48 -68.99 -50.04
N PRO D 2473 -59.61 -69.67 -50.21
CA PRO D 2473 -60.07 -70.04 -51.55
C PRO D 2473 -60.76 -68.85 -52.24
N LEU D 2474 -61.05 -69.06 -53.53
CA LEU D 2474 -61.70 -68.05 -54.35
C LEU D 2474 -62.83 -68.68 -55.14
N GLN D 2475 -63.77 -67.84 -55.57
CA GLN D 2475 -64.91 -68.30 -56.34
C GLN D 2475 -64.47 -68.77 -57.73
N ILE D 2476 -65.13 -69.81 -58.22
CA ILE D 2476 -64.84 -70.41 -59.52
C ILE D 2476 -65.95 -70.02 -60.48
N PRO D 2477 -65.65 -69.52 -61.68
CA PRO D 2477 -66.71 -69.15 -62.62
C PRO D 2477 -67.41 -70.37 -63.20
N THR D 2478 -68.29 -70.99 -62.42
CA THR D 2478 -69.03 -72.17 -62.84
C THR D 2478 -70.52 -71.94 -62.61
N LEU D 2479 -71.32 -72.59 -63.46
CA LEU D 2479 -72.77 -72.47 -63.36
C LEU D 2479 -73.36 -73.58 -62.51
N UNK D 2487 -73.51 -68.85 -67.06
CA UNK D 2487 -72.73 -68.98 -65.83
C UNK D 2487 -72.70 -67.66 -65.07
N UNK D 2488 -72.44 -67.74 -63.77
CA UNK D 2488 -72.38 -66.56 -62.93
C UNK D 2488 -70.94 -66.10 -62.71
N UNK D 2489 -70.36 -65.47 -63.73
CA UNK D 2489 -68.98 -65.02 -63.67
C UNK D 2489 -68.91 -63.49 -63.77
N UNK D 2490 -68.50 -62.86 -62.69
CA UNK D 2490 -68.37 -61.40 -62.65
C UNK D 2490 -67.23 -60.98 -61.73
N UNK D 2491 -66.87 -59.71 -61.81
CA UNK D 2491 -65.77 -59.17 -61.00
C UNK D 2491 -66.17 -59.04 -59.53
N UNK D 2492 -65.37 -59.65 -58.66
CA UNK D 2492 -65.62 -59.59 -57.22
C UNK D 2492 -64.62 -58.67 -56.54
N UNK D 2493 -64.48 -58.81 -55.23
CA UNK D 2493 -63.54 -58.00 -54.47
C UNK D 2493 -62.26 -58.77 -54.20
N UNK D 2494 -62.33 -60.09 -54.31
CA UNK D 2494 -61.16 -60.94 -54.12
C UNK D 2494 -60.57 -61.34 -55.46
N UNK D 2495 -59.50 -60.65 -55.85
CA UNK D 2495 -58.85 -60.90 -57.14
C UNK D 2495 -57.87 -62.05 -57.03
N UNK D 2496 -57.63 -62.73 -58.16
CA UNK D 2496 -56.71 -63.85 -58.20
C UNK D 2496 -55.27 -63.37 -58.32
N UNK D 2497 -55.10 -62.11 -58.72
CA UNK D 2497 -53.77 -61.54 -58.89
C UNK D 2497 -53.23 -60.99 -57.57
N UNK D 2498 -54.04 -61.06 -56.54
CA UNK D 2498 -53.64 -60.58 -55.22
C UNK D 2498 -52.87 -61.64 -54.46
N UNK D 2499 -53.24 -62.90 -54.67
CA UNK D 2499 -52.55 -64.01 -54.04
C UNK D 2499 -51.15 -64.17 -54.62
N UNK D 2500 -50.98 -63.76 -55.87
CA UNK D 2500 -49.68 -63.83 -56.53
C UNK D 2500 -48.75 -62.74 -56.00
N UNK D 2501 -49.34 -61.66 -55.50
CA UNK D 2501 -48.55 -60.56 -54.95
C UNK D 2501 -48.05 -60.88 -53.54
N UNK D 2502 -48.62 -61.94 -52.96
CA UNK D 2502 -48.24 -62.36 -51.62
C UNK D 2502 -47.21 -63.48 -51.69
N UNK D 2503 -47.18 -64.18 -52.82
CA UNK D 2503 -46.23 -65.28 -53.01
C UNK D 2503 -44.83 -64.74 -53.26
N UNK D 2504 -44.76 -63.54 -53.84
CA UNK D 2504 -43.48 -62.93 -54.18
C UNK D 2504 -42.75 -62.44 -52.93
N UNK D 2505 -43.51 -61.98 -51.94
CA UNK D 2505 -42.92 -61.43 -50.73
C UNK D 2505 -42.32 -62.52 -49.86
N UNK D 2506 -42.72 -63.76 -50.12
CA UNK D 2506 -42.22 -64.90 -49.34
C UNK D 2506 -40.99 -65.52 -50.00
N UNK D 2507 -40.91 -65.43 -51.31
CA UNK D 2507 -39.82 -66.05 -52.07
C UNK D 2507 -38.52 -65.27 -51.93
N UNK D 2508 -38.61 -63.99 -51.62
CA UNK D 2508 -37.43 -63.14 -51.54
C UNK D 2508 -37.02 -62.86 -50.10
N UNK D 2509 -37.98 -62.89 -49.18
CA UNK D 2509 -37.71 -62.57 -47.78
C UNK D 2509 -37.72 -63.82 -46.90
N UNK D 2510 -38.77 -64.63 -47.04
CA UNK D 2510 -38.92 -65.83 -46.21
C UNK D 2510 -38.25 -67.03 -46.85
N UNK D 2511 -38.31 -67.10 -48.18
CA UNK D 2511 -37.75 -68.22 -48.96
C UNK D 2511 -38.36 -69.55 -48.53
N UNK D 2512 -37.69 -70.64 -48.92
CA UNK D 2512 -38.16 -71.98 -48.58
C UNK D 2512 -36.98 -72.95 -48.55
N UNK D 2513 -36.15 -72.82 -47.52
CA UNK D 2513 -34.95 -73.63 -47.39
C UNK D 2513 -35.28 -75.01 -46.80
N UNK D 2514 -36.04 -75.02 -45.72
CA UNK D 2514 -36.41 -76.26 -45.05
C UNK D 2514 -37.25 -77.15 -45.95
N UNK D 2515 -36.90 -78.43 -45.99
CA UNK D 2515 -37.59 -79.39 -46.85
C UNK D 2515 -38.98 -79.72 -46.30
N UNK D 2516 -39.06 -79.92 -45.00
CA UNK D 2516 -40.31 -80.27 -44.35
C UNK D 2516 -41.30 -79.10 -44.38
N UNK D 2517 -40.77 -77.89 -44.22
CA UNK D 2517 -41.60 -76.69 -44.23
C UNK D 2517 -42.13 -76.40 -45.62
N UNK D 2518 -41.43 -76.88 -46.64
CA UNK D 2518 -41.84 -76.69 -48.02
C UNK D 2518 -42.98 -77.63 -48.37
N UNK D 2519 -43.19 -78.64 -47.54
CA UNK D 2519 -44.26 -79.60 -47.75
C UNK D 2519 -45.57 -79.10 -47.16
N UNK D 2520 -45.50 -78.57 -45.95
CA UNK D 2520 -46.67 -78.07 -45.25
C UNK D 2520 -47.16 -76.75 -45.84
N UNK D 2521 -46.24 -76.02 -46.46
CA UNK D 2521 -46.58 -74.73 -47.08
C UNK D 2521 -46.89 -74.91 -48.56
N UNK D 2522 -47.06 -76.15 -48.98
CA UNK D 2522 -47.36 -76.45 -50.38
C UNK D 2522 -48.86 -76.45 -50.62
N UNK D 2523 -49.53 -75.38 -50.19
CA UNK D 2523 -50.97 -75.25 -50.37
C UNK D 2523 -51.28 -74.35 -51.56
N UNK D 2524 -50.25 -73.92 -52.26
CA UNK D 2524 -50.41 -73.05 -53.43
C UNK D 2524 -51.08 -73.78 -54.57
N UNK D 2525 -50.83 -75.08 -54.67
CA UNK D 2525 -51.42 -75.90 -55.73
C UNK D 2525 -52.88 -76.22 -55.42
N UNK D 2526 -53.21 -76.22 -54.13
CA UNK D 2526 -54.57 -76.54 -53.69
C UNK D 2526 -55.54 -75.42 -54.00
N UNK D 2527 -55.02 -74.21 -54.14
CA UNK D 2527 -55.87 -73.04 -54.35
C UNK D 2527 -56.04 -72.71 -55.83
N UNK D 2528 -55.01 -72.96 -56.62
CA UNK D 2528 -55.03 -72.59 -58.04
C UNK D 2528 -54.89 -73.80 -58.96
N UNK D 2529 -53.81 -74.57 -58.77
CA UNK D 2529 -53.53 -75.72 -59.62
C UNK D 2529 -54.60 -76.78 -59.49
N UNK D 2530 -55.28 -76.81 -58.34
CA UNK D 2530 -56.34 -77.78 -58.11
C UNK D 2530 -57.69 -77.21 -58.55
N UNK D 2531 -57.82 -75.89 -58.50
CA UNK D 2531 -59.07 -75.23 -58.87
C UNK D 2531 -59.21 -75.11 -60.39
N UNK D 2532 -58.09 -75.27 -61.09
CA UNK D 2532 -58.10 -75.17 -62.55
C UNK D 2532 -58.78 -76.39 -63.16
N UNK D 2533 -60.06 -76.24 -63.49
CA UNK D 2533 -60.82 -77.33 -64.08
C UNK D 2533 -61.66 -76.83 -65.25
N UNK D 2534 -61.29 -75.68 -65.80
CA UNK D 2534 -61.99 -75.10 -66.94
C UNK D 2534 -61.76 -75.96 -68.18
N UNK D 2535 -62.83 -76.21 -68.93
CA UNK D 2535 -62.74 -77.03 -70.13
C UNK D 2535 -63.21 -76.25 -71.36
N UNK D 2536 -64.20 -76.81 -72.06
CA UNK D 2536 -64.74 -76.17 -73.25
C UNK D 2536 -65.53 -74.92 -72.89
N UNK D 2537 -66.13 -74.94 -71.70
CA UNK D 2537 -66.89 -73.80 -71.21
C UNK D 2537 -65.98 -72.85 -70.44
N UNK D 2538 -65.07 -72.19 -71.14
CA UNK D 2538 -64.12 -71.27 -70.52
C UNK D 2538 -63.90 -70.04 -71.39
N UNK D 2539 -62.67 -69.52 -71.36
CA UNK D 2539 -62.28 -68.33 -72.10
C UNK D 2539 -63.18 -67.14 -71.74
N UNK D 2540 -63.58 -67.07 -70.48
CA UNK D 2540 -64.42 -65.99 -69.99
C UNK D 2540 -64.13 -65.72 -68.53
N UNK D 2541 -63.35 -64.67 -68.27
CA UNK D 2541 -62.92 -64.29 -66.92
C UNK D 2541 -62.23 -65.46 -66.21
N UNK D 2542 -61.62 -66.34 -66.99
CA UNK D 2542 -60.92 -67.50 -66.46
C UNK D 2542 -59.42 -67.35 -66.63
N UNK D 2543 -58.98 -66.12 -66.82
CA UNK D 2543 -57.57 -65.82 -67.01
C UNK D 2543 -56.87 -65.66 -65.66
N UNK D 2544 -57.39 -66.35 -64.64
CA UNK D 2544 -56.81 -66.31 -63.31
C UNK D 2544 -55.60 -67.23 -63.23
N UNK D 2545 -55.45 -68.09 -64.24
CA UNK D 2545 -54.33 -69.04 -64.29
C UNK D 2545 -53.08 -68.34 -64.79
N UNK D 2546 -53.23 -67.12 -65.29
CA UNK D 2546 -52.09 -66.33 -65.75
C UNK D 2546 -51.22 -65.95 -64.56
N UNK D 2547 -51.85 -65.75 -63.41
CA UNK D 2547 -51.13 -65.40 -62.19
C UNK D 2547 -50.34 -66.59 -61.68
N UNK D 2548 -50.90 -67.79 -61.83
CA UNK D 2548 -50.24 -69.00 -61.38
C UNK D 2548 -49.17 -69.46 -62.37
N UNK D 2549 -49.14 -68.83 -63.54
CA UNK D 2549 -48.19 -69.19 -64.58
C UNK D 2549 -46.99 -68.25 -64.58
N UNK D 2550 -46.93 -67.36 -63.59
CA UNK D 2550 -45.83 -66.39 -63.50
C UNK D 2550 -45.58 -65.98 -62.06
N UNK D 2551 -46.00 -66.83 -61.11
CA UNK D 2551 -45.79 -66.55 -59.69
C UNK D 2551 -46.00 -67.79 -58.85
N UNK D 2552 -46.38 -68.90 -59.49
CA UNK D 2552 -46.65 -70.14 -58.77
C UNK D 2552 -45.98 -71.33 -59.44
N UNK D 2553 -46.49 -71.72 -60.60
CA UNK D 2553 -45.95 -72.87 -61.33
C UNK D 2553 -44.52 -72.62 -61.79
N UNK D 2554 -44.15 -71.35 -61.89
CA UNK D 2554 -42.80 -70.97 -62.27
C UNK D 2554 -41.89 -70.97 -61.05
N UNK D 2555 -42.47 -71.19 -59.88
CA UNK D 2555 -41.73 -71.19 -58.63
C UNK D 2555 -41.64 -72.59 -58.04
N UNK D 2556 -40.54 -72.87 -57.36
CA UNK D 2556 -40.34 -74.16 -56.70
C UNK D 2556 -39.30 -74.03 -55.61
N UNK D 2557 -39.28 -75.00 -54.69
CA UNK D 2557 -38.34 -74.97 -53.58
C UNK D 2557 -37.45 -76.21 -53.58
N UNK D 2558 -36.58 -76.32 -52.58
CA UNK D 2558 -35.69 -77.47 -52.45
C UNK D 2558 -36.49 -78.76 -52.32
N UNK D 2559 -36.64 -79.46 -53.44
CA UNK D 2559 -37.46 -80.67 -53.48
C UNK D 2559 -36.86 -81.77 -52.62
N UNK D 2560 -37.63 -82.22 -51.64
CA UNK D 2560 -37.21 -83.30 -50.75
C UNK D 2560 -38.41 -83.86 -49.98
N UNK D 2561 -38.98 -84.94 -50.50
CA UNK D 2561 -40.14 -85.57 -49.88
C UNK D 2561 -39.73 -86.40 -48.67
N UNK D 2562 -40.71 -87.00 -48.00
CA UNK D 2562 -40.45 -87.83 -46.84
C UNK D 2562 -40.81 -89.29 -47.13
N UNK D 2563 -41.48 -89.92 -46.16
CA UNK D 2563 -41.90 -91.31 -46.31
C UNK D 2563 -43.03 -91.43 -47.32
N UNK D 2564 -42.76 -92.15 -48.42
CA UNK D 2564 -43.74 -92.39 -49.48
C UNK D 2564 -44.31 -91.07 -50.02
N UNK D 2565 -45.63 -91.02 -50.17
CA UNK D 2565 -46.29 -89.82 -50.66
C UNK D 2565 -46.18 -88.70 -49.63
N UNK D 2566 -46.94 -88.82 -48.55
CA UNK D 2566 -46.93 -87.84 -47.46
C UNK D 2566 -47.23 -86.44 -47.96
N UNK D 2567 -48.43 -86.23 -48.48
CA UNK D 2567 -48.84 -84.93 -48.99
C UNK D 2567 -50.33 -84.70 -48.81
N UNK D 2568 -50.69 -83.49 -48.39
CA UNK D 2568 -52.08 -83.12 -48.18
C UNK D 2568 -52.26 -81.62 -48.26
N UNK D 2569 -51.15 -80.88 -48.31
CA UNK D 2569 -51.19 -79.43 -48.39
C UNK D 2569 -51.76 -78.97 -49.72
N UNK D 2570 -51.39 -79.66 -50.80
CA UNK D 2570 -51.88 -79.35 -52.13
C UNK D 2570 -53.21 -80.05 -52.39
N UNK D 2571 -53.82 -80.57 -51.33
CA UNK D 2571 -55.13 -81.21 -51.38
C UNK D 2571 -55.19 -82.37 -52.37
N UNK D 2572 -56.39 -82.72 -52.77
CA UNK D 2572 -56.59 -83.80 -53.73
C UNK D 2572 -57.56 -83.37 -54.83
N UNK D 2573 -57.74 -82.06 -54.96
CA UNK D 2573 -58.62 -81.50 -55.98
C UNK D 2573 -57.87 -81.35 -57.30
N UNK D 2574 -56.60 -81.74 -57.31
CA UNK D 2574 -55.79 -81.70 -58.52
C UNK D 2574 -55.55 -83.11 -59.05
N UNK D 2575 -56.64 -83.80 -59.38
CA UNK D 2575 -56.55 -85.17 -59.87
C UNK D 2575 -57.06 -85.28 -61.30
N UNK D 2576 -58.26 -84.77 -61.54
CA UNK D 2576 -58.87 -84.82 -62.87
C UNK D 2576 -58.15 -83.86 -63.82
N UNK D 2577 -57.73 -82.72 -63.29
CA UNK D 2577 -57.02 -81.72 -64.08
C UNK D 2577 -55.72 -81.36 -63.38
N UNK D 2578 -54.70 -81.00 -64.17
CA UNK D 2578 -53.39 -80.68 -63.62
C UNK D 2578 -52.57 -79.78 -64.53
N UNK D 2579 -52.42 -80.18 -65.79
CA UNK D 2579 -51.61 -79.43 -66.74
C UNK D 2579 -52.48 -78.62 -67.70
N UNK D 2580 -51.89 -77.58 -68.28
CA UNK D 2580 -52.60 -76.67 -69.16
C UNK D 2580 -53.13 -77.37 -70.41
N UNK D 2581 -54.36 -77.07 -70.78
CA UNK D 2581 -55.00 -77.65 -71.97
C UNK D 2581 -56.03 -76.70 -72.56
N UNK D 2582 -57.09 -76.43 -71.79
CA UNK D 2582 -58.21 -75.62 -72.26
C UNK D 2582 -57.88 -74.12 -72.21
N UNK D 2583 -58.90 -73.31 -71.93
CA UNK D 2583 -58.78 -71.86 -72.01
C UNK D 2583 -58.50 -71.17 -70.68
N UNK D 2584 -57.24 -70.84 -70.44
CA UNK D 2584 -56.82 -70.06 -69.28
C UNK D 2584 -55.37 -69.63 -69.43
N UNK D 2585 -54.81 -69.06 -68.36
CA UNK D 2585 -53.41 -68.65 -68.32
C UNK D 2585 -53.02 -67.72 -69.48
N UNK D 2586 -52.32 -68.28 -70.46
CA UNK D 2586 -51.87 -67.50 -71.61
C UNK D 2586 -52.04 -68.30 -72.91
N UNK D 2587 -52.03 -67.59 -74.03
CA UNK D 2587 -52.32 -68.19 -75.33
C UNK D 2587 -51.28 -69.20 -75.78
N UNK D 2588 -50.20 -68.72 -76.39
CA UNK D 2588 -49.15 -69.59 -76.92
C UNK D 2588 -47.77 -69.07 -76.59
N UNK D 2589 -47.67 -67.76 -76.35
CA UNK D 2589 -46.40 -67.14 -76.02
C UNK D 2589 -45.89 -67.62 -74.67
N UNK D 2590 -44.57 -67.77 -74.55
CA UNK D 2590 -43.96 -68.24 -73.31
C UNK D 2590 -43.96 -67.14 -72.25
N UNK D 2591 -43.63 -67.51 -71.02
CA UNK D 2591 -43.56 -66.55 -69.92
C UNK D 2591 -42.11 -66.16 -69.63
N UNK D 2592 -41.92 -64.95 -69.13
CA UNK D 2592 -40.58 -64.44 -68.86
C UNK D 2592 -40.33 -64.25 -67.37
N UNK D 2593 -41.25 -64.76 -66.55
CA UNK D 2593 -41.11 -64.68 -65.10
C UNK D 2593 -40.00 -65.61 -64.62
N UNK D 2594 -40.09 -66.87 -65.04
CA UNK D 2594 -39.07 -67.86 -64.70
C UNK D 2594 -39.00 -68.92 -65.79
N UNK D 2595 -37.78 -69.32 -66.14
CA UNK D 2595 -37.57 -70.30 -67.20
C UNK D 2595 -38.01 -71.69 -66.77
N UNK D 2596 -37.80 -72.02 -65.50
CA UNK D 2596 -38.16 -73.33 -64.98
C UNK D 2596 -38.44 -73.28 -63.48
N UNK D 2597 -38.70 -74.46 -62.90
CA UNK D 2597 -39.00 -74.57 -61.49
C UNK D 2597 -37.75 -74.93 -60.70
N UNK D 2598 -37.31 -74.01 -59.84
CA UNK D 2598 -36.10 -74.20 -59.06
C UNK D 2598 -36.32 -75.23 -57.96
N UNK D 2599 -36.08 -76.50 -58.28
CA UNK D 2599 -36.28 -77.58 -57.32
C UNK D 2599 -35.23 -78.68 -57.45
N UNK D 2600 -34.67 -79.08 -56.30
CA UNK D 2600 -33.72 -80.19 -56.27
C UNK D 2600 -34.49 -81.51 -56.34
N UNK D 2601 -35.00 -81.82 -57.52
CA UNK D 2601 -35.91 -82.95 -57.71
C UNK D 2601 -35.34 -84.30 -57.27
N UNK D 2602 -34.02 -84.41 -57.24
CA UNK D 2602 -33.34 -85.68 -56.96
C UNK D 2602 -33.73 -86.31 -55.62
N UNK D 2603 -34.37 -85.55 -54.74
CA UNK D 2603 -34.73 -86.05 -53.42
C UNK D 2603 -36.24 -86.27 -53.28
N UNK D 2604 -37.02 -85.65 -54.15
CA UNK D 2604 -38.48 -85.74 -54.05
C UNK D 2604 -39.08 -86.54 -55.20
N UNK D 2605 -39.72 -87.67 -54.88
CA UNK D 2605 -40.36 -88.51 -55.87
C UNK D 2605 -41.30 -89.54 -55.23
N UNK D 2606 -42.37 -89.88 -55.95
CA UNK D 2606 -43.30 -90.90 -55.51
C UNK D 2606 -43.58 -91.83 -56.70
N UNK D 2607 -44.37 -91.35 -57.64
CA UNK D 2607 -44.52 -91.96 -58.97
C UNK D 2607 -44.81 -93.47 -58.97
N UNK D 2608 -46.08 -93.83 -58.90
CA UNK D 2608 -46.47 -95.24 -58.91
C UNK D 2608 -47.95 -95.40 -59.29
N UNK D 2609 -48.25 -96.49 -60.00
CA UNK D 2609 -49.62 -96.79 -60.40
C UNK D 2609 -49.80 -98.26 -60.74
N UNK D 2610 -51.05 -98.67 -60.95
CA UNK D 2610 -51.38 -100.04 -61.32
C UNK D 2610 -52.81 -100.12 -61.86
N UNK D 2611 -53.15 -101.27 -62.44
CA UNK D 2611 -54.49 -101.54 -62.97
C UNK D 2611 -54.93 -100.49 -63.99
N UNK D 2612 -56.20 -100.13 -63.96
CA UNK D 2612 -56.75 -99.15 -64.88
C UNK D 2612 -57.83 -98.32 -64.20
N UNK D 2613 -57.84 -97.02 -64.47
CA UNK D 2613 -58.82 -96.12 -63.88
C UNK D 2613 -59.32 -95.10 -64.90
N UNK D 2614 -60.64 -95.01 -65.03
CA UNK D 2614 -61.28 -94.08 -65.96
C UNK D 2614 -60.78 -94.26 -67.39
N UNK D 2615 -60.40 -93.16 -68.02
CA UNK D 2615 -59.91 -93.19 -69.40
C UNK D 2615 -58.41 -92.97 -69.45
N UNK D 2616 -57.86 -92.92 -70.66
CA UNK D 2616 -56.43 -92.72 -70.85
C UNK D 2616 -56.04 -91.28 -70.55
N UNK D 2617 -54.92 -91.11 -69.86
CA UNK D 2617 -54.42 -89.78 -69.52
C UNK D 2617 -53.81 -89.11 -70.74
N UNK D 2618 -53.03 -89.88 -71.49
CA UNK D 2618 -52.38 -89.37 -72.69
C UNK D 2618 -53.40 -89.18 -73.82
N UNK D 2619 -52.96 -88.56 -74.91
CA UNK D 2619 -53.84 -88.29 -76.04
C UNK D 2619 -54.25 -89.59 -76.72
N UNK D 2620 -55.47 -89.61 -77.25
CA UNK D 2620 -56.00 -90.78 -77.94
C UNK D 2620 -55.29 -90.98 -79.27
N UNK D 2621 -54.84 -89.89 -79.87
CA UNK D 2621 -54.14 -89.94 -81.15
C UNK D 2621 -52.73 -90.51 -80.96
N UNK D 2622 -52.28 -91.28 -81.95
CA UNK D 2622 -50.94 -91.86 -81.91
C UNK D 2622 -49.96 -90.97 -82.67
N UNK D 2623 -50.48 -89.88 -83.23
CA UNK D 2623 -49.65 -88.95 -83.99
C UNK D 2623 -48.72 -88.17 -83.07
N UNK D 2624 -47.60 -87.73 -83.61
CA UNK D 2624 -46.61 -86.97 -82.84
C UNK D 2624 -45.78 -86.07 -83.76
N UNK D 2625 -45.73 -84.78 -83.43
CA UNK D 2625 -44.99 -83.82 -84.23
C UNK D 2625 -43.78 -83.29 -83.46
N UNK D 2626 -43.97 -82.20 -82.73
CA UNK D 2626 -42.88 -81.56 -82.00
C UNK D 2626 -43.37 -80.84 -80.74
N UNK D 2627 -42.64 -81.04 -79.64
CA UNK D 2627 -43.00 -80.43 -78.36
C UNK D 2627 -41.81 -80.47 -77.40
N UNK D 2628 -41.50 -79.32 -76.79
CA UNK D 2628 -40.37 -79.23 -75.88
C UNK D 2628 -40.79 -79.40 -74.42
N UNK D 2629 -40.00 -78.82 -73.52
CA UNK D 2629 -40.29 -78.89 -72.10
C UNK D 2629 -39.64 -77.72 -71.35
N UNK D 2630 -40.21 -77.35 -70.22
CA UNK D 2630 -39.67 -76.27 -69.40
C UNK D 2630 -40.06 -76.47 -67.93
N UNK D 2631 -41.27 -76.98 -67.71
CA UNK D 2631 -41.73 -77.26 -66.36
C UNK D 2631 -41.54 -78.75 -66.04
N UNK D 2632 -41.22 -79.53 -67.07
CA UNK D 2632 -40.99 -80.96 -66.92
C UNK D 2632 -39.50 -81.25 -66.76
N UNK D 2633 -38.70 -80.18 -66.65
CA UNK D 2633 -37.27 -80.32 -66.45
C UNK D 2633 -36.99 -80.76 -65.02
N UNK D 2634 -37.92 -80.46 -64.12
CA UNK D 2634 -37.78 -80.83 -62.72
C UNK D 2634 -38.49 -82.16 -62.45
N UNK D 2635 -38.71 -82.93 -63.51
CA UNK D 2635 -39.37 -84.22 -63.38
C UNK D 2635 -38.35 -85.34 -63.24
N UNK D 2636 -37.09 -85.02 -63.53
CA UNK D 2636 -36.00 -85.98 -63.35
C UNK D 2636 -35.83 -86.26 -61.86
N UNK D 2637 -36.61 -87.21 -61.36
CA UNK D 2637 -36.68 -87.47 -59.92
C UNK D 2637 -37.04 -88.92 -59.60
N UNK D 2638 -37.92 -89.49 -60.41
CA UNK D 2638 -38.44 -90.84 -60.17
C UNK D 2638 -37.35 -91.91 -60.31
N UNK D 2639 -37.63 -93.11 -59.81
CA UNK D 2639 -36.68 -94.21 -59.86
C UNK D 2639 -36.62 -94.85 -61.24
N UNK D 2640 -36.57 -96.19 -61.27
CA UNK D 2640 -36.30 -96.90 -62.52
C UNK D 2640 -36.57 -98.40 -62.45
N UNK D 2641 -36.30 -99.12 -63.54
CA UNK D 2641 -36.65 -100.55 -63.65
C UNK D 2641 -35.67 -101.37 -64.52
N UNK D 2642 -34.41 -100.92 -64.64
CA UNK D 2642 -33.38 -101.69 -65.34
C UNK D 2642 -31.98 -101.41 -64.77
N UNK D 2643 -31.15 -102.45 -64.78
CA UNK D 2643 -29.91 -102.57 -63.99
C UNK D 2643 -29.04 -101.34 -63.67
N UNK D 2644 -29.16 -100.84 -62.43
CA UNK D 2644 -28.23 -99.87 -61.84
C UNK D 2644 -28.59 -99.58 -60.37
N UNK D 2645 -27.74 -98.87 -59.64
CA UNK D 2645 -27.86 -98.83 -58.17
C UNK D 2645 -27.90 -97.45 -57.51
N UNK D 2646 -28.90 -97.27 -56.63
CA UNK D 2646 -28.94 -96.15 -55.68
C UNK D 2646 -30.10 -96.31 -54.70
N UNK D 2647 -30.67 -95.19 -54.27
CA UNK D 2647 -31.73 -95.20 -53.26
C UNK D 2647 -33.13 -95.26 -53.86
N UNK D 2648 -34.13 -95.07 -53.01
CA UNK D 2648 -35.53 -95.21 -53.42
C UNK D 2648 -36.14 -93.89 -53.92
N UNK D 2649 -37.15 -94.02 -54.78
CA UNK D 2649 -37.85 -92.86 -55.33
C UNK D 2649 -39.23 -93.26 -55.84
N UNK D 2650 -39.26 -93.91 -57.01
CA UNK D 2650 -40.51 -94.35 -57.61
C UNK D 2650 -40.73 -95.86 -57.46
N UNK D 2651 -41.84 -96.34 -57.99
CA UNK D 2651 -42.18 -97.76 -57.93
C UNK D 2651 -43.22 -98.11 -59.00
N UNK D 2652 -42.92 -97.78 -60.25
CA UNK D 2652 -43.80 -98.12 -61.36
C UNK D 2652 -43.85 -99.63 -61.54
N UNK D 2653 -42.68 -100.26 -61.46
CA UNK D 2653 -42.53 -101.72 -61.46
C UNK D 2653 -42.95 -102.39 -62.77
N UNK D 2654 -42.38 -103.56 -63.00
CA UNK D 2654 -42.74 -104.38 -64.15
C UNK D 2654 -43.70 -105.47 -63.70
N UNK D 2655 -44.12 -105.39 -62.44
CA UNK D 2655 -45.03 -106.36 -61.86
C UNK D 2655 -46.45 -106.15 -62.37
N UNK D 2656 -46.72 -104.95 -62.88
CA UNK D 2656 -48.05 -104.61 -63.39
C UNK D 2656 -48.38 -105.45 -64.61
N UNK D 2657 -49.25 -106.46 -64.41
CA UNK D 2657 -49.67 -107.33 -65.49
C UNK D 2657 -51.01 -106.87 -66.05
N UNK D 2658 -51.17 -107.00 -67.37
CA UNK D 2658 -52.37 -106.57 -68.09
C UNK D 2658 -52.67 -105.11 -67.82
N UNK D 2659 -51.69 -104.24 -68.05
CA UNK D 2659 -51.84 -102.81 -67.82
C UNK D 2659 -52.28 -102.09 -69.09
N UNK D 2660 -52.80 -102.85 -70.05
CA UNK D 2660 -53.28 -102.32 -71.31
C UNK D 2660 -52.22 -101.50 -72.04
N UNK D 2661 -52.66 -100.46 -72.74
CA UNK D 2661 -51.75 -99.60 -73.49
C UNK D 2661 -51.93 -98.13 -73.10
N UNK D 2662 -52.99 -97.51 -73.60
CA UNK D 2662 -53.30 -96.10 -73.34
C UNK D 2662 -52.13 -95.20 -73.73
N UNK D 2663 -51.47 -95.55 -74.82
CA UNK D 2663 -50.31 -94.80 -75.29
C UNK D 2663 -50.13 -94.94 -76.80
N UNK D 2664 -50.36 -96.16 -77.29
CA UNK D 2664 -50.20 -96.48 -78.71
C UNK D 2664 -48.80 -96.13 -79.20
N UNK D 2665 -47.79 -96.40 -78.38
CA UNK D 2665 -46.41 -96.10 -78.72
C UNK D 2665 -45.53 -97.33 -78.61
N UNK D 2666 -46.02 -98.46 -79.10
CA UNK D 2666 -45.28 -99.72 -79.02
C UNK D 2666 -44.01 -99.68 -79.86
N UNK D 2667 -44.11 -100.16 -81.09
CA UNK D 2667 -43.02 -100.06 -82.04
C UNK D 2667 -43.55 -99.68 -83.41
N UNK D 2668 -42.95 -98.66 -84.01
CA UNK D 2668 -43.45 -98.11 -85.27
C UNK D 2668 -43.18 -99.02 -86.45
N UNK D 2669 -44.18 -99.17 -87.30
CA UNK D 2669 -44.06 -99.94 -88.52
C UNK D 2669 -44.79 -99.24 -89.67
N UNK D 2670 -44.78 -97.91 -89.64
CA UNK D 2670 -45.46 -97.12 -90.65
C UNK D 2670 -44.76 -95.79 -90.91
N UNK D 2671 -45.13 -95.15 -92.00
CA UNK D 2671 -44.58 -93.85 -92.37
C UNK D 2671 -45.49 -93.15 -93.37
N UNK D 2672 -45.98 -91.98 -92.99
CA UNK D 2672 -46.83 -91.19 -93.88
C UNK D 2672 -45.98 -90.47 -94.92
N UNK D 2673 -46.25 -89.19 -95.13
CA UNK D 2673 -45.44 -88.39 -96.05
C UNK D 2673 -44.06 -88.16 -95.44
N UNK D 2674 -43.07 -87.91 -96.29
CA UNK D 2674 -41.71 -87.68 -95.82
C UNK D 2674 -41.65 -86.41 -94.98
N UNK D 2675 -41.70 -86.57 -93.66
CA UNK D 2675 -41.67 -85.44 -92.75
C UNK D 2675 -40.29 -84.78 -92.73
N UNK D 2676 -39.96 -84.08 -93.81
CA UNK D 2676 -38.66 -83.42 -93.93
C UNK D 2676 -38.69 -82.07 -93.23
N UNK D 2677 -39.88 -81.64 -92.83
CA UNK D 2677 -40.03 -80.38 -92.12
C UNK D 2677 -39.44 -80.49 -90.72
N UNK D 2678 -39.61 -81.66 -90.11
CA UNK D 2678 -39.06 -81.92 -88.78
C UNK D 2678 -37.69 -82.56 -88.89
N UNK D 2679 -36.67 -81.72 -89.05
CA UNK D 2679 -35.28 -82.21 -89.18
C UNK D 2679 -34.33 -81.37 -88.35
N UNK D 2680 -34.43 -81.48 -87.04
CA UNK D 2680 -33.56 -80.75 -86.12
C UNK D 2680 -33.10 -81.65 -84.98
N UNK D 2681 -31.90 -81.40 -84.46
CA UNK D 2681 -31.30 -82.22 -83.42
C UNK D 2681 -32.20 -82.37 -82.19
N UNK D 2682 -32.08 -83.52 -81.53
CA UNK D 2682 -32.91 -83.83 -80.38
C UNK D 2682 -32.07 -84.06 -79.12
N UNK D 2683 -32.74 -84.43 -78.04
CA UNK D 2683 -32.07 -84.72 -76.77
C UNK D 2683 -31.65 -86.19 -76.73
N UNK D 2684 -30.54 -86.46 -76.05
CA UNK D 2684 -30.01 -87.81 -75.95
C UNK D 2684 -30.13 -88.33 -74.52
N UNK D 2685 -30.18 -89.66 -74.38
CA UNK D 2685 -30.32 -90.29 -73.07
C UNK D 2685 -29.84 -91.73 -73.13
N UNK D 2686 -30.46 -92.60 -72.33
CA UNK D 2686 -30.13 -94.01 -72.34
C UNK D 2686 -31.32 -94.83 -72.86
N UNK D 2687 -31.41 -96.07 -72.45
CA UNK D 2687 -32.51 -96.94 -72.86
C UNK D 2687 -32.67 -98.12 -71.91
N UNK D 2688 -33.82 -98.80 -72.00
CA UNK D 2688 -34.11 -99.93 -71.13
C UNK D 2688 -33.37 -101.18 -71.59
N UNK D 2689 -32.98 -102.01 -70.63
CA UNK D 2689 -32.20 -103.21 -70.93
C UNK D 2689 -33.09 -104.45 -71.00
N UNK D 2690 -32.91 -105.23 -72.06
CA UNK D 2690 -33.67 -106.47 -72.24
C UNK D 2690 -32.73 -107.65 -72.42
N UNK D 2691 -33.31 -108.84 -72.55
CA UNK D 2691 -32.54 -110.06 -72.75
C UNK D 2691 -33.42 -111.16 -73.34
N UNK D 2692 -34.13 -111.87 -72.47
CA UNK D 2692 -35.01 -112.94 -72.91
C UNK D 2692 -36.05 -113.25 -71.82
N UNK D 2693 -37.05 -112.37 -71.70
CA UNK D 2693 -38.10 -112.55 -70.72
C UNK D 2693 -39.47 -112.59 -71.41
N UNK D 2694 -40.23 -113.64 -71.13
CA UNK D 2694 -41.55 -113.82 -71.75
C UNK D 2694 -42.44 -114.72 -70.91
N UNK D 2695 -43.75 -114.61 -71.09
CA UNK D 2695 -44.71 -115.41 -70.34
C UNK D 2695 -46.02 -115.56 -71.10
N UNK D 2696 -47.04 -116.06 -70.41
CA UNK D 2696 -48.37 -116.28 -70.99
C UNK D 2696 -48.32 -117.09 -72.28
N UNK D 2697 -47.93 -118.36 -72.16
CA UNK D 2697 -47.81 -119.22 -73.33
C UNK D 2697 -48.84 -120.35 -73.30
N UNK D 2698 -49.72 -120.31 -72.30
CA UNK D 2698 -50.74 -121.35 -72.16
C UNK D 2698 -52.03 -120.98 -72.90
N UNK D 2699 -52.86 -121.98 -73.14
CA UNK D 2699 -54.14 -121.76 -73.83
C UNK D 2699 -55.23 -121.42 -72.80
N UNK D 2700 -55.32 -122.25 -71.76
CA UNK D 2700 -56.31 -122.02 -70.70
C UNK D 2700 -55.67 -122.27 -69.34
N UNK D 2701 -56.07 -121.46 -68.36
CA UNK D 2701 -55.52 -121.58 -67.01
C UNK D 2701 -56.02 -122.84 -66.31
N UNK D 2702 -57.33 -122.91 -66.09
CA UNK D 2702 -57.92 -124.06 -65.41
C UNK D 2702 -58.88 -124.80 -66.33
N UNK D 2703 -58.33 -125.62 -67.22
CA UNK D 2703 -59.15 -126.39 -68.15
C UNK D 2703 -58.38 -127.62 -68.64
N ASN D 2734 -47.28 -72.10 -70.55
CA ASN D 2734 -47.47 -71.67 -71.92
C ASN D 2734 -46.14 -71.65 -72.68
N PHE D 2735 -45.28 -72.60 -72.33
CA PHE D 2735 -43.95 -72.67 -72.91
C PHE D 2735 -44.01 -73.17 -74.36
N ASP D 2736 -43.03 -72.75 -75.15
CA ASP D 2736 -42.88 -72.99 -76.58
C ASP D 2736 -42.27 -74.36 -76.85
N PRO D 2737 -42.58 -74.97 -77.98
CA PRO D 2737 -42.03 -76.29 -78.30
C PRO D 2737 -40.68 -76.19 -79.01
N ARG D 2738 -40.13 -77.35 -79.34
CA ARG D 2738 -38.87 -77.48 -80.04
C ARG D 2738 -39.00 -78.50 -81.17
N PRO D 2739 -38.19 -78.36 -82.23
CA PRO D 2739 -38.26 -79.32 -83.34
C PRO D 2739 -37.31 -80.50 -83.15
N VAL D 2740 -37.76 -81.66 -83.61
CA VAL D 2740 -36.99 -82.91 -83.52
C VAL D 2740 -36.86 -83.51 -84.91
N GLU D 2741 -35.68 -84.03 -85.20
CA GLU D 2741 -35.40 -84.65 -86.49
C GLU D 2741 -36.19 -85.95 -86.64
N THR D 2742 -36.59 -86.23 -87.88
CA THR D 2742 -37.43 -87.38 -88.21
C THR D 2742 -36.83 -88.30 -89.26
N LEU D 2743 -36.19 -87.75 -90.29
CA LEU D 2743 -35.81 -88.52 -91.47
C LEU D 2743 -34.34 -88.89 -91.49
N ASN D 2744 -33.72 -89.14 -90.32
CA ASN D 2744 -32.38 -89.71 -90.32
C ASN D 2744 -32.38 -91.12 -90.89
N VAL D 2745 -33.36 -91.93 -90.48
CA VAL D 2745 -33.49 -93.30 -90.95
C VAL D 2745 -34.90 -93.46 -91.53
N ILE D 2746 -34.98 -93.97 -92.75
CA ILE D 2746 -36.26 -94.30 -93.35
C ILE D 2746 -36.59 -95.76 -93.05
N ILE D 2747 -37.81 -96.00 -92.61
CA ILE D 2747 -38.23 -97.31 -92.09
C ILE D 2747 -38.44 -98.25 -93.27
N PRO D 2748 -37.72 -99.37 -93.33
CA PRO D 2748 -38.02 -100.39 -94.35
C PRO D 2748 -39.07 -101.37 -93.84
N GLU D 2749 -39.35 -102.37 -94.67
CA GLU D 2749 -40.26 -103.44 -94.27
C GLU D 2749 -39.49 -104.54 -93.53
N LYS D 2750 -38.90 -104.18 -92.40
CA LYS D 2750 -38.13 -105.11 -91.59
C LYS D 2750 -38.79 -105.43 -90.27
N LEU D 2751 -39.56 -104.52 -89.71
CA LEU D 2751 -40.27 -104.76 -88.45
C LEU D 2751 -41.59 -105.50 -88.72
N ASP D 2752 -41.49 -106.80 -88.98
CA ASP D 2752 -42.68 -107.61 -89.19
C ASP D 2752 -42.88 -108.60 -88.05
N SER D 2753 -41.81 -109.01 -87.38
CA SER D 2753 -41.94 -109.90 -86.23
C SER D 2753 -42.73 -109.25 -85.12
N PHE D 2754 -42.49 -107.97 -84.83
CA PHE D 2754 -43.26 -107.29 -83.79
C PHE D 2754 -44.71 -107.08 -84.21
N ILE D 2755 -44.96 -106.89 -85.51
CA ILE D 2755 -46.34 -106.77 -85.98
C ILE D 2755 -47.09 -108.09 -85.79
N ASN D 2756 -46.45 -109.21 -86.16
CA ASN D 2756 -47.06 -110.51 -85.92
C ASN D 2756 -47.12 -110.86 -84.44
N LYS D 2757 -46.33 -110.17 -83.61
CA LYS D 2757 -46.34 -110.43 -82.18
C LYS D 2757 -47.71 -110.15 -81.56
N PHE D 2758 -48.35 -109.04 -81.94
CA PHE D 2758 -49.66 -108.74 -81.39
C PHE D 2758 -50.68 -109.83 -81.71
N ALA D 2759 -50.60 -110.41 -82.91
CA ALA D 2759 -51.56 -111.45 -83.30
C ALA D 2759 -51.23 -112.78 -82.64
N GLU D 2760 -49.95 -113.08 -82.46
CA GLU D 2760 -49.56 -114.41 -81.97
C GLU D 2760 -49.40 -114.45 -80.46
N TYR D 2761 -48.49 -113.65 -79.91
CA TYR D 2761 -48.09 -113.71 -78.51
C TYR D 2761 -48.98 -112.89 -77.59
N THR D 2762 -49.60 -111.83 -78.10
CA THR D 2762 -50.40 -110.93 -77.27
C THR D 2762 -51.87 -111.32 -77.20
N HIS D 2763 -52.34 -112.17 -78.11
CA HIS D 2763 -53.77 -112.48 -78.18
C HIS D 2763 -54.27 -113.17 -76.91
N GLU D 2764 -53.39 -113.88 -76.21
CA GLU D 2764 -53.78 -114.58 -74.98
C GLU D 2764 -53.62 -113.73 -73.73
N LYS D 2765 -53.15 -112.48 -73.87
CA LYS D 2765 -52.92 -111.65 -72.69
C LYS D 2765 -54.23 -111.19 -72.07
N TRP D 2766 -55.18 -110.75 -72.89
CA TRP D 2766 -56.45 -110.22 -72.39
C TRP D 2766 -57.49 -111.30 -72.11
N ALA D 2767 -57.26 -112.53 -72.54
CA ALA D 2767 -58.24 -113.60 -72.37
C ALA D 2767 -58.13 -114.31 -71.03
N PHE D 2768 -57.12 -113.99 -70.21
CA PHE D 2768 -56.94 -114.64 -68.93
C PHE D 2768 -57.38 -113.78 -67.75
N ASP D 2769 -57.86 -112.56 -68.00
CA ASP D 2769 -58.19 -111.66 -66.90
C ASP D 2769 -59.34 -112.18 -66.06
N LYS D 2770 -60.35 -112.78 -66.68
CA LYS D 2770 -61.52 -113.24 -65.93
C LYS D 2770 -61.20 -114.43 -65.04
N ILE D 2771 -60.18 -115.22 -65.40
CA ILE D 2771 -59.89 -116.45 -64.67
C ILE D 2771 -59.43 -116.16 -63.24
N GLN D 2772 -58.55 -115.18 -63.04
CA GLN D 2772 -58.07 -114.87 -61.70
C GLN D 2772 -59.18 -114.38 -60.78
N ASN D 2773 -60.12 -113.59 -61.30
CA ASN D 2773 -61.27 -113.16 -60.52
C ASN D 2773 -62.37 -114.21 -60.47
N ASN D 2774 -62.23 -115.30 -61.22
CA ASN D 2774 -63.16 -116.43 -61.17
C ASN D 2774 -64.56 -116.01 -61.60
N TRP D 2775 -64.65 -115.41 -62.78
CA TRP D 2775 -65.92 -115.03 -63.37
C TRP D 2775 -66.18 -115.86 -64.62
N SER D 2776 -67.41 -116.36 -64.75
CA SER D 2776 -67.75 -117.28 -65.81
C SER D 2776 -67.70 -116.58 -67.18
N TYR D 2777 -67.55 -117.40 -68.22
CA TYR D 2777 -67.51 -116.87 -69.58
C TYR D 2777 -68.82 -116.19 -69.94
N GLY D 2778 -68.71 -115.03 -70.59
CA GLY D 2778 -69.88 -114.30 -71.02
C GLY D 2778 -70.19 -114.46 -72.48
N GLU D 2779 -71.18 -115.30 -72.80
CA GLU D 2779 -71.59 -115.47 -74.19
C GLU D 2779 -72.26 -114.21 -74.73
N ASN D 2780 -73.09 -113.56 -73.91
CA ASN D 2780 -73.76 -112.34 -74.35
C ASN D 2780 -72.77 -111.18 -74.45
N VAL D 2781 -73.04 -110.29 -75.40
CA VAL D 2781 -72.18 -109.13 -75.65
C VAL D 2781 -72.72 -107.98 -74.81
N ASP D 2782 -72.18 -107.83 -73.60
CA ASP D 2782 -72.54 -106.74 -72.69
C ASP D 2782 -71.23 -106.16 -72.14
N GLU D 2783 -70.67 -105.19 -72.87
CA GLU D 2783 -69.38 -104.63 -72.47
C GLU D 2783 -69.50 -103.88 -71.14
N GLU D 2784 -70.58 -103.12 -70.95
CA GLU D 2784 -70.70 -102.28 -69.76
C GLU D 2784 -71.13 -103.06 -68.52
N LEU D 2785 -71.68 -104.25 -68.68
CA LEU D 2785 -72.17 -105.04 -67.54
C LEU D 2785 -71.09 -105.97 -66.99
N LYS D 2786 -69.91 -105.40 -66.72
CA LYS D 2786 -68.80 -106.10 -66.06
C LYS D 2786 -68.37 -107.35 -66.80
N THR D 2787 -68.57 -107.39 -68.12
CA THR D 2787 -68.11 -108.48 -68.96
C THR D 2787 -67.26 -107.92 -70.10
N HIS D 2788 -66.19 -108.64 -70.42
CA HIS D 2788 -65.25 -108.17 -71.43
C HIS D 2788 -65.91 -108.16 -72.81
N PRO D 2789 -65.59 -107.16 -73.63
CA PRO D 2789 -66.21 -107.05 -74.95
C PRO D 2789 -65.47 -107.86 -76.02
N MET D 2790 -64.68 -108.86 -75.60
CA MET D 2790 -63.81 -109.57 -76.53
C MET D 2790 -64.58 -110.20 -77.69
N LEU D 2791 -65.86 -110.51 -77.49
CA LEU D 2791 -66.69 -111.03 -78.58
C LEU D 2791 -67.15 -109.87 -79.45
N ARG D 2792 -66.58 -109.78 -80.66
CA ARG D 2792 -66.83 -108.67 -81.56
C ARG D 2792 -67.14 -109.17 -82.96
N PRO D 2793 -67.76 -108.36 -83.82
CA PRO D 2793 -67.93 -108.77 -85.22
C PRO D 2793 -66.59 -109.07 -85.87
N TYR D 2794 -66.59 -110.07 -86.75
CA TYR D 2794 -65.36 -110.59 -87.32
C TYR D 2794 -64.69 -109.63 -88.31
N LYS D 2795 -65.36 -108.55 -88.69
CA LYS D 2795 -64.81 -107.58 -89.63
C LYS D 2795 -64.07 -106.44 -88.93
N THR D 2796 -63.53 -106.68 -87.73
CA THR D 2796 -62.80 -105.66 -86.98
C THR D 2796 -61.30 -105.71 -87.29
N PHE D 2797 -61.00 -105.73 -88.59
CA PHE D 2797 -59.63 -105.79 -89.09
C PHE D 2797 -59.34 -104.55 -89.91
N SER D 2798 -58.18 -103.95 -89.67
CA SER D 2798 -57.75 -102.75 -90.38
C SER D 2798 -56.27 -102.84 -90.70
N GLU D 2799 -55.91 -102.43 -91.92
CA GLU D 2799 -54.52 -102.40 -92.35
C GLU D 2799 -53.98 -100.99 -92.54
N LYS D 2800 -54.81 -100.04 -92.99
CA LYS D 2800 -54.37 -98.66 -93.12
C LYS D 2800 -53.94 -98.07 -91.79
N ASP D 2801 -54.51 -98.55 -90.68
CA ASP D 2801 -54.12 -98.07 -89.36
C ASP D 2801 -52.65 -98.40 -89.09
N LYS D 2802 -52.23 -99.60 -89.44
CA LYS D 2802 -50.82 -100.00 -89.26
C LYS D 2802 -49.93 -99.52 -90.39
N GLU D 2803 -50.50 -99.12 -91.53
CA GLU D 2803 -49.69 -98.66 -92.67
C GLU D 2803 -49.37 -97.17 -92.61
N ILE D 2804 -50.26 -96.35 -92.05
CA ILE D 2804 -50.01 -94.91 -91.99
C ILE D 2804 -50.18 -94.32 -90.60
N TYR D 2805 -50.87 -94.98 -89.68
CA TYR D 2805 -51.08 -94.47 -88.33
C TYR D 2805 -50.24 -95.23 -87.29
N ARG D 2806 -49.15 -95.85 -87.70
CA ARG D 2806 -48.32 -96.68 -86.82
C ARG D 2806 -46.89 -96.15 -86.76
N TRP D 2807 -46.76 -94.84 -86.53
CA TRP D 2807 -45.45 -94.21 -86.44
C TRP D 2807 -45.29 -93.42 -85.14
N PRO D 2808 -45.36 -94.07 -83.97
CA PRO D 2808 -45.22 -93.33 -82.72
C PRO D 2808 -43.78 -93.14 -82.27
N ILE D 2809 -42.86 -94.02 -82.66
CA ILE D 2809 -41.46 -93.93 -82.23
C ILE D 2809 -40.49 -93.95 -83.40
N LYS D 2810 -40.98 -94.08 -84.64
CA LYS D 2810 -40.09 -93.99 -85.79
C LYS D 2810 -39.50 -92.59 -85.94
N GLU D 2811 -40.14 -91.59 -85.35
CA GLU D 2811 -39.70 -90.21 -85.55
C GLU D 2811 -38.31 -90.00 -84.96
N SER D 2812 -38.04 -90.58 -83.79
CA SER D 2812 -36.72 -90.49 -83.17
C SER D 2812 -36.56 -91.63 -82.17
N LEU D 2813 -35.67 -92.57 -82.50
CA LEU D 2813 -35.27 -93.64 -81.58
C LEU D 2813 -33.78 -93.66 -81.31
N LYS D 2814 -33.01 -92.73 -81.87
CA LYS D 2814 -31.55 -92.79 -81.82
C LYS D 2814 -31.07 -92.19 -80.51
N ALA D 2815 -31.12 -93.02 -79.46
CA ALA D 2815 -30.61 -92.64 -78.15
C ALA D 2815 -29.78 -93.73 -77.50
N LEU D 2867 -39.35 -105.26 -58.41
CA LEU D 2867 -38.14 -104.48 -58.56
C LEU D 2867 -37.40 -104.40 -57.22
N SER D 2868 -36.12 -104.71 -57.24
CA SER D 2868 -35.27 -104.53 -56.07
C SER D 2868 -35.02 -103.03 -55.85
N ARG D 2869 -34.20 -102.72 -54.85
CA ARG D 2869 -33.89 -101.32 -54.58
C ARG D 2869 -32.62 -100.88 -55.31
N GLU D 2870 -31.51 -101.58 -55.07
CA GLU D 2870 -30.22 -101.21 -55.62
C GLU D 2870 -29.88 -101.95 -56.91
N LEU D 2871 -30.85 -102.59 -57.55
CA LEU D 2871 -30.51 -103.38 -58.73
C LEU D 2871 -30.71 -102.62 -60.03
N GLN D 2872 -31.74 -101.76 -60.10
CA GLN D 2872 -32.20 -101.21 -61.37
C GLN D 2872 -32.48 -99.70 -61.33
N ALA D 2873 -31.55 -98.90 -60.82
CA ALA D 2873 -31.89 -97.55 -60.35
C ALA D 2873 -31.57 -96.41 -61.33
N MET D 2874 -30.40 -96.41 -61.97
CA MET D 2874 -29.97 -95.30 -62.83
C MET D 2874 -29.84 -95.60 -64.32
N ALA D 2875 -29.75 -96.86 -64.74
CA ALA D 2875 -29.54 -97.20 -66.14
C ALA D 2875 -30.57 -96.57 -67.06
N GLU D 2876 -31.77 -96.30 -66.55
CA GLU D 2876 -32.78 -95.54 -67.27
C GLU D 2876 -33.29 -94.35 -66.47
N GLN D 2877 -32.81 -94.15 -65.24
CA GLN D 2877 -32.94 -92.82 -64.66
C GLN D 2877 -32.25 -91.79 -65.54
N LEU D 2878 -31.11 -92.16 -66.12
CA LEU D 2878 -30.48 -91.33 -67.14
C LEU D 2878 -31.28 -91.29 -68.44
N ALA D 2879 -32.11 -92.30 -68.72
CA ALA D 2879 -32.95 -92.30 -69.91
C ALA D 2879 -34.28 -91.59 -69.71
N GLU D 2880 -34.62 -91.25 -68.46
CA GLU D 2880 -35.89 -90.62 -68.14
C GLU D 2880 -36.13 -89.36 -68.96
N ASN D 2881 -35.08 -88.59 -69.24
CA ASN D 2881 -35.22 -87.41 -70.10
C ASN D 2881 -35.89 -87.76 -71.42
N TYR D 2882 -35.46 -88.85 -72.06
CA TYR D 2882 -36.00 -89.23 -73.36
C TYR D 2882 -37.51 -89.48 -73.29
N HIS D 2883 -37.93 -90.52 -72.57
CA HIS D 2883 -39.34 -90.85 -72.57
C HIS D 2883 -40.19 -89.83 -71.84
N ASN D 2884 -39.62 -89.01 -70.95
CA ASN D 2884 -40.38 -87.89 -70.40
C ASN D 2884 -40.65 -86.79 -71.41
N THR D 2885 -39.63 -86.37 -72.18
CA THR D 2885 -39.88 -85.36 -73.19
C THR D 2885 -40.69 -85.90 -74.36
N TRP D 2886 -40.79 -87.22 -74.51
CA TRP D 2886 -41.69 -87.80 -75.51
C TRP D 2886 -43.07 -88.14 -74.95
N GLY D 2887 -43.23 -88.16 -73.63
CA GLY D 2887 -44.54 -88.24 -73.03
C GLY D 2887 -45.18 -86.87 -72.99
N ARG D 2888 -44.35 -85.84 -72.84
CA ARG D 2888 -44.82 -84.47 -73.03
C ARG D 2888 -45.05 -84.15 -74.51
N LYS D 2889 -44.50 -84.98 -75.41
CA LYS D 2889 -44.64 -84.74 -76.85
C LYS D 2889 -46.09 -84.84 -77.30
N LYS D 2890 -46.85 -85.77 -76.72
CA LYS D 2890 -48.15 -86.18 -77.24
C LYS D 2890 -49.29 -85.18 -76.97
N LYS D 2891 -49.07 -83.93 -76.56
CA LYS D 2891 -50.18 -83.06 -76.21
C LYS D 2891 -50.26 -81.78 -77.04
N GLN D 2892 -49.17 -81.36 -77.68
CA GLN D 2892 -49.15 -80.06 -78.33
C GLN D 2892 -50.22 -79.92 -79.41
N GLU D 2893 -50.76 -81.05 -79.90
CA GLU D 2893 -51.85 -80.97 -80.86
C GLU D 2893 -53.17 -80.54 -80.22
N LEU D 2894 -53.39 -80.86 -78.94
CA LEU D 2894 -54.66 -80.49 -78.32
C LEU D 2894 -54.54 -79.37 -77.29
N GLU D 2895 -53.34 -78.92 -76.93
CA GLU D 2895 -53.20 -77.58 -76.34
C GLU D 2895 -53.10 -76.55 -77.45
N ALA D 2896 -54.11 -75.68 -77.52
CA ALA D 2896 -54.09 -74.48 -78.34
C ALA D 2896 -54.53 -73.23 -77.58
N LYS D 2897 -55.05 -73.38 -76.37
CA LYS D 2897 -55.52 -72.26 -75.55
C LYS D 2897 -54.69 -72.08 -74.29
N GLY D 2898 -54.47 -73.13 -73.53
CA GLY D 2898 -53.54 -73.12 -72.43
C GLY D 2898 -54.11 -73.05 -71.01
N GLY D 2899 -55.19 -73.78 -70.71
CA GLY D 2899 -55.77 -73.78 -69.38
C GLY D 2899 -55.73 -75.16 -68.76
N GLY D 2900 -55.45 -75.17 -67.46
CA GLY D 2900 -55.20 -76.43 -66.77
C GLY D 2900 -56.41 -77.34 -66.80
N THR D 2901 -56.36 -78.40 -67.62
CA THR D 2901 -57.45 -79.36 -67.70
C THR D 2901 -56.98 -80.83 -67.74
N HIS D 2902 -55.76 -81.13 -68.20
CA HIS D 2902 -55.39 -82.53 -68.36
C HIS D 2902 -54.34 -82.93 -67.32
N PRO D 2903 -54.48 -84.13 -66.73
CA PRO D 2903 -53.65 -84.56 -65.59
C PRO D 2903 -52.33 -85.26 -65.90
N LEU D 2904 -51.30 -84.46 -66.20
CA LEU D 2904 -49.94 -84.99 -66.24
C LEU D 2904 -48.91 -84.05 -65.62
N LEU D 2905 -49.34 -83.03 -64.89
CA LEU D 2905 -48.43 -82.13 -64.18
C LEU D 2905 -48.65 -82.31 -62.69
N VAL D 2906 -47.57 -82.57 -61.96
CA VAL D 2906 -47.67 -82.88 -60.53
C VAL D 2906 -46.69 -82.01 -59.76
N PRO D 2907 -46.99 -81.66 -58.49
CA PRO D 2907 -46.05 -80.87 -57.69
C PRO D 2907 -44.77 -81.64 -57.40
N TYR D 2908 -43.64 -81.13 -57.87
CA TYR D 2908 -42.36 -81.82 -57.71
C TYR D 2908 -41.74 -81.62 -56.34
N ASP D 2909 -42.23 -80.64 -55.56
CA ASP D 2909 -41.69 -80.42 -54.22
C ASP D 2909 -42.12 -81.54 -53.26
N THR D 2910 -43.43 -81.67 -53.05
CA THR D 2910 -43.98 -82.77 -52.26
C THR D 2910 -45.16 -83.34 -53.03
N LEU D 2911 -45.17 -84.65 -53.23
CA LEU D 2911 -46.10 -85.27 -54.16
C LEU D 2911 -46.89 -86.37 -53.47
N THR D 2912 -48.15 -86.51 -53.88
CA THR D 2912 -48.98 -87.63 -53.46
C THR D 2912 -48.61 -88.88 -54.26
N ALA D 2913 -49.43 -89.91 -54.09
CA ALA D 2913 -49.26 -91.16 -54.85
C ALA D 2913 -49.95 -91.02 -56.21
N LYS D 2914 -49.37 -90.17 -57.04
CA LYS D 2914 -49.93 -89.88 -58.35
C LYS D 2914 -49.69 -91.03 -59.32
N GLU D 2915 -50.61 -91.18 -60.27
CA GLU D 2915 -50.59 -92.34 -61.16
C GLU D 2915 -49.51 -92.23 -62.23
N LYS D 2916 -49.27 -91.02 -62.75
CA LYS D 2916 -48.37 -90.77 -63.87
C LYS D 2916 -48.51 -91.81 -64.99
N ALA D 2917 -49.73 -92.25 -65.27
CA ALA D 2917 -49.99 -93.43 -66.10
C ALA D 2917 -50.18 -93.08 -67.57
N ARG D 2918 -49.46 -92.08 -68.08
CA ARG D 2918 -49.65 -91.66 -69.46
C ARG D 2918 -49.18 -92.72 -70.45
N ASP D 2919 -47.89 -93.03 -70.45
CA ASP D 2919 -47.31 -93.83 -71.53
C ASP D 2919 -46.27 -94.86 -71.12
N ARG D 2920 -46.09 -95.15 -69.83
CA ARG D 2920 -45.03 -96.05 -69.40
C ARG D 2920 -45.51 -97.39 -68.86
N GLU D 2921 -46.77 -97.53 -68.45
CA GLU D 2921 -47.28 -98.82 -68.05
C GLU D 2921 -47.33 -99.82 -69.19
N LYS D 2922 -47.46 -99.32 -70.43
CA LYS D 2922 -47.29 -100.18 -71.59
C LYS D 2922 -45.83 -100.56 -71.79
N ALA D 2923 -44.92 -99.58 -71.67
CA ALA D 2923 -43.52 -99.82 -72.00
C ALA D 2923 -42.85 -100.77 -71.02
N GLN D 2924 -43.27 -100.75 -69.74
CA GLN D 2924 -42.68 -101.68 -68.78
C GLN D 2924 -42.97 -103.12 -69.16
N GLU D 2925 -44.15 -103.39 -69.72
CA GLU D 2925 -44.41 -104.72 -70.28
C GLU D 2925 -43.73 -104.92 -71.62
N LEU D 2926 -43.63 -103.86 -72.43
CA LEU D 2926 -43.08 -103.97 -73.77
C LEU D 2926 -41.59 -104.31 -73.74
N LEU D 2927 -40.88 -103.90 -72.69
CA LEU D 2927 -39.44 -104.11 -72.64
C LEU D 2927 -39.08 -105.59 -72.66
N LYS D 2928 -39.85 -106.43 -71.95
CA LYS D 2928 -39.49 -107.84 -71.82
C LYS D 2928 -39.55 -108.56 -73.16
N PHE D 2929 -40.52 -108.22 -74.00
CA PHE D 2929 -40.84 -109.00 -75.18
C PHE D 2929 -40.00 -108.65 -76.40
N LEU D 2930 -38.82 -108.04 -76.20
CA LEU D 2930 -37.96 -107.65 -77.30
C LEU D 2930 -36.87 -108.71 -77.52
N GLN D 2931 -37.26 -109.75 -78.25
CA GLN D 2931 -36.32 -110.82 -78.62
C GLN D 2931 -36.22 -111.03 -80.13
N MET D 2932 -37.18 -110.55 -80.90
CA MET D 2932 -37.26 -110.83 -82.32
C MET D 2932 -36.58 -109.73 -83.13
N ASN D 2933 -36.74 -109.80 -84.45
CA ASN D 2933 -36.24 -108.81 -85.42
C ASN D 2933 -34.73 -108.89 -85.56
N GLY D 2934 -34.07 -109.73 -84.76
CA GLY D 2934 -32.64 -109.91 -84.82
C GLY D 2934 -31.84 -108.85 -84.11
N TYR D 2935 -32.47 -107.76 -83.66
CA TYR D 2935 -31.80 -106.68 -82.95
C TYR D 2935 -32.66 -106.26 -81.77
N ALA D 2936 -32.02 -106.16 -80.60
CA ALA D 2936 -32.72 -105.78 -79.38
C ALA D 2936 -31.90 -104.73 -78.64
N VAL D 2937 -32.59 -103.94 -77.82
CA VAL D 2937 -31.97 -102.87 -77.05
C VAL D 2937 -31.35 -103.48 -75.80
N THR D 2938 -30.05 -103.79 -75.87
CA THR D 2938 -29.30 -104.29 -74.72
C THR D 2938 -28.35 -103.20 -74.27
N ARG D 2939 -28.48 -102.78 -73.01
CA ARG D 2939 -27.69 -101.67 -72.49
C ARG D 2939 -26.21 -102.04 -72.39
N UNK D 3088 -51.89 -122.52 -76.52
CA UNK D 3088 -51.94 -123.85 -77.13
C UNK D 3088 -50.63 -124.16 -77.83
N UNK D 3089 -49.61 -124.51 -77.04
CA UNK D 3089 -48.27 -124.80 -77.56
C UNK D 3089 -47.74 -123.64 -78.39
N UNK D 3090 -47.96 -122.42 -77.91
CA UNK D 3090 -47.54 -121.22 -78.62
C UNK D 3090 -46.78 -120.27 -77.70
N UNK D 3091 -45.52 -120.01 -78.04
CA UNK D 3091 -44.67 -119.12 -77.24
C UNK D 3091 -43.68 -118.40 -78.13
N UNK D 3092 -42.73 -117.71 -77.50
CA UNK D 3092 -41.72 -116.95 -78.23
C UNK D 3092 -40.32 -117.26 -77.72
N UNK D 3093 -40.25 -117.80 -76.50
CA UNK D 3093 -38.97 -118.12 -75.88
C UNK D 3093 -38.40 -119.42 -76.43
N UNK D 3094 -38.11 -120.36 -75.53
CA UNK D 3094 -37.55 -121.65 -75.92
C UNK D 3094 -38.63 -122.73 -75.93
N UNK D 3095 -39.86 -122.33 -75.63
CA UNK D 3095 -40.99 -123.24 -75.64
C UNK D 3095 -41.52 -123.44 -77.06
N UNK D 3096 -41.37 -122.42 -77.89
CA UNK D 3096 -41.79 -122.49 -79.28
C UNK D 3096 -40.81 -121.76 -80.19
N UNK D 3097 -40.96 -121.96 -81.50
CA UNK D 3097 -40.07 -121.34 -82.48
C UNK D 3097 -40.58 -119.96 -82.88
N UNK D 3098 -40.16 -118.93 -82.14
CA UNK D 3098 -40.54 -117.55 -82.43
C UNK D 3098 -39.52 -116.59 -81.85
N UNK D 3099 -38.24 -116.96 -81.91
CA UNK D 3099 -37.16 -116.14 -81.39
C UNK D 3099 -36.89 -114.96 -82.31
N UNK D 3100 -37.29 -115.09 -83.58
CA UNK D 3100 -37.09 -114.04 -84.56
C UNK D 3100 -38.07 -114.20 -85.72
N UNK D 3101 -37.54 -114.61 -86.87
CA UNK D 3101 -38.36 -114.81 -88.06
C UNK D 3101 -37.64 -115.74 -89.05
N UNK D 3102 -38.42 -116.47 -89.83
CA UNK D 3102 -37.85 -117.40 -90.80
C UNK D 3102 -37.14 -116.65 -91.93
N UNK D 3103 -37.63 -115.46 -92.26
CA UNK D 3103 -37.04 -114.64 -93.31
C UNK D 3103 -36.70 -113.25 -92.79
N UNK D 3104 -35.86 -113.19 -91.77
CA UNK D 3104 -35.47 -111.91 -91.18
C UNK D 3104 -34.10 -111.47 -91.70
N UNK D 3105 -33.32 -110.85 -90.82
CA UNK D 3105 -31.97 -110.39 -91.13
C UNK D 3105 -31.96 -109.42 -92.31
N UNK D 3106 -32.02 -109.95 -93.53
CA UNK D 3106 -31.95 -109.13 -94.73
C UNK D 3106 -33.06 -109.47 -95.72
N UNK D 3107 -33.73 -110.59 -95.50
CA UNK D 3107 -34.78 -111.05 -96.39
C UNK D 3107 -36.00 -110.14 -96.33
N UNK D 3108 -36.41 -109.77 -95.12
CA UNK D 3108 -37.57 -108.92 -94.93
C UNK D 3108 -37.30 -107.51 -95.43
N UNK D 3109 -36.11 -107.00 -95.10
CA UNK D 3109 -35.73 -105.64 -95.48
C UNK D 3109 -35.60 -105.46 -96.99
N UNK D 3110 -35.53 -106.57 -97.71
CA UNK D 3110 -35.40 -106.54 -99.16
C UNK D 3110 -36.71 -106.12 -99.83
N UNK D 3111 -37.78 -106.08 -99.07
CA UNK D 3111 -39.09 -105.70 -99.59
C UNK D 3111 -39.20 -104.19 -99.74
N UNK D 3112 -38.28 -103.46 -99.12
CA UNK D 3112 -38.25 -102.01 -99.21
C UNK D 3112 -36.92 -101.54 -99.78
N UNK D 3113 -35.97 -102.47 -99.89
CA UNK D 3113 -34.65 -102.15 -100.42
C UNK D 3113 -34.56 -102.54 -101.90
N UNK D 3114 -34.71 -103.84 -102.18
CA UNK D 3114 -34.62 -104.33 -103.54
C UNK D 3114 -35.79 -103.84 -104.39
N UNK D 3115 -36.93 -103.62 -103.75
CA UNK D 3115 -38.11 -103.14 -104.44
C UNK D 3115 -37.93 -101.68 -104.87
N UNK D 3116 -37.37 -100.87 -103.97
CA UNK D 3116 -37.14 -99.47 -104.26
C UNK D 3116 -35.91 -99.29 -105.15
N UNK D 3117 -35.07 -100.31 -105.20
CA UNK D 3117 -33.85 -100.27 -106.01
C UNK D 3117 -34.17 -100.43 -107.49
N UNK D 3118 -35.13 -101.31 -107.79
CA UNK D 3118 -35.48 -101.66 -109.16
C UNK D 3118 -35.82 -100.44 -110.03
N UNK D 3119 -36.22 -99.34 -109.38
CA UNK D 3119 -36.53 -98.12 -110.09
C UNK D 3119 -35.51 -97.03 -109.78
N UNK D 3120 -34.44 -97.40 -109.08
CA UNK D 3120 -33.43 -96.43 -108.68
C UNK D 3120 -32.03 -97.03 -108.55
N UNK D 3121 -31.83 -98.23 -109.09
CA UNK D 3121 -30.51 -98.87 -109.05
C UNK D 3121 -29.69 -98.46 -110.27
N UNK D 3122 -30.38 -97.98 -111.31
CA UNK D 3122 -29.71 -97.57 -112.55
C UNK D 3122 -30.49 -96.45 -113.23
N UNK D 3123 -44.04 -93.53 -109.63
CA UNK D 3123 -42.93 -93.98 -108.81
C UNK D 3123 -43.06 -93.47 -107.38
N UNK D 3124 -42.42 -94.17 -106.44
CA UNK D 3124 -42.47 -93.79 -105.04
C UNK D 3124 -41.11 -93.31 -104.56
N UNK D 3125 -41.06 -92.07 -104.07
CA UNK D 3125 -39.82 -91.49 -103.59
C UNK D 3125 -39.99 -90.94 -102.17
N UNK D 3126 -41.22 -90.95 -101.68
CA UNK D 3126 -41.51 -90.47 -100.34
C UNK D 3126 -41.23 -91.55 -99.29
N UNK D 3127 -41.82 -92.72 -99.50
CA UNK D 3127 -41.63 -93.84 -98.59
C UNK D 3127 -40.52 -94.76 -99.08
N UNK D 3128 -39.65 -94.24 -99.94
CA UNK D 3128 -38.54 -95.00 -100.49
C UNK D 3128 -37.48 -95.26 -99.42
N UNK D 3129 -36.98 -96.49 -99.38
CA UNK D 3129 -35.97 -96.87 -98.39
C UNK D 3129 -34.60 -97.02 -99.05
N UNK D 3130 -33.69 -96.12 -98.71
CA UNK D 3130 -32.33 -96.16 -99.23
C UNK D 3130 -31.35 -95.54 -98.24
N UNK D 3131 -31.73 -94.38 -97.71
CA UNK D 3131 -30.93 -93.69 -96.70
C UNK D 3131 -31.32 -94.15 -95.31
N UNK D 3132 -30.87 -95.35 -94.94
CA UNK D 3132 -31.21 -95.92 -93.65
C UNK D 3132 -30.10 -96.84 -93.14
N UNK D 3133 -29.65 -96.59 -91.92
CA UNK D 3133 -28.61 -97.40 -91.31
C UNK D 3133 -28.63 -97.24 -89.78
N UNK D 3134 -29.60 -96.49 -89.30
CA UNK D 3134 -29.71 -96.22 -87.86
C UNK D 3134 -30.58 -97.28 -87.18
N UNK D 3135 -30.81 -98.39 -87.87
CA UNK D 3135 -31.58 -99.49 -87.30
C UNK D 3135 -30.80 -100.17 -86.18
N UNK D 3136 -29.48 -100.22 -86.34
CA UNK D 3136 -28.62 -100.81 -85.33
C UNK D 3136 -27.74 -99.74 -84.69
N UNK D 3137 -27.58 -99.81 -83.38
CA UNK D 3137 -26.74 -98.86 -82.66
C UNK D 3137 -25.27 -99.15 -82.93
N UNK D 3138 -24.69 -100.01 -82.09
CA UNK D 3138 -23.29 -100.38 -82.23
C UNK D 3138 -23.15 -101.82 -82.72
N UNK D 3139 -23.51 -102.77 -81.86
CA UNK D 3139 -23.41 -104.20 -82.14
C UNK D 3139 -21.97 -104.65 -82.36
N UNK D 3140 -21.76 -105.97 -82.35
CA UNK D 3140 -20.42 -106.51 -82.51
C UNK D 3140 -20.43 -107.94 -83.05
N UNK D 3141 -19.35 -108.66 -82.82
CA UNK D 3141 -19.19 -110.02 -83.33
C UNK D 3141 -19.61 -111.06 -82.28
N UNK D 3142 -20.64 -110.73 -81.52
CA UNK D 3142 -21.16 -111.60 -80.46
C UNK D 3142 -20.08 -111.97 -79.44
N UNK D 3143 -20.34 -113.00 -78.65
CA UNK D 3143 -19.40 -113.45 -77.63
C UNK D 3143 -19.68 -114.89 -77.25
N UNK D 3144 -18.73 -115.78 -77.55
CA UNK D 3144 -18.90 -117.20 -77.24
C UNK D 3144 -17.82 -117.67 -76.28
N UNK D 3145 -17.23 -116.73 -75.55
CA UNK D 3145 -16.17 -117.05 -74.60
C UNK D 3145 -16.55 -116.63 -73.19
N UNK D 3146 -17.50 -117.35 -72.60
CA UNK D 3146 -17.94 -117.08 -71.23
C UNK D 3146 -18.54 -118.33 -70.62
N UNK D 3147 -17.69 -119.14 -69.98
CA UNK D 3147 -18.10 -120.41 -69.37
C UNK D 3147 -18.79 -121.30 -70.39
N UNK D 3148 -19.97 -121.79 -70.04
CA UNK D 3148 -20.76 -122.63 -70.93
C UNK D 3148 -21.90 -121.83 -71.56
N UNK D 3149 -22.11 -120.62 -71.04
CA UNK D 3149 -23.18 -119.76 -71.51
C UNK D 3149 -22.74 -118.91 -72.71
N UNK D 3150 -23.38 -117.75 -72.85
CA UNK D 3150 -23.07 -116.77 -73.89
C UNK D 3150 -23.31 -117.31 -75.31
N UNK D 3151 -23.79 -118.54 -75.42
CA UNK D 3151 -24.05 -119.14 -76.73
C UNK D 3151 -25.55 -119.12 -77.03
N UNK D 3152 -25.94 -118.28 -77.98
CA UNK D 3152 -27.34 -118.17 -78.38
C UNK D 3152 -27.60 -118.92 -79.69
N UNK D 3153 -28.04 -120.17 -79.57
CA UNK D 3153 -28.32 -120.99 -80.74
C UNK D 3153 -29.79 -120.88 -81.11
N UNK D 3154 -30.64 -120.66 -80.11
CA UNK D 3154 -32.07 -120.53 -80.33
C UNK D 3154 -32.45 -119.12 -80.75
N UNK D 3155 -31.89 -118.13 -80.05
CA UNK D 3155 -32.18 -116.73 -80.33
C UNK D 3155 -31.53 -116.28 -81.63
N UNK D 3156 -30.20 -116.41 -81.71
CA UNK D 3156 -29.46 -115.99 -82.88
C UNK D 3156 -29.41 -117.10 -83.92
N UNK D 3157 -30.57 -117.40 -84.52
CA UNK D 3157 -30.65 -118.41 -85.56
C UNK D 3157 -29.95 -117.92 -86.82
N UNK D 3158 -30.03 -116.62 -87.07
CA UNK D 3158 -29.41 -116.01 -88.22
C UNK D 3158 -29.14 -114.53 -87.97
N UNK D 3159 -28.53 -114.23 -86.83
CA UNK D 3159 -28.23 -112.86 -86.44
C UNK D 3159 -27.19 -112.25 -87.39
N UNK D 3160 -26.19 -113.04 -87.75
CA UNK D 3160 -25.15 -112.58 -88.65
C UNK D 3160 -24.93 -113.57 -89.79
N UNK D 3161 -25.73 -114.63 -89.81
CA UNK D 3161 -25.64 -115.65 -90.84
C UNK D 3161 -26.09 -115.08 -92.19
N UNK D 3162 -27.15 -114.28 -92.15
CA UNK D 3162 -27.66 -113.65 -93.37
C UNK D 3162 -27.37 -112.16 -93.36
N UNK D 3163 -26.27 -111.77 -93.98
CA UNK D 3163 -25.87 -110.37 -94.05
C UNK D 3163 -26.71 -109.62 -95.09
N UNK D 3164 -26.58 -108.31 -95.10
CA UNK D 3164 -27.30 -107.47 -96.06
C UNK D 3164 -26.44 -107.17 -97.27
N UNK D 3165 -25.69 -108.19 -97.73
CA UNK D 3165 -24.79 -108.03 -98.86
C UNK D 3165 -25.55 -108.03 -100.19
N UNK D 3166 -26.85 -108.26 -100.12
CA UNK D 3166 -27.69 -108.25 -101.31
C UNK D 3166 -27.89 -106.83 -101.82
N UNK D 3167 -27.68 -105.85 -100.95
CA UNK D 3167 -27.82 -104.45 -101.32
C UNK D 3167 -26.59 -103.65 -100.91
N UNK D 3168 -25.58 -104.35 -100.39
CA UNK D 3168 -24.35 -103.70 -99.96
C UNK D 3168 -23.18 -104.12 -100.83
N UNK D 3169 -22.95 -105.43 -100.93
CA UNK D 3169 -21.85 -105.96 -101.72
C UNK D 3169 -22.10 -105.74 -103.21
N UNK D 3170 -23.37 -105.79 -103.60
CA UNK D 3170 -23.75 -105.58 -104.99
C UNK D 3170 -23.67 -104.10 -105.35
N UNK D 3171 -24.38 -103.27 -104.59
CA UNK D 3171 -24.38 -101.83 -104.81
C UNK D 3171 -23.02 -101.23 -104.49
N UNK D 3172 -22.29 -100.83 -105.53
CA UNK D 3172 -20.96 -100.26 -105.36
C UNK D 3172 -21.03 -98.92 -104.64
N UNK D 3173 -21.87 -98.02 -105.12
CA UNK D 3173 -22.03 -96.71 -104.52
C UNK D 3173 -23.43 -96.15 -104.77
N UNK D 3174 -24.44 -96.96 -104.47
CA UNK D 3174 -25.83 -96.55 -104.66
C UNK D 3174 -26.55 -96.42 -103.33
N UNK D 3175 -25.84 -95.93 -102.32
CA UNK D 3175 -26.41 -95.76 -100.99
C UNK D 3175 -25.89 -94.49 -100.32
N UNK D 3176 -26.21 -94.33 -99.04
CA UNK D 3176 -25.77 -93.16 -98.28
C UNK D 3176 -24.26 -93.22 -98.04
N UNK D 3177 -23.56 -92.15 -98.41
CA UNK D 3177 -22.12 -92.09 -98.29
C UNK D 3177 -21.70 -91.51 -96.94
N UNK D 3178 -22.62 -91.45 -96.01
CA UNK D 3178 -22.33 -90.94 -94.67
C UNK D 3178 -21.42 -91.91 -93.92
N UNK D 3179 -21.72 -93.20 -94.03
CA UNK D 3179 -20.93 -94.24 -93.39
C UNK D 3179 -21.21 -95.59 -94.03
N UNK D 3180 -20.64 -96.65 -93.45
CA UNK D 3180 -20.85 -97.99 -93.95
C UNK D 3180 -22.31 -98.41 -93.74
N UNK D 3181 -22.91 -99.00 -94.78
CA UNK D 3181 -24.29 -99.45 -94.71
C UNK D 3181 -24.40 -100.69 -93.83
N UNK D 3182 -23.28 -101.37 -93.63
CA UNK D 3182 -23.25 -102.56 -92.80
C UNK D 3182 -23.00 -102.20 -91.34
N UNK D 3183 -23.04 -100.90 -91.04
CA UNK D 3183 -22.80 -100.38 -89.71
C UNK D 3183 -21.45 -100.85 -89.17
N UNK D 3184 -21.47 -101.57 -88.06
CA UNK D 3184 -20.25 -102.10 -87.47
C UNK D 3184 -19.95 -103.49 -88.04
N UNK D 3185 -18.71 -103.92 -87.88
CA UNK D 3185 -18.28 -105.22 -88.39
C UNK D 3185 -18.82 -106.36 -87.52
N UNK D 3186 -19.01 -107.52 -88.13
CA UNK D 3186 -19.46 -108.70 -87.42
C UNK D 3186 -18.54 -109.88 -87.72
N UNK D 3187 -19.12 -110.99 -88.16
CA UNK D 3187 -18.38 -112.20 -88.51
C UNK D 3187 -17.50 -112.68 -87.35
N UNK D 3188 -16.54 -113.55 -87.66
CA UNK D 3188 -15.61 -114.10 -86.67
C UNK D 3188 -16.35 -114.72 -85.48
N UNK D 3189 -16.70 -116.00 -85.61
CA UNK D 3189 -17.46 -116.70 -84.58
C UNK D 3189 -16.69 -116.80 -83.26
N UNK D 3190 -15.95 -117.90 -83.10
CA UNK D 3190 -15.12 -118.08 -81.91
C UNK D 3190 -13.75 -117.48 -82.16
N UNK D 3191 -13.72 -116.15 -82.33
CA UNK D 3191 -12.48 -115.46 -82.66
C UNK D 3191 -12.53 -114.00 -82.22
N UNK D 3192 -16.32 -121.06 -84.23
CA UNK D 3192 -17.48 -121.94 -84.17
C UNK D 3192 -18.75 -121.16 -83.87
N UNK D 3193 -19.64 -121.10 -84.84
CA UNK D 3193 -20.91 -120.38 -84.68
C UNK D 3193 -21.82 -121.09 -83.68
N UNK D 3194 -21.89 -122.41 -83.79
CA UNK D 3194 -22.70 -123.21 -82.89
C UNK D 3194 -22.23 -124.66 -82.88
N UNK D 3195 -23.09 -125.58 -83.29
CA UNK D 3195 -22.76 -126.98 -83.36
C UNK D 3195 -23.67 -127.69 -84.37
N UNK D 3196 -24.80 -127.06 -84.66
CA UNK D 3196 -25.75 -127.59 -85.62
C UNK D 3196 -26.70 -126.48 -86.09
N UNK D 3197 -26.67 -126.20 -87.39
CA UNK D 3197 -27.50 -125.14 -87.95
C UNK D 3197 -28.06 -125.53 -89.32
N UNK D 3198 -29.18 -124.92 -89.70
CA UNK D 3198 -29.80 -125.18 -90.98
C UNK D 3198 -29.45 -124.09 -91.98
N UNK D 3199 -28.91 -124.50 -93.13
CA UNK D 3199 -28.49 -123.57 -94.19
C UNK D 3199 -27.47 -122.56 -93.67
N UNK D 3200 -26.46 -123.05 -92.96
CA UNK D 3200 -25.43 -122.19 -92.38
C UNK D 3200 -24.31 -121.95 -93.38
N UNK D 3201 -24.35 -122.67 -94.50
CA UNK D 3201 -23.33 -122.53 -95.54
C UNK D 3201 -23.80 -121.55 -96.62
N UNK D 3202 -24.69 -120.65 -96.24
CA UNK D 3202 -25.23 -119.67 -97.19
C UNK D 3202 -24.15 -118.67 -97.62
N UNK D 3203 -23.18 -118.43 -96.75
CA UNK D 3203 -22.09 -117.53 -97.05
C UNK D 3203 -20.77 -118.29 -97.13
N UNK D 3204 -20.86 -119.60 -97.29
CA UNK D 3204 -19.67 -120.44 -97.39
C UNK D 3204 -18.98 -120.25 -98.73
N UNK D 3205 -19.78 -120.07 -99.78
CA UNK D 3205 -19.24 -119.88 -101.12
C UNK D 3205 -19.68 -118.53 -101.70
N UNK D 3206 -20.83 -118.05 -101.26
CA UNK D 3206 -21.37 -116.78 -101.74
C UNK D 3206 -20.50 -115.61 -101.28
N UNK D 3207 -20.09 -115.67 -100.01
CA UNK D 3207 -19.24 -114.62 -99.45
C UNK D 3207 -17.78 -114.85 -99.85
N UNK D 3208 -17.45 -116.09 -100.19
CA UNK D 3208 -16.10 -116.43 -100.61
C UNK D 3208 -15.86 -115.96 -102.04
N UNK D 3209 -16.83 -116.20 -102.92
CA UNK D 3209 -16.70 -115.82 -104.32
C UNK D 3209 -16.82 -114.31 -104.48
N UNK D 3210 -17.47 -113.66 -103.51
CA UNK D 3210 -17.62 -112.21 -103.54
C UNK D 3210 -16.29 -111.54 -103.25
N UNK D 3211 -15.41 -112.26 -102.56
CA UNK D 3211 -14.09 -111.75 -102.21
C UNK D 3211 -13.13 -111.86 -103.39
N UNK D 3212 -13.36 -112.87 -104.23
CA UNK D 3212 -12.50 -113.11 -105.39
C UNK D 3212 -12.90 -112.23 -106.57
N UNK D 3213 -13.99 -111.49 -106.41
CA UNK D 3213 -14.48 -110.61 -107.46
C UNK D 3213 -13.50 -109.47 -107.72
N UNK D 3214 -13.21 -108.69 -106.69
CA UNK D 3214 -12.28 -107.58 -106.81
C UNK D 3214 -10.84 -108.08 -106.74
N UNK D 3215 -10.66 -109.30 -106.25
CA UNK D 3215 -9.34 -109.90 -106.13
C UNK D 3215 -8.82 -110.32 -107.49
N UNK D 3216 -9.74 -110.56 -108.42
CA UNK D 3216 -9.37 -110.95 -109.78
C UNK D 3216 -8.83 -109.76 -110.56
N UNK D 3217 -9.38 -108.58 -110.29
CA UNK D 3217 -8.96 -107.36 -110.98
C UNK D 3217 -8.42 -106.34 -109.98
N UNK D 3218 -7.11 -106.26 -109.87
CA UNK D 3218 -6.47 -105.31 -108.96
C UNK D 3218 -5.09 -104.92 -109.47
N UNK D 3219 -4.45 -105.83 -110.21
CA UNK D 3219 -3.14 -105.58 -110.77
C UNK D 3219 -3.20 -104.53 -111.86
N UNK D 3220 -3.45 -104.98 -113.10
CA UNK D 3220 -3.56 -104.08 -114.23
C UNK D 3220 -4.88 -103.31 -114.17
N UNK D 3221 -5.85 -103.88 -113.47
CA UNK D 3221 -7.16 -103.26 -113.32
C UNK D 3221 -7.68 -103.45 -111.90
N UNK D 3222 -20.55 -98.86 -110.75
CA UNK D 3222 -19.30 -99.15 -111.47
C UNK D 3222 -18.35 -99.96 -110.59
N UNK D 3223 -17.20 -99.37 -110.28
CA UNK D 3223 -16.19 -100.02 -109.45
C UNK D 3223 -15.65 -99.07 -108.40
N UNK D 3224 -16.24 -99.12 -107.20
CA UNK D 3224 -15.82 -98.27 -106.10
C UNK D 3224 -16.04 -98.96 -104.76
N UNK D 3225 -16.63 -100.16 -104.82
CA UNK D 3225 -16.92 -100.93 -103.61
C UNK D 3225 -15.67 -101.63 -103.08
N UNK D 3226 -14.58 -101.56 -103.86
CA UNK D 3226 -13.33 -102.19 -103.47
C UNK D 3226 -12.38 -101.18 -102.84
N UNK D 3227 -12.83 -99.93 -102.75
CA UNK D 3227 -11.99 -98.86 -102.21
C UNK D 3227 -12.53 -98.34 -100.88
N UNK D 3228 -13.71 -98.82 -100.49
CA UNK D 3228 -14.33 -98.37 -99.26
C UNK D 3228 -15.02 -99.51 -98.52
N UNK D 3229 -15.76 -100.33 -99.27
CA UNK D 3229 -16.50 -101.44 -98.67
C UNK D 3229 -15.65 -102.70 -98.57
N UNK D 3230 -14.45 -102.64 -99.13
CA UNK D 3230 -13.53 -103.77 -99.12
C UNK D 3230 -12.87 -103.94 -97.76
N UNK D 3231 -12.91 -102.88 -96.96
CA UNK D 3231 -12.30 -102.90 -95.64
C UNK D 3231 -13.22 -103.54 -94.60
N UNK D 3232 -14.44 -103.87 -95.03
CA UNK D 3232 -15.42 -104.51 -94.16
C UNK D 3232 -14.96 -105.92 -93.80
N UNK D 3233 -14.42 -106.62 -94.77
CA UNK D 3233 -13.90 -107.97 -94.55
C UNK D 3233 -12.59 -107.89 -93.76
N UNK D 3234 -11.87 -106.78 -93.92
CA UNK D 3234 -10.63 -106.55 -93.20
C UNK D 3234 -10.89 -106.42 -91.71
N UNK D 3235 -12.03 -105.81 -91.37
CA UNK D 3235 -12.44 -105.67 -89.98
C UNK D 3235 -12.93 -107.00 -89.43
N UNK D 3236 -13.41 -107.85 -90.33
CA UNK D 3236 -13.83 -109.20 -89.95
C UNK D 3236 -12.59 -110.06 -89.73
N UNK D 3237 -11.52 -109.73 -90.44
CA UNK D 3237 -10.26 -110.45 -90.31
C UNK D 3237 -9.49 -109.95 -89.08
N UNK D 3238 -9.72 -108.68 -88.73
CA UNK D 3238 -9.09 -108.09 -87.55
C UNK D 3238 -9.79 -108.58 -86.30
N UNK D 3239 -11.03 -109.03 -86.46
CA UNK D 3239 -11.82 -109.55 -85.35
C UNK D 3239 -11.59 -111.05 -85.20
N UNK D 3240 -10.69 -111.59 -86.02
CA UNK D 3240 -10.40 -113.02 -86.01
C UNK D 3240 -9.15 -113.32 -85.18
N UNK D 3241 -9.22 -114.38 -84.40
CA UNK D 3241 -8.09 -114.81 -83.56
C UNK D 3241 -8.30 -116.26 -83.11
N UNK D 3242 -7.87 -116.55 -81.88
CA UNK D 3242 -8.07 -117.85 -81.23
C UNK D 3242 -7.35 -119.03 -81.91
N UNK D 3243 -6.97 -118.85 -83.18
CA UNK D 3243 -6.28 -119.89 -83.95
C UNK D 3243 -7.05 -121.22 -83.96
N UNK D 3244 -8.34 -121.15 -84.27
CA UNK D 3244 -9.18 -122.33 -84.31
C UNK D 3244 -10.04 -122.35 -85.56
N UNK D 3245 -10.31 -123.54 -86.09
CA UNK D 3245 -11.12 -123.69 -87.29
C UNK D 3245 -12.58 -123.37 -87.00
N UNK D 3246 -13.21 -122.65 -87.91
CA UNK D 3246 -14.62 -122.27 -87.77
C UNK D 3246 -15.52 -123.48 -87.99
N UNK D 3247 -16.72 -123.44 -87.42
CA UNK D 3247 -17.68 -124.52 -87.58
C UNK D 3247 -18.27 -124.51 -88.98
N UNK D 3248 -18.53 -123.31 -89.50
CA UNK D 3248 -19.08 -123.16 -90.84
C UNK D 3248 -18.00 -123.38 -91.90
N UNK D 3249 -18.03 -124.55 -92.53
CA UNK D 3249 -17.07 -124.94 -93.57
C UNK D 3249 -15.63 -124.86 -93.06
N UNK D 3250 -15.25 -125.80 -92.22
CA UNK D 3250 -13.90 -125.84 -91.66
C UNK D 3250 -12.89 -126.20 -92.76
N UNK D 3251 -12.99 -127.42 -93.27
CA UNK D 3251 -12.12 -127.87 -94.34
C UNK D 3251 -12.91 -128.00 -95.65
N UNK D 3252 -13.78 -127.03 -95.89
CA UNK D 3252 -14.64 -127.05 -97.08
C UNK D 3252 -14.31 -125.91 -98.02
N UNK D 3253 -15.36 -125.21 -98.49
CA UNK D 3253 -15.20 -124.13 -99.46
C UNK D 3253 -14.44 -122.95 -98.85
N UNK D 3254 -14.61 -122.73 -97.55
CA UNK D 3254 -13.94 -121.63 -96.87
C UNK D 3254 -12.44 -121.87 -96.81
N UNK D 3255 -12.05 -123.14 -96.83
CA UNK D 3255 -10.64 -123.52 -96.84
C UNK D 3255 -10.02 -123.22 -98.20
N UNK D 3256 -10.87 -123.20 -99.23
CA UNK D 3256 -10.40 -122.94 -100.58
C UNK D 3256 -10.64 -121.49 -100.98
N UNK D 3257 -10.87 -120.65 -99.98
CA UNK D 3257 -11.12 -119.22 -100.23
C UNK D 3257 -9.80 -118.46 -100.33
N UNK D 3258 -8.69 -119.18 -100.16
CA UNK D 3258 -7.37 -118.58 -100.21
C UNK D 3258 -6.78 -118.66 -101.62
N UNK D 3259 -7.64 -118.92 -102.59
CA UNK D 3259 -7.21 -119.03 -103.99
C UNK D 3259 -6.91 -117.67 -104.59
N UNK D 3260 -7.62 -116.65 -104.11
CA UNK D 3260 -7.41 -115.28 -104.59
C UNK D 3260 -7.16 -114.33 -103.42
N UNK D 3261 -7.65 -114.71 -102.24
CA UNK D 3261 -7.48 -113.90 -101.04
C UNK D 3261 -6.02 -113.92 -100.58
N UNK D 3262 -5.58 -115.07 -100.09
CA UNK D 3262 -4.20 -115.23 -99.64
C UNK D 3262 -3.24 -115.07 -100.82
N UNK D 3263 -3.65 -115.58 -101.97
CA UNK D 3263 -2.87 -115.42 -103.19
C UNK D 3263 -3.15 -114.04 -103.78
N UNK D 3264 -2.60 -113.02 -103.15
CA UNK D 3264 -2.82 -111.64 -103.56
C UNK D 3264 -2.21 -111.36 -104.93
N UNK D 3265 -2.70 -110.32 -105.59
CA UNK D 3265 -2.21 -109.93 -106.91
C UNK D 3265 -0.77 -109.46 -106.83
N UNK D 3266 -0.45 -108.71 -105.78
CA UNK D 3266 0.90 -108.21 -105.56
C UNK D 3266 1.67 -109.15 -104.65
N UNK D 3267 2.58 -109.92 -105.24
CA UNK D 3267 3.39 -110.88 -104.47
C UNK D 3267 4.68 -110.24 -103.97
N UNK D 3268 4.68 -108.92 -103.85
CA UNK D 3268 5.84 -108.20 -103.37
C UNK D 3268 5.82 -108.08 -101.84
N UNK D 3269 4.78 -108.66 -101.24
CA UNK D 3269 4.60 -108.65 -99.79
C UNK D 3269 4.58 -107.22 -99.25
N UNK D 3270 4.04 -106.30 -100.03
CA UNK D 3270 3.96 -104.90 -99.63
C UNK D 3270 2.89 -104.16 -100.43
N UNK D 3271 1.98 -103.50 -99.73
CA UNK D 3271 0.90 -102.77 -100.37
C UNK D 3271 0.35 -101.68 -99.45
N UNK D 3272 -0.24 -100.65 -100.06
CA UNK D 3272 -0.82 -99.55 -99.29
C UNK D 3272 -2.10 -100.00 -98.60
N UNK D 3273 -2.15 -99.85 -97.28
CA UNK D 3273 -3.30 -100.25 -96.47
C UNK D 3273 -3.66 -101.71 -96.71
N UNK D 3274 -2.66 -102.56 -96.76
CA UNK D 3274 -2.86 -103.99 -97.00
C UNK D 3274 -3.57 -104.66 -95.83
N UNK D 3275 -4.59 -105.45 -96.16
CA UNK D 3275 -5.34 -106.18 -95.14
C UNK D 3275 -4.82 -107.61 -95.01
N UNK D 3276 -3.67 -107.86 -95.64
CA UNK D 3276 -3.05 -109.18 -95.59
C UNK D 3276 -2.55 -109.49 -94.19
N UNK D 3277 -2.20 -108.44 -93.45
CA UNK D 3277 -1.74 -108.60 -92.08
C UNK D 3277 -2.87 -109.10 -91.20
N UNK D 3278 -4.04 -108.50 -91.35
CA UNK D 3278 -5.22 -108.90 -90.58
C UNK D 3278 -5.76 -110.23 -91.07
N UNK D 3279 -5.49 -110.53 -92.34
CA UNK D 3279 -5.95 -111.79 -92.94
C UNK D 3279 -5.20 -112.97 -92.36
N UNK D 3280 -3.93 -112.75 -92.01
CA UNK D 3280 -3.10 -113.81 -91.43
C UNK D 3280 -3.34 -113.94 -89.93
N UNK D 3281 -4.59 -114.22 -89.56
CA UNK D 3281 -4.96 -114.36 -88.16
C UNK D 3281 -5.00 -115.82 -87.74
N UNK D 3282 -3.96 -116.57 -88.11
CA UNK D 3282 -3.83 -117.98 -87.78
C UNK D 3282 -5.06 -118.76 -88.25
N UNK D 3283 -5.19 -118.93 -89.56
CA UNK D 3283 -6.34 -119.63 -90.13
C UNK D 3283 -6.02 -121.09 -90.40
N UNK D 3284 -6.69 -121.99 -89.66
CA UNK D 3284 -6.51 -123.42 -89.85
C UNK D 3284 -7.43 -123.93 -90.94
N UNK D 3285 -6.87 -124.32 -92.08
CA UNK D 3285 -7.64 -124.79 -93.21
C UNK D 3285 -6.87 -125.82 -94.03
N UNK D 3286 -7.28 -126.01 -95.28
CA UNK D 3286 -6.62 -126.96 -96.16
C UNK D 3286 -5.54 -126.27 -96.99
N UNK D 3287 -5.68 -124.96 -97.17
CA UNK D 3287 -4.72 -124.18 -97.94
C UNK D 3287 -3.42 -124.01 -97.16
N UNK D 3288 -3.52 -123.49 -95.94
CA UNK D 3288 -2.35 -123.29 -95.09
C UNK D 3288 -2.55 -123.94 -93.73
N UNK D 3289 0.56 -118.97 -105.65
CA UNK D 3289 1.26 -120.25 -105.75
C UNK D 3289 0.38 -121.39 -105.27
N UNK D 3290 0.58 -122.57 -105.83
CA UNK D 3290 -0.18 -123.76 -105.45
C UNK D 3290 0.74 -124.96 -105.31
N UNK D 3291 1.25 -125.17 -104.10
CA UNK D 3291 2.18 -126.26 -103.85
C UNK D 3291 1.54 -127.33 -102.96
N UNK D 3292 0.99 -126.90 -101.83
CA UNK D 3292 0.36 -127.82 -100.88
C UNK D 3292 -0.94 -128.38 -101.43
N UNK D 3293 -1.79 -127.50 -101.96
CA UNK D 3293 -3.07 -127.90 -102.51
C UNK D 3293 -2.96 -128.19 -104.00
N UNK D 3294 -3.24 -129.43 -104.37
CA UNK D 3294 -3.19 -129.83 -105.78
C UNK D 3294 -4.44 -130.64 -106.15
N UNK D 3295 -5.34 -130.79 -105.18
CA UNK D 3295 -6.57 -131.54 -105.39
C UNK D 3295 -7.79 -130.67 -105.11
N UNK D 3296 -8.66 -130.52 -106.11
CA UNK D 3296 -9.86 -129.72 -105.96
C UNK D 3296 -11.06 -130.60 -105.63
N UNK D 3297 -11.79 -131.00 -106.67
CA UNK D 3297 -12.96 -131.85 -106.50
C UNK D 3297 -12.60 -133.32 -106.70
N UNK D 3298 -11.31 -133.62 -106.63
CA UNK D 3298 -10.82 -134.98 -106.82
C UNK D 3298 -10.63 -135.68 -105.48
N UNK D 3299 -10.11 -134.95 -104.50
CA UNK D 3299 -9.87 -135.48 -103.17
C UNK D 3299 -11.18 -135.87 -102.49
N UNK D 3300 -11.28 -137.14 -102.10
CA UNK D 3300 -12.48 -137.66 -101.45
C UNK D 3300 -13.73 -137.42 -102.29
N UNK D 3301 -14.53 -136.45 -101.88
CA UNK D 3301 -15.73 -136.08 -102.61
C UNK D 3301 -15.52 -134.79 -103.38
N UNK D 3302 -14.99 -133.78 -102.69
CA UNK D 3302 -14.74 -132.48 -103.30
C UNK D 3302 -13.68 -131.71 -102.52
N UNK D 3303 -6.55 -132.12 -98.60
CA UNK D 3303 -7.41 -133.15 -98.06
C UNK D 3303 -7.86 -132.81 -96.65
N UNK D 3304 -8.20 -133.82 -95.87
CA UNK D 3304 -8.67 -133.62 -94.50
C UNK D 3304 -7.61 -134.06 -93.50
N UNK D 3305 -6.77 -133.11 -93.08
CA UNK D 3305 -5.71 -133.41 -92.12
C UNK D 3305 -5.36 -132.17 -91.31
N UNK D 3306 -4.72 -132.38 -90.15
CA UNK D 3306 -4.31 -131.28 -89.29
C UNK D 3306 -2.82 -131.01 -89.44
N UNK D 3307 -2.28 -131.35 -90.61
CA UNK D 3307 -0.86 -131.16 -90.91
C UNK D 3307 0.03 -131.88 -89.91
N UNK D 3308 -0.34 -133.11 -89.56
CA UNK D 3308 0.44 -133.91 -88.62
C UNK D 3308 1.69 -134.46 -89.29
N UNK D 3309 1.51 -135.04 -90.48
CA UNK D 3309 2.63 -135.58 -91.24
C UNK D 3309 2.92 -134.67 -92.44
N UNK D 3310 2.07 -133.67 -92.63
CA UNK D 3310 2.23 -132.72 -93.72
C UNK D 3310 2.61 -131.34 -93.18
N UNK D 3311 3.48 -131.33 -92.18
CA UNK D 3311 3.91 -130.09 -91.54
C UNK D 3311 4.76 -129.26 -92.50
N UNK D 3312 5.39 -129.93 -93.45
CA UNK D 3312 6.20 -129.25 -94.46
C UNK D 3312 5.32 -128.53 -95.47
N UNK D 3313 4.10 -129.03 -95.64
CA UNK D 3313 3.15 -128.45 -96.58
C UNK D 3313 2.53 -127.17 -96.03
N UNK D 3314 2.32 -127.14 -94.71
CA UNK D 3314 1.76 -125.97 -94.05
C UNK D 3314 2.81 -124.90 -93.84
N UNK D 3315 4.06 -125.33 -93.70
CA UNK D 3315 5.17 -124.41 -93.49
C UNK D 3315 6.00 -124.26 -94.77
N UNK D 3316 5.34 -124.43 -95.91
CA UNK D 3316 6.01 -124.31 -97.20
C UNK D 3316 6.08 -122.86 -97.64
N UNK D 3317 5.20 -122.02 -97.06
CA UNK D 3317 5.15 -120.62 -97.40
C UNK D 3317 5.81 -119.76 -96.34
N UNK D 3318 6.28 -120.41 -95.28
CA UNK D 3318 6.95 -119.70 -94.18
C UNK D 3318 8.46 -119.81 -94.32
N UNK D 3319 8.91 -120.87 -95.00
CA UNK D 3319 10.34 -121.10 -95.20
C UNK D 3319 10.87 -120.32 -96.40
N UNK D 3320 9.96 -119.62 -97.09
CA UNK D 3320 10.33 -118.85 -98.27
C UNK D 3320 11.13 -117.61 -97.89
N UNK D 3321 10.69 -116.92 -96.83
CA UNK D 3321 11.35 -115.70 -96.38
C UNK D 3321 12.17 -115.97 -95.12
N UNK D 3322 13.04 -116.97 -95.18
CA UNK D 3322 13.89 -117.30 -94.04
C UNK D 3322 14.99 -116.26 -93.85
N UNK D 3323 15.42 -115.65 -94.95
CA UNK D 3323 16.46 -114.62 -94.91
C UNK D 3323 16.00 -113.37 -95.64
N UNK D 3324 16.06 -112.24 -94.95
CA UNK D 3324 15.64 -110.96 -95.52
C UNK D 3324 16.84 -110.06 -95.81
N UNK D 3325 16.65 -109.12 -96.73
CA UNK D 3325 17.72 -108.20 -97.11
C UNK D 3325 17.97 -107.15 -96.03
N UNK D 3326 19.19 -106.66 -95.96
CA UNK D 3326 19.56 -105.65 -94.98
C UNK D 3326 20.07 -104.38 -95.67
N UNK D 3327 19.47 -104.04 -96.80
CA UNK D 3327 19.87 -102.87 -97.56
C UNK D 3327 19.55 -101.59 -96.82
N UNK D 3328 20.27 -100.52 -97.15
CA UNK D 3328 20.08 -99.23 -96.50
C UNK D 3328 19.01 -98.40 -97.21
N UNK D 3329 18.57 -98.89 -98.37
CA UNK D 3329 17.57 -98.19 -99.16
C UNK D 3329 16.18 -98.34 -98.55
N UNK D 3330 15.51 -97.22 -98.33
CA UNK D 3330 14.16 -97.22 -97.78
C UNK D 3330 13.14 -97.03 -98.89
N UNK D 3331 13.63 -96.85 -100.12
CA UNK D 3331 12.76 -96.66 -101.27
C UNK D 3331 12.37 -97.99 -101.88
N UNK D 3332 12.78 -99.08 -101.23
CA UNK D 3332 12.43 -100.42 -101.69
C UNK D 3332 10.93 -100.65 -101.55
N UNK D 3333 10.34 -101.32 -102.54
CA UNK D 3333 8.91 -101.60 -102.53
C UNK D 3333 8.54 -102.44 -101.31
N UNK D 3334 9.32 -103.48 -101.05
CA UNK D 3334 9.07 -104.35 -99.91
C UNK D 3334 9.67 -103.76 -98.64
N UNK D 3335 9.09 -102.67 -98.16
CA UNK D 3335 9.53 -102.05 -96.92
C UNK D 3335 9.12 -102.91 -95.73
N UNK D 3336 7.97 -103.58 -95.87
CA UNK D 3336 7.47 -104.47 -94.84
C UNK D 3336 7.09 -105.81 -95.44
N UNK D 3337 8.08 -106.62 -95.78
CA UNK D 3337 7.85 -107.92 -96.41
C UNK D 3337 7.12 -108.88 -95.46
N UNK D 3338 7.24 -108.62 -94.16
CA UNK D 3338 6.58 -109.46 -93.16
C UNK D 3338 5.29 -108.80 -92.68
N UNK D 3339 5.39 -107.55 -92.24
CA UNK D 3339 4.26 -106.84 -91.67
C UNK D 3339 3.11 -106.64 -92.66
N UNK D 3340 3.43 -106.32 -93.90
CA UNK D 3340 2.42 -106.07 -94.92
C UNK D 3340 1.94 -107.37 -95.56
N UNK D 3341 2.46 -108.49 -95.06
CA UNK D 3341 2.07 -109.81 -95.55
C UNK D 3341 1.44 -110.63 -94.42
N UNK D 3342 2.14 -110.69 -93.30
CA UNK D 3342 1.65 -111.43 -92.14
C UNK D 3342 1.97 -110.68 -90.85
N UNK D 3343 0.93 -110.19 -90.18
CA UNK D 3343 1.08 -109.42 -88.95
C UNK D 3343 1.79 -110.23 -87.87
N UNK D 3344 1.56 -111.54 -87.87
CA UNK D 3344 2.17 -112.42 -86.88
C UNK D 3344 2.73 -113.67 -87.54
N UNK D 3345 4.03 -113.64 -87.84
CA UNK D 3345 4.71 -114.78 -88.44
C UNK D 3345 5.25 -115.71 -87.35
N UNK D 3346 5.34 -115.18 -86.13
CA UNK D 3346 5.85 -115.95 -85.01
C UNK D 3346 4.69 -116.54 -84.20
N UNK D 3347 3.55 -115.86 -84.23
CA UNK D 3347 2.37 -116.33 -83.52
C UNK D 3347 1.57 -117.31 -84.37
N UNK D 3348 2.10 -117.59 -85.57
CA UNK D 3348 1.47 -118.58 -86.45
C UNK D 3348 1.70 -119.98 -85.90
N UNK D 3349 2.72 -120.12 -85.05
CA UNK D 3349 3.02 -121.38 -84.40
C UNK D 3349 3.08 -121.18 -82.89
N UNK D 3350 2.10 -121.74 -82.19
CA UNK D 3350 2.02 -121.58 -80.74
C UNK D 3350 2.12 -122.93 -80.03
N UNK D 3351 3.11 -123.06 -79.16
CA UNK D 3351 3.31 -124.28 -78.39
C UNK D 3351 4.17 -124.00 -77.16
N UNK D 3352 4.15 -124.92 -76.20
CA UNK D 3352 4.91 -124.77 -74.97
C UNK D 3352 6.40 -124.81 -75.25
N UNK D 3353 6.92 -126.01 -75.53
CA UNK D 3353 8.33 -126.18 -75.83
C UNK D 3353 8.59 -126.03 -77.33
N UNK D 3354 9.70 -126.58 -77.79
CA UNK D 3354 10.05 -126.55 -79.21
C UNK D 3354 9.41 -127.71 -79.96
N UNK D 3355 8.09 -127.75 -79.96
CA UNK D 3355 7.35 -128.81 -80.63
C UNK D 3355 7.35 -128.62 -82.14
N UNK D 3356 6.94 -127.44 -82.58
CA UNK D 3356 6.94 -127.11 -84.01
C UNK D 3356 7.81 -125.89 -84.26
N UNK D 3357 7.69 -124.89 -83.38
CA UNK D 3357 8.48 -123.67 -83.48
C UNK D 3357 8.51 -122.94 -82.14
N UNK D 3358 9.71 -122.61 -81.67
CA UNK D 3358 9.87 -121.91 -80.41
C UNK D 3358 11.21 -121.18 -80.35
N UNK D 3359 12.04 -121.56 -79.38
CA UNK D 3359 13.34 -120.93 -79.20
C UNK D 3359 14.30 -121.32 -80.32
N UNK D 3360 14.22 -122.57 -80.75
CA UNK D 3360 15.08 -123.08 -81.82
C UNK D 3360 14.66 -122.48 -83.16
N UNK D 3361 13.38 -122.16 -83.28
CA UNK D 3361 12.86 -121.55 -84.50
C UNK D 3361 12.58 -120.06 -84.28
N UNK D 3362 13.26 -119.47 -83.30
CA UNK D 3362 13.09 -118.05 -83.00
C UNK D 3362 13.90 -117.19 -83.97
N UNK D 3363 13.55 -117.25 -85.25
CA UNK D 3363 14.24 -116.47 -86.26
C UNK D 3363 13.72 -115.03 -86.26
N UNK D 3364 12.70 -114.79 -85.45
CA UNK D 3364 12.12 -113.46 -85.33
C UNK D 3364 13.04 -112.53 -84.54
N UNK D 3365 14.02 -113.12 -83.86
CA UNK D 3365 15.01 -112.35 -83.10
C UNK D 3365 15.82 -111.47 -84.05
N UNK D 3366 16.18 -112.03 -85.19
CA UNK D 3366 16.90 -111.28 -86.22
C UNK D 3366 15.94 -110.31 -86.90
N UNK D 3367 14.67 -110.68 -86.96
CA UNK D 3367 13.65 -109.82 -87.53
C UNK D 3367 13.42 -108.60 -86.64
N UNK D 3368 13.69 -108.76 -85.36
CA UNK D 3368 13.58 -107.66 -84.41
C UNK D 3368 14.68 -106.64 -84.67
N UNK D 3369 15.84 -107.15 -85.09
CA UNK D 3369 16.98 -106.29 -85.40
C UNK D 3369 16.91 -105.79 -86.84
N UNK D 3370 15.93 -106.30 -87.59
CA UNK D 3370 15.74 -105.90 -88.98
C UNK D 3370 15.28 -104.45 -89.06
N UNK D 3371 14.46 -104.04 -88.09
CA UNK D 3371 14.01 -102.66 -88.02
C UNK D 3371 15.14 -101.78 -87.51
N UNK D 3372 15.99 -102.35 -86.67
CA UNK D 3372 17.14 -101.65 -86.14
C UNK D 3372 18.17 -101.41 -87.24
N UNK D 3373 18.23 -102.35 -88.18
CA UNK D 3373 19.14 -102.23 -89.32
C UNK D 3373 18.52 -101.30 -90.38
N UNK D 3374 17.26 -100.95 -90.19
CA UNK D 3374 16.56 -100.06 -91.12
C UNK D 3374 16.55 -98.64 -90.58
N UNK D 3375 17.45 -98.34 -89.66
CA UNK D 3375 17.56 -97.01 -89.08
C UNK D 3375 18.03 -96.01 -90.12
N UNK D 3376 17.10 -95.18 -90.61
CA UNK D 3376 17.41 -94.19 -91.62
C UNK D 3376 16.93 -92.80 -91.18
N UNK D 3377 17.45 -91.77 -91.84
CA UNK D 3377 17.07 -90.40 -91.54
C UNK D 3377 16.15 -89.85 -92.64
N UNK D 3378 15.92 -90.66 -93.66
CA UNK D 3378 15.06 -90.27 -94.77
C UNK D 3378 13.59 -90.29 -94.35
N UNK D 3379 12.82 -89.35 -94.88
CA UNK D 3379 11.40 -89.25 -94.55
C UNK D 3379 10.55 -90.08 -95.51
N UNK D 3380 11.19 -91.01 -96.19
CA UNK D 3380 10.51 -91.86 -97.16
C UNK D 3380 9.59 -92.86 -96.47
N UNK D 3381 10.11 -93.51 -95.43
CA UNK D 3381 9.33 -94.49 -94.68
C UNK D 3381 8.56 -93.81 -93.54
N UNK D 3382 7.72 -92.85 -93.89
CA UNK D 3382 6.92 -92.13 -92.91
C UNK D 3382 5.86 -93.03 -92.30
N UNK D 3383 5.38 -93.99 -93.09
CA UNK D 3383 4.36 -94.92 -92.62
C UNK D 3383 5.00 -96.19 -92.07
N UNK D 3384 6.07 -96.03 -91.30
CA UNK D 3384 6.75 -97.15 -90.68
C UNK D 3384 6.13 -97.47 -89.33
N UNK D 3385 5.27 -96.57 -88.85
CA UNK D 3385 4.61 -96.74 -87.56
C UNK D 3385 3.68 -97.94 -87.58
N UNK D 3386 3.15 -98.25 -88.76
CA UNK D 3386 2.27 -99.40 -88.93
C UNK D 3386 3.07 -100.70 -88.88
N UNK D 3387 4.37 -100.59 -89.12
CA UNK D 3387 5.26 -101.75 -89.12
C UNK D 3387 5.77 -102.05 -87.71
N UNK D 3388 5.52 -101.12 -86.79
CA UNK D 3388 5.97 -101.28 -85.42
C UNK D 3388 4.83 -101.75 -84.52
N UNK D 3389 3.66 -101.14 -84.68
CA UNK D 3389 2.51 -101.46 -83.85
C UNK D 3389 1.95 -102.85 -84.13
N UNK D 3390 2.30 -103.40 -85.29
CA UNK D 3390 1.79 -104.70 -85.70
C UNK D 3390 2.83 -105.80 -85.51
N UNK D 3391 4.06 -105.40 -85.20
CA UNK D 3391 5.15 -106.36 -85.04
C UNK D 3391 5.65 -106.43 -83.61
N UNK D 3392 5.57 -105.31 -82.89
CA UNK D 3392 6.03 -105.24 -81.51
C UNK D 3392 4.92 -105.63 -80.54
N UNK D 3393 3.98 -106.45 -81.00
CA UNK D 3393 2.88 -106.90 -80.16
C UNK D 3393 3.34 -108.02 -79.25
N UNK D 3394 4.33 -108.78 -79.70
CA UNK D 3394 4.89 -109.88 -78.92
C UNK D 3394 6.39 -109.70 -78.73
N UNK D 3395 6.77 -109.01 -77.67
CA UNK D 3395 8.17 -108.74 -77.39
C UNK D 3395 8.58 -109.33 -76.05
N UNK D 3396 7.75 -110.22 -75.51
CA UNK D 3396 8.02 -110.86 -74.23
C UNK D 3396 8.07 -112.37 -74.36
N UNK D 3397 7.10 -112.92 -75.09
CA UNK D 3397 7.02 -114.36 -75.30
C UNK D 3397 8.20 -114.86 -76.12
N UNK D 3398 9.25 -115.32 -75.44
CA UNK D 3398 10.47 -115.82 -76.07
C UNK D 3398 11.08 -114.79 -77.00
N UNK D 3399 11.02 -113.52 -76.60
CA UNK D 3399 11.57 -112.43 -77.40
C UNK D 3399 12.50 -111.56 -76.55
N UNK D 3400 13.53 -112.19 -75.98
CA UNK D 3400 14.47 -111.48 -75.13
C UNK D 3400 15.40 -110.58 -75.94
N UNK D 3401 14.89 -109.40 -76.29
CA UNK D 3401 15.67 -108.43 -77.05
C UNK D 3401 16.78 -107.82 -76.18
N UNK D 3402 16.59 -107.89 -74.87
CA UNK D 3402 17.57 -107.38 -73.92
C UNK D 3402 18.72 -108.37 -73.78
N UNK D 3403 18.51 -109.59 -74.28
CA UNK D 3403 19.54 -110.62 -74.24
C UNK D 3403 20.42 -110.57 -75.48
N UNK D 3404 20.80 -109.37 -75.89
CA UNK D 3404 21.64 -109.18 -77.07
C UNK D 3404 22.30 -107.81 -77.02
N UNK D 3405 22.81 -107.37 -78.17
CA UNK D 3405 23.45 -106.06 -78.27
C UNK D 3405 22.39 -104.97 -78.38
N UNK D 3406 21.68 -104.75 -77.27
CA UNK D 3406 20.60 -103.77 -77.23
C UNK D 3406 21.13 -102.34 -77.36
N UNK D 3407 22.38 -102.13 -76.94
CA UNK D 3407 22.99 -100.81 -77.02
C UNK D 3407 23.69 -100.62 -78.37
N UNK D 3408 24.09 -101.73 -78.98
CA UNK D 3408 24.79 -101.67 -80.25
C UNK D 3408 23.81 -101.74 -81.42
N UNK D 3409 22.52 -101.69 -81.11
CA UNK D 3409 21.49 -101.77 -82.14
C UNK D 3409 20.42 -100.70 -81.95
N UNK D 3410 20.43 -100.03 -80.80
CA UNK D 3410 19.44 -99.01 -80.50
C UNK D 3410 20.09 -97.72 -80.00
N UNK D 3411 21.02 -97.86 -79.05
CA UNK D 3411 21.68 -96.69 -78.48
C UNK D 3411 22.54 -95.99 -79.52
N UNK D 3412 22.95 -96.73 -80.55
CA UNK D 3412 23.71 -96.15 -81.65
C UNK D 3412 22.83 -95.18 -82.43
N UNK D 3413 21.54 -95.46 -82.45
CA UNK D 3413 20.56 -94.59 -83.12
C UNK D 3413 19.90 -93.67 -82.12
N UNK D 3414 20.16 -93.91 -80.84
CA UNK D 3414 19.61 -93.07 -79.77
C UNK D 3414 20.60 -91.96 -79.42
N UNK D 3415 21.89 -92.29 -79.44
CA UNK D 3415 22.93 -91.31 -79.18
C UNK D 3415 23.18 -90.45 -80.41
N UNK D 3416 22.54 -90.82 -81.52
CA UNK D 3416 22.62 -90.05 -82.75
C UNK D 3416 21.64 -88.88 -82.70
N UNK D 3417 20.96 -88.75 -81.57
CA UNK D 3417 20.05 -87.63 -81.33
C UNK D 3417 20.28 -87.08 -79.94
N UNK D 3418 21.05 -87.83 -79.14
CA UNK D 3418 21.40 -87.41 -77.78
C UNK D 3418 22.72 -86.66 -77.78
N UNK D 3419 23.78 -87.35 -78.21
CA UNK D 3419 25.10 -86.74 -78.31
C UNK D 3419 25.18 -85.88 -79.58
N UNK D 3420 24.35 -86.23 -80.56
CA UNK D 3420 24.30 -85.48 -81.80
C UNK D 3420 23.15 -84.47 -81.78
N UNK D 3421 22.71 -84.11 -80.58
CA UNK D 3421 21.67 -83.11 -80.41
C UNK D 3421 22.24 -81.72 -80.75
N UNK D 3422 23.55 -81.60 -80.62
CA UNK D 3422 24.23 -80.36 -80.97
C UNK D 3422 24.13 -80.11 -82.47
N UNK D 3423 24.27 -81.18 -83.25
CA UNK D 3423 24.14 -81.09 -84.70
C UNK D 3423 22.66 -80.95 -85.08
N UNK D 3424 21.78 -81.40 -84.19
CA UNK D 3424 20.35 -81.29 -84.42
C UNK D 3424 19.87 -79.87 -84.16
N UNK D 3425 20.02 -79.41 -82.92
CA UNK D 3425 19.59 -78.07 -82.55
C UNK D 3425 20.35 -77.57 -81.32
N UNK D 3426 21.35 -76.71 -81.56
CA UNK D 3426 22.12 -76.11 -80.48
C UNK D 3426 22.79 -74.83 -80.96
N UNK D 3427 22.86 -74.66 -82.28
CA UNK D 3427 23.44 -73.47 -82.87
C UNK D 3427 22.53 -72.27 -82.67
N UNK D 3428 21.23 -72.53 -82.54
CA UNK D 3428 20.24 -71.49 -82.31
C UNK D 3428 20.34 -70.96 -80.89
N UNK D 3429 20.96 -71.75 -80.01
CA UNK D 3429 21.15 -71.34 -78.63
C UNK D 3429 22.47 -70.60 -78.47
N UNK D 3430 23.49 -71.07 -79.18
CA UNK D 3430 24.81 -70.45 -79.14
C UNK D 3430 24.80 -69.11 -79.87
N UNK D 3431 24.14 -69.09 -81.03
CA UNK D 3431 24.01 -67.86 -81.81
C UNK D 3431 22.55 -67.56 -82.09
N UNK D 3432 22.21 -66.28 -82.14
CA UNK D 3432 20.83 -65.85 -82.37
C UNK D 3432 20.36 -66.22 -83.78
N UNK D 3433 19.52 -67.25 -83.86
CA UNK D 3433 18.97 -67.69 -85.13
C UNK D 3433 17.45 -67.62 -85.13
N UNK D 3434 16.91 -66.63 -85.82
CA UNK D 3434 15.46 -66.43 -85.86
C UNK D 3434 14.88 -66.89 -87.20
N UNK D 3435 15.63 -67.71 -87.92
CA UNK D 3435 15.17 -68.22 -89.21
C UNK D 3435 14.20 -69.38 -89.02
N UNK D 3436 13.59 -69.82 -90.12
CA UNK D 3436 12.66 -70.94 -90.08
C UNK D 3436 13.42 -72.27 -90.06
N UNK D 3437 14.73 -72.20 -90.28
CA UNK D 3437 15.57 -73.39 -90.28
C UNK D 3437 15.86 -73.84 -88.85
N UNK D 3438 15.97 -72.87 -87.94
CA UNK D 3438 16.26 -73.17 -86.55
C UNK D 3438 14.98 -73.52 -85.79
N UNK D 3439 13.83 -73.11 -86.34
CA UNK D 3439 12.54 -73.37 -85.71
C UNK D 3439 12.03 -74.77 -86.06
N UNK D 3440 12.68 -75.40 -87.03
CA UNK D 3440 12.29 -76.75 -87.45
C UNK D 3440 13.53 -77.62 -87.65
N UNK D 3441 14.60 -77.28 -86.94
CA UNK D 3441 15.85 -78.03 -87.05
C UNK D 3441 15.72 -79.38 -86.36
N UNK D 3442 14.99 -79.42 -85.25
CA UNK D 3442 14.83 -80.66 -84.50
C UNK D 3442 13.35 -81.04 -84.36
N UNK D 3443 12.52 -80.05 -84.04
CA UNK D 3443 11.10 -80.29 -83.81
C UNK D 3443 10.40 -80.87 -85.04
N UNK D 3444 10.96 -80.63 -86.22
CA UNK D 3444 10.40 -81.18 -87.44
C UNK D 3444 11.00 -82.55 -87.75
N UNK D 3445 12.16 -82.83 -87.16
CA UNK D 3445 12.84 -84.09 -87.41
C UNK D 3445 12.73 -85.05 -86.22
N UNK D 3446 13.09 -84.55 -85.03
CA UNK D 3446 13.08 -85.38 -83.83
C UNK D 3446 11.67 -85.81 -83.44
N UNK D 3447 10.74 -84.85 -83.45
CA UNK D 3447 9.37 -85.13 -83.05
C UNK D 3447 8.58 -85.85 -84.15
N UNK D 3448 9.27 -86.19 -85.24
CA UNK D 3448 8.66 -86.89 -86.36
C UNK D 3448 9.36 -88.22 -86.63
N UNK D 3449 10.67 -88.23 -86.45
CA UNK D 3449 11.47 -89.44 -86.71
C UNK D 3449 12.02 -90.03 -85.42
N UNK D 3450 12.72 -89.20 -84.64
CA UNK D 3450 13.31 -89.66 -83.39
C UNK D 3450 12.22 -90.00 -82.38
N UNK D 3451 11.12 -89.26 -82.42
CA UNK D 3451 9.97 -89.57 -81.57
C UNK D 3451 9.36 -90.88 -82.02
N UNK D 3452 9.34 -91.10 -83.34
CA UNK D 3452 8.90 -92.37 -83.90
C UNK D 3452 9.92 -93.44 -83.53
N UNK D 3453 11.19 -93.03 -83.45
CA UNK D 3453 12.25 -93.92 -82.99
C UNK D 3453 12.12 -94.10 -81.48
N UNK D 3454 11.62 -93.07 -80.80
CA UNK D 3454 11.32 -93.16 -79.38
C UNK D 3454 10.05 -93.99 -79.21
N UNK D 3455 9.19 -93.94 -80.22
CA UNK D 3455 8.01 -94.78 -80.24
C UNK D 3455 8.44 -96.23 -80.44
N UNK D 3456 9.52 -96.41 -81.19
CA UNK D 3456 10.13 -97.72 -81.36
C UNK D 3456 10.80 -98.12 -80.06
N UNK D 3457 11.32 -97.13 -79.34
CA UNK D 3457 11.89 -97.35 -78.02
C UNK D 3457 10.76 -97.57 -77.02
N UNK D 3458 9.61 -96.97 -77.30
CA UNK D 3458 8.41 -97.18 -76.50
C UNK D 3458 7.95 -98.63 -76.69
N UNK D 3459 8.18 -99.15 -77.89
CA UNK D 3459 7.90 -100.55 -78.18
C UNK D 3459 8.91 -101.42 -77.46
N UNK D 3460 10.07 -100.85 -77.18
CA UNK D 3460 11.11 -101.53 -76.43
C UNK D 3460 10.91 -101.28 -74.93
N UNK D 3461 10.11 -100.27 -74.61
CA UNK D 3461 9.79 -99.97 -73.22
C UNK D 3461 8.89 -101.05 -72.65
N UNK D 3462 8.06 -101.64 -73.50
CA UNK D 3462 7.20 -102.73 -73.11
C UNK D 3462 8.02 -104.00 -72.92
N UNK D 3463 9.19 -104.04 -73.55
CA UNK D 3463 10.09 -105.19 -73.43
C UNK D 3463 11.04 -104.97 -72.26
N UNK D 3464 11.30 -103.71 -71.94
CA UNK D 3464 12.19 -103.37 -70.82
C UNK D 3464 11.47 -103.58 -69.49
N UNK D 3465 10.15 -103.40 -69.50
CA UNK D 3465 9.35 -103.55 -68.29
C UNK D 3465 9.19 -105.02 -67.93
N UNK D 3466 9.17 -105.88 -68.94
CA UNK D 3466 9.03 -107.31 -68.72
C UNK D 3466 10.31 -107.91 -68.14
N UNK D 3467 11.45 -107.35 -68.55
CA UNK D 3467 12.74 -107.80 -68.07
C UNK D 3467 13.44 -106.70 -67.27
N UNK D 3468 12.90 -106.40 -66.10
CA UNK D 3468 13.46 -105.36 -65.24
C UNK D 3468 13.86 -105.94 -63.89
N UNK D 3469 14.28 -107.21 -63.89
CA UNK D 3469 14.67 -107.88 -62.65
C UNK D 3469 16.02 -108.58 -62.83
N UNK D 3470 16.15 -109.34 -63.91
CA UNK D 3470 17.38 -110.07 -64.18
C UNK D 3470 18.33 -109.25 -65.05
N UNK D 3471 18.14 -107.93 -65.04
CA UNK D 3471 18.98 -107.04 -65.83
C UNK D 3471 19.09 -105.67 -65.17
N UNK D 3472 17.95 -104.99 -65.03
CA UNK D 3472 17.92 -103.66 -64.42
C UNK D 3472 18.00 -103.76 -62.90
N UNK D 3473 17.35 -104.77 -62.34
CA UNK D 3473 17.36 -104.97 -60.89
C UNK D 3473 18.29 -106.11 -60.50
N UNK D 3474 19.21 -106.44 -61.40
CA UNK D 3474 20.19 -107.49 -61.15
C UNK D 3474 21.48 -106.91 -60.60
N UNK D 3475 22.34 -107.77 -60.07
CA UNK D 3475 23.62 -107.34 -59.51
C UNK D 3475 24.54 -106.84 -60.61
N UNK D 3476 24.45 -107.46 -61.79
CA UNK D 3476 25.27 -107.08 -62.92
C UNK D 3476 24.40 -106.63 -64.10
N UNK D 3477 24.47 -105.34 -64.43
CA UNK D 3477 23.68 -104.80 -65.52
C UNK D 3477 24.53 -104.63 -66.78
N UNK D 3478 24.19 -105.36 -67.82
CA UNK D 3478 24.89 -105.26 -69.10
C UNK D 3478 24.47 -103.97 -69.81
N UNK D 3479 23.30 -103.47 -69.45
CA UNK D 3479 22.78 -102.24 -70.04
C UNK D 3479 22.91 -101.09 -69.05
N UNK D 3480 24.10 -100.91 -68.50
CA UNK D 3480 24.36 -99.82 -67.57
C UNK D 3480 24.41 -98.50 -68.31
N UNK D 3481 24.81 -98.54 -69.57
CA UNK D 3481 24.87 -97.36 -70.41
C UNK D 3481 23.47 -96.95 -70.86
N UNK D 3482 22.59 -97.94 -70.99
CA UNK D 3482 21.21 -97.70 -71.38
C UNK D 3482 20.49 -96.92 -70.29
N UNK D 3483 20.80 -97.23 -69.04
CA UNK D 3483 20.22 -96.54 -67.90
C UNK D 3483 20.89 -95.18 -67.72
N UNK D 3484 22.07 -95.03 -68.28
CA UNK D 3484 22.82 -93.77 -68.19
C UNK D 3484 22.36 -92.81 -69.27
N UNK D 3485 21.94 -93.35 -70.41
CA UNK D 3485 21.47 -92.53 -71.52
C UNK D 3485 20.07 -92.00 -71.26
N UNK D 3486 19.97 -90.70 -71.03
CA UNK D 3486 18.69 -90.06 -70.78
C UNK D 3486 18.56 -88.74 -71.52
N UNK D 3487 18.26 -88.83 -72.82
CA UNK D 3487 18.11 -87.63 -73.65
C UNK D 3487 16.73 -87.01 -73.43
N UNK D 3488 15.70 -87.84 -73.48
CA UNK D 3488 14.32 -87.36 -73.32
C UNK D 3488 14.07 -86.85 -71.90
N UNK D 3489 14.94 -87.21 -70.98
CA UNK D 3489 14.80 -86.80 -69.59
C UNK D 3489 15.46 -85.45 -69.34
N UNK D 3490 14.80 -84.38 -69.80
CA UNK D 3490 15.21 -82.99 -69.53
C UNK D 3490 16.57 -82.61 -70.12
N UNK D 3491 17.51 -83.56 -70.18
CA UNK D 3491 18.86 -83.30 -70.68
C UNK D 3491 18.81 -82.77 -72.12
N UNK D 3492 18.01 -83.43 -72.95
CA UNK D 3492 17.82 -82.97 -74.33
C UNK D 3492 16.36 -82.59 -74.53
N UNK D 3493 15.69 -82.24 -73.44
CA UNK D 3493 14.30 -81.83 -73.49
C UNK D 3493 14.12 -80.45 -72.86
N UNK D 3494 15.20 -79.67 -72.87
CA UNK D 3494 15.17 -78.33 -72.28
C UNK D 3494 15.64 -77.28 -73.30
N UNK D 3495 14.85 -77.12 -74.36
CA UNK D 3495 15.18 -76.14 -75.40
C UNK D 3495 13.94 -75.33 -75.78
N UNK D 3496 13.49 -74.49 -74.84
CA UNK D 3496 12.32 -73.65 -75.03
C UNK D 3496 11.09 -74.47 -75.42
N UNK D 3497 10.16 -73.85 -76.13
CA UNK D 3497 8.94 -74.53 -76.57
C UNK D 3497 9.21 -75.29 -77.87
N UNK D 3498 10.37 -75.05 -78.47
CA UNK D 3498 10.74 -75.70 -79.72
C UNK D 3498 10.85 -77.21 -79.53
N UNK D 3499 11.65 -77.62 -78.56
CA UNK D 3499 11.81 -79.04 -78.25
C UNK D 3499 10.70 -79.52 -77.32
N UNK D 3500 9.78 -78.62 -77.00
CA UNK D 3500 8.67 -78.94 -76.10
C UNK D 3500 7.32 -78.78 -76.80
N UNK D 3501 6.72 -77.60 -76.66
CA UNK D 3501 5.39 -77.33 -77.19
C UNK D 3501 5.34 -77.50 -78.70
N UNK D 3502 6.33 -76.94 -79.40
CA UNK D 3502 6.39 -77.07 -80.85
C UNK D 3502 6.67 -78.53 -81.23
N UNK D 3503 7.32 -79.25 -80.33
CA UNK D 3503 7.60 -80.67 -80.54
C UNK D 3503 6.39 -81.51 -80.14
N UNK D 3504 5.64 -81.02 -79.16
CA UNK D 3504 4.44 -81.69 -78.70
C UNK D 3504 3.32 -81.54 -79.71
N UNK D 3505 3.38 -80.46 -80.50
CA UNK D 3505 2.40 -80.22 -81.55
C UNK D 3505 2.50 -81.31 -82.61
N UNK D 3506 3.72 -81.71 -82.93
CA UNK D 3506 3.96 -82.79 -83.87
C UNK D 3506 3.50 -84.11 -83.26
N UNK D 3507 3.63 -84.23 -81.94
CA UNK D 3507 3.15 -85.40 -81.22
C UNK D 3507 1.63 -85.37 -81.12
N UNK D 3508 1.07 -84.17 -81.29
CA UNK D 3508 -0.37 -84.00 -81.30
C UNK D 3508 -0.91 -84.00 -82.73
N UNK D 3509 -0.24 -84.76 -83.58
CA UNK D 3509 -0.64 -84.87 -84.99
C UNK D 3509 -0.85 -86.33 -85.38
N UNK D 3510 -2.00 -86.88 -84.99
CA UNK D 3510 -2.36 -88.26 -85.28
C UNK D 3510 -1.31 -89.23 -84.78
N UNK D 3511 -3.89 -88.57 -71.53
CA UNK D 3511 -2.43 -88.54 -71.38
C UNK D 3511 -1.87 -87.19 -71.79
N UNK D 3512 -2.41 -86.13 -71.19
CA UNK D 3512 -1.97 -84.77 -71.49
C UNK D 3512 -0.76 -84.38 -70.63
N UNK D 3513 0.26 -85.24 -70.63
CA UNK D 3513 1.48 -84.98 -69.89
C UNK D 3513 2.59 -84.55 -70.84
N UNK D 3514 2.23 -83.80 -71.86
CA UNK D 3514 3.15 -83.31 -72.87
C UNK D 3514 3.91 -84.46 -73.54
N UNK D 3515 5.23 -84.38 -73.55
CA UNK D 3515 6.06 -85.40 -74.17
C UNK D 3515 6.02 -86.70 -73.38
N UNK D 3516 5.65 -87.79 -74.05
CA UNK D 3516 5.58 -89.11 -73.43
C UNK D 3516 6.97 -89.67 -73.19
N UNK D 3517 7.51 -89.42 -71.99
CA UNK D 3517 8.83 -89.92 -71.63
C UNK D 3517 8.73 -91.10 -70.69
N UNK D 3518 9.39 -92.20 -71.05
CA UNK D 3518 9.39 -93.40 -70.23
C UNK D 3518 10.58 -93.42 -69.28
N UNK D 3519 11.07 -92.23 -68.92
CA UNK D 3519 12.20 -92.11 -68.01
C UNK D 3519 11.78 -92.46 -66.59
N UNK D 3520 10.50 -92.25 -66.29
CA UNK D 3520 9.97 -92.52 -64.96
C UNK D 3520 9.97 -94.01 -64.66
N UNK D 3521 9.76 -94.82 -65.70
CA UNK D 3521 9.75 -96.27 -65.54
C UNK D 3521 11.17 -96.80 -65.40
N UNK D 3522 12.14 -95.97 -65.77
CA UNK D 3522 13.55 -96.36 -65.71
C UNK D 3522 14.28 -95.59 -64.61
N UNK D 3523 13.52 -94.92 -63.75
CA UNK D 3523 14.11 -94.15 -62.66
C UNK D 3523 14.59 -95.09 -61.54
N UNK D 3524 14.04 -96.30 -61.52
CA UNK D 3524 14.40 -97.28 -60.51
C UNK D 3524 15.56 -98.15 -60.98
N UNK D 3525 15.93 -97.99 -62.25
CA UNK D 3525 17.02 -98.77 -62.84
C UNK D 3525 18.30 -97.95 -62.90
N UNK D 3526 18.15 -96.63 -62.94
CA UNK D 3526 19.31 -95.73 -63.00
C UNK D 3526 20.11 -95.81 -61.70
N UNK D 3527 19.42 -95.91 -60.58
CA UNK D 3527 20.07 -96.05 -59.28
C UNK D 3527 19.80 -97.43 -58.71
N UNK D 3528 20.37 -97.70 -57.53
CA UNK D 3528 20.23 -98.99 -56.86
C UNK D 3528 20.68 -100.14 -57.75
N UNK D 3529 21.65 -99.86 -58.63
CA UNK D 3529 22.19 -100.85 -59.54
C UNK D 3529 23.64 -100.51 -59.85
N UNK D 3530 24.02 -99.27 -59.56
CA UNK D 3530 25.39 -98.82 -59.73
C UNK D 3530 25.94 -98.35 -58.38
N UNK D 3531 25.14 -98.54 -57.34
CA UNK D 3531 25.52 -98.15 -55.99
C UNK D 3531 24.82 -99.03 -54.96
N UNK D 3532 25.25 -98.92 -53.70
CA UNK D 3532 24.65 -99.68 -52.61
C UNK D 3532 24.07 -98.75 -51.55
N UNK D 3533 23.38 -97.71 -52.01
CA UNK D 3533 22.75 -96.72 -51.14
C UNK D 3533 23.77 -96.05 -50.21
N UNK D 3534 23.27 -95.43 -49.15
CA UNK D 3534 24.10 -94.73 -48.17
C UNK D 3534 24.97 -93.67 -48.84
N UNK D 3535 24.45 -93.04 -49.89
CA UNK D 3535 25.21 -92.05 -50.64
C UNK D 3535 24.66 -90.64 -50.39
N UNK D 3536 23.43 -90.56 -49.92
CA UNK D 3536 22.77 -89.29 -49.63
C UNK D 3536 22.75 -88.36 -50.84
N UNK D 3537 23.89 -87.73 -51.11
CA UNK D 3537 24.04 -86.80 -52.23
C UNK D 3537 23.00 -85.68 -52.16
N UNK D 3538 22.84 -85.11 -50.98
CA UNK D 3538 21.89 -84.02 -50.78
C UNK D 3538 22.58 -82.68 -51.00
N UNK D 3539 23.90 -82.69 -50.99
CA UNK D 3539 24.68 -81.47 -51.19
C UNK D 3539 24.68 -81.04 -52.65
N UNK D 3540 25.04 -81.98 -53.52
CA UNK D 3540 25.11 -81.70 -54.95
C UNK D 3540 23.72 -81.53 -55.56
N UNK D 3541 22.74 -82.21 -54.96
CA UNK D 3541 21.37 -82.15 -55.46
C UNK D 3541 20.74 -80.79 -55.17
N UNK D 3542 21.19 -80.16 -54.09
CA UNK D 3542 20.65 -78.86 -53.69
C UNK D 3542 21.45 -77.72 -54.31
N UNK D 3543 22.75 -77.92 -54.46
CA UNK D 3543 23.63 -76.88 -55.01
C UNK D 3543 23.41 -76.70 -56.51
N UNK D 3544 23.06 -77.78 -57.20
CA UNK D 3544 22.84 -77.72 -58.64
C UNK D 3544 21.51 -77.07 -58.96
N UNK D 3545 20.65 -76.95 -57.95
CA UNK D 3545 19.33 -76.35 -58.12
C UNK D 3545 19.31 -74.91 -57.59
N UNK D 3546 20.12 -74.66 -56.57
CA UNK D 3546 20.18 -73.32 -55.97
C UNK D 3546 21.31 -72.49 -56.60
N UNK D 3547 22.54 -72.93 -56.39
CA UNK D 3547 23.70 -72.22 -56.92
C UNK D 3547 23.72 -72.29 -58.45
N UNK D 3548 23.76 -73.51 -58.98
CA UNK D 3548 23.77 -73.75 -60.42
C UNK D 3548 24.91 -73.01 -61.10
N UNK D 3549 26.14 -73.26 -60.64
CA UNK D 3549 27.31 -72.59 -61.18
C UNK D 3549 27.57 -73.02 -62.62
N UNK D 3550 27.69 -74.33 -62.83
CA UNK D 3550 27.95 -74.87 -64.17
C UNK D 3550 27.56 -76.34 -64.23
N UNK D 3551 27.78 -76.95 -65.39
CA UNK D 3551 27.48 -78.36 -65.58
C UNK D 3551 28.62 -79.23 -65.07
N UNK D 3552 29.84 -78.69 -65.13
CA UNK D 3552 31.01 -79.41 -64.65
C UNK D 3552 31.44 -78.86 -63.29
N UNK D 3553 30.64 -77.94 -62.75
CA UNK D 3553 30.94 -77.34 -61.45
C UNK D 3553 30.72 -78.35 -60.33
N UNK D 3554 29.93 -79.39 -60.62
CA UNK D 3554 29.69 -80.46 -59.67
C UNK D 3554 30.98 -81.21 -59.37
N UNK D 3555 31.79 -81.40 -60.41
CA UNK D 3555 33.09 -82.03 -60.27
C UNK D 3555 34.06 -81.07 -59.58
N UNK D 3556 33.76 -79.78 -59.69
CA UNK D 3556 34.56 -78.74 -59.04
C UNK D 3556 34.14 -78.58 -57.60
N UNK D 3557 32.86 -78.84 -57.33
CA UNK D 3557 32.33 -78.76 -55.97
C UNK D 3557 32.50 -80.10 -55.27
N UNK D 3558 33.02 -81.08 -56.00
CA UNK D 3558 33.27 -82.41 -55.44
C UNK D 3558 34.46 -82.35 -54.48
N UNK D 3559 35.30 -81.34 -54.65
CA UNK D 3559 36.47 -81.16 -53.79
C UNK D 3559 36.04 -80.81 -52.37
N UNK D 3560 34.91 -80.11 -52.26
CA UNK D 3560 34.36 -79.74 -50.96
C UNK D 3560 33.25 -80.72 -50.57
N UNK D 3561 33.46 -81.99 -50.85
CA UNK D 3561 32.48 -83.02 -50.53
C UNK D 3561 33.13 -84.21 -49.83
N UNK D 3562 32.69 -85.41 -50.17
CA UNK D 3562 33.22 -86.65 -49.61
C UNK D 3562 33.08 -86.69 -48.09
N UNK D 3563 33.86 -85.87 -47.39
CA UNK D 3563 33.86 -85.85 -45.93
C UNK D 3563 32.56 -85.28 -45.37
N UNK D 3564 31.79 -84.61 -46.23
CA UNK D 3564 30.51 -84.03 -45.81
C UNK D 3564 29.47 -85.12 -45.58
N UNK D 3565 29.67 -86.28 -46.20
CA UNK D 3565 28.76 -87.40 -46.04
C UNK D 3565 29.44 -88.54 -45.29
N UNK D 3566 28.91 -88.88 -44.13
CA UNK D 3566 29.47 -89.96 -43.32
C UNK D 3566 28.37 -90.85 -42.75
N UNK D 3567 28.73 -92.10 -42.45
CA UNK D 3567 27.76 -93.05 -41.91
C UNK D 3567 27.43 -92.71 -40.46
N UNK D 3568 26.14 -92.64 -40.15
CA UNK D 3568 25.69 -92.31 -38.81
C UNK D 3568 24.82 -93.42 -38.25
N UNK D 3569 24.29 -93.20 -37.04
CA UNK D 3569 23.42 -94.17 -36.39
C UNK D 3569 21.98 -93.67 -36.36
N UNK D 3570 21.13 -94.27 -37.19
CA UNK D 3570 19.73 -93.89 -37.27
C UNK D 3570 18.90 -94.99 -37.91
N UNK D 3571 19.06 -95.15 -39.23
CA UNK D 3571 18.33 -96.17 -39.97
C UNK D 3571 19.27 -97.24 -40.53
N UNK D 3572 19.20 -98.44 -39.96
CA UNK D 3572 20.01 -99.55 -40.44
C UNK D 3572 19.14 -100.52 -41.24
N UNK D 3573 17.90 -100.13 -41.46
CA UNK D 3573 16.95 -100.96 -42.21
C UNK D 3573 17.24 -100.88 -43.71
N UNK D 3574 18.03 -99.89 -44.10
CA UNK D 3574 18.38 -99.71 -45.50
C UNK D 3574 19.87 -99.46 -45.65
N UNK D 3575 20.41 -98.55 -44.83
CA UNK D 3575 21.82 -98.17 -44.91
C UNK D 3575 22.73 -99.35 -44.56
N UNK D 3576 22.23 -100.27 -43.75
CA UNK D 3576 23.02 -101.44 -43.35
C UNK D 3576 22.55 -102.68 -44.12
N UNK D 3577 21.46 -102.53 -44.87
CA UNK D 3577 20.90 -103.65 -45.62
C UNK D 3577 21.29 -103.57 -47.09
N UNK D 3578 21.07 -102.40 -47.69
CA UNK D 3578 21.39 -102.19 -49.10
C UNK D 3578 22.90 -102.19 -49.31
N UNK D 3579 23.64 -101.81 -48.27
CA UNK D 3579 25.10 -101.83 -48.32
C UNK D 3579 25.59 -103.26 -48.38
N UNK D 3580 24.87 -104.15 -47.72
CA UNK D 3580 25.18 -105.58 -47.75
C UNK D 3580 24.92 -106.12 -49.16
N UNK D 3581 23.87 -105.61 -49.78
CA UNK D 3581 23.53 -105.98 -51.14
C UNK D 3581 24.58 -105.46 -52.11
N UNK D 3582 25.68 -106.20 -52.24
CA UNK D 3582 26.79 -105.77 -53.08
C UNK D 3582 26.74 -106.44 -54.46
N UNK D 3583 27.15 -105.71 -55.48
CA UNK D 3583 27.20 -106.23 -56.84
C UNK D 3583 28.38 -107.17 -56.99
N UNK D 3584 29.36 -107.02 -56.12
CA UNK D 3584 30.56 -107.84 -56.15
C UNK D 3584 31.21 -107.91 -54.78
N UNK D 3585 32.21 -108.77 -54.64
CA UNK D 3585 32.92 -108.93 -53.38
C UNK D 3585 33.79 -107.70 -53.09
N UNK D 3586 34.48 -107.22 -54.13
CA UNK D 3586 35.35 -106.06 -54.01
C UNK D 3586 34.54 -104.77 -54.02
N UNK D 3587 35.14 -103.70 -53.52
CA UNK D 3587 34.47 -102.40 -53.49
C UNK D 3587 35.35 -101.33 -54.15
N UNK D 3588 34.72 -100.43 -54.88
CA UNK D 3588 35.44 -99.35 -55.56
C UNK D 3588 34.95 -97.98 -55.07
N UNK D 3589 35.89 -97.15 -54.63
CA UNK D 3589 35.55 -95.83 -54.13
C UNK D 3589 36.10 -94.74 -55.06
N UNK D 3590 36.45 -95.14 -56.27
CA UNK D 3590 36.99 -94.20 -57.25
C UNK D 3590 35.95 -93.88 -58.33
N UNK D 3591 34.78 -94.49 -58.21
CA UNK D 3591 33.71 -94.28 -59.17
C UNK D 3591 32.49 -93.64 -58.50
N UNK D 3592 32.69 -93.13 -57.29
CA UNK D 3592 31.60 -92.48 -56.54
C UNK D 3592 31.50 -91.01 -56.92
N UNK D 3593 32.55 -90.48 -57.52
CA UNK D 3593 32.59 -89.07 -57.90
C UNK D 3593 31.77 -88.83 -59.17
N UNK D 3594 31.62 -89.86 -59.98
CA UNK D 3594 30.88 -89.75 -61.23
C UNK D 3594 29.53 -90.45 -61.13
N UNK D 3595 28.70 -90.00 -60.20
CA UNK D 3595 27.37 -90.57 -60.00
C UNK D 3595 26.43 -89.56 -59.36
N UNK D 3596 26.97 -88.72 -58.50
CA UNK D 3596 26.18 -87.70 -57.82
C UNK D 3596 25.72 -86.62 -58.79
N UNK D 3597 26.48 -86.44 -59.86
CA UNK D 3597 26.16 -85.44 -60.88
C UNK D 3597 25.09 -85.98 -61.84
N UNK D 3598 24.73 -87.25 -61.67
CA UNK D 3598 23.70 -87.87 -62.49
C UNK D 3598 22.33 -87.69 -61.84
N UNK D 3599 22.31 -86.95 -60.74
CA UNK D 3599 21.07 -86.67 -60.03
C UNK D 3599 20.46 -85.36 -60.49
N UNK D 3600 20.92 -84.88 -61.64
CA UNK D 3600 20.44 -83.63 -62.20
C UNK D 3600 19.04 -83.79 -62.79
N UNK D 3601 18.65 -85.04 -63.04
CA UNK D 3601 17.32 -85.33 -63.57
C UNK D 3601 16.25 -84.92 -62.57
N UNK D 3602 16.58 -85.01 -61.28
CA UNK D 3602 15.66 -84.61 -60.23
C UNK D 3602 15.79 -83.12 -59.93
N UNK D 3603 16.68 -82.45 -60.65
CA UNK D 3603 16.91 -81.03 -60.47
C UNK D 3603 16.60 -80.25 -61.75
N UNK D 3604 16.26 -80.99 -62.80
CA UNK D 3604 15.92 -80.37 -64.08
C UNK D 3604 14.51 -80.75 -64.52
N UNK D 3605 14.15 -82.01 -64.33
CA UNK D 3605 12.83 -82.49 -64.70
C UNK D 3605 11.88 -82.42 -63.51
N UNK D 3606 12.36 -82.84 -62.34
CA UNK D 3606 11.55 -82.81 -61.13
C UNK D 3606 11.42 -81.37 -60.62
N UNK D 3607 12.29 -80.49 -61.10
CA UNK D 3607 12.22 -79.08 -60.75
C UNK D 3607 10.99 -78.45 -61.39
N UNK D 3608 10.56 -79.03 -62.50
CA UNK D 3608 9.37 -78.55 -63.19
C UNK D 3608 8.23 -79.56 -63.04
N UNK D 3609 8.17 -80.21 -61.88
CA UNK D 3609 7.14 -81.20 -61.60
C UNK D 3609 5.77 -80.54 -61.51
N UNK D 3610 5.71 -79.38 -60.87
CA UNK D 3610 4.47 -78.62 -60.74
C UNK D 3610 4.19 -77.86 -62.04
N UNK D 3611 5.22 -77.73 -62.86
CA UNK D 3611 5.08 -77.04 -64.15
C UNK D 3611 4.82 -78.04 -65.27
N UNK D 3612 4.95 -79.33 -64.96
CA UNK D 3612 4.72 -80.38 -65.93
C UNK D 3612 3.23 -80.52 -66.23
N UNK D 3613 2.41 -80.31 -65.21
CA UNK D 3613 0.96 -80.39 -65.36
C UNK D 3613 0.25 -79.52 -64.34
N THR D 3639 -21.25 -50.50 -86.54
CA THR D 3639 -22.24 -50.14 -87.56
C THR D 3639 -21.59 -49.29 -88.65
N PRO D 3640 -21.68 -49.76 -89.89
CA PRO D 3640 -21.09 -49.01 -91.01
C PRO D 3640 -21.81 -47.68 -91.23
N LEU D 3641 -21.06 -46.72 -91.78
CA LEU D 3641 -21.59 -45.39 -92.02
C LEU D 3641 -22.13 -45.20 -93.42
N TYR D 3642 -21.66 -45.98 -94.40
CA TYR D 3642 -22.12 -45.81 -95.77
C TYR D 3642 -23.58 -46.20 -95.94
N ASN D 3643 -24.07 -47.16 -95.16
CA ASN D 3643 -25.47 -47.57 -95.21
C ASN D 3643 -26.26 -46.82 -94.15
N LEU D 3644 -26.27 -45.49 -94.31
CA LEU D 3644 -26.93 -44.58 -93.38
C LEU D 3644 -27.73 -43.57 -94.17
N PRO D 3645 -28.89 -43.16 -93.68
CA PRO D 3645 -29.68 -42.14 -94.39
C PRO D 3645 -28.91 -40.83 -94.53
N THR D 3646 -29.07 -40.22 -95.70
CA THR D 3646 -28.36 -38.98 -95.99
C THR D 3646 -28.79 -37.84 -95.07
N HIS D 3647 -30.11 -37.73 -94.81
CA HIS D 3647 -30.57 -36.68 -93.92
C HIS D 3647 -30.03 -36.86 -92.51
N ARG D 3648 -30.03 -38.09 -91.99
CA ARG D 3648 -29.45 -38.34 -90.68
C ARG D 3648 -27.96 -38.04 -90.66
N ALA D 3649 -27.23 -38.43 -91.70
CA ALA D 3649 -25.79 -38.14 -91.75
C ALA D 3649 -25.52 -36.65 -91.77
N CYS D 3650 -26.27 -35.88 -92.56
CA CYS D 3650 -26.02 -34.45 -92.63
C CYS D 3650 -26.47 -33.74 -91.37
N ASN D 3651 -27.53 -34.23 -90.71
CA ASN D 3651 -27.88 -33.70 -89.40
C ASN D 3651 -26.78 -33.94 -88.39
N MET D 3652 -26.22 -35.15 -88.38
CA MET D 3652 -25.29 -35.51 -87.32
C MET D 3652 -23.90 -34.93 -87.56
N PHE D 3653 -23.55 -34.64 -88.82
CA PHE D 3653 -22.30 -33.97 -89.09
C PHE D 3653 -22.27 -32.56 -88.53
N LEU D 3654 -23.44 -31.93 -88.35
CA LEU D 3654 -23.50 -30.53 -87.96
C LEU D 3654 -23.05 -30.29 -86.53
N GLU D 3655 -23.20 -31.27 -85.64
CA GLU D 3655 -22.84 -31.07 -84.23
C GLU D 3655 -21.36 -30.77 -84.07
N SER D 3656 -20.50 -31.43 -84.84
CA SER D 3656 -19.06 -31.27 -84.73
C SER D 3656 -18.66 -29.99 -85.47
N TYR D 3657 -18.65 -28.88 -84.73
CA TYR D 3657 -18.19 -27.61 -85.30
C TYR D 3657 -16.69 -27.67 -85.55
N LYS D 3658 -15.90 -27.75 -84.47
CA LYS D 3658 -14.51 -28.17 -84.55
C LYS D 3658 -14.31 -29.49 -83.81
N ALA D 3659 -14.57 -29.51 -82.50
CA ALA D 3659 -14.98 -30.73 -81.83
C ALA D 3659 -16.36 -30.52 -81.23
N ALA D 3660 -16.46 -29.54 -80.33
CA ALA D 3660 -17.74 -29.05 -79.83
C ALA D 3660 -17.79 -27.53 -79.67
N TRP D 3661 -16.66 -26.85 -79.55
CA TRP D 3661 -16.58 -25.43 -79.21
C TRP D 3661 -15.93 -24.69 -80.38
N ILE D 3662 -15.78 -23.37 -80.23
CA ILE D 3662 -15.33 -22.55 -81.36
C ILE D 3662 -13.93 -22.97 -81.81
N LEU D 3663 -13.02 -23.19 -80.85
CA LEU D 3663 -11.63 -23.58 -81.13
C LEU D 3663 -10.94 -22.64 -82.11
N THR D 3664 -11.37 -21.38 -82.17
CA THR D 3664 -10.75 -20.39 -83.03
C THR D 3664 -10.33 -19.20 -82.19
N GLU D 3665 -9.10 -18.73 -82.40
CA GLU D 3665 -8.56 -17.62 -81.63
C GLU D 3665 -9.33 -16.35 -81.97
N ASP D 3666 -9.68 -15.59 -80.93
CA ASP D 3666 -10.35 -14.30 -81.09
C ASP D 3666 -9.82 -13.27 -80.10
N HIS D 3667 -8.55 -13.38 -79.74
CA HIS D 3667 -7.97 -12.53 -78.71
C HIS D 3667 -7.85 -11.09 -79.22
N SER D 3668 -7.71 -10.17 -78.27
CA SER D 3668 -7.61 -8.72 -78.46
C SER D 3668 -8.91 -8.13 -79.00
N PHE D 3669 -9.91 -8.94 -79.28
CA PHE D 3669 -11.20 -8.41 -79.76
C PHE D 3669 -11.84 -7.52 -78.71
N GLU D 3670 -11.98 -8.03 -77.48
CA GLU D 3670 -12.58 -7.24 -76.42
C GLU D 3670 -11.69 -6.07 -75.99
N ASP D 3671 -10.37 -6.21 -76.11
CA ASP D 3671 -9.48 -5.10 -75.82
C ASP D 3671 -9.66 -3.97 -76.83
N ARG D 3672 -9.84 -4.32 -78.11
CA ARG D 3672 -10.10 -3.31 -79.13
C ARG D 3672 -11.50 -2.72 -78.97
N MET D 3673 -12.46 -3.52 -78.50
CA MET D 3673 -13.83 -3.05 -78.33
C MET D 3673 -13.91 -1.90 -77.34
N ILE D 3674 -13.29 -2.04 -76.16
CA ILE D 3674 -13.38 -0.99 -75.15
C ILE D 3674 -12.65 0.26 -75.61
N ASP D 3675 -11.55 0.10 -76.34
CA ASP D 3675 -10.76 1.25 -76.76
C ASP D 3675 -11.59 2.22 -77.60
N ASP D 3676 -12.28 1.72 -78.61
CA ASP D 3676 -13.10 2.60 -79.44
C ASP D 3676 -14.51 2.77 -78.91
N LEU D 3677 -14.91 2.03 -77.87
CA LEU D 3677 -16.16 2.35 -77.19
C LEU D 3677 -15.98 3.55 -76.27
N SER D 3678 -14.80 3.73 -75.70
CA SER D 3678 -14.48 4.88 -74.86
C SER D 3678 -13.66 5.92 -75.62
N LYS D 3679 -13.80 5.98 -76.95
CA LYS D 3679 -13.02 6.89 -77.77
C LYS D 3679 -13.60 8.31 -77.77
N ALA D 3680 -14.79 8.51 -77.20
CA ALA D 3680 -15.40 9.83 -77.23
C ALA D 3680 -14.57 10.87 -76.49
N GLY D 3681 -14.01 10.51 -75.34
CA GLY D 3681 -13.17 11.41 -74.60
C GLY D 3681 -11.79 11.58 -75.21
N GLU D 3682 -11.26 10.52 -75.83
CA GLU D 3682 -9.94 10.58 -76.42
C GLU D 3682 -9.93 11.44 -77.68
N GLN D 3683 -10.89 11.24 -78.57
CA GLN D 3683 -10.98 11.98 -79.82
C GLN D 3683 -12.20 12.91 -79.76
N GLU D 3684 -11.96 14.20 -79.95
CA GLU D 3684 -13.00 15.22 -79.88
C GLU D 3684 -13.29 15.83 -81.25
N GLU D 3685 -13.07 15.08 -82.32
CA GLU D 3685 -13.35 15.59 -83.66
C GLU D 3685 -14.83 15.78 -83.88
N GLU D 3686 -15.65 14.82 -83.47
CA GLU D 3686 -17.10 14.93 -83.65
C GLU D 3686 -17.71 15.93 -82.69
N GLU D 3687 -17.30 15.90 -81.42
CA GLU D 3687 -17.84 16.78 -80.39
C GLU D 3687 -16.71 17.62 -79.82
N GLU D 3688 -16.87 18.95 -79.88
CA GLU D 3688 -15.87 19.87 -79.37
C GLU D 3688 -16.56 21.11 -78.84
N GLU D 3689 -15.88 21.80 -77.91
CA GLU D 3689 -16.40 23.02 -77.29
C GLU D 3689 -17.77 22.77 -76.65
N VAL D 3690 -17.92 21.60 -76.01
CA VAL D 3690 -19.18 21.25 -75.38
C VAL D 3690 -19.45 22.15 -74.18
N GLU D 3691 -18.42 22.44 -73.38
CA GLU D 3691 -18.55 23.25 -72.17
C GLU D 3691 -19.58 22.69 -71.21
N GLU D 3692 -19.70 21.37 -71.16
CA GLU D 3692 -20.63 20.69 -70.27
C GLU D 3692 -20.16 19.27 -70.07
N LYS D 3693 -20.69 18.63 -69.02
CA LYS D 3693 -20.36 17.25 -68.70
C LYS D 3693 -21.24 16.33 -69.53
N LYS D 3694 -20.64 15.64 -70.49
CA LYS D 3694 -21.36 14.72 -71.37
C LYS D 3694 -20.74 13.33 -71.25
N PRO D 3695 -21.49 12.32 -70.81
CA PRO D 3695 -20.91 10.99 -70.63
C PRO D 3695 -20.49 10.35 -71.95
N ASP D 3696 -19.49 9.48 -71.84
CA ASP D 3696 -19.03 8.66 -72.96
C ASP D 3696 -20.03 7.52 -73.19
N PRO D 3697 -19.97 6.86 -74.35
CA PRO D 3697 -20.85 5.70 -74.56
C PRO D 3697 -20.71 4.63 -73.49
N LEU D 3698 -19.47 4.34 -73.07
CA LEU D 3698 -19.26 3.35 -72.02
C LEU D 3698 -19.87 3.81 -70.70
N HIS D 3699 -19.73 5.08 -70.36
CA HIS D 3699 -20.32 5.59 -69.13
C HIS D 3699 -21.84 5.52 -69.19
N GLN D 3700 -22.42 5.81 -70.35
CA GLN D 3700 -23.86 5.67 -70.52
C GLN D 3700 -24.31 4.23 -70.35
N LEU D 3701 -23.54 3.27 -70.90
CA LEU D 3701 -23.88 1.86 -70.73
C LEU D 3701 -23.83 1.45 -69.26
N VAL D 3702 -22.79 1.90 -68.54
CA VAL D 3702 -22.67 1.58 -67.13
C VAL D 3702 -23.84 2.17 -66.36
N LEU D 3703 -24.23 3.42 -66.69
CA LEU D 3703 -25.37 4.03 -66.04
C LEU D 3703 -26.67 3.27 -66.33
N HIS D 3704 -26.84 2.79 -67.56
CA HIS D 3704 -28.05 2.04 -67.89
C HIS D 3704 -28.12 0.74 -67.09
N PHE D 3705 -27.00 0.02 -66.99
CA PHE D 3705 -26.99 -1.19 -66.19
C PHE D 3705 -27.25 -0.90 -64.71
N SER D 3706 -26.67 0.19 -64.19
CA SER D 3706 -26.93 0.58 -62.81
C SER D 3706 -28.40 0.92 -62.58
N ARG D 3707 -29.03 1.61 -63.53
CA ARG D 3707 -30.45 1.92 -63.41
C ARG D 3707 -31.29 0.66 -63.43
N THR D 3708 -30.96 -0.29 -64.30
CA THR D 3708 -31.68 -1.56 -64.31
C THR D 3708 -31.52 -2.28 -62.97
N ALA D 3709 -30.33 -2.24 -62.39
CA ALA D 3709 -30.13 -2.81 -61.07
C ALA D 3709 -30.94 -2.11 -59.99
N LEU D 3710 -30.98 -0.77 -60.00
CA LEU D 3710 -31.72 -0.02 -58.99
C LEU D 3710 -33.23 -0.20 -59.09
N THR D 3711 -33.76 -0.43 -60.29
CA THR D 3711 -35.19 -0.70 -60.41
C THR D 3711 -35.57 -1.92 -59.58
N GLU D 3712 -36.59 -1.74 -58.75
CA GLU D 3712 -36.98 -2.75 -57.77
C GLU D 3712 -37.85 -3.82 -58.43
N LYS D 3713 -37.61 -5.07 -58.04
CA LYS D 3713 -38.40 -6.20 -58.53
C LYS D 3713 -38.54 -7.21 -57.40
N SER D 3714 -39.52 -8.10 -57.56
CA SER D 3714 -39.67 -9.21 -56.63
C SER D 3714 -38.51 -10.19 -56.75
N LYS D 3715 -38.00 -10.40 -57.95
CA LYS D 3715 -36.86 -11.28 -58.17
C LYS D 3715 -36.07 -10.77 -59.37
N LEU D 3716 -34.80 -11.15 -59.42
CA LEU D 3716 -33.91 -10.70 -60.48
C LEU D 3716 -34.11 -11.53 -61.73
N ASP D 3717 -34.09 -10.87 -62.89
CA ASP D 3717 -34.35 -11.51 -64.16
C ASP D 3717 -33.06 -12.05 -64.77
N GLU D 3718 -33.16 -12.50 -66.03
CA GLU D 3718 -31.99 -13.08 -66.70
C GLU D 3718 -31.07 -12.00 -67.26
N ASP D 3719 -31.58 -11.20 -68.21
CA ASP D 3719 -30.83 -10.10 -68.83
C ASP D 3719 -29.54 -10.62 -69.47
N TYR D 3720 -29.74 -11.41 -70.54
CA TYR D 3720 -28.62 -12.07 -71.20
C TYR D 3720 -27.60 -11.09 -71.76
N LEU D 3721 -28.01 -9.86 -72.07
CA LEU D 3721 -27.07 -8.88 -72.60
C LEU D 3721 -25.99 -8.54 -71.58
N TYR D 3722 -26.39 -8.34 -70.32
CA TYR D 3722 -25.42 -8.06 -69.27
C TYR D 3722 -24.45 -9.20 -69.09
N MET D 3723 -24.92 -10.43 -69.29
CA MET D 3723 -24.04 -11.60 -69.14
C MET D 3723 -22.87 -11.52 -70.11
N ALA D 3724 -23.11 -11.11 -71.35
CA ALA D 3724 -22.01 -10.95 -72.30
C ALA D 3724 -21.19 -9.71 -72.01
N TYR D 3725 -21.85 -8.59 -71.67
CA TYR D 3725 -21.12 -7.34 -71.50
C TYR D 3725 -20.22 -7.32 -70.28
N ALA D 3726 -20.65 -7.93 -69.17
CA ALA D 3726 -19.79 -8.01 -67.99
C ALA D 3726 -18.53 -8.82 -68.29
N ASP D 3727 -18.66 -9.94 -68.99
CA ASP D 3727 -17.49 -10.72 -69.39
C ASP D 3727 -16.59 -9.92 -70.32
N ILE D 3728 -17.19 -9.20 -71.27
CA ILE D 3728 -16.38 -8.41 -72.20
C ILE D 3728 -15.59 -7.35 -71.45
N MET D 3729 -16.23 -6.66 -70.51
CA MET D 3729 -15.51 -5.67 -69.71
C MET D 3729 -14.42 -6.30 -68.85
N ALA D 3730 -14.74 -7.41 -68.17
CA ALA D 3730 -13.81 -7.99 -67.21
C ALA D 3730 -12.57 -8.58 -67.88
N LYS D 3731 -12.75 -9.36 -68.94
CA LYS D 3731 -11.59 -10.05 -69.52
C LYS D 3731 -10.63 -9.08 -70.17
N SER D 3732 -11.09 -7.88 -70.53
CA SER D 3732 -10.19 -6.87 -71.09
C SER D 3732 -9.10 -6.49 -70.10
N CYS D 3733 -9.47 -6.18 -68.85
CA CYS D 3733 -8.47 -5.91 -67.83
C CYS D 3733 -7.80 -7.18 -67.33
N HIS D 3734 -8.51 -8.31 -67.35
CA HIS D 3734 -7.90 -9.57 -66.95
C HIS D 3734 -6.81 -10.03 -67.90
N LEU D 3735 -6.79 -9.53 -69.13
CA LEU D 3735 -5.72 -9.86 -70.06
C LEU D 3735 -4.37 -9.38 -69.54
N GLU D 3736 -4.32 -8.19 -68.95
CA GLU D 3736 -3.09 -7.70 -68.35
C GLU D 3736 -2.77 -8.40 -67.03
N GLU D 3737 -3.78 -8.91 -66.33
CA GLU D 3737 -3.54 -9.58 -65.06
C GLU D 3737 -2.74 -10.87 -65.27
N GLY D 3738 -3.07 -11.63 -66.30
CA GLY D 3738 -2.37 -12.87 -66.59
C GLY D 3738 -1.89 -12.96 -68.02
N GLY D 3739 -0.62 -13.34 -68.21
CA GLY D 3739 -0.05 -13.45 -69.53
C GLY D 3739 0.64 -12.19 -70.04
N GLU D 3740 0.56 -11.08 -69.29
CA GLU D 3740 1.26 -9.88 -69.71
C GLU D 3740 2.77 -10.06 -69.61
N GLU D 3747 10.43 -20.40 -67.75
CA GLU D 3747 10.89 -21.25 -66.65
C GLU D 3747 10.88 -20.47 -65.34
N GLU D 3748 12.02 -19.92 -64.97
CA GLU D 3748 12.15 -19.15 -63.74
C GLU D 3748 11.57 -17.75 -63.94
N VAL D 3749 11.80 -16.89 -62.94
CA VAL D 3749 11.31 -15.51 -63.03
C VAL D 3749 12.00 -14.78 -64.17
N GLU D 3750 13.33 -14.63 -64.08
CA GLU D 3750 14.19 -14.06 -65.10
C GLU D 3750 13.68 -12.72 -65.64
N VAL D 3751 12.89 -12.02 -64.84
CA VAL D 3751 12.39 -10.69 -65.19
C VAL D 3751 13.07 -9.67 -64.32
N SER D 3752 13.67 -8.65 -64.93
CA SER D 3752 14.39 -7.62 -64.19
C SER D 3752 13.40 -6.62 -63.61
N PHE D 3753 13.92 -5.57 -62.98
CA PHE D 3753 13.07 -4.63 -62.25
C PHE D 3753 12.20 -3.81 -63.19
N GLU D 3754 12.79 -3.29 -64.28
CA GLU D 3754 12.11 -2.29 -65.08
C GLU D 3754 10.84 -2.82 -65.72
N GLU D 3755 10.93 -3.93 -66.45
CA GLU D 3755 9.75 -4.46 -67.12
C GLU D 3755 8.79 -5.15 -66.17
N LYS D 3756 9.27 -5.70 -65.06
CA LYS D 3756 8.35 -6.21 -64.04
C LYS D 3756 7.50 -5.08 -63.49
N GLU D 3757 8.11 -3.94 -63.17
CA GLU D 3757 7.34 -2.80 -62.70
C GLU D 3757 6.42 -2.26 -63.79
N MET D 3758 6.89 -2.24 -65.04
CA MET D 3758 6.06 -1.78 -66.15
C MET D 3758 4.83 -2.65 -66.36
N GLU D 3759 4.95 -3.97 -66.17
CA GLU D 3759 3.79 -4.85 -66.26
C GLU D 3759 2.90 -4.76 -65.03
N LYS D 3760 3.49 -4.59 -63.84
CA LYS D 3760 2.69 -4.51 -62.62
C LYS D 3760 1.86 -3.24 -62.58
N GLN D 3761 2.46 -2.10 -62.93
CA GLN D 3761 1.78 -0.82 -62.92
C GLN D 3761 2.14 -0.08 -64.20
N ARG D 3762 1.29 0.87 -64.59
CA ARG D 3762 1.31 1.59 -65.86
C ARG D 3762 0.77 0.74 -67.01
N LEU D 3763 0.51 -0.54 -66.79
CA LEU D 3763 -0.27 -1.36 -67.71
C LEU D 3763 -1.55 -1.87 -67.09
N LEU D 3764 -1.70 -1.79 -65.77
CA LEU D 3764 -2.97 -2.05 -65.11
C LEU D 3764 -3.76 -0.77 -64.87
N TYR D 3765 -3.56 0.25 -65.70
CA TYR D 3765 -4.43 1.43 -65.67
C TYR D 3765 -5.80 1.14 -66.27
N GLN D 3766 -5.96 -0.01 -66.94
CA GLN D 3766 -7.23 -0.36 -67.55
C GLN D 3766 -8.35 -0.42 -66.51
N GLN D 3767 -8.04 -0.77 -65.27
CA GLN D 3767 -9.03 -0.70 -64.20
C GLN D 3767 -9.50 0.73 -63.98
N SER D 3768 -8.70 1.73 -64.37
CA SER D 3768 -9.14 3.11 -64.29
C SER D 3768 -9.89 3.54 -65.55
N ARG D 3769 -9.45 3.10 -66.71
CA ARG D 3769 -10.15 3.45 -67.95
C ARG D 3769 -11.50 2.77 -68.07
N LEU D 3770 -11.74 1.69 -67.32
CA LEU D 3770 -13.04 1.05 -67.29
C LEU D 3770 -13.95 1.67 -66.23
N HIS D 3771 -13.74 2.94 -65.93
CA HIS D 3771 -14.59 3.71 -65.02
C HIS D 3771 -14.59 3.07 -63.62
N THR D 3772 -13.42 3.16 -63.00
CA THR D 3772 -13.30 2.78 -61.59
C THR D 3772 -14.37 3.46 -60.75
N ARG D 3773 -14.64 4.74 -61.03
CA ARG D 3773 -15.73 5.44 -60.38
C ARG D 3773 -17.10 4.95 -60.86
N GLY D 3774 -17.16 4.32 -62.03
CA GLY D 3774 -18.43 3.90 -62.58
C GLY D 3774 -18.85 2.48 -62.24
N ALA D 3775 -17.96 1.51 -62.51
CA ALA D 3775 -18.31 0.11 -62.35
C ALA D 3775 -18.24 -0.37 -60.90
N ALA D 3776 -17.55 0.35 -60.03
CA ALA D 3776 -17.44 -0.08 -58.64
C ALA D 3776 -18.79 -0.13 -57.95
N GLU D 3777 -19.63 0.87 -58.16
CA GLU D 3777 -20.99 0.82 -57.61
C GLU D 3777 -21.90 -0.09 -58.41
N MET D 3778 -21.66 -0.22 -59.72
CA MET D 3778 -22.49 -1.09 -60.53
C MET D 3778 -22.37 -2.54 -60.10
N VAL D 3779 -21.16 -2.97 -59.71
CA VAL D 3779 -21.00 -4.31 -59.17
C VAL D 3779 -21.78 -4.47 -57.86
N LEU D 3780 -21.65 -3.48 -56.97
CA LEU D 3780 -22.28 -3.52 -55.62
C LEU D 3780 -23.80 -3.57 -55.76
N GLN D 3781 -24.37 -2.76 -56.65
CA GLN D 3781 -25.84 -2.70 -56.92
C GLN D 3781 -26.32 -4.04 -57.51
N MET D 3782 -25.54 -4.62 -58.43
CA MET D 3782 -25.86 -5.90 -59.12
C MET D 3782 -25.85 -7.06 -58.11
N ILE D 3783 -24.85 -7.10 -57.21
CA ILE D 3783 -24.72 -8.14 -56.20
C ILE D 3783 -25.88 -8.07 -55.21
N SER D 3784 -26.21 -6.86 -54.75
CA SER D 3784 -27.24 -6.72 -53.74
C SER D 3784 -28.64 -6.98 -54.28
N ALA D 3785 -28.84 -6.87 -55.59
CA ALA D 3785 -30.18 -7.08 -56.15
C ALA D 3785 -30.65 -8.52 -55.92
N CYS D 3786 -29.79 -9.50 -56.14
CA CYS D 3786 -30.13 -10.90 -55.89
C CYS D 3786 -29.98 -11.17 -54.40
N LYS D 3787 -31.03 -11.69 -53.78
CA LYS D 3787 -31.02 -11.86 -52.32
C LYS D 3787 -30.19 -13.06 -51.92
N GLY D 3788 -30.58 -14.24 -52.36
CA GLY D 3788 -29.85 -15.44 -51.98
C GLY D 3788 -29.65 -16.43 -53.11
N GLU D 3789 -30.32 -16.21 -54.22
CA GLU D 3789 -30.27 -17.14 -55.34
C GLU D 3789 -28.90 -17.05 -56.02
N THR D 3790 -28.29 -18.21 -56.24
CA THR D 3790 -26.98 -18.30 -56.88
C THR D 3790 -27.16 -18.72 -58.33
N GLY D 3791 -26.36 -18.14 -59.21
CA GLY D 3791 -26.46 -18.48 -60.62
C GLY D 3791 -25.40 -17.87 -61.51
N ALA D 3792 -25.59 -18.02 -62.82
CA ALA D 3792 -24.63 -17.51 -63.79
C ALA D 3792 -24.49 -16.00 -63.75
N MET D 3793 -25.58 -15.27 -63.50
CA MET D 3793 -25.50 -13.82 -63.41
C MET D 3793 -24.64 -13.39 -62.22
N VAL D 3794 -24.84 -14.05 -61.08
CA VAL D 3794 -24.01 -13.74 -59.91
C VAL D 3794 -22.55 -14.09 -60.17
N SER D 3795 -22.31 -15.23 -60.83
CA SER D 3795 -20.93 -15.60 -61.16
C SER D 3795 -20.29 -14.56 -62.08
N SER D 3796 -21.03 -14.10 -63.08
CA SER D 3796 -20.52 -13.08 -64.00
C SER D 3796 -20.22 -11.78 -63.29
N THR D 3797 -21.09 -11.36 -62.36
CA THR D 3797 -20.82 -10.14 -61.60
C THR D 3797 -19.58 -10.31 -60.72
N LEU D 3798 -19.43 -11.48 -60.09
CA LEU D 3798 -18.26 -11.70 -59.25
C LEU D 3798 -16.97 -11.72 -60.07
N LYS D 3799 -17.02 -12.22 -61.30
CA LYS D 3799 -15.84 -12.15 -62.16
C LYS D 3799 -15.38 -10.71 -62.36
N LEU D 3800 -16.31 -9.81 -62.70
CA LEU D 3800 -15.96 -8.41 -62.86
C LEU D 3800 -15.47 -7.80 -61.56
N GLY D 3801 -16.12 -8.14 -60.45
CA GLY D 3801 -15.69 -7.62 -59.16
C GLY D 3801 -14.28 -8.01 -58.80
N ILE D 3802 -13.89 -9.25 -59.10
CA ILE D 3802 -12.52 -9.68 -58.87
C ILE D 3802 -11.56 -8.99 -59.83
N SER D 3803 -11.94 -8.91 -61.11
CA SER D 3803 -11.02 -8.38 -62.11
C SER D 3803 -10.78 -6.88 -61.98
N ILE D 3804 -11.72 -6.14 -61.39
CA ILE D 3804 -11.53 -4.70 -61.24
C ILE D 3804 -10.37 -4.40 -60.29
N LEU D 3805 -10.34 -5.08 -59.14
CA LEU D 3805 -9.40 -4.73 -58.08
C LEU D 3805 -8.41 -5.85 -57.81
N ASN D 3806 -7.86 -6.42 -58.88
CA ASN D 3806 -6.95 -7.56 -58.76
C ASN D 3806 -5.71 -7.23 -57.97
N GLY D 3807 -5.08 -6.09 -58.25
CA GLY D 3807 -3.85 -5.71 -57.59
C GLY D 3807 -4.00 -5.09 -56.23
N GLY D 3808 -5.23 -4.84 -55.78
CA GLY D 3808 -5.50 -4.22 -54.50
C GLY D 3808 -6.22 -2.90 -54.64
N ASN D 3809 -5.74 -2.05 -55.56
CA ASN D 3809 -6.45 -0.87 -56.03
C ASN D 3809 -7.12 -0.09 -54.90
N ALA D 3810 -6.25 0.54 -54.09
CA ALA D 3810 -6.72 1.32 -52.95
C ALA D 3810 -7.77 2.34 -53.34
N GLU D 3811 -7.69 2.92 -54.55
CA GLU D 3811 -8.71 3.84 -55.00
C GLU D 3811 -10.07 3.13 -55.14
N VAL D 3812 -10.08 1.93 -55.71
CA VAL D 3812 -11.32 1.18 -55.85
C VAL D 3812 -11.86 0.81 -54.47
N GLN D 3813 -10.98 0.39 -53.55
CA GLN D 3813 -11.44 0.06 -52.21
C GLN D 3813 -12.07 1.27 -51.52
N GLN D 3814 -11.45 2.44 -51.66
CA GLN D 3814 -12.02 3.65 -51.08
C GLN D 3814 -13.37 4.00 -51.72
N LYS D 3815 -13.46 3.88 -53.05
CA LYS D 3815 -14.71 4.18 -53.74
C LYS D 3815 -15.83 3.23 -53.38
N MET D 3816 -15.51 1.99 -53.01
CA MET D 3816 -16.55 1.10 -52.52
C MET D 3816 -16.91 1.40 -51.07
N LEU D 3817 -15.92 1.61 -50.21
CA LEU D 3817 -16.19 1.82 -48.79
C LEU D 3817 -16.98 3.09 -48.53
N ASP D 3818 -16.56 4.22 -49.13
CA ASP D 3818 -17.27 5.46 -48.91
C ASP D 3818 -18.69 5.41 -49.46
N TYR D 3819 -18.87 4.77 -50.62
CA TYR D 3819 -20.21 4.61 -51.17
C TYR D 3819 -21.09 3.77 -50.24
N LEU D 3820 -20.55 2.67 -49.72
CA LEU D 3820 -21.33 1.84 -48.81
C LEU D 3820 -21.74 2.61 -47.56
N LYS D 3821 -20.79 3.36 -46.97
CA LYS D 3821 -21.12 4.14 -45.79
C LYS D 3821 -22.13 5.24 -46.10
N ASP D 3822 -22.02 5.88 -47.27
CA ASP D 3822 -22.97 6.93 -47.63
C ASP D 3822 -24.37 6.37 -47.83
N LYS D 3823 -24.50 5.27 -48.58
CA LYS D 3823 -25.81 4.68 -48.81
C LYS D 3823 -26.42 4.17 -47.51
N LYS D 3824 -25.62 3.51 -46.67
CA LYS D 3824 -26.07 3.00 -45.37
C LYS D 3824 -27.30 2.12 -45.52
N GLU D 3825 -27.35 1.35 -46.61
CA GLU D 3825 -28.48 0.48 -46.90
C GLU D 3825 -28.10 -0.95 -46.54
N VAL D 3826 -28.87 -1.56 -45.63
CA VAL D 3826 -28.62 -2.95 -45.26
C VAL D 3826 -29.12 -3.86 -46.37
N GLY D 3827 -28.51 -5.03 -46.49
CA GLY D 3827 -28.95 -6.01 -47.46
C GLY D 3827 -27.81 -6.67 -48.21
N PHE D 3828 -26.75 -5.92 -48.49
CA PHE D 3828 -25.60 -6.49 -49.20
C PHE D 3828 -24.91 -7.56 -48.36
N PHE D 3829 -24.67 -7.28 -47.09
CA PHE D 3829 -23.99 -8.24 -46.22
C PHE D 3829 -24.85 -9.47 -45.95
N GLN D 3830 -26.16 -9.28 -45.75
CA GLN D 3830 -27.02 -10.44 -45.57
C GLN D 3830 -27.17 -11.25 -46.85
N SER D 3831 -27.14 -10.60 -48.02
CA SER D 3831 -27.11 -11.35 -49.28
C SER D 3831 -25.83 -12.18 -49.38
N ILE D 3832 -24.69 -11.60 -48.99
CA ILE D 3832 -23.44 -12.36 -49.01
C ILE D 3832 -23.53 -13.55 -48.05
N GLN D 3833 -24.06 -13.33 -46.85
CA GLN D 3833 -24.18 -14.42 -45.89
C GLN D 3833 -25.09 -15.53 -46.40
N ALA D 3834 -26.24 -15.17 -46.97
CA ALA D 3834 -27.15 -16.18 -47.50
C ALA D 3834 -26.53 -16.91 -48.68
N LEU D 3835 -25.78 -16.21 -49.53
CA LEU D 3835 -25.11 -16.85 -50.65
C LEU D 3835 -24.04 -17.81 -50.19
N MET D 3836 -23.30 -17.46 -49.14
CA MET D 3836 -22.27 -18.35 -48.60
C MET D 3836 -22.87 -19.51 -47.82
N GLN D 3837 -24.09 -19.37 -47.32
CA GLN D 3837 -24.75 -20.49 -46.65
C GLN D 3837 -24.96 -21.65 -47.62
N THR D 3838 -25.36 -21.37 -48.85
CA THR D 3838 -25.67 -22.40 -49.84
C THR D 3838 -24.42 -22.76 -50.67
N CYS D 3839 -23.36 -23.13 -49.97
CA CYS D 3839 -22.11 -23.52 -50.58
C CYS D 3839 -21.94 -25.03 -50.46
N SER D 3840 -21.65 -25.67 -51.59
CA SER D 3840 -21.56 -27.13 -51.63
C SER D 3840 -20.30 -27.61 -50.92
N VAL D 3841 -20.42 -28.77 -50.28
CA VAL D 3841 -19.31 -29.40 -49.56
C VAL D 3841 -19.20 -30.83 -50.06
N LEU D 3842 -18.00 -31.41 -49.92
CA LEU D 3842 -17.73 -32.75 -50.42
C LEU D 3842 -18.71 -33.76 -49.82
N ASP D 3843 -19.30 -34.59 -50.67
CA ASP D 3843 -20.38 -35.49 -50.27
C ASP D 3843 -19.99 -36.94 -50.58
N LEU D 3844 -19.71 -37.71 -49.53
CA LEU D 3844 -19.32 -39.09 -49.70
C LEU D 3844 -20.46 -39.95 -50.23
N ASN D 3845 -21.70 -39.68 -49.81
CA ASN D 3845 -22.83 -40.45 -50.34
C ASN D 3845 -22.98 -40.25 -51.85
N ALA D 3846 -22.89 -38.99 -52.29
CA ALA D 3846 -22.96 -38.72 -53.73
C ALA D 3846 -21.77 -39.34 -54.47
N PHE D 3847 -20.59 -39.31 -53.87
CA PHE D 3847 -19.44 -39.96 -54.50
C PHE D 3847 -19.65 -41.46 -54.64
N GLU D 3848 -20.19 -42.10 -53.60
CA GLU D 3848 -20.49 -43.53 -53.68
C GLU D 3848 -21.54 -43.83 -54.74
N ARG D 3849 -22.58 -43.00 -54.84
CA ARG D 3849 -23.58 -43.18 -55.89
C ARG D 3849 -22.95 -43.04 -57.28
N GLN D 3850 -22.09 -42.04 -57.46
CA GLN D 3850 -21.44 -41.84 -58.75
C GLN D 3850 -20.54 -43.01 -59.11
N ASN D 3851 -19.85 -43.58 -58.12
CA ASN D 3851 -19.00 -44.74 -58.39
C ASN D 3851 -19.79 -45.91 -58.94
N LYS D 3852 -20.97 -46.18 -58.37
CA LYS D 3852 -21.78 -47.28 -58.86
C LYS D 3852 -22.44 -46.94 -60.20
N ALA D 3853 -22.80 -45.67 -60.39
CA ALA D 3853 -23.38 -45.25 -61.66
C ALA D 3853 -22.37 -45.33 -62.81
N GLU D 3854 -21.08 -45.15 -62.52
CA GLU D 3854 -20.06 -45.28 -63.54
C GLU D 3854 -19.80 -46.72 -63.95
N GLY D 3855 -20.37 -47.70 -63.23
CA GLY D 3855 -20.11 -49.10 -63.55
C GLY D 3855 -20.67 -49.53 -64.87
N LEU D 3856 -21.87 -49.05 -65.23
CA LEU D 3856 -22.52 -49.41 -66.48
C LEU D 3856 -22.30 -48.37 -67.58
N GLY D 3857 -21.16 -47.70 -67.56
CA GLY D 3857 -20.88 -46.70 -68.59
C GLY D 3857 -20.85 -47.28 -69.99
N MET D 3858 -20.31 -48.49 -70.14
CA MET D 3858 -20.30 -49.16 -71.44
C MET D 3858 -21.62 -49.93 -71.61
N VAL D 3859 -22.68 -49.17 -71.83
CA VAL D 3859 -24.02 -49.72 -71.98
C VAL D 3859 -24.15 -50.43 -73.32
N ASN D 3860 -25.21 -51.19 -73.50
CA ASN D 3860 -25.42 -51.96 -74.72
C ASN D 3860 -25.83 -51.03 -75.86
N GLU D 3861 -26.22 -51.62 -76.99
CA GLU D 3861 -26.59 -50.85 -78.17
C GLU D 3861 -27.81 -49.98 -77.86
N ASP D 3862 -27.78 -48.74 -78.33
CA ASP D 3862 -28.83 -47.74 -78.15
C ASP D 3862 -29.07 -47.38 -76.69
N GLY D 3863 -28.21 -47.83 -75.77
CA GLY D 3863 -28.36 -47.51 -74.37
C GLY D 3863 -27.24 -46.64 -73.84
N THR D 3864 -26.22 -46.39 -74.67
CA THR D 3864 -25.07 -45.59 -74.28
C THR D 3864 -24.98 -44.29 -75.08
N VAL D 3865 -26.12 -43.76 -75.50
CA VAL D 3865 -26.12 -42.52 -76.29
C VAL D 3865 -25.63 -41.35 -75.44
N ILE D 3866 -26.18 -41.20 -74.24
CA ILE D 3866 -25.80 -40.12 -73.34
C ILE D 3866 -25.54 -40.60 -71.92
N ASN D 3867 -25.72 -41.90 -71.64
CA ASN D 3867 -25.53 -42.41 -70.28
C ASN D 3867 -24.09 -42.25 -69.80
N ARG D 3868 -23.14 -42.07 -70.72
CA ARG D 3868 -21.76 -41.84 -70.32
C ARG D 3868 -21.54 -40.44 -69.75
N GLN D 3869 -22.52 -39.55 -69.89
CA GLN D 3869 -22.40 -38.18 -69.42
C GLN D 3869 -22.58 -38.16 -67.91
N ASN D 3870 -21.52 -38.53 -67.19
CA ASN D 3870 -21.51 -38.56 -65.73
C ASN D 3870 -20.19 -37.98 -65.21
N GLY D 3871 -19.81 -36.82 -65.76
CA GLY D 3871 -18.53 -36.21 -65.45
C GLY D 3871 -18.24 -35.96 -63.99
N GLU D 3872 -18.97 -35.03 -63.37
CA GLU D 3872 -18.70 -34.64 -61.98
C GLU D 3872 -19.97 -34.06 -61.39
N LYS D 3873 -20.53 -34.77 -60.40
CA LYS D 3873 -21.72 -34.31 -59.70
C LYS D 3873 -21.51 -34.10 -58.21
N VAL D 3874 -20.36 -34.52 -57.66
CA VAL D 3874 -20.13 -34.40 -56.22
C VAL D 3874 -19.94 -32.95 -55.82
N MET D 3875 -19.24 -32.16 -56.63
CA MET D 3875 -18.96 -30.77 -56.33
C MET D 3875 -19.10 -29.96 -57.61
N ALA D 3876 -20.10 -29.07 -57.65
CA ALA D 3876 -20.34 -28.23 -58.81
C ALA D 3876 -20.01 -26.76 -58.58
N ASP D 3877 -19.80 -26.35 -57.33
CA ASP D 3877 -19.48 -24.97 -57.00
C ASP D 3877 -18.00 -24.78 -56.67
N ASP D 3878 -17.14 -25.63 -57.21
CA ASP D 3878 -15.71 -25.48 -56.96
C ASP D 3878 -15.19 -24.17 -57.51
N GLU D 3879 -15.61 -23.81 -58.73
CA GLU D 3879 -15.13 -22.57 -59.34
C GLU D 3879 -15.91 -21.36 -58.85
N PHE D 3880 -16.97 -21.57 -58.07
CA PHE D 3880 -17.76 -20.44 -57.57
C PHE D 3880 -17.37 -20.08 -56.14
N THR D 3881 -17.21 -21.08 -55.27
CA THR D 3881 -16.78 -20.81 -53.90
C THR D 3881 -15.37 -20.20 -53.87
N GLN D 3882 -14.48 -20.72 -54.72
CA GLN D 3882 -13.14 -20.15 -54.82
C GLN D 3882 -13.21 -18.68 -55.21
N ASP D 3883 -14.02 -18.35 -56.20
CA ASP D 3883 -14.15 -16.95 -56.62
C ASP D 3883 -14.76 -16.08 -55.55
N LEU D 3884 -15.79 -16.56 -54.85
CA LEU D 3884 -16.40 -15.76 -53.80
C LEU D 3884 -15.39 -15.47 -52.68
N PHE D 3885 -14.67 -16.48 -52.23
CA PHE D 3885 -13.70 -16.25 -51.17
C PHE D 3885 -12.50 -15.45 -51.64
N ARG D 3886 -12.09 -15.59 -52.90
CA ARG D 3886 -11.05 -14.73 -53.44
C ARG D 3886 -11.47 -13.28 -53.44
N PHE D 3887 -12.73 -13.01 -53.83
CA PHE D 3887 -13.23 -11.64 -53.80
C PHE D 3887 -13.28 -11.11 -52.37
N LEU D 3888 -13.73 -11.92 -51.42
CA LEU D 3888 -13.78 -11.48 -50.03
C LEU D 3888 -12.38 -11.17 -49.49
N GLN D 3889 -11.41 -12.02 -49.82
CA GLN D 3889 -10.02 -11.75 -49.42
C GLN D 3889 -9.50 -10.48 -50.07
N LEU D 3890 -9.76 -10.30 -51.37
CA LEU D 3890 -9.11 -9.25 -52.13
C LEU D 3890 -9.77 -7.89 -51.90
N LEU D 3891 -10.96 -7.86 -51.31
CA LEU D 3891 -11.56 -6.58 -50.91
C LEU D 3891 -10.69 -5.83 -49.90
N CYS D 3892 -9.86 -6.53 -49.14
CA CYS D 3892 -8.96 -5.92 -48.16
C CYS D 3892 -7.55 -6.47 -48.33
N GLU D 3893 -7.08 -6.52 -49.58
CA GLU D 3893 -5.74 -7.03 -49.85
C GLU D 3893 -4.68 -6.16 -49.19
N GLY D 3894 -4.73 -4.86 -49.46
CA GLY D 3894 -3.81 -3.93 -48.81
C GLY D 3894 -4.22 -3.69 -47.37
N HIS D 3895 -3.22 -3.50 -46.52
CA HIS D 3895 -3.47 -3.24 -45.10
C HIS D 3895 -4.03 -1.83 -44.94
N ASN D 3896 -5.35 -1.73 -44.81
CA ASN D 3896 -6.02 -0.45 -44.71
C ASN D 3896 -6.71 -0.21 -43.37
N ASN D 3897 -7.05 -1.26 -42.63
CA ASN D 3897 -7.55 -1.16 -41.26
C ASN D 3897 -8.91 -0.47 -41.18
N ASP D 3898 -9.46 -0.05 -42.31
CA ASP D 3898 -10.80 0.51 -42.30
C ASP D 3898 -11.83 -0.54 -42.69
N PHE D 3899 -11.67 -1.15 -43.85
CA PHE D 3899 -12.63 -2.15 -44.31
C PHE D 3899 -12.56 -3.42 -43.46
N GLN D 3900 -11.37 -3.74 -42.93
CA GLN D 3900 -11.24 -4.89 -42.04
C GLN D 3900 -12.09 -4.71 -40.79
N ASN D 3901 -12.07 -3.53 -40.18
CA ASN D 3901 -12.92 -3.25 -39.04
C ASN D 3901 -14.39 -3.13 -39.43
N TYR D 3902 -14.67 -2.61 -40.63
CA TYR D 3902 -16.05 -2.52 -41.09
C TYR D 3902 -16.68 -3.90 -41.27
N LEU D 3903 -15.90 -4.89 -41.71
CA LEU D 3903 -16.45 -6.23 -41.90
C LEU D 3903 -16.93 -6.84 -40.60
N ARG D 3904 -16.19 -6.65 -39.51
CA ARG D 3904 -16.54 -7.28 -38.23
C ARG D 3904 -17.87 -6.74 -37.72
N THR D 3905 -18.07 -5.42 -37.79
CA THR D 3905 -19.31 -4.81 -37.31
C THR D 3905 -19.56 -3.52 -38.08
N GLN D 3906 -20.84 -3.20 -38.24
CA GLN D 3906 -21.27 -2.03 -39.00
C GLN D 3906 -22.06 -1.12 -38.07
N THR D 3907 -21.50 0.06 -37.77
CA THR D 3907 -22.16 0.97 -36.86
C THR D 3907 -23.36 1.66 -37.50
N GLY D 3908 -23.23 2.07 -38.76
CA GLY D 3908 -24.30 2.80 -39.40
C GLY D 3908 -25.55 1.96 -39.62
N ASN D 3909 -25.36 0.71 -40.04
CA ASN D 3909 -26.50 -0.17 -40.31
C ASN D 3909 -27.20 -0.58 -39.02
N THR D 3910 -28.46 -0.95 -39.16
CA THR D 3910 -29.25 -1.36 -37.99
C THR D 3910 -28.78 -2.71 -37.45
N THR D 3911 -28.35 -3.60 -38.33
CA THR D 3911 -27.95 -4.95 -37.93
C THR D 3911 -26.56 -5.25 -38.47
N THR D 3912 -25.85 -6.13 -37.76
CA THR D 3912 -24.49 -6.52 -38.10
C THR D 3912 -24.49 -7.99 -38.53
N ILE D 3913 -23.51 -8.35 -39.36
CA ILE D 3913 -23.47 -9.70 -39.92
C ILE D 3913 -22.30 -10.51 -39.37
N ASN D 3914 -21.13 -9.87 -39.19
CA ASN D 3914 -19.94 -10.52 -38.65
C ASN D 3914 -19.51 -11.70 -39.54
N ILE D 3915 -19.07 -11.33 -40.75
CA ILE D 3915 -18.69 -12.30 -41.77
C ILE D 3915 -17.53 -13.19 -41.31
N ILE D 3916 -16.72 -12.68 -40.39
CA ILE D 3916 -15.57 -13.46 -39.91
C ILE D 3916 -16.02 -14.75 -39.25
N ILE D 3917 -17.07 -14.68 -38.42
CA ILE D 3917 -17.59 -15.89 -37.78
C ILE D 3917 -18.16 -16.85 -38.82
N CYS D 3918 -18.87 -16.34 -39.82
CA CYS D 3918 -19.40 -17.20 -40.86
C CYS D 3918 -18.31 -17.91 -41.65
N THR D 3919 -17.17 -17.25 -41.86
CA THR D 3919 -16.07 -17.90 -42.58
C THR D 3919 -15.56 -19.12 -41.83
N VAL D 3920 -15.30 -18.98 -40.52
CA VAL D 3920 -14.83 -20.13 -39.75
C VAL D 3920 -15.94 -21.17 -39.62
N ASP D 3921 -17.20 -20.74 -39.61
CA ASP D 3921 -18.30 -21.69 -39.60
C ASP D 3921 -18.30 -22.57 -40.85
N TYR D 3922 -18.05 -21.97 -42.02
CA TYR D 3922 -17.94 -22.77 -43.24
C TYR D 3922 -16.69 -23.64 -43.22
N LEU D 3923 -15.58 -23.13 -42.69
CA LEU D 3923 -14.36 -23.91 -42.62
C LEU D 3923 -14.54 -25.16 -41.76
N LEU D 3924 -15.27 -25.05 -40.65
CA LEU D 3924 -15.54 -26.22 -39.82
C LEU D 3924 -16.35 -27.27 -40.58
N ARG D 3925 -17.36 -26.85 -41.35
CA ARG D 3925 -18.13 -27.80 -42.14
C ARG D 3925 -17.25 -28.49 -43.18
N LEU D 3926 -16.36 -27.75 -43.82
CA LEU D 3926 -15.43 -28.39 -44.77
C LEU D 3926 -14.51 -29.39 -44.07
N GLN D 3927 -14.00 -29.03 -42.88
CA GLN D 3927 -13.10 -29.91 -42.15
C GLN D 3927 -13.79 -31.21 -41.76
N GLU D 3928 -15.04 -31.13 -41.30
CA GLU D 3928 -15.77 -32.33 -40.95
C GLU D 3928 -15.94 -33.26 -42.14
N SER D 3929 -16.27 -32.71 -43.31
CA SER D 3929 -16.41 -33.53 -44.50
C SER D 3929 -15.10 -34.17 -44.91
N ILE D 3930 -13.99 -33.43 -44.84
CA ILE D 3930 -12.69 -34.03 -45.19
C ILE D 3930 -12.35 -35.16 -44.23
N SER D 3931 -12.57 -34.95 -42.93
CA SER D 3931 -12.28 -35.98 -41.95
C SER D 3931 -13.14 -37.22 -42.18
N ASP D 3932 -14.42 -37.03 -42.50
CA ASP D 3932 -15.28 -38.18 -42.80
C ASP D 3932 -14.82 -38.90 -44.06
N PHE D 3933 -14.39 -38.15 -45.08
CA PHE D 3933 -13.93 -38.78 -46.31
C PHE D 3933 -12.66 -39.58 -46.09
N TYR D 3934 -11.79 -39.14 -45.17
CA TYR D 3934 -10.55 -39.87 -44.95
C TYR D 3934 -10.80 -41.28 -44.44
N TRP D 3935 -11.75 -41.45 -43.52
CA TRP D 3935 -12.02 -42.77 -42.94
C TRP D 3935 -12.49 -43.77 -43.99
N TYR D 3936 -13.15 -43.30 -45.06
CA TYR D 3936 -13.62 -44.22 -46.09
C TYR D 3936 -12.47 -44.91 -46.79
N TYR D 3937 -11.39 -44.19 -47.10
CA TYR D 3937 -10.22 -44.76 -47.74
C TYR D 3937 -9.15 -45.20 -46.74
N SER D 3938 -9.41 -45.02 -45.44
CA SER D 3938 -8.45 -45.48 -44.43
C SER D 3938 -8.14 -46.96 -44.58
N GLY D 3939 -9.14 -47.78 -44.88
CA GLY D 3939 -8.91 -49.20 -44.98
C GLY D 3939 -8.24 -49.64 -46.27
N LYS D 3940 -8.47 -48.91 -47.36
CA LYS D 3940 -7.94 -49.31 -48.66
C LYS D 3940 -6.43 -49.08 -48.71
N ASP D 3941 -5.72 -50.02 -49.34
CA ASP D 3941 -4.28 -49.91 -49.45
C ASP D 3941 -3.86 -48.81 -50.40
N VAL D 3942 -4.47 -48.75 -51.59
CA VAL D 3942 -4.10 -47.81 -52.63
C VAL D 3942 -5.34 -47.06 -53.08
N ILE D 3943 -5.21 -45.74 -53.18
CA ILE D 3943 -6.31 -44.88 -53.61
C ILE D 3943 -6.35 -44.83 -55.12
N GLU D 3944 -7.55 -44.99 -55.70
CA GLU D 3944 -7.70 -45.00 -57.14
C GLU D 3944 -7.54 -43.60 -57.71
N GLU D 3945 -7.38 -43.53 -59.03
CA GLU D 3945 -7.23 -42.25 -59.72
C GLU D 3945 -8.48 -41.38 -59.57
N GLN D 3946 -9.67 -41.99 -59.67
CA GLN D 3946 -10.90 -41.23 -59.49
C GLN D 3946 -11.00 -40.66 -58.09
N GLY D 3947 -10.58 -41.42 -57.07
CA GLY D 3947 -10.55 -40.89 -55.73
C GLY D 3947 -9.55 -39.78 -55.55
N LYS D 3948 -8.36 -39.94 -56.14
CA LYS D 3948 -7.32 -38.92 -56.00
C LYS D 3948 -7.72 -37.61 -56.66
N ARG D 3949 -8.27 -37.67 -57.86
CA ARG D 3949 -8.66 -36.44 -58.56
C ARG D 3949 -9.79 -35.73 -57.81
N ASN D 3950 -10.74 -36.47 -57.26
CA ASN D 3950 -11.77 -35.87 -56.43
C ASN D 3950 -11.19 -35.27 -55.16
N PHE D 3951 -10.25 -35.95 -54.51
CA PHE D 3951 -9.72 -35.48 -53.24
C PHE D 3951 -8.83 -34.26 -53.42
N SER D 3952 -8.23 -34.10 -54.59
CA SER D 3952 -7.41 -32.93 -54.85
C SER D 3952 -8.23 -31.65 -55.02
N LYS D 3953 -9.54 -31.77 -55.24
CA LYS D 3953 -10.36 -30.58 -55.45
C LYS D 3953 -10.61 -29.83 -54.15
N ALA D 3954 -10.78 -30.55 -53.04
CA ALA D 3954 -11.04 -29.88 -51.76
C ALA D 3954 -9.82 -29.15 -51.22
N MET D 3955 -8.62 -29.58 -51.59
CA MET D 3955 -7.42 -28.90 -51.11
C MET D 3955 -7.37 -27.46 -51.60
N SER D 3956 -7.75 -27.22 -52.86
CA SER D 3956 -7.74 -25.85 -53.38
C SER D 3956 -8.69 -24.95 -52.60
N VAL D 3957 -9.90 -25.43 -52.30
CA VAL D 3957 -10.85 -24.63 -51.54
C VAL D 3957 -10.35 -24.39 -50.13
N ALA D 3958 -9.79 -25.41 -49.48
CA ALA D 3958 -9.26 -25.23 -48.14
C ALA D 3958 -8.11 -24.24 -48.12
N LYS D 3959 -7.21 -24.32 -49.10
CA LYS D 3959 -6.10 -23.38 -49.19
C LYS D 3959 -6.62 -21.96 -49.42
N GLN D 3960 -7.65 -21.80 -50.24
CA GLN D 3960 -8.22 -20.48 -50.45
C GLN D 3960 -8.84 -19.93 -49.17
N VAL D 3961 -9.53 -20.76 -48.40
CA VAL D 3961 -10.13 -20.30 -47.16
C VAL D 3961 -9.04 -19.88 -46.16
N PHE D 3962 -7.99 -20.71 -46.02
CA PHE D 3962 -6.88 -20.32 -45.16
C PHE D 3962 -6.23 -19.02 -45.62
N ASN D 3963 -5.99 -18.89 -46.92
CA ASN D 3963 -5.32 -17.69 -47.43
C ASN D 3963 -6.19 -16.45 -47.25
N SER D 3964 -7.51 -16.61 -47.30
CA SER D 3964 -8.41 -15.49 -47.03
C SER D 3964 -8.45 -15.13 -45.55
N LEU D 3965 -8.35 -16.13 -44.67
CA LEU D 3965 -8.40 -15.85 -43.23
C LEU D 3965 -7.20 -15.07 -42.73
N THR D 3966 -6.05 -15.19 -43.39
CA THR D 3966 -4.87 -14.46 -42.92
C THR D 3966 -4.99 -12.97 -43.21
N GLU D 3967 -5.76 -12.59 -44.22
CA GLU D 3967 -5.84 -11.17 -44.58
C GLU D 3967 -6.70 -10.37 -43.62
N TYR D 3968 -7.56 -11.02 -42.84
CA TYR D 3968 -8.29 -10.31 -41.79
C TYR D 3968 -7.38 -10.02 -40.60
N ILE D 3969 -6.36 -10.84 -40.40
CA ILE D 3969 -5.52 -10.71 -39.23
C ILE D 3969 -4.30 -9.83 -39.52
N GLN D 3970 -3.68 -10.02 -40.67
CA GLN D 3970 -2.47 -9.27 -41.01
C GLN D 3970 -2.80 -7.78 -41.10
N GLY D 3971 -1.77 -6.96 -40.87
CA GLY D 3971 -1.98 -5.55 -40.64
C GLY D 3971 -2.64 -5.40 -39.29
N PRO D 3972 -1.86 -5.66 -38.22
CA PRO D 3972 -2.44 -6.00 -36.91
C PRO D 3972 -3.58 -5.10 -36.46
N CYS D 3973 -4.76 -5.70 -36.33
CA CYS D 3973 -5.94 -5.04 -35.78
C CYS D 3973 -6.45 -5.89 -34.63
N THR D 3974 -6.61 -5.26 -33.46
CA THR D 3974 -6.94 -6.03 -32.26
C THR D 3974 -8.35 -6.61 -32.30
N GLY D 3975 -9.29 -5.88 -32.90
CA GLY D 3975 -10.67 -6.34 -32.90
C GLY D 3975 -10.86 -7.67 -33.59
N ASN D 3976 -10.32 -7.82 -34.81
CA ASN D 3976 -10.46 -9.07 -35.53
C ASN D 3976 -9.70 -10.20 -34.84
N GLN D 3977 -8.51 -9.92 -34.30
CA GLN D 3977 -7.77 -10.94 -33.58
C GLN D 3977 -8.54 -11.46 -32.39
N GLN D 3978 -9.12 -10.56 -31.59
CA GLN D 3978 -9.90 -11.00 -30.43
C GLN D 3978 -11.17 -11.72 -30.84
N SER D 3979 -11.87 -11.23 -31.87
CA SER D 3979 -13.09 -11.88 -32.33
C SER D 3979 -12.81 -13.29 -32.83
N LEU D 3980 -11.72 -13.48 -33.57
CA LEU D 3980 -11.37 -14.80 -34.06
C LEU D 3980 -10.83 -15.70 -32.95
N ALA D 3981 -10.16 -15.14 -31.94
CA ALA D 3981 -9.71 -15.95 -30.82
C ALA D 3981 -10.86 -16.41 -29.94
N HIS D 3982 -11.91 -15.61 -29.80
CA HIS D 3982 -13.09 -16.04 -29.06
C HIS D 3982 -13.94 -17.05 -29.82
N SER D 3983 -13.65 -17.29 -31.10
CA SER D 3983 -14.40 -18.25 -31.88
C SER D 3983 -13.81 -19.66 -31.72
N ARG D 3984 -14.48 -20.63 -32.32
CA ARG D 3984 -14.07 -22.03 -32.23
C ARG D 3984 -13.19 -22.44 -33.41
N LEU D 3985 -12.11 -21.69 -33.63
CA LEU D 3985 -11.18 -22.04 -34.70
C LEU D 3985 -10.31 -23.23 -34.31
N TRP D 3986 -9.92 -23.31 -33.04
CA TRP D 3986 -9.01 -24.37 -32.62
C TRP D 3986 -9.65 -25.74 -32.73
N ASP D 3987 -10.98 -25.82 -32.63
CA ASP D 3987 -11.66 -27.08 -32.88
C ASP D 3987 -11.44 -27.55 -34.31
N ALA D 3988 -11.49 -26.65 -35.28
CA ALA D 3988 -11.19 -27.01 -36.67
C ALA D 3988 -9.70 -27.30 -36.86
N VAL D 3989 -8.84 -26.57 -36.15
CA VAL D 3989 -7.40 -26.78 -36.28
C VAL D 3989 -7.01 -28.18 -35.78
N VAL D 3990 -7.59 -28.62 -34.66
CA VAL D 3990 -7.29 -29.95 -34.16
C VAL D 3990 -7.71 -31.02 -35.16
N GLY D 3991 -8.90 -30.87 -35.73
CA GLY D 3991 -9.35 -31.82 -36.75
C GLY D 3991 -8.47 -31.84 -37.97
N PHE D 3992 -8.01 -30.66 -38.41
CA PHE D 3992 -7.09 -30.61 -39.54
C PHE D 3992 -5.76 -31.27 -39.22
N LEU D 3993 -5.25 -31.07 -38.00
CA LEU D 3993 -4.01 -31.73 -37.61
C LEU D 3993 -4.18 -33.25 -37.58
N HIS D 3994 -5.34 -33.72 -37.14
CA HIS D 3994 -5.56 -35.17 -37.07
C HIS D 3994 -5.48 -35.81 -38.46
N VAL D 3995 -6.11 -35.19 -39.45
CA VAL D 3995 -6.03 -35.76 -40.80
C VAL D 3995 -4.64 -35.53 -41.40
N PHE D 3996 -3.99 -34.41 -41.09
CA PHE D 3996 -2.66 -34.16 -41.64
C PHE D 3996 -1.65 -35.19 -41.15
N ALA D 3997 -1.73 -35.58 -39.88
CA ALA D 3997 -0.78 -36.55 -39.33
C ALA D 3997 -0.92 -37.91 -39.99
N HIS D 3998 -2.15 -38.35 -40.26
CA HIS D 3998 -2.35 -39.72 -40.74
C HIS D 3998 -2.29 -39.82 -42.25
N MET D 3999 -2.93 -38.88 -42.97
CA MET D 3999 -2.98 -38.96 -44.42
C MET D 3999 -1.59 -38.82 -45.03
N MET D 4000 -0.78 -37.90 -44.50
CA MET D 4000 0.59 -37.73 -44.98
C MET D 4000 1.40 -39.00 -44.76
N MET D 4001 1.25 -39.62 -43.59
CA MET D 4001 1.99 -40.85 -43.31
C MET D 4001 1.56 -41.97 -44.24
N LYS D 4002 0.26 -42.06 -44.55
CA LYS D 4002 -0.24 -43.10 -45.43
C LYS D 4002 0.18 -42.89 -46.87
N LEU D 4003 0.28 -41.63 -47.31
CA LEU D 4003 0.59 -41.34 -48.70
C LEU D 4003 2.05 -41.66 -49.05
N ALA D 4004 2.95 -41.59 -48.08
CA ALA D 4004 4.37 -41.72 -48.37
C ALA D 4004 4.78 -43.16 -48.72
N GLN D 4005 3.94 -44.14 -48.42
CA GLN D 4005 4.33 -45.54 -48.66
C GLN D 4005 4.38 -45.86 -50.15
N ASP D 4006 3.47 -45.31 -50.93
CA ASP D 4006 3.42 -45.58 -52.36
C ASP D 4006 4.05 -44.45 -53.15
N SER D 4007 4.77 -44.81 -54.22
CA SER D 4007 5.47 -43.83 -55.04
C SER D 4007 4.61 -43.24 -56.14
N SER D 4008 3.44 -43.82 -56.41
CA SER D 4008 2.59 -43.31 -57.48
C SER D 4008 1.84 -42.05 -57.09
N GLN D 4009 1.54 -41.88 -55.79
CA GLN D 4009 0.74 -40.77 -55.30
C GLN D 4009 1.58 -39.65 -54.69
N ILE D 4010 2.76 -39.37 -55.26
CA ILE D 4010 3.63 -38.36 -54.70
C ILE D 4010 3.03 -36.96 -54.85
N GLU D 4011 2.28 -36.71 -55.93
CA GLU D 4011 1.72 -35.39 -56.17
C GLU D 4011 0.72 -34.99 -55.09
N LEU D 4012 -0.11 -35.93 -54.65
CA LEU D 4012 -1.07 -35.61 -53.60
C LEU D 4012 -0.36 -35.24 -52.30
N LEU D 4013 0.71 -35.95 -51.95
CA LEU D 4013 1.49 -35.59 -50.77
C LEU D 4013 2.13 -34.21 -50.93
N LYS D 4014 2.64 -33.92 -52.13
CA LYS D 4014 3.25 -32.62 -52.37
C LYS D 4014 2.25 -31.49 -52.20
N GLU D 4015 1.02 -31.67 -52.69
CA GLU D 4015 -0.01 -30.66 -52.50
C GLU D 4015 -0.46 -30.56 -51.05
N LEU D 4016 -0.53 -31.70 -50.35
CA LEU D 4016 -0.93 -31.69 -48.95
C LEU D 4016 0.07 -30.91 -48.10
N LEU D 4017 1.37 -31.08 -48.37
CA LEU D 4017 2.38 -30.29 -47.68
C LEU D 4017 2.24 -28.80 -47.96
N ASP D 4018 1.93 -28.43 -49.21
CA ASP D 4018 1.70 -27.02 -49.52
C ASP D 4018 0.53 -26.46 -48.76
N LEU D 4019 -0.56 -27.23 -48.63
CA LEU D 4019 -1.70 -26.79 -47.83
C LEU D 4019 -1.30 -26.62 -46.36
N GLN D 4020 -0.53 -27.57 -45.82
CA GLN D 4020 -0.10 -27.47 -44.44
C GLN D 4020 0.78 -26.25 -44.21
N LYS D 4021 1.58 -25.88 -45.20
CA LYS D 4021 2.39 -24.66 -45.07
C LYS D 4021 1.52 -23.43 -44.88
N ASP D 4022 0.45 -23.32 -45.68
CA ASP D 4022 -0.48 -22.21 -45.52
C ASP D 4022 -1.20 -22.25 -44.19
N MET D 4023 -1.56 -23.44 -43.71
CA MET D 4023 -2.16 -23.53 -42.38
C MET D 4023 -1.21 -23.03 -41.29
N VAL D 4024 0.06 -23.42 -41.38
CA VAL D 4024 1.04 -22.97 -40.38
C VAL D 4024 1.26 -21.47 -40.46
N VAL D 4025 1.27 -20.92 -41.68
CA VAL D 4025 1.39 -19.47 -41.83
C VAL D 4025 0.21 -18.75 -41.20
N MET D 4026 -1.00 -19.27 -41.42
CA MET D 4026 -2.18 -18.67 -40.80
C MET D 4026 -2.08 -18.73 -39.28
N LEU D 4027 -1.61 -19.85 -38.74
CA LEU D 4027 -1.41 -19.93 -37.29
C LEU D 4027 -0.39 -18.91 -36.80
N LEU D 4028 0.72 -18.75 -37.53
CA LEU D 4028 1.74 -17.78 -37.16
C LEU D 4028 1.23 -16.36 -37.19
N SER D 4029 0.32 -16.04 -38.10
CA SER D 4029 -0.19 -14.68 -38.22
C SER D 4029 -1.03 -14.25 -37.02
N LEU D 4030 -1.39 -15.18 -36.14
CA LEU D 4030 -2.23 -14.82 -34.99
C LEU D 4030 -1.45 -14.05 -33.93
N LEU D 4031 -0.17 -14.36 -33.75
CA LEU D 4031 0.60 -13.78 -32.64
C LEU D 4031 0.80 -12.28 -32.83
N GLU D 4032 1.51 -11.88 -33.89
CA GLU D 4032 1.74 -10.48 -34.22
C GLU D 4032 2.27 -9.68 -33.02
N GLY D 4033 3.39 -10.17 -32.47
CA GLY D 4033 4.09 -9.42 -31.44
C GLY D 4033 3.31 -9.20 -30.16
N ASN D 4034 2.69 -10.25 -29.64
CA ASN D 4034 2.01 -10.12 -28.35
C ASN D 4034 3.03 -10.03 -27.23
N VAL D 4035 2.55 -9.63 -26.05
CA VAL D 4035 3.38 -9.54 -24.86
C VAL D 4035 3.76 -10.94 -24.41
N VAL D 4036 4.67 -11.04 -23.43
CA VAL D 4036 5.18 -12.34 -23.02
C VAL D 4036 4.06 -13.27 -22.57
N ASN D 4037 3.00 -12.73 -21.96
CA ASN D 4037 1.81 -13.51 -21.59
C ASN D 4037 0.60 -12.76 -22.13
N GLY D 4038 0.26 -13.01 -23.39
CA GLY D 4038 -0.78 -12.26 -24.05
C GLY D 4038 -2.07 -13.02 -24.30
N MET D 4039 -2.29 -14.08 -23.51
CA MET D 4039 -3.50 -14.89 -23.51
C MET D 4039 -3.85 -15.45 -24.89
N ILE D 4040 -2.93 -15.30 -25.85
CA ILE D 4040 -3.05 -15.97 -27.13
C ILE D 4040 -2.04 -17.10 -27.25
N ALA D 4041 -0.79 -16.85 -26.85
CA ALA D 4041 0.20 -17.91 -26.80
C ALA D 4041 -0.18 -19.01 -25.83
N ARG D 4042 -0.78 -18.67 -24.68
CA ARG D 4042 -1.23 -19.69 -23.76
C ARG D 4042 -2.33 -20.55 -24.36
N GLN D 4043 -3.28 -19.94 -25.07
CA GLN D 4043 -4.32 -20.73 -25.74
C GLN D 4043 -3.73 -21.62 -26.83
N MET D 4044 -2.75 -21.10 -27.58
CA MET D 4044 -2.09 -21.93 -28.58
C MET D 4044 -1.35 -23.11 -27.95
N VAL D 4045 -0.68 -22.88 -26.82
CA VAL D 4045 0.00 -23.97 -26.13
C VAL D 4045 -1.02 -24.98 -25.62
N ASP D 4046 -2.18 -24.51 -25.14
CA ASP D 4046 -3.23 -25.42 -24.72
C ASP D 4046 -3.72 -26.28 -25.88
N MET D 4047 -3.92 -25.68 -27.05
CA MET D 4047 -4.33 -26.46 -28.21
C MET D 4047 -3.26 -27.47 -28.60
N LEU D 4048 -1.99 -27.07 -28.55
CA LEU D 4048 -0.91 -28.00 -28.90
C LEU D 4048 -0.85 -29.17 -27.94
N VAL D 4049 -0.96 -28.92 -26.63
CA VAL D 4049 -0.94 -30.02 -25.67
C VAL D 4049 -2.20 -30.87 -25.77
N GLU D 4050 -3.33 -30.28 -26.19
CA GLU D 4050 -4.54 -31.07 -26.42
C GLU D 4050 -4.35 -32.02 -27.60
N SER D 4051 -3.73 -31.56 -28.67
CA SER D 4051 -3.48 -32.38 -29.85
C SER D 4051 -2.04 -32.86 -29.91
N SER D 4052 -1.43 -33.10 -28.74
CA SER D 4052 -0.04 -33.51 -28.69
C SER D 4052 0.19 -34.87 -29.33
N SER D 4053 -0.85 -35.68 -29.48
CA SER D 4053 -0.68 -37.01 -30.06
C SER D 4053 -0.24 -36.92 -31.52
N ASN D 4054 -0.81 -35.99 -32.28
CA ASN D 4054 -0.51 -35.91 -33.71
C ASN D 4054 0.76 -35.11 -33.98
N VAL D 4055 1.06 -34.13 -33.12
CA VAL D 4055 2.25 -33.31 -33.32
C VAL D 4055 3.51 -34.15 -33.21
N GLU D 4056 3.53 -35.12 -32.29
CA GLU D 4056 4.68 -36.01 -32.18
C GLU D 4056 4.90 -36.78 -33.47
N MET D 4057 3.84 -37.32 -34.06
CA MET D 4057 3.96 -38.03 -35.32
C MET D 4057 4.43 -37.11 -36.44
N ILE D 4058 3.91 -35.89 -36.50
CA ILE D 4058 4.32 -34.95 -37.54
C ILE D 4058 5.80 -34.63 -37.43
N LEU D 4059 6.28 -34.37 -36.22
CA LEU D 4059 7.71 -34.08 -36.04
C LEU D 4059 8.56 -35.30 -36.34
N LYS D 4060 8.10 -36.50 -35.95
CA LYS D 4060 8.87 -37.70 -36.23
C LYS D 4060 9.00 -37.95 -37.72
N PHE D 4061 7.97 -37.64 -38.50
CA PHE D 4061 8.05 -37.86 -39.95
C PHE D 4061 9.19 -37.05 -40.55
N PHE D 4062 9.33 -35.78 -40.16
CA PHE D 4062 10.44 -34.99 -40.67
C PHE D 4062 11.78 -35.44 -40.11
N ASP D 4063 11.81 -35.79 -38.82
CA ASP D 4063 13.07 -36.21 -38.19
C ASP D 4063 13.65 -37.44 -38.85
N MET D 4064 12.81 -38.44 -39.14
CA MET D 4064 13.29 -39.68 -39.74
C MET D 4064 13.99 -39.42 -41.07
N PHE D 4065 13.35 -38.67 -41.96
CA PHE D 4065 13.89 -38.45 -43.29
C PHE D 4065 15.00 -37.41 -43.32
N LEU D 4066 15.10 -36.54 -42.32
CA LEU D 4066 16.28 -35.69 -42.23
C LEU D 4066 17.47 -36.45 -41.67
N LYS D 4067 17.22 -37.40 -40.76
CA LYS D 4067 18.31 -38.19 -40.19
C LYS D 4067 18.81 -39.24 -41.16
N LEU D 4068 17.96 -39.73 -42.07
CA LEU D 4068 18.41 -40.73 -43.03
C LEU D 4068 19.39 -40.16 -44.05
N LYS D 4069 19.24 -38.88 -44.40
CA LYS D 4069 19.98 -38.32 -45.53
C LYS D 4069 21.48 -38.35 -45.31
N ASP D 4070 21.94 -37.98 -44.11
CA ASP D 4070 23.38 -37.99 -43.85
C ASP D 4070 23.88 -39.40 -43.55
N ILE D 4071 23.04 -40.28 -43.02
CA ILE D 4071 23.46 -41.65 -42.77
C ILE D 4071 23.74 -42.37 -44.08
N VAL D 4072 22.87 -42.19 -45.08
CA VAL D 4072 23.04 -42.91 -46.34
C VAL D 4072 24.35 -42.52 -47.04
N GLY D 4073 24.86 -41.31 -46.81
CA GLY D 4073 26.12 -40.91 -47.39
C GLY D 4073 27.33 -41.20 -46.53
N SER D 4074 27.14 -41.79 -45.36
CA SER D 4074 28.25 -42.02 -44.44
C SER D 4074 29.16 -43.11 -44.96
N GLU D 4075 30.47 -42.90 -44.79
CA GLU D 4075 31.44 -43.90 -45.21
C GLU D 4075 31.28 -45.20 -44.44
N ALA D 4076 30.95 -45.11 -43.15
CA ALA D 4076 30.68 -46.31 -42.36
C ALA D 4076 29.50 -47.10 -42.92
N PHE D 4077 28.52 -46.43 -43.51
CA PHE D 4077 27.44 -47.13 -44.20
C PHE D 4077 27.89 -47.65 -45.56
N GLN D 4078 28.84 -46.97 -46.20
CA GLN D 4078 29.30 -47.35 -47.53
C GLN D 4078 30.03 -48.69 -47.57
N ASP D 4079 30.39 -49.26 -46.41
CA ASP D 4079 31.11 -50.52 -46.43
C ASP D 4079 30.22 -51.69 -46.87
N TYR D 4080 28.92 -51.63 -46.52
CA TYR D 4080 28.04 -52.76 -46.77
C TYR D 4080 27.75 -52.96 -48.25
N VAL D 4081 27.69 -51.88 -49.03
CA VAL D 4081 27.41 -52.01 -50.46
C VAL D 4081 28.62 -52.63 -51.15
N THR D 4082 28.35 -53.61 -52.02
CA THR D 4082 29.41 -54.30 -52.74
C THR D 4082 29.14 -54.49 -54.22
N ASP D 4083 27.92 -54.22 -54.70
CA ASP D 4083 27.63 -54.39 -56.12
C ASP D 4083 28.38 -53.34 -56.92
N PRO D 4084 28.87 -53.69 -58.12
CA PRO D 4084 29.55 -52.68 -58.95
C PRO D 4084 28.66 -51.51 -59.34
N ARG D 4085 27.34 -51.72 -59.43
CA ARG D 4085 26.44 -50.63 -59.80
C ARG D 4085 26.10 -49.73 -58.63
N GLY D 4086 26.42 -50.14 -57.40
CA GLY D 4086 26.14 -49.31 -56.25
C GLY D 4086 24.73 -49.49 -55.70
N LEU D 4087 24.38 -50.71 -55.33
CA LEU D 4087 23.05 -51.05 -54.84
C LEU D 4087 23.17 -51.83 -53.54
N ILE D 4088 22.42 -51.40 -52.52
CA ILE D 4088 22.42 -52.05 -51.21
C ILE D 4088 21.11 -52.80 -51.02
N SER D 4089 21.20 -54.12 -50.90
CA SER D 4089 20.02 -54.98 -50.94
C SER D 4089 19.18 -54.81 -49.68
N LYS D 4090 17.94 -55.28 -49.77
CA LYS D 4090 17.01 -55.16 -48.65
C LYS D 4090 17.44 -56.00 -47.46
N LYS D 4091 18.06 -57.15 -47.71
CA LYS D 4091 18.44 -58.04 -46.61
C LYS D 4091 19.49 -57.39 -45.71
N ASP D 4092 20.55 -56.84 -46.29
CA ASP D 4092 21.60 -56.21 -45.50
C ASP D 4092 21.33 -54.74 -45.21
N PHE D 4093 20.29 -54.15 -45.81
CA PHE D 4093 19.89 -52.81 -45.44
C PHE D 4093 19.49 -52.73 -43.98
N GLN D 4094 18.75 -53.74 -43.49
CA GLN D 4094 18.33 -53.75 -42.10
C GLN D 4094 19.54 -53.81 -41.15
N LYS D 4095 20.53 -54.64 -41.47
CA LYS D 4095 21.74 -54.67 -40.66
C LYS D 4095 22.54 -53.38 -40.76
N ALA D 4096 22.59 -52.76 -41.94
CA ALA D 4096 23.26 -51.47 -42.05
C ALA D 4096 22.62 -50.41 -41.17
N MET D 4097 21.29 -50.37 -41.13
CA MET D 4097 20.61 -49.42 -40.25
C MET D 4097 20.69 -49.82 -38.77
N ASP D 4098 20.81 -51.11 -38.48
CA ASP D 4098 21.02 -51.54 -37.10
C ASP D 4098 22.41 -51.19 -36.60
N SER D 4099 23.40 -51.15 -37.49
CA SER D 4099 24.74 -50.75 -37.07
C SER D 4099 24.77 -49.34 -36.51
N GLN D 4100 24.06 -48.40 -37.15
CA GLN D 4100 23.90 -47.06 -36.62
C GLN D 4100 22.72 -47.10 -35.66
N LYS D 4101 23.01 -47.23 -34.36
CA LYS D 4101 21.98 -47.44 -33.35
C LYS D 4101 21.29 -46.13 -32.98
N GLN D 4102 20.46 -45.66 -33.90
CA GLN D 4102 19.63 -44.48 -33.67
C GLN D 4102 18.20 -44.63 -34.19
N PHE D 4103 17.87 -45.75 -34.83
CA PHE D 4103 16.51 -46.03 -35.25
C PHE D 4103 15.96 -47.18 -34.42
N THR D 4104 14.70 -47.06 -33.99
CA THR D 4104 14.07 -48.12 -33.23
C THR D 4104 13.65 -49.28 -34.14
N GLY D 4105 13.05 -50.28 -33.54
CA GLY D 4105 12.64 -51.48 -34.25
C GLY D 4105 11.64 -51.24 -35.35
N PRO D 4106 10.43 -50.75 -34.98
CA PRO D 4106 9.38 -50.59 -36.00
C PRO D 4106 9.74 -49.63 -37.13
N GLU D 4107 10.58 -48.64 -36.89
CA GLU D 4107 10.88 -47.64 -37.92
C GLU D 4107 11.63 -48.23 -39.10
N ILE D 4108 12.41 -49.29 -38.89
CA ILE D 4108 13.08 -49.95 -40.01
C ILE D 4108 12.07 -50.55 -40.96
N GLN D 4109 10.97 -51.10 -40.43
CA GLN D 4109 9.91 -51.63 -41.29
C GLN D 4109 9.29 -50.52 -42.13
N PHE D 4110 9.05 -49.35 -41.54
CA PHE D 4110 8.50 -48.24 -42.30
C PHE D 4110 9.47 -47.78 -43.39
N LEU D 4111 10.76 -47.72 -43.06
CA LEU D 4111 11.77 -47.38 -44.06
C LEU D 4111 11.78 -48.37 -45.21
N LEU D 4112 11.70 -49.67 -44.91
CA LEU D 4112 11.62 -50.68 -45.95
C LEU D 4112 10.37 -50.54 -46.79
N SER D 4113 9.23 -50.21 -46.15
CA SER D 4113 8.00 -50.00 -46.89
C SER D 4113 8.10 -48.81 -47.85
N CYS D 4114 8.73 -47.72 -47.42
CA CYS D 4114 8.90 -46.56 -48.29
C CYS D 4114 9.73 -46.86 -49.52
N SER D 4115 10.59 -47.88 -49.47
CA SER D 4115 11.44 -48.23 -50.59
C SER D 4115 10.62 -48.97 -51.65
N GLU D 4116 11.33 -49.53 -52.63
CA GLU D 4116 10.72 -50.29 -53.71
C GLU D 4116 11.33 -51.68 -53.79
N ALA D 4117 10.51 -52.66 -54.19
CA ALA D 4117 10.99 -54.04 -54.26
C ALA D 4117 11.96 -54.21 -55.41
N ASP D 4118 11.49 -53.99 -56.65
CA ASP D 4118 12.32 -54.08 -57.84
C ASP D 4118 12.96 -55.47 -57.98
N GLU D 4119 12.11 -56.50 -57.96
CA GLU D 4119 12.54 -57.90 -58.08
C GLU D 4119 13.55 -58.25 -56.99
N ASN D 4120 13.28 -57.78 -55.77
CA ASN D 4120 14.08 -58.00 -54.56
C ASN D 4120 15.43 -57.30 -54.68
N GLU D 4121 15.74 -56.68 -55.82
CA GLU D 4121 16.98 -55.96 -55.99
C GLU D 4121 16.94 -54.69 -55.14
N MET D 4122 18.02 -53.93 -55.16
CA MET D 4122 18.17 -52.81 -54.25
C MET D 4122 17.59 -51.53 -54.84
N ILE D 4123 17.19 -50.62 -53.95
CA ILE D 4123 16.79 -49.28 -54.36
C ILE D 4123 18.02 -48.42 -54.58
N ASN D 4124 17.92 -47.49 -55.51
CA ASN D 4124 18.98 -46.51 -55.66
C ASN D 4124 18.97 -45.60 -54.43
N PHE D 4125 19.92 -45.80 -53.53
CA PHE D 4125 19.87 -45.10 -52.25
C PHE D 4125 20.01 -43.59 -52.42
N GLU D 4126 20.80 -43.14 -53.40
CA GLU D 4126 20.93 -41.70 -53.63
C GLU D 4126 19.59 -41.08 -54.00
N GLU D 4127 18.88 -41.68 -54.95
CA GLU D 4127 17.58 -41.18 -55.35
C GLU D 4127 16.56 -41.30 -54.22
N PHE D 4128 16.60 -42.40 -53.47
CA PHE D 4128 15.66 -42.59 -52.38
C PHE D 4128 15.85 -41.54 -51.29
N ALA D 4129 17.10 -41.19 -50.98
CA ALA D 4129 17.36 -40.13 -50.02
C ALA D 4129 17.00 -38.76 -50.59
N ASN D 4130 17.26 -38.53 -51.87
CA ASN D 4130 16.94 -37.24 -52.47
C ASN D 4130 15.43 -37.01 -52.52
N ARG D 4131 14.64 -38.07 -52.65
CA ARG D 4131 13.20 -37.94 -52.60
C ARG D 4131 12.74 -37.50 -51.22
N PHE D 4132 11.59 -36.84 -51.17
CA PHE D 4132 10.97 -36.29 -49.96
C PHE D 4132 11.81 -35.21 -49.29
N GLN D 4133 12.85 -34.72 -49.95
CA GLN D 4133 13.69 -33.68 -49.38
C GLN D 4133 13.29 -32.29 -49.85
N GLU D 4134 13.18 -32.11 -51.17
CA GLU D 4134 12.79 -30.80 -51.70
C GLU D 4134 11.39 -30.38 -51.27
N PRO D 4135 10.34 -31.20 -51.41
CA PRO D 4135 9.00 -30.72 -51.03
C PRO D 4135 8.83 -30.46 -49.54
N ALA D 4136 9.63 -31.12 -48.69
CA ALA D 4136 9.45 -31.03 -47.25
C ALA D 4136 10.28 -29.93 -46.60
N ARG D 4137 11.01 -29.14 -47.39
CA ARG D 4137 11.87 -28.12 -46.80
C ARG D 4137 11.08 -26.93 -46.27
N ASP D 4138 10.05 -26.50 -47.00
CA ASP D 4138 9.34 -25.28 -46.62
C ASP D 4138 8.57 -25.45 -45.31
N ILE D 4139 7.88 -26.57 -45.14
CA ILE D 4139 7.09 -26.78 -43.95
C ILE D 4139 7.94 -26.91 -42.69
N GLY D 4140 9.12 -27.53 -42.81
CA GLY D 4140 10.00 -27.66 -41.67
C GLY D 4140 10.47 -26.33 -41.14
N PHE D 4141 10.84 -25.40 -42.04
CA PHE D 4141 11.27 -24.08 -41.60
C PHE D 4141 10.14 -23.37 -40.86
N ASN D 4142 8.91 -23.45 -41.38
CA ASN D 4142 7.79 -22.78 -40.74
C ASN D 4142 7.48 -23.38 -39.37
N VAL D 4143 7.50 -24.71 -39.25
CA VAL D 4143 7.20 -25.29 -37.94
C VAL D 4143 8.31 -24.98 -36.95
N ALA D 4144 9.57 -24.95 -37.39
CA ALA D 4144 10.65 -24.54 -36.50
C ALA D 4144 10.50 -23.09 -36.06
N VAL D 4145 10.10 -22.21 -36.98
CA VAL D 4145 9.88 -20.81 -36.62
C VAL D 4145 8.76 -20.69 -35.59
N LEU D 4146 7.67 -21.43 -35.78
CA LEU D 4146 6.57 -21.39 -34.82
C LEU D 4146 7.01 -21.88 -33.45
N LEU D 4147 7.75 -23.00 -33.40
CA LEU D 4147 8.20 -23.51 -32.12
C LEU D 4147 9.13 -22.53 -31.43
N THR D 4148 10.06 -21.94 -32.16
CA THR D 4148 10.97 -20.96 -31.57
C THR D 4148 10.22 -19.74 -31.06
N ASN D 4149 9.25 -19.25 -31.84
CA ASN D 4149 8.46 -18.10 -31.42
C ASN D 4149 7.72 -18.38 -30.12
N LEU D 4150 7.04 -19.52 -30.04
CA LEU D 4150 6.33 -19.86 -28.81
C LEU D 4150 7.29 -20.02 -27.63
N SER D 4151 8.41 -20.73 -27.84
CA SER D 4151 9.34 -20.94 -26.74
C SER D 4151 9.89 -19.62 -26.22
N GLU D 4152 10.17 -18.67 -27.12
CA GLU D 4152 10.74 -17.40 -26.68
C GLU D 4152 9.71 -16.49 -26.03
N HIS D 4153 8.46 -16.54 -26.50
CA HIS D 4153 7.49 -15.58 -25.98
C HIS D 4153 6.81 -16.05 -24.71
N VAL D 4154 6.43 -17.33 -24.63
CA VAL D 4154 5.73 -17.85 -23.45
C VAL D 4154 6.69 -18.78 -22.71
N PRO D 4155 7.26 -18.34 -21.58
CA PRO D 4155 8.04 -19.25 -20.74
C PRO D 4155 7.18 -19.91 -19.66
N HIS D 4156 7.82 -20.67 -18.77
CA HIS D 4156 7.16 -21.34 -17.65
C HIS D 4156 6.09 -22.34 -18.09
N ASP D 4157 6.34 -23.08 -19.16
CA ASP D 4157 5.45 -24.16 -19.57
C ASP D 4157 6.23 -25.45 -19.72
N PRO D 4158 6.29 -26.30 -18.68
CA PRO D 4158 6.96 -27.59 -18.84
C PRO D 4158 6.32 -28.45 -19.92
N ARG D 4159 5.01 -28.32 -20.13
CA ARG D 4159 4.37 -29.03 -21.24
C ARG D 4159 4.91 -28.56 -22.58
N LEU D 4160 5.15 -27.25 -22.75
CA LEU D 4160 5.77 -26.76 -23.97
C LEU D 4160 7.21 -27.25 -24.08
N ARG D 4161 7.94 -27.30 -22.96
CA ARG D 4161 9.31 -27.76 -22.98
C ARG D 4161 9.46 -29.20 -23.46
N ASN D 4162 8.39 -30.00 -23.46
CA ASN D 4162 8.49 -31.37 -23.90
C ASN D 4162 8.66 -31.50 -25.41
N PHE D 4163 8.18 -30.52 -26.17
CA PHE D 4163 8.30 -30.57 -27.62
C PHE D 4163 9.70 -30.22 -28.12
N LEU D 4164 10.46 -29.47 -27.32
CA LEU D 4164 11.75 -28.96 -27.80
C LEU D 4164 12.74 -30.09 -28.05
N GLU D 4165 12.99 -30.93 -27.04
CA GLU D 4165 13.89 -32.05 -27.25
C GLU D 4165 13.29 -33.12 -28.14
N LEU D 4166 11.97 -33.13 -28.31
CA LEU D 4166 11.34 -34.05 -29.26
C LEU D 4166 11.64 -33.64 -30.69
N ALA D 4167 11.65 -32.34 -30.98
CA ALA D 4167 11.90 -31.82 -32.32
C ALA D 4167 13.23 -31.07 -32.35
N GLU D 4168 14.19 -31.54 -31.57
CA GLU D 4168 15.51 -30.89 -31.53
C GLU D 4168 16.26 -31.02 -32.84
N SER D 4169 16.04 -32.11 -33.59
CA SER D 4169 16.80 -32.32 -34.82
C SER D 4169 16.48 -31.26 -35.87
N ILE D 4170 15.19 -30.92 -36.03
CA ILE D 4170 14.81 -29.92 -37.03
C ILE D 4170 15.34 -28.55 -36.64
N LEU D 4171 15.30 -28.21 -35.36
CA LEU D 4171 15.83 -26.91 -34.92
C LEU D 4171 17.34 -26.83 -35.15
N GLU D 4172 18.06 -27.91 -34.89
CA GLU D 4172 19.50 -27.91 -35.15
C GLU D 4172 19.81 -27.84 -36.63
N TYR D 4173 19.04 -28.54 -37.47
CA TYR D 4173 19.29 -28.47 -38.91
C TYR D 4173 18.99 -27.09 -39.47
N PHE D 4174 17.94 -26.43 -38.98
CA PHE D 4174 17.56 -25.11 -39.47
C PHE D 4174 18.11 -23.99 -38.61
N ARG D 4175 19.30 -24.18 -38.03
CA ARG D 4175 19.88 -23.11 -37.22
C ARG D 4175 20.50 -22.01 -38.07
N PRO D 4176 21.38 -22.29 -39.03
CA PRO D 4176 21.97 -21.18 -39.80
C PRO D 4176 20.98 -20.47 -40.70
N TYR D 4177 19.90 -21.13 -41.11
CA TYR D 4177 19.00 -20.53 -42.08
C TYR D 4177 17.97 -19.60 -41.45
N LEU D 4178 17.81 -19.63 -40.13
CA LEU D 4178 16.84 -18.79 -39.47
C LEU D 4178 17.52 -17.54 -38.92
N GLY D 4179 16.97 -16.38 -39.22
CA GLY D 4179 17.53 -15.13 -38.72
C GLY D 4179 16.45 -14.32 -38.03
N ARG D 4180 16.85 -13.64 -36.96
CA ARG D 4180 15.92 -12.84 -36.20
C ARG D 4180 16.51 -11.47 -35.90
N ILE D 4181 15.64 -10.48 -35.85
CA ILE D 4181 16.00 -9.10 -35.53
C ILE D 4181 14.93 -8.53 -34.61
N GLU D 4182 15.20 -7.33 -34.08
CA GLU D 4182 14.23 -6.65 -33.23
C GLU D 4182 14.10 -5.19 -33.66
N ILE D 4183 12.87 -4.72 -33.74
CA ILE D 4183 12.58 -3.34 -34.15
C ILE D 4183 11.44 -2.79 -33.32
N MET D 4184 11.31 -1.47 -33.31
CA MET D 4184 10.20 -0.79 -32.66
C MET D 4184 9.31 -0.18 -33.73
N GLY D 4185 8.00 -0.21 -33.50
CA GLY D 4185 7.07 0.37 -34.45
C GLY D 4185 5.63 -0.04 -34.28
N ALA D 4186 4.71 0.88 -34.58
CA ALA D 4186 3.26 0.70 -34.63
C ALA D 4186 2.65 0.47 -33.25
N SER D 4187 3.44 0.34 -32.20
CA SER D 4187 2.92 0.24 -30.85
C SER D 4187 3.81 0.91 -29.82
N ARG D 4188 4.89 1.58 -30.25
CA ARG D 4188 5.88 2.17 -29.36
C ARG D 4188 6.50 1.11 -28.46
N ARG D 4189 6.57 -0.12 -28.95
CA ARG D 4189 7.13 -1.24 -28.19
C ARG D 4189 8.03 -2.05 -29.09
N ILE D 4190 8.96 -2.78 -28.47
CA ILE D 4190 9.92 -3.58 -29.21
C ILE D 4190 9.31 -4.93 -29.57
N GLU D 4191 9.44 -5.32 -30.83
CA GLU D 4191 8.98 -6.61 -31.32
C GLU D 4191 10.12 -7.30 -32.05
N ARG D 4192 9.98 -8.62 -32.20
CA ARG D 4192 10.99 -9.45 -32.82
C ARG D 4192 10.45 -10.06 -34.11
N ILE D 4193 11.30 -10.11 -35.13
CA ILE D 4193 10.93 -10.61 -36.45
C ILE D 4193 11.86 -11.75 -36.83
N TYR D 4194 11.29 -12.79 -37.44
CA TYR D 4194 12.01 -13.97 -37.90
C TYR D 4194 11.87 -14.09 -39.41
N PHE D 4195 12.92 -14.60 -40.06
CA PHE D 4195 12.89 -14.76 -41.51
C PHE D 4195 13.95 -15.77 -41.94
N GLU D 4196 13.99 -16.02 -43.24
CA GLU D 4196 14.87 -17.02 -43.85
C GLU D 4196 16.10 -16.35 -44.45
N ILE D 4197 17.22 -17.06 -44.43
CA ILE D 4197 18.49 -16.45 -44.80
C ILE D 4197 18.86 -16.72 -46.26
N SER D 4198 18.35 -17.82 -46.84
CA SER D 4198 18.66 -18.16 -48.24
C SER D 4198 20.16 -18.36 -48.44
N GLU D 4199 20.69 -19.46 -47.91
CA GLU D 4199 22.11 -19.74 -47.73
C GLU D 4199 23.02 -19.35 -48.89
N THR D 4200 22.49 -19.30 -50.12
CA THR D 4200 23.29 -18.80 -51.23
C THR D 4200 23.75 -17.36 -50.99
N ASN D 4201 23.04 -16.60 -50.16
CA ASN D 4201 23.51 -15.27 -49.77
C ASN D 4201 24.61 -15.35 -48.72
N ARG D 4202 24.47 -16.27 -47.75
CA ARG D 4202 25.49 -16.43 -46.72
C ARG D 4202 26.81 -16.88 -47.33
N ALA D 4203 26.75 -17.72 -48.36
CA ALA D 4203 27.95 -18.20 -49.01
C ALA D 4203 28.74 -17.06 -49.64
N GLN D 4204 28.05 -16.11 -50.29
CA GLN D 4204 28.74 -14.95 -50.85
C GLN D 4204 29.15 -13.95 -49.77
N TRP D 4205 28.39 -13.85 -48.68
CA TRP D 4205 28.76 -12.96 -47.60
C TRP D 4205 30.06 -13.41 -46.93
N GLU D 4206 30.24 -14.71 -46.74
CA GLU D 4206 31.46 -15.23 -46.11
C GLU D 4206 32.58 -15.29 -47.14
N MET D 4207 33.05 -14.10 -47.52
CA MET D 4207 34.11 -13.95 -48.49
C MET D 4207 35.18 -12.99 -47.97
N PRO D 4208 36.42 -13.11 -48.44
CA PRO D 4208 37.48 -12.23 -47.93
C PRO D 4208 37.28 -10.77 -48.31
N GLN D 4209 36.91 -10.49 -49.56
CA GLN D 4209 36.78 -9.09 -50.00
C GLN D 4209 35.69 -8.37 -49.24
N VAL D 4210 34.53 -9.02 -49.08
CA VAL D 4210 33.42 -8.40 -48.37
C VAL D 4210 33.78 -8.19 -46.90
N LYS D 4211 34.47 -9.15 -46.30
CA LYS D 4211 34.90 -9.00 -44.91
C LYS D 4211 35.87 -7.84 -44.75
N GLU D 4212 36.83 -7.70 -45.67
CA GLU D 4212 37.76 -6.58 -45.60
C GLU D 4212 37.04 -5.24 -45.77
N SER D 4213 36.09 -5.19 -46.70
CA SER D 4213 35.33 -3.96 -46.90
C SER D 4213 34.53 -3.62 -45.65
N LYS D 4214 33.92 -4.62 -45.00
CA LYS D 4214 33.19 -4.38 -43.77
C LYS D 4214 34.12 -3.85 -42.68
N ARG D 4215 35.31 -4.45 -42.56
CA ARG D 4215 36.25 -3.98 -41.55
C ARG D 4215 36.65 -2.53 -41.79
N GLN D 4216 36.92 -2.17 -43.05
CA GLN D 4216 37.28 -0.79 -43.37
C GLN D 4216 36.13 0.16 -43.07
N PHE D 4217 34.90 -0.24 -43.40
CA PHE D 4217 33.74 0.59 -43.12
C PHE D 4217 33.56 0.82 -41.62
N ILE D 4218 33.74 -0.23 -40.82
CA ILE D 4218 33.60 -0.09 -39.38
C ILE D 4218 34.70 0.81 -38.82
N PHE D 4219 35.93 0.66 -39.33
CA PHE D 4219 37.00 1.54 -38.90
C PHE D 4219 36.72 3.00 -39.26
N ASP D 4220 36.12 3.23 -40.42
CA ASP D 4220 35.79 4.60 -40.84
C ASP D 4220 34.69 5.22 -39.99
N VAL D 4221 33.62 4.48 -39.71
CA VAL D 4221 32.47 5.06 -39.03
C VAL D 4221 32.81 5.47 -37.61
N VAL D 4222 33.50 4.61 -36.87
CA VAL D 4222 33.82 4.94 -35.48
C VAL D 4222 34.72 6.16 -35.41
N ASN D 4223 35.51 6.43 -36.44
CA ASN D 4223 36.37 7.60 -36.43
C ASN D 4223 35.63 8.87 -36.82
N GLU D 4224 35.01 8.89 -38.01
CA GLU D 4224 34.38 10.10 -38.50
C GLU D 4224 32.93 9.84 -38.89
N GLY D 4225 32.18 9.19 -37.99
CA GLY D 4225 30.76 8.99 -38.20
C GLY D 4225 29.92 9.49 -37.06
N GLY D 4226 29.10 10.51 -37.32
CA GLY D 4226 28.26 11.07 -36.28
C GLY D 4226 27.13 10.13 -35.90
N GLU D 4227 26.62 10.32 -34.68
CA GLU D 4227 25.53 9.49 -34.19
C GLU D 4227 24.24 9.70 -34.95
N ALA D 4228 24.01 10.90 -35.47
CA ALA D 4228 22.77 11.17 -36.20
C ALA D 4228 22.78 10.52 -37.58
N GLU D 4229 23.95 10.39 -38.20
CA GLU D 4229 24.07 9.86 -39.55
C GLU D 4229 24.67 8.45 -39.58
N LYS D 4230 24.88 7.84 -38.42
CA LYS D 4230 25.46 6.50 -38.39
C LYS D 4230 24.55 5.48 -39.09
N MET D 4231 23.24 5.54 -38.82
CA MET D 4231 22.31 4.62 -39.46
C MET D 4231 22.22 4.85 -40.97
N GLU D 4232 22.23 6.11 -41.40
CA GLU D 4232 22.22 6.39 -42.84
C GLU D 4232 23.48 5.84 -43.51
N LEU D 4233 24.64 6.01 -42.87
CA LEU D 4233 25.86 5.44 -43.41
C LEU D 4233 25.79 3.92 -43.46
N PHE D 4234 25.21 3.29 -42.43
CA PHE D 4234 25.06 1.85 -42.43
C PHE D 4234 24.18 1.37 -43.58
N VAL D 4235 23.07 2.06 -43.84
CA VAL D 4235 22.20 1.66 -44.93
C VAL D 4235 22.89 1.87 -46.27
N SER D 4236 23.63 2.96 -46.42
CA SER D 4236 24.39 3.18 -47.65
C SER D 4236 25.44 2.09 -47.86
N PHE D 4237 26.11 1.67 -46.79
CA PHE D 4237 27.06 0.56 -46.91
C PHE D 4237 26.36 -0.75 -47.23
N CYS D 4238 25.13 -0.93 -46.76
CA CYS D 4238 24.39 -2.13 -47.12
C CYS D 4238 24.06 -2.16 -48.60
N GLU D 4239 23.64 -1.03 -49.17
CA GLU D 4239 23.14 -1.04 -50.55
C GLU D 4239 24.25 -1.32 -51.57
N ASP D 4240 25.38 -0.63 -51.47
CA ASP D 4240 26.46 -0.91 -52.40
C ASP D 4240 27.09 -2.27 -52.17
N THR D 4241 27.03 -2.79 -50.95
CA THR D 4241 27.41 -4.18 -50.72
C THR D 4241 26.46 -5.12 -51.46
N ILE D 4242 25.17 -4.81 -51.49
CA ILE D 4242 24.22 -5.62 -52.25
C ILE D 4242 24.60 -5.62 -53.71
N PHE D 4243 24.89 -4.44 -54.26
CA PHE D 4243 25.29 -4.38 -55.67
C PHE D 4243 26.58 -5.14 -55.92
N GLU D 4244 27.54 -5.05 -55.00
CA GLU D 4244 28.80 -5.78 -55.15
C GLU D 4244 28.58 -7.29 -55.17
N MET D 4245 27.74 -7.79 -54.26
CA MET D 4245 27.47 -9.23 -54.28
C MET D 4245 26.71 -9.64 -55.53
N GLN D 4246 25.82 -8.78 -56.02
CA GLN D 4246 25.13 -9.08 -57.27
C GLN D 4246 26.11 -9.19 -58.44
N ILE D 4247 27.05 -8.25 -58.55
CA ILE D 4247 28.00 -8.31 -59.64
C ILE D 4247 28.97 -9.49 -59.47
N ALA D 4248 29.31 -9.84 -58.24
CA ALA D 4248 30.14 -11.01 -58.01
C ALA D 4248 29.43 -12.29 -58.43
N ALA D 4249 28.14 -12.40 -58.14
CA ALA D 4249 27.36 -13.53 -58.63
C ALA D 4249 27.26 -13.53 -60.15
N GLN D 4250 27.14 -12.35 -60.78
CA GLN D 4250 27.11 -12.29 -62.23
C GLN D 4250 28.41 -12.81 -62.83
N ILE D 4251 29.55 -12.43 -62.26
CA ILE D 4251 30.85 -12.90 -62.76
C ILE D 4251 31.16 -14.20 -62.01
N SER D 4252 30.65 -15.30 -62.57
CA SER D 4252 30.81 -16.61 -61.97
C SER D 4252 31.20 -17.62 -63.04
N GLU D 4253 31.84 -18.70 -62.61
CA GLU D 4253 32.27 -19.75 -63.51
C GLU D 4253 31.09 -20.62 -63.94
N PHE D 4540 28.69 -16.41 -87.99
CA PHE D 4540 30.03 -16.82 -88.38
C PHE D 4540 31.09 -15.96 -87.70
N TRP D 4541 31.33 -14.77 -88.27
CA TRP D 4541 32.30 -13.85 -87.68
C TRP D 4541 31.84 -13.36 -86.31
N GLY D 4542 30.54 -13.08 -86.17
CA GLY D 4542 30.01 -12.61 -84.91
C GLY D 4542 29.75 -13.70 -83.88
N GLU D 4543 29.97 -14.96 -84.24
CA GLU D 4543 29.75 -16.05 -83.30
C GLU D 4543 30.79 -16.06 -82.19
N LEU D 4544 31.91 -15.35 -82.37
CA LEU D 4544 32.96 -15.30 -81.37
C LEU D 4544 32.65 -14.35 -80.22
N GLU D 4545 31.50 -13.68 -80.24
CA GLU D 4545 31.14 -12.78 -79.14
C GLU D 4545 30.99 -13.53 -77.83
N VAL D 4546 30.38 -14.72 -77.85
CA VAL D 4546 30.24 -15.50 -76.63
C VAL D 4546 31.60 -15.92 -76.09
N GLN D 4547 32.50 -16.34 -76.98
CA GLN D 4547 33.86 -16.68 -76.54
C GLN D 4547 34.58 -15.48 -75.96
N ARG D 4548 34.40 -14.30 -76.56
CA ARG D 4548 35.01 -13.10 -76.01
C ARG D 4548 34.45 -12.77 -74.64
N VAL D 4549 33.14 -12.91 -74.45
CA VAL D 4549 32.54 -12.66 -73.14
C VAL D 4549 33.08 -13.62 -72.10
N LYS D 4550 33.21 -14.91 -72.47
CA LYS D 4550 33.78 -15.88 -71.55
C LYS D 4550 35.24 -15.54 -71.22
N PHE D 4551 36.00 -15.11 -72.22
CA PHE D 4551 37.40 -14.74 -71.97
C PHE D 4551 37.49 -13.56 -71.03
N LEU D 4552 36.66 -12.53 -71.22
CA LEU D 4552 36.63 -11.41 -70.29
C LEU D 4552 36.21 -11.80 -68.89
N ASN D 4553 35.20 -12.67 -68.76
CA ASN D 4553 34.76 -13.13 -67.46
C ASN D 4553 35.81 -13.98 -66.74
N TYR D 4554 36.63 -14.73 -67.48
CA TYR D 4554 37.67 -15.55 -66.88
C TYR D 4554 38.77 -14.74 -66.21
N LEU D 4555 39.29 -13.72 -66.90
CA LEU D 4555 40.45 -13.00 -66.39
C LEU D 4555 40.11 -12.14 -65.18
N SER D 4556 38.90 -11.58 -65.15
CA SER D 4556 38.49 -10.72 -64.04
C SER D 4556 38.42 -11.47 -62.72
N ARG D 4557 38.18 -12.78 -62.74
CA ARG D 4557 38.18 -13.56 -61.50
C ARG D 4557 39.58 -13.76 -60.95
N ASN D 4558 40.61 -13.46 -61.73
CA ASN D 4558 42.00 -13.61 -61.33
C ASN D 4558 42.75 -12.28 -61.38
N PHE D 4559 42.13 -11.23 -60.86
CA PHE D 4559 42.73 -9.90 -60.95
C PHE D 4559 43.94 -9.77 -60.04
N TYR D 4560 43.85 -10.26 -58.80
CA TYR D 4560 44.91 -10.03 -57.83
C TYR D 4560 46.13 -10.89 -58.11
N THR D 4561 45.92 -12.16 -58.46
CA THR D 4561 47.05 -13.04 -58.73
C THR D 4561 47.85 -12.62 -59.95
N LEU D 4562 47.19 -12.07 -60.97
CA LEU D 4562 47.94 -11.52 -62.11
C LEU D 4562 48.75 -10.30 -61.70
N ARG D 4563 48.21 -9.49 -60.80
CA ARG D 4563 48.97 -8.37 -60.25
C ARG D 4563 50.20 -8.85 -59.50
N PHE D 4564 50.07 -9.93 -58.72
CA PHE D 4564 51.23 -10.52 -58.06
C PHE D 4564 52.22 -11.12 -59.06
N LEU D 4565 51.73 -11.69 -60.15
CA LEU D 4565 52.63 -12.15 -61.21
C LEU D 4565 53.44 -11.01 -61.78
N ALA D 4566 52.81 -9.86 -61.99
CA ALA D 4566 53.55 -8.67 -62.40
C ALA D 4566 54.61 -8.27 -61.37
N LEU D 4567 54.26 -8.33 -60.07
CA LEU D 4567 55.24 -8.07 -59.02
C LEU D 4567 56.45 -8.99 -59.14
N PHE D 4568 56.19 -10.29 -59.27
CA PHE D 4568 57.29 -11.25 -59.35
C PHE D 4568 58.14 -11.03 -60.60
N LEU D 4569 57.51 -10.71 -61.73
CA LEU D 4569 58.26 -10.49 -62.97
C LEU D 4569 59.09 -9.20 -62.91
N ALA D 4570 58.61 -8.20 -62.16
CA ALA D 4570 59.36 -6.95 -62.04
C ALA D 4570 60.71 -7.12 -61.36
N PHE D 4571 60.79 -7.92 -60.29
CA PHE D 4571 62.08 -8.20 -59.68
C PHE D 4571 62.99 -8.98 -60.63
N ALA D 4572 62.44 -9.96 -61.34
CA ALA D 4572 63.25 -10.80 -62.21
C ALA D 4572 63.86 -10.00 -63.36
N ILE D 4573 63.08 -9.13 -64.00
CA ILE D 4573 63.62 -8.38 -65.13
C ILE D 4573 64.69 -7.40 -64.66
N ASN D 4574 64.49 -6.78 -63.49
CA ASN D 4574 65.50 -5.89 -62.94
C ASN D 4574 66.77 -6.65 -62.58
N PHE D 4575 66.64 -7.85 -62.01
CA PHE D 4575 67.82 -8.66 -61.69
C PHE D 4575 68.57 -9.04 -62.95
N ILE D 4576 67.85 -9.38 -64.02
CA ILE D 4576 68.51 -9.69 -65.29
C ILE D 4576 69.25 -8.46 -65.81
N LEU D 4577 68.61 -7.28 -65.74
CA LEU D 4577 69.24 -6.05 -66.18
C LEU D 4577 70.39 -5.62 -65.27
N LEU D 4578 70.48 -6.17 -64.06
CA LEU D 4578 71.43 -5.66 -63.09
C LEU D 4578 72.87 -5.78 -63.57
N PHE D 4579 73.33 -6.97 -63.97
CA PHE D 4579 74.70 -7.16 -64.43
C PHE D 4579 74.84 -6.44 -65.77
N TYR D 4580 75.71 -5.43 -65.81
CA TYR D 4580 75.77 -4.53 -66.95
C TYR D 4580 77.13 -3.84 -66.94
N LYS D 4581 77.52 -3.28 -68.08
CA LYS D 4581 78.82 -2.64 -68.21
C LYS D 4581 78.80 -1.65 -69.37
N VAL D 4582 79.81 -0.79 -69.41
CA VAL D 4582 80.01 0.16 -70.50
C VAL D 4582 81.47 0.09 -70.94
N SER D 4583 81.70 -0.03 -72.24
CA SER D 4583 83.05 -0.12 -72.79
C SER D 4583 83.47 1.19 -73.42
N ASP D 4584 84.76 1.49 -73.31
CA ASP D 4584 85.30 2.69 -73.94
C ASP D 4584 85.23 2.61 -75.45
N SER D 4585 85.53 1.45 -76.03
CA SER D 4585 85.51 1.26 -77.47
C SER D 4585 84.66 0.02 -77.79
N PRO D 4586 83.66 0.14 -78.65
CA PRO D 4586 82.84 -1.02 -79.00
C PRO D 4586 83.65 -2.05 -79.77
N PRO D 4587 83.57 -3.34 -79.38
CA PRO D 4587 84.30 -4.42 -80.06
C PRO D 4587 83.57 -4.91 -81.30
N ASN D 4626 79.46 6.81 -79.57
CA ASN D 4626 80.86 6.41 -79.23
C ASN D 4626 80.82 5.45 -78.03
N MET D 4627 80.19 5.88 -76.93
CA MET D 4627 80.10 5.04 -75.71
C MET D 4627 79.22 3.81 -75.99
N VAL D 4628 79.54 2.68 -75.38
CA VAL D 4628 78.79 1.42 -75.68
C VAL D 4628 77.97 0.99 -74.46
N TYR D 4629 76.68 0.74 -74.66
CA TYR D 4629 75.77 0.37 -73.55
C TYR D 4629 75.54 -1.15 -73.57
N TYR D 4630 76.34 -1.88 -74.34
CA TYR D 4630 76.17 -3.34 -74.49
C TYR D 4630 76.37 -4.06 -73.16
N PHE D 4631 75.63 -5.16 -72.95
CA PHE D 4631 75.71 -5.89 -71.66
C PHE D 4631 76.42 -7.22 -71.85
N LEU D 4632 77.41 -7.50 -70.99
CA LEU D 4632 78.22 -8.75 -71.13
C LEU D 4632 77.63 -9.88 -70.29
N GLU D 4633 77.68 -11.12 -70.79
CA GLU D 4633 77.22 -12.24 -69.99
C GLU D 4633 78.40 -12.89 -69.27
N GLU D 4634 78.25 -13.09 -67.96
CA GLU D 4634 79.30 -13.73 -67.18
C GLU D 4634 79.32 -15.23 -67.45
N SER D 4635 80.27 -15.90 -66.80
CA SER D 4635 80.40 -17.35 -66.94
C SER D 4635 79.27 -18.11 -66.27
N THR D 4636 78.48 -17.45 -65.43
CA THR D 4636 77.41 -18.12 -64.72
C THR D 4636 76.28 -18.49 -65.68
N GLY D 4637 75.50 -19.50 -65.27
CA GLY D 4637 74.45 -20.01 -66.14
C GLY D 4637 73.31 -19.04 -66.37
N TYR D 4638 72.89 -18.32 -65.34
CA TYR D 4638 71.71 -17.48 -65.44
C TYR D 4638 72.04 -16.16 -66.16
N MET D 4639 71.00 -15.33 -66.32
CA MET D 4639 71.05 -14.10 -67.11
C MET D 4639 71.47 -14.40 -68.56
N GLU D 4640 70.57 -15.06 -69.26
CA GLU D 4640 70.73 -15.18 -70.70
C GLU D 4640 70.38 -13.86 -71.37
N PRO D 4641 71.04 -13.53 -72.48
CA PRO D 4641 70.77 -12.25 -73.15
C PRO D 4641 69.37 -12.15 -73.74
N ALA D 4642 68.55 -13.19 -73.59
CA ALA D 4642 67.18 -13.18 -74.11
C ALA D 4642 66.19 -12.72 -73.04
N LEU D 4643 66.34 -11.47 -72.63
CA LEU D 4643 65.35 -10.82 -71.77
C LEU D 4643 64.23 -10.18 -72.56
N TRP D 4644 64.31 -10.22 -73.89
CA TRP D 4644 63.27 -9.65 -74.74
C TRP D 4644 61.92 -10.31 -74.53
N CYS D 4645 61.90 -11.62 -74.29
CA CYS D 4645 60.64 -12.29 -73.99
C CYS D 4645 59.99 -11.75 -72.72
N LEU D 4646 60.78 -11.56 -71.66
CA LEU D 4646 60.23 -10.98 -70.43
C LEU D 4646 59.78 -9.55 -70.65
N SER D 4647 60.54 -8.76 -71.41
CA SER D 4647 60.14 -7.39 -71.69
C SER D 4647 58.82 -7.35 -72.45
N LEU D 4648 58.64 -8.25 -73.41
CA LEU D 4648 57.38 -8.30 -74.14
C LEU D 4648 56.23 -8.79 -73.26
N LEU D 4649 56.48 -9.76 -72.39
CA LEU D 4649 55.42 -10.30 -71.55
C LEU D 4649 54.97 -9.29 -70.51
N HIS D 4650 55.89 -8.48 -69.99
CA HIS D 4650 55.53 -7.51 -68.95
C HIS D 4650 54.53 -6.48 -69.47
N THR D 4651 54.75 -5.99 -70.69
CA THR D 4651 53.82 -5.02 -71.27
C THR D 4651 52.44 -5.62 -71.46
N LEU D 4652 52.37 -6.87 -71.92
CA LEU D 4652 51.08 -7.53 -72.09
C LEU D 4652 50.37 -7.69 -70.76
N VAL D 4653 51.11 -8.09 -69.72
CA VAL D 4653 50.50 -8.24 -68.40
C VAL D 4653 49.98 -6.90 -67.89
N ALA D 4654 50.78 -5.83 -68.05
CA ALA D 4654 50.36 -4.51 -67.59
C ALA D 4654 49.12 -4.03 -68.34
N PHE D 4655 49.05 -4.27 -69.65
CA PHE D 4655 47.87 -3.88 -70.41
C PHE D 4655 46.66 -4.71 -70.00
N LEU D 4656 46.85 -5.99 -69.70
CA LEU D 4656 45.74 -6.83 -69.27
C LEU D 4656 45.22 -6.43 -67.90
N CYS D 4657 46.08 -5.86 -67.05
CA CYS D 4657 45.63 -5.37 -65.75
C CYS D 4657 44.53 -4.32 -65.89
N ILE D 4658 44.68 -3.39 -66.83
CA ILE D 4658 43.68 -2.34 -67.01
C ILE D 4658 42.34 -2.93 -67.43
N ILE D 4659 42.38 -3.89 -68.37
CA ILE D 4659 41.14 -4.53 -68.81
C ILE D 4659 40.49 -5.29 -67.66
N GLY D 4660 41.29 -5.96 -66.84
CA GLY D 4660 40.75 -6.65 -65.68
C GLY D 4660 40.10 -5.71 -64.67
N TYR D 4661 40.73 -4.56 -64.41
CA TYR D 4661 40.18 -3.60 -63.47
C TYR D 4661 38.91 -2.94 -64.00
N ASN D 4662 38.85 -2.67 -65.32
CA ASN D 4662 37.74 -1.91 -65.89
C ASN D 4662 36.41 -2.62 -65.70
N CYS D 4663 36.35 -3.92 -66.00
CA CYS D 4663 35.10 -4.65 -65.87
C CYS D 4663 34.84 -5.13 -64.45
N LEU D 4664 35.78 -4.89 -63.53
CA LEU D 4664 35.62 -5.41 -62.18
C LEU D 4664 35.18 -4.31 -61.21
N LYS D 4665 35.88 -3.17 -61.21
CA LYS D 4665 35.69 -2.19 -60.15
C LYS D 4665 35.04 -0.88 -60.60
N VAL D 4666 35.06 -0.57 -61.89
CA VAL D 4666 34.46 0.66 -62.40
C VAL D 4666 32.95 0.73 -62.14
N PRO D 4667 32.18 -0.34 -62.39
CA PRO D 4667 30.72 -0.23 -62.20
C PRO D 4667 30.31 0.18 -60.80
N LEU D 4668 31.02 -0.27 -59.76
CA LEU D 4668 30.67 0.16 -58.41
C LEU D 4668 30.88 1.65 -58.22
N VAL D 4669 31.98 2.19 -58.76
CA VAL D 4669 32.24 3.62 -58.66
C VAL D 4669 31.17 4.41 -59.40
N ILE D 4670 30.77 3.93 -60.58
CA ILE D 4670 29.72 4.62 -61.32
C ILE D 4670 28.41 4.58 -60.55
N PHE D 4671 28.07 3.42 -59.99
CA PHE D 4671 26.80 3.25 -59.29
C PHE D 4671 26.72 4.12 -58.05
N LYS D 4672 27.82 4.25 -57.31
CA LYS D 4672 27.80 5.11 -56.13
C LYS D 4672 27.44 6.55 -56.48
N ARG D 4673 28.12 7.13 -57.48
CA ARG D 4673 27.85 8.50 -57.87
C ARG D 4673 26.44 8.64 -58.44
N GLU D 4674 25.99 7.68 -59.26
CA GLU D 4674 24.64 7.78 -59.82
C GLU D 4674 23.59 7.75 -58.72
N LYS D 4675 23.73 6.85 -57.76
CA LYS D 4675 22.77 6.80 -56.65
C LYS D 4675 22.78 8.08 -55.84
N GLU D 4676 23.98 8.59 -55.52
CA GLU D 4676 24.06 9.82 -54.74
C GLU D 4676 23.40 10.98 -55.46
N LEU D 4677 23.68 11.15 -56.75
CA LEU D 4677 23.09 12.25 -57.51
C LEU D 4677 21.58 12.08 -57.63
N ALA D 4678 21.11 10.85 -57.88
CA ALA D 4678 19.68 10.63 -58.05
C ALA D 4678 18.92 10.94 -56.77
N ARG D 4679 19.45 10.54 -55.62
CA ARG D 4679 18.76 10.84 -54.37
C ARG D 4679 18.87 12.32 -53.99
N LYS D 4680 20.02 12.94 -54.25
CA LYS D 4680 20.18 14.35 -53.89
C LYS D 4680 19.29 15.24 -54.75
N LEU D 4681 19.13 14.91 -56.03
CA LEU D 4681 18.25 15.69 -56.88
C LEU D 4681 16.80 15.58 -56.43
N GLU D 4682 16.39 14.40 -55.98
CA GLU D 4682 14.98 14.17 -55.67
C GLU D 4682 14.61 14.73 -54.30
N PHE D 4683 15.28 14.26 -53.26
CA PHE D 4683 14.78 14.52 -51.91
C PHE D 4683 14.94 15.98 -51.49
N ASP D 4684 15.98 16.65 -51.98
CA ASP D 4684 16.19 18.08 -51.74
C ASP D 4684 16.75 18.69 -53.01
N GLY D 4685 15.88 19.30 -53.81
CA GLY D 4685 16.24 19.78 -55.14
C GLY D 4685 17.52 20.58 -55.20
N LEU D 4686 18.54 20.01 -55.85
CA LEU D 4686 19.85 20.65 -55.93
C LEU D 4686 19.98 21.52 -57.18
N TYR D 4687 19.26 21.19 -58.25
CA TYR D 4687 19.39 21.92 -59.50
C TYR D 4687 18.12 22.68 -59.88
N ILE D 4688 17.00 22.37 -59.25
CA ILE D 4688 15.75 23.07 -59.57
C ILE D 4688 15.46 24.19 -58.57
N THR D 4689 15.70 23.95 -57.28
CA THR D 4689 15.43 24.96 -56.27
C THR D 4689 16.65 25.87 -56.04
N GLU D 4690 17.82 25.28 -55.80
CA GLU D 4690 19.04 26.08 -55.67
C GLU D 4690 20.03 25.71 -56.77
N GLN D 4691 21.24 26.24 -56.69
CA GLN D 4691 22.29 25.96 -57.65
C GLN D 4691 23.60 25.72 -56.91
N PRO D 4692 24.49 24.90 -57.46
CA PRO D 4692 25.82 24.74 -56.88
C PRO D 4692 26.65 26.00 -57.02
N GLY D 4693 27.59 26.16 -56.09
CA GLY D 4693 28.47 27.31 -56.07
C GLY D 4693 29.67 27.14 -56.97
N ASP D 4694 30.63 28.06 -56.81
CA ASP D 4694 31.86 27.97 -57.58
C ASP D 4694 32.66 26.71 -57.23
N ASP D 4695 32.66 26.33 -55.95
CA ASP D 4695 33.34 25.12 -55.52
C ASP D 4695 32.51 23.90 -55.92
N ASP D 4696 32.90 22.73 -55.42
CA ASP D 4696 32.23 21.46 -55.73
C ASP D 4696 32.18 21.24 -57.24
N VAL D 4697 33.38 21.11 -57.81
CA VAL D 4697 33.51 20.91 -59.25
C VAL D 4697 32.80 19.65 -59.72
N LYS D 4698 32.68 18.64 -58.85
CA LYS D 4698 31.93 17.44 -59.21
C LYS D 4698 30.46 17.76 -59.48
N GLY D 4699 29.86 18.62 -58.66
CA GLY D 4699 28.49 19.03 -58.92
C GLY D 4699 28.33 19.77 -60.23
N GLN D 4700 29.28 20.64 -60.57
CA GLN D 4700 29.22 21.33 -61.84
C GLN D 4700 29.38 20.36 -63.01
N TRP D 4701 30.27 19.39 -62.88
CA TRP D 4701 30.47 18.41 -63.94
C TRP D 4701 29.25 17.51 -64.11
N ASP D 4702 28.54 17.23 -63.01
CA ASP D 4702 27.35 16.40 -63.07
C ASP D 4702 26.20 17.02 -63.86
N ARG D 4703 26.25 18.33 -64.10
CA ARG D 4703 25.20 18.97 -64.88
C ARG D 4703 25.14 18.45 -66.30
N LEU D 4704 26.26 17.93 -66.81
CA LEU D 4704 26.34 17.50 -68.21
C LEU D 4704 25.48 16.28 -68.48
N VAL D 4705 25.23 15.44 -67.46
CA VAL D 4705 24.55 14.16 -67.70
C VAL D 4705 23.06 14.22 -67.40
N LEU D 4706 22.55 15.36 -66.94
CA LEU D 4706 21.15 15.43 -66.49
C LEU D 4706 20.16 15.15 -67.62
N ASN D 4707 20.41 15.68 -68.81
CA ASN D 4707 19.46 15.57 -69.91
C ASN D 4707 19.67 14.31 -70.75
N THR D 4708 20.59 13.44 -70.37
CA THR D 4708 20.82 12.23 -71.13
C THR D 4708 19.60 11.31 -71.03
N PRO D 4709 19.11 10.77 -72.16
CA PRO D 4709 17.95 9.87 -72.09
C PRO D 4709 18.17 8.67 -71.19
N SER D 4710 19.35 8.06 -71.24
CA SER D 4710 19.67 6.93 -70.37
C SER D 4710 20.55 7.42 -69.21
N PHE D 4711 19.90 8.12 -68.28
CA PHE D 4711 20.65 8.63 -67.13
C PHE D 4711 20.92 7.54 -66.09
N PRO D 4712 19.89 6.84 -65.58
CA PRO D 4712 20.19 5.77 -64.62
C PRO D 4712 20.49 4.46 -65.32
N SER D 4713 21.72 3.96 -65.15
CA SER D 4713 22.16 2.73 -65.78
C SER D 4713 22.46 1.64 -64.78
N ASN D 4714 23.28 1.93 -63.76
CA ASN D 4714 23.59 0.94 -62.74
C ASN D 4714 22.64 1.01 -61.54
N TYR D 4715 22.08 2.18 -61.25
CA TYR D 4715 21.12 2.32 -60.18
C TYR D 4715 19.85 1.52 -60.50
N TRP D 4716 19.27 0.91 -59.46
CA TRP D 4716 18.09 0.08 -59.66
C TRP D 4716 16.91 0.91 -60.12
N ASP D 4717 16.71 2.08 -59.54
CA ASP D 4717 15.54 2.89 -59.86
C ASP D 4717 15.67 3.46 -61.26
N LYS D 4718 14.59 3.34 -62.04
CA LYS D 4718 14.55 3.84 -63.41
C LYS D 4718 13.47 4.89 -63.61
N PHE D 4719 12.73 5.25 -62.57
CA PHE D 4719 11.64 6.22 -62.67
C PHE D 4719 11.87 7.45 -61.81
N VAL D 4720 13.13 7.76 -61.51
CA VAL D 4720 13.43 8.94 -60.71
C VAL D 4720 13.08 10.22 -61.45
N LYS D 4721 13.29 10.24 -62.78
CA LYS D 4721 12.93 11.42 -63.56
C LYS D 4721 11.44 11.70 -63.51
N ARG D 4722 10.61 10.66 -63.58
CA ARG D 4722 9.17 10.86 -63.45
C ARG D 4722 8.78 11.19 -62.01
N LYS D 4723 9.48 10.59 -61.03
CA LYS D 4723 9.14 10.82 -59.64
C LYS D 4723 9.40 12.26 -59.22
N VAL D 4724 10.51 12.84 -59.66
CA VAL D 4724 10.80 14.23 -59.30
C VAL D 4724 9.82 15.21 -59.95
N LEU D 4725 9.29 14.87 -61.11
CA LEU D 4725 8.33 15.75 -61.78
C LEU D 4725 7.05 15.90 -60.98
N ASP D 4726 6.55 14.81 -60.40
CA ASP D 4726 5.36 14.91 -59.57
C ASP D 4726 5.59 15.75 -58.33
N LYS D 4727 6.79 15.69 -57.75
CA LYS D 4727 7.08 16.44 -56.54
C LYS D 4727 7.25 17.93 -56.83
N HIS D 4728 7.96 18.28 -57.90
CA HIS D 4728 8.32 19.66 -58.15
C HIS D 4728 7.75 20.21 -59.45
N GLY D 4729 6.60 19.70 -59.90
CA GLY D 4729 6.01 20.21 -61.13
C GLY D 4729 4.89 21.22 -60.94
N ASP D 4730 4.44 21.42 -59.70
CA ASP D 4730 3.38 22.39 -59.43
C ASP D 4730 3.94 23.78 -59.17
N ILE D 4731 4.90 23.88 -58.24
CA ILE D 4731 5.51 25.17 -57.92
C ILE D 4731 6.27 25.72 -59.11
N PHE D 4732 7.01 24.87 -59.80
CA PHE D 4732 7.81 25.27 -60.95
C PHE D 4732 7.17 24.75 -62.24
N GLY D 4733 7.57 25.37 -63.35
CA GLY D 4733 6.97 25.04 -64.63
C GLY D 4733 7.31 23.62 -65.07
N ARG D 4734 6.26 22.89 -65.48
CA ARG D 4734 6.49 21.55 -66.02
C ARG D 4734 7.32 21.61 -67.29
N GLU D 4735 7.15 22.64 -68.11
CA GLU D 4735 8.01 22.81 -69.27
C GLU D 4735 9.45 23.10 -68.85
N ARG D 4736 9.65 23.87 -67.77
CA ARG D 4736 11.00 24.10 -67.27
C ARG D 4736 11.64 22.82 -66.79
N ILE D 4737 10.86 21.92 -66.16
CA ILE D 4737 11.42 20.64 -65.74
C ILE D 4737 11.71 19.74 -66.94
N ALA D 4738 10.82 19.74 -67.93
CA ALA D 4738 10.97 18.88 -69.11
C ALA D 4738 12.03 19.38 -70.08
N GLU D 4739 12.45 20.63 -69.98
CA GLU D 4739 13.61 21.08 -70.74
C GLU D 4739 14.92 20.74 -70.03
N LEU D 4740 14.89 20.68 -68.70
CA LEU D 4740 16.06 20.25 -67.96
C LEU D 4740 16.29 18.75 -68.12
N LEU D 4741 15.23 17.96 -68.04
CA LEU D 4741 15.30 16.52 -68.19
C LEU D 4741 14.55 16.09 -69.45
N GLY D 4742 15.21 15.29 -70.27
CA GLY D 4742 14.65 14.90 -71.55
C GLY D 4742 13.48 13.95 -71.45
N MET D 4743 12.43 14.38 -70.75
CA MET D 4743 11.25 13.55 -70.57
C MET D 4743 10.41 13.48 -71.83
N ASP D 4744 10.46 14.53 -72.65
CA ASP D 4744 9.83 14.59 -73.97
C ASP D 4744 8.30 14.66 -73.87
N LEU D 4745 7.77 14.56 -72.65
CA LEU D 4745 6.33 14.63 -72.39
C LEU D 4745 5.55 13.64 -73.26
N ALA D 4746 6.10 12.44 -73.40
CA ALA D 4746 5.46 11.37 -74.15
C ALA D 4746 4.63 10.45 -73.26
N SER D 4747 4.56 10.72 -71.96
CA SER D 4747 3.82 9.90 -71.02
C SER D 4747 2.40 10.40 -70.77
N LEU D 4748 1.96 11.40 -71.53
CA LEU D 4748 0.60 11.92 -71.34
C LEU D 4748 -0.45 10.84 -71.64
N GLU D 4749 -0.24 10.08 -72.71
CA GLU D 4749 -1.11 8.96 -73.07
C GLU D 4749 -0.31 7.67 -72.92
N ILE D 4750 -0.68 6.87 -71.93
CA ILE D 4750 0.05 5.63 -71.66
C ILE D 4750 -0.14 4.64 -72.80
N THR D 4751 -1.38 4.50 -73.30
CA THR D 4751 -1.63 3.57 -74.38
C THR D 4751 -0.93 3.99 -75.67
N ALA D 4752 -0.76 5.29 -75.89
CA ALA D 4752 -0.02 5.76 -77.06
C ALA D 4752 1.48 5.60 -76.88
N HIS D 4753 1.99 5.80 -75.66
CA HIS D 4753 3.42 5.64 -75.42
C HIS D 4753 3.83 4.18 -75.54
N ASN D 4754 3.06 3.28 -74.92
CA ASN D 4754 3.38 1.85 -74.97
C ASN D 4754 2.06 1.08 -74.90
N GLU D 4755 1.52 0.72 -76.07
CA GLU D 4755 0.33 -0.12 -76.10
C GLU D 4755 0.67 -1.57 -75.75
N ARG D 4756 1.82 -2.06 -76.21
CA ARG D 4756 2.28 -3.41 -75.91
C ARG D 4756 3.77 -3.35 -75.56
N LYS D 4757 4.31 -4.51 -75.21
CA LYS D 4757 5.72 -4.59 -74.85
C LYS D 4757 6.59 -4.30 -76.06
N PRO D 4758 7.64 -3.48 -75.91
CA PRO D 4758 8.51 -3.18 -77.05
C PRO D 4758 9.27 -4.40 -77.52
N ASP D 4759 9.53 -4.45 -78.83
CA ASP D 4759 10.29 -5.52 -79.47
C ASP D 4759 11.77 -5.15 -79.54
N PRO D 4760 12.65 -5.98 -79.00
CA PRO D 4760 14.08 -5.66 -79.02
C PRO D 4760 14.65 -5.79 -80.42
N PRO D 4761 15.14 -4.69 -80.99
CA PRO D 4761 15.70 -4.73 -82.34
C PRO D 4761 17.12 -5.26 -82.33
N PRO D 4762 17.61 -5.79 -83.45
CA PRO D 4762 19.02 -6.21 -83.51
C PRO D 4762 19.95 -5.01 -83.57
N GLY D 4763 20.63 -4.74 -82.46
CA GLY D 4763 21.51 -3.60 -82.34
C GLY D 4763 22.91 -3.79 -82.86
N LEU D 4764 23.29 -5.01 -83.24
CA LEU D 4764 24.65 -5.26 -83.71
C LEU D 4764 24.90 -4.56 -85.04
N LEU D 4765 26.18 -4.25 -85.29
CA LEU D 4765 26.73 -3.63 -86.49
C LEU D 4765 26.09 -2.28 -86.83
N THR D 4766 25.29 -1.70 -85.93
CA THR D 4766 24.66 -0.41 -86.17
C THR D 4766 24.73 0.46 -84.91
N TRP D 4767 25.86 0.44 -84.22
CA TRP D 4767 26.05 1.19 -82.99
C TRP D 4767 26.25 2.68 -83.21
N LEU D 4768 26.11 3.17 -84.46
CA LEU D 4768 26.33 4.58 -84.72
C LEU D 4768 25.29 5.45 -84.02
N MET D 4769 24.02 5.03 -84.05
CA MET D 4769 22.95 5.84 -83.47
C MET D 4769 22.62 5.44 -82.04
N SER D 4770 22.85 4.17 -81.68
CA SER D 4770 22.45 3.71 -80.36
C SER D 4770 23.33 4.30 -79.25
N ILE D 4771 24.59 4.60 -79.56
CA ILE D 4771 25.50 5.10 -78.53
C ILE D 4771 25.11 6.52 -78.15
N ASP D 4772 25.43 6.89 -76.90
CA ASP D 4772 25.16 8.22 -76.38
C ASP D 4772 26.49 8.90 -76.08
N VAL D 4773 26.88 9.85 -76.94
CA VAL D 4773 28.20 10.45 -76.83
C VAL D 4773 28.34 11.27 -75.55
N LYS D 4774 27.28 11.99 -75.17
CA LYS D 4774 27.35 12.81 -73.96
C LYS D 4774 27.49 11.95 -72.72
N TYR D 4775 26.70 10.87 -72.62
CA TYR D 4775 26.83 9.96 -71.50
C TYR D 4775 28.21 9.31 -71.47
N GLN D 4776 28.73 8.93 -72.64
CA GLN D 4776 30.06 8.34 -72.68
C GLN D 4776 31.13 9.33 -72.22
N ILE D 4777 31.02 10.60 -72.61
CA ILE D 4777 31.97 11.60 -72.15
C ILE D 4777 31.90 11.76 -70.64
N TRP D 4778 30.69 11.81 -70.09
CA TRP D 4778 30.55 11.92 -68.63
C TRP D 4778 31.17 10.72 -67.93
N LYS D 4779 30.91 9.52 -68.43
CA LYS D 4779 31.45 8.31 -67.83
C LYS D 4779 32.98 8.30 -67.91
N PHE D 4780 33.53 8.71 -69.06
CA PHE D 4780 34.99 8.77 -69.19
C PHE D 4780 35.60 9.77 -68.23
N GLY D 4781 34.97 10.93 -68.06
CA GLY D 4781 35.50 11.90 -67.11
C GLY D 4781 35.48 11.41 -65.69
N VAL D 4782 34.36 10.82 -65.27
CA VAL D 4782 34.29 10.31 -63.90
C VAL D 4782 35.17 9.08 -63.69
N ILE D 4783 35.47 8.33 -64.76
CA ILE D 4783 36.46 7.27 -64.64
C ILE D 4783 37.86 7.84 -64.47
N PHE D 4784 38.20 8.84 -65.29
CA PHE D 4784 39.55 9.41 -65.26
C PHE D 4784 39.84 10.14 -63.96
N THR D 4785 38.83 10.76 -63.34
CA THR D 4785 39.08 11.47 -62.10
C THR D 4785 39.44 10.55 -60.94
N ASP D 4786 39.27 9.24 -61.10
CA ASP D 4786 39.66 8.30 -60.05
C ASP D 4786 41.17 8.21 -59.95
N ASN D 4787 41.69 8.15 -58.72
CA ASN D 4787 43.14 8.12 -58.54
C ASN D 4787 43.72 6.74 -58.86
N SER D 4788 43.03 5.67 -58.47
CA SER D 4788 43.56 4.33 -58.73
C SER D 4788 43.65 4.02 -60.21
N PHE D 4789 42.64 4.41 -60.99
CA PHE D 4789 42.70 4.21 -62.43
C PHE D 4789 43.85 5.00 -63.05
N LEU D 4790 44.07 6.23 -62.58
CA LEU D 4790 45.20 7.01 -63.07
C LEU D 4790 46.53 6.34 -62.72
N TYR D 4791 46.65 5.78 -61.52
CA TYR D 4791 47.87 5.08 -61.14
C TYR D 4791 48.13 3.87 -62.04
N LEU D 4792 47.09 3.08 -62.28
CA LEU D 4792 47.24 1.94 -63.18
C LEU D 4792 47.57 2.39 -64.60
N GLY D 4793 46.95 3.47 -65.06
CA GLY D 4793 47.26 3.97 -66.39
C GLY D 4793 48.69 4.45 -66.51
N TRP D 4794 49.20 5.13 -65.48
CA TRP D 4794 50.60 5.54 -65.47
C TRP D 4794 51.53 4.34 -65.50
N TYR D 4795 51.22 3.31 -64.71
CA TYR D 4795 52.00 2.08 -64.76
C TYR D 4795 52.03 1.50 -66.17
N MET D 4796 50.86 1.41 -66.82
CA MET D 4796 50.78 0.85 -68.16
C MET D 4796 51.53 1.71 -69.16
N VAL D 4797 51.42 3.05 -69.04
CA VAL D 4797 52.11 3.93 -69.98
C VAL D 4797 53.62 3.80 -69.85
N MET D 4798 54.14 3.74 -68.63
CA MET D 4798 55.59 3.52 -68.50
C MET D 4798 56.01 2.16 -69.04
N SER D 4799 55.23 1.11 -68.75
CA SER D 4799 55.58 -0.21 -69.27
C SER D 4799 55.60 -0.21 -70.80
N LEU D 4800 54.63 0.46 -71.43
CA LEU D 4800 54.60 0.53 -72.88
C LEU D 4800 55.75 1.36 -73.42
N LEU D 4801 55.97 2.56 -72.87
CA LEU D 4801 57.05 3.42 -73.32
C LEU D 4801 58.42 2.77 -73.11
N GLY D 4802 58.51 1.77 -72.26
CA GLY D 4802 59.77 1.05 -72.12
C GLY D 4802 60.04 -0.01 -73.18
N HIS D 4803 59.63 0.20 -74.44
CA HIS D 4803 60.15 -0.66 -75.50
C HIS D 4803 61.66 -0.52 -75.62
N TYR D 4804 62.15 0.71 -75.73
CA TYR D 4804 63.58 0.98 -75.53
C TYR D 4804 63.80 1.02 -74.03
N ASN D 4805 64.08 -0.17 -73.48
CA ASN D 4805 64.00 -0.42 -72.05
C ASN D 4805 65.33 -0.20 -71.34
N ASN D 4806 66.14 0.75 -71.81
CA ASN D 4806 67.48 0.96 -71.28
C ASN D 4806 67.48 0.93 -69.76
N PHE D 4807 66.79 1.88 -69.12
CA PHE D 4807 66.64 1.82 -67.67
C PHE D 4807 65.28 2.33 -67.20
N PHE D 4808 64.29 2.41 -68.10
CA PHE D 4808 62.96 2.87 -67.71
C PHE D 4808 62.18 1.82 -66.93
N PHE D 4809 62.61 0.56 -66.99
CA PHE D 4809 61.93 -0.48 -66.23
C PHE D 4809 62.24 -0.41 -64.74
N ALA D 4810 63.27 0.34 -64.35
CA ALA D 4810 63.60 0.48 -62.94
C ALA D 4810 62.56 1.28 -62.18
N ALA D 4811 61.86 2.20 -62.84
CA ALA D 4811 60.86 3.03 -62.15
C ALA D 4811 59.68 2.22 -61.66
N HIS D 4812 59.50 1.00 -62.15
CA HIS D 4812 58.40 0.15 -61.69
C HIS D 4812 58.63 -0.42 -60.31
N LEU D 4813 59.86 -0.37 -59.79
CA LEU D 4813 60.13 -0.91 -58.47
C LEU D 4813 59.41 -0.13 -57.37
N LEU D 4814 59.43 1.20 -57.44
CA LEU D 4814 58.71 1.99 -56.45
C LEU D 4814 57.20 1.79 -56.58
N ASP D 4815 56.71 1.64 -57.81
CA ASP D 4815 55.30 1.36 -58.02
C ASP D 4815 54.89 0.04 -57.39
N ILE D 4816 55.75 -0.98 -57.51
CA ILE D 4816 55.37 -2.33 -57.12
C ILE D 4816 55.68 -2.65 -55.67
N ALA D 4817 56.61 -1.93 -55.02
CA ALA D 4817 56.89 -2.18 -53.62
C ALA D 4817 55.73 -1.79 -52.71
N MET D 4818 54.83 -0.92 -53.20
CA MET D 4818 53.69 -0.48 -52.41
C MET D 4818 52.70 -1.60 -52.15
N GLY D 4819 52.69 -2.64 -52.98
CA GLY D 4819 51.71 -3.72 -52.84
C GLY D 4819 51.81 -4.49 -51.54
N VAL D 4820 52.95 -4.43 -50.86
CA VAL D 4820 53.11 -5.12 -49.58
C VAL D 4820 52.26 -4.43 -48.52
N LYS D 4821 51.50 -5.23 -47.76
CA LYS D 4821 50.57 -4.66 -46.80
C LYS D 4821 51.29 -3.90 -45.69
N THR D 4822 52.38 -4.47 -45.15
CA THR D 4822 53.05 -3.84 -44.02
C THR D 4822 53.84 -2.61 -44.42
N LEU D 4823 54.18 -2.46 -45.70
CA LEU D 4823 54.94 -1.30 -46.12
C LEU D 4823 54.06 -0.05 -46.22
N ARG D 4824 52.79 -0.21 -46.56
CA ARG D 4824 51.89 0.93 -46.62
C ARG D 4824 51.70 1.57 -45.25
N THR D 4825 51.63 0.77 -44.19
CA THR D 4825 51.49 1.33 -42.85
C THR D 4825 52.70 2.19 -42.49
N ILE D 4826 53.91 1.72 -42.82
CA ILE D 4826 55.10 2.51 -42.56
C ILE D 4826 55.10 3.78 -43.40
N LEU D 4827 54.74 3.67 -44.68
CA LEU D 4827 54.77 4.82 -45.57
C LEU D 4827 53.70 5.86 -45.24
N SER D 4828 52.60 5.45 -44.60
CA SER D 4828 51.53 6.38 -44.27
C SER D 4828 51.96 7.42 -43.25
N SER D 4829 52.89 7.08 -42.35
CA SER D 4829 53.32 8.04 -41.34
C SER D 4829 53.97 9.27 -41.97
N VAL D 4830 54.78 9.08 -43.01
CA VAL D 4830 55.40 10.22 -43.69
C VAL D 4830 54.34 11.07 -44.35
N THR D 4831 53.37 10.45 -45.03
CA THR D 4831 52.32 11.18 -45.72
C THR D 4831 51.32 11.82 -44.78
N HIS D 4832 51.32 11.45 -43.49
CA HIS D 4832 50.34 11.99 -42.57
C HIS D 4832 50.55 13.48 -42.31
N ASN D 4833 51.80 13.94 -42.31
CA ASN D 4833 52.13 15.32 -41.95
C ASN D 4833 52.91 16.03 -43.05
N GLY D 4834 52.66 15.69 -44.32
CA GLY D 4834 53.38 16.33 -45.41
C GLY D 4834 53.10 17.81 -45.51
N LYS D 4835 51.88 18.23 -45.19
CA LYS D 4835 51.55 19.66 -45.25
C LYS D 4835 52.41 20.46 -44.30
N GLN D 4836 52.68 19.93 -43.11
CA GLN D 4836 53.56 20.61 -42.18
C GLN D 4836 55.03 20.47 -42.56
N LEU D 4837 55.42 19.32 -43.12
CA LEU D 4837 56.82 19.16 -43.55
C LEU D 4837 57.19 20.17 -44.63
N VAL D 4838 56.31 20.37 -45.60
CA VAL D 4838 56.60 21.34 -46.66
C VAL D 4838 56.74 22.74 -46.07
N MET D 4839 55.84 23.11 -45.14
CA MET D 4839 55.89 24.45 -44.57
C MET D 4839 57.15 24.68 -43.75
N THR D 4840 57.58 23.68 -42.97
CA THR D 4840 58.80 23.87 -42.20
C THR D 4840 60.04 23.88 -43.10
N VAL D 4841 60.04 23.13 -44.20
CA VAL D 4841 61.14 23.25 -45.16
C VAL D 4841 61.18 24.66 -45.75
N GLY D 4842 60.01 25.21 -46.08
CA GLY D 4842 59.94 26.59 -46.53
C GLY D 4842 60.45 27.59 -45.52
N LEU D 4843 60.13 27.39 -44.24
CA LEU D 4843 60.67 28.27 -43.19
C LEU D 4843 62.19 28.16 -43.09
N LEU D 4844 62.73 26.94 -43.19
CA LEU D 4844 64.19 26.77 -43.20
C LEU D 4844 64.82 27.53 -44.36
N ALA D 4845 64.18 27.50 -45.53
CA ALA D 4845 64.72 28.24 -46.67
C ALA D 4845 64.80 29.74 -46.38
N VAL D 4846 63.77 30.30 -45.76
CA VAL D 4846 63.78 31.73 -45.45
C VAL D 4846 64.87 32.06 -44.43
N VAL D 4847 65.04 31.20 -43.42
CA VAL D 4847 66.08 31.44 -42.43
C VAL D 4847 67.46 31.43 -43.08
N VAL D 4848 67.72 30.48 -43.98
CA VAL D 4848 69.09 30.42 -44.56
C VAL D 4848 69.30 31.68 -45.42
N TYR D 4849 68.22 32.20 -46.03
CA TYR D 4849 68.33 33.42 -46.85
C TYR D 4849 68.77 34.60 -45.99
N LEU D 4850 68.23 34.70 -44.78
CA LEU D 4850 68.55 35.88 -43.93
C LEU D 4850 70.06 35.85 -43.63
N TYR D 4851 70.60 34.67 -43.38
CA TYR D 4851 72.05 34.58 -43.06
C TYR D 4851 72.82 35.08 -44.28
N THR D 4852 72.38 34.72 -45.49
CA THR D 4852 73.09 35.15 -46.72
C THR D 4852 73.09 36.67 -46.85
N VAL D 4853 71.97 37.33 -46.55
CA VAL D 4853 71.90 38.83 -46.62
C VAL D 4853 72.89 39.42 -45.60
N VAL D 4854 72.95 38.83 -44.41
CA VAL D 4854 73.91 39.30 -43.37
C VAL D 4854 75.31 38.84 -43.76
N ALA D 4855 75.47 37.59 -44.20
CA ALA D 4855 76.84 37.22 -44.50
C ALA D 4855 77.39 37.93 -45.71
N PHE D 4856 76.58 38.09 -46.77
CA PHE D 4856 77.05 38.77 -47.96
C PHE D 4856 77.46 40.21 -47.66
N ASN D 4857 76.71 40.91 -46.82
CA ASN D 4857 77.04 42.28 -46.50
C ASN D 4857 78.26 42.36 -45.58
N PHE D 4858 78.30 41.52 -44.55
CA PHE D 4858 79.32 41.77 -43.52
C PHE D 4858 80.56 40.88 -43.66
N PHE D 4859 80.36 39.59 -43.88
CA PHE D 4859 81.45 38.60 -43.86
C PHE D 4859 81.63 38.10 -45.29
N ARG D 4860 82.44 38.82 -46.07
CA ARG D 4860 82.66 38.48 -47.47
C ARG D 4860 84.07 37.99 -47.76
N LYS D 4861 85.08 38.51 -47.08
CA LYS D 4861 86.46 38.18 -47.38
C LYS D 4861 86.94 36.91 -46.67
N PHE D 4862 86.11 36.29 -45.85
CA PHE D 4862 86.48 35.08 -45.13
C PHE D 4862 86.21 33.81 -45.91
N TYR D 4863 85.44 33.87 -46.99
CA TYR D 4863 84.92 32.67 -47.65
C TYR D 4863 85.94 31.97 -48.53
N ASN D 4864 87.13 32.54 -48.71
CA ASN D 4864 88.15 31.91 -49.55
C ASN D 4864 88.62 30.60 -48.92
N LYS D 4865 88.30 29.48 -49.56
CA LYS D 4865 88.69 28.17 -49.05
C LYS D 4865 90.10 27.82 -49.49
N SER D 4866 90.44 26.53 -49.46
CA SER D 4866 91.79 26.00 -49.64
C SER D 4866 92.44 26.34 -51.00
N GLU D 4867 91.82 27.03 -51.97
CA GLU D 4867 92.53 27.39 -53.19
C GLU D 4867 93.62 28.39 -52.87
N ASP D 4868 94.86 28.05 -53.20
CA ASP D 4868 96.01 28.89 -52.89
C ASP D 4868 96.72 29.28 -54.19
N GLU D 4869 97.10 30.55 -54.28
CA GLU D 4869 97.82 31.16 -55.39
C GLU D 4869 97.00 31.23 -56.67
N ASP D 4870 95.79 30.69 -56.68
CA ASP D 4870 94.90 30.74 -57.84
C ASP D 4870 93.66 31.53 -57.45
N GLU D 4871 93.38 32.60 -58.19
CA GLU D 4871 92.19 33.40 -57.89
C GLU D 4871 91.32 33.67 -59.11
N PRO D 4872 90.89 32.64 -59.86
CA PRO D 4872 89.87 32.88 -60.89
C PRO D 4872 88.46 32.81 -60.31
N ASP D 4873 88.32 32.13 -59.18
CA ASP D 4873 87.03 31.90 -58.57
C ASP D 4873 86.86 32.73 -57.30
N MET D 4874 85.65 33.23 -57.12
CA MET D 4874 85.26 33.93 -55.90
C MET D 4874 84.00 33.29 -55.36
N LYS D 4875 83.96 33.13 -54.04
CA LYS D 4875 82.91 32.34 -53.41
C LYS D 4875 81.54 33.00 -53.54
N CYS D 4876 81.45 34.30 -53.28
CA CYS D 4876 80.25 35.05 -53.69
C CYS D 4876 80.57 36.54 -53.80
N ASP D 4877 80.66 37.01 -55.04
CA ASP D 4877 80.44 38.42 -55.35
C ASP D 4877 79.03 38.67 -55.86
N ASP D 4878 78.28 37.60 -56.13
CA ASP D 4878 76.86 37.66 -56.48
C ASP D 4878 76.09 36.69 -55.60
N MET D 4879 74.96 37.16 -55.07
CA MET D 4879 74.30 36.37 -54.05
C MET D 4879 73.45 35.25 -54.63
N MET D 4880 73.30 35.21 -55.96
CA MET D 4880 72.89 33.96 -56.59
C MET D 4880 73.84 32.83 -56.20
N THR D 4881 75.11 32.97 -56.58
CA THR D 4881 76.12 31.99 -56.21
C THR D 4881 76.24 31.86 -54.71
N CYS D 4882 76.08 32.96 -53.96
CA CYS D 4882 76.35 32.88 -52.53
C CYS D 4882 75.25 32.14 -51.79
N TYR D 4883 73.99 32.41 -52.12
CA TYR D 4883 72.86 31.72 -51.53
C TYR D 4883 72.78 30.28 -52.01
N LEU D 4884 73.26 30.00 -53.23
CA LEU D 4884 73.39 28.61 -53.64
C LEU D 4884 74.45 27.89 -52.83
N PHE D 4885 75.61 28.52 -52.61
CA PHE D 4885 76.67 27.90 -51.81
C PHE D 4885 76.22 27.65 -50.38
N HIS D 4886 75.47 28.59 -49.79
CA HIS D 4886 75.00 28.40 -48.43
C HIS D 4886 74.18 27.13 -48.31
N MET D 4887 73.13 26.98 -49.12
CA MET D 4887 72.30 25.78 -49.04
C MET D 4887 73.02 24.55 -49.55
N TYR D 4888 74.07 24.72 -50.35
CA TYR D 4888 74.74 23.56 -50.92
C TYR D 4888 75.78 22.98 -49.96
N VAL D 4889 76.31 23.80 -49.06
CA VAL D 4889 77.38 23.37 -48.17
C VAL D 4889 77.02 23.50 -46.70
N GLY D 4890 76.60 24.69 -46.26
CA GLY D 4890 76.46 24.93 -44.84
C GLY D 4890 75.38 24.12 -44.17
N VAL D 4891 74.26 23.98 -44.88
CA VAL D 4891 73.06 23.24 -44.39
C VAL D 4891 73.37 21.76 -44.17
N ARG D 4892 74.16 21.12 -45.01
CA ARG D 4892 74.41 19.68 -44.77
C ARG D 4892 75.82 19.48 -44.24
N ALA D 4893 76.52 20.56 -43.92
CA ALA D 4893 77.91 20.45 -43.45
C ALA D 4893 77.95 19.60 -42.18
N GLY D 4894 76.78 19.18 -41.68
CA GLY D 4894 76.76 18.36 -40.48
C GLY D 4894 77.74 18.85 -39.43
N GLY D 4895 77.47 20.00 -38.84
CA GLY D 4895 78.41 20.60 -37.93
C GLY D 4895 78.59 22.09 -38.16
N GLY D 4896 77.69 22.69 -38.92
CA GLY D 4896 77.72 24.12 -39.16
C GLY D 4896 78.54 24.49 -40.38
N ILE D 4897 78.56 25.80 -40.67
CA ILE D 4897 79.29 26.31 -41.83
C ILE D 4897 80.73 26.65 -41.51
N GLY D 4898 81.12 26.67 -40.25
CA GLY D 4898 82.47 27.06 -39.89
C GLY D 4898 83.56 26.13 -40.35
N ASP D 4899 83.21 24.91 -40.77
CA ASP D 4899 84.22 23.94 -41.16
C ASP D 4899 84.78 24.23 -42.55
N GLU D 4900 83.99 24.82 -43.44
CA GLU D 4900 84.40 25.09 -44.82
C GLU D 4900 84.81 26.53 -45.05
N ILE D 4901 85.01 27.32 -44.00
CA ILE D 4901 85.37 28.72 -44.11
C ILE D 4901 86.66 28.94 -43.34
N GLU D 4902 87.41 29.99 -43.72
CA GLU D 4902 88.66 30.30 -43.07
C GLU D 4902 88.47 30.51 -41.57
N ASP D 4903 89.40 30.01 -40.79
CA ASP D 4903 89.37 30.20 -39.36
C ASP D 4903 89.58 31.68 -39.04
N PRO D 4904 88.68 32.32 -38.30
CA PRO D 4904 88.84 33.76 -38.00
C PRO D 4904 89.90 34.04 -36.96
N ALA D 4905 91.15 33.73 -37.31
CA ALA D 4905 92.27 33.99 -36.42
C ALA D 4905 92.59 35.47 -36.32
N GLY D 4906 92.25 36.26 -37.33
CA GLY D 4906 92.48 37.69 -37.27
C GLY D 4906 91.63 38.35 -36.19
N ASP D 4907 92.18 39.39 -35.59
CA ASP D 4907 91.50 40.06 -34.49
C ASP D 4907 90.31 40.89 -34.98
N GLU D 4908 90.19 41.09 -36.29
CA GLU D 4908 89.10 41.89 -36.83
C GLU D 4908 87.83 41.04 -36.96
N TYR D 4909 86.73 41.56 -36.42
CA TYR D 4909 85.39 40.98 -36.54
C TYR D 4909 85.26 39.63 -35.84
N GLU D 4910 86.24 39.25 -35.04
CA GLU D 4910 86.08 38.14 -34.12
C GLU D 4910 85.14 38.57 -32.99
N LEU D 4911 84.55 37.57 -32.32
CA LEU D 4911 83.48 37.76 -31.34
C LEU D 4911 82.21 38.20 -32.04
N TYR D 4912 82.28 38.41 -33.35
CA TYR D 4912 81.12 38.54 -34.22
C TYR D 4912 80.97 37.35 -35.14
N ARG D 4913 82.07 36.93 -35.79
CA ARG D 4913 82.04 35.70 -36.57
C ARG D 4913 81.69 34.50 -35.70
N VAL D 4914 82.22 34.45 -34.48
CA VAL D 4914 81.93 33.34 -33.58
C VAL D 4914 80.45 33.29 -33.24
N VAL D 4915 79.86 34.44 -32.93
CA VAL D 4915 78.44 34.49 -32.61
C VAL D 4915 77.62 34.06 -33.83
N PHE D 4916 77.98 34.54 -35.01
CA PHE D 4916 77.28 34.13 -36.23
C PHE D 4916 77.32 32.62 -36.42
N ASP D 4917 78.49 32.02 -36.29
CA ASP D 4917 78.63 30.58 -36.49
C ASP D 4917 77.84 29.79 -35.44
N ILE D 4918 77.95 30.18 -34.17
CA ILE D 4918 77.28 29.43 -33.11
C ILE D 4918 75.76 29.53 -33.25
N THR D 4919 75.24 30.72 -33.56
CA THR D 4919 73.81 30.82 -33.74
C THR D 4919 73.32 30.09 -34.99
N PHE D 4920 74.11 30.06 -36.06
CA PHE D 4920 73.75 29.23 -37.21
C PHE D 4920 73.64 27.76 -36.79
N PHE D 4921 74.64 27.27 -36.06
CA PHE D 4921 74.62 25.86 -35.67
C PHE D 4921 73.47 25.54 -34.73
N PHE D 4922 73.19 26.42 -33.76
CA PHE D 4922 72.07 26.18 -32.85
C PHE D 4922 70.72 26.23 -33.56
N PHE D 4923 70.55 27.15 -34.51
CA PHE D 4923 69.22 27.30 -35.10
C PHE D 4923 68.98 26.30 -36.23
N VAL D 4924 69.81 26.34 -37.27
CA VAL D 4924 69.52 25.57 -38.47
C VAL D 4924 69.64 24.07 -38.27
N ILE D 4925 70.61 23.60 -37.49
CA ILE D 4925 70.95 22.19 -37.43
C ILE D 4925 70.16 21.46 -36.34
N VAL D 4926 70.33 21.85 -35.08
CA VAL D 4926 69.82 21.05 -33.96
C VAL D 4926 68.41 21.41 -33.55
N ILE D 4927 67.70 22.23 -34.30
CA ILE D 4927 66.31 22.57 -34.03
C ILE D 4927 65.40 22.31 -35.22
N LEU D 4928 65.76 22.85 -36.39
CA LEU D 4928 64.92 22.64 -37.57
C LEU D 4928 64.87 21.17 -37.96
N LEU D 4929 66.00 20.46 -37.88
CA LEU D 4929 65.99 19.03 -38.15
C LEU D 4929 65.27 18.26 -37.05
N ALA D 4930 65.29 18.76 -35.82
CA ALA D 4930 64.56 18.13 -34.73
C ALA D 4930 63.06 18.11 -35.02
N ILE D 4931 62.51 19.18 -35.59
CA ILE D 4931 61.10 19.20 -35.96
C ILE D 4931 60.81 18.16 -37.04
N ILE D 4932 61.70 18.07 -38.04
CA ILE D 4932 61.52 17.08 -39.10
C ILE D 4932 61.46 15.67 -38.53
N GLN D 4933 62.36 15.37 -37.59
CA GLN D 4933 62.32 14.05 -36.96
C GLN D 4933 61.11 13.88 -36.05
N GLY D 4934 60.72 14.91 -35.32
CA GLY D 4934 59.64 14.81 -34.37
C GLY D 4934 58.28 14.58 -35.01
N LEU D 4935 58.03 15.22 -36.15
CA LEU D 4935 56.76 14.97 -36.85
C LEU D 4935 56.64 13.51 -37.26
N ILE D 4936 57.70 12.94 -37.82
CA ILE D 4936 57.69 11.53 -38.22
C ILE D 4936 57.53 10.64 -37.00
N ILE D 4937 58.18 10.98 -35.89
CA ILE D 4937 58.06 10.16 -34.69
C ILE D 4937 56.63 10.19 -34.15
N ASP D 4938 56.00 11.38 -34.14
CA ASP D 4938 54.67 11.50 -33.56
C ASP D 4938 53.60 10.89 -34.45
N ALA D 4939 53.85 10.82 -35.76
CA ALA D 4939 52.86 10.21 -36.65
C ALA D 4939 52.57 8.76 -36.27
N PHE D 4940 53.61 7.98 -35.94
CA PHE D 4940 53.41 6.60 -35.56
C PHE D 4940 52.53 6.47 -34.33
N GLY D 4941 52.82 7.25 -33.28
CA GLY D 4941 52.01 7.19 -32.08
C GLY D 4941 50.57 7.60 -32.31
N GLU D 4942 50.37 8.66 -33.11
CA GLU D 4942 49.00 9.09 -33.40
C GLU D 4942 48.23 8.01 -34.14
N LEU D 4943 48.86 7.40 -35.15
CA LEU D 4943 48.18 6.34 -35.89
C LEU D 4943 47.88 5.14 -34.99
N ARG D 4944 48.81 4.76 -34.12
CA ARG D 4944 48.58 3.61 -33.25
C ARG D 4944 47.43 3.87 -32.28
N ASP D 4945 47.39 5.06 -31.69
CA ASP D 4945 46.28 5.39 -30.80
C ASP D 4945 44.95 5.42 -31.53
N GLN D 4946 44.94 6.00 -32.74
CA GLN D 4946 43.71 6.03 -33.54
C GLN D 4946 43.22 4.62 -33.84
N GLN D 4947 44.15 3.72 -34.19
CA GLN D 4947 43.76 2.35 -34.52
C GLN D 4947 43.31 1.58 -33.28
N GLU D 4948 43.88 1.87 -32.11
CA GLU D 4948 43.46 1.15 -30.91
C GLU D 4948 42.13 1.63 -30.38
N GLN D 4949 41.80 2.92 -30.57
CA GLN D 4949 40.54 3.44 -30.04
C GLN D 4949 39.34 2.75 -30.66
N VAL D 4950 39.35 2.53 -31.97
CA VAL D 4950 38.22 1.88 -32.62
C VAL D 4950 38.11 0.43 -32.18
N LYS D 4951 39.25 -0.25 -31.96
CA LYS D 4951 39.21 -1.63 -31.48
C LYS D 4951 38.59 -1.70 -30.09
N GLU D 4952 38.94 -0.76 -29.21
CA GLU D 4952 38.34 -0.76 -27.87
C GLU D 4952 36.86 -0.41 -27.90
N ASP D 4953 36.46 0.54 -28.77
CA ASP D 4953 35.08 1.00 -28.77
C ASP D 4953 34.11 -0.11 -29.19
N MET D 4954 34.47 -0.91 -30.20
CA MET D 4954 33.60 -2.00 -30.62
C MET D 4954 33.35 -3.00 -29.49
N GLU D 4955 34.40 -3.36 -28.76
CA GLU D 4955 34.23 -4.27 -27.63
C GLU D 4955 33.39 -3.65 -26.52
N THR D 4956 33.58 -2.36 -26.24
CA THR D 4956 32.90 -1.79 -25.09
C THR D 4956 31.45 -1.40 -25.39
N LYS D 4957 31.10 -1.20 -26.66
CA LYS D 4957 29.77 -0.76 -27.04
C LYS D 4957 29.03 -1.81 -27.85
N CYS D 4958 27.77 -1.48 -28.21
CA CYS D 4958 26.92 -2.42 -28.91
C CYS D 4958 26.92 -2.20 -30.43
N PHE D 4959 27.09 -0.96 -30.87
CA PHE D 4959 27.11 -0.45 -32.24
C PHE D 4959 25.70 -0.29 -32.83
N ILE D 4960 24.65 -0.81 -32.19
CA ILE D 4960 23.27 -0.54 -32.58
C ILE D 4960 22.45 -0.01 -31.41
N CYS D 4961 22.44 -0.74 -30.31
CA CYS D 4961 21.78 -0.29 -29.09
C CYS D 4961 22.70 0.67 -28.34
N GLY D 4962 22.09 1.64 -27.68
CA GLY D 4962 22.85 2.58 -26.87
C GLY D 4962 23.03 2.10 -25.45
N ILE D 4963 23.37 0.83 -25.28
CA ILE D 4963 23.48 0.21 -23.96
C ILE D 4963 24.89 -0.34 -23.81
N GLY D 4964 25.52 0.00 -22.68
CA GLY D 4964 26.87 -0.49 -22.41
C GLY D 4964 26.89 -1.97 -22.11
N SER D 4965 28.10 -2.54 -22.17
CA SER D 4965 28.24 -3.98 -21.95
C SER D 4965 28.05 -4.36 -20.50
N ASP D 4966 28.24 -3.42 -19.58
CA ASP D 4966 28.09 -3.73 -18.16
C ASP D 4966 26.67 -4.13 -17.81
N TYR D 4967 25.66 -3.46 -18.40
CA TYR D 4967 24.28 -3.82 -18.14
C TYR D 4967 23.97 -5.22 -18.64
N PHE D 4968 24.48 -5.58 -19.82
CA PHE D 4968 24.23 -6.90 -20.39
C PHE D 4968 25.01 -8.00 -19.70
N ASP D 4969 26.15 -7.68 -19.09
CA ASP D 4969 26.98 -8.71 -18.46
C ASP D 4969 26.40 -9.24 -17.16
N THR D 4970 25.27 -8.69 -16.69
CA THR D 4970 24.65 -9.22 -15.48
C THR D 4970 24.31 -10.69 -15.64
N THR D 4971 23.63 -11.04 -16.72
CA THR D 4971 23.43 -12.44 -17.06
C THR D 4971 24.75 -13.00 -17.61
N PRO D 4972 25.14 -14.22 -17.20
CA PRO D 4972 26.38 -14.79 -17.72
C PRO D 4972 26.38 -14.88 -19.23
N HIS D 4973 27.51 -14.49 -19.83
CA HIS D 4973 27.66 -14.40 -21.29
C HIS D 4973 26.59 -13.51 -21.92
N GLY D 4974 26.12 -12.52 -21.16
CA GLY D 4974 25.01 -11.69 -21.63
C GLY D 4974 25.35 -10.93 -22.89
N PHE D 4975 26.48 -10.23 -22.89
CA PHE D 4975 26.88 -9.47 -24.09
C PHE D 4975 27.19 -10.40 -25.26
N GLU D 4976 27.85 -11.52 -24.99
CA GLU D 4976 28.20 -12.44 -26.07
C GLU D 4976 26.96 -13.00 -26.75
N THR D 4977 25.95 -13.39 -25.96
CA THR D 4977 24.73 -13.89 -26.56
C THR D 4977 23.85 -12.76 -27.10
N HIS D 4978 24.04 -11.53 -26.65
CA HIS D 4978 23.26 -10.42 -27.16
C HIS D 4978 23.75 -9.98 -28.54
N THR D 4979 25.06 -10.05 -28.76
CA THR D 4979 25.61 -9.65 -30.05
C THR D 4979 25.70 -10.80 -31.05
N LEU D 4980 25.20 -11.98 -30.70
CA LEU D 4980 25.18 -13.11 -31.64
C LEU D 4980 23.79 -13.49 -32.11
N GLU D 4981 22.75 -13.11 -31.37
CA GLU D 4981 21.39 -13.51 -31.71
C GLU D 4981 20.49 -12.33 -32.05
N GLU D 4982 20.53 -11.25 -31.27
CA GLU D 4982 19.73 -10.07 -31.53
C GLU D 4982 20.60 -8.98 -32.15
N HIS D 4983 20.13 -8.42 -33.26
CA HIS D 4983 20.80 -7.34 -34.00
C HIS D 4983 22.29 -7.62 -34.15
N ASN D 4984 22.57 -8.65 -34.95
CA ASN D 4984 23.93 -9.06 -35.25
C ASN D 4984 24.55 -8.20 -36.35
N LEU D 4985 23.88 -7.13 -36.77
CA LEU D 4985 24.33 -6.17 -37.78
C LEU D 4985 24.62 -6.83 -39.12
N ALA D 4986 24.40 -8.14 -39.22
CA ALA D 4986 24.37 -8.84 -40.49
C ALA D 4986 22.98 -9.37 -40.82
N ASN D 4987 22.23 -9.76 -39.81
CA ASN D 4987 20.83 -10.09 -40.01
C ASN D 4987 20.05 -8.91 -40.56
N TYR D 4988 20.45 -7.68 -40.22
CA TYR D 4988 19.79 -6.52 -40.80
C TYR D 4988 20.00 -6.43 -42.30
N MET D 4989 21.22 -6.65 -42.77
CA MET D 4989 21.46 -6.60 -44.22
C MET D 4989 20.77 -7.77 -44.91
N PHE D 4990 20.76 -8.94 -44.27
CA PHE D 4990 20.05 -10.06 -44.86
C PHE D 4990 18.55 -9.81 -44.93
N PHE D 4991 17.98 -9.13 -43.92
CA PHE D 4991 16.57 -8.76 -43.96
C PHE D 4991 16.29 -7.75 -45.07
N LEU D 4992 17.20 -6.78 -45.26
CA LEU D 4992 17.05 -5.86 -46.37
C LEU D 4992 17.09 -6.58 -47.71
N MET D 4993 17.94 -7.61 -47.83
CA MET D 4993 17.93 -8.44 -49.02
C MET D 4993 16.60 -9.16 -49.19
N TYR D 4994 16.08 -9.71 -48.10
CA TYR D 4994 14.88 -10.53 -48.15
C TYR D 4994 13.66 -9.69 -48.56
N LEU D 4995 13.58 -8.46 -48.08
CA LEU D 4995 12.47 -7.58 -48.47
C LEU D 4995 12.48 -7.29 -49.96
N ILE D 4996 13.65 -7.05 -50.55
CA ILE D 4996 13.73 -6.74 -51.98
C ILE D 4996 13.24 -7.92 -52.81
N ASN D 4997 13.67 -9.13 -52.46
CA ASN D 4997 13.32 -10.30 -53.25
C ASN D 4997 11.88 -10.73 -53.03
N LYS D 4998 11.33 -10.48 -51.84
CA LYS D 4998 9.96 -10.89 -51.56
C LYS D 4998 8.97 -10.11 -52.42
N ASP D 4999 7.88 -10.76 -52.78
CA ASP D 4999 6.84 -10.13 -53.59
C ASP D 4999 6.12 -9.06 -52.79
N GLU D 5000 5.51 -8.12 -53.52
CA GLU D 5000 4.86 -6.98 -52.87
C GLU D 5000 3.67 -7.41 -52.02
N THR D 5001 2.86 -8.34 -52.54
CA THR D 5001 1.60 -8.69 -51.87
C THR D 5001 1.77 -9.69 -50.74
N GLU D 5002 2.96 -10.26 -50.57
CA GLU D 5002 3.19 -11.25 -49.53
C GLU D 5002 3.72 -10.66 -48.24
N HIS D 5003 3.87 -9.33 -48.15
CA HIS D 5003 4.45 -8.72 -46.96
C HIS D 5003 3.52 -8.87 -45.77
N THR D 5004 4.10 -9.25 -44.64
CA THR D 5004 3.38 -9.27 -43.37
C THR D 5004 3.21 -7.83 -42.88
N GLY D 5005 2.42 -7.66 -41.82
CA GLY D 5005 2.18 -6.32 -41.30
C GLY D 5005 3.45 -5.59 -40.90
N GLN D 5006 4.38 -6.30 -40.28
CA GLN D 5006 5.63 -5.65 -39.86
C GLN D 5006 6.56 -5.40 -41.03
N GLU D 5007 6.69 -6.37 -41.95
CA GLU D 5007 7.58 -6.18 -43.09
C GLU D 5007 7.09 -5.05 -43.99
N SER D 5008 5.77 -4.96 -44.21
CA SER D 5008 5.25 -3.86 -45.02
C SER D 5008 5.50 -2.51 -44.37
N TYR D 5009 5.37 -2.43 -43.05
CA TYR D 5009 5.63 -1.19 -42.33
C TYR D 5009 7.09 -0.78 -42.42
N VAL D 5010 8.01 -1.74 -42.25
CA VAL D 5010 9.43 -1.46 -42.42
C VAL D 5010 9.71 -0.98 -43.85
N TRP D 5011 9.13 -1.66 -44.84
CA TRP D 5011 9.31 -1.24 -46.23
C TRP D 5011 8.76 0.15 -46.48
N LYS D 5012 7.63 0.48 -45.86
CA LYS D 5012 7.03 1.79 -46.04
C LYS D 5012 7.94 2.90 -45.50
N MET D 5013 8.55 2.69 -44.33
CA MET D 5013 9.48 3.73 -43.89
C MET D 5013 10.78 3.70 -44.68
N TYR D 5014 11.19 2.53 -45.17
CA TYR D 5014 12.45 2.48 -45.92
C TYR D 5014 12.32 3.22 -47.25
N GLN D 5015 11.15 3.17 -47.88
CA GLN D 5015 10.98 3.87 -49.15
C GLN D 5015 11.06 5.37 -48.99
N GLU D 5016 10.68 5.92 -47.84
CA GLU D 5016 10.70 7.36 -47.61
C GLU D 5016 11.91 7.83 -46.82
N ARG D 5017 12.88 6.96 -46.58
CA ARG D 5017 14.13 7.31 -45.91
C ARG D 5017 13.89 7.86 -44.50
N CYS D 5018 13.28 7.02 -43.67
CA CYS D 5018 13.12 7.29 -42.25
C CYS D 5018 13.67 6.11 -41.46
N TRP D 5019 14.49 6.40 -40.46
CA TRP D 5019 15.19 5.37 -39.69
C TRP D 5019 14.70 5.31 -38.25
N ASP D 5020 13.40 5.43 -38.05
CA ASP D 5020 12.86 5.34 -36.69
C ASP D 5020 12.67 3.90 -36.24
N PHE D 5021 12.73 2.92 -37.15
CA PHE D 5021 12.45 1.55 -36.76
C PHE D 5021 13.63 0.87 -36.09
N PHE D 5022 14.83 1.44 -36.17
CA PHE D 5022 15.95 0.91 -35.41
C PHE D 5022 15.71 1.14 -33.91
N PRO D 5023 16.19 0.25 -33.05
CA PRO D 5023 15.89 0.37 -31.61
C PRO D 5023 16.43 1.66 -31.01
N ALA D 5024 17.76 1.83 -31.07
CA ALA D 5024 18.43 3.04 -30.58
C ALA D 5024 18.02 3.37 -29.15
N GLY D 5025 18.37 2.46 -28.23
CA GLY D 5025 18.15 2.68 -26.82
C GLY D 5025 17.30 1.64 -26.11
N ASP D 5026 16.90 0.56 -26.78
CA ASP D 5026 16.10 -0.49 -26.17
C ASP D 5026 16.65 -1.86 -26.56
N CYS D 5027 16.32 -2.86 -25.75
CA CYS D 5027 16.86 -4.20 -25.92
C CYS D 5027 15.81 -5.30 -25.98
N PHE D 5028 14.56 -5.02 -25.58
CA PHE D 5028 13.48 -5.99 -25.42
C PHE D 5028 13.73 -6.85 -24.17
N ARG D 5029 14.92 -6.71 -23.59
CA ARG D 5029 15.20 -7.29 -22.28
C ARG D 5029 15.05 -6.27 -21.18
N LYS D 5030 15.30 -5.00 -21.48
CA LYS D 5030 15.02 -3.92 -20.53
C LYS D 5030 13.54 -3.59 -20.47
N GLN D 5031 12.82 -3.72 -21.59
CA GLN D 5031 11.42 -3.35 -21.61
C GLN D 5031 10.57 -4.27 -20.74
N TYR D 5032 10.74 -5.58 -20.92
CA TYR D 5032 9.99 -6.57 -20.14
C TYR D 5032 10.78 -7.08 -18.95
N GLU D 5033 11.65 -6.25 -18.37
CA GLU D 5033 12.51 -6.69 -17.27
C GLU D 5033 11.70 -7.09 -16.04
N ASP D 5034 10.46 -6.59 -15.90
CA ASP D 5034 9.61 -7.05 -14.82
C ASP D 5034 9.33 -8.54 -14.93
N GLN D 5035 9.08 -9.02 -16.14
CA GLN D 5035 8.99 -10.45 -16.41
C GLN D 5035 10.39 -10.98 -16.71
N LEU D 5036 10.49 -12.19 -17.25
CA LEU D 5036 11.80 -12.74 -17.58
C LEU D 5036 12.48 -11.93 -18.69
N SER D 5037 11.72 -11.55 -19.71
CA SER D 5037 12.27 -10.87 -20.88
C SER D 5037 13.43 -11.64 -21.50
#